data_7TOQ
#
_entry.id   7TOQ
#
loop_
_entity.id
_entity.type
_entity.pdbx_description
1 polymer '18S rRNA'
2 polymer '28S rRNA'
3 polymer '5.8S rRNA'
4 polymer '5S rRNA'
5 polymer uL2
6 polymer '60S ribosomal protein L3'
7 polymer '60S ribosomal protein L4'
8 polymer '60S ribosomal protein L5'
9 polymer '60S ribosomal protein L6'
10 polymer uL30
11 polymer eL8
12 polymer '60S ribosomal protein L9'
13 polymer 'Ribosomal protein L10'
14 polymer '60S ribosomal protein L11'
15 polymer '60S ribosomal protein L12'
16 polymer eL13
17 polymer '60S ribosomal protein L14'
18 polymer '60S ribosomal protein L15'
19 polymer uL13
20 polymer '60S ribosomal protein L17'
21 polymer eL18
22 polymer '60S ribosomal protein L19'
23 polymer eL20
24 polymer '60S ribosomal protein L21'
25 polymer eL22
26 polymer '60S ribosomal protein L23'
27 polymer 'Ribosomal protein L24'
28 polymer uL23
29 polymer '60S ribosomal protein L26'
30 polymer '60S ribosomal protein L27'
31 polymer '60S ribosomal protein L27a'
32 polymer eL29
33 polymer eL30
34 polymer '60S ribosomal protein L31'
35 polymer '60S ribosomal protein L32'
36 polymer '60S ribosomal protein L35a'
37 polymer '60S ribosomal protein L34'
38 polymer '60S ribosomal protein L35'
39 polymer '60S ribosomal protein L36'
40 polymer '60S ribosomal protein L37'
41 polymer eL38
42 polymer eL39
43 polymer eL40
44 polymer eL41
45 polymer eL42
46 polymer '60S ribosomal protein L37a'
47 polymer '60S acidic ribosomal protein P0'
48 polymer 'Receptor of activated protein C kinase 1'
49 polymer '40S_SA_C domain-containing protein'
50 polymer '40S ribosomal protein S3a'
51 polymer '40S ribosomal protein S2'
52 polymer '40S ribosomal protein S3'
53 polymer '40S ribosomal protein S4'
54 polymer 'Ribosomal protein S5'
55 polymer '40S ribosomal protein S6'
56 polymer eS7
57 polymer '40S ribosomal protein S8'
58 polymer '40S ribosomal protein S9'
59 polymer '40S ribosomal protein S10'
60 polymer '40S ribosomal protein S11'
61 polymer '40S ribosomal protein S12'
62 polymer '40S ribosomal protein S13'
63 polymer '40S ribosomal protein S14'
64 polymer '40S ribosomal protein S15'
65 polymer uS9
66 polymer '40S ribosomal protein S17'
67 polymer '40S ribosomal protein S18'
68 polymer eS19
69 polymer '40S ribosomal protein S20'
70 polymer eS21
71 polymer '40S ribosomal protein S15a'
72 polymer '40S ribosomal protein S23'
73 polymer '40S ribosomal protein S24'
74 polymer '40S ribosomal protein S25'
75 polymer eS26
76 polymer '40S ribosomal protein S27'
77 polymer '40S ribosomal protein S28'
78 polymer '40S ribosomal protein S29'
79 polymer '40S ribosomal protein S30'
80 polymer '40S ribosomal protein S27a'
81 polymer '60S ribosomal protein L28'
82 polymer "RNA (5'-R(*CP*AP*CP*AP*UP*GP*UP*UP*CP*C)-3')"
83 polymer 'PR20, ALS/FTD dipeptide repeat protein'
84 polymer tRNAfMet
85 non-polymer 'ZINC ION'
#
loop_
_entity_poly.entity_id
_entity_poly.type
_entity_poly.pdbx_seq_one_letter_code
_entity_poly.pdbx_strand_id
1 'polyribonucleotide'
;UACCUGGUUGAUCCUGCCAGUAGCAUAUGCUUGUCUCAAAGAUUAAGCCAUGCAUGUCUAAGUACGCACGGCCGGUACAG
UGAAACUGCGAAUGGCUCAUUAAAUCAGUUAUGGUUCCUUUGGUCGCUCGUACUUGGAUAACUGUGGUAAUUCUAGAGCU
AAUACAUGCCGACGGGCGCUGACCCCCUUCGCGGGGGGGAUGCGUGCAUUUAUCAGUGGUGACUCUAGAUAACCUCGGGC
CGAUCGCACGCCCGGCGGCGACGACCCAUUCGAACGUCUGCCCUAUCAACUUUCGAUGGUAGUCGCCGUGCCUACCAUGG
UGACCACGGGUGACGGGGAAUCAGGGUUCGAUUCCGGAGAGGGAGCCUGAGAAACGGCUACCACAUCCAAGGAAGGCAGC
AGGCGCGCAAAUUACCCACUCCCGACCCGGGGAGGUAGUGACGAAAAAUAACAAUACAGGACUCUUUCGAGGCCCUGUAA
UUGGAAUGAGUCCACUUUAAAUCCUUUAACGAGGAUCCAUUGGAGGGCAAGUCUGGUGCCAGCAGCCGCGAUAAUUCCAG
CUCCAAUAGCGUAUAUUAAAGUUGCUGCAGUUAAAAAGCUCGUAGUUGGAUCUUGGGAGCGGCCGUCCCCUGCUCGGCGC
CGGCCCGAAGCGUUUACUUUGAAAAAAUUAGAGUGUUCAAAGCAGGCCGCCUGGAUACCGCAGCUAGGAAUAAUGGAAUA
GGACCGCGGUUCUAUUUUGUUGGUUUUCGGAACUGAGGCCAUGAUUAAGAGGGACGGCCGGGGGCAUUCGUAUUGCGCCG
CUAGAGGUGAAAUUCUUGGACCGGCGCAAGACGGACCAGAGCGAAAGCAUUUGCCAAGAAUGUUUUCAUUAAUCAAGAAC
GAAAGUCGGAGGUUCGAAGACGAUCAGAUACCGUCGUAGUUCCGACCAUAAACGAUGCCGACUGGCGAUGCGGCGGCGUU
AUUCCCAUGACCCGCCGGGCAGCUUCCGGGAAACCAAAGUCUUUGGGUUCCGGGGGGAGUAUGGUUGCAAAGCUGAAACU
UAAAGGAAUUGACGGAAGGGCACCACCAGGAGUGGAGCCUGCGGCUUAAUUUGACUCAACACGGGAAACCUCACCCGGCC
CGGACACGGACAGGAUUGACAGAUUGAUAGCUCUUUCUCGAUUCCGUGGGUGGUGGUGCAUGGCCGUUCUUAGUUGGUGG
AGCGAUUUGUCUGGUUAAUUCCGAUAACGAACGAGACUCUGGCAUGCUAACUAGUUACGCGACCCCGGUCGGCGUAACUU
CUUAGAGGGACAAGUGGCGUUCAGCCACCCGAGAUUGAGCAAUAACAGGUCUGUGAUGCCCUUAGAUGUCCGGGGCUGCA
CGCGCGCUACACUGACUGGCUCAGCGUGUGCCUACCCUACGCCGGCAGGCGCGGGUAACCCGUUGAACCCCAUUCGUGAU
GGGGAUCGGGGAUUGCAAUUAUUCCCCAUGAACGAGGAAUUCCCAGUAAGUGCGGGUCAUAAGCUUGCGUUGAUUAAGUC
CCUGCCCUUUGUACACACCGCCCGUCGCUACUACCGAUUGGAUGGUUUAGUGAGGCCCUCGGAUCGGCCCCGCCGGGGUG
CCCUGGCGGAGCGCUGAGAAGACGGUCGAACUUGACUAUCUAGAGGAAGUAAAAGUCGUAACAAGGUUUCCGUAGGUGAA
CCUGCGGAAGGAUCAUUA
;
A18S
2 'polyribonucleotide'
;CGCGACCUCAGAUCAGACGUGGCGACCCGCUGAAUUUAAGCAUAUUAGUCAGCGGAGGAGAAGAAACUAACCAGGAUUCC
CUCAGUAACGGCGAGUGAACAGGGAAGAGCCCAGCGCCGAAUCCCCGCCCCGCGGCGGGGCGCGGGACAUGUGGCGUACG
GAAGACCCGCUCCCCGGCGCCGCUCGUGGGGGGCCCAAGUCCUUCUGAUCGAGGCCCAGCCCGUGGACGGUGUGAGGCCG
GUAGCGGCCCCCGGCGCGCCGGGCCCGGGUCUUCCCGGAGUCGGGUUGCUUGGGAAUGCAGCCCAAAGCGGGUGGUAAAC
UCCAUCUAAGGCUAAAUACCGGCACGAGACCGAUAGUCAACAAGUACCGUAAGGGAAAGUUGAAAAGAACUUUGAAGAGA
GAGUUCAAGAGGGCGUGAAACCGUUAAGAGGUAAACGGGUGGGGUCCGCGCAGUCCGCCCGGAGGAUUCAACCCGGCGGC
GCGGUCCGGCCGUGUCGGCGGCCCGGCGGAUCUCCCGCUCCCGUCGGCGGGGGACCGUCCCCCGACCGGCGACCGGCCGC
CGCCGGGCGCAUUUCCACCGCGGCGGUGCGCCGCGACCGGCUCCGGGACGGCUGGGAAGGCCCCGGCGGGGAAGGUGGCC
CGGGGGCCCCGGGUGUUACAGCCCCGCCCCGGCAGCAGCAGCUCGCCGAAUCCCGGGGCCGAGGGAGCGAGACCCGUGCG
CCGCGCUCUCCCCCCUCGGGGGGGCCGGGCCACCCCUCCCACGGCGCGACCGCUGGGGCGGACUGUCCAGUGCGCCCCGG
GCGGGUCGCGCCGUCGGGCCCGGGGGGCCACGCGUCCCCCGCGAGCGCACGGGGUCGGCGGCGAUGUCGGCUACCCACCC
GACCCGUCUUGAAACACGGACCAAGGAGUCUAACACGUGCGCGAGUCGGGGGCUCGCACGAAAGCCGCCGUGGCGCAAUG
AAGGUGAAGGCCGGCGCGCUCGCCGGCCGAGGUGGGAUCCCGAGGCAGUCCGCCGAGGGCGCACCACCGGCCCGUCUCGC
CCGCCGCGCCGGGGAGGUGGAGCACGAGCGCACGUGUUAGGACCCGAAAGAUGGUGAACUAUGCCUGGGCAGGGCGAAGC
CAGAGGAAACUCUGGUGGAGGUCCGUAGCGGUCCUGACGUGCAAAUCGGUCGUCCGACCUGGGUAUAGGGGCGAAAGACU
AAUCGAACCAUCUAGUAGCUGGUUCCCUCCGAAGUUUCCCUCAGGAUAGCUGGCGCUCUCCGCAGUUUUAUCCGGUAAAG
CGAAUGAUUAGAGGUCUUGGGGCCGAAACGAUCUCAACCUAUUCUCAAACUUUAAAUGGGUAAGAAGCCCGGCUCGCUGG
UGUGGAGCCGGGCGUGGAAUGCGAGUGCCUAGUGGGCCACUUUUGGUAAGCAGAACUGGCGCUGCGGGAUGAACCGAACG
CCGGGUUAAGGCGCCCGAUGCCGACGCUCAUCAGACCCCAGAAAAGGUGUUGGUUGAUAUAGACAGCAGGAUGGUGGCCA
UGGAAGUCGGAAUCCGCUAAGGAGUGUGUAACAACUCACCUGCCGAAUCAACUAGCCCUGAAAAUGGAUGGCGCUGGAGC
GUCGGGCCCAUACCCGGCCGUCGCCGGCAGUCGGCAGAGCGAGAAAGAGAGUGGCGCGGACGCUACGCCGCGACGAGUAG
GAGGGCCGCUGCGGUGAGCCUUGAAGCCUAGGGCGCGGGCCCGGGUGGAGCCGCCGCAGGUGCAGAUCUUGGUGGUAGUA
GCAAAUAUUCAAACGAGAACUUUGAAGGCCGAAGUGGAGAAGGGUUCCAUGUGAACAGCAGUUGAACAUGGGUCAGUCGG
UCCUGAGAGAUGGGCGAGCGCCGUUCCGAAGGGACGGGCGAUGGCCUCCGUUGCCCUCGGCCGAUCGAAAGGGAGUCGGG
UUCAGAUCCCCGAAUCCGGAGUGGCGGAGAUGGGCGCCGCGAGGCGUCCAGUGCGGUAACGCGACCGAUCCCGGAGAAGC
CGGCGGGAGCCCCGGGGAGAGUUCUCUUUUCUUUGUGAAGGGCAGGGCGCCCUGGAAUGGGUUCGCCCCGAGAGAGGGGC
CCGUGCCUUGGAAAGCGUCGCGGUUCCGGCGGCGUCCGGUGAGCUCUCGCUGGCCCUUGAAAAUCCGGGGGAGAGGGUGU
AAAUCUCGCGCCGGGCCGUACCCAUAUCCGCAGCAGGUCUCCAAGGUGAACAGCCUCUGGCAUGUUGGAACAAUGUAGGU
AAGGGAAGUCGGCAAGCCGGAUCCGUAACUUCGGGAUAAGGAUUGGCUCUAAGGGCUGGGUCGGUCGCGGCCGGCGCCUA
GCAGCCGACUUAGAACUGGUGCGGACCAGGGGAAUCCGACUGUUUAAUUAAAACAAAGCAUCGCGAAGGCCCGCGGCGGG
UGUUGACGCGAUGUGAUUUCUGCCCAGUGCUCUGAAUGUCAAAGUGAAGAAAUUCAAUGAAGCGCGGGUAAACGGCGGGA
GUAACUAUGACUCUCUUAAGGUAGCCAAAUGCCUCGUCAUCUAAUUAGUGACGCGCAUGAAUGGAUGAACGAGAUUCCCA
CUGUCCCUACCUACUAUCCAGCGAAACCACAGCCAAGGGAACGGGCUUGGCGGAAUCAGCGGGGAAAGAAGACCCUGUUG
AGCUUGACUCUAGUCUGGCACGGUGAAGAGACAUGAGAGGUGUAGAAUAAGUGGGAGGCCGGCCGCCGGUGAAAUACCAC
UACUCUGAUCGUUUUUUCACUGACCCGGUGAGGCGGGGGGGCGAGCCCCGAGGGGCUCUCGCUUCUGGCGCCAAGCGCCC
GGCCGCGCGCCGGCCGGGCGCGACCCGCUCCGGGGACAGUGCCAGGUGGGGAGUUUGACUGGGGCGGUACACCUGUCAAA
CGGUAACGCAGGUGUCCUAAGGCGAGCUCAGGGAGGACAGAAACCUCCCGUGGAGCAGAAGGGCAAAAGCUCGCUUGAUC
UUGAUUUUCAGUACGAAUACAGACCGUGAAAGCGGGGCCUCACGAUCCUUCUGACCUUUUGGGUUUUAAGCAGGAGGUGU
CAGAAAAGUUACCACAGGGAUAACUGGCUUGUGGCGGCCAAGCGUUCAUAGCGACGUCGCUUUUUGAUCCUUCGAUGUCG
GCUCUUCCUAUCAUUGUGAAGCAGAAUUCACCAAGCGUUGGAUUGUUCACCCACUAAUAGGGAACGUGAGCUGGGUUUAG
ACCGUCGUGAGACAGGUUAGUUUUACCCUACUGAUGAUGUGUUGUUGCCAUGGUAAUCCUGCUCAGUACGAGAGGAACCG
CAGGUUCAGACAUUUGGUGUAUGUGCUUGGCUGAGGAGCCAAUGGGGCGAAGCUACCAUCUGUGGGAUUAUGACUGAACG
CCUCUAAGUCAGAAUCCCGCCCAGGCGGAACGAUACGGCAGCGCCGGAGCCUCGGUUGGCCUCGGAUAGCCGGUCCCCCG
CGGGGUCCGGUGCGGAGAGCCCUUCGUCCCGGGAAACGGGGCGGCCGGAAAGGGGGCCGCCCUCUCGCCCGUCACGCACC
GCACGUUCGUGGGGAACCUGGCGCUAAACCAUUCGUAGACGACCUGCUUCUGGGUCGGGGUUUCGUACGUAGCAGAGCAG
CUCCCUCGCUGCGAUCUAUUGAAAGUCAGCCCUCGACACAAGGGUUUGU
;
A25S
3 'polyribonucleotide'
;CGACUCUUAGCGGUGGAUCACUCGGCUCGUGCGUCGAUGAAGAACGCAGCUAGCUGCGAGAAUUAAUGUGAAUUGCAGGA
CACAUUGAUCAUCGACACUUCGAACGCACUUGCGGCCCCGGGUUCCUCCCGGGGCUACGCCUGUCUGAGCGUCGCU
;
A58S
4 'polyribonucleotide'
;GUCUACGGCCAUACCACCCUGAACGCGCCCGAUCUCGUCUGAUCUCGGAAGCUAAGCAGGGUCGGGCCUGGUUAGUACUU
GGAUGGGAGACCGCCUGGGAAUACCGGGUGCUGUAGGCUU
;
A5S
5 'polypeptide(L)'
;GRVIRGQRKGAGSVFRAHVKHRKGAARLRAVDFAERHGYIKGIVKDIIHDPGRGAPLAKVVFRDPYRFKKRTELFIAAEG
IHTGQFVYCGKKAQLNIGNVLPVGTMPEGTIVCCLEEKPGDRGKLARASGNYATVISHNPETKKTRVKLPSGSKKVISSA
NRAVVGVVAGGGRIDKPILKAGRAYHKYKAKRNCWPRVRGVAMNPVEHPFGGGNHQHIGKPSTIRRDAPAGRKVGLIAAR
RTGR
;
AL02
6 'polypeptide(L)'
;SHRKFSAPRHGSLGFLPRKRSSRHRGKVKSFPKDDPSKPVHLTAFLGYKAGMTHIVREVDRPGSKVNKKEVVEAVTIVET
PPMVVVGIVGYVETPRGLRTFKTVFAEHISDECKRRFYKNWHKSKKKAFTKYCKKWQDDAGKRQLDKDFSSMKKYCQVIR
VLAHTQMRLLPLRQKKAHLMEIQVNGGTVAEKLDWARERLEQQVPVSQVFGQDEMIDVIGVTKGKGYKGVTSRWHTKKLP
RKTHRGLRKVACIGAWHPARVAFSVARAGQKGYHHRTEINKKIYKIGQGYLIKDGKLIKNNASTDYDLSDKSINPLGGFV
HYGEVTNDFVMLKGCVVGTKKRVLTLRKSLLVQTKRRALEKIDLKFIDTTSKFGHGRFQTVEEKKAFMGPLKKD
;
AL03
7 'polypeptide(L)'
;ACARPLISVYSEKGESSGKNVTLPAVFKAPIRPDIVNFVHTNLRKNNRQPYAVSELAGHQTSAESWGTGRAVARIPRVRG
GGTHRSGQGAFGNMCRGGRMFAPTKTWRRWHRRVNTTQKRYAICSALAASALPALVMSKGHRIEEVPELPLVVEDKVEGY
KKTKEAVLLLKKLKAWNDIKKVYASQRMRAGKGKMRNRRRIQRRGPCVIYNEDNGIVKAFRNIPGITLLNVTKLNILKLA
PGGHVGRFCIWTESAFRKLDDLYGTWRKAASLKSNYNLPMHKMLNTDLSRILKSPEIQRALRAPRKKIHRRVLKKNPLKN
LRIMLKLNPYAKTMRRNTILRQARNHKLRVERAAAALAAKSD
;
AL04
8 'polypeptide(L)'
;FVKVVKNKAYFKRYQVKFRRRREGKTDYYARKRLVIQDKNKYNTPKYRMIVRVTNRDIICQIAYARIEGDMIVCAAYAHE
LPKYGVKVGLTNYAAAYCTGLLLARRLLNRFGMDKIYEGQVEVTGDEYNVESIDGQPGAFTCYLDAGLARTTTGNKVFGA
LKGAVDGGLSIPHSTKRFPGYDSESKEFNAEVHRKHIMGQNVADYMRYLMEEDEDAYKKQFSQYIKNNVTPDMMEEMYKK
AHAAIRENPVYEKKPKREVKKKRWNRPKMSLAQKKDRVAQKKASFLRAQERAA
;
AL05
9 'polypeptide(L)'
;KGKPHCSRNPVLVRGIGRYSRSAMYSRKALYKRKYAAPKSRIERKKKREKVLATVTKPVGGDKNGGTRVVKLRKMPRYYP
TEDVPRKLLSHGKKPFSQHVRKLRASITPGTILIILTGRHRGKRVVFLKQLSSGLLLVTGPLSLNRVPLRRTHQKFVIAT
STKIDISGVKIPKHLTDAYFKKKKLRKPRHQEGEIFDTEKEKYEITEQRKVDQKAVDSQILPKIKAVPQLQGYLRSVFAL
TNGVYPHKLVF
;
AL06
10 'polypeptide(L)'
;NFAELKIKRLRKKFAQKMLRKARRKLIYEKAKHYHKEYRQMYRTEIRMARMARKAGNFYVPAEPKLAFVIRIRGINGVSP
KVRKVLQLLRLRQIFNGTFVKLNKASINMLRIVEPYIAWGYPNLKSVNELIYKRGYGKINKKRIALTDNALIARSLGKYG
IICMEDLIHEIYTVGKRFKEANNFLWPFKLSSPRGGMKKKTTHFVEGEDAGNREDQINRLIRRMN
;
AL07
11 'polypeptide(L)'
;KVVNPLFEKRPKNFGIGQDIQPKRDLTRFVKWPRYIRLQRQRAILYKRLKVPPAINQFTQVLDRQTATQLLKLAHKYRPE
TKQEKKQRLLARAEKKAAGKGDVPTKRPPVLRAGVNTVTTLVENKKAQLVVIAHDVDPIELVVFLPALCRKMGVPYCILK
GKARLGRLVHRKTCTTVAFTQVNSEDKGALAKLVEAIRTNYNDRYDEIRRHWGGNVLGPKSVARIAKLEKAKAKELATKL
G
;
AL08
12 'polypeptide(L)'
;MKTILSNQTVDIPENVDISLKGRTVIVKGPRGTLRRDFNHINVELSLLGKKKKRLRVDKWWGNRKELATVRTICSHVQNM
IKGVTLGFRYKMRSVYAHFPINVVIQENGSLVEIRNFLGEKYIRRVRMRPGVACSVSQAQKDELVLEGNDIELVSNSAAL
IQQATTVKNKDIRKFLDGIYVSEKGTVQQA
;
AL09
13 'polypeptide(L)'
;GRRPARCYRYCKNKPYPKSRFCRGVPDAKIRIFDLGRKKAKVDEFPLCGHMVSDEYEQLSSEALEAARICANKYMVKSCG
KDGFHIRVRLHPFHVIRINKMLSCAGADRLQTGMRGAFGKPQGTVARVHIGQVIMSIRTKLQNKEHVVEALRRAKFKFPG
RQKIHISKKWGFTKFNADEFEDMVAEKRLIPDGCGVKYIPNRGPLDKWRALHS
;
AL10
14 'polypeptide(L)'
;ENPMRELRIRKLCLNICVGESGDRLTRAAKVLEQLTGQTPVFSKARYTVRSFGIRRNEKIAVHCTVRGAKAEEILEKGLK
VREYELRKNNFSDTGNFGFGIQEHIDLGIKYDPSIGIYGLDFYVVLGRPGFSIADKKRRTGCIGAKHRISKEEAMRWFQQ
KYDGIILPG
;
AL11
15 'polypeptide(L)'
;MPPKFDPNEIKVVYLRCTGGEVGATSALAPKIGPLGLSPKKVGDDIAKATGDWKGLRITVKLTIQNRQAQIEVVPSASAL
IIKALKEPPRDRKKQKNIKHSGNITFDEIVNIARQMRHRSLARELSGTIKEILGTAQSVGCNVDGRHPHDIIDDINSGAV
ECP
;
AL12
16 'polypeptide(L)'
;APSRNGMILKPHFHKDWQRRVATWFNQPARKIRRRKARQARARRIAPRPASGPLRPIVRCPTVRYHTKVRAGRGFSLEEL
RVAGIHKKVARTIGISVDPRRRNKSTESLQANVQRLKEYRSKLVLFPRKPSAPKKGDSSAEELKLATQLTGPVMPIRNVF
KKEKARVITEEEKNFKAFASLRMARANARLFGIRAKRAKEAAEQDVEKKK
;
AL13
17 'polypeptide(L)'
;VFRRFVEVGRVAYVSFGPHAGKLVAIVDVIDQNRALVDGPCTRVRRQAMPFKCMQLTDFILKFPHSARQKYVRKAWEKAD
INTKWAATRWAKKIEARERKAKMTDFDRYKVMKAKKMRNRIIKNEVKKLQRAALLKAS
;
AL14
18 'polypeptide(L)'
;GAYKYIQELWRKKQSDVMRFLLRVRCWQYRQLSALHRAPRPTRPDKARRLGYKAKQGYVIYRIRVRRGGRKRPVPKGATY
GKPVHHGVNQLKFARSLQSVAEERAGRHCGALRVLNSYWVGEDSTYKFFEVILIDPFHKAIRRNPDTQWITKPVHKHREM
RGLTSAGRKSRGLGKGHKFHHTIGGSRRAAWRRRNTLQLHRYR
;
AL15
19 'polypeptide(L)'
;QVLVLDGRGHLLGRLAAIVAKQVLLGRKVVVVRCEGINISGNFYRNKLKYLAFLRKRMNTNPSRGPYHFRAPSRIFWRTV
RGMLPHKTKRGQAALDRLKVFDGIPPPYDKKKRMVVPAALKVVRLKPTRKFAYLGRLAHEVGWKYQAVTATLEEKRKEKA
KIHYRKKKQLMRLRKQAEKNVEKKIDRFTEVLKTHGFLV
;
AL16
20 'polypeptide(L)'
;VRYSLDPENPTKSCKSRGSNLRVHFKNTRETAQAIKGMHIRKATKYLKDVTLKKQCVPFRRYNGGVGRCAQAKQWGWTQG
RWPKKSAEFLLHMLKNAESNAELKGLDVDSLVIEHIQVNKAPKMRRRTYRAHGRINPYMSSPCHIEMILTEKE
;
AL17
21 'polypeptide(L)'
;GVDIRHNKDRKVRRKEPKSQDIYLRLLVKLYRFLARRTNSTFNQVVLKRLFMSRTNRPPLSLSRMIRKMKLPGREGKTAV
VVGTITDDVRVQEVPKLKVCALRVSSRARSRILKAGGKILTFDQLALDSPKGCGTVLLSGPRKGREVYRHFGKAPGTPHS
HTKPYVRSKGRKFERARGRRASRGYKN
;
AL18
22 'polypeptide(L)'
;SMLRLQKRLASSVLRCGKKKVWLDPNETNEIANANSRQQIRKLIKDGLIIRKPVTVHSRARCRKNTLARRKGRHMGIGKR
KGTANARMPEKVTWMRRMRILRRLLRRYRESKKIDRHMYHSLYLKVKGNVFKNKRILMEHIHKLKADKARKKLLADQAEA
RRSKTKEARKRREERLQAKK
;
AL19
23 'polypeptide(L)'
;KASGTLREYKVVGRCLPTPKCRTPPLYRMRIFAPNHVVAKSRFWYFVSQLKKMKKSSGEIVYCGQVFEKSPLRVKNFGIW
LRYDSRSGTHNMYREYRDLTTAGAVTQCYRDMGARHRARAHSIQIMKVEEIAASKCRRPAVKQFHDSKIKFPLPHRVLRR
QHKPRFTTKRPNTFF
;
AL20
24 'polypeptide(L)'
;TNTKGKRRGTRYMFSRPFRKHGVVPLATYMRIYKKGDIVDIKGMGTVQKGMPHKCYHGKTGRVYNVTQHAVGIVVNKQVK
GKILAKRINVRIEHIKHSKSRDSFLKRVKENDQKKKEAKEKGTWVQLKRQPAPPREAHFVRTNGKEPELLEPIPYEFMA
;
AL21
25 'polypeptide(L)'
;QVLKFTLDCTHPVEDGIMDAANFEQFLQERIKVNGKAGNLGGGVVTIERSKSKITVTSEVPFSKRYLKYLTKKYLKKNNL
RDWLRVVANSKESYELRYF
;
AL22
26 'polypeptide(L)'
;SGAKFRISLGLPVGAVINCADNTGAKNLYIISVKGIKGRLNRLPAAGVGDMVMATVKKGKPELRKKVHPAVVIRQRKSYR
RKDGVFLYFEDNAGVIVNNKGEMKGSAITGPVAKECADLWPRIASNAGSIA
;
AL23
27 'polypeptide(L)' MKVELCSFSGYKIYPGHGRRYARTDGKVFQFLNAKCESAFLSKRNPRQINWTVLYRRKHKKGQ AL24
28 'polypeptide(L)'
;KKIRTSPTFRRPKTLRLRRQPKYPRKSAPRRNKLDHYAIIKFPLTTESAMKKIEDNNTLVFIVDVKANKHQIKQAVKKLY
DIDVAKVNTLIRPDGEKKAYVRLAPDYDALDVANKIGII
;
AL25
29 'polypeptide(L)'
;MKFNPFVTSDRSKNRKRHFNAPSHIRRKIMSSPLSKELRQKYNVRSMPIRKDDEVQVVRGHYKGQQIGKVVQVYRKKYVI
YIERVQREKANGTTVHVGIHPSKVVITRLKLDKDRKKILERKAKSRQVGKEKGK
;
AL26
30 'polypeptide(L)'
;GKFMKPGKVVLVLAGRYSGRKAVIVKNIDDGTSDRPYSHALVAGIDRYPRKVTAAMGKKKIAKRSKIKSFVKVYNYNHLM
PTRYSVDIPLDKTVVNKDVFRDPALKRKARREAKVKFEERYKTGKNKWFFQKLRF
;
AL27
31 'polypeptide(L)'
;PSRLRKTRKLRGHVSHGHGRIGKHRKHPGGRGNAGGMHHHRINFDKYHPGYFGKVGMRHYHLKRNQSFCPTVNLDKLWTL
VSEQTRVNAAKNKTGAAPIIDVVRSGYYKVLGKGKLPKQPVIVKAKFFSRRAEEKIKGVGGACVLVA
;
AL28
32 'polypeptide(L)'
;AKSKNHTTHNQSRKWHRNGIKKPRSQRYESLKGVDPKFLRNMRFAKKHNKKGLKKMQANNAKAMAARAEAIKALVSRKLH
RLAYIAHPKLGRRARARIARGLR
;
AL29
33 'polypeptide(L)'
;SINSRLQLVMKSGKYVLGYKQTLKMIRQGKAKLVILANNCPALRKSEIEYYAMLAKTGVHHYSGNNIELGTACGKYYRVC
TLAIIDPGDSDIIR
;
AL30
34 'polypeptide(L)'
;NEVVTREYTINIHKRIHGVGFKKRAPRALKEIRKFAMKEMGTPDVRIDTRLNKAVWAKGIRNVPYRIRVRLSRKRNEDED
SPNKLYTLVTYVPVTTFKNLQTVNVDE
;
AL31
35 'polypeptide(L)'
;AALRPLVKPKIVKKRTKKFIRHQSDRYVKIKRNWRKPRGIDNRVRRRFKGQILMPNIGYGSNKKTKHMLPSGFRKFLVHN
VKELEVLLMCNKSYCAEIAHNVSSKNRKAIVERAAQLAIRVTNPNARL
;
AL32
36 'polypeptide(L)'
;SGRLWCKAIFAGYKRGLRNQREHTALLKIEGVYARDETEFYLGKRCAYVYKAKNNTVTPGGKPNKTRVIWGKVTRAHGNS
GMVRAKFRSNLPAKAIGHRIRVMLYPSRI
;
AL33
37 'polypeptide(L)'
;VQRLTYRRRLSYNTASNKTRLSRTPGNRIVYLYTKKVGKAPKSACGVCPGRLRGVRAVRPKVLMRLSKTKKHVSRAYGGS
MCAKCVRDRIKRAFLIEEQKIVVKVLKAQAQSQK
;
AL34
38 'polypeptide(L)'
;AKIKARDLRGKKKEELLKQLDDLKVELSQLRVAKVTGGAASKLSKIRVVRKSIARVLTVINQTQKENLRKFYKGKKYKPL
DLRPKKTRAMRRRLNKHEESLKTKKQQRKERLYPLRKYAVKA
;
AL35
39 'polypeptide(L)'
;ALRYPMAVGLNKGHKVTKNVSKPRHSRRRGRLTKHTKFVRDMIREVCGFAPYERRAMELLKVSKDKRALKFIKKRVGTHI
RAKRKREELSSVLAAMRKAAAK
;
AL36
40 'polypeptide(L)'
;TKGTSSFGKRRNKTHTLCRRCGSKAYHLQKSTCGKCGYPAKRKRKYNWSAKAKRRNTTGTGRMRHLKIVYRRFRHGFREG
TTPKPK
;
AL37
41 'polypeptide(L)' PRKIEEIKDFLLTARRKDAKSVKIKKNKDNVKFKVRCSRYLYTLVITDKEKAEKLKQSLPPGLAVKELK AL38
42 'polypeptide(L)' SSHKTFRIKRFLAKKQKQNRPIPQWIRMKTGNKIRYNSKRRHWRRTKLGL AL39
43 'polypeptide(L)' IIEPSLRQLAQKYNCDKMICRKCYARLHPRAVNCRKKKCGHTNNLRPKKKVK AL40
44 'polypeptide(L)' RAKWRKKRMRRLKRKRRKMRQRS AL41
45 'polypeptide(L)'
;VNVPKTRRTFCKKCGKHQPHKVTQYKKGKDSLYAQGKRRYDRKQSGYGGQTKPIFRKKAKTTKKIVLRLECVEPNCRSKR
MLAIKRCKHFELGGDKKRKGQVIQ
;
AL42
46 'polypeptide(L)'
;AKRTKKVGIVGKYGTRYGASLRKMVKKIEISQHAKYTCSFCGKTKMKRRAVGIWHCGSCMKTVAGGAWTYNTTSAVTVKS
AIRRLKELKDQ
;
AL43
47 'polypeptide(L)' RATWKSNYFLKIIQLLDTMMRKAIRGH ALP0
48 'polypeptide(L)'
;TEQMTLRGTLKGHNGWVTQIATTPQFPDMILSASRDKTIIMWKLTRDETNYGIPQRALRGHSHFVSDVVISSDGQFALSG
SWDGTLRLWDLTTGTTTRRFVGHTKDVLSVAFSSDNRQIVSGSRDKTIKLWNTLGVCKYTVQDESHSEWVSCVRFSPNSS
NPIIVSCGWDKLVKVWNLANCKLKTNHIGHTGYLNTVTVSPDGSLCASGGKDGQAMLWDLNEGKHLYTLDGGDIINALCF
SPNRYWLCAATGPSIKIWDLEGKIIVDELKQEVISTSSKAEPPQCTSLAWSADGQTLFAGYTDNLVRVWQVTI
;
ARAC
49 'polypeptide(L)'
;SGALDVLQMKEEDVLKFLAAGTHLGGTNLDFQMEQYIYKRKSDGIYIINLKRTWEKLLLAARAIVAIENPADVSVISSRN
TGQRAVLKFAAATGATPIAGRFTPGTFTNQIQTAFREPRLLVVTDPRADHQPLTEASYVNLPTIALCNTDSPLRYVDIAI
PCNNKGAHSVGLMWWMLAREVLRMRGTISREHPWEVMPDLYFYRDPEEIEKEEQAAA
;
AS00
50 'polypeptide(L)'
;VVDPFSKKDWYDVKAPAMFNIRNIGKTLVTRTQGTKIASDGLKGRVFEVSLADLQNDEVAFRKFKLITEDVQGKNCLTNF
HGMDLTRDKMCSMVKKWQTMIEAHVDVKTTDGYLLRLFCVGFTKKRNNQIRKTSYAQHQQVRQIRKKMMEIMTREVQTND
LKEVVNKLIPDSIGKDIEKACQSIYPLHDVFVRKVKMLKKPKFELGKLMELHG
;
AS01
51 'polypeptide(L)'
;KEWLPVTKLGRLVKDMKIKSLEEIYLFSLPIKESEIIDFFLGASLKDEVLKIMPVQKQTRAGQRTRFKAFVAIGDYNGHV
GLGVKCSKEVATAIRGAIILAKLSIVPVRRGYWGNKIGKPHTVPCKVTGRCGSVLVRLIPAPRGTGIVSAPVPKKLLMMA
GIDDCYTSARGCTATLGNFAKATFDAISKTYSYLTPDLWKETVFTKSPYQEFTDHLVKTHT
;
AS02
52 'polypeptide(L)'
;MAVQISKKRKFVADGIFKAELNEFLTRELAEDGYSGVEVRVTPTRTEIIILATRTQNVLGEKGRRIRELTAVVQKRFGFP
EGSVELYAEKVATRGLCAIAQAESLRYKLLGGLAVRRACYGVLRFIMESGAKGCEVVVSGKLRGQRAKSMKFVDGLMIHS
GDPVNYYVDTAVRHVLLRQGVLGIKVKIMLPWDPSGKIGPKKPLPDHVSIVEPKDEILPTTPISEQKG
;
AS03
53 'polypeptide(L)'
;ARGPKKHLKRVAAPKHWMLDKLTGVFAPRPSTGPHKLRECLPLIIFLRNRLKYALTGDEVKKICMQRFIKIDGKVRTDIT
YPAGFMDVISIDKTGENFRLIYDTKGRFAVHRITPEEAKYKLCKVRKIFVGTKGIPHLVTHDARTIRYPDPLIKVNDTIQ
IDLETGKITDFIKFDTGNLCMVTGGANLGRIGVITNRERHPGSFDVVHVKDANGNSFATRLSNIFVIGKGNKPWISLPRG
KGIRLTIAEERDKRLAAKQSSG
;
AS04
54 'polypeptide(L)'
;TPDIKLFGKWSTDDVQINDISLQDYIAVKEKYAKYLPHSAGRYAAKRFRKAQCPIVERLTNSMMMHGRNNGKKLMTVRIV
KHAFEIIHLLTGENPLQVLVNAIINSGPREDSTRIGRAGTVRRQAVDVSPLRRVNQAIWLLCTGAREAAFRNIKTIAECL
ADELINAAKGSSNSYAIKKKDELERVAKSNR
;
AS05
55 'polypeptide(L)'
;MKLNISFPATGCQKLIEVDDERKLRTFYEKRMATEVAADALGEEWKGYVVRISGGNDKQGFPMKQGVLTHGRVRLLLSKG
HSCYRPRRTGERKRKSVRGCIVDANLSVLNLVIVKKGEKDIPGLTDTTVPRRLGPKRASRIRKLFNLSKEDDVRQYVVRK
PLNKEGKKPRTKAPKIQRLVTPRVLQHKRRRIALKKQRTKKNKEEAAEYAKLLAKRMKEAKEKRQEQIAKRRRLSSL
;
AS06
56 'polypeptide(L)'
;AKIVKPNGEKPDEFESGISQALLELEMNSDLKAQLRELNITAAKEIEVGGGRKAIIIFVPVPQLKSFQKIQVRLVRELEK
KFSGKHVVFIAQRRILPKPTRKSRTKNKQKRPRSRTLTAVHDAILEDLVFPSEIVGKRIRVKLDGSRLIKVHLDKAQQNN
VEHKVETFSGVYKKLTGKDVNFEFPEFQL
;
AS07
57 'polypeptide(L)'
;GISRDNWHKRRKTGGKRKPYHKKRKYELGRPAANTKIGPRRIHTVRVRGGNKKYRALRLDVGNFSWGSECCTRKTRIIDV
VYNASNNELVRTKTLVKNCIVLIDSTPYRQWYESHYALPLGRKKGAKLTPEEEEILNKKRSKKIQKKYDERKKNAKISSL
LEEQFQQGKLLACIASRPGQCGRADGYVLEGKELEFYLRKIKARKG
;
AS08
58 'polypeptide(L)'
;PVARSWVCRKTYVTPRRPFEKSRLDQELKLIGEYGLRNKREVWRVKFTLAKIRKAARELLTLDEKDPRRLFEGNALLRRL
VRIGVLDEGKMKLDYILGLKIEDFLERRLQTQVFKLGLAKSIHHARVLIRQRHIRVRKQVVNIPSFIVRLDSQKHIDFSL
RSPYGGGRPGRVKRKNAKKGQGGAG
;
AS09
59 'polypeptide(L)'
;MLMPKKNRIAIYELLFKEGVMVAKKDVHMPKHPELADKNVPNLHVMKAMQSLKSRGYVKEQFAWRHFYWYLTNEGIQYLR
DYLHLPPEIVPATLRR
;
AS10
60 'polypeptide(L)'
;DIQTERAYQKQPTIFQNKKRVLLGETGKEKLPRYYKNIGLGFKTPKEAIEGTYIDKKCPFTGNVSIRGRILSGVVTKMKM
QRTIVIRRDYLHYIRKYNRFEKRHKNMSVHLSPCFRDVQIGDIVTVGECRPLSKTVRFNVLKVTKAAGTKK
;
AS11
61 'polypeptide(L)'
;VNTALQEVLKTALIHDGLARGIREAAKALDKRQAHLCVLASNCDEPMYVKLVEALCAEHQINLIKVDDNKKLGEWVGLCK
IDREGKPRKVVGCSCVVVKDYGKESQAKDVIEEYFKC
;
AS12
62 'polypeptide(L)'
;GRMHAPGKGLSQSALPYRRSVPTWLKLTSDDVKEQIYKLAKKGLTPSQIGVILRDSHGVAQVRFVTGNKILRILKSKGLA
PDLPEDLYHLIKKAVAVRKHLERNRKDKDAKFRLILIESRIHRLARYYKTKRVLPPNWKYESSTASALV
;
AS13
63 'polypeptide(L)'
;SLGPQVAEGENVFGVCHIFASFNDTFVHVTDLSGKETICRVTGGMKVKADRDESSPYAAMLAAQDVAQRCKELGITALHI
KLRATGGNRTKTPGPGAQSALRALARSGMKIGRIEDVTPIPSDSTRRKGGRRGRRL
;
AS14
64 'polypeptide(L)'
;FRKFTYRGVDLDQLLDMSYEQLMQLYSARQRRRLSRGLRRKQHSLLKRLRKAKKEAPPMEKPEVVKTHLRDMIILPEMVG
SMVGVYNGKTFNQVEIKPEMIGHYLGEFSITYKPVKHGRP
;
AS15
65 'polypeptide(L)'
;GPLQSVQVFGRKKTATAVAHCKRGNGLIKVNGRPLEMIEPRTLQYKLLEPVLLLGKERFAGVDIRVRVKGGGHVAQIYAI
RQSISKALVAYYQKYVDEASKKEIKDILIQYDRTLLVADPRRCESKKFGGPGARARYQKSYR
;
AS16
66 'polypeptide(L)'
;GRVRTKTVKKAARVIIEKYYTRLGNDFHTNKRVCEEIAIIPSKKLRNKIAGYVTHLMKRIQRGPVRGISIKLQEEERERR
DNYVPEVSALDQEIIEVDPDTKEMLKLLDFGSLSNLQVTQPTVGMNFKTPRG
;
AS17
67 'polypeptide(L)'
;SLVIPEKFQHILRVLNTNIDGRRKIAFAITAIKGVGRRYAHVVLRKADIDLTKRAGELTEDEVERVITIMQNPRQYKIPD
WFLNRQKDVKDGKYSQVLANGLDNKLREDLERLKKIRAHRGLRHFWGLRVRGQHTKTTGRRGRT
;
AS18
68 'polypeptide(L)'
;GVTVKDVNQQEFVRALAAFLKKSGKLKVPEWVDTVKLAKHKELAPYDENWFYTRAASTARHLYLRGGAGVGSMTKIYGGR
QRNGVMPSHFSRGSKSVARRVLQALEGLKMVEKDQDGGRKLTPQGQRDLDRIAGQVAAAKK
;
AS19
69 'polypeptide(L)'
;HRIRITLTSRNVKSLEKVCADLIRGAKEKNLKVKGPVRMPTKTLRITTRKTPCGEGSKTWDRFQMRIHKRLIDLHSPSEI
VKQITSISIEPGVEVEVTIA
;
AS20
70 'polypeptide(L)'
;MQNDAGEFVDLYVPRKCSASNRIIGAKDHASIQMNVAEVDKVTGRFNGQFKTYAICGAIRRMGESDDSILRLAKADGIVS
KNF
;
AS21
71 'polypeptide(L)'
;VRMNVLADALKSINNAEKRGKRQVLIRPCSKVIVRFLTVMMKHGYIGEFEIIDDHRAGKIVVNLTGRLNKCGVISPRFDV
QLKDLEKWQNNLLPSRQFGFIVLTTSAGIMDHEEARRKHTGGKILGFFF
;
AS22
72 'polypeptide(L)'
;GKCRGLRTARKLRSHRRDQKWHDKQYKKAHLGTALKANPFGGASHAKGIVLEKVGVEAKQPNSAIRKCVRVQLIKNGKKI
TAFVPNDGCLNFIEENDEVLVAGFGRKGHAVGDIPGVRFKVVKVANVSLLALYKGKKERPR
;
AS23
73 'polypeptide(L)'
;TVTIRTRKFMTNRLLQRKQMVIDVLHPGKATVPKTEIREKLAKMYKTTPDVIFVFGFRTHFGGGKTTGFGMIYDSLDYAK
KNEPKHRLARHGLYEKKKTSRKQRKERKNRMKKVRGTAKANVGA
;
AS24
74 'polypeptide(L)' RDKLNNLVLFDKATYDKLCKEVPNYKLITPAVVSERLKIRGSLARAALQELLSKGLIKLVSKHRAQVIYTRNTKG AS25
75 'polypeptide(L)'
;TKKRRNNGRAKKGRGHVQPIRCTNCARCVPKDKAIKKFVIRNIVEAAAVRDISEASVFDAYVLPKLYVKLHYCVSCAIHS
KVVRNRSREARKDRTPPPRFR
;
AS26
76 'polypeptide(L)'
;PLAKDLLHPSPEEEKRKHKKKRLVQSPNSYFMDVKCPGCYKITTVFSHAQTVVLCVGCSTVLCQPTGGKARLTEGCSFRR
KQH
;
AS27
77 'polypeptide(L)' QPIKLARVTKVLGRTGSQGQCTQVRVEFMDDTSRSIIRNVKGPVREGDVLTLLESEREARRL AS28
78 'polypeptide(L)' GHQQLYWSHPRKFGQGSRSCRVCSNRHGLIRKYGLNMCRQCFRQYAKDIGFIKLD AS29
79 'polypeptide(L)' SLARVGKVRGQTLKVAKQEKKKKRTGRAKRRMQYNRRFVNVVPTFGKKKGPNANS AS30
80 'polypeptide(L)' KSYTTPKKNKHKRKKVKLAVLKYYKVDENGKISRLRRECPSDECGAGVFMASHFDRHYCGKCCLTYCF AS31
81 'polypeptide(L)'
;SAHLQWMVVRNCSSFLIKRNKQTYSTEPNNLKARNSFRYNGLIHRKTVGVEPAADGKGVVVVMKRRSGQRKPATSYVRTT
INKNARATLSSIRHMIRKNKYHPDLRMAAIRRASAILRSQKPVMV
;
EL28
82 'polyribonucleotide' CACAUGUUCC MRNA
83 'polypeptide(L)' PRPRPRPRPRPRPRPRPRPRPRPRPRPRPRPRPRPRPRPR PR
84 'polyribonucleotide' CGCGGGGUGGAGCAGCCUGGUAGCUCGUCGGGCUCAUAACCCGAAGGUCGUCGGUUCAAAUCCGGCCCCCGCAACCA PTRN
#
loop_
_chem_comp.id
_chem_comp.type
_chem_comp.name
_chem_comp.formula
A RNA linking ADENOSINE-5'-MONOPHOSPHATE 'C10 H14 N5 O7 P'
C RNA linking CYTIDINE-5'-MONOPHOSPHATE 'C9 H14 N3 O8 P'
G RNA linking GUANOSINE-5'-MONOPHOSPHATE 'C10 H14 N5 O8 P'
N RNA linking 'ANY 5'-MONOPHOSPHATE NUCLEOTIDE' 'C5 H11 O7 P'
U RNA linking URIDINE-5'-MONOPHOSPHATE 'C9 H13 N2 O9 P'
ZN non-polymer 'ZINC ION' 'Zn 2'
#
# COMPACT_ATOMS: atom_id res chain seq x y z
N GLY E 1 -20.06 10.18 27.31
CA GLY E 1 -18.89 11.03 27.08
C GLY E 1 -18.91 12.31 27.87
N ARG E 2 -17.73 12.83 28.17
CA ARG E 2 -17.61 14.07 28.92
C ARG E 2 -17.85 15.27 28.00
N VAL E 3 -17.85 16.45 28.61
CA VAL E 3 -18.07 17.69 27.85
C VAL E 3 -16.79 18.03 27.09
N ILE E 4 -16.93 18.24 25.78
CA ILE E 4 -15.78 18.53 24.93
C ILE E 4 -15.34 19.97 25.14
N ARG E 5 -14.10 20.26 24.72
CA ARG E 5 -13.61 21.62 24.76
C ARG E 5 -14.24 22.43 23.63
N GLY E 6 -14.35 23.74 23.85
CA GLY E 6 -15.15 24.58 22.97
C GLY E 6 -16.56 24.67 23.49
N GLN E 7 -17.16 23.51 23.74
CA GLN E 7 -18.39 23.46 24.53
C GLN E 7 -18.15 23.98 25.95
N ARG E 8 -16.95 23.74 26.48
CA ARG E 8 -16.58 24.27 27.79
C ARG E 8 -16.29 25.76 27.76
N LYS E 9 -16.06 26.34 26.58
CA LYS E 9 -15.76 27.77 26.48
C LYS E 9 -16.98 28.64 26.73
N GLY E 10 -18.19 28.09 26.62
CA GLY E 10 -19.37 28.86 26.91
C GLY E 10 -19.61 29.14 28.38
N ALA E 11 -19.13 28.26 29.27
CA ALA E 11 -19.22 28.51 30.69
C ALA E 11 -18.21 29.55 31.16
N GLY E 12 -17.05 29.61 30.54
CA GLY E 12 -16.05 30.61 30.87
C GLY E 12 -15.20 30.28 32.07
N SER E 13 -14.73 31.34 32.75
CA SER E 13 -13.93 31.31 33.98
C SER E 13 -12.50 30.83 33.75
N VAL E 14 -12.20 30.33 32.55
CA VAL E 14 -10.84 30.06 32.12
C VAL E 14 -10.63 30.74 30.78
N PHE E 15 -11.72 30.89 30.03
CA PHE E 15 -11.69 31.39 28.66
C PHE E 15 -12.15 32.83 28.54
N ARG E 16 -12.37 33.52 29.66
CA ARG E 16 -12.80 34.91 29.61
C ARG E 16 -11.66 35.81 29.16
N ALA E 17 -12.03 36.97 28.62
CA ALA E 17 -11.07 37.91 28.06
C ALA E 17 -10.20 38.51 29.15
N HIS E 18 -8.93 38.77 28.80
CA HIS E 18 -7.97 39.36 29.72
C HIS E 18 -8.07 40.87 29.60
N VAL E 19 -8.97 41.44 30.39
CA VAL E 19 -9.30 42.86 30.29
C VAL E 19 -8.63 43.68 31.40
N LYS E 20 -7.54 43.18 31.98
CA LYS E 20 -6.86 43.91 33.04
C LYS E 20 -6.09 45.10 32.50
N HIS E 21 -5.25 44.89 31.49
CA HIS E 21 -4.40 45.94 30.95
C HIS E 21 -5.05 46.72 29.82
N ARG E 22 -6.28 46.37 29.45
CA ARG E 22 -6.99 47.11 28.42
C ARG E 22 -7.44 48.46 28.96
N LYS E 23 -7.41 49.47 28.09
CA LYS E 23 -7.59 50.85 28.48
C LYS E 23 -9.02 51.35 28.34
N GLY E 24 -9.96 50.48 28.01
CA GLY E 24 -11.36 50.84 27.89
C GLY E 24 -11.96 50.32 26.60
N ALA E 25 -13.19 50.77 26.35
CA ALA E 25 -13.95 50.36 25.17
C ALA E 25 -13.80 51.40 24.08
N ALA E 26 -13.58 50.93 22.85
CA ALA E 26 -13.37 51.80 21.69
C ALA E 26 -14.73 52.15 21.11
N ARG E 27 -15.29 53.28 21.55
CA ARG E 27 -16.59 53.72 21.11
C ARG E 27 -16.52 55.17 20.63
N LEU E 28 -17.50 55.54 19.81
CA LEU E 28 -17.60 56.89 19.27
C LEU E 28 -18.28 57.80 20.29
N ARG E 29 -18.64 59.01 19.89
CA ARG E 29 -19.34 59.93 20.77
C ARG E 29 -20.84 59.62 20.81
N ALA E 30 -21.48 60.05 21.89
CA ALA E 30 -22.93 59.92 22.00
C ALA E 30 -23.61 61.05 21.22
N VAL E 31 -24.82 60.76 20.73
CA VAL E 31 -25.53 61.72 19.91
C VAL E 31 -26.11 62.83 20.78
N ASP E 32 -26.05 64.06 20.26
CA ASP E 32 -26.56 65.24 20.96
C ASP E 32 -26.84 66.33 19.92
N PHE E 33 -27.10 67.55 20.39
CA PHE E 33 -27.48 68.64 19.50
C PHE E 33 -26.32 69.08 18.61
N ALA E 34 -25.13 69.22 19.20
CA ALA E 34 -23.98 69.71 18.45
C ALA E 34 -23.54 68.74 17.37
N GLU E 35 -23.67 67.44 17.63
CA GLU E 35 -23.26 66.45 16.64
C GLU E 35 -24.31 66.30 15.54
N ARG E 36 -25.59 66.45 15.87
CA ARG E 36 -26.63 66.22 14.88
C ARG E 36 -26.79 67.38 13.91
N HIS E 37 -26.58 68.62 14.36
CA HIS E 37 -26.81 69.81 13.54
C HIS E 37 -25.53 70.45 13.05
N GLY E 38 -24.56 70.68 13.92
CA GLY E 38 -23.30 71.28 13.52
C GLY E 38 -22.14 70.33 13.66
N TYR E 39 -21.00 70.83 14.13
CA TYR E 39 -19.85 69.99 14.45
C TYR E 39 -19.23 70.44 15.76
N ILE E 40 -18.44 69.55 16.35
CA ILE E 40 -17.68 69.85 17.56
C ILE E 40 -16.23 69.44 17.33
N LYS E 41 -15.32 70.22 17.89
CA LYS E 41 -13.89 70.08 17.63
C LYS E 41 -13.22 69.39 18.80
N GLY E 42 -12.37 68.39 18.50
CA GLY E 42 -11.63 67.69 19.52
C GLY E 42 -10.14 67.72 19.23
N ILE E 43 -9.37 67.44 20.28
CA ILE E 43 -7.91 67.48 20.22
C ILE E 43 -7.38 66.10 20.55
N VAL E 44 -6.55 65.55 19.68
CA VAL E 44 -5.90 64.27 19.94
C VAL E 44 -4.69 64.53 20.83
N LYS E 45 -4.79 64.13 22.10
CA LYS E 45 -3.71 64.37 23.05
C LYS E 45 -2.55 63.42 22.81
N ASP E 46 -2.80 62.12 22.86
CA ASP E 46 -1.76 61.13 22.63
C ASP E 46 -2.40 59.86 22.06
N ILE E 47 -1.54 58.97 21.56
CA ILE E 47 -1.97 57.70 21.00
C ILE E 47 -1.38 56.58 21.84
N ILE E 48 -2.23 55.62 22.22
CA ILE E 48 -1.83 54.52 23.08
C ILE E 48 -1.98 53.20 22.35
N HIS E 49 -1.53 52.11 22.97
CA HIS E 49 -1.62 50.78 22.40
C HIS E 49 -2.46 49.92 23.33
N ASP E 50 -3.54 49.35 22.79
CA ASP E 50 -4.42 48.48 23.56
C ASP E 50 -3.91 47.05 23.51
N PRO E 51 -3.58 46.44 24.65
CA PRO E 51 -3.21 45.02 24.64
C PRO E 51 -4.34 44.14 24.15
N GLY E 52 -3.98 43.10 23.40
CA GLY E 52 -4.96 42.21 22.83
C GLY E 52 -5.66 42.74 21.60
N ARG E 53 -5.27 43.90 21.10
CA ARG E 53 -5.88 44.50 19.91
C ARG E 53 -4.78 44.96 18.97
N GLY E 54 -4.98 44.72 17.67
CA GLY E 54 -4.01 45.08 16.66
C GLY E 54 -4.04 46.51 16.19
N ALA E 55 -4.94 47.34 16.73
CA ALA E 55 -5.06 48.71 16.28
C ALA E 55 -4.78 49.68 17.43
N PRO E 56 -4.04 50.76 17.16
CA PRO E 56 -3.83 51.78 18.19
C PRO E 56 -5.10 52.58 18.44
N LEU E 57 -5.17 53.17 19.63
CA LEU E 57 -6.29 54.01 20.04
C LEU E 57 -5.84 55.46 20.15
N ALA E 58 -6.67 56.37 19.64
CA ALA E 58 -6.40 57.80 19.69
C ALA E 58 -7.19 58.42 20.83
N LYS E 59 -6.49 59.12 21.72
CA LYS E 59 -7.13 59.72 22.89
C LYS E 59 -7.58 61.12 22.51
N VAL E 60 -8.86 61.27 22.21
CA VAL E 60 -9.43 62.52 21.73
C VAL E 60 -10.22 63.16 22.87
N VAL E 61 -9.95 64.43 23.14
CA VAL E 61 -10.57 65.16 24.23
C VAL E 61 -11.51 66.21 23.63
N PHE E 62 -12.78 66.15 24.00
CA PHE E 62 -13.77 67.14 23.63
C PHE E 62 -14.16 67.98 24.84
N ARG E 63 -14.73 69.14 24.57
CA ARG E 63 -15.33 69.98 25.59
C ARG E 63 -16.84 69.82 25.52
N ASP E 64 -17.46 69.59 26.67
CA ASP E 64 -18.92 69.42 26.71
C ASP E 64 -19.60 70.76 26.46
N PRO E 65 -20.46 70.87 25.46
CA PRO E 65 -21.11 72.15 25.16
C PRO E 65 -22.20 72.55 26.13
N TYR E 66 -22.40 71.81 27.21
CA TYR E 66 -23.44 72.10 28.18
C TYR E 66 -22.90 72.52 29.54
N ARG E 67 -21.95 71.77 30.08
CA ARG E 67 -21.36 72.05 31.38
C ARG E 67 -19.85 72.11 31.25
N PHE E 68 -19.22 72.86 32.15
CA PHE E 68 -17.80 73.16 32.00
C PHE E 68 -16.94 71.99 32.45
N LYS E 69 -16.70 71.03 31.55
CA LYS E 69 -15.71 69.98 31.73
C LYS E 69 -15.14 69.60 30.36
N LYS E 70 -14.02 68.89 30.39
CA LYS E 70 -13.43 68.31 29.19
C LYS E 70 -13.73 66.82 29.18
N ARG E 71 -14.31 66.34 28.09
CA ARG E 71 -14.73 64.96 27.97
C ARG E 71 -13.69 64.18 27.17
N THR E 72 -13.21 63.09 27.75
CA THR E 72 -12.20 62.23 27.15
C THR E 72 -12.89 61.05 26.47
N GLU E 73 -12.45 60.75 25.24
CA GLU E 73 -13.02 59.69 24.44
C GLU E 73 -11.96 58.68 24.06
N LEU E 74 -12.41 57.52 23.57
CA LEU E 74 -11.55 56.43 23.12
C LEU E 74 -11.83 56.20 21.65
N PHE E 75 -11.10 56.91 20.79
CA PHE E 75 -11.27 56.81 19.35
C PHE E 75 -10.24 55.86 18.76
N ILE E 76 -10.69 55.02 17.82
CA ILE E 76 -9.75 54.20 17.06
C ILE E 76 -9.06 55.07 16.03
N ALA E 77 -7.73 55.11 16.09
CA ALA E 77 -6.96 56.04 15.29
C ALA E 77 -6.94 55.64 13.82
N ALA E 78 -7.29 56.58 12.95
CA ALA E 78 -7.12 56.37 11.52
C ALA E 78 -5.64 56.54 11.15
N GLU E 79 -5.29 55.98 10.00
CA GLU E 79 -3.90 56.03 9.53
C GLU E 79 -3.60 57.44 9.04
N GLY E 80 -2.80 58.17 9.81
CA GLY E 80 -2.49 59.55 9.49
C GLY E 80 -2.83 60.50 10.61
N ILE E 81 -3.25 59.96 11.75
CA ILE E 81 -3.64 60.77 12.91
C ILE E 81 -2.39 61.03 13.76
N HIS E 82 -2.10 62.29 14.01
CA HIS E 82 -1.00 62.70 14.87
C HIS E 82 -1.54 63.50 16.06
N THR E 83 -0.69 63.63 17.08
CA THR E 83 -1.07 64.33 18.30
C THR E 83 -1.20 65.82 18.04
N GLY E 84 -2.21 66.43 18.67
CA GLY E 84 -2.47 67.84 18.47
C GLY E 84 -3.29 68.17 17.24
N GLN E 85 -3.60 67.16 16.43
CA GLN E 85 -4.43 67.40 15.25
C GLN E 85 -5.88 67.59 15.66
N PHE E 86 -6.51 68.64 15.15
CA PHE E 86 -7.90 68.90 15.46
C PHE E 86 -8.79 67.90 14.74
N VAL E 87 -9.68 67.26 15.50
CA VAL E 87 -10.62 66.27 14.98
C VAL E 87 -12.02 66.79 15.18
N TYR E 88 -12.79 66.85 14.09
CA TYR E 88 -14.13 67.38 14.10
C TYR E 88 -15.16 66.26 14.16
N CYS E 89 -16.31 66.56 14.76
CA CYS E 89 -17.33 65.54 15.01
C CYS E 89 -18.70 66.20 14.85
N GLY E 90 -19.41 65.85 13.79
CA GLY E 90 -20.76 66.33 13.58
C GLY E 90 -21.14 66.27 12.12
N LYS E 91 -22.34 66.79 11.84
CA LYS E 91 -22.87 66.76 10.48
C LYS E 91 -22.20 67.78 9.58
N LYS E 92 -21.90 68.96 10.12
CA LYS E 92 -21.33 70.05 9.33
C LYS E 92 -19.82 69.95 9.17
N ALA E 93 -19.19 68.92 9.75
CA ALA E 93 -17.75 68.78 9.66
C ALA E 93 -17.30 68.44 8.24
N GLN E 94 -16.11 68.89 7.89
CA GLN E 94 -15.58 68.71 6.55
C GLN E 94 -15.04 67.29 6.36
N LEU E 95 -14.57 67.02 5.15
CA LEU E 95 -14.23 65.66 4.70
C LEU E 95 -12.72 65.51 4.59
N ASN E 96 -12.12 64.86 5.58
CA ASN E 96 -10.71 64.47 5.54
C ASN E 96 -10.50 63.30 6.49
N ILE E 97 -9.28 62.78 6.49
CA ILE E 97 -8.95 61.61 7.30
C ILE E 97 -8.96 61.98 8.78
N GLY E 98 -9.67 61.18 9.57
CA GLY E 98 -9.79 61.45 10.99
C GLY E 98 -10.89 62.44 11.29
N ASN E 99 -12.05 62.23 10.70
CA ASN E 99 -13.18 63.16 10.86
C ASN E 99 -14.46 62.35 10.71
N VAL E 100 -15.14 62.10 11.83
CA VAL E 100 -16.35 61.30 11.83
C VAL E 100 -17.54 62.19 11.47
N LEU E 101 -18.38 61.71 10.56
CA LEU E 101 -19.50 62.48 10.06
C LEU E 101 -20.50 61.50 9.45
N PRO E 102 -21.79 61.86 9.42
CA PRO E 102 -22.83 60.87 9.05
C PRO E 102 -22.69 60.34 7.64
N VAL E 103 -23.04 59.05 7.50
CA VAL E 103 -22.93 58.34 6.23
C VAL E 103 -23.85 58.91 5.16
N GLY E 104 -25.00 59.47 5.53
CA GLY E 104 -25.91 60.00 4.53
C GLY E 104 -25.44 61.29 3.88
N THR E 105 -24.37 61.89 4.39
CA THR E 105 -23.98 63.22 3.96
C THR E 105 -22.77 63.27 3.03
N MET E 106 -21.77 62.39 3.18
CA MET E 106 -20.65 62.50 2.26
C MET E 106 -21.03 61.86 0.92
N PRO E 107 -20.40 62.25 -0.18
CA PRO E 107 -20.65 61.54 -1.45
C PRO E 107 -20.13 60.11 -1.39
N GLU E 108 -20.78 59.24 -2.17
CA GLU E 108 -20.44 57.83 -2.15
C GLU E 108 -19.06 57.59 -2.79
N GLY E 109 -18.44 56.49 -2.38
CA GLY E 109 -17.10 56.15 -2.81
C GLY E 109 -16.00 56.47 -1.83
N THR E 110 -16.32 57.08 -0.69
CA THR E 110 -15.31 57.38 0.31
C THR E 110 -14.86 56.11 1.02
N ILE E 111 -13.74 56.23 1.73
CA ILE E 111 -13.18 55.14 2.52
C ILE E 111 -13.38 55.49 3.98
N VAL E 112 -14.19 54.71 4.68
CA VAL E 112 -14.49 54.96 6.08
C VAL E 112 -14.25 53.69 6.89
N CYS E 113 -14.01 53.88 8.18
CA CYS E 113 -13.79 52.78 9.10
C CYS E 113 -14.47 53.11 10.42
N CYS E 114 -14.53 52.12 11.30
CA CYS E 114 -15.29 52.17 12.55
C CYS E 114 -16.74 52.56 12.26
N LEU E 115 -17.37 51.75 11.41
CA LEU E 115 -18.70 52.03 10.90
C LEU E 115 -19.77 51.72 11.95
N GLU E 116 -20.77 52.60 12.03
CA GLU E 116 -21.89 52.40 12.93
C GLU E 116 -22.97 51.59 12.24
N GLU E 117 -23.38 50.49 12.88
CA GLU E 117 -24.39 49.62 12.28
C GLU E 117 -25.79 50.16 12.53
N LYS E 118 -26.18 50.36 13.82
CA LYS E 118 -27.46 50.96 14.15
C LYS E 118 -27.27 52.37 14.69
N PRO E 119 -28.14 53.31 14.33
CA PRO E 119 -27.90 54.72 14.69
C PRO E 119 -27.98 54.98 16.18
N GLY E 120 -26.82 55.18 16.81
CA GLY E 120 -26.76 55.53 18.22
C GLY E 120 -26.07 54.52 19.11
N ASP E 121 -25.20 53.68 18.55
CA ASP E 121 -24.44 52.73 19.35
C ASP E 121 -22.93 52.91 19.19
N ARG E 122 -22.49 54.04 18.63
CA ARG E 122 -21.10 54.51 18.68
C ARG E 122 -20.13 53.60 17.93
N GLY E 123 -20.53 53.10 16.77
CA GLY E 123 -19.59 52.45 15.87
C GLY E 123 -19.35 50.99 16.15
N LYS E 124 -19.60 50.13 15.16
CA LYS E 124 -19.43 48.69 15.35
C LYS E 124 -18.64 48.00 14.25
N LEU E 125 -18.70 48.50 13.02
CA LEU E 125 -18.24 47.74 11.87
C LEU E 125 -16.91 48.28 11.33
N ALA E 126 -16.09 47.34 10.84
CA ALA E 126 -14.85 47.63 10.10
C ALA E 126 -13.87 48.45 10.95
N ARG E 127 -13.44 47.85 12.07
CA ARG E 127 -12.55 48.56 12.99
C ARG E 127 -11.50 47.64 13.60
N ALA E 128 -11.07 46.59 12.90
CA ALA E 128 -10.23 45.61 13.58
C ALA E 128 -8.76 46.04 13.64
N SER E 129 -8.05 46.04 12.51
CA SER E 129 -6.71 46.63 12.47
C SER E 129 -6.41 47.44 11.22
N GLY E 130 -6.96 47.10 10.06
CA GLY E 130 -6.69 47.85 8.85
C GLY E 130 -7.85 47.83 7.88
N ASN E 131 -8.99 47.32 8.32
CA ASN E 131 -10.15 47.16 7.45
C ASN E 131 -10.86 48.49 7.26
N TYR E 132 -11.73 48.53 6.25
CA TYR E 132 -12.43 49.75 5.90
C TYR E 132 -13.73 49.38 5.21
N ALA E 133 -14.63 50.36 5.12
CA ALA E 133 -15.92 50.20 4.46
C ALA E 133 -16.04 51.23 3.35
N THR E 134 -16.62 50.81 2.23
CA THR E 134 -16.84 51.68 1.08
C THR E 134 -18.33 51.83 0.82
N VAL E 135 -18.72 53.01 0.36
CA VAL E 135 -20.11 53.36 0.12
C VAL E 135 -20.39 53.23 -1.38
N ILE E 136 -21.44 52.48 -1.72
CA ILE E 136 -21.79 52.27 -3.12
C ILE E 136 -22.70 53.41 -3.58
N SER E 137 -23.84 53.56 -2.94
CA SER E 137 -24.82 54.56 -3.35
C SER E 137 -25.66 54.98 -2.16
N HIS E 138 -26.32 56.13 -2.30
CA HIS E 138 -27.20 56.67 -1.28
C HIS E 138 -28.66 56.54 -1.73
N ASN E 139 -29.56 56.97 -0.85
CA ASN E 139 -30.99 56.96 -1.12
C ASN E 139 -31.66 58.05 -0.29
N PRO E 140 -32.12 59.13 -0.91
CA PRO E 140 -32.73 60.22 -0.12
C PRO E 140 -34.08 59.84 0.48
N GLU E 141 -34.92 59.16 -0.29
CA GLU E 141 -36.13 58.58 0.28
C GLU E 141 -35.79 57.37 1.14
N THR E 142 -36.46 57.26 2.29
CA THR E 142 -36.33 56.20 3.29
C THR E 142 -34.98 56.24 4.01
N LYS E 143 -34.08 57.14 3.59
CA LYS E 143 -32.80 57.41 4.25
C LYS E 143 -31.97 56.14 4.43
N LYS E 144 -31.75 55.43 3.33
CA LYS E 144 -30.96 54.21 3.32
C LYS E 144 -29.66 54.43 2.56
N THR E 145 -28.67 53.60 2.89
CA THR E 145 -27.35 53.69 2.26
C THR E 145 -26.75 52.30 2.16
N ARG E 146 -26.23 51.97 0.97
CA ARG E 146 -25.57 50.69 0.74
C ARG E 146 -24.06 50.86 0.97
N VAL E 147 -23.52 50.09 1.92
CA VAL E 147 -22.11 50.16 2.30
C VAL E 147 -21.50 48.78 2.16
N LYS E 148 -20.34 48.71 1.51
CA LYS E 148 -19.64 47.46 1.31
C LYS E 148 -18.72 47.19 2.51
N LEU E 149 -19.00 46.12 3.23
CA LEU E 149 -18.23 45.74 4.39
C LEU E 149 -16.96 45.00 3.97
N PRO E 150 -15.92 44.96 4.82
CA PRO E 150 -14.66 44.32 4.42
C PRO E 150 -14.79 42.83 4.14
N SER E 151 -15.84 42.16 4.63
CA SER E 151 -16.05 40.75 4.31
C SER E 151 -16.49 40.53 2.87
N GLY E 152 -16.84 41.59 2.14
CA GLY E 152 -17.33 41.49 0.79
C GLY E 152 -18.83 41.58 0.67
N SER E 153 -19.56 41.35 1.78
CA SER E 153 -21.01 41.47 1.76
C SER E 153 -21.42 42.94 1.83
N LYS E 154 -22.45 43.28 1.07
CA LYS E 154 -22.98 44.64 1.02
C LYS E 154 -24.27 44.69 1.83
N LYS E 155 -24.33 45.60 2.80
CA LYS E 155 -25.47 45.74 3.69
C LYS E 155 -26.10 47.12 3.50
N VAL E 156 -27.42 47.15 3.36
CA VAL E 156 -28.16 48.39 3.27
C VAL E 156 -28.46 48.87 4.68
N ILE E 157 -27.85 49.99 5.07
CA ILE E 157 -27.99 50.52 6.42
C ILE E 157 -28.62 51.90 6.36
N SER E 158 -28.96 52.44 7.53
CA SER E 158 -29.56 53.76 7.59
C SER E 158 -28.54 54.85 7.25
N SER E 159 -29.05 55.99 6.83
CA SER E 159 -28.20 57.12 6.47
C SER E 159 -27.92 58.05 7.64
N ALA E 160 -28.48 57.78 8.81
CA ALA E 160 -28.27 58.63 9.98
C ALA E 160 -27.06 58.23 10.80
N ASN E 161 -26.51 57.04 10.59
CA ASN E 161 -25.33 56.62 11.31
C ASN E 161 -24.07 57.23 10.69
N ARG E 162 -22.93 57.01 11.34
CA ARG E 162 -21.70 57.69 10.98
C ARG E 162 -20.51 56.75 11.05
N ALA E 163 -19.40 57.20 10.48
CA ALA E 163 -18.12 56.51 10.59
C ALA E 163 -17.02 57.54 10.44
N VAL E 164 -15.84 57.20 10.96
CA VAL E 164 -14.67 58.06 10.84
C VAL E 164 -14.01 57.79 9.49
N VAL E 165 -13.59 58.85 8.82
CA VAL E 165 -13.11 58.75 7.46
C VAL E 165 -11.66 58.27 7.46
N GLY E 166 -11.38 57.22 6.70
CA GLY E 166 -10.06 56.67 6.57
C GLY E 166 -10.05 55.18 6.85
N VAL E 167 -8.85 54.61 6.86
CA VAL E 167 -8.65 53.21 7.19
C VAL E 167 -8.13 53.12 8.62
N VAL E 168 -8.24 51.92 9.19
CA VAL E 168 -7.74 51.71 10.55
C VAL E 168 -6.21 51.63 10.52
N ALA E 169 -5.57 52.39 11.40
CA ALA E 169 -4.12 52.38 11.48
C ALA E 169 -3.60 51.04 11.99
N GLY E 170 -2.47 50.62 11.44
CA GLY E 170 -1.90 49.33 11.76
C GLY E 170 -2.14 48.24 10.75
N GLY E 171 -2.27 48.58 9.46
CA GLY E 171 -2.50 47.57 8.45
C GLY E 171 -1.26 46.75 8.16
N GLY E 172 -1.47 45.62 7.50
CA GLY E 172 -0.38 44.72 7.21
C GLY E 172 0.15 43.97 8.41
N ARG E 173 -0.68 43.80 9.45
CA ARG E 173 -0.23 43.11 10.65
C ARG E 173 -0.01 41.61 10.38
N ILE E 174 -0.81 41.02 9.52
CA ILE E 174 -0.73 39.58 9.25
C ILE E 174 0.27 39.32 8.13
N ASP E 175 0.88 40.38 7.59
CA ASP E 175 1.88 40.22 6.54
C ASP E 175 3.13 39.53 7.06
N LYS E 176 3.66 40.01 8.18
CA LYS E 176 4.79 39.34 8.83
C LYS E 176 4.27 38.12 9.59
N PRO E 177 4.81 36.93 9.36
CA PRO E 177 4.40 35.76 10.14
C PRO E 177 4.95 35.80 11.55
N ILE E 178 4.48 34.85 12.36
CA ILE E 178 4.82 34.83 13.78
C ILE E 178 6.25 34.34 14.00
N LEU E 179 6.65 33.28 13.27
CA LEU E 179 7.98 32.67 13.25
C LEU E 179 8.34 31.90 14.52
N LYS E 180 7.50 31.96 15.55
CA LYS E 180 7.77 31.27 16.80
C LYS E 180 6.47 30.85 17.46
N ALA E 181 6.58 29.84 18.33
CA ALA E 181 5.50 29.52 19.25
C ALA E 181 5.39 30.56 20.34
N GLY E 182 6.54 31.11 20.77
CA GLY E 182 6.52 32.06 21.87
C GLY E 182 5.86 33.37 21.53
N ARG E 183 6.11 33.90 20.34
CA ARG E 183 5.43 35.10 19.89
C ARG E 183 3.94 34.84 19.64
N ALA E 184 3.57 33.60 19.32
CA ALA E 184 2.17 33.23 19.30
C ALA E 184 1.64 33.01 20.71
N TYR E 185 2.47 32.48 21.61
CA TYR E 185 2.06 32.31 23.00
C TYR E 185 1.79 33.66 23.66
N HIS E 186 2.63 34.65 23.39
CA HIS E 186 2.44 35.98 23.94
C HIS E 186 1.30 36.74 23.26
N LYS E 187 0.95 36.37 22.02
CA LYS E 187 -0.11 37.08 21.31
C LYS E 187 -1.47 36.83 21.94
N TYR E 188 -1.80 35.56 22.20
CA TYR E 188 -3.08 35.22 22.79
C TYR E 188 -3.09 35.30 24.31
N LYS E 189 -1.92 35.44 24.95
CA LYS E 189 -1.91 35.62 26.40
C LYS E 189 -2.57 36.92 26.82
N ALA E 190 -2.50 37.96 25.99
CA ALA E 190 -3.20 39.21 26.29
C ALA E 190 -4.69 39.09 26.00
N LYS E 191 -5.09 38.15 25.15
CA LYS E 191 -6.49 38.07 24.74
C LYS E 191 -7.31 37.10 25.58
N ARG E 192 -6.97 35.81 25.55
CA ARG E 192 -7.72 34.76 26.22
C ARG E 192 -6.99 33.44 26.01
N ASN E 193 -7.35 32.44 26.83
CA ASN E 193 -6.76 31.11 26.75
C ASN E 193 -7.42 30.33 25.62
N CYS E 194 -6.90 30.49 24.41
CA CYS E 194 -7.41 29.73 23.27
C CYS E 194 -6.33 29.29 22.30
N TRP E 195 -5.04 29.55 22.59
CA TRP E 195 -3.98 29.28 21.63
C TRP E 195 -3.61 27.79 21.51
N PRO E 196 -3.29 27.07 22.62
CA PRO E 196 -2.85 25.67 22.38
C PRO E 196 -3.99 24.74 21.98
N ARG E 197 -4.32 24.79 20.69
CA ARG E 197 -5.42 24.00 20.13
C ARG E 197 -4.93 22.60 19.80
N VAL E 198 -5.45 21.61 20.55
CA VAL E 198 -5.14 20.22 20.27
C VAL E 198 -6.14 19.71 19.25
N ARG E 199 -5.64 19.12 18.15
CA ARG E 199 -6.54 18.57 17.14
C ARG E 199 -7.28 17.36 17.70
N GLY E 200 -8.54 17.22 17.28
CA GLY E 200 -9.44 16.23 17.86
C GLY E 200 -9.17 14.80 17.47
N VAL E 201 -8.40 14.56 16.42
CA VAL E 201 -8.12 13.19 16.01
C VAL E 201 -7.21 12.49 17.00
N ALA E 202 -6.15 13.17 17.45
CA ALA E 202 -5.24 12.58 18.43
C ALA E 202 -5.88 12.47 19.80
N MET E 203 -6.95 13.21 20.05
CA MET E 203 -7.63 13.15 21.34
C MET E 203 -8.40 11.84 21.47
N ASN E 204 -8.66 11.44 22.71
CA ASN E 204 -9.40 10.23 22.97
C ASN E 204 -10.87 10.44 22.61
N PRO E 205 -11.58 9.38 22.21
CA PRO E 205 -12.96 9.54 21.73
C PRO E 205 -13.97 9.98 22.78
N VAL E 206 -13.61 9.99 24.07
CA VAL E 206 -14.55 10.46 25.06
C VAL E 206 -14.54 11.99 25.14
N GLU E 207 -13.50 12.65 24.61
CA GLU E 207 -13.49 14.10 24.56
C GLU E 207 -13.84 14.66 23.19
N HIS E 208 -14.08 13.80 22.18
CA HIS E 208 -14.23 14.30 20.83
C HIS E 208 -14.95 13.27 19.99
N PRO E 209 -15.83 13.69 19.07
CA PRO E 209 -16.48 12.73 18.17
C PRO E 209 -15.57 12.16 17.09
N PHE E 210 -14.38 12.73 16.88
CA PHE E 210 -13.47 12.25 15.84
C PHE E 210 -12.35 11.37 16.38
N GLY E 211 -12.17 11.30 17.70
CA GLY E 211 -11.05 10.57 18.25
C GLY E 211 -11.26 9.07 18.30
N GLY E 212 -10.19 8.37 18.68
CA GLY E 212 -10.22 6.93 18.81
C GLY E 212 -9.61 6.22 17.62
N GLY E 213 -9.55 4.90 17.75
CA GLY E 213 -9.00 4.05 16.71
C GLY E 213 -7.49 3.88 16.82
N ASN E 214 -7.00 2.83 16.16
CA ASN E 214 -5.57 2.55 16.14
C ASN E 214 -4.81 3.41 15.13
N HIS E 215 -5.52 4.16 14.29
CA HIS E 215 -4.91 5.06 13.33
C HIS E 215 -5.49 6.44 13.50
N GLN E 216 -4.67 7.46 13.24
CA GLN E 216 -5.09 8.85 13.38
C GLN E 216 -5.90 9.22 12.15
N HIS E 217 -7.20 8.91 12.19
CA HIS E 217 -8.12 9.22 11.11
C HIS E 217 -9.43 9.69 11.72
N ILE E 218 -10.23 10.37 10.90
CA ILE E 218 -11.51 10.89 11.35
C ILE E 218 -12.55 9.78 11.42
N GLY E 219 -12.76 9.09 10.30
CA GLY E 219 -13.69 7.98 10.24
C GLY E 219 -15.13 8.35 9.92
N LYS E 220 -15.48 9.63 9.99
CA LYS E 220 -16.81 10.12 9.68
C LYS E 220 -16.68 11.37 8.83
N PRO E 221 -17.71 11.70 8.05
CA PRO E 221 -17.67 12.94 7.27
C PRO E 221 -17.54 14.17 8.17
N SER E 222 -16.51 14.97 7.90
CA SER E 222 -16.21 16.12 8.75
C SER E 222 -17.16 17.29 8.55
N THR E 223 -17.98 17.26 7.50
CA THR E 223 -18.97 18.31 7.25
C THR E 223 -20.22 18.00 8.04
N ILE E 224 -20.53 18.84 9.02
CA ILE E 224 -21.62 18.62 9.95
C ILE E 224 -22.70 19.66 9.69
N ARG E 225 -23.96 19.21 9.82
CA ARG E 225 -25.11 20.05 9.52
C ARG E 225 -25.22 21.21 10.50
N ARG E 226 -25.99 22.23 10.09
CA ARG E 226 -26.14 23.44 10.89
C ARG E 226 -26.91 23.17 12.18
N ASP E 227 -27.93 22.31 12.12
CA ASP E 227 -28.79 22.03 13.26
C ASP E 227 -28.28 20.91 14.16
N ALA E 228 -26.97 20.62 14.12
CA ALA E 228 -26.40 19.59 14.97
C ALA E 228 -26.37 20.05 16.43
N PRO E 229 -26.48 19.13 17.36
CA PRO E 229 -26.40 19.49 18.78
C PRO E 229 -24.98 19.85 19.20
N ALA E 230 -24.88 20.42 20.40
CA ALA E 230 -23.58 20.72 20.98
C ALA E 230 -22.82 19.44 21.30
N GLY E 231 -21.52 19.45 21.03
CA GLY E 231 -20.72 18.25 21.12
C GLY E 231 -20.69 17.44 19.85
N ARG E 232 -21.51 17.79 18.86
CA ARG E 232 -21.50 17.16 17.55
C ARG E 232 -21.22 18.13 16.41
N LYS E 233 -21.51 19.42 16.59
CA LYS E 233 -21.23 20.45 15.60
C LYS E 233 -19.75 20.77 15.64
N VAL E 234 -18.95 19.82 15.15
CA VAL E 234 -17.49 19.91 15.21
C VAL E 234 -16.94 19.64 13.82
N GLY E 235 -16.11 20.55 13.32
CA GLY E 235 -15.50 20.39 12.01
C GLY E 235 -15.92 21.46 11.03
N LEU E 236 -16.36 21.04 9.84
CA LEU E 236 -16.85 21.97 8.82
C LEU E 236 -18.34 22.19 9.09
N ILE E 237 -18.65 23.37 9.62
CA ILE E 237 -20.01 23.68 10.07
C ILE E 237 -20.82 24.15 8.87
N ALA E 238 -21.72 23.29 8.39
CA ALA E 238 -22.65 23.61 7.30
C ALA E 238 -21.92 24.09 6.05
N ALA E 239 -20.93 23.32 5.64
CA ALA E 239 -20.10 23.72 4.51
C ALA E 239 -20.86 23.56 3.19
N ARG E 240 -20.89 24.64 2.42
CA ARG E 240 -21.44 24.59 1.07
C ARG E 240 -20.49 23.91 0.09
N ARG E 241 -19.19 24.12 0.26
CA ARG E 241 -18.15 23.44 -0.50
C ARG E 241 -17.00 23.13 0.45
N THR E 242 -16.09 22.28 0.01
CA THR E 242 -15.00 21.87 0.89
C THR E 242 -13.63 22.08 0.30
N GLY E 243 -13.48 21.99 -1.02
CA GLY E 243 -12.17 22.03 -1.64
C GLY E 243 -11.56 23.41 -1.80
N ARG E 244 -10.82 23.60 -2.89
CA ARG E 244 -10.11 24.85 -3.15
C ARG E 244 -11.09 25.96 -3.51
N SER F 1 15.96 -30.50 29.65
CA SER F 1 16.65 -30.62 28.38
C SER F 1 18.13 -30.95 28.60
N HIS F 2 18.81 -31.32 27.53
CA HIS F 2 20.24 -31.63 27.61
C HIS F 2 21.06 -30.35 27.61
N ARG F 3 22.30 -30.47 28.08
CA ARG F 3 23.22 -29.35 28.05
C ARG F 3 23.61 -29.04 26.61
N LYS F 4 23.69 -27.75 26.28
CA LYS F 4 23.96 -27.34 24.91
C LYS F 4 25.39 -27.69 24.51
N PHE F 5 26.37 -27.14 25.22
CA PHE F 5 27.78 -27.42 24.96
C PHE F 5 28.36 -28.20 26.13
N SER F 6 28.98 -29.34 25.83
CA SER F 6 29.56 -30.18 26.86
C SER F 6 30.80 -29.52 27.44
N ALA F 7 31.07 -29.84 28.71
CA ALA F 7 32.19 -29.24 29.43
C ALA F 7 32.67 -30.22 30.49
N PRO F 8 33.98 -30.24 30.76
CA PRO F 8 34.49 -31.09 31.85
C PRO F 8 34.04 -30.59 33.21
N ARG F 9 34.08 -31.51 34.17
CA ARG F 9 33.68 -31.19 35.53
C ARG F 9 34.70 -30.27 36.20
N HIS F 10 34.20 -29.21 36.84
CA HIS F 10 35.05 -28.36 37.66
C HIS F 10 35.34 -29.05 38.99
N GLY F 11 36.62 -29.16 39.33
CA GLY F 11 37.00 -29.79 40.57
C GLY F 11 37.06 -31.31 40.48
N SER F 12 37.91 -31.92 41.30
CA SER F 12 38.08 -33.37 41.28
C SER F 12 36.95 -34.04 42.06
N LEU F 13 36.53 -35.20 41.57
CA LEU F 13 35.56 -36.02 42.27
C LEU F 13 36.20 -37.02 43.22
N GLY F 14 37.53 -37.00 43.36
CA GLY F 14 38.21 -37.84 44.32
C GLY F 14 38.52 -37.20 45.64
N PHE F 15 38.37 -35.87 45.75
CA PHE F 15 38.74 -35.13 46.94
C PHE F 15 37.55 -34.39 47.55
N LEU F 16 36.40 -35.06 47.66
CA LEU F 16 35.23 -34.39 48.23
C LEU F 16 35.38 -33.92 49.67
N PRO F 17 35.88 -34.73 50.64
CA PRO F 17 35.95 -34.20 52.01
C PRO F 17 37.01 -33.11 52.15
N ARG F 18 36.67 -31.90 51.73
CA ARG F 18 37.57 -30.75 51.82
C ARG F 18 37.44 -30.09 53.20
N LYS F 19 37.65 -30.90 54.23
CA LYS F 19 37.63 -30.42 55.60
C LYS F 19 39.03 -30.06 56.05
N ARG F 20 39.11 -29.30 57.14
CA ARG F 20 40.39 -29.09 57.79
C ARG F 20 40.85 -30.42 58.39
N SER F 21 42.14 -30.73 58.19
CA SER F 21 42.66 -32.01 58.61
C SER F 21 42.61 -32.16 60.13
N SER F 22 42.14 -33.31 60.59
CA SER F 22 42.08 -33.58 62.03
C SER F 22 43.46 -33.69 62.66
N ARG F 23 44.50 -33.91 61.85
CA ARG F 23 45.87 -33.96 62.30
C ARG F 23 46.66 -32.84 61.65
N HIS F 24 47.80 -32.51 62.26
CA HIS F 24 48.72 -31.51 61.72
C HIS F 24 49.94 -32.13 61.07
N ARG F 25 50.39 -33.28 61.57
CA ARG F 25 51.50 -33.99 60.97
C ARG F 25 51.03 -34.78 59.75
N GLY F 26 51.84 -34.75 58.70
CA GLY F 26 51.56 -35.60 57.54
C GLY F 26 51.61 -37.07 57.92
N LYS F 27 50.62 -37.82 57.47
CA LYS F 27 50.44 -39.22 57.87
C LYS F 27 50.67 -40.13 56.67
N VAL F 28 51.45 -41.19 56.88
CA VAL F 28 51.67 -42.20 55.85
C VAL F 28 50.47 -43.14 55.85
N LYS F 29 49.61 -43.03 54.84
CA LYS F 29 48.45 -43.90 54.74
C LYS F 29 48.82 -45.30 54.24
N SER F 30 49.82 -45.40 53.37
CA SER F 30 50.21 -46.68 52.78
C SER F 30 51.72 -46.77 52.72
N PHE F 31 52.28 -47.68 53.52
CA PHE F 31 53.71 -47.95 53.48
C PHE F 31 54.05 -48.84 52.29
N PRO F 32 55.31 -48.82 51.83
CA PRO F 32 55.70 -49.67 50.70
C PRO F 32 55.58 -51.15 51.01
N LYS F 33 55.31 -51.93 49.96
CA LYS F 33 55.07 -53.36 50.08
C LYS F 33 56.33 -54.09 50.53
N ASP F 34 56.18 -55.03 51.46
CA ASP F 34 57.33 -55.76 52.00
C ASP F 34 57.85 -56.79 51.01
N ASP F 35 59.16 -57.06 51.10
CA ASP F 35 59.81 -58.12 50.34
C ASP F 35 61.04 -58.63 51.06
N PRO F 36 61.10 -59.92 51.38
CA PRO F 36 62.22 -60.49 52.15
C PRO F 36 63.44 -60.79 51.27
N SER F 37 63.88 -59.79 50.51
CA SER F 37 65.07 -59.93 49.67
C SER F 37 66.12 -58.88 49.99
N LYS F 38 65.72 -57.63 50.19
CA LYS F 38 66.62 -56.54 50.51
C LYS F 38 66.89 -56.47 51.99
N PRO F 39 68.03 -55.88 52.41
CA PRO F 39 68.29 -55.71 53.84
C PRO F 39 67.36 -54.71 54.50
N VAL F 40 67.39 -54.63 55.83
CA VAL F 40 66.47 -53.78 56.56
C VAL F 40 66.87 -52.31 56.39
N HIS F 41 65.87 -51.44 56.29
CA HIS F 41 66.08 -50.01 56.10
C HIS F 41 64.80 -49.28 56.50
N LEU F 42 64.89 -47.95 56.52
CA LEU F 42 63.74 -47.12 56.82
C LEU F 42 62.88 -46.92 55.57
N THR F 43 61.67 -46.40 55.78
CA THR F 43 60.76 -46.16 54.67
C THR F 43 60.17 -44.76 54.65
N ALA F 44 60.04 -44.10 55.79
CA ALA F 44 59.45 -42.77 55.85
C ALA F 44 60.24 -41.93 56.84
N PHE F 45 60.04 -40.61 56.76
CA PHE F 45 60.87 -39.69 57.51
C PHE F 45 60.13 -38.36 57.60
N LEU F 46 60.48 -37.55 58.60
CA LEU F 46 59.80 -36.28 58.83
C LEU F 46 60.72 -35.12 58.50
N GLY F 47 60.19 -34.18 57.71
CA GLY F 47 60.94 -32.99 57.34
C GLY F 47 60.18 -31.70 57.60
N TYR F 48 60.83 -30.57 57.36
CA TYR F 48 60.22 -29.25 57.54
C TYR F 48 60.55 -28.38 56.34
N LYS F 49 59.53 -27.79 55.73
CA LYS F 49 59.72 -26.95 54.55
C LYS F 49 60.39 -25.65 54.97
N ALA F 50 61.65 -25.48 54.57
CA ALA F 50 62.43 -24.29 54.91
C ALA F 50 62.22 -23.19 53.87
N GLY F 51 62.58 -23.45 52.63
CA GLY F 51 62.45 -22.45 51.59
C GLY F 51 62.69 -23.05 50.22
N MET F 52 62.81 -22.16 49.23
CA MET F 52 62.98 -22.58 47.85
C MET F 52 64.05 -21.74 47.18
N THR F 53 64.65 -22.29 46.13
CA THR F 53 65.73 -21.63 45.41
C THR F 53 65.87 -22.26 44.03
N HIS F 54 66.83 -21.75 43.27
CA HIS F 54 67.15 -22.25 41.93
C HIS F 54 68.28 -23.27 41.97
N ILE F 55 68.26 -24.15 40.95
CA ILE F 55 69.37 -25.02 40.62
C ILE F 55 69.67 -24.86 39.14
N VAL F 56 70.91 -24.47 38.83
CA VAL F 56 71.41 -24.53 37.47
C VAL F 56 72.16 -25.86 37.33
N ARG F 57 71.67 -26.73 36.44
CA ARG F 57 72.22 -28.06 36.30
C ARG F 57 72.25 -28.44 34.82
N GLU F 58 73.00 -29.49 34.52
CA GLU F 58 73.15 -29.99 33.16
C GLU F 58 72.19 -31.16 32.95
N VAL F 59 71.29 -31.02 31.98
CA VAL F 59 70.36 -32.07 31.63
C VAL F 59 70.93 -32.86 30.46
N ASP F 60 71.07 -34.18 30.64
CA ASP F 60 71.71 -35.05 29.67
C ASP F 60 70.77 -36.10 29.13
N ARG F 61 69.47 -35.81 29.10
CA ARG F 61 68.50 -36.77 28.58
C ARG F 61 68.63 -36.87 27.05
N PRO F 62 68.63 -38.07 26.50
CA PRO F 62 68.76 -38.22 25.04
C PRO F 62 67.44 -37.91 24.32
N GLY F 63 67.58 -37.37 23.11
CA GLY F 63 66.47 -37.11 22.23
C GLY F 63 65.73 -35.81 22.45
N SER F 64 66.14 -35.00 23.43
CA SER F 64 65.45 -33.76 23.74
C SER F 64 66.08 -32.58 23.02
N LYS F 65 65.38 -31.45 23.03
CA LYS F 65 65.95 -30.19 22.56
C LYS F 65 66.87 -29.55 23.60
N VAL F 66 66.80 -29.98 24.85
CA VAL F 66 67.64 -29.45 25.91
C VAL F 66 68.89 -30.32 26.11
N ASN F 67 69.19 -31.21 25.16
CA ASN F 67 70.37 -32.06 25.25
C ASN F 67 71.64 -31.22 25.24
N LYS F 68 72.49 -31.44 26.24
CA LYS F 68 73.79 -30.77 26.40
C LYS F 68 73.65 -29.25 26.52
N LYS F 69 72.55 -28.78 27.11
CA LYS F 69 72.40 -27.38 27.49
C LYS F 69 71.87 -27.32 28.92
N GLU F 70 72.05 -26.17 29.56
CA GLU F 70 71.71 -25.98 30.95
C GLU F 70 70.31 -25.39 31.10
N VAL F 71 69.73 -25.61 32.28
CA VAL F 71 68.45 -25.02 32.66
C VAL F 71 68.57 -24.47 34.07
N VAL F 72 67.60 -23.65 34.45
CA VAL F 72 67.38 -23.29 35.83
C VAL F 72 66.19 -24.09 36.30
N GLU F 73 66.13 -24.37 37.60
CA GLU F 73 65.14 -25.33 38.10
C GLU F 73 64.76 -24.97 39.52
N ALA F 74 63.47 -24.77 39.75
CA ALA F 74 62.97 -24.48 41.09
C ALA F 74 62.98 -25.75 41.93
N VAL F 75 63.52 -25.65 43.14
CA VAL F 75 63.57 -26.74 44.10
C VAL F 75 63.06 -26.23 45.44
N THR F 76 62.91 -27.13 46.40
CA THR F 76 62.44 -26.79 47.73
C THR F 76 63.43 -27.30 48.77
N ILE F 77 63.84 -26.43 49.68
CA ILE F 77 64.79 -26.78 50.72
C ILE F 77 64.01 -27.29 51.93
N VAL F 78 64.29 -28.53 52.33
CA VAL F 78 63.64 -29.14 53.49
C VAL F 78 64.72 -29.49 54.49
N GLU F 79 64.77 -28.74 55.60
CA GLU F 79 65.70 -29.04 56.68
C GLU F 79 65.21 -30.30 57.41
N THR F 80 66.07 -31.32 57.48
CA THR F 80 65.71 -32.66 57.91
C THR F 80 66.62 -33.11 59.04
N PRO F 81 66.30 -32.75 60.29
CA PRO F 81 67.15 -33.15 61.41
C PRO F 81 67.09 -34.65 61.64
N PRO F 82 68.15 -35.24 62.20
CA PRO F 82 68.17 -36.69 62.44
C PRO F 82 67.15 -37.10 63.50
N MET F 83 66.64 -38.33 63.37
CA MET F 83 65.65 -38.85 64.30
C MET F 83 66.29 -39.35 65.58
N VAL F 84 65.45 -39.52 66.59
CA VAL F 84 65.78 -40.24 67.82
C VAL F 84 64.77 -41.36 67.95
N VAL F 85 65.24 -42.61 67.92
CA VAL F 85 64.34 -43.76 68.06
C VAL F 85 64.03 -43.95 69.54
N VAL F 86 62.73 -43.94 69.87
CA VAL F 86 62.33 -44.00 71.27
C VAL F 86 61.35 -45.14 71.49
N GLY F 87 61.25 -46.06 70.53
CA GLY F 87 60.39 -47.21 70.71
C GLY F 87 60.05 -47.97 69.44
N ILE F 88 59.51 -49.18 69.61
CA ILE F 88 59.07 -50.01 68.50
C ILE F 88 57.65 -50.49 68.79
N VAL F 89 56.95 -50.89 67.73
CA VAL F 89 55.58 -51.38 67.85
C VAL F 89 55.41 -52.52 66.85
N GLY F 90 54.58 -53.49 67.22
CA GLY F 90 54.33 -54.65 66.39
C GLY F 90 52.89 -54.70 65.91
N TYR F 91 52.69 -55.28 64.73
CA TYR F 91 51.38 -55.38 64.12
C TYR F 91 51.14 -56.80 63.64
N VAL F 92 49.89 -57.25 63.72
CA VAL F 92 49.48 -58.58 63.30
C VAL F 92 48.26 -58.45 62.40
N GLU F 93 48.25 -59.22 61.32
CA GLU F 93 47.16 -59.16 60.35
C GLU F 93 45.98 -59.97 60.85
N THR F 94 44.80 -59.36 60.82
CA THR F 94 43.55 -59.94 61.27
C THR F 94 42.53 -59.98 60.13
N PRO F 95 41.51 -60.82 60.23
CA PRO F 95 40.39 -60.73 59.28
C PRO F 95 39.62 -59.42 59.37
N ARG F 96 39.71 -58.71 60.49
CA ARG F 96 39.04 -57.43 60.66
C ARG F 96 39.94 -56.24 60.34
N GLY F 97 41.19 -56.48 59.96
CA GLY F 97 42.11 -55.38 59.70
C GLY F 97 43.56 -55.75 59.99
N LEU F 98 44.35 -54.76 60.40
CA LEU F 98 45.76 -54.96 60.72
C LEU F 98 45.97 -54.36 62.12
N ARG F 99 45.70 -55.16 63.14
CA ARG F 99 45.69 -54.68 64.51
C ARG F 99 47.09 -54.70 65.11
N THR F 100 47.38 -53.68 65.92
CA THR F 100 48.64 -53.66 66.66
C THR F 100 48.63 -54.73 67.74
N PHE F 101 49.83 -55.18 68.10
CA PHE F 101 49.99 -56.26 69.08
C PHE F 101 50.56 -55.77 70.39
N LYS F 102 51.70 -55.07 70.36
CA LYS F 102 52.36 -54.63 71.58
C LYS F 102 53.23 -53.42 71.23
N THR F 103 53.35 -52.49 72.17
CA THR F 103 54.21 -51.33 72.04
C THR F 103 55.29 -51.38 73.09
N VAL F 104 56.55 -51.32 72.67
CA VAL F 104 57.70 -51.29 73.56
C VAL F 104 58.40 -49.95 73.40
N PHE F 105 58.43 -49.17 74.47
CA PHE F 105 59.07 -47.87 74.47
C PHE F 105 60.48 -47.96 75.03
N ALA F 106 61.30 -46.97 74.68
CA ALA F 106 62.68 -46.94 75.13
C ALA F 106 62.76 -46.52 76.59
N GLU F 107 63.93 -46.74 77.19
CA GLU F 107 64.14 -46.38 78.59
C GLU F 107 64.34 -44.88 78.74
N HIS F 108 65.33 -44.32 78.07
CA HIS F 108 65.61 -42.89 78.13
C HIS F 108 64.86 -42.19 77.01
N ILE F 109 63.89 -41.36 77.38
CA ILE F 109 63.07 -40.59 76.44
C ILE F 109 63.41 -39.12 76.61
N SER F 110 63.72 -38.45 75.50
CA SER F 110 64.09 -37.04 75.55
C SER F 110 62.90 -36.19 75.98
N ASP F 111 63.21 -35.06 76.61
CA ASP F 111 62.17 -34.14 77.08
C ASP F 111 61.37 -33.53 75.94
N GLU F 112 61.99 -33.35 74.77
CA GLU F 112 61.24 -32.90 73.61
C GLU F 112 60.23 -33.95 73.16
N CYS F 113 60.60 -35.22 73.26
CA CYS F 113 59.67 -36.29 72.92
C CYS F 113 58.55 -36.41 73.94
N LYS F 114 58.83 -36.10 75.20
CA LYS F 114 57.81 -36.15 76.24
C LYS F 114 56.83 -34.99 76.16
N ARG F 115 57.12 -33.97 75.36
CA ARG F 115 56.20 -32.85 75.20
C ARG F 115 54.97 -33.22 74.39
N ARG F 116 55.03 -34.31 73.62
CA ARG F 116 53.90 -34.72 72.80
C ARG F 116 52.74 -35.24 73.64
N PHE F 117 53.03 -35.90 74.76
CA PHE F 117 52.02 -36.52 75.59
C PHE F 117 51.36 -35.55 76.57
N TYR F 118 51.61 -34.25 76.44
CA TYR F 118 51.05 -33.25 77.34
C TYR F 118 50.41 -32.13 76.52
N LYS F 119 49.20 -31.73 76.91
CA LYS F 119 48.54 -30.59 76.31
C LYS F 119 48.93 -29.27 76.97
N ASN F 120 49.58 -29.32 78.14
CA ASN F 120 50.02 -28.12 78.85
C ASN F 120 51.29 -28.49 79.61
N TRP F 121 52.44 -28.14 79.02
CA TRP F 121 53.72 -28.54 79.59
C TRP F 121 54.07 -27.70 80.82
N HIS F 122 53.60 -26.46 80.89
CA HIS F 122 53.95 -25.60 82.01
C HIS F 122 53.26 -26.03 83.30
N LYS F 123 51.96 -26.34 83.23
CA LYS F 123 51.21 -26.72 84.42
C LYS F 123 51.38 -28.19 84.77
N SER F 124 51.98 -29.00 83.90
CA SER F 124 52.18 -30.40 84.18
C SER F 124 53.34 -30.61 85.14
N LYS F 125 53.31 -31.76 85.82
CA LYS F 125 54.37 -32.14 86.75
C LYS F 125 55.42 -33.03 86.10
N LYS F 126 55.31 -33.26 84.78
CA LYS F 126 56.28 -34.06 84.02
C LYS F 126 56.42 -35.47 84.58
N LYS F 127 55.29 -36.10 84.90
CA LYS F 127 55.27 -37.43 85.50
C LYS F 127 55.13 -38.54 84.46
N ALA F 128 55.18 -38.22 83.17
CA ALA F 128 55.06 -39.24 82.15
C ALA F 128 56.25 -40.17 82.16
N PHE F 129 55.98 -41.47 82.04
CA PHE F 129 56.98 -42.53 81.95
C PHE F 129 57.88 -42.60 83.19
N THR F 130 57.37 -42.15 84.34
CA THR F 130 58.15 -42.21 85.58
C THR F 130 58.19 -43.61 86.17
N LYS F 131 57.14 -44.41 86.01
CA LYS F 131 57.13 -45.77 86.52
C LYS F 131 57.42 -46.80 85.43
N TYR F 132 57.18 -46.46 84.16
CA TYR F 132 57.53 -47.37 83.07
C TYR F 132 59.04 -47.52 82.95
N CYS F 133 59.78 -46.44 83.18
CA CYS F 133 61.24 -46.47 83.08
C CYS F 133 61.89 -47.29 84.18
N LYS F 134 61.15 -47.67 85.21
CA LYS F 134 61.66 -48.51 86.29
C LYS F 134 61.58 -49.99 85.95
N LYS F 135 61.11 -50.35 84.77
CA LYS F 135 61.02 -51.73 84.32
C LYS F 135 62.22 -52.14 83.47
N TRP F 136 63.31 -51.38 83.53
CA TRP F 136 64.50 -51.64 82.72
C TRP F 136 65.71 -52.02 83.58
N GLN F 137 66.01 -51.24 84.62
CA GLN F 137 67.20 -51.49 85.43
C GLN F 137 67.04 -52.72 86.31
N ASP F 138 65.82 -53.15 86.60
CA ASP F 138 65.59 -54.31 87.44
C ASP F 138 65.59 -55.57 86.59
N ASP F 139 66.12 -56.66 87.17
CA ASP F 139 66.18 -57.93 86.47
C ASP F 139 64.80 -58.53 86.21
N ALA F 140 63.85 -58.35 87.12
CA ALA F 140 62.50 -58.82 86.89
C ALA F 140 61.82 -58.03 85.77
N GLY F 141 62.03 -56.71 85.75
CA GLY F 141 61.49 -55.91 84.65
C GLY F 141 62.13 -56.23 83.32
N LYS F 142 63.44 -56.48 83.32
CA LYS F 142 64.13 -56.84 82.09
C LYS F 142 63.70 -58.22 81.58
N ARG F 143 63.42 -59.15 82.51
CA ARG F 143 62.92 -60.45 82.09
C ARG F 143 61.45 -60.37 81.66
N GLN F 144 60.71 -59.41 82.19
CA GLN F 144 59.32 -59.23 81.78
C GLN F 144 59.20 -58.71 80.36
N LEU F 145 60.19 -57.95 79.87
CA LEU F 145 60.20 -57.48 78.50
C LEU F 145 60.99 -58.38 77.56
N ASP F 146 61.85 -59.26 78.10
CA ASP F 146 62.58 -60.20 77.26
C ASP F 146 61.64 -61.17 76.55
N LYS F 147 60.62 -61.66 77.26
CA LYS F 147 59.61 -62.50 76.60
C LYS F 147 58.68 -61.65 75.73
N ASP F 148 58.53 -60.37 76.04
CA ASP F 148 57.73 -59.48 75.22
C ASP F 148 58.37 -59.27 73.86
N PHE F 149 59.70 -59.13 73.82
CA PHE F 149 60.41 -59.03 72.55
C PHE F 149 60.29 -60.32 71.75
N SER F 150 60.35 -61.47 72.43
CA SER F 150 60.20 -62.74 71.74
C SER F 150 58.76 -62.98 71.31
N SER F 151 57.79 -62.39 72.02
CA SER F 151 56.40 -62.49 71.59
C SER F 151 56.16 -61.79 70.27
N MET F 152 56.85 -60.67 70.03
CA MET F 152 56.75 -59.99 68.73
C MET F 152 57.33 -60.84 67.61
N LYS F 153 58.43 -61.55 67.87
CA LYS F 153 59.11 -62.32 66.82
C LYS F 153 58.31 -63.53 66.37
N LYS F 154 57.28 -63.91 67.11
CA LYS F 154 56.46 -65.08 66.79
C LYS F 154 55.10 -64.73 66.19
N TYR F 155 54.47 -63.67 66.69
CA TYR F 155 53.09 -63.37 66.30
C TYR F 155 52.98 -62.16 65.38
N CYS F 156 53.87 -61.19 65.49
CA CYS F 156 53.74 -59.97 64.69
C CYS F 156 54.17 -60.22 63.24
N GLN F 157 53.59 -59.45 62.34
CA GLN F 157 53.88 -59.52 60.91
C GLN F 157 54.59 -58.28 60.39
N VAL F 158 54.08 -57.10 60.73
CA VAL F 158 54.65 -55.82 60.30
C VAL F 158 55.22 -55.13 61.52
N ILE F 159 56.51 -54.80 61.45
CA ILE F 159 57.23 -54.15 62.55
C ILE F 159 57.47 -52.70 62.17
N ARG F 160 56.93 -51.78 62.95
CA ARG F 160 57.12 -50.35 62.74
C ARG F 160 57.88 -49.76 63.94
N VAL F 161 58.70 -48.76 63.65
CA VAL F 161 59.58 -48.17 64.65
C VAL F 161 59.11 -46.74 64.94
N LEU F 162 59.11 -46.38 66.22
CA LEU F 162 58.66 -45.06 66.66
C LEU F 162 59.85 -44.13 66.78
N ALA F 163 59.87 -43.07 65.98
CA ALA F 163 60.94 -42.09 65.97
C ALA F 163 60.36 -40.68 66.03
N HIS F 164 61.16 -39.76 66.57
CA HIS F 164 60.74 -38.37 66.71
C HIS F 164 61.88 -37.44 66.31
N THR F 165 61.52 -36.24 65.88
CA THR F 165 62.50 -35.25 65.47
C THR F 165 63.05 -34.51 66.68
N GLN F 166 64.01 -33.62 66.44
CA GLN F 166 64.65 -32.83 67.48
C GLN F 166 64.35 -31.36 67.25
N MET F 167 63.79 -30.70 68.26
CA MET F 167 63.54 -29.26 68.20
C MET F 167 64.70 -28.44 68.72
N ARG F 168 65.74 -29.07 69.26
CA ARG F 168 66.89 -28.34 69.76
C ARG F 168 67.79 -27.83 68.65
N LEU F 169 67.71 -28.42 67.46
CA LEU F 169 68.57 -28.07 66.34
C LEU F 169 67.82 -27.32 65.25
N LEU F 170 66.72 -26.66 65.58
CA LEU F 170 65.88 -25.97 64.62
C LEU F 170 65.65 -24.53 65.06
N PRO F 171 65.44 -23.61 64.11
CA PRO F 171 65.02 -22.25 64.47
C PRO F 171 63.55 -22.11 64.78
N LEU F 172 62.82 -23.21 64.93
CA LEU F 172 61.40 -23.15 65.22
C LEU F 172 61.15 -22.67 66.64
N ARG F 173 60.03 -21.97 66.82
CA ARG F 173 59.65 -21.50 68.15
C ARG F 173 59.16 -22.65 69.02
N GLN F 174 58.49 -23.63 68.43
CA GLN F 174 57.93 -24.73 69.19
C GLN F 174 59.02 -25.70 69.64
N LYS F 175 58.72 -26.45 70.70
CA LYS F 175 59.62 -27.45 71.24
C LYS F 175 59.02 -28.84 71.32
N LYS F 176 57.75 -29.01 70.95
CA LYS F 176 57.08 -30.29 71.05
C LYS F 176 57.41 -31.13 69.82
N ALA F 177 58.12 -32.24 70.04
CA ALA F 177 58.54 -33.09 68.95
C ALA F 177 57.35 -33.85 68.36
N HIS F 178 57.50 -34.26 67.10
CA HIS F 178 56.46 -34.95 66.35
C HIS F 178 56.79 -36.44 66.25
N LEU F 179 55.87 -37.28 66.68
CA LEU F 179 56.05 -38.72 66.62
C LEU F 179 55.37 -39.30 65.39
N MET F 180 56.00 -40.30 64.79
CA MET F 180 55.39 -41.07 63.71
C MET F 180 56.00 -42.47 63.72
N GLU F 181 55.16 -43.49 63.54
CA GLU F 181 55.66 -44.83 63.33
C GLU F 181 56.15 -44.97 61.89
N ILE F 182 57.27 -45.67 61.74
CA ILE F 182 57.92 -45.87 60.45
C ILE F 182 58.06 -47.36 60.21
N GLN F 183 57.46 -47.85 59.14
CA GLN F 183 57.56 -49.27 58.82
C GLN F 183 58.98 -49.61 58.38
N VAL F 184 59.49 -50.73 58.86
CA VAL F 184 60.82 -51.20 58.54
C VAL F 184 60.67 -52.32 57.52
N ASN F 185 61.29 -52.15 56.35
CA ASN F 185 61.22 -53.16 55.31
C ASN F 185 62.55 -53.88 55.20
N GLY F 186 62.51 -55.21 55.21
CA GLY F 186 63.70 -56.01 55.11
C GLY F 186 63.38 -57.48 54.91
N GLY F 187 64.15 -58.36 55.55
CA GLY F 187 63.91 -59.78 55.45
C GLY F 187 62.84 -60.26 56.40
N THR F 188 63.15 -61.33 57.15
CA THR F 188 62.20 -61.91 58.08
C THR F 188 62.01 -60.99 59.30
N VAL F 189 60.97 -61.29 60.08
CA VAL F 189 60.57 -60.46 61.21
C VAL F 189 61.63 -60.46 62.31
N ALA F 190 62.31 -61.60 62.50
CA ALA F 190 63.21 -61.76 63.64
C ALA F 190 64.40 -60.80 63.57
N GLU F 191 65.19 -60.89 62.51
CA GLU F 191 66.36 -60.02 62.41
C GLU F 191 66.00 -58.58 62.09
N LYS F 192 64.82 -58.35 61.52
CA LYS F 192 64.35 -56.98 61.30
C LYS F 192 64.14 -56.27 62.62
N LEU F 193 63.55 -56.97 63.60
CA LEU F 193 63.34 -56.40 64.92
C LEU F 193 64.66 -56.25 65.67
N ASP F 194 65.56 -57.22 65.54
CA ASP F 194 66.85 -57.14 66.21
C ASP F 194 67.70 -55.98 65.70
N TRP F 195 67.50 -55.57 64.45
CA TRP F 195 68.10 -54.33 63.96
C TRP F 195 67.53 -53.13 64.71
N ALA F 196 66.21 -53.13 64.93
CA ALA F 196 65.58 -52.06 65.70
C ALA F 196 65.90 -52.16 67.20
N ARG F 197 66.17 -53.36 67.71
CA ARG F 197 66.60 -53.50 69.08
C ARG F 197 67.97 -52.83 69.30
N GLU F 198 68.88 -53.01 68.34
CA GLU F 198 70.19 -52.38 68.44
C GLU F 198 70.12 -50.88 68.23
N ARG F 199 69.17 -50.42 67.40
CA ARG F 199 69.05 -49.01 67.06
C ARG F 199 68.09 -48.26 67.98
N LEU F 200 67.94 -48.71 69.22
CA LEU F 200 67.12 -48.02 70.20
C LEU F 200 67.93 -46.92 70.88
N GLU F 201 67.28 -45.78 71.10
CA GLU F 201 67.91 -44.59 71.70
C GLU F 201 69.15 -44.17 70.91
N GLN F 202 69.05 -44.21 69.59
CA GLN F 202 70.15 -43.89 68.70
C GLN F 202 69.77 -42.69 67.82
N GLN F 203 70.68 -42.33 66.93
CA GLN F 203 70.48 -41.25 65.97
C GLN F 203 70.35 -41.82 64.57
N VAL F 204 69.29 -41.45 63.87
CA VAL F 204 69.05 -41.93 62.51
C VAL F 204 69.18 -40.77 61.54
N PRO F 205 70.29 -40.64 60.83
CA PRO F 205 70.44 -39.58 59.84
C PRO F 205 69.60 -39.86 58.60
N VAL F 206 69.68 -38.93 57.64
CA VAL F 206 68.87 -39.06 56.44
C VAL F 206 69.53 -40.02 55.43
N SER F 207 70.87 -40.08 55.41
CA SER F 207 71.58 -40.95 54.48
C SER F 207 71.28 -42.42 54.71
N GLN F 208 70.87 -42.80 55.92
CA GLN F 208 70.41 -44.16 56.15
C GLN F 208 69.07 -44.42 55.47
N VAL F 209 68.27 -43.37 55.29
CA VAL F 209 66.93 -43.49 54.73
C VAL F 209 66.99 -43.29 53.23
N PHE F 210 67.40 -42.09 52.80
CA PHE F 210 67.43 -41.71 51.41
C PHE F 210 68.87 -41.53 50.93
N GLY F 211 69.04 -41.54 49.61
CA GLY F 211 70.35 -41.35 49.02
C GLY F 211 70.33 -40.38 47.86
N GLN F 212 71.37 -40.42 47.02
CA GLN F 212 71.42 -39.56 45.85
C GLN F 212 70.35 -39.98 44.85
N ASP F 213 69.83 -39.00 44.11
CA ASP F 213 68.80 -39.07 43.06
C ASP F 213 67.73 -40.14 43.32
N GLU F 214 67.22 -40.19 44.54
CA GLU F 214 66.08 -41.02 44.84
C GLU F 214 64.80 -40.37 44.34
N MET F 215 63.77 -41.21 44.15
CA MET F 215 62.57 -40.80 43.45
C MET F 215 61.43 -41.00 44.44
N ILE F 216 61.19 -40.01 45.30
CA ILE F 216 60.38 -40.22 46.49
C ILE F 216 59.07 -39.43 46.45
N ASP F 217 58.24 -39.62 47.48
CA ASP F 217 56.94 -38.98 47.59
C ASP F 217 56.96 -38.02 48.77
N VAL F 218 56.07 -37.02 48.73
CA VAL F 218 55.95 -36.02 49.79
C VAL F 218 54.54 -36.10 50.37
N ILE F 219 54.46 -36.17 51.70
CA ILE F 219 53.19 -36.20 52.42
C ILE F 219 53.16 -34.98 53.34
N GLY F 220 52.11 -34.18 53.23
CA GLY F 220 52.00 -33.00 54.05
C GLY F 220 50.57 -32.47 54.05
N VAL F 221 50.39 -31.34 54.73
CA VAL F 221 49.10 -30.68 54.87
C VAL F 221 49.14 -29.39 54.05
N THR F 222 48.06 -29.12 53.32
CA THR F 222 47.97 -27.92 52.50
C THR F 222 48.01 -26.67 53.37
N LYS F 223 48.58 -25.59 52.81
CA LYS F 223 48.50 -24.28 53.42
C LYS F 223 47.04 -23.84 53.55
N GLY F 224 46.60 -23.57 54.78
CA GLY F 224 45.22 -23.17 55.00
C GLY F 224 44.94 -21.80 54.42
N LYS F 225 43.79 -21.65 53.77
CA LYS F 225 43.37 -20.37 53.19
C LYS F 225 42.03 -19.92 53.74
N GLY F 226 41.51 -20.60 54.76
CA GLY F 226 40.27 -20.18 55.38
C GLY F 226 39.03 -20.54 54.57
N TYR F 227 37.94 -19.90 54.93
CA TYR F 227 36.65 -20.11 54.26
C TYR F 227 36.63 -19.30 52.97
N LYS F 228 36.75 -19.99 51.84
CA LYS F 228 36.81 -19.33 50.54
C LYS F 228 35.52 -19.59 49.76
N GLY F 229 35.28 -18.72 48.78
CA GLY F 229 34.11 -18.83 47.94
C GLY F 229 34.22 -19.97 46.95
N VAL F 230 33.09 -20.27 46.31
CA VAL F 230 33.03 -21.38 45.36
C VAL F 230 33.78 -21.05 44.07
N THR F 231 33.99 -19.77 43.77
CA THR F 231 34.76 -19.37 42.59
C THR F 231 36.26 -19.53 42.79
N SER F 232 36.70 -19.76 44.04
CA SER F 232 38.09 -20.07 44.33
C SER F 232 38.30 -21.44 44.91
N ARG F 233 37.31 -22.00 45.61
CA ARG F 233 37.37 -23.37 46.10
C ARG F 233 37.27 -24.39 44.98
N TRP F 234 36.59 -24.06 43.89
CA TRP F 234 36.41 -24.96 42.77
C TRP F 234 36.77 -24.35 41.42
N HIS F 235 37.15 -23.06 41.38
CA HIS F 235 37.53 -22.36 40.15
C HIS F 235 36.42 -22.41 39.11
N THR F 236 35.18 -22.15 39.54
CA THR F 236 34.05 -22.14 38.63
C THR F 236 34.02 -20.84 37.85
N LYS F 237 33.18 -20.82 36.81
CA LYS F 237 33.05 -19.65 35.95
C LYS F 237 32.34 -18.52 36.69
N LYS F 238 32.93 -17.32 36.61
CA LYS F 238 32.32 -16.14 37.23
C LYS F 238 31.10 -15.69 36.43
N LEU F 239 30.02 -15.38 37.13
CA LEU F 239 28.84 -14.85 36.49
C LEU F 239 29.10 -13.43 35.96
N PRO F 240 28.35 -12.99 34.93
CA PRO F 240 28.60 -11.67 34.36
C PRO F 240 28.27 -10.51 35.30
N ARG F 241 28.51 -9.29 34.81
CA ARG F 241 28.39 -8.09 35.65
C ARG F 241 26.93 -7.73 35.96
N LYS F 242 25.98 -8.16 35.12
CA LYS F 242 24.60 -7.74 35.25
C LYS F 242 23.81 -8.53 36.29
N THR F 243 24.44 -9.45 37.00
CA THR F 243 23.75 -10.25 38.00
C THR F 243 23.34 -9.40 39.19
N HIS F 244 22.21 -9.76 39.80
CA HIS F 244 21.66 -9.00 40.92
C HIS F 244 22.03 -9.60 42.28
N ARG F 245 22.06 -10.92 42.39
CA ARG F 245 22.34 -11.60 43.64
C ARG F 245 23.82 -11.92 43.82
N GLY F 246 24.67 -11.44 42.91
CA GLY F 246 26.09 -11.68 42.99
C GLY F 246 26.62 -12.43 41.78
N LEU F 247 27.95 -12.33 41.61
CA LEU F 247 28.60 -12.89 40.43
C LEU F 247 29.73 -13.86 40.77
N ARG F 248 29.91 -14.22 42.04
CA ARG F 248 30.95 -15.17 42.42
C ARG F 248 30.35 -16.43 43.02
N LYS F 249 29.29 -16.93 42.38
CA LYS F 249 28.56 -18.08 42.89
C LYS F 249 28.14 -18.96 41.72
N VAL F 250 27.90 -20.24 42.01
CA VAL F 250 27.35 -21.14 41.01
C VAL F 250 25.92 -20.72 40.70
N ALA F 251 25.61 -20.56 39.42
CA ALA F 251 24.31 -20.02 39.03
C ALA F 251 23.21 -21.06 39.21
N CYS F 252 23.26 -22.15 38.44
CA CYS F 252 22.27 -23.21 38.55
C CYS F 252 22.85 -24.39 39.32
N ILE F 253 22.11 -24.87 40.32
CA ILE F 253 22.57 -26.03 41.08
C ILE F 253 22.10 -27.34 40.44
N GLY F 254 20.78 -27.53 40.35
CA GLY F 254 20.27 -28.80 39.88
C GLY F 254 18.87 -28.68 39.32
N ALA F 255 18.29 -29.84 39.01
CA ALA F 255 16.98 -29.92 38.38
C ALA F 255 15.86 -29.87 39.42
N TRP F 256 14.62 -29.91 38.92
CA TRP F 256 13.45 -29.77 39.77
C TRP F 256 13.12 -31.10 40.45
N HIS F 257 12.87 -32.19 39.67
CA HIS F 257 12.81 -33.53 40.28
C HIS F 257 14.15 -33.85 40.91
N PRO F 258 14.16 -34.50 42.11
CA PRO F 258 15.27 -34.32 43.04
C PRO F 258 16.66 -34.49 42.45
N ALA F 259 17.28 -33.32 42.31
CA ALA F 259 18.72 -33.15 42.22
C ALA F 259 19.08 -32.35 43.46
N ARG F 260 18.44 -32.75 44.57
CA ARG F 260 18.52 -32.08 45.85
C ARG F 260 19.99 -32.06 46.23
N VAL F 261 20.58 -30.86 46.25
CA VAL F 261 21.97 -30.61 45.87
C VAL F 261 22.95 -31.70 46.32
N ALA F 262 23.68 -32.22 45.34
CA ALA F 262 24.48 -33.42 45.53
C ALA F 262 25.83 -33.08 46.12
N PHE F 263 26.55 -34.14 46.51
CA PHE F 263 27.96 -34.00 46.86
C PHE F 263 28.79 -33.52 45.68
N SER F 264 28.41 -33.85 44.45
CA SER F 264 29.18 -33.48 43.27
C SER F 264 28.96 -32.03 42.85
N VAL F 265 28.03 -31.32 43.47
CA VAL F 265 27.78 -29.92 43.13
C VAL F 265 28.73 -29.04 43.92
N ALA F 266 29.40 -28.12 43.23
CA ALA F 266 30.39 -27.26 43.87
C ALA F 266 29.71 -26.24 44.77
N ARG F 267 30.11 -26.22 46.04
CA ARG F 267 29.62 -25.27 47.02
C ARG F 267 30.79 -24.54 47.68
N ALA F 268 30.49 -23.39 48.28
CA ALA F 268 31.48 -22.67 49.06
C ALA F 268 31.79 -23.42 50.35
N GLY F 269 33.01 -23.24 50.84
CA GLY F 269 33.42 -23.94 52.05
C GLY F 269 34.88 -23.71 52.36
N GLN F 270 35.46 -24.62 53.13
CA GLN F 270 36.85 -24.52 53.54
C GLN F 270 37.76 -24.84 52.38
N LYS F 271 38.71 -23.95 52.11
CA LYS F 271 39.72 -24.15 51.08
C LYS F 271 41.10 -24.11 51.72
N GLY F 272 41.91 -25.13 51.43
CA GLY F 272 43.20 -25.26 52.07
C GLY F 272 43.13 -26.08 53.34
N TYR F 273 44.31 -26.32 53.92
CA TYR F 273 44.49 -27.16 55.11
C TYR F 273 43.90 -28.56 54.89
N HIS F 274 44.12 -29.11 53.69
CA HIS F 274 43.72 -30.46 53.37
C HIS F 274 44.94 -31.37 53.33
N HIS F 275 44.79 -32.57 53.88
CA HIS F 275 45.85 -33.56 53.80
C HIS F 275 46.04 -33.98 52.35
N ARG F 276 47.27 -33.94 51.87
CA ARG F 276 47.60 -34.29 50.50
C ARG F 276 48.81 -35.20 50.47
N THR F 277 48.79 -36.17 49.55
CA THR F 277 49.92 -37.04 49.29
C THR F 277 50.33 -36.84 47.83
N GLU F 278 51.39 -36.07 47.61
CA GLU F 278 51.85 -35.74 46.28
C GLU F 278 53.14 -36.49 46.03
N ILE F 279 53.18 -37.23 44.92
CA ILE F 279 54.22 -38.25 44.71
C ILE F 279 55.13 -37.84 43.56
N ASN F 280 56.14 -38.67 43.30
CA ASN F 280 57.11 -38.49 42.21
C ASN F 280 57.86 -37.17 42.34
N LYS F 281 58.68 -37.09 43.39
CA LYS F 281 59.53 -35.93 43.63
C LYS F 281 60.98 -36.40 43.66
N LYS F 282 61.79 -35.87 42.73
CA LYS F 282 63.18 -36.31 42.60
C LYS F 282 64.08 -35.53 43.55
N ILE F 283 64.91 -36.26 44.29
CA ILE F 283 65.94 -35.64 45.11
C ILE F 283 67.15 -35.29 44.25
N TYR F 284 67.62 -34.05 44.35
CA TYR F 284 68.87 -33.66 43.69
C TYR F 284 70.08 -33.73 44.61
N LYS F 285 69.96 -33.24 45.84
CA LYS F 285 71.09 -33.19 46.77
C LYS F 285 70.59 -33.49 48.17
N ILE F 286 71.08 -34.57 48.76
CA ILE F 286 70.98 -34.76 50.20
C ILE F 286 72.12 -33.97 50.84
N GLY F 287 71.77 -33.07 51.76
CA GLY F 287 72.73 -32.15 52.33
C GLY F 287 73.45 -32.70 53.54
N GLN F 288 74.54 -32.04 53.90
CA GLN F 288 75.26 -32.31 55.13
C GLN F 288 75.24 -31.06 56.00
N GLY F 289 74.87 -31.22 57.26
CA GLY F 289 74.66 -30.09 58.14
C GLY F 289 75.93 -29.45 58.66
N TYR F 290 75.76 -28.51 59.59
CA TYR F 290 76.91 -27.83 60.17
C TYR F 290 77.70 -28.78 61.07
N LEU F 291 79.02 -28.76 60.90
CA LEU F 291 79.91 -29.58 61.72
C LEU F 291 81.27 -28.88 61.79
N ILE F 292 81.92 -28.98 62.94
CA ILE F 292 83.16 -28.27 63.21
C ILE F 292 84.24 -29.28 63.53
N LYS F 293 85.35 -29.24 62.79
CA LYS F 293 86.54 -29.97 63.19
C LYS F 293 87.51 -29.06 63.93
N ASP F 294 87.92 -27.95 63.31
CA ASP F 294 88.60 -26.87 64.02
C ASP F 294 87.91 -25.55 63.68
N GLY F 295 87.46 -25.42 62.43
CA GLY F 295 86.76 -24.24 61.98
C GLY F 295 85.34 -24.54 61.54
N LYS F 296 84.55 -23.49 61.39
CA LYS F 296 83.16 -23.61 61.01
C LYS F 296 83.04 -23.98 59.53
N LEU F 297 82.27 -25.03 59.24
CA LEU F 297 82.14 -25.54 57.88
C LEU F 297 80.86 -25.02 57.23
N ILE F 298 80.90 -23.73 56.86
CA ILE F 298 79.89 -23.17 55.96
C ILE F 298 80.26 -23.46 54.51
N LYS F 299 81.49 -23.92 54.27
CA LYS F 299 82.02 -24.08 52.92
C LYS F 299 81.24 -25.12 52.11
N ASN F 300 80.91 -26.26 52.72
CA ASN F 300 80.46 -27.44 51.99
C ASN F 300 78.95 -27.67 52.12
N ASN F 301 78.18 -26.60 52.12
CA ASN F 301 76.71 -26.72 52.15
C ASN F 301 76.14 -26.50 50.74
N ALA F 302 76.45 -25.35 50.14
CA ALA F 302 75.98 -25.01 48.80
C ALA F 302 77.09 -24.98 47.78
N SER F 303 78.18 -25.71 48.01
CA SER F 303 79.31 -25.74 47.08
C SER F 303 79.24 -26.98 46.23
N THR F 304 79.35 -26.80 44.91
CA THR F 304 79.38 -27.89 43.96
C THR F 304 80.81 -28.06 43.43
N ASP F 305 80.97 -28.97 42.46
CA ASP F 305 82.27 -29.18 41.85
C ASP F 305 82.62 -28.11 40.82
N TYR F 306 81.69 -27.23 40.47
CA TYR F 306 81.95 -26.11 39.58
C TYR F 306 81.85 -24.75 40.27
N ASP F 307 81.10 -24.65 41.37
CA ASP F 307 80.93 -23.38 42.04
C ASP F 307 82.17 -23.01 42.87
N LEU F 308 82.60 -23.94 43.74
CA LEU F 308 83.78 -23.76 44.59
C LEU F 308 83.66 -22.51 45.47
N SER F 309 82.45 -22.27 45.99
CA SER F 309 82.21 -21.12 46.85
C SER F 309 82.12 -21.57 48.31
N ASP F 310 82.08 -20.59 49.21
CA ASP F 310 81.91 -20.84 50.64
C ASP F 310 80.49 -20.61 51.12
N LYS F 311 79.54 -20.45 50.19
CA LYS F 311 78.16 -20.16 50.54
C LYS F 311 77.48 -21.38 51.14
N SER F 312 76.59 -21.13 52.10
CA SER F 312 75.65 -22.13 52.56
C SER F 312 74.33 -21.97 51.80
N ILE F 313 73.39 -22.90 52.02
CA ILE F 313 72.10 -22.81 51.37
C ILE F 313 71.22 -21.72 51.95
N ASN F 314 71.56 -21.20 53.13
CA ASN F 314 70.80 -20.10 53.71
C ASN F 314 71.07 -18.82 52.92
N PRO F 315 70.04 -18.16 52.41
CA PRO F 315 70.26 -16.93 51.63
C PRO F 315 70.74 -15.77 52.49
N LEU F 316 70.97 -14.62 51.85
CA LEU F 316 71.36 -13.42 52.58
C LEU F 316 70.17 -12.94 53.43
N GLY F 317 70.36 -12.93 54.74
CA GLY F 317 69.27 -12.68 55.66
C GLY F 317 68.51 -13.91 56.09
N GLY F 318 68.86 -15.08 55.57
CA GLY F 318 68.18 -16.31 55.94
C GLY F 318 66.92 -16.54 55.14
N PHE F 319 66.33 -17.71 55.36
CA PHE F 319 65.07 -18.05 54.70
C PHE F 319 63.93 -17.21 55.28
N VAL F 320 63.01 -16.81 54.41
CA VAL F 320 61.92 -15.93 54.83
C VAL F 320 60.92 -16.72 55.65
N HIS F 321 60.59 -16.19 56.84
CA HIS F 321 59.59 -16.74 57.76
C HIS F 321 59.94 -18.14 58.27
N TYR F 322 61.18 -18.60 58.09
CA TYR F 322 61.57 -19.90 58.61
C TYR F 322 62.70 -19.81 59.64
N GLY F 323 63.81 -19.18 59.30
CA GLY F 323 64.99 -19.20 60.14
C GLY F 323 66.25 -19.43 59.36
N GLU F 324 67.26 -20.01 60.01
CA GLU F 324 68.54 -20.31 59.38
C GLU F 324 68.82 -21.80 59.55
N VAL F 325 69.12 -22.47 58.44
CA VAL F 325 69.28 -23.93 58.45
C VAL F 325 70.66 -24.27 59.02
N THR F 326 70.67 -25.14 60.02
CA THR F 326 71.91 -25.60 60.63
C THR F 326 72.16 -27.09 60.48
N ASN F 327 71.15 -27.88 60.14
CA ASN F 327 71.28 -29.33 60.08
C ASN F 327 71.25 -29.80 58.63
N ASP F 328 71.53 -31.09 58.45
CA ASP F 328 71.50 -31.68 57.11
C ASP F 328 70.08 -31.70 56.54
N PHE F 329 70.01 -31.60 55.21
CA PHE F 329 68.78 -31.25 54.53
C PHE F 329 68.58 -32.11 53.28
N VAL F 330 67.34 -32.15 52.82
CA VAL F 330 66.99 -32.78 51.55
C VAL F 330 66.35 -31.73 50.66
N MET F 331 66.82 -31.66 49.41
CA MET F 331 66.36 -30.68 48.44
C MET F 331 65.52 -31.39 47.39
N LEU F 332 64.24 -31.03 47.31
CA LEU F 332 63.25 -31.73 46.50
C LEU F 332 62.93 -30.94 45.24
N LYS F 333 62.82 -31.65 44.12
CA LYS F 333 62.53 -31.04 42.84
C LYS F 333 61.14 -30.42 42.84
N GLY F 334 61.07 -29.13 42.51
CA GLY F 334 59.79 -28.47 42.41
C GLY F 334 59.24 -28.05 43.77
N CYS F 335 58.06 -27.45 43.70
CA CYS F 335 57.37 -26.99 44.90
C CYS F 335 56.67 -28.16 45.58
N VAL F 336 56.60 -28.10 46.91
CA VAL F 336 55.96 -29.14 47.69
C VAL F 336 54.74 -28.54 48.38
N VAL F 337 53.89 -29.42 48.91
CA VAL F 337 52.68 -28.98 49.59
C VAL F 337 53.05 -28.43 50.97
N GLY F 338 52.26 -27.47 51.43
CA GLY F 338 52.47 -26.87 52.73
C GLY F 338 53.19 -25.54 52.65
N THR F 339 53.04 -24.76 53.73
CA THR F 339 53.67 -23.46 53.85
C THR F 339 55.05 -23.60 54.50
N LYS F 340 55.63 -22.47 54.87
CA LYS F 340 56.90 -22.48 55.59
C LYS F 340 56.71 -23.02 56.99
N LYS F 341 57.78 -23.65 57.51
CA LYS F 341 57.81 -24.30 58.83
C LYS F 341 56.74 -25.39 58.97
N ARG F 342 56.30 -25.97 57.87
CA ARG F 342 55.27 -27.00 57.91
C ARG F 342 55.92 -28.38 58.06
N VAL F 343 55.34 -29.19 58.95
CA VAL F 343 55.83 -30.55 59.17
C VAL F 343 55.50 -31.38 57.94
N LEU F 344 56.54 -31.86 57.26
CA LEU F 344 56.38 -32.61 56.02
C LEU F 344 56.90 -34.02 56.21
N THR F 345 56.19 -34.99 55.63
CA THR F 345 56.56 -36.39 55.73
C THR F 345 57.04 -36.88 54.36
N LEU F 346 58.28 -37.34 54.31
CA LEU F 346 58.84 -37.95 53.11
C LEU F 346 58.62 -39.46 53.17
N ARG F 347 58.51 -40.07 51.99
CA ARG F 347 58.23 -41.49 51.90
C ARG F 347 58.79 -42.05 50.61
N LYS F 348 59.29 -43.28 50.68
CA LYS F 348 59.73 -43.98 49.48
C LYS F 348 58.53 -44.33 48.60
N SER F 349 58.75 -44.29 47.29
CA SER F 349 57.67 -44.51 46.34
C SER F 349 57.26 -45.97 46.30
N LEU F 350 55.94 -46.20 46.25
CA LEU F 350 55.44 -47.56 46.16
C LEU F 350 55.69 -48.16 44.79
N LEU F 351 55.64 -47.34 43.75
CA LEU F 351 55.79 -47.80 42.38
C LEU F 351 57.24 -48.19 42.11
N VAL F 352 57.42 -49.04 41.09
CA VAL F 352 58.74 -49.43 40.63
C VAL F 352 59.15 -48.46 39.52
N GLN F 353 60.07 -47.56 39.83
CA GLN F 353 60.44 -46.49 38.90
C GLN F 353 61.44 -47.04 37.89
N THR F 354 60.98 -47.30 36.67
CA THR F 354 61.86 -47.65 35.55
C THR F 354 61.54 -46.73 34.36
N LYS F 355 62.12 -45.54 34.38
CA LYS F 355 62.00 -44.55 33.32
C LYS F 355 63.31 -43.80 33.21
N ARG F 356 63.57 -43.25 32.02
CA ARG F 356 64.77 -42.43 31.84
C ARG F 356 64.64 -41.06 32.50
N ARG F 357 63.41 -40.61 32.76
CA ARG F 357 63.22 -39.39 33.54
C ARG F 357 63.51 -39.64 35.01
N ALA F 358 63.05 -40.75 35.56
CA ALA F 358 63.19 -41.03 36.98
C ALA F 358 64.61 -41.49 37.33
N LEU F 359 65.29 -42.17 36.41
CA LEU F 359 66.59 -42.75 36.68
C LEU F 359 67.74 -41.88 36.16
N GLU F 360 67.46 -40.63 35.79
CA GLU F 360 68.51 -39.74 35.31
C GLU F 360 69.40 -39.30 36.46
N LYS F 361 70.71 -39.44 36.28
CA LYS F 361 71.67 -38.98 37.28
C LYS F 361 71.67 -37.46 37.33
N ILE F 362 71.81 -36.92 38.54
CA ILE F 362 71.71 -35.49 38.77
C ILE F 362 73.07 -34.97 39.20
N ASP F 363 73.57 -33.96 38.49
CA ASP F 363 74.82 -33.29 38.81
C ASP F 363 74.56 -31.80 38.86
N LEU F 364 74.68 -31.21 40.06
CA LEU F 364 74.45 -29.79 40.24
C LEU F 364 75.62 -28.98 39.71
N LYS F 365 75.33 -27.74 39.30
CA LYS F 365 76.35 -26.82 38.83
C LYS F 365 76.34 -25.47 39.52
N PHE F 366 75.20 -25.04 40.05
CA PHE F 366 75.12 -23.74 40.73
C PHE F 366 73.98 -23.75 41.73
N ILE F 367 74.19 -23.06 42.85
CA ILE F 367 73.19 -22.89 43.90
C ILE F 367 72.88 -21.40 44.00
N ASP F 368 71.61 -21.04 43.86
CA ASP F 368 71.21 -19.63 43.91
C ASP F 368 70.86 -19.30 45.36
N THR F 369 71.78 -18.61 46.04
CA THR F 369 71.63 -18.25 47.44
C THR F 369 71.45 -16.74 47.62
N THR F 370 70.85 -16.09 46.62
CA THR F 370 70.54 -14.68 46.73
C THR F 370 69.38 -14.48 47.72
N SER F 371 69.25 -13.25 48.20
CA SER F 371 68.25 -12.95 49.22
C SER F 371 66.84 -13.07 48.65
N LYS F 372 66.01 -13.86 49.33
CA LYS F 372 64.62 -14.02 48.98
C LYS F 372 63.73 -12.98 49.65
N PHE F 373 64.32 -12.08 50.44
CA PHE F 373 63.60 -10.98 51.08
C PHE F 373 63.53 -9.77 50.17
N GLY F 374 63.08 -9.97 48.95
CA GLY F 374 63.12 -8.96 47.91
C GLY F 374 63.97 -9.39 46.73
N HIS F 375 64.10 -8.47 45.79
CA HIS F 375 64.88 -8.72 44.57
C HIS F 375 66.36 -8.56 44.90
N GLY F 376 66.96 -9.64 45.40
CA GLY F 376 68.37 -9.62 45.71
C GLY F 376 69.24 -9.73 44.48
N ARG F 377 70.52 -9.36 44.64
CA ARG F 377 71.45 -9.38 43.51
C ARG F 377 72.83 -9.88 43.90
N PHE F 378 73.01 -10.42 45.10
CA PHE F 378 74.30 -10.93 45.55
C PHE F 378 74.14 -12.32 46.14
N GLN F 379 75.07 -13.22 45.78
CA GLN F 379 75.02 -14.59 46.29
C GLN F 379 75.47 -14.67 47.74
N THR F 380 76.51 -13.93 48.10
CA THR F 380 77.04 -13.98 49.46
C THR F 380 77.51 -12.58 49.85
N VAL F 381 77.88 -12.42 51.12
CA VAL F 381 78.30 -11.12 51.63
C VAL F 381 79.66 -10.73 51.05
N GLU F 382 80.58 -11.70 50.92
CA GLU F 382 81.89 -11.40 50.38
C GLU F 382 81.84 -10.98 48.91
N GLU F 383 80.95 -11.60 48.12
CA GLU F 383 80.74 -11.13 46.77
C GLU F 383 80.02 -9.78 46.75
N LYS F 384 79.20 -9.52 47.76
CA LYS F 384 78.51 -8.24 47.85
C LYS F 384 79.46 -7.12 48.27
N LYS F 385 80.19 -7.33 49.37
CA LYS F 385 81.03 -6.27 49.94
C LYS F 385 82.16 -5.87 48.99
N ALA F 386 82.70 -6.82 48.22
CA ALA F 386 83.68 -6.46 47.21
C ALA F 386 83.06 -5.57 46.13
N PHE F 387 81.84 -5.89 45.70
CA PHE F 387 81.14 -5.04 44.74
C PHE F 387 80.55 -3.79 45.38
N MET F 388 80.16 -3.88 46.66
CA MET F 388 79.61 -2.73 47.37
C MET F 388 80.68 -1.69 47.70
N GLY F 389 81.92 -2.11 47.86
CA GLY F 389 82.98 -1.20 48.24
C GLY F 389 82.82 -0.74 49.67
N PRO F 390 83.52 0.33 50.04
CA PRO F 390 83.34 0.90 51.39
C PRO F 390 81.98 1.57 51.54
N LEU F 391 81.51 1.60 52.79
CA LEU F 391 80.23 2.20 53.13
C LEU F 391 80.48 3.37 54.09
N LYS F 392 79.40 4.09 54.41
CA LYS F 392 79.51 5.18 55.36
C LYS F 392 79.70 4.66 56.78
N LYS F 393 79.07 3.53 57.10
CA LYS F 393 79.12 2.95 58.44
C LYS F 393 80.49 2.29 58.64
N ASP F 394 81.43 3.08 59.14
CA ASP F 394 82.77 2.60 59.46
C ASP F 394 83.32 3.31 60.69
N ALA G 1 -77.88 -34.60 86.59
CA ALA G 1 -77.42 -34.62 87.98
C ALA G 1 -77.17 -36.04 88.46
N CYS G 2 -75.98 -36.26 89.01
CA CYS G 2 -75.60 -37.55 89.58
C CYS G 2 -75.88 -37.52 91.08
N ALA G 3 -75.41 -38.55 91.79
CA ALA G 3 -75.58 -38.62 93.23
C ALA G 3 -74.80 -37.50 93.89
N ARG G 4 -75.52 -36.58 94.53
CA ARG G 4 -74.92 -35.38 95.11
C ARG G 4 -75.10 -35.41 96.62
N PRO G 5 -74.02 -35.32 97.40
CA PRO G 5 -74.16 -35.36 98.87
C PRO G 5 -74.62 -34.04 99.45
N LEU G 6 -74.68 -33.97 100.78
CA LEU G 6 -75.07 -32.76 101.50
C LEU G 6 -73.84 -32.20 102.21
N ILE G 7 -73.51 -30.95 101.93
CA ILE G 7 -72.33 -30.29 102.48
C ILE G 7 -72.78 -29.34 103.57
N SER G 8 -72.23 -29.50 104.77
CA SER G 8 -72.60 -28.65 105.89
C SER G 8 -71.87 -27.32 105.83
N VAL G 9 -72.34 -26.37 106.63
CA VAL G 9 -71.73 -25.05 106.75
C VAL G 9 -71.13 -24.93 108.14
N TYR G 10 -69.83 -24.61 108.19
CA TYR G 10 -69.11 -24.52 109.45
C TYR G 10 -69.16 -23.11 109.99
N SER G 11 -69.13 -22.99 111.32
CA SER G 11 -69.13 -21.69 111.97
C SER G 11 -67.70 -21.15 112.04
N GLU G 12 -67.54 -20.00 112.70
CA GLU G 12 -66.25 -19.33 112.75
C GLU G 12 -65.29 -19.99 113.73
N LYS G 13 -65.78 -20.89 114.57
CA LYS G 13 -64.93 -21.58 115.54
C LYS G 13 -65.10 -23.09 115.41
N GLY G 14 -65.04 -23.61 114.19
CA GLY G 14 -65.41 -24.99 113.95
C GLY G 14 -66.91 -25.14 114.11
N GLU G 15 -67.35 -26.23 114.74
CA GLU G 15 -68.74 -26.37 115.19
C GLU G 15 -69.74 -26.23 114.06
N SER G 16 -69.74 -27.19 113.12
CA SER G 16 -70.59 -27.18 111.93
C SER G 16 -72.05 -26.89 112.27
N SER G 17 -72.58 -25.81 111.68
CA SER G 17 -73.92 -25.35 111.97
C SER G 17 -74.96 -26.26 111.30
N GLY G 18 -76.22 -26.02 111.65
CA GLY G 18 -77.32 -26.81 111.11
C GLY G 18 -77.65 -26.52 109.67
N LYS G 19 -77.15 -25.42 109.12
CA LYS G 19 -77.39 -25.09 107.71
C LYS G 19 -76.52 -26.00 106.84
N ASN G 20 -77.17 -26.75 105.95
CA ASN G 20 -76.49 -27.70 105.07
C ASN G 20 -76.87 -27.39 103.63
N VAL G 21 -75.86 -27.36 102.75
CA VAL G 21 -76.06 -27.03 101.35
C VAL G 21 -75.81 -28.29 100.52
N THR G 22 -76.72 -28.57 99.60
CA THR G 22 -76.52 -29.64 98.64
C THR G 22 -75.34 -29.30 97.73
N LEU G 23 -74.50 -30.30 97.47
CA LEU G 23 -73.32 -30.09 96.65
C LEU G 23 -73.72 -29.70 95.23
N PRO G 24 -73.18 -28.61 94.69
CA PRO G 24 -73.55 -28.20 93.32
C PRO G 24 -73.01 -29.17 92.29
N ALA G 25 -73.68 -29.18 91.13
CA ALA G 25 -73.33 -30.06 90.03
C ALA G 25 -71.99 -29.71 89.37
N VAL G 26 -71.42 -28.55 89.70
CA VAL G 26 -70.11 -28.16 89.17
C VAL G 26 -69.02 -29.08 89.69
N PHE G 27 -69.14 -29.53 90.93
CA PHE G 27 -68.15 -30.43 91.53
C PHE G 27 -68.21 -31.84 90.95
N LYS G 28 -69.23 -32.18 90.17
CA LYS G 28 -69.34 -33.47 89.52
C LYS G 28 -68.94 -33.41 88.05
N ALA G 29 -68.34 -32.30 87.63
CA ALA G 29 -67.94 -32.12 86.24
C ALA G 29 -66.76 -33.03 85.90
N PRO G 30 -66.61 -33.41 84.64
CA PRO G 30 -65.47 -34.24 84.25
C PRO G 30 -64.14 -33.51 84.43
N ILE G 31 -63.12 -34.26 84.85
CA ILE G 31 -61.78 -33.73 85.05
C ILE G 31 -60.95 -34.09 83.82
N ARG G 32 -60.45 -33.07 83.12
CA ARG G 32 -59.57 -33.26 81.96
C ARG G 32 -58.37 -32.34 82.13
N PRO G 33 -57.29 -32.82 82.75
CA PRO G 33 -56.14 -31.94 83.03
C PRO G 33 -55.47 -31.38 81.79
N ASP G 34 -55.53 -32.06 80.64
CA ASP G 34 -54.93 -31.51 79.44
C ASP G 34 -55.61 -30.23 78.99
N ILE G 35 -56.94 -30.19 79.06
CA ILE G 35 -57.68 -28.97 78.74
C ILE G 35 -57.34 -27.88 79.75
N VAL G 36 -57.26 -28.24 81.04
CA VAL G 36 -56.81 -27.30 82.05
C VAL G 36 -55.38 -26.86 81.78
N ASN G 37 -54.53 -27.79 81.35
CA ASN G 37 -53.17 -27.45 80.96
C ASN G 37 -53.17 -26.60 79.69
N PHE G 38 -54.03 -26.93 78.73
CA PHE G 38 -54.09 -26.15 77.49
C PHE G 38 -54.63 -24.75 77.73
N VAL G 39 -55.62 -24.62 78.60
CA VAL G 39 -56.16 -23.30 78.92
C VAL G 39 -55.16 -22.49 79.72
N HIS G 40 -54.49 -23.11 80.68
CA HIS G 40 -53.55 -22.38 81.54
C HIS G 40 -52.35 -21.87 80.76
N THR G 41 -51.81 -22.67 79.84
CA THR G 41 -50.63 -22.30 79.09
C THR G 41 -50.93 -21.39 77.90
N ASN G 42 -52.18 -20.96 77.75
CA ASN G 42 -52.55 -19.99 76.74
C ASN G 42 -53.17 -18.72 77.31
N LEU G 43 -53.91 -18.82 78.42
CA LEU G 43 -54.40 -17.62 79.09
C LEU G 43 -53.27 -16.87 79.79
N ARG G 44 -52.23 -17.60 80.22
CA ARG G 44 -51.09 -17.01 80.90
C ARG G 44 -50.23 -16.16 79.96
N LYS G 45 -50.34 -16.38 78.64
CA LYS G 45 -49.60 -15.58 77.67
C LYS G 45 -50.25 -14.22 77.42
N ASN G 46 -51.45 -13.98 77.94
CA ASN G 46 -52.17 -12.75 77.67
C ASN G 46 -51.70 -11.57 78.52
N ASN G 47 -51.10 -11.84 79.68
CA ASN G 47 -50.59 -10.80 80.56
C ASN G 47 -49.09 -10.57 80.37
N ARG G 48 -48.60 -10.77 79.15
CA ARG G 48 -47.17 -10.70 78.85
C ARG G 48 -46.86 -9.37 78.18
N GLN G 49 -45.93 -8.62 78.78
CA GLN G 49 -45.48 -7.38 78.16
C GLN G 49 -44.53 -7.68 77.00
N PRO G 50 -44.63 -6.91 75.91
CA PRO G 50 -43.73 -7.13 74.78
C PRO G 50 -42.31 -6.70 75.09
N TYR G 51 -41.35 -7.44 74.52
CA TYR G 51 -39.95 -7.09 74.58
C TYR G 51 -39.35 -7.20 73.19
N ALA G 52 -38.47 -6.26 72.87
CA ALA G 52 -37.88 -6.21 71.54
C ALA G 52 -36.56 -5.47 71.60
N VAL G 53 -35.77 -5.67 70.56
CA VAL G 53 -34.50 -4.99 70.39
C VAL G 53 -34.68 -3.87 69.36
N SER G 54 -34.02 -2.74 69.60
CA SER G 54 -34.15 -1.59 68.72
C SER G 54 -33.62 -1.91 67.33
N GLU G 55 -34.34 -1.43 66.31
CA GLU G 55 -33.94 -1.68 64.93
C GLU G 55 -32.71 -0.88 64.54
N LEU G 56 -32.39 0.20 65.26
CA LEU G 56 -31.17 0.96 64.99
C LEU G 56 -29.94 0.33 65.63
N ALA G 57 -30.09 -0.71 66.43
CA ALA G 57 -28.96 -1.39 67.03
C ALA G 57 -28.20 -2.18 65.96
N GLY G 58 -26.91 -1.92 65.84
CA GLY G 58 -26.11 -2.54 64.81
C GLY G 58 -26.23 -1.89 63.44
N HIS G 59 -26.92 -0.76 63.33
CA HIS G 59 -27.06 -0.06 62.06
C HIS G 59 -26.71 1.42 62.13
N GLN G 60 -26.31 1.94 63.29
CA GLN G 60 -25.90 3.33 63.38
C GLN G 60 -24.52 3.55 62.77
N THR G 61 -23.72 2.50 62.61
CA THR G 61 -22.43 2.61 61.96
C THR G 61 -22.61 2.69 60.45
N SER G 62 -21.59 3.22 59.78
CA SER G 62 -21.56 3.33 58.32
C SER G 62 -20.36 2.52 57.83
N ALA G 63 -20.59 1.23 57.59
CA ALA G 63 -19.52 0.31 57.22
C ALA G 63 -19.88 -0.44 55.95
N GLU G 64 -18.90 -0.58 55.06
CA GLU G 64 -19.00 -1.47 53.92
C GLU G 64 -17.70 -2.24 53.79
N SER G 65 -17.79 -3.43 53.24
CA SER G 65 -16.69 -4.38 53.26
C SER G 65 -15.58 -3.99 52.29
N TRP G 66 -14.34 -4.18 52.74
CA TRP G 66 -13.20 -4.06 51.83
C TRP G 66 -13.26 -5.14 50.77
N GLY G 67 -12.86 -4.78 49.55
CA GLY G 67 -12.93 -5.70 48.44
C GLY G 67 -11.92 -6.81 48.54
N THR G 68 -11.99 -7.74 47.59
CA THR G 68 -11.11 -8.89 47.54
C THR G 68 -9.70 -8.43 47.14
N GLY G 69 -8.69 -9.10 47.70
CA GLY G 69 -7.31 -8.74 47.47
C GLY G 69 -6.52 -8.43 48.73
N ARG G 70 -7.19 -8.40 49.89
CA ARG G 70 -6.51 -8.19 51.16
C ARG G 70 -6.71 -9.40 52.07
N ALA G 71 -5.89 -9.46 53.11
CA ALA G 71 -5.86 -10.61 54.01
C ALA G 71 -7.13 -10.76 54.85
N VAL G 72 -7.96 -9.72 54.94
CA VAL G 72 -9.21 -9.81 55.69
C VAL G 72 -10.21 -10.59 54.85
N ALA G 73 -11.26 -11.11 55.49
CA ALA G 73 -12.21 -11.99 54.83
C ALA G 73 -13.60 -11.35 54.76
N ARG G 74 -13.77 -10.44 53.79
CA ARG G 74 -15.05 -9.96 53.30
C ARG G 74 -16.08 -9.60 54.37
N ILE G 75 -15.68 -8.86 55.39
CA ILE G 75 -16.59 -8.42 56.44
C ILE G 75 -16.77 -6.91 56.34
N PRO G 76 -18.02 -6.39 56.47
CA PRO G 76 -18.22 -4.94 56.52
C PRO G 76 -17.48 -4.29 57.68
N ARG G 77 -16.47 -3.48 57.38
CA ARG G 77 -15.56 -2.96 58.38
C ARG G 77 -15.66 -1.44 58.45
N VAL G 78 -15.24 -0.89 59.59
CA VAL G 78 -15.31 0.54 59.86
C VAL G 78 -14.33 1.27 58.95
N ARG G 79 -14.75 2.43 58.44
CA ARG G 79 -13.98 3.16 57.45
C ARG G 79 -13.02 4.13 58.13
N GLY G 80 -11.74 3.76 58.20
CA GLY G 80 -10.68 4.68 58.54
C GLY G 80 -10.72 5.14 60.00
N GLY G 81 -9.81 6.06 60.29
CA GLY G 81 -9.72 6.67 61.60
C GLY G 81 -8.62 6.06 62.45
N GLY G 82 -8.05 6.89 63.32
CA GLY G 82 -7.08 6.43 64.29
C GLY G 82 -7.77 5.97 65.55
N THR G 83 -8.56 4.90 65.43
CA THR G 83 -9.46 4.47 66.49
C THR G 83 -9.32 2.95 66.64
N HIS G 84 -9.64 2.46 67.83
CA HIS G 84 -9.66 1.02 68.07
C HIS G 84 -10.68 0.34 67.16
N ARG G 85 -11.86 0.93 67.02
CA ARG G 85 -12.88 0.43 66.10
C ARG G 85 -12.67 1.08 64.74
N SER G 86 -11.71 0.54 64.00
CA SER G 86 -11.39 1.03 62.66
C SER G 86 -10.97 -0.18 61.82
N GLY G 87 -11.79 -0.54 60.85
CA GLY G 87 -11.54 -1.75 60.08
C GLY G 87 -11.67 -3.01 60.91
N GLN G 88 -12.65 -3.05 61.81
CA GLN G 88 -12.86 -4.19 62.69
C GLN G 88 -13.90 -5.17 62.17
N GLY G 89 -15.09 -4.67 61.85
CA GLY G 89 -16.17 -5.53 61.40
C GLY G 89 -17.49 -5.22 62.08
N ALA G 90 -18.50 -4.92 61.28
CA ALA G 90 -19.84 -4.63 61.78
C ALA G 90 -20.84 -5.22 60.78
N PHE G 91 -22.12 -4.92 61.00
CA PHE G 91 -23.24 -5.37 60.17
C PHE G 91 -23.35 -6.88 60.09
N GLY G 92 -22.82 -7.62 61.07
CA GLY G 92 -22.95 -9.06 61.08
C GLY G 92 -23.23 -9.57 62.48
N ASN G 93 -23.83 -10.76 62.54
CA ASN G 93 -24.07 -11.42 63.82
C ASN G 93 -22.82 -12.07 64.38
N MET G 94 -21.82 -12.35 63.55
CA MET G 94 -20.59 -13.00 64.03
C MET G 94 -19.63 -12.01 64.67
N CYS G 95 -19.78 -10.72 64.42
CA CYS G 95 -18.78 -9.75 64.84
C CYS G 95 -19.09 -9.22 66.24
N ARG G 96 -18.05 -8.65 66.86
CA ARG G 96 -18.23 -7.92 68.11
C ARG G 96 -19.01 -6.65 67.84
N GLY G 97 -20.00 -6.37 68.69
CA GLY G 97 -20.96 -5.37 68.33
C GLY G 97 -21.91 -5.91 67.27
N GLY G 98 -22.48 -4.99 66.51
CA GLY G 98 -23.27 -5.35 65.36
C GLY G 98 -24.65 -5.89 65.72
N ARG G 99 -25.34 -6.35 64.69
CA ARG G 99 -26.72 -6.78 64.79
C ARG G 99 -26.81 -8.23 65.27
N MET G 100 -27.87 -8.53 66.01
CA MET G 100 -28.16 -9.92 66.38
C MET G 100 -28.97 -10.60 65.29
N PHE G 101 -28.87 -11.93 65.23
CA PHE G 101 -29.56 -12.67 64.19
C PHE G 101 -31.06 -12.68 64.48
N ALA G 102 -31.86 -12.33 63.46
CA ALA G 102 -33.32 -12.26 63.53
C ALA G 102 -33.74 -11.42 64.72
N PRO G 103 -33.57 -10.09 64.65
CA PRO G 103 -33.88 -9.25 65.82
C PRO G 103 -35.33 -9.34 66.22
N THR G 104 -35.57 -9.41 67.53
CA THR G 104 -36.92 -9.61 68.04
C THR G 104 -37.75 -8.36 67.82
N LYS G 105 -38.91 -8.53 67.19
CA LYS G 105 -39.80 -7.42 66.89
C LYS G 105 -40.89 -7.29 67.94
N THR G 106 -41.51 -6.11 67.97
CA THR G 106 -42.60 -5.85 68.91
C THR G 106 -43.88 -6.57 68.53
N TRP G 107 -44.05 -6.92 67.25
CA TRP G 107 -45.31 -7.46 66.75
C TRP G 107 -45.31 -8.99 66.72
N ARG G 108 -44.61 -9.63 67.64
CA ARG G 108 -44.74 -11.07 67.82
C ARG G 108 -46.11 -11.39 68.40
N ARG G 109 -46.59 -12.61 68.15
CA ARG G 109 -47.89 -13.04 68.66
C ARG G 109 -47.79 -13.30 70.15
N TRP G 110 -47.90 -12.23 70.95
CA TRP G 110 -47.79 -12.37 72.41
C TRP G 110 -49.04 -13.00 73.01
N HIS G 111 -50.21 -12.61 72.53
CA HIS G 111 -51.47 -13.02 73.11
C HIS G 111 -52.06 -14.20 72.35
N ARG G 112 -52.69 -15.11 73.11
CA ARG G 112 -53.40 -16.25 72.57
C ARG G 112 -54.84 -16.20 73.04
N ARG G 113 -55.77 -16.36 72.09
CA ARG G 113 -57.19 -16.37 72.39
C ARG G 113 -57.70 -17.80 72.41
N VAL G 114 -58.47 -18.13 73.43
CA VAL G 114 -59.05 -19.46 73.60
C VAL G 114 -60.56 -19.31 73.56
N ASN G 115 -61.23 -20.34 73.02
CA ASN G 115 -62.68 -20.32 72.92
C ASN G 115 -63.32 -20.22 74.29
N THR G 116 -64.44 -19.50 74.36
CA THR G 116 -65.11 -19.27 75.64
C THR G 116 -65.61 -20.57 76.25
N THR G 117 -66.12 -21.49 75.43
CA THR G 117 -66.52 -22.80 75.94
C THR G 117 -65.33 -23.56 76.49
N GLN G 118 -64.17 -23.49 75.84
CA GLN G 118 -62.97 -24.12 76.36
C GLN G 118 -62.48 -23.44 77.63
N LYS G 119 -62.56 -22.11 77.69
CA LYS G 119 -62.19 -21.41 78.92
C LYS G 119 -63.16 -21.72 80.05
N ARG G 120 -64.44 -21.89 79.73
CA ARG G 120 -65.41 -22.33 80.73
C ARG G 120 -65.31 -23.82 81.01
N TYR G 121 -64.64 -24.59 80.14
CA TYR G 121 -64.48 -26.02 80.38
C TYR G 121 -63.47 -26.30 81.47
N ALA G 122 -62.35 -25.58 81.47
CA ALA G 122 -61.28 -25.84 82.44
C ALA G 122 -61.68 -25.38 83.83
N ILE G 123 -62.48 -24.32 83.94
CA ILE G 123 -62.90 -23.85 85.26
C ILE G 123 -63.91 -24.80 85.89
N CYS G 124 -64.69 -25.52 85.09
CA CYS G 124 -65.56 -26.55 85.65
C CYS G 124 -64.74 -27.72 86.18
N SER G 125 -63.66 -28.09 85.48
CA SER G 125 -62.76 -29.13 85.95
C SER G 125 -61.88 -28.65 87.09
N ALA G 126 -61.59 -27.35 87.18
CA ALA G 126 -60.79 -26.84 88.29
C ALA G 126 -61.59 -26.83 89.58
N LEU G 127 -62.87 -26.42 89.51
CA LEU G 127 -63.72 -26.42 90.69
C LEU G 127 -64.08 -27.83 91.13
N ALA G 128 -64.29 -28.75 90.19
CA ALA G 128 -64.59 -30.13 90.52
C ALA G 128 -63.38 -30.86 91.09
N ALA G 129 -62.17 -30.37 90.82
CA ALA G 129 -60.95 -30.93 91.40
C ALA G 129 -60.58 -30.29 92.72
N SER G 130 -61.31 -29.26 93.16
CA SER G 130 -61.16 -28.75 94.50
C SER G 130 -61.74 -29.70 95.54
N ALA G 131 -62.67 -30.57 95.14
CA ALA G 131 -63.08 -31.72 95.93
C ALA G 131 -62.10 -32.86 95.66
N LEU G 132 -62.46 -34.09 96.04
CA LEU G 132 -61.61 -35.28 95.86
C LEU G 132 -60.25 -35.06 96.51
N PRO G 133 -60.16 -35.17 97.84
CA PRO G 133 -58.96 -34.69 98.56
C PRO G 133 -57.66 -35.33 98.12
N ALA G 134 -57.69 -36.47 97.42
CA ALA G 134 -56.47 -37.01 96.85
C ALA G 134 -55.84 -36.03 95.87
N LEU G 135 -56.65 -35.21 95.21
CA LEU G 135 -56.11 -34.17 94.33
C LEU G 135 -55.45 -33.04 95.12
N VAL G 136 -56.06 -32.66 96.25
CA VAL G 136 -55.59 -31.49 97.00
C VAL G 136 -54.24 -31.79 97.65
N MET G 137 -54.09 -32.96 98.25
CA MET G 137 -52.81 -33.35 98.84
C MET G 137 -51.73 -33.54 97.79
N SER G 138 -52.11 -34.05 96.60
CA SER G 138 -51.15 -34.20 95.51
C SER G 138 -50.60 -32.86 95.06
N LYS G 139 -51.34 -31.77 95.29
CA LYS G 139 -50.77 -30.44 95.09
C LYS G 139 -49.78 -30.09 96.19
N GLY G 140 -50.02 -30.58 97.41
CA GLY G 140 -49.09 -30.36 98.51
C GLY G 140 -49.71 -29.70 99.72
N HIS G 141 -50.98 -29.34 99.62
CA HIS G 141 -51.65 -28.62 100.71
C HIS G 141 -51.84 -29.53 101.93
N ARG G 142 -51.71 -28.94 103.11
CA ARG G 142 -51.90 -29.65 104.38
C ARG G 142 -53.39 -29.62 104.73
N ILE G 143 -54.08 -30.73 104.51
CA ILE G 143 -55.51 -30.81 104.69
C ILE G 143 -55.90 -31.75 105.84
N GLU G 144 -54.93 -32.44 106.47
CA GLU G 144 -55.20 -33.55 107.38
C GLU G 144 -56.13 -33.17 108.53
N GLU G 145 -56.14 -31.90 108.94
CA GLU G 145 -56.93 -31.45 110.07
C GLU G 145 -58.19 -30.72 109.66
N VAL G 146 -58.43 -30.54 108.36
CA VAL G 146 -59.64 -29.85 107.90
C VAL G 146 -60.85 -30.75 108.13
N PRO G 147 -61.90 -30.28 108.82
CA PRO G 147 -63.06 -31.15 109.07
C PRO G 147 -63.80 -31.55 107.80
N GLU G 148 -63.84 -30.71 106.78
CA GLU G 148 -64.49 -31.05 105.53
C GLU G 148 -63.90 -30.20 104.42
N LEU G 149 -63.55 -30.84 103.31
CA LEU G 149 -62.84 -30.17 102.21
C LEU G 149 -63.69 -29.06 101.58
N PRO G 150 -64.99 -29.28 101.22
CA PRO G 150 -65.78 -28.14 100.75
C PRO G 150 -66.13 -27.21 101.91
N LEU G 151 -65.17 -26.38 102.31
CA LEU G 151 -65.33 -25.50 103.46
C LEU G 151 -66.31 -24.39 103.10
N VAL G 152 -67.52 -24.45 103.69
CA VAL G 152 -68.53 -23.41 103.54
C VAL G 152 -68.70 -22.74 104.90
N VAL G 153 -68.55 -21.42 104.92
CA VAL G 153 -68.70 -20.66 106.14
C VAL G 153 -69.85 -19.67 105.98
N GLU G 154 -70.19 -18.96 107.05
CA GLU G 154 -71.32 -18.05 107.01
C GLU G 154 -70.96 -16.77 106.25
N ASP G 155 -71.95 -15.90 106.10
CA ASP G 155 -71.76 -14.60 105.46
C ASP G 155 -71.22 -13.56 106.43
N LYS G 156 -71.04 -13.93 107.70
CA LYS G 156 -70.41 -13.02 108.66
C LYS G 156 -68.94 -12.80 108.34
N VAL G 157 -68.32 -13.74 107.62
CA VAL G 157 -66.93 -13.60 107.20
C VAL G 157 -66.77 -12.41 106.26
N GLU G 158 -67.80 -12.09 105.49
CA GLU G 158 -67.76 -10.91 104.63
C GLU G 158 -67.62 -9.63 105.44
N GLY G 159 -68.23 -9.60 106.63
CA GLY G 159 -68.24 -8.42 107.46
C GLY G 159 -67.00 -8.17 108.29
N TYR G 160 -65.99 -9.04 108.21
CA TYR G 160 -64.76 -8.82 108.94
C TYR G 160 -63.96 -7.68 108.33
N LYS G 161 -63.21 -6.97 109.18
CA LYS G 161 -62.43 -5.83 108.75
C LYS G 161 -60.97 -5.86 109.20
N LYS G 162 -60.60 -6.73 110.15
CA LYS G 162 -59.24 -6.80 110.64
C LYS G 162 -58.65 -8.17 110.33
N THR G 163 -57.32 -8.19 110.16
CA THR G 163 -56.62 -9.43 109.85
C THR G 163 -56.40 -10.31 111.08
N LYS G 164 -56.59 -9.79 112.29
CA LYS G 164 -56.38 -10.58 113.49
C LYS G 164 -57.41 -11.72 113.58
N GLU G 165 -58.68 -11.41 113.32
CA GLU G 165 -59.71 -12.44 113.29
C GLU G 165 -59.67 -13.27 112.01
N ALA G 166 -59.10 -12.74 110.92
CA ALA G 166 -58.93 -13.55 109.72
C ALA G 166 -57.89 -14.64 109.95
N VAL G 167 -56.83 -14.32 110.71
CA VAL G 167 -55.87 -15.35 111.10
C VAL G 167 -56.52 -16.35 112.05
N LEU G 168 -57.32 -15.86 113.00
CA LEU G 168 -58.02 -16.73 113.94
C LEU G 168 -59.06 -17.60 113.26
N LEU G 169 -59.69 -17.11 112.19
CA LEU G 169 -60.66 -17.92 111.46
C LEU G 169 -60.02 -19.14 110.82
N LEU G 170 -58.82 -18.97 110.25
CA LEU G 170 -58.15 -20.08 109.57
C LEU G 170 -57.67 -21.12 110.57
N LYS G 171 -57.29 -20.71 111.78
CA LYS G 171 -56.85 -21.66 112.79
C LYS G 171 -58.01 -22.52 113.28
N LYS G 172 -59.19 -21.91 113.48
CA LYS G 172 -60.35 -22.66 113.91
C LYS G 172 -60.88 -23.58 112.82
N LEU G 173 -60.60 -23.29 111.56
CA LEU G 173 -60.88 -24.20 110.46
C LEU G 173 -59.74 -25.17 110.21
N LYS G 174 -58.65 -25.06 110.98
CA LYS G 174 -57.47 -25.91 110.87
C LYS G 174 -56.83 -25.84 109.49
N ALA G 175 -56.97 -24.69 108.82
CA ALA G 175 -56.34 -24.46 107.52
C ALA G 175 -55.14 -23.53 107.62
N TRP G 176 -54.72 -23.18 108.84
CA TRP G 176 -53.58 -22.28 109.01
C TRP G 176 -52.26 -22.95 108.67
N ASN G 177 -52.20 -24.28 108.69
CA ASN G 177 -50.97 -25.00 108.39
C ASN G 177 -50.49 -24.77 106.96
N ASP G 178 -51.40 -24.52 106.02
CA ASP G 178 -50.98 -24.17 104.66
C ASP G 178 -50.22 -22.85 104.64
N ILE G 179 -50.72 -21.85 105.36
CA ILE G 179 -50.01 -20.58 105.49
C ILE G 179 -48.71 -20.79 106.25
N LYS G 180 -48.74 -21.64 107.28
CA LYS G 180 -47.53 -22.00 108.00
C LYS G 180 -46.52 -22.70 107.10
N LYS G 181 -47.02 -23.50 106.14
CA LYS G 181 -46.15 -24.08 105.13
C LYS G 181 -45.66 -23.04 104.13
N VAL G 182 -46.49 -22.04 103.84
CA VAL G 182 -46.10 -20.97 102.92
C VAL G 182 -44.98 -20.12 103.52
N TYR G 183 -45.05 -19.86 104.82
CA TYR G 183 -44.05 -19.02 105.49
C TYR G 183 -42.67 -19.65 105.44
N ALA G 184 -42.57 -20.97 105.59
CA ALA G 184 -41.29 -21.65 105.54
C ALA G 184 -40.74 -21.77 104.11
N SER G 185 -41.56 -21.47 103.10
CA SER G 185 -41.17 -21.60 101.70
C SER G 185 -40.82 -20.24 101.07
N GLN G 186 -40.54 -19.23 101.89
CA GLN G 186 -40.16 -17.91 101.39
C GLN G 186 -38.64 -17.85 101.29
N ARG G 187 -38.14 -17.75 100.07
CA ARG G 187 -36.69 -17.76 99.83
C ARG G 187 -36.38 -16.97 98.58
N MET G 188 -35.10 -16.75 98.35
CA MET G 188 -34.65 -16.01 97.17
C MET G 188 -34.88 -16.82 95.91
N ARG G 189 -35.31 -16.14 94.85
CA ARG G 189 -35.50 -16.79 93.56
C ARG G 189 -34.15 -17.13 92.93
N ALA G 190 -34.07 -18.32 92.36
CA ALA G 190 -32.84 -18.72 91.66
C ALA G 190 -32.81 -18.09 90.27
N GLY G 191 -31.64 -17.61 89.89
CA GLY G 191 -31.44 -17.05 88.56
C GLY G 191 -31.29 -15.54 88.56
N LYS G 192 -31.52 -14.97 87.38
CA LYS G 192 -31.39 -13.53 87.16
C LYS G 192 -32.69 -12.77 87.43
N GLY G 193 -33.73 -13.45 87.89
CA GLY G 193 -34.99 -12.78 88.14
C GLY G 193 -34.99 -11.87 89.36
N LYS G 194 -33.99 -11.99 90.23
CA LYS G 194 -33.96 -11.16 91.43
C LYS G 194 -33.71 -9.70 91.08
N MET G 195 -32.88 -9.45 90.08
CA MET G 195 -32.58 -8.09 89.63
C MET G 195 -33.56 -7.60 88.56
N ARG G 196 -34.70 -8.27 88.42
CA ARG G 196 -35.78 -7.88 87.52
C ARG G 196 -37.10 -7.83 88.27
N ASN G 197 -37.07 -7.32 89.50
CA ASN G 197 -38.25 -7.12 90.35
C ASN G 197 -39.01 -8.42 90.62
N ARG G 198 -38.29 -9.53 90.74
CA ARG G 198 -38.83 -10.83 91.12
C ARG G 198 -37.95 -11.47 92.19
N ARG G 199 -37.62 -10.69 93.21
CA ARG G 199 -36.62 -11.09 94.21
C ARG G 199 -37.08 -12.30 95.02
N ARG G 200 -38.34 -12.33 95.42
CA ARG G 200 -38.83 -13.34 96.35
C ARG G 200 -39.90 -14.21 95.71
N ILE G 201 -39.92 -15.48 96.12
CA ILE G 201 -40.93 -16.43 95.68
C ILE G 201 -41.44 -17.18 96.92
N GLN G 202 -42.66 -17.69 96.81
CA GLN G 202 -43.27 -18.41 97.92
C GLN G 202 -44.37 -19.32 97.38
N ARG G 203 -44.72 -20.30 98.20
CA ARG G 203 -45.85 -21.18 97.90
C ARG G 203 -47.17 -20.40 97.94
N ARG G 204 -48.09 -20.76 97.06
CA ARG G 204 -49.43 -20.21 97.11
C ARG G 204 -50.24 -20.91 98.18
N GLY G 205 -51.17 -20.19 98.79
CA GLY G 205 -51.94 -20.70 99.89
C GLY G 205 -53.40 -20.92 99.56
N PRO G 206 -54.24 -21.06 100.59
CA PRO G 206 -55.67 -21.31 100.37
C PRO G 206 -56.36 -20.09 99.78
N CYS G 207 -57.02 -20.27 98.65
CA CYS G 207 -57.79 -19.20 98.03
C CYS G 207 -59.18 -19.15 98.65
N VAL G 208 -59.67 -17.94 98.88
CA VAL G 208 -60.99 -17.72 99.49
C VAL G 208 -61.89 -17.12 98.42
N ILE G 209 -63.04 -17.76 98.19
CA ILE G 209 -64.00 -17.32 97.19
C ILE G 209 -65.10 -16.55 97.93
N TYR G 210 -65.21 -15.26 97.63
CA TYR G 210 -66.19 -14.39 98.26
C TYR G 210 -67.20 -13.90 97.23
N ASN G 211 -68.41 -13.64 97.70
CA ASN G 211 -69.51 -13.21 96.84
C ASN G 211 -69.76 -11.71 96.89
N GLU G 212 -69.71 -11.11 98.07
CA GLU G 212 -69.93 -9.68 98.24
C GLU G 212 -68.69 -9.06 98.86
N ASP G 213 -68.28 -7.90 98.36
CA ASP G 213 -67.15 -7.18 98.93
C ASP G 213 -67.62 -6.33 100.11
N ASN G 214 -67.29 -6.78 101.33
CA ASN G 214 -67.69 -6.06 102.53
C ASN G 214 -66.55 -5.99 103.53
N GLY G 215 -65.31 -6.17 103.09
CA GLY G 215 -64.15 -6.18 103.96
C GLY G 215 -63.42 -7.50 104.02
N ILE G 216 -63.92 -8.55 103.35
CA ILE G 216 -63.20 -9.82 103.32
C ILE G 216 -61.90 -9.71 102.53
N VAL G 217 -61.86 -8.87 101.49
CA VAL G 217 -60.60 -8.58 100.82
C VAL G 217 -59.68 -7.82 101.75
N LYS G 218 -60.24 -6.91 102.56
CA LYS G 218 -59.46 -6.12 103.49
C LYS G 218 -58.81 -6.97 104.57
N ALA G 219 -59.40 -8.14 104.90
CA ALA G 219 -58.89 -8.98 105.97
C ALA G 219 -57.83 -9.95 105.45
N PHE G 220 -58.18 -10.77 104.46
CA PHE G 220 -57.25 -11.75 103.91
C PHE G 220 -56.35 -11.14 102.85
N ARG G 221 -55.57 -10.14 103.28
CA ARG G 221 -54.77 -9.30 102.39
C ARG G 221 -53.28 -9.38 102.67
N ASN G 222 -52.87 -9.27 103.93
CA ASN G 222 -51.46 -9.37 104.29
C ASN G 222 -51.00 -10.79 104.57
N ILE G 223 -51.93 -11.72 104.83
CA ILE G 223 -51.54 -13.09 105.15
C ILE G 223 -51.15 -13.76 103.84
N PRO G 224 -49.92 -14.26 103.72
CA PRO G 224 -49.41 -14.68 102.41
C PRO G 224 -50.09 -15.93 101.88
N GLY G 225 -50.30 -15.94 100.55
CA GLY G 225 -50.80 -17.09 99.84
C GLY G 225 -52.28 -17.06 99.52
N ILE G 226 -53.06 -16.24 100.22
CA ILE G 226 -54.51 -16.21 100.03
C ILE G 226 -54.84 -15.23 98.90
N THR G 227 -55.52 -15.73 97.87
CA THR G 227 -56.01 -14.93 96.76
C THR G 227 -57.53 -14.89 96.79
N LEU G 228 -58.09 -13.69 96.69
CA LEU G 228 -59.53 -13.50 96.75
C LEU G 228 -60.12 -13.54 95.34
N LEU G 229 -61.08 -14.44 95.13
CA LEU G 229 -61.76 -14.60 93.85
C LEU G 229 -63.23 -14.26 94.01
N ASN G 230 -63.72 -13.35 93.19
CA ASN G 230 -65.15 -13.11 93.12
C ASN G 230 -65.85 -14.30 92.46
N VAL G 231 -67.09 -14.54 92.89
CA VAL G 231 -67.85 -15.66 92.33
C VAL G 231 -68.14 -15.42 90.86
N THR G 232 -68.59 -14.21 90.51
CA THR G 232 -68.86 -13.89 89.12
C THR G 232 -67.60 -13.64 88.32
N LYS G 233 -66.46 -13.47 88.98
CA LYS G 233 -65.21 -13.18 88.29
C LYS G 233 -64.13 -14.19 88.64
N LEU G 234 -64.48 -15.47 88.64
CA LEU G 234 -63.51 -16.52 88.93
C LEU G 234 -62.49 -16.62 87.81
N ASN G 235 -61.26 -16.98 88.20
CA ASN G 235 -60.12 -16.99 87.27
C ASN G 235 -59.51 -18.38 87.25
N ILE G 236 -59.21 -18.87 86.04
CA ILE G 236 -58.56 -20.16 85.88
C ILE G 236 -57.09 -20.10 86.25
N LEU G 237 -56.47 -18.92 86.14
CA LEU G 237 -55.04 -18.78 86.45
C LEU G 237 -54.75 -18.87 87.94
N LYS G 238 -55.75 -18.69 88.79
CA LYS G 238 -55.58 -18.85 90.23
C LYS G 238 -56.26 -20.08 90.80
N LEU G 239 -57.32 -20.57 90.14
CA LEU G 239 -57.94 -21.82 90.54
C LEU G 239 -57.10 -23.04 90.19
N ALA G 240 -56.15 -22.89 89.27
CA ALA G 240 -55.25 -23.97 88.88
C ALA G 240 -53.89 -23.37 88.51
N PRO G 241 -53.08 -23.01 89.52
CA PRO G 241 -51.78 -22.42 89.23
C PRO G 241 -50.81 -23.47 88.70
N GLY G 242 -50.04 -23.10 87.68
CA GLY G 242 -49.06 -23.99 87.12
C GLY G 242 -49.63 -25.09 86.24
N GLY G 243 -50.89 -25.00 85.86
CA GLY G 243 -51.49 -26.04 85.05
C GLY G 243 -51.88 -27.29 85.79
N HIS G 244 -51.93 -27.24 87.13
CA HIS G 244 -52.30 -28.37 87.95
C HIS G 244 -53.64 -28.09 88.60
N VAL G 245 -54.54 -29.07 88.56
CA VAL G 245 -55.93 -28.85 88.95
C VAL G 245 -56.14 -28.76 90.46
N GLY G 246 -55.20 -29.28 91.26
CA GLY G 246 -55.38 -29.25 92.71
C GLY G 246 -55.23 -27.86 93.28
N ARG G 247 -56.21 -27.48 94.11
CA ARG G 247 -56.18 -26.18 94.79
C ARG G 247 -57.16 -26.24 95.96
N PHE G 248 -56.67 -25.91 97.16
CA PHE G 248 -57.51 -25.90 98.33
C PHE G 248 -58.29 -24.59 98.39
N CYS G 249 -59.61 -24.69 98.53
CA CYS G 249 -60.50 -23.55 98.35
C CYS G 249 -61.29 -23.29 99.62
N ILE G 250 -61.62 -22.01 99.85
CA ILE G 250 -62.48 -21.59 100.94
C ILE G 250 -63.70 -20.91 100.35
N TRP G 251 -64.89 -21.36 100.75
CA TRP G 251 -66.14 -20.83 100.24
C TRP G 251 -66.98 -20.26 101.38
N THR G 252 -67.76 -19.23 101.05
CA THR G 252 -68.75 -18.71 101.99
C THR G 252 -70.13 -19.26 101.63
N GLU G 253 -71.12 -18.93 102.48
CA GLU G 253 -72.46 -19.44 102.27
C GLU G 253 -73.10 -18.87 101.01
N SER G 254 -72.91 -17.58 100.76
CA SER G 254 -73.45 -16.98 99.54
C SER G 254 -72.69 -17.44 98.31
N ALA G 255 -71.37 -17.64 98.43
CA ALA G 255 -70.57 -18.09 97.30
C ALA G 255 -70.93 -19.51 96.90
N PHE G 256 -71.19 -20.38 97.88
CA PHE G 256 -71.41 -21.80 97.61
C PHE G 256 -72.77 -22.07 96.99
N ARG G 257 -73.78 -21.25 97.33
CA ARG G 257 -75.10 -21.42 96.72
C ARG G 257 -75.20 -20.79 95.33
N LYS G 258 -74.20 -20.01 94.92
CA LYS G 258 -74.26 -19.38 93.60
C LYS G 258 -73.64 -20.25 92.52
N LEU G 259 -73.00 -21.36 92.89
CA LEU G 259 -72.37 -22.22 91.90
C LEU G 259 -73.38 -22.90 91.00
N ASP G 260 -74.52 -23.32 91.54
CA ASP G 260 -75.58 -23.88 90.71
C ASP G 260 -76.46 -22.81 90.08
N ASP G 261 -76.22 -21.54 90.37
CA ASP G 261 -76.84 -20.43 89.68
C ASP G 261 -75.92 -19.85 88.60
N LEU G 262 -74.63 -20.15 88.66
CA LEU G 262 -73.70 -19.77 87.60
C LEU G 262 -73.65 -20.78 86.47
N TYR G 263 -73.67 -22.08 86.78
CA TYR G 263 -73.61 -23.12 85.77
C TYR G 263 -74.81 -24.06 85.77
N GLY G 264 -75.47 -24.30 86.89
CA GLY G 264 -76.62 -25.18 86.93
C GLY G 264 -76.22 -26.64 87.01
N THR G 265 -77.24 -27.49 86.83
CA THR G 265 -77.04 -28.93 86.70
C THR G 265 -77.11 -29.32 85.23
N TRP G 266 -77.06 -30.62 84.95
CA TRP G 266 -77.19 -31.08 83.57
C TRP G 266 -78.60 -30.94 83.02
N ARG G 267 -79.61 -30.89 83.88
CA ARG G 267 -81.00 -30.78 83.45
C ARG G 267 -81.55 -29.37 83.55
N LYS G 268 -80.69 -28.40 83.86
CA LYS G 268 -81.09 -26.99 83.94
C LYS G 268 -80.06 -26.15 83.20
N ALA G 269 -80.50 -24.98 82.74
CA ALA G 269 -79.61 -24.05 82.06
C ALA G 269 -78.73 -23.33 83.08
N ALA G 270 -77.85 -22.47 82.57
CA ALA G 270 -76.96 -21.72 83.44
C ALA G 270 -77.73 -20.72 84.30
N SER G 271 -78.75 -20.08 83.71
CA SER G 271 -79.65 -19.12 84.36
C SER G 271 -78.95 -17.82 84.75
N LEU G 272 -77.63 -17.72 84.51
CA LEU G 272 -76.93 -16.44 84.57
C LEU G 272 -76.04 -16.19 83.37
N LYS G 273 -75.52 -17.22 82.72
CA LYS G 273 -74.96 -17.11 81.39
C LYS G 273 -76.04 -17.45 80.38
N SER G 274 -75.91 -16.89 79.18
CA SER G 274 -76.99 -16.97 78.19
C SER G 274 -77.21 -18.40 77.70
N ASN G 275 -76.20 -19.00 77.09
CA ASN G 275 -76.30 -20.32 76.47
C ASN G 275 -75.16 -21.19 76.97
N TYR G 276 -75.40 -21.88 78.10
CA TYR G 276 -74.41 -22.81 78.61
C TYR G 276 -75.11 -23.88 79.44
N ASN G 277 -74.64 -25.11 79.29
CA ASN G 277 -75.01 -26.22 80.17
C ASN G 277 -73.74 -27.03 80.41
N LEU G 278 -73.78 -27.85 81.46
CA LEU G 278 -72.61 -28.66 81.80
C LEU G 278 -72.31 -29.68 80.72
N PRO G 279 -71.03 -29.90 80.42
CA PRO G 279 -70.67 -30.85 79.36
C PRO G 279 -71.02 -32.28 79.73
N MET G 280 -71.25 -33.08 78.69
CA MET G 280 -71.63 -34.47 78.89
C MET G 280 -70.42 -35.30 79.28
N HIS G 281 -70.62 -36.19 80.25
CA HIS G 281 -69.56 -37.11 80.64
C HIS G 281 -69.31 -38.13 79.54
N LYS G 282 -68.03 -38.33 79.20
CA LYS G 282 -67.67 -39.36 78.23
C LYS G 282 -67.94 -40.75 78.77
N MET G 283 -67.77 -40.95 80.07
CA MET G 283 -68.07 -42.21 80.73
C MET G 283 -68.48 -41.92 82.17
N LEU G 284 -69.44 -42.70 82.66
CA LEU G 284 -70.01 -42.48 83.98
C LEU G 284 -69.30 -43.29 85.06
N ASN G 285 -69.27 -44.62 84.91
CA ASN G 285 -68.59 -45.49 85.88
C ASN G 285 -67.10 -45.40 85.65
N THR G 286 -66.47 -44.37 86.25
CA THR G 286 -65.04 -44.16 86.05
C THR G 286 -64.20 -45.23 86.74
N ASP G 287 -64.65 -45.74 87.88
CA ASP G 287 -63.93 -46.78 88.60
C ASP G 287 -64.09 -48.10 87.84
N LEU G 288 -63.06 -48.47 87.07
CA LEU G 288 -63.10 -49.70 86.29
C LEU G 288 -62.73 -50.93 87.10
N SER G 289 -62.28 -50.77 88.34
CA SER G 289 -62.02 -51.92 89.19
C SER G 289 -63.31 -52.68 89.52
N ARG G 290 -64.44 -51.99 89.54
CA ARG G 290 -65.74 -52.61 89.76
C ARG G 290 -66.35 -53.12 88.48
N ILE G 291 -66.02 -52.51 87.34
CA ILE G 291 -66.53 -52.98 86.06
C ILE G 291 -65.88 -54.31 85.68
N LEU G 292 -64.57 -54.41 85.85
CA LEU G 292 -63.87 -55.67 85.58
C LEU G 292 -64.21 -56.76 86.58
N LYS G 293 -64.60 -56.38 87.80
CA LYS G 293 -64.99 -57.34 88.81
C LYS G 293 -66.49 -57.61 88.83
N SER G 294 -67.24 -57.00 87.90
CA SER G 294 -68.67 -57.24 87.83
C SER G 294 -68.95 -58.67 87.37
N PRO G 295 -69.87 -59.38 88.02
CA PRO G 295 -70.11 -60.79 87.67
C PRO G 295 -70.60 -61.01 86.25
N GLU G 296 -71.29 -60.04 85.64
CA GLU G 296 -71.76 -60.21 84.28
C GLU G 296 -70.63 -60.10 83.25
N ILE G 297 -69.51 -59.50 83.61
CA ILE G 297 -68.36 -59.47 82.71
C ILE G 297 -67.49 -60.70 82.90
N GLN G 298 -67.24 -61.09 84.16
CA GLN G 298 -66.47 -62.29 84.46
C GLN G 298 -67.12 -63.55 83.90
N ARG G 299 -68.45 -63.55 83.73
CA ARG G 299 -69.12 -64.68 83.11
C ARG G 299 -68.71 -64.85 81.66
N ALA G 300 -68.55 -63.75 80.93
CA ALA G 300 -68.22 -63.79 79.52
C ALA G 300 -66.73 -63.94 79.24
N LEU G 301 -65.87 -63.76 80.24
CA LEU G 301 -64.44 -63.89 80.01
C LEU G 301 -64.04 -65.35 79.88
N ARG G 302 -62.94 -65.57 79.16
CA ARG G 302 -62.37 -66.90 79.04
C ARG G 302 -61.40 -67.16 80.19
N ALA G 303 -60.89 -68.39 80.23
CA ALA G 303 -59.88 -68.73 81.22
C ALA G 303 -58.58 -67.99 80.91
N PRO G 304 -57.93 -67.39 81.90
CA PRO G 304 -56.67 -66.67 81.66
C PRO G 304 -55.53 -67.65 81.41
N ARG G 305 -54.46 -67.14 80.81
CA ARG G 305 -53.26 -67.91 80.51
C ARG G 305 -52.09 -67.23 81.24
N LYS G 306 -51.87 -67.62 82.50
CA LYS G 306 -50.88 -66.97 83.35
C LYS G 306 -49.63 -67.82 83.56
N LYS G 307 -49.53 -68.98 82.93
CA LYS G 307 -48.33 -69.80 83.05
C LYS G 307 -47.26 -69.24 82.13
N ILE G 308 -46.06 -69.02 82.66
CA ILE G 308 -45.01 -68.35 81.91
C ILE G 308 -44.23 -69.41 81.12
N HIS G 309 -43.96 -69.10 79.85
CA HIS G 309 -43.50 -70.07 78.86
C HIS G 309 -42.17 -69.58 78.28
N ARG G 310 -41.07 -70.04 78.88
CA ARG G 310 -39.76 -69.53 78.54
C ARG G 310 -39.10 -70.37 77.45
N ARG G 311 -37.89 -69.97 77.05
CA ARG G 311 -37.18 -70.60 75.95
C ARG G 311 -36.67 -71.98 76.38
N VAL G 312 -37.05 -73.00 75.62
CA VAL G 312 -36.56 -74.35 75.87
C VAL G 312 -35.24 -74.54 75.14
N LEU G 313 -34.25 -75.11 75.84
CA LEU G 313 -32.97 -75.41 75.22
C LEU G 313 -33.12 -76.64 74.33
N LYS G 314 -32.63 -76.54 73.09
CA LYS G 314 -32.77 -77.60 72.12
C LYS G 314 -31.60 -78.56 72.25
N LYS G 315 -31.87 -79.77 72.73
CA LYS G 315 -30.85 -80.80 72.87
C LYS G 315 -30.87 -81.70 71.64
N ASN G 316 -29.68 -82.09 71.20
CA ASN G 316 -29.55 -82.89 69.98
C ASN G 316 -30.09 -84.30 70.23
N PRO G 317 -31.12 -84.75 69.51
CA PRO G 317 -31.60 -86.12 69.71
C PRO G 317 -30.61 -87.19 69.30
N LEU G 318 -29.66 -86.87 68.42
CA LEU G 318 -28.68 -87.86 67.98
C LEU G 318 -27.67 -88.20 69.07
N LYS G 319 -27.41 -87.27 69.98
CA LYS G 319 -26.48 -87.49 71.08
C LYS G 319 -27.18 -87.69 72.42
N ASN G 320 -28.37 -87.13 72.58
CA ASN G 320 -29.14 -87.25 73.81
C ASN G 320 -30.16 -88.38 73.65
N LEU G 321 -30.07 -89.39 74.51
CA LEU G 321 -30.82 -90.62 74.31
C LEU G 321 -32.31 -90.43 74.61
N ARG G 322 -32.63 -89.78 75.72
CA ARG G 322 -34.03 -89.67 76.11
C ARG G 322 -34.71 -88.42 75.56
N ILE G 323 -33.95 -87.50 74.97
CA ILE G 323 -34.56 -86.54 74.05
C ILE G 323 -34.97 -87.23 72.75
N MET G 324 -34.13 -88.17 72.28
CA MET G 324 -34.49 -89.02 71.15
C MET G 324 -35.75 -89.83 71.46
N LEU G 325 -35.86 -90.36 72.68
CA LEU G 325 -37.01 -91.17 73.05
C LEU G 325 -38.27 -90.35 73.28
N LYS G 326 -38.14 -89.07 73.58
CA LYS G 326 -39.32 -88.20 73.67
C LYS G 326 -39.98 -88.03 72.31
N LEU G 327 -39.19 -87.93 71.25
CA LEU G 327 -39.72 -87.69 69.92
C LEU G 327 -40.03 -88.98 69.18
N ASN G 328 -39.43 -90.10 69.56
CA ASN G 328 -39.66 -91.37 68.88
C ASN G 328 -39.37 -92.54 69.82
N PRO G 329 -40.40 -93.19 70.37
CA PRO G 329 -40.16 -94.36 71.23
C PRO G 329 -39.63 -95.58 70.49
N TYR G 330 -39.70 -95.62 69.16
CA TYR G 330 -39.12 -96.73 68.42
C TYR G 330 -37.60 -96.71 68.44
N ALA G 331 -36.99 -95.58 68.77
CA ALA G 331 -35.53 -95.53 68.86
C ALA G 331 -34.98 -96.34 70.02
N LYS G 332 -35.83 -96.68 71.00
CA LYS G 332 -35.37 -97.52 72.10
C LYS G 332 -35.03 -98.93 71.63
N THR G 333 -35.95 -99.56 70.88
CA THR G 333 -35.68 -100.88 70.34
C THR G 333 -34.68 -100.82 69.19
N MET G 334 -34.73 -99.76 68.39
CA MET G 334 -33.73 -99.56 67.34
C MET G 334 -32.33 -99.37 67.90
N ARG G 335 -32.22 -98.91 69.15
CA ARG G 335 -30.93 -98.92 69.85
C ARG G 335 -30.74 -100.22 70.62
N ARG G 336 -31.81 -100.86 71.07
CA ARG G 336 -31.71 -102.19 71.67
C ARG G 336 -31.28 -103.21 70.61
N ASN G 337 -31.93 -103.19 69.44
CA ASN G 337 -31.37 -103.87 68.28
C ASN G 337 -30.18 -103.09 67.76
N THR G 338 -29.43 -103.72 66.85
CA THR G 338 -28.09 -103.28 66.43
C THR G 338 -27.16 -103.17 67.64
N ILE G 339 -27.47 -103.88 68.71
CA ILE G 339 -26.58 -104.13 69.83
C ILE G 339 -26.45 -105.62 70.11
N LEU G 340 -27.58 -106.31 70.24
CA LEU G 340 -27.56 -107.77 70.29
C LEU G 340 -27.01 -108.36 68.99
N ARG G 341 -27.44 -107.81 67.86
CA ARG G 341 -26.96 -108.31 66.57
C ARG G 341 -25.46 -108.07 66.40
N GLN G 342 -24.98 -106.89 66.80
CA GLN G 342 -23.54 -106.63 66.74
C GLN G 342 -22.78 -107.46 67.75
N ALA G 343 -23.36 -107.70 68.93
CA ALA G 343 -22.72 -108.58 69.90
C ALA G 343 -22.76 -110.04 69.45
N ARG G 344 -23.88 -110.47 68.85
CA ARG G 344 -23.95 -111.84 68.37
C ARG G 344 -22.97 -112.08 67.22
N ASN G 345 -22.98 -111.21 66.21
CA ASN G 345 -22.05 -111.34 65.09
C ASN G 345 -20.60 -111.18 65.52
N HIS G 346 -20.35 -110.51 66.65
CA HIS G 346 -19.00 -110.49 67.19
C HIS G 346 -18.63 -111.84 67.80
N LYS G 347 -19.58 -112.52 68.44
CA LYS G 347 -19.30 -113.84 69.01
C LYS G 347 -19.10 -114.89 67.93
N LEU G 348 -19.94 -114.86 66.88
CA LEU G 348 -19.80 -115.84 65.81
C LEU G 348 -18.52 -115.65 65.01
N ARG G 349 -18.08 -114.41 64.80
CA ARG G 349 -16.87 -114.18 64.03
C ARG G 349 -15.61 -114.58 64.79
N VAL G 350 -15.62 -114.43 66.11
CA VAL G 350 -14.45 -114.84 66.91
C VAL G 350 -14.29 -116.35 66.89
N GLU G 351 -15.39 -117.08 67.12
CA GLU G 351 -15.33 -118.53 67.06
C GLU G 351 -15.15 -119.06 65.64
N ARG G 352 -15.55 -118.28 64.63
CA ARG G 352 -15.25 -118.66 63.26
C ARG G 352 -13.76 -118.61 62.98
N ALA G 353 -13.07 -117.61 63.56
CA ALA G 353 -11.61 -117.59 63.49
C ALA G 353 -11.00 -118.69 64.35
N ALA G 354 -11.69 -119.08 65.43
CA ALA G 354 -11.23 -120.22 66.22
C ALA G 354 -11.37 -121.52 65.44
N ALA G 355 -12.37 -121.61 64.56
CA ALA G 355 -12.47 -122.74 63.64
C ALA G 355 -11.30 -122.74 62.66
N ALA G 356 -10.89 -121.56 62.20
CA ALA G 356 -9.68 -121.46 61.39
C ALA G 356 -8.44 -121.81 62.19
N LEU G 357 -8.43 -121.45 63.49
CA LEU G 357 -7.35 -121.88 64.38
C LEU G 357 -7.34 -123.39 64.53
N ALA G 358 -8.53 -124.01 64.60
CA ALA G 358 -8.62 -125.46 64.63
C ALA G 358 -8.16 -126.08 63.31
N ALA G 359 -8.38 -125.39 62.19
CA ALA G 359 -7.90 -125.88 60.91
C ALA G 359 -6.39 -125.71 60.78
N LYS G 360 -5.84 -124.64 61.34
CA LYS G 360 -4.39 -124.44 61.31
C LYS G 360 -3.67 -125.44 62.21
N SER G 361 -4.26 -125.76 63.36
CA SER G 361 -3.64 -126.74 64.25
C SER G 361 -3.66 -128.14 63.64
N ASP G 362 -4.75 -128.49 62.97
CA ASP G 362 -4.87 -129.80 62.33
C ASP G 362 -4.30 -129.77 60.92
N PHE H 1 -29.10 -63.94 -29.00
CA PHE H 1 -30.09 -64.47 -28.08
C PHE H 1 -30.43 -63.46 -26.99
N VAL H 2 -31.58 -63.63 -26.35
CA VAL H 2 -32.06 -62.72 -25.33
C VAL H 2 -32.44 -63.49 -24.09
N LYS H 3 -32.57 -62.76 -22.99
CA LYS H 3 -32.78 -63.38 -21.68
C LYS H 3 -34.17 -64.02 -21.60
N VAL H 4 -34.22 -65.21 -21.02
CA VAL H 4 -35.49 -65.89 -20.79
C VAL H 4 -36.13 -65.30 -19.54
N VAL H 5 -37.41 -64.95 -19.64
CA VAL H 5 -38.10 -64.31 -18.53
C VAL H 5 -38.45 -65.33 -17.45
N LYS H 6 -39.12 -66.41 -17.84
CA LYS H 6 -39.62 -67.41 -16.90
C LYS H 6 -38.51 -68.41 -16.59
N ASN H 7 -37.60 -67.99 -15.71
CA ASN H 7 -36.52 -68.84 -15.24
C ASN H 7 -36.93 -69.55 -13.95
N LYS H 8 -35.96 -70.19 -13.29
CA LYS H 8 -36.22 -70.78 -11.98
C LYS H 8 -36.57 -69.70 -10.96
N ALA H 9 -35.86 -68.57 -11.01
CA ALA H 9 -36.10 -67.49 -10.06
C ALA H 9 -37.48 -66.85 -10.26
N TYR H 10 -37.99 -66.89 -11.49
CA TYR H 10 -39.31 -66.33 -11.77
C TYR H 10 -40.40 -67.08 -11.01
N PHE H 11 -40.37 -68.42 -11.08
CA PHE H 11 -41.38 -69.21 -10.38
C PHE H 11 -41.16 -69.20 -8.87
N LYS H 12 -39.92 -68.98 -8.43
CA LYS H 12 -39.66 -68.86 -7.00
C LYS H 12 -40.30 -67.59 -6.43
N ARG H 13 -40.17 -66.47 -7.16
CA ARG H 13 -40.78 -65.23 -6.70
C ARG H 13 -42.27 -65.18 -7.00
N TYR H 14 -42.75 -66.05 -7.89
CA TYR H 14 -44.13 -65.94 -8.36
C TYR H 14 -45.12 -66.30 -7.25
N GLN H 15 -46.07 -65.40 -7.02
CA GLN H 15 -47.19 -65.65 -6.13
C GLN H 15 -48.44 -65.86 -6.97
N VAL H 16 -49.09 -67.00 -6.79
CA VAL H 16 -50.30 -67.30 -7.54
C VAL H 16 -51.47 -66.54 -6.91
N LYS H 17 -52.41 -66.13 -7.75
CA LYS H 17 -53.61 -65.47 -7.25
C LYS H 17 -54.61 -66.51 -6.77
N PHE H 18 -55.79 -66.03 -6.39
CA PHE H 18 -56.83 -66.93 -5.87
C PHE H 18 -57.32 -67.86 -6.98
N ARG H 19 -57.83 -69.03 -6.56
CA ARG H 19 -58.24 -70.05 -7.51
C ARG H 19 -59.38 -69.55 -8.40
N ARG H 20 -60.38 -68.90 -7.80
CA ARG H 20 -61.45 -68.32 -8.60
C ARG H 20 -60.97 -67.11 -9.38
N ARG H 21 -59.97 -66.39 -8.86
CA ARG H 21 -59.37 -65.31 -9.63
C ARG H 21 -58.55 -65.83 -10.81
N ARG H 22 -57.78 -66.90 -10.59
CA ARG H 22 -57.02 -67.51 -11.68
C ARG H 22 -57.97 -68.08 -12.74
N GLU H 23 -59.06 -68.72 -12.30
CA GLU H 23 -60.09 -69.16 -13.22
C GLU H 23 -60.81 -67.97 -13.86
N GLY H 24 -61.01 -66.90 -13.10
CA GLY H 24 -61.63 -65.70 -13.62
C GLY H 24 -63.11 -65.58 -13.39
N LYS H 25 -63.63 -66.12 -12.29
CA LYS H 25 -65.06 -66.05 -12.00
C LYS H 25 -65.37 -65.02 -10.91
N THR H 26 -64.65 -65.06 -9.79
CA THR H 26 -64.95 -64.17 -8.67
C THR H 26 -64.17 -62.87 -8.81
N ASP H 27 -64.88 -61.75 -8.73
CA ASP H 27 -64.25 -60.43 -8.67
C ASP H 27 -64.08 -60.09 -7.20
N TYR H 28 -62.89 -60.39 -6.66
CA TYR H 28 -62.67 -60.30 -5.22
C TYR H 28 -62.65 -58.88 -4.70
N TYR H 29 -62.42 -57.89 -5.57
CA TYR H 29 -62.50 -56.50 -5.13
C TYR H 29 -63.94 -56.12 -4.76
N ALA H 30 -64.90 -56.49 -5.60
CA ALA H 30 -66.29 -56.20 -5.30
C ALA H 30 -66.88 -57.17 -4.27
N ARG H 31 -66.30 -58.35 -4.10
CA ARG H 31 -66.81 -59.32 -3.15
C ARG H 31 -66.75 -58.79 -1.73
N LYS H 32 -65.65 -58.13 -1.36
CA LYS H 32 -65.50 -57.59 -0.02
C LYS H 32 -66.60 -56.58 0.29
N ARG H 33 -66.96 -55.75 -0.69
CA ARG H 33 -68.01 -54.76 -0.49
C ARG H 33 -69.38 -55.41 -0.38
N LEU H 34 -69.62 -56.49 -1.15
CA LEU H 34 -70.94 -57.08 -1.21
C LEU H 34 -71.30 -57.86 0.05
N VAL H 35 -70.51 -58.87 0.38
CA VAL H 35 -71.01 -59.95 1.25
C VAL H 35 -70.65 -59.73 2.72
N ILE H 36 -69.66 -58.90 3.01
CA ILE H 36 -69.19 -58.71 4.38
C ILE H 36 -70.23 -57.92 5.16
N GLN H 37 -70.52 -58.39 6.38
CA GLN H 37 -71.48 -57.75 7.25
C GLN H 37 -70.78 -56.83 8.25
N ASP H 38 -71.58 -55.97 8.88
CA ASP H 38 -71.07 -55.13 9.96
C ASP H 38 -70.83 -56.00 11.20
N LYS H 39 -69.76 -55.68 11.93
CA LYS H 39 -69.39 -56.49 13.09
C LYS H 39 -70.37 -56.34 14.24
N ASN H 40 -71.14 -55.25 14.26
CA ASN H 40 -72.14 -55.08 15.31
C ASN H 40 -73.43 -55.84 15.00
N LYS H 41 -73.48 -56.63 13.93
CA LYS H 41 -74.66 -57.41 13.60
C LYS H 41 -74.62 -58.79 14.24
N TYR H 42 -73.42 -59.33 14.49
CA TYR H 42 -73.21 -60.58 15.21
C TYR H 42 -73.92 -61.76 14.53
N ASN H 43 -73.42 -62.16 13.36
CA ASN H 43 -73.89 -63.30 12.56
C ASN H 43 -75.28 -63.07 11.95
N THR H 44 -75.66 -61.82 11.70
CA THR H 44 -76.87 -61.58 10.92
C THR H 44 -76.56 -61.87 9.46
N PRO H 45 -77.28 -62.79 8.83
CA PRO H 45 -76.97 -63.16 7.45
C PRO H 45 -77.22 -62.01 6.48
N LYS H 46 -76.35 -61.91 5.47
CA LYS H 46 -76.46 -60.90 4.42
C LYS H 46 -76.80 -61.63 3.13
N TYR H 47 -78.10 -61.75 2.84
CA TYR H 47 -78.54 -62.48 1.68
C TYR H 47 -78.23 -61.68 0.42
N ARG H 48 -77.82 -62.37 -0.63
CA ARG H 48 -77.37 -61.73 -1.86
C ARG H 48 -78.08 -62.36 -3.05
N MET H 49 -78.39 -61.53 -4.05
CA MET H 49 -79.08 -61.95 -5.27
C MET H 49 -78.05 -62.25 -6.34
N ILE H 50 -77.73 -63.54 -6.49
CA ILE H 50 -76.75 -63.98 -7.48
C ILE H 50 -77.47 -64.26 -8.78
N VAL H 51 -77.11 -63.54 -9.84
CA VAL H 51 -77.60 -63.80 -11.19
C VAL H 51 -76.39 -64.05 -12.08
N ARG H 52 -76.38 -65.19 -12.76
CA ARG H 52 -75.28 -65.57 -13.67
C ARG H 52 -75.90 -66.03 -14.97
N VAL H 53 -75.86 -65.16 -15.98
CA VAL H 53 -76.44 -65.48 -17.28
C VAL H 53 -75.38 -66.18 -18.13
N THR H 54 -75.56 -67.48 -18.34
CA THR H 54 -74.65 -68.27 -19.17
C THR H 54 -75.22 -68.35 -20.59
N ASN H 55 -74.60 -69.17 -21.44
CA ASN H 55 -74.95 -69.19 -22.86
C ASN H 55 -76.36 -69.73 -23.09
N ARG H 56 -76.70 -70.85 -22.45
CA ARG H 56 -77.96 -71.52 -22.70
C ARG H 56 -78.81 -71.68 -21.43
N ASP H 57 -78.56 -70.85 -20.42
CA ASP H 57 -79.32 -70.92 -19.18
C ASP H 57 -79.13 -69.61 -18.43
N ILE H 58 -79.97 -69.42 -17.41
CA ILE H 58 -79.86 -68.29 -16.49
C ILE H 58 -79.99 -68.85 -15.08
N ILE H 59 -79.00 -68.56 -14.23
CA ILE H 59 -78.94 -69.11 -12.88
C ILE H 59 -79.19 -68.00 -11.88
N CYS H 60 -80.19 -68.19 -11.02
CA CYS H 60 -80.51 -67.26 -9.94
C CYS H 60 -80.43 -68.00 -8.60
N GLN H 61 -79.66 -67.44 -7.66
CA GLN H 61 -79.43 -68.06 -6.38
C GLN H 61 -79.48 -67.02 -5.26
N ILE H 62 -79.68 -67.50 -4.03
CA ILE H 62 -79.64 -66.68 -2.83
C ILE H 62 -78.60 -67.28 -1.89
N ALA H 63 -77.70 -66.44 -1.38
CA ALA H 63 -76.59 -66.93 -0.59
C ALA H 63 -76.31 -66.02 0.60
N TYR H 64 -75.73 -66.61 1.65
CA TYR H 64 -75.13 -65.89 2.76
C TYR H 64 -73.88 -66.64 3.19
N ALA H 65 -72.86 -65.90 3.63
CA ALA H 65 -71.51 -66.43 3.77
C ALA H 65 -71.31 -67.01 5.16
N ARG H 66 -71.03 -68.31 5.21
CA ARG H 66 -70.45 -68.91 6.41
C ARG H 66 -68.97 -69.22 6.15
N ILE H 67 -68.22 -69.41 7.23
CA ILE H 67 -66.76 -69.48 7.12
C ILE H 67 -66.31 -70.71 6.36
N GLU H 68 -67.10 -71.80 6.41
CA GLU H 68 -66.76 -72.98 5.62
C GLU H 68 -67.12 -72.79 4.15
N GLY H 69 -67.94 -71.79 3.85
CA GLY H 69 -68.44 -71.58 2.50
C GLY H 69 -69.84 -71.00 2.53
N ASP H 70 -70.14 -70.10 1.59
CA ASP H 70 -71.45 -69.45 1.59
C ASP H 70 -72.58 -70.44 1.31
N MET H 71 -73.72 -70.20 1.94
CA MET H 71 -74.83 -71.15 1.97
C MET H 71 -75.89 -70.74 0.95
N ILE H 72 -76.15 -71.63 -0.01
CA ILE H 72 -77.21 -71.41 -1.00
C ILE H 72 -78.51 -71.92 -0.39
N VAL H 73 -79.28 -70.99 0.19
CA VAL H 73 -80.54 -71.37 0.83
C VAL H 73 -81.59 -71.74 -0.22
N CYS H 74 -81.54 -71.09 -1.39
CA CYS H 74 -82.52 -71.36 -2.42
C CYS H 74 -81.93 -70.97 -3.77
N ALA H 75 -82.32 -71.71 -4.81
CA ALA H 75 -81.82 -71.49 -6.15
C ALA H 75 -82.94 -71.71 -7.16
N ALA H 76 -82.75 -71.16 -8.37
CA ALA H 76 -83.72 -71.29 -9.44
C ALA H 76 -83.03 -71.17 -10.80
N TYR H 77 -83.21 -72.17 -11.65
CA TYR H 77 -82.58 -72.20 -12.96
C TYR H 77 -83.59 -71.92 -14.07
N ALA H 78 -83.06 -71.50 -15.22
CA ALA H 78 -83.93 -71.18 -16.35
C ALA H 78 -84.45 -72.42 -17.04
N HIS H 79 -83.76 -73.56 -16.91
CA HIS H 79 -84.22 -74.79 -17.55
C HIS H 79 -85.41 -75.41 -16.85
N GLU H 80 -85.81 -74.88 -15.69
CA GLU H 80 -87.03 -75.32 -15.02
C GLU H 80 -88.29 -74.71 -15.64
N LEU H 81 -88.14 -73.66 -16.44
CA LEU H 81 -89.23 -72.95 -17.10
C LEU H 81 -90.09 -73.81 -18.05
N PRO H 82 -89.53 -74.81 -18.75
CA PRO H 82 -90.42 -75.71 -19.50
C PRO H 82 -91.49 -76.41 -18.67
N LYS H 83 -91.25 -76.63 -17.37
CA LYS H 83 -92.30 -77.18 -16.52
C LYS H 83 -93.44 -76.18 -16.35
N TYR H 84 -93.11 -74.89 -16.33
CA TYR H 84 -94.13 -73.84 -16.24
C TYR H 84 -94.68 -73.42 -17.59
N GLY H 85 -94.14 -73.95 -18.69
CA GLY H 85 -94.69 -73.66 -20.01
C GLY H 85 -93.88 -72.68 -20.83
N VAL H 86 -92.55 -72.77 -20.75
CA VAL H 86 -91.65 -71.96 -21.58
C VAL H 86 -90.78 -72.96 -22.33
N LYS H 87 -91.19 -73.33 -23.54
CA LYS H 87 -90.48 -74.36 -24.29
C LYS H 87 -89.16 -73.83 -24.86
N VAL H 88 -89.17 -72.61 -25.39
CA VAL H 88 -88.03 -72.06 -26.11
C VAL H 88 -87.80 -70.63 -25.62
N GLY H 89 -86.58 -70.14 -25.84
CA GLY H 89 -86.20 -68.81 -25.40
C GLY H 89 -85.90 -68.77 -23.92
N LEU H 90 -84.97 -69.60 -23.47
CA LEU H 90 -84.62 -69.73 -22.07
C LEU H 90 -83.49 -68.79 -21.64
N THR H 91 -82.86 -68.09 -22.57
CA THR H 91 -81.73 -67.22 -22.28
C THR H 91 -81.99 -65.77 -22.66
N ASN H 92 -83.27 -65.39 -22.79
CA ASN H 92 -83.62 -64.04 -23.17
C ASN H 92 -84.01 -63.21 -21.94
N TYR H 93 -84.35 -61.94 -22.20
CA TYR H 93 -84.76 -61.05 -21.12
C TYR H 93 -86.06 -61.53 -20.47
N ALA H 94 -86.98 -62.04 -21.28
CA ALA H 94 -88.26 -62.51 -20.74
C ALA H 94 -88.05 -63.70 -19.80
N ALA H 95 -87.21 -64.65 -20.21
CA ALA H 95 -86.93 -65.79 -19.34
C ALA H 95 -86.15 -65.38 -18.10
N ALA H 96 -85.36 -64.30 -18.22
CA ALA H 96 -84.65 -63.77 -17.06
C ALA H 96 -85.64 -63.26 -16.01
N TYR H 97 -86.76 -62.68 -16.46
CA TYR H 97 -87.76 -62.19 -15.52
C TYR H 97 -88.44 -63.35 -14.79
N CYS H 98 -88.73 -64.44 -15.51
CA CYS H 98 -89.42 -65.56 -14.90
C CYS H 98 -88.55 -66.27 -13.86
N THR H 99 -87.27 -66.49 -14.19
CA THR H 99 -86.39 -67.16 -13.23
C THR H 99 -86.10 -66.28 -12.03
N GLY H 100 -86.10 -64.96 -12.22
CA GLY H 100 -86.06 -64.05 -11.09
C GLY H 100 -87.35 -64.11 -10.28
N LEU H 101 -88.49 -64.20 -10.98
CA LEU H 101 -89.77 -64.35 -10.32
C LEU H 101 -89.90 -65.72 -9.65
N LEU H 102 -89.36 -66.76 -10.29
CA LEU H 102 -89.46 -68.10 -9.73
C LEU H 102 -88.67 -68.22 -8.42
N LEU H 103 -87.48 -67.61 -8.37
CA LEU H 103 -86.65 -67.69 -7.16
C LEU H 103 -87.31 -66.95 -5.99
N ALA H 104 -87.89 -65.78 -6.27
CA ALA H 104 -88.54 -65.00 -5.20
C ALA H 104 -89.75 -65.74 -4.63
N ARG H 105 -90.56 -66.35 -5.50
CA ARG H 105 -91.73 -67.07 -5.03
C ARG H 105 -91.34 -68.37 -4.33
N ARG H 106 -90.29 -69.03 -4.83
CA ARG H 106 -89.79 -70.25 -4.18
C ARG H 106 -89.22 -69.93 -2.81
N LEU H 107 -88.50 -68.81 -2.68
CA LEU H 107 -87.92 -68.43 -1.40
C LEU H 107 -88.99 -68.10 -0.37
N LEU H 108 -90.07 -67.44 -0.81
CA LEU H 108 -91.15 -67.11 0.11
C LEU H 108 -91.91 -68.36 0.55
N ASN H 109 -91.89 -69.42 -0.25
CA ASN H 109 -92.58 -70.65 0.11
C ASN H 109 -91.90 -71.35 1.28
N ARG H 110 -90.57 -71.34 1.31
CA ARG H 110 -89.84 -72.01 2.39
C ARG H 110 -90.06 -71.32 3.73
N PHE H 111 -89.97 -69.99 3.75
CA PHE H 111 -90.10 -69.25 4.99
C PHE H 111 -91.55 -68.97 5.37
N GLY H 112 -92.50 -69.25 4.50
CA GLY H 112 -93.91 -69.16 4.86
C GLY H 112 -94.58 -67.82 4.63
N MET H 113 -94.22 -67.11 3.57
CA MET H 113 -94.93 -65.89 3.19
C MET H 113 -95.39 -65.95 1.74
N ASP H 114 -96.07 -67.02 1.35
CA ASP H 114 -96.68 -67.06 0.03
C ASP H 114 -97.84 -66.08 -0.07
N LYS H 115 -98.70 -66.03 0.95
CA LYS H 115 -99.84 -65.11 0.92
C LYS H 115 -99.42 -63.67 1.17
N ILE H 116 -98.47 -63.45 2.07
CA ILE H 116 -98.02 -62.11 2.43
C ILE H 116 -96.97 -61.68 1.40
N TYR H 117 -96.97 -60.38 1.07
CA TYR H 117 -96.06 -59.79 0.08
C TYR H 117 -96.26 -60.44 -1.29
N GLU H 118 -97.48 -60.27 -1.83
CA GLU H 118 -97.79 -60.81 -3.15
C GLU H 118 -96.94 -60.15 -4.23
N GLY H 119 -96.75 -58.83 -4.15
CA GLY H 119 -95.95 -58.14 -5.14
C GLY H 119 -96.76 -57.64 -6.31
N GLN H 120 -96.17 -57.66 -7.50
CA GLN H 120 -96.82 -57.16 -8.70
C GLN H 120 -97.40 -58.33 -9.49
N VAL H 121 -98.71 -58.29 -9.74
CA VAL H 121 -99.38 -59.30 -10.55
C VAL H 121 -99.76 -58.75 -11.91
N GLU H 122 -100.12 -57.47 -11.95
CA GLU H 122 -100.52 -56.78 -13.18
C GLU H 122 -99.33 -56.19 -13.93
N VAL H 123 -98.15 -56.82 -13.83
CA VAL H 123 -96.83 -56.23 -13.98
C VAL H 123 -96.71 -55.23 -15.14
N THR H 124 -96.17 -54.05 -14.83
CA THR H 124 -96.15 -52.94 -15.77
C THR H 124 -94.71 -52.57 -16.14
N GLY H 125 -93.80 -52.58 -15.18
CA GLY H 125 -92.41 -52.24 -15.40
C GLY H 125 -91.93 -51.00 -14.67
N ASP H 126 -92.84 -50.27 -14.01
CA ASP H 126 -92.45 -49.07 -13.28
C ASP H 126 -91.70 -49.43 -12.01
N GLU H 127 -91.39 -48.41 -11.22
CA GLU H 127 -90.74 -48.62 -9.93
C GLU H 127 -91.69 -49.33 -8.97
N TYR H 128 -91.19 -50.39 -8.34
CA TYR H 128 -91.92 -51.10 -7.31
C TYR H 128 -90.95 -51.51 -6.22
N ASN H 129 -91.45 -51.55 -4.99
CA ASN H 129 -90.66 -52.01 -3.86
C ASN H 129 -91.59 -52.59 -2.80
N VAL H 130 -91.07 -53.49 -1.98
CA VAL H 130 -91.87 -54.20 -0.99
C VAL H 130 -91.81 -53.45 0.33
N GLU H 131 -92.97 -52.97 0.79
CA GLU H 131 -93.06 -52.34 2.10
C GLU H 131 -93.33 -53.40 3.16
N SER H 132 -92.62 -53.30 4.28
CA SER H 132 -92.84 -54.23 5.38
C SER H 132 -94.18 -53.95 6.04
N ILE H 133 -94.97 -54.99 6.23
CA ILE H 133 -96.30 -54.87 6.82
C ILE H 133 -96.17 -54.97 8.33
N ASP H 134 -96.76 -54.01 9.04
CA ASP H 134 -96.72 -53.99 10.48
C ASP H 134 -97.58 -55.11 11.05
N GLY H 135 -97.12 -55.70 12.15
CA GLY H 135 -97.80 -56.85 12.73
C GLY H 135 -97.64 -58.11 11.92
N GLN H 136 -96.62 -58.18 11.06
CA GLN H 136 -96.36 -59.30 10.19
C GLN H 136 -94.85 -59.53 10.16
N PRO H 137 -94.41 -60.74 9.80
CA PRO H 137 -92.97 -60.97 9.62
C PRO H 137 -92.40 -60.07 8.53
N GLY H 138 -91.19 -59.58 8.76
CA GLY H 138 -90.58 -58.59 7.89
C GLY H 138 -90.31 -59.06 6.48
N ALA H 139 -90.31 -58.13 5.53
CA ALA H 139 -90.06 -58.46 4.14
C ALA H 139 -88.61 -58.90 3.95
N PHE H 140 -88.42 -59.92 3.12
CA PHE H 140 -87.08 -60.43 2.85
C PHE H 140 -86.28 -59.41 2.05
N THR H 141 -84.99 -59.29 2.37
CA THR H 141 -84.10 -58.36 1.69
C THR H 141 -82.85 -59.09 1.21
N CYS H 142 -82.34 -58.64 0.06
CA CYS H 142 -81.12 -59.18 -0.53
C CYS H 142 -80.57 -58.17 -1.51
N TYR H 143 -79.34 -58.40 -1.96
CA TYR H 143 -78.61 -57.46 -2.80
C TYR H 143 -78.16 -58.13 -4.08
N LEU H 144 -78.31 -57.44 -5.21
CA LEU H 144 -78.05 -58.05 -6.51
C LEU H 144 -76.56 -58.22 -6.73
N ASP H 145 -76.17 -59.34 -7.33
CA ASP H 145 -74.78 -59.66 -7.64
C ASP H 145 -74.65 -59.74 -9.15
N ALA H 146 -74.04 -58.71 -9.75
CA ALA H 146 -73.75 -58.76 -11.17
C ALA H 146 -72.55 -59.63 -11.47
N GLY H 147 -71.60 -59.71 -10.55
CA GLY H 147 -70.37 -60.45 -10.81
C GLY H 147 -69.46 -59.66 -11.73
N LEU H 148 -69.12 -60.25 -12.87
CA LEU H 148 -68.31 -59.59 -13.88
C LEU H 148 -69.14 -59.06 -15.04
N ALA H 149 -70.47 -59.09 -14.93
CA ALA H 149 -71.33 -58.64 -16.02
C ALA H 149 -71.33 -57.12 -16.11
N ARG H 150 -71.16 -56.61 -17.33
CA ARG H 150 -71.19 -55.18 -17.60
C ARG H 150 -72.62 -54.68 -17.39
N THR H 151 -72.83 -53.89 -16.34
CA THR H 151 -74.17 -53.42 -15.98
C THR H 151 -74.50 -52.17 -16.79
N THR H 152 -74.96 -52.39 -18.01
CA THR H 152 -75.49 -51.34 -18.86
C THR H 152 -77.01 -51.38 -18.84
N THR H 153 -77.62 -50.42 -19.53
CA THR H 153 -79.07 -50.34 -19.59
C THR H 153 -79.64 -51.53 -20.37
N GLY H 154 -80.62 -52.21 -19.78
CA GLY H 154 -81.27 -53.32 -20.44
C GLY H 154 -80.60 -54.66 -20.31
N ASN H 155 -79.73 -54.84 -19.32
CA ASN H 155 -79.04 -56.11 -19.15
C ASN H 155 -79.98 -57.15 -18.54
N LYS H 156 -79.73 -58.43 -18.86
CA LYS H 156 -80.54 -59.52 -18.32
C LYS H 156 -80.38 -59.68 -16.81
N VAL H 157 -79.28 -59.21 -16.24
CA VAL H 157 -79.10 -59.31 -14.79
C VAL H 157 -80.16 -58.47 -14.07
N PHE H 158 -80.51 -57.32 -14.63
CA PHE H 158 -81.56 -56.49 -14.09
C PHE H 158 -82.95 -57.01 -14.43
N GLY H 159 -83.08 -57.88 -15.44
CA GLY H 159 -84.36 -58.51 -15.70
C GLY H 159 -84.77 -59.44 -14.56
N ALA H 160 -83.82 -60.22 -14.05
CA ALA H 160 -84.09 -61.05 -12.88
C ALA H 160 -84.29 -60.21 -11.64
N LEU H 161 -83.69 -59.01 -11.60
CA LEU H 161 -83.91 -58.10 -10.49
C LEU H 161 -85.36 -57.64 -10.44
N LYS H 162 -85.95 -57.32 -11.59
CA LYS H 162 -87.35 -56.92 -11.63
C LYS H 162 -88.27 -58.08 -11.28
N GLY H 163 -87.91 -59.30 -11.69
CA GLY H 163 -88.70 -60.46 -11.34
C GLY H 163 -88.68 -60.75 -9.85
N ALA H 164 -87.51 -60.61 -9.23
CA ALA H 164 -87.40 -60.86 -7.79
C ALA H 164 -88.12 -59.78 -6.99
N VAL H 165 -88.02 -58.53 -7.42
CA VAL H 165 -88.70 -57.43 -6.71
C VAL H 165 -90.21 -57.59 -6.82
N ASP H 166 -90.70 -57.91 -8.02
CA ASP H 166 -92.14 -58.15 -8.19
C ASP H 166 -92.56 -59.43 -7.49
N GLY H 167 -91.64 -60.36 -7.26
CA GLY H 167 -91.98 -61.58 -6.54
C GLY H 167 -92.26 -61.34 -5.07
N GLY H 168 -91.73 -60.25 -4.53
CA GLY H 168 -91.92 -59.92 -3.13
C GLY H 168 -90.63 -59.85 -2.34
N LEU H 169 -89.54 -59.50 -3.00
CA LEU H 169 -88.23 -59.34 -2.37
C LEU H 169 -87.86 -57.87 -2.36
N SER H 170 -87.55 -57.35 -1.17
CA SER H 170 -87.23 -55.92 -1.00
C SER H 170 -85.76 -55.72 -1.30
N ILE H 171 -85.47 -55.46 -2.57
CA ILE H 171 -84.12 -55.22 -3.06
C ILE H 171 -83.99 -53.75 -3.41
N PRO H 172 -82.98 -53.04 -2.89
CA PRO H 172 -82.80 -51.63 -3.28
C PRO H 172 -82.29 -51.53 -4.72
N HIS H 173 -82.97 -50.74 -5.52
CA HIS H 173 -82.62 -50.58 -6.93
C HIS H 173 -83.24 -49.30 -7.45
N SER H 174 -82.79 -48.88 -8.63
CA SER H 174 -83.31 -47.73 -9.35
C SER H 174 -83.87 -48.19 -10.70
N THR H 175 -84.30 -47.21 -11.51
CA THR H 175 -84.81 -47.45 -12.85
C THR H 175 -83.82 -47.05 -13.94
N LYS H 176 -82.56 -46.81 -13.58
CA LYS H 176 -81.57 -46.34 -14.54
C LYS H 176 -81.13 -47.45 -15.49
N ARG H 177 -81.03 -48.68 -14.98
CA ARG H 177 -80.52 -49.79 -15.78
C ARG H 177 -81.60 -50.61 -16.47
N PHE H 178 -82.87 -50.35 -16.17
CA PHE H 178 -83.94 -51.07 -16.85
C PHE H 178 -84.06 -50.60 -18.29
N PRO H 179 -84.42 -51.47 -19.22
CA PRO H 179 -84.60 -51.04 -20.62
C PRO H 179 -85.83 -50.16 -20.75
N GLY H 180 -85.62 -48.94 -21.23
CA GLY H 180 -86.68 -47.94 -21.30
C GLY H 180 -86.22 -46.60 -20.76
N TYR H 181 -85.23 -46.63 -19.87
CA TYR H 181 -84.62 -45.42 -19.35
C TYR H 181 -83.81 -44.75 -20.46
N ASP H 182 -84.31 -43.64 -20.99
CA ASP H 182 -83.66 -42.98 -22.10
C ASP H 182 -82.40 -42.27 -21.58
N SER H 183 -81.29 -42.47 -22.29
CA SER H 183 -80.00 -41.97 -21.79
C SER H 183 -79.91 -40.46 -21.89
N GLU H 184 -80.37 -39.88 -22.99
CA GLU H 184 -80.15 -38.45 -23.23
C GLU H 184 -81.22 -37.59 -22.56
N SER H 185 -82.49 -37.97 -22.67
CA SER H 185 -83.55 -37.16 -22.09
C SER H 185 -83.71 -37.39 -20.58
N LYS H 186 -83.15 -38.48 -20.07
CA LYS H 186 -83.14 -38.80 -18.63
C LYS H 186 -84.55 -38.99 -18.06
N GLU H 187 -85.34 -39.85 -18.72
CA GLU H 187 -86.60 -40.33 -18.16
C GLU H 187 -86.74 -41.81 -18.42
N PHE H 188 -87.53 -42.47 -17.58
CA PHE H 188 -87.79 -43.90 -17.68
C PHE H 188 -89.19 -44.14 -18.24
N ASN H 189 -89.27 -44.92 -19.30
CA ASN H 189 -90.55 -45.27 -19.93
C ASN H 189 -90.94 -46.67 -19.48
N ALA H 190 -92.06 -46.76 -18.75
CA ALA H 190 -92.49 -48.05 -18.23
C ALA H 190 -93.05 -48.95 -19.33
N GLU H 191 -93.57 -48.35 -20.41
CA GLU H 191 -94.14 -49.16 -21.50
C GLU H 191 -93.06 -49.93 -22.24
N VAL H 192 -91.87 -49.34 -22.40
CA VAL H 192 -90.77 -50.03 -23.07
C VAL H 192 -90.29 -51.21 -22.22
N HIS H 193 -90.23 -51.03 -20.91
CA HIS H 193 -89.81 -52.12 -20.03
C HIS H 193 -90.82 -53.26 -20.02
N ARG H 194 -92.10 -52.97 -20.22
CA ARG H 194 -93.09 -54.03 -20.31
C ARG H 194 -92.89 -54.88 -21.55
N LYS H 195 -92.46 -54.25 -22.65
CA LYS H 195 -92.27 -54.98 -23.91
C LYS H 195 -91.18 -56.04 -23.77
N HIS H 196 -90.10 -55.71 -23.06
CA HIS H 196 -89.01 -56.67 -22.89
C HIS H 196 -89.42 -57.79 -21.93
N ILE H 197 -90.23 -57.49 -20.93
CA ILE H 197 -90.62 -58.50 -19.95
C ILE H 197 -91.55 -59.54 -20.59
N MET H 198 -92.54 -59.08 -21.34
CA MET H 198 -93.41 -60.00 -22.07
C MET H 198 -92.79 -60.52 -23.36
N GLY H 199 -91.67 -59.95 -23.79
CA GLY H 199 -90.94 -60.47 -24.93
C GLY H 199 -91.36 -59.93 -26.28
N GLN H 200 -91.97 -58.74 -26.35
CA GLN H 200 -92.32 -58.17 -27.64
C GLN H 200 -91.10 -57.70 -28.42
N ASN H 201 -89.96 -57.51 -27.75
CA ASN H 201 -88.72 -57.20 -28.47
C ASN H 201 -88.27 -58.37 -29.32
N VAL H 202 -88.56 -59.60 -28.89
CA VAL H 202 -88.33 -60.78 -29.72
C VAL H 202 -89.42 -60.90 -30.78
N ALA H 203 -90.65 -60.56 -30.41
CA ALA H 203 -91.78 -60.65 -31.35
C ALA H 203 -91.57 -59.73 -32.54
N ASP H 204 -91.08 -58.52 -32.29
CA ASP H 204 -90.84 -57.56 -33.36
C ASP H 204 -89.75 -58.07 -34.31
N TYR H 205 -88.71 -58.67 -33.75
CA TYR H 205 -87.63 -59.22 -34.56
C TYR H 205 -88.12 -60.38 -35.43
N MET H 206 -88.94 -61.28 -34.88
CA MET H 206 -89.37 -62.44 -35.66
C MET H 206 -90.42 -62.04 -36.69
N ARG H 207 -91.25 -61.04 -36.36
CA ARG H 207 -92.12 -60.43 -37.36
C ARG H 207 -91.29 -59.75 -38.45
N TYR H 208 -90.17 -59.14 -38.07
CA TYR H 208 -89.30 -58.49 -39.05
C TYR H 208 -88.63 -59.51 -39.96
N LEU H 209 -88.23 -60.67 -39.42
CA LEU H 209 -87.52 -61.65 -40.24
C LEU H 209 -88.46 -62.29 -41.27
N MET H 210 -89.67 -62.66 -40.85
CA MET H 210 -90.60 -63.34 -41.75
C MET H 210 -90.96 -62.48 -42.95
N GLU H 211 -90.93 -61.16 -42.79
CA GLU H 211 -91.29 -60.25 -43.88
C GLU H 211 -90.17 -60.12 -44.90
N GLU H 212 -88.92 -59.98 -44.44
CA GLU H 212 -87.86 -59.58 -45.36
C GLU H 212 -87.21 -60.78 -46.08
N ASP H 213 -86.91 -61.87 -45.37
CA ASP H 213 -86.62 -63.11 -46.11
C ASP H 213 -86.97 -64.31 -45.23
N GLU H 214 -87.44 -65.39 -45.85
CA GLU H 214 -87.95 -66.52 -45.06
C GLU H 214 -86.81 -67.40 -44.53
N ASP H 215 -85.71 -67.55 -45.28
CA ASP H 215 -84.72 -68.56 -44.92
C ASP H 215 -83.89 -68.13 -43.71
N ALA H 216 -83.62 -66.82 -43.59
CA ALA H 216 -82.99 -66.30 -42.39
C ALA H 216 -83.91 -66.43 -41.17
N TYR H 217 -85.22 -66.37 -41.38
CA TYR H 217 -86.17 -66.60 -40.30
C TYR H 217 -86.10 -68.05 -39.80
N LYS H 218 -85.92 -69.00 -40.72
CA LYS H 218 -85.76 -70.40 -40.33
C LYS H 218 -84.46 -70.60 -39.54
N LYS H 219 -83.39 -69.93 -39.97
CA LYS H 219 -82.09 -70.11 -39.33
C LYS H 219 -82.08 -69.55 -37.91
N GLN H 220 -82.60 -68.32 -37.74
CA GLN H 220 -82.56 -67.65 -36.46
C GLN H 220 -83.46 -68.34 -35.43
N PHE H 221 -84.75 -68.39 -35.71
CA PHE H 221 -85.73 -68.97 -34.80
C PHE H 221 -86.11 -70.39 -35.24
N SER H 222 -85.17 -71.32 -35.05
CA SER H 222 -85.39 -72.70 -35.48
C SER H 222 -86.34 -73.43 -34.53
N GLN H 223 -85.98 -73.50 -33.25
CA GLN H 223 -86.82 -74.22 -32.29
C GLN H 223 -88.09 -73.46 -31.96
N TYR H 224 -88.14 -72.16 -32.27
CA TYR H 224 -89.39 -71.43 -32.16
C TYR H 224 -90.43 -71.99 -33.11
N ILE H 225 -90.01 -72.31 -34.34
CA ILE H 225 -90.90 -72.92 -35.31
C ILE H 225 -91.24 -74.35 -34.89
N LYS H 226 -90.25 -75.09 -34.40
CA LYS H 226 -90.46 -76.48 -34.00
C LYS H 226 -91.46 -76.57 -32.84
N ASN H 227 -91.37 -75.64 -31.89
CA ASN H 227 -92.27 -75.62 -30.76
C ASN H 227 -93.54 -74.81 -31.03
N ASN H 228 -93.73 -74.36 -32.28
CA ASN H 228 -94.93 -73.64 -32.72
C ASN H 228 -95.12 -72.33 -31.94
N VAL H 229 -94.10 -71.48 -31.99
CA VAL H 229 -94.10 -70.20 -31.28
C VAL H 229 -94.21 -69.09 -32.31
N THR H 230 -95.32 -68.36 -32.29
CA THR H 230 -95.55 -67.21 -33.15
C THR H 230 -95.64 -65.94 -32.31
N PRO H 231 -95.37 -64.76 -32.90
CA PRO H 231 -95.35 -63.53 -32.08
C PRO H 231 -96.69 -63.20 -31.43
N ASP H 232 -97.79 -63.66 -32.02
CA ASP H 232 -99.10 -63.33 -31.46
C ASP H 232 -99.30 -63.99 -30.09
N MET H 233 -98.84 -65.24 -29.92
CA MET H 233 -99.24 -65.98 -28.74
C MET H 233 -98.24 -65.87 -27.59
N MET H 234 -97.13 -65.17 -27.78
CA MET H 234 -96.07 -65.21 -26.77
C MET H 234 -96.45 -64.43 -25.52
N GLU H 235 -97.21 -63.34 -25.68
CA GLU H 235 -97.50 -62.47 -24.55
C GLU H 235 -98.34 -63.19 -23.49
N GLU H 236 -99.42 -63.83 -23.90
CA GLU H 236 -100.24 -64.56 -22.93
C GLU H 236 -99.57 -65.88 -22.55
N MET H 237 -98.72 -66.42 -23.43
CA MET H 237 -97.92 -67.59 -23.06
C MET H 237 -97.03 -67.27 -21.88
N TYR H 238 -96.43 -66.07 -21.88
CA TYR H 238 -95.62 -65.66 -20.74
C TYR H 238 -96.50 -65.33 -19.52
N LYS H 239 -97.68 -64.75 -19.75
CA LYS H 239 -98.58 -64.48 -18.63
C LYS H 239 -99.02 -65.79 -17.97
N LYS H 240 -99.33 -66.81 -18.77
CA LYS H 240 -99.59 -68.14 -18.23
C LYS H 240 -98.35 -68.69 -17.53
N ALA H 241 -97.18 -68.50 -18.16
CA ALA H 241 -95.92 -68.90 -17.51
C ALA H 241 -95.69 -68.12 -16.24
N HIS H 242 -95.99 -66.82 -16.26
CA HIS H 242 -95.90 -65.99 -15.05
C HIS H 242 -96.94 -66.42 -14.02
N ALA H 243 -98.14 -66.78 -14.48
CA ALA H 243 -99.18 -67.24 -13.57
C ALA H 243 -98.80 -68.58 -12.94
N ALA H 244 -98.32 -69.53 -13.76
CA ALA H 244 -98.09 -70.89 -13.30
C ALA H 244 -96.97 -70.97 -12.26
N ILE H 245 -96.10 -69.97 -12.24
CA ILE H 245 -95.06 -69.88 -11.21
C ILE H 245 -95.70 -69.68 -9.84
N ARG H 246 -96.79 -68.91 -9.80
CA ARG H 246 -97.28 -68.32 -8.55
C ARG H 246 -97.84 -69.38 -7.58
N GLU H 247 -98.69 -70.29 -8.08
CA GLU H 247 -99.37 -71.23 -7.19
C GLU H 247 -98.42 -72.31 -6.68
N ASN H 248 -97.51 -72.78 -7.52
CA ASN H 248 -96.61 -73.88 -7.17
C ASN H 248 -95.17 -73.48 -7.49
N PRO H 249 -94.53 -72.71 -6.62
CA PRO H 249 -93.10 -72.41 -6.81
C PRO H 249 -92.15 -73.42 -6.19
N VAL H 250 -92.67 -74.43 -5.48
CA VAL H 250 -91.80 -75.40 -4.82
C VAL H 250 -91.11 -76.27 -5.87
N TYR H 251 -89.93 -76.77 -5.53
CA TYR H 251 -89.13 -77.56 -6.44
C TYR H 251 -89.02 -78.99 -5.93
N GLU H 252 -89.28 -79.95 -6.81
CA GLU H 252 -89.22 -81.37 -6.49
C GLU H 252 -87.91 -81.96 -6.97
N LYS H 253 -87.32 -82.82 -6.16
CA LYS H 253 -86.05 -83.45 -6.51
C LYS H 253 -86.27 -84.57 -7.52
N LYS H 254 -85.30 -84.71 -8.45
CA LYS H 254 -85.32 -85.86 -9.33
C LYS H 254 -84.85 -87.10 -8.57
N PRO H 255 -85.55 -88.23 -8.71
CA PRO H 255 -85.13 -89.45 -8.00
C PRO H 255 -83.79 -89.96 -8.51
N LYS H 256 -82.94 -90.38 -7.58
CA LYS H 256 -81.61 -90.87 -7.91
C LYS H 256 -81.66 -92.39 -8.10
N ARG H 257 -81.38 -92.84 -9.32
CA ARG H 257 -81.29 -94.26 -9.58
C ARG H 257 -79.96 -94.81 -9.07
N GLU H 258 -79.89 -96.12 -8.92
CA GLU H 258 -78.66 -96.77 -8.46
C GLU H 258 -77.52 -96.53 -9.45
N VAL H 259 -76.35 -96.24 -8.92
CA VAL H 259 -75.19 -95.87 -9.74
C VAL H 259 -74.56 -97.13 -10.31
N LYS H 260 -74.19 -97.08 -11.58
CA LYS H 260 -73.51 -98.19 -12.22
C LYS H 260 -72.12 -98.40 -11.63
N LYS H 261 -71.51 -97.33 -11.11
CA LYS H 261 -70.20 -97.34 -10.47
C LYS H 261 -69.13 -97.85 -11.44
N LYS H 262 -68.89 -97.09 -12.50
CA LYS H 262 -67.78 -97.37 -13.41
C LYS H 262 -67.04 -96.06 -13.64
N ARG H 263 -65.73 -96.15 -13.85
CA ARG H 263 -64.87 -94.97 -13.93
C ARG H 263 -64.70 -94.57 -15.39
N TRP H 264 -65.30 -93.44 -15.76
CA TRP H 264 -65.09 -92.90 -17.10
C TRP H 264 -63.73 -92.22 -17.23
N ASN H 265 -63.29 -91.57 -16.16
CA ASN H 265 -62.03 -90.83 -16.20
C ASN H 265 -60.83 -91.75 -16.04
N ARG H 266 -59.66 -91.24 -16.41
CA ARG H 266 -58.42 -91.99 -16.30
C ARG H 266 -57.82 -91.80 -14.93
N PRO H 267 -57.52 -92.87 -14.19
CA PRO H 267 -57.02 -92.72 -12.82
C PRO H 267 -55.56 -92.27 -12.80
N LYS H 268 -55.12 -91.90 -11.60
CA LYS H 268 -53.76 -91.40 -11.41
C LYS H 268 -52.77 -92.57 -11.32
N MET H 269 -51.62 -92.41 -11.96
CA MET H 269 -50.63 -93.48 -12.05
C MET H 269 -49.76 -93.48 -10.80
N SER H 270 -49.44 -94.68 -10.30
CA SER H 270 -48.77 -94.85 -9.02
C SER H 270 -47.27 -94.63 -9.15
N LEU H 271 -46.59 -94.69 -8.00
CA LEU H 271 -45.15 -94.43 -7.95
C LEU H 271 -44.35 -95.59 -8.55
N ALA H 272 -44.77 -96.83 -8.26
CA ALA H 272 -44.07 -98.00 -8.79
C ALA H 272 -44.12 -98.03 -10.31
N GLN H 273 -45.26 -97.63 -10.87
CA GLN H 273 -45.37 -97.49 -12.32
C GLN H 273 -44.50 -96.35 -12.83
N LYS H 274 -44.38 -95.28 -12.03
CA LYS H 274 -43.50 -94.17 -12.40
C LYS H 274 -42.04 -94.62 -12.47
N LYS H 275 -41.62 -95.43 -11.48
CA LYS H 275 -40.24 -95.89 -11.45
C LYS H 275 -39.97 -96.89 -12.57
N ASP H 276 -40.98 -97.70 -12.92
CA ASP H 276 -40.79 -98.72 -13.94
C ASP H 276 -40.68 -98.09 -15.33
N ARG H 277 -41.40 -96.99 -15.56
CA ARG H 277 -41.43 -96.39 -16.89
C ARG H 277 -40.06 -95.85 -17.29
N VAL H 278 -39.38 -95.17 -16.38
CA VAL H 278 -38.10 -94.57 -16.71
C VAL H 278 -37.02 -95.64 -16.87
N ALA H 279 -37.11 -96.71 -16.07
CA ALA H 279 -36.19 -97.83 -16.23
C ALA H 279 -36.41 -98.54 -17.55
N GLN H 280 -37.67 -98.69 -17.95
CA GLN H 280 -37.99 -99.32 -19.22
C GLN H 280 -37.52 -98.46 -20.40
N LYS H 281 -37.69 -97.15 -20.29
CA LYS H 281 -37.23 -96.24 -21.33
C LYS H 281 -35.72 -96.26 -21.46
N LYS H 282 -35.02 -96.33 -20.32
CA LYS H 282 -33.56 -96.40 -20.34
C LYS H 282 -33.09 -97.71 -20.96
N ALA H 283 -33.77 -98.81 -20.64
CA ALA H 283 -33.41 -100.11 -21.22
C ALA H 283 -33.64 -100.13 -22.73
N SER H 284 -34.75 -99.54 -23.18
CA SER H 284 -35.02 -99.48 -24.61
C SER H 284 -34.01 -98.58 -25.33
N PHE H 285 -33.64 -97.46 -24.71
CA PHE H 285 -32.67 -96.56 -25.32
C PHE H 285 -31.29 -97.20 -25.37
N LEU H 286 -30.92 -97.93 -24.31
CA LEU H 286 -29.61 -98.56 -24.26
C LEU H 286 -29.46 -99.64 -25.33
N ARG H 287 -30.50 -100.46 -25.52
CA ARG H 287 -30.44 -101.51 -26.52
C ARG H 287 -30.56 -100.94 -27.93
N ALA H 288 -31.06 -99.71 -28.06
CA ALA H 288 -31.19 -99.09 -29.37
C ALA H 288 -29.82 -98.79 -29.97
N GLN H 289 -28.90 -98.27 -29.15
CA GLN H 289 -27.55 -97.98 -29.64
C GLN H 289 -26.78 -99.27 -29.89
N GLU H 290 -27.03 -100.31 -29.08
CA GLU H 290 -26.36 -101.59 -29.28
C GLU H 290 -26.75 -102.21 -30.62
N ARG H 291 -28.03 -102.14 -30.97
CA ARG H 291 -28.47 -102.61 -32.28
C ARG H 291 -27.91 -101.75 -33.40
N ALA H 292 -27.84 -100.43 -33.17
CA ALA H 292 -27.28 -99.53 -34.17
C ALA H 292 -25.79 -99.78 -34.38
N ALA H 293 -25.06 -100.00 -33.28
CA ALA H 293 -23.63 -100.26 -33.36
C ALA H 293 -23.35 -101.75 -33.53
N LYS I 1 -45.49 -105.43 102.78
CA LYS I 1 -44.35 -106.21 103.24
C LYS I 1 -43.80 -107.10 102.12
N GLY I 2 -42.53 -106.90 101.79
CA GLY I 2 -41.90 -107.68 100.75
C GLY I 2 -40.41 -107.40 100.60
N LYS I 3 -39.63 -108.45 100.42
CA LYS I 3 -38.20 -108.28 100.23
C LYS I 3 -37.92 -107.65 98.86
N PRO I 4 -37.14 -106.57 98.80
CA PRO I 4 -36.91 -105.87 97.53
C PRO I 4 -35.90 -106.63 96.65
N HIS I 5 -36.38 -107.13 95.52
CA HIS I 5 -35.51 -107.80 94.56
C HIS I 5 -34.70 -106.77 93.78
N CYS I 6 -33.63 -107.24 93.15
CA CYS I 6 -32.82 -106.36 92.31
C CYS I 6 -33.41 -106.29 90.90
N SER I 7 -32.80 -105.45 90.07
CA SER I 7 -33.26 -105.31 88.69
C SER I 7 -33.02 -106.60 87.91
N ARG I 8 -34.06 -107.06 87.22
CA ARG I 8 -33.99 -108.33 86.50
C ARG I 8 -33.14 -108.22 85.25
N ASN I 9 -33.33 -107.18 84.46
CA ASN I 9 -32.56 -107.01 83.24
C ASN I 9 -31.15 -106.52 83.58
N PRO I 10 -30.12 -107.05 82.95
CA PRO I 10 -28.77 -106.50 83.12
C PRO I 10 -28.64 -105.19 82.35
N VAL I 11 -27.64 -104.41 82.73
CA VAL I 11 -27.37 -103.13 82.08
C VAL I 11 -26.66 -103.40 80.76
N LEU I 12 -27.41 -103.30 79.66
CA LEU I 12 -26.84 -103.49 78.33
C LEU I 12 -26.02 -102.27 77.92
N VAL I 13 -26.71 -101.13 77.76
CA VAL I 13 -26.08 -99.83 77.57
C VAL I 13 -26.70 -98.93 78.63
N ARG I 14 -25.93 -97.95 79.10
CA ARG I 14 -26.43 -97.01 80.09
C ARG I 14 -27.70 -96.34 79.60
N GLY I 15 -28.78 -96.49 80.37
CA GLY I 15 -30.08 -96.02 79.93
C GLY I 15 -30.81 -96.94 78.98
N ILE I 16 -30.30 -98.15 78.76
CA ILE I 16 -30.91 -99.13 77.85
C ILE I 16 -31.03 -100.46 78.58
N GLY I 17 -32.25 -101.02 78.61
CA GLY I 17 -32.42 -102.37 79.11
C GLY I 17 -32.24 -103.41 78.03
N ARG I 18 -31.78 -104.60 78.44
CA ARG I 18 -31.52 -105.66 77.48
C ARG I 18 -32.83 -106.27 76.97
N TYR I 19 -33.80 -106.45 77.86
CA TYR I 19 -35.10 -107.00 77.50
C TYR I 19 -36.08 -105.89 77.18
N SER I 20 -37.00 -106.17 76.26
CA SER I 20 -38.09 -105.25 75.98
C SER I 20 -39.11 -105.29 77.10
N ARG I 21 -40.00 -104.28 77.12
CA ARG I 21 -41.02 -104.23 78.16
C ARG I 21 -42.05 -105.33 78.01
N SER I 22 -42.26 -105.83 76.78
CA SER I 22 -43.16 -106.96 76.59
C SER I 22 -42.54 -108.24 77.16
N ALA I 23 -41.24 -108.43 76.94
CA ALA I 23 -40.53 -109.53 77.57
C ALA I 23 -40.43 -109.32 79.08
N MET I 24 -40.27 -108.06 79.50
CA MET I 24 -40.22 -107.75 80.93
C MET I 24 -41.55 -108.04 81.59
N TYR I 25 -42.66 -107.91 80.86
CA TYR I 25 -43.97 -108.24 81.39
C TYR I 25 -44.05 -109.72 81.78
N SER I 26 -43.46 -110.59 80.95
CA SER I 26 -43.34 -111.99 81.31
C SER I 26 -42.41 -112.18 82.50
N ARG I 27 -41.29 -111.45 82.52
CA ARG I 27 -40.30 -111.59 83.59
C ARG I 27 -40.85 -111.10 84.93
N LYS I 28 -41.47 -109.92 84.92
CA LYS I 28 -42.06 -109.40 86.17
C LYS I 28 -43.30 -110.18 86.55
N ALA I 29 -43.86 -110.96 85.62
CA ALA I 29 -45.05 -111.78 85.82
C ALA I 29 -46.24 -110.94 86.26
N LEU I 30 -46.46 -109.80 85.59
CA LEU I 30 -47.60 -108.96 85.89
C LEU I 30 -48.92 -109.55 85.40
N TYR I 31 -48.86 -110.61 84.58
CA TYR I 31 -50.09 -111.26 84.12
C TYR I 31 -50.84 -111.90 85.27
N LYS I 32 -50.10 -112.43 86.26
CA LYS I 32 -50.69 -113.03 87.45
C LYS I 32 -50.45 -112.17 88.69
N ARG I 33 -50.14 -110.89 88.49
CA ARG I 33 -49.91 -109.98 89.62
C ARG I 33 -50.74 -108.71 89.40
N LYS I 34 -51.98 -108.87 88.95
CA LYS I 34 -52.86 -107.74 88.72
C LYS I 34 -53.61 -107.40 90.01
N TYR I 35 -53.95 -106.12 90.15
CA TYR I 35 -54.63 -105.63 91.33
C TYR I 35 -55.73 -104.65 90.92
N ALA I 36 -56.70 -104.47 91.80
CA ALA I 36 -57.79 -103.54 91.56
C ALA I 36 -58.32 -103.05 92.90
N ALA I 37 -59.06 -101.95 92.85
CA ALA I 37 -59.63 -101.36 94.06
C ALA I 37 -61.01 -100.77 93.77
N LEU I 52 -50.28 -81.87 114.64
CA LEU I 52 -48.85 -81.95 114.42
C LEU I 52 -48.14 -80.70 114.91
N ALA I 53 -48.63 -79.53 114.48
CA ALA I 53 -48.01 -78.27 114.85
C ALA I 53 -48.32 -77.89 116.30
N THR I 54 -49.47 -78.28 116.81
CA THR I 54 -49.91 -77.89 118.15
C THR I 54 -49.79 -79.06 119.12
N VAL I 55 -49.19 -78.79 120.28
CA VAL I 55 -49.05 -79.75 121.36
C VAL I 55 -49.65 -79.16 122.62
N THR I 56 -50.50 -79.93 123.29
CA THR I 56 -51.14 -79.48 124.52
C THR I 56 -50.24 -79.76 125.71
N LYS I 57 -50.01 -78.73 126.53
CA LYS I 57 -49.15 -78.83 127.70
C LYS I 57 -49.86 -78.22 128.90
N PRO I 58 -49.74 -78.82 130.08
CA PRO I 58 -50.37 -78.24 131.27
C PRO I 58 -49.47 -77.21 131.94
N VAL I 59 -50.11 -76.14 132.40
CA VAL I 59 -49.42 -75.06 133.11
C VAL I 59 -50.10 -74.85 134.45
N GLY I 60 -49.29 -74.83 135.51
CA GLY I 60 -49.80 -74.64 136.86
C GLY I 60 -50.22 -73.22 137.16
N GLY I 65 -54.78 -71.33 136.03
CA GLY I 65 -54.74 -71.17 134.59
C GLY I 65 -55.45 -72.28 133.84
N GLY I 66 -54.70 -73.33 133.50
CA GLY I 66 -55.26 -74.46 132.78
C GLY I 66 -54.24 -75.20 131.95
N THR I 67 -54.55 -75.44 130.68
CA THR I 67 -53.66 -76.13 129.77
C THR I 67 -53.39 -75.23 128.56
N ARG I 68 -52.13 -75.07 128.22
CA ARG I 68 -51.73 -74.21 127.12
C ARG I 68 -51.45 -75.05 125.87
N VAL I 69 -51.89 -74.52 124.73
CA VAL I 69 -51.65 -75.18 123.45
C VAL I 69 -50.50 -74.48 122.74
N VAL I 70 -49.29 -75.01 122.91
CA VAL I 70 -48.11 -74.42 122.28
C VAL I 70 -48.09 -74.77 120.80
N LYS I 71 -47.31 -74.01 120.04
CA LYS I 71 -47.21 -74.18 118.60
C LYS I 71 -45.76 -74.40 118.22
N LEU I 72 -45.51 -75.44 117.42
CA LEU I 72 -44.18 -75.69 116.88
C LEU I 72 -44.05 -75.03 115.52
N ARG I 73 -42.83 -74.57 115.22
CA ARG I 73 -42.52 -73.81 114.00
C ARG I 73 -43.40 -72.56 113.91
N LYS I 74 -43.28 -71.71 114.93
CA LYS I 74 -44.08 -70.50 114.98
C LYS I 74 -43.60 -69.49 113.93
N MET I 75 -44.50 -68.57 113.59
CA MET I 75 -44.22 -67.58 112.55
C MET I 75 -43.13 -66.60 113.01
N PRO I 76 -42.27 -66.16 112.10
CA PRO I 76 -41.08 -65.40 112.50
C PRO I 76 -41.41 -64.02 113.06
N ARG I 77 -40.50 -63.55 113.91
CA ARG I 77 -40.61 -62.23 114.52
C ARG I 77 -40.12 -61.12 113.61
N TYR I 78 -39.35 -61.45 112.56
CA TYR I 78 -38.81 -60.44 111.66
C TYR I 78 -38.96 -60.90 110.21
N TYR I 79 -39.22 -59.95 109.32
CA TYR I 79 -39.18 -60.17 107.89
C TYR I 79 -38.29 -59.13 107.22
N PRO I 80 -37.47 -59.54 106.26
CA PRO I 80 -36.66 -58.57 105.50
C PRO I 80 -37.50 -57.83 104.49
N THR I 81 -36.93 -56.75 103.95
CA THR I 81 -37.68 -55.87 103.06
C THR I 81 -38.03 -56.54 101.74
N GLU I 82 -37.08 -57.20 101.09
CA GLU I 82 -37.35 -57.89 99.85
C GLU I 82 -36.67 -59.25 99.89
N ASP I 83 -37.20 -60.19 99.10
CA ASP I 83 -36.70 -61.56 99.05
C ASP I 83 -36.49 -62.01 97.61
N VAL I 84 -35.55 -62.94 97.43
CA VAL I 84 -35.38 -63.65 96.16
C VAL I 84 -36.53 -64.62 95.96
N PRO I 85 -36.93 -64.90 94.73
CA PRO I 85 -37.83 -66.03 94.49
C PRO I 85 -37.06 -67.33 94.42
N ARG I 86 -37.80 -68.44 94.47
CA ARG I 86 -37.16 -69.74 94.35
C ARG I 86 -36.62 -69.94 92.93
N LYS I 87 -35.58 -70.75 92.82
CA LYS I 87 -34.93 -71.04 91.54
C LYS I 87 -35.59 -72.24 90.88
N LEU I 88 -35.39 -72.34 89.57
CA LEU I 88 -35.97 -73.43 88.81
C LEU I 88 -35.30 -74.76 89.19
N LEU I 89 -36.03 -75.84 88.98
CA LEU I 89 -35.63 -77.16 89.49
C LEU I 89 -34.79 -77.88 88.43
N SER I 90 -33.48 -77.98 88.69
CA SER I 90 -32.62 -78.82 87.89
C SER I 90 -32.81 -80.28 88.29
N HIS I 91 -32.43 -81.18 87.39
CA HIS I 91 -32.69 -82.61 87.56
C HIS I 91 -31.43 -83.46 87.71
N GLY I 92 -30.36 -83.14 86.99
CA GLY I 92 -29.16 -83.95 87.05
C GLY I 92 -28.03 -83.39 87.90
N LYS I 93 -28.31 -82.34 88.69
CA LYS I 93 -27.25 -81.60 89.37
C LYS I 93 -27.01 -82.23 90.73
N LYS I 94 -26.34 -83.38 90.72
CA LYS I 94 -26.03 -84.09 91.94
C LYS I 94 -24.89 -83.39 92.69
N PRO I 95 -24.87 -83.50 94.01
CA PRO I 95 -23.75 -82.94 94.78
C PRO I 95 -22.51 -83.83 94.71
N PHE I 96 -21.43 -83.36 95.34
CA PHE I 96 -20.13 -83.99 95.19
C PHE I 96 -20.11 -85.39 95.78
N SER I 97 -20.82 -85.61 96.89
CA SER I 97 -20.75 -86.90 97.58
C SER I 97 -21.39 -88.02 96.77
N GLN I 98 -22.36 -87.70 95.92
CA GLN I 98 -23.09 -88.70 95.16
C GLN I 98 -22.57 -88.88 93.74
N HIS I 99 -21.49 -88.19 93.37
CA HIS I 99 -20.91 -88.37 92.04
C HIS I 99 -20.23 -89.72 91.92
N VAL I 100 -20.21 -90.24 90.70
CA VAL I 100 -19.52 -91.50 90.40
C VAL I 100 -18.04 -91.20 90.20
N ARG I 101 -17.19 -92.06 90.74
CA ARG I 101 -15.75 -91.84 90.75
C ARG I 101 -15.09 -92.86 89.83
N LYS I 102 -14.28 -92.36 88.89
CA LYS I 102 -13.64 -93.22 87.91
C LYS I 102 -12.15 -93.39 88.25
N LEU I 103 -11.51 -94.30 87.51
CA LEU I 103 -10.08 -94.55 87.65
C LEU I 103 -9.50 -94.85 86.28
N ARG I 104 -8.26 -94.43 86.06
CA ARG I 104 -7.58 -94.70 84.81
C ARG I 104 -7.24 -96.19 84.69
N ALA I 105 -7.11 -96.65 83.45
CA ALA I 105 -6.68 -98.03 83.23
C ALA I 105 -5.25 -98.25 83.68
N SER I 106 -4.40 -97.25 83.50
CA SER I 106 -3.01 -97.37 83.93
C SER I 106 -2.90 -97.44 85.45
N ILE I 107 -3.70 -96.66 86.15
CA ILE I 107 -3.64 -96.60 87.62
C ILE I 107 -4.33 -97.86 88.16
N THR I 108 -3.54 -98.79 88.66
CA THR I 108 -3.99 -100.00 89.34
C THR I 108 -3.37 -100.05 90.73
N PRO I 109 -4.01 -100.70 91.70
CA PRO I 109 -3.44 -100.79 93.04
C PRO I 109 -2.10 -101.54 93.03
N GLY I 110 -1.04 -100.83 93.42
CA GLY I 110 0.30 -101.37 93.46
C GLY I 110 1.28 -100.60 92.58
N THR I 111 0.77 -99.84 91.62
CA THR I 111 1.65 -99.18 90.65
C THR I 111 2.43 -98.04 91.30
N ILE I 112 3.54 -97.68 90.67
CA ILE I 112 4.38 -96.57 91.11
C ILE I 112 3.86 -95.29 90.46
N LEU I 113 3.71 -94.24 91.27
CA LEU I 113 3.19 -92.96 90.79
C LEU I 113 4.26 -91.89 90.88
N ILE I 114 4.00 -90.79 90.17
CA ILE I 114 4.84 -89.59 90.19
C ILE I 114 3.94 -88.45 90.64
N ILE I 115 4.10 -88.01 91.89
CA ILE I 115 3.31 -86.88 92.37
C ILE I 115 4.07 -85.59 92.06
N LEU I 116 3.38 -84.65 91.40
CA LEU I 116 4.05 -83.43 90.94
C LEU I 116 3.66 -82.21 91.79
N THR I 117 2.36 -81.95 91.91
CA THR I 117 1.91 -80.63 92.36
C THR I 117 2.11 -80.44 93.86
N GLY I 118 2.35 -81.51 94.60
CA GLY I 118 2.52 -81.41 96.03
C GLY I 118 3.91 -80.88 96.40
N ARG I 119 4.13 -80.76 97.71
CA ARG I 119 5.44 -80.34 98.18
C ARG I 119 6.50 -81.41 97.94
N HIS I 120 6.08 -82.68 97.90
CA HIS I 120 6.97 -83.77 97.50
C HIS I 120 7.01 -83.81 95.97
N ARG I 121 7.77 -82.88 95.42
CA ARG I 121 7.75 -82.59 93.98
C ARG I 121 8.59 -83.61 93.24
N GLY I 122 7.96 -84.38 92.37
CA GLY I 122 8.66 -85.35 91.56
C GLY I 122 9.06 -86.63 92.27
N LYS I 123 8.63 -86.82 93.51
CA LYS I 123 8.99 -88.02 94.25
C LYS I 123 8.20 -89.21 93.73
N ARG I 124 8.85 -90.37 93.76
CA ARG I 124 8.26 -91.62 93.28
C ARG I 124 7.56 -92.30 94.44
N VAL I 125 6.23 -92.31 94.42
CA VAL I 125 5.40 -92.62 95.58
C VAL I 125 4.43 -93.73 95.20
N VAL I 126 4.27 -94.71 96.11
CA VAL I 126 3.57 -95.96 95.79
C VAL I 126 2.08 -95.82 96.09
N PHE I 127 1.25 -96.26 95.14
CA PHE I 127 -0.20 -96.18 95.22
C PHE I 127 -0.77 -97.38 95.98
N LEU I 128 -1.81 -97.15 96.78
CA LEU I 128 -2.47 -98.21 97.52
C LEU I 128 -3.92 -98.45 97.06
N LYS I 129 -4.79 -97.44 97.16
CA LYS I 129 -6.21 -97.68 96.90
C LYS I 129 -6.92 -96.36 96.64
N GLN I 130 -8.11 -96.46 96.05
CA GLN I 130 -8.96 -95.30 95.82
C GLN I 130 -9.96 -95.13 96.96
N LEU I 131 -10.20 -93.89 97.37
CA LEU I 131 -11.12 -93.60 98.44
C LEU I 131 -12.52 -93.32 97.89
N SER I 132 -13.46 -93.03 98.80
CA SER I 132 -14.83 -92.72 98.40
C SER I 132 -14.91 -91.40 97.65
N SER I 133 -14.18 -90.38 98.13
CA SER I 133 -14.23 -89.07 97.48
C SER I 133 -13.54 -89.08 96.12
N GLY I 134 -12.71 -90.10 95.86
CA GLY I 134 -11.95 -90.18 94.64
C GLY I 134 -10.48 -89.88 94.80
N LEU I 135 -10.07 -89.36 95.95
CA LEU I 135 -8.66 -89.15 96.22
C LEU I 135 -7.96 -90.49 96.43
N LEU I 136 -6.74 -90.59 95.93
CA LEU I 136 -6.01 -91.85 95.92
C LEU I 136 -5.20 -91.98 97.19
N LEU I 137 -5.38 -93.09 97.91
CA LEU I 137 -4.50 -93.43 99.00
C LEU I 137 -3.16 -93.85 98.43
N VAL I 138 -2.14 -93.01 98.64
CA VAL I 138 -0.84 -93.22 98.03
C VAL I 138 0.20 -93.07 99.12
N THR I 139 1.15 -94.01 99.16
CA THR I 139 2.09 -94.08 100.28
C THR I 139 3.41 -94.67 99.77
N GLY I 140 4.39 -93.81 99.58
CA GLY I 140 5.76 -94.23 99.38
C GLY I 140 6.44 -94.30 100.73
N PRO I 141 7.15 -95.42 101.00
CA PRO I 141 7.67 -95.69 102.34
C PRO I 141 8.44 -94.53 102.98
N LEU I 142 8.12 -94.26 104.26
CA LEU I 142 8.68 -93.12 104.97
C LEU I 142 10.20 -93.20 105.08
N SER I 143 10.74 -94.42 105.19
CA SER I 143 12.18 -94.60 105.19
C SER I 143 12.78 -94.16 103.87
N LEU I 144 12.14 -94.53 102.77
CA LEU I 144 12.68 -94.23 101.45
C LEU I 144 12.30 -92.82 100.98
N ASN I 145 11.00 -92.55 100.83
CA ASN I 145 10.55 -91.32 100.19
C ASN I 145 10.21 -90.20 101.17
N ARG I 146 10.20 -90.49 102.48
CA ARG I 146 9.76 -89.54 103.50
C ARG I 146 8.36 -89.01 103.19
N VAL I 147 7.46 -89.93 102.84
CA VAL I 147 6.10 -89.59 102.49
C VAL I 147 5.13 -90.37 103.38
N PRO I 148 4.27 -89.68 104.14
CA PRO I 148 3.33 -90.39 105.01
C PRO I 148 2.13 -90.96 104.27
N LEU I 149 1.17 -91.48 105.00
CA LEU I 149 -0.12 -91.88 104.44
C LEU I 149 -0.82 -90.62 103.94
N ARG I 150 -0.84 -90.41 102.62
CA ARG I 150 -1.21 -89.10 102.08
C ARG I 150 -2.14 -89.27 100.89
N ARG I 151 -2.98 -88.26 100.69
CA ARG I 151 -3.95 -88.23 99.59
C ARG I 151 -3.40 -87.42 98.41
N THR I 152 -3.79 -87.83 97.21
CA THR I 152 -3.47 -87.10 95.99
C THR I 152 -4.68 -87.11 95.08
N HIS I 153 -4.63 -86.27 94.05
CA HIS I 153 -5.66 -86.21 93.03
C HIS I 153 -5.19 -86.93 91.78
N GLN I 154 -6.14 -87.51 91.03
CA GLN I 154 -5.81 -88.33 89.88
C GLN I 154 -5.14 -87.54 88.77
N LYS I 155 -5.61 -86.31 88.53
CA LYS I 155 -5.06 -85.51 87.44
C LYS I 155 -3.60 -85.15 87.67
N PHE I 156 -3.20 -84.86 88.91
CA PHE I 156 -1.88 -84.32 89.21
C PHE I 156 -0.86 -85.43 89.47
N VAL I 157 -1.06 -86.58 88.85
CA VAL I 157 -0.20 -87.74 89.05
C VAL I 157 0.17 -88.38 87.72
N ILE I 158 1.47 -88.59 87.50
CA ILE I 158 1.94 -89.40 86.38
C ILE I 158 2.04 -90.85 86.84
N ALA I 159 1.39 -91.75 86.10
CA ALA I 159 1.30 -93.15 86.48
C ALA I 159 2.36 -93.95 85.74
N THR I 160 3.45 -94.27 86.43
CA THR I 160 4.49 -95.12 85.86
C THR I 160 4.00 -96.56 85.77
N SER I 161 4.40 -97.24 84.70
CA SER I 161 4.01 -98.64 84.48
C SER I 161 4.97 -99.58 85.20
N THR I 162 4.93 -99.52 86.53
CA THR I 162 5.74 -100.38 87.38
C THR I 162 4.88 -100.82 88.56
N LYS I 163 4.50 -102.10 88.58
CA LYS I 163 3.56 -102.62 89.56
C LYS I 163 4.24 -103.63 90.46
N ILE I 164 3.59 -103.90 91.59
CA ILE I 164 4.03 -104.93 92.54
C ILE I 164 2.82 -105.74 92.95
N ASP I 165 3.05 -106.95 93.44
CA ASP I 165 1.97 -107.81 93.90
C ASP I 165 1.46 -107.35 95.27
N ILE I 166 0.55 -106.39 95.26
CA ILE I 166 0.05 -105.77 96.49
C ILE I 166 -1.27 -106.37 96.93
N SER I 167 -1.75 -107.41 96.23
CA SER I 167 -3.06 -107.99 96.52
C SER I 167 -3.12 -108.59 97.92
N GLY I 168 -2.05 -109.26 98.34
CA GLY I 168 -2.02 -109.89 99.64
C GLY I 168 -1.57 -108.99 100.77
N VAL I 169 -2.30 -107.89 101.01
CA VAL I 169 -2.01 -106.98 102.11
C VAL I 169 -3.30 -106.73 102.87
N LYS I 170 -3.15 -106.31 104.14
CA LYS I 170 -4.30 -105.99 105.00
C LYS I 170 -4.27 -104.49 105.28
N ILE I 171 -4.92 -103.73 104.39
CA ILE I 171 -5.04 -102.28 104.60
C ILE I 171 -6.01 -102.01 105.74
N PRO I 172 -5.67 -101.17 106.72
CA PRO I 172 -6.62 -100.86 107.79
C PRO I 172 -7.87 -100.19 107.27
N LYS I 173 -9.00 -100.50 107.90
CA LYS I 173 -10.30 -99.99 107.47
C LYS I 173 -10.66 -98.66 108.13
N HIS I 174 -10.03 -98.32 109.26
CA HIS I 174 -10.41 -97.12 109.98
C HIS I 174 -9.99 -95.86 109.24
N LEU I 175 -8.92 -95.93 108.46
CA LEU I 175 -8.48 -94.78 107.69
C LEU I 175 -9.40 -94.54 106.50
N THR I 176 -9.79 -93.30 106.31
CA THR I 176 -10.76 -92.92 105.28
C THR I 176 -10.58 -91.44 104.96
N ASP I 177 -11.55 -90.87 104.25
CA ASP I 177 -11.50 -89.45 103.90
C ASP I 177 -11.53 -88.57 105.13
N ALA I 178 -12.32 -88.95 106.14
CA ALA I 178 -12.40 -88.16 107.36
C ALA I 178 -11.08 -88.21 108.15
N TYR I 179 -10.30 -89.29 107.96
CA TYR I 179 -9.04 -89.41 108.68
C TYR I 179 -8.01 -88.41 108.17
N PHE I 180 -7.93 -88.23 106.86
CA PHE I 180 -6.93 -87.36 106.25
C PHE I 180 -7.41 -85.93 106.07
N LYS I 181 -8.63 -85.61 106.51
CA LYS I 181 -9.13 -84.25 106.39
C LYS I 181 -8.43 -83.33 107.38
N LYS I 182 -8.13 -82.11 106.93
CA LYS I 182 -7.45 -81.15 107.79
C LYS I 182 -8.39 -80.64 108.87
N LYS I 183 -7.91 -80.63 110.11
CA LYS I 183 -8.74 -80.19 111.24
C LYS I 183 -8.78 -78.66 111.32
N LYS I 184 -7.63 -78.03 111.48
CA LYS I 184 -7.57 -76.57 111.57
C LYS I 184 -6.18 -76.07 111.17
N LYS I 202 0.46 -74.75 114.57
CA LYS I 202 1.43 -75.82 114.33
C LYS I 202 0.71 -77.16 114.21
N TYR I 203 1.21 -78.01 113.31
CA TYR I 203 0.64 -79.34 113.08
C TYR I 203 1.58 -80.38 113.68
N GLU I 204 1.05 -81.18 114.59
CA GLU I 204 1.80 -82.22 115.28
C GLU I 204 1.33 -83.59 114.81
N ILE I 205 2.27 -84.50 114.60
CA ILE I 205 1.95 -85.84 114.13
C ILE I 205 1.36 -86.64 115.29
N THR I 206 0.17 -87.18 115.07
CA THR I 206 -0.49 -87.98 116.09
C THR I 206 0.14 -89.36 116.18
N GLU I 207 -0.07 -90.02 117.32
CA GLU I 207 0.45 -91.36 117.53
C GLU I 207 -0.24 -92.36 116.62
N GLN I 208 -1.51 -92.11 116.29
CA GLN I 208 -2.22 -93.00 115.38
C GLN I 208 -1.63 -92.95 113.98
N ARG I 209 -1.17 -91.77 113.55
CA ARG I 209 -0.54 -91.64 112.24
C ARG I 209 0.76 -92.45 112.18
N LYS I 210 1.54 -92.42 113.25
CA LYS I 210 2.78 -93.18 113.29
C LYS I 210 2.51 -94.68 113.32
N VAL I 211 1.49 -95.10 114.07
CA VAL I 211 1.13 -96.52 114.15
C VAL I 211 0.65 -97.02 112.79
N ASP I 212 -0.17 -96.22 112.11
CA ASP I 212 -0.64 -96.58 110.78
C ASP I 212 0.52 -96.66 109.79
N GLN I 213 1.49 -95.76 109.92
CA GLN I 213 2.66 -95.78 109.04
C GLN I 213 3.48 -97.05 109.23
N LYS I 214 3.68 -97.45 110.49
CA LYS I 214 4.44 -98.67 110.75
C LYS I 214 3.68 -99.92 110.31
N ALA I 215 2.35 -99.91 110.48
CA ALA I 215 1.55 -101.06 110.07
C ALA I 215 1.59 -101.24 108.56
N VAL I 216 1.54 -100.14 107.80
CA VAL I 216 1.66 -100.23 106.35
C VAL I 216 3.07 -100.62 105.95
N ASP I 217 4.07 -100.05 106.63
CA ASP I 217 5.47 -100.31 106.27
C ASP I 217 5.84 -101.77 106.47
N SER I 218 5.30 -102.40 107.51
CA SER I 218 5.54 -103.82 107.72
C SER I 218 4.96 -104.66 106.58
N GLN I 219 3.97 -104.12 105.88
CA GLN I 219 3.28 -104.88 104.84
C GLN I 219 3.94 -104.67 103.47
N ILE I 220 4.19 -103.42 103.10
CA ILE I 220 4.57 -103.11 101.71
C ILE I 220 6.08 -103.10 101.52
N LEU I 221 6.84 -102.68 102.53
CA LEU I 221 8.29 -102.59 102.38
C LEU I 221 9.00 -103.91 102.12
N PRO I 222 8.67 -105.05 102.78
CA PRO I 222 9.30 -106.31 102.36
C PRO I 222 9.00 -106.70 100.92
N LYS I 223 7.84 -106.29 100.39
CA LYS I 223 7.48 -106.68 99.03
C LYS I 223 8.36 -106.00 97.99
N ILE I 224 8.60 -104.69 98.16
CA ILE I 224 9.40 -103.96 97.17
C ILE I 224 10.86 -104.36 97.28
N LYS I 225 11.27 -104.87 98.44
CA LYS I 225 12.64 -105.37 98.60
C LYS I 225 12.89 -106.63 97.79
N ALA I 226 11.82 -107.42 97.57
CA ALA I 226 11.97 -108.65 96.79
C ALA I 226 12.34 -108.36 95.34
N VAL I 227 11.66 -107.41 94.72
CA VAL I 227 12.04 -107.00 93.36
C VAL I 227 13.29 -106.13 93.44
N PRO I 228 14.32 -106.39 92.62
CA PRO I 228 15.56 -105.63 92.74
C PRO I 228 15.41 -104.21 92.23
N GLN I 229 16.25 -103.32 92.77
CA GLN I 229 16.48 -101.96 92.30
C GLN I 229 15.26 -101.05 92.39
N LEU I 230 14.18 -101.47 93.07
CA LEU I 230 13.01 -100.61 93.14
C LEU I 230 13.07 -99.70 94.37
N GLN I 231 13.69 -100.16 95.46
CA GLN I 231 13.82 -99.30 96.63
C GLN I 231 14.76 -98.12 96.35
N GLY I 232 15.82 -98.36 95.57
CA GLY I 232 16.63 -97.25 95.10
C GLY I 232 15.90 -96.40 94.07
N TYR I 233 15.04 -97.04 93.29
CA TYR I 233 14.22 -96.32 92.31
C TYR I 233 13.27 -95.36 93.00
N LEU I 234 12.69 -95.78 94.13
CA LEU I 234 11.79 -94.90 94.88
C LEU I 234 12.54 -93.70 95.45
N ARG I 235 13.76 -93.91 95.93
CA ARG I 235 14.50 -92.84 96.59
C ARG I 235 14.89 -91.74 95.62
N SER I 236 15.13 -92.09 94.36
CA SER I 236 15.45 -91.10 93.35
C SER I 236 14.21 -90.24 93.04
N VAL I 237 14.47 -89.06 92.49
CA VAL I 237 13.41 -88.09 92.21
C VAL I 237 13.30 -87.91 90.69
N PHE I 238 12.05 -87.81 90.23
CA PHE I 238 11.81 -87.65 88.79
C PHE I 238 12.07 -86.21 88.39
N ALA I 239 12.74 -86.04 87.25
CA ALA I 239 13.09 -84.71 86.76
C ALA I 239 13.40 -84.79 85.28
N LEU I 240 12.99 -83.75 84.56
CA LEU I 240 13.30 -83.63 83.14
C LEU I 240 14.66 -82.97 82.95
N THR I 241 15.40 -83.45 81.96
CA THR I 241 16.72 -82.92 81.63
C THR I 241 16.79 -82.62 80.14
N ASN I 242 17.98 -82.28 79.67
CA ASN I 242 18.18 -81.94 78.26
C ASN I 242 18.01 -83.18 77.39
N GLY I 243 17.33 -83.01 76.25
CA GLY I 243 17.13 -84.11 75.33
C GLY I 243 16.13 -85.14 75.79
N VAL I 244 15.26 -84.79 76.74
CA VAL I 244 14.23 -85.68 77.27
C VAL I 244 12.91 -84.95 77.12
N TYR I 245 12.01 -85.48 76.31
CA TYR I 245 10.71 -84.87 76.06
C TYR I 245 9.61 -85.84 76.49
N PRO I 246 8.70 -85.44 77.40
CA PRO I 246 7.74 -86.39 77.98
C PRO I 246 6.85 -87.10 76.96
N HIS I 247 6.57 -86.45 75.84
CA HIS I 247 5.77 -87.10 74.80
C HIS I 247 6.58 -88.18 74.08
N LYS I 248 7.92 -88.09 74.13
CA LYS I 248 8.76 -89.05 73.43
C LYS I 248 8.94 -90.34 74.23
N LEU I 249 9.51 -90.25 75.43
CA LEU I 249 9.76 -91.45 76.21
C LEU I 249 8.45 -91.98 76.79
N VAL I 250 8.51 -93.21 77.29
CA VAL I 250 7.33 -93.90 77.81
C VAL I 250 7.56 -94.18 79.30
N PHE I 251 6.47 -94.20 80.05
CA PHE I 251 6.52 -94.42 81.49
C PHE I 251 5.48 -95.45 81.93
N ASN J 1 -70.47 -81.41 98.44
CA ASN J 1 -70.28 -80.68 97.19
C ASN J 1 -68.93 -81.00 96.55
N PHE J 2 -67.87 -80.93 97.34
CA PHE J 2 -66.53 -81.21 96.83
C PHE J 2 -66.22 -82.70 96.76
N ALA J 3 -67.07 -83.54 97.37
CA ALA J 3 -66.85 -84.98 97.34
C ALA J 3 -66.91 -85.54 95.94
N GLU J 4 -67.92 -85.14 95.16
CA GLU J 4 -67.97 -85.54 93.75
C GLU J 4 -67.19 -84.58 92.86
N LEU J 5 -66.84 -83.40 93.35
CA LEU J 5 -65.97 -82.51 92.59
C LEU J 5 -64.53 -83.01 92.60
N LYS J 6 -64.14 -83.76 93.64
CA LYS J 6 -62.84 -84.44 93.62
C LYS J 6 -62.76 -85.45 92.49
N ILE J 7 -63.86 -86.15 92.20
CA ILE J 7 -63.87 -87.12 91.11
C ILE J 7 -63.75 -86.41 89.77
N LYS J 8 -64.21 -85.16 89.70
CA LYS J 8 -64.10 -84.39 88.45
C LYS J 8 -62.65 -84.16 88.07
N ARG J 9 -61.79 -83.79 89.03
CA ARG J 9 -60.41 -83.45 88.70
C ARG J 9 -59.58 -84.71 88.43
N LEU J 10 -59.81 -85.77 89.19
CA LEU J 10 -59.01 -86.99 89.03
C LEU J 10 -59.36 -87.75 87.77
N ARG J 11 -60.65 -87.86 87.43
CA ARG J 11 -61.04 -88.60 86.24
C ARG J 11 -60.57 -87.91 84.97
N LYS J 12 -60.66 -86.57 84.92
CA LYS J 12 -60.17 -85.84 83.76
C LYS J 12 -58.66 -85.93 83.63
N LYS J 13 -57.94 -85.99 84.76
CA LYS J 13 -56.52 -86.27 84.71
C LYS J 13 -56.26 -87.69 84.20
N PHE J 14 -57.10 -88.65 84.61
CA PHE J 14 -56.97 -90.01 84.12
C PHE J 14 -57.33 -90.12 82.64
N ALA J 15 -58.31 -89.33 82.19
CA ALA J 15 -58.71 -89.36 80.78
C ALA J 15 -57.60 -88.89 79.87
N GLN J 16 -56.86 -87.85 80.28
CA GLN J 16 -55.75 -87.37 79.46
C GLN J 16 -54.59 -88.36 79.48
N LYS J 17 -54.40 -89.07 80.59
CA LYS J 17 -53.29 -90.01 80.71
C LYS J 17 -53.45 -91.20 79.77
N MET J 18 -54.66 -91.78 79.69
CA MET J 18 -54.91 -92.86 78.75
C MET J 18 -54.91 -92.34 77.31
N LEU J 19 -55.41 -91.12 77.11
CA LEU J 19 -55.36 -90.50 75.79
C LEU J 19 -53.94 -90.23 75.35
N ARG J 20 -53.07 -89.79 76.27
CA ARG J 20 -51.66 -89.61 75.94
C ARG J 20 -50.98 -90.94 75.67
N LYS J 21 -51.35 -91.99 76.42
CA LYS J 21 -50.77 -93.31 76.20
C LYS J 21 -51.27 -93.94 74.91
N ALA J 22 -52.53 -93.69 74.54
CA ALA J 22 -53.05 -94.20 73.28
C ALA J 22 -52.32 -93.59 72.09
N ARG J 23 -52.01 -92.29 72.16
CA ARG J 23 -51.23 -91.64 71.10
C ARG J 23 -49.78 -92.09 71.13
N ARG J 24 -49.24 -92.36 72.33
CA ARG J 24 -47.87 -92.85 72.45
C ARG J 24 -47.70 -94.21 71.79
N LYS J 25 -48.73 -95.06 71.86
CA LYS J 25 -48.68 -96.34 71.17
C LYS J 25 -48.78 -96.16 69.65
N LEU J 26 -49.49 -95.13 69.19
CA LEU J 26 -49.59 -94.89 67.76
C LEU J 26 -48.26 -94.40 67.18
N ILE J 27 -47.55 -93.54 67.92
CA ILE J 27 -46.26 -93.05 67.45
C ILE J 27 -45.25 -94.19 67.33
N TYR J 28 -45.26 -95.10 68.30
CA TYR J 28 -44.34 -96.23 68.29
C TYR J 28 -44.61 -97.16 67.12
N GLU J 29 -45.88 -97.49 66.88
CA GLU J 29 -46.22 -98.49 65.87
C GLU J 29 -46.15 -97.96 64.44
N LYS J 30 -46.47 -96.68 64.22
CA LYS J 30 -46.29 -96.11 62.89
C LYS J 30 -44.82 -96.06 62.51
N ALA J 31 -43.95 -95.76 63.48
CA ALA J 31 -42.52 -95.79 63.25
C ALA J 31 -42.02 -97.21 62.98
N LYS J 32 -42.64 -98.21 63.61
CA LYS J 32 -42.29 -99.60 63.32
C LYS J 32 -42.66 -99.98 61.90
N HIS J 33 -43.81 -99.50 61.41
CA HIS J 33 -44.16 -99.70 60.02
C HIS J 33 -43.21 -98.96 59.09
N TYR J 34 -42.75 -97.77 59.49
CA TYR J 34 -41.87 -96.97 58.64
C TYR J 34 -40.49 -97.60 58.53
N HIS J 35 -40.01 -98.23 59.61
CA HIS J 35 -38.76 -98.98 59.52
C HIS J 35 -38.90 -100.15 58.56
N LYS J 36 -40.04 -100.83 58.60
CA LYS J 36 -40.34 -101.84 57.59
C LYS J 36 -40.48 -101.21 56.21
N GLU J 37 -41.01 -100.00 56.13
CA GLU J 37 -41.17 -99.33 54.84
C GLU J 37 -39.83 -98.85 54.29
N TYR J 38 -38.92 -98.43 55.17
CA TYR J 38 -37.59 -98.05 54.71
C TYR J 38 -36.76 -99.27 54.31
N ARG J 39 -36.92 -100.39 55.04
CA ARG J 39 -36.33 -101.64 54.59
C ARG J 39 -37.02 -102.15 53.33
N GLN J 40 -38.27 -101.75 53.11
CA GLN J 40 -39.01 -102.18 51.92
C GLN J 40 -38.39 -101.59 50.65
N MET J 41 -38.17 -100.28 50.64
CA MET J 41 -37.70 -99.62 49.42
C MET J 41 -36.22 -99.85 49.17
N TYR J 42 -35.41 -99.90 50.23
CA TYR J 42 -33.97 -100.13 50.06
C TYR J 42 -33.70 -101.52 49.49
N ARG J 43 -34.41 -102.53 50.00
CA ARG J 43 -34.16 -103.89 49.53
C ARG J 43 -34.77 -104.15 48.16
N THR J 44 -35.94 -103.56 47.86
CA THR J 44 -36.60 -103.85 46.60
C THR J 44 -35.88 -103.24 45.39
N GLU J 45 -35.05 -102.21 45.60
CA GLU J 45 -34.21 -101.74 44.51
C GLU J 45 -33.03 -102.67 44.28
N ILE J 46 -32.53 -103.31 45.35
CA ILE J 46 -31.56 -104.38 45.18
C ILE J 46 -32.21 -105.60 44.54
N ARG J 47 -33.51 -105.83 44.79
CA ARG J 47 -34.21 -106.92 44.12
C ARG J 47 -34.24 -106.69 42.61
N MET J 48 -34.57 -105.47 42.19
CA MET J 48 -34.70 -105.17 40.77
C MET J 48 -33.35 -105.08 40.06
N ALA J 49 -32.28 -104.75 40.77
CA ALA J 49 -30.97 -104.63 40.13
C ALA J 49 -30.39 -105.99 39.76
N ARG J 50 -30.54 -106.98 40.65
CA ARG J 50 -29.94 -108.29 40.41
C ARG J 50 -30.64 -109.07 39.31
N MET J 51 -31.97 -108.96 39.22
CA MET J 51 -32.73 -109.75 38.26
C MET J 51 -32.53 -109.30 36.83
N ALA J 52 -32.30 -108.00 36.61
CA ALA J 52 -31.93 -107.52 35.29
C ALA J 52 -30.53 -107.99 34.89
N ARG J 53 -29.64 -108.13 35.88
CA ARG J 53 -28.31 -108.70 35.64
C ARG J 53 -28.34 -110.22 35.56
N LYS J 54 -29.41 -110.87 36.02
CA LYS J 54 -29.56 -112.30 35.81
C LYS J 54 -29.70 -112.62 34.32
N ALA J 55 -30.49 -111.82 33.61
CA ALA J 55 -30.58 -111.92 32.16
C ALA J 55 -29.64 -110.88 31.53
N GLY J 56 -29.74 -110.70 30.23
CA GLY J 56 -28.93 -109.70 29.56
C GLY J 56 -29.65 -108.36 29.43
N ASN J 57 -30.12 -107.82 30.55
CA ASN J 57 -30.85 -106.56 30.56
C ASN J 57 -30.25 -105.62 31.61
N PHE J 58 -30.87 -104.45 31.75
CA PHE J 58 -30.47 -103.46 32.74
C PHE J 58 -31.70 -102.91 33.42
N TYR J 59 -31.58 -102.61 34.72
CA TYR J 59 -32.63 -101.96 35.48
C TYR J 59 -32.25 -100.49 35.66
N VAL J 60 -32.90 -99.62 34.89
CA VAL J 60 -32.71 -98.18 35.05
C VAL J 60 -33.54 -97.72 36.24
N PRO J 61 -32.92 -97.22 37.30
CA PRO J 61 -33.68 -96.71 38.45
C PRO J 61 -34.27 -95.35 38.12
N ALA J 62 -35.35 -95.01 38.82
CA ALA J 62 -35.96 -93.70 38.66
C ALA J 62 -35.12 -92.65 39.37
N GLU J 63 -35.01 -91.48 38.75
CA GLU J 63 -34.38 -90.36 39.43
C GLU J 63 -35.21 -90.00 40.66
N PRO J 64 -34.60 -89.88 41.83
CA PRO J 64 -35.37 -89.60 43.04
C PRO J 64 -36.08 -88.26 42.96
N LYS J 65 -37.29 -88.23 43.50
CA LYS J 65 -38.19 -87.10 43.35
C LYS J 65 -37.98 -86.04 44.43
N LEU J 66 -36.88 -86.10 45.18
CA LEU J 66 -36.51 -85.05 46.11
C LEU J 66 -35.01 -84.81 46.06
N ALA J 67 -34.64 -83.54 46.14
CA ALA J 67 -33.25 -83.10 46.25
C ALA J 67 -33.13 -82.07 47.36
N PHE J 68 -31.90 -81.88 47.83
CA PHE J 68 -31.60 -80.93 48.90
C PHE J 68 -30.73 -79.82 48.33
N VAL J 69 -31.26 -78.60 48.31
CA VAL J 69 -30.61 -77.46 47.68
C VAL J 69 -29.91 -76.63 48.75
N ILE J 70 -28.63 -76.36 48.53
CA ILE J 70 -27.82 -75.56 49.45
C ILE J 70 -27.23 -74.39 48.67
N ARG J 71 -27.54 -73.17 49.13
CA ARG J 71 -26.97 -71.98 48.53
C ARG J 71 -25.55 -71.78 49.06
N ILE J 72 -24.57 -71.78 48.16
CA ILE J 72 -23.16 -71.72 48.54
C ILE J 72 -22.52 -70.40 48.17
N ARG J 73 -23.25 -69.45 47.58
CA ARG J 73 -22.70 -68.15 47.24
C ARG J 73 -23.47 -67.05 47.96
N GLY J 74 -22.79 -65.97 48.27
CA GLY J 74 -23.37 -64.89 49.04
C GLY J 74 -24.36 -64.06 48.25
N ILE J 75 -24.86 -63.01 48.92
CA ILE J 75 -25.93 -62.18 48.36
C ILE J 75 -25.40 -60.95 47.64
N ASN J 76 -24.09 -60.75 47.59
CA ASN J 76 -23.52 -59.59 46.94
C ASN J 76 -23.36 -59.84 45.43
N GLY J 77 -23.93 -58.96 44.62
CA GLY J 77 -23.82 -59.07 43.18
C GLY J 77 -24.59 -60.25 42.61
N VAL J 78 -25.91 -60.21 42.70
CA VAL J 78 -26.77 -61.30 42.27
C VAL J 78 -27.75 -60.76 41.23
N SER J 79 -27.89 -61.49 40.12
CA SER J 79 -28.83 -61.11 39.07
C SER J 79 -30.27 -61.18 39.59
N PRO J 80 -31.14 -60.26 39.16
CA PRO J 80 -32.53 -60.27 39.66
C PRO J 80 -33.29 -61.53 39.33
N LYS J 81 -33.06 -62.14 38.17
CA LYS J 81 -33.67 -63.43 37.87
C LYS J 81 -33.14 -64.50 38.80
N VAL J 82 -31.83 -64.45 39.11
CA VAL J 82 -31.24 -65.37 40.07
C VAL J 82 -31.73 -65.06 41.49
N ARG J 83 -31.85 -63.78 41.82
CA ARG J 83 -32.24 -63.40 43.18
C ARG J 83 -33.68 -63.77 43.48
N LYS J 84 -34.55 -63.75 42.47
CA LYS J 84 -35.96 -64.07 42.70
C LYS J 84 -36.14 -65.55 43.02
N VAL J 85 -35.38 -66.42 42.34
CA VAL J 85 -35.49 -67.85 42.60
C VAL J 85 -34.96 -68.20 43.99
N LEU J 86 -33.89 -67.53 44.43
CA LEU J 86 -33.30 -67.85 45.72
C LEU J 86 -34.21 -67.46 46.87
N GLN J 87 -35.02 -66.41 46.72
CA GLN J 87 -36.03 -66.07 47.71
C GLN J 87 -37.34 -66.79 47.47
N LEU J 88 -37.47 -67.52 46.37
CA LEU J 88 -38.61 -68.40 46.16
C LEU J 88 -38.37 -69.80 46.69
N LEU J 89 -37.10 -70.18 46.88
CA LEU J 89 -36.73 -71.45 47.50
C LEU J 89 -36.37 -71.28 48.98
N ARG J 90 -36.65 -70.11 49.55
CA ARG J 90 -36.32 -69.78 50.95
C ARG J 90 -34.84 -69.95 51.23
N LEU J 91 -34.00 -69.58 50.27
CA LEU J 91 -32.55 -69.60 50.42
C LEU J 91 -32.07 -68.16 50.38
N ARG J 92 -32.08 -67.52 51.54
CA ARG J 92 -31.71 -66.11 51.66
C ARG J 92 -30.31 -65.90 52.20
N GLN J 93 -29.76 -66.86 52.93
CA GLN J 93 -28.42 -66.78 53.47
C GLN J 93 -27.51 -67.79 52.77
N ILE J 94 -26.21 -67.65 53.00
CA ILE J 94 -25.25 -68.64 52.52
C ILE J 94 -25.34 -69.88 53.39
N PHE J 95 -25.17 -71.05 52.78
CA PHE J 95 -25.24 -72.35 53.45
C PHE J 95 -26.60 -72.61 54.09
N ASN J 96 -27.66 -72.09 53.48
CA ASN J 96 -29.02 -72.44 53.86
C ASN J 96 -29.48 -73.65 53.07
N GLY J 97 -30.32 -74.48 53.68
CA GLY J 97 -30.79 -75.70 53.06
C GLY J 97 -32.30 -75.80 53.08
N THR J 98 -32.83 -76.43 52.04
CA THR J 98 -34.26 -76.65 51.91
C THR J 98 -34.49 -77.90 51.08
N PHE J 99 -35.67 -78.48 51.23
CA PHE J 99 -36.06 -79.68 50.49
C PHE J 99 -36.95 -79.27 49.32
N VAL J 100 -36.60 -79.74 48.12
CA VAL J 100 -37.35 -79.41 46.91
C VAL J 100 -37.67 -80.71 46.17
N LYS J 101 -38.93 -80.92 45.85
CA LYS J 101 -39.31 -82.08 45.07
C LYS J 101 -39.07 -81.82 43.59
N LEU J 102 -38.92 -82.91 42.83
CA LEU J 102 -38.47 -82.86 41.44
C LEU J 102 -39.66 -82.94 40.50
N ASN J 103 -39.83 -81.89 39.69
CA ASN J 103 -40.74 -81.89 38.55
C ASN J 103 -40.24 -80.82 37.59
N LYS J 104 -40.85 -80.78 36.40
CA LYS J 104 -40.34 -79.96 35.30
C LYS J 104 -40.25 -78.47 35.67
N ALA J 105 -41.08 -78.02 36.62
CA ALA J 105 -40.95 -76.66 37.11
C ALA J 105 -39.72 -76.49 38.00
N SER J 106 -39.29 -77.57 38.65
CA SER J 106 -38.21 -77.47 39.64
C SER J 106 -36.82 -77.47 39.03
N ILE J 107 -36.51 -78.40 38.12
CA ILE J 107 -35.18 -78.42 37.51
C ILE J 107 -34.99 -77.17 36.66
N ASN J 108 -36.03 -76.75 35.94
CA ASN J 108 -35.95 -75.53 35.14
C ASN J 108 -35.78 -74.29 36.01
N MET J 109 -36.25 -74.33 37.26
CA MET J 109 -35.86 -73.31 38.23
C MET J 109 -34.43 -73.52 38.71
N LEU J 110 -34.00 -74.77 38.80
CA LEU J 110 -32.66 -75.09 39.31
C LEU J 110 -31.56 -74.96 38.26
N ARG J 111 -31.89 -75.10 36.97
CA ARG J 111 -30.87 -75.01 35.93
C ARG J 111 -30.53 -73.59 35.54
N ILE J 112 -31.14 -72.58 36.17
CA ILE J 112 -30.77 -71.19 35.96
C ILE J 112 -29.98 -70.62 37.13
N VAL J 113 -29.76 -71.39 38.18
CA VAL J 113 -29.21 -70.89 39.43
C VAL J 113 -28.07 -71.77 39.96
N GLU J 114 -27.57 -72.71 39.15
CA GLU J 114 -26.54 -73.63 39.63
C GLU J 114 -25.18 -73.02 40.02
N PRO J 115 -24.73 -71.87 39.49
CA PRO J 115 -23.50 -71.27 40.05
C PRO J 115 -23.67 -70.75 41.47
N TYR J 116 -24.89 -70.55 41.94
CA TYR J 116 -25.14 -69.99 43.27
C TYR J 116 -25.56 -71.04 44.29
N ILE J 117 -25.88 -72.27 43.85
CA ILE J 117 -26.33 -73.31 44.75
C ILE J 117 -25.44 -74.54 44.64
N ALA J 118 -25.70 -75.52 45.50
CA ALA J 118 -25.12 -76.86 45.37
C ALA J 118 -26.18 -77.85 45.83
N TRP J 119 -26.77 -78.58 44.90
CA TRP J 119 -27.93 -79.41 45.19
C TRP J 119 -27.65 -80.84 44.75
N GLY J 120 -28.35 -81.77 45.40
CA GLY J 120 -28.23 -83.18 45.06
C GLY J 120 -29.27 -83.97 45.81
N TYR J 121 -29.30 -85.28 45.52
CA TYR J 121 -30.31 -86.15 46.08
C TYR J 121 -29.81 -86.76 47.38
N PRO J 122 -30.44 -86.47 48.51
CA PRO J 122 -29.93 -86.96 49.79
C PRO J 122 -30.29 -88.42 50.05
N ASN J 123 -29.59 -89.00 51.01
CA ASN J 123 -29.84 -90.36 51.46
C ASN J 123 -30.91 -90.37 52.55
N LEU J 124 -31.31 -91.57 52.97
CA LEU J 124 -32.28 -91.71 54.05
C LEU J 124 -31.71 -91.21 55.37
N LYS J 125 -30.44 -91.53 55.66
CA LYS J 125 -29.82 -91.04 56.88
C LYS J 125 -29.65 -89.53 56.86
N SER J 126 -29.31 -88.98 55.69
CA SER J 126 -29.06 -87.54 55.56
C SER J 126 -30.27 -86.70 55.93
N VAL J 127 -31.48 -87.26 55.80
CA VAL J 127 -32.67 -86.55 56.27
C VAL J 127 -32.66 -86.46 57.80
N ASN J 128 -32.19 -87.51 58.47
CA ASN J 128 -32.28 -87.58 59.92
C ASN J 128 -31.42 -86.51 60.60
N GLU J 129 -30.19 -86.29 60.11
CA GLU J 129 -29.34 -85.26 60.70
C GLU J 129 -29.84 -83.85 60.41
N LEU J 130 -30.79 -83.69 59.49
CA LEU J 130 -31.36 -82.38 59.21
C LEU J 130 -32.64 -82.15 60.01
N ILE J 131 -33.52 -83.15 60.07
CA ILE J 131 -34.78 -82.99 60.78
C ILE J 131 -34.55 -82.95 62.29
N TYR J 132 -33.63 -83.75 62.80
CA TYR J 132 -33.45 -83.80 64.25
C TYR J 132 -32.54 -82.68 64.75
N LYS J 133 -31.38 -82.50 64.14
CA LYS J 133 -30.39 -81.56 64.66
C LYS J 133 -30.62 -80.13 64.19
N ARG J 134 -31.14 -79.94 62.97
CA ARG J 134 -31.38 -78.60 62.44
C ARG J 134 -32.84 -78.36 62.15
N GLY J 135 -33.73 -79.20 62.66
CA GLY J 135 -35.15 -79.07 62.38
C GLY J 135 -35.77 -77.92 63.14
N TYR J 136 -36.26 -76.92 62.43
CA TYR J 136 -36.95 -75.78 63.02
C TYR J 136 -38.26 -75.56 62.29
N GLY J 137 -39.31 -75.24 63.05
CA GLY J 137 -40.67 -75.18 62.52
C GLY J 137 -41.16 -73.74 62.42
N LYS J 138 -41.91 -73.45 61.35
CA LYS J 138 -42.53 -72.15 61.15
C LYS J 138 -43.91 -72.18 61.78
N ILE J 139 -43.97 -71.93 63.08
CA ILE J 139 -45.22 -71.92 63.84
C ILE J 139 -45.54 -70.47 64.17
N ASN J 140 -46.68 -69.99 63.68
CA ASN J 140 -47.13 -68.60 63.86
C ASN J 140 -46.08 -67.61 63.38
N LYS J 141 -45.45 -67.92 62.23
CA LYS J 141 -44.37 -67.12 61.65
C LYS J 141 -43.23 -66.92 62.65
N LYS J 142 -42.93 -67.97 63.41
CA LYS J 142 -41.85 -67.96 64.39
C LYS J 142 -41.06 -69.25 64.27
N ARG J 143 -39.74 -69.14 64.26
CA ARG J 143 -38.85 -70.27 64.07
C ARG J 143 -38.75 -71.05 65.38
N ILE J 144 -39.64 -72.03 65.55
CA ILE J 144 -39.71 -72.82 66.77
C ILE J 144 -39.08 -74.19 66.52
N ALA J 145 -38.15 -74.56 67.39
CA ALA J 145 -37.49 -75.86 67.27
C ALA J 145 -38.45 -77.00 67.59
N LEU J 146 -38.26 -78.13 66.91
CA LEU J 146 -39.09 -79.31 67.09
C LEU J 146 -38.58 -80.08 68.30
N THR J 147 -39.05 -79.70 69.48
CA THR J 147 -38.68 -80.35 70.73
C THR J 147 -39.72 -81.32 71.25
N ASP J 148 -40.90 -81.37 70.63
CA ASP J 148 -41.96 -82.29 71.05
C ASP J 148 -42.81 -82.62 69.83
N ASN J 149 -43.47 -83.78 69.88
CA ASN J 149 -44.33 -84.20 68.79
C ASN J 149 -45.61 -83.39 68.69
N ALA J 150 -45.99 -82.69 69.76
CA ALA J 150 -47.22 -81.89 69.74
C ALA J 150 -47.12 -80.70 68.79
N LEU J 151 -45.90 -80.24 68.48
CA LEU J 151 -45.75 -79.07 67.63
C LEU J 151 -46.16 -79.38 66.19
N ILE J 152 -45.73 -80.52 65.65
CA ILE J 152 -46.07 -80.87 64.27
C ILE J 152 -47.54 -81.25 64.16
N ALA J 153 -48.08 -81.90 65.19
CA ALA J 153 -49.44 -82.42 65.15
C ALA J 153 -50.49 -81.31 65.14
N ARG J 154 -50.09 -80.06 65.33
CA ARG J 154 -51.08 -79.00 65.36
C ARG J 154 -51.11 -78.15 64.10
N SER J 155 -50.13 -78.29 63.23
CA SER J 155 -50.12 -77.65 61.93
C SER J 155 -50.21 -78.63 60.77
N LEU J 156 -49.81 -79.88 60.98
CA LEU J 156 -49.98 -80.92 59.98
C LEU J 156 -50.68 -82.16 60.54
N GLY J 157 -51.15 -82.10 61.80
CA GLY J 157 -51.80 -83.26 62.40
C GLY J 157 -53.14 -83.60 61.80
N LYS J 158 -53.84 -82.62 61.23
CA LYS J 158 -55.03 -82.89 60.44
C LYS J 158 -54.68 -83.19 58.98
N TYR J 159 -53.40 -83.44 58.71
CA TYR J 159 -52.93 -83.94 57.43
C TYR J 159 -52.34 -85.35 57.56
N GLY J 160 -52.21 -85.88 58.78
CA GLY J 160 -51.64 -87.19 59.01
C GLY J 160 -50.21 -87.20 59.49
N ILE J 161 -49.63 -86.05 59.82
CA ILE J 161 -48.24 -85.95 60.26
C ILE J 161 -48.24 -85.42 61.69
N ILE J 162 -47.80 -86.24 62.64
CA ILE J 162 -47.89 -85.87 64.05
C ILE J 162 -46.59 -86.12 64.81
N CYS J 163 -45.53 -86.55 64.13
CA CYS J 163 -44.28 -86.89 64.82
C CYS J 163 -43.11 -86.74 63.85
N MET J 164 -41.92 -87.16 64.31
CA MET J 164 -40.74 -87.18 63.46
C MET J 164 -40.92 -88.09 62.25
N GLU J 165 -41.28 -89.35 62.50
CA GLU J 165 -41.30 -90.34 61.42
C GLU J 165 -42.48 -90.11 60.48
N ASP J 166 -43.58 -89.56 60.99
CA ASP J 166 -44.64 -89.11 60.08
C ASP J 166 -44.17 -87.94 59.22
N LEU J 167 -43.33 -87.07 59.78
CA LEU J 167 -42.75 -85.98 59.01
C LEU J 167 -41.65 -86.49 58.08
N ILE J 168 -40.81 -87.40 58.57
CA ILE J 168 -39.69 -87.89 57.78
C ILE J 168 -40.19 -88.73 56.60
N HIS J 169 -41.18 -89.58 56.83
CA HIS J 169 -41.75 -90.37 55.74
C HIS J 169 -42.45 -89.49 54.71
N GLU J 170 -43.06 -88.39 55.16
CA GLU J 170 -43.63 -87.44 54.20
C GLU J 170 -42.54 -86.68 53.45
N ILE J 171 -41.36 -86.52 54.07
CA ILE J 171 -40.24 -85.89 53.40
C ILE J 171 -39.56 -86.88 52.46
N TYR J 172 -39.04 -87.98 53.03
CA TYR J 172 -38.25 -88.92 52.24
C TYR J 172 -39.06 -89.53 51.10
N THR J 173 -40.19 -90.16 51.43
CA THR J 173 -41.12 -90.58 50.40
C THR J 173 -42.04 -89.42 50.08
N VAL J 174 -41.85 -88.81 48.91
CA VAL J 174 -42.59 -87.60 48.57
C VAL J 174 -44.04 -87.98 48.29
N GLY J 175 -44.88 -87.84 49.31
CA GLY J 175 -46.28 -88.19 49.21
C GLY J 175 -47.12 -87.03 48.70
N LYS J 176 -48.44 -87.19 48.82
CA LYS J 176 -49.39 -86.24 48.30
C LYS J 176 -49.79 -85.16 49.30
N ARG J 177 -49.04 -85.00 50.39
CA ARG J 177 -49.23 -83.88 51.32
C ARG J 177 -47.92 -83.13 51.54
N PHE J 178 -47.04 -83.16 50.54
CA PHE J 178 -45.64 -82.78 50.77
C PHE J 178 -45.47 -81.27 50.86
N LYS J 179 -46.37 -80.50 50.26
CA LYS J 179 -46.14 -79.06 50.08
C LYS J 179 -46.08 -78.32 51.43
N GLU J 180 -47.02 -78.61 52.34
CA GLU J 180 -47.03 -77.92 53.62
C GLU J 180 -46.01 -78.51 54.59
N ALA J 181 -45.49 -79.71 54.31
CA ALA J 181 -44.43 -80.26 55.13
C ALA J 181 -43.14 -79.48 54.95
N ASN J 182 -42.79 -79.16 53.71
CA ASN J 182 -41.65 -78.30 53.44
C ASN J 182 -41.90 -76.88 53.92
N ASN J 183 -43.15 -76.43 53.90
CA ASN J 183 -43.48 -75.10 54.41
C ASN J 183 -43.39 -75.04 55.93
N PHE J 184 -43.68 -76.14 56.62
CA PHE J 184 -43.57 -76.16 58.07
C PHE J 184 -42.12 -76.01 58.52
N LEU J 185 -41.20 -76.70 57.86
CA LEU J 185 -39.80 -76.62 58.24
C LEU J 185 -39.21 -75.28 57.83
N TRP J 186 -38.54 -74.62 58.76
CA TRP J 186 -37.73 -73.47 58.44
C TRP J 186 -36.56 -73.91 57.57
N PRO J 187 -36.09 -73.05 56.66
CA PRO J 187 -34.85 -73.35 55.94
C PRO J 187 -33.70 -73.58 56.91
N PHE J 188 -32.91 -74.62 56.63
CA PHE J 188 -31.94 -75.12 57.58
C PHE J 188 -30.75 -74.17 57.68
N LYS J 189 -30.40 -73.81 58.92
CA LYS J 189 -29.23 -72.97 59.18
C LYS J 189 -28.02 -73.88 59.34
N LEU J 190 -27.55 -74.39 58.22
CA LEU J 190 -26.38 -75.26 58.23
C LEU J 190 -25.12 -74.44 58.50
N SER J 191 -24.19 -75.06 59.22
CA SER J 191 -22.94 -74.40 59.56
C SER J 191 -22.00 -74.44 58.35
N SER J 192 -20.83 -73.81 58.50
CA SER J 192 -19.84 -73.79 57.45
C SER J 192 -19.26 -75.20 57.26
N PRO J 193 -18.90 -75.57 56.02
CA PRO J 193 -18.38 -76.92 55.78
C PRO J 193 -17.04 -77.19 56.43
N ARG J 194 -17.03 -78.11 57.40
CA ARG J 194 -15.77 -78.52 58.02
C ARG J 194 -14.93 -79.30 57.02
N GLY J 195 -13.64 -78.93 56.94
CA GLY J 195 -12.73 -79.53 55.99
C GLY J 195 -12.54 -78.73 54.72
N GLY J 196 -13.39 -77.74 54.47
CA GLY J 196 -13.24 -76.87 53.32
C GLY J 196 -13.90 -77.43 52.06
N MET J 197 -14.24 -76.52 51.16
CA MET J 197 -14.81 -76.86 49.87
C MET J 197 -13.72 -76.90 48.81
N LYS J 198 -14.02 -77.58 47.71
CA LYS J 198 -13.05 -77.70 46.62
C LYS J 198 -12.92 -76.37 45.87
N LYS J 199 -14.02 -75.90 45.29
CA LYS J 199 -14.05 -74.60 44.62
C LYS J 199 -15.48 -74.12 44.58
N LYS J 200 -15.72 -72.92 45.12
CA LYS J 200 -17.07 -72.40 45.23
C LYS J 200 -17.59 -71.87 43.89
N THR J 201 -16.70 -71.30 43.08
CA THR J 201 -17.14 -70.54 41.91
C THR J 201 -17.61 -71.43 40.76
N THR J 202 -16.93 -72.55 40.50
CA THR J 202 -17.20 -73.35 39.31
C THR J 202 -18.11 -74.53 39.63
N HIS J 203 -18.60 -75.16 38.57
CA HIS J 203 -19.52 -76.29 38.65
C HIS J 203 -18.76 -77.53 39.13
N PHE J 204 -19.54 -78.51 39.62
CA PHE J 204 -18.97 -79.73 40.18
C PHE J 204 -18.25 -80.57 39.13
N VAL J 205 -18.58 -80.38 37.85
CA VAL J 205 -17.97 -81.20 36.80
C VAL J 205 -16.48 -80.95 36.68
N GLU J 206 -16.05 -79.70 36.72
CA GLU J 206 -14.63 -79.36 36.59
C GLU J 206 -13.93 -79.17 37.94
N GLY J 207 -14.36 -79.90 38.97
CA GLY J 207 -13.69 -79.87 40.26
C GLY J 207 -14.19 -78.82 41.23
N GLU J 208 -15.23 -78.08 40.88
CA GLU J 208 -15.84 -77.12 41.80
C GLU J 208 -16.86 -77.85 42.67
N ASP J 209 -17.68 -77.11 43.39
CA ASP J 209 -18.73 -77.70 44.21
C ASP J 209 -20.12 -77.18 43.92
N ALA J 210 -20.25 -76.21 43.02
CA ALA J 210 -21.57 -75.75 42.61
C ALA J 210 -22.21 -76.74 41.63
N GLY J 211 -23.52 -76.63 41.49
CA GLY J 211 -24.24 -77.49 40.57
C GLY J 211 -24.82 -78.73 41.22
N ASN J 212 -25.09 -79.71 40.37
CA ASN J 212 -25.77 -80.93 40.79
C ASN J 212 -24.80 -81.89 41.47
N ARG J 213 -24.91 -82.02 42.79
CA ARG J 213 -24.20 -83.05 43.54
C ARG J 213 -25.07 -84.30 43.72
N GLU J 214 -25.41 -84.96 42.61
CA GLU J 214 -26.47 -85.97 42.54
C GLU J 214 -26.29 -87.12 43.54
N ASP J 215 -25.05 -87.46 43.86
CA ASP J 215 -24.78 -88.54 44.80
C ASP J 215 -23.88 -88.09 45.95
N GLN J 216 -22.85 -87.31 45.68
CA GLN J 216 -21.86 -86.93 46.67
C GLN J 216 -22.32 -85.83 47.62
N ILE J 217 -23.61 -85.50 47.64
CA ILE J 217 -24.10 -84.51 48.60
C ILE J 217 -24.12 -85.10 50.00
N ASN J 218 -24.25 -86.42 50.13
CA ASN J 218 -24.24 -87.07 51.43
C ASN J 218 -22.89 -86.95 52.13
N ARG J 219 -21.80 -86.86 51.37
CA ARG J 219 -20.52 -86.52 51.97
C ARG J 219 -20.53 -85.11 52.53
N LEU J 220 -21.13 -84.16 51.80
CA LEU J 220 -21.10 -82.76 52.20
C LEU J 220 -22.06 -82.44 53.34
N ILE J 221 -23.16 -83.20 53.46
CA ILE J 221 -24.15 -82.92 54.50
C ILE J 221 -23.55 -83.12 55.89
N ARG J 222 -22.74 -84.17 56.06
CA ARG J 222 -22.10 -84.41 57.35
C ARG J 222 -21.06 -83.34 57.68
N ARG J 223 -20.59 -82.58 56.70
CA ARG J 223 -19.68 -81.48 56.98
C ARG J 223 -20.43 -80.21 57.34
N MET J 224 -21.63 -80.00 56.75
CA MET J 224 -22.47 -78.88 57.15
C MET J 224 -22.98 -79.03 58.57
N ASN J 225 -23.39 -80.23 58.96
CA ASN J 225 -24.05 -80.45 60.23
C ASN J 225 -23.14 -81.17 61.22
N LYS K 1 -22.64 113.70 34.22
CA LYS K 1 -23.64 112.80 33.67
C LYS K 1 -23.92 111.63 34.61
N VAL K 2 -24.58 110.61 34.10
CA VAL K 2 -24.96 109.44 34.89
C VAL K 2 -24.22 108.19 34.42
N VAL K 3 -24.09 108.00 33.11
CA VAL K 3 -23.50 106.79 32.55
C VAL K 3 -22.00 106.76 32.79
N ASN K 4 -21.40 105.57 32.67
CA ASN K 4 -19.98 105.37 32.86
C ASN K 4 -19.55 104.41 31.74
N PRO K 5 -18.54 104.77 30.95
CA PRO K 5 -18.16 103.94 29.80
C PRO K 5 -17.43 102.65 30.13
N LEU K 6 -17.38 102.24 31.40
CA LEU K 6 -16.77 100.98 31.79
C LEU K 6 -17.75 99.81 31.75
N PHE K 7 -18.98 100.04 31.29
CA PHE K 7 -20.02 99.02 31.27
C PHE K 7 -20.23 98.57 29.83
N GLU K 8 -19.48 97.55 29.42
CA GLU K 8 -19.64 96.98 28.10
C GLU K 8 -20.69 95.87 28.13
N LYS K 9 -21.04 95.39 26.93
CA LYS K 9 -22.10 94.39 26.82
C LYS K 9 -21.58 92.98 27.07
N ARG K 10 -20.47 92.62 26.40
CA ARG K 10 -19.86 91.29 26.31
C ARG K 10 -20.90 90.18 26.21
N PRO K 11 -21.68 90.13 25.13
CA PRO K 11 -22.75 89.14 25.04
C PRO K 11 -22.23 87.74 24.80
N LYS K 12 -23.07 86.77 25.15
CA LYS K 12 -22.76 85.36 24.99
C LYS K 12 -23.41 84.81 23.72
N ASN K 13 -22.62 84.11 22.91
CA ASN K 13 -23.11 83.47 21.70
C ASN K 13 -23.45 82.02 22.00
N PHE K 14 -24.73 81.68 21.97
CA PHE K 14 -25.20 80.33 22.28
C PHE K 14 -25.33 79.50 21.01
N GLY K 15 -24.27 79.44 20.21
CA GLY K 15 -24.27 78.62 19.01
C GLY K 15 -23.60 77.28 19.21
N ILE K 16 -23.56 76.51 18.14
CA ILE K 16 -22.86 75.22 18.16
C ILE K 16 -21.36 75.47 18.12
N GLY K 17 -20.66 74.97 19.12
CA GLY K 17 -19.23 75.20 19.25
C GLY K 17 -18.86 76.55 19.81
N GLN K 18 -19.83 77.44 20.00
CA GLN K 18 -19.61 78.75 20.59
C GLN K 18 -19.66 78.66 22.11
N ASP K 19 -19.81 79.82 22.77
CA ASP K 19 -19.93 79.87 24.22
C ASP K 19 -20.99 78.91 24.74
N ILE K 20 -20.82 78.48 25.99
CA ILE K 20 -21.53 77.31 26.51
C ILE K 20 -23.02 77.59 26.63
N GLN K 21 -23.81 76.51 26.63
CA GLN K 21 -25.25 76.62 26.69
C GLN K 21 -25.70 77.10 28.07
N PRO K 22 -26.77 77.88 28.13
CA PRO K 22 -27.30 78.33 29.42
C PRO K 22 -28.17 77.24 30.05
N LYS K 23 -28.73 77.56 31.21
CA LYS K 23 -29.60 76.64 31.94
C LYS K 23 -31.04 76.92 31.55
N ARG K 24 -31.44 76.37 30.40
CA ARG K 24 -32.81 76.50 29.92
C ARG K 24 -33.67 75.36 30.45
N ASP K 25 -34.97 75.48 30.21
CA ASP K 25 -35.93 74.49 30.68
C ASP K 25 -35.77 73.18 29.91
N LEU K 26 -35.88 72.06 30.63
CA LEU K 26 -35.69 70.73 30.05
C LEU K 26 -36.78 69.77 30.50
N THR K 27 -38.01 70.27 30.70
CA THR K 27 -39.09 69.44 31.21
C THR K 27 -39.48 68.32 30.26
N ARG K 28 -39.21 68.47 28.95
CA ARG K 28 -39.59 67.43 28.00
C ARG K 28 -38.68 66.21 28.10
N PHE K 29 -37.44 66.39 28.54
CA PHE K 29 -36.43 65.34 28.48
C PHE K 29 -36.01 64.85 29.86
N VAL K 30 -36.80 65.13 30.88
CA VAL K 30 -36.52 64.61 32.22
C VAL K 30 -36.82 63.12 32.25
N LYS K 31 -35.88 62.33 32.76
CA LYS K 31 -36.12 60.91 32.97
C LYS K 31 -37.03 60.75 34.19
N TRP K 32 -38.33 60.71 33.95
CA TRP K 32 -39.31 60.65 35.02
C TRP K 32 -39.33 59.26 35.67
N PRO K 33 -39.79 59.17 36.93
CA PRO K 33 -39.89 57.86 37.58
C PRO K 33 -40.88 56.92 36.91
N ARG K 34 -40.93 55.67 37.39
CA ARG K 34 -41.79 54.67 36.78
C ARG K 34 -43.26 55.01 36.96
N TYR K 35 -43.65 55.53 38.13
CA TYR K 35 -45.06 55.82 38.38
C TYR K 35 -45.53 57.06 37.63
N ILE K 36 -44.65 58.06 37.44
CA ILE K 36 -45.02 59.21 36.63
C ILE K 36 -45.10 58.83 35.16
N ARG K 37 -44.13 58.06 34.67
CA ARG K 37 -44.10 57.67 33.26
C ARG K 37 -45.26 56.75 32.91
N LEU K 38 -45.67 55.89 33.84
CA LEU K 38 -46.76 54.95 33.57
C LEU K 38 -48.09 55.69 33.40
N GLN K 39 -48.42 56.58 34.33
CA GLN K 39 -49.70 57.27 34.29
C GLN K 39 -49.78 58.32 33.19
N ARG K 40 -48.65 58.85 32.73
CA ARG K 40 -48.68 59.85 31.67
C ARG K 40 -49.00 59.22 30.32
N GLN K 41 -48.39 58.08 30.02
CA GLN K 41 -48.71 57.38 28.78
C GLN K 41 -49.98 56.53 28.89
N ARG K 42 -50.48 56.30 30.11
CA ARG K 42 -51.76 55.63 30.27
C ARG K 42 -52.90 56.48 29.73
N ALA K 43 -52.83 57.80 29.93
CA ALA K 43 -53.82 58.68 29.32
C ALA K 43 -53.66 58.73 27.80
N ILE K 44 -52.46 58.49 27.30
CA ILE K 44 -52.26 58.41 25.86
C ILE K 44 -52.93 57.15 25.30
N LEU K 45 -52.86 56.04 26.02
CA LEU K 45 -53.57 54.83 25.61
C LEU K 45 -55.08 55.00 25.64
N TYR K 46 -55.60 55.95 26.42
CA TYR K 46 -57.00 56.31 26.36
C TYR K 46 -57.34 57.16 25.14
N LYS K 47 -56.32 57.62 24.41
CA LYS K 47 -56.52 58.34 23.16
C LYS K 47 -56.07 57.56 21.93
N ARG K 48 -55.26 56.51 22.11
CA ARG K 48 -54.81 55.69 20.98
C ARG K 48 -55.87 54.66 20.61
N LEU K 49 -56.23 53.80 21.56
CA LEU K 49 -57.13 52.68 21.32
C LEU K 49 -58.55 53.17 21.08
N LYS K 50 -59.33 52.31 20.40
CA LYS K 50 -60.75 52.59 20.16
C LYS K 50 -61.50 52.28 21.44
N VAL K 51 -61.71 53.30 22.26
CA VAL K 51 -62.45 53.13 23.53
C VAL K 51 -63.92 52.87 23.21
N PRO K 52 -64.56 51.91 23.86
CA PRO K 52 -65.98 51.63 23.58
C PRO K 52 -66.87 52.77 24.01
N PRO K 53 -68.02 52.95 23.36
CA PRO K 53 -68.93 54.05 23.72
C PRO K 53 -69.49 53.96 25.12
N ALA K 54 -69.51 52.76 25.73
CA ALA K 54 -69.94 52.65 27.13
C ALA K 54 -68.91 53.27 28.07
N ILE K 55 -67.66 53.39 27.62
CA ILE K 55 -66.62 54.02 28.43
C ILE K 55 -66.37 55.42 27.88
N ASN K 56 -66.51 55.58 26.56
CA ASN K 56 -66.33 56.89 25.94
C ASN K 56 -67.41 57.88 26.36
N GLN K 57 -68.54 57.39 26.88
CA GLN K 57 -69.62 58.27 27.34
C GLN K 57 -69.21 59.16 28.50
N PHE K 58 -68.17 58.81 29.24
CA PHE K 58 -67.68 59.63 30.34
C PHE K 58 -66.70 60.70 29.90
N THR K 59 -66.33 60.73 28.62
CA THR K 59 -65.59 61.85 28.08
C THR K 59 -66.49 63.04 27.76
N GLN K 60 -67.76 62.78 27.46
CA GLN K 60 -68.76 63.84 27.29
C GLN K 60 -69.27 64.22 28.68
N VAL K 61 -68.68 65.27 29.25
CA VAL K 61 -68.98 65.68 30.61
C VAL K 61 -69.83 66.94 30.55
N LEU K 62 -70.65 67.16 31.58
CA LEU K 62 -71.45 68.37 31.70
C LEU K 62 -70.56 69.60 31.68
N ASP K 63 -71.03 70.65 30.99
CA ASP K 63 -70.23 71.83 30.77
C ASP K 63 -70.03 72.62 32.08
N ARG K 64 -69.30 73.73 31.97
CA ARG K 64 -68.79 74.40 33.16
C ARG K 64 -69.89 75.12 33.94
N GLN K 65 -70.61 76.03 33.27
CA GLN K 65 -71.46 76.96 34.00
C GLN K 65 -72.71 76.29 34.57
N THR K 66 -73.17 75.19 33.97
CA THR K 66 -74.34 74.51 34.51
C THR K 66 -74.00 73.68 35.75
N ALA K 67 -72.71 73.34 35.93
CA ALA K 67 -72.31 72.58 37.10
C ALA K 67 -72.37 73.40 38.38
N THR K 68 -72.34 74.73 38.28
CA THR K 68 -72.42 75.57 39.47
C THR K 68 -73.81 75.53 40.09
N GLN K 69 -74.86 75.65 39.27
CA GLN K 69 -76.23 75.61 39.78
C GLN K 69 -76.63 74.22 40.25
N LEU K 70 -76.05 73.17 39.67
CA LEU K 70 -76.28 71.82 40.20
C LEU K 70 -75.71 71.68 41.60
N LEU K 71 -74.51 72.21 41.83
CA LEU K 71 -73.90 72.15 43.15
C LEU K 71 -74.51 73.16 44.12
N LYS K 72 -74.96 74.31 43.62
CA LYS K 72 -75.59 75.30 44.48
C LYS K 72 -76.91 74.79 45.04
N LEU K 73 -77.70 74.10 44.21
CA LEU K 73 -78.95 73.50 44.68
C LEU K 73 -78.68 72.31 45.59
N ALA K 74 -77.58 71.59 45.37
CA ALA K 74 -77.26 70.46 46.23
C ALA K 74 -76.58 70.90 47.51
N HIS K 75 -76.15 72.16 47.59
CA HIS K 75 -75.44 72.65 48.77
C HIS K 75 -76.34 72.69 50.00
N LYS K 76 -77.63 72.99 49.81
CA LYS K 76 -78.57 73.05 50.92
C LYS K 76 -79.16 71.70 51.28
N TYR K 77 -78.82 70.64 50.54
CA TYR K 77 -79.35 69.31 50.78
C TYR K 77 -78.25 68.31 51.15
N ARG K 78 -77.06 68.80 51.52
CA ARG K 78 -75.94 67.92 51.78
C ARG K 78 -76.18 67.08 53.04
N PRO K 79 -75.62 65.87 53.11
CA PRO K 79 -75.76 65.06 54.32
C PRO K 79 -75.11 65.74 55.51
N GLU K 80 -75.69 65.50 56.69
CA GLU K 80 -75.34 66.22 57.90
C GLU K 80 -74.07 65.63 58.54
N THR K 81 -73.39 66.46 59.31
CA THR K 81 -71.97 66.32 59.60
C THR K 81 -71.76 65.73 60.99
N LYS K 82 -70.62 65.06 61.18
CA LYS K 82 -70.22 64.53 62.49
C LYS K 82 -70.23 65.62 63.55
N GLN K 83 -70.77 65.27 64.72
CA GLN K 83 -71.09 66.09 65.89
C GLN K 83 -72.36 66.90 65.66
N GLU K 84 -72.86 66.97 64.43
CA GLU K 84 -74.21 67.44 64.22
C GLU K 84 -75.23 66.31 64.14
N LYS K 85 -74.82 65.05 63.90
CA LYS K 85 -75.68 63.94 64.31
C LYS K 85 -75.91 63.97 65.81
N LYS K 86 -74.83 64.18 66.57
CA LYS K 86 -74.94 64.33 68.02
C LYS K 86 -75.62 65.63 68.42
N GLN K 87 -75.49 66.70 67.62
CA GLN K 87 -76.31 67.87 67.86
C GLN K 87 -77.78 67.59 67.56
N ARG K 88 -78.06 66.83 66.50
CA ARG K 88 -79.43 66.43 66.22
C ARG K 88 -79.94 65.42 67.23
N LEU K 89 -79.09 64.46 67.61
CA LEU K 89 -79.51 63.44 68.57
C LEU K 89 -79.75 64.03 69.96
N LEU K 90 -78.88 64.95 70.39
CA LEU K 90 -79.05 65.55 71.70
C LEU K 90 -80.21 66.52 71.75
N ALA K 91 -80.50 67.23 70.65
CA ALA K 91 -81.62 68.17 70.63
C ALA K 91 -82.95 67.45 70.78
N ARG K 92 -83.09 66.30 70.12
CA ARG K 92 -84.29 65.46 70.26
C ARG K 92 -84.24 64.59 71.50
N ALA K 93 -83.14 64.60 72.25
CA ALA K 93 -83.04 63.78 73.45
C ALA K 93 -83.86 64.35 74.60
N GLU K 94 -83.87 65.68 74.76
CA GLU K 94 -84.66 66.25 75.86
C GLU K 94 -86.14 66.23 75.54
N LYS K 95 -86.50 66.33 74.26
CA LYS K 95 -87.87 66.56 73.83
C LYS K 95 -88.80 65.40 74.14
N LYS K 96 -88.27 64.23 74.52
CA LYS K 96 -89.07 63.06 74.88
C LYS K 96 -90.07 63.41 75.97
N ALA K 97 -89.60 63.87 77.13
CA ALA K 97 -90.46 64.51 78.12
C ALA K 97 -89.81 65.82 78.55
N ALA K 98 -89.96 66.85 77.72
CA ALA K 98 -89.74 68.24 78.08
C ALA K 98 -90.86 69.14 77.57
N GLY K 99 -91.39 68.86 76.38
CA GLY K 99 -92.41 69.67 75.76
C GLY K 99 -93.47 68.84 75.07
N LYS K 100 -93.68 67.61 75.56
CA LYS K 100 -94.73 66.70 75.09
C LYS K 100 -94.57 66.38 73.60
N GLY K 101 -93.45 65.70 73.30
CA GLY K 101 -93.18 65.29 71.94
C GLY K 101 -92.41 63.99 71.80
N ASP K 102 -92.84 63.12 70.88
CA ASP K 102 -92.09 61.91 70.56
C ASP K 102 -91.16 62.08 69.37
N VAL K 103 -91.15 63.26 68.77
CA VAL K 103 -90.49 63.58 67.49
C VAL K 103 -90.85 62.52 66.45
N PRO K 104 -92.11 62.46 65.99
CA PRO K 104 -92.43 61.64 64.80
C PRO K 104 -92.57 62.43 63.51
N THR K 105 -92.23 63.71 63.49
CA THR K 105 -92.79 64.62 62.50
C THR K 105 -92.20 64.43 61.10
N LYS K 106 -90.89 64.61 60.94
CA LYS K 106 -90.31 64.67 59.59
C LYS K 106 -88.81 64.54 59.65
N ARG K 107 -88.24 63.84 58.66
CA ARG K 107 -86.80 63.84 58.42
C ARG K 107 -86.54 64.56 57.10
N PRO K 108 -85.69 65.59 57.10
CA PRO K 108 -85.48 66.38 55.86
C PRO K 108 -84.80 65.54 54.79
N PRO K 109 -85.12 65.79 53.52
CA PRO K 109 -84.53 65.00 52.44
C PRO K 109 -83.05 65.32 52.25
N VAL K 110 -82.27 64.27 52.00
CA VAL K 110 -80.83 64.40 51.73
C VAL K 110 -80.49 63.65 50.46
N LEU K 111 -79.22 63.68 50.06
CA LEU K 111 -78.79 62.99 48.86
C LEU K 111 -78.41 61.54 49.17
N ARG K 112 -77.95 60.83 48.15
CA ARG K 112 -77.44 59.47 48.27
C ARG K 112 -76.05 59.42 47.67
N ALA K 113 -75.19 58.58 48.24
CA ALA K 113 -73.79 58.64 47.84
C ALA K 113 -73.27 57.35 47.24
N GLY K 114 -73.60 56.19 47.80
CA GLY K 114 -73.08 54.94 47.30
C GLY K 114 -73.81 54.44 46.07
N VAL K 115 -73.12 53.60 45.30
CA VAL K 115 -73.73 53.03 44.09
C VAL K 115 -74.85 52.06 44.46
N ASN K 116 -74.70 51.34 45.57
CA ASN K 116 -75.75 50.40 45.99
C ASN K 116 -77.01 51.11 46.46
N THR K 117 -76.88 52.31 47.04
CA THR K 117 -78.06 53.06 47.45
C THR K 117 -78.77 53.67 46.24
N VAL K 118 -78.02 54.18 45.27
CA VAL K 118 -78.61 54.86 44.13
C VAL K 118 -79.36 53.87 43.24
N THR K 119 -78.73 52.73 42.94
CA THR K 119 -79.32 51.77 42.01
C THR K 119 -80.61 51.16 42.55
N THR K 120 -80.74 51.02 43.86
CA THR K 120 -81.96 50.48 44.44
C THR K 120 -83.15 51.43 44.23
N LEU K 121 -82.92 52.73 44.36
CA LEU K 121 -83.98 53.73 44.24
C LEU K 121 -84.14 54.28 42.83
N VAL K 122 -83.31 53.83 41.89
CA VAL K 122 -83.53 54.12 40.47
C VAL K 122 -84.40 53.04 39.83
N GLU K 123 -84.18 51.78 40.23
CA GLU K 123 -85.05 50.68 39.80
C GLU K 123 -86.48 50.87 40.29
N ASN K 124 -86.66 51.50 41.46
CA ASN K 124 -87.96 51.69 42.05
C ASN K 124 -88.57 53.05 41.72
N LYS K 125 -87.95 53.78 40.79
CA LYS K 125 -88.45 55.07 40.30
C LYS K 125 -88.57 56.12 41.42
N LYS K 126 -87.71 56.03 42.43
CA LYS K 126 -87.67 57.03 43.49
C LYS K 126 -86.62 58.10 43.26
N ALA K 127 -85.92 58.08 42.13
CA ALA K 127 -84.90 59.06 41.81
C ALA K 127 -85.43 60.08 40.81
N GLN K 128 -84.97 61.32 40.96
CA GLN K 128 -85.33 62.40 40.05
C GLN K 128 -84.15 62.95 39.26
N LEU K 129 -82.92 62.83 39.78
CA LEU K 129 -81.73 63.30 39.07
C LEU K 129 -80.51 62.59 39.64
N VAL K 130 -79.69 62.02 38.77
CA VAL K 130 -78.52 61.26 39.15
C VAL K 130 -77.28 61.98 38.64
N VAL K 131 -76.31 62.20 39.54
CA VAL K 131 -75.03 62.80 39.20
C VAL K 131 -73.96 61.73 39.32
N ILE K 132 -73.14 61.58 38.29
CA ILE K 132 -72.17 60.49 38.19
C ILE K 132 -70.78 61.06 37.96
N ALA K 133 -69.83 60.66 38.80
CA ALA K 133 -68.43 61.04 38.60
C ALA K 133 -67.82 60.23 37.47
N HIS K 134 -66.95 60.87 36.70
CA HIS K 134 -66.36 60.24 35.52
C HIS K 134 -65.01 59.59 35.80
N ASP K 135 -64.24 60.12 36.73
CA ASP K 135 -62.89 59.61 36.99
C ASP K 135 -62.84 58.58 38.11
N VAL K 136 -63.64 57.52 37.99
CA VAL K 136 -63.53 56.39 38.91
C VAL K 136 -62.52 55.40 38.31
N ASP K 137 -61.51 55.05 39.11
CA ASP K 137 -60.41 54.29 38.49
C ASP K 137 -60.65 52.78 38.34
N PRO K 138 -61.61 52.12 39.04
CA PRO K 138 -62.36 51.07 38.33
C PRO K 138 -63.58 51.67 37.63
N ILE K 139 -63.59 51.68 36.30
CA ILE K 139 -64.74 52.23 35.60
C ILE K 139 -65.92 51.26 35.70
N GLU K 140 -65.65 49.99 36.02
CA GLU K 140 -66.66 48.94 36.03
C GLU K 140 -67.74 49.16 37.08
N LEU K 141 -67.51 50.01 38.08
CA LEU K 141 -68.56 50.28 39.07
C LEU K 141 -69.75 50.99 38.45
N VAL K 142 -69.49 51.99 37.60
CA VAL K 142 -70.55 52.79 36.99
C VAL K 142 -70.32 52.73 35.48
N VAL K 143 -70.93 51.73 34.83
CA VAL K 143 -71.10 51.72 33.39
C VAL K 143 -72.56 51.52 33.00
N PHE K 144 -73.26 50.62 33.69
CA PHE K 144 -74.66 50.35 33.38
C PHE K 144 -75.58 51.49 33.78
N LEU K 145 -75.19 52.28 34.79
CA LEU K 145 -76.01 53.36 35.33
C LEU K 145 -76.33 54.44 34.29
N PRO K 146 -75.38 54.87 33.44
CA PRO K 146 -75.81 55.71 32.30
C PRO K 146 -76.81 55.02 31.39
N ALA K 147 -76.65 53.72 31.16
CA ALA K 147 -77.59 52.97 30.34
C ALA K 147 -78.88 52.63 31.08
N LEU K 148 -78.81 52.41 32.40
CA LEU K 148 -79.99 52.00 33.14
C LEU K 148 -80.93 53.18 33.39
N CYS K 149 -80.38 54.37 33.63
CA CYS K 149 -81.20 55.54 33.88
C CYS K 149 -82.00 55.96 32.66
N ARG K 150 -81.53 55.64 31.45
CA ARG K 150 -82.25 55.98 30.24
C ARG K 150 -83.56 55.21 30.14
N LYS K 151 -83.53 53.91 30.42
CA LYS K 151 -84.74 53.10 30.30
C LYS K 151 -85.75 53.43 31.39
N MET K 152 -85.27 53.67 32.61
CA MET K 152 -86.15 54.03 33.71
C MET K 152 -86.65 55.47 33.63
N GLY K 153 -86.14 56.26 32.70
CA GLY K 153 -86.57 57.64 32.56
C GLY K 153 -85.99 58.60 33.57
N VAL K 154 -84.98 58.18 34.33
CA VAL K 154 -84.35 59.04 35.32
C VAL K 154 -83.25 59.85 34.64
N PRO K 155 -83.28 61.18 34.72
CA PRO K 155 -82.20 61.99 34.13
C PRO K 155 -80.88 61.72 34.83
N TYR K 156 -79.82 61.62 34.03
CA TYR K 156 -78.48 61.36 34.54
C TYR K 156 -77.49 62.35 33.91
N CYS K 157 -76.57 62.83 34.72
CA CYS K 157 -75.53 63.75 34.28
C CYS K 157 -74.16 63.26 34.75
N ILE K 158 -73.14 63.58 33.97
CA ILE K 158 -71.76 63.18 34.24
C ILE K 158 -70.98 64.43 34.62
N LEU K 159 -70.33 64.39 35.77
CA LEU K 159 -69.63 65.55 36.32
C LEU K 159 -68.14 65.29 36.41
N LYS K 160 -67.35 66.36 36.31
CA LYS K 160 -65.92 66.27 36.44
C LYS K 160 -65.52 65.95 37.88
N GLY K 161 -64.75 64.87 38.05
CA GLY K 161 -64.08 64.62 39.31
C GLY K 161 -64.93 64.00 40.40
N LYS K 162 -64.39 62.97 41.05
CA LYS K 162 -65.00 62.42 42.25
C LYS K 162 -64.62 63.21 43.50
N ALA K 163 -63.69 64.17 43.37
CA ALA K 163 -63.29 64.97 44.53
C ALA K 163 -64.36 65.98 44.90
N ARG K 164 -64.76 66.84 43.95
CA ARG K 164 -65.81 67.81 44.23
C ARG K 164 -67.17 67.14 44.41
N LEU K 165 -67.39 66.00 43.76
CA LEU K 165 -68.58 65.21 44.07
C LEU K 165 -68.47 64.54 45.43
N GLY K 166 -67.24 64.28 45.88
CA GLY K 166 -66.97 63.83 47.22
C GLY K 166 -66.93 64.93 48.26
N ARG K 167 -67.12 66.18 47.84
CA ARG K 167 -67.21 67.30 48.77
C ARG K 167 -68.64 67.60 49.19
N LEU K 168 -69.62 67.17 48.40
CA LEU K 168 -71.02 67.29 48.83
C LEU K 168 -71.28 66.43 50.06
N VAL K 169 -70.82 65.18 50.03
CA VAL K 169 -70.74 64.37 51.24
C VAL K 169 -69.46 64.77 51.96
N HIS K 170 -69.34 64.42 53.23
CA HIS K 170 -68.16 64.80 54.01
C HIS K 170 -67.13 63.67 54.02
N ARG K 171 -66.68 63.32 52.82
CA ARG K 171 -65.70 62.26 52.61
C ARG K 171 -64.69 62.66 51.55
N LYS K 172 -63.92 61.70 51.05
CA LYS K 172 -62.94 61.96 50.01
C LYS K 172 -63.52 61.77 48.61
N THR K 173 -64.11 60.60 48.36
CA THR K 173 -64.65 60.27 47.05
C THR K 173 -66.12 59.93 47.14
N CYS K 174 -66.86 60.21 46.06
CA CYS K 174 -68.28 59.90 45.97
C CYS K 174 -68.61 59.71 44.50
N THR K 175 -68.88 58.47 44.10
CA THR K 175 -69.09 58.19 42.68
C THR K 175 -70.45 58.67 42.19
N THR K 176 -71.50 58.47 43.00
CA THR K 176 -72.86 58.72 42.56
C THR K 176 -73.56 59.69 43.51
N VAL K 177 -74.39 60.55 42.94
CA VAL K 177 -75.22 61.48 43.69
C VAL K 177 -76.60 61.49 43.07
N ALA K 178 -77.62 61.12 43.84
CA ALA K 178 -78.97 60.94 43.32
C ALA K 178 -79.96 61.76 44.15
N PHE K 179 -80.79 62.54 43.47
CA PHE K 179 -81.82 63.36 44.11
C PHE K 179 -83.10 62.54 44.22
N THR K 180 -83.51 62.22 45.44
CA THR K 180 -84.76 61.51 45.68
C THR K 180 -85.92 62.48 45.90
N GLN K 181 -85.78 63.39 46.87
CA GLN K 181 -86.82 64.36 47.17
C GLN K 181 -86.17 65.72 47.45
N VAL K 182 -86.91 66.78 47.12
CA VAL K 182 -86.51 68.15 47.39
C VAL K 182 -87.70 68.90 47.98
N ASN K 183 -87.43 70.10 48.48
CA ASN K 183 -88.48 70.92 49.05
C ASN K 183 -89.36 71.52 47.96
N SER K 184 -90.49 72.10 48.38
CA SER K 184 -91.45 72.65 47.42
C SER K 184 -90.91 73.86 46.68
N GLU K 185 -90.19 74.75 47.37
CA GLU K 185 -89.64 75.94 46.73
C GLU K 185 -88.42 75.65 45.88
N ASP K 186 -87.82 74.46 46.03
CA ASP K 186 -86.70 74.04 45.18
C ASP K 186 -87.12 73.08 44.09
N LYS K 187 -88.40 72.70 44.04
CA LYS K 187 -88.87 71.83 42.97
C LYS K 187 -88.82 72.53 41.61
N GLY K 188 -89.20 73.81 41.57
CA GLY K 188 -89.09 74.57 40.34
C GLY K 188 -87.67 74.87 39.93
N ALA K 189 -86.75 74.96 40.90
CA ALA K 189 -85.34 75.14 40.57
C ALA K 189 -84.71 73.85 40.08
N LEU K 190 -85.14 72.71 40.61
CA LEU K 190 -84.64 71.43 40.12
C LEU K 190 -85.20 71.12 38.73
N ALA K 191 -86.45 71.51 38.48
CA ALA K 191 -87.10 71.19 37.22
C ALA K 191 -86.47 71.89 36.03
N LYS K 192 -85.96 73.11 36.20
CA LYS K 192 -85.31 73.80 35.09
C LYS K 192 -83.95 73.20 34.74
N LEU K 193 -83.35 72.44 35.65
CA LEU K 193 -82.10 71.73 35.36
C LEU K 193 -82.34 70.32 34.87
N VAL K 194 -83.51 69.74 35.13
CA VAL K 194 -83.80 68.38 34.68
C VAL K 194 -83.91 68.33 33.17
N GLU K 195 -84.65 69.27 32.57
CA GLU K 195 -84.87 69.24 31.12
C GLU K 195 -83.60 69.59 30.36
N ALA K 196 -82.72 70.40 30.95
CA ALA K 196 -81.46 70.72 30.28
C ALA K 196 -80.52 69.53 30.26
N ILE K 197 -80.61 68.65 31.25
CA ILE K 197 -79.76 67.47 31.29
C ILE K 197 -80.31 66.37 30.39
N ARG K 198 -81.64 66.24 30.33
CA ARG K 198 -82.27 65.20 29.52
C ARG K 198 -81.97 65.40 28.04
N THR K 199 -82.00 66.65 27.56
CA THR K 199 -81.74 66.92 26.15
C THR K 199 -80.28 66.77 25.78
N ASN K 200 -79.38 66.58 26.75
CA ASN K 200 -77.98 66.36 26.48
C ASN K 200 -77.57 64.91 26.67
N TYR K 201 -78.19 64.18 27.60
CA TYR K 201 -77.82 62.81 27.90
C TYR K 201 -78.93 61.82 27.55
N ASN K 202 -80.15 62.05 28.01
CA ASN K 202 -81.21 61.05 27.87
C ASN K 202 -81.88 61.11 26.50
N ASP K 203 -82.19 62.30 26.00
CA ASP K 203 -82.98 62.42 24.78
C ASP K 203 -82.20 62.01 23.54
N ARG K 204 -80.89 62.23 23.52
CA ARG K 204 -80.04 61.88 22.39
C ARG K 204 -79.22 60.62 22.66
N TYR K 205 -79.81 59.70 23.44
CA TYR K 205 -79.08 58.53 23.92
C TYR K 205 -78.55 57.66 22.79
N ASP K 206 -79.27 57.61 21.66
CA ASP K 206 -78.82 56.84 20.51
C ASP K 206 -77.52 57.37 19.91
N GLU K 207 -77.21 58.65 20.10
CA GLU K 207 -75.96 59.20 19.58
C GLU K 207 -74.76 58.76 20.42
N ILE K 208 -74.90 58.73 21.74
CA ILE K 208 -73.78 58.40 22.61
C ILE K 208 -73.42 56.92 22.49
N ARG K 209 -74.43 56.04 22.51
CA ARG K 209 -74.16 54.61 22.61
C ARG K 209 -73.60 54.01 21.33
N ARG K 210 -73.58 54.75 20.23
CA ARG K 210 -72.79 54.33 19.07
C ARG K 210 -71.75 55.38 18.72
N HIS K 211 -71.11 55.95 19.73
CA HIS K 211 -70.08 56.97 19.52
C HIS K 211 -68.76 56.45 20.06
N TRP K 212 -67.95 55.86 19.19
CA TRP K 212 -66.63 55.40 19.58
C TRP K 212 -65.68 56.59 19.72
N GLY K 213 -64.67 56.41 20.57
CA GLY K 213 -63.67 57.43 20.78
C GLY K 213 -62.27 56.87 20.59
N GLY K 214 -61.32 57.79 20.46
CA GLY K 214 -59.94 57.43 20.23
C GLY K 214 -59.52 57.68 18.79
N ASN K 215 -58.61 56.81 18.33
CA ASN K 215 -58.04 56.88 16.97
C ASN K 215 -57.37 58.22 16.70
N VAL K 216 -56.82 58.84 17.74
CA VAL K 216 -56.10 60.10 17.62
C VAL K 216 -54.62 59.81 17.81
N LEU K 217 -53.84 59.99 16.75
CA LEU K 217 -52.41 59.70 16.80
C LEU K 217 -51.68 60.88 17.46
N GLY K 218 -50.37 60.73 17.62
CA GLY K 218 -49.57 61.77 18.21
C GLY K 218 -49.39 62.96 17.29
N PRO K 219 -49.17 64.14 17.87
CA PRO K 219 -48.91 65.33 17.04
C PRO K 219 -47.67 65.20 16.17
N LYS K 220 -46.67 64.44 16.61
CA LYS K 220 -45.51 64.18 15.78
C LYS K 220 -45.86 63.30 14.59
N SER K 221 -46.82 62.39 14.76
CA SER K 221 -47.23 61.49 13.69
C SER K 221 -48.36 62.10 12.84
N VAL K 222 -49.26 62.87 13.45
CA VAL K 222 -50.34 63.50 12.70
C VAL K 222 -49.76 64.54 11.74
N ALA K 223 -48.81 65.34 12.20
CA ALA K 223 -48.18 66.34 11.34
C ALA K 223 -47.40 65.71 10.19
N ARG K 224 -46.83 64.52 10.40
CA ARG K 224 -46.18 63.81 9.30
C ARG K 224 -47.21 63.38 8.26
N ILE K 225 -48.36 62.90 8.69
CA ILE K 225 -49.44 62.57 7.77
C ILE K 225 -49.98 63.84 7.11
N ALA K 226 -50.14 64.91 7.88
CA ALA K 226 -50.56 66.19 7.30
C ALA K 226 -49.53 66.74 6.33
N LYS K 227 -48.24 66.47 6.58
CA LYS K 227 -47.22 66.86 5.62
C LYS K 227 -47.34 66.09 4.31
N LEU K 228 -47.73 64.81 4.38
CA LEU K 228 -47.96 64.03 3.17
C LEU K 228 -49.22 64.49 2.44
N GLU K 229 -50.22 64.98 3.16
CA GLU K 229 -51.44 65.45 2.51
C GLU K 229 -51.20 66.75 1.77
N LYS K 230 -50.45 67.69 2.36
CA LYS K 230 -50.17 68.94 1.69
C LYS K 230 -49.15 68.78 0.56
N ALA K 231 -48.25 67.81 0.68
CA ALA K 231 -47.32 67.51 -0.40
C ALA K 231 -48.04 66.87 -1.59
N LYS K 232 -48.99 65.98 -1.33
CA LYS K 232 -49.84 65.45 -2.40
C LYS K 232 -50.71 66.55 -2.99
N ALA K 233 -51.21 67.45 -2.16
CA ALA K 233 -51.96 68.60 -2.65
C ALA K 233 -51.07 69.54 -3.47
N LYS K 234 -49.84 69.75 -3.02
CA LYS K 234 -48.92 70.60 -3.77
C LYS K 234 -48.54 69.99 -5.11
N GLU K 235 -48.47 68.66 -5.19
CA GLU K 235 -48.07 68.00 -6.44
C GLU K 235 -49.16 68.13 -7.50
N LEU K 236 -50.42 67.85 -7.13
CA LEU K 236 -51.53 67.87 -8.10
C LEU K 236 -52.68 68.71 -7.54
N ALA K 237 -52.58 70.04 -7.72
CA ALA K 237 -53.73 70.92 -7.56
C ALA K 237 -53.74 71.96 -8.67
N THR K 238 -52.57 72.23 -9.24
CA THR K 238 -52.43 73.24 -10.27
C THR K 238 -52.26 72.65 -11.68
N LYS K 239 -51.92 71.36 -11.78
CA LYS K 239 -51.78 70.73 -13.08
C LYS K 239 -53.11 70.61 -13.81
N LEU K 240 -54.17 70.22 -13.07
CA LEU K 240 -55.49 70.09 -13.66
C LEU K 240 -56.40 71.26 -13.30
N GLY K 241 -56.52 71.57 -12.02
CA GLY K 241 -57.35 72.67 -11.57
C GLY K 241 -56.73 74.03 -11.82
N MET L 1 14.38 -88.36 27.85
CA MET L 1 14.66 -89.74 28.22
C MET L 1 15.83 -89.87 29.18
N LYS L 2 15.60 -90.57 30.28
CA LYS L 2 16.66 -90.97 31.20
C LYS L 2 17.06 -92.39 30.85
N THR L 3 18.18 -92.56 30.16
CA THR L 3 18.63 -93.90 29.78
C THR L 3 19.16 -94.64 31.01
N ILE L 4 18.92 -95.95 31.06
CA ILE L 4 19.22 -96.69 32.27
C ILE L 4 20.72 -96.97 32.39
N LEU L 5 21.41 -97.13 31.26
CA LEU L 5 22.83 -97.45 31.29
C LEU L 5 23.47 -97.02 29.98
N SER L 6 24.70 -96.52 30.07
CA SER L 6 25.49 -96.17 28.89
C SER L 6 26.93 -96.52 29.20
N ASN L 7 27.49 -97.45 28.42
CA ASN L 7 28.73 -98.14 28.76
C ASN L 7 29.69 -98.09 27.59
N GLN L 8 30.98 -98.08 27.91
CA GLN L 8 32.04 -98.16 26.91
C GLN L 8 33.31 -98.64 27.61
N THR L 9 33.95 -99.66 27.05
CA THR L 9 35.21 -100.17 27.55
C THR L 9 36.36 -99.30 27.04
N VAL L 10 37.41 -99.17 27.83
CA VAL L 10 38.62 -98.45 27.46
C VAL L 10 39.76 -99.44 27.50
N ASP L 11 40.16 -99.95 26.34
CA ASP L 11 41.20 -100.96 26.25
C ASP L 11 42.55 -100.26 26.35
N ILE L 12 43.32 -100.60 27.37
CA ILE L 12 44.64 -100.00 27.60
C ILE L 12 45.71 -101.04 27.33
N PRO L 13 46.89 -100.66 26.83
CA PRO L 13 47.96 -101.63 26.59
C PRO L 13 48.63 -102.07 27.88
N GLU L 14 49.43 -103.12 27.75
CA GLU L 14 50.06 -103.74 28.92
C GLU L 14 51.21 -102.92 29.47
N ASN L 15 51.79 -102.02 28.69
CA ASN L 15 52.95 -101.26 29.15
C ASN L 15 52.58 -100.04 29.98
N VAL L 16 51.29 -99.78 30.19
CA VAL L 16 50.82 -98.63 30.96
C VAL L 16 50.25 -99.15 32.27
N ASP L 17 50.75 -98.60 33.38
CA ASP L 17 50.25 -98.92 34.71
C ASP L 17 49.45 -97.72 35.21
N ILE L 18 48.15 -97.91 35.43
CA ILE L 18 47.28 -96.84 35.86
C ILE L 18 46.71 -97.17 37.22
N SER L 19 46.25 -96.12 37.90
CA SER L 19 45.58 -96.24 39.19
C SER L 19 44.54 -95.13 39.29
N LEU L 20 43.71 -95.19 40.32
CA LEU L 20 42.64 -94.21 40.47
C LEU L 20 42.30 -94.06 41.94
N LYS L 21 42.24 -92.81 42.40
CA LYS L 21 41.79 -92.49 43.76
C LYS L 21 40.36 -91.98 43.67
N GLY L 22 39.43 -92.93 43.56
CA GLY L 22 38.05 -92.58 43.30
C GLY L 22 37.85 -92.19 41.84
N ARG L 23 37.66 -90.90 41.58
CA ARG L 23 37.58 -90.41 40.22
C ARG L 23 38.89 -89.81 39.72
N THR L 24 39.87 -89.61 40.60
CA THR L 24 41.15 -89.03 40.20
C THR L 24 42.03 -90.14 39.64
N VAL L 25 42.15 -90.19 38.32
CA VAL L 25 42.90 -91.25 37.64
C VAL L 25 44.34 -90.80 37.44
N ILE L 26 45.27 -91.70 37.72
CA ILE L 26 46.70 -91.45 37.57
C ILE L 26 47.22 -92.40 36.51
N VAL L 27 47.84 -91.86 35.46
CA VAL L 27 48.38 -92.64 34.35
C VAL L 27 49.89 -92.43 34.32
N LYS L 28 50.64 -93.53 34.40
CA LYS L 28 52.10 -93.48 34.38
C LYS L 28 52.62 -94.58 33.46
N GLY L 29 53.91 -94.50 33.14
CA GLY L 29 54.54 -95.47 32.29
C GLY L 29 55.94 -95.09 31.88
N PRO L 30 56.25 -95.23 30.58
CA PRO L 30 57.62 -94.98 30.11
C PRO L 30 58.06 -93.52 30.19
N ARG L 31 57.23 -92.60 29.69
CA ARG L 31 57.62 -91.21 29.56
C ARG L 31 57.28 -90.38 30.79
N GLY L 32 56.73 -90.98 31.85
CA GLY L 32 56.42 -90.29 33.07
C GLY L 32 55.01 -90.56 33.50
N THR L 33 54.53 -89.74 34.43
CA THR L 33 53.20 -89.87 35.01
C THR L 33 52.32 -88.69 34.61
N LEU L 34 51.01 -88.94 34.61
CA LEU L 34 50.02 -87.92 34.30
C LEU L 34 48.87 -88.02 35.29
N ARG L 35 48.53 -86.89 35.91
CA ARG L 35 47.42 -86.81 36.85
C ARG L 35 46.37 -85.85 36.32
N ARG L 36 45.11 -86.30 36.34
CA ARG L 36 43.99 -85.51 35.84
C ARG L 36 42.76 -85.90 36.63
N ASP L 37 42.23 -84.98 37.43
CA ASP L 37 41.05 -85.26 38.23
C ASP L 37 39.81 -85.30 37.35
N PHE L 38 39.00 -86.33 37.54
CA PHE L 38 37.80 -86.54 36.72
C PHE L 38 36.54 -86.26 37.52
N ASN L 39 36.60 -85.29 38.43
CA ASN L 39 35.41 -84.91 39.18
C ASN L 39 34.45 -84.12 38.32
N HIS L 40 33.34 -83.66 38.91
CA HIS L 40 32.28 -82.85 38.28
C HIS L 40 31.84 -83.40 36.92
N ILE L 41 31.88 -84.71 36.73
CA ILE L 41 31.29 -85.35 35.56
C ILE L 41 30.15 -86.24 36.06
N ASN L 42 30.22 -86.59 37.35
CA ASN L 42 29.19 -87.37 38.04
C ASN L 42 29.02 -88.75 37.41
N VAL L 43 30.15 -89.37 37.07
CA VAL L 43 30.17 -90.73 36.56
C VAL L 43 31.16 -91.53 37.39
N GLU L 44 30.99 -92.84 37.38
CA GLU L 44 31.89 -93.72 38.13
C GLU L 44 33.04 -94.14 37.23
N LEU L 45 34.13 -94.58 37.86
CA LEU L 45 35.27 -95.10 37.13
C LEU L 45 35.63 -96.46 37.72
N SER L 46 35.40 -97.51 36.94
CA SER L 46 35.64 -98.87 37.38
C SER L 46 36.83 -99.46 36.62
N LEU L 47 37.87 -99.83 37.34
CA LEU L 47 39.06 -100.45 36.77
C LEU L 47 38.97 -101.95 37.01
N LEU L 48 38.61 -102.70 35.97
CA LEU L 48 38.33 -104.12 36.08
C LEU L 48 39.28 -104.89 35.18
N GLY L 49 39.24 -106.20 35.30
CA GLY L 49 40.18 -107.04 34.58
C GLY L 49 41.51 -107.14 35.30
N LYS L 50 41.92 -108.39 35.53
CA LYS L 50 43.17 -108.64 36.25
C LYS L 50 44.37 -108.28 35.38
N LYS L 51 45.42 -107.80 36.06
CA LYS L 51 46.58 -107.16 35.43
C LYS L 51 46.20 -105.87 34.70
N LYS L 52 45.03 -105.32 35.04
CA LYS L 52 44.58 -103.99 34.63
C LYS L 52 44.56 -103.87 33.10
N LYS L 53 43.66 -104.66 32.50
CA LYS L 53 43.58 -104.73 31.05
C LYS L 53 42.61 -103.74 30.43
N ARG L 54 41.62 -103.25 31.18
CA ARG L 54 40.67 -102.30 30.62
C ARG L 54 40.07 -101.44 31.73
N LEU L 55 39.51 -100.31 31.32
CA LEU L 55 38.81 -99.38 32.20
C LEU L 55 37.38 -99.23 31.71
N ARG L 56 36.42 -99.27 32.64
CA ARG L 56 35.00 -99.24 32.28
C ARG L 56 34.31 -98.08 32.99
N VAL L 57 33.54 -97.29 32.25
CA VAL L 57 32.81 -96.15 32.78
C VAL L 57 31.33 -96.32 32.44
N ASP L 58 30.47 -96.04 33.43
CA ASP L 58 29.03 -96.14 33.25
C ASP L 58 28.35 -94.85 33.68
N LYS L 59 27.11 -94.67 33.22
CA LYS L 59 26.27 -93.57 33.64
C LYS L 59 24.84 -94.07 33.76
N TRP L 60 24.23 -93.87 34.93
CA TRP L 60 22.92 -94.39 35.25
C TRP L 60 21.92 -93.24 35.37
N TRP L 61 20.80 -93.35 34.65
CA TRP L 61 19.70 -92.39 34.71
C TRP L 61 20.14 -90.98 34.36
N GLY L 62 20.67 -90.82 33.15
CA GLY L 62 21.09 -89.53 32.65
C GLY L 62 20.36 -89.11 31.39
N ASN L 63 20.29 -87.80 31.16
CA ASN L 63 19.77 -87.28 29.90
C ASN L 63 20.92 -86.71 29.06
N ARG L 64 20.58 -86.17 27.89
CA ARG L 64 21.53 -86.01 26.79
C ARG L 64 22.63 -84.98 27.08
N LYS L 65 22.52 -84.20 28.15
CA LYS L 65 23.59 -83.31 28.55
C LYS L 65 24.77 -84.04 29.19
N GLU L 66 24.53 -85.20 29.80
CA GLU L 66 25.61 -86.01 30.36
C GLU L 66 25.76 -87.38 29.71
N LEU L 67 24.95 -87.71 28.70
CA LEU L 67 25.35 -88.75 27.74
C LEU L 67 26.56 -88.30 26.92
N ALA L 68 26.63 -87.02 26.58
CA ALA L 68 27.75 -86.49 25.83
C ALA L 68 29.04 -86.41 26.65
N THR L 69 28.94 -86.42 27.97
CA THR L 69 30.12 -86.45 28.83
C THR L 69 30.67 -87.86 29.02
N VAL L 70 29.96 -88.88 28.55
CA VAL L 70 30.45 -90.25 28.69
C VAL L 70 31.65 -90.49 27.79
N ARG L 71 31.55 -90.07 26.52
CA ARG L 71 32.63 -90.33 25.56
C ARG L 71 33.82 -89.40 25.77
N THR L 72 33.61 -88.18 26.27
CA THR L 72 34.75 -87.32 26.55
C THR L 72 35.57 -87.83 27.73
N ILE L 73 35.01 -88.73 28.55
CA ILE L 73 35.80 -89.37 29.60
C ILE L 73 36.83 -90.31 28.98
N CYS L 74 36.39 -91.16 28.06
CA CYS L 74 37.32 -92.05 27.37
C CYS L 74 38.32 -91.28 26.52
N SER L 75 37.84 -90.23 25.83
CA SER L 75 38.70 -89.48 24.92
C SER L 75 39.82 -88.75 25.65
N HIS L 76 39.55 -88.25 26.85
CA HIS L 76 40.62 -87.70 27.68
C HIS L 76 41.56 -88.79 28.16
N VAL L 77 41.03 -89.99 28.41
CA VAL L 77 41.86 -91.08 28.92
C VAL L 77 42.82 -91.58 27.84
N GLN L 78 42.34 -91.75 26.61
CA GLN L 78 43.23 -92.23 25.54
C GLN L 78 44.35 -91.26 25.25
N ASN L 79 44.08 -89.94 25.34
CA ASN L 79 45.13 -88.96 25.19
C ASN L 79 46.16 -89.02 26.31
N MET L 80 45.75 -89.42 27.51
CA MET L 80 46.70 -89.68 28.59
C MET L 80 47.49 -90.95 28.32
N ILE L 81 46.86 -91.98 27.76
CA ILE L 81 47.58 -93.19 27.37
C ILE L 81 48.52 -92.90 26.21
N LYS L 82 48.05 -92.14 25.23
CA LYS L 82 48.87 -91.79 24.08
C LYS L 82 50.01 -90.86 24.46
N GLY L 83 49.78 -89.94 25.40
CA GLY L 83 50.81 -89.02 25.83
C GLY L 83 51.89 -89.65 26.68
N VAL L 84 51.60 -90.80 27.31
CA VAL L 84 52.61 -91.50 28.09
C VAL L 84 53.36 -92.52 27.23
N THR L 85 52.66 -93.22 26.34
CA THR L 85 53.32 -94.19 25.46
C THR L 85 54.17 -93.51 24.42
N LEU L 86 53.55 -92.68 23.58
CA LEU L 86 54.22 -92.08 22.43
C LEU L 86 54.39 -90.58 22.55
N GLY L 87 53.81 -89.94 23.55
CA GLY L 87 53.93 -88.50 23.71
C GLY L 87 53.12 -87.74 22.69
N PHE L 88 53.37 -86.42 22.64
CA PHE L 88 52.71 -85.54 21.69
C PHE L 88 53.75 -84.62 21.07
N ARG L 89 53.86 -84.66 19.75
CA ARG L 89 54.77 -83.82 19.00
C ARG L 89 53.96 -82.95 18.05
N TYR L 90 53.90 -81.65 18.32
CA TYR L 90 53.21 -80.69 17.45
C TYR L 90 54.26 -79.81 16.79
N LYS L 91 54.58 -80.13 15.54
CA LYS L 91 55.50 -79.31 14.77
C LYS L 91 54.83 -77.99 14.39
N MET L 92 55.57 -76.89 14.56
CA MET L 92 55.00 -75.54 14.51
C MET L 92 55.67 -74.80 13.35
N ARG L 93 55.08 -74.91 12.15
CA ARG L 93 55.63 -74.24 10.98
C ARG L 93 55.34 -72.75 10.99
N SER L 94 56.34 -71.96 10.61
CA SER L 94 56.23 -70.51 10.51
C SER L 94 56.09 -70.11 9.04
N VAL L 95 55.13 -69.23 8.77
CA VAL L 95 54.86 -68.75 7.42
C VAL L 95 55.10 -67.24 7.40
N TYR L 96 55.94 -66.78 6.48
CA TYR L 96 56.20 -65.36 6.32
C TYR L 96 56.23 -65.01 4.84
N ALA L 97 55.90 -63.76 4.54
CA ALA L 97 55.93 -63.28 3.16
C ALA L 97 57.27 -62.66 2.81
N HIS L 98 57.65 -61.58 3.51
CA HIS L 98 58.92 -60.91 3.26
C HIS L 98 59.87 -61.00 4.45
N PHE L 99 59.43 -60.58 5.64
CA PHE L 99 60.31 -60.55 6.80
C PHE L 99 60.37 -61.93 7.45
N PRO L 100 61.53 -62.57 7.52
CA PRO L 100 61.61 -63.88 8.17
C PRO L 100 61.42 -63.78 9.67
N ILE L 101 60.70 -64.76 10.23
CA ILE L 101 60.42 -64.79 11.66
C ILE L 101 61.55 -65.57 12.34
N ASN L 102 62.30 -64.87 13.20
CA ASN L 102 63.43 -65.47 13.89
C ASN L 102 62.94 -65.99 15.25
N VAL L 103 63.00 -67.31 15.43
CA VAL L 103 62.50 -67.97 16.63
C VAL L 103 63.65 -68.75 17.26
N VAL L 104 63.85 -68.57 18.57
CA VAL L 104 64.89 -69.26 19.31
C VAL L 104 64.43 -69.41 20.76
N ILE L 105 64.86 -70.49 21.40
CA ILE L 105 64.46 -70.85 22.75
C ILE L 105 65.51 -70.37 23.75
N GLN L 106 65.12 -70.24 25.01
CA GLN L 106 66.01 -69.64 26.01
C GLN L 106 66.46 -70.63 27.08
N GLU L 107 65.55 -71.20 27.90
CA GLU L 107 66.03 -72.03 28.99
C GLU L 107 66.23 -73.48 28.55
N ASN L 108 65.13 -74.19 28.32
CA ASN L 108 65.11 -75.43 27.56
C ASN L 108 64.14 -75.36 26.39
N GLY L 109 62.88 -75.03 26.65
CA GLY L 109 61.94 -74.61 25.64
C GLY L 109 60.93 -73.62 26.20
N SER L 110 61.16 -73.20 27.44
CA SER L 110 60.11 -72.52 28.21
C SER L 110 59.81 -71.13 27.64
N LEU L 111 60.84 -70.33 27.41
CA LEU L 111 60.66 -68.97 26.92
C LEU L 111 60.99 -68.91 25.43
N VAL L 112 60.03 -68.47 24.63
CA VAL L 112 60.19 -68.32 23.19
C VAL L 112 59.90 -66.87 22.83
N GLU L 113 60.90 -66.18 22.29
CA GLU L 113 60.72 -64.81 21.82
C GLU L 113 60.55 -64.79 20.31
N ILE L 114 59.65 -63.94 19.85
CA ILE L 114 59.34 -63.79 18.42
C ILE L 114 59.81 -62.41 17.99
N ARG L 115 60.73 -62.38 17.03
CA ARG L 115 61.30 -61.12 16.55
C ARG L 115 61.32 -61.13 15.03
N ASN L 116 61.35 -59.92 14.46
CA ASN L 116 61.31 -59.69 13.02
C ASN L 116 60.05 -60.31 12.43
N PHE L 117 58.94 -60.18 13.16
CA PHE L 117 57.62 -60.57 12.67
C PHE L 117 56.97 -59.34 12.06
N LEU L 118 56.81 -59.35 10.73
CA LEU L 118 56.34 -58.19 9.96
C LEU L 118 57.27 -56.99 10.13
N GLY L 119 58.52 -57.24 10.51
CA GLY L 119 59.45 -56.17 10.82
C GLY L 119 59.15 -55.44 12.11
N GLU L 120 58.37 -56.03 13.02
CA GLU L 120 57.99 -55.34 14.24
C GLU L 120 59.19 -55.17 15.16
N LYS L 121 59.32 -53.98 15.73
CA LYS L 121 60.36 -53.76 16.74
C LYS L 121 60.02 -54.44 18.06
N TYR L 122 58.74 -54.69 18.31
CA TYR L 122 58.31 -55.29 19.57
C TYR L 122 58.57 -56.80 19.54
N ILE L 123 59.43 -57.27 20.44
CA ILE L 123 59.62 -58.70 20.61
C ILE L 123 58.44 -59.28 21.38
N ARG L 124 58.19 -60.57 21.18
CA ARG L 124 57.03 -61.25 21.75
C ARG L 124 57.50 -62.40 22.63
N ARG L 125 57.57 -62.14 23.94
CA ARG L 125 57.96 -63.16 24.91
C ARG L 125 56.75 -63.97 25.30
N VAL L 126 56.75 -65.25 24.93
CA VAL L 126 55.63 -66.16 25.20
C VAL L 126 56.15 -67.31 26.05
N ARG L 127 55.51 -67.52 27.19
CA ARG L 127 55.88 -68.64 28.05
C ARG L 127 55.06 -69.88 27.70
N MET L 128 55.73 -71.02 27.69
CA MET L 128 55.06 -72.30 27.49
C MET L 128 54.43 -72.79 28.79
N ARG L 129 53.53 -73.75 28.66
CA ARG L 129 52.94 -74.39 29.83
C ARG L 129 53.98 -75.26 30.53
N PRO L 130 53.84 -75.48 31.84
CA PRO L 130 54.78 -76.37 32.54
C PRO L 130 54.71 -77.78 31.99
N GLY L 131 55.88 -78.42 31.90
CA GLY L 131 55.99 -79.74 31.34
C GLY L 131 56.06 -79.80 29.83
N VAL L 132 56.08 -78.66 29.15
CA VAL L 132 56.10 -78.61 27.69
C VAL L 132 57.49 -78.14 27.26
N ALA L 133 58.14 -78.93 26.41
CA ALA L 133 59.47 -78.63 25.91
C ALA L 133 59.41 -78.17 24.47
N CYS L 134 60.15 -77.11 24.16
CA CYS L 134 60.15 -76.51 22.82
C CYS L 134 61.54 -76.55 22.23
N SER L 135 61.61 -76.71 20.90
CA SER L 135 62.87 -76.81 20.19
C SER L 135 62.66 -76.48 18.72
N VAL L 136 63.76 -76.22 18.02
CA VAL L 136 63.75 -75.91 16.60
C VAL L 136 64.13 -77.17 15.83
N SER L 137 63.38 -77.47 14.76
CA SER L 137 63.59 -78.68 13.97
C SER L 137 64.81 -78.53 13.06
N GLN L 138 65.16 -79.64 12.40
CA GLN L 138 66.27 -79.70 11.46
C GLN L 138 65.78 -80.08 10.08
N ALA L 139 66.72 -80.08 9.12
CA ALA L 139 66.49 -80.48 7.73
C ALA L 139 65.41 -79.61 7.06
N GLN L 140 65.20 -78.41 7.60
CA GLN L 140 64.26 -77.43 7.06
C GLN L 140 64.53 -76.08 7.72
N LYS L 141 64.37 -74.99 6.95
CA LYS L 141 64.93 -73.70 7.35
C LYS L 141 64.25 -73.08 8.57
N ASP L 142 62.92 -73.19 8.71
CA ASP L 142 62.26 -72.58 9.88
C ASP L 142 60.99 -73.35 10.27
N GLU L 143 61.08 -74.13 11.35
CA GLU L 143 59.91 -74.79 11.92
C GLU L 143 60.17 -75.06 13.40
N LEU L 144 59.17 -74.77 14.23
CA LEU L 144 59.30 -74.94 15.67
C LEU L 144 58.71 -76.29 16.07
N VAL L 145 59.22 -76.84 17.17
CA VAL L 145 58.86 -78.19 17.62
C VAL L 145 58.51 -78.14 19.09
N LEU L 146 57.33 -78.64 19.44
CA LEU L 146 56.84 -78.64 20.82
C LEU L 146 56.68 -80.09 21.30
N GLU L 147 57.28 -80.39 22.45
CA GLU L 147 57.28 -81.72 23.04
C GLU L 147 56.59 -81.70 24.41
N GLY L 148 55.95 -82.82 24.74
CA GLY L 148 55.31 -82.95 26.04
C GLY L 148 54.51 -84.23 26.12
N ASN L 149 53.74 -84.35 27.20
CA ASN L 149 52.90 -85.53 27.42
C ASN L 149 51.42 -85.20 27.52
N ASP L 150 51.05 -84.07 28.10
CA ASP L 150 49.64 -83.71 28.20
C ASP L 150 49.18 -83.01 26.94
N ILE L 151 48.06 -83.49 26.36
CA ILE L 151 47.57 -82.93 25.12
C ILE L 151 47.07 -81.50 25.31
N GLU L 152 46.48 -81.20 26.47
CA GLU L 152 45.93 -79.86 26.69
C GLU L 152 47.03 -78.83 26.88
N LEU L 153 48.10 -79.17 27.61
CA LEU L 153 49.18 -78.23 27.86
C LEU L 153 50.01 -77.93 26.62
N VAL L 154 50.31 -78.95 25.81
CA VAL L 154 51.16 -78.73 24.64
C VAL L 154 50.42 -77.92 23.59
N SER L 155 49.17 -78.27 23.32
CA SER L 155 48.40 -77.59 22.29
C SER L 155 48.00 -76.17 22.68
N ASN L 156 47.83 -75.91 23.99
CA ASN L 156 47.56 -74.54 24.42
C ASN L 156 48.79 -73.67 24.24
N SER L 157 49.98 -74.22 24.48
CA SER L 157 51.21 -73.48 24.20
C SER L 157 51.39 -73.24 22.71
N ALA L 158 50.93 -74.19 21.88
CA ALA L 158 50.97 -73.98 20.44
C ALA L 158 50.00 -72.88 20.01
N ALA L 159 48.84 -72.78 20.67
CA ALA L 159 47.90 -71.72 20.35
C ALA L 159 48.38 -70.38 20.89
N LEU L 160 49.16 -70.39 21.97
CA LEU L 160 49.71 -69.14 22.51
C LEU L 160 50.68 -68.49 21.53
N ILE L 161 51.58 -69.29 20.94
CA ILE L 161 52.50 -68.76 19.94
C ILE L 161 51.85 -68.63 18.57
N GLN L 162 50.67 -69.21 18.37
CA GLN L 162 49.92 -68.98 17.14
C GLN L 162 49.16 -67.66 17.21
N GLN L 163 48.57 -67.36 18.37
CA GLN L 163 47.84 -66.11 18.55
C GLN L 163 48.75 -64.94 18.85
N ALA L 164 50.01 -65.19 19.21
CA ALA L 164 50.95 -64.08 19.37
C ALA L 164 51.33 -63.47 18.03
N THR L 165 51.37 -64.28 16.98
CA THR L 165 51.71 -63.81 15.64
C THR L 165 50.42 -63.53 14.85
N THR L 166 49.76 -62.44 15.25
CA THR L 166 48.53 -62.00 14.60
C THR L 166 48.74 -60.60 14.04
N VAL L 167 48.09 -60.33 12.91
CA VAL L 167 48.22 -59.05 12.21
C VAL L 167 47.05 -58.16 12.59
N LYS L 168 47.34 -56.91 12.93
CA LYS L 168 46.35 -55.98 13.43
C LYS L 168 45.94 -54.99 12.34
N ASN L 169 44.64 -54.71 12.28
CA ASN L 169 44.00 -53.73 11.36
C ASN L 169 44.57 -53.79 9.94
N LYS L 170 44.71 -55.02 9.45
CA LYS L 170 45.11 -55.28 8.06
C LYS L 170 44.18 -56.32 7.47
N ASP L 171 44.37 -56.58 6.18
CA ASP L 171 43.59 -57.62 5.51
C ASP L 171 44.23 -58.97 5.82
N ILE L 172 43.53 -59.77 6.64
CA ILE L 172 44.04 -61.08 7.02
C ILE L 172 44.14 -61.99 5.81
N ARG L 173 43.19 -61.86 4.88
CA ARG L 173 43.17 -62.70 3.68
C ARG L 173 44.37 -62.47 2.78
N LYS L 174 44.97 -61.28 2.81
CA LYS L 174 46.18 -61.00 2.04
C LYS L 174 47.44 -61.21 2.87
N PHE L 175 47.47 -60.68 4.08
CA PHE L 175 48.65 -60.80 4.96
C PHE L 175 48.60 -62.16 5.64
N LEU L 176 48.93 -63.20 4.87
CA LEU L 176 48.99 -64.57 5.37
C LEU L 176 50.34 -64.74 6.06
N ASP L 177 50.40 -64.27 7.30
CA ASP L 177 51.65 -64.21 8.05
C ASP L 177 51.43 -64.79 9.44
N GLY L 178 52.49 -65.31 10.02
CA GLY L 178 52.45 -65.87 11.35
C GLY L 178 52.84 -67.35 11.36
N ILE L 179 52.84 -67.90 12.57
CA ILE L 179 53.24 -69.28 12.83
C ILE L 179 51.98 -70.10 13.10
N TYR L 180 51.84 -71.22 12.38
CA TYR L 180 50.62 -72.01 12.41
C TYR L 180 50.92 -73.49 12.60
N VAL L 181 49.90 -74.24 12.99
CA VAL L 181 50.04 -75.68 13.20
C VAL L 181 50.28 -76.37 11.86
N SER L 182 51.26 -77.26 11.84
CA SER L 182 51.58 -78.04 10.64
C SER L 182 51.09 -79.48 10.71
N GLU L 183 51.42 -80.20 11.78
CA GLU L 183 50.99 -81.59 11.92
C GLU L 183 50.84 -81.90 13.40
N LYS L 184 49.95 -82.83 13.73
CA LYS L 184 49.69 -83.27 15.10
C LYS L 184 50.17 -84.71 15.23
N GLY L 185 51.35 -84.89 15.82
CA GLY L 185 51.93 -86.22 15.91
C GLY L 185 52.48 -86.58 17.28
N THR L 186 53.28 -87.63 17.33
CA THR L 186 53.84 -88.18 18.56
C THR L 186 55.36 -88.16 18.50
N VAL L 187 55.99 -88.46 19.64
CA VAL L 187 57.44 -88.49 19.71
C VAL L 187 57.99 -89.69 18.95
N GLN L 188 57.42 -90.87 19.18
CA GLN L 188 57.69 -92.05 18.39
C GLN L 188 56.38 -92.58 17.81
N GLN L 189 56.48 -93.31 16.71
CA GLN L 189 55.30 -93.85 16.03
C GLN L 189 55.03 -95.32 16.34
N ALA L 190 55.92 -96.00 17.06
CA ALA L 190 55.80 -97.41 17.43
C ALA L 190 55.58 -98.32 16.22
N GLY M 1 2.09 -43.62 0.63
CA GLY M 1 1.65 -42.75 1.71
C GLY M 1 0.38 -43.23 2.38
N ARG M 2 0.52 -44.13 3.35
CA ARG M 2 -0.60 -44.69 4.06
C ARG M 2 -0.13 -45.20 5.42
N ARG M 3 -1.10 -45.47 6.29
CA ARG M 3 -0.79 -45.99 7.62
C ARG M 3 -0.40 -47.46 7.53
N PRO M 4 0.36 -47.96 8.52
CA PRO M 4 0.69 -49.38 8.55
C PRO M 4 -0.55 -50.24 8.81
N ALA M 5 -0.38 -51.54 8.57
CA ALA M 5 -1.47 -52.50 8.68
C ALA M 5 -1.83 -52.84 10.12
N ARG M 6 -1.07 -52.35 11.10
CA ARG M 6 -1.41 -52.59 12.50
C ARG M 6 -2.70 -51.88 12.90
N CYS M 7 -3.02 -50.76 12.24
CA CYS M 7 -4.19 -49.98 12.62
C CYS M 7 -5.49 -50.66 12.20
N TYR M 8 -5.45 -51.47 11.14
CA TYR M 8 -6.65 -52.05 10.55
C TYR M 8 -6.55 -53.57 10.50
N ARG M 9 -5.79 -54.16 11.40
CA ARG M 9 -5.62 -55.61 11.41
C ARG M 9 -6.87 -56.32 11.92
N TYR M 10 -7.47 -55.80 12.99
CA TYR M 10 -8.62 -56.44 13.62
C TYR M 10 -9.92 -55.98 12.96
N CYS M 11 -10.90 -56.87 12.95
CA CYS M 11 -12.24 -56.52 12.48
C CYS M 11 -12.98 -55.76 13.57
N LYS M 12 -12.80 -54.44 13.60
CA LYS M 12 -13.31 -53.61 14.69
C LYS M 12 -14.76 -53.18 14.47
N ASN M 13 -15.10 -52.75 13.26
CA ASN M 13 -16.41 -52.18 12.98
C ASN M 13 -17.26 -53.16 12.18
N LYS M 14 -18.51 -52.75 11.93
CA LYS M 14 -19.40 -53.53 11.07
C LYS M 14 -18.90 -53.48 9.63
N PRO M 15 -19.26 -54.48 8.81
CA PRO M 15 -18.87 -54.45 7.40
C PRO M 15 -19.41 -53.21 6.70
N TYR M 16 -18.54 -52.54 5.95
CA TYR M 16 -18.83 -51.24 5.33
C TYR M 16 -18.46 -51.34 3.86
N PRO M 17 -19.28 -52.02 3.05
CA PRO M 17 -18.91 -52.25 1.66
C PRO M 17 -19.11 -51.01 0.80
N LYS M 18 -18.48 -51.03 -0.37
CA LYS M 18 -18.64 -49.98 -1.36
C LYS M 18 -20.00 -50.13 -2.02
N SER M 19 -20.87 -49.14 -1.82
CA SER M 19 -22.25 -49.23 -2.26
C SER M 19 -22.73 -47.82 -2.60
N ARG M 20 -24.06 -47.65 -2.67
CA ARG M 20 -24.63 -46.35 -2.99
C ARG M 20 -24.29 -45.32 -1.93
N PHE M 21 -24.37 -45.69 -0.66
CA PHE M 21 -24.03 -44.77 0.42
C PHE M 21 -22.53 -44.53 0.48
N CYS M 22 -21.75 -45.59 0.44
CA CYS M 22 -20.29 -45.50 0.51
C CYS M 22 -19.75 -45.26 -0.89
N ARG M 23 -19.65 -43.98 -1.26
CA ARG M 23 -19.18 -43.59 -2.59
C ARG M 23 -17.96 -42.69 -2.44
N GLY M 24 -17.23 -42.55 -3.53
CA GLY M 24 -15.96 -41.85 -3.51
C GLY M 24 -14.80 -42.70 -3.03
N VAL M 25 -14.90 -44.02 -3.15
CA VAL M 25 -13.88 -44.94 -2.68
C VAL M 25 -12.81 -45.11 -3.74
N PRO M 26 -11.54 -44.93 -3.42
CA PRO M 26 -10.48 -45.22 -4.39
C PRO M 26 -10.45 -46.70 -4.74
N ASP M 27 -10.01 -46.99 -5.96
CA ASP M 27 -10.05 -48.35 -6.48
C ASP M 27 -9.07 -49.23 -5.72
N ALA M 28 -9.45 -50.50 -5.57
CA ALA M 28 -8.61 -51.48 -4.90
C ALA M 28 -7.36 -51.76 -5.73
N LYS M 29 -6.26 -52.07 -5.04
CA LYS M 29 -5.01 -52.35 -5.71
C LYS M 29 -5.08 -53.67 -6.49
N ILE M 30 -5.77 -54.66 -5.95
CA ILE M 30 -5.88 -55.95 -6.62
C ILE M 30 -6.97 -55.89 -7.68
N ARG M 31 -6.60 -56.27 -8.91
CA ARG M 31 -7.56 -56.30 -10.02
C ARG M 31 -7.75 -57.72 -10.55
N ILE M 32 -6.65 -58.43 -10.84
CA ILE M 32 -6.72 -59.79 -11.35
C ILE M 32 -6.66 -60.75 -10.17
N PHE M 33 -7.68 -61.60 -10.04
CA PHE M 33 -7.79 -62.50 -8.91
C PHE M 33 -7.30 -63.91 -9.20
N ASP M 34 -6.95 -64.23 -10.45
CA ASP M 34 -6.38 -65.51 -10.80
C ASP M 34 -5.58 -65.41 -12.08
N LEU M 35 -4.48 -66.16 -12.15
CA LEU M 35 -3.60 -66.13 -13.31
C LEU M 35 -2.87 -67.46 -13.40
N GLY M 36 -1.97 -67.56 -14.38
CA GLY M 36 -1.37 -68.81 -14.76
C GLY M 36 -2.01 -69.39 -16.00
N ARG M 37 -1.97 -70.71 -16.10
CA ARG M 37 -2.71 -71.42 -17.15
C ARG M 37 -4.13 -71.67 -16.63
N LYS M 38 -4.91 -70.59 -16.55
CA LYS M 38 -6.28 -70.70 -16.09
C LYS M 38 -7.18 -71.37 -17.12
N LYS M 39 -6.82 -71.29 -18.41
CA LYS M 39 -7.56 -71.97 -19.47
C LYS M 39 -7.09 -73.43 -19.52
N ALA M 40 -7.48 -74.17 -18.50
CA ALA M 40 -7.04 -75.56 -18.34
C ALA M 40 -8.19 -76.41 -17.82
N LYS M 41 -8.19 -77.68 -18.18
CA LYS M 41 -9.20 -78.62 -17.73
C LYS M 41 -8.88 -79.11 -16.32
N VAL M 42 -9.81 -79.86 -15.73
CA VAL M 42 -9.64 -80.35 -14.37
C VAL M 42 -8.88 -81.66 -14.30
N ASP M 43 -8.47 -82.23 -15.44
CA ASP M 43 -7.80 -83.51 -15.47
C ASP M 43 -6.28 -83.41 -15.40
N GLU M 44 -5.71 -82.19 -15.44
CA GLU M 44 -4.27 -82.04 -15.48
C GLU M 44 -3.67 -81.31 -14.28
N PHE M 45 -4.49 -80.71 -13.41
CA PHE M 45 -4.01 -80.02 -12.22
C PHE M 45 -4.72 -80.56 -10.97
N PRO M 46 -4.52 -81.84 -10.61
CA PRO M 46 -5.26 -82.40 -9.47
C PRO M 46 -4.53 -82.33 -8.13
N LEU M 47 -4.06 -81.15 -7.71
CA LEU M 47 -3.38 -81.03 -6.43
C LEU M 47 -4.21 -80.30 -5.38
N CYS M 48 -4.67 -79.09 -5.70
CA CYS M 48 -5.50 -78.26 -4.81
C CYS M 48 -4.78 -77.98 -3.48
N GLY M 49 -3.67 -77.26 -3.61
CA GLY M 49 -2.95 -76.75 -2.44
C GLY M 49 -3.55 -75.44 -1.98
N HIS M 50 -3.90 -75.38 -0.71
CA HIS M 50 -4.66 -74.25 -0.16
C HIS M 50 -3.85 -73.49 0.88
N MET M 51 -4.18 -72.20 1.00
CA MET M 51 -3.71 -71.35 2.09
C MET M 51 -4.87 -71.07 3.03
N VAL M 52 -4.72 -71.45 4.29
CA VAL M 52 -5.80 -71.38 5.26
C VAL M 52 -5.41 -70.42 6.38
N SER M 53 -6.28 -69.46 6.67
CA SER M 53 -6.05 -68.54 7.77
C SER M 53 -6.32 -69.23 9.10
N ASP M 54 -5.81 -68.61 10.18
CA ASP M 54 -6.00 -69.16 11.51
C ASP M 54 -6.51 -68.14 12.52
N GLU M 55 -6.70 -66.88 12.13
CA GLU M 55 -7.19 -65.85 13.03
C GLU M 55 -8.36 -65.11 12.38
N TYR M 56 -9.02 -64.28 13.19
CA TYR M 56 -10.14 -63.46 12.75
C TYR M 56 -9.62 -62.02 12.61
N GLU M 57 -9.13 -61.71 11.41
CA GLU M 57 -8.44 -60.45 11.15
C GLU M 57 -8.91 -59.88 9.81
N GLN M 58 -8.26 -58.80 9.39
CA GLN M 58 -8.55 -58.14 8.13
C GLN M 58 -7.31 -58.17 7.23
N LEU M 59 -7.50 -58.55 5.97
CA LEU M 59 -6.43 -58.62 4.99
C LEU M 59 -6.62 -57.53 3.96
N SER M 60 -5.64 -56.64 3.84
CA SER M 60 -5.75 -55.52 2.92
C SER M 60 -5.48 -55.97 1.49
N SER M 61 -5.95 -55.15 0.54
CA SER M 61 -5.79 -55.48 -0.88
C SER M 61 -4.33 -55.44 -1.32
N GLU M 62 -3.55 -54.49 -0.81
CA GLU M 62 -2.14 -54.42 -1.14
C GLU M 62 -1.36 -55.57 -0.50
N ALA M 63 -1.86 -56.13 0.59
CA ALA M 63 -1.25 -57.33 1.15
C ALA M 63 -1.56 -58.55 0.30
N LEU M 64 -2.77 -58.62 -0.28
CA LEU M 64 -3.10 -59.70 -1.20
C LEU M 64 -2.27 -59.61 -2.48
N GLU M 65 -2.05 -58.40 -2.98
CA GLU M 65 -1.19 -58.22 -4.15
C GLU M 65 0.25 -58.58 -3.84
N ALA M 66 0.71 -58.28 -2.62
CA ALA M 66 2.08 -58.62 -2.24
C ALA M 66 2.32 -60.12 -2.23
N ALA M 67 1.36 -60.89 -1.71
CA ALA M 67 1.47 -62.34 -1.74
C ALA M 67 1.06 -62.94 -3.07
N ARG M 68 0.40 -62.19 -3.93
CA ARG M 68 0.10 -62.68 -5.27
C ARG M 68 1.35 -62.70 -6.14
N ILE M 69 2.15 -61.63 -6.10
CA ILE M 69 3.31 -61.52 -6.98
C ILE M 69 4.40 -62.50 -6.56
N CYS M 70 4.72 -62.54 -5.27
CA CYS M 70 5.83 -63.36 -4.80
C CYS M 70 5.54 -64.86 -4.91
N ALA M 71 4.30 -65.29 -4.68
CA ALA M 71 3.95 -66.68 -4.90
C ALA M 71 3.99 -67.03 -6.38
N ASN M 72 3.53 -66.12 -7.24
CA ASN M 72 3.55 -66.38 -8.68
C ASN M 72 4.96 -66.30 -9.24
N LYS M 73 5.81 -65.46 -8.66
CA LYS M 73 7.15 -65.25 -9.20
C LYS M 73 8.00 -66.50 -9.10
N TYR M 74 7.95 -67.17 -7.95
CA TYR M 74 8.71 -68.41 -7.79
C TYR M 74 8.01 -69.60 -8.46
N MET M 75 6.68 -69.56 -8.52
CA MET M 75 5.94 -70.69 -9.10
C MET M 75 6.18 -70.81 -10.59
N VAL M 76 6.32 -69.67 -11.29
CA VAL M 76 6.72 -69.70 -12.69
C VAL M 76 8.11 -70.30 -12.83
N LYS M 77 9.02 -69.89 -11.96
CA LYS M 77 10.40 -70.37 -12.05
C LYS M 77 10.53 -71.84 -11.68
N SER M 78 9.65 -72.34 -10.80
CA SER M 78 9.79 -73.71 -10.31
C SER M 78 9.38 -74.74 -11.35
N CYS M 79 8.12 -74.70 -11.79
CA CYS M 79 7.59 -75.70 -12.71
C CYS M 79 7.47 -75.20 -14.15
N GLY M 80 7.35 -73.90 -14.35
CA GLY M 80 7.12 -73.38 -15.69
C GLY M 80 6.10 -72.25 -15.71
N LYS M 81 5.98 -71.58 -16.86
CA LYS M 81 5.09 -70.43 -16.96
C LYS M 81 3.61 -70.83 -16.97
N ASP M 82 3.27 -72.01 -17.46
CA ASP M 82 1.88 -72.44 -17.59
C ASP M 82 1.70 -73.84 -17.02
N GLY M 83 2.38 -74.12 -15.91
CA GLY M 83 2.25 -75.41 -15.25
C GLY M 83 1.45 -75.35 -13.97
N PHE M 84 0.61 -74.32 -13.82
CA PHE M 84 -0.09 -74.10 -12.57
C PHE M 84 -1.30 -73.22 -12.83
N HIS M 85 -2.14 -73.11 -11.81
CA HIS M 85 -3.29 -72.21 -11.82
C HIS M 85 -3.58 -71.80 -10.39
N ILE M 86 -3.44 -70.52 -10.08
CA ILE M 86 -3.57 -70.02 -8.72
C ILE M 86 -4.75 -69.06 -8.64
N ARG M 87 -5.36 -69.01 -7.46
CA ARG M 87 -6.47 -68.09 -7.19
C ARG M 87 -6.30 -67.50 -5.79
N VAL M 88 -6.89 -66.32 -5.59
CA VAL M 88 -7.08 -65.74 -4.26
C VAL M 88 -8.57 -65.72 -3.96
N ARG M 89 -8.95 -66.24 -2.79
CA ARG M 89 -10.36 -66.40 -2.43
C ARG M 89 -10.83 -65.35 -1.44
N LEU M 90 -10.15 -64.22 -1.36
CA LEU M 90 -10.60 -63.04 -0.62
C LEU M 90 -10.72 -61.86 -1.57
N HIS M 91 -11.96 -61.40 -1.78
CA HIS M 91 -12.22 -60.20 -2.54
C HIS M 91 -12.48 -59.05 -1.59
N PRO M 92 -11.60 -58.04 -1.54
CA PRO M 92 -11.74 -56.99 -0.52
C PRO M 92 -12.92 -56.07 -0.78
N PHE M 93 -13.96 -56.22 0.05
CA PHE M 93 -15.15 -55.39 -0.05
C PHE M 93 -15.30 -54.40 1.09
N HIS M 94 -14.77 -54.71 2.27
CA HIS M 94 -14.85 -53.80 3.41
C HIS M 94 -13.99 -52.57 3.17
N VAL M 95 -14.51 -51.40 3.52
CA VAL M 95 -13.86 -50.12 3.28
C VAL M 95 -13.50 -49.49 4.61
N ILE M 96 -12.21 -49.26 4.83
CA ILE M 96 -11.68 -48.63 6.03
C ILE M 96 -11.61 -47.11 5.85
N ARG M 97 -11.42 -46.38 6.95
CA ARG M 97 -11.66 -44.95 6.98
C ARG M 97 -10.48 -44.19 7.58
N ILE M 98 -10.43 -42.89 7.28
CA ILE M 98 -9.40 -42.01 7.83
C ILE M 98 -10.05 -40.77 8.44
N ASN M 99 -9.57 -40.36 9.61
CA ASN M 99 -9.92 -39.06 10.16
C ASN M 99 -8.68 -38.18 9.94
N LYS M 100 -8.66 -37.49 8.80
CA LYS M 100 -7.47 -36.75 8.41
C LYS M 100 -7.39 -35.41 9.14
N MET M 101 -6.21 -35.14 9.69
CA MET M 101 -5.93 -33.87 10.34
C MET M 101 -5.42 -32.87 9.29
N LEU M 102 -4.95 -31.72 9.74
CA LEU M 102 -4.44 -30.71 8.83
C LEU M 102 -2.92 -30.63 8.88
N THR M 112 -8.70 -28.84 15.20
CA THR M 112 -10.14 -28.93 15.36
C THR M 112 -10.52 -30.02 16.37
N GLY M 113 -9.82 -31.14 16.29
CA GLY M 113 -10.11 -32.27 17.17
C GLY M 113 -11.06 -33.26 16.53
N MET M 114 -12.01 -33.75 17.32
CA MET M 114 -13.03 -34.68 16.83
C MET M 114 -14.41 -34.04 16.74
N ARG M 115 -14.46 -32.72 16.49
CA ARG M 115 -15.74 -32.04 16.33
C ARG M 115 -16.35 -32.41 14.99
N GLY M 116 -17.23 -33.41 14.99
CA GLY M 116 -17.82 -33.91 13.75
C GLY M 116 -16.81 -34.66 12.92
N ALA M 117 -16.24 -35.74 13.48
CA ALA M 117 -15.17 -36.49 12.86
C ALA M 117 -15.70 -37.85 12.39
N PHE M 118 -15.99 -37.95 11.10
CA PHE M 118 -16.33 -39.21 10.47
C PHE M 118 -15.31 -39.51 9.37
N GLY M 119 -15.04 -40.79 9.17
CA GLY M 119 -13.93 -41.20 8.34
C GLY M 119 -14.17 -41.01 6.85
N LYS M 120 -13.07 -40.95 6.12
CA LYS M 120 -12.98 -40.92 4.66
C LYS M 120 -12.31 -42.20 4.16
N PRO M 121 -12.78 -42.79 3.05
CA PRO M 121 -12.20 -44.06 2.59
C PRO M 121 -10.72 -43.95 2.26
N GLN M 122 -9.95 -44.95 2.72
CA GLN M 122 -8.57 -45.14 2.31
C GLN M 122 -8.44 -46.16 1.20
N GLY M 123 -9.07 -47.33 1.37
CA GLY M 123 -8.95 -48.40 0.42
C GLY M 123 -9.86 -49.54 0.85
N THR M 124 -9.71 -50.67 0.18
CA THR M 124 -10.51 -51.84 0.49
C THR M 124 -9.72 -52.77 1.43
N VAL M 125 -10.45 -53.71 2.04
CA VAL M 125 -9.84 -54.69 2.93
C VAL M 125 -10.75 -55.91 2.96
N ALA M 126 -10.16 -57.08 3.23
CA ALA M 126 -10.87 -58.34 3.13
C ALA M 126 -11.04 -58.95 4.52
N ARG M 127 -12.29 -59.12 4.94
CA ARG M 127 -12.58 -59.82 6.19
C ARG M 127 -12.39 -61.33 6.00
N VAL M 128 -11.72 -61.96 6.97
CA VAL M 128 -11.45 -63.39 6.92
C VAL M 128 -11.88 -64.02 8.24
N HIS M 129 -12.41 -65.23 8.17
CA HIS M 129 -12.73 -66.01 9.35
C HIS M 129 -11.64 -67.04 9.62
N ILE M 130 -11.80 -67.76 10.74
CA ILE M 130 -10.84 -68.80 11.08
C ILE M 130 -11.13 -70.05 10.26
N GLY M 131 -10.11 -70.53 9.55
CA GLY M 131 -10.26 -71.71 8.73
C GLY M 131 -10.79 -71.47 7.33
N GLN M 132 -10.83 -70.23 6.88
CA GLN M 132 -11.29 -69.89 5.54
C GLN M 132 -10.11 -69.78 4.60
N VAL M 133 -10.24 -70.38 3.41
CA VAL M 133 -9.12 -70.51 2.47
C VAL M 133 -8.76 -69.14 1.92
N ILE M 134 -7.48 -68.78 1.98
CA ILE M 134 -7.03 -67.52 1.40
C ILE M 134 -6.60 -67.72 -0.05
N MET M 135 -5.61 -68.57 -0.29
CA MET M 135 -5.01 -68.71 -1.61
C MET M 135 -5.03 -70.18 -2.00
N SER M 136 -5.44 -70.46 -3.22
CA SER M 136 -5.54 -71.83 -3.72
C SER M 136 -4.64 -72.01 -4.93
N ILE M 137 -3.84 -73.09 -4.91
CA ILE M 137 -2.93 -73.42 -6.00
C ILE M 137 -3.18 -74.86 -6.40
N ARG M 138 -3.34 -75.11 -7.70
CA ARG M 138 -3.45 -76.46 -8.23
C ARG M 138 -2.42 -76.67 -9.34
N THR M 139 -1.81 -77.85 -9.34
CA THR M 139 -0.83 -78.23 -10.35
C THR M 139 -0.76 -79.75 -10.37
N LYS M 140 0.28 -80.29 -11.03
CA LYS M 140 0.44 -81.73 -11.11
C LYS M 140 1.04 -82.28 -9.81
N LEU M 141 1.15 -83.61 -9.75
CA LEU M 141 1.57 -84.28 -8.53
C LEU M 141 3.06 -84.14 -8.23
N GLN M 142 3.90 -83.89 -9.24
CA GLN M 142 5.33 -83.79 -8.99
C GLN M 142 5.75 -82.41 -8.51
N ASN M 143 4.83 -81.46 -8.41
CA ASN M 143 5.12 -80.11 -7.92
C ASN M 143 4.47 -79.88 -6.56
N LYS M 144 4.42 -80.91 -5.72
CA LYS M 144 3.82 -80.77 -4.40
C LYS M 144 4.69 -79.90 -3.49
N GLU M 145 5.99 -80.18 -3.46
CA GLU M 145 6.91 -79.37 -2.63
C GLU M 145 7.16 -78.00 -3.24
N HIS M 146 6.95 -77.83 -4.54
CA HIS M 146 7.07 -76.51 -5.15
C HIS M 146 5.94 -75.58 -4.73
N VAL M 147 4.79 -76.13 -4.36
CA VAL M 147 3.66 -75.30 -3.97
C VAL M 147 3.74 -74.94 -2.49
N VAL M 148 4.14 -75.91 -1.65
CA VAL M 148 4.13 -75.70 -0.21
C VAL M 148 5.13 -74.63 0.20
N GLU M 149 6.35 -74.68 -0.32
CA GLU M 149 7.36 -73.69 0.07
C GLU M 149 7.10 -72.34 -0.58
N ALA M 150 6.46 -72.31 -1.74
CA ALA M 150 6.09 -71.03 -2.36
C ALA M 150 4.98 -70.35 -1.57
N LEU M 151 4.04 -71.12 -1.03
CA LEU M 151 3.04 -70.58 -0.13
C LEU M 151 3.62 -70.11 1.19
N ARG M 152 4.72 -70.72 1.64
CA ARG M 152 5.42 -70.22 2.82
C ARG M 152 6.01 -68.83 2.56
N ARG M 153 6.46 -68.59 1.33
CA ARG M 153 6.91 -67.26 0.94
C ARG M 153 5.77 -66.25 0.95
N ALA M 154 4.56 -66.67 0.64
CA ALA M 154 3.41 -65.76 0.66
C ALA M 154 2.88 -65.53 2.07
N LYS M 155 3.29 -66.36 3.04
CA LYS M 155 2.89 -66.13 4.43
C LYS M 155 3.51 -64.86 4.99
N PHE M 156 4.70 -64.50 4.51
CA PHE M 156 5.41 -63.33 5.01
C PHE M 156 4.79 -62.02 4.56
N LYS M 157 3.99 -62.03 3.49
CA LYS M 157 3.28 -60.84 3.05
C LYS M 157 1.95 -60.65 3.78
N PHE M 158 1.52 -61.62 4.58
CA PHE M 158 0.26 -61.50 5.31
C PHE M 158 0.53 -61.30 6.80
N PRO M 159 -0.24 -60.43 7.45
CA PRO M 159 -0.16 -60.33 8.91
C PRO M 159 -0.78 -61.54 9.59
N GLY M 160 -0.36 -61.77 10.83
CA GLY M 160 -0.89 -62.86 11.61
C GLY M 160 -0.29 -64.20 11.22
N ARG M 161 -0.94 -65.25 11.72
CA ARG M 161 -0.50 -66.62 11.53
C ARG M 161 -1.37 -67.30 10.49
N GLN M 162 -0.74 -67.98 9.54
CA GLN M 162 -1.43 -68.78 8.54
C GLN M 162 -0.79 -70.15 8.48
N LYS M 163 -1.58 -71.17 8.14
CA LYS M 163 -1.11 -72.54 8.09
C LYS M 163 -1.29 -73.10 6.69
N ILE M 164 -0.43 -74.06 6.34
CA ILE M 164 -0.40 -74.63 5.00
C ILE M 164 -1.06 -76.01 5.04
N HIS M 165 -2.11 -76.19 4.24
CA HIS M 165 -2.83 -77.45 4.13
C HIS M 165 -2.93 -77.85 2.67
N ILE M 166 -2.60 -79.10 2.37
CA ILE M 166 -2.84 -79.68 1.06
C ILE M 166 -4.17 -80.44 1.13
N SER M 167 -5.14 -80.01 0.33
CA SER M 167 -6.48 -80.56 0.43
C SER M 167 -6.56 -81.90 -0.30
N LYS M 168 -7.66 -82.61 -0.05
CA LYS M 168 -7.97 -83.86 -0.71
C LYS M 168 -8.95 -83.69 -1.85
N LYS M 169 -9.22 -82.45 -2.25
CA LYS M 169 -10.15 -82.18 -3.35
C LYS M 169 -9.43 -82.23 -4.68
N TRP M 170 -10.17 -82.63 -5.71
CA TRP M 170 -9.64 -82.71 -7.07
C TRP M 170 -9.78 -81.33 -7.73
N GLY M 171 -8.67 -80.63 -7.87
CA GLY M 171 -8.69 -79.31 -8.51
C GLY M 171 -9.46 -78.31 -7.67
N PHE M 172 -10.08 -77.35 -8.34
CA PHE M 172 -10.85 -76.30 -7.70
C PHE M 172 -12.33 -76.66 -7.56
N THR M 173 -12.64 -77.95 -7.49
CA THR M 173 -14.00 -78.42 -7.34
C THR M 173 -14.29 -78.77 -5.88
N LYS M 174 -15.51 -79.22 -5.62
CA LYS M 174 -15.94 -79.59 -4.27
C LYS M 174 -15.98 -81.11 -4.07
N PHE M 175 -15.37 -81.88 -4.96
CA PHE M 175 -15.41 -83.33 -4.91
C PHE M 175 -14.08 -83.89 -4.43
N ASN M 176 -14.13 -85.07 -3.82
CA ASN M 176 -12.94 -85.71 -3.30
C ASN M 176 -12.11 -86.29 -4.45
N ALA M 177 -10.79 -86.19 -4.34
CA ALA M 177 -9.89 -86.54 -5.42
C ALA M 177 -9.69 -88.04 -5.58
N ASP M 178 -9.93 -88.85 -4.55
CA ASP M 178 -9.75 -90.28 -4.66
C ASP M 178 -10.88 -90.95 -5.44
N GLU M 179 -12.01 -90.28 -5.58
CA GLU M 179 -13.21 -90.83 -6.20
C GLU M 179 -13.71 -89.94 -7.33
N PHE M 180 -12.88 -89.00 -7.76
CA PHE M 180 -13.23 -88.14 -8.88
C PHE M 180 -13.28 -88.90 -10.21
N GLU M 181 -12.51 -89.99 -10.32
CA GLU M 181 -12.36 -90.66 -11.60
C GLU M 181 -13.60 -91.46 -11.99
N ASP M 182 -14.18 -92.21 -11.04
CA ASP M 182 -15.20 -93.18 -11.42
C ASP M 182 -16.51 -92.51 -11.83
N MET M 183 -16.86 -91.37 -11.24
CA MET M 183 -18.02 -90.62 -11.73
C MET M 183 -17.80 -90.12 -13.15
N VAL M 184 -16.56 -89.82 -13.53
CA VAL M 184 -16.28 -89.42 -14.91
C VAL M 184 -16.49 -90.62 -15.84
N ALA M 185 -16.02 -91.80 -15.44
CA ALA M 185 -16.17 -92.99 -16.27
C ALA M 185 -17.62 -93.45 -16.33
N GLU M 186 -18.34 -93.41 -15.22
CA GLU M 186 -19.74 -93.82 -15.17
C GLU M 186 -20.66 -92.69 -15.60
N LYS M 187 -20.10 -91.51 -15.86
CA LYS M 187 -20.80 -90.33 -16.39
C LYS M 187 -21.83 -89.80 -15.39
N ARG M 188 -21.32 -89.33 -14.26
CA ARG M 188 -22.05 -88.44 -13.37
C ARG M 188 -21.41 -87.06 -13.27
N LEU M 189 -20.21 -86.88 -13.83
CA LEU M 189 -19.51 -85.62 -13.81
C LEU M 189 -18.97 -85.31 -15.21
N ILE M 190 -19.13 -84.07 -15.65
CA ILE M 190 -18.64 -83.61 -16.94
C ILE M 190 -17.79 -82.37 -16.70
N PRO M 191 -16.51 -82.38 -17.07
CA PRO M 191 -15.68 -81.18 -16.89
C PRO M 191 -16.06 -80.09 -17.87
N ASP M 192 -16.05 -78.84 -17.40
CA ASP M 192 -16.23 -77.66 -18.24
C ASP M 192 -15.19 -76.59 -17.89
N GLY M 193 -14.00 -76.71 -18.48
CA GLY M 193 -12.93 -75.78 -18.21
C GLY M 193 -12.39 -75.88 -16.80
N CYS M 194 -12.51 -74.79 -16.04
CA CYS M 194 -11.99 -74.75 -14.68
C CYS M 194 -12.77 -75.64 -13.71
N GLY M 195 -14.05 -75.90 -13.98
CA GLY M 195 -14.85 -76.67 -13.07
C GLY M 195 -15.42 -77.95 -13.66
N VAL M 196 -16.34 -78.58 -12.93
CA VAL M 196 -16.97 -79.82 -13.37
C VAL M 196 -18.48 -79.66 -13.17
N LYS M 197 -19.25 -80.40 -13.98
CA LYS M 197 -20.70 -80.34 -13.97
C LYS M 197 -21.24 -81.56 -13.24
N TYR M 198 -21.99 -81.33 -12.16
CA TYR M 198 -22.63 -82.41 -11.44
C TYR M 198 -23.98 -82.71 -12.07
N ILE M 199 -24.23 -83.98 -12.38
CA ILE M 199 -25.42 -84.41 -13.10
C ILE M 199 -26.28 -85.26 -12.17
N PRO M 200 -27.32 -84.69 -11.59
CA PRO M 200 -28.26 -85.48 -10.78
C PRO M 200 -29.19 -86.28 -11.66
N ASN M 201 -29.83 -87.27 -11.04
CA ASN M 201 -30.87 -88.07 -11.72
C ASN M 201 -32.25 -87.47 -11.45
N ARG M 202 -32.37 -86.17 -11.69
CA ARG M 202 -33.62 -85.47 -11.46
C ARG M 202 -34.08 -84.61 -12.63
N GLY M 203 -33.28 -84.47 -13.68
CA GLY M 203 -33.66 -83.68 -14.83
C GLY M 203 -34.50 -84.47 -15.81
N PRO M 204 -34.79 -83.89 -16.97
CA PRO M 204 -35.51 -84.63 -18.00
C PRO M 204 -34.70 -85.79 -18.53
N LEU M 205 -35.41 -86.85 -18.93
CA LEU M 205 -34.74 -88.05 -19.40
C LEU M 205 -34.08 -87.85 -20.76
N ASP M 206 -34.52 -86.85 -21.53
CA ASP M 206 -33.83 -86.51 -22.77
C ASP M 206 -32.43 -85.98 -22.53
N LYS M 207 -32.20 -85.36 -21.37
CA LYS M 207 -30.84 -84.99 -20.99
C LYS M 207 -29.99 -86.23 -20.72
N TRP M 208 -30.60 -87.27 -20.13
CA TRP M 208 -29.89 -88.54 -19.97
C TRP M 208 -29.63 -89.21 -21.32
N ARG M 209 -30.53 -89.02 -22.28
CA ARG M 209 -30.30 -89.53 -23.62
C ARG M 209 -29.28 -88.73 -24.40
N ALA M 210 -29.02 -87.48 -23.99
CA ALA M 210 -27.94 -86.71 -24.60
C ALA M 210 -26.58 -87.32 -24.30
N LEU M 211 -26.40 -87.83 -23.09
CA LEU M 211 -25.22 -88.60 -22.72
C LEU M 211 -25.52 -90.09 -22.87
N HIS M 212 -24.60 -90.93 -22.41
CA HIS M 212 -24.74 -92.40 -22.44
C HIS M 212 -24.99 -92.92 -23.85
N SER M 213 -24.38 -92.29 -24.84
CA SER M 213 -24.56 -92.69 -26.23
C SER M 213 -23.32 -92.37 -27.07
N GLU N 1 -59.30 -82.67 -42.24
CA GLU N 1 -60.63 -82.95 -41.72
C GLU N 1 -60.86 -82.26 -40.38
N ASN N 2 -60.10 -81.19 -40.14
CA ASN N 2 -60.26 -80.42 -38.92
C ASN N 2 -61.59 -79.66 -38.97
N PRO N 3 -62.37 -79.67 -37.88
CA PRO N 3 -63.70 -79.05 -37.93
C PRO N 3 -63.68 -77.53 -38.08
N MET N 4 -62.96 -76.83 -37.21
CA MET N 4 -62.90 -75.37 -37.26
C MET N 4 -61.49 -74.87 -36.96
N ARG N 5 -60.48 -75.62 -37.38
CA ARG N 5 -59.11 -75.14 -37.35
C ARG N 5 -58.74 -74.36 -38.62
N GLU N 6 -59.73 -73.87 -39.36
CA GLU N 6 -59.48 -73.09 -40.56
C GLU N 6 -58.93 -71.73 -40.19
N LEU N 7 -57.96 -71.26 -40.98
CA LEU N 7 -57.29 -69.99 -40.72
C LEU N 7 -58.05 -68.86 -41.41
N ARG N 8 -58.80 -68.08 -40.62
CA ARG N 8 -59.46 -66.89 -41.12
C ARG N 8 -58.68 -65.66 -40.67
N ILE N 9 -59.18 -64.49 -41.06
CA ILE N 9 -58.58 -63.22 -40.67
C ILE N 9 -59.39 -62.61 -39.54
N ARG N 10 -58.69 -62.19 -38.47
CA ARG N 10 -59.37 -61.59 -37.34
C ARG N 10 -59.62 -60.10 -37.56
N LYS N 11 -58.59 -59.37 -37.98
CA LYS N 11 -58.72 -57.96 -38.25
C LYS N 11 -57.66 -57.54 -39.26
N LEU N 12 -57.88 -56.40 -39.89
CA LEU N 12 -56.90 -55.76 -40.75
C LEU N 12 -56.66 -54.35 -40.23
N CYS N 13 -55.45 -54.09 -39.77
CA CYS N 13 -55.12 -52.83 -39.12
C CYS N 13 -54.43 -51.91 -40.13
N LEU N 14 -54.98 -50.71 -40.29
CA LEU N 14 -54.46 -49.73 -41.24
C LEU N 14 -54.04 -48.48 -40.47
N ASN N 15 -52.83 -48.01 -40.73
CA ASN N 15 -52.31 -46.85 -40.03
C ASN N 15 -51.50 -45.99 -40.98
N ILE N 16 -51.67 -44.67 -40.85
CA ILE N 16 -50.94 -43.68 -41.64
C ILE N 16 -50.21 -42.76 -40.68
N CYS N 17 -48.90 -42.63 -40.86
CA CYS N 17 -48.06 -41.78 -40.02
C CYS N 17 -47.50 -40.66 -40.88
N VAL N 18 -48.12 -39.47 -40.79
CA VAL N 18 -47.65 -38.32 -41.55
C VAL N 18 -46.37 -37.73 -40.97
N GLY N 19 -46.09 -37.99 -39.69
CA GLY N 19 -44.83 -37.63 -39.09
C GLY N 19 -44.85 -36.56 -38.02
N GLU N 20 -45.57 -35.45 -38.22
CA GLU N 20 -45.60 -34.43 -37.17
C GLU N 20 -46.99 -34.18 -36.61
N SER N 21 -47.91 -33.59 -37.38
CA SER N 21 -49.14 -33.02 -36.84
C SER N 21 -49.99 -32.32 -37.89
N GLY N 22 -51.15 -31.81 -37.48
CA GLY N 22 -51.81 -30.71 -38.15
C GLY N 22 -52.53 -30.99 -39.45
N ASP N 23 -52.37 -30.06 -40.41
CA ASP N 23 -53.15 -30.13 -41.65
C ASP N 23 -52.74 -31.33 -42.50
N ARG N 24 -51.48 -31.73 -42.44
CA ARG N 24 -51.04 -32.93 -43.15
C ARG N 24 -51.66 -34.19 -42.55
N LEU N 25 -51.89 -34.20 -41.23
CA LEU N 25 -52.48 -35.36 -40.59
C LEU N 25 -53.97 -35.47 -40.91
N THR N 26 -54.69 -34.36 -40.83
CA THR N 26 -56.13 -34.41 -41.05
C THR N 26 -56.51 -34.58 -42.51
N ARG N 27 -55.63 -34.20 -43.45
CA ARG N 27 -55.89 -34.48 -44.86
C ARG N 27 -55.63 -35.95 -45.21
N ALA N 28 -54.79 -36.64 -44.44
CA ALA N 28 -54.60 -38.07 -44.62
C ALA N 28 -55.69 -38.89 -43.96
N ALA N 29 -56.49 -38.27 -43.08
CA ALA N 29 -57.61 -38.98 -42.48
C ALA N 29 -58.70 -39.29 -43.50
N LYS N 30 -58.92 -38.39 -44.46
CA LYS N 30 -59.89 -38.64 -45.52
C LYS N 30 -59.44 -39.73 -46.48
N VAL N 31 -58.14 -39.97 -46.59
CA VAL N 31 -57.65 -41.07 -47.42
C VAL N 31 -58.10 -42.41 -46.85
N LEU N 32 -57.90 -42.60 -45.56
CA LEU N 32 -58.32 -43.84 -44.89
C LEU N 32 -59.82 -43.87 -44.63
N GLU N 33 -60.48 -42.71 -44.61
CA GLU N 33 -61.93 -42.67 -44.41
C GLU N 33 -62.67 -43.30 -45.59
N GLN N 34 -62.33 -42.87 -46.81
CA GLN N 34 -63.03 -43.39 -47.98
C GLN N 34 -62.55 -44.78 -48.39
N LEU N 35 -61.37 -45.20 -47.92
CA LEU N 35 -60.89 -46.54 -48.24
C LEU N 35 -61.67 -47.60 -47.47
N THR N 36 -62.03 -47.33 -46.22
CA THR N 36 -62.72 -48.28 -45.37
C THR N 36 -64.22 -48.04 -45.30
N GLY N 37 -64.63 -46.81 -45.01
CA GLY N 37 -66.03 -46.48 -44.84
C GLY N 37 -66.39 -46.25 -43.38
N GLN N 38 -65.42 -45.82 -42.59
CA GLN N 38 -65.63 -45.55 -41.18
C GLN N 38 -64.68 -44.45 -40.74
N THR N 39 -65.04 -43.78 -39.64
CA THR N 39 -64.28 -42.65 -39.16
C THR N 39 -62.96 -43.13 -38.53
N PRO N 40 -61.82 -42.65 -38.99
CA PRO N 40 -60.54 -43.08 -38.41
C PRO N 40 -60.31 -42.42 -37.04
N VAL N 41 -59.37 -43.00 -36.30
CA VAL N 41 -59.04 -42.57 -34.95
C VAL N 41 -57.56 -42.22 -34.89
N PHE N 42 -57.25 -41.04 -34.37
CA PHE N 42 -55.88 -40.54 -34.37
C PHE N 42 -55.07 -41.22 -33.26
N SER N 43 -53.80 -40.83 -33.16
CA SER N 43 -52.92 -41.39 -32.14
C SER N 43 -51.97 -40.31 -31.65
N LYS N 44 -51.74 -40.28 -30.34
CA LYS N 44 -50.87 -39.30 -29.68
C LYS N 44 -49.44 -39.81 -29.56
N ALA N 45 -48.52 -38.87 -29.36
CA ALA N 45 -47.13 -39.22 -29.15
C ALA N 45 -46.92 -39.72 -27.74
N ARG N 46 -46.03 -40.72 -27.60
CA ARG N 46 -45.75 -41.23 -26.26
C ARG N 46 -44.92 -40.25 -25.44
N TYR N 47 -43.88 -39.68 -26.04
CA TYR N 47 -43.00 -38.76 -25.34
C TYR N 47 -42.29 -37.88 -26.37
N THR N 48 -41.30 -37.12 -25.90
CA THR N 48 -40.66 -36.06 -26.67
C THR N 48 -39.39 -36.60 -27.32
N VAL N 49 -39.29 -36.42 -28.64
CA VAL N 49 -38.08 -36.79 -29.39
C VAL N 49 -37.71 -35.57 -30.24
N ARG N 50 -36.64 -34.88 -29.84
CA ARG N 50 -36.12 -33.80 -30.66
C ARG N 50 -35.44 -34.29 -31.93
N SER N 51 -35.00 -35.55 -31.97
CA SER N 51 -34.37 -36.08 -33.18
C SER N 51 -35.36 -36.12 -34.34
N PHE N 52 -36.58 -36.58 -34.09
CA PHE N 52 -37.63 -36.65 -35.10
C PHE N 52 -38.53 -35.43 -35.11
N GLY N 53 -38.32 -34.46 -34.23
CA GLY N 53 -39.08 -33.24 -34.22
C GLY N 53 -40.43 -33.33 -33.54
N ILE N 54 -40.69 -34.39 -32.80
CA ILE N 54 -41.94 -34.56 -32.11
C ILE N 54 -41.76 -34.17 -30.64
N ARG N 55 -42.86 -33.83 -29.99
CA ARG N 55 -42.86 -33.56 -28.56
C ARG N 55 -44.08 -34.20 -27.92
N ARG N 56 -44.13 -34.09 -26.58
CA ARG N 56 -45.02 -34.89 -25.76
C ARG N 56 -46.49 -34.61 -26.06
N ASN N 57 -47.27 -35.69 -26.19
CA ASN N 57 -48.73 -35.65 -26.41
C ASN N 57 -49.08 -34.96 -27.73
N GLU N 58 -48.48 -35.42 -28.82
CA GLU N 58 -48.67 -34.83 -30.14
C GLU N 58 -49.41 -35.80 -31.04
N LYS N 59 -50.36 -35.29 -31.83
CA LYS N 59 -51.05 -36.09 -32.83
C LYS N 59 -50.08 -36.42 -33.95
N ILE N 60 -49.55 -37.64 -33.96
CA ILE N 60 -48.59 -38.07 -34.96
C ILE N 60 -49.28 -38.82 -36.10
N ALA N 61 -49.92 -39.95 -35.76
CA ALA N 61 -50.45 -40.87 -36.74
C ALA N 61 -51.95 -41.05 -36.54
N VAL N 62 -52.57 -41.70 -37.53
CA VAL N 62 -53.99 -42.03 -37.51
C VAL N 62 -54.12 -43.49 -37.94
N HIS N 63 -54.99 -44.23 -37.24
CA HIS N 63 -55.10 -45.67 -37.47
C HIS N 63 -56.56 -46.10 -37.44
N CYS N 64 -56.83 -47.22 -38.12
CA CYS N 64 -58.17 -47.78 -38.21
C CYS N 64 -58.06 -49.30 -38.34
N THR N 65 -59.00 -50.00 -37.72
CA THR N 65 -59.05 -51.46 -37.74
C THR N 65 -60.34 -51.91 -38.43
N VAL N 66 -60.20 -52.84 -39.37
CA VAL N 66 -61.31 -53.31 -40.20
C VAL N 66 -61.55 -54.79 -39.92
N ARG N 67 -62.80 -55.13 -39.62
CA ARG N 67 -63.21 -56.51 -39.40
C ARG N 67 -64.14 -56.94 -40.53
N GLY N 68 -64.61 -58.19 -40.47
CA GLY N 68 -65.61 -58.66 -41.40
C GLY N 68 -65.08 -58.86 -42.82
N ALA N 69 -66.02 -58.85 -43.77
CA ALA N 69 -65.70 -59.04 -45.18
C ALA N 69 -65.13 -57.79 -45.83
N LYS N 70 -65.18 -56.64 -45.15
CA LYS N 70 -64.55 -55.44 -45.70
C LYS N 70 -63.03 -55.53 -45.63
N ALA N 71 -62.51 -56.24 -44.62
CA ALA N 71 -61.06 -56.35 -44.46
C ALA N 71 -60.42 -57.15 -45.58
N GLU N 72 -61.05 -58.27 -45.98
CA GLU N 72 -60.47 -59.11 -47.02
C GLU N 72 -60.53 -58.46 -48.40
N GLU N 73 -61.54 -57.61 -48.64
CA GLU N 73 -61.60 -56.87 -49.90
C GLU N 73 -60.45 -55.87 -50.00
N ILE N 74 -60.11 -55.22 -48.88
CA ILE N 74 -58.95 -54.33 -48.86
C ILE N 74 -57.67 -55.15 -49.00
N LEU N 75 -57.60 -56.30 -48.33
CA LEU N 75 -56.43 -57.16 -48.45
C LEU N 75 -56.26 -57.68 -49.87
N GLU N 76 -57.36 -58.06 -50.53
CA GLU N 76 -57.29 -58.49 -51.91
C GLU N 76 -56.89 -57.33 -52.83
N LYS N 77 -57.33 -56.11 -52.51
CA LYS N 77 -56.91 -54.95 -53.29
C LYS N 77 -55.45 -54.58 -53.05
N GLY N 78 -54.97 -54.76 -51.81
CA GLY N 78 -53.60 -54.42 -51.50
C GLY N 78 -52.59 -55.37 -52.11
N LEU N 79 -52.95 -56.65 -52.26
CA LEU N 79 -52.08 -57.63 -52.88
C LEU N 79 -52.00 -57.46 -54.39
N LYS N 80 -52.96 -56.77 -55.00
CA LYS N 80 -52.81 -56.39 -56.39
C LYS N 80 -51.64 -55.44 -56.58
N VAL N 81 -51.44 -54.53 -55.63
CA VAL N 81 -50.31 -53.61 -55.66
C VAL N 81 -49.01 -54.38 -55.49
N ARG N 82 -48.97 -55.34 -54.58
CA ARG N 82 -47.77 -56.07 -54.24
C ARG N 82 -47.55 -57.29 -55.13
N GLU N 83 -48.32 -57.43 -56.21
CA GLU N 83 -48.12 -58.45 -57.25
C GLU N 83 -48.22 -59.87 -56.70
N TYR N 84 -49.01 -60.06 -55.65
CA TYR N 84 -49.11 -61.33 -54.92
C TYR N 84 -47.74 -61.80 -54.46
N GLU N 85 -46.89 -60.84 -54.07
CA GLU N 85 -45.52 -61.12 -53.65
C GLU N 85 -45.31 -60.60 -52.23
N LEU N 86 -44.79 -61.46 -51.37
CA LEU N 86 -44.35 -61.09 -50.03
C LEU N 86 -42.91 -61.55 -49.84
N ARG N 87 -42.40 -61.41 -48.63
CA ARG N 87 -41.08 -61.89 -48.27
C ARG N 87 -41.18 -62.84 -47.08
N LYS N 88 -40.09 -63.57 -46.82
CA LYS N 88 -40.06 -64.49 -45.70
C LYS N 88 -40.11 -63.75 -44.37
N ASN N 89 -39.50 -62.57 -44.31
CA ASN N 89 -39.46 -61.78 -43.08
C ASN N 89 -40.77 -61.06 -42.77
N ASN N 90 -41.69 -60.97 -43.74
CA ASN N 90 -42.97 -60.32 -43.47
C ASN N 90 -43.80 -61.10 -42.46
N PHE N 91 -43.76 -62.43 -42.52
CA PHE N 91 -44.46 -63.25 -41.54
C PHE N 91 -43.83 -63.10 -40.16
N SER N 92 -44.68 -62.97 -39.14
CA SER N 92 -44.19 -62.85 -37.78
C SER N 92 -44.07 -64.23 -37.13
N ASP N 93 -43.46 -64.25 -35.94
CA ASP N 93 -43.35 -65.50 -35.20
C ASP N 93 -44.70 -65.98 -34.67
N THR N 94 -45.67 -65.08 -34.55
CA THR N 94 -47.01 -65.43 -34.11
C THR N 94 -47.94 -65.79 -35.27
N GLY N 95 -47.38 -66.11 -36.43
CA GLY N 95 -48.19 -66.50 -37.58
C GLY N 95 -49.04 -65.39 -38.17
N ASN N 96 -48.52 -64.18 -38.23
CA ASN N 96 -49.20 -63.06 -38.86
C ASN N 96 -48.23 -62.32 -39.75
N PHE N 97 -48.77 -61.58 -40.72
CA PHE N 97 -47.93 -60.92 -41.71
C PHE N 97 -48.47 -59.51 -41.95
N GLY N 98 -47.80 -58.79 -42.83
CA GLY N 98 -48.17 -57.44 -43.19
C GLY N 98 -47.14 -56.83 -44.09
N PHE N 99 -47.50 -55.70 -44.69
CA PHE N 99 -46.62 -55.03 -45.64
C PHE N 99 -47.06 -53.57 -45.75
N GLY N 100 -46.14 -52.73 -46.21
CA GLY N 100 -46.38 -51.31 -46.37
C GLY N 100 -46.26 -50.88 -47.82
N ILE N 101 -47.08 -49.91 -48.21
CA ILE N 101 -47.07 -49.38 -49.57
C ILE N 101 -46.62 -47.92 -49.51
N GLN N 102 -46.48 -47.32 -50.70
CA GLN N 102 -46.01 -45.95 -50.81
C GLN N 102 -47.00 -44.99 -51.45
N GLU N 103 -48.00 -45.47 -52.18
CA GLU N 103 -48.95 -44.61 -52.86
C GLU N 103 -50.35 -45.17 -52.72
N HIS N 104 -51.29 -44.33 -52.26
CA HIS N 104 -52.66 -44.74 -52.07
C HIS N 104 -53.52 -44.60 -53.33
N ILE N 105 -52.97 -44.03 -54.40
CA ILE N 105 -53.77 -43.75 -55.60
C ILE N 105 -54.15 -45.03 -56.32
N ASP N 106 -53.29 -46.05 -56.28
CA ASP N 106 -53.57 -47.31 -56.98
C ASP N 106 -54.55 -48.20 -56.21
N LEU N 107 -55.01 -47.76 -55.03
CA LEU N 107 -56.10 -48.43 -54.32
C LEU N 107 -57.46 -47.86 -54.68
N GLY N 108 -57.62 -47.27 -55.87
CA GLY N 108 -58.89 -46.76 -56.31
C GLY N 108 -59.25 -45.38 -55.82
N ILE N 109 -58.33 -44.70 -55.14
CA ILE N 109 -58.55 -43.35 -54.65
C ILE N 109 -58.03 -42.36 -55.70
N LYS N 110 -58.90 -41.46 -56.13
CA LYS N 110 -58.52 -40.46 -57.10
C LYS N 110 -57.55 -39.46 -56.49
N TYR N 111 -56.61 -39.01 -57.31
CA TYR N 111 -55.58 -38.07 -56.87
C TYR N 111 -56.20 -36.70 -56.61
N ASP N 112 -55.63 -35.98 -55.65
CA ASP N 112 -56.01 -34.61 -55.36
C ASP N 112 -54.76 -33.76 -55.19
N PRO N 113 -54.78 -32.51 -55.67
CA PRO N 113 -53.60 -31.65 -55.48
C PRO N 113 -53.33 -31.32 -54.02
N SER N 114 -54.37 -30.98 -53.25
CA SER N 114 -54.17 -30.70 -51.83
C SER N 114 -53.87 -31.98 -51.05
N ILE N 115 -54.63 -33.04 -51.31
CA ILE N 115 -54.45 -34.32 -50.63
C ILE N 115 -53.42 -35.09 -51.43
N GLY N 116 -52.14 -34.92 -51.07
CA GLY N 116 -51.03 -35.49 -51.81
C GLY N 116 -50.82 -36.95 -51.50
N ILE N 117 -49.64 -37.45 -51.88
CA ILE N 117 -49.33 -38.86 -51.76
C ILE N 117 -49.11 -39.23 -50.30
N TYR N 118 -49.84 -40.24 -49.83
CA TYR N 118 -49.71 -40.76 -48.47
C TYR N 118 -49.73 -42.28 -48.53
N GLY N 119 -48.60 -42.89 -48.23
CA GLY N 119 -48.53 -44.34 -48.23
C GLY N 119 -49.25 -44.95 -47.05
N LEU N 120 -49.52 -46.24 -47.16
CA LEU N 120 -50.25 -47.00 -46.15
C LEU N 120 -49.31 -48.00 -45.50
N ASP N 121 -49.82 -48.65 -44.46
CA ASP N 121 -49.06 -49.67 -43.74
C ASP N 121 -50.09 -50.72 -43.32
N PHE N 122 -50.00 -51.90 -43.93
CA PHE N 122 -50.96 -52.97 -43.70
C PHE N 122 -50.37 -54.00 -42.74
N TYR N 123 -51.24 -54.58 -41.91
CA TYR N 123 -50.85 -55.71 -41.08
C TYR N 123 -52.06 -56.61 -40.93
N VAL N 124 -51.88 -57.90 -41.20
CA VAL N 124 -52.97 -58.87 -41.25
C VAL N 124 -52.87 -59.76 -40.02
N VAL N 125 -53.98 -59.88 -39.29
CA VAL N 125 -54.06 -60.72 -38.11
C VAL N 125 -54.86 -61.96 -38.47
N LEU N 126 -54.18 -63.10 -38.58
CA LEU N 126 -54.86 -64.35 -38.82
C LEU N 126 -55.44 -64.90 -37.52
N GLY N 127 -56.40 -65.81 -37.64
CA GLY N 127 -57.04 -66.36 -36.46
C GLY N 127 -57.87 -67.57 -36.79
N ARG N 128 -58.14 -68.35 -35.75
CA ARG N 128 -59.04 -69.49 -35.78
C ARG N 128 -60.32 -69.17 -35.02
N PRO N 129 -61.42 -69.88 -35.29
CA PRO N 129 -62.60 -69.74 -34.45
C PRO N 129 -62.34 -70.28 -33.05
N GLY N 130 -62.24 -69.39 -32.07
CA GLY N 130 -61.88 -69.78 -30.72
C GLY N 130 -60.81 -68.89 -30.13
N PHE N 131 -60.41 -67.85 -30.88
CA PHE N 131 -59.37 -66.94 -30.43
C PHE N 131 -59.89 -65.82 -29.55
N SER N 132 -61.19 -65.75 -29.33
CA SER N 132 -61.78 -64.67 -28.52
C SER N 132 -61.74 -64.96 -27.03
N ILE N 133 -61.17 -66.09 -26.61
CA ILE N 133 -61.08 -66.41 -25.19
C ILE N 133 -60.10 -65.47 -24.50
N ALA N 134 -59.01 -65.12 -25.18
CA ALA N 134 -57.95 -64.33 -24.58
C ALA N 134 -58.32 -62.86 -24.39
N ASP N 135 -59.43 -62.40 -24.96
CA ASP N 135 -59.79 -60.99 -24.83
C ASP N 135 -61.24 -60.75 -24.40
N LYS N 136 -61.96 -61.77 -23.96
CA LYS N 136 -63.29 -61.55 -23.43
C LYS N 136 -63.20 -61.26 -21.92
N LYS N 137 -64.36 -61.09 -21.29
CA LYS N 137 -64.36 -60.53 -19.94
C LYS N 137 -64.07 -61.58 -18.87
N ARG N 138 -64.96 -62.57 -18.73
CA ARG N 138 -64.94 -63.39 -17.51
C ARG N 138 -63.88 -64.48 -17.54
N ARG N 139 -64.01 -65.44 -18.44
CA ARG N 139 -63.18 -66.65 -18.40
C ARG N 139 -62.10 -66.55 -19.48
N THR N 140 -61.02 -65.85 -19.13
CA THR N 140 -59.89 -65.69 -20.03
C THR N 140 -58.99 -66.92 -19.98
N GLY N 141 -58.04 -66.96 -20.90
CA GLY N 141 -57.09 -68.06 -20.96
C GLY N 141 -56.26 -68.03 -22.23
N CYS N 142 -55.06 -68.62 -22.15
CA CYS N 142 -54.19 -68.70 -23.32
C CYS N 142 -54.80 -69.63 -24.36
N ILE N 143 -54.60 -69.30 -25.63
CA ILE N 143 -55.21 -70.05 -26.72
C ILE N 143 -54.32 -71.24 -27.13
N GLY N 144 -54.46 -72.34 -26.39
CA GLY N 144 -53.80 -73.61 -26.63
C GLY N 144 -52.29 -73.54 -26.79
N ALA N 145 -51.77 -74.63 -27.33
CA ALA N 145 -50.38 -74.74 -27.75
C ALA N 145 -50.24 -75.19 -29.20
N LYS N 146 -51.06 -76.15 -29.63
CA LYS N 146 -51.15 -76.56 -31.02
C LYS N 146 -52.28 -75.86 -31.77
N HIS N 147 -53.04 -75.01 -31.08
CA HIS N 147 -54.08 -74.20 -31.69
C HIS N 147 -53.58 -72.84 -32.15
N ARG N 148 -52.33 -72.51 -31.84
CA ARG N 148 -51.76 -71.25 -32.29
C ARG N 148 -51.39 -71.33 -33.77
N ILE N 149 -51.10 -70.17 -34.35
CA ILE N 149 -50.72 -70.06 -35.76
C ILE N 149 -49.23 -69.81 -35.82
N SER N 150 -48.51 -70.72 -36.47
CA SER N 150 -47.06 -70.61 -36.57
C SER N 150 -46.65 -69.84 -37.82
N LYS N 151 -45.36 -69.50 -37.88
CA LYS N 151 -44.84 -68.80 -39.05
C LYS N 151 -44.92 -69.66 -40.29
N GLU N 152 -44.61 -70.96 -40.15
CA GLU N 152 -44.67 -71.87 -41.29
C GLU N 152 -46.11 -72.06 -41.76
N GLU N 153 -47.05 -72.18 -40.83
CA GLU N 153 -48.45 -72.39 -41.21
C GLU N 153 -49.04 -71.16 -41.86
N ALA N 154 -48.58 -69.96 -41.49
CA ALA N 154 -49.04 -68.74 -42.14
C ALA N 154 -48.52 -68.61 -43.57
N MET N 155 -47.38 -69.22 -43.88
CA MET N 155 -46.85 -69.16 -45.23
C MET N 155 -47.72 -69.96 -46.20
N ARG N 156 -48.05 -71.20 -45.83
CA ARG N 156 -48.82 -72.08 -46.71
C ARG N 156 -50.28 -71.66 -46.84
N TRP N 157 -50.83 -70.94 -45.86
CA TRP N 157 -52.19 -70.43 -45.99
C TRP N 157 -52.28 -69.39 -47.10
N PHE N 158 -51.27 -68.53 -47.21
CA PHE N 158 -51.26 -67.53 -48.27
C PHE N 158 -51.06 -68.17 -49.64
N GLN N 159 -50.29 -69.26 -49.70
CA GLN N 159 -49.97 -69.89 -50.97
C GLN N 159 -51.12 -70.68 -51.55
N GLN N 160 -52.10 -71.08 -50.74
CA GLN N 160 -53.26 -71.80 -51.24
C GLN N 160 -54.45 -70.87 -51.51
N LYS N 161 -54.49 -69.70 -50.89
CA LYS N 161 -55.61 -68.78 -51.05
C LYS N 161 -55.40 -67.80 -52.19
N TYR N 162 -54.19 -67.29 -52.36
CA TYR N 162 -53.91 -66.24 -53.33
C TYR N 162 -52.77 -66.58 -54.28
N ASP N 163 -52.40 -67.87 -54.37
CA ASP N 163 -51.30 -68.34 -55.21
C ASP N 163 -49.99 -67.62 -54.86
N GLY N 164 -49.51 -67.88 -53.64
CA GLY N 164 -48.33 -67.20 -53.15
C GLY N 164 -47.09 -67.59 -53.93
N ILE N 165 -46.32 -66.57 -54.33
CA ILE N 165 -45.08 -66.74 -55.07
C ILE N 165 -43.93 -66.09 -54.29
N ILE N 166 -44.03 -66.15 -52.96
CA ILE N 166 -43.11 -65.46 -52.05
C ILE N 166 -41.67 -65.86 -52.32
N LEU N 167 -40.84 -64.87 -52.63
CA LEU N 167 -39.42 -65.12 -52.84
C LEU N 167 -38.72 -65.33 -51.49
N PRO N 168 -37.71 -66.20 -51.43
CA PRO N 168 -36.97 -66.40 -50.19
C PRO N 168 -36.10 -65.19 -49.85
N GLY N 169 -35.85 -65.03 -48.56
CA GLY N 169 -35.03 -63.95 -48.07
C GLY N 169 -35.81 -62.68 -47.79
N PRO O 75 34.28 -95.37 -41.26
CA PRO O 75 33.06 -94.61 -41.01
C PRO O 75 32.50 -94.84 -39.61
N SER O 76 31.95 -93.80 -39.01
CA SER O 76 31.38 -93.89 -37.67
C SER O 76 29.93 -94.37 -37.74
N ALA O 77 29.37 -94.69 -36.57
CA ALA O 77 27.96 -95.08 -36.52
C ALA O 77 27.05 -93.92 -36.88
N SER O 78 27.37 -92.72 -36.38
CA SER O 78 26.59 -91.53 -36.73
C SER O 78 26.79 -91.16 -38.19
N ALA O 79 28.00 -91.37 -38.72
CA ALA O 79 28.28 -91.05 -40.12
C ALA O 79 27.47 -91.93 -41.06
N LEU O 80 27.31 -93.21 -40.73
CA LEU O 80 26.54 -94.11 -41.57
C LEU O 80 25.05 -93.79 -41.53
N ILE O 81 24.55 -93.31 -40.39
CA ILE O 81 23.14 -92.96 -40.28
C ILE O 81 22.81 -91.76 -41.17
N ILE O 82 23.66 -90.73 -41.13
CA ILE O 82 23.47 -89.57 -42.00
C ILE O 82 23.69 -89.93 -43.48
N LYS O 83 24.64 -90.81 -43.77
CA LYS O 83 24.86 -91.24 -45.14
C LYS O 83 23.66 -92.00 -45.69
N ALA O 84 23.07 -92.86 -44.88
CA ALA O 84 21.89 -93.63 -45.29
C ALA O 84 20.64 -92.76 -45.29
N PHE O 106 14.49 -100.06 -41.88
CA PHE O 106 15.06 -100.93 -40.87
C PHE O 106 16.21 -101.76 -41.42
N ASP O 107 16.15 -102.04 -42.73
CA ASP O 107 17.19 -102.84 -43.36
C ASP O 107 18.53 -102.11 -43.40
N GLU O 108 18.51 -100.78 -43.45
CA GLU O 108 19.75 -100.01 -43.40
C GLU O 108 20.42 -100.15 -42.04
N ILE O 109 19.63 -100.23 -40.96
CA ILE O 109 20.19 -100.40 -39.63
C ILE O 109 20.85 -101.77 -39.50
N VAL O 110 20.23 -102.80 -40.10
CA VAL O 110 20.81 -104.14 -40.08
C VAL O 110 22.13 -104.16 -40.84
N ASN O 111 22.18 -103.46 -41.97
CA ASN O 111 23.42 -103.38 -42.74
C ASN O 111 24.53 -102.69 -41.96
N ILE O 112 24.17 -101.63 -41.23
CA ILE O 112 25.15 -100.97 -40.35
C ILE O 112 25.55 -101.90 -39.21
N ALA O 113 24.58 -102.67 -38.68
CA ALA O 113 24.88 -103.61 -37.62
C ALA O 113 25.82 -104.71 -38.08
N ARG O 114 25.65 -105.19 -39.32
CA ARG O 114 26.56 -106.20 -39.85
C ARG O 114 27.94 -105.63 -40.09
N GLN O 115 28.03 -104.35 -40.50
CA GLN O 115 29.33 -103.72 -40.69
C GLN O 115 30.04 -103.51 -39.35
N MET O 116 29.30 -103.15 -38.31
CA MET O 116 29.90 -103.00 -36.99
C MET O 116 30.31 -104.34 -36.40
N ARG O 117 29.57 -105.40 -36.71
CA ARG O 117 29.96 -106.74 -36.28
C ARG O 117 31.26 -107.18 -36.97
N HIS O 118 31.42 -106.83 -38.24
CA HIS O 118 32.64 -107.13 -38.98
C HIS O 118 33.83 -106.35 -38.43
N LEU O 125 24.59 -109.61 -32.00
CA LEU O 125 23.82 -108.82 -32.94
C LEU O 125 22.67 -108.09 -32.25
N SER O 126 22.14 -108.72 -31.18
CA SER O 126 21.03 -108.12 -30.45
C SER O 126 21.44 -106.82 -29.76
N GLY O 127 22.64 -106.79 -29.16
CA GLY O 127 23.12 -105.58 -28.54
C GLY O 127 23.60 -104.55 -29.54
N THR O 128 23.99 -105.02 -30.73
CA THR O 128 24.48 -104.12 -31.77
C THR O 128 23.35 -103.27 -32.34
N ILE O 129 22.20 -103.88 -32.62
CA ILE O 129 21.07 -103.12 -33.18
C ILE O 129 20.47 -102.20 -32.11
N LYS O 130 20.63 -102.55 -30.84
CA LYS O 130 20.10 -101.69 -29.77
C LYS O 130 20.93 -100.42 -29.62
N GLU O 131 22.26 -100.54 -29.66
CA GLU O 131 23.11 -99.37 -29.46
C GLU O 131 23.10 -98.46 -30.70
N ILE O 132 22.96 -99.03 -31.90
CA ILE O 132 22.90 -98.21 -33.10
C ILE O 132 21.59 -97.44 -33.15
N LEU O 133 20.48 -98.09 -32.79
CA LEU O 133 19.20 -97.41 -32.72
C LEU O 133 19.18 -96.35 -31.63
N GLY O 134 19.95 -96.54 -30.55
CA GLY O 134 20.11 -95.49 -29.57
C GLY O 134 20.85 -94.29 -30.10
N THR O 135 21.86 -94.51 -30.95
CA THR O 135 22.55 -93.42 -31.61
C THR O 135 21.72 -92.78 -32.70
N ALA O 136 20.72 -93.50 -33.23
CA ALA O 136 19.84 -92.93 -34.25
C ALA O 136 19.02 -91.77 -33.70
N GLN O 137 18.54 -91.90 -32.46
CA GLN O 137 17.80 -90.80 -31.83
C GLN O 137 18.70 -89.64 -31.46
N SER O 138 20.00 -89.89 -31.23
CA SER O 138 20.93 -88.81 -30.96
C SER O 138 21.22 -87.99 -32.22
N VAL O 139 21.23 -88.63 -33.38
CA VAL O 139 21.46 -87.94 -34.64
C VAL O 139 20.26 -87.10 -35.03
N ALA P 1 -41.49 -20.20 43.95
CA ALA P 1 -41.35 -21.57 43.43
C ALA P 1 -42.41 -22.48 44.04
N PRO P 2 -43.59 -22.50 43.44
CA PRO P 2 -44.67 -23.39 43.92
C PRO P 2 -44.36 -24.85 43.66
N SER P 3 -44.87 -25.70 44.54
CA SER P 3 -44.59 -27.14 44.44
C SER P 3 -45.76 -27.92 45.01
N ARG P 4 -46.40 -28.73 44.17
CA ARG P 4 -47.36 -29.76 44.57
C ARG P 4 -48.57 -29.16 45.32
N ASN P 5 -49.36 -28.44 44.53
CA ASN P 5 -50.74 -28.08 44.83
C ASN P 5 -50.92 -27.15 46.01
N GLY P 6 -50.38 -25.93 45.92
CA GLY P 6 -50.79 -24.83 46.75
C GLY P 6 -51.62 -23.85 45.94
N MET P 7 -52.21 -22.89 46.63
CA MET P 7 -52.94 -21.85 45.92
C MET P 7 -51.97 -20.80 45.41
N ILE P 8 -52.34 -20.15 44.31
CA ILE P 8 -51.55 -19.05 43.78
C ILE P 8 -51.80 -17.85 44.68
N LEU P 9 -50.92 -17.65 45.66
CA LEU P 9 -51.09 -16.61 46.66
C LEU P 9 -50.46 -15.31 46.19
N LYS P 10 -51.08 -14.19 46.58
CA LYS P 10 -50.62 -12.85 46.20
C LYS P 10 -50.46 -12.03 47.47
N PRO P 11 -49.39 -12.24 48.23
CA PRO P 11 -49.17 -11.44 49.43
C PRO P 11 -48.76 -10.02 49.08
N HIS P 12 -49.38 -9.05 49.77
CA HIS P 12 -49.10 -7.64 49.54
C HIS P 12 -48.03 -7.15 50.52
N PHE P 13 -46.86 -7.79 50.43
CA PHE P 13 -45.72 -7.48 51.30
C PHE P 13 -44.54 -6.94 50.50
N HIS P 14 -44.74 -6.59 49.23
CA HIS P 14 -43.65 -6.09 48.40
C HIS P 14 -43.27 -4.65 48.71
N LYS P 15 -44.12 -3.92 49.43
CA LYS P 15 -43.75 -2.59 49.91
C LYS P 15 -42.95 -2.72 51.20
N ASP P 16 -42.46 -1.58 51.70
CA ASP P 16 -41.71 -1.55 52.96
C ASP P 16 -42.76 -1.40 54.06
N TRP P 17 -43.45 -2.51 54.34
CA TRP P 17 -44.53 -2.52 55.31
C TRP P 17 -44.03 -2.47 56.75
N GLN P 18 -42.76 -2.81 57.00
CA GLN P 18 -42.24 -2.83 58.37
C GLN P 18 -42.11 -1.44 58.97
N ARG P 19 -42.01 -0.38 58.16
CA ARG P 19 -41.98 0.97 58.70
C ARG P 19 -43.36 1.40 59.20
N ARG P 20 -44.42 0.80 58.65
CA ARG P 20 -45.78 1.20 58.95
C ARG P 20 -46.57 0.07 59.61
N VAL P 21 -45.95 -0.62 60.56
CA VAL P 21 -46.64 -1.66 61.32
C VAL P 21 -47.36 -1.00 62.48
N ALA P 22 -48.68 -1.14 62.52
CA ALA P 22 -49.51 -0.56 63.58
C ALA P 22 -49.80 -1.64 64.61
N THR P 23 -49.14 -1.55 65.76
CA THR P 23 -49.38 -2.48 66.86
C THR P 23 -50.59 -2.04 67.66
N TRP P 24 -51.25 -3.01 68.27
CA TRP P 24 -52.49 -2.78 69.01
C TRP P 24 -52.33 -3.09 70.49
N PHE P 25 -51.16 -2.78 71.04
CA PHE P 25 -50.99 -2.88 72.49
C PHE P 25 -51.67 -1.73 73.23
N ASN P 26 -52.15 -0.71 72.51
CA ASN P 26 -52.90 0.38 73.10
C ASN P 26 -54.35 0.01 73.37
N GLN P 27 -54.81 -1.14 72.91
CA GLN P 27 -56.21 -1.52 73.02
C GLN P 27 -56.76 -1.53 74.44
N PRO P 28 -56.11 -2.13 75.47
CA PRO P 28 -56.71 -2.08 76.81
C PRO P 28 -56.62 -0.68 77.43
N ALA P 29 -55.55 0.05 77.13
CA ALA P 29 -55.42 1.42 77.62
C ALA P 29 -56.39 2.36 76.93
N ARG P 30 -56.63 2.16 75.63
CA ARG P 30 -57.63 2.97 74.92
C ARG P 30 -59.03 2.69 75.42
N LYS P 31 -59.33 1.43 75.79
CA LYS P 31 -60.63 1.11 76.36
C LYS P 31 -60.84 1.77 77.71
N ILE P 32 -59.81 1.85 78.55
CA ILE P 32 -59.91 2.58 79.81
C ILE P 32 -60.02 4.08 79.55
N ARG P 33 -59.27 4.59 78.57
CA ARG P 33 -59.34 6.01 78.23
C ARG P 33 -60.71 6.40 77.71
N ARG P 34 -61.33 5.56 76.89
CA ARG P 34 -62.69 5.83 76.42
C ARG P 34 -63.71 5.68 77.55
N ARG P 35 -63.54 4.67 78.40
CA ARG P 35 -64.52 4.43 79.45
C ARG P 35 -64.44 5.48 80.54
N LYS P 36 -63.23 5.85 80.97
CA LYS P 36 -63.09 6.86 82.02
C LYS P 36 -63.53 8.23 81.55
N ALA P 37 -63.47 8.51 80.25
CA ALA P 37 -64.05 9.72 79.70
C ALA P 37 -65.56 9.59 79.49
N ARG P 38 -66.06 8.36 79.32
CA ARG P 38 -67.50 8.16 79.20
C ARG P 38 -68.22 8.38 80.52
N GLN P 39 -67.65 7.86 81.61
CA GLN P 39 -68.21 8.11 82.93
C GLN P 39 -68.10 9.58 83.30
N ALA P 40 -66.99 10.22 82.96
CA ALA P 40 -66.83 11.65 83.20
C ALA P 40 -67.77 12.49 82.35
N ARG P 41 -68.09 12.05 81.14
CA ARG P 41 -69.10 12.73 80.34
C ARG P 41 -70.48 12.63 80.98
N ALA P 42 -70.82 11.45 81.50
CA ALA P 42 -72.13 11.25 82.10
C ALA P 42 -72.30 11.99 83.41
N ARG P 43 -71.21 12.31 84.10
CA ARG P 43 -71.31 13.01 85.37
C ARG P 43 -71.44 14.53 85.20
N ARG P 44 -71.05 15.07 84.05
CA ARG P 44 -71.24 16.50 83.83
C ARG P 44 -72.70 16.82 83.51
N ILE P 45 -73.37 15.94 82.79
CA ILE P 45 -74.81 16.05 82.56
C ILE P 45 -75.50 15.08 83.52
N ALA P 46 -75.84 15.59 84.70
CA ALA P 46 -76.36 14.76 85.79
C ALA P 46 -77.73 14.15 85.52
N PRO P 47 -78.77 14.91 85.06
CA PRO P 47 -80.05 14.26 84.81
C PRO P 47 -80.24 13.79 83.38
N ARG P 48 -79.36 14.23 82.49
CA ARG P 48 -79.49 13.90 81.08
C ARG P 48 -79.00 12.47 80.82
N PRO P 49 -79.57 11.81 79.81
CA PRO P 49 -79.10 10.45 79.47
C PRO P 49 -77.65 10.46 79.01
N ALA P 50 -76.95 9.36 79.32
CA ALA P 50 -75.55 9.26 78.96
C ALA P 50 -75.35 9.05 77.46
N SER P 51 -76.29 8.38 76.80
CA SER P 51 -76.17 8.14 75.36
C SER P 51 -76.38 9.39 74.53
N GLY P 52 -77.15 10.35 75.03
CA GLY P 52 -77.37 11.59 74.31
C GLY P 52 -78.80 11.78 73.85
N PRO P 53 -78.98 12.49 72.75
CA PRO P 53 -80.33 12.79 72.25
C PRO P 53 -80.99 11.58 71.60
N LEU P 54 -82.30 11.71 71.42
CA LEU P 54 -83.11 10.62 70.89
C LEU P 54 -82.85 10.41 69.40
N ARG P 55 -82.77 9.15 68.98
CA ARG P 55 -82.54 8.78 67.59
C ARG P 55 -83.82 8.27 66.96
N PRO P 56 -84.05 8.55 65.68
CA PRO P 56 -85.32 8.19 65.04
C PRO P 56 -85.36 6.74 64.54
N ILE P 57 -86.56 6.31 64.15
CA ILE P 57 -86.76 4.99 63.58
C ILE P 57 -86.41 5.06 62.10
N VAL P 58 -85.43 4.26 61.68
CA VAL P 58 -84.84 4.37 60.35
C VAL P 58 -84.68 2.98 59.75
N ARG P 59 -85.21 2.79 58.54
CA ARG P 59 -85.08 1.54 57.82
C ARG P 59 -83.89 1.59 56.88
N CYS P 60 -83.36 0.41 56.58
CA CYS P 60 -82.14 0.30 55.80
C CYS P 60 -82.40 0.51 54.31
N PRO P 61 -81.47 1.19 53.61
CA PRO P 61 -81.41 1.10 52.15
C PRO P 61 -80.66 -0.16 51.74
N THR P 62 -80.30 -0.30 50.46
CA THR P 62 -79.45 -1.40 49.99
C THR P 62 -80.09 -2.76 50.21
N VAL P 63 -81.02 -3.12 49.31
CA VAL P 63 -82.03 -4.17 49.43
C VAL P 63 -81.51 -5.50 49.98
N ARG P 64 -80.18 -5.68 50.00
CA ARG P 64 -79.58 -6.76 50.80
C ARG P 64 -80.19 -6.83 52.19
N TYR P 65 -80.17 -5.72 52.94
CA TYR P 65 -80.74 -5.73 54.29
C TYR P 65 -82.25 -5.56 54.25
N HIS P 66 -82.71 -4.36 53.85
CA HIS P 66 -84.07 -4.09 53.41
C HIS P 66 -85.14 -4.25 54.48
N THR P 67 -84.77 -4.75 55.66
CA THR P 67 -85.75 -4.99 56.73
C THR P 67 -85.29 -4.53 58.10
N LYS P 68 -84.00 -4.36 58.36
CA LYS P 68 -83.52 -3.98 59.68
C LYS P 68 -83.81 -2.51 59.94
N VAL P 69 -83.93 -2.17 61.23
CA VAL P 69 -84.25 -0.82 61.66
C VAL P 69 -83.09 -0.31 62.50
N ARG P 70 -82.48 0.80 62.06
CA ARG P 70 -81.29 1.34 62.71
C ARG P 70 -81.65 2.54 63.58
N ALA P 71 -80.63 3.11 64.21
CA ALA P 71 -80.72 4.39 64.89
C ALA P 71 -80.16 5.47 63.97
N GLY P 72 -80.99 6.46 63.65
CA GLY P 72 -80.70 7.40 62.59
C GLY P 72 -79.81 8.55 63.02
N ARG P 73 -79.51 9.41 62.05
CA ARG P 73 -78.75 10.63 62.33
C ARG P 73 -79.58 11.61 63.17
N GLY P 74 -80.81 11.86 62.75
CA GLY P 74 -81.66 12.79 63.48
C GLY P 74 -83.06 12.83 62.88
N PHE P 75 -83.95 13.48 63.62
CA PHE P 75 -85.32 13.66 63.16
C PHE P 75 -85.40 14.76 62.12
N SER P 76 -86.13 14.51 61.05
CA SER P 76 -86.29 15.49 59.98
C SER P 76 -87.27 16.59 60.39
N LEU P 77 -87.23 17.69 59.64
CA LEU P 77 -88.09 18.83 59.96
C LEU P 77 -89.55 18.53 59.64
N GLU P 78 -89.81 17.72 58.61
CA GLU P 78 -91.17 17.31 58.29
C GLU P 78 -91.76 16.44 59.40
N GLU P 79 -90.92 15.67 60.10
CA GLU P 79 -91.39 14.93 61.26
C GLU P 79 -91.61 15.83 62.47
N LEU P 80 -90.79 16.89 62.60
CA LEU P 80 -90.94 17.81 63.72
C LEU P 80 -92.13 18.74 63.57
N ARG P 81 -92.50 19.11 62.34
CA ARG P 81 -93.61 20.04 62.16
C ARG P 81 -94.94 19.38 62.50
N VAL P 82 -95.03 18.05 62.35
CA VAL P 82 -96.24 17.34 62.73
C VAL P 82 -96.38 17.31 64.25
N ALA P 83 -95.29 17.06 64.97
CA ALA P 83 -95.30 16.95 66.42
C ALA P 83 -95.41 18.30 67.13
N GLY P 84 -95.22 19.40 66.41
CA GLY P 84 -95.39 20.72 67.00
C GLY P 84 -94.22 21.25 67.79
N ILE P 85 -93.02 20.72 67.59
CA ILE P 85 -91.82 21.24 68.24
C ILE P 85 -90.98 21.96 67.21
N HIS P 86 -90.59 23.19 67.53
CA HIS P 86 -89.75 23.98 66.64
C HIS P 86 -88.35 23.38 66.57
N LYS P 87 -87.72 23.51 65.39
CA LYS P 87 -86.45 22.84 65.13
C LYS P 87 -85.30 23.39 65.95
N LYS P 88 -85.42 24.61 66.47
CA LYS P 88 -84.38 25.19 67.32
C LYS P 88 -84.64 24.95 68.81
N VAL P 89 -85.73 24.27 69.16
CA VAL P 89 -86.04 23.94 70.55
C VAL P 89 -85.77 22.46 70.76
N ALA P 90 -85.86 21.67 69.69
CA ALA P 90 -85.64 20.23 69.81
C ALA P 90 -84.18 19.90 70.10
N ARG P 91 -83.25 20.71 69.59
CA ARG P 91 -81.84 20.51 69.91
C ARG P 91 -81.56 20.71 71.38
N THR P 92 -82.18 21.74 71.98
CA THR P 92 -81.91 22.05 73.38
C THR P 92 -82.60 21.06 74.32
N ILE P 93 -83.72 20.47 73.90
CA ILE P 93 -84.46 19.58 74.78
C ILE P 93 -83.91 18.15 74.73
N GLY P 94 -83.14 17.81 73.71
CA GLY P 94 -82.57 16.47 73.62
C GLY P 94 -83.12 15.64 72.47
N ILE P 95 -83.40 16.28 71.34
CA ILE P 95 -83.86 15.61 70.14
C ILE P 95 -82.86 15.86 69.03
N SER P 96 -82.41 14.79 68.38
CA SER P 96 -81.49 14.91 67.26
C SER P 96 -82.22 15.47 66.04
N VAL P 97 -81.72 16.58 65.51
CA VAL P 97 -82.35 17.27 64.39
C VAL P 97 -81.35 17.34 63.25
N ASP P 98 -81.74 16.84 62.08
CA ASP P 98 -80.99 17.05 60.85
C ASP P 98 -81.88 17.59 59.74
N PRO P 99 -81.35 18.48 58.89
CA PRO P 99 -82.17 19.06 57.83
C PRO P 99 -82.15 18.28 56.52
N ARG P 100 -81.23 17.33 56.38
CA ARG P 100 -81.04 16.64 55.10
C ARG P 100 -82.07 15.54 54.86
N ARG P 101 -82.70 15.01 55.90
CA ARG P 101 -83.51 13.80 55.77
C ARG P 101 -84.82 14.10 55.05
N ARG P 102 -85.04 13.41 53.92
CA ARG P 102 -86.31 13.51 53.21
C ARG P 102 -87.31 12.52 53.80
N ASN P 103 -88.57 12.71 53.44
CA ASN P 103 -89.65 11.83 53.90
C ASN P 103 -90.51 11.46 52.70
N LYS P 104 -90.20 10.32 52.08
CA LYS P 104 -90.95 9.85 50.92
C LYS P 104 -92.17 9.02 51.28
N SER P 105 -92.14 8.35 52.43
CA SER P 105 -93.22 7.45 52.82
C SER P 105 -94.11 8.13 53.86
N THR P 106 -95.08 7.38 54.38
CA THR P 106 -96.04 7.90 55.34
C THR P 106 -96.09 7.11 56.64
N GLU P 107 -96.01 5.77 56.57
CA GLU P 107 -95.99 4.95 57.78
C GLU P 107 -94.74 5.21 58.62
N SER P 108 -93.60 5.42 57.95
CA SER P 108 -92.38 5.77 58.66
C SER P 108 -92.44 7.15 59.30
N LEU P 109 -93.24 8.06 58.74
CA LEU P 109 -93.41 9.38 59.36
C LEU P 109 -94.13 9.28 60.69
N GLN P 110 -95.25 8.56 60.72
CA GLN P 110 -95.99 8.38 61.98
C GLN P 110 -95.20 7.56 62.99
N ALA P 111 -94.31 6.68 62.53
CA ALA P 111 -93.43 5.98 63.45
C ALA P 111 -92.51 6.94 64.19
N ASN P 112 -91.98 7.93 63.48
CA ASN P 112 -91.13 8.93 64.12
C ASN P 112 -91.94 9.95 64.93
N VAL P 113 -93.15 10.28 64.48
CA VAL P 113 -94.01 11.17 65.27
C VAL P 113 -94.42 10.51 66.57
N GLN P 114 -94.88 9.25 66.52
CA GLN P 114 -95.25 8.53 67.73
C GLN P 114 -94.06 8.32 68.65
N ARG P 115 -92.85 8.19 68.11
CA ARG P 115 -91.65 8.16 68.94
C ARG P 115 -91.44 9.49 69.65
N LEU P 116 -91.70 10.61 68.96
CA LEU P 116 -91.53 11.92 69.57
C LEU P 116 -92.67 12.29 70.50
N LYS P 117 -93.89 11.82 70.22
CA LYS P 117 -95.04 12.22 71.02
C LYS P 117 -94.98 11.64 72.43
N GLU P 118 -94.61 10.37 72.55
CA GLU P 118 -94.57 9.70 73.85
C GLU P 118 -93.23 9.95 74.53
N TYR P 119 -92.25 10.50 73.80
CA TYR P 119 -91.00 10.96 74.39
C TYR P 119 -91.20 12.22 75.21
N ARG P 120 -92.07 13.11 74.75
CA ARG P 120 -92.37 14.32 75.51
C ARG P 120 -93.16 13.98 76.77
N SER P 121 -93.87 12.86 76.77
CA SER P 121 -94.65 12.46 77.95
C SER P 121 -93.74 12.03 79.10
N LYS P 122 -92.70 11.23 78.80
CA LYS P 122 -91.80 10.74 79.83
C LYS P 122 -90.65 11.70 80.11
N LEU P 123 -90.56 12.79 79.37
CA LEU P 123 -89.45 13.72 79.57
C LEU P 123 -89.67 14.55 80.83
N VAL P 124 -88.60 14.76 81.59
CA VAL P 124 -88.64 15.56 82.80
C VAL P 124 -87.83 16.82 82.52
N LEU P 125 -88.52 17.89 82.15
CA LEU P 125 -87.86 19.15 81.84
C LEU P 125 -87.64 19.94 83.12
N PHE P 126 -86.36 20.15 83.48
CA PHE P 126 -86.13 20.95 84.67
C PHE P 126 -86.32 22.43 84.38
N PRO P 127 -86.89 23.18 85.32
CA PRO P 127 -86.99 24.62 85.14
C PRO P 127 -85.62 25.30 85.19
N ARG P 128 -85.51 26.41 84.47
CA ARG P 128 -84.26 27.16 84.46
C ARG P 128 -83.99 27.79 85.81
N LYS P 129 -85.00 28.42 86.40
CA LYS P 129 -84.92 28.93 87.76
C LYS P 129 -85.38 27.88 88.75
N PRO P 130 -84.91 27.95 90.01
CA PRO P 130 -85.50 27.08 91.04
C PRO P 130 -86.98 27.32 91.25
N SER P 131 -87.44 28.57 91.09
CA SER P 131 -88.86 28.87 91.02
C SER P 131 -89.31 28.55 89.60
N ALA P 132 -90.16 27.55 89.46
CA ALA P 132 -90.45 26.97 88.14
C ALA P 132 -91.31 27.90 87.30
N PRO P 133 -90.87 28.25 86.08
CA PRO P 133 -91.73 29.03 85.18
C PRO P 133 -92.87 28.20 84.60
N LYS P 134 -93.63 28.78 83.69
CA LYS P 134 -94.74 28.07 83.05
C LYS P 134 -94.24 26.94 82.16
N LYS P 135 -95.07 25.91 82.01
CA LYS P 135 -94.79 24.73 81.17
C LYS P 135 -93.49 24.03 81.55
N GLY P 136 -93.16 24.03 82.84
CA GLY P 136 -92.04 23.23 83.32
C GLY P 136 -92.54 21.89 83.82
N ASP P 137 -92.09 21.49 85.01
CA ASP P 137 -92.58 20.27 85.65
C ASP P 137 -92.83 20.56 87.12
N SER P 138 -93.71 19.78 87.72
CA SER P 138 -94.02 19.93 89.13
C SER P 138 -92.87 19.43 90.00
N SER P 139 -92.81 19.94 91.23
CA SER P 139 -91.77 19.51 92.16
C SER P 139 -91.97 18.05 92.57
N ALA P 140 -93.17 17.52 92.44
CA ALA P 140 -93.43 16.12 92.74
C ALA P 140 -92.80 15.19 91.71
N GLU P 141 -92.55 15.66 90.50
CA GLU P 141 -91.94 14.80 89.49
C GLU P 141 -90.42 14.74 89.61
N GLU P 142 -89.83 15.63 90.41
CA GLU P 142 -88.38 15.77 90.43
C GLU P 142 -87.72 14.74 91.36
N LEU P 143 -88.20 14.66 92.61
CA LEU P 143 -87.47 14.03 93.69
C LEU P 143 -87.39 12.51 93.59
N LYS P 144 -88.28 11.88 92.83
CA LYS P 144 -88.21 10.43 92.65
C LYS P 144 -87.35 10.02 91.47
N LEU P 145 -86.68 10.97 90.82
CA LEU P 145 -85.79 10.66 89.71
C LEU P 145 -84.53 11.50 89.86
N ALA P 146 -83.43 10.87 90.25
CA ALA P 146 -82.12 11.51 90.33
C ALA P 146 -81.07 10.71 89.57
N THR P 147 -81.50 9.92 88.60
CA THR P 147 -80.63 9.01 87.86
C THR P 147 -80.78 9.25 86.36
N GLN P 148 -79.77 8.81 85.61
CA GLN P 148 -79.77 8.92 84.16
C GLN P 148 -80.41 7.67 83.55
N LEU P 149 -80.26 7.52 82.24
CA LEU P 149 -80.76 6.35 81.51
C LEU P 149 -79.59 5.71 80.78
N THR P 150 -79.05 4.64 81.37
CA THR P 150 -77.93 3.93 80.75
C THR P 150 -78.37 3.24 79.47
N GLY P 151 -77.51 3.29 78.46
CA GLY P 151 -77.85 2.79 77.15
C GLY P 151 -78.60 3.82 76.34
N PRO P 152 -78.94 3.49 75.10
CA PRO P 152 -79.71 4.43 74.27
C PRO P 152 -81.09 4.67 74.84
N VAL P 153 -81.56 5.91 74.73
CA VAL P 153 -82.90 6.26 75.19
C VAL P 153 -83.91 5.67 74.21
N MET P 154 -84.90 4.94 74.78
CA MET P 154 -85.87 4.16 74.02
C MET P 154 -85.16 3.26 73.02
N PRO P 155 -84.55 2.15 73.47
CA PRO P 155 -83.86 1.26 72.53
C PRO P 155 -84.84 0.70 71.50
N ILE P 156 -84.35 0.61 70.26
CA ILE P 156 -85.20 0.34 69.12
C ILE P 156 -85.37 -1.17 68.99
N ARG P 157 -86.60 -1.64 69.12
CA ARG P 157 -86.88 -3.06 69.04
C ARG P 157 -87.25 -3.43 67.61
N ASN P 158 -86.43 -4.28 66.98
CA ASN P 158 -86.74 -4.81 65.66
C ASN P 158 -87.85 -5.84 65.82
N VAL P 159 -89.10 -5.40 65.62
CA VAL P 159 -90.25 -6.21 65.95
C VAL P 159 -90.92 -6.67 64.65
N PHE P 160 -91.57 -7.83 64.73
CA PHE P 160 -92.37 -8.38 63.65
C PHE P 160 -93.82 -8.47 64.09
N LYS P 161 -94.69 -8.86 63.17
CA LYS P 161 -96.11 -9.00 63.44
C LYS P 161 -96.48 -10.47 63.41
N LYS P 162 -97.08 -10.95 64.49
CA LYS P 162 -97.50 -12.35 64.57
C LYS P 162 -98.71 -12.58 63.68
N GLU P 163 -98.68 -13.67 62.91
CA GLU P 163 -99.72 -13.98 61.97
C GLU P 163 -100.70 -14.99 62.55
N LYS P 164 -101.97 -14.81 62.21
CA LYS P 164 -103.02 -15.77 62.54
C LYS P 164 -102.95 -16.93 61.55
N ALA P 165 -103.15 -18.15 62.06
CA ALA P 165 -103.08 -19.33 61.21
C ALA P 165 -104.26 -19.36 60.26
N ARG P 166 -104.07 -18.82 59.07
CA ARG P 166 -105.14 -18.68 58.09
C ARG P 166 -105.46 -20.04 57.46
N VAL P 167 -106.72 -20.20 57.06
CA VAL P 167 -107.18 -21.40 56.38
C VAL P 167 -107.03 -21.15 54.88
N ILE P 168 -106.26 -22.02 54.22
CA ILE P 168 -106.00 -21.83 52.80
C ILE P 168 -107.27 -22.15 52.01
N THR P 169 -107.66 -21.21 51.16
CA THR P 169 -108.78 -21.43 50.26
C THR P 169 -108.27 -21.95 48.91
N GLU P 170 -109.19 -22.52 48.14
CA GLU P 170 -108.84 -22.99 46.81
C GLU P 170 -108.48 -21.82 45.90
N GLU P 171 -109.02 -20.64 46.19
CA GLU P 171 -108.73 -19.44 45.41
C GLU P 171 -107.25 -19.07 45.50
N GLU P 172 -106.61 -19.36 46.64
CA GLU P 172 -105.17 -19.13 46.77
C GLU P 172 -104.37 -20.23 46.09
N LYS P 173 -104.91 -21.45 46.04
CA LYS P 173 -104.15 -22.59 45.52
C LYS P 173 -103.93 -22.51 44.01
N ASN P 174 -104.83 -21.85 43.29
CA ASN P 174 -104.66 -21.70 41.84
C ASN P 174 -103.52 -20.77 41.45
N PHE P 175 -102.97 -20.00 42.39
CA PHE P 175 -101.90 -19.08 42.06
C PHE P 175 -100.62 -19.84 41.74
N LYS P 176 -99.94 -19.41 40.68
CA LYS P 176 -98.67 -19.99 40.25
C LYS P 176 -97.59 -18.93 40.46
N ALA P 177 -96.73 -19.16 41.46
CA ALA P 177 -95.71 -18.18 41.81
C ALA P 177 -94.59 -18.17 40.77
N PHE P 178 -94.15 -19.35 40.33
CA PHE P 178 -93.06 -19.39 39.36
C PHE P 178 -93.51 -18.89 38.00
N ALA P 179 -94.73 -19.25 37.57
CA ALA P 179 -95.23 -18.81 36.28
C ALA P 179 -95.48 -17.32 36.24
N SER P 180 -95.97 -16.72 37.34
CA SER P 180 -96.17 -15.29 37.37
C SER P 180 -94.85 -14.53 37.47
N LEU P 181 -93.87 -15.09 38.20
CA LEU P 181 -92.57 -14.45 38.33
C LEU P 181 -91.81 -14.41 37.01
N ARG P 182 -91.87 -15.50 36.24
CA ARG P 182 -91.22 -15.52 34.93
C ARG P 182 -91.94 -14.60 33.95
N MET P 183 -93.27 -14.48 34.05
CA MET P 183 -94.00 -13.57 33.19
C MET P 183 -93.64 -12.12 33.49
N ALA P 184 -93.56 -11.76 34.77
CA ALA P 184 -93.18 -10.40 35.14
C ALA P 184 -91.73 -10.08 34.83
N ARG P 185 -90.84 -11.08 34.90
CA ARG P 185 -89.45 -10.87 34.50
C ARG P 185 -89.35 -10.58 33.00
N ALA P 186 -90.15 -11.27 32.20
CA ALA P 186 -90.15 -11.04 30.76
C ALA P 186 -90.81 -9.72 30.37
N ASN P 187 -91.83 -9.30 31.13
CA ASN P 187 -92.49 -8.04 30.84
C ASN P 187 -91.58 -6.85 31.10
N ALA P 188 -90.75 -6.92 32.14
CA ALA P 188 -89.81 -5.83 32.42
C ALA P 188 -88.76 -5.69 31.33
N ARG P 189 -88.29 -6.82 30.79
CA ARG P 189 -87.32 -6.78 29.70
C ARG P 189 -87.95 -6.23 28.42
N LEU P 190 -89.19 -6.63 28.12
CA LEU P 190 -89.82 -6.32 26.85
C LEU P 190 -90.79 -5.14 26.92
N PHE P 191 -90.84 -4.41 28.04
CA PHE P 191 -91.76 -3.29 28.14
C PHE P 191 -91.39 -2.17 27.19
N GLY P 192 -90.10 -1.86 27.08
CA GLY P 192 -89.67 -0.77 26.21
C GLY P 192 -89.73 -1.09 24.74
N ILE P 193 -89.46 -2.35 24.36
CA ILE P 193 -89.48 -2.69 22.94
C ILE P 193 -90.91 -2.88 22.45
N ARG P 194 -91.81 -3.38 23.30
CA ARG P 194 -93.20 -3.53 22.91
C ARG P 194 -93.87 -2.18 22.68
N ALA P 195 -93.36 -1.14 23.33
CA ALA P 195 -93.83 0.21 23.07
C ALA P 195 -93.41 0.73 21.70
N LYS P 196 -92.39 0.12 21.09
CA LYS P 196 -91.97 0.49 19.75
C LYS P 196 -92.81 -0.19 18.68
N ARG P 197 -93.10 -1.49 18.84
CA ARG P 197 -93.89 -2.22 17.85
C ARG P 197 -95.30 -1.66 17.76
N ALA P 198 -95.85 -1.18 18.88
CA ALA P 198 -97.19 -0.61 18.84
C ALA P 198 -97.20 0.75 18.15
N LYS P 199 -96.16 1.57 18.35
CA LYS P 199 -96.22 2.94 17.85
C LYS P 199 -95.96 3.02 16.35
N GLU P 200 -95.08 2.16 15.82
CA GLU P 200 -94.88 2.17 14.38
C GLU P 200 -96.04 1.51 13.64
N ALA P 201 -96.66 0.49 14.24
CA ALA P 201 -97.87 -0.08 13.68
C ALA P 201 -99.00 0.94 13.69
N ALA P 202 -99.12 1.71 14.77
CA ALA P 202 -100.08 2.81 14.78
C ALA P 202 -99.69 3.88 13.79
N GLU P 203 -98.40 4.12 13.59
CA GLU P 203 -97.95 4.99 12.52
C GLU P 203 -98.14 4.37 11.14
N GLN P 204 -98.13 3.04 11.05
CA GLN P 204 -98.51 2.36 9.82
C GLN P 204 -100.02 2.37 9.59
N ASP P 205 -100.81 2.49 10.66
CA ASP P 205 -102.24 2.71 10.51
C ASP P 205 -102.55 4.11 10.00
N VAL P 206 -101.66 5.07 10.26
CA VAL P 206 -101.80 6.40 9.66
C VAL P 206 -101.63 6.31 8.15
N GLU P 207 -100.72 5.43 7.69
CA GLU P 207 -100.54 5.21 6.26
C GLU P 207 -101.79 4.64 5.61
N LYS P 208 -102.61 3.88 6.34
CA LYS P 208 -103.90 3.47 5.82
C LYS P 208 -104.81 4.66 5.58
N LYS P 209 -104.83 5.61 6.52
CA LYS P 209 -105.62 6.83 6.31
C LYS P 209 -104.96 7.74 5.29
N LYS P 210 -103.64 7.92 5.38
CA LYS P 210 -102.92 8.81 4.47
C LYS P 210 -101.99 8.03 3.55
N VAL Q 1 31.78 -98.85 41.46
CA VAL Q 1 31.95 -98.70 42.90
C VAL Q 1 30.68 -99.09 43.63
N PHE Q 2 29.59 -99.23 42.86
CA PHE Q 2 28.30 -99.57 43.44
C PHE Q 2 28.24 -101.04 43.79
N ARG Q 3 27.73 -101.35 44.99
CA ARG Q 3 27.55 -102.71 45.46
C ARG Q 3 26.09 -103.13 45.52
N ARG Q 4 25.19 -102.20 45.85
CA ARG Q 4 23.77 -102.49 45.93
C ARG Q 4 23.09 -102.10 44.62
N PHE Q 5 22.28 -103.01 44.09
CA PHE Q 5 21.64 -102.84 42.80
C PHE Q 5 20.18 -103.25 42.88
N VAL Q 6 19.31 -102.51 42.19
CA VAL Q 6 17.92 -102.93 42.09
C VAL Q 6 17.85 -104.08 41.09
N GLU Q 7 17.55 -105.28 41.59
CA GLU Q 7 17.63 -106.50 40.82
C GLU Q 7 16.38 -107.33 41.06
N VAL Q 8 16.04 -108.17 40.08
CA VAL Q 8 14.96 -109.15 40.27
C VAL Q 8 15.41 -110.11 41.36
N GLY Q 9 14.80 -110.01 42.53
CA GLY Q 9 15.20 -110.77 43.68
C GLY Q 9 16.03 -110.03 44.70
N ARG Q 10 15.89 -108.71 44.77
CA ARG Q 10 16.63 -107.92 45.74
C ARG Q 10 15.81 -107.76 47.02
N VAL Q 11 16.40 -108.19 48.14
CA VAL Q 11 15.74 -108.02 49.43
C VAL Q 11 15.90 -106.56 49.86
N ALA Q 12 14.79 -105.90 50.17
CA ALA Q 12 14.79 -104.49 50.49
C ALA Q 12 14.07 -104.24 51.81
N TYR Q 13 14.51 -103.21 52.52
CA TYR Q 13 13.92 -102.81 53.79
C TYR Q 13 13.17 -101.50 53.59
N VAL Q 14 11.92 -101.47 54.06
CA VAL Q 14 11.06 -100.30 53.89
C VAL Q 14 11.37 -99.29 55.00
N SER Q 15 11.74 -98.07 54.60
CA SER Q 15 12.02 -97.03 55.57
C SER Q 15 10.74 -96.46 56.16
N PHE Q 16 9.87 -95.90 55.32
CA PHE Q 16 8.61 -95.33 55.76
C PHE Q 16 7.50 -95.75 54.82
N GLY Q 17 6.27 -95.44 55.22
CA GLY Q 17 5.10 -95.81 54.46
C GLY Q 17 4.13 -96.61 55.31
N PRO Q 18 3.19 -97.31 54.66
CA PRO Q 18 2.26 -98.15 55.44
C PRO Q 18 2.92 -99.37 56.04
N HIS Q 19 3.70 -100.11 55.25
CA HIS Q 19 4.42 -101.29 55.74
C HIS Q 19 5.85 -100.91 56.13
N ALA Q 20 5.96 -99.96 57.05
CA ALA Q 20 7.27 -99.48 57.47
C ALA Q 20 7.95 -100.51 58.36
N GLY Q 21 9.23 -100.75 58.09
CA GLY Q 21 10.01 -101.67 58.91
C GLY Q 21 9.88 -103.13 58.54
N LYS Q 22 9.48 -103.44 57.32
CA LYS Q 22 9.30 -104.82 56.88
C LYS Q 22 10.12 -105.08 55.62
N LEU Q 23 10.50 -106.33 55.43
CA LEU Q 23 11.35 -106.72 54.32
C LEU Q 23 10.53 -106.95 53.05
N VAL Q 24 11.15 -106.65 51.91
CA VAL Q 24 10.51 -106.72 50.60
C VAL Q 24 11.45 -107.37 49.61
N ALA Q 25 10.95 -108.36 48.86
CA ALA Q 25 11.65 -108.91 47.71
C ALA Q 25 11.15 -108.25 46.44
N ILE Q 26 12.07 -107.92 45.54
CA ILE Q 26 11.75 -107.22 44.31
C ILE Q 26 11.48 -108.25 43.22
N VAL Q 27 10.30 -108.16 42.61
CA VAL Q 27 9.96 -109.07 41.52
C VAL Q 27 10.29 -108.44 40.17
N ASP Q 28 9.72 -107.27 39.89
CA ASP Q 28 9.93 -106.62 38.61
C ASP Q 28 9.97 -105.11 38.82
N VAL Q 29 10.67 -104.42 37.92
CA VAL Q 29 10.75 -102.97 37.95
C VAL Q 29 9.67 -102.39 37.05
N ILE Q 30 8.89 -101.46 37.58
CA ILE Q 30 7.75 -100.91 36.85
C ILE Q 30 8.19 -99.74 35.98
N ASP Q 31 8.74 -98.69 36.62
CA ASP Q 31 9.08 -97.47 35.91
C ASP Q 31 10.45 -97.05 36.46
N GLN Q 32 10.92 -95.85 36.12
CA GLN Q 32 12.17 -95.33 36.68
C GLN Q 32 12.09 -95.24 38.20
N ASN Q 33 10.91 -94.94 38.74
CA ASN Q 33 10.74 -94.74 40.17
C ASN Q 33 9.62 -95.60 40.76
N ARG Q 34 9.24 -96.67 40.08
CA ARG Q 34 8.24 -97.61 40.57
C ARG Q 34 8.76 -99.03 40.42
N ALA Q 35 8.33 -99.90 41.33
CA ALA Q 35 8.73 -101.29 41.31
C ALA Q 35 7.58 -102.16 41.81
N LEU Q 36 7.63 -103.44 41.45
CA LEU Q 36 6.65 -104.41 41.89
C LEU Q 36 7.11 -104.96 43.23
N VAL Q 37 6.21 -104.97 44.21
CA VAL Q 37 6.54 -105.20 45.60
C VAL Q 37 5.85 -106.47 46.07
N ASP Q 38 6.60 -107.38 46.69
CA ASP Q 38 6.05 -108.64 47.14
C ASP Q 38 6.60 -108.89 48.53
N GLY Q 39 5.74 -109.38 49.42
CA GLY Q 39 6.05 -109.45 50.83
C GLY Q 39 5.74 -110.78 51.49
N PRO Q 40 6.12 -111.90 50.85
CA PRO Q 40 5.47 -113.19 51.17
C PRO Q 40 5.52 -113.61 52.63
N CYS Q 41 6.71 -113.74 53.21
CA CYS Q 41 6.85 -114.14 54.61
C CYS Q 41 6.92 -112.96 55.57
N THR Q 42 6.84 -111.73 55.06
CA THR Q 42 6.95 -110.54 55.90
C THR Q 42 5.62 -109.84 56.10
N ARG Q 43 4.51 -110.54 55.82
CA ARG Q 43 3.15 -110.05 56.08
C ARG Q 43 2.87 -108.76 55.28
N VAL Q 44 3.30 -108.73 54.02
CA VAL Q 44 3.09 -107.60 53.14
C VAL Q 44 2.44 -108.12 51.86
N ARG Q 45 1.40 -107.43 51.39
CA ARG Q 45 0.71 -107.83 50.18
C ARG Q 45 1.51 -107.44 48.94
N ARG Q 46 0.97 -107.79 47.77
CA ARG Q 46 1.61 -107.51 46.48
C ARG Q 46 1.03 -106.22 45.90
N GLN Q 47 1.89 -105.25 45.62
CA GLN Q 47 1.48 -103.97 45.07
C GLN Q 47 2.69 -103.28 44.45
N ALA Q 48 2.51 -102.03 44.06
CA ALA Q 48 3.62 -101.18 43.64
C ALA Q 48 3.88 -100.11 44.70
N MET Q 49 5.15 -99.97 45.08
CA MET Q 49 5.53 -98.99 46.07
C MET Q 49 6.90 -98.45 45.66
N PRO Q 50 7.07 -97.13 45.63
CA PRO Q 50 8.18 -96.51 44.90
C PRO Q 50 9.52 -96.65 45.61
N PHE Q 51 10.58 -96.34 44.85
CA PHE Q 51 11.95 -96.50 45.32
C PHE Q 51 12.34 -95.52 46.42
N LYS Q 52 11.56 -94.44 46.62
CA LYS Q 52 11.94 -93.45 47.62
C LYS Q 52 11.87 -94.01 49.04
N CYS Q 53 10.84 -94.79 49.33
CA CYS Q 53 10.61 -95.29 50.70
C CYS Q 53 11.08 -96.73 50.88
N MET Q 54 12.21 -97.09 50.29
CA MET Q 54 12.81 -98.40 50.54
C MET Q 54 14.32 -98.26 50.60
N GLN Q 55 14.94 -99.04 51.48
CA GLN Q 55 16.39 -99.17 51.55
C GLN Q 55 16.75 -100.62 51.24
N LEU Q 56 17.60 -100.83 50.26
CA LEU Q 56 17.87 -102.15 49.71
C LEU Q 56 19.06 -102.80 50.42
N THR Q 57 18.91 -104.10 50.70
CA THR Q 57 19.94 -104.86 51.42
C THR Q 57 20.87 -105.53 50.41
N ASP Q 58 21.69 -106.47 50.88
CA ASP Q 58 22.62 -107.19 50.02
C ASP Q 58 22.31 -108.69 49.97
N PHE Q 59 21.04 -109.04 50.00
CA PHE Q 59 20.59 -110.43 49.93
C PHE Q 59 19.89 -110.67 48.60
N ILE Q 60 20.35 -111.69 47.86
CA ILE Q 60 19.83 -112.01 46.55
C ILE Q 60 19.19 -113.40 46.60
N LEU Q 61 17.92 -113.48 46.20
CA LEU Q 61 17.24 -114.75 45.99
C LEU Q 61 16.74 -114.78 44.54
N LYS Q 62 16.92 -115.92 43.88
CA LYS Q 62 16.69 -116.01 42.45
C LYS Q 62 15.29 -116.54 42.15
N PHE Q 63 14.57 -115.85 41.27
CA PHE Q 63 13.28 -116.22 40.73
C PHE Q 63 12.98 -115.33 39.53
N PRO Q 64 12.14 -115.77 38.59
CA PRO Q 64 11.83 -114.94 37.41
C PRO Q 64 11.05 -113.69 37.79
N HIS Q 65 11.06 -112.72 36.88
CA HIS Q 65 10.52 -111.39 37.12
C HIS Q 65 9.00 -111.35 37.15
N SER Q 66 8.31 -112.49 37.05
CA SER Q 66 6.86 -112.53 37.10
C SER Q 66 6.40 -113.72 37.94
N ALA Q 67 7.04 -113.89 39.10
CA ALA Q 67 6.68 -114.99 40.00
C ALA Q 67 5.29 -114.78 40.58
N ARG Q 68 4.53 -115.87 40.64
CA ARG Q 68 3.13 -115.81 41.10
C ARG Q 68 3.03 -116.09 42.59
N GLN Q 69 3.84 -115.38 43.39
CA GLN Q 69 3.72 -115.25 44.85
C GLN Q 69 4.08 -116.55 45.56
N LYS Q 70 4.26 -117.65 44.82
CA LYS Q 70 4.54 -118.92 45.46
C LYS Q 70 5.99 -119.34 45.28
N TYR Q 71 6.54 -119.14 44.09
CA TYR Q 71 7.95 -119.44 43.87
C TYR Q 71 8.86 -118.47 44.61
N VAL Q 72 8.42 -117.22 44.79
CA VAL Q 72 9.15 -116.30 45.63
C VAL Q 72 9.02 -116.66 47.11
N ARG Q 73 7.90 -117.27 47.50
CA ARG Q 73 7.76 -117.74 48.88
C ARG Q 73 8.68 -118.92 49.15
N LYS Q 74 8.76 -119.85 48.19
CA LYS Q 74 9.67 -120.99 48.34
C LYS Q 74 11.13 -120.55 48.32
N ALA Q 75 11.46 -119.54 47.50
CA ALA Q 75 12.82 -119.01 47.48
C ALA Q 75 13.13 -118.21 48.73
N TRP Q 76 12.10 -117.65 49.39
CA TRP Q 76 12.33 -116.90 50.62
C TRP Q 76 12.70 -117.83 51.78
N GLU Q 77 12.15 -119.05 51.80
CA GLU Q 77 12.43 -119.99 52.89
C GLU Q 77 13.67 -120.84 52.65
N LYS Q 78 13.96 -121.20 51.39
CA LYS Q 78 15.18 -121.94 51.12
C LYS Q 78 16.42 -121.08 51.26
N ALA Q 79 16.32 -119.78 50.97
CA ALA Q 79 17.40 -118.86 51.32
C ALA Q 79 17.38 -118.52 52.80
N ASP Q 80 16.21 -118.64 53.43
CA ASP Q 80 16.01 -118.42 54.87
C ASP Q 80 16.44 -116.99 55.25
N ILE Q 81 15.71 -116.03 54.68
CA ILE Q 81 16.02 -114.62 54.88
C ILE Q 81 15.74 -114.21 56.33
N ASN Q 82 14.70 -114.78 56.94
CA ASN Q 82 14.25 -114.33 58.26
C ASN Q 82 15.32 -114.53 59.33
N THR Q 83 15.99 -115.69 59.35
CA THR Q 83 17.06 -115.88 60.32
C THR Q 83 18.33 -115.15 59.89
N LYS Q 84 18.59 -115.06 58.58
CA LYS Q 84 19.75 -114.33 58.11
C LYS Q 84 19.62 -112.84 58.36
N TRP Q 85 18.41 -112.28 58.22
CA TRP Q 85 18.20 -110.88 58.54
C TRP Q 85 18.39 -110.62 60.03
N ALA Q 86 17.88 -111.53 60.88
CA ALA Q 86 17.96 -111.34 62.32
C ALA Q 86 19.39 -111.42 62.86
N ALA Q 87 20.30 -112.06 62.13
CA ALA Q 87 21.70 -112.14 62.53
C ALA Q 87 22.53 -111.00 61.94
N THR Q 88 21.95 -110.17 61.10
CA THR Q 88 22.67 -109.05 60.50
C THR Q 88 22.88 -107.94 61.52
N ARG Q 89 24.06 -107.29 61.44
CA ARG Q 89 24.35 -106.19 62.34
C ARG Q 89 23.42 -105.01 62.11
N TRP Q 90 22.95 -104.83 60.87
CA TRP Q 90 22.01 -103.74 60.57
C TRP Q 90 20.69 -103.93 61.31
N ALA Q 91 20.16 -105.16 61.31
CA ALA Q 91 18.93 -105.43 62.05
C ALA Q 91 19.14 -105.46 63.56
N LYS Q 92 20.38 -105.59 64.02
CA LYS Q 92 20.63 -105.56 65.46
C LYS Q 92 20.44 -104.15 66.02
N LYS Q 93 20.78 -103.13 65.24
CA LYS Q 93 20.66 -101.76 65.73
C LYS Q 93 19.30 -101.13 65.46
N ILE Q 94 18.44 -101.74 64.65
CA ILE Q 94 17.08 -101.23 64.52
C ILE Q 94 16.23 -101.74 65.68
N GLU Q 95 16.45 -102.98 66.11
CA GLU Q 95 15.77 -103.47 67.30
C GLU Q 95 16.33 -102.85 68.57
N ALA Q 96 17.62 -102.49 68.58
CA ALA Q 96 18.18 -101.81 69.74
C ALA Q 96 17.68 -100.38 69.83
N ARG Q 97 17.48 -99.72 68.69
CA ARG Q 97 16.90 -98.38 68.69
C ARG Q 97 15.49 -98.39 69.24
N GLU Q 98 14.70 -99.41 68.90
CA GLU Q 98 13.32 -99.47 69.37
C GLU Q 98 13.23 -100.02 70.78
N ARG Q 99 14.28 -100.72 71.26
CA ARG Q 99 14.33 -101.08 72.67
C ARG Q 99 14.48 -99.86 73.56
N LYS Q 100 15.21 -98.85 73.11
CA LYS Q 100 15.29 -97.60 73.86
C LYS Q 100 13.97 -96.84 73.84
N ALA Q 101 13.14 -97.09 72.83
CA ALA Q 101 11.84 -96.42 72.75
C ALA Q 101 10.91 -96.88 73.87
N LYS Q 102 10.94 -98.17 74.21
CA LYS Q 102 10.06 -98.71 75.23
C LYS Q 102 10.65 -98.67 76.62
N MET Q 103 11.81 -98.04 76.79
CA MET Q 103 12.48 -98.03 78.10
C MET Q 103 11.66 -97.21 79.09
N THR Q 104 11.06 -97.88 80.06
CA THR Q 104 10.27 -97.21 81.08
C THR Q 104 11.19 -96.50 82.08
N ASP Q 105 10.57 -95.73 82.98
CA ASP Q 105 11.33 -94.97 83.96
C ASP Q 105 12.10 -95.90 84.90
N PHE Q 106 11.48 -97.02 85.29
CA PHE Q 106 12.15 -97.99 86.15
C PHE Q 106 13.34 -98.63 85.44
N ASP Q 107 13.18 -98.97 84.16
CA ASP Q 107 14.30 -99.50 83.40
C ASP Q 107 15.36 -98.43 83.09
N ARG Q 108 14.96 -97.16 83.02
CA ARG Q 108 15.93 -96.09 82.86
C ARG Q 108 16.77 -95.90 84.11
N TYR Q 109 16.19 -96.14 85.29
CA TYR Q 109 16.94 -96.06 86.53
C TYR Q 109 18.01 -97.13 86.61
N LYS Q 110 17.69 -98.36 86.18
CA LYS Q 110 18.70 -99.41 86.14
C LYS Q 110 19.80 -99.09 85.15
N VAL Q 111 19.44 -98.52 83.99
CA VAL Q 111 20.44 -98.09 83.02
C VAL Q 111 21.30 -96.97 83.60
N MET Q 112 20.66 -95.99 84.24
CA MET Q 112 21.41 -94.87 84.82
C MET Q 112 22.34 -95.33 85.93
N LYS Q 113 21.89 -96.27 86.76
CA LYS Q 113 22.76 -96.80 87.81
C LYS Q 113 23.88 -97.66 87.25
N ALA Q 114 23.58 -98.43 86.20
CA ALA Q 114 24.62 -99.24 85.57
C ALA Q 114 25.57 -98.42 84.70
N LYS Q 115 25.10 -97.29 84.16
CA LYS Q 115 25.97 -96.42 83.38
C LYS Q 115 27.07 -95.82 84.26
N LYS Q 116 26.75 -95.55 85.53
CA LYS Q 116 27.71 -94.87 86.39
C LYS Q 116 28.88 -95.80 86.76
N MET Q 117 28.59 -96.99 87.29
CA MET Q 117 29.65 -97.95 87.61
C MET Q 117 30.35 -98.52 86.38
N ARG Q 118 29.67 -98.63 85.24
CA ARG Q 118 30.41 -98.97 84.04
C ARG Q 118 31.40 -97.87 83.69
N ASN Q 119 30.92 -96.62 83.63
CA ASN Q 119 31.79 -95.52 83.23
C ASN Q 119 32.82 -95.18 84.30
N ARG Q 120 32.62 -95.59 85.55
CA ARG Q 120 33.62 -95.32 86.59
C ARG Q 120 34.85 -96.20 86.42
N ILE Q 121 34.73 -97.35 85.76
CA ILE Q 121 35.81 -98.33 85.73
C ILE Q 121 36.67 -98.19 84.47
N ILE Q 122 36.07 -97.91 83.30
CA ILE Q 122 36.87 -97.70 82.10
C ILE Q 122 37.72 -96.43 82.21
N LYS Q 123 37.14 -95.29 82.61
CA LYS Q 123 37.99 -94.11 82.70
C LYS Q 123 38.99 -94.18 83.84
N ASN Q 124 38.72 -95.01 84.85
CA ASN Q 124 39.78 -95.34 85.81
C ASN Q 124 40.86 -96.19 85.13
N GLU Q 125 40.45 -97.16 84.31
CA GLU Q 125 41.41 -98.00 83.61
C GLU Q 125 42.12 -97.21 82.51
N VAL Q 126 41.40 -96.31 81.84
CA VAL Q 126 42.01 -95.47 80.81
C VAL Q 126 43.07 -94.57 81.43
N LYS Q 127 42.76 -93.98 82.59
CA LYS Q 127 43.75 -93.19 83.31
C LYS Q 127 44.91 -94.05 83.82
N LYS Q 128 44.66 -95.33 84.11
CA LYS Q 128 45.74 -96.22 84.51
C LYS Q 128 46.72 -96.46 83.37
N LEU Q 129 46.21 -96.64 82.15
CA LEU Q 129 47.07 -96.74 80.99
C LEU Q 129 47.64 -95.40 80.55
N GLN Q 130 46.95 -94.30 80.84
CA GLN Q 130 47.44 -92.98 80.46
C GLN Q 130 48.73 -92.65 81.20
N ARG Q 131 48.78 -92.90 82.51
CA ARG Q 131 50.01 -92.74 83.27
C ARG Q 131 51.00 -93.86 82.99
N ALA Q 132 50.53 -95.05 82.58
CA ALA Q 132 51.43 -96.12 82.22
C ALA Q 132 52.14 -95.85 80.90
N ALA Q 133 51.43 -95.24 79.93
CA ALA Q 133 52.05 -94.91 78.66
C ALA Q 133 53.17 -93.89 78.82
N LEU Q 134 53.03 -92.98 79.79
CA LEU Q 134 54.10 -92.04 80.10
C LEU Q 134 55.29 -92.71 80.75
N LEU Q 135 55.09 -93.85 81.41
CA LEU Q 135 56.21 -94.54 82.08
C LEU Q 135 57.16 -95.14 81.05
N LYS Q 136 56.61 -95.82 80.04
CA LYS Q 136 57.44 -96.37 78.97
C LYS Q 136 57.84 -95.33 77.93
N ALA Q 137 57.24 -94.14 77.98
CA ALA Q 137 57.63 -93.09 77.03
C ALA Q 137 59.04 -92.58 77.31
N SER Q 138 59.43 -92.51 78.58
CA SER Q 138 60.76 -92.03 78.94
C SER Q 138 61.67 -93.19 79.32
N GLY R 1 -78.66 46.16 44.69
CA GLY R 1 -77.69 47.22 44.46
C GLY R 1 -76.90 47.06 43.18
N ALA R 2 -75.76 47.75 43.11
CA ALA R 2 -74.91 47.70 41.93
C ALA R 2 -73.97 46.50 41.91
N TYR R 3 -73.91 45.73 43.00
CA TYR R 3 -72.97 44.62 43.07
C TYR R 3 -73.39 43.48 42.14
N LYS R 4 -74.69 43.35 41.87
CA LYS R 4 -75.14 42.29 40.97
C LYS R 4 -74.74 42.55 39.53
N TYR R 5 -74.83 43.80 39.08
CA TYR R 5 -74.49 44.13 37.70
C TYR R 5 -72.98 44.03 37.46
N ILE R 6 -72.18 44.44 38.44
CA ILE R 6 -70.73 44.36 38.30
C ILE R 6 -70.28 42.90 38.21
N GLN R 7 -70.95 42.02 38.95
CA GLN R 7 -70.70 40.59 38.84
C GLN R 7 -71.01 40.08 37.44
N GLU R 8 -72.19 40.42 36.92
CA GLU R 8 -72.62 39.87 35.64
C GLU R 8 -71.96 40.54 34.46
N LEU R 9 -71.47 41.77 34.63
CA LEU R 9 -70.65 42.39 33.60
C LEU R 9 -69.31 41.67 33.46
N TRP R 10 -68.71 41.29 34.59
CA TRP R 10 -67.42 40.61 34.57
C TRP R 10 -67.49 39.20 34.01
N ARG R 11 -68.69 38.63 33.85
CA ARG R 11 -68.83 37.33 33.25
C ARG R 11 -68.81 37.38 31.72
N LYS R 12 -68.99 38.55 31.13
CA LYS R 12 -68.91 38.72 29.68
C LYS R 12 -67.53 39.23 29.28
N LYS R 13 -66.52 38.39 29.54
CA LYS R 13 -65.14 38.80 29.30
C LYS R 13 -64.82 38.89 27.82
N GLN R 14 -65.52 38.14 26.98
CA GLN R 14 -65.30 38.20 25.54
C GLN R 14 -65.87 39.47 24.92
N SER R 15 -66.79 40.15 25.61
CA SER R 15 -67.41 41.35 25.07
C SER R 15 -66.40 42.49 24.98
N ASP R 16 -66.57 43.31 23.95
CA ASP R 16 -65.57 44.32 23.58
C ASP R 16 -65.32 45.37 24.66
N VAL R 17 -66.29 45.63 25.52
CA VAL R 17 -66.06 46.55 26.63
C VAL R 17 -65.04 45.97 27.61
N MET R 18 -65.16 44.67 27.89
CA MET R 18 -64.22 44.03 28.80
C MET R 18 -62.86 43.76 28.16
N ARG R 19 -62.81 43.52 26.85
CA ARG R 19 -61.52 43.35 26.19
C ARG R 19 -60.70 44.63 26.21
N PHE R 20 -61.35 45.80 26.15
CA PHE R 20 -60.61 47.06 26.30
C PHE R 20 -60.07 47.21 27.72
N LEU R 21 -60.88 46.85 28.71
CA LEU R 21 -60.46 46.99 30.10
C LEU R 21 -59.39 45.98 30.48
N LEU R 22 -59.52 44.73 30.02
CA LEU R 22 -58.50 43.73 30.27
C LEU R 22 -57.21 44.06 29.54
N ARG R 23 -57.29 44.80 28.43
CA ARG R 23 -56.08 45.18 27.70
C ARG R 23 -55.33 46.30 28.42
N VAL R 24 -56.06 47.28 28.95
CA VAL R 24 -55.42 48.40 29.63
C VAL R 24 -54.81 47.95 30.96
N ARG R 25 -55.54 47.13 31.71
CA ARG R 25 -55.04 46.67 33.00
C ARG R 25 -53.80 45.80 32.87
N CYS R 26 -53.84 44.79 31.99
CA CYS R 26 -52.70 43.91 31.82
C CYS R 26 -51.48 44.63 31.25
N TRP R 27 -51.69 45.70 30.49
CA TRP R 27 -50.58 46.57 30.10
C TRP R 27 -50.03 47.32 31.32
N GLN R 28 -50.92 47.79 32.18
CA GLN R 28 -50.51 48.61 33.32
C GLN R 28 -49.76 47.77 34.36
N TYR R 29 -50.26 46.56 34.65
CA TYR R 29 -49.63 45.76 35.70
C TYR R 29 -48.32 45.14 35.23
N ARG R 30 -48.10 45.05 33.92
CA ARG R 30 -46.84 44.54 33.40
C ARG R 30 -45.70 45.52 33.60
N GLN R 31 -45.98 46.82 33.58
CA GLN R 31 -44.94 47.83 33.80
C GLN R 31 -44.53 47.95 35.25
N LEU R 32 -45.31 47.40 36.19
CA LEU R 32 -44.98 47.48 37.60
C LEU R 32 -44.09 46.30 37.98
N SER R 33 -43.81 46.14 39.27
CA SER R 33 -42.95 45.05 39.74
C SER R 33 -43.74 43.75 39.80
N ALA R 34 -43.04 42.66 40.14
CA ALA R 34 -43.67 41.36 40.25
C ALA R 34 -44.50 41.21 41.52
N LEU R 35 -44.33 42.09 42.50
CA LEU R 35 -45.09 42.02 43.74
C LEU R 35 -45.15 43.41 44.35
N HIS R 36 -46.35 43.96 44.47
CA HIS R 36 -46.53 45.28 45.06
C HIS R 36 -47.94 45.36 45.64
N ARG R 37 -48.13 46.32 46.54
CA ARG R 37 -49.41 46.49 47.22
C ARG R 37 -50.39 47.28 46.35
N ALA R 38 -51.63 46.83 46.32
CA ALA R 38 -52.73 47.61 45.75
C ALA R 38 -53.49 48.32 46.87
N PRO R 39 -53.87 49.58 46.67
CA PRO R 39 -54.58 50.31 47.72
C PRO R 39 -56.06 49.96 47.82
N ARG R 40 -56.70 49.69 46.69
CA ARG R 40 -58.12 49.36 46.67
C ARG R 40 -58.35 48.25 45.64
N PRO R 41 -59.35 47.39 45.84
CA PRO R 41 -59.54 46.26 44.93
C PRO R 41 -60.00 46.69 43.55
N THR R 42 -59.40 46.08 42.54
CA THR R 42 -59.88 46.26 41.17
C THR R 42 -61.28 45.68 41.00
N ARG R 43 -61.54 44.53 41.61
CA ARG R 43 -62.86 43.90 41.58
C ARG R 43 -63.44 43.91 42.99
N PRO R 44 -64.27 44.89 43.34
CA PRO R 44 -64.77 44.96 44.73
C PRO R 44 -65.74 43.85 45.09
N ASP R 45 -66.67 43.52 44.19
CA ASP R 45 -67.67 42.49 44.50
C ASP R 45 -67.04 41.11 44.61
N LYS R 46 -66.03 40.82 43.79
CA LYS R 46 -65.35 39.54 43.88
C LYS R 46 -64.55 39.42 45.18
N ALA R 47 -63.98 40.54 45.65
CA ALA R 47 -63.26 40.52 46.91
C ALA R 47 -64.20 40.26 48.08
N ARG R 48 -65.37 40.90 48.07
CA ARG R 48 -66.33 40.75 49.16
C ARG R 48 -66.92 39.35 49.23
N ARG R 49 -67.12 38.70 48.07
CA ARG R 49 -67.65 37.34 48.07
C ARG R 49 -66.65 36.36 48.65
N LEU R 50 -65.36 36.66 48.56
CA LEU R 50 -64.32 35.79 49.11
C LEU R 50 -63.98 36.12 50.55
N GLY R 51 -64.55 37.18 51.10
CA GLY R 51 -64.38 37.51 52.51
C GLY R 51 -63.72 38.85 52.80
N TYR R 52 -63.49 39.70 51.80
CA TYR R 52 -62.86 40.98 52.03
C TYR R 52 -63.90 42.01 52.47
N LYS R 53 -63.60 42.74 53.53
CA LYS R 53 -64.42 43.85 53.99
C LYS R 53 -63.57 45.12 53.94
N ALA R 54 -64.19 46.23 53.52
CA ALA R 54 -63.49 47.50 53.44
C ALA R 54 -63.48 48.15 54.82
N LYS R 55 -62.56 47.67 55.66
CA LYS R 55 -62.29 48.28 56.95
C LYS R 55 -60.78 48.27 57.18
N GLN R 56 -60.37 48.71 58.37
CA GLN R 56 -58.97 48.85 58.69
C GLN R 56 -58.33 47.48 58.85
N GLY R 57 -57.16 47.29 58.26
CA GLY R 57 -56.39 46.06 58.40
C GLY R 57 -56.48 45.10 57.25
N TYR R 58 -57.44 45.27 56.34
CA TYR R 58 -57.61 44.37 55.19
C TYR R 58 -56.72 44.88 54.06
N VAL R 59 -55.64 44.15 53.80
CA VAL R 59 -54.62 44.54 52.85
C VAL R 59 -54.69 43.61 51.64
N ILE R 60 -54.41 44.14 50.46
CA ILE R 60 -54.37 43.35 49.24
C ILE R 60 -53.06 43.61 48.51
N TYR R 61 -52.54 42.58 47.85
CA TYR R 61 -51.34 42.67 47.03
C TYR R 61 -51.64 42.15 45.64
N ARG R 62 -50.72 42.38 44.72
CA ARG R 62 -50.84 41.91 43.34
C ARG R 62 -49.52 41.29 42.91
N ILE R 63 -49.58 40.06 42.40
CA ILE R 63 -48.39 39.27 42.11
C ILE R 63 -48.47 38.78 40.66
N ARG R 64 -47.39 38.99 39.91
CA ARG R 64 -47.28 38.46 38.56
C ARG R 64 -46.72 37.04 38.60
N VAL R 65 -47.36 36.13 37.86
CA VAL R 65 -46.95 34.74 37.81
C VAL R 65 -46.66 34.39 36.35
N ARG R 66 -45.49 33.82 36.09
CA ARG R 66 -45.10 33.47 34.74
C ARG R 66 -45.97 32.37 34.18
N ARG R 67 -46.38 32.51 32.92
CA ARG R 67 -47.24 31.53 32.27
C ARG R 67 -46.42 30.34 31.79
N GLY R 68 -47.02 29.15 31.87
CA GLY R 68 -46.42 27.93 31.40
C GLY R 68 -46.53 26.82 32.42
N GLY R 69 -45.99 25.66 32.04
CA GLY R 69 -45.98 24.52 32.93
C GLY R 69 -44.80 24.54 33.89
N ARG R 70 -44.19 23.37 34.11
CA ARG R 70 -43.02 23.26 34.97
C ARG R 70 -41.97 22.41 34.27
N LYS R 71 -40.93 23.06 33.75
CA LYS R 71 -39.79 22.33 33.24
C LYS R 71 -39.01 21.73 34.40
N ARG R 72 -38.59 20.48 34.25
CA ARG R 72 -37.93 19.77 35.35
C ARG R 72 -36.57 20.37 35.63
N PRO R 73 -36.27 20.77 36.87
CA PRO R 73 -35.00 21.47 37.17
C PRO R 73 -33.79 20.54 37.19
N VAL R 74 -33.45 20.02 36.02
CA VAL R 74 -32.27 19.17 35.83
C VAL R 74 -31.43 19.77 34.71
N PRO R 75 -30.14 19.44 34.61
CA PRO R 75 -29.34 19.88 33.47
C PRO R 75 -29.83 19.29 32.15
N LYS R 76 -29.06 19.55 31.09
CA LYS R 76 -29.45 19.36 29.69
C LYS R 76 -30.26 18.09 29.44
N GLY R 77 -29.66 16.95 29.74
CA GLY R 77 -30.39 15.70 29.83
C GLY R 77 -30.43 15.27 31.29
N ALA R 78 -29.54 14.34 31.64
CA ALA R 78 -29.21 13.98 33.02
C ALA R 78 -30.46 13.61 33.82
N THR R 79 -31.18 12.64 33.28
CA THR R 79 -32.39 12.13 33.89
C THR R 79 -32.27 10.61 34.06
N TYR R 80 -31.09 10.18 34.53
CA TYR R 80 -30.66 8.80 34.65
C TYR R 80 -31.71 7.91 35.30
N GLY R 81 -32.14 6.90 34.57
CA GLY R 81 -33.15 5.99 35.08
C GLY R 81 -33.93 5.37 33.94
N LYS R 82 -35.10 4.83 34.29
CA LYS R 82 -35.96 4.18 33.33
C LYS R 82 -36.55 5.21 32.36
N PRO R 83 -36.93 4.79 31.14
CA PRO R 83 -37.38 5.76 30.13
C PRO R 83 -38.69 6.48 30.44
N VAL R 84 -39.32 6.16 31.57
CA VAL R 84 -40.54 6.87 31.95
C VAL R 84 -40.22 8.30 32.36
N HIS R 85 -39.17 8.48 33.15
CA HIS R 85 -38.83 9.78 33.74
C HIS R 85 -37.84 10.56 32.88
N HIS R 86 -37.84 10.34 31.56
CA HIS R 86 -37.02 11.10 30.63
C HIS R 86 -37.68 12.37 30.14
N GLY R 87 -38.93 12.62 30.52
CA GLY R 87 -39.61 13.81 30.06
C GLY R 87 -39.37 14.98 31.00
N VAL R 88 -38.96 16.11 30.43
CA VAL R 88 -38.75 17.33 31.22
C VAL R 88 -39.52 18.53 30.69
N ASN R 89 -39.96 18.54 29.44
CA ASN R 89 -40.63 19.70 28.86
C ASN R 89 -42.12 19.72 29.17
N GLN R 90 -42.84 18.68 28.76
CA GLN R 90 -44.29 18.64 28.92
C GLN R 90 -44.71 18.11 30.29
N LEU R 91 -44.19 18.75 31.34
CA LEU R 91 -44.56 18.43 32.71
C LEU R 91 -45.39 19.57 33.29
N LYS R 92 -46.47 19.23 33.97
CA LYS R 92 -47.39 20.20 34.52
C LYS R 92 -47.30 20.18 36.05
N PHE R 93 -47.23 21.37 36.64
CA PHE R 93 -47.12 21.49 38.09
C PHE R 93 -48.45 21.10 38.73
N ALA R 94 -48.38 20.27 39.78
CA ALA R 94 -49.58 19.69 40.37
C ALA R 94 -50.46 20.72 41.07
N ARG R 95 -49.90 21.87 41.46
CA ARG R 95 -50.66 22.92 42.11
C ARG R 95 -51.01 24.00 41.09
N SER R 96 -52.13 24.68 41.34
CA SER R 96 -52.61 25.69 40.41
C SER R 96 -51.72 26.93 40.46
N LEU R 97 -51.70 27.66 39.34
CA LEU R 97 -50.91 28.88 39.25
C LEU R 97 -51.45 29.99 40.15
N GLN R 98 -52.76 30.00 40.40
CA GLN R 98 -53.34 31.00 41.29
C GLN R 98 -52.89 30.77 42.73
N SER R 99 -52.73 29.51 43.12
CA SER R 99 -52.18 29.16 44.43
C SER R 99 -50.71 29.53 44.57
N VAL R 100 -49.98 29.60 43.47
CA VAL R 100 -48.61 30.09 43.52
C VAL R 100 -48.58 31.57 43.88
N ALA R 101 -49.56 32.33 43.38
CA ALA R 101 -49.66 33.75 43.71
C ALA R 101 -49.93 33.95 45.20
N GLU R 102 -50.78 33.11 45.79
CA GLU R 102 -50.96 33.14 47.24
C GLU R 102 -49.71 32.72 47.96
N GLU R 103 -48.97 31.76 47.40
CA GLU R 103 -47.76 31.25 48.04
C GLU R 103 -46.69 32.34 48.10
N ARG R 104 -46.52 33.09 47.02
CA ARG R 104 -45.51 34.13 46.96
C ARG R 104 -45.89 35.37 47.76
N ALA R 105 -47.19 35.65 47.88
CA ALA R 105 -47.62 36.81 48.65
C ALA R 105 -47.29 36.65 50.13
N GLY R 106 -47.55 35.47 50.69
CA GLY R 106 -47.25 35.24 52.09
C GLY R 106 -45.79 34.99 52.39
N ARG R 107 -45.03 34.52 51.40
CA ARG R 107 -43.59 34.33 51.58
C ARG R 107 -42.90 35.67 51.78
N HIS R 108 -43.29 36.67 50.98
CA HIS R 108 -42.72 38.01 51.11
C HIS R 108 -43.24 38.73 52.35
N CYS R 109 -44.51 38.54 52.67
CA CYS R 109 -45.15 39.18 53.82
C CYS R 109 -45.55 38.08 54.80
N GLY R 110 -44.61 37.73 55.69
CA GLY R 110 -44.87 36.71 56.69
C GLY R 110 -45.66 37.17 57.88
N ALA R 111 -45.83 38.48 58.06
CA ALA R 111 -46.59 39.00 59.18
C ALA R 111 -48.10 38.83 58.99
N LEU R 112 -48.57 38.94 57.75
CA LEU R 112 -49.99 38.85 57.46
C LEU R 112 -50.36 37.41 57.06
N ARG R 113 -51.65 37.18 56.84
CA ARG R 113 -52.15 35.86 56.47
C ARG R 113 -53.09 36.01 55.27
N VAL R 114 -52.99 35.09 54.32
CA VAL R 114 -53.84 35.18 53.13
C VAL R 114 -55.21 34.59 53.43
N LEU R 115 -56.26 35.30 53.01
CA LEU R 115 -57.61 34.73 53.03
C LEU R 115 -57.88 33.98 51.73
N ASN R 116 -57.85 34.68 50.59
CA ASN R 116 -58.12 34.09 49.30
C ASN R 116 -57.63 35.07 48.23
N SER R 117 -57.73 34.66 46.96
CA SER R 117 -57.28 35.47 45.84
C SER R 117 -58.25 35.32 44.68
N TYR R 118 -58.10 36.19 43.68
CA TYR R 118 -58.99 36.20 42.54
C TYR R 118 -58.26 36.77 41.33
N TRP R 119 -58.85 36.54 40.15
CA TRP R 119 -58.20 36.79 38.87
C TRP R 119 -58.48 38.21 38.39
N VAL R 120 -57.43 38.93 37.99
CA VAL R 120 -57.57 40.32 37.56
C VAL R 120 -57.03 40.54 36.14
N GLY R 121 -56.73 39.48 35.42
CA GLY R 121 -56.21 39.60 34.06
C GLY R 121 -55.06 38.65 33.82
N GLU R 122 -54.75 38.45 32.55
CA GLU R 122 -53.65 37.57 32.16
C GLU R 122 -53.07 38.04 30.84
N ASP R 123 -51.84 37.62 30.59
CA ASP R 123 -51.15 37.82 29.32
C ASP R 123 -50.62 36.45 28.87
N SER R 124 -50.09 36.39 27.66
CA SER R 124 -49.52 35.14 27.16
C SER R 124 -48.28 34.71 27.93
N THR R 125 -47.61 35.64 28.62
CA THR R 125 -46.45 35.33 29.42
C THR R 125 -46.66 35.47 30.91
N TYR R 126 -47.71 36.16 31.35
CA TYR R 126 -47.94 36.43 32.76
C TYR R 126 -49.41 36.21 33.12
N LYS R 127 -49.62 35.85 34.38
CA LYS R 127 -50.94 35.79 34.98
C LYS R 127 -50.97 36.70 36.21
N PHE R 128 -52.02 37.51 36.32
CA PHE R 128 -52.14 38.49 37.38
C PHE R 128 -53.23 38.08 38.36
N PHE R 129 -52.89 38.13 39.65
CA PHE R 129 -53.83 37.78 40.71
C PHE R 129 -53.74 38.80 41.83
N GLU R 130 -54.85 39.02 42.52
CA GLU R 130 -54.92 39.89 43.68
C GLU R 130 -55.25 39.06 44.90
N VAL R 131 -54.40 39.11 45.91
CA VAL R 131 -54.50 38.27 47.10
C VAL R 131 -54.87 39.16 48.29
N ILE R 132 -55.88 38.75 49.05
CA ILE R 132 -56.35 39.48 50.21
C ILE R 132 -55.54 39.06 51.42
N LEU R 133 -54.95 40.02 52.12
CA LEU R 133 -54.14 39.80 53.31
C LEU R 133 -54.85 40.42 54.51
N ILE R 134 -54.68 39.82 55.68
CA ILE R 134 -55.33 40.26 56.90
C ILE R 134 -54.26 40.48 57.96
N ASP R 135 -54.26 41.66 58.55
CA ASP R 135 -53.43 41.92 59.73
C ASP R 135 -54.02 41.14 60.90
N PRO R 136 -53.28 40.23 61.52
CA PRO R 136 -53.83 39.46 62.64
C PRO R 136 -53.87 40.28 63.92
N PHE R 137 -52.99 41.26 64.04
CA PHE R 137 -52.84 42.04 65.26
C PHE R 137 -53.52 43.40 65.21
N HIS R 138 -54.13 43.77 64.09
CA HIS R 138 -54.89 45.01 64.04
C HIS R 138 -56.18 44.86 64.83
N LYS R 139 -56.50 45.87 65.63
CA LYS R 139 -57.62 45.77 66.56
C LYS R 139 -58.98 45.74 65.86
N ALA R 140 -59.03 46.13 64.58
CA ALA R 140 -60.28 46.00 63.84
C ALA R 140 -60.64 44.56 63.54
N ILE R 141 -59.65 43.70 63.28
CA ILE R 141 -59.91 42.28 63.09
C ILE R 141 -59.83 41.55 64.43
N ARG R 142 -58.90 41.98 65.29
CA ARG R 142 -58.63 41.29 66.54
C ARG R 142 -59.83 41.33 67.50
N ARG R 143 -60.62 42.40 67.45
CA ARG R 143 -61.79 42.54 68.30
C ARG R 143 -63.10 42.17 67.59
N ASN R 144 -63.03 41.68 66.35
CA ASN R 144 -64.21 41.29 65.61
C ASN R 144 -64.44 39.80 65.76
N PRO R 145 -65.55 39.35 66.35
CA PRO R 145 -65.76 37.91 66.56
C PRO R 145 -65.88 37.11 65.28
N ASP R 146 -66.30 37.72 64.16
CA ASP R 146 -66.41 36.99 62.91
C ASP R 146 -65.06 36.73 62.25
N THR R 147 -64.05 37.54 62.55
CA THR R 147 -62.78 37.47 61.82
C THR R 147 -61.57 37.20 62.69
N GLN R 148 -61.72 36.98 63.99
CA GLN R 148 -60.56 36.71 64.83
C GLN R 148 -60.19 35.24 64.85
N TRP R 149 -60.86 34.40 64.06
CA TRP R 149 -60.42 33.02 63.90
C TRP R 149 -59.07 32.93 63.21
N ILE R 150 -58.74 33.88 62.33
CA ILE R 150 -57.48 33.84 61.62
C ILE R 150 -56.33 34.19 62.55
N THR R 151 -56.62 34.88 63.66
CA THR R 151 -55.59 35.23 64.63
C THR R 151 -55.08 34.02 65.40
N LYS R 152 -55.79 32.90 65.35
CA LYS R 152 -55.33 31.70 66.02
C LYS R 152 -54.07 31.17 65.33
N PRO R 153 -53.15 30.56 66.08
CA PRO R 153 -51.92 30.03 65.48
C PRO R 153 -52.09 28.75 64.68
N VAL R 154 -53.31 28.20 64.61
CA VAL R 154 -53.55 27.04 63.76
C VAL R 154 -53.47 27.44 62.28
N HIS R 155 -53.95 28.64 61.94
CA HIS R 155 -53.99 29.11 60.56
C HIS R 155 -52.71 29.84 60.16
N LYS R 156 -51.59 29.55 60.82
CA LYS R 156 -50.30 30.11 60.42
C LYS R 156 -49.90 29.62 59.04
N HIS R 157 -49.83 30.53 58.07
CA HIS R 157 -49.38 30.25 56.70
C HIS R 157 -50.24 29.18 56.04
N ARG R 158 -51.52 29.52 55.84
CA ARG R 158 -52.42 28.62 55.14
C ARG R 158 -52.00 28.40 53.69
N GLU R 159 -51.31 29.38 53.10
CA GLU R 159 -50.83 29.24 51.73
C GLU R 159 -49.75 28.18 51.62
N MET R 160 -48.99 27.94 52.70
CA MET R 160 -47.97 26.91 52.66
C MET R 160 -48.56 25.51 52.69
N ARG R 161 -49.67 25.33 53.41
CA ARG R 161 -50.26 24.02 53.63
C ARG R 161 -51.43 23.72 52.69
N GLY R 162 -51.77 24.63 51.79
CA GLY R 162 -52.87 24.43 50.87
C GLY R 162 -54.23 24.45 51.55
N LEU R 163 -54.51 25.51 52.31
CA LEU R 163 -55.79 25.66 52.97
C LEU R 163 -56.72 26.68 52.31
N THR R 164 -56.20 27.51 51.41
CA THR R 164 -57.03 28.43 50.66
C THR R 164 -57.79 27.68 49.56
N SER R 165 -58.72 28.39 48.91
CA SER R 165 -59.53 27.76 47.87
C SER R 165 -58.70 27.31 46.68
N ALA R 166 -57.68 28.09 46.32
CA ALA R 166 -56.82 27.69 45.21
C ALA R 166 -55.96 26.48 45.56
N GLY R 167 -55.59 26.33 46.83
CA GLY R 167 -54.81 25.19 47.25
C GLY R 167 -55.67 23.99 47.60
N ARG R 168 -56.94 24.25 47.91
CA ARG R 168 -57.84 23.15 48.24
C ARG R 168 -58.22 22.34 47.01
N LYS R 169 -58.34 23.03 45.86
CA LYS R 169 -58.69 22.33 44.62
C LYS R 169 -57.55 21.46 44.12
N SER R 170 -56.31 21.85 44.38
CA SER R 170 -55.15 21.07 43.95
C SER R 170 -54.96 19.79 44.74
N ARG R 171 -55.56 19.69 45.93
CA ARG R 171 -55.41 18.50 46.75
C ARG R 171 -56.32 17.36 46.29
N GLY R 172 -57.32 17.64 45.47
CA GLY R 172 -58.25 16.63 45.02
C GLY R 172 -59.10 16.05 46.12
N LEU R 173 -59.62 16.89 47.01
CA LEU R 173 -60.43 16.45 48.13
C LEU R 173 -61.88 16.84 47.93
N GLY R 174 -62.78 15.99 48.39
CA GLY R 174 -64.20 16.24 48.26
C GLY R 174 -65.00 15.02 48.66
N LYS R 175 -66.32 15.18 48.58
CA LYS R 175 -67.25 14.13 48.96
C LYS R 175 -67.67 13.31 47.75
N GLY R 176 -67.76 12.01 47.94
CA GLY R 176 -68.43 11.14 46.99
C GLY R 176 -67.49 10.19 46.27
N HIS R 177 -68.08 9.46 45.32
CA HIS R 177 -67.36 8.46 44.55
C HIS R 177 -66.41 9.05 43.52
N LYS R 178 -66.52 10.34 43.22
CA LYS R 178 -65.70 10.95 42.19
C LYS R 178 -64.22 10.96 42.55
N PHE R 179 -63.88 10.87 43.83
CA PHE R 179 -62.49 10.99 44.28
C PHE R 179 -61.97 9.66 44.80
N HIS R 180 -62.63 9.10 45.84
CA HIS R 180 -62.27 7.83 46.48
C HIS R 180 -60.88 7.88 47.13
N HIS R 181 -60.21 9.02 47.03
CA HIS R 181 -59.02 9.34 47.80
C HIS R 181 -59.34 10.54 48.68
N THR R 182 -58.35 10.97 49.47
CA THR R 182 -58.53 11.97 50.53
C THR R 182 -59.67 11.58 51.47
N ILE R 183 -59.85 10.27 51.66
CA ILE R 183 -60.95 9.73 52.45
C ILE R 183 -60.59 9.58 53.92
N GLY R 184 -59.31 9.76 54.26
CA GLY R 184 -58.91 9.90 55.64
C GLY R 184 -58.82 11.36 56.03
N GLY R 185 -57.64 11.80 56.41
CA GLY R 185 -57.42 13.22 56.66
C GLY R 185 -57.17 13.99 55.38
N SER R 186 -56.21 13.50 54.59
CA SER R 186 -55.89 14.09 53.30
C SER R 186 -55.52 12.96 52.35
N ARG R 187 -54.91 13.31 51.22
CA ARG R 187 -54.47 12.30 50.26
C ARG R 187 -53.35 11.45 50.86
N ARG R 188 -52.46 12.06 51.65
CA ARG R 188 -51.40 11.31 52.29
C ARG R 188 -51.95 10.39 53.38
N ALA R 189 -52.98 10.84 54.10
CA ALA R 189 -53.57 10.01 55.14
C ALA R 189 -54.37 8.86 54.55
N ALA R 190 -54.96 9.06 53.38
CA ALA R 190 -55.67 7.97 52.71
C ALA R 190 -54.71 6.87 52.29
N TRP R 191 -53.52 7.24 51.82
CA TRP R 191 -52.50 6.25 51.49
C TRP R 191 -52.00 5.52 52.73
N ARG R 192 -51.98 6.21 53.88
CA ARG R 192 -51.43 5.61 55.09
C ARG R 192 -52.30 4.47 55.60
N ARG R 193 -53.60 4.70 55.73
CA ARG R 193 -54.48 3.70 56.33
C ARG R 193 -54.57 2.44 55.49
N ARG R 194 -54.52 2.57 54.16
CA ARG R 194 -54.57 1.42 53.28
C ARG R 194 -53.25 0.67 53.20
N ASN R 195 -52.17 1.21 53.79
CA ASN R 195 -50.87 0.58 53.73
C ASN R 195 -50.30 0.18 55.08
N THR R 196 -50.86 0.67 56.19
CA THR R 196 -50.46 0.19 57.51
C THR R 196 -51.21 -1.11 57.81
N LEU R 197 -50.47 -2.21 57.89
CA LEU R 197 -51.08 -3.50 58.18
C LEU R 197 -51.40 -3.55 59.66
N GLN R 198 -52.69 -3.68 59.98
CA GLN R 198 -53.16 -3.65 61.36
C GLN R 198 -52.94 -5.02 61.99
N LEU R 199 -52.06 -5.09 62.97
CA LEU R 199 -51.81 -6.30 63.74
C LEU R 199 -52.38 -6.12 65.13
N HIS R 200 -53.38 -6.95 65.47
CA HIS R 200 -54.04 -6.83 66.77
C HIS R 200 -53.24 -7.58 67.83
N ARG R 201 -53.80 -7.64 69.05
CA ARG R 201 -53.16 -8.44 70.09
C ARG R 201 -53.41 -9.92 69.86
N TYR R 202 -54.62 -10.29 69.43
CA TYR R 202 -55.00 -11.69 69.27
C TYR R 202 -54.97 -12.17 67.82
N ARG R 203 -54.98 -11.25 66.85
CA ARG R 203 -54.99 -11.55 65.42
C ARG R 203 -56.15 -12.47 65.04
N GLN S 1 23.62 -73.85 74.74
CA GLN S 1 22.39 -73.11 74.50
C GLN S 1 22.55 -72.15 73.34
N VAL S 2 23.78 -72.02 72.84
CA VAL S 2 24.09 -71.15 71.72
C VAL S 2 24.55 -72.02 70.57
N LEU S 3 23.91 -71.86 69.42
CA LEU S 3 24.25 -72.66 68.24
C LEU S 3 25.49 -72.09 67.55
N VAL S 4 26.37 -72.99 67.13
CA VAL S 4 27.52 -72.64 66.30
C VAL S 4 27.34 -73.36 64.97
N LEU S 5 27.12 -72.60 63.90
CA LEU S 5 26.77 -73.15 62.61
C LEU S 5 27.94 -72.99 61.64
N ASP S 6 28.39 -74.11 61.07
CA ASP S 6 29.44 -74.07 60.07
C ASP S 6 28.85 -73.59 58.75
N GLY S 7 29.48 -72.58 58.15
CA GLY S 7 28.96 -71.99 56.93
C GLY S 7 29.37 -72.67 55.64
N ARG S 8 30.28 -73.63 55.70
CA ARG S 8 30.78 -74.26 54.48
C ARG S 8 29.78 -75.27 53.95
N GLY S 9 29.49 -75.20 52.66
CA GLY S 9 28.58 -76.12 52.02
C GLY S 9 27.12 -75.77 52.11
N HIS S 10 26.78 -74.62 52.66
CA HIS S 10 25.40 -74.20 52.84
C HIS S 10 25.00 -73.20 51.78
N LEU S 11 23.73 -73.23 51.39
CA LEU S 11 23.18 -72.23 50.51
C LEU S 11 22.98 -70.90 51.25
N LEU S 12 22.90 -69.81 50.48
CA LEU S 12 22.80 -68.49 51.09
C LEU S 12 21.42 -68.28 51.71
N GLY S 13 20.36 -68.37 50.90
CA GLY S 13 19.02 -68.15 51.41
C GLY S 13 18.44 -69.32 52.18
N ARG S 14 18.94 -70.54 51.95
CA ARG S 14 18.41 -71.70 52.67
C ARG S 14 18.91 -71.71 54.11
N LEU S 15 20.18 -71.39 54.32
CA LEU S 15 20.70 -71.27 55.68
C LEU S 15 20.10 -70.06 56.38
N ALA S 16 19.89 -68.97 55.64
CA ALA S 16 19.26 -67.79 56.22
C ALA S 16 17.81 -68.05 56.60
N ALA S 17 17.12 -68.93 55.87
CA ALA S 17 15.75 -69.27 56.22
C ALA S 17 15.69 -70.00 57.55
N ILE S 18 16.63 -70.91 57.80
CA ILE S 18 16.67 -71.62 59.07
C ILE S 18 17.11 -70.69 60.19
N VAL S 19 18.11 -69.84 59.94
CA VAL S 19 18.70 -69.02 60.99
C VAL S 19 17.71 -67.95 61.44
N ALA S 20 17.08 -67.25 60.49
CA ALA S 20 16.23 -66.10 60.83
C ALA S 20 15.01 -66.52 61.65
N LYS S 21 14.44 -67.70 61.37
CA LYS S 21 13.31 -68.18 62.16
C LYS S 21 13.77 -68.58 63.56
N GLN S 22 14.96 -69.15 63.67
CA GLN S 22 15.47 -69.55 64.99
C GLN S 22 15.86 -68.35 65.83
N VAL S 23 16.29 -67.26 65.19
CA VAL S 23 16.65 -66.04 65.92
C VAL S 23 15.42 -65.42 66.58
N LEU S 24 14.31 -65.35 65.84
CA LEU S 24 13.10 -64.72 66.36
C LEU S 24 12.45 -65.49 67.50
N LEU S 25 12.84 -66.74 67.71
CA LEU S 25 12.34 -67.54 68.82
C LEU S 25 13.16 -67.37 70.09
N GLY S 26 14.14 -66.47 70.09
CA GLY S 26 14.93 -66.20 71.27
C GLY S 26 15.97 -67.27 71.56
N ARG S 27 16.83 -67.53 70.58
CA ARG S 27 17.90 -68.51 70.74
C ARG S 27 19.09 -68.05 69.91
N LYS S 28 20.21 -67.78 70.58
CA LYS S 28 21.38 -67.21 69.92
C LYS S 28 22.04 -68.25 69.03
N VAL S 29 22.31 -67.86 67.78
CA VAL S 29 22.99 -68.70 66.81
C VAL S 29 24.24 -67.96 66.33
N VAL S 30 25.34 -68.68 66.21
CA VAL S 30 26.59 -68.13 65.70
C VAL S 30 26.91 -68.81 64.38
N VAL S 31 26.88 -68.05 63.30
CA VAL S 31 27.24 -68.54 61.98
C VAL S 31 28.71 -68.22 61.76
N VAL S 32 29.51 -69.25 61.47
CA VAL S 32 30.95 -69.14 61.45
C VAL S 32 31.45 -69.75 60.14
N ARG S 33 32.65 -69.33 59.72
CA ARG S 33 33.22 -69.64 58.42
C ARG S 33 32.27 -69.23 57.30
N CYS S 34 32.08 -67.91 57.18
CA CYS S 34 31.13 -67.36 56.22
C CYS S 34 31.69 -67.25 54.81
N GLU S 35 32.97 -67.57 54.61
CA GLU S 35 33.51 -67.68 53.26
C GLU S 35 33.11 -69.00 52.60
N GLY S 36 32.50 -69.91 53.34
CA GLY S 36 32.11 -71.21 52.84
C GLY S 36 30.71 -71.35 52.30
N ILE S 37 29.83 -70.37 52.50
CA ILE S 37 28.51 -70.41 51.87
C ILE S 37 28.66 -70.27 50.36
N ASN S 38 27.95 -71.14 49.64
CA ASN S 38 27.95 -71.14 48.19
C ASN S 38 26.55 -70.89 47.65
N ILE S 39 26.48 -70.26 46.48
CA ILE S 39 25.24 -69.78 45.89
C ILE S 39 24.99 -70.53 44.58
N SER S 40 23.73 -70.91 44.35
CA SER S 40 23.36 -71.65 43.16
C SER S 40 23.54 -70.81 41.90
N GLY S 41 23.64 -71.49 40.77
CA GLY S 41 23.94 -70.85 39.50
C GLY S 41 25.43 -70.79 39.22
N ASN S 42 25.76 -70.46 37.98
CA ASN S 42 27.16 -70.31 37.62
C ASN S 42 27.73 -69.06 38.27
N PHE S 43 29.06 -68.99 38.34
CA PHE S 43 29.71 -67.91 39.07
C PHE S 43 29.46 -66.56 38.41
N TYR S 44 29.41 -66.52 37.08
CA TYR S 44 29.28 -65.26 36.38
C TYR S 44 27.88 -64.67 36.52
N ARG S 45 26.88 -65.50 36.85
CA ARG S 45 25.54 -64.99 37.15
C ARG S 45 25.53 -64.23 38.48
N ASN S 46 25.92 -64.90 39.56
CA ASN S 46 25.84 -64.32 40.90
C ASN S 46 26.72 -63.09 41.06
N LYS S 47 27.77 -62.95 40.23
CA LYS S 47 28.59 -61.75 40.27
C LYS S 47 27.79 -60.53 39.83
N LEU S 48 27.03 -60.64 38.74
CA LEU S 48 26.25 -59.52 38.23
C LEU S 48 25.02 -59.20 39.08
N LYS S 49 24.48 -60.17 39.81
CA LYS S 49 23.41 -59.84 40.75
C LYS S 49 23.92 -58.93 41.85
N TYR S 50 25.17 -59.15 42.29
CA TYR S 50 25.72 -58.37 43.38
C TYR S 50 26.50 -57.16 42.87
N LEU S 51 27.01 -57.20 41.64
CA LEU S 51 27.59 -56.01 41.03
C LEU S 51 26.54 -54.96 40.68
N ALA S 52 25.35 -55.39 40.23
CA ALA S 52 24.25 -54.45 40.03
C ALA S 52 23.73 -53.92 41.36
N PHE S 53 23.96 -54.64 42.45
CA PHE S 53 23.69 -54.11 43.77
C PHE S 53 24.64 -52.98 44.13
N LEU S 54 25.88 -53.05 43.65
CA LEU S 54 26.84 -51.95 43.85
C LEU S 54 26.43 -50.69 43.12
N ARG S 55 25.69 -50.81 42.02
CA ARG S 55 25.20 -49.63 41.32
C ARG S 55 24.02 -48.97 42.05
N LYS S 56 23.42 -49.65 43.02
CA LYS S 56 22.30 -49.09 43.78
C LYS S 56 22.84 -48.14 44.84
N ARG S 57 23.03 -46.89 44.44
CA ARG S 57 23.44 -45.82 45.35
C ARG S 57 22.60 -44.59 45.06
N MET S 58 22.35 -43.79 46.08
CA MET S 58 21.57 -42.58 45.89
C MET S 58 22.44 -41.52 45.24
N ASN S 59 21.95 -40.94 44.13
CA ASN S 59 22.76 -40.03 43.33
C ASN S 59 23.19 -38.79 44.10
N THR S 60 22.30 -38.22 44.92
CA THR S 60 22.64 -36.97 45.61
C THR S 60 23.68 -37.16 46.70
N ASN S 61 23.59 -38.24 47.48
CA ASN S 61 24.57 -38.45 48.55
C ASN S 61 24.79 -39.93 48.83
N PRO S 62 25.77 -40.56 48.18
CA PRO S 62 26.03 -41.98 48.43
C PRO S 62 26.52 -42.29 49.84
N SER S 63 26.94 -41.30 50.61
CA SER S 63 27.46 -41.55 51.95
C SER S 63 26.38 -42.05 52.90
N ARG S 64 25.16 -41.53 52.79
CA ARG S 64 24.04 -42.03 53.57
C ARG S 64 23.25 -43.11 52.84
N GLY S 65 23.65 -43.45 51.62
CA GLY S 65 22.96 -44.43 50.82
C GLY S 65 23.19 -45.85 51.30
N PRO S 66 22.94 -46.82 50.42
CA PRO S 66 23.08 -48.23 50.79
C PRO S 66 24.53 -48.60 51.07
N TYR S 67 24.76 -49.24 52.20
CA TYR S 67 26.11 -49.64 52.61
C TYR S 67 26.43 -51.00 52.01
N HIS S 68 27.24 -51.00 50.95
CA HIS S 68 27.60 -52.22 50.26
C HIS S 68 28.72 -52.91 51.03
N PHE S 69 28.35 -53.85 51.89
CA PHE S 69 29.34 -54.60 52.65
C PHE S 69 30.04 -55.61 51.75
N ARG S 70 31.35 -55.77 51.97
CA ARG S 70 32.16 -56.61 51.10
C ARG S 70 32.61 -57.91 51.73
N ALA S 71 32.66 -58.00 53.06
CA ALA S 71 33.06 -59.23 53.72
C ALA S 71 31.94 -60.28 53.62
N PRO S 72 32.31 -61.55 53.43
CA PRO S 72 31.28 -62.60 53.33
C PRO S 72 30.44 -62.76 54.59
N SER S 73 30.97 -62.36 55.74
CA SER S 73 30.17 -62.37 56.97
C SER S 73 29.03 -61.36 56.88
N ARG S 74 29.34 -60.12 56.50
CA ARG S 74 28.33 -59.08 56.43
C ARG S 74 27.41 -59.23 55.22
N ILE S 75 27.84 -59.93 54.17
CA ILE S 75 26.92 -60.27 53.09
C ILE S 75 25.86 -61.24 53.60
N PHE S 76 26.28 -62.25 54.35
CA PHE S 76 25.31 -63.14 54.99
C PHE S 76 24.53 -62.42 56.09
N TRP S 77 25.16 -61.45 56.76
CA TRP S 77 24.42 -60.64 57.73
C TRP S 77 23.41 -59.74 57.03
N ARG S 78 23.69 -59.34 55.79
CA ARG S 78 22.75 -58.50 55.05
C ARG S 78 21.51 -59.28 54.64
N THR S 79 21.68 -60.53 54.18
CA THR S 79 20.55 -61.31 53.72
C THR S 79 19.67 -61.82 54.87
N VAL S 80 20.17 -61.81 56.11
CA VAL S 80 19.29 -62.08 57.24
C VAL S 80 18.55 -60.81 57.67
N ARG S 81 19.16 -59.65 57.44
CA ARG S 81 18.54 -58.37 57.79
C ARG S 81 17.25 -58.14 56.99
N GLY S 82 17.24 -58.53 55.71
CA GLY S 82 16.03 -58.35 54.91
C GLY S 82 14.92 -59.33 55.24
N MET S 83 15.26 -60.44 55.90
CA MET S 83 14.29 -61.47 56.24
C MET S 83 13.75 -61.32 57.65
N LEU S 84 14.10 -60.24 58.34
CA LEU S 84 13.69 -59.98 59.70
C LEU S 84 13.05 -58.61 59.80
N PRO S 85 12.09 -58.42 60.72
CA PRO S 85 11.45 -57.09 60.86
C PRO S 85 12.33 -56.13 61.65
N HIS S 86 13.44 -55.73 61.04
CA HIS S 86 14.45 -54.88 61.68
C HIS S 86 13.96 -53.45 61.92
N LYS S 87 12.86 -53.04 61.30
CA LYS S 87 12.32 -51.71 61.54
C LYS S 87 11.60 -51.60 62.87
N THR S 88 11.21 -52.73 63.47
CA THR S 88 10.55 -52.73 64.77
C THR S 88 11.55 -53.07 65.88
N LYS S 89 11.12 -52.94 67.13
CA LYS S 89 12.01 -53.18 68.25
C LYS S 89 12.32 -54.65 68.45
N ARG S 90 11.37 -55.53 68.12
CA ARG S 90 11.62 -56.97 68.20
C ARG S 90 12.70 -57.39 67.21
N GLY S 91 12.70 -56.80 66.02
CA GLY S 91 13.73 -57.13 65.04
C GLY S 91 15.11 -56.65 65.44
N GLN S 92 15.21 -55.45 66.02
CA GLN S 92 16.50 -54.92 66.43
C GLN S 92 17.13 -55.72 67.57
N ALA S 93 16.32 -56.20 68.53
CA ALA S 93 16.84 -57.08 69.56
C ALA S 93 17.16 -58.47 69.03
N ALA S 94 16.60 -58.84 67.88
CA ALA S 94 16.91 -60.13 67.28
C ALA S 94 18.32 -60.14 66.70
N LEU S 95 18.72 -59.05 66.04
CA LEU S 95 20.06 -58.97 65.45
C LEU S 95 21.17 -58.97 66.48
N ASP S 96 20.87 -58.63 67.74
CA ASP S 96 21.87 -58.76 68.79
C ASP S 96 22.13 -60.22 69.14
N ARG S 97 21.14 -61.10 68.90
CA ARG S 97 21.30 -62.51 69.17
C ARG S 97 22.05 -63.24 68.05
N LEU S 98 22.30 -62.57 66.93
CA LEU S 98 22.99 -63.17 65.78
C LEU S 98 24.41 -62.64 65.74
N LYS S 99 25.38 -63.54 65.89
CA LYS S 99 26.79 -63.20 65.78
C LYS S 99 27.39 -63.95 64.59
N VAL S 100 27.85 -63.19 63.60
CA VAL S 100 28.29 -63.75 62.31
C VAL S 100 29.73 -63.33 62.09
N PHE S 101 30.59 -64.30 61.79
CA PHE S 101 32.03 -64.08 61.74
C PHE S 101 32.63 -64.76 60.52
N ASP S 102 33.72 -64.19 60.02
CA ASP S 102 34.54 -64.82 58.99
C ASP S 102 35.64 -65.63 59.64
N GLY S 103 35.99 -66.74 59.01
CA GLY S 103 37.02 -67.61 59.57
C GLY S 103 36.51 -68.35 60.80
N ILE S 104 37.41 -68.55 61.76
CA ILE S 104 37.08 -69.20 63.03
C ILE S 104 37.59 -68.34 64.19
N PRO S 105 36.70 -67.65 64.90
CA PRO S 105 37.11 -66.97 66.12
C PRO S 105 37.72 -67.93 67.11
N PRO S 106 38.76 -67.52 67.83
CA PRO S 106 39.26 -68.31 68.97
C PRO S 106 38.22 -68.49 70.07
N PRO S 107 37.20 -67.64 70.18
CA PRO S 107 36.04 -68.03 71.00
C PRO S 107 35.39 -69.34 70.59
N TYR S 108 35.32 -69.63 69.29
CA TYR S 108 34.61 -70.81 68.81
C TYR S 108 35.52 -71.83 68.14
N ASP S 109 36.85 -71.72 68.34
CA ASP S 109 37.77 -72.69 67.77
C ASP S 109 37.67 -74.06 68.44
N LYS S 110 37.38 -74.11 69.74
CA LYS S 110 37.12 -75.37 70.44
C LYS S 110 35.64 -75.56 70.74
N LYS S 111 34.78 -75.24 69.77
CA LYS S 111 33.36 -75.54 69.86
C LYS S 111 32.93 -76.38 68.65
N LYS S 112 32.01 -77.31 68.91
CA LYS S 112 31.51 -78.18 67.84
C LYS S 112 30.52 -77.41 66.98
N ARG S 113 30.69 -77.48 65.67
CA ARG S 113 29.92 -76.69 64.72
C ARG S 113 28.73 -77.49 64.21
N MET S 114 27.55 -76.92 64.33
CA MET S 114 26.33 -77.55 63.84
C MET S 114 26.26 -77.47 62.32
N VAL S 115 25.56 -78.44 61.74
CA VAL S 115 25.32 -78.50 60.30
C VAL S 115 23.83 -78.66 60.08
N VAL S 116 23.25 -77.79 59.25
CA VAL S 116 21.82 -77.85 58.92
C VAL S 116 21.68 -78.68 57.66
N PRO S 117 21.05 -79.87 57.71
CA PRO S 117 20.83 -80.65 56.50
C PRO S 117 19.78 -80.08 55.57
N ALA S 118 19.06 -79.04 55.98
CA ALA S 118 18.07 -78.42 55.12
C ALA S 118 18.66 -77.38 54.18
N ALA S 119 19.95 -77.04 54.31
CA ALA S 119 20.55 -75.99 53.54
C ALA S 119 21.83 -76.39 52.80
N LEU S 120 22.23 -77.66 52.88
CA LEU S 120 23.49 -78.09 52.27
C LEU S 120 23.38 -78.09 50.74
N LYS S 121 24.55 -77.96 50.09
CA LYS S 121 24.60 -77.97 48.63
C LYS S 121 24.21 -79.34 48.08
N VAL S 122 24.80 -80.41 48.62
CA VAL S 122 24.63 -81.73 48.04
C VAL S 122 23.19 -82.23 48.15
N VAL S 123 22.47 -81.83 49.19
CA VAL S 123 21.14 -82.35 49.41
C VAL S 123 20.08 -81.47 48.74
N ARG S 124 20.36 -80.18 48.59
CA ARG S 124 19.40 -79.26 47.99
C ARG S 124 19.63 -79.09 46.50
N LEU S 125 20.88 -78.86 46.09
CA LEU S 125 21.21 -78.63 44.70
C LEU S 125 21.43 -79.94 43.96
N LYS S 126 21.02 -79.98 42.70
CA LYS S 126 21.29 -81.14 41.86
C LYS S 126 22.80 -81.22 41.58
N PRO S 127 23.36 -82.43 41.48
CA PRO S 127 24.80 -82.54 41.24
C PRO S 127 25.27 -82.02 39.90
N THR S 128 24.38 -81.86 38.92
CA THR S 128 24.75 -81.35 37.60
C THR S 128 24.64 -79.83 37.51
N ARG S 129 24.17 -79.16 38.56
CA ARG S 129 24.05 -77.72 38.54
C ARG S 129 25.37 -77.07 38.94
N LYS S 130 25.45 -75.76 38.75
CA LYS S 130 26.63 -74.99 39.05
C LYS S 130 26.41 -74.16 40.31
N PHE S 131 27.50 -73.91 41.04
CA PHE S 131 27.44 -73.20 42.31
C PHE S 131 28.64 -72.28 42.44
N ALA S 132 28.47 -71.22 43.21
CA ALA S 132 29.49 -70.18 43.34
C ALA S 132 29.72 -69.87 44.82
N TYR S 133 30.97 -69.97 45.26
CA TYR S 133 31.31 -69.66 46.64
C TYR S 133 31.19 -68.16 46.90
N LEU S 134 30.74 -67.82 48.11
CA LEU S 134 30.66 -66.42 48.51
C LEU S 134 32.05 -65.85 48.81
N GLY S 135 32.98 -66.69 49.28
CA GLY S 135 34.31 -66.21 49.58
C GLY S 135 35.08 -65.74 48.36
N ARG S 136 34.99 -66.50 47.26
CA ARG S 136 35.62 -66.09 46.02
C ARG S 136 34.91 -64.88 45.42
N LEU S 137 33.58 -64.84 45.52
CA LEU S 137 32.82 -63.73 44.96
C LEU S 137 33.07 -62.44 45.73
N ALA S 138 33.26 -62.51 47.06
CA ALA S 138 33.46 -61.30 47.86
C ALA S 138 34.79 -60.63 47.55
N HIS S 139 35.84 -61.43 47.31
CA HIS S 139 37.17 -60.88 47.01
C HIS S 139 37.14 -60.03 45.75
N GLU S 140 36.41 -60.47 44.73
CA GLU S 140 36.34 -59.76 43.46
C GLU S 140 35.40 -58.55 43.51
N VAL S 141 34.64 -58.39 44.59
CA VAL S 141 33.89 -57.17 44.83
C VAL S 141 34.74 -56.15 45.58
N GLY S 142 35.71 -56.60 46.37
CA GLY S 142 36.55 -55.69 47.11
C GLY S 142 36.99 -56.17 48.48
N TRP S 143 36.55 -57.36 48.88
CA TRP S 143 37.02 -57.94 50.14
C TRP S 143 38.50 -58.30 50.02
N LYS S 144 39.35 -57.56 50.73
CA LYS S 144 40.78 -57.74 50.58
C LYS S 144 41.27 -59.01 51.26
N TYR S 145 40.62 -59.41 52.34
CA TYR S 145 41.22 -60.27 53.36
C TYR S 145 40.88 -61.74 53.14
N GLN S 146 41.18 -62.28 51.96
CA GLN S 146 41.06 -63.72 51.77
C GLN S 146 42.38 -64.45 51.99
N ALA S 147 43.51 -63.77 51.74
CA ALA S 147 44.81 -64.38 51.98
C ALA S 147 45.15 -64.44 53.46
N VAL S 148 44.73 -63.42 54.22
CA VAL S 148 44.90 -63.46 55.66
C VAL S 148 44.00 -64.53 56.27
N THR S 149 42.76 -64.65 55.78
CA THR S 149 41.85 -65.66 56.29
C THR S 149 42.30 -67.07 55.94
N ALA S 150 42.82 -67.27 54.72
CA ALA S 150 43.28 -68.60 54.32
C ALA S 150 44.50 -69.06 55.10
N THR S 151 45.43 -68.14 55.42
CA THR S 151 46.58 -68.52 56.22
C THR S 151 46.17 -68.86 57.65
N LEU S 152 45.23 -68.10 58.21
CA LEU S 152 44.75 -68.37 59.56
C LEU S 152 43.87 -69.61 59.62
N GLU S 153 43.05 -69.85 58.58
CA GLU S 153 42.24 -71.07 58.56
C GLU S 153 43.10 -72.30 58.35
N GLU S 154 44.18 -72.19 57.57
CA GLU S 154 45.13 -73.29 57.46
C GLU S 154 45.81 -73.56 58.79
N LYS S 155 46.16 -72.50 59.53
CA LYS S 155 46.71 -72.67 60.87
C LYS S 155 45.71 -73.29 61.82
N ARG S 156 44.44 -72.88 61.73
CA ARG S 156 43.40 -73.49 62.57
C ARG S 156 43.16 -74.94 62.18
N LYS S 157 43.26 -75.25 60.88
CA LYS S 157 42.99 -76.62 60.42
C LYS S 157 44.04 -77.59 60.94
N GLU S 158 45.32 -77.23 60.90
CA GLU S 158 46.34 -78.13 61.39
C GLU S 158 46.40 -78.17 62.91
N LYS S 159 45.97 -77.11 63.59
CA LYS S 159 45.93 -77.12 65.06
C LYS S 159 44.91 -78.14 65.56
N ALA S 160 43.80 -78.31 64.84
CA ALA S 160 42.81 -79.31 65.21
C ALA S 160 43.26 -80.72 64.84
N LYS S 161 44.29 -80.85 64.02
CA LYS S 161 44.77 -82.18 63.63
C LYS S 161 45.42 -82.90 64.82
N ILE S 162 46.24 -82.19 65.59
CA ILE S 162 46.84 -82.79 66.78
C ILE S 162 45.76 -83.14 67.80
N HIS S 163 44.77 -82.27 67.97
CA HIS S 163 43.67 -82.55 68.89
C HIS S 163 42.89 -83.78 68.46
N TYR S 164 42.63 -83.91 67.17
CA TYR S 164 41.94 -85.10 66.68
C TYR S 164 42.82 -86.33 66.82
N ARG S 165 44.12 -86.19 66.57
CA ARG S 165 45.06 -87.29 66.80
C ARG S 165 45.12 -87.66 68.27
N LYS S 166 45.08 -86.68 69.16
CA LYS S 166 44.99 -86.97 70.59
C LYS S 166 43.63 -87.56 70.95
N LYS S 167 42.58 -87.18 70.21
CA LYS S 167 41.27 -87.78 70.43
C LYS S 167 41.25 -89.24 70.01
N LYS S 168 41.93 -89.57 68.90
CA LYS S 168 42.07 -90.96 68.50
C LYS S 168 42.99 -91.73 69.43
N GLN S 169 44.03 -91.07 69.95
CA GLN S 169 44.93 -91.71 70.89
C GLN S 169 44.22 -92.08 72.19
N LEU S 170 43.32 -91.20 72.65
CA LEU S 170 42.51 -91.51 73.81
C LEU S 170 41.39 -92.49 73.49
N MET S 171 40.93 -92.52 72.23
CA MET S 171 39.84 -93.42 71.87
C MET S 171 40.30 -94.87 71.77
N ARG S 172 41.53 -95.10 71.30
CA ARG S 172 42.04 -96.48 71.29
C ARG S 172 42.30 -96.97 72.71
N LEU S 173 42.70 -96.07 73.62
CA LEU S 173 42.79 -96.44 75.03
C LEU S 173 41.40 -96.64 75.62
N ARG S 174 40.41 -95.89 75.15
CA ARG S 174 39.02 -96.16 75.51
C ARG S 174 38.59 -97.53 74.99
N LYS S 175 38.99 -97.86 73.76
CA LYS S 175 38.65 -99.16 73.18
C LYS S 175 39.45 -100.29 73.81
N GLN S 176 40.70 -100.04 74.20
CA GLN S 176 41.51 -101.07 74.83
C GLN S 176 40.99 -101.45 76.21
N ALA S 177 40.20 -100.56 76.84
CA ALA S 177 39.82 -100.77 78.22
C ALA S 177 38.82 -101.91 78.40
N GLU S 178 37.81 -101.99 77.54
CA GLU S 178 36.85 -103.08 77.76
C GLU S 178 37.39 -104.43 77.31
N LYS S 179 38.55 -104.47 76.66
CA LYS S 179 39.12 -105.73 76.23
C LYS S 179 39.99 -106.39 77.30
N ASN S 180 40.31 -105.70 78.39
CA ASN S 180 40.92 -106.37 79.54
C ASN S 180 40.08 -106.28 80.80
N VAL S 181 38.96 -105.54 80.78
CA VAL S 181 38.10 -105.40 81.95
C VAL S 181 36.75 -106.11 81.78
N GLU S 182 36.49 -106.74 80.62
CA GLU S 182 35.17 -107.32 80.37
C GLU S 182 34.83 -108.48 81.32
N LYS S 183 35.83 -109.02 82.03
CA LYS S 183 35.61 -110.10 82.97
C LYS S 183 35.00 -109.63 84.29
N LYS S 184 34.90 -108.32 84.52
CA LYS S 184 34.29 -107.81 85.72
C LYS S 184 33.27 -106.71 85.46
N ILE S 185 33.07 -106.30 84.21
CA ILE S 185 31.95 -105.45 83.83
C ILE S 185 30.91 -106.21 83.03
N ASP S 186 31.03 -107.55 82.96
CA ASP S 186 30.03 -108.38 82.31
C ASP S 186 28.77 -108.56 83.16
N ARG S 187 28.69 -107.93 84.32
CA ARG S 187 27.43 -107.82 85.05
C ARG S 187 26.78 -106.47 84.86
N PHE S 188 27.41 -105.55 84.12
CA PHE S 188 26.88 -104.22 83.88
C PHE S 188 26.65 -103.90 82.41
N THR S 189 27.08 -104.76 81.48
CA THR S 189 26.96 -104.45 80.07
C THR S 189 25.65 -104.94 79.48
N GLU S 190 25.18 -106.13 79.88
CA GLU S 190 23.95 -106.69 79.33
C GLU S 190 22.71 -105.88 79.70
N VAL S 191 22.68 -105.28 80.88
CA VAL S 191 21.55 -104.41 81.25
C VAL S 191 21.47 -103.18 80.36
N LEU S 192 22.56 -102.81 79.68
CA LEU S 192 22.49 -101.74 78.69
C LEU S 192 21.99 -102.25 77.35
N LYS S 193 22.40 -103.45 76.95
CA LYS S 193 22.05 -104.00 75.65
C LYS S 193 20.72 -104.74 75.63
N THR S 194 20.14 -105.03 76.80
CA THR S 194 18.75 -105.45 76.85
C THR S 194 17.79 -104.27 76.89
N HIS S 195 18.31 -103.05 76.94
CA HIS S 195 17.53 -101.83 76.80
C HIS S 195 18.00 -101.02 75.60
N GLY S 196 18.79 -101.63 74.72
CA GLY S 196 19.13 -101.03 73.44
C GLY S 196 20.33 -100.12 73.42
N PHE S 197 21.34 -100.38 74.24
CA PHE S 197 22.61 -99.66 74.17
C PHE S 197 23.72 -100.58 73.69
N LEU S 198 24.76 -99.97 73.12
CA LEU S 198 26.00 -100.66 72.73
C LEU S 198 25.75 -101.77 71.71
N VAL S 199 24.75 -101.60 70.86
CA VAL S 199 24.47 -102.59 69.82
C VAL S 199 24.49 -101.92 68.45
N VAL T 1 3.33 -12.27 99.87
CA VAL T 1 3.43 -12.91 98.55
C VAL T 1 3.70 -14.39 98.72
N ARG T 2 3.55 -15.14 97.63
CA ARG T 2 3.75 -16.58 97.64
C ARG T 2 4.92 -16.97 96.75
N TYR T 3 5.60 -18.05 97.13
CA TYR T 3 6.72 -18.61 96.39
C TYR T 3 6.41 -20.04 95.99
N SER T 4 7.01 -20.47 94.89
CA SER T 4 7.03 -21.88 94.57
C SER T 4 8.07 -22.58 95.42
N LEU T 5 7.76 -23.81 95.84
CA LEU T 5 8.65 -24.65 96.64
C LEU T 5 9.03 -23.95 97.95
N ASP T 6 8.03 -23.82 98.82
CA ASP T 6 8.26 -23.29 100.15
C ASP T 6 9.32 -24.12 100.87
N PRO T 7 10.25 -23.50 101.59
CA PRO T 7 11.39 -24.24 102.14
C PRO T 7 10.97 -25.26 103.18
N GLU T 8 11.70 -26.38 103.19
CA GLU T 8 11.45 -27.44 104.15
C GLU T 8 11.83 -27.04 105.58
N ASN T 9 12.77 -26.11 105.72
CA ASN T 9 13.18 -25.60 107.03
C ASN T 9 13.20 -24.09 106.97
N PRO T 10 12.06 -23.45 107.23
CA PRO T 10 12.00 -21.97 107.18
C PRO T 10 12.85 -21.27 108.23
N THR T 11 13.24 -21.97 109.29
CA THR T 11 14.05 -21.34 110.34
C THR T 11 15.46 -21.04 109.85
N LYS T 12 16.00 -21.89 108.97
CA LYS T 12 17.36 -21.71 108.48
C LYS T 12 17.36 -21.43 106.98
N SER T 13 16.44 -20.60 106.52
CA SER T 13 16.35 -20.26 105.10
C SER T 13 15.79 -18.85 104.97
N CYS T 14 16.44 -18.04 104.13
CA CYS T 14 16.02 -16.66 103.89
C CYS T 14 15.53 -16.51 102.45
N LYS T 15 14.73 -15.47 102.24
CA LYS T 15 14.01 -15.28 100.99
C LYS T 15 14.32 -13.91 100.39
N SER T 16 14.12 -13.81 99.08
CA SER T 16 14.20 -12.54 98.37
C SER T 16 13.49 -12.70 97.03
N ARG T 17 13.04 -11.59 96.46
CA ARG T 17 12.39 -11.60 95.16
C ARG T 17 12.49 -10.22 94.53
N GLY T 18 11.99 -10.12 93.30
CA GLY T 18 11.94 -8.87 92.56
C GLY T 18 10.85 -8.91 91.50
N SER T 19 10.14 -7.80 91.34
CA SER T 19 9.02 -7.73 90.42
C SER T 19 9.26 -6.66 89.37
N ASN T 20 8.90 -6.98 88.12
CA ASN T 20 8.91 -6.05 86.99
C ASN T 20 10.30 -5.46 86.75
N LEU T 21 11.33 -6.29 86.86
CA LEU T 21 12.67 -5.89 86.45
C LEU T 21 12.77 -5.92 84.92
N ARG T 22 13.22 -4.81 84.34
CA ARG T 22 13.31 -4.67 82.89
C ARG T 22 14.56 -5.38 82.35
N VAL T 23 14.57 -6.70 82.53
CA VAL T 23 15.66 -7.55 82.07
C VAL T 23 15.08 -8.58 81.12
N HIS T 24 15.84 -8.88 80.07
CA HIS T 24 15.40 -9.85 79.07
C HIS T 24 15.17 -11.21 79.70
N PHE T 25 14.03 -11.84 79.38
CA PHE T 25 13.64 -13.07 80.06
C PHE T 25 14.50 -14.25 79.64
N LYS T 26 14.82 -14.35 78.34
CA LYS T 26 15.60 -15.49 77.87
C LYS T 26 17.03 -15.45 78.37
N ASN T 27 17.62 -14.25 78.47
CA ASN T 27 18.97 -14.15 79.01
C ASN T 27 18.98 -14.44 80.52
N THR T 28 17.92 -14.04 81.22
CA THR T 28 17.85 -14.23 82.67
C THR T 28 17.65 -15.69 83.04
N ARG T 29 16.83 -16.41 82.29
CA ARG T 29 16.56 -17.82 82.63
C ARG T 29 17.80 -18.68 82.45
N GLU T 30 18.62 -18.38 81.43
CA GLU T 30 19.80 -19.18 81.19
C GLU T 30 20.90 -18.92 82.22
N THR T 31 21.09 -17.68 82.64
CA THR T 31 22.09 -17.38 83.66
C THR T 31 21.63 -17.75 85.06
N ALA T 32 20.33 -18.00 85.24
CA ALA T 32 19.83 -18.47 86.52
C ALA T 32 20.12 -19.95 86.75
N GLN T 33 20.08 -20.76 85.69
CA GLN T 33 20.30 -22.19 85.83
C GLN T 33 21.77 -22.50 86.14
N ALA T 34 22.69 -21.66 85.70
CA ALA T 34 24.10 -21.90 85.97
C ALA T 34 24.45 -21.70 87.43
N ILE T 35 23.76 -20.78 88.12
CA ILE T 35 24.04 -20.49 89.52
C ILE T 35 23.20 -21.33 90.47
N LYS T 36 22.30 -22.17 89.95
CA LYS T 36 21.43 -22.97 90.81
C LYS T 36 22.23 -24.11 91.43
N GLY T 37 22.16 -24.23 92.76
CA GLY T 37 22.89 -25.24 93.48
C GLY T 37 24.29 -24.84 93.89
N MET T 38 24.82 -23.75 93.34
CA MET T 38 26.18 -23.34 93.65
C MET T 38 26.19 -22.49 94.92
N HIS T 39 27.31 -22.54 95.64
CA HIS T 39 27.47 -21.81 96.89
C HIS T 39 27.43 -20.30 96.65
N ILE T 40 26.97 -19.56 97.67
CA ILE T 40 26.74 -18.12 97.52
C ILE T 40 28.04 -17.37 97.28
N ARG T 41 29.12 -17.73 97.99
CA ARG T 41 30.41 -17.10 97.73
C ARG T 41 31.02 -17.55 96.41
N LYS T 42 30.72 -18.76 95.97
CA LYS T 42 31.15 -19.19 94.64
C LYS T 42 30.30 -18.54 93.56
N ALA T 43 29.02 -18.29 93.86
CA ALA T 43 28.14 -17.62 92.90
C ALA T 43 28.53 -16.16 92.70
N THR T 44 28.89 -15.45 93.77
CA THR T 44 29.26 -14.05 93.64
C THR T 44 30.56 -13.89 92.86
N LYS T 45 31.50 -14.83 93.01
CA LYS T 45 32.72 -14.80 92.22
C LYS T 45 32.46 -15.16 90.77
N TYR T 46 31.52 -16.09 90.53
CA TYR T 46 31.22 -16.49 89.16
C TYR T 46 30.52 -15.39 88.38
N LEU T 47 29.60 -14.67 89.03
CA LEU T 47 28.84 -13.63 88.33
C LEU T 47 29.73 -12.46 87.93
N LYS T 48 30.74 -12.13 88.74
CA LYS T 48 31.67 -11.09 88.36
C LYS T 48 32.54 -11.53 87.18
N ASP T 49 32.80 -12.83 87.05
CA ASP T 49 33.54 -13.33 85.89
C ASP T 49 32.72 -13.22 84.62
N VAL T 50 31.39 -13.32 84.72
CA VAL T 50 30.53 -13.11 83.56
C VAL T 50 30.59 -11.65 83.12
N THR T 51 30.61 -10.73 84.09
CA THR T 51 30.73 -9.31 83.77
C THR T 51 32.08 -9.00 83.12
N LEU T 52 33.15 -9.63 83.62
CA LEU T 52 34.49 -9.43 83.08
C LEU T 52 34.83 -10.40 81.96
N LYS T 53 33.86 -11.21 81.52
CA LYS T 53 34.03 -12.18 80.43
C LYS T 53 35.12 -13.20 80.73
N LYS T 54 35.26 -13.57 82.00
CA LYS T 54 36.19 -14.63 82.38
C LYS T 54 35.53 -16.00 82.34
N GLN T 55 34.28 -16.10 82.77
CA GLN T 55 33.49 -17.32 82.65
C GLN T 55 32.19 -16.99 81.94
N CYS T 56 31.68 -17.96 81.19
CA CYS T 56 30.53 -17.75 80.32
C CYS T 56 29.29 -18.41 80.91
N VAL T 57 28.15 -18.06 80.33
CA VAL T 57 26.85 -18.64 80.67
C VAL T 57 26.46 -19.60 79.56
N PRO T 58 26.28 -20.89 79.84
CA PRO T 58 25.89 -21.84 78.80
C PRO T 58 24.44 -21.63 78.39
N PHE T 59 24.23 -21.25 77.13
CA PHE T 59 22.89 -21.07 76.58
C PHE T 59 22.44 -22.42 76.03
N ARG T 60 21.50 -23.05 76.73
CA ARG T 60 21.10 -24.42 76.41
C ARG T 60 19.73 -24.49 75.73
N ARG T 61 18.70 -23.92 76.37
CA ARG T 61 17.37 -23.96 75.79
C ARG T 61 17.20 -22.90 74.70
N TYR T 62 17.45 -21.64 75.03
CA TYR T 62 17.36 -20.55 74.06
C TYR T 62 18.69 -20.35 73.36
N ASN T 63 19.12 -21.40 72.66
CA ASN T 63 20.42 -21.43 72.00
C ASN T 63 20.33 -21.14 70.50
N GLY T 64 19.18 -20.69 70.01
CA GLY T 64 19.03 -20.41 68.59
C GLY T 64 19.78 -19.19 68.14
N GLY T 65 20.82 -19.39 67.32
CA GLY T 65 21.60 -18.28 66.81
C GLY T 65 22.66 -17.74 67.76
N VAL T 66 22.88 -18.39 68.90
CA VAL T 66 23.87 -17.94 69.86
C VAL T 66 25.25 -18.38 69.39
N GLY T 67 26.21 -17.45 69.37
CA GLY T 67 27.54 -17.78 68.91
C GLY T 67 28.28 -18.67 69.88
N ARG T 68 29.29 -19.35 69.34
CA ARG T 68 30.09 -20.29 70.13
C ARG T 68 31.20 -19.55 70.87
N CYS T 69 31.63 -20.14 71.98
CA CYS T 69 32.73 -19.60 72.77
C CYS T 69 33.56 -20.76 73.32
N ALA T 70 34.81 -20.45 73.64
CA ALA T 70 35.71 -21.47 74.17
C ALA T 70 35.38 -21.81 75.62
N GLN T 71 34.76 -20.89 76.35
CA GLN T 71 34.48 -21.10 77.77
C GLN T 71 33.27 -21.99 78.02
N ALA T 72 32.52 -22.36 76.98
CA ALA T 72 31.33 -23.18 77.16
C ALA T 72 31.66 -24.64 77.45
N LYS T 73 32.89 -25.08 77.23
CA LYS T 73 33.26 -26.47 77.45
C LYS T 73 33.33 -26.85 78.92
N GLN T 74 33.30 -25.86 79.83
CA GLN T 74 33.25 -26.17 81.25
C GLN T 74 31.95 -26.85 81.64
N TRP T 75 30.84 -26.47 81.00
CA TRP T 75 29.52 -27.00 81.32
C TRP T 75 29.11 -28.17 80.43
N GLY T 76 30.02 -28.66 79.59
CA GLY T 76 29.67 -29.69 78.63
C GLY T 76 28.70 -29.20 77.58
N TRP T 77 28.96 -28.00 77.07
CA TRP T 77 28.08 -27.37 76.11
C TRP T 77 28.93 -26.59 75.10
N THR T 78 28.28 -26.16 74.03
CA THR T 78 28.94 -25.44 72.95
C THR T 78 28.58 -23.97 72.91
N GLN T 79 27.29 -23.63 73.00
CA GLN T 79 26.87 -22.23 73.00
C GLN T 79 27.24 -21.56 74.32
N GLY T 80 27.60 -20.29 74.23
CA GLY T 80 27.96 -19.53 75.42
C GLY T 80 27.84 -18.04 75.18
N ARG T 81 27.58 -17.31 76.24
CA ARG T 81 27.40 -15.86 76.15
C ARG T 81 27.69 -15.28 77.54
N TRP T 82 27.98 -13.97 77.57
CA TRP T 82 28.37 -13.27 78.80
C TRP T 82 27.41 -12.11 79.04
N PRO T 83 26.21 -12.38 79.56
CA PRO T 83 25.24 -11.30 79.78
C PRO T 83 25.65 -10.36 80.89
N LYS T 84 26.07 -9.15 80.53
CA LYS T 84 26.57 -8.19 81.50
C LYS T 84 25.43 -7.63 82.35
N LYS T 85 24.34 -7.19 81.70
CA LYS T 85 23.24 -6.58 82.44
C LYS T 85 22.39 -7.61 83.15
N SER T 86 22.19 -8.79 82.55
CA SER T 86 21.33 -9.80 83.14
C SER T 86 21.91 -10.35 84.44
N ALA T 87 23.24 -10.41 84.56
CA ALA T 87 23.86 -10.93 85.78
C ALA T 87 23.82 -9.91 86.90
N GLU T 88 23.95 -8.62 86.57
CA GLU T 88 24.19 -7.60 87.60
C GLU T 88 22.95 -7.29 88.45
N PHE T 89 21.74 -7.42 87.90
CA PHE T 89 20.55 -7.25 88.74
C PHE T 89 20.43 -8.39 89.75
N LEU T 90 20.62 -9.63 89.31
CA LEU T 90 20.55 -10.74 90.24
C LEU T 90 21.79 -10.84 91.13
N LEU T 91 22.93 -10.33 90.67
CA LEU T 91 24.05 -10.13 91.59
C LEU T 91 23.69 -9.14 92.68
N HIS T 92 22.96 -8.08 92.32
CA HIS T 92 22.42 -7.17 93.33
C HIS T 92 21.37 -7.83 94.18
N MET T 93 20.67 -8.83 93.65
CA MET T 93 19.62 -9.51 94.43
C MET T 93 20.21 -10.51 95.41
N LEU T 94 21.36 -11.12 95.08
CA LEU T 94 22.12 -11.87 96.08
C LEU T 94 22.54 -10.99 97.23
N LYS T 95 22.86 -9.71 96.97
CA LYS T 95 23.14 -8.78 98.05
C LYS T 95 21.91 -8.55 98.91
N ASN T 96 20.73 -8.46 98.30
CA ASN T 96 19.50 -8.27 99.06
C ASN T 96 19.16 -9.51 99.87
N ALA T 97 19.39 -10.70 99.30
CA ALA T 97 19.08 -11.94 100.00
C ALA T 97 20.07 -12.24 101.13
N GLU T 98 21.35 -11.92 100.92
CA GLU T 98 22.35 -12.13 101.97
C GLU T 98 22.08 -11.20 103.14
N SER T 99 21.60 -9.98 102.87
CA SER T 99 21.25 -9.07 103.95
C SER T 99 20.07 -9.59 104.76
N ASN T 100 19.18 -10.36 104.14
CA ASN T 100 18.08 -10.96 104.89
C ASN T 100 18.56 -12.07 105.81
N ALA T 101 19.64 -12.76 105.45
CA ALA T 101 20.24 -13.73 106.36
C ALA T 101 20.88 -13.04 107.56
N GLU T 102 21.36 -11.80 107.38
CA GLU T 102 21.87 -11.02 108.50
C GLU T 102 20.76 -10.70 109.49
N LEU T 103 19.57 -10.35 109.00
CA LEU T 103 18.46 -10.03 109.89
C LEU T 103 17.93 -11.27 110.60
N LYS T 104 17.80 -12.38 109.88
CA LYS T 104 17.27 -13.61 110.45
C LYS T 104 18.28 -14.31 111.35
N GLY T 105 19.56 -13.95 111.25
CA GLY T 105 20.57 -14.55 112.11
C GLY T 105 21.13 -15.84 111.57
N LEU T 106 21.57 -15.82 110.32
CA LEU T 106 22.09 -17.00 109.65
C LEU T 106 23.58 -16.83 109.33
N ASP T 107 24.23 -17.96 109.03
CA ASP T 107 25.66 -17.97 108.75
C ASP T 107 25.93 -17.37 107.38
N VAL T 108 26.98 -16.55 107.29
CA VAL T 108 27.26 -15.81 106.07
C VAL T 108 27.77 -16.72 104.97
N ASP T 109 28.77 -17.56 105.30
CA ASP T 109 29.55 -18.26 104.29
C ASP T 109 29.08 -19.70 104.05
N SER T 110 27.80 -20.01 104.27
CA SER T 110 27.33 -21.37 104.10
C SER T 110 25.95 -21.48 103.47
N LEU T 111 25.51 -20.50 102.68
CA LEU T 111 24.21 -20.54 102.05
C LEU T 111 24.31 -21.20 100.67
N VAL T 112 23.38 -22.10 100.37
CA VAL T 112 23.31 -22.79 99.08
C VAL T 112 21.97 -22.47 98.44
N ILE T 113 22.01 -22.09 97.16
CA ILE T 113 20.79 -21.74 96.42
C ILE T 113 20.09 -23.02 96.00
N GLU T 114 19.03 -23.40 96.72
CA GLU T 114 18.29 -24.61 96.36
C GLU T 114 17.30 -24.37 95.23
N HIS T 115 16.93 -23.12 94.97
CA HIS T 115 15.84 -22.83 94.05
C HIS T 115 16.04 -21.47 93.39
N ILE T 116 15.90 -21.44 92.07
CA ILE T 116 15.82 -20.20 91.30
C ILE T 116 14.74 -20.37 90.24
N GLN T 117 13.90 -19.35 90.08
CA GLN T 117 12.83 -19.37 89.11
C GLN T 117 12.67 -17.99 88.49
N VAL T 118 12.62 -17.94 87.16
CA VAL T 118 12.43 -16.71 86.42
C VAL T 118 11.11 -16.79 85.69
N ASN T 119 10.19 -15.89 85.99
CA ASN T 119 8.87 -15.85 85.37
C ASN T 119 8.73 -14.59 84.52
N LYS T 120 7.91 -14.70 83.48
CA LYS T 120 7.66 -13.57 82.60
C LYS T 120 6.84 -12.50 83.32
N ALA T 121 7.12 -11.26 82.98
CA ALA T 121 6.46 -10.09 83.54
C ALA T 121 5.59 -9.41 82.50
N PRO T 122 4.62 -8.61 82.91
CA PRO T 122 3.80 -7.89 81.93
C PRO T 122 4.64 -6.97 81.06
N LYS T 123 4.43 -7.07 79.76
CA LYS T 123 5.26 -6.40 78.78
C LYS T 123 4.94 -4.91 78.74
N MET T 124 5.96 -4.12 78.38
CA MET T 124 5.79 -2.70 78.11
C MET T 124 5.66 -2.49 76.61
N ARG T 125 4.96 -1.42 76.24
CA ARG T 125 4.55 -1.21 74.85
C ARG T 125 5.33 -0.05 74.24
N ARG T 126 6.17 -0.37 73.26
CA ARG T 126 6.77 0.61 72.36
C ARG T 126 6.54 0.14 70.94
N ARG T 127 6.77 1.03 69.97
CA ARG T 127 6.53 0.72 68.57
C ARG T 127 7.70 1.18 67.71
N THR T 128 7.91 0.48 66.61
CA THR T 128 8.90 0.81 65.61
C THR T 128 8.22 1.10 64.29
N TYR T 129 9.00 1.56 63.32
CA TYR T 129 8.49 1.98 62.02
C TYR T 129 9.20 1.21 60.93
N ARG T 130 8.42 0.53 60.09
CA ARG T 130 8.94 -0.29 59.00
C ARG T 130 8.43 0.26 57.66
N ALA T 131 8.69 -0.50 56.60
CA ALA T 131 8.42 -0.05 55.24
C ALA T 131 6.92 0.05 54.98
N HIS T 132 6.58 0.83 53.95
CA HIS T 132 5.21 1.00 53.45
C HIS T 132 4.26 1.53 54.53
N GLY T 133 4.79 2.40 55.40
CA GLY T 133 3.96 3.00 56.43
C GLY T 133 3.45 2.05 57.47
N ARG T 134 4.10 0.91 57.66
CA ARG T 134 3.64 -0.08 58.62
C ARG T 134 4.31 0.13 59.98
N ILE T 135 3.54 -0.13 61.04
CA ILE T 135 4.01 -0.04 62.40
C ILE T 135 3.81 -1.39 63.06
N ASN T 136 4.89 -1.95 63.60
CA ASN T 136 4.89 -3.26 64.24
C ASN T 136 5.30 -3.12 65.70
N PRO T 137 4.85 -4.03 66.56
CA PRO T 137 5.15 -3.91 67.99
C PRO T 137 6.64 -4.02 68.29
N TYR T 138 7.05 -3.28 69.32
CA TYR T 138 8.41 -3.29 69.86
C TYR T 138 8.28 -3.58 71.36
N MET T 139 8.22 -4.87 71.69
CA MET T 139 7.81 -5.31 73.02
C MET T 139 9.02 -5.66 73.87
N SER T 140 9.09 -5.08 75.06
CA SER T 140 10.06 -5.53 76.05
C SER T 140 9.61 -6.86 76.63
N SER T 141 10.57 -7.59 77.19
CA SER T 141 10.30 -8.88 77.84
C SER T 141 10.88 -8.87 79.24
N PRO T 142 10.24 -8.17 80.17
CA PRO T 142 10.73 -8.15 81.55
C PRO T 142 10.43 -9.47 82.26
N CYS T 143 11.06 -9.65 83.42
CA CYS T 143 11.03 -10.93 84.11
C CYS T 143 10.82 -10.73 85.61
N HIS T 144 10.25 -11.75 86.24
CA HIS T 144 10.10 -11.82 87.69
C HIS T 144 11.09 -12.84 88.23
N ILE T 145 11.86 -12.45 89.25
CA ILE T 145 12.95 -13.26 89.78
C ILE T 145 12.71 -13.47 91.28
N GLU T 146 12.78 -14.73 91.71
CA GLU T 146 12.73 -15.06 93.14
C GLU T 146 13.53 -16.33 93.39
N MET T 147 14.17 -16.39 94.56
CA MET T 147 15.00 -17.52 94.93
C MET T 147 14.93 -17.75 96.44
N ILE T 148 15.39 -18.94 96.85
CA ILE T 148 15.42 -19.34 98.25
C ILE T 148 16.84 -19.77 98.57
N LEU T 149 17.43 -19.18 99.60
CA LEU T 149 18.72 -19.62 100.11
C LEU T 149 18.52 -20.61 101.26
N THR T 150 19.55 -21.41 101.52
CA THR T 150 19.41 -22.51 102.46
C THR T 150 20.73 -22.74 103.21
N GLU T 151 20.64 -22.80 104.54
CA GLU T 151 21.76 -23.19 105.39
C GLU T 151 22.11 -24.65 105.21
N LYS T 152 23.26 -24.94 104.61
CA LYS T 152 23.68 -26.33 104.42
C LYS T 152 25.20 -26.35 104.24
N GLU T 153 25.89 -26.96 105.20
CA GLU T 153 27.34 -27.13 105.11
C GLU T 153 27.78 -28.31 105.97
N GLY U 1 -24.89 -62.18 55.38
CA GLY U 1 -25.99 -61.25 55.35
C GLY U 1 -27.27 -61.84 54.79
N VAL U 2 -28.40 -61.20 55.10
CA VAL U 2 -29.72 -61.65 54.66
C VAL U 2 -30.32 -60.54 53.79
N ASP U 3 -30.82 -60.93 52.62
CA ASP U 3 -31.44 -59.98 51.69
C ASP U 3 -32.91 -59.82 52.04
N ILE U 4 -33.21 -58.90 52.95
CA ILE U 4 -34.57 -58.61 53.38
C ILE U 4 -34.81 -57.11 53.26
N ARG U 5 -35.89 -56.74 52.60
CA ARG U 5 -36.27 -55.34 52.51
C ARG U 5 -36.85 -54.88 53.85
N HIS U 6 -36.16 -53.98 54.52
CA HIS U 6 -36.54 -53.54 55.85
C HIS U 6 -37.43 -52.30 55.83
N ASN U 7 -37.83 -51.82 54.65
CA ASN U 7 -38.66 -50.63 54.57
C ASN U 7 -40.09 -50.87 55.02
N LYS U 8 -40.57 -52.12 54.97
CA LYS U 8 -41.91 -52.47 55.44
C LYS U 8 -41.86 -53.39 56.65
N ASP U 9 -40.73 -53.39 57.38
CA ASP U 9 -40.62 -54.22 58.57
C ASP U 9 -41.50 -53.69 59.70
N ARG U 10 -41.54 -52.38 59.89
CA ARG U 10 -42.32 -51.76 60.95
C ARG U 10 -43.72 -51.45 60.41
N LYS U 11 -44.73 -52.11 60.97
CA LYS U 11 -46.11 -51.79 60.62
C LYS U 11 -46.49 -50.42 61.15
N VAL U 12 -47.36 -49.73 60.40
CA VAL U 12 -47.69 -48.34 60.70
C VAL U 12 -49.08 -48.25 61.32
N ARG U 13 -49.52 -49.31 61.98
CA ARG U 13 -50.79 -49.25 62.69
C ARG U 13 -50.61 -48.54 64.03
N ARG U 14 -51.73 -48.08 64.58
CA ARG U 14 -51.69 -47.36 65.84
C ARG U 14 -51.72 -48.31 67.03
N LYS U 15 -50.99 -47.94 68.08
CA LYS U 15 -50.94 -48.72 69.32
C LYS U 15 -51.60 -48.01 70.49
N GLU U 16 -51.33 -46.72 70.69
CA GLU U 16 -51.83 -45.93 71.79
C GLU U 16 -52.44 -44.64 71.25
N PRO U 17 -53.57 -44.22 71.78
CA PRO U 17 -54.17 -42.96 71.33
C PRO U 17 -53.28 -41.77 71.64
N LYS U 18 -53.28 -40.81 70.71
CA LYS U 18 -52.42 -39.64 70.83
C LYS U 18 -52.99 -38.60 71.79
N SER U 19 -54.23 -38.74 72.21
CA SER U 19 -54.83 -37.81 73.16
C SER U 19 -54.25 -38.03 74.55
N GLN U 20 -54.09 -36.93 75.28
CA GLN U 20 -53.59 -36.97 76.65
C GLN U 20 -54.72 -36.93 77.68
N ASP U 21 -55.97 -37.04 77.25
CA ASP U 21 -57.10 -37.04 78.16
C ASP U 21 -57.19 -38.37 78.92
N ILE U 22 -57.85 -38.32 80.08
CA ILE U 22 -57.90 -39.47 80.96
C ILE U 22 -59.20 -40.28 80.82
N TYR U 23 -60.28 -39.68 80.32
CA TYR U 23 -61.51 -40.44 80.15
C TYR U 23 -61.43 -41.38 78.93
N LEU U 24 -60.80 -40.92 77.85
CA LEU U 24 -60.62 -41.80 76.71
C LEU U 24 -59.68 -42.96 77.03
N ARG U 25 -58.61 -42.70 77.78
CA ARG U 25 -57.68 -43.75 78.15
C ARG U 25 -58.27 -44.76 79.12
N LEU U 26 -59.18 -44.32 80.00
CA LEU U 26 -59.91 -45.28 80.82
C LEU U 26 -60.83 -46.15 79.97
N LEU U 27 -61.45 -45.57 78.95
CA LEU U 27 -62.23 -46.38 78.01
C LEU U 27 -61.32 -47.30 77.20
N VAL U 28 -60.13 -46.83 76.82
CA VAL U 28 -59.15 -47.70 76.19
C VAL U 28 -58.70 -48.79 77.16
N LYS U 29 -58.48 -48.43 78.43
CA LYS U 29 -58.09 -49.41 79.44
C LYS U 29 -59.16 -50.47 79.62
N LEU U 30 -60.43 -50.07 79.60
CA LEU U 30 -61.53 -51.02 79.71
C LEU U 30 -61.56 -51.96 78.52
N TYR U 31 -61.42 -51.41 77.31
CA TYR U 31 -61.53 -52.22 76.09
C TYR U 31 -60.23 -52.88 75.68
N ARG U 32 -59.09 -52.49 76.27
CA ARG U 32 -57.88 -53.27 76.07
C ARG U 32 -58.01 -54.65 76.68
N PHE U 33 -58.60 -54.73 77.89
CA PHE U 33 -58.74 -56.01 78.57
C PHE U 33 -59.75 -56.90 77.87
N LEU U 34 -60.85 -56.33 77.37
CA LEU U 34 -61.88 -57.14 76.72
C LEU U 34 -61.43 -57.65 75.37
N ALA U 35 -60.50 -56.96 74.71
CA ALA U 35 -60.07 -57.38 73.38
C ALA U 35 -59.18 -58.62 73.45
N ARG U 36 -58.26 -58.66 74.41
CA ARG U 36 -57.31 -59.76 74.51
C ARG U 36 -57.78 -60.86 75.46
N ARG U 37 -58.95 -60.74 76.08
CA ARG U 37 -59.52 -61.81 76.88
C ARG U 37 -60.71 -62.48 76.19
N THR U 38 -61.71 -61.68 75.80
CA THR U 38 -62.90 -62.24 75.18
C THR U 38 -62.60 -62.70 73.75
N ASN U 39 -63.39 -63.65 73.28
CA ASN U 39 -63.29 -64.15 71.91
C ASN U 39 -64.08 -63.31 70.92
N SER U 40 -64.78 -62.28 71.39
CA SER U 40 -65.59 -61.44 70.52
C SER U 40 -64.70 -60.50 69.72
N THR U 41 -64.85 -60.53 68.39
CA THR U 41 -64.10 -59.63 67.53
C THR U 41 -64.70 -58.23 67.48
N PHE U 42 -65.90 -58.05 68.06
CA PHE U 42 -66.49 -56.72 68.12
C PHE U 42 -65.67 -55.78 68.99
N ASN U 43 -65.15 -56.28 70.11
CA ASN U 43 -64.34 -55.46 71.00
C ASN U 43 -63.00 -55.07 70.39
N GLN U 44 -62.48 -55.87 69.46
CA GLN U 44 -61.24 -55.51 68.78
C GLN U 44 -61.45 -54.34 67.81
N VAL U 45 -62.60 -54.29 67.14
CA VAL U 45 -62.87 -53.18 66.24
C VAL U 45 -63.09 -51.89 67.02
N VAL U 46 -63.78 -51.98 68.16
CA VAL U 46 -63.98 -50.80 69.02
C VAL U 46 -62.64 -50.31 69.56
N LEU U 47 -61.78 -51.22 70.01
CA LEU U 47 -60.45 -50.84 70.47
C LEU U 47 -59.63 -50.24 69.34
N LYS U 48 -59.74 -50.82 68.14
CA LYS U 48 -59.06 -50.25 66.97
C LYS U 48 -59.61 -48.87 66.64
N ARG U 49 -60.92 -48.68 66.74
CA ARG U 49 -61.54 -47.40 66.43
C ARG U 49 -61.41 -46.38 67.56
N LEU U 50 -61.02 -46.81 68.76
CA LEU U 50 -60.78 -45.87 69.85
C LEU U 50 -59.40 -45.24 69.77
N PHE U 51 -58.58 -45.66 68.81
CA PHE U 51 -57.26 -45.09 68.61
C PHE U 51 -57.22 -44.06 67.49
N MET U 52 -58.33 -43.89 66.76
CA MET U 52 -58.35 -43.05 65.57
C MET U 52 -58.21 -41.57 65.92
N SER U 53 -57.92 -40.78 64.91
CA SER U 53 -57.86 -39.34 65.05
C SER U 53 -59.26 -38.73 64.88
N ARG U 54 -59.35 -37.42 65.12
CA ARG U 54 -60.66 -36.75 65.06
C ARG U 54 -61.18 -36.66 63.63
N THR U 55 -60.29 -36.50 62.65
CA THR U 55 -60.70 -36.53 61.25
C THR U 55 -60.87 -37.94 60.72
N ASN U 56 -60.57 -38.95 61.54
CA ASN U 56 -60.66 -40.36 61.15
C ASN U 56 -61.96 -41.00 61.59
N ARG U 57 -62.55 -40.54 62.70
CA ARG U 57 -63.87 -40.96 63.12
C ARG U 57 -64.88 -39.84 62.86
N PRO U 58 -65.49 -39.78 61.69
CA PRO U 58 -66.35 -38.64 61.34
C PRO U 58 -67.64 -38.66 62.14
N PRO U 59 -68.27 -37.51 62.33
CA PRO U 59 -69.56 -37.47 63.02
C PRO U 59 -70.63 -38.21 62.23
N LEU U 60 -71.50 -38.91 62.98
CA LEU U 60 -72.61 -39.63 62.38
C LEU U 60 -73.88 -38.81 62.54
N SER U 61 -74.52 -38.47 61.43
CA SER U 61 -75.77 -37.73 61.47
C SER U 61 -76.88 -38.60 62.05
N LEU U 62 -77.87 -37.94 62.65
CA LEU U 62 -78.97 -38.66 63.29
C LEU U 62 -79.85 -39.36 62.26
N SER U 63 -80.10 -38.72 61.12
CA SER U 63 -80.96 -39.32 60.11
C SER U 63 -80.33 -40.53 59.42
N ARG U 64 -79.01 -40.54 59.26
CA ARG U 64 -78.35 -41.75 58.76
C ARG U 64 -78.50 -42.90 59.76
N MET U 65 -78.46 -42.60 61.05
CA MET U 65 -78.71 -43.62 62.06
C MET U 65 -80.14 -44.15 61.97
N ILE U 66 -81.10 -43.26 61.74
CA ILE U 66 -82.49 -43.69 61.56
C ILE U 66 -82.62 -44.54 60.30
N ARG U 67 -81.97 -44.11 59.21
CA ARG U 67 -82.02 -44.86 57.96
C ARG U 67 -81.36 -46.22 58.11
N LYS U 68 -80.24 -46.29 58.83
CA LYS U 68 -79.53 -47.56 58.99
C LYS U 68 -80.11 -48.45 60.07
N MET U 69 -80.98 -47.93 60.94
CA MET U 69 -81.59 -48.74 61.99
C MET U 69 -83.04 -49.13 61.70
N LYS U 70 -83.60 -48.67 60.60
CA LYS U 70 -84.93 -49.09 60.18
C LYS U 70 -84.89 -50.32 59.28
N LEU U 71 -83.70 -50.90 59.08
CA LEU U 71 -83.57 -52.10 58.27
C LEU U 71 -84.23 -53.29 58.97
N PRO U 72 -84.79 -54.22 58.20
CA PRO U 72 -85.45 -55.39 58.81
C PRO U 72 -84.45 -56.28 59.52
N GLY U 73 -84.85 -56.79 60.69
CA GLY U 73 -84.01 -57.68 61.46
C GLY U 73 -83.50 -57.04 62.73
N ARG U 74 -83.22 -55.74 62.65
CA ARG U 74 -82.65 -54.99 63.77
C ARG U 74 -83.76 -54.19 64.47
N GLU U 75 -84.61 -54.93 65.17
CA GLU U 75 -85.63 -54.36 66.05
C GLU U 75 -85.32 -54.78 67.48
N GLY U 76 -85.53 -53.87 68.42
CA GLY U 76 -85.05 -54.09 69.77
C GLY U 76 -83.55 -54.20 69.83
N LYS U 77 -82.84 -53.43 69.01
CA LYS U 77 -81.41 -53.57 68.81
C LYS U 77 -80.72 -52.24 69.13
N THR U 78 -79.56 -52.32 69.76
CA THR U 78 -78.80 -51.12 70.11
C THR U 78 -77.80 -50.77 69.01
N ALA U 79 -77.52 -49.49 68.88
CA ALA U 79 -76.54 -48.99 67.93
C ALA U 79 -75.36 -48.41 68.69
N VAL U 80 -74.16 -48.86 68.33
CA VAL U 80 -72.94 -48.38 68.97
C VAL U 80 -72.11 -47.64 67.92
N VAL U 81 -71.74 -46.40 68.24
CA VAL U 81 -70.98 -45.54 67.36
C VAL U 81 -69.72 -45.11 68.09
N VAL U 82 -68.60 -45.06 67.38
CA VAL U 82 -67.34 -44.64 67.97
C VAL U 82 -67.11 -43.14 67.83
N GLY U 83 -67.72 -42.51 66.84
CA GLY U 83 -67.59 -41.07 66.66
C GLY U 83 -68.49 -40.29 67.60
N THR U 84 -69.21 -39.31 67.06
CA THR U 84 -70.16 -38.51 67.83
C THR U 84 -71.51 -38.51 67.15
N ILE U 85 -72.56 -38.36 67.96
CA ILE U 85 -73.93 -38.31 67.48
C ILE U 85 -74.32 -36.85 67.30
N THR U 86 -74.66 -36.47 66.09
CA THR U 86 -75.06 -35.10 65.77
C THR U 86 -76.48 -35.07 65.24
N ASP U 87 -77.18 -34.00 65.59
CA ASP U 87 -78.57 -33.84 65.17
C ASP U 87 -78.66 -33.48 63.69
N ASP U 88 -79.70 -33.99 63.03
CA ASP U 88 -80.02 -33.65 61.66
C ASP U 88 -81.33 -32.85 61.67
N VAL U 89 -81.31 -31.68 61.04
CA VAL U 89 -82.47 -30.80 61.11
C VAL U 89 -83.50 -31.13 60.05
N ARG U 90 -83.15 -31.94 59.06
CA ARG U 90 -84.07 -32.27 57.97
C ARG U 90 -84.76 -33.62 58.18
N VAL U 91 -84.81 -34.11 59.41
CA VAL U 91 -85.60 -35.29 59.76
C VAL U 91 -86.63 -34.86 60.81
N GLN U 92 -87.87 -35.30 60.63
CA GLN U 92 -88.98 -34.87 61.47
C GLN U 92 -89.31 -35.88 62.56
N GLU U 93 -89.61 -37.11 62.18
CA GLU U 93 -89.99 -38.14 63.15
C GLU U 93 -88.77 -38.97 63.53
N VAL U 94 -88.65 -39.26 64.82
CA VAL U 94 -87.57 -40.11 65.32
C VAL U 94 -88.17 -41.21 66.20
N PRO U 95 -87.85 -42.47 65.93
CA PRO U 95 -88.39 -43.57 66.75
C PRO U 95 -87.64 -43.77 68.04
N LYS U 96 -88.01 -44.79 68.81
CA LYS U 96 -87.28 -45.16 70.01
C LYS U 96 -85.93 -45.73 69.63
N LEU U 97 -84.87 -45.26 70.28
CA LEU U 97 -83.51 -45.64 69.92
C LEU U 97 -82.76 -46.11 71.16
N LYS U 98 -81.68 -46.84 70.91
CA LYS U 98 -80.72 -47.23 71.93
C LYS U 98 -79.33 -47.02 71.34
N VAL U 99 -78.68 -45.92 71.72
CA VAL U 99 -77.46 -45.47 71.07
C VAL U 99 -76.34 -45.37 72.09
N CYS U 100 -75.15 -45.84 71.71
CA CYS U 100 -73.95 -45.77 72.54
C CYS U 100 -72.87 -45.02 71.78
N ALA U 101 -72.34 -43.96 72.39
CA ALA U 101 -71.31 -43.15 71.76
C ALA U 101 -70.52 -42.43 72.84
N LEU U 102 -69.32 -41.96 72.46
CA LEU U 102 -68.50 -41.18 73.38
C LEU U 102 -69.15 -39.84 73.70
N ARG U 103 -69.70 -39.17 72.69
CA ARG U 103 -70.27 -37.83 72.89
C ARG U 103 -71.49 -37.67 72.00
N VAL U 104 -72.56 -37.11 72.57
CA VAL U 104 -73.77 -36.77 71.85
C VAL U 104 -74.02 -35.28 72.03
N SER U 105 -74.31 -34.60 70.92
CA SER U 105 -74.59 -33.17 70.98
C SER U 105 -75.88 -32.91 71.76
N SER U 106 -75.96 -31.72 72.35
CA SER U 106 -77.08 -31.40 73.24
C SER U 106 -78.41 -31.34 72.49
N ARG U 107 -78.40 -30.88 71.24
CA ARG U 107 -79.64 -30.83 70.47
C ARG U 107 -80.11 -32.22 70.08
N ALA U 108 -79.17 -33.11 69.74
CA ALA U 108 -79.52 -34.49 69.43
C ALA U 108 -79.85 -35.30 70.66
N ARG U 109 -79.30 -34.94 71.83
CA ARG U 109 -79.57 -35.69 73.04
C ARG U 109 -81.01 -35.50 73.49
N SER U 110 -81.51 -34.26 73.47
CA SER U 110 -82.86 -33.99 73.92
C SER U 110 -83.90 -34.56 72.96
N ARG U 111 -83.54 -34.73 71.69
CA ARG U 111 -84.47 -35.30 70.72
C ARG U 111 -84.68 -36.79 70.93
N ILE U 112 -83.62 -37.52 71.30
CA ILE U 112 -83.74 -38.96 71.50
C ILE U 112 -84.52 -39.25 72.78
N LEU U 113 -84.22 -38.52 73.86
CA LEU U 113 -84.90 -38.75 75.13
C LEU U 113 -86.36 -38.34 75.07
N LYS U 114 -86.71 -37.37 74.22
CA LYS U 114 -88.10 -36.96 74.09
C LYS U 114 -88.94 -38.06 73.46
N ALA U 115 -88.38 -38.80 72.51
CA ALA U 115 -89.08 -39.88 71.82
C ALA U 115 -89.01 -41.20 72.59
N GLY U 116 -88.57 -41.19 73.84
CA GLY U 116 -88.48 -42.41 74.61
C GLY U 116 -87.24 -43.23 74.35
N GLY U 117 -86.19 -42.64 73.79
CA GLY U 117 -84.98 -43.36 73.49
C GLY U 117 -84.10 -43.54 74.71
N LYS U 118 -82.91 -44.09 74.47
CA LYS U 118 -81.96 -44.37 75.54
C LYS U 118 -80.55 -44.15 75.01
N ILE U 119 -79.81 -43.25 75.65
CA ILE U 119 -78.43 -42.96 75.27
C ILE U 119 -77.52 -43.55 76.34
N LEU U 120 -76.65 -44.48 75.92
CA LEU U 120 -75.71 -45.12 76.81
C LEU U 120 -74.28 -44.68 76.48
N THR U 121 -73.39 -44.90 77.44
CA THR U 121 -71.96 -44.68 77.26
C THR U 121 -71.26 -46.04 77.16
N PHE U 122 -69.98 -46.00 76.77
CA PHE U 122 -69.27 -47.23 76.48
C PHE U 122 -68.91 -48.01 77.74
N ASP U 123 -68.88 -47.36 78.90
CA ASP U 123 -68.67 -48.10 80.14
C ASP U 123 -69.93 -48.87 80.54
N GLN U 124 -71.11 -48.31 80.28
CA GLN U 124 -72.35 -49.05 80.49
C GLN U 124 -72.57 -50.11 79.43
N LEU U 125 -71.92 -49.97 78.27
CA LEU U 125 -72.02 -50.98 77.23
C LEU U 125 -71.36 -52.28 77.65
N ALA U 126 -70.23 -52.20 78.35
CA ALA U 126 -69.57 -53.41 78.82
C ALA U 126 -70.39 -54.11 79.90
N LEU U 127 -71.08 -53.35 80.74
CA LEU U 127 -71.94 -53.95 81.74
C LEU U 127 -73.16 -54.60 81.13
N ASP U 128 -73.68 -54.05 80.02
CA ASP U 128 -74.85 -54.61 79.37
C ASP U 128 -74.42 -55.80 78.49
N SER U 129 -73.55 -55.55 77.52
CA SER U 129 -73.09 -56.58 76.60
C SER U 129 -71.57 -56.57 76.56
N PRO U 130 -70.92 -57.32 77.46
CA PRO U 130 -69.44 -57.39 77.41
C PRO U 130 -68.90 -57.99 76.13
N LYS U 131 -69.61 -58.94 75.53
CA LYS U 131 -69.19 -59.51 74.24
C LYS U 131 -69.76 -58.74 73.06
N GLY U 132 -70.59 -57.74 73.29
CA GLY U 132 -71.19 -57.00 72.18
C GLY U 132 -72.26 -57.76 71.44
N CYS U 133 -72.86 -58.77 72.08
CA CYS U 133 -73.94 -59.51 71.44
C CYS U 133 -75.18 -58.62 71.31
N GLY U 134 -75.83 -58.71 70.16
CA GLY U 134 -76.98 -57.86 69.88
C GLY U 134 -76.65 -56.40 69.75
N THR U 135 -75.55 -56.07 69.06
CA THR U 135 -75.16 -54.69 68.82
C THR U 135 -74.92 -54.47 67.32
N VAL U 136 -75.18 -53.25 66.89
CA VAL U 136 -74.94 -52.83 65.50
C VAL U 136 -73.91 -51.71 65.53
N LEU U 137 -72.79 -51.93 64.84
CA LEU U 137 -71.69 -50.99 64.81
C LEU U 137 -71.76 -50.17 63.53
N LEU U 138 -71.90 -48.86 63.67
CA LEU U 138 -72.01 -47.94 62.54
C LEU U 138 -70.90 -46.89 62.64
N SER U 139 -70.76 -46.14 61.55
CA SER U 139 -69.78 -45.05 61.49
C SER U 139 -70.26 -44.02 60.48
N GLY U 140 -69.71 -42.82 60.59
CA GLY U 140 -70.07 -41.73 59.72
C GLY U 140 -69.39 -41.82 58.37
N PRO U 141 -69.70 -40.85 57.51
CA PRO U 141 -69.08 -40.82 56.17
C PRO U 141 -67.60 -40.46 56.26
N ARG U 142 -66.74 -41.42 55.90
CA ARG U 142 -65.31 -41.18 55.94
C ARG U 142 -64.86 -40.21 54.86
N LYS U 143 -65.51 -40.26 53.70
CA LYS U 143 -65.18 -39.40 52.58
C LYS U 143 -66.00 -38.12 52.53
N GLY U 144 -66.79 -37.84 53.57
CA GLY U 144 -67.64 -36.67 53.57
C GLY U 144 -66.95 -35.36 53.85
N ARG U 145 -65.66 -35.38 54.18
CA ARG U 145 -64.95 -34.14 54.45
C ARG U 145 -64.69 -33.37 53.16
N GLU U 146 -64.54 -32.05 53.30
CA GLU U 146 -64.18 -31.19 52.17
C GLU U 146 -62.74 -31.42 51.72
N VAL U 147 -61.92 -32.04 52.58
CA VAL U 147 -60.52 -32.27 52.25
C VAL U 147 -60.37 -33.28 51.12
N TYR U 148 -61.22 -34.32 51.09
CA TYR U 148 -61.06 -35.39 50.12
C TYR U 148 -61.47 -34.99 48.71
N ARG U 149 -62.16 -33.86 48.53
CA ARG U 149 -62.49 -33.39 47.18
C ARG U 149 -61.29 -32.81 46.45
N HIS U 150 -60.21 -32.52 47.16
CA HIS U 150 -58.96 -32.06 46.55
C HIS U 150 -58.00 -33.20 46.25
N PHE U 151 -58.41 -34.45 46.50
CA PHE U 151 -57.53 -35.60 46.36
C PHE U 151 -57.82 -36.34 45.06
N GLY U 152 -57.04 -37.38 44.82
CA GLY U 152 -57.21 -38.18 43.62
C GLY U 152 -56.38 -37.69 42.45
N LYS U 153 -56.92 -37.79 41.25
CA LYS U 153 -56.24 -37.27 40.07
C LYS U 153 -56.16 -35.75 40.12
N ALA U 154 -55.05 -35.22 39.62
CA ALA U 154 -54.82 -33.78 39.66
C ALA U 154 -55.74 -33.05 38.70
N PRO U 155 -56.08 -31.79 39.00
CA PRO U 155 -56.83 -30.98 38.03
C PRO U 155 -55.98 -30.63 36.82
N GLY U 156 -56.65 -30.16 35.77
CA GLY U 156 -55.96 -29.97 34.50
C GLY U 156 -55.53 -31.26 33.88
N THR U 157 -56.34 -32.32 34.02
CA THR U 157 -56.08 -33.65 33.52
C THR U 157 -57.40 -34.16 32.96
N PRO U 158 -57.40 -34.76 31.77
CA PRO U 158 -58.68 -35.19 31.17
C PRO U 158 -59.41 -36.21 32.02
N HIS U 159 -60.73 -36.05 32.08
CA HIS U 159 -61.64 -36.91 32.85
C HIS U 159 -61.26 -36.97 34.32
N SER U 160 -60.96 -35.79 34.89
CA SER U 160 -60.70 -35.63 36.31
C SER U 160 -61.63 -34.57 36.87
N HIS U 161 -62.22 -34.85 38.03
CA HIS U 161 -63.19 -33.93 38.63
C HIS U 161 -62.73 -33.48 40.01
N THR U 162 -61.46 -33.13 40.12
CA THR U 162 -60.90 -32.67 41.39
C THR U 162 -61.10 -31.16 41.53
N LYS U 163 -61.53 -30.74 42.72
CA LYS U 163 -61.66 -29.31 43.00
C LYS U 163 -60.28 -28.69 43.11
N PRO U 164 -59.97 -27.65 42.33
CA PRO U 164 -58.67 -26.99 42.44
C PRO U 164 -58.60 -26.17 43.73
N TYR U 165 -57.37 -25.80 44.07
CA TYR U 165 -57.11 -24.95 45.24
C TYR U 165 -57.13 -23.51 44.79
N VAL U 166 -58.25 -22.83 45.05
CA VAL U 166 -58.51 -21.48 44.59
C VAL U 166 -58.82 -20.60 45.80
N ARG U 167 -58.23 -19.40 45.82
CA ARG U 167 -58.41 -18.50 46.96
C ARG U 167 -59.85 -18.03 47.09
N SER U 168 -60.50 -17.73 45.97
CA SER U 168 -61.91 -17.32 45.99
C SER U 168 -62.50 -17.60 44.62
N LYS U 169 -63.78 -17.95 44.60
CA LYS U 169 -64.46 -18.39 43.39
C LYS U 169 -64.97 -17.17 42.64
N GLY U 170 -64.45 -16.96 41.42
CA GLY U 170 -64.87 -15.86 40.59
C GLY U 170 -64.84 -16.23 39.12
N ARG U 171 -65.23 -15.29 38.26
CA ARG U 171 -65.27 -15.57 36.82
C ARG U 171 -63.89 -15.55 36.18
N LYS U 172 -62.98 -14.70 36.68
CA LYS U 172 -61.72 -14.43 36.00
C LYS U 172 -60.52 -15.04 36.72
N PHE U 173 -60.75 -15.72 37.84
CA PHE U 173 -59.64 -16.34 38.56
C PHE U 173 -59.30 -17.70 38.00
N GLU U 174 -60.28 -18.37 37.40
CA GLU U 174 -60.16 -19.68 36.76
C GLU U 174 -61.05 -19.68 35.52
N ARG U 175 -61.39 -20.88 35.03
CA ARG U 175 -62.18 -21.11 33.81
C ARG U 175 -61.68 -20.23 32.65
N ALA U 176 -60.44 -20.51 32.25
CA ALA U 176 -59.71 -19.77 31.25
C ALA U 176 -58.81 -20.76 30.50
N ARG U 177 -57.75 -20.27 29.85
CA ARG U 177 -56.84 -21.12 29.08
C ARG U 177 -56.35 -22.31 29.89
N GLY U 178 -56.72 -23.52 29.46
CA GLY U 178 -56.61 -24.72 30.24
C GLY U 178 -57.95 -25.31 30.64
N ARG U 179 -59.02 -24.52 30.57
CA ARG U 179 -60.37 -24.97 30.86
C ARG U 179 -61.37 -24.73 29.75
N ARG U 180 -61.05 -23.85 28.79
CA ARG U 180 -61.98 -23.47 27.75
C ARG U 180 -61.49 -23.95 26.39
N ALA U 181 -62.44 -24.41 25.55
CA ALA U 181 -62.10 -24.71 24.18
C ALA U 181 -61.78 -23.46 23.39
N SER U 182 -62.37 -22.32 23.77
CA SER U 182 -62.07 -21.06 23.10
C SER U 182 -60.70 -20.53 23.48
N ARG U 183 -60.25 -20.81 24.70
CA ARG U 183 -58.97 -20.33 25.19
C ARG U 183 -57.99 -21.51 25.23
N GLY U 184 -57.35 -21.75 24.10
CA GLY U 184 -56.27 -22.72 24.04
C GLY U 184 -56.72 -24.17 23.96
N TYR U 185 -57.17 -24.71 25.09
CA TYR U 185 -57.52 -26.12 25.19
C TYR U 185 -58.31 -26.35 26.47
N LYS U 186 -58.96 -27.51 26.53
CA LYS U 186 -59.67 -27.95 27.72
C LYS U 186 -59.47 -29.45 27.89
N ASN U 187 -59.67 -29.92 29.11
CA ASN U 187 -59.52 -31.34 29.42
C ASN U 187 -60.78 -31.91 30.05
N SER V 1 30.14 21.40 87.11
CA SER V 1 28.93 20.61 86.89
C SER V 1 28.31 20.92 85.53
N MET V 2 27.24 21.70 85.53
CA MET V 2 26.54 22.08 84.31
C MET V 2 26.94 23.51 83.97
N LEU V 3 27.83 23.66 82.98
CA LEU V 3 28.29 24.96 82.52
C LEU V 3 27.74 25.31 81.14
N ARG V 4 26.70 24.60 80.70
CA ARG V 4 26.04 24.97 79.44
C ARG V 4 25.38 26.35 79.56
N LEU V 5 24.80 26.64 80.73
CA LEU V 5 24.19 27.95 80.94
C LEU V 5 25.24 29.05 80.95
N GLN V 6 26.39 28.79 81.55
CA GLN V 6 27.41 29.83 81.69
C GLN V 6 28.04 30.19 80.34
N LYS V 7 28.23 29.21 79.46
CA LYS V 7 28.82 29.49 78.15
C LYS V 7 27.89 30.29 77.26
N ARG V 8 26.58 30.03 77.32
CA ARG V 8 25.62 30.78 76.52
C ARG V 8 25.60 32.25 76.93
N LEU V 9 25.63 32.53 78.23
CA LEU V 9 25.68 33.90 78.70
C LEU V 9 27.02 34.56 78.40
N ALA V 10 28.12 33.79 78.46
CA ALA V 10 29.44 34.36 78.19
C ALA V 10 29.60 34.76 76.72
N SER V 11 28.88 34.10 75.82
CA SER V 11 28.92 34.50 74.41
C SER V 11 28.19 35.81 74.18
N SER V 12 27.09 36.05 74.90
CA SER V 12 26.31 37.27 74.70
C SER V 12 26.99 38.49 75.28
N VAL V 13 27.62 38.36 76.45
CA VAL V 13 28.29 39.50 77.07
C VAL V 13 29.54 39.88 76.28
N LEU V 14 30.31 38.88 75.86
CA LEU V 14 31.56 39.14 75.14
C LEU V 14 31.34 39.38 73.65
N ARG V 15 30.11 39.20 73.15
CA ARG V 15 29.75 39.35 71.75
C ARG V 15 30.55 38.42 70.84
N CYS V 16 31.05 37.32 71.37
CA CYS V 16 31.81 36.35 70.61
C CYS V 16 30.98 35.09 70.40
N GLY V 17 31.57 34.08 69.76
CA GLY V 17 30.85 32.90 69.35
C GLY V 17 30.42 31.94 70.44
N LYS V 18 31.18 31.89 71.53
CA LYS V 18 31.35 30.86 72.55
C LYS V 18 32.34 29.78 72.09
N LYS V 19 32.82 29.83 70.84
CA LYS V 19 34.02 29.08 70.50
C LYS V 19 35.24 29.70 71.17
N LYS V 20 35.24 31.02 71.30
CA LYS V 20 36.33 31.76 71.95
C LYS V 20 36.10 31.97 73.43
N VAL V 21 34.99 31.49 73.98
CA VAL V 21 34.76 31.54 75.42
C VAL V 21 35.56 30.41 76.07
N TRP V 22 36.45 30.77 76.99
CA TRP V 22 37.27 29.80 77.71
C TRP V 22 36.90 29.87 79.19
N LEU V 23 36.25 28.82 79.68
CA LEU V 23 35.96 28.69 81.10
C LEU V 23 37.16 28.08 81.81
N ASP V 24 37.32 28.46 83.08
CA ASP V 24 38.46 27.97 83.84
C ASP V 24 38.18 26.56 84.33
N PRO V 25 38.98 25.57 83.95
CA PRO V 25 38.66 24.17 84.32
C PRO V 25 39.08 23.79 85.73
N ASN V 26 40.15 24.42 86.24
CA ASN V 26 40.69 24.00 87.53
C ASN V 26 39.84 24.51 88.67
N GLU V 27 39.64 25.82 88.75
CA GLU V 27 38.71 26.40 89.72
C GLU V 27 37.36 26.63 89.04
N THR V 28 36.56 25.56 89.06
CA THR V 28 35.28 25.52 88.36
C THR V 28 34.09 25.82 89.26
N ASN V 29 34.19 25.50 90.55
CA ASN V 29 33.02 25.44 91.42
C ASN V 29 32.36 26.79 91.65
N GLU V 30 33.07 27.91 91.46
CA GLU V 30 32.47 29.22 91.61
C GLU V 30 32.04 29.82 90.27
N ILE V 31 32.04 29.00 89.20
CA ILE V 31 31.49 29.44 87.93
C ILE V 31 30.04 28.97 87.80
N ALA V 32 29.73 27.79 88.34
CA ALA V 32 28.39 27.21 88.17
C ALA V 32 27.33 27.98 88.94
N ASN V 33 27.68 28.60 90.06
CA ASN V 33 26.72 29.35 90.85
C ASN V 33 26.42 30.72 90.26
N ALA V 34 27.21 31.16 89.26
CA ALA V 34 26.91 32.38 88.51
C ALA V 34 25.99 32.00 87.37
N ASN V 35 24.68 32.10 87.61
CA ASN V 35 23.67 31.63 86.68
C ASN V 35 23.04 32.76 85.88
N SER V 36 23.76 33.88 85.74
CA SER V 36 23.24 35.03 85.01
C SER V 36 24.41 35.90 84.59
N ARG V 37 24.15 36.78 83.62
CA ARG V 37 25.12 37.80 83.28
C ARG V 37 25.16 38.86 84.37
N GLN V 38 26.30 39.55 84.46
CA GLN V 38 26.77 40.46 85.50
C GLN V 38 27.20 39.67 86.75
N GLN V 39 26.83 38.39 86.86
CA GLN V 39 27.51 37.51 87.79
C GLN V 39 28.75 36.90 87.16
N ILE V 40 28.76 36.83 85.82
CA ILE V 40 29.96 36.41 85.08
C ILE V 40 30.73 37.60 84.53
N ARG V 41 30.10 38.76 84.37
CA ARG V 41 30.84 39.96 84.00
C ARG V 41 31.79 40.39 85.12
N LYS V 42 31.42 40.10 86.37
CA LYS V 42 32.37 40.25 87.47
C LYS V 42 33.54 39.28 87.31
N LEU V 43 33.25 38.06 86.84
CA LEU V 43 34.30 37.08 86.58
C LEU V 43 35.20 37.49 85.41
N ILE V 44 34.69 38.31 84.49
CA ILE V 44 35.55 38.88 83.47
C ILE V 44 36.59 39.81 84.09
N LYS V 45 36.16 40.63 85.04
CA LYS V 45 37.09 41.46 85.80
C LYS V 45 37.95 40.61 86.73
N ASP V 46 37.49 39.43 87.13
CA ASP V 46 38.24 38.55 87.99
C ASP V 46 39.19 37.64 87.24
N GLY V 47 39.14 37.63 85.91
CA GLY V 47 40.05 36.82 85.13
C GLY V 47 39.72 35.35 85.05
N LEU V 48 38.50 34.95 85.43
CA LEU V 48 38.13 33.54 85.30
C LEU V 48 37.80 33.15 83.87
N ILE V 49 37.18 34.04 83.10
CA ILE V 49 36.80 33.76 81.72
C ILE V 49 37.54 34.74 80.82
N ILE V 50 38.26 34.19 79.83
CA ILE V 50 39.05 34.98 78.88
C ILE V 50 38.58 34.66 77.47
N ARG V 51 38.38 35.69 76.66
CA ARG V 51 38.09 35.50 75.25
C ARG V 51 39.31 34.93 74.54
N LYS V 52 39.14 33.76 73.93
CA LYS V 52 40.25 33.15 73.21
C LYS V 52 40.58 33.94 71.95
N PRO V 53 41.85 34.02 71.58
CA PRO V 53 42.26 34.76 70.38
C PRO V 53 41.80 34.04 69.12
N VAL V 54 41.73 34.83 68.04
CA VAL V 54 41.30 34.30 66.75
C VAL V 54 42.40 33.39 66.18
N THR V 55 41.97 32.25 65.64
CA THR V 55 42.91 31.35 64.97
C THR V 55 43.53 32.04 63.77
N VAL V 56 44.86 31.93 63.65
CA VAL V 56 45.60 32.69 62.66
C VAL V 56 45.37 32.11 61.28
N HIS V 57 45.07 32.99 60.32
CA HIS V 57 44.97 32.63 58.90
C HIS V 57 45.88 33.61 58.16
N SER V 58 47.12 33.19 57.92
CA SER V 58 48.16 34.09 57.44
C SER V 58 47.93 34.48 55.99
N ARG V 59 48.02 35.79 55.72
CA ARG V 59 47.96 36.33 54.37
C ARG V 59 49.34 36.41 53.71
N ALA V 60 50.41 36.14 54.47
CA ALA V 60 51.76 36.34 53.97
C ALA V 60 52.16 35.33 52.90
N ARG V 61 51.69 34.08 53.01
CA ARG V 61 52.05 33.06 52.03
C ARG V 61 51.51 33.41 50.65
N CYS V 62 50.27 33.89 50.57
CA CYS V 62 49.76 34.38 49.30
C CYS V 62 50.45 35.68 48.90
N ARG V 63 50.76 36.53 49.88
CA ARG V 63 51.45 37.78 49.58
C ARG V 63 52.84 37.53 49.01
N LYS V 64 53.49 36.44 49.42
CA LYS V 64 54.72 36.02 48.76
C LYS V 64 54.44 35.55 47.34
N ASN V 65 53.30 34.87 47.13
CA ASN V 65 52.96 34.37 45.81
C ASN V 65 52.49 35.47 44.88
N THR V 66 51.76 36.47 45.39
CA THR V 66 51.28 37.56 44.55
C THR V 66 52.41 38.46 44.07
N LEU V 67 53.50 38.56 44.83
CA LEU V 67 54.68 39.29 44.35
C LEU V 67 55.34 38.60 43.17
N ALA V 68 55.25 37.27 43.10
CA ALA V 68 55.70 36.56 41.91
C ALA V 68 54.74 36.78 40.74
N ARG V 69 53.46 36.98 41.05
CA ARG V 69 52.48 37.27 39.99
C ARG V 69 52.72 38.62 39.36
N ARG V 70 53.22 39.59 40.14
CA ARG V 70 53.59 40.89 39.57
C ARG V 70 54.75 40.76 38.59
N LYS V 71 55.64 39.80 38.82
CA LYS V 71 56.78 39.56 37.95
C LYS V 71 56.47 38.54 36.86
N GLY V 72 55.23 38.07 36.76
CA GLY V 72 54.82 37.14 35.72
C GLY V 72 55.05 35.68 36.04
N ARG V 73 55.45 35.35 37.27
CA ARG V 73 55.74 33.98 37.62
C ARG V 73 54.46 33.23 37.98
N HIS V 74 54.50 31.90 37.80
CA HIS V 74 53.33 31.02 37.91
C HIS V 74 52.21 31.41 36.96
N MET V 75 52.54 32.06 35.84
CA MET V 75 51.55 32.50 34.88
C MET V 75 51.94 32.15 33.45
N GLY V 76 52.41 30.92 33.24
CA GLY V 76 52.66 30.44 31.90
C GLY V 76 51.40 29.91 31.26
N ILE V 77 51.58 29.14 30.20
CA ILE V 77 50.44 28.55 29.50
C ILE V 77 49.77 27.49 30.38
N GLY V 78 50.57 26.75 31.15
CA GLY V 78 50.08 25.63 31.93
C GLY V 78 49.47 25.99 33.27
N LYS V 79 49.23 27.27 33.51
CA LYS V 79 48.50 27.72 34.69
C LYS V 79 47.45 28.74 34.27
N ARG V 80 46.78 28.49 33.15
CA ARG V 80 45.79 29.39 32.58
C ARG V 80 44.57 28.57 32.20
N LYS V 81 43.51 28.67 33.00
CA LYS V 81 42.28 27.92 32.76
C LYS V 81 41.28 28.68 31.90
N GLY V 82 41.19 29.99 32.03
CA GLY V 82 40.28 30.78 31.23
C GLY V 82 40.88 31.21 29.92
N THR V 83 40.00 31.69 29.04
CA THR V 83 40.42 32.20 27.75
C THR V 83 41.01 33.60 27.91
N ALA V 84 41.51 34.16 26.81
CA ALA V 84 41.96 35.55 26.83
C ALA V 84 40.81 36.50 27.11
N ASN V 85 39.64 36.24 26.53
CA ASN V 85 38.46 37.07 26.80
C ASN V 85 37.94 36.84 28.21
N ALA V 86 38.24 35.68 28.82
CA ALA V 86 37.77 35.42 30.17
C ALA V 86 38.58 36.19 31.20
N ARG V 87 39.90 36.22 31.06
CA ARG V 87 40.76 36.84 32.07
C ARG V 87 40.79 38.35 31.92
N MET V 88 41.30 38.84 30.80
CA MET V 88 41.29 40.26 30.47
C MET V 88 40.52 40.42 29.16
N PRO V 89 39.23 40.72 29.22
CA PRO V 89 38.38 40.63 28.03
C PRO V 89 38.79 41.61 26.93
N GLU V 90 38.44 41.26 25.69
CA GLU V 90 38.71 42.12 24.55
C GLU V 90 37.98 43.45 24.64
N LYS V 91 36.92 43.53 25.43
CA LYS V 91 36.21 44.79 25.60
C LYS V 91 37.00 45.79 26.44
N VAL V 92 37.58 45.33 27.56
CA VAL V 92 38.23 46.27 28.46
C VAL V 92 39.53 46.80 27.85
N THR V 93 40.20 46.01 27.02
CA THR V 93 41.35 46.53 26.28
C THR V 93 40.92 47.64 25.33
N TRP V 94 39.74 47.52 24.74
CA TRP V 94 39.18 48.62 23.97
C TRP V 94 38.59 49.68 24.90
N MET V 95 38.00 49.27 26.02
CA MET V 95 37.38 50.21 26.94
C MET V 95 38.42 51.15 27.54
N ARG V 96 39.58 50.60 27.92
CA ARG V 96 40.65 51.44 28.45
C ARG V 96 41.21 52.36 27.38
N ARG V 97 41.54 51.81 26.21
CA ARG V 97 42.31 52.54 25.21
C ARG V 97 41.60 53.79 24.73
N MET V 98 40.26 53.78 24.72
CA MET V 98 39.52 54.97 24.37
C MET V 98 39.47 56.03 25.48
N ARG V 99 39.91 55.73 26.71
CA ARG V 99 40.14 56.83 27.63
C ARG V 99 41.48 57.50 27.42
N ILE V 100 42.56 56.72 27.23
CA ILE V 100 43.88 57.33 27.15
C ILE V 100 44.05 58.09 25.83
N LEU V 101 43.62 57.49 24.72
CA LEU V 101 43.84 58.13 23.42
C LEU V 101 42.93 59.35 23.23
N ARG V 102 41.64 59.22 23.54
CA ARG V 102 40.74 60.36 23.38
C ARG V 102 41.00 61.48 24.38
N ARG V 103 41.54 61.17 25.57
CA ARG V 103 41.99 62.23 26.45
C ARG V 103 43.24 62.91 25.93
N LEU V 104 44.14 62.16 25.29
CA LEU V 104 45.37 62.74 24.77
C LEU V 104 45.07 63.75 23.64
N LEU V 105 44.11 63.44 22.78
CA LEU V 105 43.73 64.37 21.72
C LEU V 105 43.05 65.62 22.27
N ARG V 106 42.21 65.49 23.29
CA ARG V 106 41.52 66.67 23.81
C ARG V 106 42.44 67.54 24.65
N ARG V 107 43.40 66.95 25.38
CA ARG V 107 44.35 67.77 26.12
C ARG V 107 45.26 68.55 25.18
N TYR V 108 45.53 68.00 24.00
CA TYR V 108 46.30 68.71 22.99
C TYR V 108 45.50 69.77 22.24
N ARG V 109 44.18 69.87 22.51
CA ARG V 109 43.36 70.81 21.78
C ARG V 109 43.41 72.22 22.37
N GLU V 110 43.28 72.35 23.69
CA GLU V 110 43.40 73.64 24.34
C GLU V 110 44.86 74.08 24.52
N SER V 111 45.82 73.18 24.30
CA SER V 111 47.23 73.55 24.31
C SER V 111 47.70 73.99 22.93
N LYS V 112 46.79 74.06 21.95
CA LYS V 112 47.07 74.58 20.60
C LYS V 112 48.13 73.76 19.87
N LYS V 113 48.30 72.48 20.24
CA LYS V 113 49.16 71.60 19.46
C LYS V 113 48.46 71.16 18.18
N ILE V 114 47.18 70.82 18.25
CA ILE V 114 46.39 70.41 17.09
C ILE V 114 45.12 71.24 17.05
N ASP V 115 44.83 71.76 15.86
CA ASP V 115 43.63 72.57 15.65
C ASP V 115 42.40 71.69 15.59
N ARG V 116 41.24 72.30 15.34
CA ARG V 116 39.98 71.56 15.35
C ARG V 116 39.87 70.64 14.14
N HIS V 117 40.40 71.07 12.99
CA HIS V 117 40.18 70.34 11.75
C HIS V 117 40.93 69.01 11.70
N MET V 118 42.20 69.00 12.10
CA MET V 118 42.99 67.78 12.09
C MET V 118 42.65 66.86 13.26
N TYR V 119 42.25 67.43 14.40
CA TYR V 119 41.82 66.62 15.54
C TYR V 119 40.57 65.82 15.23
N HIS V 120 39.61 66.43 14.53
CA HIS V 120 38.40 65.71 14.16
C HIS V 120 38.70 64.58 13.17
N SER V 121 39.61 64.82 12.23
CA SER V 121 40.02 63.75 11.33
C SER V 121 40.78 62.66 12.07
N LEU V 122 41.58 63.03 13.08
CA LEU V 122 42.25 62.03 13.90
C LEU V 122 41.28 61.34 14.85
N TYR V 123 40.19 62.02 15.23
CA TYR V 123 39.20 61.43 16.12
C TYR V 123 38.50 60.26 15.45
N LEU V 124 38.26 60.36 14.14
CA LEU V 124 37.71 59.22 13.40
C LEU V 124 38.76 58.14 13.17
N LYS V 125 40.03 58.54 13.01
CA LYS V 125 41.09 57.56 12.81
C LYS V 125 41.35 56.72 14.05
N VAL V 126 41.35 57.35 15.23
CA VAL V 126 41.56 56.60 16.46
C VAL V 126 40.37 55.68 16.73
N LYS V 127 39.17 56.09 16.30
CA LYS V 127 38.01 55.21 16.40
C LYS V 127 38.17 53.96 15.56
N GLY V 128 38.85 54.07 14.42
CA GLY V 128 39.12 52.91 13.57
C GLY V 128 40.47 52.27 13.86
N ASN V 129 40.85 52.30 15.14
CA ASN V 129 42.04 51.65 15.73
C ASN V 129 43.26 51.62 14.81
N VAL V 130 43.55 52.77 14.21
CA VAL V 130 44.78 52.92 13.45
C VAL V 130 45.99 52.87 14.38
N PHE V 131 45.86 53.50 15.56
CA PHE V 131 46.92 53.54 16.55
C PHE V 131 46.58 52.57 17.67
N LYS V 132 47.46 51.61 17.91
CA LYS V 132 47.22 50.57 18.90
C LYS V 132 47.65 50.97 20.31
N ASN V 133 48.36 52.07 20.48
CA ASN V 133 48.77 52.54 21.79
C ASN V 133 49.06 54.03 21.72
N LYS V 134 49.51 54.59 22.84
CA LYS V 134 49.80 56.02 22.89
C LYS V 134 51.11 56.37 22.18
N ARG V 135 52.08 55.45 22.16
CA ARG V 135 53.40 55.79 21.63
C ARG V 135 53.36 56.03 20.12
N ILE V 136 52.78 55.10 19.36
CA ILE V 136 52.81 55.23 17.90
C ILE V 136 51.89 56.33 17.40
N LEU V 137 50.98 56.83 18.23
CA LEU V 137 50.23 58.02 17.89
C LEU V 137 51.11 59.26 17.91
N MET V 138 52.17 59.27 18.71
CA MET V 138 53.02 60.44 18.83
C MET V 138 53.76 60.74 17.53
N GLU V 139 54.31 59.72 16.87
CA GLU V 139 54.97 59.96 15.58
C GLU V 139 53.97 60.38 14.51
N HIS V 140 52.74 59.87 14.57
CA HIS V 140 51.70 60.32 13.65
C HIS V 140 51.33 61.78 13.87
N ILE V 141 51.41 62.27 15.10
CA ILE V 141 51.29 63.70 15.34
C ILE V 141 52.49 64.44 14.75
N HIS V 142 53.70 63.94 15.01
CA HIS V 142 54.91 64.62 14.58
C HIS V 142 55.09 64.57 13.07
N LYS V 143 54.79 63.43 12.44
CA LYS V 143 54.86 63.34 10.99
C LYS V 143 53.83 64.25 10.32
N LEU V 144 52.65 64.39 10.94
CA LEU V 144 51.67 65.34 10.43
C LEU V 144 52.01 66.78 10.78
N LYS V 145 52.72 67.00 11.90
CA LYS V 145 53.11 68.34 12.27
C LYS V 145 54.30 68.83 11.46
N ALA V 146 55.23 67.93 11.14
CA ALA V 146 56.46 68.35 10.46
C ALA V 146 56.20 68.76 9.02
N ASP V 147 55.45 67.94 8.27
CA ASP V 147 55.25 68.25 6.85
C ASP V 147 54.29 69.41 6.64
N LYS V 148 53.30 69.55 7.52
CA LYS V 148 52.36 70.67 7.41
C LYS V 148 53.08 72.01 7.59
N ALA V 149 54.02 72.08 8.53
CA ALA V 149 54.86 73.26 8.64
C ALA V 149 55.86 73.33 7.48
N ARG V 150 56.34 72.17 7.02
CA ARG V 150 57.27 72.15 5.89
C ARG V 150 56.59 72.54 4.59
N LYS V 151 55.38 72.03 4.35
CA LYS V 151 54.63 72.43 3.17
C LYS V 151 54.13 73.86 3.26
N LYS V 152 54.03 74.43 4.46
CA LYS V 152 53.78 75.86 4.59
C LYS V 152 55.08 76.65 4.45
N LEU V 153 56.21 76.06 4.83
CA LEU V 153 57.50 76.69 4.58
C LEU V 153 57.83 76.69 3.09
N LEU V 154 57.25 75.76 2.33
CA LEU V 154 57.37 75.76 0.88
C LEU V 154 56.25 76.53 0.20
N ALA V 155 55.26 77.00 0.95
CA ALA V 155 54.13 77.73 0.37
C ALA V 155 54.35 79.23 0.37
N ASP V 156 54.92 79.79 1.44
CA ASP V 156 55.18 81.22 1.48
C ASP V 156 56.26 81.63 0.48
N GLN V 157 57.27 80.77 0.30
CA GLN V 157 58.25 81.00 -0.76
C GLN V 157 57.61 80.87 -2.13
N ALA V 158 56.68 79.92 -2.28
CA ALA V 158 55.92 79.80 -3.52
C ALA V 158 55.03 81.02 -3.74
N GLU V 159 54.42 81.54 -2.67
CA GLU V 159 53.63 82.76 -2.78
C GLU V 159 54.50 83.99 -3.05
N ALA V 160 55.75 83.97 -2.61
CA ALA V 160 56.67 85.07 -2.85
C ALA V 160 57.07 85.21 -4.32
N ARG V 161 56.88 84.17 -5.12
CA ARG V 161 57.16 84.24 -6.55
C ARG V 161 55.98 84.77 -7.35
N ARG V 162 54.78 84.80 -6.76
CA ARG V 162 53.59 85.32 -7.43
C ARG V 162 53.15 86.67 -6.87
N SER V 163 53.23 86.85 -5.54
CA SER V 163 52.83 88.12 -4.94
C SER V 163 53.81 89.24 -5.28
N LYS V 164 55.10 88.93 -5.39
CA LYS V 164 56.07 89.94 -5.82
C LYS V 164 55.86 90.33 -7.26
N THR V 165 55.49 89.38 -8.12
CA THR V 165 55.16 89.70 -9.50
C THR V 165 53.91 90.57 -9.57
N LYS V 166 52.91 90.28 -8.72
CA LYS V 166 51.70 91.10 -8.67
C LYS V 166 52.02 92.51 -8.18
N GLU V 167 52.90 92.64 -7.19
CA GLU V 167 53.34 93.97 -6.76
C GLU V 167 54.16 94.66 -7.83
N ALA V 168 54.99 93.90 -8.57
CA ALA V 168 55.70 94.47 -9.70
C ALA V 168 54.75 94.80 -10.84
N ARG V 169 53.65 94.06 -10.97
CA ARG V 169 52.62 94.39 -11.95
C ARG V 169 51.92 95.69 -11.59
N LYS V 170 51.69 95.94 -10.30
CA LYS V 170 51.02 97.17 -9.89
C LYS V 170 51.91 98.39 -10.14
N ARG V 171 53.21 98.26 -9.86
CA ARG V 171 54.11 99.39 -9.99
C ARG V 171 54.41 99.76 -11.44
N ARG V 172 54.63 98.76 -12.30
CA ARG V 172 55.01 99.03 -13.69
C ARG V 172 53.83 99.45 -14.54
N GLU V 173 52.65 98.85 -14.33
CA GLU V 173 51.50 99.16 -15.17
C GLU V 173 50.94 100.55 -14.89
N GLU V 174 50.88 100.96 -13.62
CA GLU V 174 50.34 102.27 -13.27
C GLU V 174 51.24 103.42 -13.73
N ARG V 175 52.51 103.14 -14.06
CA ARG V 175 53.36 104.15 -14.65
C ARG V 175 52.96 104.48 -16.09
N LEU V 176 52.32 103.53 -16.78
CA LEU V 176 51.92 103.72 -18.17
C LEU V 176 50.74 104.68 -18.31
N GLN V 177 49.74 104.57 -17.45
CA GLN V 177 48.62 105.50 -17.45
C GLN V 177 48.97 106.85 -16.85
N ALA V 178 50.07 106.94 -16.12
CA ALA V 178 50.54 108.25 -15.66
C ALA V 178 51.16 109.04 -16.79
N LYS V 179 51.69 108.37 -17.81
CA LYS V 179 52.25 109.01 -19.00
C LYS V 179 51.26 109.03 -20.16
N LYS V 180 50.01 108.64 -19.91
CA LYS V 180 48.94 108.60 -20.91
C LYS V 180 49.32 107.75 -22.13
N LYS W 1 -12.00 -79.14 33.63
CA LYS W 1 -11.97 -80.49 34.17
C LYS W 1 -10.82 -80.65 35.16
N ALA W 2 -11.14 -81.11 36.36
CA ALA W 2 -10.14 -81.41 37.37
C ALA W 2 -9.80 -82.89 37.31
N SER W 3 -8.92 -83.33 38.20
CA SER W 3 -8.47 -84.72 38.17
C SER W 3 -8.05 -85.12 39.59
N GLY W 4 -7.41 -86.27 39.70
CA GLY W 4 -7.01 -86.88 40.95
C GLY W 4 -6.50 -88.26 40.65
N THR W 5 -6.98 -89.26 41.39
CA THR W 5 -6.87 -90.64 40.92
C THR W 5 -8.05 -90.93 39.99
N LEU W 6 -7.78 -91.60 38.89
CA LEU W 6 -8.78 -91.81 37.86
C LEU W 6 -9.33 -93.22 37.92
N ARG W 7 -10.59 -93.35 37.51
CA ARG W 7 -11.29 -94.63 37.45
C ARG W 7 -11.92 -94.77 36.07
N GLU W 8 -11.85 -95.99 35.53
CA GLU W 8 -12.45 -96.28 34.24
C GLU W 8 -13.90 -96.68 34.46
N TYR W 9 -14.81 -95.96 33.81
CA TYR W 9 -16.25 -96.17 33.98
C TYR W 9 -16.87 -96.65 32.68
N LYS W 10 -17.67 -97.70 32.77
CA LYS W 10 -18.44 -98.20 31.64
C LYS W 10 -19.85 -97.62 31.73
N VAL W 11 -20.16 -96.67 30.86
CA VAL W 11 -21.44 -95.97 30.87
C VAL W 11 -22.20 -96.33 29.61
N VAL W 12 -23.45 -96.76 29.77
CA VAL W 12 -24.31 -97.07 28.64
C VAL W 12 -25.53 -96.16 28.70
N GLY W 13 -25.97 -95.72 27.53
CA GLY W 13 -27.10 -94.81 27.44
C GLY W 13 -27.79 -94.93 26.11
N ARG W 14 -28.98 -94.34 26.03
CA ARG W 14 -29.80 -94.40 24.83
C ARG W 14 -30.73 -93.19 24.83
N CYS W 15 -31.63 -93.17 23.85
CA CYS W 15 -32.64 -92.14 23.75
C CYS W 15 -33.92 -92.57 24.47
N LEU W 16 -34.80 -91.59 24.70
CA LEU W 16 -36.13 -91.92 25.20
C LEU W 16 -36.95 -92.62 24.12
N PRO W 17 -37.85 -93.53 24.50
CA PRO W 17 -38.61 -94.27 23.49
C PRO W 17 -39.64 -93.36 22.81
N THR W 18 -39.34 -92.97 21.58
CA THR W 18 -40.23 -92.19 20.76
C THR W 18 -41.10 -93.12 19.91
N PRO W 19 -42.29 -92.67 19.49
CA PRO W 19 -43.15 -93.54 18.67
C PRO W 19 -42.53 -93.97 17.35
N LYS W 20 -41.69 -93.14 16.72
CA LYS W 20 -41.13 -93.52 15.42
C LYS W 20 -40.01 -94.53 15.54
N CYS W 21 -39.37 -94.64 16.71
CA CYS W 21 -38.46 -95.75 16.99
C CYS W 21 -38.48 -95.98 18.50
N ARG W 22 -39.20 -97.01 18.93
CA ARG W 22 -39.44 -97.23 20.34
C ARG W 22 -38.35 -98.04 21.03
N THR W 23 -37.41 -98.61 20.27
CA THR W 23 -36.30 -99.38 20.81
C THR W 23 -35.00 -98.79 20.27
N PRO W 24 -34.52 -97.69 20.84
CA PRO W 24 -33.28 -97.10 20.36
C PRO W 24 -32.09 -97.99 20.67
N PRO W 25 -31.04 -97.94 19.85
CA PRO W 25 -29.86 -98.76 20.13
C PRO W 25 -29.14 -98.32 21.39
N LEU W 26 -28.48 -99.29 22.03
CA LEU W 26 -27.78 -99.06 23.28
C LEU W 26 -26.32 -98.71 22.99
N TYR W 27 -25.85 -97.61 23.57
CA TYR W 27 -24.55 -97.03 23.24
C TYR W 27 -23.62 -97.16 24.44
N ARG W 28 -22.50 -97.84 24.25
CA ARG W 28 -21.55 -98.13 25.31
C ARG W 28 -20.24 -97.39 25.07
N MET W 29 -19.71 -96.77 26.11
CA MET W 29 -18.42 -96.08 26.05
C MET W 29 -17.65 -96.30 27.33
N ARG W 30 -16.33 -96.16 27.24
CA ARG W 30 -15.42 -96.26 28.39
C ARG W 30 -14.98 -94.86 28.75
N ILE W 31 -15.39 -94.39 29.92
CA ILE W 31 -15.17 -93.02 30.37
C ILE W 31 -14.23 -93.03 31.57
N PHE W 32 -13.18 -92.22 31.51
CA PHE W 32 -12.24 -92.07 32.61
C PHE W 32 -12.61 -90.82 33.40
N ALA W 33 -12.90 -90.99 34.69
CA ALA W 33 -13.39 -89.90 35.52
C ALA W 33 -13.01 -90.19 36.97
N PRO W 34 -12.86 -89.14 37.80
CA PRO W 34 -12.58 -89.37 39.22
C PRO W 34 -13.71 -90.08 39.95
N ASN W 35 -14.95 -89.65 39.69
CA ASN W 35 -16.12 -90.25 40.30
C ASN W 35 -17.19 -90.49 39.24
N HIS W 36 -18.23 -91.22 39.62
CA HIS W 36 -19.30 -91.58 38.71
C HIS W 36 -20.24 -90.41 38.40
N VAL W 37 -20.20 -89.34 39.20
CA VAL W 37 -21.08 -88.21 38.95
C VAL W 37 -20.66 -87.47 37.68
N VAL W 38 -19.36 -87.21 37.51
CA VAL W 38 -18.88 -86.54 36.32
C VAL W 38 -18.63 -87.52 35.16
N ALA W 39 -18.61 -88.82 35.43
CA ALA W 39 -18.54 -89.80 34.35
C ALA W 39 -19.80 -89.76 33.49
N LYS W 40 -20.96 -89.60 34.14
CA LYS W 40 -22.21 -89.43 33.40
C LYS W 40 -22.21 -88.11 32.64
N SER W 41 -21.67 -87.04 33.24
CA SER W 41 -21.58 -85.75 32.57
C SER W 41 -20.62 -85.79 31.39
N ARG W 42 -19.50 -86.50 31.52
CA ARG W 42 -18.58 -86.66 30.40
C ARG W 42 -19.08 -87.62 29.35
N PHE W 43 -20.01 -88.52 29.71
CA PHE W 43 -20.60 -89.40 28.71
C PHE W 43 -21.45 -88.62 27.73
N TRP W 44 -22.25 -87.67 28.22
CA TRP W 44 -23.05 -86.82 27.34
C TRP W 44 -22.20 -85.85 26.54
N TYR W 45 -20.97 -85.55 26.99
CA TYR W 45 -20.10 -84.71 26.18
C TYR W 45 -19.58 -85.44 24.96
N PHE W 46 -19.11 -86.69 25.14
CA PHE W 46 -18.49 -87.42 24.03
C PHE W 46 -19.51 -87.88 23.01
N VAL W 47 -20.72 -88.21 23.47
CA VAL W 47 -21.79 -88.61 22.55
C VAL W 47 -22.21 -87.42 21.67
N SER W 48 -22.14 -86.21 22.21
CA SER W 48 -22.71 -85.02 21.59
C SER W 48 -22.03 -84.60 20.28
N GLN W 49 -21.01 -85.30 19.80
CA GLN W 49 -20.49 -85.04 18.46
C GLN W 49 -20.62 -86.23 17.52
N LEU W 50 -20.67 -87.44 18.05
CA LEU W 50 -20.82 -88.63 17.20
C LEU W 50 -22.25 -88.83 16.74
N LYS W 51 -23.23 -88.52 17.59
CA LYS W 51 -24.64 -88.72 17.28
C LYS W 51 -25.44 -87.48 17.67
N LYS W 52 -26.65 -87.40 17.12
CA LYS W 52 -27.60 -86.33 17.45
C LYS W 52 -28.30 -86.70 18.75
N MET W 53 -27.65 -86.41 19.88
CA MET W 53 -28.16 -86.82 21.18
C MET W 53 -27.78 -85.78 22.22
N LYS W 54 -28.72 -85.44 23.10
CA LYS W 54 -28.49 -84.55 24.23
C LYS W 54 -28.90 -85.25 25.52
N LYS W 55 -28.67 -84.58 26.65
CA LYS W 55 -28.97 -85.21 27.94
C LYS W 55 -30.46 -85.25 28.20
N SER W 56 -31.19 -84.18 27.87
CA SER W 56 -32.62 -84.15 28.11
C SER W 56 -33.39 -85.08 27.18
N SER W 57 -32.84 -85.39 26.01
CA SER W 57 -33.45 -86.35 25.08
C SER W 57 -32.85 -87.75 25.24
N GLY W 58 -32.23 -88.02 26.38
CA GLY W 58 -31.61 -89.30 26.63
C GLY W 58 -31.61 -89.62 28.11
N GLU W 59 -31.02 -90.77 28.45
CA GLU W 59 -30.93 -91.19 29.83
C GLU W 59 -29.73 -92.10 30.00
N ILE W 60 -29.16 -92.11 31.20
CA ILE W 60 -28.07 -93.03 31.53
C ILE W 60 -28.67 -94.37 31.91
N VAL W 61 -28.43 -95.38 31.07
CA VAL W 61 -28.98 -96.71 31.34
C VAL W 61 -28.27 -97.35 32.53
N TYR W 62 -26.94 -97.34 32.52
CA TYR W 62 -26.15 -97.94 33.59
C TYR W 62 -24.76 -97.31 33.56
N CYS W 63 -24.28 -96.92 34.74
CA CYS W 63 -22.97 -96.29 34.89
C CYS W 63 -22.23 -97.02 36.02
N GLY W 64 -21.37 -97.95 35.64
CA GLY W 64 -20.61 -98.71 36.62
C GLY W 64 -19.11 -98.64 36.41
N GLN W 65 -18.35 -98.88 37.47
CA GLN W 65 -16.89 -98.85 37.41
C GLN W 65 -16.39 -100.23 37.02
N VAL W 66 -15.60 -100.31 35.96
CA VAL W 66 -14.96 -101.56 35.56
C VAL W 66 -13.61 -101.67 36.26
N PHE W 67 -13.36 -102.83 36.85
CA PHE W 67 -12.18 -103.06 37.66
C PHE W 67 -11.06 -103.66 36.81
N GLU W 68 -9.85 -103.59 37.34
CA GLU W 68 -8.69 -104.11 36.63
C GLU W 68 -8.67 -105.64 36.70
N LYS W 69 -8.53 -106.29 35.55
CA LYS W 69 -8.52 -107.74 35.47
C LYS W 69 -7.18 -108.34 35.89
N SER W 70 -6.12 -107.53 36.00
CA SER W 70 -4.83 -108.00 36.49
C SER W 70 -4.11 -106.83 37.14
N PRO W 71 -4.48 -106.49 38.37
CA PRO W 71 -3.85 -105.34 39.05
C PRO W 71 -2.43 -105.60 39.54
N LEU W 72 -1.92 -106.83 39.44
CA LEU W 72 -0.60 -107.16 39.94
C LEU W 72 0.38 -107.56 38.84
N ARG W 73 -0.04 -107.53 37.58
CA ARG W 73 0.83 -107.84 36.45
C ARG W 73 1.20 -106.56 35.73
N VAL W 74 2.50 -106.37 35.49
CA VAL W 74 2.95 -105.18 34.79
C VAL W 74 2.58 -105.28 33.31
N LYS W 75 2.02 -104.19 32.77
CA LYS W 75 1.50 -104.18 31.41
C LYS W 75 1.89 -102.88 30.72
N ASN W 76 1.99 -102.95 29.40
CA ASN W 76 2.29 -101.79 28.56
C ASN W 76 1.02 -101.35 27.86
N PHE W 77 0.72 -100.06 27.92
CA PHE W 77 -0.52 -99.51 27.39
C PHE W 77 -0.23 -98.52 26.28
N GLY W 78 -1.13 -98.48 25.29
CA GLY W 78 -1.04 -97.52 24.20
C GLY W 78 -2.27 -96.64 24.11
N ILE W 79 -2.09 -95.33 24.20
CA ILE W 79 -3.21 -94.39 24.27
C ILE W 79 -3.13 -93.45 23.07
N TRP W 80 -4.24 -93.36 22.32
CA TRP W 80 -4.42 -92.35 21.30
C TRP W 80 -4.99 -91.09 21.94
N LEU W 81 -4.47 -89.93 21.55
CA LEU W 81 -4.88 -88.67 22.16
C LEU W 81 -5.29 -87.66 21.10
N ARG W 82 -6.12 -86.70 21.54
CA ARG W 82 -6.59 -85.61 20.70
C ARG W 82 -6.78 -84.40 21.61
N TYR W 83 -5.79 -83.50 21.61
CA TYR W 83 -5.78 -82.37 22.55
C TYR W 83 -5.80 -81.05 21.78
N ASP W 84 -6.16 -79.99 22.48
CA ASP W 84 -6.18 -78.64 21.92
C ASP W 84 -4.90 -77.90 22.27
N SER W 85 -4.28 -77.30 21.26
CA SER W 85 -3.05 -76.53 21.44
C SER W 85 -3.41 -75.05 21.57
N ARG W 86 -2.38 -74.20 21.68
CA ARG W 86 -2.60 -72.77 21.44
C ARG W 86 -3.02 -72.54 20.00
N SER W 87 -2.42 -73.27 19.07
CA SER W 87 -2.84 -73.35 17.69
C SER W 87 -3.89 -74.47 17.57
N GLY W 88 -4.17 -74.91 16.35
CA GLY W 88 -5.14 -75.96 16.13
C GLY W 88 -4.73 -77.28 16.78
N THR W 89 -5.69 -78.19 16.82
CA THR W 89 -5.57 -79.42 17.59
C THR W 89 -4.61 -80.40 16.91
N HIS W 90 -4.09 -81.34 17.70
CA HIS W 90 -3.15 -82.34 17.23
C HIS W 90 -3.52 -83.70 17.78
N ASN W 91 -3.01 -84.75 17.13
CA ASN W 91 -3.23 -86.12 17.55
C ASN W 91 -1.94 -86.71 18.11
N MET W 92 -2.08 -87.47 19.20
CA MET W 92 -0.95 -88.09 19.88
C MET W 92 -1.20 -89.57 20.06
N TYR W 93 -0.11 -90.33 20.13
CA TYR W 93 -0.18 -91.74 20.50
C TYR W 93 0.89 -91.96 21.56
N ARG W 94 0.48 -92.34 22.77
CA ARG W 94 1.37 -92.39 23.92
C ARG W 94 1.45 -93.78 24.50
N GLU W 95 2.59 -94.05 25.14
CA GLU W 95 2.87 -95.30 25.82
C GLU W 95 3.10 -95.03 27.30
N TYR W 96 2.48 -95.84 28.15
CA TYR W 96 2.74 -95.80 29.57
C TYR W 96 2.84 -97.23 30.10
N ARG W 97 3.47 -97.36 31.27
CA ARG W 97 3.78 -98.65 31.84
C ARG W 97 3.33 -98.64 33.30
N ASP W 98 2.16 -99.21 33.57
CA ASP W 98 1.57 -99.13 34.89
C ASP W 98 0.72 -100.38 35.10
N LEU W 99 0.37 -100.63 36.36
CA LEU W 99 -0.35 -101.84 36.75
C LEU W 99 -1.80 -101.82 36.28
N THR W 100 -2.48 -100.68 36.37
CA THR W 100 -3.88 -100.57 36.00
C THR W 100 -4.05 -99.75 34.73
N THR W 101 -5.19 -99.96 34.07
CA THR W 101 -5.50 -99.17 32.88
C THR W 101 -5.76 -97.72 33.22
N ALA W 102 -6.54 -97.46 34.27
CA ALA W 102 -6.84 -96.09 34.68
C ALA W 102 -5.63 -95.37 35.23
N GLY W 103 -4.67 -96.10 35.82
CA GLY W 103 -3.44 -95.47 36.26
C GLY W 103 -2.58 -94.97 35.11
N ALA W 104 -2.58 -95.69 33.99
CA ALA W 104 -1.85 -95.23 32.81
C ALA W 104 -2.49 -93.97 32.23
N VAL W 105 -3.83 -93.90 32.24
CA VAL W 105 -4.50 -92.68 31.83
C VAL W 105 -4.23 -91.55 32.83
N THR W 106 -4.15 -91.88 34.12
CA THR W 106 -3.73 -90.90 35.11
C THR W 106 -2.31 -90.43 34.84
N GLN W 107 -1.41 -91.36 34.53
CA GLN W 107 -0.05 -90.98 34.15
C GLN W 107 -0.05 -90.19 32.84
N CYS W 108 -1.04 -90.43 31.98
CA CYS W 108 -1.14 -89.68 30.73
C CYS W 108 -1.52 -88.24 30.98
N TYR W 109 -2.46 -87.99 31.90
CA TYR W 109 -2.95 -86.64 32.13
C TYR W 109 -1.89 -85.76 32.79
N ARG W 110 -1.18 -86.29 33.79
CA ARG W 110 -0.12 -85.54 34.44
C ARG W 110 1.08 -85.30 33.55
N ASP W 111 1.37 -86.22 32.62
CA ASP W 111 2.46 -85.98 31.67
C ASP W 111 2.05 -84.97 30.60
N MET W 112 0.78 -84.95 30.21
CA MET W 112 0.32 -84.03 29.18
C MET W 112 0.36 -82.58 29.65
N GLY W 113 -0.03 -82.31 30.89
CA GLY W 113 0.10 -80.96 31.41
C GLY W 113 1.54 -80.54 31.63
N ALA W 114 2.43 -81.52 31.79
CA ALA W 114 3.85 -81.23 31.97
C ALA W 114 4.56 -80.97 30.64
N ARG W 115 4.38 -81.85 29.67
CA ARG W 115 5.11 -81.72 28.41
C ARG W 115 4.54 -80.60 27.53
N HIS W 116 3.21 -80.46 27.50
CA HIS W 116 2.58 -79.54 26.55
C HIS W 116 1.61 -78.54 27.19
N ARG W 117 1.47 -78.55 28.51
CA ARG W 117 0.57 -77.65 29.24
C ARG W 117 -0.88 -77.80 28.78
N ALA W 118 -1.28 -79.01 28.43
CA ALA W 118 -2.67 -79.28 28.03
C ALA W 118 -3.47 -79.67 29.27
N ARG W 119 -4.45 -78.86 29.62
CA ARG W 119 -5.25 -79.10 30.81
C ARG W 119 -6.34 -80.13 30.55
N ALA W 120 -6.84 -80.74 31.63
CA ALA W 120 -7.66 -81.95 31.56
C ALA W 120 -8.97 -81.76 30.80
N HIS W 121 -9.42 -80.52 30.60
CA HIS W 121 -10.60 -80.27 29.80
C HIS W 121 -10.31 -80.26 28.30
N SER W 122 -9.06 -80.43 27.89
CA SER W 122 -8.67 -80.32 26.50
C SER W 122 -8.26 -81.65 25.87
N ILE W 123 -8.04 -82.70 26.66
CA ILE W 123 -7.59 -83.99 26.14
C ILE W 123 -8.79 -84.92 26.01
N GLN W 124 -8.96 -85.50 24.83
CA GLN W 124 -9.95 -86.53 24.58
C GLN W 124 -9.22 -87.85 24.32
N ILE W 125 -9.59 -88.88 25.07
CA ILE W 125 -8.96 -90.20 24.97
C ILE W 125 -9.85 -91.08 24.10
N MET W 126 -9.29 -91.64 23.03
CA MET W 126 -10.06 -92.49 22.14
C MET W 126 -10.03 -93.95 22.58
N LYS W 127 -8.84 -94.52 22.69
CA LYS W 127 -8.71 -95.98 22.84
C LYS W 127 -7.44 -96.31 23.60
N VAL W 128 -7.56 -97.19 24.59
CA VAL W 128 -6.42 -97.72 25.33
C VAL W 128 -6.47 -99.24 25.24
N GLU W 129 -5.38 -99.85 24.80
CA GLU W 129 -5.33 -101.29 24.58
C GLU W 129 -4.09 -101.87 25.23
N GLU W 130 -4.16 -103.16 25.58
CA GLU W 130 -2.99 -103.91 26.00
C GLU W 130 -1.96 -103.99 24.88
N ILE W 131 -0.72 -103.67 25.22
CA ILE W 131 0.39 -103.72 24.27
C ILE W 131 1.43 -104.69 24.80
N ALA W 132 1.88 -105.61 23.95
CA ALA W 132 2.84 -106.63 24.35
C ALA W 132 4.25 -106.02 24.43
N ALA W 133 5.25 -106.87 24.62
CA ALA W 133 6.62 -106.40 24.71
C ALA W 133 7.11 -105.83 23.38
N SER W 134 6.65 -106.38 22.27
CA SER W 134 6.99 -105.87 20.95
C SER W 134 6.06 -104.71 20.62
N LYS W 135 6.10 -104.26 19.35
CA LYS W 135 5.33 -103.14 18.79
C LYS W 135 5.21 -101.94 19.71
N CYS W 136 6.31 -101.59 20.39
CA CYS W 136 6.42 -100.36 21.16
C CYS W 136 7.39 -99.44 20.44
N ARG W 137 6.97 -98.20 20.18
CA ARG W 137 7.68 -97.31 19.28
C ARG W 137 8.45 -96.20 19.99
N ARG W 138 8.68 -96.34 21.30
CA ARG W 138 9.47 -95.37 22.05
C ARG W 138 10.56 -96.08 22.83
N PRO W 139 11.80 -95.57 22.81
CA PRO W 139 12.84 -96.17 23.66
C PRO W 139 12.61 -95.97 25.14
N ALA W 140 11.74 -95.04 25.55
CA ALA W 140 11.51 -94.79 26.97
C ALA W 140 10.77 -95.95 27.64
N VAL W 141 9.89 -96.63 26.93
CA VAL W 141 9.22 -97.81 27.49
C VAL W 141 9.97 -99.09 27.14
N LYS W 142 10.55 -99.16 25.94
CA LYS W 142 11.29 -100.34 25.52
C LYS W 142 12.54 -100.58 26.37
N GLN W 143 13.04 -99.56 27.07
CA GLN W 143 14.25 -99.73 27.88
C GLN W 143 14.00 -100.55 29.14
N PHE W 144 12.75 -100.76 29.53
CA PHE W 144 12.40 -101.60 30.67
C PHE W 144 12.11 -103.04 30.28
N HIS W 145 12.15 -103.37 28.99
CA HIS W 145 11.86 -104.72 28.52
C HIS W 145 13.16 -105.51 28.45
N ASP W 146 13.54 -106.10 29.59
CA ASP W 146 14.66 -107.04 29.63
C ASP W 146 14.47 -108.01 30.80
N SER W 147 14.91 -109.25 30.60
CA SER W 147 14.74 -110.28 31.61
C SER W 147 15.65 -110.08 32.82
N LYS W 148 16.84 -109.54 32.60
CA LYS W 148 17.84 -109.36 33.66
C LYS W 148 18.06 -107.86 33.85
N ILE W 149 17.36 -107.27 34.81
CA ILE W 149 17.45 -105.85 35.08
C ILE W 149 18.43 -105.61 36.23
N LYS W 150 19.20 -104.53 36.15
CA LYS W 150 20.22 -104.24 37.15
C LYS W 150 20.55 -102.76 37.07
N PHE W 151 20.19 -101.99 38.11
CA PHE W 151 20.57 -100.60 38.19
C PHE W 151 20.64 -100.20 39.65
N PRO W 152 21.61 -99.37 40.03
CA PRO W 152 21.64 -98.86 41.41
C PRO W 152 20.84 -97.57 41.55
N LEU W 153 20.82 -97.02 42.75
CA LEU W 153 20.30 -95.68 42.98
C LEU W 153 21.48 -94.79 43.31
N PRO W 154 22.18 -94.26 42.28
CA PRO W 154 23.50 -93.64 42.50
C PRO W 154 23.47 -92.39 43.37
N HIS W 155 22.71 -91.39 42.95
CA HIS W 155 22.59 -90.16 43.72
C HIS W 155 21.31 -90.20 44.56
N ARG W 156 21.33 -91.09 45.55
CA ARG W 156 20.22 -91.19 46.49
C ARG W 156 20.23 -90.00 47.43
N VAL W 157 19.71 -88.86 46.96
CA VAL W 157 19.61 -87.68 47.81
C VAL W 157 18.57 -87.93 48.90
N LEU W 158 18.94 -87.64 50.14
CA LEU W 158 18.04 -87.95 51.22
C LEU W 158 17.12 -86.78 51.53
N ARG W 159 15.91 -87.12 51.98
CA ARG W 159 14.92 -86.17 52.45
C ARG W 159 14.72 -86.52 53.92
N ARG W 160 13.66 -85.99 54.55
CA ARG W 160 13.52 -85.93 56.01
C ARG W 160 14.53 -84.96 56.58
N GLN W 161 14.67 -83.81 55.90
CA GLN W 161 15.69 -82.84 56.26
C GLN W 161 15.41 -82.17 57.60
N HIS W 162 14.16 -81.82 57.86
CA HIS W 162 13.84 -80.95 58.98
C HIS W 162 13.68 -81.69 60.29
N LYS W 163 13.49 -83.01 60.27
CA LYS W 163 13.69 -83.79 61.47
C LYS W 163 15.20 -83.78 61.74
N PRO W 164 15.64 -83.95 63.01
CA PRO W 164 16.31 -82.84 63.70
C PRO W 164 17.07 -81.90 62.80
N ARG W 165 16.66 -80.62 62.86
CA ARG W 165 17.07 -79.63 61.89
C ARG W 165 18.52 -79.22 62.08
N PHE W 166 19.06 -79.38 63.29
CA PHE W 166 20.46 -79.11 63.57
C PHE W 166 21.15 -80.41 63.95
N THR W 167 22.20 -80.76 63.21
CA THR W 167 22.96 -81.98 63.46
C THR W 167 24.44 -81.68 63.26
N THR W 168 25.28 -82.63 63.66
CA THR W 168 26.72 -82.49 63.53
C THR W 168 27.31 -83.27 62.37
N LYS W 169 26.79 -84.47 62.11
CA LYS W 169 27.28 -85.28 60.99
C LYS W 169 26.78 -84.71 59.68
N ARG W 170 27.68 -84.56 58.72
CA ARG W 170 27.25 -84.26 57.36
C ARG W 170 26.69 -85.54 56.76
N PRO W 171 25.43 -85.55 56.32
CA PRO W 171 24.73 -86.82 56.03
C PRO W 171 25.27 -87.50 54.78
N ASN W 172 25.52 -88.81 54.91
CA ASN W 172 25.96 -89.61 53.77
C ASN W 172 24.81 -89.86 52.80
N THR W 173 25.15 -90.06 51.53
CA THR W 173 24.16 -90.32 50.50
C THR W 173 24.45 -91.57 49.69
N PHE W 174 25.60 -92.22 49.91
CA PHE W 174 25.96 -93.42 49.18
C PHE W 174 25.41 -94.63 49.92
N PHE W 175 24.49 -95.34 49.30
CA PHE W 175 23.86 -96.50 49.94
C PHE W 175 23.80 -97.69 48.98
N THR X 1 -30.55 -38.53 18.52
CA THR X 1 -31.90 -38.90 18.92
C THR X 1 -32.73 -39.27 17.69
N ASN X 2 -33.52 -40.33 17.79
CA ASN X 2 -34.35 -40.76 16.69
C ASN X 2 -35.59 -39.88 16.59
N THR X 3 -36.31 -40.01 15.48
CA THR X 3 -37.53 -39.25 15.29
C THR X 3 -38.67 -39.87 16.08
N LYS X 4 -39.77 -39.13 16.20
CA LYS X 4 -40.92 -39.56 16.98
C LYS X 4 -42.08 -40.01 16.09
N GLY X 5 -41.77 -40.62 14.94
CA GLY X 5 -42.79 -40.95 13.98
C GLY X 5 -43.67 -42.10 14.41
N LYS X 6 -44.83 -42.20 13.74
CA LYS X 6 -45.79 -43.25 14.06
C LYS X 6 -45.33 -44.62 13.60
N ARG X 7 -44.63 -44.69 12.47
CA ARG X 7 -44.24 -45.95 11.84
C ARG X 7 -42.74 -46.09 11.74
N ARG X 8 -42.02 -45.76 12.81
CA ARG X 8 -40.57 -45.89 12.83
C ARG X 8 -40.15 -47.34 12.99
N GLY X 9 -39.23 -47.79 12.14
CA GLY X 9 -38.71 -49.13 12.26
C GLY X 9 -39.69 -50.22 11.90
N THR X 10 -40.73 -49.90 11.15
CA THR X 10 -41.75 -50.87 10.72
C THR X 10 -41.47 -51.39 9.32
N ARG X 11 -40.19 -51.46 8.94
CA ARG X 11 -39.83 -51.99 7.63
C ARG X 11 -40.17 -53.46 7.51
N TYR X 12 -39.94 -54.24 8.58
CA TYR X 12 -40.26 -55.66 8.59
C TYR X 12 -41.47 -56.01 9.46
N MET X 13 -41.92 -55.08 10.30
CA MET X 13 -43.08 -55.36 11.15
C MET X 13 -44.37 -55.33 10.34
N PHE X 14 -44.68 -54.18 9.75
CA PHE X 14 -45.89 -54.04 8.95
C PHE X 14 -45.63 -54.38 7.48
N SER X 15 -45.05 -55.55 7.25
CA SER X 15 -44.79 -56.06 5.91
C SER X 15 -45.39 -57.45 5.77
N ARG X 16 -45.99 -57.70 4.61
CA ARG X 16 -46.59 -59.00 4.36
C ARG X 16 -45.49 -60.06 4.19
N PRO X 17 -45.74 -61.30 4.60
CA PRO X 17 -44.74 -62.35 4.43
C PRO X 17 -44.54 -62.71 2.96
N PHE X 18 -43.55 -63.58 2.73
CA PHE X 18 -43.14 -63.92 1.37
C PHE X 18 -44.24 -64.71 0.65
N ARG X 19 -44.53 -64.30 -0.59
CA ARG X 19 -45.57 -64.93 -1.42
C ARG X 19 -46.92 -64.96 -0.71
N LYS X 20 -47.24 -63.86 -0.02
CA LYS X 20 -48.55 -63.70 0.64
C LYS X 20 -49.11 -62.31 0.43
N HIS X 21 -48.67 -61.64 -0.64
CA HIS X 21 -49.15 -60.30 -0.96
C HIS X 21 -50.48 -60.39 -1.70
N GLY X 22 -50.95 -59.26 -2.22
CA GLY X 22 -52.16 -59.25 -3.03
C GLY X 22 -53.44 -59.04 -2.26
N VAL X 23 -54.50 -59.74 -2.67
CA VAL X 23 -55.81 -59.55 -2.07
C VAL X 23 -55.86 -60.23 -0.72
N VAL X 24 -56.39 -59.51 0.27
CA VAL X 24 -56.50 -60.07 1.62
C VAL X 24 -57.57 -61.16 1.63
N PRO X 25 -57.31 -62.30 2.25
CA PRO X 25 -58.33 -63.34 2.37
C PRO X 25 -59.56 -62.86 3.12
N LEU X 26 -60.72 -63.39 2.73
CA LEU X 26 -62.01 -62.93 3.23
C LEU X 26 -62.42 -63.59 4.55
N ALA X 27 -61.71 -64.62 4.99
CA ALA X 27 -62.04 -65.26 6.26
C ALA X 27 -61.69 -64.38 7.46
N THR X 28 -60.68 -63.52 7.34
CA THR X 28 -60.33 -62.64 8.44
C THR X 28 -61.36 -61.55 8.65
N TYR X 29 -61.96 -61.05 7.56
CA TYR X 29 -62.94 -59.98 7.65
C TYR X 29 -64.21 -60.41 8.37
N MET X 30 -64.74 -61.57 8.02
CA MET X 30 -66.08 -61.98 8.43
C MET X 30 -66.07 -62.86 9.66
N ARG X 31 -64.95 -62.89 10.39
CA ARG X 31 -64.93 -63.50 11.71
C ARG X 31 -65.75 -62.67 12.69
N ILE X 32 -66.29 -63.35 13.70
CA ILE X 32 -67.19 -62.73 14.67
C ILE X 32 -66.43 -62.55 15.99
N TYR X 33 -66.63 -61.40 16.61
CA TYR X 33 -65.92 -61.05 17.83
C TYR X 33 -66.91 -60.48 18.84
N LYS X 34 -67.17 -61.23 19.92
CA LYS X 34 -68.06 -60.80 20.97
C LYS X 34 -67.29 -60.00 22.02
N LYS X 35 -68.00 -59.52 23.03
CA LYS X 35 -67.36 -58.85 24.14
C LYS X 35 -66.63 -59.85 25.03
N GLY X 36 -65.46 -59.45 25.51
CA GLY X 36 -64.66 -60.28 26.39
C GLY X 36 -63.80 -61.32 25.71
N ASP X 37 -63.79 -61.35 24.38
CA ASP X 37 -62.96 -62.32 23.66
C ASP X 37 -61.49 -61.95 23.77
N ILE X 38 -60.64 -62.96 23.95
CA ILE X 38 -59.20 -62.76 24.03
C ILE X 38 -58.65 -62.61 22.61
N VAL X 39 -58.08 -61.45 22.31
CA VAL X 39 -57.65 -61.09 20.96
C VAL X 39 -56.21 -60.63 21.00
N ASP X 40 -55.38 -61.18 20.11
CA ASP X 40 -54.01 -60.73 19.92
C ASP X 40 -53.94 -59.83 18.69
N ILE X 41 -52.83 -59.08 18.59
CA ILE X 41 -52.65 -58.06 17.56
C ILE X 41 -51.50 -58.45 16.66
N LYS X 42 -51.73 -58.40 15.35
CA LYS X 42 -50.70 -58.56 14.33
C LYS X 42 -51.03 -57.60 13.20
N GLY X 43 -50.26 -56.52 13.09
CA GLY X 43 -50.55 -55.51 12.09
C GLY X 43 -50.30 -56.03 10.68
N MET X 44 -51.25 -55.77 9.79
CA MET X 44 -51.17 -56.18 8.40
C MET X 44 -50.86 -54.96 7.53
N GLY X 45 -49.88 -55.10 6.62
CA GLY X 45 -49.40 -53.96 5.87
C GLY X 45 -50.27 -53.54 4.70
N THR X 46 -51.18 -54.41 4.25
CA THR X 46 -52.02 -54.08 3.10
C THR X 46 -52.99 -52.96 3.44
N VAL X 47 -53.76 -53.13 4.51
CA VAL X 47 -54.71 -52.11 4.93
C VAL X 47 -53.97 -51.07 5.77
N GLN X 48 -54.40 -49.82 5.69
CA GLN X 48 -53.74 -48.72 6.37
C GLN X 48 -54.62 -47.99 7.37
N LYS X 49 -55.92 -47.89 7.11
CA LYS X 49 -56.81 -47.22 8.05
C LYS X 49 -57.09 -48.12 9.24
N GLY X 50 -57.16 -47.52 10.43
CA GLY X 50 -57.33 -48.31 11.64
C GLY X 50 -56.11 -49.11 12.04
N MET X 51 -54.93 -48.71 11.57
CA MET X 51 -53.71 -49.45 11.85
C MET X 51 -53.26 -49.22 13.29
N PRO X 52 -53.07 -50.27 14.07
CA PRO X 52 -52.60 -50.08 15.44
C PRO X 52 -51.14 -49.65 15.48
N HIS X 53 -50.77 -49.00 16.58
CA HIS X 53 -49.39 -48.59 16.76
C HIS X 53 -48.50 -49.80 16.96
N LYS X 54 -47.22 -49.66 16.58
CA LYS X 54 -46.26 -50.75 16.63
C LYS X 54 -45.98 -51.25 18.03
N CYS X 55 -46.30 -50.48 19.07
CA CYS X 55 -46.07 -50.93 20.43
C CYS X 55 -47.05 -52.02 20.86
N TYR X 56 -48.19 -52.14 20.18
CA TYR X 56 -49.17 -53.19 20.46
C TYR X 56 -48.98 -54.42 19.58
N HIS X 57 -48.00 -54.41 18.68
CA HIS X 57 -47.81 -55.53 17.78
C HIS X 57 -47.29 -56.74 18.54
N GLY X 58 -47.99 -57.87 18.44
CA GLY X 58 -47.65 -59.06 19.18
C GLY X 58 -48.29 -59.16 20.55
N LYS X 59 -48.93 -58.09 21.03
CA LYS X 59 -49.61 -58.10 22.31
C LYS X 59 -51.03 -58.62 22.14
N THR X 60 -51.68 -58.93 23.27
CA THR X 60 -53.05 -59.41 23.27
C THR X 60 -53.91 -58.53 24.17
N GLY X 61 -55.20 -58.43 23.83
CA GLY X 61 -56.13 -57.63 24.59
C GLY X 61 -57.48 -58.28 24.78
N ARG X 62 -58.46 -57.50 25.25
CA ARG X 62 -59.81 -57.99 25.49
C ARG X 62 -60.80 -57.02 24.89
N VAL X 63 -61.82 -57.57 24.22
CA VAL X 63 -62.77 -56.74 23.49
C VAL X 63 -63.72 -56.06 24.47
N TYR X 64 -63.87 -54.74 24.32
CA TYR X 64 -64.84 -53.97 25.10
C TYR X 64 -65.85 -53.22 24.24
N ASN X 65 -65.63 -53.13 22.93
CA ASN X 65 -66.53 -52.38 22.07
C ASN X 65 -66.41 -52.91 20.65
N VAL X 66 -67.56 -53.15 20.01
CA VAL X 66 -67.62 -53.67 18.64
C VAL X 66 -68.43 -52.69 17.80
N THR X 67 -67.76 -52.06 16.84
CA THR X 67 -68.40 -51.13 15.92
C THR X 67 -68.74 -51.86 14.62
N GLN X 68 -69.10 -51.11 13.57
CA GLN X 68 -69.54 -51.73 12.32
C GLN X 68 -68.43 -52.55 11.67
N HIS X 69 -67.26 -51.94 11.48
CA HIS X 69 -66.14 -52.61 10.83
C HIS X 69 -64.83 -52.30 11.54
N ALA X 70 -64.90 -52.16 12.86
CA ALA X 70 -63.72 -52.09 13.71
C ALA X 70 -64.10 -52.57 15.10
N VAL X 71 -63.10 -53.02 15.85
CA VAL X 71 -63.31 -53.57 17.18
C VAL X 71 -62.41 -52.84 18.16
N GLY X 72 -63.00 -52.24 19.18
CA GLY X 72 -62.22 -51.63 20.24
C GLY X 72 -61.88 -52.63 21.33
N ILE X 73 -60.61 -52.65 21.72
CA ILE X 73 -60.11 -53.61 22.71
C ILE X 73 -59.30 -52.87 23.76
N VAL X 74 -59.10 -53.54 24.89
CA VAL X 74 -58.31 -53.01 26.01
C VAL X 74 -57.04 -53.85 26.09
N VAL X 75 -55.90 -53.22 25.85
CA VAL X 75 -54.62 -53.91 25.88
C VAL X 75 -53.87 -53.51 27.15
N ASN X 76 -52.77 -54.21 27.41
CA ASN X 76 -51.94 -53.98 28.59
C ASN X 76 -50.56 -53.52 28.12
N LYS X 77 -50.33 -52.21 28.14
CA LYS X 77 -49.07 -51.63 27.72
C LYS X 77 -48.32 -51.09 28.94
N GLN X 78 -47.05 -51.45 29.06
CA GLN X 78 -46.20 -50.98 30.15
C GLN X 78 -45.33 -49.81 29.64
N VAL X 79 -45.37 -48.70 30.36
CA VAL X 79 -44.56 -47.52 30.03
C VAL X 79 -43.83 -47.09 31.29
N LYS X 80 -42.67 -47.69 31.52
CA LYS X 80 -41.59 -47.20 32.36
C LYS X 80 -41.91 -47.10 33.85
N GLY X 81 -43.16 -47.26 34.25
CA GLY X 81 -43.44 -47.34 35.68
C GLY X 81 -44.56 -48.27 36.08
N LYS X 82 -45.31 -48.76 35.10
CA LYS X 82 -46.57 -49.45 35.34
C LYS X 82 -47.15 -49.91 34.02
N ILE X 83 -48.11 -50.82 34.09
CA ILE X 83 -48.85 -51.28 32.92
C ILE X 83 -50.15 -50.51 32.83
N LEU X 84 -50.41 -49.90 31.68
CA LEU X 84 -51.64 -49.17 31.43
C LEU X 84 -52.65 -50.07 30.73
N ALA X 85 -53.86 -50.14 31.30
CA ALA X 85 -54.98 -50.81 30.65
C ALA X 85 -55.66 -49.80 29.75
N LYS X 86 -55.12 -49.64 28.54
CA LYS X 86 -55.53 -48.57 27.64
C LYS X 86 -56.43 -49.13 26.54
N ARG X 87 -57.21 -48.22 25.94
CA ARG X 87 -58.28 -48.58 25.02
C ARG X 87 -57.90 -48.08 23.63
N ILE X 88 -57.86 -48.99 22.66
CA ILE X 88 -57.47 -48.67 21.29
C ILE X 88 -58.57 -49.10 20.33
N ASN X 89 -58.64 -48.40 19.20
CA ASN X 89 -59.57 -48.71 18.12
C ASN X 89 -58.78 -49.22 16.93
N VAL X 90 -59.15 -50.38 16.42
CA VAL X 90 -58.36 -51.08 15.41
C VAL X 90 -59.29 -51.82 14.46
N ARG X 91 -58.91 -51.84 13.18
CA ARG X 91 -59.68 -52.48 12.12
C ARG X 91 -59.49 -54.00 12.17
N ILE X 92 -60.34 -54.71 11.41
CA ILE X 92 -60.48 -56.16 11.53
C ILE X 92 -59.25 -56.93 11.05
N GLU X 93 -58.55 -56.48 10.00
CA GLU X 93 -57.43 -57.25 9.46
C GLU X 93 -56.28 -57.42 10.44
N HIS X 94 -56.21 -56.59 11.48
CA HIS X 94 -55.22 -56.72 12.54
C HIS X 94 -55.73 -57.53 13.71
N ILE X 95 -56.86 -58.21 13.56
CA ILE X 95 -57.56 -58.89 14.64
C ILE X 95 -57.61 -60.38 14.34
N LYS X 96 -57.14 -61.19 15.29
CA LYS X 96 -57.17 -62.65 15.19
C LYS X 96 -57.59 -63.20 16.54
N HIS X 97 -58.30 -64.34 16.50
CA HIS X 97 -58.63 -65.04 17.73
C HIS X 97 -57.38 -65.62 18.38
N SER X 98 -57.21 -65.37 19.67
CA SER X 98 -56.09 -65.92 20.41
C SER X 98 -56.46 -67.30 20.95
N LYS X 99 -55.64 -68.29 20.60
CA LYS X 99 -55.90 -69.67 20.99
C LYS X 99 -55.23 -70.06 22.31
N SER X 100 -54.64 -69.09 23.01
CA SER X 100 -54.11 -69.35 24.35
C SER X 100 -55.24 -69.69 25.32
N ARG X 101 -56.36 -68.99 25.21
CA ARG X 101 -57.51 -69.27 26.06
C ARG X 101 -58.20 -70.58 25.68
N ASP X 102 -58.14 -70.99 24.41
CA ASP X 102 -58.91 -72.12 23.93
C ASP X 102 -58.49 -73.43 24.58
N SER X 103 -57.21 -73.55 24.97
CA SER X 103 -56.76 -74.75 25.67
C SER X 103 -57.38 -74.85 27.07
N PHE X 104 -57.65 -73.70 27.69
CA PHE X 104 -58.24 -73.71 29.03
C PHE X 104 -59.72 -74.02 28.98
N LEU X 105 -60.44 -73.51 27.97
CA LEU X 105 -61.87 -73.75 27.87
C LEU X 105 -62.18 -75.21 27.57
N LYS X 106 -61.40 -75.83 26.68
CA LYS X 106 -61.60 -77.26 26.40
C LYS X 106 -61.22 -78.13 27.59
N ARG X 107 -60.35 -77.64 28.47
CA ARG X 107 -60.05 -78.36 29.70
C ARG X 107 -61.19 -78.25 30.71
N VAL X 108 -61.83 -77.08 30.80
CA VAL X 108 -62.95 -76.91 31.72
C VAL X 108 -64.12 -77.81 31.33
N LYS X 109 -64.43 -77.88 30.04
CA LYS X 109 -65.49 -78.77 29.58
C LYS X 109 -65.16 -80.23 29.84
N GLU X 110 -63.90 -80.62 29.66
CA GLU X 110 -63.51 -82.01 29.93
C GLU X 110 -63.49 -82.29 31.42
N ASN X 111 -63.09 -81.31 32.23
CA ASN X 111 -63.11 -81.49 33.69
C ASN X 111 -64.52 -81.61 34.24
N ASP X 112 -65.45 -80.78 33.74
CA ASP X 112 -66.82 -80.85 34.19
C ASP X 112 -67.51 -82.13 33.76
N GLN X 113 -67.12 -82.71 32.62
CA GLN X 113 -67.62 -84.03 32.23
C GLN X 113 -67.14 -85.08 33.23
N LYS X 114 -65.87 -85.01 33.63
CA LYS X 114 -65.33 -85.93 34.62
C LYS X 114 -65.67 -85.51 36.04
N LYS X 115 -66.31 -84.36 36.24
CA LYS X 115 -66.81 -83.99 37.57
C LYS X 115 -68.21 -84.55 37.78
N LYS X 116 -69.06 -84.47 36.76
CA LYS X 116 -70.37 -85.13 36.83
C LYS X 116 -70.22 -86.64 36.84
N GLU X 117 -69.34 -87.16 35.98
CA GLU X 117 -69.00 -88.58 36.04
C GLU X 117 -68.15 -88.84 37.27
N ALA X 118 -68.27 -90.04 37.82
CA ALA X 118 -67.65 -90.48 39.08
C ALA X 118 -68.15 -89.67 40.29
N LYS X 119 -69.16 -88.83 40.11
CA LYS X 119 -69.84 -88.24 41.26
C LYS X 119 -70.75 -89.25 41.94
N GLU X 120 -71.39 -90.13 41.15
CA GLU X 120 -72.12 -91.26 41.72
C GLU X 120 -71.19 -92.38 42.17
N LYS X 121 -69.91 -92.32 41.79
CA LYS X 121 -68.91 -93.29 42.21
C LYS X 121 -68.08 -92.80 43.39
N GLY X 122 -67.78 -91.51 43.44
CA GLY X 122 -67.07 -90.92 44.57
C GLY X 122 -65.56 -90.94 44.47
N THR X 123 -65.01 -91.52 43.41
CA THR X 123 -63.56 -91.68 43.30
C THR X 123 -62.90 -90.33 43.05
N TRP X 124 -61.84 -90.03 43.82
CA TRP X 124 -61.03 -88.84 43.61
C TRP X 124 -60.09 -89.07 42.44
N VAL X 125 -60.56 -88.73 41.23
CA VAL X 125 -59.70 -88.73 40.06
C VAL X 125 -58.84 -87.47 40.08
N GLN X 126 -57.58 -87.60 39.67
CA GLN X 126 -56.68 -86.46 39.63
C GLN X 126 -57.21 -85.42 38.65
N LEU X 127 -57.65 -84.27 39.18
CA LEU X 127 -58.29 -83.25 38.39
C LEU X 127 -57.34 -82.14 37.94
N LYS X 128 -56.40 -81.73 38.78
CA LYS X 128 -55.46 -80.69 38.42
C LYS X 128 -54.44 -81.19 37.42
N ARG X 129 -53.85 -80.27 36.65
CA ARG X 129 -52.72 -80.62 35.81
C ARG X 129 -51.47 -80.77 36.68
N GLN X 130 -50.58 -81.67 36.26
CA GLN X 130 -49.35 -81.90 36.98
C GLN X 130 -48.15 -81.68 36.07
N PRO X 131 -47.01 -81.23 36.61
CA PRO X 131 -45.79 -81.11 35.80
C PRO X 131 -45.23 -82.46 35.42
N ALA X 132 -44.12 -82.47 34.69
CA ALA X 132 -43.51 -83.73 34.27
C ALA X 132 -42.91 -84.44 35.47
N PRO X 133 -43.36 -85.66 35.79
CA PRO X 133 -42.85 -86.35 36.97
C PRO X 133 -41.54 -87.06 36.65
N PRO X 134 -40.90 -87.69 37.64
CA PRO X 134 -39.81 -88.62 37.32
C PRO X 134 -40.30 -89.76 36.46
N ARG X 135 -39.35 -90.40 35.77
CA ARG X 135 -39.67 -91.25 34.63
C ARG X 135 -40.01 -92.69 34.99
N GLU X 136 -40.48 -92.93 36.22
CA GLU X 136 -41.24 -94.14 36.56
C GLU X 136 -40.45 -95.42 36.25
N ALA X 137 -39.43 -95.71 37.09
CA ALA X 137 -38.41 -96.74 36.87
C ALA X 137 -38.89 -97.99 36.15
N HIS X 138 -38.16 -98.37 35.10
CA HIS X 138 -38.61 -99.40 34.17
C HIS X 138 -37.43 -100.29 33.80
N PHE X 139 -37.75 -101.47 33.30
CA PHE X 139 -36.74 -102.41 32.81
C PHE X 139 -36.46 -102.12 31.34
N VAL X 140 -35.18 -102.05 31.00
CA VAL X 140 -34.73 -101.87 29.63
C VAL X 140 -33.99 -103.13 29.20
N ARG X 141 -34.28 -103.60 27.99
CA ARG X 141 -33.72 -104.85 27.48
C ARG X 141 -32.90 -104.61 26.22
N THR X 142 -31.96 -105.51 25.98
CA THR X 142 -31.29 -105.64 24.70
C THR X 142 -31.39 -107.09 24.24
N ASN X 143 -31.69 -107.29 22.96
CA ASN X 143 -32.00 -108.62 22.44
C ASN X 143 -30.72 -109.34 22.08
N GLY X 144 -30.06 -109.90 23.09
CA GLY X 144 -28.89 -110.74 22.86
C GLY X 144 -27.61 -109.97 22.56
N LYS X 145 -27.67 -109.06 21.60
CA LYS X 145 -26.48 -108.33 21.16
C LYS X 145 -26.01 -107.37 22.26
N GLU X 146 -24.71 -107.17 22.30
CA GLU X 146 -24.09 -106.27 23.27
C GLU X 146 -24.09 -104.84 22.73
N PRO X 147 -24.19 -103.85 23.63
CA PRO X 147 -24.21 -102.45 23.18
C PRO X 147 -22.89 -102.06 22.54
N GLU X 148 -22.94 -101.74 21.25
CA GLU X 148 -21.75 -101.52 20.44
C GLU X 148 -20.96 -100.32 20.94
N LEU X 149 -19.64 -100.46 20.93
CA LEU X 149 -18.76 -99.43 21.47
C LEU X 149 -18.66 -98.25 20.52
N LEU X 150 -18.75 -97.04 21.06
CA LEU X 150 -18.58 -95.81 20.29
C LEU X 150 -17.20 -95.23 20.55
N GLU X 151 -16.73 -94.46 19.58
CA GLU X 151 -15.35 -94.03 19.59
C GLU X 151 -15.21 -92.59 19.13
N PRO X 152 -14.47 -91.76 19.88
CA PRO X 152 -14.16 -90.41 19.38
C PRO X 152 -13.35 -90.48 18.11
N ILE X 153 -13.63 -89.56 17.19
CA ILE X 153 -12.99 -89.55 15.89
C ILE X 153 -11.60 -88.93 16.00
N PRO X 154 -10.61 -89.44 15.26
CA PRO X 154 -9.32 -88.75 15.18
C PRO X 154 -9.45 -87.44 14.43
N TYR X 155 -8.60 -86.49 14.80
CA TYR X 155 -8.66 -85.17 14.18
C TYR X 155 -8.01 -85.16 12.81
N GLU X 156 -8.74 -84.62 11.84
CA GLU X 156 -8.23 -84.36 10.51
C GLU X 156 -8.70 -82.97 10.10
N PHE X 157 -7.81 -82.21 9.47
CA PHE X 157 -8.13 -80.84 9.09
C PHE X 157 -9.03 -80.83 7.87
N MET X 158 -10.33 -80.60 8.09
CA MET X 158 -11.30 -80.64 7.00
C MET X 158 -11.13 -79.47 6.04
N ALA X 159 -10.82 -78.29 6.57
CA ALA X 159 -10.64 -77.11 5.75
C ALA X 159 -9.33 -77.16 4.98
N GLN Y 1 62.82 66.06 62.51
CA GLN Y 1 61.89 65.36 63.38
C GLN Y 1 62.57 64.17 64.03
N VAL Y 2 62.50 64.13 65.36
CA VAL Y 2 63.36 63.28 66.19
C VAL Y 2 62.47 62.34 66.98
N LEU Y 3 62.83 61.06 66.98
CA LEU Y 3 62.08 60.02 67.67
C LEU Y 3 62.89 59.54 68.87
N LYS Y 4 62.32 59.68 70.07
CA LYS Y 4 62.98 59.27 71.31
C LYS Y 4 62.07 58.31 72.08
N PHE Y 5 62.20 57.01 71.81
CA PHE Y 5 61.45 55.99 72.52
C PHE Y 5 62.26 55.47 73.69
N THR Y 6 61.64 55.45 74.87
CA THR Y 6 62.27 54.92 76.08
C THR Y 6 61.79 53.50 76.34
N LEU Y 7 62.70 52.69 76.88
CA LEU Y 7 62.49 51.25 77.05
C LEU Y 7 62.85 50.87 78.49
N ASP Y 8 62.27 51.63 79.43
CA ASP Y 8 62.61 51.52 80.84
C ASP Y 8 62.34 50.13 81.40
N CYS Y 9 63.36 49.53 81.99
CA CYS Y 9 63.25 48.25 82.71
C CYS Y 9 64.05 48.39 84.02
N THR Y 10 63.40 48.92 85.05
CA THR Y 10 64.10 49.15 86.32
C THR Y 10 64.11 47.91 87.20
N HIS Y 11 62.94 47.46 87.64
CA HIS Y 11 62.85 46.36 88.60
C HIS Y 11 63.30 44.99 88.07
N PRO Y 12 63.21 44.68 86.77
CA PRO Y 12 63.91 43.45 86.32
C PRO Y 12 65.41 43.50 86.55
N VAL Y 13 66.03 44.67 86.41
CA VAL Y 13 67.44 44.81 86.72
C VAL Y 13 67.68 44.71 88.22
N GLU Y 14 66.77 45.28 89.03
CA GLU Y 14 66.89 45.23 90.48
C GLU Y 14 66.79 43.82 91.04
N ASP Y 15 66.18 42.88 90.29
CA ASP Y 15 66.10 41.49 90.71
C ASP Y 15 67.27 40.64 90.23
N GLY Y 16 68.18 41.21 89.46
CA GLY Y 16 69.35 40.50 88.98
C GLY Y 16 69.05 39.37 88.01
N ILE Y 17 68.02 39.52 87.19
CA ILE Y 17 67.71 38.51 86.17
C ILE Y 17 68.15 38.96 84.77
N MET Y 18 68.24 40.26 84.53
CA MET Y 18 68.71 40.78 83.25
C MET Y 18 69.40 42.11 83.51
N ASP Y 19 70.47 42.36 82.76
CA ASP Y 19 71.21 43.61 82.86
C ASP Y 19 71.11 44.37 81.53
N ALA Y 20 71.18 45.69 81.61
CA ALA Y 20 71.07 46.50 80.42
C ALA Y 20 72.36 46.53 79.60
N ALA Y 21 73.50 46.16 80.19
CA ALA Y 21 74.77 46.20 79.47
C ALA Y 21 74.81 45.17 78.34
N ASN Y 22 74.45 43.92 78.63
CA ASN Y 22 74.35 42.93 77.57
C ASN Y 22 73.14 43.20 76.70
N PHE Y 23 72.10 43.82 77.25
CA PHE Y 23 70.97 44.26 76.42
C PHE Y 23 71.35 45.45 75.55
N GLU Y 24 72.19 46.37 76.04
CA GLU Y 24 72.65 47.47 75.20
C GLU Y 24 73.38 46.96 73.97
N GLN Y 25 74.30 46.01 74.15
CA GLN Y 25 75.05 45.42 73.04
C GLN Y 25 74.12 44.73 72.04
N PHE Y 26 72.98 44.23 72.52
CA PHE Y 26 72.07 43.45 71.68
C PHE Y 26 71.48 44.30 70.56
N LEU Y 27 71.32 45.61 70.78
CA LEU Y 27 70.68 46.45 69.77
C LEU Y 27 71.62 46.78 68.61
N GLN Y 28 72.91 47.05 68.85
CA GLN Y 28 73.79 47.42 67.76
C GLN Y 28 74.05 46.30 66.76
N GLU Y 29 73.71 45.05 67.11
CA GLU Y 29 73.97 43.91 66.25
C GLU Y 29 72.73 43.31 65.61
N ARG Y 30 71.52 43.68 66.06
CA ARG Y 30 70.30 43.15 65.48
C ARG Y 30 69.32 44.19 64.96
N ILE Y 31 69.54 45.47 65.21
CA ILE Y 31 68.63 46.49 64.69
C ILE Y 31 68.89 46.62 63.19
N LYS Y 32 67.80 46.73 62.42
CA LYS Y 32 67.90 46.80 60.96
C LYS Y 32 67.35 48.15 60.50
N VAL Y 33 68.24 49.00 60.02
CA VAL Y 33 67.87 50.30 59.44
C VAL Y 33 68.17 50.23 57.95
N ASN Y 34 67.11 50.40 57.14
CA ASN Y 34 67.20 50.35 55.67
C ASN Y 34 67.80 49.03 55.19
N GLY Y 35 67.41 47.93 55.84
CA GLY Y 35 67.81 46.61 55.40
C GLY Y 35 69.23 46.21 55.70
N LYS Y 36 69.84 46.77 56.73
CA LYS Y 36 71.21 46.43 57.12
C LYS Y 36 71.25 46.21 58.63
N ALA Y 37 71.65 45.00 59.04
CA ALA Y 37 71.67 44.66 60.45
C ALA Y 37 72.82 45.33 61.21
N GLY Y 38 73.97 45.51 60.56
CA GLY Y 38 75.12 46.10 61.20
C GLY Y 38 75.22 47.59 60.96
N ASN Y 39 76.20 48.19 61.65
CA ASN Y 39 76.69 49.56 61.53
C ASN Y 39 75.55 50.53 61.90
N LEU Y 40 74.49 50.05 62.56
CA LEU Y 40 73.36 50.88 63.03
C LEU Y 40 72.65 51.57 61.86
N GLY Y 41 72.75 50.98 60.66
CA GLY Y 41 72.29 51.66 59.47
C GLY Y 41 73.01 52.96 59.21
N GLY Y 42 74.30 53.02 59.51
CA GLY Y 42 75.04 54.26 59.50
C GLY Y 42 74.95 54.98 60.83
N GLY Y 43 75.45 56.21 60.82
CA GLY Y 43 75.38 57.03 62.02
C GLY Y 43 74.09 57.83 62.10
N VAL Y 44 72.96 57.13 62.01
CA VAL Y 44 71.66 57.80 61.97
C VAL Y 44 70.93 57.63 63.30
N VAL Y 45 71.06 56.47 63.92
CA VAL Y 45 70.42 56.21 65.22
C VAL Y 45 71.48 56.15 66.30
N THR Y 46 71.21 56.81 67.43
CA THR Y 46 72.15 56.88 68.55
C THR Y 46 71.41 56.45 69.82
N ILE Y 47 71.81 55.33 70.38
CA ILE Y 47 71.16 54.79 71.57
C ILE Y 47 72.09 54.93 72.77
N GLU Y 48 71.56 55.49 73.86
CA GLU Y 48 72.34 55.86 75.02
C GLU Y 48 72.22 54.74 76.07
N ARG Y 49 72.80 54.93 77.24
CA ARG Y 49 72.86 53.91 78.29
C ARG Y 49 72.87 54.63 79.63
N SER Y 50 71.79 54.51 80.41
CA SER Y 50 71.62 55.33 81.61
C SER Y 50 71.16 54.49 82.79
N LYS Y 51 71.66 53.25 82.87
CA LYS Y 51 71.67 52.34 84.04
C LYS Y 51 70.27 51.94 84.52
N SER Y 52 69.22 52.53 83.96
CA SER Y 52 67.86 52.08 84.26
C SER Y 52 66.93 52.00 83.05
N LYS Y 53 67.18 52.77 81.99
CA LYS Y 53 66.32 52.85 80.83
C LYS Y 53 67.16 53.03 79.57
N ILE Y 54 66.60 52.61 78.43
CA ILE Y 54 67.29 52.66 77.16
C ILE Y 54 66.47 53.52 76.21
N THR Y 55 67.08 54.60 75.72
CA THR Y 55 66.41 55.54 74.82
C THR Y 55 67.00 55.41 73.43
N VAL Y 56 66.12 55.27 72.43
CA VAL Y 56 66.53 55.16 71.03
C VAL Y 56 66.22 56.49 70.36
N THR Y 57 67.26 57.17 69.87
CA THR Y 57 67.13 58.49 69.28
C THR Y 57 67.46 58.40 67.79
N SER Y 58 66.50 58.77 66.95
CA SER Y 58 66.66 58.71 65.50
C SER Y 58 65.92 59.87 64.84
N GLU Y 59 66.38 60.24 63.66
CA GLU Y 59 65.73 61.23 62.81
C GLU Y 59 65.10 60.65 61.56
N VAL Y 60 65.56 59.51 61.08
CA VAL Y 60 64.89 58.75 60.02
C VAL Y 60 63.59 58.26 60.66
N PRO Y 61 62.46 58.22 59.94
CA PRO Y 61 61.24 57.71 60.57
C PRO Y 61 61.34 56.23 60.89
N PHE Y 62 60.99 55.89 62.12
CA PHE Y 62 61.33 54.60 62.71
C PHE Y 62 60.11 54.04 63.41
N SER Y 63 60.02 52.71 63.45
CA SER Y 63 58.90 52.06 64.12
C SER Y 63 59.10 52.04 65.64
N LYS Y 64 58.00 52.20 66.36
CA LYS Y 64 58.00 52.11 67.82
C LYS Y 64 57.75 50.70 68.32
N ARG Y 65 56.92 49.93 67.62
CA ARG Y 65 56.72 48.52 67.95
C ARG Y 65 57.85 47.63 67.45
N TYR Y 66 58.80 48.17 66.69
CA TYR Y 66 59.98 47.39 66.32
C TYR Y 66 60.81 47.09 67.57
N LEU Y 67 60.92 48.05 68.48
CA LEU Y 67 61.59 47.82 69.75
C LEU Y 67 60.87 46.74 70.55
N LYS Y 68 59.54 46.69 70.46
CA LYS Y 68 58.78 45.59 71.04
C LYS Y 68 59.14 44.26 70.39
N TYR Y 69 59.35 44.27 69.07
CA TYR Y 69 59.72 43.05 68.36
C TYR Y 69 61.13 42.60 68.74
N LEU Y 70 62.05 43.54 68.92
CA LEU Y 70 63.41 43.19 69.33
C LEU Y 70 63.47 42.77 70.79
N THR Y 71 62.71 43.43 71.65
CA THR Y 71 62.65 43.04 73.07
C THR Y 71 62.07 41.65 73.25
N LYS Y 72 60.98 41.32 72.54
CA LYS Y 72 60.42 39.99 72.58
C LYS Y 72 61.38 38.95 72.01
N LYS Y 73 62.24 39.36 71.08
CA LYS Y 73 63.30 38.47 70.60
C LYS Y 73 64.43 38.35 71.61
N TYR Y 74 64.69 39.41 72.38
CA TYR Y 74 65.77 39.38 73.36
C TYR Y 74 65.47 38.38 74.49
N LEU Y 75 64.28 38.49 75.08
CA LEU Y 75 63.95 37.66 76.23
C LEU Y 75 63.72 36.20 75.84
N LYS Y 76 63.40 35.95 74.56
CA LYS Y 76 63.28 34.57 74.10
C LYS Y 76 64.64 33.89 74.04
N LYS Y 77 65.70 34.63 73.69
CA LYS Y 77 67.03 34.04 73.63
C LYS Y 77 67.56 33.66 75.00
N ASN Y 78 67.26 34.47 76.02
CA ASN Y 78 67.69 34.20 77.38
C ASN Y 78 66.61 33.52 78.21
N ASN Y 79 65.48 33.13 77.59
CA ASN Y 79 64.39 32.40 78.23
C ASN Y 79 63.76 33.21 79.37
N LEU Y 80 63.55 34.50 79.13
CA LEU Y 80 62.79 35.34 80.06
C LEU Y 80 61.35 35.55 79.60
N ARG Y 81 60.92 34.84 78.55
CA ARG Y 81 59.52 34.87 78.12
C ARG Y 81 58.69 33.82 78.85
N ASP Y 82 58.82 33.79 80.17
CA ASP Y 82 58.06 32.84 80.98
C ASP Y 82 57.35 33.54 82.12
N TRP Y 83 57.98 34.58 82.72
CA TRP Y 83 57.28 35.38 83.71
C TRP Y 83 57.46 36.88 83.47
N LEU Y 84 57.79 37.32 82.26
CA LEU Y 84 57.90 38.73 81.91
C LEU Y 84 56.91 39.10 80.82
N ARG Y 85 56.59 40.38 80.75
CA ARG Y 85 55.64 40.90 79.77
C ARG Y 85 56.05 42.32 79.39
N VAL Y 86 55.90 42.65 78.11
CA VAL Y 86 56.21 43.98 77.59
C VAL Y 86 54.92 44.79 77.48
N VAL Y 87 54.91 45.96 78.14
CA VAL Y 87 53.74 46.83 78.18
C VAL Y 87 54.18 48.24 77.81
N ALA Y 88 53.44 48.86 76.89
CA ALA Y 88 53.70 50.25 76.56
C ALA Y 88 53.26 51.15 77.71
N ASN Y 89 54.21 51.79 78.37
CA ASN Y 89 53.88 52.65 79.51
C ASN Y 89 53.09 53.88 79.07
N SER Y 90 53.58 54.58 78.06
CA SER Y 90 52.94 55.78 77.54
C SER Y 90 53.45 56.00 76.12
N LYS Y 91 53.17 57.18 75.57
CA LYS Y 91 53.74 57.53 74.27
C LYS Y 91 55.26 57.66 74.37
N GLU Y 92 55.94 57.27 73.29
CA GLU Y 92 57.39 57.09 73.21
C GLU Y 92 57.97 56.44 74.48
N SER Y 93 57.28 55.44 75.02
CA SER Y 93 57.73 54.77 76.24
C SER Y 93 57.30 53.31 76.21
N TYR Y 94 58.21 52.43 76.60
CA TYR Y 94 57.91 51.02 76.85
C TYR Y 94 58.44 50.66 78.23
N GLU Y 95 57.86 49.61 78.82
CA GLU Y 95 58.21 49.24 80.18
C GLU Y 95 58.02 47.74 80.33
N LEU Y 96 58.97 47.09 81.00
CA LEU Y 96 58.95 45.65 81.22
C LEU Y 96 58.57 45.36 82.66
N ARG Y 97 57.59 44.46 82.84
CA ARG Y 97 57.12 44.11 84.18
C ARG Y 97 56.82 42.62 84.22
N TYR Y 98 56.44 42.15 85.42
CA TYR Y 98 56.12 40.75 85.63
C TYR Y 98 54.64 40.52 85.33
N PHE Y 99 54.13 39.34 85.69
CA PHE Y 99 52.73 39.02 85.50
C PHE Y 99 51.91 39.34 86.75
N SER Z 1 61.82 -34.92 16.22
CA SER Z 1 63.12 -34.58 16.78
C SER Z 1 63.03 -33.39 17.72
N GLY Z 2 62.42 -32.31 17.24
CA GLY Z 2 62.26 -31.09 18.01
C GLY Z 2 60.90 -31.01 18.66
N ALA Z 3 60.90 -30.93 19.99
CA ALA Z 3 59.67 -30.81 20.75
C ALA Z 3 59.22 -29.35 20.81
N LYS Z 4 58.19 -29.10 21.62
CA LYS Z 4 57.64 -27.75 21.76
C LYS Z 4 58.19 -27.02 22.97
N PHE Z 5 58.20 -27.67 24.13
CA PHE Z 5 58.62 -27.08 25.41
C PHE Z 5 57.77 -25.84 25.71
N ARG Z 6 56.49 -26.06 26.02
CA ARG Z 6 55.42 -25.07 26.12
C ARG Z 6 55.83 -23.73 26.72
N ILE Z 7 55.46 -22.65 26.04
CA ILE Z 7 55.83 -21.30 26.45
C ILE Z 7 54.57 -20.55 26.86
N SER Z 8 54.77 -19.31 27.32
CA SER Z 8 53.64 -18.46 27.66
C SER Z 8 53.02 -17.89 26.39
N LEU Z 9 51.74 -18.14 26.18
CA LEU Z 9 51.03 -17.73 24.98
C LEU Z 9 50.01 -16.67 25.33
N GLY Z 10 50.00 -15.58 24.57
CA GLY Z 10 49.15 -14.45 24.88
C GLY Z 10 48.54 -13.73 23.69
N LEU Z 11 48.37 -14.42 22.57
CA LEU Z 11 47.78 -13.84 21.37
C LEU Z 11 46.52 -14.63 21.02
N PRO Z 12 45.37 -14.23 21.54
CA PRO Z 12 44.12 -14.97 21.29
C PRO Z 12 43.56 -14.65 19.91
N VAL Z 13 42.38 -15.19 19.64
CA VAL Z 13 41.68 -14.94 18.39
C VAL Z 13 41.15 -13.51 18.39
N GLY Z 14 41.45 -12.78 17.32
CA GLY Z 14 41.03 -11.39 17.18
C GLY Z 14 42.16 -10.39 17.25
N ALA Z 15 43.36 -10.81 17.63
CA ALA Z 15 44.50 -9.90 17.67
C ALA Z 15 44.99 -9.58 16.26
N VAL Z 16 45.39 -8.33 16.06
CA VAL Z 16 46.01 -7.92 14.81
C VAL Z 16 47.51 -7.77 15.05
N ILE Z 17 48.29 -8.49 14.25
CA ILE Z 17 49.75 -8.49 14.37
C ILE Z 17 50.32 -7.99 13.05
N ASN Z 18 51.43 -7.25 13.15
CA ASN Z 18 52.02 -6.64 11.96
C ASN Z 18 52.76 -7.66 11.11
N CYS Z 19 52.84 -7.37 9.82
CA CYS Z 19 53.57 -8.23 8.89
C CYS Z 19 55.05 -7.85 8.89
N ALA Z 20 55.91 -8.84 9.11
CA ALA Z 20 57.36 -8.63 9.14
C ALA Z 20 58.04 -9.25 7.93
N ASP Z 21 57.40 -9.19 6.76
CA ASP Z 21 57.97 -9.75 5.55
C ASP Z 21 57.61 -8.84 4.37
N ASN Z 22 57.93 -9.29 3.16
CA ASN Z 22 57.85 -8.46 1.96
C ASN Z 22 56.74 -8.92 1.00
N THR Z 23 55.65 -9.48 1.54
CA THR Z 23 54.51 -9.83 0.72
C THR Z 23 53.59 -8.65 0.43
N GLY Z 24 53.87 -7.48 1.00
CA GLY Z 24 53.03 -6.31 0.81
C GLY Z 24 51.94 -6.13 1.84
N ALA Z 25 51.70 -7.14 2.68
CA ALA Z 25 50.71 -7.02 3.74
C ALA Z 25 51.25 -6.16 4.87
N LYS Z 26 50.34 -5.57 5.64
CA LYS Z 26 50.71 -4.74 6.77
C LYS Z 26 50.38 -5.41 8.11
N ASN Z 27 49.14 -5.85 8.27
CA ASN Z 27 48.69 -6.50 9.49
C ASN Z 27 48.07 -7.86 9.21
N LEU Z 28 47.94 -8.65 10.27
CA LEU Z 28 47.38 -10.00 10.18
C LEU Z 28 46.33 -10.16 11.27
N TYR Z 29 45.08 -10.38 10.86
CA TYR Z 29 43.99 -10.59 11.80
C TYR Z 29 43.88 -12.08 12.12
N ILE Z 30 44.15 -12.44 13.37
CA ILE Z 30 44.14 -13.83 13.79
C ILE Z 30 42.70 -14.30 13.88
N ILE Z 31 42.37 -15.38 13.18
CA ILE Z 31 41.00 -15.87 13.12
C ILE Z 31 40.87 -17.16 13.93
N SER Z 32 41.94 -17.94 14.01
CA SER Z 32 41.98 -19.22 14.71
C SER Z 32 43.41 -19.72 14.72
N VAL Z 33 43.69 -20.60 15.68
CA VAL Z 33 45.01 -21.20 15.83
C VAL Z 33 44.93 -22.67 15.44
N LYS Z 34 45.80 -23.08 14.52
CA LYS Z 34 45.81 -24.46 14.04
C LYS Z 34 46.51 -25.34 15.07
N GLY Z 35 45.82 -26.37 15.55
CA GLY Z 35 46.36 -27.30 16.52
C GLY Z 35 45.71 -27.24 17.88
N ILE Z 36 44.81 -26.30 18.14
CA ILE Z 36 44.15 -26.16 19.44
C ILE Z 36 42.84 -26.92 19.39
N LYS Z 37 42.68 -27.88 20.29
CA LYS Z 37 41.43 -28.65 20.37
C LYS Z 37 40.30 -27.77 20.86
N GLY Z 38 40.52 -27.02 21.93
CA GLY Z 38 39.57 -26.04 22.41
C GLY Z 38 38.99 -26.40 23.76
N ARG Z 39 38.21 -25.46 24.29
CA ARG Z 39 37.55 -25.60 25.57
C ARG Z 39 36.38 -24.63 25.56
N LEU Z 40 35.35 -24.91 26.35
CA LEU Z 40 34.16 -24.08 26.39
C LEU Z 40 34.52 -22.67 26.84
N ASN Z 41 34.20 -21.68 26.01
CA ASN Z 41 34.45 -20.25 26.21
C ASN Z 41 35.92 -19.89 26.30
N ARG Z 42 36.82 -20.81 25.98
CA ARG Z 42 38.25 -20.51 25.96
C ARG Z 42 38.67 -20.08 24.56
N LEU Z 43 39.18 -18.85 24.45
CA LEU Z 43 39.63 -18.35 23.16
C LEU Z 43 40.93 -19.04 22.76
N PRO Z 44 41.04 -19.51 21.52
CA PRO Z 44 42.30 -20.12 21.08
C PRO Z 44 43.40 -19.08 20.98
N ALA Z 45 44.42 -19.26 21.80
CA ALA Z 45 45.56 -18.35 21.84
C ALA Z 45 46.76 -18.99 21.16
N ALA Z 46 47.68 -18.15 20.73
CA ALA Z 46 48.89 -18.58 20.03
C ALA Z 46 50.11 -17.90 20.63
N GLY Z 47 51.17 -18.67 20.84
CA GLY Z 47 52.47 -18.13 21.15
C GLY Z 47 53.33 -18.00 19.90
N VAL Z 48 54.60 -17.73 20.11
CA VAL Z 48 55.54 -17.65 19.00
C VAL Z 48 55.89 -19.05 18.52
N GLY Z 49 55.91 -19.24 17.20
CA GLY Z 49 56.26 -20.52 16.62
C GLY Z 49 55.11 -21.45 16.31
N ASP Z 50 53.87 -21.00 16.48
CA ASP Z 50 52.72 -21.83 16.16
C ASP Z 50 52.16 -21.49 14.78
N MET Z 51 51.79 -22.52 14.03
CA MET Z 51 51.06 -22.31 12.79
C MET Z 51 49.66 -21.79 13.12
N VAL Z 52 49.34 -20.59 12.62
CA VAL Z 52 48.11 -19.90 12.97
C VAL Z 52 47.41 -19.48 11.69
N MET Z 53 46.09 -19.32 11.76
CA MET Z 53 45.29 -18.90 10.62
C MET Z 53 45.02 -17.41 10.76
N ALA Z 54 45.44 -16.63 9.77
CA ALA Z 54 45.37 -15.19 9.82
C ALA Z 54 44.68 -14.65 8.57
N THR Z 55 44.44 -13.34 8.55
CA THR Z 55 43.79 -12.69 7.43
C THR Z 55 44.24 -11.24 7.39
N VAL Z 56 44.67 -10.77 6.22
CA VAL Z 56 45.16 -9.41 6.06
C VAL Z 56 43.98 -8.44 6.10
N LYS Z 57 44.08 -7.42 6.96
CA LYS Z 57 43.05 -6.40 7.05
C LYS Z 57 43.35 -5.22 6.12
N LYS Z 58 44.55 -4.66 6.21
CA LYS Z 58 45.00 -3.59 5.34
C LYS Z 58 46.33 -3.98 4.70
N GLY Z 59 46.50 -3.57 3.46
CA GLY Z 59 47.71 -3.89 2.72
C GLY Z 59 47.39 -4.16 1.27
N LYS Z 60 48.07 -5.18 0.72
CA LYS Z 60 47.86 -5.55 -0.67
C LYS Z 60 46.48 -6.20 -0.83
N PRO Z 61 45.63 -5.70 -1.73
CA PRO Z 61 44.26 -6.22 -1.85
C PRO Z 61 44.16 -7.64 -2.38
N GLU Z 62 45.15 -8.14 -3.13
CA GLU Z 62 45.10 -9.51 -3.59
C GLU Z 62 45.37 -10.51 -2.47
N LEU Z 63 45.89 -10.04 -1.34
CA LEU Z 63 46.03 -10.88 -0.15
C LEU Z 63 44.85 -10.74 0.80
N ARG Z 64 44.08 -9.67 0.71
CA ARG Z 64 42.96 -9.44 1.59
C ARG Z 64 41.74 -10.25 1.14
N LYS Z 65 40.71 -10.26 2.00
CA LYS Z 65 39.43 -10.92 1.75
C LYS Z 65 39.59 -12.42 1.47
N LYS Z 66 40.56 -13.05 2.12
CA LYS Z 66 40.76 -14.49 2.03
C LYS Z 66 41.54 -14.93 3.26
N VAL Z 67 41.71 -16.25 3.38
CA VAL Z 67 42.31 -16.86 4.57
C VAL Z 67 43.73 -17.30 4.23
N HIS Z 68 44.69 -16.90 5.06
CA HIS Z 68 46.07 -17.30 4.90
C HIS Z 68 46.57 -17.99 6.15
N PRO Z 69 47.38 -19.04 6.01
CA PRO Z 69 48.08 -19.61 7.16
C PRO Z 69 49.28 -18.76 7.53
N ALA Z 70 49.59 -18.70 8.82
CA ALA Z 70 50.65 -17.85 9.31
C ALA Z 70 51.39 -18.53 10.45
N VAL Z 71 52.60 -18.06 10.71
CA VAL Z 71 53.43 -18.52 11.82
C VAL Z 71 53.88 -17.29 12.59
N VAL Z 72 53.62 -17.27 13.90
CA VAL Z 72 54.00 -16.14 14.73
C VAL Z 72 55.51 -16.17 14.97
N ILE Z 73 56.17 -15.03 14.73
CA ILE Z 73 57.61 -14.93 14.92
C ILE Z 73 57.99 -14.00 16.05
N ARG Z 74 57.13 -13.07 16.47
CA ARG Z 74 57.40 -12.18 17.59
C ARG Z 74 56.12 -11.99 18.38
N GLN Z 75 56.27 -11.73 19.68
CA GLN Z 75 55.13 -11.54 20.54
C GLN Z 75 55.47 -10.55 21.65
N ARG Z 76 54.44 -9.92 22.20
CA ARG Z 76 54.59 -8.96 23.28
C ARG Z 76 54.64 -9.60 24.65
N LYS Z 77 53.96 -10.73 24.83
CA LYS Z 77 53.88 -11.40 26.14
C LYS Z 77 55.22 -12.02 26.48
N SER Z 78 55.67 -11.80 27.71
CA SER Z 78 56.95 -12.36 28.16
C SER Z 78 56.78 -13.85 28.44
N TYR Z 79 57.55 -14.67 27.72
CA TYR Z 79 57.52 -16.11 27.88
C TYR Z 79 58.85 -16.60 28.44
N ARG Z 80 58.81 -17.78 29.04
CA ARG Z 80 59.95 -18.34 29.76
C ARG Z 80 60.62 -19.43 28.92
N ARG Z 81 61.90 -19.20 28.57
CA ARG Z 81 62.71 -20.21 27.94
C ARG Z 81 63.14 -21.23 28.99
N LYS Z 82 63.44 -22.47 28.54
CA LYS Z 82 63.75 -23.55 29.46
C LYS Z 82 64.98 -23.30 30.33
N ASP Z 83 65.95 -22.50 29.86
CA ASP Z 83 67.06 -22.15 30.75
C ASP Z 83 66.67 -21.09 31.77
N GLY Z 84 65.53 -20.44 31.59
CA GLY Z 84 65.01 -19.52 32.58
C GLY Z 84 65.19 -18.05 32.26
N VAL Z 85 65.03 -17.68 31.00
CA VAL Z 85 65.10 -16.29 30.59
C VAL Z 85 63.75 -15.88 30.02
N PHE Z 86 63.30 -14.68 30.38
CA PHE Z 86 61.99 -14.18 29.98
C PHE Z 86 62.16 -13.17 28.86
N LEU Z 87 61.61 -13.48 27.69
CA LEU Z 87 61.86 -12.73 26.47
C LEU Z 87 60.58 -12.19 25.86
N TYR Z 88 60.63 -10.93 25.41
CA TYR Z 88 59.57 -10.34 24.61
C TYR Z 88 60.20 -9.36 23.63
N PHE Z 89 59.53 -9.16 22.49
CA PHE Z 89 60.12 -8.51 21.33
C PHE Z 89 59.49 -7.17 20.99
N GLU Z 90 58.83 -6.52 21.96
CA GLU Z 90 58.13 -5.22 21.91
C GLU Z 90 57.09 -5.13 20.81
N ASP Z 91 56.78 -6.24 20.14
CA ASP Z 91 55.72 -6.26 19.13
C ASP Z 91 55.28 -7.69 18.87
N ASN Z 92 54.11 -7.82 18.25
CA ASN Z 92 53.59 -9.10 17.80
C ASN Z 92 53.69 -9.16 16.29
N ALA Z 93 54.41 -10.16 15.77
CA ALA Z 93 54.68 -10.24 14.35
C ALA Z 93 54.43 -11.66 13.85
N GLY Z 94 54.10 -11.74 12.56
CA GLY Z 94 53.88 -13.02 11.92
C GLY Z 94 54.16 -12.92 10.44
N VAL Z 95 54.34 -14.08 9.81
CA VAL Z 95 54.66 -14.16 8.39
C VAL Z 95 53.63 -15.03 7.68
N ILE Z 96 53.47 -14.78 6.40
CA ILE Z 96 52.52 -15.53 5.58
C ILE Z 96 53.23 -16.78 5.04
N VAL Z 97 52.66 -17.94 5.32
CA VAL Z 97 53.27 -19.24 5.01
C VAL Z 97 52.16 -20.17 4.53
N ASN Z 98 52.56 -21.20 3.79
CA ASN Z 98 51.63 -22.24 3.37
C ASN Z 98 51.72 -23.43 4.31
N ASN Z 99 50.99 -24.50 3.99
CA ASN Z 99 50.88 -25.65 4.89
C ASN Z 99 52.18 -26.44 4.99
N LYS Z 100 53.06 -26.37 3.99
CA LYS Z 100 54.31 -27.12 4.01
C LYS Z 100 55.38 -26.40 4.82
N GLY Z 101 55.26 -25.10 5.01
CA GLY Z 101 56.31 -24.32 5.64
C GLY Z 101 57.14 -23.49 4.69
N GLU Z 102 56.60 -23.13 3.53
CA GLU Z 102 57.28 -22.28 2.55
C GLU Z 102 56.76 -20.86 2.65
N MET Z 103 57.68 -19.89 2.70
CA MET Z 103 57.29 -18.49 2.75
C MET Z 103 56.74 -18.03 1.42
N LYS Z 104 55.66 -17.24 1.46
CA LYS Z 104 55.28 -16.45 0.30
C LYS Z 104 56.31 -15.37 0.01
N GLY Z 105 56.85 -14.74 1.05
CA GLY Z 105 57.84 -13.71 0.91
C GLY Z 105 59.25 -14.27 0.85
N SER Z 106 60.23 -13.35 0.98
CA SER Z 106 61.63 -13.74 0.94
C SER Z 106 62.51 -13.11 2.00
N ALA Z 107 62.09 -12.05 2.69
CA ALA Z 107 62.94 -11.37 3.67
C ALA Z 107 62.16 -11.12 4.94
N ILE Z 108 62.87 -11.05 6.07
CA ILE Z 108 62.29 -10.89 7.39
C ILE Z 108 62.81 -9.60 8.00
N THR Z 109 61.89 -8.74 8.43
CA THR Z 109 62.26 -7.54 9.18
C THR Z 109 62.13 -7.82 10.67
N GLY Z 110 63.21 -7.57 11.42
CA GLY Z 110 63.23 -7.83 12.84
C GLY Z 110 63.70 -9.22 13.17
N PRO Z 111 63.97 -9.47 14.46
CA PRO Z 111 64.47 -10.78 14.87
C PRO Z 111 63.38 -11.83 14.90
N VAL Z 112 63.80 -13.08 14.93
CA VAL Z 112 62.92 -14.24 15.06
C VAL Z 112 63.35 -15.02 16.30
N ALA Z 113 62.37 -15.49 17.07
CA ALA Z 113 62.67 -16.23 18.29
C ALA Z 113 63.36 -17.54 17.98
N LYS Z 114 64.14 -18.03 18.95
CA LYS Z 114 64.94 -19.23 18.73
C LYS Z 114 64.08 -20.48 18.57
N GLU Z 115 63.00 -20.60 19.35
CA GLU Z 115 62.12 -21.76 19.22
C GLU Z 115 61.27 -21.73 17.97
N CYS Z 116 61.13 -20.57 17.33
CA CYS Z 116 60.45 -20.50 16.04
C CYS Z 116 61.35 -21.01 14.92
N ALA Z 117 62.67 -20.95 15.11
CA ALA Z 117 63.62 -21.32 14.06
C ALA Z 117 63.70 -22.83 13.84
N ASP Z 118 63.77 -23.59 14.93
CA ASP Z 118 64.03 -25.03 14.80
C ASP Z 118 62.79 -25.84 14.42
N LEU Z 119 61.59 -25.42 14.83
CA LEU Z 119 60.39 -26.10 14.33
C LEU Z 119 60.12 -25.75 12.86
N TRP Z 120 60.52 -24.56 12.43
CA TRP Z 120 60.31 -24.10 11.06
C TRP Z 120 61.68 -23.71 10.48
N PRO Z 121 62.44 -24.67 9.95
CA PRO Z 121 63.79 -24.35 9.46
C PRO Z 121 63.81 -23.40 8.28
N ARG Z 122 62.75 -23.37 7.46
CA ARG Z 122 62.73 -22.46 6.33
C ARG Z 122 62.49 -21.02 6.76
N ILE Z 123 61.80 -20.81 7.88
CA ILE Z 123 61.66 -19.46 8.41
C ILE Z 123 63.01 -18.92 8.87
N ALA Z 124 63.85 -19.77 9.45
CA ALA Z 124 65.17 -19.34 9.90
C ALA Z 124 66.12 -19.04 8.75
N SER Z 125 65.82 -19.51 7.54
CA SER Z 125 66.72 -19.27 6.41
C SER Z 125 66.78 -17.79 6.05
N ASN Z 126 65.64 -17.11 6.05
CA ASN Z 126 65.58 -15.70 5.67
C ASN Z 126 65.61 -14.77 6.88
N ALA Z 127 65.79 -15.30 8.09
CA ALA Z 127 65.83 -14.49 9.29
C ALA Z 127 67.17 -13.77 9.39
N GLY Z 128 67.13 -12.44 9.43
CA GLY Z 128 68.38 -11.67 9.52
C GLY Z 128 69.08 -11.85 10.85
N SER Z 129 68.32 -11.87 11.94
CA SER Z 129 68.88 -12.05 13.27
C SER Z 129 68.02 -13.03 14.05
N ILE Z 130 68.64 -13.72 15.00
CA ILE Z 130 67.98 -14.75 15.79
C ILE Z 130 67.89 -14.28 17.24
N ALA Z 131 66.81 -14.71 17.91
CA ALA Z 131 66.57 -14.42 19.33
C ALA Z 131 66.52 -12.93 19.66
N MET AA 1 75.64 -20.97 33.23
CA MET AA 1 76.34 -20.35 34.35
C MET AA 1 76.84 -18.95 33.99
N LYS AA 2 76.54 -18.51 32.78
CA LYS AA 2 77.08 -17.26 32.25
C LYS AA 2 76.40 -16.08 32.94
N VAL AA 3 77.05 -15.53 33.97
CA VAL AA 3 76.60 -14.27 34.57
C VAL AA 3 76.97 -13.11 33.66
N GLU AA 4 76.01 -12.21 33.46
CA GLU AA 4 76.16 -11.20 32.42
C GLU AA 4 75.56 -9.89 32.91
N LEU AA 5 76.15 -8.78 32.47
CA LEU AA 5 75.97 -7.49 33.12
C LEU AA 5 74.72 -6.79 32.60
N CYS AA 6 73.94 -6.23 33.54
CA CYS AA 6 72.67 -5.61 33.19
C CYS AA 6 72.88 -4.41 32.27
N SER AA 7 71.94 -4.21 31.34
CA SER AA 7 72.11 -3.17 30.33
C SER AA 7 71.87 -1.77 30.89
N PHE AA 8 70.93 -1.61 31.82
CA PHE AA 8 70.60 -0.28 32.34
C PHE AA 8 71.33 0.00 33.65
N SER AA 9 71.15 -0.84 34.65
CA SER AA 9 71.77 -0.61 35.95
C SER AA 9 73.26 -0.92 35.92
N GLY AA 10 73.62 -2.09 35.41
CA GLY AA 10 75.01 -2.52 35.38
C GLY AA 10 75.35 -3.59 36.40
N TYR AA 11 74.39 -4.05 37.20
CA TYR AA 11 74.64 -5.13 38.13
C TYR AA 11 74.72 -6.46 37.40
N LYS AA 12 75.42 -7.41 38.00
CA LYS AA 12 75.51 -8.74 37.40
C LYS AA 12 74.18 -9.47 37.53
N ILE AA 13 73.74 -10.08 36.45
CA ILE AA 13 72.46 -10.78 36.41
C ILE AA 13 72.76 -12.27 36.44
N TYR AA 14 72.32 -12.93 37.50
CA TYR AA 14 72.50 -14.36 37.62
C TYR AA 14 71.50 -15.08 36.70
N PRO AA 15 71.86 -16.28 36.23
CA PRO AA 15 71.04 -16.93 35.17
C PRO AA 15 69.59 -17.19 35.56
N GLY AA 16 69.28 -17.36 36.84
CA GLY AA 16 67.91 -17.61 37.22
C GLY AA 16 67.03 -16.39 37.33
N HIS AA 17 67.61 -15.19 37.35
CA HIS AA 17 66.88 -13.94 37.49
C HIS AA 17 66.96 -13.13 36.19
N GLY AA 18 66.39 -11.94 36.22
CA GLY AA 18 66.48 -11.02 35.12
C GLY AA 18 65.36 -11.16 34.10
N ARG AA 19 65.44 -10.29 33.09
CA ARG AA 19 64.46 -10.28 32.02
C ARG AA 19 65.15 -9.89 30.72
N ARG AA 20 64.76 -10.54 29.63
CA ARG AA 20 65.39 -10.36 28.33
C ARG AA 20 64.53 -9.46 27.46
N TYR AA 21 65.17 -8.48 26.82
CA TYR AA 21 64.46 -7.55 25.97
C TYR AA 21 65.27 -7.31 24.70
N ALA AA 22 64.62 -7.51 23.56
CA ALA AA 22 65.22 -7.35 22.23
C ALA AA 22 64.28 -6.49 21.39
N ARG AA 23 64.75 -5.31 20.98
CA ARG AA 23 63.93 -4.44 20.16
C ARG AA 23 63.91 -4.88 18.70
N THR AA 24 63.06 -4.22 17.91
CA THR AA 24 62.78 -4.60 16.53
C THR AA 24 63.99 -4.54 15.61
N ASP AA 25 64.87 -3.54 15.74
CA ASP AA 25 65.99 -3.45 14.80
C ASP AA 25 67.04 -4.52 15.06
N GLY AA 26 67.06 -5.13 16.24
CA GLY AA 26 67.83 -6.35 16.40
C GLY AA 26 68.75 -6.50 17.59
N LYS AA 27 68.84 -5.49 18.46
CA LYS AA 27 69.75 -5.54 19.59
C LYS AA 27 69.00 -5.86 20.88
N VAL AA 28 69.73 -6.46 21.83
CA VAL AA 28 69.15 -7.07 23.01
C VAL AA 28 69.63 -6.32 24.25
N PHE AA 29 68.71 -6.01 25.16
CA PHE AA 29 69.01 -5.37 26.43
C PHE AA 29 68.60 -6.26 27.59
N GLN AA 30 69.29 -6.11 28.72
CA GLN AA 30 69.15 -6.97 29.87
C GLN AA 30 68.71 -6.14 31.06
N PHE AA 31 67.73 -6.62 31.80
CA PHE AA 31 67.23 -5.95 33.00
C PHE AA 31 67.22 -6.91 34.17
N LEU AA 32 67.67 -6.42 35.33
CA LEU AA 32 67.70 -7.26 36.53
C LEU AA 32 66.30 -7.42 37.12
N ASN AA 33 65.50 -6.35 37.10
CA ASN AA 33 64.13 -6.42 37.60
C ASN AA 33 63.28 -5.44 36.79
N ALA AA 34 62.02 -5.27 37.20
CA ALA AA 34 61.15 -4.28 36.56
C ALA AA 34 61.50 -2.86 36.97
N LYS AA 35 62.24 -2.67 38.07
CA LYS AA 35 62.68 -1.34 38.45
C LYS AA 35 63.60 -0.75 37.40
N CYS AA 36 64.56 -1.55 36.91
CA CYS AA 36 65.41 -1.10 35.83
C CYS AA 36 64.69 -1.16 34.48
N GLU AA 37 63.76 -2.10 34.34
CA GLU AA 37 63.01 -2.25 33.09
C GLU AA 37 62.14 -1.03 32.81
N SER AA 38 61.48 -0.50 33.85
CA SER AA 38 60.56 0.62 33.64
C SER AA 38 61.29 1.89 33.25
N ALA AA 39 62.52 2.07 33.71
CA ALA AA 39 63.27 3.27 33.37
C ALA AA 39 63.77 3.26 31.94
N PHE AA 40 64.24 2.12 31.44
CA PHE AA 40 64.78 2.08 30.09
C PHE AA 40 63.69 2.23 29.03
N LEU AA 41 62.49 1.72 29.30
CA LEU AA 41 61.38 1.85 28.36
C LEU AA 41 60.86 3.27 28.25
N SER AA 42 61.20 4.15 29.18
CA SER AA 42 60.76 5.54 29.17
C SER AA 42 61.90 6.51 28.88
N LYS AA 43 62.95 6.04 28.20
CA LYS AA 43 64.06 6.87 27.71
C LYS AA 43 64.77 7.61 28.85
N ARG AA 44 65.10 6.90 29.93
CA ARG AA 44 65.79 7.49 31.06
C ARG AA 44 67.29 7.17 30.94
N ASN AA 45 68.10 8.21 30.96
CA ASN AA 45 69.54 8.01 30.85
C ASN AA 45 70.10 7.50 32.19
N PRO AA 46 70.78 6.35 32.21
CA PRO AA 46 71.39 5.88 33.45
C PRO AA 46 72.46 6.82 34.00
N ARG AA 47 73.11 7.62 33.16
CA ARG AA 47 74.15 8.52 33.65
C ARG AA 47 73.60 9.60 34.58
N GLN AA 48 72.29 9.89 34.50
CA GLN AA 48 71.65 10.83 35.40
C GLN AA 48 71.02 10.14 36.61
N ILE AA 49 71.15 8.83 36.72
CA ILE AA 49 70.56 8.05 37.80
C ILE AA 49 71.68 7.67 38.77
N ASN AA 50 71.50 8.02 40.04
CA ASN AA 50 72.61 8.00 40.99
C ASN AA 50 73.09 6.59 41.32
N TRP AA 51 72.17 5.62 41.42
CA TRP AA 51 72.49 4.33 42.00
C TRP AA 51 73.10 3.34 41.01
N THR AA 52 73.31 3.74 39.77
CA THR AA 52 73.85 2.81 38.76
C THR AA 52 75.38 2.88 38.75
N VAL AA 53 76.00 1.84 38.16
CA VAL AA 53 77.46 1.78 38.14
C VAL AA 53 78.03 2.83 37.18
N LEU AA 54 77.29 3.14 36.11
CA LEU AA 54 77.74 4.13 35.14
C LEU AA 54 77.76 5.54 35.71
N TYR AA 55 76.92 5.82 36.71
CA TYR AA 55 77.03 7.08 37.46
C TYR AA 55 78.35 7.14 38.19
N ARG AA 56 78.79 6.03 38.76
CA ARG AA 56 80.04 5.98 39.50
C ARG AA 56 81.26 5.96 38.58
N ARG AA 57 81.12 5.47 37.36
CA ARG AA 57 82.15 5.62 36.33
C ARG AA 57 82.17 7.00 35.69
N LYS AA 58 81.10 7.78 35.84
CA LYS AA 58 81.06 9.14 35.32
C LYS AA 58 81.41 10.18 36.39
N HIS AA 59 80.98 9.97 37.62
CA HIS AA 59 81.31 10.87 38.72
C HIS AA 59 82.60 10.48 39.45
N LYS AA 60 83.23 9.37 39.05
CA LYS AA 60 84.45 8.86 39.68
C LYS AA 60 84.26 8.63 41.17
N LYS AA 61 83.10 8.09 41.54
CA LYS AA 61 82.78 7.84 42.93
C LYS AA 61 83.31 6.47 43.36
N GLY AA 62 83.23 6.21 44.67
CA GLY AA 62 83.68 4.92 45.18
C GLY AA 62 85.18 4.78 45.08
N GLN AA 63 85.62 3.60 44.63
CA GLN AA 63 87.03 3.21 44.44
C GLN AA 63 87.98 3.69 45.54
N LYS BA 1 -43.35 78.59 36.60
CA LYS BA 1 -42.24 79.51 36.71
C LYS BA 1 -40.98 78.79 37.18
N LYS BA 2 -41.16 77.59 37.73
CA LYS BA 2 -40.05 76.76 38.20
C LYS BA 2 -39.71 75.75 37.12
N ILE BA 3 -38.47 75.75 36.67
CA ILE BA 3 -38.04 74.89 35.57
C ILE BA 3 -37.18 73.76 36.12
N ARG BA 4 -37.06 72.70 35.32
CA ARG BA 4 -36.21 71.57 35.65
C ARG BA 4 -34.85 71.77 34.98
N THR BA 5 -33.85 72.19 35.76
CA THR BA 5 -32.54 72.46 35.20
C THR BA 5 -31.83 71.17 34.79
N SER BA 6 -31.96 70.12 35.59
CA SER BA 6 -31.25 68.90 35.25
C SER BA 6 -32.18 67.91 34.55
N PRO BA 7 -31.66 67.16 33.57
CA PRO BA 7 -32.49 66.14 32.91
C PRO BA 7 -32.70 64.89 33.74
N THR BA 8 -32.08 64.78 34.90
CA THR BA 8 -32.20 63.60 35.76
C THR BA 8 -33.11 63.94 36.94
N PHE BA 9 -34.14 63.13 37.14
CA PHE BA 9 -35.02 63.30 38.29
C PHE BA 9 -34.38 62.66 39.52
N ARG BA 10 -34.31 63.42 40.61
CA ARG BA 10 -33.74 62.94 41.86
C ARG BA 10 -34.79 63.03 42.95
N ARG BA 11 -34.70 62.11 43.91
CA ARG BA 11 -35.66 62.08 45.01
C ARG BA 11 -35.56 63.34 45.85
N PRO BA 12 -36.66 64.03 46.10
CA PRO BA 12 -36.59 65.27 46.89
C PRO BA 12 -36.20 65.01 48.33
N LYS BA 13 -35.54 66.00 48.93
CA LYS BA 13 -35.08 65.91 50.31
C LYS BA 13 -36.27 66.11 51.23
N THR BA 14 -36.91 65.01 51.62
CA THR BA 14 -38.08 65.07 52.48
C THR BA 14 -37.67 65.21 53.94
N LEU BA 15 -38.59 65.75 54.74
CA LEU BA 15 -38.34 65.94 56.16
C LEU BA 15 -38.55 64.64 56.91
N ARG BA 16 -37.58 64.26 57.73
CA ARG BA 16 -37.68 63.11 58.61
C ARG BA 16 -37.50 63.56 60.05
N LEU BA 17 -38.28 62.97 60.96
CA LEU BA 17 -38.24 63.35 62.36
C LEU BA 17 -37.27 62.44 63.13
N ARG BA 18 -37.05 62.78 64.39
CA ARG BA 18 -36.23 61.98 65.28
C ARG BA 18 -37.12 61.07 66.13
N ARG BA 19 -36.52 60.42 67.12
CA ARG BA 19 -37.23 59.45 67.93
C ARG BA 19 -37.85 60.12 69.15
N GLN BA 20 -39.18 60.07 69.24
CA GLN BA 20 -39.93 60.45 70.45
C GLN BA 20 -40.65 59.21 70.96
N PRO BA 21 -39.92 58.29 71.62
CA PRO BA 21 -40.57 57.06 72.08
C PRO BA 21 -41.54 57.33 73.21
N LYS BA 22 -42.68 56.64 73.17
CA LYS BA 22 -43.66 56.76 74.23
C LYS BA 22 -43.28 55.97 75.48
N TYR BA 23 -42.26 55.12 75.38
CA TYR BA 23 -41.77 54.34 76.51
C TYR BA 23 -40.37 53.87 76.17
N PRO BA 24 -39.44 53.86 77.13
CA PRO BA 24 -38.12 53.30 76.86
C PRO BA 24 -38.21 51.80 76.59
N ARG BA 25 -37.34 51.31 75.70
CA ARG BA 25 -37.35 49.89 75.36
C ARG BA 25 -36.89 49.05 76.53
N LYS BA 26 -35.69 49.31 77.03
CA LYS BA 26 -35.27 48.73 78.30
C LYS BA 26 -35.70 49.64 79.44
N SER BA 27 -36.03 49.02 80.58
CA SER BA 27 -36.57 49.76 81.72
C SER BA 27 -35.54 50.71 82.31
N ALA BA 28 -34.34 50.23 82.55
CA ALA BA 28 -33.27 51.01 83.15
C ALA BA 28 -31.98 50.77 82.39
N PRO BA 29 -31.08 51.76 82.37
CA PRO BA 29 -29.76 51.54 81.77
C PRO BA 29 -28.97 50.50 82.54
N ARG BA 30 -28.15 49.74 81.81
CA ARG BA 30 -27.33 48.72 82.45
C ARG BA 30 -26.21 49.37 83.26
N ARG BA 31 -25.95 48.82 84.44
CA ARG BA 31 -24.86 49.30 85.27
C ARG BA 31 -23.52 48.90 84.65
N ASN BA 32 -22.51 49.75 84.85
CA ASN BA 32 -21.19 49.52 84.28
C ASN BA 32 -20.54 48.32 84.97
N LYS BA 33 -20.41 47.21 84.24
CA LYS BA 33 -19.77 46.01 84.75
C LYS BA 33 -18.28 45.98 84.45
N LEU BA 34 -17.72 47.11 84.02
CA LEU BA 34 -16.29 47.26 83.75
C LEU BA 34 -15.76 48.42 84.57
N ASP BA 35 -16.10 48.43 85.86
CA ASP BA 35 -15.73 49.52 86.75
C ASP BA 35 -14.27 49.45 87.17
N HIS BA 36 -13.86 50.32 88.10
CA HIS BA 36 -12.45 50.44 88.45
C HIS BA 36 -11.96 49.29 89.33
N TYR BA 37 -12.87 48.48 89.89
CA TYR BA 37 -12.47 47.31 90.65
C TYR BA 37 -12.43 46.04 89.82
N ALA BA 38 -13.30 45.90 88.81
CA ALA BA 38 -13.28 44.74 87.96
C ALA BA 38 -12.20 44.82 86.88
N ILE BA 39 -11.54 45.97 86.75
CA ILE BA 39 -10.49 46.14 85.76
C ILE BA 39 -9.10 45.82 86.33
N ILE BA 40 -8.91 45.92 87.64
CA ILE BA 40 -7.64 45.63 88.28
C ILE BA 40 -7.85 44.38 89.14
N LYS BA 41 -7.32 43.25 88.70
CA LYS BA 41 -7.53 42.00 89.41
C LYS BA 41 -6.57 41.86 90.58
N PHE BA 42 -5.27 41.78 90.29
CA PHE BA 42 -4.25 41.63 91.33
C PHE BA 42 -2.89 41.91 90.73
N PRO BA 43 -1.95 42.45 91.50
CA PRO BA 43 -0.60 42.69 91.01
C PRO BA 43 0.23 41.40 90.99
N LEU BA 44 1.51 41.56 90.71
CA LEU BA 44 2.43 40.43 90.59
C LEU BA 44 3.52 40.51 91.65
N THR BA 45 3.82 39.37 92.26
CA THR BA 45 4.95 39.23 93.18
C THR BA 45 6.15 38.56 92.52
N THR BA 46 6.18 38.52 91.18
CA THR BA 46 7.27 37.91 90.45
C THR BA 46 8.56 38.69 90.64
N GLU BA 47 9.66 37.96 90.84
CA GLU BA 47 10.96 38.62 90.99
C GLU BA 47 11.38 39.32 89.70
N SER BA 48 10.92 38.84 88.55
CA SER BA 48 11.12 39.58 87.32
C SER BA 48 10.31 40.87 87.31
N ALA BA 49 9.08 40.83 87.80
CA ALA BA 49 8.28 42.03 87.97
C ALA BA 49 8.73 42.84 89.18
N MET BA 50 9.29 42.18 90.20
CA MET BA 50 9.84 42.90 91.34
C MET BA 50 11.03 43.78 90.93
N LYS BA 51 11.90 43.25 90.08
CA LYS BA 51 13.07 44.00 89.63
C LYS BA 51 12.66 45.21 88.79
N LYS BA 52 11.54 45.10 88.06
CA LYS BA 52 11.04 46.20 87.26
C LYS BA 52 10.55 47.37 88.11
N ILE BA 53 10.30 47.14 89.40
CA ILE BA 53 9.64 48.16 90.22
C ILE BA 53 10.63 49.23 90.67
N GLU BA 54 11.70 48.85 91.36
CA GLU BA 54 12.62 49.88 91.85
C GLU BA 54 13.58 50.38 90.77
N ASP BA 55 13.67 49.68 89.64
CA ASP BA 55 14.56 50.10 88.56
C ASP BA 55 13.85 51.01 87.56
N ASN BA 56 12.71 50.56 87.04
CA ASN BA 56 11.96 51.29 86.02
C ASN BA 56 10.93 52.25 86.61
N ASN BA 57 10.76 52.26 87.94
CA ASN BA 57 9.77 53.10 88.64
C ASN BA 57 8.36 52.84 88.12
N THR BA 58 8.04 51.56 87.95
CA THR BA 58 6.76 51.13 87.40
C THR BA 58 6.02 50.21 88.38
N LEU BA 59 4.85 49.74 87.96
CA LEU BA 59 4.07 48.76 88.70
C LEU BA 59 3.45 47.79 87.70
N VAL BA 60 3.22 46.56 88.13
CA VAL BA 60 2.77 45.47 87.27
C VAL BA 60 1.47 44.91 87.81
N PHE BA 61 0.46 44.79 86.95
CA PHE BA 61 -0.85 44.30 87.34
C PHE BA 61 -1.41 43.32 86.31
N ILE BA 62 -2.33 42.48 86.77
CA ILE BA 62 -3.19 41.70 85.89
C ILE BA 62 -4.47 42.49 85.67
N VAL BA 63 -4.81 42.74 84.41
CA VAL BA 63 -5.90 43.62 84.03
C VAL BA 63 -6.91 42.83 83.21
N ASP BA 64 -8.19 43.15 83.40
CA ASP BA 64 -9.26 42.49 82.68
C ASP BA 64 -9.09 42.65 81.17
N VAL BA 65 -9.55 41.64 80.43
CA VAL BA 65 -9.26 41.53 79.01
C VAL BA 65 -9.95 42.61 78.17
N LYS BA 66 -11.10 43.12 78.61
CA LYS BA 66 -11.87 44.10 77.85
C LYS BA 66 -11.54 45.53 78.24
N ALA BA 67 -10.30 45.77 78.67
CA ALA BA 67 -9.90 47.07 79.20
C ALA BA 67 -9.38 47.97 78.08
N ASN BA 68 -8.81 49.10 78.46
CA ASN BA 68 -8.30 50.09 77.54
C ASN BA 68 -7.22 50.88 78.26
N LYS BA 69 -6.24 51.38 77.49
CA LYS BA 69 -5.14 52.15 78.08
C LYS BA 69 -5.63 53.42 78.74
N HIS BA 70 -6.73 54.00 78.24
CA HIS BA 70 -7.32 55.16 78.90
C HIS BA 70 -7.98 54.77 80.22
N GLN BA 71 -8.63 53.62 80.28
CA GLN BA 71 -9.29 53.20 81.52
C GLN BA 71 -8.30 52.70 82.57
N ILE BA 72 -7.25 52.00 82.15
CA ILE BA 72 -6.25 51.49 83.10
C ILE BA 72 -5.50 52.64 83.75
N LYS BA 73 -5.16 53.66 82.96
CA LYS BA 73 -4.53 54.86 83.50
C LYS BA 73 -5.45 55.58 84.49
N GLN BA 74 -6.75 55.64 84.19
CA GLN BA 74 -7.69 56.29 85.08
C GLN BA 74 -8.01 55.43 86.30
N ALA BA 75 -7.88 54.10 86.17
CA ALA BA 75 -8.22 53.21 87.28
C ALA BA 75 -7.23 53.34 88.43
N VAL BA 76 -5.92 53.28 88.14
CA VAL BA 76 -4.92 53.38 89.20
C VAL BA 76 -4.91 54.78 89.79
N LYS BA 77 -5.34 55.78 89.03
CA LYS BA 77 -5.58 57.10 89.60
C LYS BA 77 -6.74 57.09 90.59
N LYS BA 78 -7.80 56.33 90.28
CA LYS BA 78 -8.97 56.31 91.15
C LYS BA 78 -8.71 55.54 92.44
N LEU BA 79 -7.99 54.42 92.36
CA LEU BA 79 -7.80 53.58 93.54
C LEU BA 79 -6.76 54.14 94.49
N TYR BA 80 -5.53 54.30 94.02
CA TYR BA 80 -4.41 54.62 94.90
C TYR BA 80 -3.84 56.02 94.66
N ASP BA 81 -4.65 56.95 94.13
CA ASP BA 81 -4.38 58.37 93.83
C ASP BA 81 -2.95 58.69 93.41
N ILE BA 82 -2.43 57.94 92.44
CA ILE BA 82 -1.10 58.15 91.88
C ILE BA 82 -1.20 58.46 90.39
N ASP BA 83 -0.47 59.48 89.96
CA ASP BA 83 -0.49 59.92 88.57
C ASP BA 83 0.45 59.05 87.73
N VAL BA 84 0.18 59.02 86.43
CA VAL BA 84 0.77 58.06 85.52
C VAL BA 84 1.42 58.81 84.37
N ALA BA 85 2.68 58.48 84.07
CA ALA BA 85 3.34 59.05 82.90
C ALA BA 85 2.84 58.38 81.62
N LYS BA 86 2.88 57.05 81.58
CA LYS BA 86 2.30 56.29 80.49
C LYS BA 86 1.91 54.92 81.01
N VAL BA 87 1.03 54.24 80.29
CA VAL BA 87 0.58 52.91 80.63
C VAL BA 87 0.93 51.97 79.48
N ASN BA 88 1.42 50.79 79.82
CA ASN BA 88 1.96 49.86 78.83
C ASN BA 88 1.36 48.48 79.09
N THR BA 89 0.72 47.92 78.07
CA THR BA 89 -0.08 46.71 78.22
C THR BA 89 0.40 45.61 77.28
N LEU BA 90 0.11 44.37 77.66
CA LEU BA 90 0.30 43.20 76.80
C LEU BA 90 -0.71 42.13 77.20
N ILE BA 91 -0.91 41.17 76.30
CA ILE BA 91 -1.78 40.03 76.55
C ILE BA 91 -0.90 38.79 76.70
N ARG BA 92 -0.96 38.17 77.88
CA ARG BA 92 -0.16 36.99 78.15
C ARG BA 92 -0.75 35.78 77.41
N PRO BA 93 0.09 34.74 77.14
CA PRO BA 93 -0.40 33.49 76.53
C PRO BA 93 -1.10 32.57 77.51
N ASP BA 94 -1.95 33.14 78.36
CA ASP BA 94 -2.77 32.37 79.28
C ASP BA 94 -4.21 32.88 79.34
N GLY BA 95 -4.56 33.91 78.57
CA GLY BA 95 -5.91 34.42 78.51
C GLY BA 95 -6.10 35.83 79.01
N GLU BA 96 -5.27 36.31 79.94
CA GLU BA 96 -5.47 37.61 80.55
C GLU BA 96 -4.47 38.64 80.01
N LYS BA 97 -4.67 39.89 80.42
CA LYS BA 97 -3.88 41.03 79.98
C LYS BA 97 -3.03 41.55 81.13
N LYS BA 98 -1.74 41.72 80.87
CA LYS BA 98 -0.82 42.30 81.85
C LYS BA 98 -0.48 43.73 81.47
N ALA BA 99 -0.36 44.59 82.48
CA ALA BA 99 -0.08 46.01 82.27
C ALA BA 99 1.19 46.41 83.02
N TYR BA 100 2.02 47.22 82.36
CA TYR BA 100 3.22 47.81 82.95
C TYR BA 100 2.97 49.30 83.06
N VAL BA 101 2.38 49.73 84.18
CA VAL BA 101 2.03 51.13 84.35
C VAL BA 101 3.27 51.90 84.82
N ARG BA 102 3.66 52.91 84.05
CA ARG BA 102 4.84 53.71 84.36
C ARG BA 102 4.42 54.94 85.16
N LEU BA 103 5.08 55.15 86.29
CA LEU BA 103 4.79 56.30 87.13
C LEU BA 103 5.56 57.52 86.66
N ALA BA 104 5.09 58.69 87.08
CA ALA BA 104 5.86 59.91 86.92
C ALA BA 104 7.06 59.89 87.88
N PRO BA 105 8.15 60.59 87.54
CA PRO BA 105 9.35 60.55 88.39
C PRO BA 105 9.17 61.21 89.76
N ASP BA 106 8.09 61.97 89.96
CA ASP BA 106 7.88 62.63 91.25
C ASP BA 106 7.38 61.68 92.34
N TYR BA 107 6.88 60.50 92.00
CA TYR BA 107 6.56 59.48 93.00
C TYR BA 107 7.53 58.32 92.94
N ASP BA 108 7.57 57.55 94.03
CA ASP BA 108 8.46 56.42 94.19
C ASP BA 108 7.66 55.13 94.10
N ALA BA 109 8.18 54.16 93.35
CA ALA BA 109 7.44 52.92 93.10
C ALA BA 109 7.40 52.04 94.34
N LEU BA 110 8.53 51.85 95.01
CA LEU BA 110 8.56 50.93 96.14
C LEU BA 110 7.90 51.51 97.38
N ASP BA 111 7.75 52.84 97.44
CA ASP BA 111 7.03 53.45 98.55
C ASP BA 111 5.54 53.11 98.48
N VAL BA 112 4.95 53.24 97.29
CA VAL BA 112 3.53 52.94 97.13
C VAL BA 112 3.27 51.44 97.02
N ALA BA 113 4.28 50.65 96.64
CA ALA BA 113 4.11 49.21 96.55
C ALA BA 113 3.90 48.58 97.92
N ASN BA 114 4.49 49.15 98.96
CA ASN BA 114 4.24 48.67 100.32
C ASN BA 114 2.80 48.95 100.76
N LYS BA 115 2.18 50.00 100.23
CA LYS BA 115 0.77 50.24 100.51
C LYS BA 115 -0.12 49.23 99.79
N ILE BA 116 0.31 48.73 98.63
CA ILE BA 116 -0.44 47.69 97.94
C ILE BA 116 -0.44 46.40 98.76
N GLY BA 117 0.73 46.03 99.28
CA GLY BA 117 0.88 44.78 100.01
C GLY BA 117 1.97 43.91 99.45
N ILE BA 118 2.42 44.23 98.24
CA ILE BA 118 3.45 43.47 97.57
C ILE BA 118 4.82 44.03 97.91
N ILE BA 119 5.80 43.15 98.08
CA ILE BA 119 7.17 43.57 98.38
C ILE BA 119 8.13 42.49 97.88
N MET CA 1 -48.55 -5.20 99.95
CA MET CA 1 -47.74 -4.44 99.00
C MET CA 1 -48.28 -3.05 98.72
N LYS CA 2 -47.63 -2.34 97.82
CA LYS CA 2 -48.00 -0.96 97.51
C LYS CA 2 -49.11 -0.93 96.46
N PHE CA 3 -50.04 -0.01 96.65
CA PHE CA 3 -51.16 0.16 95.72
C PHE CA 3 -51.21 1.52 95.06
N ASN CA 4 -50.41 2.48 95.50
CA ASN CA 4 -50.26 3.73 94.77
C ASN CA 4 -49.40 3.47 93.53
N PRO CA 5 -49.93 3.74 92.32
CA PRO CA 5 -49.15 3.47 91.11
C PRO CA 5 -47.96 4.39 90.90
N PHE CA 6 -47.75 5.38 91.76
CA PHE CA 6 -46.63 6.31 91.61
C PHE CA 6 -45.46 5.97 92.52
N VAL CA 7 -45.48 4.80 93.17
CA VAL CA 7 -44.40 4.34 94.03
C VAL CA 7 -43.43 3.52 93.19
N THR CA 8 -42.13 3.73 93.41
CA THR CA 8 -41.08 3.11 92.59
C THR CA 8 -41.13 1.59 92.62
N SER CA 9 -40.85 0.99 93.78
CA SER CA 9 -40.85 -0.46 93.97
C SER CA 9 -39.96 -1.17 92.94
N ASP CA 10 -38.83 -0.55 92.61
CA ASP CA 10 -37.92 -1.06 91.58
C ASP CA 10 -36.52 -1.22 92.17
N ARG CA 11 -35.82 -2.26 91.74
CA ARG CA 11 -34.47 -2.52 92.25
C ARG CA 11 -33.51 -1.41 91.85
N SER CA 12 -33.56 -0.98 90.59
CA SER CA 12 -32.64 0.06 90.13
C SER CA 12 -33.08 1.45 90.60
N LYS CA 13 -34.38 1.70 90.63
CA LYS CA 13 -34.88 3.04 90.95
C LYS CA 13 -34.75 3.37 92.43
N ASN CA 14 -35.00 2.40 93.32
CA ASN CA 14 -34.89 2.66 94.74
C ASN CA 14 -33.44 2.88 95.16
N ARG CA 15 -32.52 2.12 94.58
CA ARG CA 15 -31.10 2.31 94.87
C ARG CA 15 -30.58 3.61 94.28
N LYS CA 16 -31.08 4.00 93.10
CA LYS CA 16 -30.69 5.28 92.51
C LYS CA 16 -31.18 6.45 93.36
N ARG CA 17 -32.41 6.36 93.89
CA ARG CA 17 -32.91 7.42 94.75
C ARG CA 17 -32.18 7.45 96.09
N HIS CA 18 -31.80 6.28 96.61
CA HIS CA 18 -31.14 6.22 97.91
C HIS CA 18 -29.72 6.78 97.85
N PHE CA 19 -28.94 6.34 96.87
CA PHE CA 19 -27.55 6.76 96.78
C PHE CA 19 -27.37 8.19 96.26
N ASN CA 20 -28.30 8.67 95.44
CA ASN CA 20 -28.22 10.01 94.86
C ASN CA 20 -29.22 10.97 95.51
N ALA CA 21 -29.65 10.66 96.73
CA ALA CA 21 -30.54 11.56 97.45
C ALA CA 21 -29.79 12.83 97.86
N PRO CA 22 -30.45 13.98 97.85
CA PRO CA 22 -29.80 15.20 98.33
C PRO CA 22 -29.65 15.20 99.85
N SER CA 23 -29.03 16.26 100.35
CA SER CA 23 -28.61 16.30 101.75
C SER CA 23 -29.80 16.30 102.72
N HIS CA 24 -30.86 17.03 102.40
CA HIS CA 24 -32.00 17.12 103.31
C HIS CA 24 -32.86 15.85 103.32
N ILE CA 25 -32.90 15.11 102.21
CA ILE CA 25 -33.47 13.76 102.26
C ILE CA 25 -32.59 12.81 103.06
N ARG CA 26 -31.27 12.98 102.95
CA ARG CA 26 -30.34 12.11 103.65
C ARG CA 26 -30.46 12.25 105.17
N ARG CA 27 -30.95 13.40 105.64
CA ARG CA 27 -31.24 13.54 107.07
C ARG CA 27 -32.38 12.62 107.49
N LYS CA 28 -33.41 12.49 106.65
CA LYS CA 28 -34.57 11.68 107.00
C LYS CA 28 -34.30 10.19 106.93
N ILE CA 29 -33.53 9.74 105.93
CA ILE CA 29 -33.20 8.32 105.82
C ILE CA 29 -32.33 7.90 107.00
N MET CA 30 -31.45 8.78 107.47
CA MET CA 30 -30.57 8.48 108.59
C MET CA 30 -31.30 8.79 109.90
N SER CA 31 -32.30 7.98 110.19
CA SER CA 31 -33.09 8.12 111.40
C SER CA 31 -32.84 6.94 112.32
N SER CA 32 -32.83 7.22 113.62
CA SER CA 32 -32.48 6.23 114.62
C SER CA 32 -33.60 6.09 115.64
N PRO CA 33 -33.91 4.87 116.06
CA PRO CA 33 -34.94 4.68 117.09
C PRO CA 33 -34.47 5.18 118.44
N LEU CA 34 -35.44 5.61 119.24
CA LEU CA 34 -35.15 6.10 120.58
C LEU CA 34 -35.02 4.92 121.55
N SER CA 35 -34.56 5.24 122.76
CA SER CA 35 -34.45 4.22 123.79
C SER CA 35 -35.84 3.80 124.28
N LYS CA 36 -35.87 2.69 125.03
CA LYS CA 36 -37.14 2.18 125.54
C LYS CA 36 -37.80 3.16 126.50
N GLU CA 37 -37.02 3.78 127.37
CA GLU CA 37 -37.57 4.69 128.37
C GLU CA 37 -38.14 5.96 127.74
N LEU CA 38 -37.53 6.44 126.65
CA LEU CA 38 -38.05 7.63 126.00
C LEU CA 38 -39.27 7.32 125.14
N ARG CA 39 -39.50 6.04 124.84
CA ARG CA 39 -40.60 5.70 123.92
C ARG CA 39 -41.96 5.82 124.58
N GLN CA 40 -42.05 5.61 125.89
CA GLN CA 40 -43.29 5.87 126.61
C GLN CA 40 -43.38 7.31 127.10
N LYS CA 41 -42.31 8.09 126.97
CA LYS CA 41 -42.33 9.49 127.37
C LYS CA 41 -42.57 10.45 126.20
N TYR CA 42 -42.12 10.08 125.00
CA TYR CA 42 -42.34 10.89 123.81
C TYR CA 42 -43.34 10.30 122.83
N ASN CA 43 -43.62 9.00 122.92
CA ASN CA 43 -44.48 8.27 121.97
C ASN CA 43 -43.99 8.46 120.54
N VAL CA 44 -42.67 8.43 120.36
CA VAL CA 44 -42.03 8.60 119.07
C VAL CA 44 -41.15 7.38 118.81
N ARG CA 45 -41.36 6.74 117.66
CA ARG CA 45 -40.62 5.52 117.34
C ARG CA 45 -39.17 5.81 116.96
N SER CA 46 -38.93 6.83 116.13
CA SER CA 46 -37.60 7.08 115.62
C SER CA 46 -37.44 8.57 115.34
N MET CA 47 -36.18 9.00 115.24
CA MET CA 47 -35.84 10.41 115.06
C MET CA 47 -34.48 10.48 114.40
N PRO CA 48 -34.29 11.39 113.44
CA PRO CA 48 -32.99 11.52 112.78
C PRO CA 48 -31.87 11.87 113.75
N ILE CA 49 -30.67 11.35 113.46
CA ILE CA 49 -29.51 11.61 114.29
C ILE CA 49 -29.12 13.08 114.18
N ARG CA 50 -28.49 13.59 115.24
CA ARG CA 50 -28.13 15.00 115.32
C ARG CA 50 -26.63 15.09 115.60
N LYS CA 51 -26.14 16.33 115.76
CA LYS CA 51 -24.72 16.56 115.95
C LYS CA 51 -24.26 16.13 117.35
N ASP CA 52 -25.01 16.49 118.38
CA ASP CA 52 -24.56 16.32 119.76
C ASP CA 52 -25.49 15.41 120.54
N ASP CA 53 -25.93 14.32 119.92
CA ASP CA 53 -26.58 13.26 120.66
C ASP CA 53 -25.52 12.28 121.18
N GLU CA 54 -25.92 11.46 122.14
CA GLU CA 54 -25.06 10.40 122.64
C GLU CA 54 -25.75 9.06 122.44
N VAL CA 55 -24.95 8.03 122.14
CA VAL CA 55 -25.43 6.85 121.45
C VAL CA 55 -25.00 5.60 122.19
N GLN CA 56 -25.93 4.68 122.39
CA GLN CA 56 -25.63 3.31 122.77
C GLN CA 56 -25.50 2.47 121.51
N VAL CA 57 -24.41 1.70 121.42
CA VAL CA 57 -24.10 0.91 120.24
C VAL CA 57 -24.87 -0.41 120.33
N VAL CA 58 -25.53 -0.78 119.22
CA VAL CA 58 -26.41 -1.94 119.22
C VAL CA 58 -25.69 -3.18 118.70
N ARG CA 59 -25.23 -3.14 117.46
CA ARG CA 59 -24.60 -4.27 116.80
C ARG CA 59 -23.19 -3.90 116.34
N GLY CA 60 -22.48 -4.91 115.86
CA GLY CA 60 -21.16 -4.73 115.29
C GLY CA 60 -20.07 -5.23 116.23
N HIS CA 61 -18.83 -4.95 115.83
CA HIS CA 61 -17.69 -5.27 116.68
C HIS CA 61 -17.64 -4.39 117.92
N TYR CA 62 -18.18 -3.18 117.82
CA TYR CA 62 -18.21 -2.23 118.92
C TYR CA 62 -19.51 -2.32 119.72
N LYS CA 63 -20.28 -3.39 119.54
CA LYS CA 63 -21.51 -3.59 120.29
C LYS CA 63 -21.20 -3.76 121.77
N GLY CA 64 -21.97 -3.09 122.61
CA GLY CA 64 -21.79 -3.18 124.05
C GLY CA 64 -22.80 -2.36 124.82
N GLN CA 65 -22.43 -1.95 126.04
CA GLN CA 65 -23.30 -1.13 126.88
C GLN CA 65 -22.74 0.25 127.12
N GLN CA 66 -21.74 0.67 126.35
CA GLN CA 66 -21.18 2.01 126.50
C GLN CA 66 -22.08 3.04 125.84
N ILE CA 67 -22.11 4.23 126.44
CA ILE CA 67 -22.90 5.35 125.93
C ILE CA 67 -21.92 6.45 125.54
N GLY CA 68 -21.87 6.79 124.26
CA GLY CA 68 -20.92 7.76 123.75
C GLY CA 68 -21.56 8.78 122.85
N LYS CA 69 -21.03 10.01 122.93
CA LYS CA 69 -21.57 11.14 122.18
C LYS CA 69 -21.14 11.07 120.71
N VAL CA 70 -22.04 11.51 119.84
CA VAL CA 70 -21.71 11.65 118.43
C VAL CA 70 -20.72 12.79 118.24
N VAL CA 71 -19.65 12.53 117.49
CA VAL CA 71 -18.64 13.55 117.24
C VAL CA 71 -19.13 14.47 116.13
N GLN CA 72 -19.35 13.90 114.94
CA GLN CA 72 -19.88 14.66 113.81
C GLN CA 72 -20.53 13.69 112.85
N VAL CA 73 -21.52 14.18 112.11
CA VAL CA 73 -22.32 13.35 111.20
C VAL CA 73 -21.76 13.51 109.79
N TYR CA 74 -21.45 12.38 109.15
CA TYR CA 74 -20.86 12.34 107.81
C TYR CA 74 -21.95 11.86 106.85
N ARG CA 75 -22.71 12.81 106.30
CA ARG CA 75 -23.88 12.47 105.51
C ARG CA 75 -23.57 12.02 104.09
N LYS CA 76 -22.34 12.20 103.63
CA LYS CA 76 -21.98 11.70 102.30
C LYS CA 76 -21.86 10.17 102.31
N LYS CA 77 -21.21 9.62 103.33
CA LYS CA 77 -21.02 8.18 103.43
C LYS CA 77 -22.09 7.50 104.28
N TYR CA 78 -23.18 8.21 104.60
CA TYR CA 78 -24.37 7.65 105.24
C TYR CA 78 -24.03 7.02 106.60
N VAL CA 79 -23.24 7.72 107.40
CA VAL CA 79 -22.69 7.12 108.61
C VAL CA 79 -22.32 8.24 109.58
N ILE CA 80 -22.30 7.91 110.87
CA ILE CA 80 -21.98 8.86 111.92
C ILE CA 80 -20.79 8.33 112.73
N TYR CA 81 -20.22 9.20 113.56
CA TYR CA 81 -19.03 8.88 114.35
C TYR CA 81 -19.34 9.01 115.83
N ILE CA 82 -18.71 8.17 116.64
CA ILE CA 82 -18.89 8.15 118.09
C ILE CA 82 -17.52 8.38 118.74
N GLU CA 83 -17.53 8.98 119.94
CA GLU CA 83 -16.27 9.35 120.59
C GLU CA 83 -15.47 8.11 120.99
N ARG CA 84 -16.13 7.14 121.62
CA ARG CA 84 -15.46 5.93 122.11
C ARG CA 84 -15.46 4.80 121.09
N VAL CA 85 -16.09 5.00 119.93
CA VAL CA 85 -15.97 4.06 118.82
C VAL CA 85 -14.92 4.64 117.86
N GLN CA 86 -13.68 4.17 117.97
CA GLN CA 86 -12.64 4.52 117.02
C GLN CA 86 -11.72 3.32 116.85
N ARG CA 87 -10.67 3.51 116.06
CA ARG CA 87 -9.71 2.45 115.79
C ARG CA 87 -8.37 3.08 115.51
N GLU CA 88 -7.34 2.64 116.22
CA GLU CA 88 -6.01 3.20 116.03
C GLU CA 88 -5.45 2.78 114.67
N LYS CA 89 -4.80 3.72 113.99
CA LYS CA 89 -4.20 3.44 112.70
C LYS CA 89 -2.85 2.75 112.93
N ALA CA 90 -2.14 2.47 111.83
CA ALA CA 90 -0.81 1.88 111.95
C ALA CA 90 0.16 2.82 112.65
N ASN CA 91 0.10 4.11 112.33
CA ASN CA 91 1.04 5.09 112.84
C ASN CA 91 0.66 5.63 114.21
N GLY CA 92 -0.24 4.95 114.93
CA GLY CA 92 -0.63 5.35 116.25
C GLY CA 92 -1.77 6.35 116.32
N THR CA 93 -2.10 6.99 115.20
CA THR CA 93 -3.23 7.91 115.17
C THR CA 93 -4.55 7.14 115.25
N THR CA 94 -5.58 7.82 115.74
CA THR CA 94 -6.89 7.22 115.93
C THR CA 94 -7.86 7.73 114.88
N VAL CA 95 -8.60 6.79 114.28
CA VAL CA 95 -9.58 7.10 113.24
C VAL CA 95 -10.93 6.59 113.72
N HIS CA 96 -11.94 7.47 113.68
CA HIS CA 96 -13.29 7.11 114.10
C HIS CA 96 -13.92 6.19 113.06
N VAL CA 97 -14.04 4.91 113.39
CA VAL CA 97 -14.79 3.98 112.54
C VAL CA 97 -16.27 4.23 112.74
N GLY CA 98 -16.98 4.47 111.64
CA GLY CA 98 -18.36 4.88 111.73
C GLY CA 98 -19.31 3.73 111.99
N ILE CA 99 -20.47 4.08 112.54
CA ILE CA 99 -21.58 3.14 112.76
C ILE CA 99 -22.80 3.69 112.04
N HIS CA 100 -23.46 2.84 111.26
CA HIS CA 100 -24.64 3.27 110.52
C HIS CA 100 -25.76 3.63 111.48
N PRO CA 101 -26.55 4.66 111.18
CA PRO CA 101 -27.62 5.07 112.11
C PRO CA 101 -28.70 4.03 112.32
N SER CA 102 -28.83 3.04 111.44
CA SER CA 102 -29.78 1.95 111.65
C SER CA 102 -29.38 1.03 112.79
N LYS CA 103 -28.10 1.00 113.16
CA LYS CA 103 -27.60 0.20 114.27
C LYS CA 103 -27.34 1.09 115.48
N VAL CA 104 -28.17 2.12 115.65
CA VAL CA 104 -27.99 3.16 116.66
C VAL CA 104 -29.28 3.34 117.43
N VAL CA 105 -29.19 3.31 118.76
CA VAL CA 105 -30.30 3.64 119.64
C VAL CA 105 -29.91 4.88 120.45
N ILE CA 106 -30.82 5.85 120.52
CA ILE CA 106 -30.53 7.13 121.15
C ILE CA 106 -31.06 7.12 122.58
N THR CA 107 -30.19 7.44 123.54
CA THR CA 107 -30.57 7.47 124.94
C THR CA 107 -31.14 8.81 125.38
N ARG CA 108 -30.73 9.90 124.75
CA ARG CA 108 -31.22 11.24 125.05
C ARG CA 108 -30.87 12.16 123.89
N LEU CA 109 -31.86 12.92 123.44
CA LEU CA 109 -31.65 13.83 122.31
C LEU CA 109 -31.04 15.14 122.78
N LYS CA 110 -30.47 15.88 121.83
CA LYS CA 110 -29.94 17.22 122.09
C LYS CA 110 -31.03 18.21 121.70
N LEU CA 111 -31.76 18.70 122.69
CA LEU CA 111 -33.01 19.41 122.43
C LEU CA 111 -32.77 20.87 122.07
N ASP CA 112 -33.57 21.35 121.12
CA ASP CA 112 -33.64 22.76 120.74
C ASP CA 112 -35.07 23.06 120.31
N LYS CA 113 -35.36 24.35 120.09
CA LYS CA 113 -36.74 24.74 119.85
C LYS CA 113 -37.27 24.21 118.53
N ASP CA 114 -36.37 23.89 117.57
CA ASP CA 114 -36.76 23.21 116.35
C ASP CA 114 -36.88 21.71 116.53
N ARG CA 115 -36.54 21.18 117.71
CA ARG CA 115 -36.64 19.76 117.99
C ARG CA 115 -37.86 19.42 118.83
N LYS CA 116 -38.25 20.30 119.78
CA LYS CA 116 -39.49 20.09 120.52
C LYS CA 116 -40.70 20.10 119.61
N LYS CA 117 -40.68 20.94 118.56
CA LYS CA 117 -41.77 20.98 117.60
C LYS CA 117 -41.86 19.73 116.74
N ILE CA 118 -40.86 18.86 116.78
CA ILE CA 118 -40.88 17.63 116.01
C ILE CA 118 -41.31 16.45 116.89
N LEU CA 119 -40.96 16.49 118.18
CA LEU CA 119 -41.41 15.47 119.11
C LEU CA 119 -42.93 15.44 119.23
N GLU CA 120 -43.57 16.61 119.35
CA GLU CA 120 -45.00 16.64 119.58
C GLU CA 120 -45.79 16.34 118.31
N ARG CA 121 -45.30 16.79 117.15
CA ARG CA 121 -46.04 16.57 115.91
C ARG CA 121 -45.98 15.12 115.45
N LYS CA 122 -44.91 14.40 115.80
CA LYS CA 122 -44.90 12.96 115.57
C LYS CA 122 -45.76 12.24 116.60
N ALA CA 123 -45.82 12.78 117.83
CA ALA CA 123 -46.69 12.20 118.85
C ALA CA 123 -48.16 12.56 118.60
N LYS CA 124 -48.41 13.76 118.05
CA LYS CA 124 -49.78 14.13 117.70
C LYS CA 124 -50.33 13.23 116.60
N SER CA 125 -49.52 12.93 115.59
CA SER CA 125 -49.92 12.00 114.54
C SER CA 125 -50.01 10.57 115.04
N ARG CA 126 -49.30 10.23 116.12
CA ARG CA 126 -49.46 8.92 116.74
C ARG CA 126 -50.84 8.75 117.33
N GLN CA 127 -51.37 9.81 117.96
CA GLN CA 127 -52.67 9.74 118.62
C GLN CA 127 -53.84 9.82 117.65
N VAL CA 128 -53.62 10.29 116.43
CA VAL CA 128 -54.71 10.31 115.44
C VAL CA 128 -55.09 8.89 115.03
N GLY CA 129 -54.09 8.04 114.78
CA GLY CA 129 -54.37 6.67 114.40
C GLY CA 129 -54.94 5.83 115.50
N LYS CA 130 -54.67 6.17 116.76
CA LYS CA 130 -55.27 5.45 117.88
C LYS CA 130 -56.75 5.79 118.02
N GLU CA 131 -57.10 7.07 117.89
CA GLU CA 131 -58.49 7.47 118.02
C GLU CA 131 -59.30 7.05 116.80
N LYS CA 132 -58.76 7.26 115.60
CA LYS CA 132 -59.47 6.89 114.38
C LYS CA 132 -59.57 5.38 114.23
N GLY CA 133 -58.52 4.64 114.60
CA GLY CA 133 -58.49 3.20 114.49
C GLY CA 133 -59.07 2.45 115.67
N LYS CA 134 -59.66 3.15 116.64
CA LYS CA 134 -60.25 2.49 117.79
C LYS CA 134 -61.56 1.80 117.42
N GLY DA 1 10.46 99.04 10.02
CA GLY DA 1 11.78 99.02 10.61
C GLY DA 1 11.77 98.77 12.12
N LYS DA 2 12.16 99.78 12.88
CA LYS DA 2 12.15 99.72 14.33
C LYS DA 2 10.75 100.04 14.82
N PHE DA 3 10.07 99.06 15.40
CA PHE DA 3 8.68 99.25 15.83
C PHE DA 3 8.50 99.23 17.34
N MET DA 4 9.57 99.06 18.12
CA MET DA 4 9.53 99.32 19.56
C MET DA 4 9.67 100.82 19.80
N LYS DA 5 8.57 101.45 20.21
CA LYS DA 5 8.46 102.87 20.46
C LYS DA 5 8.12 103.09 21.93
N PRO DA 6 8.31 104.32 22.45
CA PRO DA 6 7.97 104.58 23.86
C PRO DA 6 6.46 104.68 24.13
N GLY DA 7 5.63 104.26 23.17
CA GLY DA 7 4.21 104.19 23.39
C GLY DA 7 3.61 102.85 23.00
N LYS DA 8 4.46 101.82 22.89
CA LYS DA 8 4.04 100.52 22.39
C LYS DA 8 3.63 99.60 23.52
N VAL DA 9 2.50 98.91 23.35
CA VAL DA 9 2.05 97.91 24.29
C VAL DA 9 2.70 96.57 23.94
N VAL DA 10 3.36 95.96 24.90
CA VAL DA 10 4.17 94.76 24.68
C VAL DA 10 3.83 93.72 25.74
N LEU DA 11 3.55 92.50 25.31
CA LEU DA 11 3.29 91.39 26.23
C LEU DA 11 4.60 90.87 26.80
N VAL DA 12 4.53 90.36 28.03
CA VAL DA 12 5.71 89.83 28.72
C VAL DA 12 5.69 88.30 28.60
N LEU DA 13 6.82 87.74 28.16
CA LEU DA 13 6.90 86.30 27.92
C LEU DA 13 7.20 85.53 29.20
N ALA DA 14 8.36 85.79 29.81
CA ALA DA 14 8.87 85.01 30.93
C ALA DA 14 8.93 85.88 32.19
N GLY DA 15 9.49 85.30 33.25
CA GLY DA 15 9.61 85.97 34.53
C GLY DA 15 8.38 85.78 35.39
N ARG DA 16 8.43 86.43 36.57
CA ARG DA 16 7.30 86.39 37.49
C ARG DA 16 6.08 87.06 36.88
N TYR DA 17 6.28 88.03 35.99
CA TYR DA 17 5.19 88.78 35.36
C TYR DA 17 4.85 88.23 33.99
N SER DA 18 4.89 86.91 33.83
CA SER DA 18 4.52 86.30 32.55
C SER DA 18 3.04 86.46 32.29
N GLY DA 19 2.69 86.77 31.04
CA GLY DA 19 1.32 86.95 30.64
C GLY DA 19 0.73 88.31 30.95
N ARG DA 20 1.51 89.21 31.54
CA ARG DA 20 1.02 90.54 31.86
C ARG DA 20 1.29 91.50 30.69
N LYS DA 21 0.63 92.64 30.73
CA LYS DA 21 0.67 93.61 29.66
C LYS DA 21 1.54 94.79 30.08
N ALA DA 22 2.49 95.18 29.22
CA ALA DA 22 3.47 96.20 29.56
C ALA DA 22 3.56 97.22 28.44
N VAL DA 23 3.91 98.44 28.81
CA VAL DA 23 4.09 99.55 27.87
C VAL DA 23 5.56 99.95 27.90
N ILE DA 24 6.19 99.96 26.72
CA ILE DA 24 7.59 100.34 26.62
C ILE DA 24 7.73 101.83 26.90
N VAL DA 25 8.67 102.19 27.77
CA VAL DA 25 8.98 103.59 28.03
C VAL DA 25 10.38 103.97 27.57
N LYS DA 26 11.30 103.02 27.45
CA LYS DA 26 12.65 103.31 26.99
C LYS DA 26 13.16 102.12 26.19
N ASN DA 27 13.66 102.38 24.99
CA ASN DA 27 14.18 101.34 24.10
C ASN DA 27 15.65 101.62 23.81
N ILE DA 28 16.54 100.89 24.48
CA ILE DA 28 17.97 101.11 24.30
C ILE DA 28 18.45 100.55 22.97
N ASP DA 29 18.09 99.28 22.68
CA ASP DA 29 18.48 98.49 21.50
C ASP DA 29 19.95 98.65 21.12
N ASP DA 30 20.83 98.92 22.09
CA ASP DA 30 22.26 99.06 21.84
C ASP DA 30 23.11 98.25 22.80
N GLY DA 31 22.72 98.16 24.07
CA GLY DA 31 23.56 97.57 25.09
C GLY DA 31 24.36 98.64 25.81
N THR DA 32 24.40 98.58 27.15
CA THR DA 32 25.02 99.62 27.96
C THR DA 32 26.33 99.16 28.59
N SER DA 33 26.98 98.14 28.03
CA SER DA 33 28.30 97.63 28.40
C SER DA 33 28.29 96.90 29.75
N ASP DA 34 27.15 96.95 30.45
CA ASP DA 34 26.89 96.09 31.60
C ASP DA 34 25.67 95.20 31.40
N ARG DA 35 24.82 95.56 30.44
CA ARG DA 35 23.69 94.75 29.99
C ARG DA 35 23.84 94.65 28.48
N PRO DA 36 24.81 93.84 28.01
CA PRO DA 36 25.25 93.94 26.60
C PRO DA 36 24.20 93.55 25.57
N TYR DA 37 23.20 92.75 25.94
CA TYR DA 37 22.18 92.40 24.97
C TYR DA 37 21.25 93.59 24.73
N SER DA 38 20.57 93.55 23.59
CA SER DA 38 19.56 94.56 23.30
C SER DA 38 18.36 94.38 24.23
N HIS DA 39 17.87 95.49 24.78
CA HIS DA 39 16.84 95.44 25.80
C HIS DA 39 16.06 96.74 25.82
N ALA DA 40 14.93 96.71 26.53
CA ALA DA 40 14.07 97.88 26.69
C ALA DA 40 13.59 97.97 28.12
N LEU DA 41 13.20 99.19 28.52
CA LEU DA 41 12.55 99.44 29.79
C LEU DA 41 11.04 99.54 29.55
N VAL DA 42 10.27 98.71 30.25
CA VAL DA 42 8.83 98.65 30.07
C VAL DA 42 8.15 98.97 31.39
N ALA DA 43 6.89 99.39 31.29
CA ALA DA 43 6.04 99.61 32.45
C ALA DA 43 4.75 98.84 32.26
N GLY DA 44 4.39 98.01 33.24
CA GLY DA 44 3.24 97.16 33.11
C GLY DA 44 2.51 97.01 34.43
N ILE DA 45 1.43 96.23 34.40
CA ILE DA 45 0.57 96.03 35.56
C ILE DA 45 0.58 94.56 35.92
N ASP DA 46 0.36 94.28 37.21
CA ASP DA 46 0.37 92.91 37.73
C ASP DA 46 -1.04 92.44 38.08
N ARG DA 47 -1.77 93.18 38.90
CA ARG DA 47 -3.11 92.81 39.31
C ARG DA 47 -4.12 93.52 38.42
N TYR DA 48 -4.80 92.76 37.58
CA TYR DA 48 -5.78 93.34 36.68
C TYR DA 48 -7.03 93.76 37.46
N PRO DA 49 -7.66 94.87 37.10
CA PRO DA 49 -8.94 95.24 37.71
C PRO DA 49 -10.03 94.23 37.35
N ARG DA 50 -10.93 94.01 38.30
CA ARG DA 50 -11.97 93.01 38.16
C ARG DA 50 -13.18 93.61 37.43
N LYS DA 51 -14.28 92.87 37.41
CA LYS DA 51 -15.51 93.35 36.79
C LYS DA 51 -16.15 94.45 37.63
N VAL DA 52 -16.96 95.28 36.97
CA VAL DA 52 -17.62 96.40 37.62
C VAL DA 52 -19.14 96.26 37.60
N THR DA 53 -19.71 95.81 36.47
CA THR DA 53 -21.08 95.32 36.25
C THR DA 53 -22.18 96.28 36.70
N ALA DA 54 -21.83 97.52 37.09
CA ALA DA 54 -22.79 98.60 37.34
C ALA DA 54 -23.88 98.23 38.34
N ALA DA 55 -23.59 97.29 39.24
CA ALA DA 55 -24.61 96.83 40.19
C ALA DA 55 -24.10 96.66 41.61
N MET DA 56 -22.82 96.92 41.87
CA MET DA 56 -22.25 96.78 43.20
C MET DA 56 -22.05 98.13 43.89
N GLY DA 57 -22.56 99.21 43.31
CA GLY DA 57 -22.60 100.49 43.98
C GLY DA 57 -21.49 101.47 43.67
N LYS DA 58 -20.98 102.14 44.70
CA LYS DA 58 -19.95 103.17 44.54
C LYS DA 58 -18.67 102.83 45.32
N LYS DA 59 -18.82 102.27 46.52
CA LYS DA 59 -17.63 101.87 47.27
C LYS DA 59 -16.96 100.65 46.67
N LYS DA 60 -17.73 99.68 46.20
CA LYS DA 60 -17.15 98.44 45.70
C LYS DA 60 -16.54 98.61 44.32
N ILE DA 61 -17.08 99.52 43.50
CA ILE DA 61 -16.49 99.74 42.18
C ILE DA 61 -15.10 100.37 42.30
N ALA DA 62 -14.90 101.21 43.33
CA ALA DA 62 -13.56 101.74 43.59
C ALA DA 62 -12.62 100.63 44.05
N LYS DA 63 -13.13 99.68 44.84
CA LYS DA 63 -12.31 98.55 45.27
C LYS DA 63 -11.94 97.66 44.09
N ARG DA 64 -12.89 97.44 43.17
CA ARG DA 64 -12.62 96.58 42.01
C ARG DA 64 -11.67 97.24 41.03
N SER DA 65 -11.72 98.56 40.92
CA SER DA 65 -10.87 99.32 39.99
C SER DA 65 -9.53 99.67 40.61
N LYS DA 66 -8.83 98.67 41.14
CA LYS DA 66 -7.51 98.82 41.71
C LYS DA 66 -6.50 98.11 40.84
N ILE DA 67 -5.38 98.80 40.56
CA ILE DA 67 -4.38 98.32 39.61
C ILE DA 67 -3.04 98.30 40.31
N LYS DA 68 -2.37 97.15 40.30
CA LYS DA 68 -1.01 97.01 40.82
C LYS DA 68 -0.04 96.94 39.65
N SER DA 69 0.95 97.83 39.66
CA SER DA 69 1.87 97.98 38.54
C SER DA 69 3.26 97.54 38.94
N PHE DA 70 4.17 97.52 37.96
CA PHE DA 70 5.56 97.13 38.18
C PHE DA 70 6.42 97.77 37.10
N VAL DA 71 7.73 97.59 37.24
CA VAL DA 71 8.70 98.05 36.24
C VAL DA 71 9.91 97.14 36.27
N LYS DA 72 10.36 96.71 35.09
CA LYS DA 72 11.47 95.78 34.98
C LYS DA 72 12.00 95.78 33.54
N VAL DA 73 13.32 95.68 33.40
CA VAL DA 73 13.93 95.57 32.08
C VAL DA 73 13.82 94.13 31.60
N TYR DA 74 13.31 93.94 30.39
CA TYR DA 74 13.17 92.63 29.78
C TYR DA 74 13.95 92.56 28.47
N ASN DA 75 14.17 91.34 28.01
CA ASN DA 75 14.87 91.13 26.76
C ASN DA 75 13.95 91.40 25.57
N TYR DA 76 14.56 91.63 24.41
CA TYR DA 76 13.77 91.75 23.18
C TYR DA 76 13.19 90.41 22.76
N ASN DA 77 13.93 89.33 22.96
CA ASN DA 77 13.44 87.99 22.65
C ASN DA 77 12.59 87.40 23.77
N HIS DA 78 12.42 88.12 24.88
CA HIS DA 78 11.54 87.73 25.97
C HIS DA 78 10.30 88.62 26.04
N LEU DA 79 9.93 89.24 24.92
CA LEU DA 79 8.82 90.17 24.87
C LEU DA 79 8.04 89.95 23.57
N MET DA 80 6.81 90.48 23.54
CA MET DA 80 5.93 90.28 22.39
C MET DA 80 5.24 91.59 22.01
N PRO DA 81 5.66 92.23 20.92
CA PRO DA 81 4.99 93.46 20.49
C PRO DA 81 3.63 93.21 19.88
N THR DA 82 2.78 94.23 19.98
CA THR DA 82 1.49 94.31 19.33
C THR DA 82 1.55 95.43 18.28
N ARG DA 83 0.46 95.61 17.52
CA ARG DA 83 0.33 96.85 16.78
C ARG DA 83 -0.69 97.78 17.43
N TYR DA 84 -1.10 97.49 18.66
CA TYR DA 84 -1.76 98.46 19.53
C TYR DA 84 -0.75 99.49 20.02
N SER DA 85 -1.27 100.59 20.57
CA SER DA 85 -0.40 101.63 21.11
C SER DA 85 -1.15 102.42 22.17
N VAL DA 86 -0.49 102.67 23.30
CA VAL DA 86 -0.99 103.50 24.38
C VAL DA 86 0.02 104.62 24.61
N ASP DA 87 -0.44 105.86 24.49
CA ASP DA 87 0.44 107.02 24.69
C ASP DA 87 0.30 107.60 26.09
N ILE DA 88 0.52 106.73 27.07
CA ILE DA 88 0.53 107.13 28.48
C ILE DA 88 1.83 107.87 28.74
N PRO DA 89 1.81 109.02 29.47
CA PRO DA 89 3.03 109.85 29.57
C PRO DA 89 4.26 109.19 30.18
N LEU DA 90 4.19 108.76 31.44
CA LEU DA 90 5.34 108.18 32.17
C LEU DA 90 6.59 109.05 32.02
N ASP DA 91 6.52 110.23 32.62
CA ASP DA 91 7.59 111.22 32.54
C ASP DA 91 8.94 110.63 32.96
N LYS DA 92 10.01 111.19 32.39
CA LYS DA 92 11.33 110.60 32.48
C LYS DA 92 12.06 110.92 33.78
N THR DA 93 11.53 111.81 34.62
CA THR DA 93 12.22 112.15 35.85
C THR DA 93 12.05 111.07 36.92
N VAL DA 94 11.07 110.19 36.76
CA VAL DA 94 10.81 109.14 37.75
C VAL DA 94 11.36 107.81 37.25
N VAL DA 95 10.85 107.33 36.12
CA VAL DA 95 11.22 106.03 35.59
C VAL DA 95 12.51 106.18 34.79
N ASN DA 96 13.59 105.57 35.26
CA ASN DA 96 14.90 105.69 34.64
C ASN DA 96 15.63 104.35 34.76
N LYS DA 97 16.86 104.32 34.24
CA LYS DA 97 17.69 103.14 34.36
C LYS DA 97 18.32 103.00 35.74
N ASP DA 98 18.45 104.10 36.49
CA ASP DA 98 19.10 104.11 37.79
C ASP DA 98 18.12 103.88 38.94
N VAL DA 99 17.01 103.19 38.68
CA VAL DA 99 15.97 103.01 39.70
C VAL DA 99 16.05 101.63 40.37
N PHE DA 100 16.56 100.61 39.68
CA PHE DA 100 16.63 99.27 40.25
C PHE DA 100 17.65 99.15 41.38
N ARG DA 101 18.60 100.06 41.48
CA ARG DA 101 19.61 100.02 42.53
C ARG DA 101 19.12 100.60 43.84
N ASP DA 102 17.98 101.28 43.85
CA ASP DA 102 17.41 101.85 45.07
C ASP DA 102 15.98 101.35 45.22
N PRO DA 103 15.71 100.50 46.21
CA PRO DA 103 14.33 99.99 46.39
C PRO DA 103 13.34 101.05 46.81
N ALA DA 104 13.79 102.17 47.38
CA ALA DA 104 12.87 103.22 47.79
C ALA DA 104 12.28 103.94 46.58
N LEU DA 105 13.13 104.27 45.60
CA LEU DA 105 12.65 104.93 44.39
C LEU DA 105 11.93 103.97 43.46
N LYS DA 106 12.23 102.66 43.53
CA LYS DA 106 11.47 101.70 42.74
C LYS DA 106 10.06 101.55 43.26
N ARG DA 107 9.87 101.67 44.57
CA ARG DA 107 8.52 101.81 45.11
C ARG DA 107 7.89 103.12 44.68
N LYS DA 108 8.68 104.20 44.61
CA LYS DA 108 8.17 105.47 44.10
C LYS DA 108 7.80 105.37 42.62
N ALA DA 109 8.62 104.69 41.83
CA ALA DA 109 8.33 104.53 40.41
C ALA DA 109 7.08 103.69 40.18
N ARG DA 110 6.90 102.63 40.97
CA ARG DA 110 5.69 101.83 40.89
C ARG DA 110 4.47 102.63 41.33
N ARG DA 111 4.61 103.42 42.40
CA ARG DA 111 3.51 104.24 42.87
C ARG DA 111 3.14 105.33 41.87
N GLU DA 112 4.14 105.96 41.24
CA GLU DA 112 3.87 107.01 40.27
C GLU DA 112 3.20 106.44 39.04
N ALA DA 113 3.64 105.26 38.58
CA ALA DA 113 3.02 104.63 37.41
C ALA DA 113 1.64 104.09 37.73
N LYS DA 114 1.38 103.73 38.99
CA LYS DA 114 0.08 103.18 39.37
C LYS DA 114 -1.02 104.22 39.22
N VAL DA 115 -0.76 105.46 39.64
CA VAL DA 115 -1.77 106.51 39.55
C VAL DA 115 -2.05 106.85 38.08
N LYS DA 116 -1.00 106.91 37.26
CA LYS DA 116 -1.19 107.24 35.85
C LYS DA 116 -1.85 106.10 35.08
N PHE DA 117 -1.61 104.86 35.48
CA PHE DA 117 -2.34 103.74 34.87
C PHE DA 117 -3.78 103.70 35.35
N GLU DA 118 -4.04 104.15 36.58
CA GLU DA 118 -5.41 104.12 37.12
C GLU DA 118 -6.32 105.07 36.36
N GLU DA 119 -5.83 106.24 35.98
CA GLU DA 119 -6.68 107.23 35.33
C GLU DA 119 -7.11 106.77 33.94
N ARG DA 120 -6.22 106.08 33.22
CA ARG DA 120 -6.56 105.59 31.89
C ARG DA 120 -7.44 104.35 31.91
N TYR DA 121 -7.50 103.63 33.03
CA TYR DA 121 -8.50 102.57 33.15
C TYR DA 121 -9.90 103.15 33.19
N LYS DA 122 -10.04 104.33 33.80
CA LYS DA 122 -11.30 105.05 33.76
C LYS DA 122 -11.53 105.65 32.37
N THR DA 123 -12.74 106.14 32.15
CA THR DA 123 -13.21 106.80 30.93
C THR DA 123 -13.19 105.88 29.71
N GLY DA 124 -12.92 104.59 29.89
CA GLY DA 124 -13.03 103.63 28.80
C GLY DA 124 -12.05 103.81 27.67
N LYS DA 125 -10.92 104.47 27.90
CA LYS DA 125 -9.92 104.68 26.87
C LYS DA 125 -8.83 103.61 26.97
N ASN DA 126 -8.44 103.07 25.82
CA ASN DA 126 -7.48 101.96 25.71
C ASN DA 126 -7.94 100.77 26.55
N LYS DA 127 -9.17 100.33 26.28
CA LYS DA 127 -9.84 99.36 27.15
C LYS DA 127 -9.20 97.98 27.14
N TRP DA 128 -8.61 97.56 26.01
CA TRP DA 128 -8.04 96.21 25.91
C TRP DA 128 -6.86 96.00 26.83
N PHE DA 129 -6.18 97.08 27.23
CA PHE DA 129 -5.00 96.95 28.09
C PHE DA 129 -5.34 96.49 29.50
N PHE DA 130 -6.62 96.48 29.88
CA PHE DA 130 -7.02 96.34 31.27
C PHE DA 130 -7.83 95.09 31.55
N GLN DA 131 -7.87 94.12 30.63
CA GLN DA 131 -8.33 92.79 30.97
C GLN DA 131 -7.17 91.81 30.87
N LYS DA 132 -7.18 90.81 31.75
CA LYS DA 132 -6.14 89.80 31.75
C LYS DA 132 -6.27 88.90 30.53
N LEU DA 133 -5.13 88.47 30.00
CA LEU DA 133 -5.12 87.62 28.81
C LEU DA 133 -5.59 86.23 29.18
N ARG DA 134 -6.63 85.74 28.50
CA ARG DA 134 -7.22 84.45 28.83
C ARG DA 134 -6.39 83.34 28.20
N PHE DA 135 -5.47 82.76 28.96
CA PHE DA 135 -4.62 81.68 28.48
C PHE DA 135 -4.69 80.50 29.45
N PRO EA 1 -43.43 -22.96 70.69
CA PRO EA 1 -42.47 -23.91 71.28
C PRO EA 1 -41.32 -24.23 70.35
N SER EA 2 -40.22 -23.50 70.48
CA SER EA 2 -39.05 -23.73 69.64
C SER EA 2 -38.33 -25.02 69.98
N ARG EA 3 -38.56 -25.58 71.17
CA ARG EA 3 -37.93 -26.83 71.57
C ARG EA 3 -38.51 -28.04 70.87
N LEU EA 4 -39.68 -27.93 70.26
CA LEU EA 4 -40.24 -29.00 69.44
C LEU EA 4 -39.99 -28.79 67.95
N ARG EA 5 -39.24 -27.75 67.59
CA ARG EA 5 -38.97 -27.44 66.19
C ARG EA 5 -37.94 -28.40 65.62
N LYS EA 6 -37.94 -28.50 64.28
CA LYS EA 6 -37.00 -29.39 63.60
C LYS EA 6 -35.57 -28.89 63.71
N THR EA 7 -35.39 -27.60 63.98
CA THR EA 7 -34.07 -27.00 64.03
C THR EA 7 -33.22 -27.52 65.19
N ARG EA 8 -33.85 -27.94 66.29
CA ARG EA 8 -33.11 -28.47 67.43
C ARG EA 8 -32.51 -29.83 67.16
N LYS EA 9 -33.16 -30.66 66.35
CA LYS EA 9 -32.62 -31.96 65.96
C LYS EA 9 -31.57 -31.85 64.87
N LEU EA 10 -31.45 -30.70 64.21
CA LEU EA 10 -30.51 -30.52 63.12
C LEU EA 10 -29.18 -29.92 63.58
N ARG EA 11 -29.00 -29.75 64.88
CA ARG EA 11 -27.74 -29.23 65.40
C ARG EA 11 -26.66 -30.31 65.28
N GLY EA 12 -25.63 -30.04 64.48
CA GLY EA 12 -24.58 -31.00 64.26
C GLY EA 12 -24.44 -31.41 62.81
N HIS EA 13 -25.57 -31.55 62.12
CA HIS EA 13 -25.56 -31.88 60.70
C HIS EA 13 -25.12 -30.67 59.88
N VAL EA 14 -24.17 -30.89 58.98
CA VAL EA 14 -23.52 -29.79 58.28
C VAL EA 14 -24.51 -29.05 57.38
N SER EA 15 -25.30 -29.80 56.61
CA SER EA 15 -26.19 -29.18 55.64
C SER EA 15 -27.48 -28.65 56.25
N HIS EA 16 -27.75 -28.96 57.53
CA HIS EA 16 -28.95 -28.51 58.23
C HIS EA 16 -30.24 -28.91 57.50
N GLY EA 17 -30.26 -30.13 56.99
CA GLY EA 17 -31.47 -30.68 56.40
C GLY EA 17 -31.88 -30.07 55.06
N HIS EA 18 -30.92 -29.56 54.28
CA HIS EA 18 -31.26 -28.91 53.02
C HIS EA 18 -30.32 -29.29 51.88
N GLY EA 19 -29.73 -30.48 51.93
CA GLY EA 19 -28.99 -30.98 50.78
C GLY EA 19 -27.53 -30.61 50.83
N ARG EA 20 -26.70 -31.50 50.27
CA ARG EA 20 -25.26 -31.31 50.23
C ARG EA 20 -24.76 -30.90 48.85
N ILE EA 21 -25.34 -31.45 47.79
CA ILE EA 21 -24.95 -31.08 46.43
C ILE EA 21 -25.53 -29.73 46.07
N GLY EA 22 -26.86 -29.61 46.08
CA GLY EA 22 -27.50 -28.34 45.84
C GLY EA 22 -27.81 -27.62 47.15
N LYS EA 23 -27.02 -26.59 47.46
CA LYS EA 23 -27.19 -25.86 48.71
C LYS EA 23 -28.45 -25.00 48.67
N HIS EA 24 -28.93 -24.67 49.86
CA HIS EA 24 -30.13 -23.82 49.98
C HIS EA 24 -29.73 -22.39 49.67
N ARG EA 25 -29.84 -22.03 48.39
CA ARG EA 25 -29.45 -20.70 47.93
C ARG EA 25 -30.59 -19.72 48.21
N LYS EA 26 -30.50 -18.52 47.65
CA LYS EA 26 -31.46 -17.47 47.97
C LYS EA 26 -32.80 -17.72 47.29
N HIS EA 27 -32.82 -17.71 45.96
CA HIS EA 27 -34.05 -17.94 45.19
C HIS EA 27 -33.67 -18.64 43.89
N PRO EA 28 -33.67 -19.97 43.88
CA PRO EA 28 -33.28 -20.70 42.68
C PRO EA 28 -34.28 -20.61 41.55
N GLY EA 29 -35.57 -20.74 41.87
CA GLY EA 29 -36.61 -20.73 40.87
C GLY EA 29 -37.14 -19.36 40.52
N GLY EA 30 -36.89 -18.39 41.38
CA GLY EA 30 -37.41 -17.05 41.18
C GLY EA 30 -38.38 -16.67 42.29
N ARG EA 31 -38.48 -15.36 42.53
CA ARG EA 31 -39.31 -14.87 43.62
C ARG EA 31 -40.79 -14.88 43.24
N GLY EA 32 -41.63 -15.29 44.18
CA GLY EA 32 -43.06 -15.33 43.98
C GLY EA 32 -43.49 -16.37 42.97
N ASN EA 33 -44.54 -16.06 42.20
CA ASN EA 33 -44.99 -16.93 41.12
C ASN EA 33 -44.24 -16.58 39.83
N ALA EA 34 -42.91 -16.69 39.91
CA ALA EA 34 -42.05 -16.30 38.81
C ALA EA 34 -42.16 -17.32 37.67
N GLY EA 35 -42.37 -16.83 36.46
CA GLY EA 35 -42.43 -17.69 35.30
C GLY EA 35 -43.71 -18.50 35.22
N GLY EA 36 -44.86 -17.82 35.09
CA GLY EA 36 -46.10 -18.54 34.88
C GLY EA 36 -46.12 -19.30 33.58
N MET EA 37 -45.52 -18.73 32.53
CA MET EA 37 -45.48 -19.39 31.23
C MET EA 37 -44.17 -20.11 31.00
N HIS EA 38 -43.09 -19.66 31.65
CA HIS EA 38 -41.75 -20.19 31.42
C HIS EA 38 -41.25 -20.89 32.68
N HIS EA 39 -40.74 -22.12 32.50
CA HIS EA 39 -39.96 -22.94 33.43
C HIS EA 39 -40.76 -23.39 34.66
N HIS EA 40 -41.99 -22.91 34.81
CA HIS EA 40 -42.92 -23.38 35.82
C HIS EA 40 -44.27 -23.69 35.18
N ARG EA 41 -44.27 -23.88 33.86
CA ARG EA 41 -45.50 -24.08 33.10
C ARG EA 41 -46.19 -25.38 33.45
N ILE EA 42 -45.43 -26.45 33.68
CA ILE EA 42 -46.02 -27.75 33.95
C ILE EA 42 -46.78 -27.75 35.27
N ASN EA 43 -46.22 -27.11 36.30
CA ASN EA 43 -46.92 -27.01 37.59
C ASN EA 43 -48.20 -26.20 37.46
N PHE EA 44 -48.19 -25.13 36.66
CA PHE EA 44 -49.39 -24.33 36.46
C PHE EA 44 -50.42 -25.01 35.55
N ASP EA 45 -49.99 -25.96 34.72
CA ASP EA 45 -50.92 -26.62 33.82
C ASP EA 45 -51.64 -27.78 34.48
N LYS EA 46 -50.90 -28.62 35.21
CA LYS EA 46 -51.47 -29.83 35.81
C LYS EA 46 -51.88 -29.64 37.25
N TYR EA 47 -51.87 -28.41 37.76
CA TYR EA 47 -52.45 -28.15 39.08
C TYR EA 47 -53.36 -26.92 39.16
N HIS EA 48 -53.22 -25.94 38.27
CA HIS EA 48 -54.09 -24.75 38.27
C HIS EA 48 -54.54 -24.45 36.85
N PRO EA 49 -55.44 -25.25 36.29
CA PRO EA 49 -55.92 -24.99 34.94
C PRO EA 49 -56.77 -23.73 34.88
N GLY EA 50 -56.70 -23.05 33.74
CA GLY EA 50 -57.45 -21.82 33.56
C GLY EA 50 -56.93 -20.63 34.33
N TYR EA 51 -55.64 -20.59 34.64
CA TYR EA 51 -55.10 -19.44 35.37
C TYR EA 51 -54.85 -18.24 34.47
N PHE EA 52 -54.59 -18.47 33.19
CA PHE EA 52 -54.16 -17.41 32.28
C PHE EA 52 -55.25 -17.08 31.28
N GLY EA 53 -55.41 -15.80 30.98
CA GLY EA 53 -56.33 -15.33 29.97
C GLY EA 53 -57.57 -14.68 30.56
N LYS EA 54 -58.28 -13.95 29.71
CA LYS EA 54 -59.51 -13.27 30.07
C LYS EA 54 -60.72 -14.10 29.65
N VAL EA 55 -61.83 -13.85 30.33
CA VAL EA 55 -63.09 -14.53 30.02
C VAL EA 55 -64.23 -13.68 30.58
N GLY EA 56 -65.32 -13.60 29.81
CA GLY EA 56 -66.51 -12.90 30.25
C GLY EA 56 -66.41 -11.39 30.08
N MET EA 57 -67.47 -10.73 30.51
CA MET EA 57 -67.56 -9.27 30.46
C MET EA 57 -67.13 -8.67 31.80
N ARG EA 58 -66.83 -7.37 31.78
CA ARG EA 58 -66.38 -6.65 32.95
C ARG EA 58 -67.51 -5.77 33.47
N HIS EA 59 -67.84 -5.92 34.74
CA HIS EA 59 -68.82 -5.08 35.42
C HIS EA 59 -68.07 -4.18 36.39
N TYR EA 60 -68.07 -2.88 36.12
CA TYR EA 60 -67.13 -1.97 36.74
C TYR EA 60 -67.45 -1.70 38.21
N HIS EA 61 -68.64 -1.16 38.48
CA HIS EA 61 -69.04 -0.82 39.85
C HIS EA 61 -70.03 -1.88 40.32
N LEU EA 62 -69.48 -3.02 40.71
CA LEU EA 62 -70.30 -4.16 41.13
C LEU EA 62 -70.51 -4.09 42.64
N LYS EA 63 -71.78 -4.03 43.04
CA LYS EA 63 -72.15 -3.96 44.46
C LYS EA 63 -72.80 -5.28 44.86
N ARG EA 64 -72.31 -5.87 45.95
CA ARG EA 64 -72.84 -7.14 46.44
C ARG EA 64 -74.25 -7.02 47.01
N ASN EA 65 -74.73 -5.80 47.28
CA ASN EA 65 -76.05 -5.61 47.86
C ASN EA 65 -77.19 -5.86 46.88
N GLN EA 66 -76.95 -5.68 45.58
CA GLN EA 66 -77.97 -5.95 44.59
C GLN EA 66 -78.14 -7.46 44.36
N SER EA 67 -77.03 -8.21 44.39
CA SER EA 67 -77.04 -9.63 44.10
C SER EA 67 -77.21 -10.48 45.36
N PHE EA 68 -77.68 -9.88 46.45
CA PHE EA 68 -77.91 -10.63 47.68
C PHE EA 68 -79.17 -11.48 47.54
N CYS EA 69 -79.01 -12.79 47.64
CA CYS EA 69 -80.13 -13.70 47.51
C CYS EA 69 -79.83 -15.01 48.25
N PRO EA 70 -79.99 -15.02 49.58
CA PRO EA 70 -79.76 -16.25 50.33
C PRO EA 70 -80.89 -17.25 50.12
N THR EA 71 -80.53 -18.53 50.06
CA THR EA 71 -81.47 -19.59 49.73
C THR EA 71 -81.65 -20.54 50.91
N VAL EA 72 -82.84 -21.14 50.96
CA VAL EA 72 -83.18 -22.14 51.96
C VAL EA 72 -84.00 -23.23 51.29
N ASN EA 73 -83.74 -24.49 51.65
CA ASN EA 73 -84.40 -25.62 51.03
C ASN EA 73 -85.61 -26.06 51.85
N LEU EA 74 -86.46 -26.89 51.24
CA LEU EA 74 -87.66 -27.38 51.90
C LEU EA 74 -87.35 -28.39 53.00
N ASP EA 75 -86.20 -29.06 52.93
CA ASP EA 75 -85.86 -30.02 53.98
C ASP EA 75 -85.58 -29.30 55.31
N LYS EA 76 -84.90 -28.17 55.27
CA LYS EA 76 -84.74 -27.32 56.45
C LYS EA 76 -85.72 -26.15 56.40
N LEU EA 77 -87.01 -26.48 56.48
CA LEU EA 77 -88.07 -25.47 56.47
C LEU EA 77 -88.79 -25.34 57.81
N TRP EA 78 -89.07 -26.46 58.48
CA TRP EA 78 -89.72 -26.40 59.78
C TRP EA 78 -88.79 -25.96 60.91
N THR EA 79 -87.48 -25.89 60.66
CA THR EA 79 -86.58 -25.35 61.67
C THR EA 79 -86.66 -23.82 61.73
N LEU EA 80 -87.25 -23.20 60.70
CA LEU EA 80 -87.41 -21.75 60.72
C LEU EA 80 -88.36 -21.31 61.83
N VAL EA 81 -89.32 -22.16 62.18
CA VAL EA 81 -90.29 -21.86 63.22
C VAL EA 81 -90.07 -22.81 64.39
N SER EA 82 -90.79 -22.56 65.48
CA SER EA 82 -90.62 -23.34 66.70
C SER EA 82 -91.26 -24.72 66.56
N GLU EA 83 -90.94 -25.59 67.53
CA GLU EA 83 -91.45 -26.96 67.49
C GLU EA 83 -92.94 -27.02 67.77
N GLN EA 84 -93.46 -26.14 68.62
CA GLN EA 84 -94.87 -26.16 68.97
C GLN EA 84 -95.77 -25.69 67.83
N THR EA 85 -95.21 -25.07 66.79
CA THR EA 85 -96.01 -24.69 65.63
C THR EA 85 -96.43 -25.92 64.84
N ARG EA 86 -95.50 -26.81 64.56
CA ARG EA 86 -95.79 -27.95 63.69
C ARG EA 86 -96.51 -29.08 64.40
N VAL EA 87 -96.36 -29.21 65.72
CA VAL EA 87 -97.15 -30.20 66.44
C VAL EA 87 -98.59 -29.74 66.60
N ASN EA 88 -98.83 -28.43 66.51
CA ASN EA 88 -100.19 -27.89 66.45
C ASN EA 88 -100.64 -27.74 65.00
N ALA EA 89 -100.51 -28.85 64.26
CA ALA EA 89 -100.88 -28.91 62.86
C ALA EA 89 -101.37 -30.32 62.57
N ALA EA 90 -102.10 -30.45 61.47
CA ALA EA 90 -102.85 -31.67 61.13
C ALA EA 90 -103.75 -32.07 62.30
N LYS EA 91 -104.42 -31.07 62.85
CA LYS EA 91 -105.19 -31.23 64.09
C LYS EA 91 -106.31 -30.19 64.09
N ASN EA 92 -107.20 -30.31 65.08
CA ASN EA 92 -108.29 -29.38 65.36
C ASN EA 92 -109.34 -29.33 64.26
N LYS EA 93 -109.26 -30.24 63.27
CA LYS EA 93 -110.23 -30.38 62.19
C LYS EA 93 -110.41 -29.09 61.40
N THR EA 94 -109.33 -28.31 61.23
CA THR EA 94 -109.37 -27.06 60.49
C THR EA 94 -108.39 -27.00 59.32
N GLY EA 95 -107.24 -27.65 59.42
CA GLY EA 95 -106.19 -27.41 58.46
C GLY EA 95 -105.55 -26.06 58.74
N ALA EA 96 -104.84 -25.96 59.87
CA ALA EA 96 -104.40 -24.67 60.39
C ALA EA 96 -103.48 -23.95 59.41
N ALA EA 97 -102.55 -24.69 58.79
CA ALA EA 97 -101.62 -24.19 57.78
C ALA EA 97 -100.85 -22.97 58.26
N PRO EA 98 -99.90 -23.13 59.18
CA PRO EA 98 -99.19 -21.97 59.71
C PRO EA 98 -98.34 -21.28 58.64
N ILE EA 99 -98.18 -19.97 58.81
CA ILE EA 99 -97.47 -19.12 57.87
C ILE EA 99 -96.02 -19.02 58.32
N ILE EA 100 -95.10 -19.41 57.44
CA ILE EA 100 -93.67 -19.30 57.69
C ILE EA 100 -93.14 -18.17 56.82
N ASP EA 101 -92.69 -17.10 57.46
CA ASP EA 101 -92.17 -15.93 56.75
C ASP EA 101 -90.67 -16.13 56.52
N VAL EA 102 -90.29 -16.39 55.27
CA VAL EA 102 -88.90 -16.63 54.93
C VAL EA 102 -88.08 -15.34 55.02
N VAL EA 103 -88.64 -14.22 54.56
CA VAL EA 103 -87.93 -12.95 54.60
C VAL EA 103 -87.69 -12.47 56.03
N ARG EA 104 -88.59 -12.85 56.95
CA ARG EA 104 -88.44 -12.43 58.35
C ARG EA 104 -87.17 -12.98 58.98
N SER EA 105 -86.82 -14.23 58.68
CA SER EA 105 -85.60 -14.82 59.22
C SER EA 105 -84.34 -14.32 58.53
N GLY EA 106 -84.42 -13.95 57.26
CA GLY EA 106 -83.25 -13.48 56.54
C GLY EA 106 -82.87 -14.32 55.34
N TYR EA 107 -83.87 -14.91 54.68
CA TYR EA 107 -83.66 -15.59 53.42
C TYR EA 107 -84.66 -15.06 52.41
N TYR EA 108 -84.28 -15.11 51.13
CA TYR EA 108 -85.07 -14.52 50.06
C TYR EA 108 -85.66 -15.56 49.11
N LYS EA 109 -84.84 -16.42 48.54
CA LYS EA 109 -85.31 -17.43 47.59
C LYS EA 109 -85.47 -18.77 48.28
N VAL EA 110 -86.51 -19.49 47.92
CA VAL EA 110 -86.82 -20.80 48.49
C VAL EA 110 -86.62 -21.84 47.39
N LEU EA 111 -85.79 -22.84 47.68
CA LEU EA 111 -85.47 -23.89 46.73
C LEU EA 111 -86.14 -25.21 47.13
N GLY EA 112 -86.19 -26.14 46.19
CA GLY EA 112 -86.96 -27.35 46.35
C GLY EA 112 -86.20 -28.60 46.76
N LYS EA 113 -84.99 -28.43 47.30
CA LYS EA 113 -84.20 -29.58 47.74
C LYS EA 113 -84.80 -30.16 49.01
N GLY EA 114 -84.97 -31.48 49.03
CA GLY EA 114 -85.41 -32.18 50.21
C GLY EA 114 -86.84 -32.70 50.09
N LYS EA 115 -87.26 -33.39 51.14
CA LYS EA 115 -88.59 -33.97 51.23
C LYS EA 115 -89.40 -33.22 52.26
N LEU EA 116 -90.60 -32.77 51.87
CA LEU EA 116 -91.48 -31.99 52.73
C LEU EA 116 -92.48 -32.90 53.42
N PRO EA 117 -92.56 -32.89 54.75
CA PRO EA 117 -93.60 -33.66 55.43
C PRO EA 117 -95.00 -33.16 55.09
N LYS EA 118 -95.96 -34.08 55.15
CA LYS EA 118 -97.31 -33.83 54.68
C LYS EA 118 -98.04 -32.91 55.65
N GLN EA 119 -97.90 -31.60 55.42
CA GLN EA 119 -98.61 -30.59 56.18
C GLN EA 119 -98.71 -29.33 55.32
N PRO EA 120 -99.92 -28.92 54.92
CA PRO EA 120 -100.05 -27.68 54.13
C PRO EA 120 -99.56 -26.46 54.89
N VAL EA 121 -98.88 -25.57 54.17
CA VAL EA 121 -98.25 -24.39 54.77
C VAL EA 121 -98.52 -23.18 53.88
N ILE EA 122 -98.20 -22.01 54.42
CA ILE EA 122 -98.13 -20.77 53.67
C ILE EA 122 -96.73 -20.21 53.83
N VAL EA 123 -96.04 -19.99 52.71
CA VAL EA 123 -94.67 -19.52 52.72
C VAL EA 123 -94.61 -18.12 52.11
N LYS EA 124 -93.94 -17.21 52.81
CA LYS EA 124 -93.81 -15.82 52.38
C LYS EA 124 -92.35 -15.57 52.01
N ALA EA 125 -92.07 -15.48 50.71
CA ALA EA 125 -90.72 -15.27 50.22
C ALA EA 125 -90.75 -14.38 48.99
N LYS EA 126 -89.63 -13.70 48.74
CA LYS EA 126 -89.50 -12.84 47.57
C LYS EA 126 -89.33 -13.61 46.27
N PHE EA 127 -88.74 -14.80 46.32
CA PHE EA 127 -88.49 -15.60 45.13
C PHE EA 127 -88.84 -17.05 45.41
N PHE EA 128 -89.12 -17.79 44.35
CA PHE EA 128 -89.47 -19.19 44.43
C PHE EA 128 -88.92 -19.94 43.22
N SER EA 129 -88.78 -21.24 43.38
CA SER EA 129 -88.35 -22.12 42.29
C SER EA 129 -89.54 -22.92 41.77
N ARG EA 130 -89.44 -23.36 40.52
CA ARG EA 130 -90.50 -24.16 39.92
C ARG EA 130 -90.67 -25.48 40.67
N ARG EA 131 -89.56 -26.12 41.03
CA ARG EA 131 -89.61 -27.38 41.76
C ARG EA 131 -90.00 -27.15 43.21
N ALA EA 132 -89.81 -25.94 43.71
CA ALA EA 132 -90.27 -25.61 45.05
C ALA EA 132 -91.79 -25.61 45.13
N GLU EA 133 -92.47 -25.09 44.10
CA GLU EA 133 -93.92 -24.96 44.16
C GLU EA 133 -94.60 -26.33 44.15
N GLU EA 134 -94.20 -27.20 43.22
CA GLU EA 134 -94.86 -28.50 43.06
C GLU EA 134 -94.69 -29.42 44.27
N LYS EA 135 -93.68 -29.20 45.11
CA LYS EA 135 -93.63 -29.93 46.37
C LYS EA 135 -94.63 -29.38 47.38
N ILE EA 136 -94.72 -28.05 47.49
CA ILE EA 136 -95.70 -27.45 48.40
C ILE EA 136 -97.12 -27.66 47.88
N LYS EA 137 -97.33 -27.45 46.57
CA LYS EA 137 -98.65 -27.70 46.01
C LYS EA 137 -98.99 -29.18 46.01
N GLY EA 138 -97.99 -30.05 45.88
CA GLY EA 138 -98.24 -31.47 46.00
C GLY EA 138 -98.66 -31.87 47.41
N VAL EA 139 -98.04 -31.25 48.42
CA VAL EA 139 -98.45 -31.47 49.80
C VAL EA 139 -99.84 -30.90 50.04
N GLY EA 140 -100.10 -29.69 49.55
CA GLY EA 140 -101.40 -29.06 49.71
C GLY EA 140 -101.34 -27.63 50.21
N GLY EA 141 -100.14 -27.04 50.21
CA GLY EA 141 -99.95 -25.69 50.66
C GLY EA 141 -100.09 -24.66 49.54
N ALA EA 142 -99.69 -23.44 49.85
CA ALA EA 142 -99.77 -22.34 48.89
C ALA EA 142 -98.63 -21.37 49.16
N CYS EA 143 -98.10 -20.80 48.08
CA CYS EA 143 -97.00 -19.85 48.16
C CYS EA 143 -97.50 -18.43 47.96
N VAL EA 144 -97.06 -17.52 48.83
CA VAL EA 144 -97.46 -16.12 48.79
C VAL EA 144 -96.20 -15.27 48.73
N LEU EA 145 -96.13 -14.37 47.75
CA LEU EA 145 -94.95 -13.52 47.61
C LEU EA 145 -95.05 -12.30 48.51
N VAL EA 146 -93.92 -11.62 48.68
CA VAL EA 146 -93.86 -10.38 49.46
C VAL EA 146 -92.70 -9.56 48.94
N ALA EA 147 -92.80 -8.24 49.08
CA ALA EA 147 -91.73 -7.35 48.67
C ALA EA 147 -91.21 -6.54 49.85
N ALA FA 1 -17.85 -27.98 28.37
CA ALA FA 1 -19.00 -28.05 29.27
C ALA FA 1 -20.00 -29.10 28.80
N LYS FA 2 -19.48 -30.17 28.20
CA LYS FA 2 -20.33 -31.25 27.72
C LYS FA 2 -20.83 -32.09 28.89
N SER FA 3 -21.88 -32.87 28.62
CA SER FA 3 -22.50 -33.69 29.64
C SER FA 3 -23.12 -34.92 28.99
N LYS FA 4 -23.44 -35.91 29.82
CA LYS FA 4 -24.09 -37.12 29.34
C LYS FA 4 -25.48 -36.80 28.83
N ASN FA 5 -25.84 -37.37 27.67
CA ASN FA 5 -27.09 -37.02 27.02
C ASN FA 5 -28.27 -37.77 27.63
N HIS FA 6 -28.26 -39.10 27.55
CA HIS FA 6 -29.40 -39.89 28.02
C HIS FA 6 -28.94 -41.32 28.28
N THR FA 7 -29.39 -41.88 29.40
CA THR FA 7 -29.09 -43.27 29.74
C THR FA 7 -30.28 -43.85 30.50
N THR FA 8 -30.33 -45.18 30.53
CA THR FA 8 -31.42 -45.91 31.17
C THR FA 8 -30.82 -47.02 32.05
N HIS FA 9 -29.82 -46.64 32.86
CA HIS FA 9 -29.02 -47.61 33.59
C HIS FA 9 -29.67 -48.03 34.90
N ASN FA 10 -29.93 -47.08 35.80
CA ASN FA 10 -30.46 -47.38 37.12
C ASN FA 10 -31.98 -47.48 37.14
N GLN FA 11 -32.64 -47.36 35.98
CA GLN FA 11 -34.08 -47.20 35.97
C GLN FA 11 -34.80 -48.50 36.33
N SER FA 12 -34.33 -49.62 35.80
CA SER FA 12 -35.01 -50.90 36.04
C SER FA 12 -34.92 -51.31 37.50
N ARG FA 13 -33.83 -50.95 38.18
CA ARG FA 13 -33.76 -51.16 39.62
C ARG FA 13 -34.76 -50.27 40.35
N LYS FA 14 -34.96 -49.05 39.86
CA LYS FA 14 -35.93 -48.14 40.47
C LYS FA 14 -37.36 -48.56 40.20
N TRP FA 15 -37.64 -49.12 39.02
CA TRP FA 15 -39.01 -49.49 38.67
C TRP FA 15 -39.51 -50.66 39.51
N HIS FA 16 -38.65 -51.66 39.74
CA HIS FA 16 -39.04 -52.84 40.49
C HIS FA 16 -38.89 -52.67 42.00
N ARG FA 17 -38.31 -51.55 42.45
CA ARG FA 17 -38.10 -51.36 43.87
C ARG FA 17 -39.40 -51.08 44.61
N ASN FA 18 -40.32 -50.36 43.98
CA ASN FA 18 -41.70 -50.32 44.45
C ASN FA 18 -42.58 -51.35 43.77
N GLY FA 19 -42.05 -52.10 42.81
CA GLY FA 19 -42.80 -53.12 42.12
C GLY FA 19 -43.61 -52.58 40.96
N ILE FA 20 -43.48 -53.21 39.79
CA ILE FA 20 -44.25 -52.83 38.61
C ILE FA 20 -45.56 -53.61 38.66
N LYS FA 21 -46.63 -52.93 39.05
CA LYS FA 21 -47.87 -53.60 39.43
C LYS FA 21 -48.84 -53.72 38.26
N LYS FA 22 -49.58 -54.82 38.24
CA LYS FA 22 -50.67 -55.00 37.29
C LYS FA 22 -51.77 -53.98 37.60
N PRO FA 23 -52.37 -53.36 36.58
CA PRO FA 23 -53.44 -52.38 36.85
C PRO FA 23 -54.70 -53.01 37.46
N ARG FA 24 -55.65 -52.15 37.83
CA ARG FA 24 -56.80 -52.56 38.63
C ARG FA 24 -57.76 -53.41 37.81
N SER FA 25 -57.74 -54.72 38.03
CA SER FA 25 -58.77 -55.60 37.50
C SER FA 25 -59.99 -55.55 38.42
N GLN FA 26 -61.13 -55.11 37.87
CA GLN FA 26 -62.30 -54.87 38.69
C GLN FA 26 -63.53 -55.43 38.01
N ARG FA 27 -64.49 -55.88 38.81
CA ARG FA 27 -65.77 -56.34 38.30
C ARG FA 27 -66.57 -55.18 37.75
N TYR FA 28 -67.28 -55.42 36.65
CA TYR FA 28 -68.14 -54.44 35.98
C TYR FA 28 -67.33 -53.19 35.58
N GLU FA 29 -66.40 -53.42 34.65
CA GLU FA 29 -65.60 -52.34 34.11
C GLU FA 29 -66.50 -51.38 33.33
N SER FA 30 -66.14 -50.10 33.36
CA SER FA 30 -67.02 -49.02 32.91
C SER FA 30 -67.28 -49.12 31.40
N LEU FA 31 -68.34 -48.43 30.97
CA LEU FA 31 -68.74 -48.41 29.57
C LEU FA 31 -68.34 -47.11 28.88
N LYS FA 32 -67.20 -46.55 29.27
CA LYS FA 32 -66.67 -45.36 28.59
C LYS FA 32 -65.93 -45.79 27.33
N GLY FA 33 -66.23 -45.11 26.23
CA GLY FA 33 -65.67 -45.46 24.94
C GLY FA 33 -66.56 -46.32 24.08
N VAL FA 34 -67.65 -46.86 24.64
CA VAL FA 34 -68.58 -47.67 23.88
C VAL FA 34 -69.33 -46.77 22.88
N ASP FA 35 -69.64 -47.33 21.72
CA ASP FA 35 -70.33 -46.57 20.69
C ASP FA 35 -71.72 -46.12 21.17
N PRO FA 36 -72.17 -44.93 20.74
CA PRO FA 36 -73.39 -44.35 21.33
C PRO FA 36 -74.68 -45.06 20.95
N LYS FA 37 -74.77 -45.56 19.72
CA LYS FA 37 -76.01 -46.15 19.24
C LYS FA 37 -76.36 -47.44 19.98
N PHE FA 38 -75.37 -48.29 20.23
CA PHE FA 38 -75.63 -49.49 21.03
C PHE FA 38 -75.80 -49.13 22.50
N LEU FA 39 -75.10 -48.09 22.96
CA LEU FA 39 -75.26 -47.63 24.34
C LEU FA 39 -76.61 -46.95 24.55
N ARG FA 40 -77.13 -46.28 23.51
CA ARG FA 40 -78.48 -45.75 23.60
C ARG FA 40 -79.50 -46.87 23.73
N ASN FA 41 -79.24 -48.02 23.10
CA ASN FA 41 -80.06 -49.19 23.33
C ASN FA 41 -79.86 -49.76 24.73
N MET FA 42 -78.66 -49.60 25.29
CA MET FA 42 -78.37 -50.10 26.62
C MET FA 42 -79.21 -49.39 27.68
N ARG FA 43 -79.37 -48.08 27.54
CA ARG FA 43 -80.15 -47.31 28.51
C ARG FA 43 -81.64 -47.64 28.41
N PHE FA 44 -82.16 -47.82 27.20
CA PHE FA 44 -83.58 -48.11 27.03
C PHE FA 44 -83.96 -49.50 27.53
N ALA FA 45 -83.05 -50.47 27.45
CA ALA FA 45 -83.33 -51.79 28.00
C ALA FA 45 -83.51 -51.73 29.51
N LYS FA 46 -82.66 -50.95 30.20
CA LYS FA 46 -82.81 -50.76 31.63
C LYS FA 46 -83.97 -49.83 31.99
N LYS FA 47 -84.35 -48.92 31.09
CA LYS FA 47 -85.46 -48.02 31.38
C LYS FA 47 -86.79 -48.77 31.41
N HIS FA 48 -86.94 -49.79 30.57
CA HIS FA 48 -88.15 -50.61 30.54
C HIS FA 48 -87.93 -51.97 31.19
N ASN FA 49 -86.79 -52.16 31.86
CA ASN FA 49 -86.55 -53.37 32.64
C ASN FA 49 -87.54 -53.48 33.79
N LYS FA 50 -87.84 -52.37 34.46
CA LYS FA 50 -88.80 -52.38 35.55
C LYS FA 50 -90.22 -52.64 35.06
N LYS FA 51 -90.51 -52.31 33.81
CA LYS FA 51 -91.75 -52.79 33.18
C LYS FA 51 -91.68 -54.29 33.00
N GLY FA 52 -92.81 -54.96 33.24
CA GLY FA 52 -92.82 -56.41 33.22
C GLY FA 52 -92.35 -57.06 34.49
N LEU FA 53 -92.22 -56.30 35.59
CA LEU FA 53 -91.81 -56.86 36.87
C LEU FA 53 -92.83 -57.84 37.40
N LYS FA 54 -94.10 -57.70 37.00
CA LYS FA 54 -95.11 -58.67 37.41
C LYS FA 54 -94.85 -60.04 36.81
N LYS FA 55 -94.17 -60.11 35.67
CA LYS FA 55 -93.80 -61.38 35.07
C LYS FA 55 -92.67 -62.08 35.81
N MET FA 56 -92.00 -61.39 36.73
CA MET FA 56 -90.92 -62.03 37.50
C MET FA 56 -91.49 -63.05 38.48
N GLN FA 57 -92.31 -62.59 39.43
CA GLN FA 57 -92.88 -63.50 40.42
C GLN FA 57 -93.97 -64.37 39.85
N ALA FA 58 -94.57 -63.98 38.71
CA ALA FA 58 -95.51 -64.88 38.05
C ALA FA 58 -94.81 -66.08 37.42
N ASN FA 59 -93.51 -65.98 37.16
CA ASN FA 59 -92.73 -67.06 36.57
C ASN FA 59 -91.74 -67.67 37.56
N ASN FA 60 -91.09 -66.85 38.39
CA ASN FA 60 -90.11 -67.38 39.33
C ASN FA 60 -90.77 -68.24 40.40
N ALA FA 61 -91.95 -67.85 40.89
CA ALA FA 61 -92.70 -68.70 41.81
C ALA FA 61 -93.21 -69.96 41.12
N LYS FA 62 -93.51 -69.89 39.83
CA LYS FA 62 -93.76 -71.12 39.08
C LYS FA 62 -92.48 -71.94 38.93
N ALA FA 63 -91.33 -71.26 38.79
CA ALA FA 63 -90.05 -71.95 38.82
C ALA FA 63 -89.70 -72.46 40.21
N MET FA 64 -90.20 -71.82 41.27
CA MET FA 64 -90.09 -72.39 42.60
C MET FA 64 -90.86 -73.70 42.69
N ALA FA 65 -92.09 -73.70 42.16
CA ALA FA 65 -92.91 -74.92 42.14
C ALA FA 65 -92.38 -75.94 41.14
N ALA FA 66 -91.69 -75.51 40.10
CA ALA FA 66 -91.08 -76.46 39.16
C ALA FA 66 -89.97 -77.25 39.83
N ARG FA 67 -89.22 -76.60 40.72
CA ARG FA 67 -88.20 -77.29 41.50
C ARG FA 67 -88.76 -77.95 42.76
N ALA FA 68 -89.82 -77.38 43.34
CA ALA FA 68 -90.44 -77.99 44.51
C ALA FA 68 -91.03 -79.35 44.18
N GLU FA 69 -91.67 -79.48 43.00
CA GLU FA 69 -92.12 -80.78 42.54
C GLU FA 69 -90.97 -81.65 42.05
N ALA FA 70 -89.87 -81.04 41.58
CA ALA FA 70 -88.72 -81.82 41.15
C ALA FA 70 -88.00 -82.42 42.35
N ILE FA 71 -87.88 -81.65 43.45
CA ILE FA 71 -87.24 -82.18 44.65
C ILE FA 71 -88.18 -83.09 45.43
N LYS FA 72 -89.50 -82.97 45.24
CA LYS FA 72 -90.43 -83.88 45.88
C LYS FA 72 -90.47 -85.25 45.20
N ALA FA 73 -90.23 -85.29 43.89
CA ALA FA 73 -90.27 -86.55 43.16
C ALA FA 73 -89.11 -87.47 43.55
N LEU FA 74 -87.89 -86.92 43.54
CA LEU FA 74 -86.73 -87.74 43.91
C LEU FA 74 -86.64 -87.93 45.41
N VAL FA 75 -86.98 -86.90 46.19
CA VAL FA 75 -86.97 -86.99 47.64
C VAL FA 75 -88.39 -86.93 48.19
N SER FA 76 -52.29 -100.28 57.26
CA SER FA 76 -52.40 -101.66 57.70
C SER FA 76 -53.53 -101.83 58.70
N ARG FA 77 -53.76 -103.08 59.12
CA ARG FA 77 -54.84 -103.37 60.08
C ARG FA 77 -54.52 -102.80 61.46
N LYS FA 78 -53.27 -102.95 61.91
CA LYS FA 78 -52.88 -102.45 63.23
C LYS FA 78 -52.88 -100.92 63.26
N LEU FA 79 -52.37 -100.29 62.20
CA LEU FA 79 -52.27 -98.84 62.16
C LEU FA 79 -53.63 -98.18 62.16
N HIS FA 80 -54.57 -98.72 61.41
CA HIS FA 80 -55.92 -98.16 61.37
C HIS FA 80 -56.63 -98.32 62.71
N ARG FA 81 -56.41 -99.46 63.37
CA ARG FA 81 -57.04 -99.69 64.67
C ARG FA 81 -56.51 -98.74 65.73
N LEU FA 82 -55.19 -98.55 65.77
CA LEU FA 82 -54.59 -97.71 66.80
C LEU FA 82 -54.87 -96.23 66.54
N ALA FA 83 -54.98 -95.85 65.27
CA ALA FA 83 -55.42 -94.50 64.93
C ALA FA 83 -56.85 -94.26 65.41
N TYR FA 84 -57.68 -95.30 65.33
CA TYR FA 84 -59.03 -95.24 65.87
C TYR FA 84 -59.00 -95.03 67.38
N ILE FA 85 -58.06 -95.69 68.06
CA ILE FA 85 -57.92 -95.57 69.51
C ILE FA 85 -57.45 -94.16 69.88
N ALA FA 86 -56.55 -93.59 69.06
CA ALA FA 86 -55.83 -92.38 69.44
C ALA FA 86 -56.77 -91.18 69.54
N HIS FA 87 -57.58 -90.93 68.52
CA HIS FA 87 -58.42 -89.74 68.58
C HIS FA 87 -59.63 -89.97 69.50
N PRO FA 88 -59.97 -88.98 70.34
CA PRO FA 88 -60.97 -89.19 71.40
C PRO FA 88 -62.38 -89.49 70.92
N LYS FA 89 -62.81 -88.84 69.83
CA LYS FA 89 -64.21 -88.87 69.41
C LYS FA 89 -64.73 -90.29 69.15
N LEU FA 90 -64.01 -91.08 68.35
CA LEU FA 90 -64.48 -92.42 68.05
C LEU FA 90 -63.88 -93.46 69.00
N GLY FA 91 -62.70 -93.19 69.54
CA GLY FA 91 -62.04 -94.15 70.41
C GLY FA 91 -62.20 -93.86 71.89
N ARG FA 92 -63.35 -93.33 72.29
CA ARG FA 92 -63.58 -93.05 73.70
C ARG FA 92 -64.03 -94.30 74.46
N ARG FA 93 -64.96 -95.06 73.88
CA ARG FA 93 -65.45 -96.27 74.53
C ARG FA 93 -64.35 -97.33 74.61
N ALA FA 94 -63.55 -97.45 73.54
CA ALA FA 94 -62.49 -98.45 73.52
C ALA FA 94 -61.38 -98.12 74.50
N ARG FA 95 -61.10 -96.82 74.67
CA ARG FA 95 -60.16 -96.40 75.71
C ARG FA 95 -60.71 -96.72 77.10
N ALA FA 96 -62.03 -96.55 77.28
CA ALA FA 96 -62.65 -96.91 78.55
C ALA FA 96 -62.61 -98.43 78.76
N ARG FA 97 -62.77 -99.19 77.67
CA ARG FA 97 -62.75 -100.65 77.77
C ARG FA 97 -61.37 -101.15 78.16
N ILE FA 98 -60.32 -100.63 77.51
CA ILE FA 98 -58.97 -101.08 77.82
C ILE FA 98 -58.55 -100.59 79.22
N ALA FA 99 -59.03 -99.42 79.63
CA ALA FA 99 -58.71 -98.90 80.96
C ALA FA 99 -59.24 -99.80 82.06
N ARG FA 100 -60.41 -100.39 81.83
CA ARG FA 100 -60.94 -101.42 82.74
C ARG FA 100 -60.07 -102.68 82.70
N GLY FA 101 -59.33 -102.86 81.61
CA GLY FA 101 -58.58 -104.09 81.43
C GLY FA 101 -57.42 -104.27 82.39
N LEU FA 102 -56.70 -103.18 82.68
CA LEU FA 102 -55.53 -103.29 83.57
C LEU FA 102 -55.95 -103.64 84.99
N ARG FA 103 -57.14 -103.25 85.42
CA ARG FA 103 -57.65 -103.65 86.72
C ARG FA 103 -57.91 -105.15 86.79
N SER GA 1 13.26 80.10 -11.73
CA SER GA 1 12.53 79.55 -10.60
C SER GA 1 12.87 80.30 -9.31
N ILE GA 2 12.27 79.86 -8.21
CA ILE GA 2 12.53 80.49 -6.92
C ILE GA 2 13.88 80.07 -6.37
N ASN GA 3 14.17 78.76 -6.40
CA ASN GA 3 15.43 78.26 -5.88
C ASN GA 3 16.63 78.75 -6.69
N SER GA 4 16.49 78.84 -8.02
CA SER GA 4 17.55 79.40 -8.84
C SER GA 4 17.73 80.89 -8.56
N ARG GA 5 16.64 81.58 -8.22
CA ARG GA 5 16.74 82.98 -7.80
C ARG GA 5 17.31 83.10 -6.39
N LEU GA 6 17.06 82.10 -5.54
CA LEU GA 6 17.52 82.16 -4.16
C LEU GA 6 19.02 81.95 -4.07
N GLN GA 7 19.58 81.05 -4.88
CA GLN GA 7 21.00 80.72 -4.80
C GLN GA 7 21.90 81.86 -5.25
N LEU GA 8 21.37 82.83 -5.98
CA LEU GA 8 22.17 83.99 -6.36
C LEU GA 8 22.54 84.84 -5.15
N VAL GA 9 21.66 84.89 -4.15
CA VAL GA 9 21.95 85.60 -2.92
C VAL GA 9 23.08 84.92 -2.16
N MET GA 10 23.17 83.60 -2.26
CA MET GA 10 24.03 82.81 -1.37
C MET GA 10 25.50 83.19 -1.52
N LYS GA 11 25.97 83.37 -2.75
CA LYS GA 11 27.35 83.78 -2.96
C LYS GA 11 27.53 85.28 -3.17
N SER GA 12 26.44 86.05 -3.25
CA SER GA 12 26.53 87.48 -3.49
C SER GA 12 25.93 88.31 -2.35
N GLY GA 13 24.72 87.99 -1.93
CA GLY GA 13 24.02 88.77 -0.93
C GLY GA 13 24.36 88.35 0.50
N LYS GA 14 23.71 89.01 1.44
CA LYS GA 14 23.89 88.75 2.86
C LYS GA 14 22.62 88.10 3.42
N TYR GA 15 22.80 87.05 4.22
CA TYR GA 15 21.69 86.24 4.69
C TYR GA 15 21.90 85.82 6.14
N VAL GA 16 20.79 85.50 6.81
CA VAL GA 16 20.81 85.00 8.18
C VAL GA 16 19.96 83.73 8.23
N LEU GA 17 20.51 82.68 8.82
CA LEU GA 17 19.86 81.38 8.91
C LEU GA 17 19.53 81.07 10.36
N GLY GA 18 18.32 80.58 10.60
CA GLY GA 18 17.93 80.14 11.93
C GLY GA 18 16.76 80.95 12.47
N TYR GA 19 15.93 80.28 13.28
CA TYR GA 19 14.72 80.94 13.79
C TYR GA 19 15.05 82.04 14.80
N LYS GA 20 15.94 81.76 15.74
CA LYS GA 20 16.20 82.73 16.81
C LYS GA 20 16.95 83.94 16.28
N GLN GA 21 17.92 83.72 15.39
CA GLN GA 21 18.69 84.84 14.84
C GLN GA 21 17.86 85.70 13.90
N THR GA 22 16.89 85.12 13.20
CA THR GA 22 15.95 85.91 12.41
C THR GA 22 14.79 86.44 13.22
N LEU GA 23 14.51 85.88 14.40
CA LEU GA 23 13.53 86.49 15.27
C LEU GA 23 13.97 87.86 15.76
N LYS GA 24 15.24 87.99 16.15
CA LYS GA 24 15.76 89.29 16.54
C LYS GA 24 16.07 90.16 15.33
N MET GA 25 16.34 89.54 14.17
CA MET GA 25 16.77 90.28 12.99
C MET GA 25 15.67 91.21 12.49
N ILE GA 26 14.43 90.72 12.43
CA ILE GA 26 13.31 91.54 11.98
C ILE GA 26 13.10 92.75 12.90
N ARG GA 27 13.48 92.60 14.17
CA ARG GA 27 13.26 93.64 15.15
C ARG GA 27 14.05 94.91 14.88
N GLN GA 28 15.24 94.82 14.26
CA GLN GA 28 15.86 96.05 13.77
C GLN GA 28 15.21 96.56 12.49
N GLY GA 29 14.66 95.66 11.67
CA GLY GA 29 13.85 96.05 10.53
C GLY GA 29 14.60 96.35 9.25
N LYS GA 30 15.92 96.23 9.22
CA LYS GA 30 16.65 96.45 7.97
C LYS GA 30 16.53 95.26 7.02
N ALA GA 31 16.01 94.12 7.47
CA ALA GA 31 15.67 93.04 6.57
C ALA GA 31 14.41 93.37 5.77
N LYS GA 32 14.28 92.77 4.58
CA LYS GA 32 13.16 93.07 3.71
C LYS GA 32 12.18 91.92 3.51
N LEU GA 33 12.64 90.67 3.59
CA LEU GA 33 11.76 89.54 3.27
C LEU GA 33 12.27 88.30 4.00
N VAL GA 34 11.34 87.39 4.30
CA VAL GA 34 11.63 86.15 5.00
C VAL GA 34 11.06 84.99 4.22
N ILE GA 35 11.71 83.83 4.30
CA ILE GA 35 11.24 82.59 3.71
C ILE GA 35 10.85 81.64 4.84
N LEU GA 36 9.65 81.08 4.75
CA LEU GA 36 9.15 80.16 5.76
C LEU GA 36 8.94 78.78 5.13
N ALA GA 37 9.29 77.74 5.90
CA ALA GA 37 9.10 76.37 5.45
C ALA GA 37 7.68 75.91 5.74
N ASN GA 38 7.22 74.93 4.94
CA ASN GA 38 5.84 74.46 5.07
C ASN GA 38 5.65 73.59 6.29
N ASN GA 39 6.66 72.80 6.67
CA ASN GA 39 6.52 71.82 7.74
C ASN GA 39 6.83 72.41 9.12
N CYS GA 40 7.17 73.69 9.20
CA CYS GA 40 7.48 74.27 10.49
C CYS GA 40 6.20 74.39 11.32
N PRO GA 41 6.32 74.41 12.65
CA PRO GA 41 5.13 74.41 13.50
C PRO GA 41 4.21 75.60 13.22
N ALA GA 42 2.91 75.34 13.33
CA ALA GA 42 1.89 76.33 13.01
C ALA GA 42 1.94 77.54 13.94
N LEU GA 43 2.46 77.37 15.17
CA LEU GA 43 2.66 78.51 16.05
C LEU GA 43 3.68 79.47 15.47
N ARG GA 44 4.77 78.94 14.91
CA ARG GA 44 5.83 79.77 14.33
C ARG GA 44 5.54 80.18 12.88
N LYS GA 45 4.46 79.71 12.28
CA LYS GA 45 3.96 80.36 11.07
C LYS GA 45 3.58 81.82 11.36
N SER GA 46 2.61 82.01 12.26
CA SER GA 46 2.06 83.34 12.51
C SER GA 46 3.00 84.22 13.32
N GLU GA 47 3.94 83.62 14.06
CA GLU GA 47 4.85 84.40 14.89
C GLU GA 47 5.73 85.29 14.03
N ILE GA 48 6.25 84.78 12.92
CA ILE GA 48 7.04 85.62 12.02
C ILE GA 48 6.16 86.65 11.32
N GLU GA 49 4.95 86.24 10.90
CA GLU GA 49 4.07 87.15 10.16
C GLU GA 49 3.61 88.32 11.02
N TYR GA 50 3.39 88.10 12.32
CA TYR GA 50 3.03 89.21 13.20
C TYR GA 50 4.19 90.18 13.36
N TYR GA 51 5.42 89.67 13.44
CA TYR GA 51 6.59 90.55 13.46
C TYR GA 51 6.79 91.23 12.11
N ALA GA 52 6.49 90.53 11.01
CA ALA GA 52 6.73 91.07 9.68
C ALA GA 52 5.78 92.21 9.33
N MET GA 53 4.51 92.12 9.75
CA MET GA 53 3.58 93.20 9.47
C MET GA 53 3.83 94.44 10.33
N LEU GA 54 4.55 94.28 11.45
CA LEU GA 54 5.01 95.43 12.23
C LEU GA 54 6.13 96.15 11.51
N ALA GA 55 7.04 95.41 10.88
CA ALA GA 55 8.19 95.99 10.20
C ALA GA 55 7.97 96.13 8.70
N LYS GA 56 6.73 95.92 8.24
CA LYS GA 56 6.38 95.98 6.80
C LYS GA 56 7.23 95.02 5.98
N THR GA 57 7.45 93.82 6.50
CA THR GA 57 8.31 92.83 5.88
C THR GA 57 7.46 91.82 5.10
N GLY GA 58 7.82 91.60 3.84
CA GLY GA 58 7.11 90.62 3.04
C GLY GA 58 7.39 89.20 3.49
N VAL GA 59 6.39 88.35 3.33
CA VAL GA 59 6.46 86.95 3.75
C VAL GA 59 6.22 86.07 2.52
N HIS GA 60 7.15 85.18 2.25
CA HIS GA 60 7.03 84.20 1.17
C HIS GA 60 7.06 82.80 1.76
N HIS GA 61 6.07 81.99 1.42
CA HIS GA 61 5.95 80.63 1.93
C HIS GA 61 6.58 79.68 0.92
N TYR GA 62 7.65 78.99 1.33
CA TYR GA 62 8.29 78.02 0.45
C TYR GA 62 7.42 76.78 0.32
N SER GA 63 7.30 76.27 -0.91
CA SER GA 63 6.51 75.07 -1.15
C SER GA 63 7.23 73.80 -0.67
N GLY GA 64 8.56 73.82 -0.65
CA GLY GA 64 9.34 72.65 -0.31
C GLY GA 64 9.53 72.47 1.20
N ASN GA 65 10.19 71.36 1.54
CA ASN GA 65 10.44 71.02 2.92
C ASN GA 65 11.57 71.88 3.49
N ASN GA 66 11.71 71.82 4.82
CA ASN GA 66 12.82 72.53 5.47
C ASN GA 66 14.16 71.92 5.10
N ILE GA 67 14.21 70.60 4.88
CA ILE GA 67 15.42 69.98 4.36
C ILE GA 67 15.68 70.46 2.94
N GLU GA 68 14.64 70.52 2.12
CA GLU GA 68 14.79 71.02 0.75
C GLU GA 68 15.10 72.50 0.73
N LEU GA 69 14.59 73.26 1.70
CA LEU GA 69 14.95 74.67 1.80
C LEU GA 69 16.40 74.85 2.22
N GLY GA 70 16.91 73.94 3.06
CA GLY GA 70 18.33 73.97 3.39
C GLY GA 70 19.22 73.64 2.22
N THR GA 71 18.79 72.71 1.36
CA THR GA 71 19.57 72.40 0.17
C THR GA 71 19.47 73.51 -0.86
N ALA GA 72 18.34 74.23 -0.88
CA ALA GA 72 18.16 75.35 -1.78
C ALA GA 72 19.10 76.51 -1.46
N CYS GA 73 19.57 76.60 -0.21
CA CYS GA 73 20.56 77.60 0.17
C CYS GA 73 21.99 77.10 0.00
N GLY GA 74 22.18 75.89 -0.51
CA GLY GA 74 23.49 75.31 -0.66
C GLY GA 74 24.07 74.70 0.59
N LYS GA 75 23.35 74.75 1.71
CA LYS GA 75 23.84 74.20 2.96
C LYS GA 75 23.44 72.73 3.09
N TYR GA 76 24.13 72.03 4.00
CA TYR GA 76 23.92 70.60 4.21
C TYR GA 76 23.08 70.31 5.45
N TYR GA 77 22.41 71.32 6.00
CA TYR GA 77 21.54 71.17 7.16
C TYR GA 77 20.19 71.82 6.87
N ARG GA 78 19.17 71.38 7.60
CA ARG GA 78 17.83 71.94 7.44
C ARG GA 78 17.74 73.30 8.14
N VAL GA 79 16.88 74.16 7.60
CA VAL GA 79 16.65 75.49 8.16
C VAL GA 79 15.14 75.71 8.24
N CYS GA 80 14.68 76.34 9.32
CA CYS GA 80 13.26 76.62 9.47
C CYS GA 80 12.89 78.01 8.99
N THR GA 81 13.53 79.03 9.55
CA THR GA 81 13.19 80.42 9.25
C THR GA 81 14.47 81.18 8.90
N LEU GA 82 14.43 81.89 7.78
CA LEU GA 82 15.58 82.65 7.34
C LEU GA 82 15.12 84.01 6.84
N ALA GA 83 16.03 84.98 6.89
CA ALA GA 83 15.75 86.34 6.45
C ALA GA 83 16.90 86.84 5.60
N ILE GA 84 16.57 87.70 4.64
CA ILE GA 84 17.57 88.28 3.73
C ILE GA 84 17.96 89.65 4.28
N ILE GA 85 19.26 89.93 4.27
CA ILE GA 85 19.74 91.23 4.74
C ILE GA 85 19.75 92.24 3.61
N ASP GA 86 20.42 91.91 2.52
CA ASP GA 86 20.45 92.74 1.32
C ASP GA 86 20.76 91.88 0.11
N PRO GA 87 19.87 91.81 -0.87
CA PRO GA 87 20.19 91.05 -2.08
C PRO GA 87 21.29 91.72 -2.88
N GLY GA 88 22.24 90.91 -3.33
CA GLY GA 88 23.36 91.42 -4.09
C GLY GA 88 22.99 91.85 -5.49
N ASP GA 89 22.51 90.90 -6.29
CA ASP GA 89 22.10 91.20 -7.65
C ASP GA 89 20.83 90.46 -8.05
N SER GA 90 19.95 90.16 -7.09
CA SER GA 90 18.75 89.39 -7.33
C SER GA 90 17.51 90.24 -7.10
N ASP GA 91 16.43 89.89 -7.79
CA ASP GA 91 15.15 90.58 -7.70
C ASP GA 91 14.10 89.79 -6.91
N ILE GA 92 14.51 89.11 -5.84
CA ILE GA 92 13.55 88.43 -4.97
C ILE GA 92 12.57 89.42 -4.37
N ILE GA 93 13.03 90.62 -4.04
CA ILE GA 93 12.17 91.71 -3.59
C ILE GA 93 11.69 92.47 -4.82
N ARG GA 94 10.45 92.93 -4.78
CA ARG GA 94 9.82 93.55 -5.94
C ARG GA 94 9.41 94.98 -5.63
N ASN HA 1 60.79 0.18 94.98
CA ASN HA 1 60.51 -1.14 94.42
C ASN HA 1 59.12 -1.18 93.79
N GLU HA 2 58.20 -0.43 94.37
CA GLU HA 2 56.83 -0.35 93.87
C GLU HA 2 56.43 1.04 93.40
N VAL HA 3 57.24 2.06 93.66
CA VAL HA 3 56.97 3.41 93.17
C VAL HA 3 58.05 3.77 92.16
N VAL HA 4 58.62 2.76 91.51
CA VAL HA 4 59.73 2.98 90.59
C VAL HA 4 59.21 3.59 89.29
N THR HA 5 60.07 4.38 88.64
CA THR HA 5 59.78 4.96 87.34
C THR HA 5 61.02 4.79 86.45
N ARG HA 6 60.77 4.66 85.15
CA ARG HA 6 61.85 4.40 84.21
C ARG HA 6 61.40 4.79 82.80
N GLU HA 7 62.36 4.82 81.89
CA GLU HA 7 62.11 5.18 80.51
C GLU HA 7 61.77 3.97 79.66
N TYR HA 8 60.93 4.19 78.66
CA TYR HA 8 60.59 3.19 77.66
C TYR HA 8 60.45 3.89 76.31
N THR HA 9 60.68 3.14 75.25
CA THR HA 9 60.38 3.60 73.90
C THR HA 9 59.43 2.62 73.24
N ILE HA 10 58.45 3.15 72.52
CA ILE HA 10 57.38 2.36 71.94
C ILE HA 10 57.39 2.58 70.44
N ASN HA 11 57.57 1.50 69.68
CA ASN HA 11 57.46 1.57 68.22
C ASN HA 11 56.00 1.36 67.82
N ILE HA 12 55.35 2.44 67.40
CA ILE HA 12 53.94 2.39 67.06
C ILE HA 12 53.72 1.53 65.82
N HIS HA 13 54.66 1.58 64.87
CA HIS HA 13 54.47 0.91 63.58
C HIS HA 13 54.32 -0.60 63.76
N LYS HA 14 54.88 -1.14 64.84
CA LYS HA 14 54.65 -2.54 65.17
C LYS HA 14 53.20 -2.80 65.57
N ARG HA 15 52.59 -1.89 66.32
CA ARG HA 15 51.32 -2.16 66.97
C ARG HA 15 50.11 -1.62 66.22
N ILE HA 16 50.29 -0.94 65.09
CA ILE HA 16 49.17 -0.44 64.30
C ILE HA 16 49.19 -0.93 62.86
N HIS HA 17 50.20 -1.69 62.46
CA HIS HA 17 50.29 -2.17 61.08
C HIS HA 17 49.13 -3.11 60.77
N GLY HA 18 48.18 -2.65 59.97
CA GLY HA 18 47.06 -3.47 59.59
C GLY HA 18 45.71 -2.79 59.69
N VAL HA 19 45.58 -1.83 60.63
CA VAL HA 19 44.29 -1.21 60.87
C VAL HA 19 44.03 -0.12 59.84
N GLY HA 20 42.77 0.32 59.77
CA GLY HA 20 42.37 1.32 58.81
C GLY HA 20 42.82 2.72 59.18
N PHE HA 21 42.66 3.63 58.22
CA PHE HA 21 43.17 4.99 58.38
C PHE HA 21 42.46 5.75 59.51
N LYS HA 22 41.15 5.55 59.65
CA LYS HA 22 40.36 6.30 60.63
C LYS HA 22 40.44 5.71 62.03
N LYS HA 23 41.17 4.61 62.21
CA LYS HA 23 41.30 3.99 63.53
C LYS HA 23 42.75 3.78 63.92
N ARG HA 24 43.68 4.47 63.27
CA ARG HA 24 45.10 4.29 63.59
C ARG HA 24 45.46 4.97 64.90
N ALA HA 25 45.16 6.26 65.03
CA ALA HA 25 45.41 6.97 66.28
C ALA HA 25 44.61 6.43 67.48
N PRO HA 26 43.30 6.16 67.40
CA PRO HA 26 42.62 5.57 68.57
C PRO HA 26 43.19 4.24 69.00
N ARG HA 27 43.65 3.41 68.06
CA ARG HA 27 44.25 2.13 68.42
C ARG HA 27 45.58 2.32 69.13
N ALA HA 28 46.33 3.36 68.75
CA ALA HA 28 47.64 3.61 69.35
C ALA HA 28 47.54 3.90 70.85
N LEU HA 29 46.55 4.69 71.26
CA LEU HA 29 46.36 4.96 72.67
C LEU HA 29 45.94 3.71 73.42
N LYS HA 30 45.20 2.81 72.76
CA LYS HA 30 44.84 1.53 73.36
C LYS HA 30 46.04 0.61 73.47
N GLU HA 31 46.98 0.68 72.52
CA GLU HA 31 48.19 -0.12 72.60
C GLU HA 31 49.19 0.41 73.62
N ILE HA 32 49.24 1.72 73.84
CA ILE HA 32 50.07 2.25 74.93
C ILE HA 32 49.53 1.77 76.27
N ARG HA 33 48.20 1.77 76.44
CA ARG HA 33 47.60 1.23 77.64
C ARG HA 33 47.88 -0.26 77.80
N LYS HA 34 47.80 -1.02 76.70
CA LYS HA 34 48.11 -2.45 76.76
C LYS HA 34 49.58 -2.68 77.08
N PHE HA 35 50.46 -1.85 76.51
CA PHE HA 35 51.89 -1.96 76.78
C PHE HA 35 52.21 -1.60 78.23
N ALA HA 36 51.48 -0.64 78.81
CA ALA HA 36 51.74 -0.23 80.18
C ALA HA 36 51.33 -1.30 81.20
N MET HA 37 50.35 -2.13 80.86
CA MET HA 37 49.92 -3.18 81.79
C MET HA 37 50.83 -4.39 81.79
N LYS HA 38 51.73 -4.51 80.82
CA LYS HA 38 52.61 -5.69 80.75
C LYS HA 38 53.81 -5.52 81.68
N GLU HA 39 54.54 -4.42 81.54
CA GLU HA 39 55.66 -4.14 82.44
C GLU HA 39 55.16 -3.79 83.83
N MET HA 40 54.44 -2.69 83.97
CA MET HA 40 53.80 -2.35 85.23
C MET HA 40 52.58 -3.22 85.43
N GLY HA 41 52.49 -3.83 86.62
CA GLY HA 41 51.41 -4.76 86.88
C GLY HA 41 50.07 -4.15 87.18
N THR HA 42 49.96 -2.84 87.16
CA THR HA 42 48.69 -2.17 87.46
C THR HA 42 47.78 -2.20 86.24
N PRO HA 43 46.59 -2.79 86.33
CA PRO HA 43 45.64 -2.70 85.22
C PRO HA 43 45.09 -1.30 85.01
N ASP HA 44 45.19 -0.43 86.00
CA ASP HA 44 44.71 0.95 85.88
C ASP HA 44 45.83 1.82 85.35
N VAL HA 45 45.62 2.40 84.17
CA VAL HA 45 46.64 3.20 83.48
C VAL HA 45 46.01 4.53 83.11
N ARG HA 46 46.69 5.62 83.47
CA ARG HA 46 46.26 6.98 83.15
C ARG HA 46 47.25 7.56 82.14
N ILE HA 47 46.72 8.08 81.03
CA ILE HA 47 47.54 8.65 79.97
C ILE HA 47 47.47 10.17 80.07
N ASP HA 48 48.62 10.79 80.30
CA ASP HA 48 48.65 12.23 80.52
C ASP HA 48 48.39 12.96 79.21
N THR HA 49 47.93 14.21 79.32
CA THR HA 49 47.40 14.93 78.15
C THR HA 49 48.47 15.21 77.11
N ARG HA 50 49.71 15.52 77.53
CA ARG HA 50 50.75 15.84 76.55
C ARG HA 50 51.14 14.62 75.74
N LEU HA 51 51.02 13.41 76.31
CA LEU HA 51 51.23 12.21 75.52
C LEU HA 51 50.13 12.03 74.47
N ASN HA 52 48.88 12.35 74.84
CA ASN HA 52 47.79 12.30 73.86
C ASN HA 52 47.98 13.33 72.76
N LYS HA 53 48.56 14.50 73.11
CA LYS HA 53 48.90 15.47 72.08
C LYS HA 53 50.00 14.96 71.16
N ALA HA 54 51.00 14.27 71.71
CA ALA HA 54 52.13 13.81 70.91
C ALA HA 54 51.71 12.77 69.88
N VAL HA 55 50.83 11.84 70.26
CA VAL HA 55 50.34 10.84 69.30
C VAL HA 55 49.48 11.50 68.23
N TRP HA 56 48.67 12.49 68.62
CA TRP HA 56 47.78 13.17 67.70
C TRP HA 56 48.41 14.40 67.06
N ALA HA 57 49.70 14.65 67.28
CA ALA HA 57 50.37 15.82 66.72
C ALA HA 57 50.57 15.74 65.22
N LYS HA 58 50.38 14.56 64.62
CA LYS HA 58 50.58 14.39 63.18
C LYS HA 58 49.33 13.84 62.50
N GLY HA 59 48.15 14.04 63.10
CA GLY HA 59 46.91 13.58 62.53
C GLY HA 59 46.55 12.18 62.98
N ILE HA 60 45.31 11.78 62.63
CA ILE HA 60 44.84 10.45 62.98
C ILE HA 60 45.44 9.37 62.08
N ARG HA 61 45.85 9.74 60.87
CA ARG HA 61 46.32 8.78 59.87
C ARG HA 61 47.82 8.54 59.91
N ASN HA 62 48.61 9.60 60.04
CA ASN HA 62 50.07 9.50 60.04
C ASN HA 62 50.56 9.53 61.49
N VAL HA 63 50.39 8.41 62.17
CA VAL HA 63 50.86 8.30 63.56
C VAL HA 63 52.38 8.18 63.56
N PRO HA 64 53.08 8.85 64.49
CA PRO HA 64 54.56 8.80 64.47
C PRO HA 64 55.10 7.39 64.62
N TYR HA 65 56.24 7.14 63.95
CA TYR HA 65 56.82 5.79 63.92
C TYR HA 65 57.32 5.36 65.29
N ARG HA 66 58.11 6.20 65.95
CA ARG HA 66 58.70 5.89 67.24
C ARG HA 66 58.36 6.98 68.24
N ILE HA 67 58.18 6.58 69.49
CA ILE HA 67 57.90 7.51 70.57
C ILE HA 67 58.61 7.05 71.83
N ARG HA 68 59.18 7.98 72.58
CA ARG HA 68 59.84 7.69 73.85
C ARG HA 68 58.92 8.15 74.98
N VAL HA 69 58.64 7.25 75.92
CA VAL HA 69 57.59 7.45 76.90
C VAL HA 69 58.11 7.08 78.29
N ARG HA 70 57.55 7.71 79.31
CA ARG HA 70 57.94 7.48 80.69
C ARG HA 70 56.78 6.86 81.44
N LEU HA 71 57.00 5.66 81.99
CA LEU HA 71 56.02 4.98 82.82
C LEU HA 71 56.42 5.12 84.29
N SER HA 72 55.46 5.47 85.13
CA SER HA 72 55.70 5.72 86.55
C SER HA 72 54.57 5.09 87.35
N ARG HA 73 54.85 3.99 88.03
CA ARG HA 73 53.90 3.39 88.95
C ARG HA 73 53.83 4.23 90.22
N LYS HA 74 52.62 4.61 90.62
CA LYS HA 74 52.43 5.55 91.71
C LYS HA 74 51.70 4.87 92.87
N ARG HA 75 51.34 5.68 93.88
CA ARG HA 75 50.85 5.17 95.16
C ARG HA 75 49.33 5.07 95.23
N ASN HA 76 48.60 5.95 94.54
CA ASN HA 76 47.15 6.07 94.64
C ASN HA 76 46.73 6.31 96.10
N GLU HA 77 47.18 7.46 96.61
CA GLU HA 77 47.07 7.77 98.04
C GLU HA 77 45.74 8.38 98.43
N ASP HA 78 44.89 8.76 97.47
CA ASP HA 78 43.66 9.47 97.80
C ASP HA 78 42.39 8.66 97.57
N GLU HA 79 42.27 7.97 96.44
CA GLU HA 79 41.05 7.24 96.13
C GLU HA 79 41.03 5.89 96.81
N ASP HA 80 39.86 5.51 97.33
CA ASP HA 80 39.64 4.17 97.86
C ASP HA 80 39.21 3.22 96.74
N SER HA 81 40.03 3.21 95.69
CA SER HA 81 39.78 2.37 94.53
C SER HA 81 40.00 0.90 94.88
N PRO HA 82 39.33 -0.01 94.17
CA PRO HA 82 39.65 -1.44 94.36
C PRO HA 82 41.08 -1.79 93.99
N ASN HA 83 41.74 -0.98 93.17
CA ASN HA 83 43.15 -1.16 92.84
C ASN HA 83 43.96 -0.23 93.72
N LYS HA 84 44.97 -0.77 94.42
CA LYS HA 84 45.80 0.01 95.32
C LYS HA 84 46.91 0.77 94.61
N LEU HA 85 47.20 0.46 93.35
CA LEU HA 85 48.32 1.06 92.64
C LEU HA 85 47.91 1.38 91.21
N TYR HA 86 48.41 2.50 90.70
CA TYR HA 86 48.18 2.88 89.31
C TYR HA 86 49.51 3.31 88.69
N THR HA 87 49.48 3.55 87.38
CA THR HA 87 50.66 3.95 86.63
C THR HA 87 50.35 5.25 85.90
N LEU HA 88 51.19 6.27 86.10
CA LEU HA 88 51.08 7.53 85.40
C LEU HA 88 52.07 7.51 84.24
N VAL HA 89 51.56 7.74 83.04
CA VAL HA 89 52.32 7.59 81.81
C VAL HA 89 52.41 8.96 81.13
N THR HA 90 53.64 9.41 80.88
CA THR HA 90 53.88 10.73 80.33
C THR HA 90 54.91 10.65 79.20
N TYR HA 91 54.91 11.67 78.36
CA TYR HA 91 55.74 11.71 77.15
C TYR HA 91 57.05 12.45 77.42
N VAL HA 92 58.12 11.97 76.79
CA VAL HA 92 59.45 12.55 76.92
C VAL HA 92 59.90 13.03 75.55
N PRO HA 93 60.17 14.32 75.37
CA PRO HA 93 60.62 14.83 74.07
C PRO HA 93 62.04 14.39 73.78
N VAL HA 94 62.23 13.68 72.66
CA VAL HA 94 63.52 13.12 72.27
C VAL HA 94 63.76 13.46 70.82
N THR HA 95 64.95 14.00 70.51
CA THR HA 95 65.26 14.43 69.15
C THR HA 95 65.69 13.25 68.28
N THR HA 96 66.80 12.61 68.63
CA THR HA 96 67.32 11.48 67.86
C THR HA 96 66.94 10.16 68.52
N PHE HA 97 66.55 9.20 67.68
CA PHE HA 97 65.96 7.95 68.17
C PHE HA 97 66.91 6.76 68.17
N LYS HA 98 68.04 6.83 67.46
CA LYS HA 98 68.94 5.69 67.36
C LYS HA 98 69.78 5.57 68.63
N ASN HA 99 69.96 4.31 69.07
CA ASN HA 99 70.78 3.96 70.24
C ASN HA 99 70.24 4.59 71.53
N LEU HA 100 68.97 4.35 71.81
CA LEU HA 100 68.39 4.59 73.13
C LEU HA 100 67.72 3.32 73.63
N GLN HA 101 68.10 2.88 74.82
CA GLN HA 101 67.55 1.69 75.45
C GLN HA 101 66.66 2.08 76.63
N THR HA 102 65.95 1.09 77.17
CA THR HA 102 65.07 1.29 78.31
C THR HA 102 65.91 1.40 79.59
N VAL HA 103 66.35 2.63 79.85
CA VAL HA 103 67.18 2.92 81.02
C VAL HA 103 66.28 3.13 82.23
N ASN HA 104 66.74 2.68 83.39
CA ASN HA 104 66.01 2.84 84.64
C ASN HA 104 66.44 4.15 85.29
N VAL HA 105 65.56 5.15 85.28
CA VAL HA 105 65.88 6.44 85.87
C VAL HA 105 65.56 6.42 87.37
N ASP HA 106 66.14 7.38 88.08
CA ASP HA 106 65.94 7.53 89.52
C ASP HA 106 65.13 8.80 89.78
N GLU HA 107 64.03 8.65 90.50
CA GLU HA 107 63.16 9.78 90.82
C GLU HA 107 63.76 10.64 91.93
N ALA IA 1 -16.97 -55.84 107.89
CA ALA IA 1 -18.27 -56.06 107.28
C ALA IA 1 -19.01 -54.73 107.07
N ALA IA 2 -20.02 -54.76 106.22
CA ALA IA 2 -20.83 -53.58 105.92
C ALA IA 2 -22.21 -54.05 105.46
N LEU IA 3 -23.02 -53.11 104.97
CA LEU IA 3 -24.35 -53.43 104.49
C LEU IA 3 -24.23 -54.03 103.09
N ARG IA 4 -24.36 -55.35 102.99
CA ARG IA 4 -24.27 -56.04 101.72
C ARG IA 4 -25.57 -55.93 100.93
N PRO IA 5 -25.49 -56.01 99.60
CA PRO IA 5 -26.71 -56.01 98.78
C PRO IA 5 -27.46 -57.33 98.94
N LEU IA 6 -28.72 -57.31 98.54
CA LEU IA 6 -29.57 -58.51 98.64
C LEU IA 6 -29.04 -59.62 97.74
N VAL IA 7 -28.65 -59.28 96.52
CA VAL IA 7 -28.06 -60.23 95.59
C VAL IA 7 -26.84 -59.58 94.96
N LYS IA 8 -25.79 -60.37 94.74
CA LYS IA 8 -24.54 -59.86 94.19
C LYS IA 8 -24.21 -60.64 92.92
N PRO IA 9 -24.73 -60.24 91.78
CA PRO IA 9 -24.35 -60.90 90.52
C PRO IA 9 -22.98 -60.44 90.06
N LYS IA 10 -22.47 -61.12 89.04
CA LYS IA 10 -21.18 -60.77 88.45
C LYS IA 10 -21.40 -59.63 87.47
N ILE IA 11 -20.94 -58.44 87.85
CA ILE IA 11 -21.11 -57.26 87.00
C ILE IA 11 -20.11 -57.34 85.86
N VAL IA 12 -20.63 -57.42 84.63
CA VAL IA 12 -19.81 -57.50 83.43
C VAL IA 12 -20.12 -56.29 82.55
N LYS IA 13 -19.08 -55.67 82.01
CA LYS IA 13 -19.21 -54.53 81.12
C LYS IA 13 -18.51 -54.84 79.80
N LYS IA 14 -19.20 -54.58 78.69
CA LYS IA 14 -18.66 -54.88 77.37
C LYS IA 14 -17.51 -53.96 76.99
N ARG IA 15 -17.48 -52.73 77.51
CA ARG IA 15 -16.39 -51.81 77.28
C ARG IA 15 -16.25 -50.89 78.48
N THR IA 16 -15.05 -50.83 79.04
CA THR IA 16 -14.80 -50.01 80.21
C THR IA 16 -14.07 -48.71 79.90
N LYS IA 17 -13.33 -48.64 78.79
CA LYS IA 17 -12.69 -47.41 78.40
C LYS IA 17 -13.72 -46.39 77.93
N LYS IA 18 -13.41 -45.12 78.14
CA LYS IA 18 -14.30 -44.05 77.71
C LYS IA 18 -14.25 -43.88 76.20
N PHE IA 19 -15.28 -43.25 75.65
CA PHE IA 19 -15.37 -42.98 74.22
C PHE IA 19 -14.77 -41.59 73.96
N ILE IA 20 -13.72 -41.57 73.15
CA ILE IA 20 -12.94 -40.36 72.91
C ILE IA 20 -13.35 -39.75 71.58
N ARG IA 21 -13.59 -38.44 71.59
CA ARG IA 21 -13.93 -37.73 70.36
C ARG IA 21 -12.72 -37.71 69.42
N HIS IA 22 -13.00 -37.69 68.12
CA HIS IA 22 -11.94 -37.70 67.12
C HIS IA 22 -11.12 -36.43 67.19
N GLN IA 23 -9.78 -36.61 67.14
CA GLN IA 23 -8.80 -35.53 67.13
C GLN IA 23 -8.87 -34.64 68.38
N SER IA 24 -9.37 -35.17 69.49
CA SER IA 24 -9.29 -34.45 70.76
C SER IA 24 -7.92 -34.54 71.40
N ASP IA 25 -7.10 -35.50 70.98
CA ASP IA 25 -5.73 -35.58 71.47
C ASP IA 25 -4.84 -34.52 70.85
N ARG IA 26 -5.07 -34.20 69.57
CA ARG IA 26 -4.24 -33.23 68.87
C ARG IA 26 -4.52 -31.80 69.32
N TYR IA 27 -5.78 -31.46 69.57
CA TYR IA 27 -6.17 -30.10 69.88
C TYR IA 27 -6.68 -30.00 71.31
N VAL IA 28 -6.65 -28.78 71.84
CA VAL IA 28 -7.13 -28.53 73.19
C VAL IA 28 -8.60 -28.10 73.19
N LYS IA 29 -9.03 -27.36 72.17
CA LYS IA 29 -10.41 -26.88 72.08
C LYS IA 29 -11.41 -27.99 71.86
N ILE IA 30 -10.96 -29.20 71.52
CA ILE IA 30 -11.84 -30.35 71.34
C ILE IA 30 -11.85 -31.12 72.64
N LYS IA 31 -13.04 -31.24 73.25
CA LYS IA 31 -13.16 -31.84 74.57
C LYS IA 31 -13.27 -33.36 74.47
N ARG IA 32 -13.26 -34.00 75.65
CA ARG IA 32 -13.40 -35.44 75.72
C ARG IA 32 -14.81 -35.91 75.40
N ASN IA 33 -15.80 -35.02 75.43
CA ASN IA 33 -17.18 -35.39 75.16
C ASN IA 33 -17.34 -35.84 73.72
N TRP IA 34 -18.11 -36.90 73.53
CA TRP IA 34 -18.24 -37.51 72.21
C TRP IA 34 -19.10 -36.65 71.29
N ARG IA 35 -18.64 -36.50 70.05
CA ARG IA 35 -19.43 -35.92 68.97
C ARG IA 35 -19.36 -36.84 67.77
N LYS IA 36 -20.51 -37.08 67.13
CA LYS IA 36 -20.55 -37.99 66.00
C LYS IA 36 -19.92 -37.33 64.77
N PRO IA 37 -18.91 -37.97 64.15
CA PRO IA 37 -18.32 -37.40 62.94
C PRO IA 37 -19.27 -37.45 61.76
N ARG IA 38 -19.60 -36.29 61.20
CA ARG IA 38 -20.54 -36.18 60.09
C ARG IA 38 -19.88 -35.61 58.84
N GLY IA 39 -18.61 -35.97 58.61
CA GLY IA 39 -17.90 -35.54 57.43
C GLY IA 39 -18.18 -36.41 56.23
N ILE IA 40 -17.61 -36.01 55.09
CA ILE IA 40 -17.75 -36.80 53.88
C ILE IA 40 -16.62 -37.81 53.71
N ASP IA 41 -15.41 -37.48 54.18
CA ASP IA 41 -14.27 -38.39 54.17
C ASP IA 41 -13.66 -38.37 55.56
N ASN IA 42 -14.21 -39.20 56.44
CA ASN IA 42 -13.73 -39.32 57.82
C ASN IA 42 -13.44 -40.78 58.12
N ARG IA 43 -12.27 -41.04 58.69
CA ARG IA 43 -11.88 -42.40 59.01
C ARG IA 43 -12.77 -43.00 60.10
N VAL IA 44 -13.21 -42.17 61.04
CA VAL IA 44 -14.04 -42.65 62.14
C VAL IA 44 -15.45 -42.99 61.63
N ARG IA 45 -15.99 -42.16 60.73
CA ARG IA 45 -17.40 -42.28 60.36
C ARG IA 45 -17.69 -43.57 59.61
N ARG IA 46 -16.86 -43.92 58.63
CA ARG IA 46 -17.05 -45.13 57.85
C ARG IA 46 -16.31 -46.33 58.44
N ARG IA 47 -15.82 -46.19 59.68
CA ARG IA 47 -15.30 -47.32 60.47
C ARG IA 47 -14.09 -47.97 59.82
N PHE IA 48 -13.05 -47.18 59.56
CA PHE IA 48 -11.80 -47.74 59.10
C PHE IA 48 -11.12 -48.54 60.21
N LYS IA 49 -10.47 -49.62 59.82
CA LYS IA 49 -9.83 -50.52 60.78
C LYS IA 49 -8.63 -49.84 61.43
N GLY IA 50 -8.48 -50.04 62.74
CA GLY IA 50 -7.39 -49.44 63.47
C GLY IA 50 -7.65 -48.02 63.91
N GLN IA 51 -8.89 -47.57 63.89
CA GLN IA 51 -9.28 -46.23 64.33
C GLN IA 51 -10.03 -46.32 65.65
N ILE IA 52 -10.50 -45.18 66.13
CA ILE IA 52 -11.31 -45.17 67.34
C ILE IA 52 -12.67 -45.78 67.06
N LEU IA 53 -13.34 -46.24 68.12
CA LEU IA 53 -14.62 -46.92 68.00
C LEU IA 53 -15.75 -45.94 68.26
N MET IA 54 -16.84 -46.10 67.51
CA MET IA 54 -17.99 -45.25 67.68
C MET IA 54 -18.98 -45.89 68.66
N PRO IA 55 -19.61 -45.08 69.51
CA PRO IA 55 -20.62 -45.62 70.43
C PRO IA 55 -21.83 -46.13 69.68
N ASN IA 56 -22.17 -47.39 69.89
CA ASN IA 56 -23.32 -48.02 69.28
C ASN IA 56 -24.23 -48.60 70.36
N ILE IA 57 -25.37 -49.14 69.92
CA ILE IA 57 -26.31 -49.76 70.85
C ILE IA 57 -25.78 -51.09 71.38
N GLY IA 58 -24.83 -51.72 70.69
CA GLY IA 58 -24.32 -53.00 71.13
C GLY IA 58 -23.44 -52.91 72.36
N TYR IA 59 -22.96 -51.72 72.70
CA TYR IA 59 -22.13 -51.53 73.89
C TYR IA 59 -22.95 -51.35 75.15
N GLY IA 60 -24.28 -51.42 75.05
CA GLY IA 60 -25.12 -51.27 76.22
C GLY IA 60 -24.98 -52.47 77.15
N SER IA 61 -25.02 -52.20 78.45
CA SER IA 61 -24.89 -53.25 79.44
C SER IA 61 -26.20 -54.02 79.58
N ASN IA 62 -26.10 -55.19 80.23
CA ASN IA 62 -27.28 -55.98 80.54
C ASN IA 62 -28.23 -55.20 81.44
N LYS IA 63 -29.53 -55.40 81.21
CA LYS IA 63 -30.55 -54.71 81.99
C LYS IA 63 -30.50 -55.10 83.46
N LYS IA 64 -30.05 -56.32 83.76
CA LYS IA 64 -29.93 -56.75 85.15
C LYS IA 64 -28.72 -56.14 85.84
N THR IA 65 -27.62 -55.91 85.12
CA THR IA 65 -26.39 -55.41 85.73
C THR IA 65 -26.24 -53.90 85.59
N LYS IA 66 -27.28 -53.21 85.14
CA LYS IA 66 -27.17 -51.78 84.89
C LYS IA 66 -27.31 -50.99 86.19
N HIS IA 67 -26.50 -49.94 86.31
CA HIS IA 67 -26.59 -48.88 87.32
C HIS IA 67 -26.27 -49.30 88.75
N MET IA 68 -25.56 -50.41 88.96
CA MET IA 68 -25.03 -50.66 90.30
C MET IA 68 -23.59 -50.21 90.46
N LEU IA 69 -23.23 -49.91 91.70
CA LEU IA 69 -21.85 -49.73 92.10
C LEU IA 69 -21.13 -51.07 92.06
N PRO IA 70 -19.80 -51.08 92.17
CA PRO IA 70 -19.10 -52.34 92.47
C PRO IA 70 -19.54 -52.99 93.77
N SER IA 71 -20.10 -52.22 94.72
CA SER IA 71 -20.67 -52.79 95.93
C SER IA 71 -22.00 -53.49 95.66
N GLY IA 72 -22.70 -53.13 94.59
CA GLY IA 72 -23.94 -53.79 94.21
C GLY IA 72 -25.21 -53.02 94.46
N PHE IA 73 -25.12 -51.75 94.85
CA PHE IA 73 -26.30 -50.92 95.11
C PHE IA 73 -26.51 -49.90 93.99
N ARG IA 74 -27.75 -49.43 93.87
CA ARG IA 74 -28.08 -48.29 93.02
C ARG IA 74 -27.98 -47.01 93.83
N LYS IA 75 -27.45 -45.96 93.21
CA LYS IA 75 -27.37 -44.67 93.88
C LYS IA 75 -28.72 -43.97 93.89
N PHE IA 76 -28.91 -43.12 94.89
CA PHE IA 76 -30.07 -42.23 94.96
C PHE IA 76 -29.65 -41.00 95.74
N LEU IA 77 -29.83 -39.83 95.12
CA LEU IA 77 -29.40 -38.58 95.74
C LEU IA 77 -30.28 -38.26 96.95
N VAL IA 78 -29.66 -37.79 98.03
CA VAL IA 78 -30.34 -37.47 99.27
C VAL IA 78 -29.99 -36.03 99.66
N HIS IA 79 -31.01 -35.24 99.96
CA HIS IA 79 -30.82 -33.86 100.38
C HIS IA 79 -30.95 -33.65 101.89
N ASN IA 80 -31.98 -34.24 102.51
CA ASN IA 80 -32.22 -34.04 103.93
C ASN IA 80 -32.71 -35.35 104.55
N VAL IA 81 -33.06 -35.28 105.83
CA VAL IA 81 -33.50 -36.46 106.57
C VAL IA 81 -34.84 -36.96 106.06
N LYS IA 82 -35.73 -36.05 105.65
CA LYS IA 82 -37.07 -36.42 105.20
C LYS IA 82 -37.06 -37.28 103.95
N GLU IA 83 -36.03 -37.14 103.09
CA GLU IA 83 -35.92 -37.96 101.91
C GLU IA 83 -35.17 -39.27 102.17
N LEU IA 84 -34.75 -39.51 103.41
CA LEU IA 84 -34.03 -40.75 103.71
C LEU IA 84 -34.96 -41.92 104.00
N GLU IA 85 -36.14 -41.64 104.57
CA GLU IA 85 -37.06 -42.69 104.98
C GLU IA 85 -37.77 -43.37 103.80
N VAL IA 86 -37.72 -42.76 102.61
CA VAL IA 86 -38.33 -43.38 101.45
C VAL IA 86 -37.61 -44.68 101.07
N LEU IA 87 -36.30 -44.75 101.34
CA LEU IA 87 -35.52 -45.96 101.08
C LEU IA 87 -35.63 -47.01 102.17
N LEU IA 88 -36.64 -46.94 103.04
CA LEU IA 88 -36.72 -47.90 104.13
C LEU IA 88 -37.12 -49.29 103.62
N MET IA 89 -37.79 -49.36 102.46
CA MET IA 89 -38.11 -50.63 101.81
C MET IA 89 -37.19 -50.96 100.64
N CYS IA 90 -36.08 -50.27 100.51
CA CYS IA 90 -35.13 -50.57 99.43
C CYS IA 90 -33.69 -50.63 99.90
N ASN IA 91 -33.43 -50.78 101.20
CA ASN IA 91 -32.08 -50.79 101.73
C ASN IA 91 -31.26 -52.00 101.31
N LYS IA 92 -31.91 -53.08 100.86
CA LYS IA 92 -31.19 -54.28 100.46
C LYS IA 92 -30.68 -54.22 99.03
N SER IA 93 -31.15 -53.27 98.22
CA SER IA 93 -30.68 -53.16 96.85
C SER IA 93 -30.45 -51.71 96.40
N TYR IA 94 -30.59 -50.73 97.29
CA TYR IA 94 -30.42 -49.33 96.93
C TYR IA 94 -29.64 -48.65 98.06
N CYS IA 95 -28.73 -47.76 97.71
CA CYS IA 95 -27.97 -47.01 98.70
C CYS IA 95 -28.32 -45.53 98.65
N ALA IA 96 -28.22 -44.87 99.80
CA ALA IA 96 -28.40 -43.44 99.89
C ALA IA 96 -27.11 -42.71 99.55
N GLU IA 97 -27.25 -41.53 98.94
CA GLU IA 97 -26.09 -40.77 98.48
C GLU IA 97 -26.33 -39.30 98.80
N ILE IA 98 -25.36 -38.67 99.48
CA ILE IA 98 -25.53 -37.32 99.99
C ILE IA 98 -25.06 -36.32 98.93
N ALA IA 99 -25.79 -35.22 98.78
CA ALA IA 99 -25.46 -34.20 97.80
C ALA IA 99 -24.25 -33.37 98.27
N HIS IA 100 -23.70 -32.62 97.32
CA HIS IA 100 -22.56 -31.75 97.61
C HIS IA 100 -22.96 -30.49 98.37
N ASN IA 101 -24.24 -30.12 98.34
CA ASN IA 101 -24.71 -28.87 98.93
C ASN IA 101 -25.23 -29.05 100.35
N VAL IA 102 -25.08 -30.24 100.93
CA VAL IA 102 -25.53 -30.50 102.29
C VAL IA 102 -24.45 -30.03 103.27
N SER IA 103 -24.84 -29.16 104.20
CA SER IA 103 -23.90 -28.63 105.18
C SER IA 103 -23.48 -29.72 106.16
N SER IA 104 -22.30 -29.54 106.75
CA SER IA 104 -21.78 -30.52 107.70
C SER IA 104 -22.58 -30.59 108.99
N LYS IA 105 -23.35 -29.55 109.30
CA LYS IA 105 -24.12 -29.56 110.54
C LYS IA 105 -25.23 -30.61 110.51
N ASN IA 106 -25.98 -30.69 109.41
CA ASN IA 106 -27.05 -31.67 109.28
C ASN IA 106 -26.64 -32.87 108.43
N ARG IA 107 -25.40 -32.91 107.94
CA ARG IA 107 -24.92 -34.12 107.27
C ARG IA 107 -24.70 -35.25 108.26
N LYS IA 108 -24.27 -34.92 109.49
CA LYS IA 108 -24.08 -35.94 110.51
C LYS IA 108 -25.41 -36.56 110.92
N ALA IA 109 -26.48 -35.75 110.95
CA ALA IA 109 -27.79 -36.25 111.35
C ALA IA 109 -28.35 -37.23 110.32
N ILE IA 110 -28.04 -37.03 109.04
CA ILE IA 110 -28.50 -37.98 108.02
C ILE IA 110 -27.77 -39.30 108.15
N VAL IA 111 -26.47 -39.25 108.46
CA VAL IA 111 -25.66 -40.46 108.54
C VAL IA 111 -26.13 -41.37 109.67
N GLU IA 112 -26.34 -40.80 110.87
CA GLU IA 112 -26.74 -41.64 111.99
C GLU IA 112 -28.19 -42.10 111.85
N ARG IA 113 -29.03 -41.30 111.18
CA ARG IA 113 -30.38 -41.75 110.86
C ARG IA 113 -30.36 -42.93 109.90
N ALA IA 114 -29.47 -42.91 108.92
CA ALA IA 114 -29.34 -44.02 107.98
C ALA IA 114 -28.82 -45.29 108.64
N ALA IA 115 -28.04 -45.15 109.71
CA ALA IA 115 -27.62 -46.34 110.46
C ALA IA 115 -28.81 -46.99 111.17
N GLN IA 116 -29.72 -46.18 111.71
CA GLN IA 116 -30.90 -46.72 112.39
C GLN IA 116 -31.81 -47.47 111.43
N LEU IA 117 -31.97 -46.96 110.22
CA LEU IA 117 -32.77 -47.62 109.19
C LEU IA 117 -31.97 -48.63 108.38
N ALA IA 118 -30.67 -48.78 108.68
CA ALA IA 118 -29.78 -49.73 108.01
C ALA IA 118 -29.73 -49.48 106.50
N ILE IA 119 -29.44 -48.24 106.14
CA ILE IA 119 -29.32 -47.82 104.75
C ILE IA 119 -27.88 -47.43 104.48
N ARG IA 120 -27.29 -48.03 103.46
CA ARG IA 120 -25.89 -47.79 103.11
C ARG IA 120 -25.72 -46.39 102.53
N VAL IA 121 -24.67 -45.70 102.99
CA VAL IA 121 -24.30 -44.39 102.49
C VAL IA 121 -22.93 -44.51 101.85
N THR IA 122 -22.83 -44.11 100.57
CA THR IA 122 -21.57 -44.22 99.85
C THR IA 122 -20.54 -43.17 100.27
N ASN IA 123 -20.96 -42.12 100.97
CA ASN IA 123 -20.06 -41.08 101.47
C ASN IA 123 -20.33 -40.80 102.94
N PRO IA 124 -20.08 -41.78 103.83
CA PRO IA 124 -20.43 -41.60 105.25
C PRO IA 124 -19.54 -40.61 105.98
N ASN IA 125 -18.31 -40.42 105.56
CA ASN IA 125 -17.39 -39.45 106.17
C ASN IA 125 -16.87 -38.53 105.07
N ALA IA 126 -17.64 -37.49 104.77
CA ALA IA 126 -17.25 -36.54 103.74
C ALA IA 126 -16.68 -35.27 104.34
N ARG IA 127 -17.48 -34.57 105.15
CA ARG IA 127 -17.08 -33.28 105.69
C ARG IA 127 -16.49 -33.37 107.09
N LEU IA 128 -16.91 -34.36 107.88
CA LEU IA 128 -16.42 -34.58 109.25
C LEU IA 128 -16.60 -33.35 110.14
N SER JA 1 14.22 -82.60 92.93
CA SER JA 1 15.22 -81.54 93.01
C SER JA 1 15.66 -81.08 91.63
N GLY JA 2 14.84 -81.40 90.62
CA GLY JA 2 15.14 -81.02 89.26
C GLY JA 2 14.03 -80.22 88.60
N ARG JA 3 13.81 -80.45 87.31
CA ARG JA 3 12.84 -79.67 86.54
C ARG JA 3 11.58 -80.49 86.33
N LEU JA 4 10.42 -79.88 86.63
CA LEU JA 4 9.14 -80.56 86.50
C LEU JA 4 8.26 -79.92 85.42
N TRP JA 5 8.84 -79.13 84.53
CA TRP JA 5 8.09 -78.47 83.47
C TRP JA 5 8.88 -78.56 82.17
N CYS JA 6 8.15 -78.44 81.06
CA CYS JA 6 8.74 -78.52 79.74
C CYS JA 6 9.13 -77.14 79.22
N LYS JA 7 10.15 -77.10 78.38
CA LYS JA 7 10.58 -75.85 77.76
C LYS JA 7 9.62 -75.46 76.65
N ALA JA 8 9.12 -74.22 76.70
CA ALA JA 8 8.13 -73.75 75.75
C ALA JA 8 8.39 -72.29 75.40
N ILE JA 9 8.29 -71.97 74.11
CA ILE JA 9 8.61 -70.64 73.61
C ILE JA 9 7.33 -69.96 73.15
N PHE JA 10 7.12 -68.73 73.63
CA PHE JA 10 6.01 -67.90 73.16
C PHE JA 10 6.39 -67.30 71.82
N ALA JA 11 5.83 -67.85 70.73
CA ALA JA 11 6.19 -67.44 69.39
C ALA JA 11 5.37 -66.27 68.86
N GLY JA 12 4.23 -65.97 69.47
CA GLY JA 12 3.40 -64.88 69.01
C GLY JA 12 1.94 -65.16 69.28
N TYR JA 13 1.12 -64.16 68.97
CA TYR JA 13 -0.32 -64.28 69.18
C TYR JA 13 -0.98 -65.02 68.01
N LYS JA 14 -2.23 -65.40 68.24
CA LYS JA 14 -3.08 -65.90 67.16
C LYS JA 14 -3.38 -64.75 66.20
N ARG JA 15 -2.97 -64.90 64.94
CA ARG JA 15 -3.09 -63.81 63.99
C ARG JA 15 -3.20 -64.33 62.57
N GLY JA 16 -3.65 -63.45 61.68
CA GLY JA 16 -3.54 -63.67 60.26
C GLY JA 16 -2.32 -62.95 59.73
N LEU JA 17 -2.52 -61.92 58.90
CA LEU JA 17 -1.42 -61.08 58.44
C LEU JA 17 -1.59 -59.64 58.89
N ARG JA 18 -2.75 -59.04 58.65
CA ARG JA 18 -3.03 -57.67 59.05
C ARG JA 18 -3.94 -57.58 60.28
N ASN JA 19 -4.33 -58.72 60.84
CA ASN JA 19 -5.07 -58.78 62.10
C ASN JA 19 -4.30 -59.62 63.10
N GLN JA 20 -4.50 -59.32 64.38
CA GLN JA 20 -3.87 -60.07 65.46
C GLN JA 20 -4.86 -60.20 66.61
N ARG JA 21 -5.12 -61.43 67.03
CA ARG JA 21 -6.01 -61.72 68.15
C ARG JA 21 -5.15 -61.98 69.38
N GLU JA 22 -5.27 -61.12 70.37
CA GLU JA 22 -4.39 -61.16 71.53
C GLU JA 22 -4.81 -62.19 72.56
N HIS JA 23 -6.03 -62.71 72.48
CA HIS JA 23 -6.56 -63.59 73.52
C HIS JA 23 -6.14 -65.05 73.35
N THR JA 24 -5.43 -65.39 72.28
CA THR JA 24 -4.92 -66.75 72.08
C THR JA 24 -3.45 -66.67 71.70
N ALA JA 25 -2.63 -67.51 72.34
CA ALA JA 25 -1.19 -67.46 72.18
C ALA JA 25 -0.67 -68.71 71.48
N LEU JA 26 0.37 -68.54 70.69
CA LEU JA 26 1.02 -69.63 69.96
C LEU JA 26 2.30 -70.03 70.70
N LEU JA 27 2.46 -71.33 70.93
CA LEU JA 27 3.58 -71.85 71.73
C LEU JA 27 4.43 -72.84 70.94
N LYS JA 28 5.73 -72.81 71.24
CA LYS JA 28 6.71 -73.75 70.69
C LYS JA 28 7.39 -74.49 71.84
N ILE JA 29 6.90 -75.68 72.16
CA ILE JA 29 7.62 -76.59 73.03
C ILE JA 29 8.72 -77.27 72.23
N GLU JA 30 9.97 -77.08 72.65
CA GLU JA 30 11.09 -77.71 71.96
C GLU JA 30 11.06 -79.20 72.26
N GLY JA 31 11.16 -80.02 71.21
CA GLY JA 31 11.05 -81.46 71.37
C GLY JA 31 9.94 -82.06 70.54
N VAL JA 32 8.85 -81.31 70.35
CA VAL JA 32 7.71 -81.74 69.56
C VAL JA 32 7.67 -80.94 68.26
N TYR JA 33 7.62 -81.65 67.13
CA TYR JA 33 7.62 -81.00 65.82
C TYR JA 33 6.70 -81.72 64.84
N ALA JA 34 5.62 -82.33 65.33
CA ALA JA 34 4.71 -83.08 64.47
C ALA JA 34 3.30 -83.00 65.03
N ARG JA 35 2.33 -83.19 64.14
CA ARG JA 35 0.92 -83.06 64.51
C ARG JA 35 0.44 -84.22 65.37
N ASP JA 36 0.80 -85.44 65.01
CA ASP JA 36 0.29 -86.62 65.70
C ASP JA 36 0.84 -86.75 67.12
N GLU JA 37 1.91 -86.04 67.46
CA GLU JA 37 2.55 -86.16 68.75
C GLU JA 37 2.39 -84.90 69.61
N THR JA 38 1.40 -84.05 69.30
CA THR JA 38 1.00 -82.95 70.16
C THR JA 38 -0.15 -83.31 71.09
N GLU JA 39 -0.62 -84.56 71.03
CA GLU JA 39 -1.78 -84.95 71.83
C GLU JA 39 -1.45 -85.01 73.31
N PHE JA 40 -0.16 -85.14 73.66
CA PHE JA 40 0.21 -85.25 75.07
C PHE JA 40 0.03 -83.92 75.80
N TYR JA 41 0.32 -82.81 75.14
CA TYR JA 41 0.29 -81.49 75.78
C TYR JA 41 -1.09 -80.83 75.73
N LEU JA 42 -2.10 -81.53 75.23
CA LEU JA 42 -3.44 -80.94 75.17
C LEU JA 42 -4.04 -80.86 76.57
N GLY JA 43 -4.41 -79.65 76.98
CA GLY JA 43 -4.99 -79.43 78.29
C GLY JA 43 -3.99 -79.21 79.41
N LYS JA 44 -2.69 -79.25 79.13
CA LYS JA 44 -1.69 -79.04 80.16
C LYS JA 44 -1.64 -77.57 80.56
N ARG JA 45 -1.33 -77.33 81.84
CA ARG JA 45 -1.22 -75.97 82.35
C ARG JA 45 0.08 -75.34 81.86
N CYS JA 46 -0.02 -74.11 81.37
CA CYS JA 46 1.14 -73.34 80.95
C CYS JA 46 1.18 -72.02 81.72
N ALA JA 47 2.38 -71.66 82.19
CA ALA JA 47 2.56 -70.46 82.99
C ALA JA 47 3.74 -69.66 82.44
N TYR JA 48 3.57 -68.35 82.38
CA TYR JA 48 4.63 -67.43 81.96
C TYR JA 48 5.22 -66.82 83.23
N VAL JA 49 6.45 -67.23 83.55
CA VAL JA 49 7.11 -66.81 84.78
C VAL JA 49 8.00 -65.62 84.47
N TYR JA 50 7.71 -64.49 85.12
CA TYR JA 50 8.54 -63.29 85.03
C TYR JA 50 8.74 -62.75 86.44
N LYS JA 51 9.44 -61.62 86.54
CA LYS JA 51 9.65 -60.96 87.82
C LYS JA 51 9.54 -59.46 87.64
N ALA JA 52 9.11 -58.78 88.70
CA ALA JA 52 8.89 -57.33 88.64
C ALA JA 52 9.62 -56.64 89.79
N LYS JA 53 9.34 -55.35 89.99
CA LYS JA 53 10.08 -54.57 90.97
C LYS JA 53 9.49 -54.73 92.37
N ASN JA 54 8.20 -54.48 92.51
CA ASN JA 54 7.57 -54.52 93.83
C ASN JA 54 7.41 -55.95 94.32
N ASN JA 55 7.29 -56.09 95.64
CA ASN JA 55 7.15 -57.39 96.26
C ASN JA 55 5.71 -57.85 96.26
N THR JA 56 5.49 -59.11 95.89
CA THR JA 56 4.17 -59.73 95.88
C THR JA 56 4.20 -61.02 96.70
N VAL JA 57 3.01 -61.44 97.13
CA VAL JA 57 2.86 -62.61 97.98
C VAL JA 57 3.13 -63.88 97.19
N THR JA 58 3.41 -64.98 97.89
CA THR JA 58 3.68 -66.27 97.27
C THR JA 58 3.06 -67.36 98.13
N PRO JA 59 2.21 -68.21 97.55
CA PRO JA 59 1.64 -69.32 98.34
C PRO JA 59 2.71 -70.33 98.73
N GLY JA 60 2.70 -70.73 100.00
CA GLY JA 60 3.65 -71.70 100.50
C GLY JA 60 5.09 -71.22 100.51
N GLY JA 61 5.30 -69.97 100.91
CA GLY JA 61 6.64 -69.44 100.98
C GLY JA 61 6.64 -67.96 101.28
N LYS JA 62 7.83 -67.39 101.34
CA LYS JA 62 8.00 -65.97 101.60
C LYS JA 62 7.63 -65.15 100.36
N PRO JA 63 7.19 -63.90 100.56
CA PRO JA 63 6.88 -63.04 99.42
C PRO JA 63 8.14 -62.70 98.63
N ASN JA 64 8.07 -62.88 97.31
CA ASN JA 64 9.20 -62.60 96.44
C ASN JA 64 8.78 -61.68 95.29
N LYS JA 65 9.70 -61.47 94.33
CA LYS JA 65 9.50 -60.49 93.28
C LYS JA 65 8.99 -61.11 91.98
N THR JA 66 8.64 -62.39 91.98
CA THR JA 66 8.22 -63.07 90.76
C THR JA 66 6.70 -63.15 90.67
N ARG JA 67 6.19 -62.98 89.45
CA ARG JA 67 4.76 -63.08 89.17
C ARG JA 67 4.55 -63.95 87.94
N VAL JA 68 3.34 -64.47 87.80
CA VAL JA 68 2.98 -65.34 86.69
C VAL JA 68 1.63 -64.93 86.12
N ILE JA 69 1.36 -65.38 84.90
CA ILE JA 69 0.02 -65.40 84.32
C ILE JA 69 -0.29 -66.84 83.95
N TRP JA 70 -1.32 -67.41 84.58
CA TRP JA 70 -1.67 -68.81 84.37
C TRP JA 70 -2.41 -68.98 83.06
N GLY JA 71 -2.25 -70.17 82.47
CA GLY JA 71 -2.89 -70.46 81.20
C GLY JA 71 -3.16 -71.93 80.98
N LYS JA 72 -3.70 -72.28 79.81
CA LYS JA 72 -4.05 -73.66 79.51
C LYS JA 72 -3.93 -73.88 78.01
N VAL JA 73 -3.42 -75.05 77.62
CA VAL JA 73 -3.19 -75.38 76.22
C VAL JA 73 -4.50 -75.88 75.63
N THR JA 74 -5.02 -75.16 74.63
CA THR JA 74 -6.34 -75.48 74.08
C THR JA 74 -6.25 -76.59 73.05
N ARG JA 75 -5.54 -76.36 71.94
CA ARG JA 75 -5.50 -77.32 70.85
C ARG JA 75 -4.29 -77.05 69.96
N ALA JA 76 -4.01 -78.00 69.08
CA ALA JA 76 -2.83 -77.95 68.22
C ALA JA 76 -3.00 -76.87 67.15
N HIS JA 77 -1.90 -76.61 66.43
CA HIS JA 77 -1.85 -75.47 65.50
C HIS JA 77 -0.89 -75.82 64.35
N GLY JA 78 -1.46 -76.21 63.21
CA GLY JA 78 -0.72 -76.26 61.96
C GLY JA 78 0.45 -77.21 61.86
N ASN JA 79 0.25 -78.45 62.31
CA ASN JA 79 1.09 -79.64 62.08
C ASN JA 79 2.59 -79.39 62.05
N SER JA 80 3.10 -78.58 62.98
CA SER JA 80 4.54 -78.31 63.03
C SER JA 80 5.06 -78.26 64.47
N GLY JA 81 4.31 -78.72 65.45
CA GLY JA 81 4.66 -78.50 66.83
C GLY JA 81 4.15 -77.21 67.40
N MET JA 82 3.65 -76.30 66.55
CA MET JA 82 2.97 -75.12 67.03
C MET JA 82 1.67 -75.54 67.70
N VAL JA 83 1.36 -74.93 68.85
CA VAL JA 83 0.20 -75.29 69.63
C VAL JA 83 -0.37 -74.05 70.28
N ARG JA 84 -1.69 -74.00 70.38
CA ARG JA 84 -2.41 -72.84 70.90
C ARG JA 84 -2.64 -72.98 72.40
N ALA JA 85 -2.46 -71.87 73.12
CA ALA JA 85 -2.71 -71.82 74.55
C ALA JA 85 -3.49 -70.55 74.88
N LYS JA 86 -4.41 -70.68 75.82
CA LYS JA 86 -5.20 -69.55 76.32
C LYS JA 86 -4.79 -69.25 77.75
N PHE JA 87 -4.46 -68.00 78.03
CA PHE JA 87 -4.10 -67.57 79.37
C PHE JA 87 -5.28 -66.84 80.03
N ARG JA 88 -5.21 -66.71 81.35
CA ARG JA 88 -6.21 -65.96 82.08
C ARG JA 88 -6.18 -64.49 81.71
N SER JA 89 -4.98 -63.92 81.56
CA SER JA 89 -4.79 -62.58 81.03
C SER JA 89 -3.85 -62.66 79.83
N ASN JA 90 -4.07 -61.76 78.87
CA ASN JA 90 -3.29 -61.79 77.64
C ASN JA 90 -1.83 -61.45 77.90
N LEU JA 91 -0.95 -61.99 77.04
CA LEU JA 91 0.48 -61.82 77.22
C LEU JA 91 0.88 -60.36 77.03
N PRO JA 92 1.93 -59.90 77.72
CA PRO JA 92 2.36 -58.50 77.60
C PRO JA 92 3.02 -58.15 76.27
N ALA JA 93 3.18 -59.12 75.37
CA ALA JA 93 3.81 -58.98 74.05
C ALA JA 93 5.28 -58.61 74.13
N LYS JA 94 5.82 -58.53 75.36
CA LYS JA 94 7.25 -58.42 75.56
C LYS JA 94 7.91 -59.77 75.81
N ALA JA 95 7.12 -60.85 75.82
CA ALA JA 95 7.61 -62.20 76.02
C ALA JA 95 7.69 -62.98 74.72
N ILE JA 96 7.60 -62.31 73.57
CA ILE JA 96 7.78 -62.97 72.29
C ILE JA 96 9.23 -63.41 72.16
N GLY JA 97 9.45 -64.68 71.86
CA GLY JA 97 10.78 -65.24 71.88
C GLY JA 97 11.33 -65.49 73.26
N HIS JA 98 10.47 -65.48 74.29
CA HIS JA 98 10.89 -65.74 75.65
C HIS JA 98 10.24 -67.03 76.14
N ARG JA 99 11.00 -67.77 76.95
CA ARG JA 99 10.61 -69.13 77.31
C ARG JA 99 9.71 -69.12 78.54
N ILE JA 100 8.59 -69.82 78.43
CA ILE JA 100 7.63 -69.95 79.51
C ILE JA 100 7.57 -71.41 79.90
N ARG JA 101 6.96 -71.69 81.04
CA ARG JA 101 6.86 -73.05 81.55
C ARG JA 101 5.48 -73.61 81.28
N VAL JA 102 5.43 -74.74 80.57
CA VAL JA 102 4.22 -75.54 80.42
C VAL JA 102 4.38 -76.78 81.30
N MET JA 103 3.34 -77.08 82.09
CA MET JA 103 3.45 -78.07 83.14
C MET JA 103 2.89 -79.41 82.67
N LEU JA 104 2.85 -80.39 83.57
CA LEU JA 104 2.30 -81.70 83.29
C LEU JA 104 1.21 -82.14 84.25
N TYR JA 105 1.04 -81.45 85.38
CA TYR JA 105 0.07 -81.88 86.40
C TYR JA 105 -1.38 -81.87 85.94
N PRO JA 106 -1.77 -81.17 84.85
CA PRO JA 106 -3.09 -81.59 84.30
C PRO JA 106 -2.95 -82.79 83.36
N SER JA 107 -2.64 -83.95 83.94
CA SER JA 107 -2.28 -85.13 83.18
C SER JA 107 -3.48 -86.07 83.04
N ARG JA 108 -3.42 -86.90 81.98
CA ARG JA 108 -4.41 -87.95 81.77
C ARG JA 108 -3.79 -89.30 81.44
N ILE JA 109 -2.55 -89.34 80.97
CA ILE JA 109 -1.89 -90.60 80.63
C ILE JA 109 -0.78 -90.89 81.64
N VAL KA 1 34.88 40.40 58.73
CA VAL KA 1 33.67 40.31 57.92
C VAL KA 1 32.54 39.65 58.71
N GLN KA 2 31.50 40.43 58.99
CA GLN KA 2 30.33 39.93 59.71
C GLN KA 2 29.10 40.12 58.84
N ARG KA 3 28.22 39.13 58.86
CA ARG KA 3 26.97 39.15 58.10
C ARG KA 3 25.82 39.62 58.97
N LEU KA 4 24.85 40.29 58.34
CA LEU KA 4 23.81 41.01 59.05
C LEU KA 4 22.44 40.59 58.53
N THR KA 5 21.44 40.76 59.39
CA THR KA 5 20.06 40.32 59.13
C THR KA 5 19.16 41.53 58.93
N TYR KA 6 17.89 41.24 58.63
CA TYR KA 6 16.87 42.27 58.57
C TYR KA 6 16.48 42.73 59.98
N ARG KA 7 15.78 43.85 60.04
CA ARG KA 7 15.28 44.38 61.31
C ARG KA 7 13.77 44.28 61.44
N ARG KA 8 13.05 43.96 60.37
CA ARG KA 8 11.60 43.84 60.40
C ARG KA 8 11.22 42.39 60.07
N ARG KA 9 9.92 42.13 60.01
CA ARG KA 9 9.41 40.81 59.70
C ARG KA 9 9.24 40.57 58.21
N LEU KA 10 9.53 41.57 57.37
CA LEU KA 10 9.53 41.40 55.93
C LEU KA 10 10.88 40.84 55.51
N SER KA 11 10.92 39.55 55.17
CA SER KA 11 12.13 38.87 54.75
C SER KA 11 12.13 38.66 53.24
N TYR KA 12 11.50 39.58 52.50
CA TYR KA 12 11.42 39.51 51.05
C TYR KA 12 12.00 40.79 50.46
N ASN KA 13 12.61 40.65 49.28
CA ASN KA 13 13.29 41.76 48.63
C ASN KA 13 12.33 42.51 47.71
N THR KA 14 11.22 42.96 48.30
CA THR KA 14 10.21 43.70 47.56
C THR KA 14 10.60 45.16 47.42
N ALA KA 15 9.73 45.94 46.77
CA ALA KA 15 9.98 47.36 46.58
C ALA KA 15 9.80 48.17 47.86
N SER KA 16 9.05 47.64 48.82
CA SER KA 16 8.84 48.30 50.10
C SER KA 16 9.86 47.86 51.15
N ASN KA 17 10.82 47.03 50.78
CA ASN KA 17 11.83 46.49 51.69
C ASN KA 17 13.23 46.80 51.17
N LYS KA 18 13.45 48.03 50.72
CA LYS KA 18 14.73 48.46 50.19
C LYS KA 18 15.55 49.11 51.29
N THR KA 19 16.78 48.63 51.47
CA THR KA 19 17.62 49.05 52.58
C THR KA 19 18.94 49.61 52.07
N ARG KA 20 19.69 50.24 52.98
CA ARG KA 20 21.01 50.76 52.70
C ARG KA 20 21.94 50.39 53.86
N LEU KA 21 23.24 50.35 53.55
CA LEU KA 21 24.23 49.95 54.54
C LEU KA 21 24.80 51.19 55.22
N SER KA 22 24.93 51.12 56.55
CA SER KA 22 25.42 52.25 57.32
C SER KA 22 26.17 51.75 58.54
N ARG KA 23 26.99 52.63 59.11
CA ARG KA 23 27.83 52.33 60.25
C ARG KA 23 27.34 53.10 61.47
N THR KA 24 27.14 52.38 62.57
CA THR KA 24 26.70 52.94 63.84
C THR KA 24 27.88 53.35 64.70
N PRO KA 25 27.67 54.24 65.69
CA PRO KA 25 28.72 54.50 66.68
C PRO KA 25 29.06 53.30 67.56
N GLY KA 26 28.24 52.24 67.54
CA GLY KA 26 28.52 51.02 68.28
C GLY KA 26 29.46 50.07 67.58
N ASN KA 27 30.14 50.52 66.52
CA ASN KA 27 31.15 49.74 65.79
C ASN KA 27 30.54 48.47 65.18
N ARG KA 28 29.39 48.63 64.53
CA ARG KA 28 28.76 47.54 63.82
C ARG KA 28 28.01 48.10 62.62
N ILE KA 29 27.72 47.22 61.66
CA ILE KA 29 27.02 47.58 60.43
C ILE KA 29 25.60 47.04 60.51
N VAL KA 30 24.62 47.88 60.19
CA VAL KA 30 23.21 47.51 60.27
C VAL KA 30 22.48 48.15 59.09
N TYR KA 31 21.36 47.53 58.72
CA TYR KA 31 20.53 48.06 57.64
C TYR KA 31 19.73 49.27 58.12
N LEU KA 32 19.50 50.20 57.20
CA LEU KA 32 18.57 51.30 57.39
C LEU KA 32 17.54 51.27 56.27
N TYR KA 33 16.26 51.26 56.64
CA TYR KA 33 15.19 51.13 55.67
C TYR KA 33 14.98 52.45 54.95
N THR KA 34 15.27 52.48 53.65
CA THR KA 34 15.19 53.70 52.87
C THR KA 34 13.75 53.97 52.44
N LYS KA 35 13.48 55.24 52.18
CA LYS KA 35 12.22 55.64 51.58
C LYS KA 35 12.30 55.52 50.06
N LYS KA 36 11.13 55.47 49.42
CA LYS KA 36 11.10 55.42 47.97
C LYS KA 36 11.50 56.78 47.38
N VAL KA 37 12.19 56.73 46.25
CA VAL KA 37 12.71 57.93 45.61
C VAL KA 37 11.57 58.63 44.89
N GLY KA 38 11.26 59.85 45.33
CA GLY KA 38 10.20 60.62 44.70
C GLY KA 38 10.60 61.15 43.35
N LYS KA 39 9.58 61.50 42.57
CA LYS KA 39 9.79 62.01 41.22
C LYS KA 39 9.16 63.39 41.10
N ALA KA 40 9.85 64.27 40.35
CA ALA KA 40 9.36 65.62 40.14
C ALA KA 40 8.10 65.58 39.27
N PRO KA 41 7.21 66.56 39.43
CA PRO KA 41 5.97 66.56 38.64
C PRO KA 41 6.24 66.76 37.15
N LYS KA 42 5.34 66.19 36.34
CA LYS KA 42 5.41 66.34 34.90
C LYS KA 42 4.64 67.59 34.46
N SER KA 43 4.98 68.08 33.27
CA SER KA 43 4.31 69.22 32.68
C SER KA 43 2.95 68.80 32.13
N ALA KA 44 2.04 69.78 32.03
CA ALA KA 44 0.70 69.53 31.53
C ALA KA 44 0.62 69.47 30.02
N CYS KA 45 1.68 69.85 29.31
CA CYS KA 45 1.68 69.78 27.85
C CYS KA 45 1.79 68.34 27.37
N GLY KA 46 2.69 67.57 27.96
CA GLY KA 46 3.01 66.24 27.46
C GLY KA 46 3.99 66.22 26.32
N VAL KA 47 4.55 67.36 25.93
CA VAL KA 47 5.53 67.43 24.85
C VAL KA 47 6.94 67.74 25.36
N CYS KA 48 7.14 67.85 26.67
CA CYS KA 48 8.47 68.00 27.24
C CYS KA 48 8.84 66.74 28.02
N PRO KA 49 9.89 66.01 27.63
CA PRO KA 49 10.19 64.74 28.30
C PRO KA 49 10.75 64.89 29.69
N GLY KA 50 11.28 66.07 30.02
CA GLY KA 50 11.88 66.31 31.31
C GLY KA 50 10.84 66.58 32.38
N ARG KA 51 11.34 66.89 33.57
CA ARG KA 51 10.50 67.18 34.73
C ARG KA 51 10.75 68.61 35.18
N LEU KA 52 9.83 69.13 35.99
CA LEU KA 52 9.89 70.52 36.41
C LEU KA 52 11.09 70.77 37.32
N ARG KA 53 11.62 71.99 37.24
CA ARG KA 53 12.76 72.41 38.03
C ARG KA 53 12.30 73.36 39.13
N GLY KA 54 13.06 73.38 40.22
CA GLY KA 54 12.73 74.23 41.37
C GLY KA 54 11.73 73.64 42.32
N VAL KA 55 11.17 72.47 42.03
CA VAL KA 55 10.20 71.81 42.88
C VAL KA 55 10.83 70.52 43.41
N ARG KA 56 10.72 70.32 44.72
CA ARG KA 56 11.31 69.14 45.35
C ARG KA 56 10.63 67.87 44.85
N ALA KA 57 11.43 66.82 44.68
CA ALA KA 57 10.94 65.52 44.24
C ALA KA 57 10.97 64.58 45.43
N VAL KA 58 9.77 64.25 45.93
CA VAL KA 58 9.62 63.45 47.15
C VAL KA 58 8.32 62.68 47.01
N ARG KA 59 8.06 61.75 47.94
CA ARG KA 59 6.82 60.99 47.94
C ARG KA 59 5.62 61.94 48.08
N PRO KA 60 4.49 61.65 47.43
CA PRO KA 60 3.39 62.63 47.38
C PRO KA 60 2.76 62.97 48.72
N LYS KA 61 2.79 62.07 49.70
CA LYS KA 61 2.20 62.37 51.01
C LYS KA 61 3.16 63.15 51.89
N VAL KA 62 4.42 63.30 51.47
CA VAL KA 62 5.36 64.18 52.15
C VAL KA 62 5.14 65.64 51.77
N LEU KA 63 4.39 65.90 50.69
CA LEU KA 63 4.13 67.25 50.23
C LEU KA 63 3.33 68.09 51.23
N MET KA 64 2.68 67.46 52.21
CA MET KA 64 1.91 68.22 53.20
C MET KA 64 2.80 69.10 54.06
N ARG KA 65 3.92 68.56 54.52
CA ARG KA 65 4.77 69.30 55.45
C ARG KA 65 5.72 70.27 54.75
N LEU KA 66 5.84 70.18 53.43
CA LEU KA 66 6.70 71.11 52.71
C LEU KA 66 6.06 72.49 52.63
N SER KA 67 6.90 73.49 52.40
CA SER KA 67 6.43 74.87 52.31
C SER KA 67 5.83 75.14 50.93
N LYS KA 68 5.18 76.30 50.81
CA LYS KA 68 4.53 76.67 49.55
C LYS KA 68 5.56 76.90 48.45
N THR KA 69 6.62 77.64 48.76
CA THR KA 69 7.62 77.97 47.74
C THR KA 69 8.40 76.75 47.30
N LYS KA 70 8.45 75.71 48.12
CA LYS KA 70 9.14 74.47 47.75
C LYS KA 70 8.30 73.58 46.85
N LYS KA 71 7.01 73.88 46.67
CA LYS KA 71 6.12 73.04 45.87
C LYS KA 71 5.78 73.64 44.52
N HIS KA 72 6.10 74.91 44.27
CA HIS KA 72 5.83 75.54 42.99
C HIS KA 72 6.94 76.55 42.71
N VAL KA 73 6.80 77.27 41.61
CA VAL KA 73 7.74 78.32 41.21
C VAL KA 73 6.95 79.61 41.02
N SER KA 74 7.54 80.73 41.41
CA SER KA 74 6.85 82.01 41.37
C SER KA 74 6.66 82.50 39.95
N ARG KA 75 5.61 82.00 39.30
CA ARG KA 75 5.30 82.33 37.91
C ARG KA 75 3.86 81.89 37.65
N ALA KA 76 3.24 82.53 36.66
CA ALA KA 76 1.95 82.05 36.17
C ALA KA 76 2.11 80.64 35.63
N TYR KA 77 1.11 79.79 35.92
CA TYR KA 77 1.18 78.35 35.65
C TYR KA 77 2.41 77.73 36.30
N GLY KA 78 2.69 78.14 37.54
CA GLY KA 78 3.91 77.74 38.22
C GLY KA 78 3.76 76.42 38.95
N GLY KA 79 4.78 75.57 38.83
CA GLY KA 79 4.81 74.30 39.52
C GLY KA 79 4.04 73.19 38.87
N SER KA 80 3.31 73.47 37.79
CA SER KA 80 2.59 72.45 37.03
C SER KA 80 2.70 72.62 35.54
N MET KA 81 3.52 73.56 35.04
CA MET KA 81 3.63 73.84 33.61
C MET KA 81 5.06 74.26 33.35
N CYS KA 82 5.71 73.58 32.40
CA CYS KA 82 7.10 73.88 32.10
C CYS KA 82 7.25 75.26 31.48
N ALA KA 83 8.39 75.89 31.75
CA ALA KA 83 8.65 77.25 31.29
C ALA KA 83 8.74 77.36 29.77
N LYS KA 84 9.05 76.28 29.07
CA LYS KA 84 9.11 76.31 27.62
C LYS KA 84 7.72 76.49 27.01
N CYS KA 85 6.75 75.74 27.50
CA CYS KA 85 5.42 75.70 26.88
C CYS KA 85 4.47 76.76 27.44
N VAL KA 86 4.69 77.26 28.65
CA VAL KA 86 3.77 78.26 29.19
C VAL KA 86 3.91 79.59 28.44
N ARG KA 87 5.13 80.00 28.11
CA ARG KA 87 5.34 81.20 27.32
C ARG KA 87 4.96 81.00 25.85
N ASP KA 88 4.95 79.76 25.36
CA ASP KA 88 4.42 79.48 24.03
C ASP KA 88 2.90 79.54 24.01
N ARG KA 89 2.25 79.29 25.14
CA ARG KA 89 0.80 79.43 25.21
C ARG KA 89 0.39 80.90 25.25
N ILE KA 90 1.24 81.75 25.82
CA ILE KA 90 1.02 83.19 25.76
C ILE KA 90 1.02 83.67 24.32
N LYS KA 91 2.02 83.24 23.54
CA LYS KA 91 2.09 83.60 22.13
C LYS KA 91 1.24 82.70 21.24
N ARG KA 92 0.58 81.70 21.81
CA ARG KA 92 -0.43 80.96 21.04
C ARG KA 92 -1.79 81.64 21.16
N ALA KA 93 -2.21 81.95 22.39
CA ALA KA 93 -3.50 82.59 22.62
C ALA KA 93 -3.57 84.01 22.07
N PHE KA 94 -2.44 84.72 22.02
CA PHE KA 94 -2.46 86.10 21.55
C PHE KA 94 -2.69 86.18 20.05
N LEU KA 95 -2.05 85.28 19.29
CA LEU KA 95 -2.16 85.33 17.83
C LEU KA 95 -3.54 84.88 17.35
N ILE KA 96 -4.22 84.01 18.11
CA ILE KA 96 -5.59 83.66 17.75
C ILE KA 96 -6.49 84.88 17.90
N GLU KA 97 -6.35 85.61 19.01
CA GLU KA 97 -7.20 86.77 19.27
C GLU KA 97 -6.97 87.86 18.24
N GLU KA 98 -5.73 88.04 17.77
CA GLU KA 98 -5.49 88.99 16.70
C GLU KA 98 -6.04 88.51 15.37
N GLN KA 99 -5.93 87.21 15.10
CA GLN KA 99 -6.51 86.66 13.88
C GLN KA 99 -8.04 86.72 13.90
N LYS KA 100 -8.65 86.51 15.07
CA LYS KA 100 -10.11 86.64 15.17
C LYS KA 100 -10.56 88.07 14.93
N ILE KA 101 -9.73 89.06 15.32
CA ILE KA 101 -10.01 90.43 14.96
C ILE KA 101 -9.85 90.63 13.46
N VAL KA 102 -8.86 89.98 12.85
CA VAL KA 102 -8.66 90.09 11.41
C VAL KA 102 -9.84 89.49 10.65
N VAL KA 103 -10.33 88.34 11.09
CA VAL KA 103 -11.44 87.68 10.40
C VAL KA 103 -12.71 88.52 10.49
N LYS KA 104 -13.01 89.07 11.67
CA LYS KA 104 -14.25 89.82 11.85
C LYS KA 104 -14.23 91.16 11.13
N VAL KA 105 -13.05 91.72 10.86
CA VAL KA 105 -12.97 92.93 10.04
C VAL KA 105 -13.32 92.59 8.59
N LEU KA 106 -12.76 91.49 8.08
CA LEU KA 106 -13.12 91.05 6.74
C LEU KA 106 -14.54 90.51 6.68
N LYS KA 107 -15.06 90.04 7.83
CA LYS KA 107 -16.48 89.68 7.89
C LYS KA 107 -17.36 90.91 7.88
N ALA KA 108 -16.92 91.99 8.53
CA ALA KA 108 -17.69 93.23 8.57
C ALA KA 108 -17.80 93.90 7.21
N GLN KA 109 -16.74 93.88 6.40
CA GLN KA 109 -16.82 94.49 5.08
C GLN KA 109 -17.74 93.71 4.16
N ALA KA 110 -17.89 92.40 4.40
CA ALA KA 110 -18.87 91.62 3.67
C ALA KA 110 -20.29 92.03 3.99
N GLN KA 111 -20.56 92.41 5.24
CA GLN KA 111 -21.89 92.89 5.60
C GLN KA 111 -22.20 94.22 4.91
N SER KA 112 -21.23 95.13 4.87
CA SER KA 112 -21.44 96.45 4.29
C SER KA 112 -21.52 96.39 2.77
N GLN KA 113 -20.60 95.66 2.13
CA GLN KA 113 -20.56 95.62 0.67
C GLN KA 113 -21.70 94.77 0.13
N LYS KA 114 -21.97 93.63 0.75
CA LYS KA 114 -23.03 92.74 0.29
C LYS KA 114 -23.92 92.32 1.45
N ALA LA 1 -20.03 38.54 111.64
CA ALA LA 1 -19.27 38.79 110.41
C ALA LA 1 -20.15 38.57 109.18
N LYS LA 2 -21.41 38.22 109.40
CA LYS LA 2 -22.35 37.99 108.32
C LYS LA 2 -22.94 39.30 107.82
N ILE LA 3 -23.26 39.31 106.53
CA ILE LA 3 -24.01 40.40 105.90
C ILE LA 3 -25.37 39.84 105.51
N LYS LA 4 -26.42 40.34 106.16
CA LYS LA 4 -27.76 39.78 105.98
C LYS LA 4 -28.45 40.51 104.83
N ALA LA 5 -29.75 40.26 104.64
CA ALA LA 5 -30.50 40.88 103.57
C ALA LA 5 -31.67 41.69 104.11
N ARG LA 6 -32.21 41.28 105.25
CA ARG LA 6 -33.32 42.01 105.85
C ARG LA 6 -32.90 43.40 106.29
N ASP LA 7 -31.72 43.52 106.91
CA ASP LA 7 -31.25 44.83 107.36
C ASP LA 7 -30.90 45.74 106.19
N LEU LA 8 -30.57 45.17 105.03
CA LEU LA 8 -30.26 45.96 103.86
C LEU LA 8 -31.50 46.44 103.12
N ARG LA 9 -32.68 45.95 103.48
CA ARG LA 9 -33.91 46.38 102.80
C ARG LA 9 -34.27 47.82 103.18
N GLY LA 10 -34.12 48.17 104.45
CA GLY LA 10 -34.56 49.47 104.93
C GLY LA 10 -33.47 50.51 105.02
N LYS LA 11 -32.54 50.50 104.08
CA LYS LA 11 -31.48 51.50 103.99
C LYS LA 11 -31.64 52.32 102.72
N LYS LA 12 -30.81 53.36 102.59
CA LYS LA 12 -30.82 54.22 101.43
C LYS LA 12 -29.93 53.64 100.32
N LYS LA 13 -30.12 54.15 99.11
CA LYS LA 13 -29.34 53.67 97.98
C LYS LA 13 -27.87 54.07 98.10
N GLU LA 14 -27.60 55.29 98.58
CA GLU LA 14 -26.22 55.75 98.69
C GLU LA 14 -25.47 55.07 99.83
N GLU LA 15 -26.15 54.79 100.95
CA GLU LA 15 -25.51 54.07 102.04
C GLU LA 15 -25.17 52.65 101.66
N LEU LA 16 -26.05 51.99 100.90
CA LEU LA 16 -25.74 50.66 100.40
C LEU LA 16 -24.64 50.68 99.36
N LEU LA 17 -24.55 51.76 98.57
CA LEU LA 17 -23.39 51.95 97.69
C LEU LA 17 -22.12 52.14 98.51
N LYS LA 18 -22.21 52.91 99.59
CA LYS LA 18 -21.10 53.00 100.55
C LYS LA 18 -20.87 51.64 101.21
N GLN LA 19 -21.94 50.86 101.41
CA GLN LA 19 -21.79 49.48 101.85
C GLN LA 19 -21.24 48.59 100.73
N LEU LA 20 -21.38 49.03 99.47
CA LEU LA 20 -20.91 48.21 98.35
C LEU LA 20 -19.43 48.47 98.07
N ASP LA 21 -19.04 49.75 97.93
CA ASP LA 21 -17.69 50.05 97.49
C ASP LA 21 -16.63 49.77 98.56
N ASP LA 22 -16.98 49.85 99.84
CA ASP LA 22 -15.99 49.52 100.87
C ASP LA 22 -15.71 48.03 100.90
N LEU LA 23 -16.72 47.20 100.64
CA LEU LA 23 -16.51 45.77 100.53
C LEU LA 23 -15.66 45.42 99.32
N LYS LA 24 -15.66 46.27 98.28
CA LYS LA 24 -14.79 46.05 97.13
C LYS LA 24 -13.33 46.24 97.51
N VAL LA 25 -13.05 46.97 98.58
CA VAL LA 25 -11.68 47.33 98.92
C VAL LA 25 -10.89 46.11 99.38
N GLU LA 26 -11.44 45.33 100.32
CA GLU LA 26 -10.73 44.14 100.77
C GLU LA 26 -10.79 43.04 99.72
N LEU LA 27 -11.84 43.07 98.87
CA LEU LA 27 -11.90 42.12 97.76
C LEU LA 27 -10.71 42.30 96.82
N SER LA 28 -10.35 43.54 96.53
CA SER LA 28 -9.09 43.79 95.85
C SER LA 28 -7.90 43.46 96.74
N GLN LA 29 -8.01 43.69 98.05
CA GLN LA 29 -6.91 43.39 98.96
C GLN LA 29 -6.75 41.89 99.17
N LEU LA 30 -7.85 41.13 99.12
CA LEU LA 30 -7.73 39.68 99.28
C LEU LA 30 -7.09 39.03 98.06
N ARG LA 31 -7.34 39.54 96.86
CA ARG LA 31 -6.60 39.08 95.69
C ARG LA 31 -5.13 39.48 95.75
N VAL LA 32 -4.80 40.58 96.44
CA VAL LA 32 -3.42 40.91 96.70
C VAL LA 32 -2.80 39.89 97.66
N ALA LA 33 -3.56 39.52 98.70
CA ALA LA 33 -3.07 38.57 99.69
C ALA LA 33 -2.96 37.14 99.15
N LYS LA 34 -3.71 36.82 98.08
CA LYS LA 34 -3.63 35.47 97.53
C LYS LA 34 -2.31 35.22 96.82
N VAL LA 35 -1.84 36.20 96.04
CA VAL LA 35 -0.60 36.01 95.30
C VAL LA 35 0.62 36.17 96.20
N THR LA 36 0.48 36.86 97.34
CA THR LA 36 1.55 36.98 98.31
C THR LA 36 1.58 35.82 99.31
N GLY LA 37 0.66 34.88 99.20
CA GLY LA 37 0.56 33.79 100.15
C GLY LA 37 -0.34 34.12 101.31
N GLY LA 38 0.12 34.99 102.21
CA GLY LA 38 -0.68 35.43 103.33
C GLY LA 38 -0.99 34.33 104.33
N ALA LA 39 -2.27 33.98 104.44
CA ALA LA 39 -2.71 32.94 105.36
C ALA LA 39 -3.98 32.30 104.83
N ALA LA 40 -4.29 31.12 105.34
CA ALA LA 40 -5.49 30.41 104.92
C ALA LA 40 -6.77 31.09 105.39
N SER LA 41 -6.69 31.89 106.45
CA SER LA 41 -7.87 32.62 106.91
C SER LA 41 -8.32 33.67 105.89
N LYS LA 42 -7.37 34.37 105.26
CA LYS LA 42 -7.72 35.35 104.24
C LYS LA 42 -8.09 34.71 102.92
N LEU LA 43 -7.68 33.46 102.68
CA LEU LA 43 -8.06 32.77 101.45
C LEU LA 43 -9.52 32.35 101.48
N SER LA 44 -10.01 31.86 102.62
CA SER LA 44 -11.41 31.49 102.77
C SER LA 44 -12.32 32.71 102.85
N LYS LA 45 -11.77 33.88 103.20
CA LYS LA 45 -12.57 35.10 103.25
C LYS LA 45 -12.92 35.62 101.86
N ILE LA 46 -12.26 35.11 100.82
CA ILE LA 46 -12.57 35.53 99.44
C ILE LA 46 -13.99 35.14 99.08
N ARG LA 47 -14.38 33.90 99.40
CA ARG LA 47 -15.73 33.43 99.09
C ARG LA 47 -16.79 34.17 99.92
N VAL LA 48 -16.47 34.47 101.18
CA VAL LA 48 -17.42 35.20 102.03
C VAL LA 48 -17.62 36.62 101.51
N VAL LA 49 -16.55 37.28 101.11
CA VAL LA 49 -16.65 38.64 100.59
C VAL LA 49 -17.35 38.65 99.24
N ARG LA 50 -17.03 37.68 98.37
CA ARG LA 50 -17.61 37.64 97.03
C ARG LA 50 -19.12 37.44 97.07
N LYS LA 51 -19.61 36.57 97.96
CA LYS LA 51 -21.04 36.38 98.10
C LYS LA 51 -21.72 37.58 98.76
N SER LA 52 -20.98 38.37 99.54
CA SER LA 52 -21.54 39.60 100.10
C SER LA 52 -21.67 40.69 99.05
N ILE LA 53 -20.82 40.68 98.01
CA ILE LA 53 -21.00 41.60 96.90
C ILE LA 53 -22.30 41.31 96.17
N ALA LA 54 -22.61 40.03 95.96
CA ALA LA 54 -23.85 39.65 95.30
C ALA LA 54 -25.07 40.02 96.14
N ARG LA 55 -24.96 39.89 97.47
CA ARG LA 55 -26.08 40.25 98.34
C ARG LA 55 -26.38 41.75 98.27
N VAL LA 56 -25.34 42.58 98.29
CA VAL LA 56 -25.55 44.02 98.19
C VAL LA 56 -26.02 44.40 96.80
N LEU LA 57 -25.39 43.83 95.77
CA LEU LA 57 -25.78 44.11 94.39
C LEU LA 57 -27.16 43.59 94.05
N THR LA 58 -27.65 42.56 94.75
CA THR LA 58 -29.02 42.12 94.55
C THR LA 58 -30.00 43.18 95.04
N VAL LA 59 -29.78 43.70 96.26
CA VAL LA 59 -30.70 44.66 96.86
C VAL LA 59 -30.75 45.95 96.05
N ILE LA 60 -29.60 46.42 95.54
CA ILE LA 60 -29.60 47.56 94.64
C ILE LA 60 -30.38 47.24 93.38
N ASN LA 61 -30.15 46.06 92.81
CA ASN LA 61 -30.91 45.64 91.64
C ASN LA 61 -32.33 45.22 91.98
N GLN LA 62 -32.60 44.84 93.24
CA GLN LA 62 -33.97 44.58 93.62
C GLN LA 62 -34.73 45.88 93.77
N THR LA 63 -34.36 46.71 94.75
CA THR LA 63 -35.15 47.87 95.15
C THR LA 63 -35.29 48.91 94.05
N GLN LA 64 -34.36 48.93 93.09
CA GLN LA 64 -34.51 49.82 91.95
C GLN LA 64 -35.62 49.34 91.03
N LYS LA 65 -35.85 48.02 90.99
CA LYS LA 65 -36.79 47.46 90.02
C LYS LA 65 -38.24 47.74 90.39
N GLU LA 66 -38.64 47.55 91.66
CA GLU LA 66 -40.05 47.79 91.97
C GLU LA 66 -40.36 49.27 92.13
N ASN LA 67 -39.35 50.15 92.14
CA ASN LA 67 -39.62 51.57 92.05
C ASN LA 67 -39.98 51.97 90.62
N LEU LA 68 -39.42 51.28 89.62
CA LEU LA 68 -39.73 51.59 88.23
C LEU LA 68 -41.14 51.14 87.87
N ARG LA 69 -41.52 49.92 88.26
CA ARG LA 69 -42.84 49.41 87.91
C ARG LA 69 -43.94 50.00 88.77
N LYS LA 70 -43.62 50.50 89.98
CA LYS LA 70 -44.61 51.25 90.74
C LYS LA 70 -44.90 52.60 90.10
N PHE LA 71 -43.88 53.24 89.54
CA PHE LA 71 -44.09 54.46 88.76
C PHE LA 71 -44.78 54.15 87.44
N TYR LA 72 -44.55 52.96 86.90
CA TYR LA 72 -45.13 52.55 85.62
C TYR LA 72 -46.41 51.74 85.80
N LYS LA 73 -46.89 51.58 87.03
CA LYS LA 73 -48.14 50.87 87.27
C LYS LA 73 -49.30 51.74 86.84
N GLY LA 74 -50.15 51.20 85.96
CA GLY LA 74 -51.26 51.93 85.39
C GLY LA 74 -50.96 52.58 84.05
N LYS LA 75 -49.68 52.74 83.71
CA LYS LA 75 -49.32 53.28 82.41
C LYS LA 75 -49.52 52.22 81.34
N LYS LA 76 -50.15 52.62 80.24
CA LYS LA 76 -50.47 51.66 79.17
C LYS LA 76 -49.20 51.13 78.52
N TYR LA 77 -48.20 51.98 78.33
CA TYR LA 77 -46.96 51.62 77.64
C TYR LA 77 -45.84 51.49 78.66
N LYS LA 78 -45.59 50.27 79.12
CA LYS LA 78 -44.49 49.97 80.00
C LYS LA 78 -43.31 49.42 79.20
N PRO LA 79 -42.09 49.54 79.73
CA PRO LA 79 -40.93 48.97 79.05
C PRO LA 79 -41.00 47.46 78.95
N LEU LA 80 -40.23 46.92 78.01
CA LEU LA 80 -40.28 45.49 77.71
C LEU LA 80 -39.77 44.63 78.86
N ASP LA 81 -38.93 45.18 79.73
CA ASP LA 81 -38.46 44.43 80.89
C ASP LA 81 -39.60 44.18 81.88
N LEU LA 82 -40.50 45.16 82.03
CA LEU LA 82 -41.62 45.05 82.97
C LEU LA 82 -42.81 44.30 82.40
N ARG LA 83 -42.85 44.06 81.09
CA ARG LA 83 -43.99 43.41 80.49
C ARG LA 83 -44.00 41.91 80.83
N PRO LA 84 -45.17 41.29 80.89
CA PRO LA 84 -45.24 39.84 81.17
C PRO LA 84 -44.60 39.04 80.05
N LYS LA 85 -43.73 38.11 80.43
CA LYS LA 85 -42.98 37.26 79.50
C LYS LA 85 -43.32 35.81 79.83
N LYS LA 86 -44.38 35.28 79.21
CA LYS LA 86 -44.79 33.89 79.44
C LYS LA 86 -44.13 32.97 78.41
N THR LA 87 -44.46 33.16 77.13
CA THR LA 87 -43.79 32.51 76.02
C THR LA 87 -43.72 33.51 74.87
N ARG LA 88 -43.28 33.03 73.71
CA ARG LA 88 -43.55 33.75 72.47
C ARG LA 88 -45.00 33.59 72.05
N ALA LA 89 -45.57 32.40 72.28
CA ALA LA 89 -46.94 32.14 71.85
C ALA LA 89 -47.98 32.68 72.82
N MET LA 90 -47.73 32.59 74.13
CA MET LA 90 -48.71 33.07 75.10
C MET LA 90 -48.83 34.59 75.10
N ARG LA 91 -47.77 35.30 74.73
CA ARG LA 91 -47.89 36.74 74.50
C ARG LA 91 -48.67 37.02 73.22
N ARG LA 92 -48.72 36.06 72.32
CA ARG LA 92 -49.43 36.17 71.05
C ARG LA 92 -50.85 35.61 71.13
N ARG LA 93 -51.31 35.25 72.32
CA ARG LA 93 -52.64 34.68 72.49
C ARG LA 93 -53.68 35.80 72.52
N LEU LA 94 -54.90 35.47 72.94
CA LEU LA 94 -55.98 36.44 72.97
C LEU LA 94 -55.84 37.39 74.15
N ASN LA 95 -56.77 38.33 74.25
CA ASN LA 95 -56.67 39.43 75.19
C ASN LA 95 -57.46 39.20 76.48
N LYS LA 96 -57.84 37.93 76.74
CA LYS LA 96 -58.59 37.49 77.93
C LYS LA 96 -60.03 37.98 77.89
N HIS LA 97 -60.33 38.83 76.92
CA HIS LA 97 -61.69 39.33 76.70
C HIS LA 97 -62.21 38.96 75.33
N GLU LA 98 -61.34 38.89 74.33
CA GLU LA 98 -61.74 38.80 72.93
C GLU LA 98 -62.34 37.46 72.54
N GLU LA 99 -62.02 36.39 73.25
CA GLU LA 99 -62.73 35.14 73.07
C GLU LA 99 -64.07 35.14 73.78
N SER LA 100 -64.30 36.09 74.70
CA SER LA 100 -65.56 36.17 75.43
C SER LA 100 -66.59 37.04 74.73
N LEU LA 101 -66.21 37.79 73.70
CA LEU LA 101 -67.19 38.49 72.89
C LEU LA 101 -67.90 37.55 71.95
N LYS LA 102 -69.22 37.65 71.92
CA LYS LA 102 -70.07 36.96 70.96
C LYS LA 102 -70.71 38.00 70.05
N THR LA 103 -71.20 37.54 68.89
CA THR LA 103 -71.82 38.45 67.95
C THR LA 103 -73.22 38.80 68.45
N LYS LA 104 -73.89 39.74 67.78
CA LYS LA 104 -75.27 40.03 68.12
C LYS LA 104 -76.17 38.85 67.79
N LYS LA 105 -75.81 38.09 66.75
CA LYS LA 105 -76.56 36.88 66.42
C LYS LA 105 -76.23 35.73 67.36
N GLN LA 106 -74.96 35.60 67.76
CA GLN LA 106 -74.59 34.53 68.68
C GLN LA 106 -75.18 34.74 70.07
N GLN LA 107 -75.20 35.99 70.53
CA GLN LA 107 -75.84 36.30 71.81
C GLN LA 107 -77.34 36.10 71.72
N ARG LA 108 -77.94 36.35 70.56
CA ARG LA 108 -79.37 36.16 70.39
C ARG LA 108 -79.77 34.70 70.47
N LYS LA 109 -78.88 33.79 70.07
CA LYS LA 109 -79.21 32.37 70.06
C LYS LA 109 -79.29 31.81 71.47
N GLU LA 110 -78.33 32.15 72.33
CA GLU LA 110 -78.20 31.48 73.63
C GLU LA 110 -79.25 31.95 74.63
N ARG LA 111 -79.64 33.22 74.62
CA ARG LA 111 -80.67 33.68 75.55
C ARG LA 111 -82.06 33.25 75.10
N LEU LA 112 -82.35 33.26 73.80
CA LEU LA 112 -83.63 32.77 73.31
C LEU LA 112 -83.71 31.25 73.40
N TYR LA 113 -82.64 30.54 73.09
CA TYR LA 113 -82.64 29.08 73.00
C TYR LA 113 -81.51 28.54 73.87
N PRO LA 114 -81.68 28.55 75.19
CA PRO LA 114 -80.63 28.04 76.07
C PRO LA 114 -80.64 26.52 76.15
N LEU LA 115 -79.51 25.97 76.57
CA LEU LA 115 -79.41 24.52 76.78
C LEU LA 115 -80.19 24.14 78.02
N ARG LA 116 -81.28 23.42 77.84
CA ARG LA 116 -82.20 23.09 78.92
C ARG LA 116 -81.73 21.86 79.67
N LYS LA 117 -81.81 21.93 81.00
CA LYS LA 117 -81.58 20.76 81.85
C LYS LA 117 -82.84 19.90 81.83
N TYR LA 118 -82.66 18.61 81.50
CA TYR LA 118 -83.82 17.75 81.29
C TYR LA 118 -83.49 16.33 81.75
N ALA LA 119 -84.52 15.49 81.79
CA ALA LA 119 -84.39 14.08 82.11
C ALA LA 119 -85.52 13.32 81.41
N VAL LA 120 -85.41 11.99 81.40
CA VAL LA 120 -86.36 11.14 80.69
C VAL LA 120 -86.88 10.04 81.61
N LYS LA 121 -87.66 9.13 81.04
CA LYS LA 121 -88.19 7.94 81.71
C LYS LA 121 -89.06 8.35 82.91
N ALA LA 122 -90.20 8.92 82.56
CA ALA LA 122 -91.24 9.26 83.53
C ALA LA 122 -92.62 9.04 82.95
N ALA MA 1 -107.17 -12.10 39.43
CA ALA MA 1 -106.89 -11.54 40.75
C ALA MA 1 -105.46 -11.86 41.16
N LEU MA 2 -105.29 -12.19 42.45
CA LEU MA 2 -103.99 -12.51 43.06
C LEU MA 2 -102.99 -11.36 42.86
N ARG MA 3 -103.34 -10.21 43.46
CA ARG MA 3 -102.51 -9.02 43.36
C ARG MA 3 -101.45 -9.06 44.46
N TYR MA 4 -100.31 -9.68 44.15
CA TYR MA 4 -99.26 -9.77 45.14
C TYR MA 4 -98.19 -8.72 44.88
N PRO MA 5 -97.56 -8.20 45.94
CA PRO MA 5 -96.46 -7.24 45.74
C PRO MA 5 -95.20 -7.93 45.23
N MET MA 6 -95.12 -8.09 43.92
CA MET MA 6 -93.98 -8.76 43.30
C MET MA 6 -92.70 -7.95 43.48
N ALA MA 7 -91.58 -8.65 43.57
CA ALA MA 7 -90.28 -8.02 43.72
C ALA MA 7 -89.66 -7.62 42.38
N VAL MA 8 -90.20 -8.06 41.26
CA VAL MA 8 -89.70 -7.72 39.93
C VAL MA 8 -90.88 -7.44 39.00
N GLY MA 9 -90.72 -6.43 38.15
CA GLY MA 9 -91.59 -6.21 37.00
C GLY MA 9 -92.63 -5.12 37.16
N LEU MA 10 -92.28 -3.91 36.73
CA LEU MA 10 -93.17 -2.77 36.47
C LEU MA 10 -93.87 -2.23 37.72
N ASN MA 11 -93.80 -2.95 38.85
CA ASN MA 11 -94.36 -2.48 40.10
C ASN MA 11 -93.50 -2.91 41.28
N LYS MA 12 -92.20 -3.09 41.08
CA LYS MA 12 -91.36 -3.74 42.07
C LYS MA 12 -91.14 -2.82 43.27
N GLY MA 13 -90.93 -3.46 44.42
CA GLY MA 13 -90.78 -2.78 45.69
C GLY MA 13 -91.99 -2.99 46.58
N HIS MA 14 -91.76 -2.82 47.88
CA HIS MA 14 -92.83 -2.95 48.87
C HIS MA 14 -93.84 -1.81 48.69
N LYS MA 15 -95.13 -2.17 48.77
CA LYS MA 15 -96.20 -1.22 48.51
C LYS MA 15 -96.35 -0.28 49.71
N VAL MA 16 -95.95 0.97 49.54
CA VAL MA 16 -96.08 1.99 50.57
C VAL MA 16 -96.71 3.23 49.94
N THR MA 17 -97.57 3.89 50.70
CA THR MA 17 -98.18 5.12 50.23
C THR MA 17 -97.20 6.28 50.34
N LYS MA 18 -97.33 7.23 49.42
CA LYS MA 18 -96.42 8.37 49.33
C LYS MA 18 -97.16 9.63 49.73
N ASN MA 19 -96.60 10.36 50.69
CA ASN MA 19 -97.21 11.58 51.20
C ASN MA 19 -96.82 12.77 50.33
N VAL MA 20 -97.79 13.64 50.05
CA VAL MA 20 -97.52 14.84 49.28
C VAL MA 20 -96.73 15.83 50.14
N SER MA 21 -95.65 16.37 49.58
CA SER MA 21 -94.78 17.29 50.30
C SER MA 21 -94.37 18.44 49.39
N LYS MA 22 -94.19 19.61 49.99
CA LYS MA 22 -93.67 20.75 49.25
C LYS MA 22 -92.20 20.50 48.87
N PRO MA 23 -91.78 20.94 47.68
CA PRO MA 23 -90.39 20.74 47.29
C PRO MA 23 -89.44 21.62 48.11
N ARG MA 24 -88.22 21.12 48.26
CA ARG MA 24 -87.21 21.84 49.03
C ARG MA 24 -86.81 23.14 48.32
N HIS MA 25 -86.46 24.14 49.12
CA HIS MA 25 -85.99 25.40 48.59
C HIS MA 25 -84.63 25.29 47.92
N SER MA 26 -83.89 24.21 48.20
CA SER MA 26 -82.63 23.96 47.49
C SER MA 26 -82.89 23.64 46.02
N ARG MA 27 -84.01 22.99 45.73
CA ARG MA 27 -84.38 22.70 44.35
C ARG MA 27 -84.84 23.93 43.57
N ARG MA 28 -85.08 25.05 44.26
CA ARG MA 28 -85.56 26.23 43.55
C ARG MA 28 -84.46 26.84 42.69
N ARG MA 29 -83.20 26.67 43.07
CA ARG MA 29 -82.10 27.41 42.46
C ARG MA 29 -81.99 27.09 40.98
N GLY MA 30 -81.60 28.10 40.20
CA GLY MA 30 -81.61 28.00 38.76
C GLY MA 30 -82.85 28.57 38.10
N ARG MA 31 -83.92 28.80 38.83
CA ARG MA 31 -85.10 29.43 38.27
C ARG MA 31 -84.86 30.90 38.01
N LEU MA 32 -85.30 31.38 36.84
CA LEU MA 32 -85.09 32.77 36.47
C LEU MA 32 -86.05 33.69 37.22
N THR MA 33 -85.49 34.58 38.02
CA THR MA 33 -86.25 35.66 38.62
C THR MA 33 -86.32 36.82 37.63
N LYS MA 34 -87.44 37.55 37.63
CA LYS MA 34 -87.56 38.68 36.74
C LYS MA 34 -86.55 39.78 37.07
N HIS MA 35 -86.12 39.85 38.34
CA HIS MA 35 -85.14 40.86 38.72
C HIS MA 35 -83.79 40.60 38.09
N THR MA 36 -83.28 39.36 38.18
CA THR MA 36 -82.02 39.05 37.51
C THR MA 36 -82.18 39.01 36.00
N LYS MA 37 -83.40 38.78 35.52
CA LYS MA 37 -83.69 38.95 34.10
C LYS MA 37 -83.64 40.44 33.73
N PHE MA 38 -84.12 41.30 34.62
CA PHE MA 38 -84.02 42.74 34.44
C PHE MA 38 -82.56 43.21 34.50
N VAL MA 39 -81.69 42.46 35.16
CA VAL MA 39 -80.26 42.79 35.17
C VAL MA 39 -79.58 42.29 33.90
N ARG MA 40 -79.90 41.08 33.47
CA ARG MA 40 -79.13 40.39 32.45
C ARG MA 40 -79.29 41.01 31.06
N ASP MA 41 -80.47 41.56 30.74
CA ASP MA 41 -80.65 42.19 29.44
C ASP MA 41 -79.90 43.51 29.33
N MET MA 42 -79.79 44.25 30.45
CA MET MA 42 -79.03 45.49 30.43
C MET MA 42 -77.54 45.24 30.22
N ILE MA 43 -77.01 44.16 30.81
CA ILE MA 43 -75.61 43.81 30.60
C ILE MA 43 -75.37 43.47 29.13
N ARG MA 44 -76.25 42.67 28.54
CA ARG MA 44 -76.17 42.37 27.11
C ARG MA 44 -76.37 43.61 26.25
N GLU MA 45 -77.09 44.60 26.75
CA GLU MA 45 -77.26 45.87 26.04
C GLU MA 45 -76.01 46.73 26.12
N VAL MA 46 -75.31 46.69 27.24
CA VAL MA 46 -74.12 47.54 27.42
C VAL MA 46 -72.93 46.94 26.69
N CYS MA 47 -72.50 45.75 27.10
CA CYS MA 47 -71.25 45.21 26.59
C CYS MA 47 -71.41 44.52 25.23
N GLY MA 48 -72.64 44.25 24.80
CA GLY MA 48 -72.86 43.66 23.50
C GLY MA 48 -72.75 42.15 23.47
N PHE MA 49 -72.25 41.62 22.35
CA PHE MA 49 -72.14 40.18 22.15
C PHE MA 49 -70.68 39.76 22.18
N ALA MA 50 -70.46 38.45 22.25
CA ALA MA 50 -69.14 37.87 22.18
C ALA MA 50 -68.71 37.71 20.72
N PRO MA 51 -67.39 37.69 20.46
CA PRO MA 51 -66.93 37.53 19.06
C PRO MA 51 -67.38 36.24 18.41
N TYR MA 52 -67.48 35.14 19.17
CA TYR MA 52 -67.95 33.89 18.59
C TYR MA 52 -69.45 33.91 18.32
N GLU MA 53 -70.22 34.66 19.12
CA GLU MA 53 -71.64 34.81 18.82
C GLU MA 53 -71.86 35.74 17.63
N ARG MA 54 -71.06 36.81 17.51
CA ARG MA 54 -71.23 37.73 16.38
C ARG MA 54 -70.88 37.07 15.05
N ARG MA 55 -69.95 36.11 15.06
CA ARG MA 55 -69.70 35.33 13.86
C ARG MA 55 -70.87 34.39 13.56
N ALA MA 56 -71.50 33.85 14.60
CA ALA MA 56 -72.65 32.98 14.44
C ALA MA 56 -73.94 33.73 14.13
N MET MA 57 -73.91 35.07 14.12
CA MET MA 57 -75.07 35.85 13.72
C MET MA 57 -75.40 35.62 12.25
N GLU MA 58 -74.37 35.59 11.39
CA GLU MA 58 -74.61 35.51 9.95
C GLU MA 58 -75.03 34.11 9.51
N LEU MA 59 -74.50 33.06 10.15
CA LEU MA 59 -74.90 31.70 9.82
C LEU MA 59 -76.37 31.44 10.15
N LEU MA 60 -76.93 32.14 11.13
CA LEU MA 60 -78.37 32.10 11.38
C LEU MA 60 -79.14 32.92 10.36
N LYS MA 61 -78.51 33.96 9.80
CA LYS MA 61 -79.18 34.79 8.81
C LYS MA 61 -79.36 34.04 7.49
N VAL MA 62 -78.33 33.29 7.07
CA VAL MA 62 -78.38 32.59 5.78
C VAL MA 62 -79.03 31.22 5.87
N SER MA 63 -79.62 30.87 7.01
CA SER MA 63 -80.26 29.58 7.26
C SER MA 63 -79.28 28.42 7.02
N LYS MA 64 -78.19 28.47 7.77
CA LYS MA 64 -77.17 27.44 7.73
C LYS MA 64 -77.02 26.80 9.11
N ASP MA 65 -78.15 26.43 9.71
CA ASP MA 65 -78.22 26.01 11.10
C ASP MA 65 -77.39 24.77 11.42
N LYS MA 66 -77.19 23.87 10.45
CA LYS MA 66 -76.36 22.70 10.71
C LYS MA 66 -74.91 23.08 10.92
N ARG MA 67 -74.39 23.96 10.05
CA ARG MA 67 -73.03 24.47 10.23
C ARG MA 67 -72.95 25.41 11.42
N ALA MA 68 -74.02 26.17 11.68
CA ALA MA 68 -74.03 27.04 12.86
C ALA MA 68 -73.98 26.25 14.15
N LEU MA 69 -74.73 25.13 14.21
CA LEU MA 69 -74.68 24.29 15.39
C LEU MA 69 -73.33 23.59 15.53
N LYS MA 70 -72.72 23.21 14.40
CA LYS MA 70 -71.40 22.60 14.45
C LYS MA 70 -70.33 23.59 14.91
N PHE MA 71 -70.48 24.87 14.56
CA PHE MA 71 -69.54 25.88 15.03
C PHE MA 71 -69.66 26.09 16.54
N ILE MA 72 -70.89 26.13 17.05
CA ILE MA 72 -71.10 26.32 18.48
C ILE MA 72 -70.61 25.11 19.27
N LYS MA 73 -70.80 23.91 18.71
CA LYS MA 73 -70.35 22.69 19.38
C LYS MA 73 -68.82 22.67 19.53
N LYS MA 74 -68.10 23.16 18.53
CA LYS MA 74 -66.64 23.26 18.64
C LYS MA 74 -66.23 24.43 19.51
N ARG MA 75 -67.12 25.40 19.71
CA ARG MA 75 -66.78 26.64 20.39
C ARG MA 75 -67.21 26.66 21.86
N VAL MA 76 -68.32 26.03 22.21
CA VAL MA 76 -68.84 26.06 23.57
C VAL MA 76 -68.55 24.77 24.32
N GLY MA 77 -68.86 23.62 23.72
CA GLY MA 77 -68.65 22.36 24.39
C GLY MA 77 -69.59 21.25 23.96
N THR MA 78 -70.28 20.64 24.91
CA THR MA 78 -71.14 19.50 24.64
C THR MA 78 -72.38 19.94 23.86
N HIS MA 79 -73.09 18.96 23.30
CA HIS MA 79 -74.24 19.26 22.44
C HIS MA 79 -75.42 19.84 23.20
N ILE MA 80 -75.53 19.58 24.50
CA ILE MA 80 -76.63 20.13 25.28
C ILE MA 80 -76.47 21.65 25.41
N ARG MA 81 -75.27 22.11 25.76
CA ARG MA 81 -75.01 23.54 25.82
C ARG MA 81 -74.89 24.15 24.43
N ALA MA 82 -74.42 23.37 23.44
CA ALA MA 82 -74.37 23.88 22.08
C ALA MA 82 -75.76 24.06 21.49
N LYS MA 83 -76.69 23.17 21.81
CA LYS MA 83 -78.06 23.33 21.33
C LYS MA 83 -78.72 24.54 21.96
N ARG MA 84 -78.67 24.64 23.30
CA ARG MA 84 -79.35 25.71 24.02
C ARG MA 84 -78.81 27.10 23.66
N LYS MA 85 -77.57 27.16 23.18
CA LYS MA 85 -77.02 28.42 22.70
C LYS MA 85 -77.73 28.86 21.42
N ARG MA 86 -78.21 27.91 20.63
CA ARG MA 86 -78.64 28.21 19.26
C ARG MA 86 -80.00 28.91 19.23
N GLU MA 87 -80.99 28.46 20.01
CA GLU MA 87 -82.32 29.05 19.87
C GLU MA 87 -82.40 30.44 20.48
N GLU MA 88 -81.65 30.70 21.56
CA GLU MA 88 -81.68 32.03 22.14
C GLU MA 88 -81.00 33.04 21.21
N LEU MA 89 -79.96 32.61 20.49
CA LEU MA 89 -79.42 33.43 19.41
C LEU MA 89 -80.39 33.48 18.23
N SER MA 90 -81.13 32.40 18.00
CA SER MA 90 -82.20 32.45 17.01
C SER MA 90 -83.35 33.36 17.46
N SER MA 91 -83.53 33.49 18.77
CA SER MA 91 -84.48 34.47 19.29
C SER MA 91 -83.98 35.90 19.14
N VAL MA 92 -82.67 36.09 19.02
CA VAL MA 92 -82.14 37.42 18.73
C VAL MA 92 -82.53 37.85 17.31
N LEU MA 93 -82.47 36.91 16.36
CA LEU MA 93 -82.92 37.22 15.00
C LEU MA 93 -84.41 37.56 14.97
N ALA MA 94 -85.22 36.79 15.69
CA ALA MA 94 -86.65 37.05 15.75
C ALA MA 94 -86.98 38.37 16.43
N ALA MA 95 -86.23 38.73 17.48
CA ALA MA 95 -86.48 40.00 18.15
C ALA MA 95 -85.99 41.18 17.32
N MET MA 96 -84.84 41.02 16.66
CA MET MA 96 -84.28 42.13 15.89
C MET MA 96 -85.05 42.36 14.59
N ARG MA 97 -85.46 41.28 13.92
CA ARG MA 97 -86.22 41.42 12.67
C ARG MA 97 -87.60 42.03 12.92
N LYS MA 98 -88.25 41.62 14.02
CA LYS MA 98 -89.55 42.21 14.37
C LYS MA 98 -89.40 43.68 14.75
N ALA MA 99 -88.33 44.03 15.46
CA ALA MA 99 -88.08 45.41 15.83
C ALA MA 99 -87.59 46.26 14.67
N ALA MA 100 -87.24 45.65 13.54
CA ALA MA 100 -86.85 46.39 12.35
C ALA MA 100 -87.95 46.47 11.30
N ALA MA 101 -88.89 45.53 11.30
CA ALA MA 101 -89.98 45.52 10.33
C ALA MA 101 -91.22 46.20 10.91
N LYS MA 102 -91.05 47.46 11.29
CA LYS MA 102 -92.16 48.25 11.82
C LYS MA 102 -92.68 49.22 10.77
N THR NA 1 5.72 11.06 42.68
CA THR NA 1 5.91 12.12 43.66
C THR NA 1 4.59 12.62 44.22
N LYS NA 2 3.54 11.81 44.05
CA LYS NA 2 2.20 12.17 44.52
C LYS NA 2 1.96 11.81 45.97
N GLY NA 3 2.89 11.12 46.63
CA GLY NA 3 2.69 10.68 47.99
C GLY NA 3 3.41 11.50 49.04
N THR NA 4 4.50 10.94 49.57
CA THR NA 4 5.20 11.57 50.71
C THR NA 4 5.76 12.94 50.33
N SER NA 5 6.34 13.05 49.14
CA SER NA 5 6.90 14.34 48.72
C SER NA 5 5.81 15.39 48.47
N SER NA 6 4.58 14.96 48.21
CA SER NA 6 3.47 15.89 47.99
C SER NA 6 2.80 16.33 49.29
N PHE NA 7 3.09 15.69 50.41
CA PHE NA 7 2.57 16.11 51.70
C PHE NA 7 3.41 17.24 52.31
N GLY NA 8 4.58 17.54 51.75
CA GLY NA 8 5.45 18.52 52.36
C GLY NA 8 5.07 19.96 52.06
N LYS NA 9 4.33 20.19 50.98
CA LYS NA 9 3.92 21.54 50.57
C LYS NA 9 2.53 21.89 51.05
N ARG NA 10 2.13 21.36 52.20
CA ARG NA 10 0.82 21.64 52.79
C ARG NA 10 1.02 22.69 53.88
N ARG NA 11 0.97 23.96 53.49
CA ARG NA 11 1.20 25.07 54.41
C ARG NA 11 -0.06 25.89 54.67
N ASN NA 12 -0.69 26.42 53.62
CA ASN NA 12 -1.87 27.25 53.80
C ASN NA 12 -3.09 26.37 54.09
N LYS NA 13 -4.14 26.99 54.62
CA LYS NA 13 -5.34 26.28 55.04
C LYS NA 13 -6.54 26.77 54.24
N THR NA 14 -7.60 25.96 54.26
CA THR NA 14 -8.86 26.28 53.61
C THR NA 14 -10.01 26.51 54.57
N HIS NA 15 -10.01 25.84 55.72
CA HIS NA 15 -11.08 25.96 56.70
C HIS NA 15 -10.56 26.57 58.00
N THR NA 16 -11.44 27.32 58.66
CA THR NA 16 -11.13 27.91 59.96
C THR NA 16 -12.29 27.65 60.93
N LEU NA 17 -12.17 28.17 62.15
CA LEU NA 17 -13.22 27.97 63.15
C LEU NA 17 -14.43 28.80 62.80
N CYS NA 18 -15.57 28.14 62.58
CA CYS NA 18 -16.81 28.84 62.31
C CYS NA 18 -17.28 29.56 63.58
N ARG NA 19 -18.02 30.66 63.37
CA ARG NA 19 -18.52 31.48 64.46
C ARG NA 19 -19.99 31.24 64.77
N ARG NA 20 -20.59 30.22 64.17
CA ARG NA 20 -21.96 29.84 64.49
C ARG NA 20 -22.08 28.40 64.95
N CYS NA 21 -21.32 27.48 64.34
CA CYS NA 21 -21.30 26.09 64.79
C CYS NA 21 -20.10 25.75 65.66
N GLY NA 22 -19.02 26.51 65.55
CA GLY NA 22 -17.83 26.29 66.34
C GLY NA 22 -16.86 25.28 65.78
N SER NA 23 -17.28 24.50 64.79
CA SER NA 23 -16.40 23.50 64.19
C SER NA 23 -15.47 24.16 63.17
N LYS NA 24 -14.35 23.50 62.91
CA LYS NA 24 -13.38 23.99 61.93
C LYS NA 24 -13.83 23.66 60.51
N ALA NA 25 -14.86 24.36 60.02
CA ALA NA 25 -15.41 24.06 58.72
C ALA NA 25 -15.71 25.29 57.87
N TYR NA 26 -15.40 26.50 58.34
CA TYR NA 26 -15.70 27.71 57.58
C TYR NA 26 -14.68 27.87 56.47
N HIS NA 27 -15.12 27.67 55.23
CA HIS NA 27 -14.21 27.75 54.08
C HIS NA 27 -13.81 29.20 53.81
N LEU NA 28 -12.51 29.43 53.66
CA LEU NA 28 -12.02 30.79 53.47
C LEU NA 28 -12.30 31.31 52.07
N GLN NA 29 -12.08 30.48 51.05
CA GLN NA 29 -12.21 30.94 49.67
C GLN NA 29 -13.66 31.20 49.30
N LYS NA 30 -14.56 30.27 49.63
CA LYS NA 30 -15.97 30.46 49.32
C LYS NA 30 -16.67 31.36 50.34
N SER NA 31 -15.99 31.73 51.42
CA SER NA 31 -16.53 32.58 52.48
C SER NA 31 -17.81 31.99 53.07
N THR NA 32 -17.83 30.67 53.22
CA THR NA 32 -19.01 29.99 53.72
C THR NA 32 -18.61 28.83 54.61
N CYS NA 33 -19.55 28.43 55.46
CA CYS NA 33 -19.49 27.21 56.25
C CYS NA 33 -20.13 26.09 55.46
N GLY NA 34 -20.65 25.07 56.15
CA GLY NA 34 -21.05 23.82 55.55
C GLY NA 34 -21.02 22.65 56.50
N LYS NA 35 -20.54 22.83 57.73
CA LYS NA 35 -21.05 22.03 58.83
C LYS NA 35 -22.41 22.55 59.27
N CYS NA 36 -22.62 23.87 59.19
CA CYS NA 36 -23.88 24.49 59.54
C CYS NA 36 -24.37 25.52 58.53
N GLY NA 37 -23.53 25.97 57.61
CA GLY NA 37 -23.95 26.99 56.65
C GLY NA 37 -24.13 28.36 57.27
N TYR NA 38 -23.00 28.99 57.66
CA TYR NA 38 -23.07 30.26 58.38
C TYR NA 38 -23.72 31.40 57.60
N PRO NA 39 -23.32 31.71 56.35
CA PRO NA 39 -23.97 32.83 55.65
C PRO NA 39 -25.44 32.59 55.34
N ALA NA 40 -25.88 31.34 55.24
CA ALA NA 40 -27.30 31.06 55.12
C ALA NA 40 -28.01 31.35 56.44
N LYS NA 41 -29.23 31.87 56.35
CA LYS NA 41 -29.99 32.17 57.55
C LYS NA 41 -30.36 30.91 58.32
N ARG NA 42 -30.71 29.84 57.61
CA ARG NA 42 -31.12 28.60 58.22
C ARG NA 42 -29.93 27.68 58.46
N LYS NA 43 -29.99 26.95 59.58
CA LYS NA 43 -28.94 26.00 59.91
C LYS NA 43 -29.00 24.81 58.97
N ARG NA 44 -27.84 24.43 58.43
CA ARG NA 44 -27.78 23.31 57.49
C ARG NA 44 -27.94 21.99 58.25
N LYS NA 45 -28.95 21.21 57.88
CA LYS NA 45 -29.13 19.88 58.42
C LYS NA 45 -29.72 18.99 57.34
N TYR NA 46 -29.51 17.69 57.48
CA TYR NA 46 -29.97 16.73 56.49
C TYR NA 46 -30.41 15.45 57.19
N ASN NA 47 -31.45 14.82 56.65
CA ASN NA 47 -32.00 13.61 57.23
C ASN NA 47 -31.31 12.34 56.75
N TRP NA 48 -30.40 12.42 55.78
CA TRP NA 48 -29.65 11.24 55.38
C TRP NA 48 -28.49 10.96 56.31
N SER NA 49 -28.20 11.84 57.26
CA SER NA 49 -27.16 11.63 58.27
C SER NA 49 -27.84 11.76 59.63
N ALA NA 50 -28.39 10.65 60.13
CA ALA NA 50 -29.06 10.66 61.42
C ALA NA 50 -28.09 10.83 62.58
N LYS NA 51 -26.85 10.37 62.43
CA LYS NA 51 -25.86 10.56 63.49
C LYS NA 51 -25.45 12.03 63.61
N ALA NA 52 -25.35 12.73 62.47
CA ALA NA 52 -24.98 14.13 62.48
C ALA NA 52 -26.07 15.03 63.02
N LYS NA 53 -27.34 14.61 62.95
CA LYS NA 53 -28.43 15.41 63.50
C LYS NA 53 -28.39 15.41 65.02
N ARG NA 54 -28.01 14.29 65.63
CA ARG NA 54 -27.96 14.17 67.09
C ARG NA 54 -26.64 14.62 67.68
N ARG NA 55 -25.64 14.92 66.85
CA ARG NA 55 -24.40 15.49 67.38
C ARG NA 55 -24.62 16.89 67.91
N ASN NA 56 -25.39 17.71 67.17
CA ASN NA 56 -25.78 19.06 67.61
C ASN NA 56 -27.30 19.25 67.48
N THR NA 57 -28.02 18.79 68.50
CA THR NA 57 -29.47 18.89 68.59
C THR NA 57 -29.86 19.75 69.79
N THR NA 58 -31.16 19.77 70.08
CA THR NA 58 -31.67 20.54 71.22
C THR NA 58 -31.14 19.99 72.54
N GLY NA 59 -31.09 18.66 72.68
CA GLY NA 59 -30.69 18.07 73.94
C GLY NA 59 -29.20 18.03 74.22
N THR NA 60 -28.37 18.58 73.33
CA THR NA 60 -26.92 18.46 73.49
C THR NA 60 -26.37 19.50 74.47
N GLY NA 61 -26.63 20.77 74.22
CA GLY NA 61 -25.93 21.85 74.93
C GLY NA 61 -26.42 22.15 76.33
N ARG NA 62 -26.35 23.44 76.70
CA ARG NA 62 -26.48 23.86 78.09
C ARG NA 62 -27.91 23.99 78.57
N MET NA 63 -28.87 24.28 77.69
CA MET NA 63 -30.23 24.65 78.09
C MET NA 63 -30.23 25.84 79.05
N ARG NA 64 -29.40 26.84 78.75
CA ARG NA 64 -29.30 28.01 79.64
C ARG NA 64 -30.58 28.84 79.68
N HIS NA 65 -31.52 28.61 78.75
CA HIS NA 65 -32.83 29.23 78.79
C HIS NA 65 -33.97 28.23 78.76
N LEU NA 66 -33.81 27.10 78.05
CA LEU NA 66 -34.94 26.21 77.82
C LEU NA 66 -35.26 25.36 79.05
N LYS NA 67 -34.26 25.04 79.89
CA LYS NA 67 -34.56 24.25 81.08
C LYS NA 67 -35.36 25.03 82.10
N ILE NA 68 -35.29 26.37 82.07
CA ILE NA 68 -36.17 27.18 82.91
C ILE NA 68 -37.60 27.08 82.40
N VAL NA 69 -37.78 27.04 81.08
CA VAL NA 69 -39.11 26.92 80.49
C VAL NA 69 -39.73 25.58 80.88
N TYR NA 70 -38.95 24.50 80.84
CA TYR NA 70 -39.43 23.21 81.31
C TYR NA 70 -39.71 23.23 82.80
N ARG NA 71 -38.87 23.92 83.58
CA ARG NA 71 -39.09 24.02 85.02
C ARG NA 71 -40.27 24.92 85.35
N ARG NA 72 -40.45 26.01 84.59
CA ARG NA 72 -41.60 26.89 84.80
C ARG NA 72 -42.90 26.28 84.28
N PHE NA 73 -42.82 25.25 83.44
CA PHE NA 73 -44.02 24.71 82.81
C PHE NA 73 -44.88 23.95 83.81
N ARG NA 74 -44.25 23.10 84.62
CA ARG NA 74 -44.96 22.33 85.64
C ARG NA 74 -45.43 23.18 86.81
N HIS NA 75 -44.89 24.39 86.97
CA HIS NA 75 -45.20 25.24 88.12
C HIS NA 75 -46.38 26.18 87.86
N GLY NA 76 -46.78 26.36 86.60
CA GLY NA 76 -48.00 27.08 86.30
C GLY NA 76 -47.86 28.42 85.61
N PHE NA 77 -46.63 28.77 85.21
CA PHE NA 77 -46.34 30.03 84.51
C PHE NA 77 -46.79 31.26 85.31
N ARG NA 78 -46.61 31.21 86.62
CA ARG NA 78 -46.92 32.36 87.44
C ARG NA 78 -45.77 33.37 87.40
N GLU NA 79 -46.13 34.65 87.44
CA GLU NA 79 -45.17 35.74 87.56
C GLU NA 79 -45.76 36.81 88.47
N GLY NA 80 -44.88 37.61 89.07
CA GLY NA 80 -45.29 38.71 89.89
C GLY NA 80 -45.76 38.34 91.29
N THR NA 81 -45.82 37.05 91.61
CA THR NA 81 -46.19 36.59 92.93
C THR NA 81 -44.95 36.05 93.64
N THR NA 82 -44.98 36.16 94.95
CA THR NA 82 -43.92 35.66 95.81
C THR NA 82 -44.51 34.69 96.83
N PRO NA 83 -43.72 33.73 97.30
CA PRO NA 83 -44.18 32.88 98.41
C PRO NA 83 -44.42 33.70 99.67
N LYS NA 84 -45.39 33.27 100.46
CA LYS NA 84 -45.81 34.03 101.63
C LYS NA 84 -44.70 34.11 102.65
N PRO NA 85 -44.26 35.30 103.04
CA PRO NA 85 -43.13 35.44 103.96
C PRO NA 85 -43.54 35.09 105.39
N LYS NA 86 -42.52 34.91 106.24
CA LYS NA 86 -42.75 34.58 107.63
C LYS NA 86 -43.13 35.82 108.44
N PRO OA 1 19.35 68.29 66.54
CA PRO OA 1 19.78 69.47 67.28
C PRO OA 1 20.13 70.67 66.38
N ARG OA 2 20.05 71.87 66.96
CA ARG OA 2 20.29 73.11 66.24
C ARG OA 2 21.61 73.71 66.69
N LYS OA 3 22.43 74.13 65.74
CA LYS OA 3 23.71 74.75 66.04
C LYS OA 3 23.57 76.26 65.99
N ILE OA 4 24.02 76.94 67.04
CA ILE OA 4 23.94 78.39 67.15
C ILE OA 4 25.33 78.98 66.88
N GLU OA 5 25.40 80.01 66.03
CA GLU OA 5 26.68 80.54 65.60
C GLU OA 5 27.20 81.68 66.46
N GLU OA 6 26.33 82.59 66.87
CA GLU OA 6 26.75 83.81 67.56
C GLU OA 6 26.07 83.87 68.92
N ILE OA 7 26.68 84.62 69.83
CA ILE OA 7 26.44 84.43 71.27
C ILE OA 7 25.02 84.82 71.67
N LYS OA 8 24.54 86.00 71.24
CA LYS OA 8 23.36 86.59 71.88
C LYS OA 8 22.09 85.79 71.62
N ASP OA 9 22.05 85.01 70.53
CA ASP OA 9 20.88 84.21 70.25
C ASP OA 9 20.73 83.07 71.26
N PHE OA 10 21.84 82.58 71.80
CA PHE OA 10 21.77 81.58 72.87
C PHE OA 10 21.18 82.17 74.14
N LEU OA 11 21.53 83.43 74.46
CA LEU OA 11 21.00 84.06 75.66
C LEU OA 11 19.49 84.22 75.59
N LEU OA 12 18.97 84.61 74.43
CA LEU OA 12 17.52 84.72 74.26
C LEU OA 12 16.86 83.34 74.24
N THR OA 13 17.57 82.32 73.75
CA THR OA 13 17.02 80.97 73.74
C THR OA 13 17.02 80.37 75.14
N ALA OA 14 18.07 80.63 75.92
CA ALA OA 14 18.21 80.02 77.23
C ALA OA 14 17.25 80.59 78.28
N ARG OA 15 16.71 81.79 78.06
CA ARG OA 15 15.76 82.39 78.98
C ARG OA 15 14.31 82.08 78.62
N ARG OA 16 14.08 81.21 77.65
CA ARG OA 16 12.73 80.85 77.26
C ARG OA 16 12.05 80.03 78.36
N LYS OA 17 10.72 80.06 78.35
CA LYS OA 17 9.94 79.35 79.37
C LYS OA 17 10.11 77.84 79.23
N ASP OA 18 10.15 77.33 78.00
CA ASP OA 18 10.24 75.90 77.76
C ASP OA 18 11.63 75.33 78.01
N ALA OA 19 12.64 76.17 78.17
CA ALA OA 19 14.01 75.69 78.32
C ALA OA 19 14.23 75.07 79.69
N LYS OA 20 15.27 74.25 79.79
CA LYS OA 20 15.67 73.62 81.05
C LYS OA 20 17.17 73.46 81.10
N SER OA 21 17.64 72.56 81.97
CA SER OA 21 19.04 72.48 82.42
C SER OA 21 20.05 72.59 81.29
N VAL OA 22 21.11 73.35 81.56
CA VAL OA 22 22.20 73.59 80.61
C VAL OA 22 23.36 72.68 80.96
N LYS OA 23 23.85 71.94 79.98
CA LYS OA 23 24.96 71.01 80.15
C LYS OA 23 26.19 71.59 79.48
N ILE OA 24 27.30 71.61 80.21
CA ILE OA 24 28.52 72.30 79.81
C ILE OA 24 29.58 71.25 79.49
N LYS OA 25 30.21 71.36 78.31
CA LYS OA 25 31.27 70.46 77.90
C LYS OA 25 32.52 71.26 77.55
N LYS OA 26 33.67 70.76 78.01
CA LYS OA 26 34.98 71.39 77.76
C LYS OA 26 35.77 70.46 76.84
N ASN OA 27 35.68 70.69 75.54
CA ASN OA 27 36.32 69.82 74.55
C ASN OA 27 37.68 70.37 74.12
N LYS OA 28 38.49 70.66 75.14
CA LYS OA 28 39.92 71.02 75.05
C LYS OA 28 40.25 71.95 73.88
N ASP OA 29 39.71 73.18 73.96
CA ASP OA 29 39.58 74.35 73.09
C ASP OA 29 38.30 74.31 72.25
N ASN OA 30 37.41 73.37 72.53
CA ASN OA 30 36.12 73.35 71.83
C ASN OA 30 34.98 73.36 72.83
N VAL OA 31 35.01 74.28 73.79
CA VAL OA 31 33.98 74.42 74.81
C VAL OA 31 32.60 74.60 74.17
N LYS OA 32 31.66 73.74 74.55
CA LYS OA 32 30.33 73.75 73.97
C LYS OA 32 29.30 74.15 75.02
N PHE OA 33 28.24 74.82 74.57
CA PHE OA 33 27.18 75.35 75.41
C PHE OA 33 25.88 74.68 74.97
N LYS OA 34 25.48 73.62 75.66
CA LYS OA 34 24.29 72.86 75.29
C LYS OA 34 23.14 73.18 76.23
N VAL OA 35 22.01 73.61 75.65
CA VAL OA 35 20.80 73.92 76.40
C VAL OA 35 19.66 73.07 75.88
N ARG OA 36 18.91 72.47 76.80
CA ARG OA 36 17.80 71.58 76.46
C ARG OA 36 16.49 72.35 76.46
N CYS OA 37 15.82 72.39 75.31
CA CYS OA 37 14.46 72.89 75.21
C CYS OA 37 13.51 71.72 74.94
N SER OA 38 12.24 72.04 74.68
CA SER OA 38 11.24 70.99 74.51
C SER OA 38 11.41 70.23 73.21
N ARG OA 39 11.97 70.86 72.18
CA ARG OA 39 12.11 70.24 70.87
C ARG OA 39 13.54 70.07 70.41
N TYR OA 40 14.40 71.07 70.58
CA TYR OA 40 15.75 71.03 70.03
C TYR OA 40 16.79 71.25 71.13
N LEU OA 41 17.92 70.56 70.98
CA LEU OA 41 19.09 70.75 71.83
C LEU OA 41 19.97 71.80 71.17
N TYR OA 42 19.82 73.06 71.59
CA TYR OA 42 20.59 74.16 71.01
C TYR OA 42 21.98 74.18 71.63
N THR OA 43 23.00 74.09 70.77
CA THR OA 43 24.39 74.01 71.19
C THR OA 43 25.19 75.18 70.62
N LEU OA 44 25.97 75.81 71.47
CA LEU OA 44 26.84 76.92 71.09
C LEU OA 44 28.29 76.48 71.24
N VAL OA 45 29.08 76.63 70.17
CA VAL OA 45 30.48 76.22 70.16
C VAL OA 45 31.34 77.44 70.39
N ILE OA 46 32.23 77.36 71.39
CA ILE OA 46 33.18 78.42 71.69
C ILE OA 46 34.58 77.83 71.55
N THR OA 47 35.39 78.44 70.68
CA THR OA 47 36.72 77.92 70.35
C THR OA 47 37.85 78.64 71.08
N ASP OA 48 37.54 79.49 72.06
CA ASP OA 48 38.57 80.27 72.73
C ASP OA 48 38.36 80.21 74.24
N LYS OA 49 39.47 80.30 75.00
CA LYS OA 49 39.39 80.10 76.45
C LYS OA 49 38.68 81.23 77.17
N GLU OA 50 39.05 82.48 76.91
CA GLU OA 50 38.60 83.57 77.76
C GLU OA 50 37.14 83.92 77.53
N LYS OA 51 36.57 83.55 76.38
CA LYS OA 51 35.14 83.78 76.17
C LYS OA 51 34.27 82.88 77.04
N ALA OA 52 34.83 81.82 77.61
CA ALA OA 52 34.00 80.84 78.31
C ALA OA 52 33.49 81.35 79.66
N GLU OA 53 34.33 82.03 80.45
CA GLU OA 53 33.93 82.35 81.82
C GLU OA 53 32.95 83.51 81.90
N LYS OA 54 33.00 84.46 80.96
CA LYS OA 54 32.02 85.55 80.98
C LYS OA 54 30.60 85.06 80.70
N LEU OA 55 30.46 83.90 80.06
CA LEU OA 55 29.14 83.30 79.87
C LEU OA 55 28.70 82.45 81.06
N LYS OA 56 29.58 82.24 82.04
CA LYS OA 56 29.21 81.41 83.20
C LYS OA 56 28.25 82.15 84.12
N GLN OA 57 28.49 83.43 84.37
CA GLN OA 57 27.63 84.22 85.25
C GLN OA 57 26.52 84.94 84.50
N SER OA 58 26.39 84.73 83.20
CA SER OA 58 25.35 85.39 82.40
C SER OA 58 24.10 84.54 82.25
N LEU OA 59 23.78 83.70 83.23
CA LEU OA 59 22.57 82.89 83.20
C LEU OA 59 21.61 83.41 84.27
N PRO OA 60 20.57 84.15 83.90
CA PRO OA 60 19.70 84.80 84.89
C PRO OA 60 18.91 83.83 85.76
N PRO OA 61 18.13 82.87 85.19
CA PRO OA 61 16.98 82.37 85.94
C PRO OA 61 17.30 81.34 87.01
N GLY OA 62 18.58 81.21 87.38
CA GLY OA 62 18.96 80.22 88.36
C GLY OA 62 18.84 78.80 87.83
N LEU OA 63 18.99 78.62 86.53
CA LEU OA 63 18.82 77.32 85.91
C LEU OA 63 20.00 76.41 86.27
N ALA OA 64 19.78 75.10 86.12
CA ALA OA 64 20.79 74.11 86.49
C ALA OA 64 22.03 74.27 85.63
N VAL OA 65 23.18 74.37 86.27
CA VAL OA 65 24.45 74.66 85.61
C VAL OA 65 25.42 73.51 85.83
N LYS OA 66 24.89 72.29 85.89
CA LYS OA 66 25.68 71.11 86.22
C LYS OA 66 26.84 70.92 85.24
N GLU OA 67 28.05 70.81 85.76
CA GLU OA 67 29.24 70.59 84.93
C GLU OA 67 29.28 69.14 84.48
N LEU OA 68 29.17 68.92 83.18
CA LEU OA 68 29.17 67.57 82.61
C LEU OA 68 30.61 67.12 82.45
N LYS OA 69 31.00 66.09 83.21
CA LYS OA 69 32.35 65.55 83.14
C LYS OA 69 32.49 64.64 81.94
N SER PA 1 2.89 31.12 64.96
CA SER PA 1 3.17 31.71 63.67
C SER PA 1 3.58 33.17 63.80
N SER PA 2 3.52 33.68 65.04
CA SER PA 2 3.89 35.04 65.41
C SER PA 2 3.04 36.11 64.72
N HIS PA 3 1.94 35.73 64.08
CA HIS PA 3 1.00 36.65 63.47
C HIS PA 3 -0.43 36.19 63.76
N LYS PA 4 -0.65 35.77 65.00
CA LYS PA 4 -1.95 35.22 65.39
C LYS PA 4 -3.00 36.32 65.48
N THR PA 5 -4.26 35.91 65.33
CA THR PA 5 -5.39 36.80 65.51
C THR PA 5 -5.83 36.77 66.98
N PHE PA 6 -6.83 37.58 67.31
CA PHE PA 6 -7.29 37.63 68.69
C PHE PA 6 -8.02 36.37 69.11
N ARG PA 7 -8.80 35.76 68.22
CA ARG PA 7 -9.51 34.54 68.57
C ARG PA 7 -8.56 33.35 68.64
N ILE PA 8 -7.53 33.32 67.80
CA ILE PA 8 -6.61 32.19 67.76
C ILE PA 8 -5.78 32.13 69.04
N LYS PA 9 -5.23 33.28 69.47
CA LYS PA 9 -4.50 33.32 70.73
C LYS PA 9 -5.42 33.04 71.92
N ARG PA 10 -6.66 33.53 71.87
CA ARG PA 10 -7.62 33.21 72.92
C ARG PA 10 -8.03 31.74 72.87
N PHE PA 11 -7.97 31.10 71.71
CA PHE PA 11 -8.21 29.66 71.64
C PHE PA 11 -7.03 28.88 72.19
N LEU PA 12 -5.80 29.28 71.85
CA LEU PA 12 -4.62 28.59 72.34
C LEU PA 12 -4.40 28.80 73.84
N ALA PA 13 -4.94 29.88 74.39
CA ALA PA 13 -4.81 30.12 75.83
C ALA PA 13 -5.59 29.08 76.64
N LYS PA 14 -6.78 28.71 76.18
CA LYS PA 14 -7.58 27.74 76.92
C LYS PA 14 -7.00 26.33 76.80
N LYS PA 15 -6.51 25.96 75.60
CA LYS PA 15 -5.89 24.66 75.43
C LYS PA 15 -4.59 24.53 76.22
N GLN PA 16 -3.92 25.64 76.53
CA GLN PA 16 -2.71 25.57 77.33
C GLN PA 16 -3.02 25.28 78.79
N LYS PA 17 -4.11 25.87 79.31
CA LYS PA 17 -4.49 25.64 80.70
C LYS PA 17 -5.13 24.27 80.90
N GLN PA 18 -5.66 23.66 79.85
CA GLN PA 18 -6.20 22.31 79.96
C GLN PA 18 -5.11 21.25 80.02
N ASN PA 19 -3.90 21.59 79.58
CA ASN PA 19 -2.76 20.66 79.62
C ASN PA 19 -2.05 20.83 80.95
N ARG PA 20 -2.61 20.19 81.98
CA ARG PA 20 -2.10 20.32 83.33
C ARG PA 20 -2.49 19.05 84.06
N PRO PA 21 -1.60 18.46 84.85
CA PRO PA 21 -1.93 17.22 85.55
C PRO PA 21 -2.99 17.45 86.61
N ILE PA 22 -3.70 16.37 86.95
CA ILE PA 22 -4.75 16.47 87.97
C ILE PA 22 -4.11 16.71 89.34
N PRO PA 23 -4.70 17.55 90.19
CA PRO PA 23 -4.15 17.75 91.53
C PRO PA 23 -4.29 16.50 92.39
N GLN PA 24 -3.42 16.40 93.40
CA GLN PA 24 -3.35 15.18 94.22
C GLN PA 24 -4.60 15.00 95.08
N TRP PA 25 -5.21 16.09 95.55
CA TRP PA 25 -6.33 15.97 96.48
C TRP PA 25 -7.60 15.46 95.83
N ILE PA 26 -7.64 15.32 94.50
CA ILE PA 26 -8.79 14.69 93.85
C ILE PA 26 -8.87 13.21 94.23
N ARG PA 27 -7.71 12.54 94.33
CA ARG PA 27 -7.67 11.09 94.50
C ARG PA 27 -8.25 10.63 95.83
N MET PA 28 -8.25 11.49 96.86
CA MET PA 28 -8.76 11.13 98.17
C MET PA 28 -10.25 11.42 98.33
N LYS PA 29 -10.93 11.81 97.25
CA LYS PA 29 -12.37 11.95 97.29
C LYS PA 29 -13.04 10.59 97.44
N THR PA 30 -14.26 10.60 97.99
CA THR PA 30 -14.95 9.34 98.26
C THR PA 30 -15.45 8.69 96.98
N GLY PA 31 -16.32 9.39 96.24
CA GLY PA 31 -16.87 8.85 95.01
C GLY PA 31 -16.01 9.17 93.80
N ASN PA 32 -14.73 8.84 93.88
CA ASN PA 32 -13.77 9.15 92.83
C ASN PA 32 -13.33 7.88 92.12
N LYS PA 33 -13.12 8.01 90.80
CA LYS PA 33 -12.58 6.91 90.01
C LYS PA 33 -11.54 7.41 88.99
N ILE PA 34 -11.08 8.65 89.11
CA ILE PA 34 -10.14 9.24 88.18
C ILE PA 34 -8.73 8.97 88.69
N ARG PA 35 -7.91 8.34 87.85
CA ARG PA 35 -6.53 8.01 88.21
C ARG PA 35 -5.53 9.02 87.64
N TYR PA 36 -5.62 9.31 86.34
CA TYR PA 36 -4.81 10.33 85.71
C TYR PA 36 -5.72 11.21 84.85
N ASN PA 37 -5.11 12.21 84.20
CA ASN PA 37 -5.90 13.16 83.43
C ASN PA 37 -6.47 12.56 82.16
N SER PA 38 -5.70 11.67 81.50
CA SER PA 38 -6.10 10.98 80.28
C SER PA 38 -6.46 11.92 79.13
N LYS PA 39 -6.09 13.20 79.25
CA LYS PA 39 -6.34 14.18 78.20
C LYS PA 39 -5.16 15.10 77.99
N ARG PA 40 -3.97 14.72 78.45
CA ARG PA 40 -2.79 15.58 78.38
C ARG PA 40 -2.31 15.67 76.94
N ARG PA 41 -2.74 16.74 76.26
CA ARG PA 41 -2.32 16.95 74.88
C ARG PA 41 -0.88 17.44 74.84
N HIS PA 42 -0.09 16.82 73.98
CA HIS PA 42 1.28 17.24 73.72
C HIS PA 42 1.42 17.67 72.28
N TRP PA 43 2.34 18.60 72.02
CA TRP PA 43 2.43 19.24 70.72
C TRP PA 43 3.02 18.34 69.62
N ARG PA 44 3.35 17.08 69.92
CA ARG PA 44 3.97 16.27 68.88
C ARG PA 44 3.00 15.29 68.23
N ARG PA 45 2.21 14.55 69.01
CA ARG PA 45 1.24 13.64 68.39
C ARG PA 45 -0.09 14.34 68.12
N THR PA 46 -0.53 15.18 69.04
CA THR PA 46 -1.74 15.98 68.85
C THR PA 46 -1.34 17.36 68.34
N LYS PA 47 -1.87 17.75 67.18
CA LYS PA 47 -1.36 18.90 66.46
C LYS PA 47 -2.37 20.04 66.34
N LEU PA 48 -3.54 19.91 66.97
CA LEU PA 48 -4.51 21.00 67.12
C LEU PA 48 -4.89 21.62 65.77
N GLY PA 49 -5.56 20.83 64.95
CA GLY PA 49 -6.03 21.31 63.67
C GLY PA 49 -6.96 22.50 63.79
N LEU PA 50 -6.46 23.68 63.45
CA LEU PA 50 -7.23 24.91 63.54
C LEU PA 50 -7.40 25.57 62.18
N ILE QA 1 56.58 -65.11 -4.65
CA ILE QA 1 56.95 -64.47 -3.40
C ILE QA 1 56.92 -65.51 -2.27
N ILE QA 2 56.23 -66.62 -2.50
CA ILE QA 2 56.09 -67.67 -1.50
C ILE QA 2 55.78 -68.97 -2.21
N GLU QA 3 56.01 -70.09 -1.52
CA GLU QA 3 55.73 -71.40 -2.13
C GLU QA 3 54.33 -71.84 -1.74
N PRO QA 4 53.63 -72.60 -2.61
CA PRO QA 4 52.17 -72.71 -2.47
C PRO QA 4 51.68 -73.58 -1.33
N SER QA 5 52.45 -74.58 -0.89
CA SER QA 5 51.94 -75.51 0.12
C SER QA 5 51.70 -74.83 1.46
N LEU QA 6 52.61 -73.95 1.89
CA LEU QA 6 52.37 -73.20 3.11
C LEU QA 6 51.39 -72.04 2.90
N ARG QA 7 51.12 -71.67 1.65
CA ARG QA 7 50.09 -70.66 1.40
C ARG QA 7 48.70 -71.19 1.74
N GLN QA 8 48.38 -72.39 1.25
CA GLN QA 8 47.08 -72.99 1.51
C GLN QA 8 46.90 -73.40 2.96
N LEU QA 9 47.99 -73.60 3.78
CA LEU QA 9 47.93 -73.86 5.22
C LEU QA 9 47.60 -72.57 5.98
N ALA QA 10 48.08 -71.43 5.47
CA ALA QA 10 47.70 -70.15 6.05
C ALA QA 10 46.27 -69.76 5.68
N GLN QA 11 45.81 -70.18 4.49
CA GLN QA 11 44.41 -69.97 4.13
C GLN QA 11 43.48 -70.72 5.07
N LYS QA 12 43.94 -71.84 5.64
CA LYS QA 12 43.05 -72.69 6.42
C LYS QA 12 42.69 -72.05 7.76
N TYR QA 13 43.59 -71.22 8.29
CA TYR QA 13 43.29 -70.46 9.50
C TYR QA 13 42.77 -69.05 9.22
N ASN QA 14 42.68 -68.63 7.96
CA ASN QA 14 42.38 -67.24 7.69
C ASN QA 14 41.21 -67.05 6.73
N CYS QA 15 41.06 -67.94 5.76
CA CYS QA 15 40.15 -67.69 4.64
C CYS QA 15 38.98 -68.66 4.56
N ASP QA 16 39.39 -70.00 4.72
CA ASP QA 16 38.41 -71.08 4.61
C ASP QA 16 37.53 -71.15 5.87
N LYS QA 17 36.68 -70.13 6.00
CA LYS QA 17 35.82 -69.97 7.15
C LYS QA 17 34.40 -69.64 6.69
N MET QA 18 33.44 -69.87 7.58
CA MET QA 18 32.05 -69.52 7.35
C MET QA 18 31.68 -68.30 8.19
N ILE QA 19 30.87 -67.41 7.62
CA ILE QA 19 30.50 -66.16 8.26
C ILE QA 19 28.99 -66.16 8.48
N CYS QA 20 28.58 -65.97 9.74
CA CYS QA 20 27.16 -65.86 10.05
C CYS QA 20 26.65 -64.51 9.54
N ARG QA 21 25.55 -64.54 8.79
CA ARG QA 21 25.08 -63.35 8.10
C ARG QA 21 24.60 -62.27 9.07
N LYS QA 22 23.97 -62.66 10.16
CA LYS QA 22 23.43 -61.70 11.12
C LYS QA 22 24.52 -61.10 12.01
N CYS QA 23 25.49 -61.91 12.42
CA CYS QA 23 26.39 -61.56 13.51
C CYS QA 23 27.86 -61.51 13.10
N TYR QA 24 28.18 -61.83 11.85
CA TYR QA 24 29.53 -61.70 11.29
C TYR QA 24 30.58 -62.54 12.04
N ALA QA 25 30.18 -63.64 12.67
CA ALA QA 25 31.13 -64.48 13.39
C ALA QA 25 31.92 -65.33 12.40
N ARG QA 26 33.11 -65.73 12.84
CA ARG QA 26 34.01 -66.57 12.04
C ARG QA 26 33.87 -68.01 12.52
N LEU QA 27 33.38 -68.89 11.64
CA LEU QA 27 33.10 -70.27 11.97
C LEU QA 27 33.94 -71.21 11.13
N HIS QA 28 34.02 -72.47 11.57
CA HIS QA 28 34.72 -73.49 10.79
C HIS QA 28 33.95 -73.78 9.51
N PRO QA 29 34.66 -74.15 8.42
CA PRO QA 29 34.03 -74.18 7.10
C PRO QA 29 33.00 -75.27 6.89
N ARG QA 30 32.79 -76.17 7.86
CA ARG QA 30 31.78 -77.21 7.73
C ARG QA 30 30.57 -76.97 8.62
N ALA QA 31 30.44 -75.77 9.19
CA ALA QA 31 29.36 -75.48 10.11
C ALA QA 31 28.03 -75.33 9.37
N VAL QA 32 26.95 -75.63 10.09
CA VAL QA 32 25.60 -75.42 9.58
C VAL QA 32 24.75 -74.53 10.49
N ASN QA 33 25.09 -74.41 11.77
CA ASN QA 33 24.44 -73.50 12.69
C ASN QA 33 25.51 -72.66 13.37
N CYS QA 34 25.17 -71.42 13.69
CA CYS QA 34 26.13 -70.56 14.37
C CYS QA 34 26.28 -70.98 15.82
N ARG QA 35 27.52 -71.00 16.30
CA ARG QA 35 27.80 -71.47 17.66
C ARG QA 35 27.45 -70.43 18.73
N LYS QA 36 27.17 -69.20 18.33
CA LYS QA 36 27.11 -68.09 19.27
C LYS QA 36 25.69 -67.91 19.80
N LYS QA 37 25.57 -67.17 20.90
CA LYS QA 37 24.33 -67.19 21.65
C LYS QA 37 23.31 -66.15 21.20
N LYS QA 38 23.66 -64.86 21.25
CA LYS QA 38 22.61 -63.85 21.16
C LYS QA 38 22.20 -63.57 19.72
N CYS QA 39 22.87 -64.18 18.74
CA CYS QA 39 22.33 -64.17 17.39
C CYS QA 39 21.32 -65.29 17.18
N GLY QA 40 21.29 -66.28 18.06
CA GLY QA 40 20.26 -67.31 18.07
C GLY QA 40 20.49 -68.48 17.12
N HIS QA 41 21.73 -68.71 16.70
CA HIS QA 41 22.09 -69.79 15.78
C HIS QA 41 21.25 -69.74 14.50
N THR QA 42 21.16 -68.54 13.90
CA THR QA 42 20.20 -68.27 12.84
C THR QA 42 20.49 -69.03 11.54
N ASN QA 43 21.56 -69.83 11.49
CA ASN QA 43 21.97 -70.69 10.38
C ASN QA 43 22.09 -69.97 9.04
N ASN QA 44 22.12 -68.64 9.04
CA ASN QA 44 22.38 -67.86 7.82
C ASN QA 44 23.89 -67.69 7.73
N LEU QA 45 24.54 -68.66 7.08
CA LEU QA 45 25.99 -68.69 6.98
C LEU QA 45 26.40 -68.53 5.52
N ARG QA 46 27.48 -67.79 5.31
CA ARG QA 46 28.07 -67.59 4.00
C ARG QA 46 29.56 -67.91 4.05
N PRO QA 47 30.13 -68.37 2.94
CA PRO QA 47 31.58 -68.53 2.88
C PRO QA 47 32.29 -67.20 2.97
N LYS QA 48 33.46 -67.22 3.60
CA LYS QA 48 34.27 -66.01 3.70
C LYS QA 48 34.75 -65.59 2.31
N LYS QA 49 34.73 -64.28 2.07
CA LYS QA 49 35.02 -63.76 0.73
C LYS QA 49 36.50 -63.96 0.42
N LYS QA 50 36.77 -64.75 -0.62
CA LYS QA 50 38.14 -64.96 -1.07
C LYS QA 50 38.70 -63.67 -1.67
N VAL QA 51 39.96 -63.38 -1.35
CA VAL QA 51 40.60 -62.15 -1.80
C VAL QA 51 40.87 -62.24 -3.30
N LYS QA 52 40.70 -61.12 -4.00
CA LYS QA 52 40.91 -61.07 -5.43
C LYS QA 52 42.40 -60.93 -5.75
N ARG RA 1 9.01 20.67 -35.11
CA ARG RA 1 9.47 21.99 -34.68
C ARG RA 1 10.57 21.86 -33.64
N ALA RA 2 11.67 22.57 -33.88
CA ALA RA 2 12.87 22.44 -33.05
C ALA RA 2 12.72 23.04 -31.66
N LYS RA 3 11.62 23.75 -31.38
CA LYS RA 3 11.46 24.35 -30.06
C LYS RA 3 11.34 23.30 -28.97
N TRP RA 4 10.57 22.24 -29.22
CA TRP RA 4 10.40 21.19 -28.22
C TRP RA 4 11.40 20.06 -28.37
N ARG RA 5 12.26 20.09 -29.40
CA ARG RA 5 13.45 19.25 -29.37
C ARG RA 5 14.39 19.71 -28.27
N LYS RA 6 14.44 21.01 -28.00
CA LYS RA 6 15.22 21.52 -26.88
C LYS RA 6 14.52 21.21 -25.55
N LYS RA 7 13.19 21.34 -25.51
CA LYS RA 7 12.45 21.13 -24.27
C LYS RA 7 12.47 19.67 -23.85
N ARG RA 8 12.59 18.75 -24.81
CA ARG RA 8 12.74 17.34 -24.48
C ARG RA 8 14.04 17.09 -23.74
N MET RA 9 15.13 17.76 -24.16
CA MET RA 9 16.40 17.62 -23.45
C MET RA 9 16.33 18.27 -22.07
N ARG RA 10 15.51 19.32 -21.93
CA ARG RA 10 15.36 20.00 -20.65
C ARG RA 10 14.67 19.13 -19.60
N ARG RA 11 13.69 18.33 -20.00
CA ARG RA 11 13.09 17.37 -19.08
C ARG RA 11 14.05 16.25 -18.71
N LEU RA 12 14.96 15.88 -19.62
CA LEU RA 12 15.96 14.88 -19.31
C LEU RA 12 16.97 15.38 -18.27
N LYS RA 13 17.30 16.67 -18.33
CA LYS RA 13 18.27 17.23 -17.38
C LYS RA 13 17.69 17.34 -15.97
N ARG RA 14 16.42 17.70 -15.84
CA ARG RA 14 15.80 17.75 -14.51
C ARG RA 14 15.70 16.35 -13.90
N LYS RA 15 15.37 15.36 -14.73
CA LYS RA 15 15.37 13.97 -14.28
C LYS RA 15 16.78 13.51 -13.90
N ARG RA 16 17.79 13.91 -14.68
CA ARG RA 16 19.16 13.47 -14.42
C ARG RA 16 19.78 14.20 -13.23
N ARG RA 17 19.35 15.43 -12.95
CA ARG RA 17 19.86 16.13 -11.77
C ARG RA 17 19.21 15.64 -10.48
N LYS RA 18 17.97 15.14 -10.56
CA LYS RA 18 17.32 14.65 -9.35
C LYS RA 18 17.94 13.36 -8.85
N MET RA 19 18.45 12.52 -9.74
CA MET RA 19 19.11 11.29 -9.31
C MET RA 19 20.53 11.55 -8.80
N ARG RA 20 21.07 12.74 -9.05
CA ARG RA 20 22.35 13.12 -8.44
C ARG RA 20 22.21 13.28 -6.93
N GLN RA 21 21.13 13.93 -6.49
CA GLN RA 21 20.92 14.18 -5.08
C GLN RA 21 20.47 12.92 -4.32
N ARG RA 22 19.86 11.96 -5.03
CA ARG RA 22 19.42 10.73 -4.38
C ARG RA 22 20.59 9.91 -3.86
N SER RA 23 21.70 9.88 -4.60
CA SER RA 23 22.88 9.14 -4.18
C SER RA 23 23.56 9.81 -2.99
N VAL SA 1 -53.02 -22.71 -5.36
CA VAL SA 1 -54.06 -23.72 -5.50
C VAL SA 1 -55.26 -23.03 -6.13
N ASN SA 2 -56.12 -23.80 -6.82
CA ASN SA 2 -57.28 -23.28 -7.51
C ASN SA 2 -58.54 -23.79 -6.82
N VAL SA 3 -59.46 -22.89 -6.50
CA VAL SA 3 -60.79 -23.26 -6.01
C VAL SA 3 -61.82 -22.53 -6.85
N PRO SA 4 -63.01 -23.09 -7.05
CA PRO SA 4 -64.00 -22.44 -7.90
C PRO SA 4 -64.67 -21.27 -7.19
N LYS SA 5 -65.32 -20.42 -7.99
CA LYS SA 5 -66.10 -19.33 -7.44
C LYS SA 5 -67.45 -19.78 -6.92
N THR SA 6 -67.90 -20.99 -7.28
CA THR SA 6 -69.16 -21.55 -6.80
C THR SA 6 -68.90 -22.90 -6.17
N ARG SA 7 -69.52 -23.15 -5.02
CA ARG SA 7 -69.35 -24.41 -4.31
C ARG SA 7 -70.64 -24.70 -3.54
N ARG SA 8 -71.23 -25.86 -3.79
CA ARG SA 8 -72.45 -26.27 -3.07
C ARG SA 8 -72.04 -27.02 -1.81
N THR SA 9 -72.22 -26.38 -0.66
CA THR SA 9 -71.84 -26.95 0.62
C THR SA 9 -72.94 -26.70 1.64
N PHE SA 10 -72.67 -27.08 2.88
CA PHE SA 10 -73.67 -27.00 3.94
C PHE SA 10 -73.90 -25.56 4.37
N CYS SA 11 -75.14 -25.28 4.78
CA CYS SA 11 -75.53 -24.00 5.35
C CYS SA 11 -76.08 -24.22 6.75
N LYS SA 12 -75.66 -23.38 7.69
CA LYS SA 12 -76.04 -23.57 9.09
C LYS SA 12 -77.51 -23.25 9.35
N LYS SA 13 -77.99 -22.11 8.83
CA LYS SA 13 -79.34 -21.67 9.15
C LYS SA 13 -80.39 -22.52 8.45
N CYS SA 14 -80.21 -22.80 7.15
CA CYS SA 14 -81.19 -23.63 6.43
C CYS SA 14 -81.07 -25.10 6.82
N GLY SA 15 -79.85 -25.61 6.93
CA GLY SA 15 -79.63 -26.98 7.28
C GLY SA 15 -79.45 -27.94 6.12
N LYS SA 16 -79.40 -27.43 4.89
CA LYS SA 16 -79.27 -28.26 3.71
C LYS SA 16 -78.13 -27.76 2.83
N HIS SA 17 -77.60 -28.66 2.01
CA HIS SA 17 -76.58 -28.30 1.03
C HIS SA 17 -77.15 -27.38 -0.03
N GLN SA 18 -76.60 -26.18 -0.13
CA GLN SA 18 -77.03 -25.17 -1.09
C GLN SA 18 -75.80 -24.62 -1.79
N PRO SA 19 -75.95 -24.12 -3.01
CA PRO SA 19 -74.82 -23.47 -3.68
C PRO SA 19 -74.37 -22.22 -2.94
N HIS SA 20 -73.07 -21.96 -2.97
CA HIS SA 20 -72.49 -20.83 -2.26
C HIS SA 20 -71.53 -20.09 -3.18
N LYS SA 21 -71.40 -18.78 -2.93
CA LYS SA 21 -70.47 -17.94 -3.66
C LYS SA 21 -69.15 -17.89 -2.90
N VAL SA 22 -68.05 -18.06 -3.62
CA VAL SA 22 -66.72 -18.20 -3.02
C VAL SA 22 -65.91 -16.94 -3.31
N THR SA 23 -65.36 -16.35 -2.26
CA THR SA 23 -64.46 -15.20 -2.37
C THR SA 23 -63.48 -15.25 -1.21
N GLN SA 24 -62.38 -14.49 -1.36
CA GLN SA 24 -61.30 -14.49 -0.39
C GLN SA 24 -61.50 -13.35 0.61
N TYR SA 25 -61.44 -13.69 1.90
CA TYR SA 25 -61.60 -12.71 2.96
C TYR SA 25 -60.29 -12.00 3.24
N LYS SA 26 -60.37 -10.67 3.37
CA LYS SA 26 -59.20 -9.84 3.62
C LYS SA 26 -59.37 -9.11 4.95
N LYS SA 27 -58.25 -8.86 5.62
CA LYS SA 27 -58.28 -8.20 6.91
C LYS SA 27 -58.80 -6.77 6.79
N GLY SA 28 -59.72 -6.42 7.69
CA GLY SA 28 -60.29 -5.09 7.72
C GLY SA 28 -59.46 -4.13 8.55
N LYS SA 29 -59.94 -2.89 8.58
CA LYS SA 29 -59.30 -1.85 9.37
C LYS SA 29 -59.48 -2.10 10.86
N ASP SA 30 -58.53 -1.62 11.66
CA ASP SA 30 -58.52 -1.87 13.09
C ASP SA 30 -59.62 -1.10 13.82
N SER SA 31 -60.24 -0.11 13.17
CA SER SA 31 -61.38 0.69 13.63
C SER SA 31 -61.04 1.64 14.76
N LEU SA 32 -59.84 1.55 15.36
CA LEU SA 32 -59.25 2.56 16.22
C LEU SA 32 -59.98 2.73 17.55
N TYR SA 33 -61.11 2.04 17.73
CA TYR SA 33 -61.94 2.19 18.93
C TYR SA 33 -62.22 0.86 19.62
N ALA SA 34 -61.37 -0.15 19.41
CA ALA SA 34 -61.51 -1.40 20.13
C ALA SA 34 -60.99 -1.25 21.56
N GLN SA 35 -61.28 -2.25 22.39
CA GLN SA 35 -60.84 -2.21 23.78
C GLN SA 35 -59.31 -2.26 23.89
N GLY SA 36 -58.68 -3.15 23.12
CA GLY SA 36 -57.23 -3.20 23.11
C GLY SA 36 -56.56 -2.00 22.51
N LYS SA 37 -57.16 -1.41 21.47
CA LYS SA 37 -56.61 -0.20 20.87
C LYS SA 37 -56.75 0.99 21.79
N ARG SA 38 -57.90 1.12 22.47
CA ARG SA 38 -58.06 2.18 23.47
C ARG SA 38 -57.13 1.98 24.66
N ARG SA 39 -56.93 0.72 25.08
CA ARG SA 39 -55.97 0.44 26.14
C ARG SA 39 -54.54 0.77 25.69
N TYR SA 40 -54.21 0.43 24.45
CA TYR SA 40 -52.86 0.69 23.94
C TYR SA 40 -52.62 2.17 23.69
N ASP SA 41 -53.62 2.90 23.20
CA ASP SA 41 -53.46 4.33 23.00
C ASP SA 41 -53.34 5.09 24.31
N ARG SA 42 -54.06 4.68 25.35
CA ARG SA 42 -53.89 5.30 26.66
C ARG SA 42 -52.54 4.96 27.27
N LYS SA 43 -52.09 3.71 27.11
CA LYS SA 43 -50.81 3.30 27.67
C LYS SA 43 -49.64 4.02 26.98
N GLN SA 44 -49.72 4.15 25.66
CA GLN SA 44 -48.64 4.80 24.91
C GLN SA 44 -48.69 6.31 25.05
N SER SA 45 -49.81 6.87 25.50
CA SER SA 45 -49.88 8.29 25.76
C SER SA 45 -48.98 8.65 26.94
N GLY SA 46 -48.33 9.80 26.83
CA GLY SA 46 -47.37 10.20 27.84
C GLY SA 46 -45.99 9.63 27.57
N TYR SA 47 -45.14 9.74 28.58
CA TYR SA 47 -43.75 9.34 28.46
C TYR SA 47 -43.55 7.91 28.97
N GLY SA 48 -42.43 7.32 28.56
CA GLY SA 48 -42.17 5.93 28.90
C GLY SA 48 -41.72 5.11 27.70
N GLY SA 49 -41.56 5.77 26.56
CA GLY SA 49 -41.19 5.07 25.34
C GLY SA 49 -42.31 4.25 24.77
N GLN SA 50 -42.08 2.96 24.58
CA GLN SA 50 -43.10 2.04 24.10
C GLN SA 50 -43.30 0.94 25.13
N THR SA 51 -44.56 0.58 25.37
CA THR SA 51 -44.91 -0.34 26.43
C THR SA 51 -45.05 -1.79 25.96
N LYS SA 52 -45.62 -2.01 24.79
CA LYS SA 52 -45.88 -3.35 24.30
C LYS SA 52 -44.89 -3.72 23.20
N PRO SA 53 -44.53 -5.01 23.10
CA PRO SA 53 -43.48 -5.42 22.16
C PRO SA 53 -43.91 -5.31 20.70
N ILE SA 54 -42.91 -5.22 19.83
CA ILE SA 54 -43.09 -5.28 18.38
C ILE SA 54 -42.47 -6.57 17.88
N PHE SA 55 -43.26 -7.39 17.21
CA PHE SA 55 -42.77 -8.65 16.66
C PHE SA 55 -41.95 -8.36 15.41
N ARG SA 56 -40.66 -8.69 15.46
CA ARG SA 56 -39.75 -8.46 14.34
C ARG SA 56 -38.90 -9.69 14.08
N LYS SA 57 -39.51 -10.87 14.16
CA LYS SA 57 -38.84 -12.14 13.93
C LYS SA 57 -39.70 -13.02 13.02
N LYS SA 58 -40.16 -12.44 11.91
CA LYS SA 58 -41.03 -13.17 10.99
C LYS SA 58 -40.28 -14.33 10.35
N ALA SA 59 -40.96 -15.47 10.23
CA ALA SA 59 -40.37 -16.66 9.65
C ALA SA 59 -41.28 -17.28 8.61
N LYS SA 60 -42.59 -17.02 8.72
CA LYS SA 60 -43.54 -17.55 7.75
C LYS SA 60 -43.44 -16.75 6.45
N THR SA 61 -43.37 -17.47 5.34
CA THR SA 61 -43.37 -16.87 4.01
C THR SA 61 -44.73 -16.96 3.34
N THR SA 62 -45.74 -17.52 4.02
CA THR SA 62 -47.08 -17.69 3.48
C THR SA 62 -48.09 -17.34 4.56
N LYS SA 63 -49.38 -17.45 4.19
CA LYS SA 63 -50.49 -17.30 5.12
C LYS SA 63 -51.51 -18.39 4.84
N LYS SA 64 -52.29 -18.74 5.86
CA LYS SA 64 -53.38 -19.69 5.68
C LYS SA 64 -54.50 -19.02 4.89
N ILE SA 65 -54.74 -19.50 3.67
CA ILE SA 65 -55.75 -18.91 2.81
C ILE SA 65 -57.13 -19.21 3.37
N VAL SA 66 -58.02 -18.22 3.28
CA VAL SA 66 -59.34 -18.29 3.86
C VAL SA 66 -60.36 -17.94 2.79
N LEU SA 67 -61.44 -18.71 2.71
CA LEU SA 67 -62.53 -18.41 1.80
C LEU SA 67 -63.62 -17.66 2.55
N ARG SA 68 -64.57 -17.11 1.80
CA ARG SA 68 -65.75 -16.44 2.35
C ARG SA 68 -66.97 -16.96 1.60
N LEU SA 69 -67.68 -17.91 2.21
CA LEU SA 69 -68.79 -18.57 1.54
C LEU SA 69 -70.05 -17.73 1.68
N GLU SA 70 -70.57 -17.25 0.55
CA GLU SA 70 -71.78 -16.46 0.49
C GLU SA 70 -72.95 -17.32 0.03
N CYS SA 71 -74.04 -17.31 0.81
CA CYS SA 71 -75.21 -18.10 0.45
C CYS SA 71 -76.02 -17.37 -0.61
N VAL SA 72 -76.15 -17.98 -1.79
CA VAL SA 72 -76.78 -17.29 -2.92
C VAL SA 72 -78.30 -17.35 -2.80
N GLU SA 73 -78.82 -18.35 -2.09
CA GLU SA 73 -80.26 -18.50 -1.94
C GLU SA 73 -80.80 -17.34 -1.10
N PRO SA 74 -81.84 -16.66 -1.56
CA PRO SA 74 -82.22 -15.37 -0.96
C PRO SA 74 -82.86 -15.52 0.42
N ASN SA 75 -82.80 -14.42 1.16
CA ASN SA 75 -83.35 -14.26 2.51
C ASN SA 75 -82.62 -15.10 3.55
N CYS SA 76 -81.56 -15.80 3.13
CA CYS SA 76 -80.68 -16.48 4.09
C CYS SA 76 -79.40 -15.66 4.27
N ARG SA 77 -78.63 -15.51 3.18
CA ARG SA 77 -77.43 -14.67 3.13
C ARG SA 77 -76.45 -14.98 4.26
N SER SA 78 -76.23 -16.27 4.51
CA SER SA 78 -75.35 -16.71 5.59
C SER SA 78 -73.90 -16.71 5.13
N LYS SA 79 -73.03 -16.12 5.93
CA LYS SA 79 -71.63 -16.01 5.58
C LYS SA 79 -70.82 -16.99 6.42
N ARG SA 80 -69.79 -17.60 5.80
CA ARG SA 80 -68.95 -18.56 6.51
C ARG SA 80 -67.56 -18.55 5.90
N MET SA 81 -66.57 -18.89 6.71
CA MET SA 81 -65.18 -19.00 6.29
C MET SA 81 -64.72 -20.44 6.41
N LEU SA 82 -64.08 -20.94 5.36
CA LEU SA 82 -63.50 -22.28 5.34
C LEU SA 82 -61.98 -22.14 5.22
N ALA SA 83 -61.25 -22.90 6.02
CA ALA SA 83 -59.80 -22.81 6.08
C ALA SA 83 -59.15 -23.88 5.21
N ILE SA 84 -58.14 -23.46 4.44
CA ILE SA 84 -57.41 -24.34 3.55
C ILE SA 84 -55.92 -24.22 3.90
N LYS SA 85 -55.17 -25.29 3.67
CA LYS SA 85 -53.76 -25.37 4.02
C LYS SA 85 -52.95 -24.27 3.33
N ARG SA 86 -51.74 -24.05 3.85
CA ARG SA 86 -50.93 -22.92 3.45
C ARG SA 86 -50.43 -23.06 2.00
N CYS SA 87 -50.45 -21.94 1.27
CA CYS SA 87 -49.90 -21.90 -0.07
C CYS SA 87 -49.55 -20.45 -0.41
N LYS SA 88 -48.62 -20.29 -1.35
CA LYS SA 88 -48.19 -18.97 -1.81
C LYS SA 88 -48.83 -18.55 -3.13
N HIS SA 89 -49.63 -19.42 -3.74
CA HIS SA 89 -50.36 -19.08 -4.96
C HIS SA 89 -51.83 -19.41 -4.78
N PHE SA 90 -52.70 -18.51 -5.25
CA PHE SA 90 -54.12 -18.67 -5.05
C PHE SA 90 -54.88 -17.84 -6.09
N GLU SA 91 -55.78 -18.47 -6.81
CA GLU SA 91 -56.63 -17.79 -7.77
C GLU SA 91 -57.99 -18.49 -7.80
N LEU SA 92 -58.94 -17.89 -8.52
CA LEU SA 92 -60.34 -18.27 -8.45
C LEU SA 92 -60.90 -18.62 -9.82
N GLY SA 93 -61.42 -19.84 -9.94
CA GLY SA 93 -62.32 -20.20 -11.02
C GLY SA 93 -61.74 -20.22 -12.42
N GLY SA 94 -60.43 -20.34 -12.56
CA GLY SA 94 -59.79 -20.35 -13.86
C GLY SA 94 -58.89 -21.56 -14.07
N ASP SA 95 -58.46 -21.72 -15.33
CA ASP SA 95 -57.45 -22.70 -15.77
C ASP SA 95 -57.64 -24.10 -15.19
N LYS SA 96 -58.71 -24.79 -15.58
CA LYS SA 96 -59.05 -26.14 -15.12
C LYS SA 96 -58.02 -27.23 -15.55
N LYS SA 97 -56.94 -26.81 -16.20
CA LYS SA 97 -55.70 -27.50 -16.54
C LYS SA 97 -55.84 -28.47 -17.72
N ARG SA 98 -57.06 -28.79 -18.17
CA ARG SA 98 -57.33 -29.48 -19.44
C ARG SA 98 -56.49 -30.75 -19.58
N LYS SA 99 -56.82 -31.74 -18.74
CA LYS SA 99 -56.07 -32.99 -18.69
C LYS SA 99 -56.04 -33.68 -20.05
N GLY SA 100 -54.83 -33.91 -20.56
CA GLY SA 100 -54.64 -34.50 -21.88
C GLY SA 100 -54.51 -33.47 -22.99
N GLN SA 101 -53.58 -32.53 -22.84
CA GLN SA 101 -53.48 -31.38 -23.72
C GLN SA 101 -51.99 -31.13 -23.96
N VAL SA 102 -51.71 -30.20 -24.88
CA VAL SA 102 -50.36 -29.91 -25.32
C VAL SA 102 -49.50 -29.43 -24.15
N ILE SA 103 -48.30 -29.98 -24.04
CA ILE SA 103 -47.27 -29.50 -23.12
C ILE SA 103 -46.21 -28.79 -23.95
N GLN SA 104 -45.97 -27.51 -23.64
CA GLN SA 104 -44.94 -26.77 -24.34
C GLN SA 104 -44.35 -25.65 -23.47
N ALA TA 1 27.41 42.25 3.25
CA ALA TA 1 28.55 41.91 2.40
C ALA TA 1 29.85 42.00 3.18
N LYS TA 2 29.89 42.91 4.16
CA LYS TA 2 31.07 43.07 4.99
C LYS TA 2 31.29 41.88 5.91
N ARG TA 3 30.22 41.44 6.58
CA ARG TA 3 30.32 40.41 7.60
C ARG TA 3 29.57 39.13 7.25
N THR TA 4 28.36 39.25 6.70
CA THR TA 4 27.65 38.09 6.20
C THR TA 4 27.09 38.41 4.82
N LYS TA 5 26.83 37.36 4.04
CA LYS TA 5 26.69 37.55 2.60
C LYS TA 5 25.28 37.97 2.20
N LYS TA 6 24.25 37.22 2.61
CA LYS TA 6 22.90 37.68 2.25
C LYS TA 6 21.86 37.53 3.36
N VAL TA 7 22.23 37.20 4.58
CA VAL TA 7 21.20 37.01 5.61
C VAL TA 7 20.86 38.30 6.33
N GLY TA 8 21.87 39.08 6.74
CA GLY TA 8 21.62 40.38 7.34
C GLY TA 8 20.83 40.36 8.63
N ILE TA 9 19.69 41.05 8.63
CA ILE TA 9 18.86 41.17 9.82
C ILE TA 9 18.29 39.83 10.28
N VAL TA 10 18.17 38.85 9.39
CA VAL TA 10 17.68 37.53 9.81
C VAL TA 10 18.86 36.60 10.02
N GLY TA 11 20.06 37.18 10.13
CA GLY TA 11 21.20 36.41 10.59
C GLY TA 11 21.11 36.01 12.05
N LYS TA 12 20.25 36.67 12.82
CA LYS TA 12 20.00 36.26 14.20
C LYS TA 12 19.10 35.03 14.30
N TYR TA 13 18.34 34.73 13.27
CA TYR TA 13 17.44 33.57 13.30
C TYR TA 13 18.15 32.26 12.95
N GLY TA 14 19.36 32.31 12.40
CA GLY TA 14 20.16 31.08 12.27
C GLY TA 14 19.71 30.18 11.15
N THR TA 15 19.85 28.86 11.36
CA THR TA 15 19.62 27.84 10.35
C THR TA 15 18.15 27.44 10.25
N ARG TA 16 17.32 27.94 11.16
CA ARG TA 16 15.97 27.50 11.44
C ARG TA 16 14.92 28.37 10.74
N TYR TA 17 13.68 27.88 10.83
CA TYR TA 17 12.47 28.48 10.27
C TYR TA 17 12.49 28.58 8.75
N GLY TA 18 13.42 27.93 8.09
CA GLY TA 18 13.47 27.99 6.63
C GLY TA 18 14.09 29.28 6.13
N ALA TA 19 14.59 29.22 4.90
CA ALA TA 19 15.17 30.42 4.28
C ALA TA 19 14.09 31.38 3.82
N SER TA 20 13.00 30.86 3.27
CA SER TA 20 11.95 31.70 2.71
C SER TA 20 11.23 32.54 3.75
N LEU TA 21 10.88 31.95 4.91
CA LEU TA 21 10.23 32.72 5.96
C LEU TA 21 11.21 33.73 6.57
N ARG TA 22 12.49 33.37 6.65
CA ARG TA 22 13.50 34.35 6.99
C ARG TA 22 13.62 35.42 5.91
N LYS TA 23 13.46 35.03 4.65
CA LYS TA 23 13.54 36.01 3.56
C LYS TA 23 12.34 36.93 3.54
N MET TA 24 11.15 36.43 3.92
CA MET TA 24 9.95 37.27 3.93
C MET TA 24 10.03 38.36 4.99
N VAL TA 25 10.55 38.06 6.18
CA VAL TA 25 10.61 39.06 7.24
C VAL TA 25 11.85 39.93 7.15
N LYS TA 26 12.77 39.62 6.24
CA LYS TA 26 13.93 40.49 6.06
C LYS TA 26 13.52 41.87 5.55
N LYS TA 27 12.52 41.92 4.67
CA LYS TA 27 11.99 43.22 4.24
C LYS TA 27 11.17 43.87 5.35
N ILE TA 28 10.63 43.06 6.27
CA ILE TA 28 9.81 43.61 7.35
C ILE TA 28 10.68 44.16 8.48
N GLU TA 29 11.71 43.41 8.88
CA GLU TA 29 12.54 43.81 10.02
C GLU TA 29 13.31 45.08 9.75
N ILE TA 30 13.79 45.27 8.51
CA ILE TA 30 14.50 46.51 8.17
C ILE TA 30 13.54 47.70 8.25
N SER TA 31 12.35 47.56 7.70
CA SER TA 31 11.37 48.64 7.75
C SER TA 31 10.81 48.83 9.15
N GLN TA 32 10.82 47.78 9.97
CA GLN TA 32 10.33 47.88 11.34
C GLN TA 32 11.26 48.69 12.21
N HIS TA 33 12.57 48.56 12.01
CA HIS TA 33 13.57 49.20 12.85
C HIS TA 33 14.25 50.39 12.18
N ALA TA 34 13.76 50.82 11.02
CA ALA TA 34 14.40 51.90 10.29
C ALA TA 34 14.14 53.24 10.98
N LYS TA 35 15.16 54.09 10.98
CA LYS TA 35 15.02 55.46 11.48
C LYS TA 35 14.47 56.32 10.35
N TYR TA 36 13.15 56.39 10.25
CA TYR TA 36 12.51 57.17 9.20
C TYR TA 36 12.68 58.66 9.47
N THR TA 37 12.60 59.44 8.40
CA THR TA 37 12.61 60.89 8.53
C THR TA 37 11.26 61.38 9.05
N CYS TA 38 11.24 62.62 9.53
CA CYS TA 38 10.04 63.22 10.08
C CYS TA 38 9.44 64.19 9.09
N SER TA 39 8.11 64.26 9.09
CA SER TA 39 7.35 65.15 8.21
C SER TA 39 7.00 66.45 8.93
N PHE TA 40 7.50 66.60 10.15
CA PHE TA 40 7.22 67.79 10.95
C PHE TA 40 8.51 68.54 11.25
N CYS TA 41 9.54 67.81 11.69
CA CYS TA 41 10.84 68.41 11.97
C CYS TA 41 11.85 68.13 10.86
N GLY TA 42 11.83 66.93 10.29
CA GLY TA 42 12.78 66.54 9.26
C GLY TA 42 13.88 65.63 9.74
N LYS TA 43 14.09 65.53 11.06
CA LYS TA 43 15.13 64.68 11.61
C LYS TA 43 14.74 63.21 11.50
N THR TA 44 15.75 62.36 11.35
CA THR TA 44 15.54 60.92 11.21
C THR TA 44 15.48 60.24 12.57
N LYS TA 45 14.38 60.49 13.29
CA LYS TA 45 14.21 60.03 14.65
C LYS TA 45 12.85 59.36 14.84
N MET TA 46 12.43 58.56 13.86
CA MET TA 46 11.10 57.95 13.88
C MET TA 46 11.24 56.48 14.29
N LYS TA 47 10.53 56.08 15.34
CA LYS TA 47 10.63 54.71 15.85
C LYS TA 47 9.25 54.11 16.12
N ARG TA 48 9.21 52.78 16.10
CA ARG TA 48 8.02 51.99 16.40
C ARG TA 48 7.98 51.67 17.90
N ARG TA 49 7.22 52.45 18.66
CA ARG TA 49 7.05 52.16 20.07
C ARG TA 49 6.25 50.89 20.29
N ALA TA 50 5.15 50.75 19.54
CA ALA TA 50 4.25 49.60 19.66
C ALA TA 50 3.59 49.39 18.29
N VAL TA 51 2.51 48.61 18.27
CA VAL TA 51 1.91 48.18 17.01
C VAL TA 51 1.20 49.35 16.35
N GLY TA 52 1.60 49.68 15.13
CA GLY TA 52 0.91 50.68 14.34
C GLY TA 52 1.15 52.11 14.76
N ILE TA 53 2.06 52.37 15.69
CA ILE TA 53 2.25 53.71 16.24
C ILE TA 53 3.65 54.19 15.89
N TRP TA 54 3.76 55.47 15.53
CA TRP TA 54 4.95 56.10 14.97
C TRP TA 54 5.24 57.39 15.75
N HIS TA 55 6.46 57.46 16.32
CA HIS TA 55 6.80 58.46 17.32
C HIS TA 55 8.13 59.10 16.98
N CYS TA 56 8.22 60.42 17.15
CA CYS TA 56 9.42 61.18 16.84
C CYS TA 56 10.24 61.42 18.10
N GLY TA 57 11.55 61.51 17.95
CA GLY TA 57 12.42 61.75 19.10
C GLY TA 57 12.59 63.22 19.43
N SER TA 58 12.51 64.10 18.44
CA SER TA 58 12.80 65.52 18.63
C SER TA 58 11.57 66.31 19.10
N CYS TA 59 10.53 66.35 18.27
CA CYS TA 59 9.31 67.07 18.64
C CYS TA 59 8.30 66.17 19.33
N MET TA 60 8.54 64.86 19.34
CA MET TA 60 7.59 63.86 19.83
C MET TA 60 6.19 64.08 19.27
N LYS TA 61 6.09 63.95 17.95
CA LYS TA 61 4.80 63.94 17.27
C LYS TA 61 4.44 62.49 16.98
N THR TA 62 3.40 62.01 17.66
CA THR TA 62 3.06 60.60 17.67
C THR TA 62 1.99 60.35 16.62
N VAL TA 63 2.33 59.56 15.60
CA VAL TA 63 1.52 59.39 14.41
C VAL TA 63 1.03 57.95 14.36
N ALA TA 64 -0.26 57.77 14.16
CA ALA TA 64 -0.81 56.43 13.94
C ALA TA 64 -0.53 56.01 12.51
N GLY TA 65 0.16 54.89 12.33
CA GLY TA 65 0.52 54.45 11.00
C GLY TA 65 0.45 52.95 10.81
N GLY TA 66 1.28 52.43 9.91
CA GLY TA 66 1.27 51.02 9.59
C GLY TA 66 1.92 50.17 10.66
N ALA TA 67 1.70 48.86 10.54
CA ALA TA 67 2.26 47.91 11.50
C ALA TA 67 3.76 47.78 11.38
N TRP TA 68 4.31 47.82 10.17
CA TRP TA 68 5.74 47.69 9.95
C TRP TA 68 6.37 48.85 9.19
N THR TA 69 5.64 49.47 8.27
CA THR TA 69 6.14 50.61 7.50
C THR TA 69 5.48 51.89 7.98
N TYR TA 70 6.14 53.02 7.68
CA TYR TA 70 5.65 54.30 8.18
C TYR TA 70 4.32 54.66 7.53
N ASN TA 71 4.26 54.67 6.20
CA ASN TA 71 3.01 54.82 5.47
C ASN TA 71 2.81 53.57 4.61
N THR TA 72 1.67 52.93 4.79
CA THR TA 72 1.35 51.79 3.94
C THR TA 72 0.88 52.28 2.57
N THR TA 73 0.99 51.40 1.57
CA THR TA 73 0.58 51.76 0.23
C THR TA 73 -0.93 51.89 0.09
N SER TA 74 -1.70 51.32 1.02
CA SER TA 74 -3.15 51.49 0.98
C SER TA 74 -3.54 52.88 1.45
N ALA TA 75 -2.92 53.36 2.54
CA ALA TA 75 -3.29 54.64 3.12
C ALA TA 75 -2.87 55.83 2.27
N VAL TA 76 -1.73 55.75 1.58
CA VAL TA 76 -1.31 56.87 0.74
C VAL TA 76 -2.24 57.00 -0.47
N THR TA 77 -2.76 55.89 -0.98
CA THR TA 77 -3.75 55.96 -2.05
C THR TA 77 -5.11 56.38 -1.51
N VAL TA 78 -5.46 55.98 -0.29
CA VAL TA 78 -6.70 56.41 0.31
C VAL TA 78 -6.68 57.91 0.59
N LYS TA 79 -5.56 58.41 1.13
CA LYS TA 79 -5.44 59.84 1.42
C LYS TA 79 -5.51 60.68 0.16
N SER TA 80 -4.88 60.21 -0.93
CA SER TA 80 -4.98 60.92 -2.19
C SER TA 80 -6.39 60.82 -2.78
N ALA TA 81 -7.03 59.66 -2.64
CA ALA TA 81 -8.38 59.51 -3.18
C ALA TA 81 -9.42 60.26 -2.35
N ILE TA 82 -9.26 60.28 -1.02
CA ILE TA 82 -10.23 61.00 -0.20
C ILE TA 82 -10.04 62.50 -0.33
N ARG TA 83 -8.83 62.96 -0.68
CA ARG TA 83 -8.64 64.37 -0.99
C ARG TA 83 -9.31 64.74 -2.31
N ARG TA 84 -9.38 63.79 -3.25
CA ARG TA 84 -9.98 64.08 -4.55
C ARG TA 84 -11.45 64.45 -4.42
N LEU TA 85 -12.17 63.80 -3.51
CA LEU TA 85 -13.58 64.11 -3.31
C LEU TA 85 -13.79 65.34 -2.44
N LYS TA 86 -12.72 65.88 -1.83
CA LYS TA 86 -12.87 67.03 -0.95
C LYS TA 86 -13.24 68.29 -1.74
N GLU TA 87 -12.45 68.65 -2.74
CA GLU TA 87 -12.82 69.77 -3.59
C GLU TA 87 -13.89 69.38 -4.61
N LEU TA 88 -14.09 68.09 -4.86
CA LEU TA 88 -15.22 67.68 -5.69
C LEU TA 88 -16.54 68.02 -5.04
N LYS TA 89 -16.66 67.81 -3.73
CA LYS TA 89 -17.82 68.30 -2.99
C LYS TA 89 -17.81 69.82 -2.90
N ASP TA 90 -16.62 70.39 -2.68
CA ASP TA 90 -16.53 71.83 -2.44
C ASP TA 90 -16.64 72.63 -3.73
N GLN TA 91 -15.67 72.43 -4.64
CA GLN TA 91 -15.56 73.19 -5.89
C GLN TA 91 -15.59 74.70 -5.67
N ARG UA 1 16.80 -99.69 -5.95
CA ARG UA 1 17.93 -100.51 -5.55
C ARG UA 1 17.46 -101.84 -4.95
N ALA UA 2 16.26 -101.83 -4.36
CA ALA UA 2 15.70 -103.04 -3.79
C ALA UA 2 15.41 -104.09 -4.85
N THR UA 3 14.87 -103.67 -6.00
CA THR UA 3 14.64 -104.61 -7.09
C THR UA 3 15.94 -105.02 -7.77
N TRP UA 4 16.95 -104.15 -7.76
CA TRP UA 4 18.25 -104.50 -8.31
C TRP UA 4 18.94 -105.59 -7.49
N LYS UA 5 18.80 -105.55 -6.16
CA LYS UA 5 19.39 -106.58 -5.32
C LYS UA 5 18.77 -107.94 -5.59
N SER UA 6 17.44 -107.98 -5.75
CA SER UA 6 16.76 -109.22 -6.10
C SER UA 6 17.14 -109.69 -7.49
N ASN UA 7 17.45 -108.74 -8.39
CA ASN UA 7 17.93 -109.12 -9.73
C ASN UA 7 19.28 -109.82 -9.64
N TYR UA 8 20.18 -109.34 -8.77
CA TYR UA 8 21.47 -109.99 -8.60
C TYR UA 8 21.32 -111.35 -7.93
N PHE UA 9 20.36 -111.51 -7.02
CA PHE UA 9 20.09 -112.81 -6.43
C PHE UA 9 19.58 -113.80 -7.47
N LEU UA 10 18.74 -113.33 -8.41
CA LEU UA 10 18.30 -114.18 -9.49
C LEU UA 10 19.42 -114.52 -10.47
N LYS UA 11 20.41 -113.64 -10.61
CA LYS UA 11 21.52 -113.92 -11.51
C LYS UA 11 22.48 -114.95 -10.91
N ILE UA 12 22.77 -114.83 -9.61
CA ILE UA 12 23.74 -115.73 -8.99
C ILE UA 12 23.18 -117.14 -8.84
N ILE UA 13 21.87 -117.28 -8.62
CA ILE UA 13 21.28 -118.61 -8.51
C ILE UA 13 21.25 -119.30 -9.88
N GLN UA 14 21.11 -118.53 -10.95
CA GLN UA 14 21.11 -119.11 -12.29
C GLN UA 14 22.52 -119.55 -12.69
N LEU UA 15 23.53 -118.75 -12.35
CA LEU UA 15 24.91 -119.11 -12.70
C LEU UA 15 25.41 -120.29 -11.90
N LEU UA 16 25.03 -120.39 -10.63
CA LEU UA 16 25.49 -121.50 -9.79
C LEU UA 16 24.77 -122.80 -10.08
N ASP UA 17 23.61 -122.75 -10.73
CA ASP UA 17 22.87 -123.95 -11.07
C ASP UA 17 23.28 -124.48 -12.46
N THR UA 18 30.15 -109.39 -0.11
CA THR UA 18 29.33 -109.72 1.05
C THR UA 18 27.95 -110.20 0.62
N MET UA 19 27.45 -109.65 -0.49
CA MET UA 19 26.17 -110.08 -1.02
C MET UA 19 26.26 -111.49 -1.62
N MET UA 20 27.45 -111.90 -2.06
CA MET UA 20 27.63 -113.30 -2.46
C MET UA 20 27.61 -114.25 -1.27
N ARG UA 21 27.96 -113.75 -0.08
CA ARG UA 21 28.04 -114.60 1.10
C ARG UA 21 26.67 -115.15 1.49
N LYS UA 22 25.68 -114.27 1.56
CA LYS UA 22 24.32 -114.70 1.90
C LYS UA 22 23.72 -115.56 0.79
N ALA UA 23 24.14 -115.34 -0.46
CA ALA UA 23 23.73 -116.23 -1.54
C ALA UA 23 24.28 -117.63 -1.32
N ILE UA 24 25.52 -117.75 -0.84
CA ILE UA 24 26.04 -119.05 -0.43
C ILE UA 24 25.27 -119.59 0.76
N ARG UA 25 24.96 -118.72 1.73
CA ARG UA 25 24.19 -119.13 2.90
C ARG UA 25 22.78 -119.56 2.51
N GLY UA 26 22.15 -118.83 1.59
CA GLY UA 26 20.84 -119.22 1.11
C GLY UA 26 20.85 -120.53 0.34
N HIS UA 27 21.92 -120.77 -0.42
CA HIS UA 27 22.05 -122.00 -1.19
C HIS UA 27 22.32 -123.20 -0.29
N THR VA 1 -32.18 72.39 -120.15
CA THR VA 1 -33.38 73.19 -119.88
C THR VA 1 -34.51 72.32 -119.33
N GLU VA 2 -34.17 71.08 -118.98
CA GLU VA 2 -35.14 70.12 -118.46
C GLU VA 2 -34.52 69.32 -117.35
N GLN VA 3 -35.36 68.82 -116.45
CA GLN VA 3 -34.92 68.01 -115.31
C GLN VA 3 -35.76 66.75 -115.23
N MET VA 4 -35.11 65.63 -114.95
CA MET VA 4 -35.81 64.38 -114.74
C MET VA 4 -36.20 64.23 -113.27
N THR VA 5 -37.45 63.85 -113.03
CA THR VA 5 -38.00 63.71 -111.69
C THR VA 5 -38.46 62.29 -111.44
N LEU VA 6 -38.98 62.07 -110.23
CA LEU VA 6 -39.33 60.73 -109.76
C LEU VA 6 -40.84 60.56 -109.63
N ARG VA 7 -41.32 59.38 -110.00
CA ARG VA 7 -42.69 58.97 -109.76
C ARG VA 7 -42.81 57.64 -109.01
N GLY VA 8 -41.95 56.68 -109.32
CA GLY VA 8 -42.05 55.37 -108.70
C GLY VA 8 -40.83 54.53 -108.99
N THR VA 9 -40.89 53.28 -108.55
CA THR VA 9 -39.80 52.33 -108.70
C THR VA 9 -40.30 51.05 -109.36
N LEU VA 10 -39.39 50.10 -109.54
CA LEU VA 10 -39.70 48.78 -110.09
C LEU VA 10 -38.91 47.75 -109.29
N LYS VA 11 -39.60 46.98 -108.46
CA LYS VA 11 -38.98 46.01 -107.57
C LYS VA 11 -39.54 44.62 -107.86
N GLY VA 12 -38.75 43.79 -108.55
CA GLY VA 12 -39.15 42.43 -108.85
C GLY VA 12 -38.01 41.44 -108.82
N HIS VA 13 -36.90 41.81 -108.18
CA HIS VA 13 -35.68 41.02 -108.22
C HIS VA 13 -35.20 40.71 -106.81
N ASN VA 14 -34.43 39.63 -106.69
CA ASN VA 14 -33.73 39.28 -105.46
C ASN VA 14 -32.28 39.76 -105.49
N GLY VA 15 -31.52 39.37 -106.52
CA GLY VA 15 -30.23 39.96 -106.75
C GLY VA 15 -30.33 41.28 -107.49
N TRP VA 16 -29.30 42.09 -107.39
CA TRP VA 16 -29.35 43.41 -108.00
C TRP VA 16 -29.22 43.31 -109.52
N VAL VA 17 -29.74 44.32 -110.20
CA VAL VA 17 -29.84 44.33 -111.65
C VAL VA 17 -28.45 44.50 -112.26
N THR VA 18 -28.15 43.71 -113.30
CA THR VA 18 -26.87 43.75 -113.99
C THR VA 18 -26.93 44.43 -115.36
N GLN VA 19 -28.03 44.26 -116.09
CA GLN VA 19 -28.21 44.92 -117.38
C GLN VA 19 -29.69 44.93 -117.73
N ILE VA 20 -30.19 46.08 -118.17
CA ILE VA 20 -31.59 46.21 -118.60
C ILE VA 20 -31.62 46.13 -120.12
N ALA VA 21 -32.38 45.18 -120.65
CA ALA VA 21 -32.51 44.98 -122.09
C ALA VA 21 -33.63 45.85 -122.64
N THR VA 22 -33.32 46.60 -123.70
CA THR VA 22 -34.27 47.53 -124.30
C THR VA 22 -34.45 47.20 -125.78
N THR VA 23 -35.70 47.19 -126.22
CA THR VA 23 -36.05 47.02 -127.62
C THR VA 23 -37.13 48.03 -127.97
N PRO VA 24 -37.17 48.50 -129.22
CA PRO VA 24 -38.10 49.57 -129.59
C PRO VA 24 -39.41 49.13 -130.21
N GLN VA 25 -39.70 47.83 -130.30
CA GLN VA 25 -40.92 47.39 -130.98
C GLN VA 25 -42.16 47.69 -130.15
N PHE VA 26 -42.12 47.39 -128.86
CA PHE VA 26 -43.25 47.65 -127.99
C PHE VA 26 -42.87 48.59 -126.87
N PRO VA 27 -43.63 49.66 -126.64
CA PRO VA 27 -43.26 50.65 -125.61
C PRO VA 27 -43.58 50.21 -124.19
N ASP VA 28 -44.67 49.48 -124.00
CA ASP VA 28 -45.10 49.09 -122.65
C ASP VA 28 -44.52 47.74 -122.24
N MET VA 29 -43.19 47.63 -122.30
CA MET VA 29 -42.49 46.42 -121.91
C MET VA 29 -41.02 46.77 -121.66
N ILE VA 30 -40.37 45.93 -120.86
CA ILE VA 30 -38.93 46.03 -120.64
C ILE VA 30 -38.44 44.67 -120.14
N LEU VA 31 -37.16 44.41 -120.31
CA LEU VA 31 -36.52 43.20 -119.80
C LEU VA 31 -35.20 43.60 -119.15
N SER VA 32 -34.85 42.91 -118.07
CA SER VA 32 -33.67 43.27 -117.29
C SER VA 32 -32.98 42.02 -116.76
N ALA VA 33 -31.66 41.97 -116.91
CA ALA VA 33 -30.85 40.94 -116.29
C ALA VA 33 -30.52 41.32 -114.86
N SER VA 34 -30.51 40.34 -113.97
CA SER VA 34 -30.25 40.59 -112.56
C SER VA 34 -29.32 39.51 -112.03
N ARG VA 35 -28.77 39.76 -110.85
CA ARG VA 35 -27.75 38.85 -110.32
C ARG VA 35 -28.32 37.46 -110.03
N ASP VA 36 -29.54 37.39 -109.52
CA ASP VA 36 -30.13 36.10 -109.12
C ASP VA 36 -30.54 35.27 -110.31
N LYS VA 37 -31.23 34.16 -110.06
CA LYS VA 37 -31.61 33.23 -111.11
C LYS VA 37 -32.87 33.64 -111.86
N THR VA 38 -33.42 34.81 -111.57
CA THR VA 38 -34.66 35.27 -112.17
C THR VA 38 -34.37 36.35 -113.21
N ILE VA 39 -34.85 36.13 -114.43
CA ILE VA 39 -34.87 37.16 -115.47
C ILE VA 39 -36.33 37.55 -115.65
N ILE VA 40 -36.65 38.78 -115.28
CA ILE VA 40 -38.02 39.19 -115.03
C ILE VA 40 -38.53 40.07 -116.15
N MET VA 41 -39.63 39.66 -116.77
CA MET VA 41 -40.37 40.48 -117.71
C MET VA 41 -41.24 41.50 -116.97
N TRP VA 42 -41.54 42.60 -117.66
CA TRP VA 42 -42.34 43.67 -117.08
C TRP VA 42 -43.40 44.12 -118.08
N LYS VA 43 -44.50 44.66 -117.55
CA LYS VA 43 -45.60 45.19 -118.34
C LYS VA 43 -45.96 46.56 -117.79
N LEU VA 44 -45.65 47.61 -118.55
CA LEU VA 44 -45.80 48.98 -118.08
C LEU VA 44 -47.27 49.39 -118.17
N THR VA 45 -47.93 49.52 -117.02
CA THR VA 45 -49.32 49.98 -117.00
C THR VA 45 -49.42 51.49 -116.78
N ARG VA 46 -48.30 52.14 -116.42
CA ARG VA 46 -48.24 53.59 -116.24
C ARG VA 46 -49.22 54.06 -115.17
N ASP VA 47 -49.19 53.41 -114.01
CA ASP VA 47 -50.07 53.78 -112.90
C ASP VA 47 -49.27 54.44 -111.78
N GLU VA 48 -50.00 55.17 -110.93
CA GLU VA 48 -49.35 55.89 -109.84
C GLU VA 48 -48.86 54.94 -108.75
N THR VA 49 -49.68 53.95 -108.40
CA THR VA 49 -49.31 53.02 -107.34
C THR VA 49 -48.21 52.07 -107.79
N ASN VA 50 -48.47 51.27 -108.82
CA ASN VA 50 -47.50 50.36 -109.39
C ASN VA 50 -47.33 50.67 -110.87
N TYR VA 51 -46.10 51.05 -111.26
CA TYR VA 51 -45.84 51.41 -112.64
C TYR VA 51 -45.84 50.16 -113.53
N GLY VA 52 -45.17 49.11 -113.10
CA GLY VA 52 -45.11 47.89 -113.87
C GLY VA 52 -45.29 46.67 -112.98
N ILE VA 53 -45.91 45.65 -113.54
CA ILE VA 53 -46.15 44.38 -112.86
C ILE VA 53 -45.33 43.31 -113.57
N PRO VA 54 -44.58 42.48 -112.85
CA PRO VA 54 -43.83 41.39 -113.49
C PRO VA 54 -44.75 40.37 -114.12
N GLN VA 55 -44.25 39.73 -115.18
CA GLN VA 55 -45.09 38.81 -115.94
C GLN VA 55 -44.43 37.44 -116.15
N ARG VA 56 -43.12 37.38 -116.33
CA ARG VA 56 -42.45 36.11 -116.60
C ARG VA 56 -41.10 36.08 -115.89
N ALA VA 57 -40.77 34.90 -115.34
CA ALA VA 57 -39.45 34.64 -114.76
C ALA VA 57 -38.75 33.59 -115.61
N LEU VA 58 -37.56 33.92 -116.09
CA LEU VA 58 -36.84 33.06 -117.04
C LEU VA 58 -35.82 32.20 -116.28
N ARG VA 59 -36.34 31.13 -115.68
CA ARG VA 59 -35.48 30.14 -115.04
C ARG VA 59 -34.83 29.24 -116.10
N GLY VA 60 -33.63 28.75 -115.79
CA GLY VA 60 -32.92 27.89 -116.72
C GLY VA 60 -31.42 28.07 -116.73
N HIS VA 61 -30.91 29.07 -116.02
CA HIS VA 61 -29.48 29.32 -115.96
C HIS VA 61 -28.86 28.64 -114.74
N SER VA 62 -27.66 28.10 -114.93
CA SER VA 62 -26.98 27.39 -113.85
C SER VA 62 -26.40 28.33 -112.80
N HIS VA 63 -26.04 29.55 -113.20
CA HIS VA 63 -25.22 30.41 -112.38
C HIS VA 63 -25.82 31.82 -112.46
N PHE VA 64 -25.10 32.80 -111.92
CA PHE VA 64 -25.60 34.16 -111.85
C PHE VA 64 -25.70 34.78 -113.25
N VAL VA 65 -26.70 35.64 -113.43
CA VAL VA 65 -27.10 36.13 -114.74
C VAL VA 65 -26.48 37.49 -114.99
N SER VA 66 -25.87 37.67 -116.16
CA SER VA 66 -25.11 38.88 -116.48
C SER VA 66 -25.79 39.78 -117.50
N ASP VA 67 -26.06 39.27 -118.71
CA ASP VA 67 -26.40 40.15 -119.84
C ASP VA 67 -27.48 39.49 -120.71
N VAL VA 68 -28.73 39.97 -120.58
CA VAL VA 68 -29.81 39.59 -121.46
C VAL VA 68 -30.03 40.72 -122.47
N VAL VA 69 -30.46 40.38 -123.67
CA VAL VA 69 -30.74 41.37 -124.70
C VAL VA 69 -31.88 40.84 -125.58
N ILE VA 70 -32.80 41.75 -125.92
CA ILE VA 70 -33.96 41.40 -126.73
C ILE VA 70 -33.60 41.53 -128.20
N SER VA 71 -34.06 40.58 -129.01
CA SER VA 71 -33.81 40.61 -130.45
C SER VA 71 -34.58 41.75 -131.10
N SER VA 72 -34.08 42.20 -132.26
CA SER VA 72 -34.63 43.38 -132.92
C SER VA 72 -35.95 43.12 -133.63
N ASP VA 73 -36.39 41.87 -133.74
CA ASP VA 73 -37.70 41.62 -134.34
C ASP VA 73 -38.82 41.71 -133.30
N GLY VA 74 -38.50 41.55 -132.02
CA GLY VA 74 -39.48 41.68 -130.97
C GLY VA 74 -40.16 40.40 -130.55
N GLN VA 75 -39.58 39.24 -130.85
CA GLN VA 75 -40.17 37.96 -130.47
C GLN VA 75 -39.18 37.01 -129.81
N PHE VA 76 -37.92 37.42 -129.64
CA PHE VA 76 -36.90 36.58 -129.03
C PHE VA 76 -36.08 37.41 -128.06
N ALA VA 77 -35.38 36.72 -127.16
CA ALA VA 77 -34.55 37.39 -126.16
C ALA VA 77 -33.44 36.45 -125.72
N LEU VA 78 -32.21 36.73 -126.13
CA LEU VA 78 -31.07 35.93 -125.72
C LEU VA 78 -30.52 36.44 -124.40
N SER VA 79 -30.15 35.51 -123.52
CA SER VA 79 -29.64 35.84 -122.20
C SER VA 79 -28.22 35.28 -122.04
N GLY VA 80 -27.33 36.10 -121.50
CA GLY VA 80 -25.99 35.66 -121.17
C GLY VA 80 -25.73 35.75 -119.69
N SER VA 81 -25.32 34.63 -119.10
CA SER VA 81 -25.12 34.51 -117.66
C SER VA 81 -23.66 34.16 -117.37
N TRP VA 82 -23.36 33.98 -116.09
CA TRP VA 82 -22.03 33.54 -115.66
C TRP VA 82 -21.97 32.03 -115.47
N ASP VA 83 -22.70 31.29 -116.30
CA ASP VA 83 -22.69 29.83 -116.24
C ASP VA 83 -21.85 29.19 -117.34
N GLY VA 84 -21.46 29.96 -118.35
CA GLY VA 84 -20.70 29.42 -119.47
C GLY VA 84 -21.53 29.03 -120.67
N THR VA 85 -22.85 29.23 -120.61
CA THR VA 85 -23.75 28.90 -121.71
C THR VA 85 -24.68 30.06 -121.97
N LEU VA 86 -25.20 30.11 -123.20
CA LEU VA 86 -26.13 31.14 -123.62
C LEU VA 86 -27.45 30.50 -124.03
N ARG VA 87 -28.56 31.13 -123.62
CA ARG VA 87 -29.89 30.63 -123.93
C ARG VA 87 -30.64 31.65 -124.77
N LEU VA 88 -31.37 31.15 -125.76
CA LEU VA 88 -32.22 31.97 -126.62
C LEU VA 88 -33.66 31.70 -126.20
N TRP VA 89 -34.22 32.61 -125.40
CA TRP VA 89 -35.52 32.40 -124.80
C TRP VA 89 -36.63 32.87 -125.74
N ASP VA 90 -37.69 32.07 -125.84
CA ASP VA 90 -38.91 32.52 -126.51
C ASP VA 90 -39.59 33.57 -125.65
N LEU VA 91 -40.07 34.64 -126.29
CA LEU VA 91 -40.50 35.82 -125.54
C LEU VA 91 -41.81 35.61 -124.82
N THR VA 92 -42.63 34.64 -125.23
CA THR VA 92 -43.94 34.42 -124.64
C THR VA 92 -43.98 33.22 -123.70
N THR VA 93 -43.63 32.03 -124.19
CA THR VA 93 -43.72 30.84 -123.35
C THR VA 93 -42.52 30.68 -122.42
N GLY VA 94 -41.44 31.42 -122.65
CA GLY VA 94 -40.30 31.38 -121.76
C GLY VA 94 -39.55 30.07 -121.71
N THR VA 95 -39.29 29.46 -122.87
CA THR VA 95 -38.55 28.22 -122.95
C THR VA 95 -37.27 28.43 -123.75
N THR VA 96 -36.36 27.47 -123.64
CA THR VA 96 -35.09 27.52 -124.36
C THR VA 96 -35.30 27.05 -125.81
N THR VA 97 -34.99 27.92 -126.76
CA THR VA 97 -35.05 27.56 -128.17
C THR VA 97 -33.71 27.09 -128.72
N ARG VA 98 -32.61 27.66 -128.22
CA ARG VA 98 -31.28 27.20 -128.61
C ARG VA 98 -30.32 27.46 -127.45
N ARG VA 99 -29.63 26.41 -127.03
CA ARG VA 99 -28.66 26.49 -125.94
C ARG VA 99 -27.26 26.51 -126.54
N PHE VA 100 -26.51 27.59 -126.29
CA PHE VA 100 -25.18 27.76 -126.87
C PHE VA 100 -24.15 27.14 -125.94
N VAL VA 101 -23.50 26.07 -126.40
CA VAL VA 101 -22.49 25.36 -125.63
C VAL VA 101 -21.17 25.43 -126.38
N GLY VA 102 -20.07 25.63 -125.64
CA GLY VA 102 -18.76 25.69 -126.25
C GLY VA 102 -17.82 26.67 -125.58
N HIS VA 103 -18.34 27.49 -124.67
CA HIS VA 103 -17.50 28.41 -123.91
C HIS VA 103 -16.78 27.66 -122.80
N THR VA 104 -15.50 28.00 -122.61
CA THR VA 104 -14.71 27.36 -121.55
C THR VA 104 -15.08 27.92 -120.19
N LYS VA 105 -14.97 29.24 -120.02
CA LYS VA 105 -15.34 29.92 -118.80
C LYS VA 105 -16.69 30.60 -118.98
N ASP VA 106 -17.08 31.40 -118.00
CA ASP VA 106 -18.36 32.09 -118.01
C ASP VA 106 -18.38 33.18 -119.08
N VAL VA 107 -19.57 33.69 -119.36
CA VAL VA 107 -19.80 34.65 -120.43
C VAL VA 107 -20.10 36.02 -119.82
N LEU VA 108 -19.46 37.05 -120.36
CA LEU VA 108 -19.63 38.43 -119.88
C LEU VA 108 -20.54 39.26 -120.77
N SER VA 109 -20.37 39.18 -122.09
CA SER VA 109 -21.13 40.05 -123.00
C SER VA 109 -21.54 39.27 -124.24
N VAL VA 110 -22.61 39.76 -124.87
CA VAL VA 110 -23.13 39.17 -126.10
C VAL VA 110 -23.96 40.24 -126.80
N ALA VA 111 -24.05 40.14 -128.13
CA ALA VA 111 -24.79 41.13 -128.90
C ALA VA 111 -25.35 40.51 -130.17
N PHE VA 112 -26.43 41.09 -130.67
CA PHE VA 112 -27.02 40.73 -131.95
C PHE VA 112 -26.48 41.61 -133.07
N SER VA 113 -26.68 41.13 -134.30
CA SER VA 113 -26.42 41.91 -135.49
C SER VA 113 -27.65 42.76 -135.81
N SER VA 114 -27.67 43.36 -137.01
CA SER VA 114 -28.82 44.16 -137.40
C SER VA 114 -30.06 43.30 -137.62
N ASP VA 115 -29.89 42.13 -138.25
CA ASP VA 115 -30.98 41.21 -138.51
C ASP VA 115 -31.04 40.03 -137.55
N ASN VA 116 -30.29 40.08 -136.44
CA ASN VA 116 -30.24 39.03 -135.43
C ASN VA 116 -29.82 37.69 -136.03
N ARG VA 117 -28.84 37.72 -136.93
CA ARG VA 117 -28.30 36.51 -137.55
C ARG VA 117 -26.88 36.24 -137.12
N GLN VA 118 -26.00 37.24 -137.23
CA GLN VA 118 -24.62 37.10 -136.78
C GLN VA 118 -24.56 37.35 -135.27
N ILE VA 119 -24.15 36.34 -134.51
CA ILE VA 119 -24.07 36.42 -133.07
C ILE VA 119 -22.60 36.31 -132.66
N VAL VA 120 -22.11 37.33 -131.97
CA VAL VA 120 -20.76 37.34 -131.42
C VAL VA 120 -20.88 37.42 -129.91
N SER VA 121 -20.25 36.49 -129.21
CA SER VA 121 -20.33 36.40 -127.76
C SER VA 121 -18.95 36.56 -127.16
N GLY VA 122 -18.88 37.25 -126.02
CA GLY VA 122 -17.63 37.43 -125.31
C GLY VA 122 -17.64 36.75 -123.97
N SER VA 123 -16.83 35.71 -123.81
CA SER VA 123 -16.76 34.95 -122.58
C SER VA 123 -15.62 35.48 -121.72
N ARG VA 124 -15.49 34.92 -120.51
CA ARG VA 124 -14.45 35.37 -119.59
C ARG VA 124 -13.04 35.01 -120.06
N ASP VA 125 -12.88 33.93 -120.83
CA ASP VA 125 -11.56 33.56 -121.30
C ASP VA 125 -11.18 34.46 -122.48
N LYS VA 126 -10.02 34.20 -123.08
CA LYS VA 126 -9.47 35.07 -124.11
C LYS VA 126 -10.04 34.74 -125.49
N THR VA 127 -11.37 34.74 -125.60
CA THR VA 127 -12.04 34.43 -126.86
C THR VA 127 -13.17 35.42 -127.10
N ILE VA 128 -13.28 35.87 -128.35
CA ILE VA 128 -14.44 36.62 -128.82
C ILE VA 128 -15.09 35.73 -129.88
N LYS VA 129 -16.05 34.93 -129.47
CA LYS VA 129 -16.54 33.81 -130.27
C LYS VA 129 -17.77 34.22 -131.06
N LEU VA 130 -17.75 33.92 -132.35
CA LEU VA 130 -18.85 34.24 -133.25
C LEU VA 130 -19.72 32.99 -133.43
N TRP VA 131 -21.03 33.18 -133.41
CA TRP VA 131 -21.97 32.07 -133.49
C TRP VA 131 -23.08 32.41 -134.48
N ASN VA 132 -23.91 31.41 -134.76
CA ASN VA 132 -25.12 31.57 -135.54
C ASN VA 132 -26.32 31.24 -134.67
N THR VA 133 -27.51 31.60 -135.18
CA THR VA 133 -28.73 31.42 -134.38
C THR VA 133 -29.07 29.95 -134.19
N LEU VA 134 -28.70 29.09 -135.13
CA LEU VA 134 -29.02 27.67 -135.05
C LEU VA 134 -27.90 26.84 -134.43
N GLY VA 135 -26.86 27.49 -133.92
CA GLY VA 135 -25.80 26.77 -133.23
C GLY VA 135 -24.66 26.32 -134.11
N VAL VA 136 -24.08 27.25 -134.86
CA VAL VA 136 -22.96 26.96 -135.75
C VAL VA 136 -21.77 27.79 -135.30
N CYS VA 137 -20.69 27.13 -134.91
CA CYS VA 137 -19.45 27.81 -134.55
C CYS VA 137 -18.69 28.20 -135.81
N LYS VA 138 -18.88 29.45 -136.25
CA LYS VA 138 -18.30 29.87 -137.53
C LYS VA 138 -16.87 30.36 -137.37
N TYR VA 139 -16.61 31.21 -136.38
CA TYR VA 139 -15.28 31.79 -136.22
C TYR VA 139 -15.06 32.17 -134.77
N THR VA 140 -13.78 32.14 -134.35
CA THR VA 140 -13.37 32.57 -133.04
C THR VA 140 -11.91 33.01 -133.09
N VAL VA 141 -11.55 33.95 -132.23
CA VAL VA 141 -10.16 34.41 -132.15
C VAL VA 141 -9.45 33.63 -131.04
N GLN VA 142 -8.23 33.19 -131.33
CA GLN VA 142 -7.47 32.36 -130.41
C GLN VA 142 -6.22 33.06 -129.89
N ASP VA 143 -5.37 33.55 -130.80
CA ASP VA 143 -4.12 34.19 -130.39
C ASP VA 143 -4.26 35.70 -130.27
N GLU VA 144 -4.71 36.36 -131.34
CA GLU VA 144 -4.86 37.81 -131.34
C GLU VA 144 -6.13 38.20 -130.58
N SER VA 145 -6.01 38.46 -129.29
CA SER VA 145 -7.14 38.84 -128.46
C SER VA 145 -6.63 39.67 -127.29
N HIS VA 146 -7.52 39.94 -126.34
CA HIS VA 146 -7.14 40.70 -125.15
C HIS VA 146 -6.24 39.88 -124.24
N SER VA 147 -5.33 40.58 -123.55
CA SER VA 147 -4.43 39.91 -122.62
C SER VA 147 -5.16 39.48 -121.35
N GLU VA 148 -6.27 40.13 -121.03
CA GLU VA 148 -7.08 39.77 -119.86
C GLU VA 148 -8.52 39.57 -120.33
N TRP VA 149 -9.45 39.50 -119.36
CA TRP VA 149 -10.83 39.15 -119.66
C TRP VA 149 -11.47 40.13 -120.64
N VAL VA 150 -12.23 39.57 -121.58
CA VAL VA 150 -12.99 40.37 -122.55
C VAL VA 150 -14.26 40.86 -121.86
N SER VA 151 -14.29 42.14 -121.48
CA SER VA 151 -15.38 42.63 -120.63
C SER VA 151 -16.67 42.81 -121.43
N CYS VA 152 -16.65 43.69 -122.42
CA CYS VA 152 -17.86 44.03 -123.16
C CYS VA 152 -17.57 44.05 -124.66
N VAL VA 153 -18.56 43.62 -125.45
CA VAL VA 153 -18.50 43.67 -126.90
C VAL VA 153 -19.77 44.32 -127.40
N ARG VA 154 -19.63 45.16 -128.43
CA ARG VA 154 -20.76 45.87 -129.01
C ARG VA 154 -20.59 45.91 -130.53
N PHE VA 155 -21.72 45.94 -131.23
CA PHE VA 155 -21.75 45.99 -132.68
C PHE VA 155 -21.92 47.44 -133.16
N SER VA 156 -22.08 47.60 -134.46
CA SER VA 156 -22.41 48.87 -135.08
C SER VA 156 -23.83 48.81 -135.64
N PRO VA 157 -24.73 49.70 -135.23
CA PRO VA 157 -26.09 49.70 -135.79
C PRO VA 157 -26.13 49.98 -137.29
N ASN VA 158 -25.09 50.60 -137.85
CA ASN VA 158 -24.99 50.72 -139.29
C ASN VA 158 -24.86 49.35 -139.94
N SER VA 159 -25.64 49.12 -141.00
CA SER VA 159 -25.66 47.83 -141.67
C SER VA 159 -24.65 47.72 -142.79
N SER VA 160 -24.23 48.84 -143.39
CA SER VA 160 -23.21 48.79 -144.43
C SER VA 160 -21.85 48.38 -143.88
N ASN VA 161 -21.51 48.83 -142.67
CA ASN VA 161 -20.23 48.50 -142.07
C ASN VA 161 -20.44 47.52 -140.93
N PRO VA 162 -20.06 46.24 -141.07
CA PRO VA 162 -20.13 45.28 -139.96
C PRO VA 162 -18.92 45.38 -139.03
N ILE VA 163 -18.58 46.60 -138.61
CA ILE VA 163 -17.40 46.86 -137.81
C ILE VA 163 -17.79 46.80 -136.34
N ILE VA 164 -17.13 45.94 -135.57
CA ILE VA 164 -17.45 45.73 -134.18
C ILE VA 164 -16.39 46.39 -133.31
N VAL VA 165 -16.78 46.70 -132.07
CA VAL VA 165 -15.88 47.25 -131.07
C VAL VA 165 -15.88 46.31 -129.88
N SER VA 166 -14.69 45.80 -129.52
CA SER VA 166 -14.54 44.83 -128.45
C SER VA 166 -13.51 45.36 -127.46
N CYS VA 167 -13.96 45.64 -126.24
CA CYS VA 167 -13.06 46.12 -125.19
C CYS VA 167 -12.60 44.93 -124.34
N GLY VA 168 -11.91 45.22 -123.25
CA GLY VA 168 -11.45 44.20 -122.34
C GLY VA 168 -10.89 44.83 -121.09
N TRP VA 169 -10.40 43.98 -120.19
CA TRP VA 169 -9.77 44.45 -118.96
C TRP VA 169 -8.26 44.54 -119.10
N ASP VA 170 -7.74 44.45 -120.32
CA ASP VA 170 -6.32 44.58 -120.61
C ASP VA 170 -5.91 46.02 -120.89
N LYS VA 171 -6.69 47.00 -120.42
CA LYS VA 171 -6.45 48.42 -120.66
C LYS VA 171 -6.36 48.74 -122.15
N LEU VA 172 -7.16 48.04 -122.95
CA LEU VA 172 -7.14 48.19 -124.39
C LEU VA 172 -8.56 48.12 -124.94
N VAL VA 173 -8.78 48.82 -126.06
CA VAL VA 173 -10.02 48.74 -126.82
C VAL VA 173 -9.67 48.26 -128.21
N LYS VA 174 -10.31 47.17 -128.65
CA LYS VA 174 -10.06 46.59 -129.96
C LYS VA 174 -11.26 46.80 -130.86
N VAL VA 175 -10.99 47.13 -132.12
CA VAL VA 175 -12.02 47.39 -133.12
C VAL VA 175 -11.79 46.41 -134.27
N TRP VA 176 -12.74 45.50 -134.47
CA TRP VA 176 -12.64 44.46 -135.48
C TRP VA 176 -13.74 44.64 -136.53
N ASN VA 177 -13.60 43.90 -137.62
CA ASN VA 177 -14.56 43.92 -138.72
C ASN VA 177 -14.95 42.50 -139.07
N LEU VA 178 -16.18 42.34 -139.56
CA LEU VA 178 -16.71 41.03 -139.92
C LEU VA 178 -16.48 40.68 -141.38
N ALA VA 179 -15.80 41.52 -142.15
CA ALA VA 179 -15.55 41.24 -143.55
C ALA VA 179 -14.43 40.21 -143.70
N ASN VA 180 -13.23 40.53 -143.20
CA ASN VA 180 -12.10 39.62 -143.25
C ASN VA 180 -11.75 39.04 -141.88
N CYS VA 181 -12.60 39.26 -140.88
CA CYS VA 181 -12.40 38.77 -139.51
C CYS VA 181 -11.06 39.24 -138.91
N LYS VA 182 -10.67 40.47 -139.23
CA LYS VA 182 -9.43 41.04 -138.71
C LYS VA 182 -9.72 42.40 -138.09
N LEU VA 183 -8.87 42.80 -137.15
CA LEU VA 183 -9.07 44.04 -136.43
C LEU VA 183 -8.79 45.25 -137.33
N LYS VA 184 -9.62 46.28 -137.20
CA LYS VA 184 -9.41 47.50 -137.98
C LYS VA 184 -8.39 48.42 -137.31
N THR VA 185 -8.57 48.68 -136.01
CA THR VA 185 -7.68 49.56 -135.28
C THR VA 185 -7.75 49.21 -133.80
N ASN VA 186 -6.79 49.72 -133.04
CA ASN VA 186 -6.73 49.51 -131.60
C ASN VA 186 -6.66 50.87 -130.92
N HIS VA 187 -7.40 51.02 -129.82
CA HIS VA 187 -7.45 52.26 -129.06
C HIS VA 187 -6.59 52.09 -127.81
N ILE VA 188 -5.46 52.79 -127.79
CA ILE VA 188 -4.53 52.78 -126.66
C ILE VA 188 -4.59 54.15 -125.99
N GLY VA 189 -4.72 54.16 -124.66
CA GLY VA 189 -4.78 55.42 -123.95
C GLY VA 189 -5.67 55.44 -122.72
N HIS VA 190 -6.43 54.37 -122.48
CA HIS VA 190 -7.32 54.29 -121.34
C HIS VA 190 -6.62 53.53 -120.21
N THR VA 191 -6.59 54.14 -119.02
CA THR VA 191 -5.93 53.52 -117.87
C THR VA 191 -6.86 52.52 -117.20
N GLY VA 192 -6.31 51.34 -116.89
CA GLY VA 192 -7.05 50.36 -116.12
C GLY VA 192 -8.09 49.62 -116.93
N TYR VA 193 -8.88 48.82 -116.21
CA TYR VA 193 -9.90 47.99 -116.85
C TYR VA 193 -11.10 48.85 -117.25
N LEU VA 194 -11.97 48.27 -118.08
CA LEU VA 194 -13.12 48.95 -118.64
C LEU VA 194 -14.40 48.24 -118.21
N ASN VA 195 -15.40 49.03 -117.82
CA ASN VA 195 -16.67 48.49 -117.34
C ASN VA 195 -17.73 48.41 -118.44
N THR VA 196 -17.98 49.51 -119.16
CA THR VA 196 -19.06 49.57 -120.13
C THR VA 196 -18.59 50.22 -121.42
N VAL VA 197 -19.19 49.81 -122.53
CA VAL VA 197 -18.94 50.35 -123.85
C VAL VA 197 -20.28 50.54 -124.55
N THR VA 198 -20.54 51.73 -125.07
CA THR VA 198 -21.76 52.02 -125.81
C THR VA 198 -21.43 52.48 -127.22
N VAL VA 199 -22.31 52.11 -128.16
CA VAL VA 199 -22.18 52.50 -129.56
C VAL VA 199 -23.47 53.18 -129.98
N SER VA 200 -23.35 54.36 -130.58
CA SER VA 200 -24.51 55.14 -130.97
C SER VA 200 -25.20 54.53 -132.18
N PRO VA 201 -26.52 54.71 -132.30
CA PRO VA 201 -27.20 54.31 -133.54
C PRO VA 201 -26.75 55.07 -134.76
N ASP VA 202 -26.17 56.27 -134.59
CA ASP VA 202 -25.64 57.02 -135.72
C ASP VA 202 -24.44 56.32 -136.34
N GLY VA 203 -23.74 55.49 -135.56
CA GLY VA 203 -22.59 54.77 -136.07
C GLY VA 203 -21.35 55.60 -136.26
N SER VA 204 -21.24 56.74 -135.58
CA SER VA 204 -20.11 57.64 -135.72
C SER VA 204 -19.22 57.68 -134.48
N LEU VA 205 -19.80 57.91 -133.32
CA LEU VA 205 -19.04 58.08 -132.08
C LEU VA 205 -19.25 56.89 -131.15
N CYS VA 206 -18.20 56.52 -130.42
CA CYS VA 206 -18.21 55.37 -129.52
C CYS VA 206 -17.65 55.82 -128.17
N ALA VA 207 -18.44 55.66 -127.11
CA ALA VA 207 -18.04 56.04 -125.76
C ALA VA 207 -17.81 54.80 -124.91
N SER VA 208 -16.82 54.88 -124.02
CA SER VA 208 -16.49 53.80 -123.11
C SER VA 208 -16.12 54.37 -121.75
N GLY VA 209 -16.22 53.53 -120.72
CA GLY VA 209 -15.93 53.95 -119.37
C GLY VA 209 -15.15 52.92 -118.58
N GLY VA 210 -14.43 53.36 -117.55
CA GLY VA 210 -13.65 52.46 -116.73
C GLY VA 210 -13.68 52.79 -115.26
N LYS VA 211 -12.55 52.58 -114.57
CA LYS VA 211 -12.50 52.80 -113.13
C LYS VA 211 -12.44 54.30 -112.79
N ASP VA 212 -11.78 55.08 -113.64
CA ASP VA 212 -11.50 56.47 -113.30
C ASP VA 212 -12.68 57.38 -113.58
N GLY VA 213 -13.50 57.03 -114.56
CA GLY VA 213 -14.61 57.86 -114.98
C GLY VA 213 -14.36 58.66 -116.24
N GLN VA 214 -13.46 58.21 -117.11
CA GLN VA 214 -13.10 58.92 -118.33
C GLN VA 214 -14.09 58.54 -119.42
N ALA VA 215 -14.81 59.53 -119.94
CA ALA VA 215 -15.68 59.32 -121.10
C ALA VA 215 -14.79 59.26 -122.33
N MET VA 216 -14.35 58.05 -122.66
CA MET VA 216 -13.42 57.81 -123.76
C MET VA 216 -14.20 57.76 -125.07
N LEU VA 217 -14.25 58.89 -125.78
CA LEU VA 217 -14.98 58.99 -127.03
C LEU VA 217 -14.04 58.69 -128.20
N TRP VA 218 -14.39 57.68 -128.98
CA TRP VA 218 -13.67 57.33 -130.21
C TRP VA 218 -14.62 57.45 -131.39
N ASP VA 219 -14.08 57.23 -132.58
CA ASP VA 219 -14.85 57.28 -133.81
C ASP VA 219 -14.87 55.89 -134.44
N LEU VA 220 -16.05 55.46 -134.88
CA LEU VA 220 -16.20 54.13 -135.45
C LEU VA 220 -15.48 54.00 -136.78
N ASN VA 221 -15.66 54.98 -137.67
CA ASN VA 221 -15.13 54.86 -139.03
C ASN VA 221 -13.61 55.00 -139.06
N GLU VA 222 -13.03 55.76 -138.14
CA GLU VA 222 -11.58 55.95 -138.10
C GLU VA 222 -11.12 56.01 -136.65
N GLY VA 223 -10.10 55.23 -136.32
CA GLY VA 223 -9.65 55.12 -134.94
C GLY VA 223 -8.76 56.25 -134.47
N LYS VA 224 -9.34 57.44 -134.30
CA LYS VA 224 -8.62 58.61 -133.81
C LYS VA 224 -9.32 59.18 -132.59
N HIS VA 225 -8.54 59.83 -131.73
CA HIS VA 225 -9.05 60.41 -130.50
C HIS VA 225 -9.90 61.64 -130.79
N LEU VA 226 -11.10 61.69 -130.22
CA LEU VA 226 -11.98 62.86 -130.39
C LEU VA 226 -11.84 63.83 -129.21
N TYR VA 227 -12.20 63.36 -128.01
CA TYR VA 227 -12.17 64.17 -126.79
C TYR VA 227 -12.45 63.25 -125.61
N THR VA 228 -12.40 63.82 -124.40
CA THR VA 228 -12.53 63.07 -123.17
C THR VA 228 -13.26 63.91 -122.12
N LEU VA 229 -14.19 63.27 -121.40
CA LEU VA 229 -14.88 63.89 -120.27
C LEU VA 229 -14.68 63.06 -119.02
N ASP VA 230 -14.68 63.73 -117.87
CA ASP VA 230 -14.53 63.09 -116.58
C ASP VA 230 -15.83 63.15 -115.79
N GLY VA 231 -16.11 62.09 -115.04
CA GLY VA 231 -17.33 62.00 -114.26
C GLY VA 231 -17.12 62.17 -112.77
N GLY VA 232 -15.89 61.97 -112.31
CA GLY VA 232 -15.55 62.06 -110.90
C GLY VA 232 -15.70 60.76 -110.13
N ASP VA 233 -16.69 59.95 -110.49
CA ASP VA 233 -16.91 58.65 -109.89
C ASP VA 233 -16.65 57.56 -110.94
N ILE VA 234 -16.79 56.31 -110.53
CA ILE VA 234 -16.58 55.18 -111.42
C ILE VA 234 -17.80 55.01 -112.31
N ILE VA 235 -17.57 54.76 -113.59
CA ILE VA 235 -18.63 54.55 -114.57
C ILE VA 235 -18.87 53.05 -114.71
N ASN VA 236 -20.12 52.65 -114.57
CA ASN VA 236 -20.51 51.25 -114.69
C ASN VA 236 -21.45 50.96 -115.85
N ALA VA 237 -22.21 51.95 -116.32
CA ALA VA 237 -23.13 51.74 -117.42
C ALA VA 237 -23.19 53.00 -118.28
N LEU VA 238 -23.17 52.81 -119.59
CA LEU VA 238 -23.31 53.90 -120.54
C LEU VA 238 -24.31 53.51 -121.62
N CYS VA 239 -25.11 54.48 -122.04
CA CYS VA 239 -26.09 54.26 -123.09
C CYS VA 239 -26.37 55.58 -123.80
N PHE VA 240 -26.28 55.57 -125.14
CA PHE VA 240 -26.55 56.76 -125.92
C PHE VA 240 -28.04 56.85 -126.25
N SER VA 241 -28.58 58.06 -126.19
CA SER VA 241 -30.00 58.27 -126.44
C SER VA 241 -30.30 58.10 -127.93
N PRO VA 242 -31.21 57.20 -128.31
CA PRO VA 242 -31.48 57.00 -129.74
C PRO VA 242 -32.12 58.20 -130.43
N ASN VA 243 -32.74 59.11 -129.68
CA ASN VA 243 -33.36 60.30 -130.25
C ASN VA 243 -32.64 61.59 -129.85
N ARG VA 244 -32.31 61.73 -128.57
CA ARG VA 244 -31.63 62.93 -128.11
C ARG VA 244 -30.12 62.83 -128.34
N TYR VA 245 -29.47 63.99 -128.38
CA TYR VA 245 -28.02 64.07 -128.55
C TYR VA 245 -27.34 64.14 -127.18
N TRP VA 246 -27.61 63.12 -126.37
CA TRP VA 246 -27.12 63.05 -125.00
C TRP VA 246 -26.56 61.67 -124.71
N LEU VA 247 -25.67 61.60 -123.72
CA LEU VA 247 -25.10 60.34 -123.28
C LEU VA 247 -25.33 60.21 -121.78
N CYS VA 248 -25.99 59.13 -121.38
CA CYS VA 248 -26.27 58.88 -119.97
C CYS VA 248 -25.18 58.02 -119.36
N ALA VA 249 -24.66 58.44 -118.22
CA ALA VA 249 -23.56 57.76 -117.55
C ALA VA 249 -23.95 57.35 -116.15
N ALA VA 250 -23.48 56.18 -115.72
CA ALA VA 250 -23.70 55.68 -114.36
C ALA VA 250 -22.44 55.94 -113.55
N THR VA 251 -22.30 57.19 -113.11
CA THR VA 251 -21.14 57.63 -112.34
C THR VA 251 -21.47 57.48 -110.86
N GLY VA 252 -21.31 56.26 -110.35
CA GLY VA 252 -21.62 55.96 -108.97
C GLY VA 252 -23.10 56.10 -108.68
N PRO VA 253 -23.44 56.65 -107.52
CA PRO VA 253 -24.84 56.87 -107.16
C PRO VA 253 -25.49 58.07 -107.84
N SER VA 254 -24.76 58.83 -108.65
CA SER VA 254 -25.28 60.00 -109.33
C SER VA 254 -25.41 59.68 -110.83
N ILE VA 255 -26.61 59.85 -111.36
CA ILE VA 255 -26.87 59.63 -112.78
C ILE VA 255 -26.57 60.92 -113.54
N LYS VA 256 -25.37 61.01 -114.10
CA LYS VA 256 -24.91 62.23 -114.76
C LYS VA 256 -24.96 62.07 -116.27
N ILE VA 257 -25.56 63.04 -116.95
CA ILE VA 257 -25.62 63.05 -118.40
C ILE VA 257 -24.82 64.26 -118.90
N TRP VA 258 -24.43 64.20 -120.18
CA TRP VA 258 -23.71 65.29 -120.80
C TRP VA 258 -24.29 65.57 -122.18
N ASP VA 259 -23.93 66.73 -122.73
CA ASP VA 259 -24.16 67.05 -124.12
C ASP VA 259 -22.88 66.75 -124.89
N LEU VA 260 -23.00 66.01 -125.99
CA LEU VA 260 -21.80 65.54 -126.68
C LEU VA 260 -21.07 66.67 -127.39
N GLU VA 261 -21.81 67.67 -127.88
CA GLU VA 261 -21.18 68.82 -128.53
C GLU VA 261 -20.65 69.80 -127.48
N GLY VA 262 -21.54 70.27 -126.60
CA GLY VA 262 -21.13 71.15 -125.53
C GLY VA 262 -20.63 70.39 -124.31
N LYS VA 263 -19.31 70.40 -124.10
CA LYS VA 263 -18.68 69.59 -123.05
C LYS VA 263 -18.95 70.24 -121.70
N ILE VA 264 -20.12 69.90 -121.13
CA ILE VA 264 -20.53 70.45 -119.84
C ILE VA 264 -21.54 69.49 -119.22
N ILE VA 265 -21.62 69.50 -117.89
CA ILE VA 265 -22.62 68.70 -117.20
C ILE VA 265 -24.01 69.28 -117.46
N VAL VA 266 -24.95 68.40 -117.78
CA VAL VA 266 -26.31 68.83 -118.08
C VAL VA 266 -27.21 68.56 -116.89
N ASP VA 267 -27.38 67.29 -116.54
CA ASP VA 267 -28.25 66.90 -115.43
C ASP VA 267 -27.57 65.84 -114.59
N GLU VA 268 -27.76 65.94 -113.28
CA GLU VA 268 -27.27 64.96 -112.32
C GLU VA 268 -28.43 64.52 -111.44
N LEU VA 269 -28.69 63.22 -111.38
CA LEU VA 269 -29.83 62.67 -110.67
C LEU VA 269 -29.36 61.94 -109.43
N LYS VA 270 -29.91 62.32 -108.27
CA LYS VA 270 -29.63 61.70 -106.99
C LYS VA 270 -30.93 61.37 -106.29
N GLN VA 271 -30.97 60.20 -105.67
CA GLN VA 271 -32.14 59.81 -104.90
C GLN VA 271 -32.12 60.48 -103.53
N GLU VA 272 -33.31 60.78 -103.02
CA GLU VA 272 -33.47 61.47 -101.74
C GLU VA 272 -33.65 60.52 -100.56
N VAL VA 273 -33.52 59.22 -100.77
CA VAL VA 273 -33.78 58.25 -99.71
C VAL VA 273 -32.50 57.49 -99.37
N ILE VA 274 -31.35 58.16 -99.49
CA ILE VA 274 -30.09 57.56 -99.11
C ILE VA 274 -30.06 57.37 -97.60
N SER VA 275 -30.08 56.11 -97.17
CA SER VA 275 -30.13 55.79 -95.74
C SER VA 275 -28.83 55.20 -95.21
N THR VA 276 -27.86 54.90 -96.06
CA THR VA 276 -26.58 54.32 -95.63
C THR VA 276 -25.64 55.46 -95.27
N SER VA 277 -25.96 56.13 -94.15
CA SER VA 277 -25.18 57.25 -93.67
C SER VA 277 -24.19 56.88 -92.57
N SER VA 278 -24.12 55.62 -92.18
CA SER VA 278 -23.26 55.17 -91.08
C SER VA 278 -22.21 54.22 -91.63
N LYS VA 279 -21.11 54.80 -92.13
CA LYS VA 279 -19.93 54.05 -92.57
C LYS VA 279 -20.26 53.01 -93.63
N ALA VA 280 -21.20 53.32 -94.53
CA ALA VA 280 -21.61 52.40 -95.57
C ALA VA 280 -21.62 53.10 -96.92
N GLU VA 281 -21.21 52.38 -97.95
CA GLU VA 281 -21.21 52.94 -99.30
C GLU VA 281 -22.65 53.11 -99.79
N PRO VA 282 -23.00 54.27 -100.35
CA PRO VA 282 -24.36 54.45 -100.86
C PRO VA 282 -24.60 53.58 -102.08
N PRO VA 283 -25.85 53.18 -102.34
CA PRO VA 283 -26.14 52.36 -103.52
C PRO VA 283 -25.86 53.13 -104.81
N GLN VA 284 -25.08 52.51 -105.69
CA GLN VA 284 -24.66 53.15 -106.93
C GLN VA 284 -25.54 52.69 -108.08
N CYS VA 285 -25.30 53.27 -109.26
CA CYS VA 285 -26.00 52.90 -110.48
C CYS VA 285 -25.06 52.05 -111.34
N THR VA 286 -25.56 50.88 -111.77
CA THR VA 286 -24.73 49.94 -112.53
C THR VA 286 -25.33 49.51 -113.86
N SER VA 287 -26.62 49.77 -114.11
CA SER VA 287 -27.24 49.31 -115.36
C SER VA 287 -28.45 50.20 -115.65
N LEU VA 288 -28.42 50.89 -116.78
CA LEU VA 288 -29.55 51.70 -117.21
C LEU VA 288 -29.43 51.93 -118.72
N ALA VA 289 -30.58 52.23 -119.33
CA ALA VA 289 -30.61 52.46 -120.77
C ALA VA 289 -31.83 53.32 -121.10
N TRP VA 290 -31.77 53.93 -122.28
CA TRP VA 290 -32.87 54.74 -122.78
C TRP VA 290 -33.93 53.86 -123.42
N SER VA 291 -35.15 54.40 -123.52
CA SER VA 291 -36.26 53.69 -124.13
C SER VA 291 -36.27 53.99 -125.63
N ALA VA 292 -37.35 53.60 -126.31
CA ALA VA 292 -37.43 53.81 -127.76
C ALA VA 292 -37.59 55.29 -128.10
N ASP VA 293 -38.38 56.02 -127.32
CA ASP VA 293 -38.64 57.42 -127.58
C ASP VA 293 -37.80 58.37 -126.73
N GLY VA 294 -37.09 57.85 -125.73
CA GLY VA 294 -36.26 58.68 -124.88
C GLY VA 294 -36.99 59.44 -123.81
N GLN VA 295 -38.32 59.33 -123.74
CA GLN VA 295 -39.08 60.04 -122.72
C GLN VA 295 -38.93 59.38 -121.35
N THR VA 296 -38.83 58.05 -121.33
CA THR VA 296 -38.73 57.28 -120.10
C THR VA 296 -37.34 56.64 -120.00
N LEU VA 297 -36.76 56.69 -118.81
CA LEU VA 297 -35.45 56.09 -118.56
C LEU VA 297 -35.57 55.19 -117.34
N PHE VA 298 -35.15 53.94 -117.47
CA PHE VA 298 -35.16 52.98 -116.37
C PHE VA 298 -33.75 52.88 -115.82
N ALA VA 299 -33.59 53.20 -114.53
CA ALA VA 299 -32.29 53.23 -113.87
C ALA VA 299 -32.32 52.29 -112.68
N GLY VA 300 -31.79 51.08 -112.87
CA GLY VA 300 -31.75 50.11 -111.80
C GLY VA 300 -30.53 50.31 -110.92
N TYR VA 301 -30.74 50.41 -109.61
CA TYR VA 301 -29.65 50.58 -108.66
C TYR VA 301 -29.20 49.22 -108.14
N THR VA 302 -28.35 49.22 -107.12
CA THR VA 302 -27.82 47.98 -106.56
C THR VA 302 -28.67 47.44 -105.41
N ASP VA 303 -29.73 48.15 -105.01
CA ASP VA 303 -30.60 47.73 -103.93
C ASP VA 303 -31.92 47.13 -104.42
N ASN VA 304 -31.88 46.41 -105.54
CA ASN VA 304 -33.05 45.71 -106.11
C ASN VA 304 -34.17 46.69 -106.46
N LEU VA 305 -33.80 47.89 -106.90
CA LEU VA 305 -34.76 48.92 -107.25
C LEU VA 305 -34.41 49.51 -108.61
N VAL VA 306 -35.43 49.75 -109.42
CA VAL VA 306 -35.28 50.36 -110.74
C VAL VA 306 -36.06 51.66 -110.71
N ARG VA 307 -35.36 52.77 -110.48
CA ARG VA 307 -36.00 54.07 -110.43
C ARG VA 307 -36.21 54.62 -111.83
N VAL VA 308 -37.43 55.08 -112.09
CA VAL VA 308 -37.78 55.61 -113.41
C VAL VA 308 -37.45 57.09 -113.45
N TRP VA 309 -37.24 57.61 -114.66
CA TRP VA 309 -36.89 59.01 -114.87
C TRP VA 309 -37.59 59.48 -116.15
N GLN VA 310 -38.70 60.21 -115.99
CA GLN VA 310 -39.43 60.75 -117.12
C GLN VA 310 -39.02 62.19 -117.36
N VAL VA 311 -38.68 62.52 -118.61
CA VAL VA 311 -38.30 63.89 -118.94
C VAL VA 311 -39.54 64.77 -118.94
N THR VA 312 -39.48 65.87 -118.20
CA THR VA 312 -40.64 66.75 -118.08
C THR VA 312 -40.79 67.64 -119.30
N ILE VA 313 -39.78 68.46 -119.59
CA ILE VA 313 -39.83 69.38 -120.72
C ILE VA 313 -39.39 68.67 -122.00
N SER WA 1 34.52 76.18 -87.33
CA SER WA 1 33.60 76.21 -86.20
C SER WA 1 34.12 77.11 -85.09
N GLY WA 2 35.31 76.82 -84.59
CA GLY WA 2 35.89 77.59 -83.51
C GLY WA 2 36.41 78.95 -83.94
N ALA WA 3 35.69 80.01 -83.55
CA ALA WA 3 36.05 81.39 -83.87
C ALA WA 3 36.21 81.60 -85.38
N LEU WA 4 35.34 80.99 -86.16
CA LEU WA 4 35.39 81.06 -87.61
C LEU WA 4 34.54 82.22 -88.10
N ASP WA 5 35.12 83.07 -88.96
CA ASP WA 5 34.44 84.27 -89.41
C ASP WA 5 33.25 83.95 -90.30
N VAL WA 6 33.19 82.73 -90.82
CA VAL WA 6 32.07 82.34 -91.69
C VAL WA 6 30.91 81.80 -90.86
N LEU WA 7 31.15 81.50 -89.59
CA LEU WA 7 30.29 80.62 -88.80
C LEU WA 7 30.01 81.20 -87.41
N GLN WA 8 29.58 82.46 -87.35
CA GLN WA 8 29.14 83.02 -86.08
C GLN WA 8 27.67 82.65 -85.86
N MET WA 9 27.10 83.14 -84.76
CA MET WA 9 25.67 82.99 -84.54
C MET WA 9 24.94 84.03 -85.36
N LYS WA 10 24.00 83.59 -86.19
CA LYS WA 10 23.44 84.43 -87.25
C LYS WA 10 22.15 85.12 -86.80
N GLU WA 11 21.97 86.35 -87.29
CA GLU WA 11 20.79 87.14 -86.96
C GLU WA 11 19.50 86.52 -87.49
N GLU WA 12 19.52 86.00 -88.73
CA GLU WA 12 18.30 85.42 -89.28
C GLU WA 12 17.89 84.14 -88.57
N ASP WA 13 18.82 83.47 -87.89
CA ASP WA 13 18.46 82.33 -87.05
C ASP WA 13 17.94 82.73 -85.68
N VAL WA 14 18.13 83.98 -85.26
CA VAL WA 14 17.70 84.39 -83.91
C VAL WA 14 16.18 84.28 -83.78
N LEU WA 15 15.45 84.80 -84.75
CA LEU WA 15 13.99 84.89 -84.65
C LEU WA 15 13.32 83.52 -84.75
N LYS WA 16 14.00 82.52 -85.32
CA LYS WA 16 13.38 81.22 -85.50
C LYS WA 16 13.27 80.46 -84.18
N PHE WA 17 14.33 80.48 -83.36
CA PHE WA 17 14.30 79.76 -82.10
C PHE WA 17 13.36 80.39 -81.09
N LEU WA 18 13.28 81.72 -81.05
CA LEU WA 18 12.46 82.39 -80.05
C LEU WA 18 10.97 82.17 -80.32
N ALA WA 19 10.57 82.14 -81.58
CA ALA WA 19 9.16 81.90 -81.90
C ALA WA 19 8.78 80.45 -81.73
N ALA WA 20 9.72 79.52 -81.96
CA ALA WA 20 9.40 78.09 -81.91
C ALA WA 20 9.21 77.60 -80.49
N GLY WA 21 10.03 78.04 -79.55
CA GLY WA 21 9.97 77.54 -78.20
C GLY WA 21 11.03 76.49 -77.93
N THR WA 22 12.23 76.71 -78.48
CA THR WA 22 13.34 75.78 -78.35
C THR WA 22 14.12 76.00 -77.07
N HIS WA 23 14.37 77.26 -76.71
CA HIS WA 23 15.21 77.58 -75.56
C HIS WA 23 14.55 77.21 -74.24
N LEU WA 24 13.22 77.07 -74.20
CA LEU WA 24 12.54 76.66 -72.99
C LEU WA 24 12.78 75.18 -72.74
N GLY WA 25 13.08 74.82 -71.49
CA GLY WA 25 13.36 73.45 -71.11
C GLY WA 25 12.20 72.80 -70.39
N GLY WA 26 12.53 71.85 -69.52
CA GLY WA 26 11.56 71.14 -68.72
C GLY WA 26 11.60 71.55 -67.26
N THR WA 27 10.67 70.97 -66.50
CA THR WA 27 10.58 71.27 -65.07
C THR WA 27 11.73 70.66 -64.28
N ASN WA 28 12.16 69.46 -64.64
CA ASN WA 28 13.21 68.76 -63.93
C ASN WA 28 14.56 69.04 -64.60
N LEU WA 29 15.58 68.31 -64.15
CA LEU WA 29 16.93 68.47 -64.68
C LEU WA 29 17.67 67.15 -64.63
N ASP WA 30 18.32 66.79 -65.74
CA ASP WA 30 19.27 65.70 -65.75
C ASP WA 30 20.64 66.23 -65.35
N PHE WA 31 21.41 65.42 -64.63
CA PHE WA 31 22.66 65.87 -64.04
C PHE WA 31 23.75 66.14 -65.07
N GLN WA 32 23.60 65.67 -66.32
CA GLN WA 32 24.71 65.76 -67.26
C GLN WA 32 24.92 67.18 -67.79
N MET WA 33 23.85 67.90 -68.11
CA MET WA 33 23.99 69.18 -68.83
C MET WA 33 24.03 70.37 -67.85
N GLU WA 34 25.05 70.36 -67.00
CA GLU WA 34 25.30 71.52 -66.15
C GLU WA 34 25.81 72.70 -66.96
N GLN WA 35 26.66 72.42 -67.96
CA GLN WA 35 27.26 73.46 -68.79
C GLN WA 35 26.34 73.98 -69.87
N TYR WA 36 25.23 73.29 -70.15
CA TYR WA 36 24.37 73.64 -71.27
C TYR WA 36 23.18 74.51 -70.86
N ILE WA 37 23.07 74.85 -69.58
CA ILE WA 37 21.93 75.58 -69.05
C ILE WA 37 22.42 76.91 -68.48
N TYR WA 38 21.78 78.00 -68.90
CA TYR WA 38 22.17 79.33 -68.42
C TYR WA 38 21.54 79.65 -67.07
N LYS WA 39 20.21 79.69 -67.01
CA LYS WA 39 19.52 80.12 -65.81
C LYS WA 39 18.11 79.54 -65.82
N ARG WA 40 17.46 79.57 -64.66
CA ARG WA 40 16.08 79.13 -64.52
C ARG WA 40 15.16 80.34 -64.57
N LYS WA 41 14.21 80.32 -65.49
CA LYS WA 41 13.23 81.39 -65.57
C LYS WA 41 12.09 81.11 -64.58
N SER WA 42 11.00 81.87 -64.72
CA SER WA 42 9.82 81.68 -63.89
C SER WA 42 9.19 80.30 -64.12
N ASP WA 43 8.16 80.02 -63.32
CA ASP WA 43 7.30 78.82 -63.32
C ASP WA 43 8.05 77.52 -63.65
N GLY WA 44 9.27 77.37 -63.12
CA GLY WA 44 9.97 76.10 -63.13
C GLY WA 44 10.58 75.68 -64.45
N ILE WA 45 10.68 76.57 -65.43
CA ILE WA 45 11.21 76.21 -66.73
C ILE WA 45 12.67 76.63 -66.82
N TYR WA 46 13.49 75.76 -67.35
CA TYR WA 46 14.90 76.06 -67.58
C TYR WA 46 15.08 76.80 -68.91
N ILE WA 47 16.29 77.33 -69.10
CA ILE WA 47 16.66 78.03 -70.32
C ILE WA 47 17.82 77.28 -70.96
N ILE WA 48 17.65 76.90 -72.22
CA ILE WA 48 18.71 76.26 -72.98
C ILE WA 48 19.48 77.33 -73.75
N ASN WA 49 20.79 77.38 -73.55
CA ASN WA 49 21.62 78.40 -74.18
C ASN WA 49 21.69 78.16 -75.69
N LEU WA 50 21.56 79.24 -76.45
CA LEU WA 50 21.64 79.17 -77.91
C LEU WA 50 23.06 79.02 -78.41
N LYS WA 51 24.04 79.57 -77.68
CA LYS WA 51 25.44 79.40 -78.07
C LYS WA 51 25.87 77.95 -77.96
N ARG WA 52 25.40 77.24 -76.94
CA ARG WA 52 25.70 75.81 -76.83
C ARG WA 52 24.98 75.00 -77.90
N THR WA 53 23.78 75.44 -78.30
CA THR WA 53 23.08 74.77 -79.38
C THR WA 53 23.81 74.92 -80.71
N TRP WA 54 24.38 76.10 -80.97
CA TRP WA 54 25.15 76.32 -82.18
C TRP WA 54 26.42 75.49 -82.21
N GLU WA 55 27.16 75.45 -81.11
CA GLU WA 55 28.45 74.76 -81.11
C GLU WA 55 28.28 73.24 -81.18
N LYS WA 56 27.31 72.69 -80.45
CA LYS WA 56 27.12 71.24 -80.47
C LYS WA 56 26.46 70.80 -81.77
N LEU WA 57 25.78 71.72 -82.47
CA LEU WA 57 25.32 71.44 -83.83
C LEU WA 57 26.47 71.30 -84.80
N LEU WA 58 27.54 72.08 -84.64
CA LEU WA 58 28.65 72.02 -85.58
C LEU WA 58 29.42 70.70 -85.42
N LEU WA 59 29.74 70.32 -84.19
CA LEU WA 59 30.39 69.04 -83.93
C LEU WA 59 29.54 67.85 -84.36
N ALA WA 60 28.21 67.98 -84.27
CA ALA WA 60 27.33 67.00 -84.89
C ALA WA 60 27.45 67.04 -86.40
N ALA WA 61 27.46 68.24 -86.98
CA ALA WA 61 27.58 68.42 -88.41
C ALA WA 61 29.00 68.19 -88.92
N ARG WA 62 29.99 68.15 -88.03
CA ARG WA 62 31.32 67.69 -88.44
C ARG WA 62 31.27 66.23 -88.84
N ALA WA 63 30.67 65.39 -88.01
CA ALA WA 63 30.68 63.95 -88.22
C ALA WA 63 29.79 63.52 -89.37
N ILE WA 64 28.76 64.29 -89.71
CA ILE WA 64 27.88 63.91 -90.82
C ILE WA 64 28.64 63.98 -92.14
N VAL WA 65 29.34 65.10 -92.38
CA VAL WA 65 30.07 65.27 -93.63
C VAL WA 65 31.42 64.55 -93.58
N ALA WA 66 31.95 64.26 -92.38
CA ALA WA 66 33.19 63.49 -92.27
C ALA WA 66 33.03 62.09 -92.84
N ILE WA 67 31.87 61.47 -92.64
CA ILE WA 67 31.54 60.23 -93.34
C ILE WA 67 31.20 60.62 -94.78
N GLU WA 68 32.13 60.37 -95.70
CA GLU WA 68 31.98 60.86 -97.07
C GLU WA 68 30.85 60.16 -97.82
N ASN WA 69 30.43 58.98 -97.37
CA ASN WA 69 29.31 58.29 -97.98
C ASN WA 69 28.08 58.49 -97.13
N PRO WA 70 27.06 59.22 -97.60
CA PRO WA 70 25.82 59.35 -96.83
C PRO WA 70 24.84 58.20 -97.01
N ALA WA 71 25.17 57.21 -97.84
CA ALA WA 71 24.26 56.10 -98.10
C ALA WA 71 24.13 55.17 -96.89
N ASP WA 72 25.15 55.10 -96.05
CA ASP WA 72 25.18 54.23 -94.88
C ASP WA 72 25.14 55.03 -93.58
N VAL WA 73 24.25 56.02 -93.52
CA VAL WA 73 23.97 56.75 -92.29
C VAL WA 73 22.49 56.55 -91.98
N SER WA 74 22.20 56.08 -90.77
CA SER WA 74 20.83 55.75 -90.37
C SER WA 74 20.23 56.86 -89.53
N VAL WA 75 18.91 57.04 -89.68
CA VAL WA 75 18.15 58.07 -88.98
C VAL WA 75 16.93 57.43 -88.34
N ILE WA 76 16.72 57.71 -87.05
CA ILE WA 76 15.65 57.08 -86.27
C ILE WA 76 14.74 58.18 -85.70
N SER WA 77 13.44 57.99 -85.86
CA SER WA 77 12.45 58.77 -85.12
C SER WA 77 11.24 57.88 -84.90
N SER WA 78 11.14 57.30 -83.70
CA SER WA 78 9.99 56.47 -83.34
C SER WA 78 8.83 57.28 -82.80
N ARG WA 79 9.08 58.47 -82.27
CA ARG WA 79 8.00 59.36 -81.86
C ARG WA 79 7.38 60.01 -83.10
N ASN WA 80 6.06 60.19 -83.05
CA ASN WA 80 5.34 60.75 -84.19
C ASN WA 80 5.63 62.23 -84.41
N THR WA 81 6.24 62.90 -83.43
CA THR WA 81 6.56 64.32 -83.54
C THR WA 81 7.72 64.59 -84.49
N GLY WA 82 8.65 63.64 -84.65
CA GLY WA 82 9.76 63.80 -85.57
C GLY WA 82 9.65 62.89 -86.77
N GLN WA 83 8.43 62.40 -87.05
CA GLN WA 83 8.22 61.45 -88.13
C GLN WA 83 8.37 62.08 -89.50
N ARG WA 84 7.77 63.25 -89.72
CA ARG WA 84 7.73 63.83 -91.06
C ARG WA 84 9.08 64.37 -91.50
N ALA WA 85 9.86 64.93 -90.57
CA ALA WA 85 11.12 65.57 -90.93
C ALA WA 85 12.14 64.56 -91.44
N VAL WA 86 12.30 63.45 -90.71
CA VAL WA 86 13.44 62.56 -90.93
C VAL WA 86 13.26 61.61 -92.11
N LEU WA 87 12.03 61.40 -92.59
CA LEU WA 87 11.81 60.43 -93.66
C LEU WA 87 12.36 60.92 -94.99
N LYS WA 88 12.18 62.20 -95.31
CA LYS WA 88 12.60 62.72 -96.60
C LYS WA 88 14.08 63.10 -96.61
N PHE WA 89 14.72 63.12 -95.44
CA PHE WA 89 16.18 63.29 -95.40
C PHE WA 89 16.91 62.10 -96.00
N ALA WA 90 16.28 60.93 -96.00
CA ALA WA 90 16.85 59.79 -96.72
C ALA WA 90 16.91 60.06 -98.23
N ALA WA 91 15.88 60.70 -98.77
CA ALA WA 91 15.88 61.05 -100.18
C ALA WA 91 16.76 62.26 -100.47
N ALA WA 92 16.80 63.22 -99.56
CA ALA WA 92 17.53 64.47 -99.81
C ALA WA 92 19.03 64.29 -99.58
N THR WA 93 19.42 63.96 -98.35
CA THR WA 93 20.83 63.76 -98.05
C THR WA 93 21.37 62.48 -98.67
N GLY WA 94 20.59 61.41 -98.63
CA GLY WA 94 21.03 60.13 -99.14
C GLY WA 94 21.08 59.06 -98.07
N ALA WA 95 20.48 59.36 -96.91
CA ALA WA 95 20.56 58.49 -95.75
C ALA WA 95 19.61 57.29 -95.91
N THR WA 96 19.60 56.43 -94.89
CA THR WA 96 18.70 55.29 -94.82
C THR WA 96 17.78 55.46 -93.62
N PRO WA 97 16.46 55.46 -93.81
CA PRO WA 97 15.56 55.85 -92.74
C PRO WA 97 15.11 54.69 -91.85
N ILE WA 98 14.92 55.02 -90.57
CA ILE WA 98 14.27 54.14 -89.61
C ILE WA 98 13.12 54.95 -89.04
N ALA WA 99 11.93 54.80 -89.61
CA ALA WA 99 10.78 55.65 -89.28
C ALA WA 99 9.75 54.81 -88.53
N GLY WA 100 9.94 54.69 -87.22
CA GLY WA 100 8.99 53.99 -86.37
C GLY WA 100 9.01 52.48 -86.51
N ARG WA 101 8.63 51.79 -85.43
CA ARG WA 101 8.53 50.33 -85.38
C ARG WA 101 9.86 49.68 -85.79
N PHE WA 102 10.86 49.91 -84.94
CA PHE WA 102 12.17 49.33 -85.17
C PHE WA 102 12.19 47.89 -84.69
N THR WA 103 12.82 47.02 -85.49
CA THR WA 103 12.86 45.60 -85.16
C THR WA 103 14.14 45.26 -84.42
N PRO WA 104 14.04 44.66 -83.23
CA PRO WA 104 15.24 44.19 -82.53
C PRO WA 104 15.91 43.04 -83.27
N GLY WA 105 17.23 43.08 -83.31
CA GLY WA 105 18.03 42.07 -83.98
C GLY WA 105 18.54 42.46 -85.34
N THR WA 106 18.27 43.69 -85.80
CA THR WA 106 18.75 44.13 -87.10
C THR WA 106 20.26 44.32 -87.15
N PHE WA 107 20.95 44.28 -86.01
CA PHE WA 107 22.39 44.46 -85.99
C PHE WA 107 23.17 43.23 -85.59
N THR WA 108 22.51 42.16 -85.15
CA THR WA 108 23.17 40.92 -84.74
C THR WA 108 22.75 39.70 -85.53
N ASN WA 109 21.59 39.73 -86.18
CA ASN WA 109 21.10 38.60 -86.97
C ASN WA 109 21.54 38.77 -88.42
N GLN WA 110 22.28 37.78 -88.93
CA GLN WA 110 22.70 37.76 -90.32
C GLN WA 110 21.65 37.16 -91.24
N ILE WA 111 20.54 36.66 -90.70
CA ILE WA 111 19.48 36.07 -91.49
C ILE WA 111 18.38 37.06 -91.83
N GLN WA 112 18.21 38.10 -91.02
CA GLN WA 112 17.14 39.07 -91.24
C GLN WA 112 17.37 39.86 -92.52
N THR WA 113 16.27 40.24 -93.18
CA THR WA 113 16.36 41.01 -94.42
C THR WA 113 16.90 42.41 -94.15
N ALA WA 114 16.52 43.02 -93.03
CA ALA WA 114 16.96 44.36 -92.69
C ALA WA 114 18.24 44.34 -91.87
N PHE WA 115 19.25 43.64 -92.39
CA PHE WA 115 20.55 43.57 -91.75
C PHE WA 115 21.42 44.69 -92.30
N ARG WA 116 21.80 45.63 -91.44
CA ARG WA 116 22.47 46.85 -91.86
C ARG WA 116 23.77 47.03 -91.11
N GLU WA 117 24.73 47.70 -91.75
CA GLU WA 117 25.97 48.14 -91.12
C GLU WA 117 26.24 49.59 -91.48
N PRO WA 118 25.53 50.53 -90.87
CA PRO WA 118 25.70 51.95 -91.20
C PRO WA 118 26.98 52.52 -90.59
N ARG WA 119 27.11 53.84 -90.66
CA ARG WA 119 28.22 54.54 -90.05
C ARG WA 119 27.82 55.56 -89.00
N LEU WA 120 26.61 56.11 -89.06
CA LEU WA 120 26.19 57.15 -88.13
C LEU WA 120 24.70 57.02 -87.88
N LEU WA 121 24.30 57.30 -86.64
CA LEU WA 121 22.94 57.06 -86.17
C LEU WA 121 22.33 58.38 -85.74
N VAL WA 122 21.05 58.58 -86.06
CA VAL WA 122 20.36 59.82 -85.73
C VAL WA 122 19.15 59.47 -84.85
N VAL WA 123 19.08 60.10 -83.68
CA VAL WA 123 18.04 59.84 -82.68
C VAL WA 123 17.32 61.15 -82.39
N THR WA 124 15.98 61.11 -82.45
CA THR WA 124 15.21 62.29 -82.08
C THR WA 124 15.12 62.50 -80.57
N ASP WA 125 15.11 61.42 -79.79
CA ASP WA 125 15.09 61.46 -78.33
C ASP WA 125 15.46 60.09 -77.75
N PRO WA 126 16.27 60.04 -76.69
CA PRO WA 126 16.77 58.74 -76.21
C PRO WA 126 15.72 57.86 -75.55
N ARG WA 127 14.63 58.42 -75.04
CA ARG WA 127 13.65 57.59 -74.32
C ARG WA 127 12.85 56.70 -75.26
N ALA WA 128 12.37 57.25 -76.39
CA ALA WA 128 11.63 56.42 -77.33
C ALA WA 128 12.59 55.60 -78.20
N ASP WA 129 13.86 55.98 -78.24
CA ASP WA 129 14.85 55.27 -79.04
C ASP WA 129 15.94 54.68 -78.16
N HIS WA 130 15.56 54.12 -77.02
CA HIS WA 130 16.54 53.47 -76.15
C HIS WA 130 16.99 52.13 -76.70
N GLN WA 131 16.08 51.39 -77.33
CA GLN WA 131 16.38 50.08 -77.93
C GLN WA 131 17.41 50.18 -79.06
N PRO WA 132 17.36 51.17 -79.97
CA PRO WA 132 18.49 51.33 -80.90
C PRO WA 132 19.81 51.60 -80.22
N LEU WA 133 19.81 52.27 -79.06
CA LEU WA 133 21.06 52.53 -78.36
C LEU WA 133 21.63 51.27 -77.70
N THR WA 134 20.83 50.21 -77.55
CA THR WA 134 21.32 48.98 -76.97
C THR WA 134 22.36 48.32 -77.85
N GLU WA 135 22.06 48.16 -79.15
CA GLU WA 135 22.99 47.56 -80.08
C GLU WA 135 24.16 48.47 -80.43
N ALA WA 136 24.10 49.75 -80.06
CA ALA WA 136 25.23 50.64 -80.25
C ALA WA 136 26.41 50.26 -79.36
N SER WA 137 26.16 49.53 -78.27
CA SER WA 137 27.23 49.04 -77.42
C SER WA 137 27.74 47.68 -77.85
N TYR WA 138 27.08 47.02 -78.80
CA TYR WA 138 27.52 45.72 -79.29
C TYR WA 138 28.29 45.84 -80.61
N VAL WA 139 27.91 46.80 -81.46
CA VAL WA 139 28.63 47.08 -82.69
C VAL WA 139 28.97 48.56 -82.68
N ASN WA 140 30.19 48.89 -83.12
CA ASN WA 140 30.73 50.23 -82.96
C ASN WA 140 30.05 51.24 -83.87
N LEU WA 141 29.03 51.93 -83.37
CA LEU WA 141 28.25 52.87 -84.17
C LEU WA 141 28.12 54.22 -83.48
N PRO WA 142 28.67 55.30 -84.05
CA PRO WA 142 28.40 56.65 -83.55
C PRO WA 142 26.92 57.01 -83.65
N THR WA 143 26.48 57.90 -82.76
CA THR WA 143 25.09 58.33 -82.73
C THR WA 143 24.97 59.83 -82.42
N ILE WA 144 23.91 60.44 -82.94
CA ILE WA 144 23.44 61.77 -82.52
C ILE WA 144 22.05 61.64 -81.93
N ALA WA 145 21.83 62.29 -80.79
CA ALA WA 145 20.52 62.31 -80.14
C ALA WA 145 20.13 63.75 -79.82
N LEU WA 146 18.92 64.14 -80.20
CA LEU WA 146 18.42 65.46 -79.86
C LEU WA 146 17.88 65.42 -78.44
N CYS WA 147 18.66 65.93 -77.49
CA CYS WA 147 18.36 65.76 -76.07
C CYS WA 147 17.65 66.99 -75.51
N ASN WA 148 16.73 66.72 -74.59
CA ASN WA 148 16.03 67.75 -73.85
C ASN WA 148 16.78 68.04 -72.56
N THR WA 149 16.16 68.78 -71.64
CA THR WA 149 16.73 68.99 -70.33
C THR WA 149 16.48 67.82 -69.39
N ASP WA 150 15.69 66.83 -69.81
CA ASP WA 150 15.40 65.66 -69.02
C ASP WA 150 15.80 64.35 -69.69
N SER WA 151 16.15 64.38 -70.98
CA SER WA 151 16.49 63.16 -71.70
C SER WA 151 17.78 62.55 -71.16
N PRO WA 152 17.82 61.22 -71.02
CA PRO WA 152 19.04 60.57 -70.55
C PRO WA 152 20.13 60.59 -71.61
N LEU WA 153 21.36 60.43 -71.14
CA LEU WA 153 22.54 60.46 -72.00
C LEU WA 153 23.26 59.11 -71.98
N ARG WA 154 22.48 58.03 -71.93
CA ARG WA 154 23.03 56.68 -71.87
C ARG WA 154 23.27 56.17 -73.29
N TYR WA 155 24.50 55.74 -73.56
CA TYR WA 155 24.96 55.27 -74.87
C TYR WA 155 24.78 56.33 -75.96
N VAL WA 156 24.80 57.60 -75.60
CA VAL WA 156 24.70 58.69 -76.56
C VAL WA 156 26.08 59.30 -76.70
N ASP WA 157 26.60 59.34 -77.94
CA ASP WA 157 27.95 59.86 -78.16
C ASP WA 157 27.96 61.38 -78.29
N ILE WA 158 27.14 61.94 -79.18
CA ILE WA 158 27.10 63.38 -79.38
C ILE WA 158 25.67 63.82 -79.09
N ALA WA 159 25.53 64.90 -78.32
CA ALA WA 159 24.20 65.34 -77.88
C ALA WA 159 24.07 66.86 -78.03
N ILE WA 160 22.87 67.30 -78.41
CA ILE WA 160 22.55 68.68 -78.67
C ILE WA 160 21.35 69.07 -77.81
N PRO WA 161 21.51 70.02 -76.86
CA PRO WA 161 20.38 70.42 -76.01
C PRO WA 161 19.40 71.31 -76.78
N CYS WA 162 18.15 70.87 -76.85
CA CYS WA 162 17.07 71.65 -77.46
C CYS WA 162 15.75 71.15 -76.88
N ASN WA 163 14.64 71.66 -77.41
CA ASN WA 163 13.31 71.24 -76.98
C ASN WA 163 12.79 70.19 -77.96
N ASN WA 164 12.67 68.96 -77.50
CA ASN WA 164 12.17 67.86 -78.33
C ASN WA 164 10.70 67.53 -78.06
N LYS WA 165 9.92 68.51 -77.60
CA LYS WA 165 8.52 68.29 -77.27
C LYS WA 165 7.57 69.11 -78.13
N GLY WA 166 7.86 70.40 -78.32
CA GLY WA 166 6.98 71.25 -79.11
C GLY WA 166 7.05 70.91 -80.59
N ALA WA 167 5.91 71.04 -81.26
CA ALA WA 167 5.85 70.70 -82.69
C ALA WA 167 6.63 71.69 -83.53
N HIS WA 168 6.57 72.97 -83.21
CA HIS WA 168 7.30 73.98 -83.97
C HIS WA 168 8.79 73.99 -83.69
N SER WA 169 9.22 73.36 -82.59
CA SER WA 169 10.62 73.39 -82.19
C SER WA 169 11.43 72.22 -82.71
N VAL WA 170 10.79 71.09 -83.03
CA VAL WA 170 11.54 69.91 -83.46
C VAL WA 170 11.93 70.03 -84.94
N GLY WA 171 11.00 70.43 -85.80
CA GLY WA 171 11.29 70.53 -87.21
C GLY WA 171 12.24 71.63 -87.58
N LEU WA 172 12.47 72.57 -86.66
CA LEU WA 172 13.52 73.56 -86.84
C LEU WA 172 14.90 72.91 -86.77
N MET WA 173 15.03 71.86 -85.96
CA MET WA 173 16.33 71.26 -85.69
C MET WA 173 16.91 70.54 -86.91
N TRP WA 174 16.14 69.66 -87.55
CA TRP WA 174 16.69 68.95 -88.71
C TRP WA 174 16.81 69.86 -89.93
N TRP WA 175 15.95 70.88 -90.06
CA TRP WA 175 16.08 71.81 -91.18
C TRP WA 175 17.39 72.58 -91.10
N MET WA 176 17.71 73.10 -89.90
CA MET WA 176 18.95 73.83 -89.75
C MET WA 176 20.16 72.92 -89.86
N LEU WA 177 20.03 71.68 -89.40
CA LEU WA 177 21.09 70.69 -89.59
C LEU WA 177 21.26 70.37 -91.06
N ALA WA 178 20.16 70.21 -91.80
CA ALA WA 178 20.26 69.95 -93.23
C ALA WA 178 20.84 71.16 -93.96
N ARG WA 179 20.50 72.37 -93.51
CA ARG WA 179 21.06 73.57 -94.10
C ARG WA 179 22.55 73.73 -93.83
N GLU WA 180 23.05 73.10 -92.77
CA GLU WA 180 24.48 73.19 -92.46
C GLU WA 180 25.28 72.13 -93.20
N VAL WA 181 24.81 70.89 -93.22
CA VAL WA 181 25.59 69.81 -93.82
C VAL WA 181 25.71 70.00 -95.33
N LEU WA 182 24.76 70.70 -95.94
CA LEU WA 182 24.90 71.05 -97.33
C LEU WA 182 26.00 72.08 -97.56
N ARG WA 183 26.33 72.89 -96.55
CA ARG WA 183 27.30 73.96 -96.69
C ARG WA 183 28.74 73.47 -96.62
N MET WA 184 29.04 72.46 -95.79
CA MET WA 184 30.40 71.95 -95.75
C MET WA 184 30.77 71.14 -96.99
N ARG WA 185 29.83 70.41 -97.56
CA ARG WA 185 30.12 69.69 -98.79
C ARG WA 185 29.81 70.58 -99.99
N GLY WA 186 30.53 70.33 -101.09
CA GLY WA 186 30.54 71.24 -102.21
C GLY WA 186 29.29 71.25 -103.07
N THR WA 187 28.16 71.56 -102.47
CA THR WA 187 26.89 71.52 -103.20
C THR WA 187 26.13 72.84 -103.18
N ILE WA 188 26.03 73.49 -102.02
CA ILE WA 188 25.30 74.75 -101.87
C ILE WA 188 26.20 75.73 -101.11
N SER WA 189 26.21 76.99 -101.56
CA SER WA 189 27.03 78.02 -100.96
C SER WA 189 26.50 78.42 -99.58
N ARG WA 190 27.15 79.40 -98.97
CA ARG WA 190 26.85 79.82 -97.59
C ARG WA 190 26.31 81.25 -97.48
N GLU WA 191 26.65 82.13 -98.41
CA GLU WA 191 26.22 83.52 -98.30
C GLU WA 191 24.70 83.66 -98.46
N HIS WA 192 24.14 82.98 -99.45
CA HIS WA 192 22.70 83.07 -99.65
C HIS WA 192 21.96 82.01 -98.83
N PRO WA 193 20.78 82.34 -98.31
CA PRO WA 193 20.01 81.36 -97.55
C PRO WA 193 19.41 80.31 -98.45
N TRP WA 194 19.03 79.19 -97.84
CA TRP WA 194 18.45 78.07 -98.57
C TRP WA 194 17.04 78.42 -99.05
N GLU WA 195 16.72 77.96 -100.26
CA GLU WA 195 15.43 78.30 -100.86
C GLU WA 195 14.28 77.54 -100.18
N VAL WA 196 14.53 76.30 -99.79
CA VAL WA 196 13.49 75.45 -99.21
C VAL WA 196 13.13 75.96 -97.82
N MET WA 197 11.83 76.11 -97.58
CA MET WA 197 11.34 76.63 -96.31
C MET WA 197 11.55 75.62 -95.18
N PRO WA 198 11.64 76.10 -93.95
CA PRO WA 198 11.70 75.17 -92.80
C PRO WA 198 10.38 74.52 -92.45
N ASP WA 199 9.27 74.99 -93.00
CA ASP WA 199 7.96 74.41 -92.69
C ASP WA 199 7.78 73.01 -93.25
N LEU WA 200 8.60 72.62 -94.22
CA LEU WA 200 8.46 71.32 -94.87
C LEU WA 200 8.73 70.17 -93.92
N TYR WA 201 9.40 70.41 -92.80
CA TYR WA 201 9.78 69.36 -91.87
C TYR WA 201 9.00 69.39 -90.56
N PHE WA 202 8.05 70.32 -90.41
CA PHE WA 202 7.19 70.30 -89.23
C PHE WA 202 6.17 69.16 -89.36
N TYR WA 203 6.11 68.31 -88.35
CA TYR WA 203 5.07 67.28 -88.33
C TYR WA 203 3.72 67.93 -88.05
N ARG WA 204 2.72 67.56 -88.85
CA ARG WA 204 1.39 68.14 -88.76
C ARG WA 204 0.42 67.11 -88.20
N ASP WA 205 -0.36 67.52 -87.19
CA ASP WA 205 -1.38 66.66 -86.63
C ASP WA 205 -2.46 66.39 -87.68
N PRO WA 206 -3.02 65.17 -87.72
CA PRO WA 206 -4.11 64.90 -88.67
C PRO WA 206 -5.37 65.73 -88.45
N GLU WA 207 -5.53 66.35 -87.28
CA GLU WA 207 -6.64 67.28 -87.08
C GLU WA 207 -6.52 68.48 -88.01
N GLU WA 208 -5.31 69.01 -88.17
CA GLU WA 208 -5.09 70.16 -89.04
C GLU WA 208 -4.99 69.78 -90.52
N ILE WA 209 -4.78 68.50 -90.83
CA ILE WA 209 -4.72 68.09 -92.23
C ILE WA 209 -6.09 68.21 -92.89
N GLU WA 210 -7.13 67.72 -92.22
CA GLU WA 210 -8.49 67.86 -92.74
C GLU WA 210 -9.06 69.25 -92.53
N LYS WA 211 -8.49 70.03 -91.61
CA LYS WA 211 -8.97 71.38 -91.36
C LYS WA 211 -8.39 72.40 -92.33
N GLU WA 212 -7.10 72.28 -92.67
CA GLU WA 212 -6.50 73.15 -93.67
C GLU WA 212 -6.99 72.81 -95.07
N GLU WA 213 -7.39 71.56 -95.32
CA GLU WA 213 -7.97 71.21 -96.59
C GLU WA 213 -9.33 71.87 -96.79
N GLN WA 214 -10.02 72.18 -95.70
CA GLN WA 214 -11.27 72.94 -95.79
C GLN WA 214 -11.03 74.34 -96.34
N ALA WA 215 -9.96 75.00 -95.91
CA ALA WA 215 -9.62 76.32 -96.42
C ALA WA 215 -9.23 76.31 -97.89
N ALA WA 216 -8.81 75.17 -98.43
CA ALA WA 216 -8.50 75.07 -99.85
C ALA WA 216 -9.77 75.06 -100.68
N ALA WA 217 -10.81 74.38 -100.20
CA ALA WA 217 -12.08 74.33 -100.91
C ALA WA 217 -13.09 75.30 -100.30
N VAL XA 1 -50.92 41.55 -19.00
CA VAL XA 1 -52.27 41.09 -19.32
C VAL XA 1 -53.09 42.24 -19.88
N VAL XA 2 -52.58 43.46 -19.71
CA VAL XA 2 -53.25 44.68 -20.17
C VAL XA 2 -52.22 45.55 -20.87
N ASP XA 3 -52.70 46.43 -21.74
CA ASP XA 3 -51.83 47.37 -22.44
C ASP XA 3 -51.28 48.38 -21.44
N PRO XA 4 -49.96 48.47 -21.25
CA PRO XA 4 -49.40 49.42 -20.28
C PRO XA 4 -49.48 50.87 -20.74
N PHE XA 5 -49.81 51.13 -21.99
CA PHE XA 5 -49.85 52.50 -22.50
C PHE XA 5 -51.13 53.23 -22.11
N SER XA 6 -52.11 52.54 -21.54
CA SER XA 6 -53.34 53.19 -21.09
C SER XA 6 -53.14 53.98 -19.80
N LYS XA 7 -52.05 53.75 -19.07
CA LYS XA 7 -51.76 54.45 -17.83
C LYS XA 7 -50.75 55.59 -18.03
N LYS XA 8 -50.66 56.12 -19.25
CA LYS XA 8 -49.71 57.18 -19.56
C LYS XA 8 -50.45 58.49 -19.79
N ASP XA 9 -49.71 59.59 -19.66
CA ASP XA 9 -50.23 60.92 -19.98
C ASP XA 9 -49.21 61.62 -20.86
N TRP XA 10 -49.67 62.13 -22.00
CA TRP XA 10 -48.79 62.67 -23.03
C TRP XA 10 -48.54 64.14 -22.75
N TYR XA 11 -47.34 64.46 -22.25
CA TYR XA 11 -46.94 65.84 -22.00
C TYR XA 11 -46.14 66.39 -23.18
N ASP XA 12 -45.94 67.70 -23.18
CA ASP XA 12 -45.27 68.40 -24.26
C ASP XA 12 -43.95 69.00 -23.77
N VAL XA 13 -42.97 69.01 -24.65
CA VAL XA 13 -41.63 69.50 -24.34
C VAL XA 13 -41.52 70.95 -24.76
N LYS XA 14 -41.01 71.80 -23.86
CA LYS XA 14 -40.84 73.22 -24.12
C LYS XA 14 -39.37 73.58 -24.07
N ALA XA 15 -38.85 74.13 -25.16
CA ALA XA 15 -37.49 74.62 -25.20
C ALA XA 15 -37.43 76.03 -24.61
N PRO XA 16 -36.25 76.47 -24.16
CA PRO XA 16 -36.12 77.86 -23.70
C PRO XA 16 -36.37 78.86 -24.81
N ALA XA 17 -36.89 80.02 -24.40
CA ALA XA 17 -37.38 81.06 -25.31
C ALA XA 17 -36.26 81.78 -26.06
N MET XA 18 -35.00 81.51 -25.74
CA MET XA 18 -33.89 82.05 -26.50
C MET XA 18 -33.77 81.42 -27.88
N PHE XA 19 -34.44 80.30 -28.12
CA PHE XA 19 -34.45 79.64 -29.41
C PHE XA 19 -35.65 80.12 -30.22
N ASN XA 20 -35.92 79.47 -31.34
CA ASN XA 20 -37.03 79.84 -32.22
C ASN XA 20 -38.26 78.97 -32.00
N ILE XA 21 -38.10 77.65 -32.12
CA ILE XA 21 -39.21 76.71 -32.00
C ILE XA 21 -39.29 76.29 -30.55
N ARG XA 22 -40.32 76.74 -29.85
CA ARG XA 22 -40.45 76.45 -28.41
C ARG XA 22 -40.78 74.98 -28.17
N ASN XA 23 -41.72 74.43 -28.92
CA ASN XA 23 -42.09 73.03 -28.74
C ASN XA 23 -41.16 72.13 -29.54
N ILE XA 24 -41.05 70.88 -29.08
CA ILE XA 24 -40.18 69.89 -29.71
C ILE XA 24 -41.00 68.67 -30.09
N GLY XA 25 -41.75 68.13 -29.12
CA GLY XA 25 -42.54 66.95 -29.37
C GLY XA 25 -43.28 66.55 -28.11
N LYS XA 26 -43.99 65.42 -28.21
CA LYS XA 26 -44.78 64.93 -27.10
C LYS XA 26 -43.98 63.88 -26.30
N THR XA 27 -44.45 63.61 -25.09
CA THR XA 27 -43.77 62.69 -24.18
C THR XA 27 -44.82 62.05 -23.28
N LEU XA 28 -44.98 60.73 -23.40
CA LEU XA 28 -45.94 60.00 -22.57
C LEU XA 28 -45.32 59.72 -21.21
N VAL XA 29 -46.04 60.06 -20.14
CA VAL XA 29 -45.57 59.89 -18.77
C VAL XA 29 -46.63 59.14 -17.98
N THR XA 30 -46.17 58.20 -17.16
CA THR XA 30 -47.07 57.41 -16.32
C THR XA 30 -47.79 58.29 -15.32
N ARG XA 31 -49.03 57.92 -15.01
CA ARG XA 31 -49.84 58.69 -14.08
C ARG XA 31 -49.37 58.51 -12.64
N THR XA 32 -49.81 59.43 -11.78
CA THR XA 32 -49.42 59.37 -10.37
C THR XA 32 -50.20 58.28 -9.65
N GLN XA 33 -49.49 57.35 -9.03
CA GLN XA 33 -50.10 56.29 -8.25
C GLN XA 33 -49.16 55.90 -7.12
N GLY XA 34 -49.60 56.11 -5.88
CA GLY XA 34 -48.78 55.72 -4.74
C GLY XA 34 -47.66 56.72 -4.51
N THR XA 35 -46.48 56.20 -4.18
CA THR XA 35 -45.33 57.07 -3.93
C THR XA 35 -44.86 57.73 -5.22
N LYS XA 36 -44.90 56.99 -6.33
CA LYS XA 36 -44.48 57.52 -7.62
C LYS XA 36 -45.43 58.61 -8.09
N ILE XA 37 -44.88 59.71 -8.56
CA ILE XA 37 -45.63 60.90 -8.96
C ILE XA 37 -45.30 61.21 -10.41
N ALA XA 38 -46.32 61.59 -11.19
CA ALA XA 38 -46.12 61.91 -12.60
C ALA XA 38 -45.19 63.10 -12.78
N SER XA 39 -45.25 64.09 -11.88
CA SER XA 39 -44.34 65.23 -11.96
C SER XA 39 -42.93 64.86 -11.50
N ASP XA 40 -42.83 63.97 -10.50
CA ASP XA 40 -41.54 63.60 -9.94
C ASP XA 40 -40.74 62.67 -10.85
N GLY XA 41 -41.36 62.07 -11.86
CA GLY XA 41 -40.67 61.13 -12.73
C GLY XA 41 -40.07 61.78 -13.96
N LEU XA 42 -39.89 63.09 -13.93
CA LEU XA 42 -39.39 63.81 -15.10
C LEU XA 42 -38.08 64.57 -14.88
N LYS XA 43 -37.67 64.81 -13.64
CA LYS XA 43 -36.43 65.56 -13.41
C LYS XA 43 -35.17 64.74 -13.70
N GLY XA 44 -35.30 63.44 -13.94
CA GLY XA 44 -34.17 62.62 -14.31
C GLY XA 44 -34.14 62.28 -15.79
N ARG XA 45 -34.59 63.23 -16.62
CA ARG XA 45 -34.71 63.02 -18.06
C ARG XA 45 -33.86 64.05 -18.80
N VAL XA 46 -33.07 63.59 -19.76
CA VAL XA 46 -32.20 64.45 -20.57
C VAL XA 46 -32.62 64.27 -22.02
N PHE XA 47 -33.04 65.36 -22.66
CA PHE XA 47 -33.50 65.32 -24.05
C PHE XA 47 -32.32 65.54 -24.98
N GLU XA 48 -31.91 64.49 -25.69
CA GLU XA 48 -30.86 64.60 -26.70
C GLU XA 48 -31.48 65.11 -27.99
N VAL XA 49 -31.33 66.41 -28.25
CA VAL XA 49 -31.98 67.09 -29.38
C VAL XA 49 -30.89 67.75 -30.23
N SER XA 50 -31.10 67.73 -31.54
CA SER XA 50 -30.17 68.37 -32.45
C SER XA 50 -30.40 69.88 -32.49
N LEU XA 51 -29.39 70.60 -32.97
CA LEU XA 51 -29.49 72.06 -33.09
C LEU XA 51 -30.51 72.48 -34.12
N ALA XA 52 -30.67 71.71 -35.21
CA ALA XA 52 -31.59 72.10 -36.28
C ALA XA 52 -33.05 72.03 -35.84
N ASP XA 53 -33.38 71.27 -34.79
CA ASP XA 53 -34.74 71.27 -34.28
C ASP XA 53 -35.05 72.59 -33.57
N LEU XA 54 -34.10 73.12 -32.81
CA LEU XA 54 -34.32 74.32 -32.01
C LEU XA 54 -34.09 75.60 -32.79
N GLN XA 55 -33.55 75.52 -34.00
CA GLN XA 55 -33.27 76.70 -34.81
C GLN XA 55 -34.00 76.59 -36.15
N ASN XA 56 -34.25 77.75 -36.76
CA ASN XA 56 -34.99 77.78 -38.02
C ASN XA 56 -34.14 77.29 -39.19
N ASP XA 57 -33.04 78.00 -39.48
CA ASP XA 57 -32.12 77.63 -40.55
C ASP XA 57 -30.70 77.80 -40.03
N GLU XA 58 -30.17 76.75 -39.41
CA GLU XA 58 -28.82 76.75 -38.87
C GLU XA 58 -28.20 75.38 -39.15
N VAL XA 59 -27.09 75.09 -38.46
CA VAL XA 59 -26.38 73.84 -38.68
C VAL XA 59 -27.18 72.66 -38.13
N ALA XA 60 -26.91 71.48 -38.69
CA ALA XA 60 -27.58 70.25 -38.27
C ALA XA 60 -26.63 69.23 -37.68
N PHE XA 61 -25.32 69.46 -37.75
CA PHE XA 61 -24.34 68.53 -37.19
C PHE XA 61 -24.06 68.75 -35.72
N ARG XA 62 -24.78 69.66 -35.07
CA ARG XA 62 -24.63 69.93 -33.64
C ARG XA 62 -25.87 69.49 -32.88
N LYS XA 63 -25.67 68.97 -31.67
CA LYS XA 63 -26.76 68.50 -30.84
C LYS XA 63 -26.69 69.11 -29.45
N PHE XA 64 -27.85 69.20 -28.80
CA PHE XA 64 -27.98 69.74 -27.45
C PHE XA 64 -28.54 68.68 -26.52
N LYS XA 65 -28.33 68.90 -25.22
CA LYS XA 65 -28.96 68.10 -24.17
C LYS XA 65 -29.78 69.03 -23.28
N LEU XA 66 -30.95 68.53 -22.86
CA LEU XA 66 -31.95 69.36 -22.19
C LEU XA 66 -32.51 68.60 -20.98
N ILE XA 67 -32.10 69.01 -19.78
CA ILE XA 67 -32.70 68.48 -18.56
C ILE XA 67 -34.02 69.19 -18.28
N THR XA 68 -35.01 68.42 -17.86
CA THR XA 68 -36.32 68.95 -17.47
C THR XA 68 -36.29 69.21 -15.97
N GLU XA 69 -36.38 70.49 -15.58
CA GLU XA 69 -36.26 70.86 -14.17
C GLU XA 69 -37.60 71.18 -13.52
N ASP XA 70 -38.57 71.68 -14.28
CA ASP XA 70 -39.87 72.07 -13.74
C ASP XA 70 -40.99 71.45 -14.57
N VAL XA 71 -42.07 71.05 -13.90
CA VAL XA 71 -43.25 70.48 -14.55
C VAL XA 71 -44.47 71.27 -14.12
N GLN XA 72 -45.24 71.75 -15.09
CA GLN XA 72 -46.46 72.51 -14.84
C GLN XA 72 -47.70 71.85 -15.40
N GLY XA 73 -47.57 70.72 -16.09
CA GLY XA 73 -48.70 70.11 -16.76
C GLY XA 73 -48.76 70.54 -18.21
N LYS XA 74 -48.66 69.56 -19.12
CA LYS XA 74 -48.60 69.79 -20.57
C LYS XA 74 -47.40 70.68 -20.92
N ASN XA 75 -46.38 70.65 -20.07
CA ASN XA 75 -45.24 71.56 -20.22
C ASN XA 75 -44.03 70.90 -19.55
N CYS XA 76 -43.12 70.37 -20.36
CA CYS XA 76 -41.84 69.87 -19.88
C CYS XA 76 -40.82 71.00 -20.05
N LEU XA 77 -40.52 71.67 -18.94
CA LEU XA 77 -39.67 72.85 -18.94
C LEU XA 77 -38.21 72.39 -18.95
N THR XA 78 -37.51 72.66 -20.05
CA THR XA 78 -36.17 72.16 -20.27
C THR XA 78 -35.13 73.27 -20.09
N ASN XA 79 -34.02 72.91 -19.44
CA ASN XA 79 -32.89 73.81 -19.25
C ASN XA 79 -31.67 73.22 -19.94
N PHE XA 80 -30.71 74.08 -20.23
CA PHE XA 80 -29.50 73.64 -20.91
C PHE XA 80 -28.68 72.72 -20.01
N HIS XA 81 -28.24 71.60 -20.59
CA HIS XA 81 -27.49 70.59 -19.86
C HIS XA 81 -26.17 70.22 -20.51
N GLY XA 82 -26.05 70.30 -21.83
CA GLY XA 82 -24.79 70.02 -22.49
C GLY XA 82 -24.96 70.09 -23.99
N MET XA 83 -23.82 70.07 -24.68
CA MET XA 83 -23.81 70.13 -26.14
C MET XA 83 -22.80 69.11 -26.65
N ASP XA 84 -23.25 68.29 -27.61
CA ASP XA 84 -22.41 67.26 -28.22
C ASP XA 84 -22.52 67.36 -29.72
N LEU XA 85 -21.41 67.09 -30.41
CA LEU XA 85 -21.38 67.09 -31.86
C LEU XA 85 -21.78 65.74 -32.43
N THR XA 86 -22.13 65.74 -33.71
CA THR XA 86 -22.40 64.50 -34.42
C THR XA 86 -21.11 63.70 -34.58
N ARG XA 87 -21.18 62.41 -34.24
CA ARG XA 87 -20.04 61.51 -34.37
C ARG XA 87 -19.56 61.36 -35.81
N ASP XA 88 -20.46 61.51 -36.78
CA ASP XA 88 -20.05 61.50 -38.19
C ASP XA 88 -19.20 62.72 -38.52
N LYS XA 89 -19.50 63.87 -37.91
CA LYS XA 89 -18.88 65.12 -38.35
C LYS XA 89 -17.40 65.18 -38.02
N MET XA 90 -16.99 64.75 -36.81
CA MET XA 90 -15.55 64.69 -36.53
C MET XA 90 -14.86 63.69 -37.44
N CYS XA 91 -15.45 62.52 -37.63
CA CYS XA 91 -14.87 61.53 -38.53
C CYS XA 91 -14.92 61.97 -39.98
N SER XA 92 -15.81 62.91 -40.33
CA SER XA 92 -15.73 63.57 -41.63
C SER XA 92 -14.62 64.61 -41.65
N MET XA 93 -14.34 65.25 -40.51
CA MET XA 93 -13.31 66.28 -40.43
C MET XA 93 -11.95 65.74 -39.98
N VAL XA 94 -11.91 64.63 -39.26
CA VAL XA 94 -10.63 64.02 -38.93
C VAL XA 94 -10.14 63.25 -40.15
N LYS XA 95 -8.98 63.63 -40.66
CA LYS XA 95 -8.42 62.98 -41.84
C LYS XA 95 -6.91 62.99 -41.71
N LYS XA 96 -6.26 62.15 -42.52
CA LYS XA 96 -4.82 62.00 -42.47
C LYS XA 96 -4.15 63.28 -43.00
N TRP XA 97 -2.86 63.43 -42.70
CA TRP XA 97 -2.05 64.59 -43.09
C TRP XA 97 -2.56 65.89 -42.47
N GLN XA 98 -2.98 65.81 -41.20
CA GLN XA 98 -3.19 66.99 -40.38
C GLN XA 98 -3.15 66.55 -38.92
N THR XA 99 -2.91 67.51 -38.03
CA THR XA 99 -2.82 67.24 -36.60
C THR XA 99 -3.87 68.06 -35.86
N MET XA 100 -4.63 67.41 -34.98
CA MET XA 100 -5.56 68.12 -34.13
C MET XA 100 -4.82 68.74 -32.94
N ILE XA 101 -5.31 69.89 -32.50
CA ILE XA 101 -4.81 70.57 -31.31
C ILE XA 101 -5.95 70.57 -30.29
N GLU XA 102 -5.78 69.80 -29.22
CA GLU XA 102 -6.81 69.63 -28.21
C GLU XA 102 -6.64 70.64 -27.08
N ALA XA 103 -7.72 70.83 -26.33
CA ALA XA 103 -7.74 71.81 -25.24
C ALA XA 103 -8.90 71.49 -24.32
N HIS XA 104 -8.59 71.32 -23.04
CA HIS XA 104 -9.60 71.08 -22.02
C HIS XA 104 -9.40 72.06 -20.86
N VAL XA 105 -10.52 72.59 -20.36
CA VAL XA 105 -10.47 73.57 -19.27
C VAL XA 105 -11.73 73.40 -18.42
N ASP XA 106 -11.56 73.51 -17.11
CA ASP XA 106 -12.68 73.63 -16.18
C ASP XA 106 -12.84 75.09 -15.80
N VAL XA 107 -14.08 75.58 -15.87
CA VAL XA 107 -14.34 77.00 -15.73
C VAL XA 107 -15.66 77.20 -15.00
N LYS XA 108 -15.79 78.33 -14.32
CA LYS XA 108 -16.99 78.70 -13.59
C LYS XA 108 -17.58 79.99 -14.17
N THR XA 109 -18.91 80.03 -14.27
CA THR XA 109 -19.59 81.20 -14.79
C THR XA 109 -19.77 82.22 -13.67
N THR XA 110 -20.48 83.32 -13.97
CA THR XA 110 -20.77 84.31 -12.94
C THR XA 110 -21.65 83.73 -11.84
N ASP XA 111 -22.67 82.96 -12.23
CA ASP XA 111 -23.51 82.26 -11.27
C ASP XA 111 -22.88 80.91 -10.91
N GLY XA 112 -23.61 80.10 -10.15
CA GLY XA 112 -23.06 78.87 -9.63
C GLY XA 112 -23.09 77.67 -10.55
N TYR XA 113 -22.77 77.88 -11.83
CA TYR XA 113 -22.71 76.80 -12.81
C TYR XA 113 -21.25 76.50 -13.14
N LEU XA 114 -20.90 75.22 -13.09
CA LEU XA 114 -19.54 74.75 -13.38
C LEU XA 114 -19.56 74.07 -14.74
N LEU XA 115 -18.74 74.57 -15.66
CA LEU XA 115 -18.70 74.11 -17.03
C LEU XA 115 -17.31 73.60 -17.38
N ARG XA 116 -17.27 72.51 -18.14
CA ARG XA 116 -16.06 72.01 -18.76
C ARG XA 116 -16.27 71.90 -20.27
N LEU XA 117 -15.36 72.51 -21.02
CA LEU XA 117 -15.56 72.80 -22.44
C LEU XA 117 -14.40 72.23 -23.24
N PHE XA 118 -14.73 71.48 -24.29
CA PHE XA 118 -13.76 70.94 -25.23
C PHE XA 118 -13.88 71.64 -26.58
N CYS XA 119 -12.75 71.69 -27.28
CA CYS XA 119 -12.68 72.23 -28.62
C CYS XA 119 -11.50 71.60 -29.35
N VAL XA 120 -11.51 71.71 -30.66
CA VAL XA 120 -10.45 71.10 -31.48
C VAL XA 120 -10.27 71.93 -32.74
N GLY XA 121 -9.02 72.07 -33.17
CA GLY XA 121 -8.71 72.75 -34.41
C GLY XA 121 -7.80 71.90 -35.27
N PHE XA 122 -8.07 71.95 -36.57
CA PHE XA 122 -7.34 71.15 -37.55
C PHE XA 122 -6.49 72.07 -38.41
N THR XA 123 -5.25 71.64 -38.66
CA THR XA 123 -4.35 72.43 -39.49
C THR XA 123 -4.85 72.47 -40.93
N LYS XA 124 -4.52 73.57 -41.62
CA LYS XA 124 -5.05 73.86 -42.94
C LYS XA 124 -3.92 73.87 -43.95
N LYS XA 125 -4.13 73.16 -45.06
CA LYS XA 125 -3.22 73.28 -46.20
C LYS XA 125 -3.40 74.65 -46.84
N ARG XA 126 -2.28 75.29 -47.18
CA ARG XA 126 -2.31 76.66 -47.67
C ARG XA 126 -2.89 76.71 -49.08
N ASN XA 127 -3.31 77.91 -49.49
CA ASN XA 127 -3.90 78.11 -50.80
C ASN XA 127 -2.90 77.92 -51.94
N ASN XA 128 -1.61 78.11 -51.69
CA ASN XA 128 -0.56 77.88 -52.68
C ASN XA 128 0.41 76.81 -52.21
N GLN XA 129 -0.08 75.83 -51.46
CA GLN XA 129 0.78 74.81 -50.87
C GLN XA 129 0.89 73.60 -51.79
N ILE XA 130 2.12 73.13 -51.97
CA ILE XA 130 2.37 71.90 -52.70
C ILE XA 130 2.64 70.72 -51.76
N ARG XA 131 3.08 70.98 -50.53
CA ARG XA 131 3.38 69.93 -49.58
C ARG XA 131 2.10 69.21 -49.15
N LYS XA 132 2.26 67.94 -48.77
CA LYS XA 132 1.13 67.11 -48.37
C LYS XA 132 1.00 66.98 -46.85
N THR XA 133 2.12 67.05 -46.14
CA THR XA 133 2.10 66.83 -44.70
C THR XA 133 1.41 67.97 -43.96
N SER XA 134 1.99 69.18 -44.05
CA SER XA 134 1.49 70.38 -43.38
C SER XA 134 1.32 70.16 -41.87
N TYR XA 135 2.46 69.89 -41.22
CA TYR XA 135 2.47 69.58 -39.80
C TYR XA 135 2.87 70.81 -38.98
N ALA XA 136 2.78 70.67 -37.66
CA ALA XA 136 3.21 71.69 -36.72
C ALA XA 136 3.94 71.04 -35.57
N GLN XA 137 5.03 71.65 -35.14
CA GLN XA 137 5.85 71.06 -34.08
C GLN XA 137 5.17 71.24 -32.72
N HIS XA 138 5.62 70.42 -31.76
CA HIS XA 138 4.92 70.31 -30.48
C HIS XA 138 4.94 71.61 -29.70
N GLN XA 139 6.06 72.31 -29.69
CA GLN XA 139 6.16 73.55 -28.93
C GLN XA 139 5.31 74.68 -29.51
N GLN XA 140 5.08 74.70 -30.82
CA GLN XA 140 4.11 75.61 -31.40
C GLN XA 140 2.67 75.18 -31.16
N VAL XA 141 2.41 73.86 -31.10
CA VAL XA 141 1.10 73.39 -30.68
C VAL XA 141 0.82 73.79 -29.24
N ARG XA 142 1.86 73.79 -28.40
CA ARG XA 142 1.72 74.27 -27.03
C ARG XA 142 1.33 75.73 -26.96
N GLN XA 143 1.89 76.57 -27.84
CA GLN XA 143 1.52 77.98 -27.85
C GLN XA 143 0.15 78.22 -28.45
N ILE XA 144 -0.23 77.45 -29.48
CA ILE XA 144 -1.58 77.56 -30.04
C ILE XA 144 -2.61 77.16 -28.99
N ARG XA 145 -2.38 76.06 -28.28
CA ARG XA 145 -3.32 75.63 -27.26
C ARG XA 145 -3.30 76.55 -26.04
N LYS XA 146 -2.16 77.18 -25.74
CA LYS XA 146 -2.13 78.16 -24.65
C LYS XA 146 -2.97 79.38 -24.98
N LYS XA 147 -2.88 79.86 -26.22
CA LYS XA 147 -3.79 80.90 -26.70
C LYS XA 147 -5.24 80.39 -26.70
N MET XA 148 -5.41 79.09 -26.96
CA MET XA 148 -6.73 78.49 -27.05
C MET XA 148 -7.38 78.29 -25.68
N MET XA 149 -6.60 78.32 -24.60
CA MET XA 149 -7.17 78.26 -23.25
C MET XA 149 -7.80 79.60 -22.85
N GLU XA 150 -7.01 80.67 -22.91
CA GLU XA 150 -7.41 81.93 -22.30
C GLU XA 150 -8.52 82.64 -23.05
N ILE XA 151 -8.63 82.43 -24.36
CA ILE XA 151 -9.66 83.12 -25.15
C ILE XA 151 -11.05 82.61 -24.76
N MET XA 152 -11.15 81.34 -24.36
CA MET XA 152 -12.45 80.79 -23.99
C MET XA 152 -12.87 81.25 -22.61
N THR XA 153 -11.90 81.48 -21.71
CA THR XA 153 -12.23 81.88 -20.34
C THR XA 153 -12.87 83.26 -20.28
N ARG XA 154 -12.53 84.16 -21.19
CA ARG XA 154 -13.17 85.48 -21.21
C ARG XA 154 -14.60 85.41 -21.73
N GLU XA 155 -14.93 84.40 -22.53
CA GLU XA 155 -16.24 84.29 -23.14
C GLU XA 155 -17.28 83.61 -22.26
N VAL XA 156 -16.88 83.00 -21.14
CA VAL XA 156 -17.81 82.20 -20.35
C VAL XA 156 -17.82 82.65 -18.90
N GLN XA 157 -16.73 83.25 -18.42
CA GLN XA 157 -16.63 83.64 -17.02
C GLN XA 157 -17.21 85.02 -16.74
N THR XA 158 -17.44 85.83 -17.77
CA THR XA 158 -17.97 87.18 -17.61
C THR XA 158 -19.47 87.25 -17.83
N ASN XA 159 -20.14 86.11 -17.92
CA ASN XA 159 -21.57 86.08 -18.19
C ASN XA 159 -22.19 84.87 -17.51
N ASP XA 160 -23.51 84.77 -17.60
CA ASP XA 160 -24.26 83.66 -17.03
C ASP XA 160 -24.39 82.54 -18.05
N LEU XA 161 -25.21 81.53 -17.75
CA LEU XA 161 -25.41 80.42 -18.66
C LEU XA 161 -26.15 80.84 -19.93
N LYS XA 162 -27.04 81.83 -19.82
CA LYS XA 162 -27.85 82.25 -20.96
C LYS XA 162 -26.98 82.80 -22.10
N GLU XA 163 -26.07 83.71 -21.77
CA GLU XA 163 -25.25 84.36 -22.79
C GLU XA 163 -24.21 83.44 -23.41
N VAL XA 164 -23.86 82.34 -22.74
CA VAL XA 164 -22.97 81.36 -23.35
C VAL XA 164 -23.67 80.66 -24.50
N VAL XA 165 -24.94 80.29 -24.31
CA VAL XA 165 -25.69 79.60 -25.35
C VAL XA 165 -25.94 80.53 -26.54
N ASN XA 166 -26.14 81.82 -26.29
CA ASN XA 166 -26.23 82.79 -27.39
C ASN XA 166 -24.96 82.82 -28.22
N LYS XA 167 -23.80 82.60 -27.59
CA LYS XA 167 -22.56 82.46 -28.33
C LYS XA 167 -22.29 81.02 -28.76
N LEU XA 168 -23.12 80.07 -28.33
CA LEU XA 168 -22.96 78.67 -28.69
C LEU XA 168 -23.86 78.25 -29.85
N ILE XA 169 -24.97 78.95 -30.09
CA ILE XA 169 -25.79 78.65 -31.28
C ILE XA 169 -25.00 78.93 -32.55
N PRO XA 170 -24.29 80.07 -32.70
CA PRO XA 170 -23.27 80.12 -33.76
C PRO XA 170 -21.97 79.54 -33.25
N ASP XA 171 -20.93 79.58 -34.07
CA ASP XA 171 -19.57 79.24 -33.64
C ASP XA 171 -18.77 80.50 -33.28
N SER XA 172 -19.44 81.52 -32.75
CA SER XA 172 -18.81 82.81 -32.48
C SER XA 172 -17.67 82.71 -31.46
N ILE XA 173 -17.76 81.76 -30.53
CA ILE XA 173 -16.62 81.51 -29.66
C ILE XA 173 -15.47 80.90 -30.45
N GLY XA 174 -15.78 79.94 -31.33
CA GLY XA 174 -14.75 79.30 -32.13
C GLY XA 174 -14.29 80.12 -33.31
N LYS XA 175 -15.17 80.97 -33.86
CA LYS XA 175 -14.80 81.80 -35.00
C LYS XA 175 -13.76 82.86 -34.64
N ASP XA 176 -13.78 83.35 -33.40
CA ASP XA 176 -12.73 84.26 -32.95
C ASP XA 176 -11.38 83.55 -32.91
N ILE XA 177 -11.36 82.29 -32.47
CA ILE XA 177 -10.12 81.52 -32.44
C ILE XA 177 -9.62 81.24 -33.85
N GLU XA 178 -10.53 81.15 -34.83
CA GLU XA 178 -10.13 80.92 -36.21
C GLU XA 178 -9.30 82.08 -36.77
N LYS XA 179 -9.49 83.29 -36.23
CA LYS XA 179 -8.75 84.45 -36.69
C LYS XA 179 -7.69 84.93 -35.70
N ALA XA 180 -7.78 84.53 -34.43
CA ALA XA 180 -6.84 85.01 -33.43
C ALA XA 180 -5.48 84.35 -33.50
N CYS XA 181 -5.39 83.14 -34.06
CA CYS XA 181 -4.12 82.41 -34.12
C CYS XA 181 -3.63 82.27 -35.56
N GLN XA 182 -4.07 83.15 -36.45
CA GLN XA 182 -3.57 83.15 -37.81
C GLN XA 182 -2.14 83.67 -37.92
N SER XA 183 -1.63 84.31 -36.87
CA SER XA 183 -0.26 84.82 -36.85
C SER XA 183 0.74 83.80 -36.33
N ILE XA 184 0.27 82.62 -35.88
CA ILE XA 184 1.16 81.56 -35.45
C ILE XA 184 1.02 80.31 -36.33
N TYR XA 185 -0.20 79.96 -36.73
CA TYR XA 185 -0.45 78.88 -37.69
C TYR XA 185 -1.85 79.00 -38.25
N PRO XA 186 -2.01 79.07 -39.57
CA PRO XA 186 -3.35 79.11 -40.15
C PRO XA 186 -4.06 77.77 -40.08
N LEU XA 187 -5.02 77.66 -39.16
CA LEU XA 187 -5.83 76.45 -38.99
C LEU XA 187 -7.29 76.83 -39.18
N HIS XA 188 -8.00 76.02 -39.96
CA HIS XA 188 -9.23 76.48 -40.61
C HIS XA 188 -10.52 76.11 -39.90
N ASP XA 189 -10.60 74.96 -39.25
CA ASP XA 189 -11.88 74.44 -38.75
C ASP XA 189 -11.85 74.40 -37.22
N VAL XA 190 -12.51 75.37 -36.61
CA VAL XA 190 -12.60 75.46 -35.16
C VAL XA 190 -14.07 75.30 -34.76
N PHE XA 191 -14.41 74.15 -34.20
CA PHE XA 191 -15.68 73.93 -33.53
C PHE XA 191 -15.42 73.45 -32.11
N VAL XA 192 -16.12 74.04 -31.14
CA VAL XA 192 -16.06 73.50 -29.78
C VAL XA 192 -16.75 72.14 -29.76
N ARG XA 193 -15.98 71.09 -29.47
CA ARG XA 193 -16.38 69.74 -29.81
C ARG XA 193 -17.24 69.06 -28.75
N LYS XA 194 -17.25 69.56 -27.52
CA LYS XA 194 -18.01 68.90 -26.45
C LYS XA 194 -18.25 69.88 -25.32
N VAL XA 195 -19.52 70.07 -24.96
CA VAL XA 195 -19.91 70.91 -23.84
C VAL XA 195 -20.72 70.06 -22.87
N LYS XA 196 -20.26 69.98 -21.63
CA LYS XA 196 -20.99 69.34 -20.54
C LYS XA 196 -20.70 70.11 -19.26
N MET XA 197 -21.73 70.32 -18.45
CA MET XA 197 -21.58 71.07 -17.22
C MET XA 197 -21.47 70.12 -16.04
N LEU XA 198 -20.50 70.36 -15.17
CA LEU XA 198 -20.13 69.42 -14.13
C LEU XA 198 -21.04 69.53 -12.92
N LYS XA 199 -21.06 70.69 -12.27
CA LYS XA 199 -21.72 70.87 -11.00
C LYS XA 199 -22.95 71.76 -11.19
N LYS XA 200 -24.10 71.23 -10.83
CA LYS XA 200 -25.33 72.00 -10.83
C LYS XA 200 -25.43 72.83 -9.56
N PRO XA 201 -25.97 74.05 -9.65
CA PRO XA 201 -26.17 74.84 -8.44
C PRO XA 201 -27.38 74.39 -7.65
N LYS XA 202 -27.65 75.07 -6.54
CA LYS XA 202 -28.89 74.86 -5.81
C LYS XA 202 -30.09 75.27 -6.67
N PHE XA 203 -31.05 74.36 -6.79
CA PHE XA 203 -32.13 74.56 -7.75
C PHE XA 203 -33.07 75.66 -7.28
N GLU XA 204 -33.19 76.71 -8.09
CA GLU XA 204 -34.07 77.84 -7.86
C GLU XA 204 -34.92 78.01 -9.12
N LEU XA 205 -36.24 78.01 -8.95
CA LEU XA 205 -37.17 77.99 -10.08
C LEU XA 205 -37.14 79.27 -10.89
N GLY XA 206 -36.86 80.39 -10.24
CA GLY XA 206 -37.02 81.69 -10.89
C GLY XA 206 -36.05 81.92 -12.03
N LYS XA 207 -34.81 81.43 -11.91
CA LYS XA 207 -33.82 81.61 -12.97
C LYS XA 207 -34.15 80.84 -14.24
N LEU XA 208 -35.07 79.88 -14.18
CA LEU XA 208 -35.47 79.12 -15.36
C LEU XA 208 -36.42 79.93 -16.26
N MET XA 209 -37.30 80.73 -15.66
CA MET XA 209 -38.44 81.26 -16.38
C MET XA 209 -38.16 82.55 -17.16
N GLU XA 210 -37.02 83.22 -16.95
CA GLU XA 210 -36.63 84.24 -17.92
C GLU XA 210 -36.02 83.61 -19.16
N LEU XA 211 -35.35 82.46 -18.97
CA LEU XA 211 -35.00 81.64 -20.13
C LEU XA 211 -36.25 81.09 -20.80
N HIS XA 212 -37.26 80.73 -20.00
CA HIS XA 212 -38.55 80.24 -20.48
C HIS XA 212 -39.56 81.38 -20.61
N GLY XA 213 -39.20 82.43 -21.33
CA GLY XA 213 -40.08 83.56 -21.52
C GLY XA 213 -39.85 84.70 -20.56
N LYS YA 1 30.86 25.05 -99.40
CA LYS YA 1 32.25 25.33 -99.78
C LYS YA 1 32.37 26.74 -100.36
N GLU YA 2 31.48 27.07 -101.30
CA GLU YA 2 31.47 28.41 -101.89
C GLU YA 2 30.78 29.38 -100.95
N TRP YA 3 31.58 30.20 -100.27
CA TRP YA 3 31.08 31.13 -99.28
C TRP YA 3 30.38 32.32 -99.92
N LEU YA 4 29.16 32.63 -99.44
CA LEU YA 4 28.40 33.81 -99.79
C LEU YA 4 28.49 34.85 -98.69
N PRO YA 5 29.08 36.01 -98.95
CA PRO YA 5 29.31 36.99 -97.89
C PRO YA 5 28.03 37.64 -97.39
N VAL YA 6 28.03 38.00 -96.11
CA VAL YA 6 26.88 38.64 -95.48
C VAL YA 6 27.29 39.92 -94.78
N THR YA 7 28.23 39.82 -93.83
CA THR YA 7 28.67 40.95 -93.01
C THR YA 7 29.56 41.87 -93.83
N LYS YA 8 29.46 43.18 -93.55
CA LYS YA 8 30.20 44.18 -94.33
C LYS YA 8 31.71 43.96 -94.24
N LEU YA 9 32.22 43.65 -93.06
CA LEU YA 9 33.63 43.33 -92.93
C LEU YA 9 33.94 41.97 -93.57
N GLY YA 10 32.92 41.12 -93.73
CA GLY YA 10 33.13 39.84 -94.39
C GLY YA 10 33.48 39.96 -95.85
N ARG YA 11 32.88 40.94 -96.56
CA ARG YA 11 33.25 41.16 -97.95
C ARG YA 11 34.69 41.61 -98.08
N LEU YA 12 35.18 42.38 -97.11
CA LEU YA 12 36.56 42.89 -97.14
C LEU YA 12 37.59 41.77 -97.12
N VAL YA 13 37.23 40.59 -96.62
CA VAL YA 13 38.18 39.48 -96.55
C VAL YA 13 38.54 38.99 -97.96
N LYS YA 14 37.53 38.78 -98.79
CA LYS YA 14 37.74 38.18 -100.10
C LYS YA 14 38.29 39.15 -101.14
N ASP YA 15 38.29 40.46 -100.85
CA ASP YA 15 38.78 41.44 -101.81
C ASP YA 15 40.29 41.60 -101.81
N MET YA 16 41.00 40.87 -100.93
CA MET YA 16 42.47 40.93 -100.82
C MET YA 16 42.94 42.34 -100.51
N LYS YA 17 42.16 43.09 -99.74
CA LYS YA 17 42.50 44.46 -99.39
C LYS YA 17 42.98 44.62 -97.96
N ILE YA 18 42.81 43.61 -97.11
CA ILE YA 18 43.29 43.63 -95.74
C ILE YA 18 44.37 42.56 -95.59
N LYS YA 19 45.50 42.95 -95.00
CA LYS YA 19 46.69 42.12 -94.95
C LYS YA 19 46.62 41.01 -93.90
N SER YA 20 45.98 41.25 -92.77
CA SER YA 20 45.93 40.28 -91.69
C SER YA 20 44.72 40.57 -90.82
N LEU YA 21 44.48 39.71 -89.84
CA LEU YA 21 43.38 39.90 -88.90
C LEU YA 21 43.74 40.83 -87.75
N GLU YA 22 44.98 41.31 -87.70
CA GLU YA 22 45.40 42.21 -86.63
C GLU YA 22 44.77 43.58 -86.75
N GLU YA 23 44.49 44.05 -87.97
CA GLU YA 23 43.83 45.34 -88.14
C GLU YA 23 42.36 45.30 -87.74
N ILE YA 24 41.74 44.12 -87.75
CA ILE YA 24 40.36 44.00 -87.27
C ILE YA 24 40.32 44.17 -85.76
N TYR YA 25 41.25 43.51 -85.05
CA TYR YA 25 41.34 43.64 -83.61
C TYR YA 25 42.00 44.93 -83.16
N LEU YA 26 42.64 45.66 -84.09
CA LEU YA 26 42.98 47.05 -83.81
C LEU YA 26 41.72 47.85 -83.53
N PHE YA 27 40.74 47.79 -84.42
CA PHE YA 27 39.53 48.56 -84.30
C PHE YA 27 38.44 47.85 -83.49
N SER YA 28 38.63 46.56 -83.21
CA SER YA 28 37.72 45.76 -82.37
C SER YA 28 36.29 45.76 -82.90
N LEU YA 29 36.13 45.72 -84.22
CA LEU YA 29 34.81 45.51 -84.79
C LEU YA 29 34.36 44.08 -84.53
N PRO YA 30 33.10 43.87 -84.16
CA PRO YA 30 32.63 42.50 -83.88
C PRO YA 30 32.64 41.63 -85.12
N ILE YA 31 32.87 40.33 -84.90
CA ILE YA 31 32.96 39.34 -85.97
C ILE YA 31 31.81 38.37 -85.81
N LYS YA 32 31.12 38.09 -86.92
CA LYS YA 32 30.02 37.14 -86.93
C LYS YA 32 30.20 35.99 -87.91
N GLU YA 33 31.18 36.06 -88.80
CA GLU YA 33 31.41 35.01 -89.80
C GLU YA 33 32.61 34.18 -89.32
N SER YA 34 32.57 32.87 -89.57
CA SER YA 34 33.53 31.94 -88.98
C SER YA 34 34.61 31.47 -89.96
N GLU YA 35 34.65 31.99 -91.18
CA GLU YA 35 35.69 31.61 -92.14
C GLU YA 35 36.83 32.62 -92.17
N ILE YA 36 36.65 33.78 -91.55
CA ILE YA 36 37.68 34.82 -91.56
C ILE YA 36 38.93 34.36 -90.81
N ILE YA 37 38.76 33.69 -89.66
CA ILE YA 37 39.90 33.14 -88.95
C ILE YA 37 40.54 32.02 -89.76
N ASP YA 38 39.71 31.19 -90.41
CA ASP YA 38 40.24 30.16 -91.30
C ASP YA 38 40.99 30.79 -92.47
N PHE YA 39 40.52 31.94 -92.96
CA PHE YA 39 41.14 32.59 -94.11
C PHE YA 39 42.55 33.08 -93.80
N PHE YA 40 42.76 33.68 -92.63
CA PHE YA 40 44.06 34.25 -92.30
C PHE YA 40 44.95 33.24 -91.56
N LEU YA 41 44.50 32.75 -90.41
CA LEU YA 41 45.32 31.87 -89.59
C LEU YA 41 44.65 30.52 -89.40
N GLY YA 42 44.11 29.95 -90.46
CA GLY YA 42 43.46 28.66 -90.38
C GLY YA 42 44.37 27.49 -90.73
N ALA YA 43 45.68 27.74 -90.75
CA ALA YA 43 46.63 26.69 -91.11
C ALA YA 43 46.91 25.76 -89.93
N SER YA 44 47.35 26.33 -88.80
CA SER YA 44 47.67 25.56 -87.61
C SER YA 44 46.62 25.72 -86.52
N LEU YA 45 45.40 26.08 -86.89
CA LEU YA 45 44.31 26.20 -85.93
C LEU YA 45 43.88 24.80 -85.49
N LYS YA 46 44.21 24.42 -84.26
CA LYS YA 46 44.02 23.06 -83.78
C LYS YA 46 42.83 22.99 -82.86
N ASP YA 47 41.98 21.99 -83.08
CA ASP YA 47 40.78 21.77 -82.27
C ASP YA 47 41.03 20.68 -81.23
N GLU YA 48 40.26 20.76 -80.15
CA GLU YA 48 40.29 19.74 -79.10
C GLU YA 48 39.00 19.79 -78.31
N VAL YA 49 38.28 18.66 -78.26
CA VAL YA 49 37.07 18.57 -77.46
C VAL YA 49 37.45 18.22 -76.03
N LEU YA 50 37.14 19.11 -75.09
CA LEU YA 50 37.54 18.91 -73.70
C LEU YA 50 36.76 17.79 -73.04
N LYS YA 51 35.42 17.81 -73.16
CA LYS YA 51 34.58 17.03 -72.27
C LYS YA 51 33.16 16.99 -72.82
N ILE YA 52 32.41 15.99 -72.35
CA ILE YA 52 30.99 15.87 -72.62
C ILE YA 52 30.26 15.73 -71.29
N MET YA 53 29.06 16.30 -71.21
CA MET YA 53 28.37 16.43 -69.93
C MET YA 53 26.86 16.44 -70.18
N PRO YA 54 26.15 15.36 -69.78
CA PRO YA 54 24.71 15.29 -70.02
C PRO YA 54 23.88 16.15 -69.08
N VAL YA 55 23.78 17.46 -69.37
CA VAL YA 55 22.86 18.30 -68.60
C VAL YA 55 21.42 17.96 -68.98
N GLN YA 56 20.53 18.13 -68.00
CA GLN YA 56 19.19 17.54 -68.11
C GLN YA 56 18.15 18.58 -67.69
N LYS YA 57 16.96 18.45 -68.27
CA LYS YA 57 15.82 19.27 -67.94
C LYS YA 57 14.66 18.37 -67.54
N GLN YA 58 14.02 18.67 -66.41
CA GLN YA 58 12.87 17.89 -65.96
C GLN YA 58 11.60 18.43 -66.63
N THR YA 59 10.86 17.54 -67.28
CA THR YA 59 9.65 17.89 -67.99
C THR YA 59 8.48 17.09 -67.44
N ARG YA 60 7.27 17.42 -67.89
CA ARG YA 60 6.07 16.76 -67.42
C ARG YA 60 6.02 15.31 -67.92
N ALA YA 61 6.27 15.10 -69.21
CA ALA YA 61 6.21 13.78 -69.82
C ALA YA 61 7.63 13.29 -70.05
N GLY YA 62 8.06 12.34 -69.21
CA GLY YA 62 9.36 11.74 -69.37
C GLY YA 62 10.49 12.68 -68.95
N GLN YA 63 11.67 12.42 -69.51
CA GLN YA 63 12.87 13.20 -69.23
C GLN YA 63 13.40 13.78 -70.53
N ARG YA 64 14.26 14.80 -70.40
CA ARG YA 64 14.73 15.55 -71.56
C ARG YA 64 16.18 15.94 -71.34
N THR YA 65 17.08 15.41 -72.15
CA THR YA 65 18.51 15.58 -71.99
C THR YA 65 19.15 16.07 -73.29
N ARG YA 66 20.03 17.06 -73.18
CA ARG YA 66 20.84 17.51 -74.30
C ARG YA 66 22.28 17.68 -73.83
N PHE YA 67 23.23 17.54 -74.76
CA PHE YA 67 24.64 17.46 -74.42
C PHE YA 67 25.30 18.83 -74.49
N LYS YA 68 26.61 18.86 -74.19
CA LYS YA 68 27.37 20.10 -74.13
C LYS YA 68 28.86 19.77 -74.27
N ALA YA 69 29.54 20.43 -75.21
CA ALA YA 69 30.94 20.18 -75.49
C ALA YA 69 31.75 21.46 -75.28
N PHE YA 70 32.99 21.29 -74.79
CA PHE YA 70 33.90 22.40 -74.52
C PHE YA 70 35.13 22.26 -75.40
N VAL YA 71 35.55 23.37 -76.03
CA VAL YA 71 36.63 23.34 -77.01
C VAL YA 71 37.59 24.51 -76.80
N ALA YA 72 38.88 24.22 -76.73
CA ALA YA 72 39.94 25.22 -76.73
C ALA YA 72 40.61 25.21 -78.11
N ILE YA 73 40.73 26.38 -78.72
CA ILE YA 73 41.17 26.51 -80.11
C ILE YA 73 42.39 27.40 -80.18
N GLY YA 74 43.12 27.31 -81.28
CA GLY YA 74 44.21 28.22 -81.54
C GLY YA 74 45.30 27.60 -82.36
N ASP YA 75 46.22 28.45 -82.80
CA ASP YA 75 47.54 28.01 -83.21
C ASP YA 75 48.53 28.32 -82.09
N TYR YA 76 49.72 27.74 -82.17
CA TYR YA 76 50.71 27.98 -81.12
C TYR YA 76 51.47 29.28 -81.33
N ASN YA 77 50.77 30.38 -81.63
CA ASN YA 77 51.35 31.71 -81.79
C ASN YA 77 50.30 32.74 -81.42
N GLY YA 78 50.20 33.06 -80.13
CA GLY YA 78 49.48 34.24 -79.68
C GLY YA 78 47.95 34.21 -79.71
N HIS YA 79 47.34 33.36 -80.53
CA HIS YA 79 45.90 33.40 -80.76
C HIS YA 79 45.26 32.14 -80.21
N VAL YA 80 44.43 32.29 -79.17
CA VAL YA 80 43.59 31.23 -78.64
C VAL YA 80 42.20 31.78 -78.35
N GLY YA 81 41.25 30.85 -78.23
CA GLY YA 81 39.88 31.20 -77.91
C GLY YA 81 39.16 30.01 -77.32
N LEU YA 82 37.93 30.26 -76.86
CA LEU YA 82 37.11 29.24 -76.22
C LEU YA 82 35.74 29.18 -76.89
N GLY YA 83 35.17 27.99 -76.94
CA GLY YA 83 33.86 27.78 -77.53
C GLY YA 83 32.98 26.94 -76.64
N VAL YA 84 31.73 27.38 -76.50
CA VAL YA 84 30.74 26.71 -75.65
C VAL YA 84 29.48 26.47 -76.49
N LYS YA 85 28.99 25.23 -76.48
CA LYS YA 85 27.78 24.88 -77.22
C LYS YA 85 27.02 23.81 -76.44
N CYS YA 86 25.73 24.05 -76.22
CA CYS YA 86 24.83 23.09 -75.61
C CYS YA 86 23.76 22.72 -76.63
N SER YA 87 23.85 21.53 -77.20
CA SER YA 87 22.96 21.10 -78.27
C SER YA 87 22.42 19.72 -77.97
N LYS YA 88 21.49 19.26 -78.81
CA LYS YA 88 20.84 17.97 -78.59
C LYS YA 88 21.77 16.79 -78.82
N GLU YA 89 22.52 16.78 -79.92
CA GLU YA 89 23.38 15.66 -80.26
C GLU YA 89 24.82 15.99 -79.89
N VAL YA 90 25.63 14.94 -79.74
CA VAL YA 90 27.04 15.16 -79.43
C VAL YA 90 27.78 15.63 -80.68
N ALA YA 91 27.28 15.28 -81.88
CA ALA YA 91 27.92 15.74 -83.10
C ALA YA 91 27.72 17.24 -83.30
N THR YA 92 26.48 17.71 -83.15
CA THR YA 92 26.19 19.13 -83.33
C THR YA 92 26.76 19.97 -82.19
N ALA YA 93 26.77 19.44 -80.97
CA ALA YA 93 27.37 20.17 -79.86
C ALA YA 93 28.87 20.29 -80.02
N ILE YA 94 29.53 19.29 -80.62
CA ILE YA 94 30.96 19.39 -80.82
C ILE YA 94 31.28 20.40 -81.91
N ARG YA 95 30.61 20.30 -83.07
CA ARG YA 95 30.84 21.28 -84.13
C ARG YA 95 30.42 22.67 -83.71
N GLY YA 96 29.33 22.80 -82.95
CA GLY YA 96 28.91 24.11 -82.47
C GLY YA 96 29.97 24.75 -81.59
N ALA YA 97 30.66 23.95 -80.78
CA ALA YA 97 31.80 24.46 -80.04
C ALA YA 97 33.01 24.71 -80.93
N ILE YA 98 33.18 23.93 -82.01
CA ILE YA 98 34.22 24.22 -82.98
C ILE YA 98 33.92 25.51 -83.74
N ILE YA 99 32.68 25.65 -84.21
CA ILE YA 99 32.38 26.73 -85.15
C ILE YA 99 32.34 28.09 -84.45
N LEU YA 100 31.94 28.16 -83.17
CA LEU YA 100 31.98 29.43 -82.46
C LEU YA 100 33.34 29.72 -81.83
N ALA YA 101 34.24 28.73 -81.78
CA ALA YA 101 35.55 28.95 -81.18
C ALA YA 101 36.41 29.91 -81.99
N LYS YA 102 36.22 29.97 -83.32
CA LYS YA 102 36.85 31.01 -84.12
C LYS YA 102 36.35 32.38 -83.71
N LEU YA 103 35.06 32.49 -83.41
CA LEU YA 103 34.39 33.77 -83.19
C LEU YA 103 34.86 34.48 -81.93
N SER YA 104 35.52 33.77 -81.01
CA SER YA 104 35.92 34.34 -79.73
C SER YA 104 37.39 34.09 -79.44
N ILE YA 105 38.26 34.31 -80.42
CA ILE YA 105 39.70 34.24 -80.18
C ILE YA 105 40.19 35.59 -79.68
N VAL YA 106 40.99 35.58 -78.63
CA VAL YA 106 41.59 36.78 -78.05
C VAL YA 106 43.10 36.63 -78.14
N PRO YA 107 43.80 37.56 -78.80
CA PRO YA 107 45.27 37.47 -78.84
C PRO YA 107 45.87 37.77 -77.48
N VAL YA 108 46.77 36.88 -77.04
CA VAL YA 108 47.41 37.01 -75.74
C VAL YA 108 48.68 37.84 -75.89
N ARG YA 109 49.14 38.38 -74.77
CA ARG YA 109 50.37 39.15 -74.71
C ARG YA 109 51.47 38.26 -74.14
N ARG YA 110 52.54 38.09 -74.92
CA ARG YA 110 53.76 37.47 -74.43
C ARG YA 110 54.80 38.55 -74.20
N GLY YA 111 55.42 38.53 -73.01
CA GLY YA 111 56.38 39.55 -72.63
C GLY YA 111 57.64 38.93 -72.08
N TYR YA 112 58.65 39.78 -71.88
CA TYR YA 112 59.95 39.34 -71.38
C TYR YA 112 59.96 39.33 -69.86
N TRP YA 113 61.01 38.74 -69.29
CA TRP YA 113 61.14 38.62 -67.85
C TRP YA 113 62.59 38.92 -67.52
N GLY YA 114 62.83 40.07 -66.89
CA GLY YA 114 64.20 40.50 -66.67
C GLY YA 114 64.83 41.06 -67.93
N ASN YA 115 65.80 40.33 -68.48
CA ASN YA 115 66.39 40.71 -69.76
C ASN YA 115 65.40 40.47 -70.89
N LYS YA 116 65.50 41.32 -71.92
CA LYS YA 116 64.60 41.29 -73.07
C LYS YA 116 65.25 40.65 -74.29
N ILE YA 117 66.14 39.69 -74.07
CA ILE YA 117 66.83 39.00 -75.15
C ILE YA 117 66.05 37.74 -75.49
N GLY YA 118 66.02 37.40 -76.78
CA GLY YA 118 65.35 36.21 -77.23
C GLY YA 118 63.91 36.42 -77.68
N LYS YA 119 63.02 35.52 -77.28
CA LYS YA 119 61.61 35.56 -77.64
C LYS YA 119 60.75 35.79 -76.41
N PRO YA 120 59.71 36.63 -76.50
CA PRO YA 120 58.82 36.85 -75.35
C PRO YA 120 58.16 35.56 -74.91
N HIS YA 121 58.44 35.14 -73.67
CA HIS YA 121 58.10 33.81 -73.20
C HIS YA 121 57.00 33.80 -72.14
N THR YA 122 56.81 34.89 -71.41
CA THR YA 122 55.87 34.89 -70.29
C THR YA 122 54.87 36.04 -70.38
N VAL YA 123 53.97 36.11 -69.40
CA VAL YA 123 52.98 37.19 -69.31
C VAL YA 123 53.71 38.48 -68.94
N PRO YA 124 53.37 39.61 -69.54
CA PRO YA 124 54.07 40.86 -69.20
C PRO YA 124 53.89 41.30 -67.76
N CYS YA 125 52.76 41.00 -67.13
CA CYS YA 125 52.47 41.48 -65.79
C CYS YA 125 51.55 40.48 -65.08
N LYS YA 126 51.36 40.72 -63.78
CA LYS YA 126 50.45 39.89 -62.99
C LYS YA 126 49.02 40.35 -63.23
N VAL YA 127 48.24 39.51 -63.90
CA VAL YA 127 46.84 39.81 -64.20
C VAL YA 127 45.98 38.63 -63.76
N THR YA 128 44.71 38.92 -63.51
CA THR YA 128 43.75 37.90 -63.07
C THR YA 128 42.49 38.02 -63.91
N GLY YA 129 41.57 37.08 -63.68
CA GLY YA 129 40.29 37.09 -64.38
C GLY YA 129 39.17 36.79 -63.42
N ARG YA 130 38.02 37.39 -63.67
CA ARG YA 130 36.88 37.29 -62.77
C ARG YA 130 35.65 36.73 -63.46
N CYS YA 131 35.23 35.55 -63.04
CA CYS YA 131 33.93 34.98 -63.42
C CYS YA 131 33.63 33.83 -62.47
N GLY YA 132 32.39 33.83 -61.97
CA GLY YA 132 32.01 32.84 -60.96
C GLY YA 132 32.80 33.02 -59.68
N SER YA 133 33.13 31.90 -59.04
CA SER YA 133 33.95 31.91 -57.82
C SER YA 133 35.35 31.36 -58.03
N VAL YA 134 35.70 30.96 -59.26
CA VAL YA 134 37.03 30.41 -59.52
C VAL YA 134 37.98 31.52 -59.93
N LEU YA 135 39.11 31.60 -59.24
CA LEU YA 135 40.12 32.62 -59.48
C LEU YA 135 41.35 31.99 -60.11
N VAL YA 136 42.00 32.71 -61.01
CA VAL YA 136 43.24 32.27 -61.64
C VAL YA 136 44.10 33.51 -61.87
N ARG YA 137 45.41 33.31 -61.88
CA ARG YA 137 46.37 34.41 -62.05
C ARG YA 137 47.44 34.03 -63.05
N LEU YA 138 47.85 34.99 -63.86
CA LEU YA 138 48.99 34.84 -64.74
C LEU YA 138 50.20 35.48 -64.06
N ILE YA 139 51.13 34.65 -63.61
CA ILE YA 139 52.28 35.14 -62.87
C ILE YA 139 53.52 34.92 -63.73
N PRO YA 140 54.39 35.92 -63.88
CA PRO YA 140 55.61 35.71 -64.67
C PRO YA 140 56.52 34.67 -64.05
N ALA YA 141 57.23 33.96 -64.92
CA ALA YA 141 58.06 32.83 -64.52
C ALA YA 141 59.46 33.04 -65.05
N PRO YA 142 60.47 32.49 -64.37
CA PRO YA 142 61.84 32.54 -64.89
C PRO YA 142 61.97 31.69 -66.15
N ARG YA 143 63.10 31.89 -66.84
CA ARG YA 143 63.31 31.27 -68.13
C ARG YA 143 63.44 29.75 -67.99
N GLY YA 144 62.87 29.04 -68.97
CA GLY YA 144 63.00 27.60 -69.03
C GLY YA 144 62.25 26.81 -67.98
N THR YA 145 61.22 27.40 -67.36
CA THR YA 145 60.50 26.70 -66.30
C THR YA 145 59.38 25.84 -66.85
N GLY YA 146 58.43 26.46 -67.54
CA GLY YA 146 57.28 25.76 -68.10
C GLY YA 146 55.97 26.27 -67.51
N ILE YA 147 54.90 25.66 -68.01
CA ILE YA 147 53.54 26.01 -67.58
C ILE YA 147 53.27 25.23 -66.31
N VAL YA 148 53.47 25.89 -65.17
CA VAL YA 148 53.17 25.26 -63.87
C VAL YA 148 51.73 25.57 -63.50
N SER YA 149 50.81 24.70 -63.89
CA SER YA 149 49.39 24.94 -63.67
C SER YA 149 48.65 23.61 -63.72
N ALA YA 150 47.36 23.68 -63.41
CA ALA YA 150 46.50 22.50 -63.47
C ALA YA 150 46.42 22.01 -64.91
N PRO YA 151 46.19 20.71 -65.12
CA PRO YA 151 46.29 20.15 -66.48
C PRO YA 151 45.35 20.76 -67.51
N VAL YA 152 44.15 21.20 -67.12
CA VAL YA 152 43.24 21.78 -68.09
C VAL YA 152 43.68 23.21 -68.45
N PRO YA 153 44.00 24.11 -67.49
CA PRO YA 153 44.61 25.38 -67.91
C PRO YA 153 46.04 25.24 -68.41
N LYS YA 154 46.73 24.14 -68.10
CA LYS YA 154 48.04 23.91 -68.69
C LYS YA 154 47.94 23.75 -70.20
N LYS YA 155 46.90 23.06 -70.66
CA LYS YA 155 46.74 22.85 -72.09
C LYS YA 155 46.44 24.15 -72.82
N LEU YA 156 45.62 25.02 -72.23
CA LEU YA 156 45.26 26.26 -72.91
C LEU YA 156 46.41 27.27 -72.89
N LEU YA 157 47.38 27.12 -72.00
CA LEU YA 157 48.51 28.03 -71.96
C LEU YA 157 49.62 27.68 -72.93
N MET YA 158 49.94 26.40 -73.11
CA MET YA 158 50.85 26.06 -74.21
C MET YA 158 50.12 26.04 -75.55
N MET YA 159 48.82 26.27 -75.52
CA MET YA 159 48.02 26.35 -76.75
C MET YA 159 48.28 27.66 -77.47
N ALA YA 160 48.72 28.70 -76.74
CA ALA YA 160 49.03 29.99 -77.34
C ALA YA 160 50.50 30.17 -77.66
N GLY YA 161 51.37 29.30 -77.15
CA GLY YA 161 52.80 29.47 -77.31
C GLY YA 161 53.50 30.16 -76.16
N ILE YA 162 52.76 30.69 -75.19
CA ILE YA 162 53.38 31.20 -73.98
C ILE YA 162 53.89 30.03 -73.15
N ASP YA 163 55.18 30.05 -72.82
CA ASP YA 163 55.87 28.88 -72.31
C ASP YA 163 56.08 28.89 -70.81
N ASP YA 164 56.66 29.95 -70.26
CA ASP YA 164 56.98 30.02 -68.84
C ASP YA 164 55.80 30.68 -68.12
N CYS YA 165 55.08 29.91 -67.33
CA CYS YA 165 53.88 30.42 -66.66
C CYS YA 165 53.83 29.94 -65.22
N TYR YA 166 53.48 30.85 -64.32
CA TYR YA 166 53.25 30.58 -62.91
C TYR YA 166 51.81 30.95 -62.58
N THR YA 167 51.16 30.17 -61.72
CA THR YA 167 49.76 30.35 -61.42
C THR YA 167 49.51 30.33 -59.91
N SER YA 168 48.32 30.79 -59.53
CA SER YA 168 47.85 30.74 -58.14
C SER YA 168 46.33 30.91 -58.18
N ALA YA 169 45.61 29.89 -57.72
CA ALA YA 169 44.17 29.79 -57.93
C ALA YA 169 43.41 29.72 -56.61
N ARG YA 170 42.12 30.02 -56.69
CA ARG YA 170 41.17 29.81 -55.60
C ARG YA 170 39.83 29.43 -56.21
N GLY YA 171 39.14 28.51 -55.57
CA GLY YA 171 37.77 28.19 -55.91
C GLY YA 171 37.59 26.72 -56.23
N CYS YA 172 36.35 26.38 -56.58
CA CYS YA 172 36.02 25.01 -56.98
C CYS YA 172 36.51 24.81 -58.40
N THR YA 173 37.80 24.48 -58.52
CA THR YA 173 38.42 24.28 -59.83
C THR YA 173 37.93 23.02 -60.52
N ALA YA 174 37.18 22.16 -59.83
CA ALA YA 174 36.55 21.02 -60.48
C ALA YA 174 35.58 21.47 -61.56
N THR YA 175 34.90 22.60 -61.35
CA THR YA 175 34.14 23.23 -62.43
C THR YA 175 35.13 23.91 -63.37
N LEU YA 176 35.69 23.12 -64.29
CA LEU YA 176 36.67 23.63 -65.24
C LEU YA 176 36.03 24.56 -66.27
N GLY YA 177 34.70 24.55 -66.38
CA GLY YA 177 34.04 25.56 -67.18
C GLY YA 177 34.25 26.96 -66.63
N ASN YA 178 34.12 27.10 -65.31
CA ASN YA 178 34.41 28.36 -64.64
C ASN YA 178 35.90 28.61 -64.48
N PHE YA 179 36.73 27.58 -64.70
CA PHE YA 179 38.17 27.71 -64.49
C PHE YA 179 38.87 28.07 -65.80
N ALA YA 180 38.40 27.51 -66.91
CA ALA YA 180 38.97 27.86 -68.21
C ALA YA 180 38.62 29.28 -68.61
N LYS YA 181 37.36 29.69 -68.41
CA LYS YA 181 36.95 31.05 -68.74
C LYS YA 181 37.53 32.09 -67.79
N ALA YA 182 37.99 31.68 -66.61
CA ALA YA 182 38.71 32.61 -65.74
C ALA YA 182 40.06 32.99 -66.34
N THR YA 183 40.72 32.05 -67.00
CA THR YA 183 41.94 32.38 -67.74
C THR YA 183 41.62 33.26 -68.94
N PHE YA 184 40.43 33.09 -69.52
CA PHE YA 184 40.04 33.86 -70.69
C PHE YA 184 39.95 35.36 -70.38
N ASP YA 185 39.40 35.70 -69.22
CA ASP YA 185 39.34 37.10 -68.80
C ASP YA 185 40.76 37.61 -68.51
N ALA YA 186 41.58 36.78 -67.88
CA ALA YA 186 42.94 37.19 -67.53
C ALA YA 186 43.80 37.46 -68.76
N ILE YA 187 43.70 36.60 -69.78
CA ILE YA 187 44.50 36.83 -70.99
C ILE YA 187 43.93 37.99 -71.80
N SER YA 188 42.62 38.24 -71.70
CA SER YA 188 42.03 39.39 -72.37
C SER YA 188 42.32 40.70 -71.64
N LYS YA 189 42.73 40.63 -70.37
CA LYS YA 189 43.04 41.82 -69.60
C LYS YA 189 44.35 42.46 -70.02
N THR YA 190 45.21 41.72 -70.72
CA THR YA 190 46.52 42.25 -71.10
C THR YA 190 46.39 43.40 -72.10
N TYR YA 191 45.44 43.30 -73.02
CA TYR YA 191 45.16 44.36 -73.98
C TYR YA 191 44.20 45.41 -73.45
N SER YA 192 43.77 45.28 -72.19
CA SER YA 192 43.04 46.33 -71.51
C SER YA 192 43.84 46.97 -70.38
N TYR YA 193 44.88 46.31 -69.89
CA TYR YA 193 45.73 46.86 -68.86
C TYR YA 193 46.80 47.76 -69.47
N LEU YA 194 46.90 48.99 -68.96
CA LEU YA 194 47.84 49.96 -69.50
C LEU YA 194 49.26 49.64 -69.03
N THR YA 195 50.22 49.64 -69.98
CA THR YA 195 51.62 49.32 -69.80
C THR YA 195 52.48 50.58 -69.90
N PRO YA 196 53.49 50.71 -69.02
CA PRO YA 196 54.44 51.83 -69.16
C PRO YA 196 55.21 51.83 -70.46
N ASP YA 197 55.44 50.67 -71.07
CA ASP YA 197 55.97 50.64 -72.43
C ASP YA 197 54.99 51.29 -73.40
N LEU YA 198 53.69 51.16 -73.15
CA LEU YA 198 52.65 51.71 -74.00
C LEU YA 198 52.16 53.07 -73.52
N TRP YA 199 53.03 53.88 -72.89
CA TRP YA 199 52.71 55.28 -72.68
C TRP YA 199 52.83 56.12 -73.94
N LYS YA 200 53.42 55.59 -75.00
CA LYS YA 200 53.42 56.29 -76.27
C LYS YA 200 52.01 56.36 -76.82
N GLU YA 201 51.55 57.58 -77.09
CA GLU YA 201 50.19 57.77 -77.60
C GLU YA 201 50.05 57.19 -79.00
N THR YA 202 48.88 56.62 -79.26
CA THR YA 202 48.66 55.87 -80.50
C THR YA 202 48.14 56.80 -81.58
N VAL YA 203 48.88 56.91 -82.68
CA VAL YA 203 48.38 57.60 -83.85
C VAL YA 203 47.23 56.78 -84.44
N PHE YA 204 46.13 57.44 -84.75
CA PHE YA 204 44.89 56.74 -85.11
C PHE YA 204 44.89 56.46 -86.61
N THR YA 205 45.09 55.20 -86.97
CA THR YA 205 44.90 54.79 -88.36
C THR YA 205 43.42 54.87 -88.73
N LYS YA 206 43.16 55.18 -89.99
CA LYS YA 206 41.80 55.38 -90.47
C LYS YA 206 41.13 54.04 -90.66
N SER YA 207 39.84 53.99 -90.34
CA SER YA 207 39.11 52.73 -90.31
C SER YA 207 38.98 52.14 -91.71
N PRO YA 208 39.05 50.81 -91.85
CA PRO YA 208 38.85 50.19 -93.17
C PRO YA 208 37.47 50.44 -93.75
N TYR YA 209 36.45 50.64 -92.92
CA TYR YA 209 35.16 51.09 -93.43
C TYR YA 209 35.27 52.46 -94.08
N GLN YA 210 36.01 53.38 -93.44
CA GLN YA 210 36.23 54.70 -93.98
C GLN YA 210 37.21 54.69 -95.15
N GLU YA 211 38.24 53.83 -95.10
CA GLU YA 211 39.23 53.79 -96.16
C GLU YA 211 38.65 53.27 -97.46
N PHE YA 212 37.80 52.24 -97.40
CA PHE YA 212 37.30 51.56 -98.58
C PHE YA 212 35.80 51.72 -98.77
N THR YA 213 35.24 52.86 -98.34
CA THR YA 213 33.79 53.06 -98.43
C THR YA 213 33.30 53.17 -99.87
N ASP YA 214 34.18 53.54 -100.81
CA ASP YA 214 33.80 53.54 -102.22
C ASP YA 214 33.54 52.13 -102.73
N HIS YA 215 34.35 51.17 -102.29
CA HIS YA 215 34.18 49.78 -102.71
C HIS YA 215 33.04 49.10 -101.95
N LEU YA 216 32.63 49.64 -100.81
CA LEU YA 216 31.57 49.06 -100.00
C LEU YA 216 30.18 49.34 -100.53
N VAL YA 217 30.06 50.09 -101.62
CA VAL YA 217 28.76 50.39 -102.22
C VAL YA 217 28.70 50.02 -103.70
N LYS YA 218 29.78 49.49 -104.29
CA LYS YA 218 29.81 49.22 -105.71
C LYS YA 218 29.79 47.72 -106.05
N THR YA 219 30.14 46.85 -105.10
CA THR YA 219 30.17 45.42 -105.36
C THR YA 219 29.06 44.66 -104.62
N HIS YA 220 28.26 45.35 -103.82
CA HIS YA 220 27.12 44.73 -103.15
C HIS YA 220 26.12 45.83 -102.82
N THR YA 221 25.13 45.50 -101.98
CA THR YA 221 24.11 46.46 -101.58
C THR YA 221 24.64 47.41 -100.50
N MET ZA 1 -16.39 -17.10 -117.85
CA MET ZA 1 -15.84 -18.13 -116.98
C MET ZA 1 -17.00 -18.84 -116.26
N ALA ZA 2 -16.84 -20.14 -116.03
CA ALA ZA 2 -17.98 -21.03 -115.81
C ALA ZA 2 -18.71 -20.72 -114.51
N VAL ZA 3 -17.98 -20.60 -113.39
CA VAL ZA 3 -18.65 -20.42 -112.11
C VAL ZA 3 -19.13 -18.98 -111.94
N GLN ZA 4 -18.52 -18.03 -112.67
CA GLN ZA 4 -18.99 -16.65 -112.79
C GLN ZA 4 -19.07 -15.96 -111.42
N ILE ZA 5 -17.89 -15.79 -110.81
CA ILE ZA 5 -17.81 -15.08 -109.54
C ILE ZA 5 -18.24 -13.64 -109.73
N SER ZA 6 -18.75 -13.05 -108.64
CA SER ZA 6 -19.24 -11.68 -108.69
C SER ZA 6 -18.09 -10.69 -108.73
N LYS ZA 7 -18.42 -9.45 -109.11
CA LYS ZA 7 -17.43 -8.38 -109.13
C LYS ZA 7 -17.01 -7.96 -107.73
N LYS ZA 8 -17.90 -8.07 -106.74
CA LYS ZA 8 -17.51 -7.77 -105.36
C LYS ZA 8 -16.45 -8.74 -104.88
N ARG ZA 9 -16.62 -10.04 -105.18
CA ARG ZA 9 -15.64 -11.05 -104.78
C ARG ZA 9 -14.38 -11.02 -105.62
N LYS ZA 10 -14.41 -10.37 -106.80
CA LYS ZA 10 -13.25 -10.37 -107.68
C LYS ZA 10 -12.20 -9.37 -107.23
N PHE ZA 11 -12.61 -8.13 -106.93
CA PHE ZA 11 -11.65 -7.12 -106.49
C PHE ZA 11 -11.15 -7.41 -105.09
N VAL ZA 12 -11.93 -8.13 -104.28
CA VAL ZA 12 -11.40 -8.67 -103.03
C VAL ZA 12 -10.31 -9.68 -103.32
N ALA ZA 13 -10.53 -10.57 -104.30
CA ALA ZA 13 -9.49 -11.49 -104.72
C ALA ZA 13 -8.38 -10.78 -105.47
N ASP ZA 14 -8.71 -9.74 -106.24
CA ASP ZA 14 -7.69 -8.94 -106.91
C ASP ZA 14 -6.83 -8.20 -105.90
N GLY ZA 15 -7.45 -7.64 -104.85
CA GLY ZA 15 -6.68 -7.03 -103.79
C GLY ZA 15 -5.84 -8.03 -103.01
N ILE ZA 16 -6.39 -9.23 -102.81
CA ILE ZA 16 -5.62 -10.30 -102.18
C ILE ZA 16 -4.45 -10.72 -103.07
N PHE ZA 17 -4.71 -10.87 -104.37
CA PHE ZA 17 -3.64 -11.19 -105.31
C PHE ZA 17 -2.62 -10.05 -105.39
N LYS ZA 18 -3.08 -8.80 -105.29
CA LYS ZA 18 -2.14 -7.68 -105.22
C LYS ZA 18 -1.40 -7.66 -103.89
N ALA ZA 19 -1.99 -8.23 -102.84
CA ALA ZA 19 -1.35 -8.24 -101.53
C ALA ZA 19 -0.35 -9.39 -101.40
N GLU ZA 20 -0.76 -10.60 -101.81
CA GLU ZA 20 0.09 -11.77 -101.62
C GLU ZA 20 1.31 -11.75 -102.52
N LEU ZA 21 1.12 -11.43 -103.81
CA LEU ZA 21 2.24 -11.46 -104.75
C LEU ZA 21 3.25 -10.35 -104.47
N ASN ZA 22 2.78 -9.18 -104.03
CA ASN ZA 22 3.70 -8.12 -103.63
C ASN ZA 22 4.47 -8.56 -102.38
N GLU ZA 23 3.75 -9.04 -101.36
CA GLU ZA 23 4.39 -9.50 -100.14
C GLU ZA 23 5.22 -10.77 -100.33
N PHE ZA 24 4.90 -11.58 -101.32
CA PHE ZA 24 5.76 -12.72 -101.67
C PHE ZA 24 7.12 -12.22 -102.16
N LEU ZA 25 7.12 -11.16 -102.96
CA LEU ZA 25 8.35 -10.67 -103.57
C LEU ZA 25 9.15 -9.78 -102.62
N THR ZA 26 8.52 -9.16 -101.63
CA THR ZA 26 9.25 -8.30 -100.70
C THR ZA 26 10.23 -9.09 -99.85
N ARG ZA 27 9.80 -10.24 -99.32
CA ARG ZA 27 10.70 -11.03 -98.49
C ARG ZA 27 11.78 -11.71 -99.31
N GLU ZA 28 11.45 -12.09 -100.55
CA GLU ZA 28 12.41 -12.75 -101.44
C GLU ZA 28 13.34 -11.76 -102.12
N LEU ZA 29 12.78 -10.70 -102.73
CA LEU ZA 29 13.61 -9.66 -103.31
C LEU ZA 29 13.76 -8.55 -102.28
N ALA ZA 30 14.61 -8.79 -101.27
CA ALA ZA 30 14.91 -7.81 -100.24
C ALA ZA 30 16.34 -7.30 -100.32
N GLU ZA 31 17.25 -8.11 -100.84
CA GLU ZA 31 18.64 -7.71 -101.03
C GLU ZA 31 18.85 -6.92 -102.32
N ASP ZA 32 17.81 -6.75 -103.13
CA ASP ZA 32 17.92 -6.09 -104.41
C ASP ZA 32 17.43 -4.65 -104.42
N GLY ZA 33 16.82 -4.19 -103.33
CA GLY ZA 33 16.30 -2.83 -103.29
C GLY ZA 33 14.89 -2.72 -103.84
N TYR ZA 34 13.96 -3.44 -103.23
CA TYR ZA 34 12.57 -3.39 -103.66
C TYR ZA 34 12.00 -2.00 -103.49
N SER ZA 35 11.20 -1.57 -104.48
CA SER ZA 35 10.60 -0.25 -104.44
C SER ZA 35 9.11 -0.22 -104.77
N GLY ZA 36 8.53 -1.30 -105.25
CA GLY ZA 36 7.12 -1.34 -105.57
C GLY ZA 36 6.87 -2.15 -106.82
N VAL ZA 37 5.62 -2.61 -106.97
CA VAL ZA 37 5.20 -3.36 -108.14
C VAL ZA 37 3.87 -2.81 -108.61
N GLU ZA 38 3.55 -3.10 -109.88
CA GLU ZA 38 2.28 -2.72 -110.47
C GLU ZA 38 1.94 -3.70 -111.58
N VAL ZA 39 0.73 -4.25 -111.52
CA VAL ZA 39 0.30 -5.27 -112.46
C VAL ZA 39 -0.83 -4.71 -113.31
N ARG ZA 40 -0.80 -5.04 -114.61
CA ARG ZA 40 -1.84 -4.67 -115.55
C ARG ZA 40 -2.68 -5.90 -115.86
N VAL ZA 41 -3.98 -5.80 -115.64
CA VAL ZA 41 -4.89 -6.89 -115.96
C VAL ZA 41 -5.45 -6.67 -117.36
N THR ZA 42 -5.23 -7.66 -118.23
CA THR ZA 42 -5.63 -7.64 -119.63
C THR ZA 42 -6.22 -8.99 -119.99
N PRO ZA 43 -7.06 -9.05 -121.03
CA PRO ZA 43 -7.52 -10.36 -121.52
C PRO ZA 43 -6.37 -11.16 -122.13
N THR ZA 44 -6.31 -12.44 -121.76
CA THR ZA 44 -5.46 -13.48 -122.35
C THR ZA 44 -4.00 -13.29 -121.94
N ARG ZA 45 -3.67 -12.14 -121.34
CA ARG ZA 45 -2.29 -11.82 -120.98
C ARG ZA 45 -2.27 -11.11 -119.63
N THR ZA 46 -1.23 -11.39 -118.85
CA THR ZA 46 -1.04 -10.79 -117.53
C THR ZA 46 0.29 -10.03 -117.55
N GLU ZA 47 0.20 -8.70 -117.64
CA GLU ZA 47 1.38 -7.84 -117.68
C GLU ZA 47 1.65 -7.28 -116.29
N ILE ZA 48 2.85 -7.53 -115.77
CA ILE ZA 48 3.25 -7.06 -114.46
C ILE ZA 48 4.59 -6.37 -114.57
N ILE ZA 49 4.71 -5.20 -113.94
CA ILE ZA 49 5.94 -4.41 -113.94
C ILE ZA 49 6.52 -4.44 -112.53
N ILE ZA 50 7.78 -4.84 -112.41
CA ILE ZA 50 8.48 -4.93 -111.13
C ILE ZA 50 9.58 -3.87 -111.12
N LEU ZA 51 9.59 -3.05 -110.08
CA LEU ZA 51 10.54 -1.95 -109.94
C LEU ZA 51 11.57 -2.31 -108.88
N ALA ZA 52 12.85 -2.08 -109.21
CA ALA ZA 52 13.94 -2.40 -108.28
C ALA ZA 52 15.10 -1.47 -108.58
N THR ZA 53 16.00 -1.35 -107.60
CA THR ZA 53 17.11 -0.42 -107.70
C THR ZA 53 18.26 -0.99 -108.53
N ARG ZA 54 18.85 -2.10 -108.05
CA ARG ZA 54 20.05 -2.67 -108.68
C ARG ZA 54 19.60 -3.60 -109.80
N THR ZA 55 19.60 -3.07 -111.03
CA THR ZA 55 19.20 -3.85 -112.20
C THR ZA 55 20.18 -4.97 -112.55
N GLN ZA 56 21.39 -4.94 -111.99
CA GLN ZA 56 22.31 -6.05 -112.19
C GLN ZA 56 21.81 -7.31 -111.50
N ASN ZA 57 21.24 -7.16 -110.31
CA ASN ZA 57 20.81 -8.29 -109.50
C ASN ZA 57 19.37 -8.72 -109.77
N VAL ZA 58 18.62 -8.00 -110.59
CA VAL ZA 58 17.25 -8.40 -110.89
C VAL ZA 58 17.18 -9.57 -111.85
N LEU ZA 59 18.28 -9.88 -112.54
CA LEU ZA 59 18.31 -10.96 -113.51
C LEU ZA 59 19.07 -12.19 -113.05
N GLY ZA 60 20.17 -12.01 -112.31
CA GLY ZA 60 20.94 -13.14 -111.84
C GLY ZA 60 21.91 -13.66 -112.89
N GLU ZA 61 21.53 -14.76 -113.55
CA GLU ZA 61 22.30 -15.35 -114.63
C GLU ZA 61 21.47 -15.22 -115.91
N LYS ZA 62 21.77 -14.18 -116.71
CA LYS ZA 62 21.11 -13.87 -117.98
C LYS ZA 62 19.57 -13.91 -117.87
N GLY ZA 63 19.06 -13.44 -116.73
CA GLY ZA 63 17.63 -13.47 -116.50
C GLY ZA 63 17.11 -14.73 -115.88
N ARG ZA 64 17.95 -15.46 -115.14
CA ARG ZA 64 17.51 -16.66 -114.45
C ARG ZA 64 16.51 -16.32 -113.35
N ARG ZA 65 16.79 -15.28 -112.57
CA ARG ZA 65 15.86 -14.88 -111.51
C ARG ZA 65 14.58 -14.29 -112.08
N ILE ZA 66 14.66 -13.67 -113.27
CA ILE ZA 66 13.45 -13.21 -113.94
C ILE ZA 66 12.59 -14.40 -114.36
N ARG ZA 67 13.22 -15.43 -114.92
CA ARG ZA 67 12.49 -16.61 -115.36
C ARG ZA 67 11.99 -17.47 -114.19
N GLU ZA 68 12.66 -17.42 -113.05
CA GLU ZA 68 12.16 -18.12 -111.87
C GLU ZA 68 10.85 -17.53 -111.37
N LEU ZA 69 10.70 -16.21 -111.45
CA LEU ZA 69 9.46 -15.55 -111.06
C LEU ZA 69 8.34 -15.72 -112.07
N THR ZA 70 8.67 -16.11 -113.31
CA THR ZA 70 7.62 -16.35 -114.29
C THR ZA 70 6.86 -17.65 -114.00
N ALA ZA 71 7.54 -18.65 -113.45
CA ALA ZA 71 6.95 -19.95 -113.19
C ALA ZA 71 6.38 -20.09 -111.79
N VAL ZA 72 6.73 -19.19 -110.87
CA VAL ZA 72 6.14 -19.24 -109.53
C VAL ZA 72 4.66 -18.89 -109.59
N VAL ZA 73 4.32 -17.80 -110.27
CA VAL ZA 73 2.91 -17.43 -110.46
C VAL ZA 73 2.23 -18.43 -111.38
N GLN ZA 74 2.98 -19.09 -112.26
CA GLN ZA 74 2.43 -20.11 -113.13
C GLN ZA 74 1.97 -21.34 -112.36
N LYS ZA 75 2.64 -21.65 -111.25
CA LYS ZA 75 2.37 -22.89 -110.53
C LYS ZA 75 1.40 -22.70 -109.37
N ARG ZA 76 1.52 -21.59 -108.63
CA ARG ZA 76 0.70 -21.37 -107.45
C ARG ZA 76 -0.64 -20.72 -107.80
N PHE ZA 77 -0.62 -19.57 -108.47
CA PHE ZA 77 -1.82 -18.77 -108.68
C PHE ZA 77 -2.68 -19.28 -109.82
N GLY ZA 78 -2.20 -20.25 -110.60
CA GLY ZA 78 -3.00 -20.85 -111.65
C GLY ZA 78 -3.10 -20.01 -112.90
N PHE ZA 79 -1.96 -19.76 -113.55
CA PHE ZA 79 -1.92 -19.02 -114.79
C PHE ZA 79 -1.21 -19.83 -115.87
N PRO ZA 80 -1.58 -19.67 -117.14
CA PRO ZA 80 -0.94 -20.44 -118.21
C PRO ZA 80 0.49 -19.98 -118.44
N GLU ZA 81 1.27 -20.87 -119.07
CA GLU ZA 81 2.64 -20.56 -119.41
C GLU ZA 81 2.67 -19.59 -120.59
N GLY ZA 82 3.40 -18.50 -120.44
CA GLY ZA 82 3.45 -17.46 -121.45
C GLY ZA 82 2.37 -16.41 -121.34
N SER ZA 83 1.33 -16.66 -120.54
CA SER ZA 83 0.28 -15.66 -120.33
C SER ZA 83 0.74 -14.54 -119.40
N VAL ZA 84 1.79 -14.76 -118.62
CA VAL ZA 84 2.34 -13.75 -117.73
C VAL ZA 84 3.74 -13.39 -118.23
N GLU ZA 85 4.02 -12.09 -118.31
CA GLU ZA 85 5.31 -11.58 -118.75
C GLU ZA 85 5.78 -10.53 -117.76
N LEU ZA 86 7.07 -10.59 -117.42
CA LEU ZA 86 7.66 -9.74 -116.40
C LEU ZA 86 8.70 -8.83 -117.03
N TYR ZA 87 8.63 -7.53 -116.73
CA TYR ZA 87 9.57 -6.54 -117.22
C TYR ZA 87 10.25 -5.85 -116.05
N ALA ZA 88 11.57 -5.78 -116.09
CA ALA ZA 88 12.35 -5.15 -115.04
C ALA ZA 88 12.58 -3.68 -115.38
N GLU ZA 89 12.40 -2.82 -114.38
CA GLU ZA 89 12.58 -1.38 -114.55
C GLU ZA 89 13.53 -0.85 -113.47
N LYS ZA 90 14.16 0.27 -113.78
CA LYS ZA 90 15.09 0.92 -112.87
C LYS ZA 90 14.39 2.07 -112.15
N VAL ZA 91 14.86 2.36 -110.94
CA VAL ZA 91 14.23 3.38 -110.10
C VAL ZA 91 14.77 4.75 -110.48
N ALA ZA 92 13.87 5.72 -110.62
CA ALA ZA 92 14.26 7.12 -110.68
C ALA ZA 92 14.03 7.77 -109.33
N THR ZA 93 14.89 8.73 -109.01
CA THR ZA 93 14.92 9.49 -107.74
C THR ZA 93 14.63 8.61 -106.53
N ARG ZA 94 15.46 7.58 -106.38
CA ARG ZA 94 15.26 6.52 -105.39
C ARG ZA 94 15.37 7.03 -103.95
N GLY ZA 95 15.88 8.24 -103.72
CA GLY ZA 95 15.99 8.77 -102.38
C GLY ZA 95 14.69 9.24 -101.78
N LEU ZA 96 13.59 9.17 -102.53
CA LEU ZA 96 12.28 9.56 -102.03
C LEU ZA 96 11.34 8.38 -101.86
N CYS ZA 97 11.72 7.19 -102.30
CA CYS ZA 97 10.98 5.96 -102.02
C CYS ZA 97 11.43 5.47 -100.65
N ALA ZA 98 10.54 5.60 -99.66
CA ALA ZA 98 10.92 5.39 -98.26
C ALA ZA 98 11.37 3.97 -97.96
N ILE ZA 99 10.83 2.97 -98.68
CA ILE ZA 99 11.24 1.59 -98.43
C ILE ZA 99 12.59 1.25 -99.06
N ALA ZA 100 13.14 2.12 -99.91
CA ALA ZA 100 14.43 1.85 -100.53
C ALA ZA 100 15.58 1.94 -99.53
N GLN ZA 101 15.60 3.00 -98.72
CA GLN ZA 101 16.66 3.13 -97.71
C GLN ZA 101 16.30 2.38 -96.43
N ALA ZA 102 15.03 1.98 -96.29
CA ALA ZA 102 14.60 1.25 -95.11
C ALA ZA 102 15.31 -0.09 -95.00
N GLU ZA 103 15.40 -0.81 -96.11
CA GLU ZA 103 16.21 -2.03 -96.12
C GLU ZA 103 17.70 -1.69 -96.13
N SER ZA 104 18.08 -0.56 -96.74
CA SER ZA 104 19.49 -0.16 -96.77
C SER ZA 104 20.00 0.13 -95.37
N LEU ZA 105 19.14 0.66 -94.50
CA LEU ZA 105 19.49 0.80 -93.09
C LEU ZA 105 19.72 -0.55 -92.44
N ARG ZA 106 18.96 -1.57 -92.83
CA ARG ZA 106 19.06 -2.88 -92.19
C ARG ZA 106 20.37 -3.59 -92.50
N TYR ZA 107 20.76 -3.65 -93.78
CA TYR ZA 107 21.98 -4.36 -94.14
C TYR ZA 107 23.25 -3.67 -93.65
N LYS ZA 108 23.20 -2.38 -93.33
CA LYS ZA 108 24.28 -1.81 -92.56
C LYS ZA 108 24.23 -2.25 -91.10
N LEU ZA 109 23.04 -2.27 -90.50
CA LEU ZA 109 22.89 -2.74 -89.13
C LEU ZA 109 23.14 -4.24 -89.03
N LEU ZA 110 22.61 -5.02 -89.98
CA LEU ZA 110 22.84 -6.46 -89.98
C LEU ZA 110 24.26 -6.79 -90.39
N GLY ZA 111 24.84 -5.99 -91.29
CA GLY ZA 111 26.19 -6.27 -91.76
C GLY ZA 111 27.25 -6.11 -90.68
N GLY ZA 112 27.04 -5.15 -89.77
CA GLY ZA 112 28.00 -4.91 -88.71
C GLY ZA 112 28.38 -3.46 -88.53
N LEU ZA 113 27.69 -2.56 -89.21
CA LEU ZA 113 27.93 -1.14 -88.98
C LEU ZA 113 27.26 -0.70 -87.68
N ALA ZA 114 27.73 0.43 -87.15
CA ALA ZA 114 27.16 0.99 -85.93
C ALA ZA 114 25.73 1.47 -86.17
N VAL ZA 115 24.90 1.34 -85.12
CA VAL ZA 115 23.59 1.98 -85.09
C VAL ZA 115 23.75 3.48 -85.30
N ARG ZA 116 24.82 4.04 -84.74
CA ARG ZA 116 25.14 5.47 -84.83
C ARG ZA 116 25.50 5.91 -86.24
N ARG ZA 117 26.43 5.19 -86.89
CA ARG ZA 117 26.97 5.64 -88.17
C ARG ZA 117 25.98 5.40 -89.31
N ALA ZA 118 25.25 4.28 -89.26
CA ALA ZA 118 24.29 3.97 -90.32
C ALA ZA 118 23.16 4.99 -90.35
N CYS ZA 119 22.79 5.56 -89.19
CA CYS ZA 119 21.71 6.54 -89.14
C CYS ZA 119 22.08 7.82 -89.89
N TYR ZA 120 23.33 8.27 -89.77
CA TYR ZA 120 23.82 9.37 -90.61
C TYR ZA 120 23.76 9.05 -92.09
N GLY ZA 121 24.00 7.80 -92.47
CA GLY ZA 121 24.01 7.45 -93.87
C GLY ZA 121 22.67 7.65 -94.56
N VAL ZA 122 21.58 7.28 -93.87
CA VAL ZA 122 20.26 7.43 -94.46
C VAL ZA 122 19.87 8.91 -94.55
N LEU ZA 123 20.08 9.68 -93.48
CA LEU ZA 123 19.64 11.07 -93.47
C LEU ZA 123 20.50 11.93 -94.39
N ARG ZA 124 21.75 11.54 -94.63
CA ARG ZA 124 22.57 12.26 -95.60
C ARG ZA 124 22.10 11.99 -97.02
N PHE ZA 125 21.72 10.73 -97.30
CA PHE ZA 125 21.27 10.36 -98.64
C PHE ZA 125 19.93 10.97 -99.01
N ILE ZA 126 19.00 11.09 -98.07
CA ILE ZA 126 17.70 11.69 -98.38
C ILE ZA 126 17.82 13.20 -98.54
N MET ZA 127 18.79 13.83 -97.86
CA MET ZA 127 19.08 15.24 -98.13
C MET ZA 127 19.87 15.40 -99.42
N GLU ZA 128 20.76 14.45 -99.72
CA GLU ZA 128 21.51 14.50 -100.97
C GLU ZA 128 20.59 14.33 -102.18
N SER ZA 129 19.63 13.42 -102.10
CA SER ZA 129 18.67 13.23 -103.18
C SER ZA 129 17.63 14.34 -103.25
N GLY ZA 130 17.44 15.10 -102.17
CA GLY ZA 130 16.51 16.21 -102.16
C GLY ZA 130 15.19 15.87 -101.48
N ALA ZA 131 15.05 16.25 -100.21
CA ALA ZA 131 13.82 16.07 -99.46
C ALA ZA 131 13.51 17.33 -98.65
N LYS ZA 132 12.23 17.70 -98.64
CA LYS ZA 132 11.81 18.88 -97.89
C LYS ZA 132 11.78 18.60 -96.40
N GLY ZA 133 11.60 17.35 -96.02
CA GLY ZA 133 11.61 16.97 -94.63
C GLY ZA 133 11.52 15.47 -94.51
N CYS ZA 134 11.70 14.99 -93.28
CA CYS ZA 134 11.74 13.56 -93.05
C CYS ZA 134 11.39 13.28 -91.59
N GLU ZA 135 11.19 11.99 -91.31
CA GLU ZA 135 10.89 11.54 -89.94
C GLU ZA 135 11.50 10.15 -89.79
N VAL ZA 136 12.70 10.08 -89.24
CA VAL ZA 136 13.45 8.83 -89.10
C VAL ZA 136 13.37 8.40 -87.65
N VAL ZA 137 12.75 7.25 -87.40
CA VAL ZA 137 12.58 6.71 -86.06
C VAL ZA 137 13.26 5.35 -86.00
N VAL ZA 138 14.13 5.17 -85.01
CA VAL ZA 138 14.77 3.89 -84.72
C VAL ZA 138 14.48 3.54 -83.26
N SER ZA 139 13.80 2.43 -83.05
CA SER ZA 139 13.39 2.01 -81.72
C SER ZA 139 13.68 0.52 -81.53
N GLY ZA 140 13.80 0.11 -80.27
CA GLY ZA 140 14.09 -1.24 -79.88
C GLY ZA 140 15.02 -1.26 -78.70
N LYS ZA 141 15.68 -2.40 -78.49
CA LYS ZA 141 16.66 -2.54 -77.42
C LYS ZA 141 18.00 -2.00 -77.89
N LEU ZA 142 18.63 -1.16 -77.07
CA LEU ZA 142 19.91 -0.56 -77.40
C LEU ZA 142 20.83 -0.65 -76.20
N ARG ZA 143 22.01 -1.24 -76.41
CA ARG ZA 143 23.08 -1.34 -75.41
C ARG ZA 143 22.58 -2.01 -74.13
N GLY ZA 144 21.84 -3.09 -74.30
CA GLY ZA 144 21.33 -3.83 -73.16
C GLY ZA 144 19.95 -4.41 -73.35
N GLN ZA 145 19.07 -4.19 -72.38
CA GLN ZA 145 17.72 -4.74 -72.41
C GLN ZA 145 16.62 -3.69 -72.43
N ARG ZA 146 16.81 -2.55 -71.76
CA ARG ZA 146 15.78 -1.52 -71.71
C ARG ZA 146 15.59 -0.89 -73.09
N ALA ZA 147 14.34 -0.70 -73.47
CA ALA ZA 147 14.04 -0.19 -74.80
C ALA ZA 147 14.35 1.30 -74.90
N LYS ZA 148 15.24 1.65 -75.82
CA LYS ZA 148 15.61 3.03 -76.08
C LYS ZA 148 15.17 3.40 -77.49
N SER ZA 149 14.61 4.60 -77.63
CA SER ZA 149 14.07 5.08 -78.89
C SER ZA 149 14.80 6.35 -79.29
N MET ZA 150 15.29 6.40 -80.53
CA MET ZA 150 15.88 7.60 -81.07
C MET ZA 150 15.07 8.08 -82.26
N LYS ZA 151 14.76 9.38 -82.29
CA LYS ZA 151 13.93 9.96 -83.34
C LYS ZA 151 14.66 11.15 -83.93
N PHE ZA 152 14.87 11.14 -85.24
CA PHE ZA 152 15.67 12.17 -85.90
C PHE ZA 152 14.78 12.90 -86.90
N VAL ZA 153 14.31 14.07 -86.47
CA VAL ZA 153 13.33 14.86 -87.20
C VAL ZA 153 13.89 16.25 -87.47
N ASP ZA 154 13.92 16.64 -88.74
CA ASP ZA 154 14.34 17.97 -89.17
C ASP ZA 154 13.65 18.32 -90.47
N GLY ZA 155 13.08 19.53 -90.53
CA GLY ZA 155 12.42 20.00 -91.75
C GLY ZA 155 10.93 20.24 -91.66
N LEU ZA 156 10.18 19.91 -92.72
CA LEU ZA 156 8.73 20.03 -92.77
C LEU ZA 156 8.13 18.63 -92.86
N MET ZA 157 7.09 18.37 -92.07
CA MET ZA 157 6.35 17.11 -92.16
C MET ZA 157 4.92 17.32 -91.65
N ILE ZA 158 3.97 16.65 -92.29
CA ILE ZA 158 2.55 16.72 -91.96
C ILE ZA 158 2.07 15.34 -91.52
N HIS ZA 159 1.46 15.30 -90.33
CA HIS ZA 159 0.96 14.04 -89.77
C HIS ZA 159 -0.55 13.89 -89.89
N SER ZA 160 -1.29 14.97 -90.12
CA SER ZA 160 -2.74 14.93 -90.13
C SER ZA 160 -3.29 15.18 -91.52
N GLY ZA 161 -4.41 14.53 -91.82
CA GLY ZA 161 -5.18 14.81 -93.02
C GLY ZA 161 -4.84 13.93 -94.20
N ASP ZA 162 -5.56 14.18 -95.28
CA ASP ZA 162 -5.42 13.51 -96.57
C ASP ZA 162 -4.02 13.64 -97.17
N PRO ZA 163 -3.26 14.73 -96.93
CA PRO ZA 163 -1.83 14.73 -97.29
C PRO ZA 163 -1.02 13.50 -96.86
N VAL ZA 164 -1.45 12.79 -95.82
CA VAL ZA 164 -0.80 11.52 -95.48
C VAL ZA 164 -1.05 10.47 -96.56
N ASN ZA 165 -2.15 10.56 -97.29
CA ASN ZA 165 -2.51 9.49 -98.20
C ASN ZA 165 -1.60 9.43 -99.42
N TYR ZA 166 -1.35 10.58 -100.05
CA TYR ZA 166 -0.68 10.52 -101.36
C TYR ZA 166 0.46 11.51 -101.53
N TYR ZA 167 0.81 12.32 -100.52
CA TYR ZA 167 1.85 13.32 -100.68
C TYR ZA 167 3.15 12.89 -100.01
N VAL ZA 168 3.12 11.87 -99.13
CA VAL ZA 168 4.29 11.40 -98.40
C VAL ZA 168 4.42 9.89 -98.53
N ASP ZA 169 5.59 9.35 -98.17
CA ASP ZA 169 5.85 7.92 -98.19
C ASP ZA 169 6.26 7.50 -96.79
N THR ZA 170 5.60 6.48 -96.28
CA THR ZA 170 5.88 5.93 -94.95
C THR ZA 170 6.37 4.49 -95.10
N ALA ZA 171 7.48 4.18 -94.45
CA ALA ZA 171 8.08 2.85 -94.47
C ALA ZA 171 8.31 2.36 -93.06
N VAL ZA 172 7.79 1.17 -92.75
CA VAL ZA 172 8.08 0.47 -91.52
C VAL ZA 172 8.35 -1.00 -91.85
N ARG ZA 173 9.50 -1.51 -91.41
CA ARG ZA 173 9.89 -2.88 -91.72
C ARG ZA 173 11.00 -3.28 -90.75
N HIS ZA 174 10.85 -4.45 -90.14
CA HIS ZA 174 11.72 -4.84 -89.03
C HIS ZA 174 13.05 -5.39 -89.53
N VAL ZA 175 14.04 -5.38 -88.63
CA VAL ZA 175 15.35 -5.97 -88.87
C VAL ZA 175 15.61 -7.01 -87.79
N LEU ZA 176 16.08 -8.19 -88.21
CA LEU ZA 176 16.29 -9.31 -87.30
C LEU ZA 176 17.77 -9.38 -86.93
N LEU ZA 177 18.10 -8.86 -85.76
CA LEU ZA 177 19.47 -8.94 -85.24
C LEU ZA 177 19.71 -10.30 -84.58
N ARG ZA 178 20.99 -10.57 -84.29
CA ARG ZA 178 21.32 -11.74 -83.49
C ARG ZA 178 20.80 -11.59 -82.06
N GLN ZA 179 20.90 -10.38 -81.50
CA GLN ZA 179 20.43 -10.13 -80.15
C GLN ZA 179 18.91 -10.14 -80.05
N GLY ZA 180 18.22 -9.68 -81.10
CA GLY ZA 180 16.78 -9.63 -81.09
C GLY ZA 180 16.19 -9.06 -82.37
N VAL ZA 181 15.07 -8.34 -82.25
CA VAL ZA 181 14.42 -7.72 -83.39
C VAL ZA 181 14.27 -6.22 -83.10
N LEU ZA 182 14.73 -5.39 -84.03
CA LEU ZA 182 14.69 -3.94 -83.89
C LEU ZA 182 13.78 -3.35 -84.96
N GLY ZA 183 13.20 -2.19 -84.66
CA GLY ZA 183 12.24 -1.56 -85.54
C GLY ZA 183 12.79 -0.28 -86.14
N ILE ZA 184 12.46 -0.06 -87.42
CA ILE ZA 184 12.92 1.11 -88.16
C ILE ZA 184 11.72 1.78 -88.82
N LYS ZA 185 11.54 3.07 -88.57
CA LYS ZA 185 10.44 3.83 -89.15
C LYS ZA 185 11.00 5.04 -89.89
N VAL ZA 186 10.70 5.13 -91.17
CA VAL ZA 186 11.17 6.26 -91.97
C VAL ZA 186 9.98 6.86 -92.73
N LYS ZA 187 9.79 8.17 -92.62
CA LYS ZA 187 8.80 8.91 -93.40
C LYS ZA 187 9.49 10.00 -94.22
N ILE ZA 188 9.05 10.23 -95.48
CA ILE ZA 188 9.64 11.21 -96.38
C ILE ZA 188 8.54 12.17 -96.87
N MET ZA 189 8.79 13.46 -96.76
CA MET ZA 189 7.84 14.48 -97.15
C MET ZA 189 8.14 14.77 -98.61
N LEU ZA 190 7.30 14.29 -99.54
CA LEU ZA 190 7.66 14.34 -100.95
C LEU ZA 190 7.24 15.66 -101.56
N PRO ZA 191 8.17 16.47 -102.01
CA PRO ZA 191 7.82 17.79 -102.54
C PRO ZA 191 6.99 17.71 -103.82
N TRP ZA 192 6.25 18.79 -104.06
CA TRP ZA 192 5.36 18.89 -105.20
C TRP ZA 192 6.11 19.30 -106.47
N ASP ZA 193 5.88 18.59 -107.57
CA ASP ZA 193 6.39 18.97 -108.87
C ASP ZA 193 5.27 18.93 -109.90
N PRO ZA 194 5.15 19.94 -110.76
CA PRO ZA 194 4.07 19.93 -111.77
C PRO ZA 194 4.16 18.77 -112.76
N SER ZA 195 5.37 18.31 -113.10
CA SER ZA 195 5.48 17.22 -114.07
C SER ZA 195 4.99 15.91 -113.47
N GLY ZA 196 5.37 15.64 -112.21
CA GLY ZA 196 4.93 14.44 -111.54
C GLY ZA 196 5.92 13.29 -111.62
N LYS ZA 197 7.21 13.62 -111.52
CA LYS ZA 197 8.26 12.61 -111.56
C LYS ZA 197 8.90 12.35 -110.20
N ILE ZA 198 8.95 13.36 -109.33
CA ILE ZA 198 9.56 13.20 -108.02
C ILE ZA 198 8.52 13.14 -106.91
N GLY ZA 199 7.28 13.54 -107.18
CA GLY ZA 199 6.24 13.50 -106.19
C GLY ZA 199 4.85 13.57 -106.81
N PRO ZA 200 3.87 14.01 -106.04
CA PRO ZA 200 2.48 14.06 -106.52
C PRO ZA 200 2.25 15.23 -107.45
N LYS ZA 201 1.00 15.31 -107.92
CA LYS ZA 201 0.58 16.32 -108.89
C LYS ZA 201 0.01 17.58 -108.26
N LYS ZA 202 -0.17 17.61 -106.91
CA LYS ZA 202 -0.97 18.69 -106.32
C LYS ZA 202 -0.12 19.53 -105.39
N PRO ZA 203 -0.15 20.85 -105.54
CA PRO ZA 203 0.55 21.72 -104.57
C PRO ZA 203 -0.13 21.68 -103.21
N LEU ZA 204 0.66 21.99 -102.18
CA LEU ZA 204 0.16 22.00 -100.81
C LEU ZA 204 -0.87 23.12 -100.62
N PRO ZA 205 -1.90 22.87 -99.80
CA PRO ZA 205 -2.92 23.91 -99.55
C PRO ZA 205 -2.35 25.17 -98.92
N ASP ZA 206 -1.35 25.01 -98.04
CA ASP ZA 206 -0.71 26.18 -97.45
C ASP ZA 206 0.22 26.86 -98.45
N HIS ZA 207 0.77 26.11 -99.40
CA HIS ZA 207 1.65 26.65 -100.43
C HIS ZA 207 0.79 27.27 -101.52
N VAL ZA 208 0.52 28.56 -101.38
CA VAL ZA 208 -0.28 29.31 -102.35
C VAL ZA 208 0.69 30.11 -103.21
N SER ZA 209 0.87 29.67 -104.45
CA SER ZA 209 1.81 30.31 -105.36
C SER ZA 209 1.15 31.50 -106.04
N ILE ZA 210 1.76 32.69 -105.89
CA ILE ZA 210 1.29 33.91 -106.52
C ILE ZA 210 2.42 34.41 -107.40
N VAL ZA 211 2.16 34.50 -108.70
CA VAL ZA 211 3.18 34.90 -109.67
C VAL ZA 211 3.33 36.41 -109.68
N GLU ZA 212 4.46 36.90 -110.17
CA GLU ZA 212 4.71 38.34 -110.25
C GLU ZA 212 3.93 38.96 -111.40
N PRO ZA 213 3.38 40.16 -111.21
CA PRO ZA 213 2.75 40.86 -112.34
C PRO ZA 213 3.77 41.30 -113.36
N LYS ZA 214 3.34 41.36 -114.62
CA LYS ZA 214 4.23 41.83 -115.67
C LYS ZA 214 4.33 43.35 -115.63
N ASP ZA 215 5.48 43.85 -116.09
CA ASP ZA 215 5.75 45.29 -116.07
C ASP ZA 215 5.10 45.93 -117.28
N GLU ZA 216 3.87 46.40 -117.11
CA GLU ZA 216 3.12 47.07 -118.16
C GLU ZA 216 2.95 48.54 -117.80
N ILE ZA 217 3.15 49.41 -118.79
CA ILE ZA 217 3.00 50.85 -118.60
C ILE ZA 217 1.55 51.23 -118.89
N LEU ZA 218 0.94 51.94 -117.95
CA LEU ZA 218 -0.43 52.41 -118.16
C LEU ZA 218 -0.44 53.48 -119.25
N PRO ZA 219 -1.29 53.36 -120.27
CA PRO ZA 219 -1.24 54.32 -121.38
C PRO ZA 219 -1.89 55.64 -121.02
N THR ZA 220 -1.23 56.73 -121.43
CA THR ZA 220 -1.74 58.07 -121.20
C THR ZA 220 -1.86 58.90 -122.47
N THR ZA 221 -1.29 58.45 -123.59
CA THR ZA 221 -1.34 59.19 -124.84
C THR ZA 221 -2.21 58.44 -125.84
N PRO ZA 222 -3.30 59.03 -126.33
CA PRO ZA 222 -4.16 58.33 -127.30
C PRO ZA 222 -3.46 58.17 -128.65
N ILE ZA 223 -3.23 56.92 -129.04
CA ILE ZA 223 -2.58 56.58 -130.30
C ILE ZA 223 -3.43 55.51 -130.99
N SER ZA 224 -2.94 55.05 -132.15
CA SER ZA 224 -3.65 54.05 -132.94
C SER ZA 224 -2.65 53.00 -133.41
N GLU ZA 225 -3.15 51.79 -133.62
CA GLU ZA 225 -2.36 50.65 -134.07
C GLU ZA 225 -3.09 49.92 -135.20
N GLN ZA 226 -3.56 50.68 -136.17
CA GLN ZA 226 -4.32 50.11 -137.28
C GLN ZA 226 -3.41 49.32 -138.22
N LYS ZA 227 -3.83 48.11 -138.55
CA LYS ZA 227 -3.15 47.25 -139.51
C LYS ZA 227 -4.17 46.75 -140.54
N GLY ZA 228 -3.65 46.21 -141.65
CA GLY ZA 228 -4.48 45.70 -142.71
C GLY ZA 228 -5.19 46.78 -143.51
N ALA AB 1 80.17 12.41 -17.57
CA ALA AB 1 81.59 12.74 -17.66
C ALA AB 1 82.10 13.32 -16.35
N ARG AB 2 82.78 12.48 -15.55
CA ARG AB 2 83.32 12.89 -14.26
C ARG AB 2 84.78 13.34 -14.35
N GLY AB 3 85.21 13.83 -15.52
CA GLY AB 3 86.55 14.29 -15.70
C GLY AB 3 86.80 14.84 -17.09
N PRO AB 4 88.03 15.29 -17.36
CA PRO AB 4 88.34 15.85 -18.68
C PRO AB 4 88.36 14.79 -19.78
N LYS AB 5 88.30 15.24 -21.03
CA LYS AB 5 88.29 14.34 -22.16
C LYS AB 5 89.70 13.79 -22.43
N LYS AB 6 89.76 12.56 -22.92
CA LYS AB 6 91.03 11.95 -23.27
C LYS AB 6 91.02 11.39 -24.69
N HIS AB 7 89.84 10.99 -25.18
CA HIS AB 7 89.71 10.50 -26.54
C HIS AB 7 89.35 11.67 -27.47
N LEU AB 8 89.23 11.38 -28.76
CA LEU AB 8 88.89 12.40 -29.75
C LEU AB 8 88.27 11.72 -30.95
N LYS AB 9 87.05 12.15 -31.31
CA LYS AB 9 86.40 11.62 -32.49
C LYS AB 9 87.05 12.17 -33.75
N ARG AB 10 86.98 11.39 -34.83
CA ARG AB 10 87.58 11.81 -36.09
C ARG AB 10 86.83 13.00 -36.69
N VAL AB 11 85.50 12.97 -36.62
CA VAL AB 11 84.70 14.03 -37.20
C VAL AB 11 84.62 15.24 -36.28
N ALA AB 12 84.67 15.02 -34.95
CA ALA AB 12 84.51 16.12 -34.01
C ALA AB 12 85.69 17.08 -34.01
N ALA AB 13 86.84 16.66 -34.53
CA ALA AB 13 87.96 17.58 -34.70
C ALA AB 13 87.58 18.64 -35.73
N PRO AB 14 87.98 19.90 -35.54
CA PRO AB 14 87.62 20.94 -36.51
C PRO AB 14 88.28 20.73 -37.86
N LYS AB 15 87.98 21.66 -38.77
CA LYS AB 15 88.21 21.45 -40.19
C LYS AB 15 89.68 21.46 -40.60
N HIS AB 16 90.54 22.19 -39.87
CA HIS AB 16 91.83 22.57 -40.41
C HIS AB 16 92.86 21.44 -40.50
N TRP AB 17 92.51 20.22 -40.07
CA TRP AB 17 93.36 19.07 -40.39
C TRP AB 17 92.94 18.33 -41.65
N MET AB 18 91.72 18.55 -42.15
CA MET AB 18 91.17 17.78 -43.27
C MET AB 18 91.20 16.28 -43.00
N LEU AB 19 90.74 15.90 -41.81
CA LEU AB 19 90.66 14.50 -41.46
C LEU AB 19 89.56 13.82 -42.27
N ASP AB 20 89.71 12.51 -42.47
CA ASP AB 20 88.83 11.73 -43.33
C ASP AB 20 88.02 10.74 -42.53
N LYS AB 21 86.78 10.51 -42.98
CA LYS AB 21 85.81 9.77 -42.20
C LYS AB 21 85.95 8.25 -42.39
N LEU AB 22 86.40 7.81 -43.56
CA LEU AB 22 86.40 6.39 -43.90
C LEU AB 22 87.46 5.58 -43.17
N THR AB 23 88.44 6.23 -42.53
CA THR AB 23 89.53 5.49 -41.91
C THR AB 23 89.14 4.93 -40.55
N GLY AB 24 88.84 5.81 -39.59
CA GLY AB 24 88.58 5.37 -38.23
C GLY AB 24 87.60 6.29 -37.53
N VAL AB 25 86.98 5.74 -36.49
CA VAL AB 25 86.04 6.53 -35.68
C VAL AB 25 86.78 7.58 -34.87
N PHE AB 26 87.90 7.20 -34.26
CA PHE AB 26 88.60 8.07 -33.34
C PHE AB 26 89.67 8.87 -34.06
N ALA AB 27 90.32 9.78 -33.34
CA ALA AB 27 91.40 10.61 -33.84
C ALA AB 27 92.39 10.79 -32.70
N PRO AB 28 93.67 11.02 -33.01
CA PRO AB 28 94.66 11.22 -31.94
C PRO AB 28 94.41 12.54 -31.20
N ARG AB 29 93.98 12.41 -29.95
CA ARG AB 29 93.75 13.59 -29.12
C ARG AB 29 95.09 14.22 -28.75
N PRO AB 30 95.29 15.51 -29.04
CA PRO AB 30 96.49 16.20 -28.55
C PRO AB 30 96.53 16.18 -27.03
N SER AB 31 97.74 16.00 -26.49
CA SER AB 31 97.93 15.95 -25.05
C SER AB 31 97.97 17.36 -24.47
N THR AB 32 98.36 17.48 -23.20
CA THR AB 32 98.56 18.78 -22.60
C THR AB 32 99.91 19.32 -23.02
N GLY AB 33 99.95 20.62 -23.33
CA GLY AB 33 101.16 21.23 -23.80
C GLY AB 33 101.08 22.74 -23.87
N PRO AB 34 102.02 23.36 -24.59
CA PRO AB 34 102.07 24.83 -24.67
C PRO AB 34 101.18 25.46 -25.73
N HIS AB 35 100.39 24.67 -26.46
CA HIS AB 35 99.59 25.19 -27.55
C HIS AB 35 98.14 24.78 -27.40
N LYS AB 36 97.31 25.25 -28.31
CA LYS AB 36 95.86 25.06 -28.23
C LYS AB 36 95.48 23.61 -28.55
N LEU AB 37 94.18 23.37 -28.55
CA LEU AB 37 93.64 22.08 -28.98
C LEU AB 37 93.18 22.12 -30.43
N ARG AB 38 92.57 23.23 -30.86
CA ARG AB 38 92.08 23.40 -32.21
C ARG AB 38 92.99 24.26 -33.07
N GLU AB 39 94.19 24.61 -32.57
CA GLU AB 39 95.14 25.43 -33.32
C GLU AB 39 96.53 24.79 -33.35
N CYS AB 40 96.63 23.51 -33.01
CA CYS AB 40 97.90 22.83 -32.92
C CYS AB 40 97.99 21.75 -33.99
N LEU AB 41 99.03 20.93 -33.88
CA LEU AB 41 99.21 19.79 -34.77
C LEU AB 41 99.98 18.67 -34.06
N PRO AB 42 99.36 17.54 -33.78
CA PRO AB 42 100.10 16.39 -33.27
C PRO AB 42 101.09 15.88 -34.30
N LEU AB 43 102.18 15.30 -33.81
CA LEU AB 43 103.25 14.84 -34.69
C LEU AB 43 102.82 13.67 -35.56
N ILE AB 44 101.81 12.91 -35.12
CA ILE AB 44 101.33 11.79 -35.89
C ILE AB 44 100.65 12.24 -37.18
N ILE AB 45 99.91 13.36 -37.15
CA ILE AB 45 99.36 13.90 -38.39
C ILE AB 45 100.47 14.54 -39.23
N PHE AB 46 101.49 15.10 -38.56
CA PHE AB 46 102.57 15.78 -39.28
C PHE AB 46 103.34 14.82 -40.17
N LEU AB 47 103.47 13.57 -39.75
CA LEU AB 47 104.24 12.59 -40.51
C LEU AB 47 103.39 11.65 -41.35
N ARG AB 48 102.23 11.21 -40.85
CA ARG AB 48 101.43 10.24 -41.55
C ARG AB 48 100.52 10.85 -42.60
N ASN AB 49 99.85 11.96 -42.28
CA ASN AB 49 98.86 12.55 -43.18
C ASN AB 49 99.47 13.57 -44.14
N ARG AB 50 100.57 14.21 -43.77
CA ARG AB 50 101.16 15.29 -44.57
C ARG AB 50 102.38 14.84 -45.35
N LEU AB 51 103.38 14.30 -44.65
CA LEU AB 51 104.68 14.04 -45.26
C LEU AB 51 104.75 12.75 -46.06
N LYS AB 52 103.78 11.86 -45.90
CA LYS AB 52 103.76 10.54 -46.55
C LYS AB 52 105.06 9.77 -46.25
N TYR AB 53 105.43 9.75 -44.97
CA TYR AB 53 106.55 8.90 -44.56
C TYR AB 53 106.10 7.53 -44.10
N ALA AB 54 104.88 7.43 -43.56
CA ALA AB 54 104.35 6.19 -43.03
C ALA AB 54 102.98 5.91 -43.62
N LEU AB 55 102.48 4.71 -43.34
CA LEU AB 55 101.15 4.28 -43.76
C LEU AB 55 100.20 4.11 -42.59
N THR AB 56 100.67 3.54 -41.49
CA THR AB 56 99.88 3.32 -40.29
C THR AB 56 100.39 4.18 -39.15
N GLY AB 57 99.55 4.35 -38.13
CA GLY AB 57 99.91 5.15 -36.98
C GLY AB 57 100.94 4.52 -36.06
N ASP AB 58 101.11 3.20 -36.11
CA ASP AB 58 102.10 2.54 -35.26
C ASP AB 58 103.52 2.79 -35.73
N GLU AB 59 103.71 3.17 -37.00
CA GLU AB 59 105.04 3.51 -37.47
C GLU AB 59 105.55 4.80 -36.82
N VAL AB 60 104.65 5.74 -36.53
CA VAL AB 60 105.04 6.97 -35.86
C VAL AB 60 105.50 6.67 -34.43
N LYS AB 61 104.89 5.67 -33.78
CA LYS AB 61 105.33 5.24 -32.46
C LYS AB 61 106.77 4.71 -32.49
N LYS AB 62 107.14 4.02 -33.57
CA LYS AB 62 108.50 3.50 -33.68
C LYS AB 62 109.51 4.60 -33.95
N ILE AB 63 109.11 5.63 -34.71
CA ILE AB 63 110.05 6.65 -35.15
C ILE AB 63 110.55 7.47 -33.97
N CYS AB 64 109.66 7.85 -33.06
CA CYS AB 64 110.08 8.62 -31.89
C CYS AB 64 110.96 7.81 -30.95
N MET AB 65 110.91 6.49 -31.01
CA MET AB 65 111.80 5.65 -30.23
C MET AB 65 113.17 5.47 -30.89
N GLN AB 66 113.33 5.91 -32.14
CA GLN AB 66 114.57 5.77 -32.88
C GLN AB 66 115.39 7.05 -32.89
N ARG AB 67 115.08 8.02 -32.01
CA ARG AB 67 115.85 9.25 -31.79
C ARG AB 67 116.14 10.00 -33.09
N PHE AB 68 115.06 10.31 -33.80
CA PHE AB 68 115.17 11.00 -35.08
C PHE AB 68 114.52 12.38 -35.05
N ILE AB 69 113.31 12.50 -34.52
CA ILE AB 69 112.58 13.76 -34.56
C ILE AB 69 112.94 14.58 -33.31
N LYS AB 70 113.60 15.71 -33.52
CA LYS AB 70 113.88 16.66 -32.46
C LYS AB 70 113.05 17.92 -32.69
N ILE AB 71 112.51 18.47 -31.61
CA ILE AB 71 111.68 19.66 -31.67
C ILE AB 71 112.38 20.76 -30.88
N ASP AB 72 112.73 21.85 -31.57
CA ASP AB 72 113.43 23.03 -31.06
C ASP AB 72 114.55 22.71 -30.07
N GLY AB 73 115.28 21.62 -30.31
CA GLY AB 73 116.39 21.21 -29.49
C GLY AB 73 116.08 20.12 -28.49
N LYS AB 74 114.80 19.85 -28.22
CA LYS AB 74 114.39 18.83 -27.27
C LYS AB 74 113.67 17.72 -28.01
N VAL AB 75 114.14 16.48 -27.84
CA VAL AB 75 113.54 15.33 -28.50
C VAL AB 75 112.35 14.87 -27.68
N ARG AB 76 111.15 15.09 -28.22
CA ARG AB 76 109.91 14.70 -27.53
C ARG AB 76 109.52 13.29 -27.95
N THR AB 77 109.23 12.44 -26.97
CA THR AB 77 108.86 11.06 -27.19
C THR AB 77 107.35 10.86 -27.30
N ASP AB 78 106.56 11.92 -27.20
CA ASP AB 78 105.11 11.84 -27.28
C ASP AB 78 104.68 12.18 -28.70
N ILE AB 79 104.09 11.19 -29.39
CA ILE AB 79 103.68 11.39 -30.78
C ILE AB 79 102.42 12.23 -30.91
N THR AB 80 101.75 12.52 -29.80
CA THR AB 80 100.55 13.36 -29.79
C THR AB 80 100.84 14.72 -29.15
N TYR AB 81 102.05 15.23 -29.38
CA TYR AB 81 102.43 16.54 -28.86
C TYR AB 81 101.66 17.63 -29.56
N PRO AB 82 100.91 18.48 -28.84
CA PRO AB 82 100.28 19.63 -29.51
C PRO AB 82 101.29 20.67 -29.92
N ALA AB 83 101.56 20.76 -31.22
CA ALA AB 83 102.53 21.70 -31.78
C ALA AB 83 101.77 22.75 -32.59
N GLY AB 84 101.82 23.99 -32.12
CA GLY AB 84 101.05 25.05 -32.74
C GLY AB 84 101.83 25.83 -33.80
N PHE AB 85 102.08 27.11 -33.53
CA PHE AB 85 102.66 28.00 -34.52
C PHE AB 85 104.17 28.14 -34.33
N MET AB 86 104.90 27.99 -35.45
CA MET AB 86 106.36 28.19 -35.52
C MET AB 86 107.10 27.27 -34.55
N ASP AB 87 106.97 25.96 -34.79
CA ASP AB 87 107.81 24.95 -34.16
C ASP AB 87 108.63 24.26 -35.25
N VAL AB 88 109.94 24.17 -35.05
CA VAL AB 88 110.80 23.45 -35.99
C VAL AB 88 110.83 21.97 -35.62
N ILE AB 89 110.26 21.15 -36.49
CA ILE AB 89 110.42 19.69 -36.45
C ILE AB 89 111.61 19.39 -37.34
N SER AB 90 112.75 19.09 -36.74
CA SER AB 90 114.03 19.11 -37.44
C SER AB 90 114.54 17.68 -37.57
N ILE AB 91 114.70 17.22 -38.81
CA ILE AB 91 115.26 15.90 -39.05
C ILE AB 91 116.76 15.96 -38.87
N ASP AB 92 117.32 14.94 -38.19
CA ASP AB 92 118.72 15.00 -37.78
C ASP AB 92 119.66 14.80 -38.96
N LYS AB 93 119.57 13.66 -39.63
CA LYS AB 93 120.65 13.29 -40.54
C LYS AB 93 120.38 13.68 -42.00
N THR AB 94 119.12 13.76 -42.44
CA THR AB 94 118.87 14.24 -43.80
C THR AB 94 118.87 15.76 -43.87
N GLY AB 95 118.68 16.45 -42.76
CA GLY AB 95 118.80 17.89 -42.72
C GLY AB 95 117.58 18.68 -43.15
N GLU AB 96 116.46 18.03 -43.43
CA GLU AB 96 115.27 18.75 -43.85
C GLU AB 96 114.59 19.38 -42.65
N ASN AB 97 114.71 20.70 -42.52
CA ASN AB 97 114.08 21.43 -41.43
C ASN AB 97 112.75 22.01 -41.87
N PHE AB 98 111.73 21.82 -41.04
CA PHE AB 98 110.36 22.18 -41.34
C PHE AB 98 109.86 23.17 -40.30
N ARG AB 99 109.11 24.18 -40.74
CA ARG AB 99 108.56 25.19 -39.82
C ARG AB 99 107.06 25.28 -40.02
N LEU AB 100 106.31 25.14 -38.93
CA LEU AB 100 104.85 25.11 -38.98
C LEU AB 100 104.33 26.53 -39.14
N ILE AB 101 104.07 26.92 -40.39
CA ILE AB 101 103.45 28.19 -40.73
C ILE AB 101 102.13 27.88 -41.41
N TYR AB 102 101.13 28.72 -41.19
CA TYR AB 102 99.87 28.56 -41.87
C TYR AB 102 100.05 28.73 -43.38
N ASP AB 103 99.24 27.99 -44.14
CA ASP AB 103 99.21 28.15 -45.58
C ASP AB 103 98.36 29.35 -45.94
N THR AB 104 98.18 29.59 -47.25
CA THR AB 104 97.24 30.62 -47.68
C THR AB 104 95.82 30.27 -47.30
N LYS AB 105 95.48 28.99 -47.25
CA LYS AB 105 94.21 28.53 -46.72
C LYS AB 105 94.31 28.38 -45.20
N GLY AB 106 93.32 27.73 -44.61
CA GLY AB 106 93.33 27.48 -43.18
C GLY AB 106 94.24 26.37 -42.72
N ARG AB 107 94.87 25.65 -43.65
CA ARG AB 107 95.69 24.50 -43.32
C ARG AB 107 97.13 24.90 -43.04
N PHE AB 108 97.96 23.90 -42.77
CA PHE AB 108 99.41 24.03 -42.75
C PHE AB 108 99.97 23.62 -44.10
N ALA AB 109 101.25 23.92 -44.30
CA ALA AB 109 101.95 23.59 -45.53
C ALA AB 109 103.31 23.00 -45.22
N VAL AB 110 103.75 22.09 -46.08
CA VAL AB 110 105.11 21.58 -45.99
C VAL AB 110 106.06 22.63 -46.52
N HIS AB 111 107.04 23.01 -45.69
CA HIS AB 111 107.90 24.14 -45.99
C HIS AB 111 109.33 23.80 -45.56
N ARG AB 112 110.24 23.77 -46.52
CA ARG AB 112 111.64 23.45 -46.26
C ARG AB 112 112.41 24.74 -46.00
N ILE AB 113 113.14 24.79 -44.89
CA ILE AB 113 113.96 25.94 -44.54
C ILE AB 113 115.41 25.47 -44.38
N THR AB 114 116.32 26.42 -44.49
CA THR AB 114 117.74 26.18 -44.31
C THR AB 114 118.08 26.10 -42.83
N PRO AB 115 119.17 25.41 -42.48
CA PRO AB 115 119.57 25.34 -41.06
C PRO AB 115 119.89 26.68 -40.43
N GLU AB 116 120.30 27.69 -41.23
CA GLU AB 116 120.55 29.01 -40.67
C GLU AB 116 119.26 29.67 -40.19
N GLU AB 117 118.12 29.34 -40.81
CA GLU AB 117 116.85 29.87 -40.33
C GLU AB 117 116.36 29.14 -39.09
N ALA AB 118 116.66 27.85 -38.98
CA ALA AB 118 116.12 27.02 -37.90
C ALA AB 118 116.80 27.25 -36.56
N LYS AB 119 117.87 28.06 -36.51
CA LYS AB 119 118.57 28.26 -35.24
C LYS AB 119 117.79 29.18 -34.31
N TYR AB 120 116.80 29.90 -34.82
CA TYR AB 120 116.07 30.89 -34.03
C TYR AB 120 114.58 30.86 -34.36
N LYS AB 121 113.81 31.55 -33.52
CA LYS AB 121 112.38 31.76 -33.71
C LYS AB 121 112.06 33.22 -33.55
N LEU AB 122 110.87 33.60 -34.03
CA LEU AB 122 110.17 34.75 -33.53
C LEU AB 122 109.03 34.27 -32.63
N CYS AB 123 108.86 34.92 -31.49
CA CYS AB 123 107.81 34.56 -30.55
C CYS AB 123 107.03 35.80 -30.18
N LYS AB 124 105.77 35.61 -29.84
CA LYS AB 124 104.87 36.72 -29.51
C LYS AB 124 104.54 36.65 -28.02
N VAL AB 125 104.89 37.71 -27.30
CA VAL AB 125 104.64 37.77 -25.86
C VAL AB 125 103.16 38.08 -25.62
N ARG AB 126 102.63 37.55 -24.51
CA ARG AB 126 101.21 37.68 -24.18
C ARG AB 126 100.97 38.62 -23.01
N LYS AB 127 101.81 38.56 -21.97
CA LYS AB 127 101.56 39.32 -20.76
C LYS AB 127 102.88 39.57 -20.04
N ILE AB 128 102.87 40.58 -19.17
CA ILE AB 128 104.01 40.94 -18.33
C ILE AB 128 103.59 40.76 -16.88
N PHE AB 129 104.34 39.95 -16.14
CA PHE AB 129 104.10 39.73 -14.72
C PHE AB 129 105.39 40.01 -13.95
N VAL AB 130 105.28 40.79 -12.89
CA VAL AB 130 106.41 41.09 -12.02
C VAL AB 130 106.66 39.89 -11.11
N GLY AB 131 107.86 39.32 -11.19
CA GLY AB 131 108.20 38.16 -10.41
C GLY AB 131 108.33 38.48 -8.93
N THR AB 132 108.51 37.41 -8.14
CA THR AB 132 108.48 37.51 -6.69
C THR AB 132 109.62 38.36 -6.12
N LYS AB 133 110.65 38.64 -6.92
CA LYS AB 133 111.76 39.49 -6.50
C LYS AB 133 111.85 40.74 -7.36
N GLY AB 134 110.71 41.23 -7.84
CA GLY AB 134 110.70 42.37 -8.75
C GLY AB 134 111.33 42.08 -10.09
N ILE AB 135 111.04 40.92 -10.66
CA ILE AB 135 111.66 40.45 -11.90
C ILE AB 135 110.59 40.48 -12.99
N PRO AB 136 110.77 41.27 -14.05
CA PRO AB 136 109.80 41.28 -15.16
C PRO AB 136 109.86 39.97 -15.94
N HIS AB 137 108.71 39.34 -16.13
CA HIS AB 137 108.59 38.08 -16.86
C HIS AB 137 107.81 38.29 -18.14
N LEU AB 138 108.30 37.72 -19.24
CA LEU AB 138 107.60 37.73 -20.51
C LEU AB 138 107.09 36.32 -20.80
N VAL AB 139 105.79 36.20 -21.07
CA VAL AB 139 105.15 34.93 -21.35
C VAL AB 139 104.71 34.93 -22.81
N THR AB 140 105.19 33.95 -23.57
CA THR AB 140 104.90 33.87 -24.99
C THR AB 140 103.55 33.20 -25.24
N HIS AB 141 103.19 33.05 -26.52
CA HIS AB 141 101.97 32.33 -26.85
C HIS AB 141 102.11 30.83 -26.54
N ASP AB 142 103.31 30.30 -26.69
CA ASP AB 142 103.63 28.94 -26.24
C ASP AB 142 104.22 28.94 -24.83
N ALA AB 143 104.03 30.03 -24.08
CA ALA AB 143 104.32 30.11 -22.65
C ALA AB 143 105.79 29.88 -22.33
N ARG AB 144 106.67 30.57 -23.06
CA ARG AB 144 108.09 30.56 -22.73
C ARG AB 144 108.36 31.71 -21.77
N THR AB 145 108.30 31.43 -20.48
CA THR AB 145 108.51 32.45 -19.46
C THR AB 145 109.99 32.79 -19.33
N ILE AB 146 110.45 33.78 -20.08
CA ILE AB 146 111.84 34.20 -20.08
C ILE AB 146 111.95 35.47 -19.25
N ARG AB 147 112.72 35.40 -18.15
CA ARG AB 147 112.92 36.53 -17.27
C ARG AB 147 114.10 37.38 -17.75
N TYR AB 148 114.30 38.50 -17.08
CA TYR AB 148 115.28 39.51 -17.43
C TYR AB 148 115.21 39.94 -18.89
N PRO AB 149 114.09 40.57 -19.34
CA PRO AB 149 113.95 40.90 -20.77
C PRO AB 149 114.43 42.31 -21.10
N ASP AB 150 114.37 42.70 -22.37
CA ASP AB 150 114.42 44.12 -22.70
C ASP AB 150 113.02 44.68 -22.51
N PRO AB 151 112.82 45.64 -21.59
CA PRO AB 151 111.46 46.04 -21.22
C PRO AB 151 110.76 46.84 -22.32
N LEU AB 152 111.46 47.25 -23.32
CA LEU AB 152 110.84 47.95 -24.40
C LEU AB 152 109.84 47.07 -25.17
N ILE AB 153 109.88 45.76 -24.96
CA ILE AB 153 108.84 44.84 -25.42
C ILE AB 153 107.62 45.08 -24.54
N LYS AB 154 106.45 45.23 -25.17
CA LYS AB 154 105.22 45.55 -24.48
C LYS AB 154 104.23 44.40 -24.62
N VAL AB 155 102.98 44.64 -24.20
CA VAL AB 155 101.99 43.57 -24.09
C VAL AB 155 101.74 42.92 -25.46
N ASN AB 156 101.44 43.74 -26.46
CA ASN AB 156 101.18 43.26 -27.81
C ASN AB 156 102.43 43.36 -28.69
N ASP AB 157 103.53 42.75 -28.27
CA ASP AB 157 104.77 42.78 -29.05
C ASP AB 157 105.26 41.37 -29.34
N THR AB 158 106.40 41.29 -30.04
CA THR AB 158 107.00 40.03 -30.44
C THR AB 158 108.48 40.01 -30.09
N ILE AB 159 109.02 38.81 -29.83
CA ILE AB 159 110.40 38.64 -29.40
C ILE AB 159 111.07 37.61 -30.30
N GLN AB 160 112.35 37.86 -30.61
CA GLN AB 160 113.18 36.92 -31.34
C GLN AB 160 114.09 36.20 -30.34
N ILE AB 161 114.06 34.87 -30.35
CA ILE AB 161 114.72 34.07 -29.34
C ILE AB 161 115.71 33.10 -29.99
N ASP AB 162 116.65 32.62 -29.18
CA ASP AB 162 117.57 31.55 -29.56
C ASP AB 162 117.21 30.29 -28.79
N LEU AB 163 117.48 29.13 -29.40
CA LEU AB 163 116.98 27.88 -28.86
C LEU AB 163 118.02 27.08 -28.07
N GLU AB 164 119.30 27.26 -28.37
CA GLU AB 164 120.34 26.55 -27.65
C GLU AB 164 120.64 27.18 -26.30
N THR AB 165 120.08 28.35 -26.00
CA THR AB 165 120.22 28.98 -24.70
C THR AB 165 118.90 29.30 -24.01
N GLY AB 166 117.78 29.29 -24.75
CA GLY AB 166 116.51 29.62 -24.15
C GLY AB 166 116.30 31.08 -23.82
N LYS AB 167 117.04 31.97 -24.47
CA LYS AB 167 116.99 33.40 -24.19
C LYS AB 167 116.57 34.17 -25.44
N ILE AB 168 116.07 35.38 -25.22
CA ILE AB 168 115.69 36.25 -26.33
C ILE AB 168 116.92 36.88 -26.95
N THR AB 169 116.81 37.24 -28.22
CA THR AB 169 117.89 37.89 -28.95
C THR AB 169 117.51 39.31 -29.38
N ASP AB 170 116.40 39.47 -30.09
CA ASP AB 170 115.94 40.76 -30.57
C ASP AB 170 114.43 40.83 -30.42
N PHE AB 171 113.83 41.92 -30.89
CA PHE AB 171 112.39 42.10 -30.80
C PHE AB 171 111.92 43.03 -31.91
N ILE AB 172 110.64 42.93 -32.23
CA ILE AB 172 109.96 43.83 -33.17
C ILE AB 172 108.75 44.39 -32.45
N LYS AB 173 108.63 45.71 -32.40
CA LYS AB 173 107.59 46.37 -31.64
C LYS AB 173 106.35 46.60 -32.51
N PHE AB 174 105.21 46.79 -31.83
CA PHE AB 174 103.92 46.98 -32.49
C PHE AB 174 103.79 48.45 -32.90
N ASP AB 175 104.30 48.75 -34.09
CA ASP AB 175 104.17 50.08 -34.67
C ASP AB 175 103.18 50.06 -35.83
N THR AB 176 102.46 51.17 -35.99
CA THR AB 176 101.47 51.31 -37.05
C THR AB 176 102.18 51.41 -38.38
N GLY AB 177 102.09 50.35 -39.19
CA GLY AB 177 102.79 50.28 -40.45
C GLY AB 177 103.59 49.01 -40.60
N ASN AB 178 103.33 48.03 -39.74
CA ASN AB 178 104.04 46.77 -39.72
C ASN AB 178 103.27 45.70 -40.47
N LEU AB 179 103.95 44.60 -40.77
CA LEU AB 179 103.33 43.46 -41.43
C LEU AB 179 102.38 42.75 -40.46
N CYS AB 180 101.50 41.91 -41.02
CA CYS AB 180 100.50 41.21 -40.22
C CYS AB 180 100.09 39.92 -40.92
N MET AB 181 99.53 39.01 -40.13
CA MET AB 181 98.87 37.82 -40.66
C MET AB 181 97.86 37.33 -39.63
N VAL AB 182 96.67 36.95 -40.10
CA VAL AB 182 95.59 36.50 -39.22
C VAL AB 182 95.89 35.06 -38.82
N THR AB 183 96.06 34.81 -37.52
CA THR AB 183 96.31 33.46 -37.01
C THR AB 183 95.00 32.89 -36.48
N GLY AB 184 94.12 32.49 -37.40
CA GLY AB 184 92.88 31.83 -37.02
C GLY AB 184 91.63 32.39 -37.65
N GLY AB 185 90.76 31.53 -38.16
CA GLY AB 185 89.46 31.95 -38.66
C GLY AB 185 89.23 31.77 -40.15
N ALA AB 186 88.26 32.50 -40.70
CA ALA AB 186 87.95 32.39 -42.12
C ALA AB 186 89.01 33.07 -42.98
N ASN AB 187 89.63 34.13 -42.47
CA ASN AB 187 90.70 34.84 -43.18
C ASN AB 187 92.08 34.32 -42.79
N LEU AB 188 92.16 33.04 -42.44
CA LEU AB 188 93.44 32.43 -42.03
C LEU AB 188 94.32 32.27 -43.26
N GLY AB 189 95.44 32.98 -43.28
CA GLY AB 189 96.34 32.97 -44.43
C GLY AB 189 96.37 34.29 -45.17
N ARG AB 190 96.15 35.38 -44.45
CA ARG AB 190 96.12 36.73 -45.03
C ARG AB 190 97.37 37.49 -44.59
N ILE AB 191 98.37 37.55 -45.46
CA ILE AB 191 99.60 38.28 -45.18
C ILE AB 191 99.46 39.70 -45.73
N GLY AB 192 99.54 40.68 -44.83
CA GLY AB 192 99.39 42.07 -45.21
C GLY AB 192 100.08 42.97 -44.22
N VAL AB 193 99.96 44.28 -44.47
CA VAL AB 193 100.56 45.29 -43.62
C VAL AB 193 99.47 45.96 -42.79
N ILE AB 194 99.85 46.41 -41.60
CA ILE AB 194 98.92 47.10 -40.71
C ILE AB 194 98.77 48.54 -41.16
N THR AB 195 97.53 48.96 -41.43
CA THR AB 195 97.27 50.32 -41.87
C THR AB 195 96.73 51.23 -40.77
N ASN AB 196 96.05 50.68 -39.76
CA ASN AB 196 95.49 51.49 -38.68
C ASN AB 196 95.14 50.60 -37.51
N ARG AB 197 95.45 51.06 -36.30
CA ARG AB 197 95.05 50.39 -35.07
C ARG AB 197 93.98 51.23 -34.38
N GLU AB 198 92.88 50.59 -34.01
CA GLU AB 198 91.77 51.25 -33.32
C GLU AB 198 91.53 50.58 -31.98
N ARG AB 199 91.45 51.38 -30.92
CA ARG AB 199 91.18 50.89 -29.58
C ARG AB 199 89.74 51.20 -29.22
N HIS AB 200 89.00 50.18 -28.80
CA HIS AB 200 87.62 50.34 -28.38
C HIS AB 200 87.49 49.99 -26.90
N PRO AB 201 86.86 50.85 -26.12
CA PRO AB 201 86.84 50.65 -24.66
C PRO AB 201 86.01 49.45 -24.25
N GLY AB 202 86.53 48.67 -23.32
CA GLY AB 202 85.85 47.53 -22.73
C GLY AB 202 85.88 46.23 -23.52
N SER AB 203 85.53 46.29 -24.80
CA SER AB 203 85.44 45.09 -25.62
C SER AB 203 86.79 44.83 -26.31
N PHE AB 204 86.81 43.87 -27.23
CA PHE AB 204 88.03 43.54 -27.95
C PHE AB 204 88.41 44.67 -28.89
N ASP AB 205 89.71 44.79 -29.16
CA ASP AB 205 90.26 45.81 -30.04
C ASP AB 205 90.42 45.27 -31.45
N VAL AB 206 90.26 46.16 -32.43
CA VAL AB 206 90.31 45.81 -33.83
C VAL AB 206 91.47 46.56 -34.49
N VAL AB 207 92.17 45.88 -35.39
CA VAL AB 207 93.25 46.49 -36.18
C VAL AB 207 92.95 46.23 -37.64
N HIS AB 208 92.90 47.30 -38.44
CA HIS AB 208 92.68 47.16 -39.87
C HIS AB 208 93.97 46.68 -40.54
N VAL AB 209 93.86 45.64 -41.36
CA VAL AB 209 94.99 45.07 -42.08
C VAL AB 209 94.80 45.36 -43.56
N LYS AB 210 95.84 45.88 -44.20
CA LYS AB 210 95.80 46.24 -45.61
C LYS AB 210 96.67 45.29 -46.41
N ASP AB 211 96.10 44.73 -47.47
CA ASP AB 211 96.85 43.87 -48.38
C ASP AB 211 97.75 44.72 -49.28
N ALA AB 212 98.78 44.08 -49.82
CA ALA AB 212 99.68 44.77 -50.74
C ALA AB 212 99.00 45.17 -52.03
N ASN AB 213 97.89 44.52 -52.39
CA ASN AB 213 97.13 44.88 -53.57
C ASN AB 213 96.04 45.90 -53.30
N GLY AB 214 95.87 46.32 -52.05
CA GLY AB 214 94.90 47.32 -51.68
C GLY AB 214 93.69 46.81 -50.94
N ASN AB 215 93.62 45.50 -50.65
CA ASN AB 215 92.46 44.92 -49.97
C ASN AB 215 92.61 45.14 -48.47
N SER AB 216 91.98 46.20 -47.97
CA SER AB 216 92.00 46.50 -46.55
C SER AB 216 90.86 45.79 -45.84
N PHE AB 217 91.19 45.13 -44.73
CA PHE AB 217 90.19 44.39 -43.96
C PHE AB 217 90.53 44.47 -42.48
N ALA AB 218 89.52 44.27 -41.64
CA ALA AB 218 89.67 44.42 -40.20
C ALA AB 218 89.96 43.07 -39.54
N THR AB 219 90.79 43.11 -38.50
CA THR AB 219 91.11 41.94 -37.71
C THR AB 219 91.19 42.32 -36.25
N ARG AB 220 90.62 41.47 -35.39
CA ARG AB 220 90.63 41.73 -33.96
C ARG AB 220 92.01 41.46 -33.38
N LEU AB 221 92.31 42.12 -32.26
CA LEU AB 221 93.68 42.17 -31.74
C LEU AB 221 94.21 40.82 -31.28
N SER AB 222 93.36 39.94 -30.77
CA SER AB 222 93.81 38.62 -30.34
C SER AB 222 94.05 37.68 -31.52
N ASN AB 223 93.67 38.07 -32.73
CA ASN AB 223 93.79 37.25 -33.94
C ASN AB 223 94.86 37.78 -34.87
N ILE AB 224 95.97 38.30 -34.33
CA ILE AB 224 96.99 38.98 -35.11
C ILE AB 224 98.37 38.45 -34.70
N PHE AB 225 99.20 38.13 -35.69
CA PHE AB 225 100.63 37.92 -35.49
C PHE AB 225 101.38 38.76 -36.51
N VAL AB 226 102.33 39.57 -36.03
CA VAL AB 226 103.16 40.37 -36.92
C VAL AB 226 104.40 39.57 -37.30
N ILE AB 227 104.77 39.63 -38.59
CA ILE AB 227 105.83 38.77 -39.12
C ILE AB 227 107.11 39.52 -39.46
N GLY AB 228 107.08 40.84 -39.53
CA GLY AB 228 108.28 41.56 -39.93
C GLY AB 228 108.15 43.05 -39.67
N LYS AB 229 109.27 43.74 -39.85
CA LYS AB 229 109.34 45.18 -39.66
C LYS AB 229 109.08 45.89 -40.99
N GLY AB 230 108.07 46.75 -41.00
CA GLY AB 230 107.69 47.44 -42.21
C GLY AB 230 107.12 46.51 -43.26
N ASN AB 231 107.87 46.27 -44.33
CA ASN AB 231 107.51 45.29 -45.35
C ASN AB 231 108.57 44.22 -45.52
N LYS AB 232 109.44 44.04 -44.52
CA LYS AB 232 110.51 43.06 -44.57
C LYS AB 232 110.24 41.97 -43.54
N PRO AB 233 109.73 40.81 -43.94
CA PRO AB 233 109.47 39.74 -42.97
C PRO AB 233 110.75 39.17 -42.39
N TRP AB 234 110.67 38.72 -41.14
CA TRP AB 234 111.76 38.01 -40.49
C TRP AB 234 111.65 36.51 -40.62
N ILE AB 235 110.62 36.02 -41.31
CA ILE AB 235 110.45 34.59 -41.55
C ILE AB 235 110.30 34.36 -43.05
N SER AB 236 110.15 33.11 -43.46
CA SER AB 236 109.97 32.77 -44.86
C SER AB 236 108.49 32.62 -45.18
N LEU AB 237 108.19 32.62 -46.47
CA LEU AB 237 106.81 32.54 -46.94
C LEU AB 237 106.62 31.33 -47.85
N PRO AB 238 105.49 30.63 -47.73
CA PRO AB 238 105.22 29.51 -48.64
C PRO AB 238 104.71 30.00 -49.99
N ARG AB 239 104.39 29.07 -50.88
CA ARG AB 239 103.82 29.44 -52.16
C ARG AB 239 102.42 30.01 -51.98
N GLY AB 240 102.07 31.00 -52.80
CA GLY AB 240 100.84 31.74 -52.61
C GLY AB 240 101.07 33.03 -51.87
N LYS AB 241 101.99 32.99 -50.90
CA LYS AB 241 102.48 34.15 -50.15
C LYS AB 241 101.38 34.88 -49.39
N GLY AB 242 100.29 34.19 -49.05
CA GLY AB 242 99.24 34.78 -48.24
C GLY AB 242 98.49 35.90 -48.92
N ILE AB 243 97.82 35.60 -50.03
CA ILE AB 243 97.07 36.59 -50.79
C ILE AB 243 95.57 36.32 -50.74
N ARG AB 244 95.17 35.05 -50.82
CA ARG AB 244 93.77 34.63 -50.83
C ARG AB 244 93.01 35.29 -51.99
N LEU AB 245 93.44 34.96 -53.20
CA LEU AB 245 92.76 35.42 -54.40
C LEU AB 245 91.39 34.74 -54.52
N THR AB 246 90.52 35.36 -55.31
CA THR AB 246 89.13 34.91 -55.42
C THR AB 246 89.05 33.53 -56.05
N ILE AB 247 87.97 32.82 -55.73
CA ILE AB 247 87.78 31.45 -56.21
C ILE AB 247 87.64 31.39 -57.73
N ALA AB 248 87.17 32.47 -58.37
CA ALA AB 248 87.11 32.49 -59.83
C ALA AB 248 88.51 32.53 -60.44
N GLU AB 249 89.46 33.18 -59.77
CA GLU AB 249 90.83 33.26 -60.27
C GLU AB 249 91.64 32.01 -59.96
N GLU AB 250 91.20 31.18 -59.02
CA GLU AB 250 91.89 29.93 -58.73
C GLU AB 250 91.77 28.96 -59.90
N ARG AB 251 90.58 28.87 -60.49
CA ARG AB 251 90.37 27.99 -61.63
C ARG AB 251 91.11 28.48 -62.86
N ASP AB 252 91.27 29.80 -63.00
CA ASP AB 252 92.00 30.36 -64.13
C ASP AB 252 93.49 30.02 -64.08
N LYS AB 253 94.07 29.91 -62.88
CA LYS AB 253 95.44 29.46 -62.74
C LYS AB 253 95.55 27.94 -62.65
N ARG AB 254 94.46 27.25 -62.33
CA ARG AB 254 94.49 25.79 -62.29
C ARG AB 254 94.59 25.20 -63.69
N LEU AB 255 93.85 25.76 -64.65
CA LEU AB 255 93.90 25.30 -66.02
C LEU AB 255 95.14 25.80 -66.77
N ALA AB 256 95.84 26.80 -66.23
CA ALA AB 256 97.08 27.25 -66.86
C ALA AB 256 98.18 26.21 -66.73
N ALA AB 257 98.24 25.51 -65.59
CA ALA AB 257 99.25 24.47 -65.40
C ALA AB 257 98.90 23.19 -66.15
N LYS AB 258 97.60 22.88 -66.27
CA LYS AB 258 97.18 21.64 -66.93
C LYS AB 258 97.43 21.71 -68.44
N GLN AB 259 97.03 22.81 -69.08
CA GLN AB 259 97.21 22.92 -70.52
C GLN AB 259 98.66 23.12 -70.92
N SER AB 260 99.49 23.69 -70.04
CA SER AB 260 100.90 23.85 -70.34
C SER AB 260 101.65 22.53 -70.26
N SER AB 261 101.28 21.68 -69.30
CA SER AB 261 101.93 20.39 -69.12
C SER AB 261 101.27 19.28 -69.93
N GLY AB 262 99.94 19.26 -69.96
CA GLY AB 262 99.22 18.23 -70.69
C GLY AB 262 98.66 17.14 -69.79
N THR BB 1 -61.38 28.01 -96.17
CA THR BB 1 -61.40 29.23 -95.37
C THR BB 1 -60.05 29.99 -95.40
N PRO BB 2 -59.85 30.78 -96.45
CA PRO BB 2 -58.57 31.48 -96.60
C PRO BB 2 -58.45 32.74 -95.75
N ASP BB 3 -59.56 33.43 -95.52
CA ASP BB 3 -59.54 34.69 -94.80
C ASP BB 3 -59.34 34.51 -93.30
N ILE BB 4 -60.02 33.54 -92.69
CA ILE BB 4 -59.88 33.22 -91.28
C ILE BB 4 -59.66 31.72 -91.14
N LYS BB 5 -59.07 31.32 -90.02
CA LYS BB 5 -58.71 29.93 -89.78
C LYS BB 5 -59.58 29.36 -88.68
N LEU BB 6 -59.84 28.06 -88.75
CA LEU BB 6 -60.69 27.37 -87.80
C LEU BB 6 -59.87 26.29 -87.10
N PHE BB 7 -59.58 26.50 -85.82
CA PHE BB 7 -58.87 25.51 -85.00
C PHE BB 7 -59.82 24.38 -84.68
N GLY BB 8 -59.79 23.32 -85.49
CA GLY BB 8 -60.74 22.24 -85.34
C GLY BB 8 -62.13 22.72 -85.70
N LYS BB 9 -62.98 22.89 -84.69
CA LYS BB 9 -64.25 23.60 -84.86
C LYS BB 9 -64.34 24.82 -83.95
N TRP BB 10 -63.23 25.22 -83.33
CA TRP BB 10 -63.18 26.40 -82.47
C TRP BB 10 -62.53 27.56 -83.20
N SER BB 11 -62.97 28.77 -82.84
CA SER BB 11 -62.46 29.99 -83.44
C SER BB 11 -61.12 30.39 -82.83
N THR BB 12 -60.25 30.95 -83.66
CA THR BB 12 -58.94 31.38 -83.20
C THR BB 12 -59.03 32.63 -82.33
N ASP BB 13 -59.84 33.60 -82.75
CA ASP BB 13 -59.96 34.87 -82.06
C ASP BB 13 -60.90 34.72 -80.86
N ASP BB 14 -61.29 35.85 -80.28
CA ASP BB 14 -62.14 35.91 -79.08
C ASP BB 14 -61.50 35.15 -77.91
N VAL BB 15 -60.18 35.22 -77.82
CA VAL BB 15 -59.42 34.68 -76.71
C VAL BB 15 -58.64 35.81 -76.07
N GLN BB 16 -58.86 36.02 -74.77
CA GLN BB 16 -58.30 37.16 -74.06
C GLN BB 16 -57.13 36.73 -73.20
N ILE BB 17 -55.99 37.38 -73.39
CA ILE BB 17 -54.83 37.21 -72.51
C ILE BB 17 -54.91 38.31 -71.46
N ASN BB 18 -55.49 37.99 -70.30
CA ASN BB 18 -55.77 38.99 -69.29
C ASN BB 18 -54.51 39.52 -68.62
N ASP BB 19 -53.52 38.66 -68.41
CA ASP BB 19 -52.28 39.08 -67.75
C ASP BB 19 -51.38 39.78 -68.75
N ILE BB 20 -50.95 41.00 -68.41
CA ILE BB 20 -50.04 41.74 -69.27
C ILE BB 20 -48.63 41.15 -69.24
N SER BB 21 -48.32 40.32 -68.23
CA SER BB 21 -47.00 39.72 -68.13
C SER BB 21 -46.86 38.47 -68.99
N LEU BB 22 -47.96 37.96 -69.54
CA LEU BB 22 -47.93 36.73 -70.32
C LEU BB 22 -48.51 36.94 -71.72
N GLN BB 23 -48.49 38.17 -72.22
CA GLN BB 23 -49.05 38.46 -73.53
C GLN BB 23 -48.16 37.97 -74.66
N ASP BB 24 -46.84 38.14 -74.54
CA ASP BB 24 -45.95 37.81 -75.64
C ASP BB 24 -45.74 36.31 -75.80
N TYR BB 25 -45.84 35.55 -74.71
CA TYR BB 25 -45.50 34.13 -74.71
C TYR BB 25 -46.68 33.22 -74.99
N ILE BB 26 -47.86 33.77 -75.31
CA ILE BB 26 -49.01 32.97 -75.74
C ILE BB 26 -49.33 33.45 -77.16
N ALA BB 27 -48.71 32.82 -78.15
CA ALA BB 27 -48.90 33.18 -79.55
C ALA BB 27 -49.89 32.19 -80.18
N VAL BB 28 -51.16 32.38 -79.87
CA VAL BB 28 -52.22 31.54 -80.41
C VAL BB 28 -53.22 32.41 -81.17
N LYS BB 29 -52.87 33.69 -81.33
CA LYS BB 29 -53.77 34.68 -81.92
C LYS BB 29 -53.24 35.12 -83.28
N GLU BB 30 -53.82 34.55 -84.34
CA GLU BB 30 -53.72 35.00 -85.74
C GLU BB 30 -52.29 35.17 -86.24
N LYS BB 31 -51.30 34.61 -85.56
CA LYS BB 31 -49.94 34.69 -86.07
C LYS BB 31 -49.26 33.33 -86.14
N TYR BB 32 -49.47 32.46 -85.16
CA TYR BB 32 -48.89 31.13 -85.16
C TYR BB 32 -49.92 30.03 -84.91
N ALA BB 33 -51.20 30.38 -84.80
CA ALA BB 33 -52.25 29.37 -84.66
C ALA BB 33 -52.40 28.60 -85.96
N LYS BB 34 -52.57 27.30 -85.85
CA LYS BB 34 -52.74 26.41 -86.99
C LYS BB 34 -53.96 25.52 -86.77
N TYR BB 35 -54.39 24.84 -87.83
CA TYR BB 35 -55.58 23.99 -87.75
C TYR BB 35 -55.33 22.78 -86.85
N LEU BB 36 -54.20 22.10 -87.03
CA LEU BB 36 -53.78 20.99 -86.17
C LEU BB 36 -52.36 21.28 -85.67
N PRO BB 37 -52.07 20.95 -84.42
CA PRO BB 37 -50.82 21.42 -83.81
C PRO BB 37 -49.59 20.60 -84.19
N HIS BB 38 -49.69 19.79 -85.23
CA HIS BB 38 -48.53 19.03 -85.68
C HIS BB 38 -47.59 19.91 -86.50
N SER BB 39 -46.29 19.76 -86.24
CA SER BB 39 -45.27 20.44 -87.02
C SER BB 39 -43.96 19.68 -86.91
N ALA BB 40 -42.96 20.16 -87.65
CA ALA BB 40 -41.67 19.49 -87.69
C ALA BB 40 -40.75 19.89 -86.54
N GLY BB 41 -40.65 21.17 -86.24
CA GLY BB 41 -39.78 21.63 -85.18
C GLY BB 41 -39.24 23.02 -85.51
N ARG BB 42 -37.93 23.18 -85.29
CA ARG BB 42 -37.14 24.39 -85.58
C ARG BB 42 -37.47 25.51 -84.58
N TYR BB 43 -38.44 25.27 -83.69
CA TYR BB 43 -38.81 26.29 -82.70
C TYR BB 43 -37.79 26.38 -81.58
N ALA BB 44 -37.11 25.29 -81.25
CA ALA BB 44 -36.18 25.24 -80.13
C ALA BB 44 -34.73 25.26 -80.58
N ALA BB 45 -34.49 25.66 -81.83
CA ALA BB 45 -33.12 25.80 -82.32
C ALA BB 45 -32.42 26.99 -81.67
N LYS BB 46 -33.15 28.07 -81.44
CA LYS BB 46 -32.64 29.27 -80.79
C LYS BB 46 -33.27 29.42 -79.41
N ARG BB 47 -33.00 30.56 -78.77
CA ARG BB 47 -33.36 30.73 -77.35
C ARG BB 47 -34.85 31.04 -77.17
N PHE BB 48 -35.31 32.15 -77.74
CA PHE BB 48 -36.66 32.64 -77.48
C PHE BB 48 -37.65 32.29 -78.60
N ARG BB 49 -37.23 31.50 -79.59
CA ARG BB 49 -38.11 31.19 -80.70
C ARG BB 49 -39.14 30.12 -80.33
N LYS BB 50 -38.94 29.40 -79.23
CA LYS BB 50 -39.95 28.47 -78.75
C LYS BB 50 -41.09 29.21 -78.05
N ALA BB 51 -40.87 30.46 -77.63
CA ALA BB 51 -41.95 31.24 -77.05
C ALA BB 51 -42.98 31.64 -78.09
N GLN BB 52 -42.56 31.86 -79.33
CA GLN BB 52 -43.50 32.15 -80.41
C GLN BB 52 -44.32 30.93 -80.80
N CYS BB 53 -43.88 29.74 -80.43
CA CYS BB 53 -44.70 28.55 -80.63
C CYS BB 53 -45.95 28.62 -79.75
N PRO BB 54 -47.12 28.28 -80.28
CA PRO BB 54 -48.34 28.35 -79.47
C PRO BB 54 -48.30 27.38 -78.30
N ILE BB 55 -48.93 27.80 -77.19
CA ILE BB 55 -48.91 27.01 -75.96
C ILE BB 55 -49.69 25.71 -76.09
N VAL BB 56 -50.62 25.61 -77.03
CA VAL BB 56 -51.28 24.34 -77.30
C VAL BB 56 -50.28 23.34 -77.88
N GLU BB 57 -49.44 23.79 -78.80
CA GLU BB 57 -48.38 22.95 -79.34
C GLU BB 57 -47.37 22.57 -78.27
N ARG BB 58 -47.02 23.52 -77.39
CA ARG BB 58 -46.04 23.24 -76.35
C ARG BB 58 -46.60 22.26 -75.32
N LEU BB 59 -47.91 22.29 -75.07
CA LEU BB 59 -48.51 21.38 -74.11
C LEU BB 59 -48.60 19.96 -74.66
N THR BB 60 -48.98 19.81 -75.92
CA THR BB 60 -49.05 18.49 -76.53
C THR BB 60 -47.67 17.85 -76.66
N ASN BB 61 -46.63 18.66 -76.90
CA ASN BB 61 -45.28 18.13 -76.91
C ASN BB 61 -44.75 17.81 -75.52
N SER BB 62 -45.42 18.31 -74.47
CA SER BB 62 -45.05 18.01 -73.10
C SER BB 62 -45.69 16.73 -72.57
N MET BB 63 -46.52 16.06 -73.38
CA MET BB 63 -47.06 14.76 -73.02
C MET BB 63 -46.16 13.62 -73.49
N MET BB 64 -45.08 13.95 -74.20
CA MET BB 64 -44.21 12.99 -74.89
C MET BB 64 -43.25 12.39 -73.87
N MET BB 65 -43.83 11.67 -72.90
CA MET BB 65 -43.14 11.34 -71.65
C MET BB 65 -43.01 9.84 -71.45
N HIS BB 66 -42.01 9.48 -70.63
CA HIS BB 66 -41.85 8.16 -70.02
C HIS BB 66 -41.75 7.04 -71.05
N GLY BB 67 -41.07 7.31 -72.16
CA GLY BB 67 -40.68 6.26 -73.08
C GLY BB 67 -41.78 5.67 -73.92
N ARG BB 68 -42.75 5.00 -73.28
CA ARG BB 68 -43.81 4.34 -74.02
C ARG BB 68 -44.77 5.32 -74.68
N ASN BB 69 -44.80 6.57 -74.23
CA ASN BB 69 -45.48 7.62 -74.98
C ASN BB 69 -44.53 8.37 -75.90
N ASN BB 70 -43.22 8.25 -75.69
CA ASN BB 70 -42.25 8.85 -76.60
C ASN BB 70 -42.28 8.13 -77.95
N GLY BB 71 -42.06 8.90 -79.01
CA GLY BB 71 -42.16 8.38 -80.36
C GLY BB 71 -43.56 8.29 -80.90
N LYS BB 72 -44.54 8.83 -80.18
CA LYS BB 72 -45.96 8.76 -80.56
C LYS BB 72 -46.53 10.16 -80.51
N LYS BB 73 -46.64 10.81 -81.67
CA LYS BB 73 -47.31 12.10 -81.73
C LYS BB 73 -48.79 11.97 -82.05
N LEU BB 74 -49.21 10.85 -82.65
CA LEU BB 74 -50.62 10.63 -82.93
C LEU BB 74 -51.42 10.26 -81.68
N MET BB 75 -50.75 9.94 -80.58
CA MET BB 75 -51.42 9.94 -79.28
C MET BB 75 -51.94 11.34 -78.95
N THR BB 76 -51.01 12.28 -78.74
CA THR BB 76 -51.34 13.55 -78.12
C THR BB 76 -52.19 14.47 -79.02
N VAL BB 77 -52.01 14.41 -80.34
CA VAL BB 77 -52.85 15.23 -81.22
C VAL BB 77 -54.28 14.70 -81.24
N ARG BB 78 -54.45 13.37 -81.19
CA ARG BB 78 -55.77 12.80 -81.02
C ARG BB 78 -56.32 13.05 -79.63
N ILE BB 79 -55.45 13.06 -78.61
CA ILE BB 79 -55.89 13.30 -77.25
C ILE BB 79 -56.39 14.73 -77.09
N VAL BB 80 -55.62 15.71 -77.58
CA VAL BB 80 -55.96 17.11 -77.34
C VAL BB 80 -57.21 17.52 -78.12
N LYS BB 81 -57.47 16.89 -79.27
CA LYS BB 81 -58.71 17.14 -79.99
C LYS BB 81 -59.91 16.60 -79.22
N HIS BB 82 -59.73 15.48 -78.50
CA HIS BB 82 -60.80 14.95 -77.67
C HIS BB 82 -60.84 15.64 -76.32
N ALA BB 83 -59.68 16.08 -75.81
CA ALA BB 83 -59.63 16.80 -74.55
C ALA BB 83 -60.29 18.17 -74.64
N PHE BB 84 -60.20 18.84 -75.79
CA PHE BB 84 -60.92 20.08 -75.98
C PHE BB 84 -62.42 19.88 -76.06
N GLU BB 85 -62.87 18.68 -76.45
CA GLU BB 85 -64.31 18.41 -76.56
C GLU BB 85 -64.95 18.27 -75.17
N ILE BB 86 -64.28 17.54 -74.27
CA ILE BB 86 -64.83 17.32 -72.94
C ILE BB 86 -64.85 18.61 -72.11
N ILE BB 87 -63.92 19.53 -72.36
CA ILE BB 87 -63.92 20.81 -71.67
C ILE BB 87 -65.18 21.60 -72.02
N HIS BB 88 -65.55 21.59 -73.30
CA HIS BB 88 -66.75 22.31 -73.73
C HIS BB 88 -68.03 21.65 -73.22
N LEU BB 89 -68.00 20.33 -72.99
CA LEU BB 89 -69.19 19.62 -72.54
C LEU BB 89 -69.53 19.86 -71.07
N LEU BB 90 -68.66 20.53 -70.32
CA LEU BB 90 -68.91 20.82 -68.92
C LEU BB 90 -69.09 22.32 -68.68
N THR BB 91 -68.12 23.14 -69.10
CA THR BB 91 -68.23 24.58 -68.90
C THR BB 91 -69.07 25.22 -70.00
N GLY BB 92 -68.78 24.92 -71.26
CA GLY BB 92 -69.50 25.47 -72.39
C GLY BB 92 -68.80 26.60 -73.11
N GLU BB 93 -67.70 27.11 -72.56
CA GLU BB 93 -66.99 28.23 -73.17
C GLU BB 93 -65.99 27.72 -74.21
N ASN BB 94 -65.25 28.66 -74.79
CA ASN BB 94 -64.17 28.33 -75.70
C ASN BB 94 -63.05 27.66 -74.90
N PRO BB 95 -62.69 26.41 -75.20
CA PRO BB 95 -61.65 25.74 -74.40
C PRO BB 95 -60.25 26.30 -74.60
N LEU BB 96 -60.02 27.10 -75.64
CA LEU BB 96 -58.75 27.82 -75.74
C LEU BB 96 -58.64 28.89 -74.66
N GLN BB 97 -59.76 29.51 -74.28
CA GLN BB 97 -59.76 30.45 -73.17
C GLN BB 97 -59.44 29.75 -71.85
N VAL BB 98 -59.94 28.52 -71.67
CA VAL BB 98 -59.73 27.78 -70.43
C VAL BB 98 -58.25 27.49 -70.22
N LEU BB 99 -57.54 27.16 -71.31
CA LEU BB 99 -56.10 26.91 -71.22
C LEU BB 99 -55.35 28.18 -70.83
N VAL BB 100 -55.80 29.34 -71.32
CA VAL BB 100 -55.16 30.61 -70.96
C VAL BB 100 -55.33 30.88 -69.48
N ASN BB 101 -56.53 30.69 -68.93
CA ASN BB 101 -56.73 30.85 -67.50
C ASN BB 101 -56.03 29.76 -66.70
N ALA BB 102 -55.78 28.60 -67.31
CA ALA BB 102 -55.08 27.52 -66.63
C ALA BB 102 -53.59 27.84 -66.44
N ILE BB 103 -52.98 28.52 -67.42
CA ILE BB 103 -51.56 28.82 -67.32
C ILE BB 103 -51.30 29.89 -66.25
N ILE BB 104 -52.17 30.89 -66.16
CA ILE BB 104 -51.96 32.01 -65.24
C ILE BB 104 -52.03 31.54 -63.80
N ASN BB 105 -53.06 30.77 -63.45
CA ASN BB 105 -53.30 30.39 -62.07
C ASN BB 105 -52.41 29.25 -61.59
N SER BB 106 -51.75 28.52 -62.50
CA SER BB 106 -50.95 27.36 -62.11
C SER BB 106 -49.47 27.66 -61.93
N GLY BB 107 -48.98 28.77 -62.47
CA GLY BB 107 -47.59 29.13 -62.32
C GLY BB 107 -47.35 30.01 -61.11
N PRO BB 108 -46.55 29.53 -60.16
CA PRO BB 108 -46.18 30.39 -59.02
C PRO BB 108 -45.26 31.53 -59.47
N ARG BB 109 -45.58 32.73 -59.00
CA ARG BB 109 -44.86 33.93 -59.41
C ARG BB 109 -43.50 34.06 -58.76
N GLU BB 110 -43.18 33.20 -57.78
CA GLU BB 110 -42.01 33.45 -56.94
C GLU BB 110 -41.49 32.13 -56.38
N ASP BB 111 -40.24 31.80 -56.70
CA ASP BB 111 -39.64 30.52 -56.36
C ASP BB 111 -38.26 30.72 -55.74
N SER BB 112 -37.61 29.61 -55.40
CA SER BB 112 -36.33 29.64 -54.71
C SER BB 112 -35.18 29.26 -55.64
N THR BB 113 -33.95 29.63 -55.24
CA THR BB 113 -32.75 29.37 -56.03
C THR BB 113 -31.58 29.06 -55.10
N ARG BB 114 -30.56 28.42 -55.66
CA ARG BB 114 -29.37 28.05 -54.91
C ARG BB 114 -28.25 29.05 -55.22
N ILE BB 115 -27.73 29.69 -54.18
CA ILE BB 115 -26.62 30.62 -54.33
C ILE BB 115 -25.36 30.04 -53.70
N ARG BB 122 -28.95 25.54 -47.33
CA ARG BB 122 -29.49 26.89 -47.43
C ARG BB 122 -30.12 27.12 -48.80
N ARG BB 123 -31.30 27.72 -48.81
CA ARG BB 123 -32.09 27.89 -50.01
C ARG BB 123 -32.67 29.30 -50.01
N GLN BB 124 -32.39 30.06 -51.08
CA GLN BB 124 -32.80 31.46 -51.15
C GLN BB 124 -33.77 31.67 -52.31
N ALA BB 125 -34.57 32.72 -52.18
CA ALA BB 125 -35.70 32.96 -53.06
C ALA BB 125 -35.55 34.27 -53.83
N VAL BB 126 -35.73 34.20 -55.15
CA VAL BB 126 -35.72 35.35 -56.04
C VAL BB 126 -36.91 35.24 -56.99
N ASP BB 127 -37.13 36.30 -57.75
CA ASP BB 127 -38.22 36.30 -58.72
C ASP BB 127 -37.90 35.39 -59.90
N VAL BB 128 -38.94 35.02 -60.64
CA VAL BB 128 -38.82 34.11 -61.77
C VAL BB 128 -39.41 34.74 -63.02
N SER BB 129 -38.89 34.33 -64.17
CA SER BB 129 -39.26 34.94 -65.43
C SER BB 129 -40.63 34.46 -65.89
N PRO BB 130 -41.39 35.30 -66.62
CA PRO BB 130 -42.65 34.84 -67.21
C PRO BB 130 -42.48 33.70 -68.21
N LEU BB 131 -41.39 33.68 -68.97
CA LEU BB 131 -41.12 32.55 -69.84
C LEU BB 131 -40.71 31.32 -69.03
N ARG BB 132 -40.00 31.54 -67.92
CA ARG BB 132 -39.74 30.44 -66.99
C ARG BB 132 -41.02 29.91 -66.38
N ARG BB 133 -41.94 30.79 -66.00
CA ARG BB 133 -43.20 30.39 -65.38
C ARG BB 133 -44.11 29.60 -66.32
N VAL BB 134 -44.20 29.99 -67.59
CA VAL BB 134 -45.08 29.27 -68.50
C VAL BB 134 -44.52 27.88 -68.81
N ASN BB 135 -43.19 27.75 -68.87
CA ASN BB 135 -42.58 26.44 -69.11
C ASN BB 135 -42.77 25.51 -67.93
N GLN BB 136 -42.62 26.01 -66.70
CA GLN BB 136 -42.80 25.14 -65.54
C GLN BB 136 -44.28 24.92 -65.22
N ALA BB 137 -45.14 25.86 -65.61
CA ALA BB 137 -46.58 25.63 -65.44
C ALA BB 137 -47.06 24.52 -66.36
N ILE BB 138 -46.54 24.48 -67.59
CA ILE BB 138 -46.93 23.46 -68.55
C ILE BB 138 -46.48 22.08 -68.06
N TRP BB 139 -45.25 21.99 -67.56
CA TRP BB 139 -44.75 20.73 -67.03
C TRP BB 139 -45.53 20.27 -65.81
N LEU BB 140 -46.02 21.21 -65.00
CA LEU BB 140 -46.76 20.83 -63.80
C LEU BB 140 -48.13 20.29 -64.13
N LEU BB 141 -48.84 20.91 -65.08
CA LEU BB 141 -50.22 20.52 -65.36
C LEU BB 141 -50.30 19.35 -66.33
N CYS BB 142 -49.30 19.15 -67.19
CA CYS BB 142 -49.30 17.97 -68.05
C CYS BB 142 -49.03 16.72 -67.22
N THR BB 143 -48.15 16.82 -66.23
CA THR BB 143 -47.90 15.72 -65.31
C THR BB 143 -49.09 15.45 -64.41
N GLY BB 144 -49.90 16.47 -64.12
CA GLY BB 144 -51.08 16.25 -63.30
C GLY BB 144 -52.10 15.33 -63.94
N ALA BB 145 -52.24 15.40 -65.27
CA ALA BB 145 -53.12 14.47 -65.96
C ALA BB 145 -52.55 13.06 -65.93
N ARG BB 146 -51.21 12.94 -65.91
CA ARG BB 146 -50.57 11.63 -65.94
C ARG BB 146 -50.78 10.85 -64.64
N GLU BB 147 -50.79 11.54 -63.49
CA GLU BB 147 -51.00 10.83 -62.22
C GLU BB 147 -52.42 10.30 -62.11
N ALA BB 148 -53.41 11.13 -62.45
CA ALA BB 148 -54.81 10.73 -62.30
C ALA BB 148 -55.21 9.67 -63.31
N ALA BB 149 -54.49 9.54 -64.42
CA ALA BB 149 -54.76 8.52 -65.41
C ALA BB 149 -53.89 7.28 -65.25
N PHE BB 150 -52.97 7.26 -64.29
CA PHE BB 150 -52.10 6.12 -64.07
C PHE BB 150 -52.70 5.20 -63.02
N ARG BB 151 -52.79 3.90 -63.36
CA ARG BB 151 -53.36 2.88 -62.49
C ARG BB 151 -54.79 3.23 -62.07
N ASN BB 152 -55.55 3.78 -63.01
CA ASN BB 152 -56.88 4.30 -62.73
C ASN BB 152 -57.84 3.93 -63.86
N ILE BB 153 -59.13 3.88 -63.52
CA ILE BB 153 -60.15 3.59 -64.51
C ILE BB 153 -60.23 4.71 -65.55
N LYS BB 154 -60.13 5.97 -65.10
CA LYS BB 154 -60.31 7.11 -65.98
C LYS BB 154 -59.18 7.21 -67.00
N THR BB 155 -59.54 7.58 -68.22
CA THR BB 155 -58.58 7.73 -69.31
C THR BB 155 -57.87 9.08 -69.21
N ILE BB 156 -56.84 9.24 -70.05
CA ILE BB 156 -56.02 10.45 -70.00
C ILE BB 156 -56.79 11.67 -70.52
N ALA BB 157 -57.69 11.47 -71.49
CA ALA BB 157 -58.40 12.59 -72.10
C ALA BB 157 -59.39 13.25 -71.15
N GLU BB 158 -59.84 12.56 -70.11
CA GLU BB 158 -60.71 13.15 -69.12
C GLU BB 158 -59.93 13.75 -67.96
N CYS BB 159 -58.82 13.10 -67.59
CA CYS BB 159 -57.95 13.66 -66.55
C CYS BB 159 -57.32 14.96 -66.99
N LEU BB 160 -56.95 15.07 -68.27
CA LEU BB 160 -56.44 16.33 -68.78
C LEU BB 160 -57.55 17.38 -68.81
N ALA BB 161 -58.77 16.98 -69.17
CA ALA BB 161 -59.89 17.92 -69.16
C ALA BB 161 -60.27 18.33 -67.74
N ASP BB 162 -60.29 17.38 -66.79
CA ASP BB 162 -60.64 17.68 -65.42
C ASP BB 162 -59.59 18.51 -64.70
N GLU BB 163 -58.36 18.51 -65.18
CA GLU BB 163 -57.31 19.35 -64.60
C GLU BB 163 -57.31 20.76 -65.17
N LEU BB 164 -57.69 20.92 -66.43
CA LEU BB 164 -57.70 22.25 -67.04
C LEU BB 164 -58.90 23.08 -66.58
N ILE BB 165 -60.01 22.43 -66.24
CA ILE BB 165 -61.19 23.16 -65.77
C ILE BB 165 -60.93 23.85 -64.44
N ASN BB 166 -60.40 23.12 -63.46
CA ASN BB 166 -60.19 23.67 -62.12
C ASN BB 166 -59.07 24.70 -62.13
N ALA BB 167 -58.05 24.51 -62.96
CA ALA BB 167 -56.98 25.50 -63.09
C ALA BB 167 -57.48 26.83 -63.62
N ALA BB 168 -58.59 26.86 -64.35
CA ALA BB 168 -59.22 28.11 -64.71
C ALA BB 168 -59.99 28.73 -63.55
N LYS BB 169 -60.25 27.96 -62.49
CA LYS BB 169 -60.95 28.43 -61.32
C LYS BB 169 -60.05 28.63 -60.11
N GLY BB 170 -59.07 27.75 -59.91
CA GLY BB 170 -58.17 27.84 -58.79
C GLY BB 170 -58.76 27.38 -57.47
N SER BB 171 -59.17 26.12 -57.39
CA SER BB 171 -59.75 25.56 -56.18
C SER BB 171 -58.78 24.70 -55.38
N SER BB 172 -57.49 24.67 -55.75
CA SER BB 172 -56.43 23.99 -55.02
C SER BB 172 -56.67 22.49 -54.86
N ASN BB 173 -57.26 21.88 -55.88
CA ASN BB 173 -57.32 20.43 -55.99
C ASN BB 173 -56.45 19.88 -57.10
N SER BB 174 -56.03 20.74 -58.03
CA SER BB 174 -55.21 20.32 -59.15
C SER BB 174 -53.78 20.02 -58.71
N TYR BB 175 -53.12 19.14 -59.47
CA TYR BB 175 -51.75 18.76 -59.14
C TYR BB 175 -50.78 19.89 -59.45
N ALA BB 176 -51.07 20.68 -60.49
CA ALA BB 176 -50.23 21.85 -60.79
C ALA BB 176 -50.47 22.96 -59.77
N ILE BB 177 -51.72 23.16 -59.36
CA ILE BB 177 -52.04 24.20 -58.38
C ILE BB 177 -51.45 23.85 -57.02
N LYS BB 178 -51.31 22.55 -56.72
CA LYS BB 178 -50.79 22.14 -55.42
C LYS BB 178 -49.35 22.58 -55.21
N LYS BB 179 -48.50 22.44 -56.24
CA LYS BB 179 -47.15 22.98 -56.16
C LYS BB 179 -47.12 24.49 -56.36
N LYS BB 180 -48.19 25.07 -56.91
CA LYS BB 180 -48.27 26.52 -56.94
C LYS BB 180 -48.40 27.09 -55.53
N ASP BB 181 -49.12 26.39 -54.65
CA ASP BB 181 -49.11 26.74 -53.24
C ASP BB 181 -47.80 26.33 -52.57
N GLU BB 182 -47.27 25.16 -52.95
CA GLU BB 182 -46.08 24.65 -52.28
C GLU BB 182 -44.83 25.45 -52.63
N LEU BB 183 -44.59 25.71 -53.92
CA LEU BB 183 -43.36 26.39 -54.33
C LEU BB 183 -43.35 27.84 -53.87
N GLU BB 184 -44.51 28.48 -53.81
CA GLU BB 184 -44.60 29.86 -53.34
C GLU BB 184 -44.37 29.94 -51.83
N ARG BB 185 -44.92 28.99 -51.07
CA ARG BB 185 -44.83 29.05 -49.61
C ARG BB 185 -43.47 28.66 -49.07
N VAL BB 186 -42.80 27.69 -49.69
CA VAL BB 186 -41.45 27.35 -49.23
C VAL BB 186 -40.47 28.48 -49.52
N ALA BB 187 -40.65 29.17 -50.64
CA ALA BB 187 -39.81 30.32 -50.94
C ALA BB 187 -40.15 31.52 -50.06
N LYS BB 188 -41.36 31.56 -49.51
CA LYS BB 188 -41.76 32.61 -48.57
C LYS BB 188 -41.01 32.49 -47.25
N SER BB 189 -40.80 31.25 -46.77
CA SER BB 189 -40.05 31.05 -45.54
C SER BB 189 -38.55 31.04 -45.80
N ASN BB 190 -38.11 30.37 -46.87
CA ASN BB 190 -36.70 30.29 -47.19
C ASN BB 190 -36.26 31.48 -48.04
N ARG BB 191 -36.24 32.67 -47.45
CA ARG BB 191 -35.81 33.87 -48.17
C ARG BB 191 -35.09 34.85 -47.24
N MET CB 1 89.89 -29.07 20.86
CA MET CB 1 90.17 -27.81 20.19
C MET CB 1 91.66 -27.68 19.88
N LYS CB 2 91.98 -27.25 18.67
CA LYS CB 2 93.35 -27.20 18.21
C LYS CB 2 94.12 -26.07 18.89
N LEU CB 3 95.44 -26.26 19.01
CA LEU CB 3 96.35 -25.28 19.60
C LEU CB 3 97.53 -25.12 18.66
N ASN CB 4 97.51 -24.08 17.83
CA ASN CB 4 98.59 -23.81 16.88
C ASN CB 4 99.65 -22.97 17.59
N ILE CB 5 100.49 -23.65 18.36
CA ILE CB 5 101.55 -22.97 19.09
C ILE CB 5 102.68 -22.57 18.15
N SER CB 6 103.47 -21.59 18.57
CA SER CB 6 104.57 -21.12 17.76
C SER CB 6 105.68 -20.61 18.69
N PHE CB 7 106.92 -20.70 18.22
CA PHE CB 7 108.09 -20.37 19.02
C PHE CB 7 108.94 -19.35 18.26
N PRO CB 8 108.94 -18.09 18.69
CA PRO CB 8 109.61 -17.03 17.90
C PRO CB 8 111.13 -17.06 17.94
N ALA CB 9 111.74 -17.73 18.92
CA ALA CB 9 113.19 -17.74 18.99
C ALA CB 9 113.79 -18.58 17.85
N THR CB 10 113.18 -19.73 17.56
CA THR CB 10 113.63 -20.57 16.45
C THR CB 10 112.81 -20.38 15.19
N GLY CB 11 111.57 -19.93 15.32
CA GLY CB 11 110.69 -19.76 14.17
C GLY CB 11 109.88 -20.97 13.80
N CYS CB 12 109.81 -21.98 14.65
CA CYS CB 12 109.05 -23.20 14.39
C CYS CB 12 107.65 -23.10 14.95
N GLN CB 13 106.76 -23.93 14.40
CA GLN CB 13 105.38 -23.97 14.86
C GLN CB 13 104.79 -25.34 14.51
N LYS CB 14 103.86 -25.79 15.36
CA LYS CB 14 103.19 -27.07 15.20
C LYS CB 14 101.74 -26.93 15.65
N LEU CB 15 100.90 -27.87 15.23
CA LEU CB 15 99.48 -27.88 15.56
C LEU CB 15 99.16 -29.07 16.45
N ILE CB 16 98.56 -28.80 17.61
CA ILE CB 16 98.21 -29.82 18.59
C ILE CB 16 96.73 -29.65 18.93
N GLU CB 17 95.97 -30.74 18.85
CA GLU CB 17 94.56 -30.73 19.18
C GLU CB 17 94.37 -31.24 20.61
N VAL CB 18 93.49 -30.58 21.36
CA VAL CB 18 93.19 -30.97 22.74
C VAL CB 18 91.70 -31.25 22.84
N ASP CB 19 91.36 -32.45 23.32
CA ASP CB 19 89.97 -32.89 23.44
C ASP CB 19 89.51 -32.90 24.89
N ASP CB 20 89.96 -31.91 25.68
CA ASP CB 20 89.61 -31.83 27.09
C ASP CB 20 89.35 -30.38 27.46
N GLU CB 21 88.15 -30.11 27.98
CA GLU CB 21 87.84 -28.76 28.45
C GLU CB 21 88.52 -28.46 29.78
N ARG CB 22 88.79 -29.49 30.60
CA ARG CB 22 89.53 -29.30 31.82
C ARG CB 22 90.97 -28.89 31.53
N LYS CB 23 91.53 -29.37 30.42
CA LYS CB 23 92.87 -28.97 30.01
C LYS CB 23 92.92 -27.48 29.67
N LEU CB 24 91.83 -26.95 29.14
CA LEU CB 24 91.79 -25.61 28.55
C LEU CB 24 91.23 -24.55 29.49
N ARG CB 25 91.02 -24.84 30.78
CA ARG CB 25 90.44 -23.85 31.68
C ARG CB 25 91.34 -22.66 31.92
N THR CB 26 92.67 -22.86 31.90
CA THR CB 26 93.60 -21.75 32.12
C THR CB 26 93.70 -20.81 30.93
N PHE CB 27 93.27 -21.24 29.75
CA PHE CB 27 93.32 -20.37 28.58
C PHE CB 27 92.08 -19.51 28.43
N TYR CB 28 90.94 -19.98 28.93
CA TYR CB 28 89.67 -19.32 28.68
C TYR CB 28 89.60 -17.97 29.38
N GLU CB 29 88.84 -17.04 28.77
CA GLU CB 29 88.66 -15.68 29.26
C GLU CB 29 90.03 -14.99 29.41
N LYS CB 30 90.76 -14.92 28.29
CA LYS CB 30 92.01 -14.18 28.22
C LYS CB 30 92.03 -13.38 26.92
N ARG CB 31 92.57 -12.16 27.01
CA ARG CB 31 92.61 -11.25 25.87
C ARG CB 31 93.89 -11.37 25.06
N MET CB 32 94.11 -10.42 24.15
CA MET CB 32 95.35 -10.35 23.38
C MET CB 32 96.53 -10.05 24.27
N ALA CB 33 97.64 -10.73 23.97
CA ALA CB 33 98.95 -10.49 24.59
C ALA CB 33 98.87 -10.62 26.11
N THR CB 34 98.47 -11.80 26.57
CA THR CB 34 98.35 -12.08 27.99
C THR CB 34 99.23 -13.25 28.36
N GLU CB 35 100.06 -13.06 29.38
CA GLU CB 35 100.92 -14.13 29.88
C GLU CB 35 100.07 -15.11 30.68
N VAL CB 36 100.01 -16.36 30.21
CA VAL CB 36 99.19 -17.40 30.82
C VAL CB 36 100.12 -18.52 31.27
N ALA CB 37 99.98 -18.93 32.54
CA ALA CB 37 100.78 -20.03 33.08
C ALA CB 37 100.33 -21.32 32.42
N ALA CB 38 101.15 -21.82 31.49
CA ALA CB 38 100.82 -23.02 30.73
C ALA CB 38 101.47 -24.27 31.32
N ASP CB 39 101.63 -24.31 32.65
CA ASP CB 39 102.17 -25.46 33.33
C ASP CB 39 101.13 -26.56 33.59
N ALA CB 40 99.87 -26.31 33.25
CA ALA CB 40 98.82 -27.31 33.35
C ALA CB 40 98.48 -27.93 32.01
N LEU CB 41 99.27 -27.66 30.96
CA LEU CB 41 99.02 -28.22 29.64
C LEU CB 41 99.43 -29.68 29.50
N GLY CB 42 100.23 -30.20 30.41
CA GLY CB 42 100.66 -31.58 30.33
C GLY CB 42 101.78 -31.86 31.30
N GLU CB 43 102.28 -33.10 31.23
CA GLU CB 43 103.34 -33.51 32.14
C GLU CB 43 104.68 -32.89 31.74
N GLU CB 44 104.97 -32.86 30.44
CA GLU CB 44 106.25 -32.39 29.94
C GLU CB 44 106.27 -30.91 29.57
N TRP CB 45 105.16 -30.20 29.78
CA TRP CB 45 105.14 -28.74 29.67
C TRP CB 45 105.14 -28.12 31.07
N LYS CB 46 106.34 -27.93 31.61
CA LYS CB 46 106.52 -27.35 32.93
C LYS CB 46 107.29 -26.04 32.79
N GLY CB 47 106.77 -24.98 33.41
CA GLY CB 47 107.42 -23.69 33.38
C GLY CB 47 107.20 -22.90 32.10
N TYR CB 48 106.41 -23.39 31.17
CA TYR CB 48 106.15 -22.69 29.91
C TYR CB 48 105.18 -21.55 30.15
N VAL CB 49 105.61 -20.33 29.89
CA VAL CB 49 104.74 -19.15 29.91
C VAL CB 49 104.45 -18.78 28.46
N VAL CB 50 103.19 -18.90 28.06
CA VAL CB 50 102.80 -18.77 26.66
C VAL CB 50 101.93 -17.53 26.50
N ARG CB 51 101.93 -16.98 25.29
CA ARG CB 51 101.13 -15.80 24.96
C ARG CB 51 100.02 -16.20 24.01
N ILE CB 52 98.80 -15.82 24.33
CA ILE CB 52 97.62 -16.19 23.55
C ILE CB 52 97.32 -15.09 22.54
N SER CB 53 96.98 -15.49 21.31
CA SER CB 53 96.68 -14.53 20.25
C SER CB 53 95.38 -14.80 19.51
N GLY CB 54 94.77 -15.96 19.62
CA GLY CB 54 93.50 -16.23 19.00
C GLY CB 54 93.64 -16.74 17.57
N GLY CB 55 92.56 -17.32 17.06
CA GLY CB 55 92.53 -17.89 15.73
C GLY CB 55 91.15 -17.84 15.13
N ASN CB 56 90.79 -18.90 14.40
CA ASN CB 56 89.51 -18.95 13.69
C ASN CB 56 88.47 -19.73 14.49
N ASP CB 57 87.21 -19.48 14.17
CA ASP CB 57 86.08 -20.13 14.81
C ASP CB 57 85.69 -21.38 14.02
N LYS CB 58 84.54 -21.98 14.35
CA LYS CB 58 84.06 -23.17 13.66
C LYS CB 58 83.46 -22.87 12.29
N GLN CB 59 83.35 -21.60 11.90
CA GLN CB 59 82.85 -21.24 10.59
C GLN CB 59 83.94 -20.71 9.66
N GLY CB 60 85.07 -20.28 10.20
CA GLY CB 60 86.16 -19.77 9.38
C GLY CB 60 86.27 -18.26 9.43
N PHE CB 61 85.94 -17.67 10.58
CA PHE CB 61 86.03 -16.24 10.77
C PHE CB 61 87.20 -15.91 11.69
N PRO CB 62 88.20 -15.19 11.21
CA PRO CB 62 89.33 -14.82 12.08
C PRO CB 62 88.89 -13.82 13.15
N MET CB 63 89.63 -13.82 14.24
CA MET CB 63 89.37 -12.91 15.35
C MET CB 63 90.06 -11.57 15.08
N LYS CB 64 89.81 -10.60 15.96
CA LYS CB 64 90.26 -9.24 15.74
C LYS CB 64 90.92 -8.69 16.98
N GLN CB 65 91.54 -7.51 16.82
CA GLN CB 65 92.28 -6.85 17.88
C GLN CB 65 91.46 -5.69 18.42
N GLY CB 66 91.11 -5.77 19.72
CA GLY CB 66 90.50 -4.66 20.42
C GLY CB 66 89.00 -4.54 20.28
N VAL CB 67 88.34 -5.45 19.55
CA VAL CB 67 86.90 -5.33 19.36
C VAL CB 67 86.13 -5.53 20.66
N LEU CB 68 86.73 -6.22 21.64
CA LEU CB 68 86.19 -6.39 22.99
C LEU CB 68 84.79 -7.03 22.97
N THR CB 69 84.59 -7.99 22.08
CA THR CB 69 83.34 -8.73 22.01
C THR CB 69 83.61 -10.22 22.16
N HIS CB 70 82.56 -11.04 22.12
CA HIS CB 70 82.70 -12.49 22.25
C HIS CB 70 81.99 -13.28 21.17
N GLY CB 71 81.05 -12.68 20.42
CA GLY CB 71 80.30 -13.42 19.44
C GLY CB 71 80.80 -13.29 18.02
N ARG CB 72 80.06 -12.56 17.18
CA ARG CB 72 80.40 -12.44 15.77
C ARG CB 72 79.91 -11.08 15.29
N VAL CB 73 80.85 -10.20 14.96
CA VAL CB 73 80.52 -8.85 14.52
C VAL CB 73 81.06 -8.64 13.11
N ARG CB 74 80.44 -7.69 12.40
CA ARG CB 74 80.86 -7.31 11.06
C ARG CB 74 81.46 -5.91 11.16
N LEU CB 75 82.70 -5.76 10.73
CA LEU CB 75 83.46 -4.54 10.95
C LEU CB 75 84.09 -4.06 9.65
N LEU CB 76 83.99 -2.75 9.40
CA LEU CB 76 84.69 -2.14 8.28
C LEU CB 76 86.15 -1.90 8.64
N LEU CB 77 87.03 -2.13 7.66
CA LEU CB 77 88.46 -1.90 7.86
C LEU CB 77 89.00 -0.94 6.81
N SER CB 78 90.31 -0.70 6.85
CA SER CB 78 90.95 0.22 5.91
C SER CB 78 92.41 -0.17 5.76
N LYS CB 79 93.10 0.52 4.85
CA LYS CB 79 94.52 0.29 4.65
C LYS CB 79 95.30 0.74 5.88
N GLY CB 80 96.33 -0.03 6.24
CA GLY CB 80 97.09 0.21 7.44
C GLY CB 80 96.62 -0.58 8.65
N HIS CB 81 95.50 -1.29 8.54
CA HIS CB 81 95.00 -2.15 9.60
C HIS CB 81 94.95 -3.58 9.09
N SER CB 82 95.22 -4.53 9.98
CA SER CB 82 95.32 -5.94 9.62
C SER CB 82 93.93 -6.54 9.42
N CYS CB 83 93.92 -7.86 9.18
CA CYS CB 83 92.72 -8.68 9.02
C CYS CB 83 91.86 -8.27 7.82
N TYR CB 84 92.41 -7.48 6.91
CA TYR CB 84 91.71 -7.09 5.68
C TYR CB 84 92.72 -6.58 4.68
N ARG CB 85 92.78 -7.22 3.51
CA ARG CB 85 93.66 -6.75 2.45
C ARG CB 85 92.88 -5.80 1.53
N PRO CB 86 93.37 -4.57 1.32
CA PRO CB 86 92.69 -3.65 0.39
C PRO CB 86 92.93 -4.08 -1.05
N ARG CB 87 91.87 -4.55 -1.71
CA ARG CB 87 91.97 -4.94 -3.12
C ARG CB 87 91.98 -3.71 -4.01
N ARG CB 88 90.92 -2.91 -3.96
CA ARG CB 88 91.01 -1.56 -4.50
C ARG CB 88 91.70 -0.65 -3.48
N THR CB 89 92.24 0.47 -3.97
CA THR CB 89 93.07 1.33 -3.15
C THR CB 89 92.19 2.10 -2.19
N GLY CB 90 92.18 1.67 -0.92
CA GLY CB 90 91.41 2.34 0.11
C GLY CB 90 89.96 1.95 0.20
N GLU CB 91 89.58 0.79 -0.33
CA GLU CB 91 88.19 0.36 -0.33
C GLU CB 91 87.76 -0.05 1.08
N ARG CB 92 86.54 0.35 1.45
CA ARG CB 92 85.95 -0.03 2.73
C ARG CB 92 85.00 -1.20 2.52
N LYS CB 93 85.10 -2.21 3.38
CA LYS CB 93 84.27 -3.40 3.25
C LYS CB 93 84.09 -4.00 4.64
N ARG CB 94 82.85 -4.35 4.97
CA ARG CB 94 82.61 -5.01 6.25
C ARG CB 94 83.05 -6.46 6.14
N LYS CB 95 83.41 -7.05 7.29
CA LYS CB 95 83.87 -8.42 7.31
C LYS CB 95 83.48 -9.06 8.64
N SER CB 96 82.95 -10.28 8.56
CA SER CB 96 82.57 -11.01 9.76
C SER CB 96 83.81 -11.45 10.50
N VAL CB 97 84.06 -10.84 11.66
CA VAL CB 97 85.21 -11.17 12.48
C VAL CB 97 84.72 -11.66 13.84
N ARG CB 98 85.61 -12.26 14.61
CA ARG CB 98 85.27 -12.78 15.92
C ARG CB 98 85.92 -11.91 16.99
N GLY CB 99 85.44 -12.07 18.23
CA GLY CB 99 85.90 -11.26 19.32
C GLY CB 99 87.34 -11.55 19.72
N CYS CB 100 87.92 -10.58 20.43
CA CYS CB 100 89.30 -10.72 20.90
C CYS CB 100 89.41 -11.68 22.07
N ILE CB 101 88.31 -11.98 22.75
CA ILE CB 101 88.34 -12.90 23.88
C ILE CB 101 88.29 -14.32 23.34
N VAL CB 102 88.85 -15.27 24.10
CA VAL CB 102 88.87 -16.66 23.70
C VAL CB 102 87.88 -17.44 24.57
N ASP CB 103 87.14 -18.35 23.94
CA ASP CB 103 86.13 -19.15 24.62
C ASP CB 103 86.14 -20.54 24.00
N ALA CB 104 85.11 -21.32 24.31
CA ALA CB 104 84.98 -22.67 23.77
C ALA CB 104 84.40 -22.69 22.36
N ASN CB 105 83.96 -21.54 21.84
CA ASN CB 105 83.44 -21.46 20.47
C ASN CB 105 84.59 -21.09 19.52
N LEU CB 106 85.59 -21.95 19.49
CA LEU CB 106 86.79 -21.75 18.70
C LEU CB 106 87.19 -23.08 18.07
N SER CB 107 88.02 -22.99 17.02
CA SER CB 107 88.53 -24.17 16.34
C SER CB 107 90.04 -24.28 16.43
N VAL CB 108 90.77 -23.20 16.15
CA VAL CB 108 92.23 -23.18 16.20
C VAL CB 108 92.65 -22.01 17.06
N LEU CB 109 93.53 -22.27 18.03
CA LEU CB 109 94.12 -21.23 18.86
C LEU CB 109 95.59 -21.07 18.53
N ASN CB 110 96.00 -19.83 18.28
CA ASN CB 110 97.39 -19.51 17.94
C ASN CB 110 98.10 -19.03 19.19
N LEU CB 111 99.16 -19.75 19.58
CA LEU CB 111 99.88 -19.48 20.81
C LEU CB 111 101.34 -19.17 20.50
N VAL CB 112 101.93 -18.26 21.28
CA VAL CB 112 103.33 -17.87 21.15
C VAL CB 112 104.01 -18.11 22.48
N ILE CB 113 105.01 -18.99 22.49
CA ILE CB 113 105.77 -19.30 23.69
C ILE CB 113 106.87 -18.27 23.83
N VAL CB 114 106.81 -17.48 24.90
CA VAL CB 114 107.82 -16.47 25.16
C VAL CB 114 108.90 -16.98 26.11
N LYS CB 115 108.49 -17.66 27.18
CA LYS CB 115 109.40 -18.21 28.17
C LYS CB 115 109.53 -19.71 27.95
N LYS CB 116 110.76 -20.18 27.74
CA LYS CB 116 111.00 -21.59 27.53
C LYS CB 116 110.89 -22.37 28.83
N GLY CB 117 110.37 -23.59 28.74
CA GLY CB 117 110.18 -24.42 29.91
C GLY CB 117 111.42 -25.21 30.28
N GLU CB 118 111.34 -25.88 31.42
CA GLU CB 118 112.47 -26.68 31.91
C GLU CB 118 112.65 -27.95 31.09
N LYS CB 119 111.56 -28.66 30.81
CA LYS CB 119 111.64 -29.90 30.06
C LYS CB 119 111.71 -29.61 28.56
N ASP CB 120 112.04 -30.64 27.78
CA ASP CB 120 112.34 -30.50 26.36
C ASP CB 120 111.22 -31.09 25.53
N ILE CB 121 110.45 -30.23 24.86
CA ILE CB 121 109.50 -30.70 23.85
C ILE CB 121 110.26 -31.08 22.58
N PRO CB 122 109.96 -32.22 21.95
CA PRO CB 122 110.65 -32.58 20.70
C PRO CB 122 110.11 -31.89 19.46
N GLY CB 123 109.26 -30.87 19.60
CA GLY CB 123 108.67 -30.23 18.44
C GLY CB 123 109.32 -28.92 18.04
N LEU CB 124 109.62 -28.07 19.02
CA LEU CB 124 110.18 -26.75 18.76
C LEU CB 124 111.54 -26.53 19.40
N THR CB 125 111.77 -27.07 20.60
CA THR CB 125 113.08 -26.94 21.22
C THR CB 125 114.13 -27.82 20.55
N ASP CB 126 113.71 -28.91 19.91
CA ASP CB 126 114.67 -29.82 19.29
C ASP CB 126 115.15 -29.30 17.94
N THR CB 127 114.20 -29.04 17.03
CA THR CB 127 114.53 -28.62 15.68
C THR CB 127 114.51 -27.08 15.62
N THR CB 128 115.66 -26.49 15.31
CA THR CB 128 115.78 -25.05 15.15
C THR CB 128 115.74 -24.71 13.67
N VAL CB 129 114.77 -23.90 13.28
CA VAL CB 129 114.60 -23.52 11.87
C VAL CB 129 115.68 -22.50 11.50
N PRO CB 130 116.46 -22.77 10.45
CA PRO CB 130 117.47 -21.80 10.01
C PRO CB 130 116.83 -20.58 9.37
N ARG CB 131 117.61 -19.51 9.32
CA ARG CB 131 117.13 -18.25 8.75
C ARG CB 131 116.94 -18.39 7.24
N ARG CB 132 115.85 -17.79 6.75
CA ARG CB 132 115.50 -17.87 5.33
C ARG CB 132 116.17 -16.74 4.54
N LEU CB 133 115.90 -15.50 4.91
CA LEU CB 133 116.53 -14.33 4.31
C LEU CB 133 117.33 -13.58 5.37
N GLY CB 134 118.59 -13.31 5.06
CA GLY CB 134 119.42 -12.50 5.92
C GLY CB 134 119.19 -11.03 5.67
N PRO CB 135 119.92 -10.18 6.38
CA PRO CB 135 119.79 -8.73 6.15
C PRO CB 135 120.26 -8.34 4.77
N LYS CB 136 119.60 -7.33 4.21
CA LYS CB 136 119.90 -6.81 2.87
C LYS CB 136 120.44 -5.40 2.91
N ARG CB 137 119.90 -4.54 3.77
CA ARG CB 137 120.46 -3.21 3.97
C ARG CB 137 121.82 -3.33 4.63
N ALA CB 138 122.79 -2.52 4.16
CA ALA CB 138 124.14 -2.58 4.70
C ALA CB 138 124.21 -2.13 6.16
N SER CB 139 123.24 -1.33 6.62
CA SER CB 139 123.23 -0.91 8.01
C SER CB 139 122.83 -2.05 8.95
N ARG CB 140 121.89 -2.90 8.53
CA ARG CB 140 121.57 -4.08 9.33
C ARG CB 140 122.70 -5.10 9.31
N ILE CB 141 123.51 -5.11 8.24
CA ILE CB 141 124.75 -5.87 8.26
C ILE CB 141 125.71 -5.30 9.29
N ARG CB 142 125.78 -3.96 9.40
CA ARG CB 142 126.58 -3.33 10.44
C ARG CB 142 126.02 -3.61 11.82
N LYS CB 143 124.70 -3.76 11.94
CA LYS CB 143 124.10 -4.09 13.23
C LYS CB 143 124.33 -5.55 13.60
N LEU CB 144 124.23 -6.46 12.63
CA LEU CB 144 124.35 -7.89 12.90
C LEU CB 144 125.80 -8.31 13.10
N PHE CB 145 126.67 -7.91 12.19
CA PHE CB 145 128.08 -8.32 12.21
C PHE CB 145 128.96 -7.35 12.98
N ASN CB 146 128.38 -6.31 13.59
CA ASN CB 146 129.11 -5.30 14.36
C ASN CB 146 130.20 -4.65 13.52
N LEU CB 147 129.76 -4.03 12.43
CA LEU CB 147 130.67 -3.37 11.48
C LEU CB 147 130.65 -1.87 11.68
N SER CB 148 131.80 -1.24 11.40
CA SER CB 148 131.95 0.19 11.52
C SER CB 148 131.63 0.87 10.19
N LYS CB 149 131.98 2.15 10.08
CA LYS CB 149 131.80 2.88 8.84
C LYS CB 149 132.92 2.62 7.84
N GLU CB 150 134.12 2.29 8.34
CA GLU CB 150 135.29 2.22 7.47
C GLU CB 150 135.46 0.86 6.81
N ASP CB 151 135.10 -0.22 7.49
CA ASP CB 151 135.34 -1.56 6.96
C ASP CB 151 134.38 -1.86 5.80
N ASP CB 152 134.82 -2.76 4.92
CA ASP CB 152 134.05 -3.08 3.74
C ASP CB 152 132.84 -3.92 4.09
N VAL CB 153 131.74 -3.70 3.35
CA VAL CB 153 130.51 -4.47 3.52
C VAL CB 153 130.40 -5.59 2.49
N ARG CB 154 131.07 -5.44 1.33
CA ARG CB 154 130.95 -6.43 0.26
C ARG CB 154 131.47 -7.80 0.67
N GLN CB 155 132.59 -7.84 1.40
CA GLN CB 155 133.13 -9.11 1.86
C GLN CB 155 132.25 -9.74 2.94
N TYR CB 156 131.47 -8.93 3.65
CA TYR CB 156 130.60 -9.41 4.73
C TYR CB 156 129.17 -9.66 4.27
N VAL CB 157 128.98 -10.00 2.99
CA VAL CB 157 127.65 -10.29 2.48
C VAL CB 157 127.21 -11.67 2.94
N VAL CB 158 125.91 -11.86 3.10
CA VAL CB 158 125.33 -13.13 3.52
C VAL CB 158 124.86 -13.85 2.26
N ARG CB 159 125.64 -14.82 1.80
CA ARG CB 159 125.32 -15.59 0.62
C ARG CB 159 124.65 -16.90 1.01
N LYS CB 160 124.16 -17.62 0.00
CA LYS CB 160 123.43 -18.86 0.20
C LYS CB 160 123.95 -19.93 -0.78
N PRO CB 161 124.13 -21.16 -0.31
CA PRO CB 161 124.50 -22.25 -1.24
C PRO CB 161 123.30 -22.71 -2.05
N LEU CB 162 123.52 -22.90 -3.35
CA LEU CB 162 122.46 -23.32 -4.27
C LEU CB 162 122.92 -24.55 -5.02
N ASN CB 163 122.20 -25.67 -4.85
CA ASN CB 163 122.55 -26.90 -5.53
C ASN CB 163 121.29 -27.71 -5.78
N LYS CB 164 121.28 -28.41 -6.91
CA LYS CB 164 120.18 -29.29 -7.27
C LYS CB 164 120.69 -30.33 -8.26
N GLU CB 165 119.87 -31.35 -8.50
CA GLU CB 165 120.23 -32.41 -9.42
C GLU CB 165 120.14 -31.92 -10.86
N GLY CB 166 121.17 -32.22 -11.65
CA GLY CB 166 121.23 -31.84 -13.05
C GLY CB 166 121.99 -30.56 -13.31
N LYS CB 167 122.29 -29.78 -12.29
CA LYS CB 167 123.01 -28.53 -12.43
C LYS CB 167 124.18 -28.49 -11.46
N LYS CB 168 125.12 -27.61 -11.74
CA LYS CB 168 126.30 -27.44 -10.90
C LYS CB 168 125.94 -26.71 -9.61
N PRO CB 169 126.68 -26.97 -8.53
CA PRO CB 169 126.47 -26.22 -7.28
C PRO CB 169 126.85 -24.76 -7.47
N ARG CB 170 125.90 -23.86 -7.15
CA ARG CB 170 126.07 -22.43 -7.35
C ARG CB 170 125.93 -21.70 -6.02
N THR CB 171 126.23 -20.41 -6.06
CA THR CB 171 126.02 -19.53 -4.92
C THR CB 171 125.46 -18.20 -5.42
N LYS CB 172 124.56 -17.61 -4.65
CA LYS CB 172 123.92 -16.36 -5.01
C LYS CB 172 124.02 -15.37 -3.85
N ALA CB 173 124.26 -14.10 -4.17
CA ALA CB 173 124.38 -13.06 -3.18
C ALA CB 173 123.37 -11.95 -3.41
N PRO CB 174 122.84 -11.35 -2.36
CA PRO CB 174 121.86 -10.27 -2.54
C PRO CB 174 122.51 -8.99 -3.05
N LYS CB 175 121.70 -8.22 -3.79
CA LYS CB 175 122.11 -6.89 -4.21
C LYS CB 175 121.97 -5.93 -3.04
N ILE CB 176 123.09 -5.39 -2.57
CA ILE CB 176 123.11 -4.58 -1.36
C ILE CB 176 122.59 -3.19 -1.68
N GLN CB 177 121.62 -2.72 -0.90
CA GLN CB 177 121.03 -1.40 -1.06
C GLN CB 177 121.66 -0.41 -0.09
N ARG CB 178 121.71 0.85 -0.51
CA ARG CB 178 122.27 1.95 0.27
C ARG CB 178 123.73 1.69 0.66
N LEU CB 179 124.49 1.08 -0.24
CA LEU CB 179 125.91 0.84 -0.03
C LEU CB 179 126.72 1.99 -0.63
N VAL CB 180 127.84 2.32 0.01
CA VAL CB 180 128.70 3.39 -0.46
C VAL CB 180 129.29 3.01 -1.80
N THR CB 181 128.97 3.80 -2.83
CA THR CB 181 129.26 3.51 -4.23
C THR CB 181 129.72 4.80 -4.90
N PRO CB 182 130.77 4.76 -5.73
CA PRO CB 182 131.14 5.95 -6.49
C PRO CB 182 130.13 6.35 -7.56
N ARG CB 183 129.15 5.50 -7.86
CA ARG CB 183 128.05 5.92 -8.72
C ARG CB 183 127.17 6.98 -8.06
N VAL CB 184 126.77 6.74 -6.81
CA VAL CB 184 125.94 7.73 -6.11
C VAL CB 184 126.78 8.94 -5.71
N LEU CB 185 128.09 8.73 -5.48
CA LEU CB 185 129.00 9.85 -5.30
C LEU CB 185 129.12 10.70 -6.55
N GLN CB 186 129.03 10.07 -7.74
CA GLN CB 186 128.89 10.84 -8.97
C GLN CB 186 127.56 11.59 -9.00
N HIS CB 187 126.50 10.95 -8.50
CA HIS CB 187 125.20 11.61 -8.40
C HIS CB 187 125.22 12.73 -7.37
N LYS CB 188 125.90 12.50 -6.24
CA LYS CB 188 125.99 13.53 -5.20
C LYS CB 188 126.77 14.75 -5.68
N ARG CB 189 127.88 14.52 -6.39
CA ARG CB 189 128.63 15.64 -6.95
C ARG CB 189 127.90 16.30 -8.11
N ARG CB 190 127.00 15.59 -8.78
CA ARG CB 190 126.22 16.19 -9.86
C ARG CB 190 125.16 17.14 -9.32
N ARG CB 191 124.44 16.72 -8.28
CA ARG CB 191 123.35 17.56 -7.77
C ARG CB 191 123.86 18.80 -7.07
N ILE CB 192 125.08 18.75 -6.51
CA ILE CB 192 125.69 19.96 -5.99
C ILE CB 192 126.35 20.77 -7.09
N ALA CB 193 126.65 20.16 -8.24
CA ALA CB 193 127.16 20.92 -9.38
C ALA CB 193 126.05 21.75 -10.01
N LEU CB 194 124.84 21.20 -10.10
CA LEU CB 194 123.70 21.99 -10.57
C LEU CB 194 123.37 23.12 -9.62
N LYS CB 195 123.65 22.93 -8.32
CA LYS CB 195 123.56 24.05 -7.39
C LYS CB 195 124.62 25.10 -7.68
N LYS CB 196 125.82 24.67 -8.07
CA LYS CB 196 126.84 25.62 -8.51
C LYS CB 196 126.48 26.26 -9.85
N GLN CB 197 126.06 25.45 -10.82
CA GLN CB 197 125.81 25.97 -12.16
C GLN CB 197 124.61 26.92 -12.20
N ARG CB 198 123.54 26.60 -11.47
CA ARG CB 198 122.40 27.52 -11.41
C ARG CB 198 122.74 28.79 -10.65
N THR CB 199 123.61 28.70 -9.65
CA THR CB 199 124.08 29.90 -8.96
C THR CB 199 124.90 30.79 -9.89
N LYS CB 200 125.78 30.19 -10.70
CA LYS CB 200 126.58 30.98 -11.63
C LYS CB 200 125.76 31.49 -12.80
N LYS CB 201 124.78 30.71 -13.26
CA LYS CB 201 124.01 31.09 -14.45
C LYS CB 201 123.13 32.31 -14.18
N ASN CB 202 122.38 32.29 -13.07
CA ASN CB 202 121.53 33.43 -12.75
C ASN CB 202 122.31 34.64 -12.27
N LYS CB 203 123.52 34.44 -11.74
CA LYS CB 203 124.33 35.58 -11.33
C LYS CB 203 124.80 36.39 -12.53
N GLU CB 204 125.25 35.71 -13.59
CA GLU CB 204 125.63 36.39 -14.82
C GLU CB 204 124.41 36.84 -15.61
N GLU CB 205 123.31 36.09 -15.53
CA GLU CB 205 122.08 36.50 -16.21
C GLU CB 205 121.51 37.77 -15.57
N ALA CB 206 121.63 37.89 -14.25
CA ALA CB 206 121.28 39.15 -13.60
C ALA CB 206 122.31 40.23 -13.90
N ALA CB 207 123.58 39.84 -14.09
CA ALA CB 207 124.62 40.81 -14.41
C ALA CB 207 124.43 41.42 -15.80
N GLU CB 208 124.01 40.61 -16.77
CA GLU CB 208 123.76 41.15 -18.10
C GLU CB 208 122.46 41.93 -18.14
N TYR CB 209 121.49 41.57 -17.28
CA TYR CB 209 120.27 42.36 -17.19
C TYR CB 209 120.54 43.69 -16.49
N ALA CB 210 121.42 43.70 -15.48
CA ALA CB 210 121.76 44.93 -14.79
C ALA CB 210 122.46 45.92 -15.72
N LYS CB 211 123.36 45.41 -16.58
CA LYS CB 211 123.94 46.27 -17.60
C LYS CB 211 122.90 46.68 -18.65
N LEU CB 212 121.97 45.78 -18.98
CA LEU CB 212 120.84 46.15 -19.81
C LEU CB 212 119.94 47.16 -19.11
N LEU CB 213 119.73 47.01 -17.80
CA LEU CB 213 119.02 48.03 -17.04
C LEU CB 213 119.80 49.32 -16.97
N ALA CB 214 121.12 49.23 -16.81
CA ALA CB 214 121.97 50.42 -16.87
C ALA CB 214 122.02 50.97 -18.29
N LYS CB 215 121.63 50.16 -19.28
CA LYS CB 215 121.61 50.64 -20.67
C LYS CB 215 120.42 51.56 -20.92
N ARG CB 216 119.25 51.30 -20.28
CA ARG CB 216 118.13 52.21 -20.50
C ARG CB 216 118.16 53.41 -19.56
N MET CB 217 118.65 53.25 -18.32
CA MET CB 217 118.46 54.32 -17.34
C MET CB 217 119.30 55.56 -17.67
N LYS CB 218 120.24 55.45 -18.61
CA LYS CB 218 120.94 56.62 -19.11
C LYS CB 218 120.21 57.29 -20.27
N GLU CB 219 119.58 56.52 -21.16
CA GLU CB 219 118.83 57.14 -22.25
C GLU CB 219 117.51 57.69 -21.76
N ALA CB 220 116.89 57.02 -20.78
CA ALA CB 220 115.63 57.51 -20.22
C ALA CB 220 115.83 58.78 -19.41
N LYS CB 221 116.93 58.87 -18.66
CA LYS CB 221 117.28 60.13 -18.00
C LYS CB 221 117.58 61.21 -19.03
N GLU CB 222 118.26 60.85 -20.12
CA GLU CB 222 118.50 61.80 -21.20
C GLU CB 222 117.22 62.11 -21.98
N LYS CB 223 116.30 61.14 -22.05
CA LYS CB 223 115.01 61.41 -22.69
C LYS CB 223 114.21 62.45 -21.91
N ARG CB 224 114.23 62.36 -20.58
CA ARG CB 224 113.62 63.40 -19.77
C ARG CB 224 114.44 64.67 -19.73
N GLN CB 225 115.77 64.56 -19.83
CA GLN CB 225 116.60 65.75 -19.95
C GLN CB 225 116.31 66.48 -21.26
N GLU CB 226 116.00 65.74 -22.32
CA GLU CB 226 115.55 66.37 -23.56
C GLU CB 226 114.12 66.87 -23.44
N GLN CB 227 113.28 66.20 -22.65
CA GLN CB 227 111.92 66.66 -22.42
C GLN CB 227 111.88 67.87 -21.47
N ILE CB 228 112.68 67.88 -20.41
CA ILE CB 228 112.82 69.08 -19.59
C ILE CB 228 113.50 70.20 -20.38
N ALA CB 229 114.34 69.85 -21.36
CA ALA CB 229 114.77 70.88 -22.31
C ALA CB 229 113.61 71.37 -23.16
N LYS CB 230 112.64 70.50 -23.47
CA LYS CB 230 111.53 70.91 -24.31
C LYS CB 230 110.57 71.86 -23.59
N ARG CB 231 110.36 71.67 -22.29
CA ARG CB 231 109.47 72.57 -21.56
C ARG CB 231 110.06 73.97 -21.44
N ARG CB 232 111.40 74.09 -21.40
CA ARG CB 232 112.04 75.40 -21.36
C ARG CB 232 111.88 76.17 -22.66
N ARG CB 233 111.82 75.47 -23.80
CA ARG CB 233 111.62 76.16 -25.08
C ARG CB 233 110.22 76.73 -25.20
N LEU CB 234 109.21 75.97 -24.76
CA LEU CB 234 107.83 76.44 -24.81
C LEU CB 234 107.56 77.55 -23.81
N SER CB 235 108.33 77.65 -22.74
CA SER CB 235 108.18 78.73 -21.78
C SER CB 235 108.76 80.04 -22.27
N SER CB 236 109.63 80.00 -23.29
CA SER CB 236 110.23 81.20 -23.85
C SER CB 236 109.68 81.54 -25.23
N LEU CB 237 108.60 80.87 -25.65
CA LEU CB 237 107.99 81.12 -26.95
C LEU CB 237 107.22 82.44 -26.95
N ALA DB 1 75.34 107.10 -36.36
CA ALA DB 1 74.68 106.65 -37.58
C ALA DB 1 73.48 105.76 -37.25
N LYS DB 2 72.51 105.73 -38.17
CA LYS DB 2 71.33 104.90 -37.97
C LYS DB 2 71.63 103.41 -38.09
N ILE DB 3 72.73 103.05 -38.78
CA ILE DB 3 73.09 101.65 -38.95
C ILE DB 3 73.57 101.08 -37.62
N VAL DB 4 73.16 99.85 -37.31
CA VAL DB 4 73.54 99.16 -36.08
C VAL DB 4 74.10 97.80 -36.45
N LYS DB 5 75.37 97.56 -36.09
CA LYS DB 5 76.02 96.29 -36.33
C LYS DB 5 76.25 95.57 -35.01
N PRO DB 6 75.67 94.38 -34.83
CA PRO DB 6 75.93 93.64 -33.58
C PRO DB 6 77.37 93.17 -33.44
N ASN DB 7 78.09 93.03 -34.54
CA ASN DB 7 79.49 92.60 -34.51
C ASN DB 7 80.41 93.82 -34.58
N GLY DB 8 81.68 93.58 -34.25
CA GLY DB 8 82.67 94.65 -34.18
C GLY DB 8 83.40 94.89 -35.49
N GLU DB 9 82.72 95.45 -36.48
CA GLU DB 9 83.34 95.79 -37.75
C GLU DB 9 82.66 97.03 -38.30
N LYS DB 10 83.35 97.71 -39.22
CA LYS DB 10 82.84 98.94 -39.81
C LYS DB 10 81.91 98.63 -40.98
N PRO DB 11 80.82 99.39 -41.12
CA PRO DB 11 79.95 99.21 -42.29
C PRO DB 11 80.64 99.68 -43.57
N ASP DB 12 80.21 99.10 -44.69
CA ASP DB 12 80.78 99.44 -45.98
C ASP DB 12 80.32 100.83 -46.40
N GLU DB 13 80.91 101.34 -47.49
CA GLU DB 13 80.59 102.68 -47.96
C GLU DB 13 79.18 102.81 -48.50
N PHE DB 14 78.54 101.69 -48.85
CA PHE DB 14 77.19 101.75 -49.40
C PHE DB 14 76.15 102.01 -48.31
N GLU DB 15 76.11 101.14 -47.30
CA GLU DB 15 75.11 101.28 -46.25
C GLU DB 15 75.44 102.41 -45.28
N SER DB 16 76.70 102.86 -45.22
CA SER DB 16 77.02 104.03 -44.41
C SER DB 16 76.38 105.29 -44.98
N GLY DB 17 76.36 105.42 -46.31
CA GLY DB 17 75.63 106.50 -46.94
C GLY DB 17 74.12 106.34 -46.86
N ILE DB 18 73.64 105.11 -46.72
CA ILE DB 18 72.21 104.88 -46.53
C ILE DB 18 71.78 105.35 -45.14
N SER DB 19 72.61 105.09 -44.13
CA SER DB 19 72.28 105.48 -42.76
C SER DB 19 72.21 107.00 -42.61
N GLN DB 20 73.11 107.74 -43.25
CA GLN DB 20 73.01 109.20 -43.23
C GLN DB 20 71.92 109.70 -44.17
N ALA DB 21 71.52 108.90 -45.16
CA ALA DB 21 70.40 109.27 -46.01
C ALA DB 21 69.08 109.19 -45.26
N LEU DB 22 68.94 108.24 -44.34
CA LEU DB 22 67.75 108.21 -43.50
C LEU DB 22 67.72 109.37 -42.53
N LEU DB 23 68.88 109.83 -42.07
CA LEU DB 23 68.94 110.99 -41.19
C LEU DB 23 68.50 112.26 -41.90
N GLU DB 24 68.95 112.49 -43.14
CA GLU DB 24 68.57 113.71 -43.85
C GLU DB 24 67.12 113.67 -44.28
N LEU DB 25 66.51 112.49 -44.35
CA LEU DB 25 65.07 112.40 -44.52
C LEU DB 25 64.31 112.78 -43.25
N GLU DB 26 64.98 112.78 -42.09
CA GLU DB 26 64.31 113.13 -40.85
C GLU DB 26 64.29 114.63 -40.61
N MET DB 27 65.46 115.29 -40.75
CA MET DB 27 65.55 116.73 -40.51
C MET DB 27 64.98 117.56 -41.66
N ASN DB 28 64.67 116.95 -42.80
CA ASN DB 28 64.01 117.68 -43.88
C ASN DB 28 62.50 117.60 -43.79
N SER DB 29 61.97 116.42 -43.46
CA SER DB 29 60.54 116.25 -43.29
C SER DB 29 60.16 116.46 -41.82
N ASP DB 30 58.92 116.10 -41.47
CA ASP DB 30 58.36 116.39 -40.16
C ASP DB 30 58.24 115.15 -39.27
N LEU DB 31 58.76 114.01 -39.70
CA LEU DB 31 58.67 112.79 -38.90
C LEU DB 31 59.92 112.63 -38.01
N LYS DB 32 60.23 113.71 -37.29
CA LYS DB 32 61.38 113.70 -36.39
C LYS DB 32 61.12 112.94 -35.11
N ALA DB 33 59.84 112.73 -34.74
CA ALA DB 33 59.54 112.13 -33.45
C ALA DB 33 59.79 110.64 -33.42
N GLN DB 34 59.73 109.96 -34.57
CA GLN DB 34 59.79 108.51 -34.62
C GLN DB 34 61.17 107.97 -35.00
N LEU DB 35 61.95 108.71 -35.78
CA LEU DB 35 63.20 108.21 -36.34
C LEU DB 35 64.41 108.53 -35.47
N ARG DB 36 64.20 109.08 -34.27
CA ARG DB 36 65.32 109.33 -33.38
C ARG DB 36 65.86 108.04 -32.76
N GLU DB 37 64.96 107.16 -32.29
CA GLU DB 37 65.36 105.92 -31.65
C GLU DB 37 65.04 104.68 -32.48
N LEU DB 38 64.67 104.85 -33.74
CA LEU DB 38 64.47 103.73 -34.66
C LEU DB 38 65.72 103.61 -35.51
N ASN DB 39 66.34 102.43 -35.47
CA ASN DB 39 67.59 102.19 -36.15
C ASN DB 39 67.40 101.03 -37.13
N ILE DB 40 68.45 100.73 -37.89
CA ILE DB 40 68.36 99.77 -38.97
C ILE DB 40 69.54 98.80 -38.82
N THR DB 41 69.30 97.51 -39.09
CA THR DB 41 70.33 96.52 -38.84
C THR DB 41 71.35 96.47 -39.97
N ALA DB 42 70.90 96.21 -41.19
CA ALA DB 42 71.84 95.97 -42.30
C ALA DB 42 71.17 96.30 -43.63
N ALA DB 43 72.01 96.47 -44.65
CA ALA DB 43 71.57 96.80 -46.00
C ALA DB 43 72.45 96.07 -47.00
N LYS DB 44 71.83 95.53 -48.05
CA LYS DB 44 72.55 94.82 -49.10
C LYS DB 44 72.04 95.26 -50.46
N GLU DB 45 72.82 94.96 -51.50
CA GLU DB 45 72.49 95.32 -52.87
C GLU DB 45 72.50 94.08 -53.74
N ILE DB 46 71.38 93.81 -54.40
CA ILE DB 46 71.19 92.65 -55.26
C ILE DB 46 70.78 93.15 -56.64
N GLU DB 47 71.08 92.36 -57.67
CA GLU DB 47 70.74 92.69 -59.05
C GLU DB 47 69.53 91.86 -59.45
N VAL DB 48 68.46 92.53 -59.84
CA VAL DB 48 67.21 91.86 -60.17
C VAL DB 48 67.15 91.70 -61.69
N GLY DB 49 66.33 90.75 -62.14
CA GLY DB 49 66.23 90.38 -63.54
C GLY DB 49 65.89 91.54 -64.46
N GLY DB 50 66.63 91.63 -65.58
CA GLY DB 50 66.54 92.77 -66.46
C GLY DB 50 67.51 93.86 -66.07
N GLY DB 51 67.41 94.97 -66.80
CA GLY DB 51 68.26 96.12 -66.51
C GLY DB 51 67.76 96.92 -65.32
N ARG DB 52 67.87 96.33 -64.12
CA ARG DB 52 67.33 96.95 -62.93
C ARG DB 52 68.02 96.36 -61.72
N LYS DB 53 68.14 97.15 -60.65
CA LYS DB 53 68.71 96.70 -59.40
C LYS DB 53 67.64 96.77 -58.30
N ALA DB 54 67.76 95.86 -57.32
CA ALA DB 54 66.83 95.79 -56.21
C ALA DB 54 67.61 95.84 -54.91
N ILE DB 55 67.29 96.80 -54.05
CA ILE DB 55 67.95 96.97 -52.77
C ILE DB 55 67.12 96.29 -51.70
N ILE DB 56 67.78 95.56 -50.80
CA ILE DB 56 67.11 94.81 -49.74
C ILE DB 56 67.61 95.33 -48.40
N ILE DB 57 66.68 95.61 -47.49
CA ILE DB 57 66.98 96.25 -46.22
C ILE DB 57 66.50 95.32 -45.10
N PHE DB 58 67.38 95.08 -44.12
CA PHE DB 58 67.07 94.22 -42.99
C PHE DB 58 66.67 95.07 -41.79
N VAL DB 59 65.57 94.69 -41.14
CA VAL DB 59 64.88 95.52 -40.17
C VAL DB 59 64.92 94.82 -38.82
N PRO DB 60 65.17 95.54 -37.71
CA PRO DB 60 65.09 94.92 -36.39
C PRO DB 60 63.70 94.37 -36.08
N VAL DB 61 63.68 93.19 -35.46
CA VAL DB 61 62.44 92.53 -35.07
C VAL DB 61 61.66 93.27 -33.98
N PRO DB 62 62.23 93.66 -32.85
CA PRO DB 62 61.39 94.14 -31.74
C PRO DB 62 60.75 95.49 -31.98
N GLN DB 63 61.25 96.28 -32.94
CA GLN DB 63 60.70 97.58 -33.25
C GLN DB 63 59.82 97.55 -34.49
N LEU DB 64 59.31 96.37 -34.86
CA LEU DB 64 58.64 96.18 -36.15
C LEU DB 64 57.35 96.97 -36.26
N LYS DB 65 56.62 97.13 -35.16
CA LYS DB 65 55.25 97.66 -35.21
C LYS DB 65 55.22 99.06 -35.81
N SER DB 66 56.28 99.83 -35.65
CA SER DB 66 56.33 101.18 -36.21
C SER DB 66 56.61 101.17 -37.71
N PHE DB 67 57.37 100.19 -38.21
CA PHE DB 67 57.86 100.32 -39.59
C PHE DB 67 56.77 100.04 -40.63
N GLN DB 68 55.87 99.09 -40.38
CA GLN DB 68 54.77 98.95 -41.35
C GLN DB 68 53.75 100.07 -41.21
N LYS DB 69 53.70 100.75 -40.06
CA LYS DB 69 52.90 101.96 -39.97
C LYS DB 69 53.50 103.13 -40.72
N ILE DB 70 54.83 103.17 -40.87
CA ILE DB 70 55.48 104.18 -41.71
C ILE DB 70 55.89 103.62 -43.05
N GLN DB 71 55.54 102.36 -43.37
CA GLN DB 71 55.87 101.77 -44.66
C GLN DB 71 55.21 102.51 -45.81
N VAL DB 72 53.99 103.00 -45.59
CA VAL DB 72 53.27 103.74 -46.64
C VAL DB 72 53.96 105.07 -46.92
N ARG DB 73 54.48 105.72 -45.88
CA ARG DB 73 55.00 107.08 -46.00
C ARG DB 73 56.50 107.15 -46.26
N LEU DB 74 57.29 106.29 -45.62
CA LEU DB 74 58.74 106.37 -45.76
C LEU DB 74 59.22 105.90 -47.13
N VAL DB 75 58.51 104.94 -47.74
CA VAL DB 75 58.85 104.51 -49.09
C VAL DB 75 58.64 105.65 -50.08
N ARG DB 76 57.57 106.43 -49.90
CA ARG DB 76 57.32 107.57 -50.78
C ARG DB 76 58.42 108.62 -50.68
N GLU DB 77 58.94 108.87 -49.47
CA GLU DB 77 60.09 109.76 -49.33
C GLU DB 77 61.35 109.16 -49.91
N LEU DB 78 61.50 107.83 -49.86
CA LEU DB 78 62.64 107.16 -50.48
C LEU DB 78 62.44 106.97 -51.99
N GLU DB 79 61.21 107.11 -52.48
CA GLU DB 79 60.96 107.04 -53.92
C GLU DB 79 61.43 108.29 -54.65
N LYS DB 80 61.43 109.45 -53.99
CA LYS DB 80 62.01 110.65 -54.55
C LYS DB 80 63.54 110.60 -54.56
N LYS DB 81 64.15 109.88 -53.63
CA LYS DB 81 65.60 109.74 -53.59
C LYS DB 81 66.08 108.77 -54.67
N PHE DB 82 65.54 107.56 -54.68
CA PHE DB 82 65.88 106.54 -55.67
C PHE DB 82 64.59 106.15 -56.41
N SER DB 83 64.31 106.87 -57.49
CA SER DB 83 63.17 106.54 -58.35
C SER DB 83 63.47 105.39 -59.30
N GLY DB 84 64.74 105.12 -59.59
CA GLY DB 84 65.12 104.00 -60.42
C GLY DB 84 65.38 102.72 -59.67
N LYS DB 85 65.10 102.68 -58.37
CA LYS DB 85 65.35 101.49 -57.56
C LYS DB 85 64.29 101.42 -56.47
N HIS DB 86 63.56 100.31 -56.43
CA HIS DB 86 62.55 100.10 -55.41
C HIS DB 86 63.17 99.56 -54.14
N VAL DB 87 62.74 100.11 -53.00
CA VAL DB 87 63.27 99.74 -51.70
C VAL DB 87 62.17 99.00 -50.91
N VAL DB 88 62.57 97.92 -50.24
CA VAL DB 88 61.65 97.13 -49.42
C VAL DB 88 62.33 96.88 -48.08
N PHE DB 89 61.50 96.67 -47.05
CA PHE DB 89 61.98 96.41 -45.70
C PHE DB 89 61.55 95.01 -45.28
N ILE DB 90 62.52 94.18 -44.87
CA ILE DB 90 62.23 92.87 -44.30
C ILE DB 90 62.93 92.76 -42.95
N ALA DB 91 62.35 91.94 -42.07
CA ALA DB 91 62.93 91.73 -40.77
C ALA DB 91 64.14 90.78 -40.86
N GLN DB 92 65.12 91.02 -39.99
CA GLN DB 92 66.34 90.23 -39.97
C GLN DB 92 66.10 88.98 -39.10
N ARG DB 93 65.93 87.84 -39.76
CA ARG DB 93 65.73 86.57 -39.07
C ARG DB 93 66.75 85.56 -39.59
N ARG DB 94 67.37 84.83 -38.66
CA ARG DB 94 68.37 83.83 -38.99
C ARG DB 94 67.77 82.43 -38.87
N ILE DB 95 68.60 81.43 -39.18
CA ILE DB 95 68.15 80.04 -39.16
C ILE DB 95 68.87 79.28 -38.05
N LEU DB 96 68.17 79.04 -36.95
CA LEU DB 96 68.73 78.23 -35.88
C LEU DB 96 68.80 76.77 -36.34
N PRO DB 97 69.95 76.13 -36.25
CA PRO DB 97 70.10 74.79 -36.82
C PRO DB 97 69.31 73.73 -36.06
N LYS DB 98 68.93 72.69 -36.80
CA LYS DB 98 68.27 71.54 -36.20
C LYS DB 98 69.25 70.79 -35.33
N PRO DB 99 68.85 70.33 -34.13
CA PRO DB 99 69.79 69.59 -33.28
C PRO DB 99 70.13 68.22 -33.84
N THR DB 100 71.35 68.11 -34.38
CA THR DB 100 71.87 66.88 -34.94
C THR DB 100 72.29 65.96 -33.79
N ARG DB 101 72.30 64.64 -34.07
CA ARG DB 101 72.75 63.66 -33.07
C ARG DB 101 74.17 63.95 -32.59
N LYS DB 102 75.03 64.48 -33.46
CA LYS DB 102 76.38 64.89 -33.08
C LYS DB 102 76.46 66.34 -32.64
N SER DB 103 75.35 67.06 -32.62
CA SER DB 103 75.36 68.46 -32.20
C SER DB 103 75.24 68.56 -30.68
N LYS DB 108 72.61 72.62 -23.66
CA LYS DB 108 71.97 73.13 -24.87
C LYS DB 108 70.45 73.15 -24.72
N GLN DB 109 69.85 74.29 -25.04
CA GLN DB 109 68.40 74.45 -24.91
C GLN DB 109 67.69 73.98 -26.17
N LYS DB 110 66.37 73.83 -26.05
CA LYS DB 110 65.54 73.45 -27.19
C LYS DB 110 65.50 74.57 -28.23
N ARG DB 111 65.56 74.19 -29.50
CA ARG DB 111 65.39 75.15 -30.58
C ARG DB 111 63.95 75.63 -30.59
N PRO DB 112 63.69 76.93 -30.45
CA PRO DB 112 62.31 77.42 -30.49
C PRO DB 112 61.72 77.29 -31.89
N ARG DB 113 60.45 76.88 -31.95
CA ARG DB 113 59.83 76.64 -33.23
C ARG DB 113 59.28 77.90 -33.89
N SER DB 114 59.31 79.04 -33.18
CA SER DB 114 59.04 80.31 -33.81
C SER DB 114 60.25 80.88 -34.53
N ARG DB 115 61.42 80.22 -34.39
CA ARG DB 115 62.65 80.65 -35.03
C ARG DB 115 63.19 79.60 -36.00
N THR DB 116 62.36 78.64 -36.39
CA THR DB 116 62.80 77.54 -37.24
C THR DB 116 62.81 77.97 -38.70
N LEU DB 117 63.25 77.05 -39.57
CA LEU DB 117 63.42 77.34 -40.99
C LEU DB 117 62.07 77.68 -41.64
N THR DB 118 61.03 76.92 -41.32
CA THR DB 118 59.74 77.15 -41.94
C THR DB 118 59.06 78.40 -41.39
N ALA DB 119 59.29 78.72 -40.11
CA ALA DB 119 58.70 79.92 -39.53
C ALA DB 119 59.38 81.18 -40.06
N VAL DB 120 60.70 81.13 -40.27
CA VAL DB 120 61.41 82.28 -40.81
C VAL DB 120 61.04 82.50 -42.27
N HIS DB 121 60.93 81.42 -43.05
CA HIS DB 121 60.62 81.55 -44.48
C HIS DB 121 59.22 82.13 -44.70
N ASP DB 122 58.27 81.81 -43.82
CA ASP DB 122 56.92 82.34 -43.97
C ASP DB 122 56.86 83.83 -43.60
N ALA DB 123 57.59 84.23 -42.56
CA ALA DB 123 57.55 85.62 -42.10
C ALA DB 123 58.26 86.56 -43.06
N ILE DB 124 59.29 86.09 -43.77
CA ILE DB 124 59.98 86.96 -44.72
C ILE DB 124 59.09 87.27 -45.91
N LEU DB 125 58.37 86.26 -46.42
CA LEU DB 125 57.46 86.48 -47.53
C LEU DB 125 56.28 87.36 -47.13
N GLU DB 126 55.80 87.22 -45.89
CA GLU DB 126 54.73 88.09 -45.41
C GLU DB 126 55.19 89.54 -45.31
N ASP DB 127 56.39 89.77 -44.77
CA ASP DB 127 56.87 91.13 -44.55
C ASP DB 127 57.30 91.82 -45.82
N LEU DB 128 57.48 91.09 -46.92
CA LEU DB 128 57.71 91.69 -48.23
C LEU DB 128 56.52 92.54 -48.65
N VAL DB 129 55.38 91.90 -48.89
CA VAL DB 129 54.20 92.59 -49.41
C VAL DB 129 53.28 92.97 -48.26
N PHE DB 130 53.49 94.15 -47.68
CA PHE DB 130 52.63 94.66 -46.62
C PHE DB 130 51.32 95.30 -47.11
N PRO DB 131 51.33 96.23 -48.09
CA PRO DB 131 50.07 96.93 -48.43
C PRO DB 131 48.93 96.01 -48.88
N SER DB 132 49.23 94.86 -49.47
CA SER DB 132 48.23 93.84 -49.78
C SER DB 132 48.74 92.51 -49.23
N GLU DB 133 48.30 92.16 -48.03
CA GLU DB 133 48.82 90.97 -47.36
C GLU DB 133 48.21 89.70 -47.96
N ILE DB 134 48.54 88.56 -47.34
CA ILE DB 134 48.32 87.26 -47.97
C ILE DB 134 46.84 86.91 -47.96
N VAL DB 135 46.36 86.42 -49.11
CA VAL DB 135 45.02 85.85 -49.23
C VAL DB 135 45.14 84.33 -49.15
N GLY DB 136 46.00 83.75 -49.98
CA GLY DB 136 46.19 82.31 -49.98
C GLY DB 136 47.55 81.93 -50.51
N LYS DB 137 47.91 80.66 -50.32
CA LYS DB 137 49.15 80.07 -50.82
C LYS DB 137 48.85 78.87 -51.71
N ARG DB 138 49.36 78.90 -52.93
CA ARG DB 138 49.43 77.72 -53.79
C ARG DB 138 50.89 77.44 -54.13
N ILE DB 139 51.24 76.15 -54.16
CA ILE DB 139 52.59 75.72 -54.49
C ILE DB 139 52.50 74.71 -55.62
N ARG DB 140 53.03 75.07 -56.78
CA ARG DB 140 53.06 74.17 -57.92
C ARG DB 140 54.42 73.46 -57.98
N VAL DB 141 54.38 72.15 -58.09
CA VAL DB 141 55.59 71.33 -58.26
C VAL DB 141 55.63 70.86 -59.70
N LYS DB 142 56.64 71.31 -60.44
CA LYS DB 142 56.77 70.98 -61.84
C LYS DB 142 57.64 69.74 -62.03
N LEU DB 143 58.04 69.48 -63.28
CA LEU DB 143 58.53 68.15 -63.66
C LEU DB 143 59.92 67.85 -63.11
N ASP DB 144 60.76 68.87 -62.91
CA ASP DB 144 62.14 68.63 -62.49
C ASP DB 144 62.28 68.56 -60.98
N GLY DB 145 61.20 68.70 -60.22
CA GLY DB 145 61.25 68.59 -58.78
C GLY DB 145 61.36 69.90 -58.03
N SER DB 146 61.72 71.00 -58.71
CA SER DB 146 61.82 72.29 -58.06
C SER DB 146 60.43 72.88 -57.84
N ARG DB 147 60.26 73.53 -56.69
CA ARG DB 147 58.96 74.06 -56.31
C ARG DB 147 58.68 75.39 -57.01
N LEU DB 148 57.41 75.78 -56.98
CA LEU DB 148 56.97 77.06 -57.53
C LEU DB 148 55.75 77.51 -56.74
N ILE DB 149 55.87 78.64 -56.04
CA ILE DB 149 54.87 79.10 -55.10
C ILE DB 149 54.02 80.18 -55.75
N LYS DB 150 52.70 80.00 -55.71
CA LYS DB 150 51.75 80.98 -56.23
C LYS DB 150 51.10 81.70 -55.05
N VAL DB 151 51.17 83.03 -55.07
CA VAL DB 151 50.76 83.86 -53.94
C VAL DB 151 49.61 84.77 -54.36
N HIS DB 152 48.56 84.80 -53.54
CA HIS DB 152 47.43 85.69 -53.72
C HIS DB 152 47.53 86.86 -52.73
N LEU DB 153 47.26 88.07 -53.22
CA LEU DB 153 47.33 89.28 -52.42
C LEU DB 153 45.96 89.95 -52.38
N ASP DB 154 45.87 90.98 -51.55
CA ASP DB 154 44.61 91.67 -51.34
C ASP DB 154 44.24 92.52 -52.55
N LYS DB 155 42.94 92.82 -52.65
CA LYS DB 155 42.47 93.78 -53.64
C LYS DB 155 42.79 95.22 -53.20
N ALA DB 156 42.89 95.45 -51.90
CA ALA DB 156 43.22 96.78 -51.40
C ALA DB 156 44.69 97.10 -51.65
N GLN DB 157 44.97 98.36 -51.95
CA GLN DB 157 46.31 98.86 -52.27
C GLN DB 157 46.93 98.08 -53.44
N GLN DB 158 46.10 97.77 -54.43
CA GLN DB 158 46.55 96.99 -55.57
C GLN DB 158 47.36 97.80 -56.57
N ASN DB 159 47.25 99.13 -56.55
CA ASN DB 159 47.94 99.97 -57.52
C ASN DB 159 49.41 100.20 -57.17
N ASN DB 160 49.75 100.20 -55.88
CA ASN DB 160 51.12 100.46 -55.45
C ASN DB 160 51.96 99.18 -55.37
N VAL DB 161 51.38 98.02 -55.66
CA VAL DB 161 52.09 96.75 -55.58
C VAL DB 161 52.17 96.04 -56.92
N GLU DB 162 51.29 96.36 -57.87
CA GLU DB 162 51.22 95.66 -59.15
C GLU DB 162 52.42 95.93 -60.05
N HIS DB 163 53.21 96.98 -59.77
CA HIS DB 163 54.35 97.34 -60.59
C HIS DB 163 55.68 96.91 -59.98
N LYS DB 164 55.65 96.09 -58.92
CA LYS DB 164 56.86 95.58 -58.29
C LYS DB 164 56.90 94.06 -58.27
N VAL DB 165 56.26 93.43 -59.26
CA VAL DB 165 56.12 91.97 -59.25
C VAL DB 165 57.47 91.29 -59.45
N GLU DB 166 58.37 91.93 -60.21
CA GLU DB 166 59.71 91.37 -60.36
C GLU DB 166 60.58 91.65 -59.13
N THR DB 167 60.27 92.70 -58.39
CA THR DB 167 61.12 93.10 -57.27
C THR DB 167 61.07 92.10 -56.12
N PHE DB 168 59.86 91.66 -55.74
CA PHE DB 168 59.73 90.80 -54.58
C PHE DB 168 60.22 89.38 -54.85
N SER DB 169 60.09 88.92 -56.10
CA SER DB 169 60.57 87.59 -56.45
C SER DB 169 62.08 87.49 -56.49
N GLY DB 170 62.78 88.58 -56.84
CA GLY DB 170 64.22 88.53 -56.93
C GLY DB 170 64.94 88.37 -55.62
N VAL DB 171 64.48 89.07 -54.57
CA VAL DB 171 65.13 88.96 -53.27
C VAL DB 171 64.89 87.59 -52.64
N TYR DB 172 63.69 87.03 -52.84
CA TYR DB 172 63.39 85.71 -52.32
C TYR DB 172 64.18 84.63 -53.05
N LYS DB 173 64.43 84.79 -54.35
CA LYS DB 173 65.30 83.86 -55.08
C LYS DB 173 66.74 83.94 -54.57
N LYS DB 174 67.21 85.13 -54.20
CA LYS DB 174 68.57 85.27 -53.71
C LYS DB 174 68.72 84.79 -52.28
N LEU DB 175 67.70 84.96 -51.43
CA LEU DB 175 67.84 84.65 -50.01
C LEU DB 175 67.68 83.15 -49.77
N THR DB 176 66.58 82.57 -50.24
CA THR DB 176 66.37 81.13 -50.11
C THR DB 176 66.81 80.38 -51.36
N GLY DB 177 66.20 80.69 -52.50
CA GLY DB 177 66.44 79.96 -53.72
C GLY DB 177 65.18 79.34 -54.29
N LYS DB 178 64.03 79.75 -53.75
CA LYS DB 178 62.73 79.24 -54.18
C LYS DB 178 62.08 80.20 -55.15
N ASP DB 179 61.29 79.64 -56.06
CA ASP DB 179 60.57 80.42 -57.06
C ASP DB 179 59.21 80.80 -56.51
N VAL DB 180 58.98 82.11 -56.32
CA VAL DB 180 57.74 82.63 -55.78
C VAL DB 180 57.11 83.54 -56.83
N ASN DB 181 55.84 83.30 -57.13
CA ASN DB 181 55.09 84.10 -58.10
C ASN DB 181 53.83 84.64 -57.43
N PHE DB 182 53.29 85.71 -58.01
CA PHE DB 182 52.18 86.44 -57.42
C PHE DB 182 50.99 86.48 -58.37
N GLU DB 183 49.79 86.32 -57.80
CA GLU DB 183 48.55 86.41 -58.54
C GLU DB 183 47.54 87.20 -57.73
N PHE DB 184 46.50 87.70 -58.40
CA PHE DB 184 45.42 88.44 -57.76
C PHE DB 184 44.13 87.64 -57.83
N PRO DB 185 43.56 87.24 -56.71
CA PRO DB 185 42.31 86.47 -56.74
C PRO DB 185 41.09 87.38 -56.92
N GLU DB 186 40.02 86.78 -57.45
CA GLU DB 186 38.75 87.45 -57.60
C GLU DB 186 37.58 86.62 -57.08
N PHE DB 187 37.83 85.39 -56.64
CA PHE DB 187 36.79 84.51 -56.11
C PHE DB 187 36.63 84.62 -54.61
N GLN DB 188 37.53 85.32 -53.91
CA GLN DB 188 37.38 85.65 -52.50
C GLN DB 188 36.89 87.08 -52.30
N LEU DB 189 37.61 88.06 -52.84
CA LEU DB 189 37.26 89.46 -52.67
C LEU DB 189 37.66 90.25 -53.92
N GLY EB 1 76.34 15.49 4.62
CA GLY EB 1 76.05 16.68 5.41
C GLY EB 1 75.28 17.73 4.62
N ILE EB 2 75.58 19.00 4.90
CA ILE EB 2 74.91 20.10 4.22
C ILE EB 2 75.42 20.21 2.79
N SER EB 3 74.58 20.72 1.91
CA SER EB 3 74.90 20.86 0.49
C SER EB 3 74.88 22.34 0.11
N ARG EB 4 75.87 22.76 -0.66
CA ARG EB 4 76.01 24.15 -1.09
C ARG EB 4 75.51 24.27 -2.53
N ASP EB 5 74.19 24.39 -2.67
CA ASP EB 5 73.60 24.46 -4.00
C ASP EB 5 72.50 25.51 -4.07
N ASN EB 6 72.47 26.26 -5.18
CA ASN EB 6 71.48 27.32 -5.35
C ASN EB 6 70.14 26.77 -5.83
N TRP EB 7 70.14 25.63 -6.52
CA TRP EB 7 68.96 25.10 -7.18
C TRP EB 7 68.06 24.28 -6.25
N HIS EB 8 68.42 24.14 -4.97
CA HIS EB 8 67.60 23.37 -4.05
C HIS EB 8 66.42 24.15 -3.49
N LYS EB 9 66.32 25.45 -3.78
CA LYS EB 9 65.28 26.30 -3.25
C LYS EB 9 64.49 26.96 -4.38
N ARG EB 10 63.64 27.90 -4.02
CA ARG EB 10 62.65 28.46 -4.95
C ARG EB 10 63.29 29.44 -5.92
N ARG EB 11 62.48 30.02 -6.82
CA ARG EB 11 62.93 31.07 -7.71
C ARG EB 11 62.84 32.42 -7.00
N LYS EB 12 62.96 33.51 -7.77
CA LYS EB 12 62.70 34.85 -7.26
C LYS EB 12 61.21 35.13 -7.15
N THR EB 13 60.37 34.36 -7.86
CA THR EB 13 58.93 34.59 -7.83
C THR EB 13 58.27 33.83 -6.69
N GLY EB 14 58.64 32.56 -6.52
CA GLY EB 14 58.01 31.73 -5.50
C GLY EB 14 57.85 30.28 -5.91
N GLY EB 15 58.15 29.99 -7.18
CA GLY EB 15 58.07 28.63 -7.68
C GLY EB 15 59.26 27.79 -7.28
N LYS EB 16 59.04 26.48 -7.21
CA LYS EB 16 60.06 25.53 -6.76
C LYS EB 16 60.70 24.89 -7.99
N ARG EB 17 62.03 24.90 -8.03
CA ARG EB 17 62.75 24.28 -9.14
C ARG EB 17 62.62 22.76 -9.10
N LYS EB 18 62.88 22.12 -10.24
CA LYS EB 18 62.96 20.68 -10.31
C LYS EB 18 64.40 20.28 -10.64
N PRO EB 19 65.18 19.81 -9.67
CA PRO EB 19 66.58 19.44 -9.94
C PRO EB 19 66.69 18.31 -10.95
N TYR EB 20 67.81 18.33 -11.70
CA TYR EB 20 68.08 17.32 -12.70
C TYR EB 20 69.19 16.36 -12.31
N HIS EB 21 69.93 16.63 -11.24
CA HIS EB 21 71.06 15.80 -10.85
C HIS EB 21 71.12 15.70 -9.34
N LYS EB 22 71.76 14.64 -8.87
CA LYS EB 22 71.99 14.46 -7.44
C LYS EB 22 73.05 15.45 -6.95
N LYS EB 23 73.15 15.57 -5.63
CA LYS EB 23 74.19 16.41 -5.04
C LYS EB 23 75.56 15.84 -5.36
N ARG EB 24 76.46 16.71 -5.80
CA ARG EB 24 77.77 16.33 -6.31
C ARG EB 24 78.84 16.51 -5.23
N LYS EB 25 80.06 16.07 -5.57
CA LYS EB 25 81.18 16.24 -4.66
C LYS EB 25 81.66 17.69 -4.63
N TYR EB 26 81.46 18.43 -5.71
CA TYR EB 26 81.72 19.87 -5.69
C TYR EB 26 80.57 20.67 -5.11
N GLU EB 27 79.56 19.99 -4.56
CA GLU EB 27 78.50 20.60 -3.79
C GLU EB 27 78.63 20.24 -2.31
N LEU EB 28 79.87 20.19 -1.82
CA LEU EB 28 80.19 19.61 -0.52
C LEU EB 28 80.10 20.64 0.59
N GLY EB 29 79.56 20.22 1.73
CA GLY EB 29 79.55 21.04 2.93
C GLY EB 29 79.79 20.22 4.18
N ARG EB 30 80.83 20.58 4.93
CA ARG EB 30 81.18 19.86 6.14
C ARG EB 30 80.67 20.58 7.38
N PRO EB 31 80.53 19.87 8.51
CA PRO EB 31 80.08 20.52 9.74
C PRO EB 31 81.04 21.61 10.21
N ALA EB 32 80.48 22.58 10.94
CA ALA EB 32 81.21 23.76 11.35
C ALA EB 32 82.30 23.43 12.35
N ALA EB 33 83.24 24.37 12.51
CA ALA EB 33 84.34 24.17 13.45
C ALA EB 33 83.87 24.32 14.90
N ASN EB 34 83.38 25.51 15.25
CA ASN EB 34 82.93 25.84 16.61
C ASN EB 34 84.04 25.59 17.63
N THR EB 35 85.12 26.36 17.48
CA THR EB 35 86.32 26.14 18.27
C THR EB 35 86.13 26.59 19.72
N LYS EB 36 86.99 26.09 20.59
CA LYS EB 36 87.05 26.43 22.00
C LYS EB 36 88.44 26.95 22.35
N ILE EB 37 88.68 27.19 23.63
CA ILE EB 37 89.95 27.69 24.12
C ILE EB 37 90.58 26.60 25.00
N GLY EB 38 91.80 26.20 24.66
CA GLY EB 38 92.51 25.20 25.41
C GLY EB 38 93.86 24.91 24.81
N PRO EB 39 94.34 23.67 24.97
CA PRO EB 39 95.59 23.27 24.31
C PRO EB 39 95.45 23.24 22.80
N ARG EB 40 96.58 23.44 22.12
CA ARG EB 40 96.59 23.56 20.68
C ARG EB 40 96.23 22.22 20.02
N ARG EB 41 95.30 22.27 19.06
CA ARG EB 41 94.83 21.06 18.39
C ARG EB 41 94.27 21.46 17.03
N ILE EB 42 94.97 21.08 15.96
CA ILE EB 42 94.53 21.34 14.59
C ILE EB 42 94.19 20.01 13.93
N HIS EB 43 93.00 19.94 13.34
CA HIS EB 43 92.57 18.81 12.53
C HIS EB 43 92.58 19.22 11.06
N THR EB 44 93.06 18.33 10.21
CA THR EB 44 93.21 18.62 8.79
C THR EB 44 92.09 17.95 8.00
N VAL EB 45 91.71 18.58 6.89
CA VAL EB 45 90.66 18.08 6.01
C VAL EB 45 91.13 18.22 4.57
N ARG EB 46 90.83 17.22 3.75
CA ARG EB 46 91.20 17.26 2.34
C ARG EB 46 90.11 17.99 1.56
N VAL EB 47 90.52 18.98 0.76
CA VAL EB 47 89.57 19.84 0.07
C VAL EB 47 89.64 19.63 -1.43
N ARG EB 48 88.80 20.33 -2.18
CA ARG EB 48 88.77 20.21 -3.63
C ARG EB 48 90.07 20.76 -4.22
N GLY EB 49 90.68 19.99 -5.11
CA GLY EB 49 91.91 20.39 -5.75
C GLY EB 49 93.18 19.81 -5.17
N GLY EB 50 93.08 18.91 -4.20
CA GLY EB 50 94.25 18.31 -3.59
C GLY EB 50 94.95 19.17 -2.57
N ASN EB 51 94.37 20.30 -2.19
CA ASN EB 51 94.96 21.18 -1.19
C ASN EB 51 94.50 20.74 0.20
N LYS EB 52 94.88 21.50 1.21
CA LYS EB 52 94.55 21.19 2.60
C LYS EB 52 94.04 22.42 3.32
N LYS EB 53 93.18 22.20 4.31
CA LYS EB 53 92.74 23.24 5.23
C LYS EB 53 92.96 22.79 6.66
N TYR EB 54 93.05 23.76 7.56
CA TYR EB 54 93.41 23.50 8.95
C TYR EB 54 92.27 23.96 9.85
N ARG EB 55 91.63 23.00 10.52
CA ARG EB 55 90.47 23.26 11.36
C ARG EB 55 90.90 23.33 12.82
N ALA EB 56 90.61 24.46 13.47
CA ALA EB 56 90.92 24.61 14.88
C ALA EB 56 89.76 24.15 15.75
N LEU EB 57 90.07 23.38 16.78
CA LEU EB 57 89.08 22.96 17.78
C LEU EB 57 89.33 23.60 19.13
N ARG EB 58 90.56 23.56 19.62
CA ARG EB 58 90.98 24.36 20.77
C ARG EB 58 92.25 25.09 20.41
N LEU EB 59 92.24 26.41 20.54
CA LEU EB 59 93.35 27.24 20.10
C LEU EB 59 93.66 28.30 21.14
N ASP EB 60 94.95 28.53 21.36
CA ASP EB 60 95.42 29.56 22.27
C ASP EB 60 96.33 30.58 21.60
N VAL EB 61 96.96 30.22 20.47
CA VAL EB 61 97.83 31.12 19.71
C VAL EB 61 97.00 32.19 19.02
N GLY EB 62 97.56 33.40 18.95
CA GLY EB 62 96.99 34.47 18.16
C GLY EB 62 97.88 35.68 18.03
N ASN EB 63 98.12 36.14 16.81
CA ASN EB 63 99.06 37.22 16.54
C ASN EB 63 98.27 38.48 16.18
N PHE EB 64 98.34 39.49 17.03
CA PHE EB 64 97.39 40.61 17.03
C PHE EB 64 98.13 41.93 16.87
N SER EB 65 97.71 42.73 15.89
CA SER EB 65 98.44 43.92 15.49
C SER EB 65 97.99 45.14 16.29
N TRP EB 66 98.95 45.82 16.92
CA TRP EB 66 98.71 47.09 17.57
C TRP EB 66 98.79 48.21 16.54
N GLY EB 67 97.66 48.87 16.28
CA GLY EB 67 97.54 49.69 15.09
C GLY EB 67 98.41 50.93 15.04
N SER EB 68 98.56 51.64 16.16
CA SER EB 68 99.24 52.92 16.12
C SER EB 68 100.75 52.78 15.96
N GLU EB 69 101.33 51.63 16.30
CA GLU EB 69 102.75 51.39 16.12
C GLU EB 69 103.08 50.18 15.26
N CYS EB 70 102.08 49.42 14.80
CA CYS EB 70 102.23 48.36 13.81
C CYS EB 70 103.23 47.29 14.26
N CYS EB 71 102.97 46.78 15.45
CA CYS EB 71 103.77 45.70 16.02
C CYS EB 71 102.83 44.66 16.61
N THR EB 72 103.11 43.39 16.33
CA THR EB 72 102.22 42.31 16.73
C THR EB 72 103.01 41.19 17.38
N ARG EB 73 102.40 40.54 18.38
CA ARG EB 73 102.96 39.39 19.06
C ARG EB 73 101.95 38.25 19.11
N LYS EB 74 102.46 37.02 19.19
CA LYS EB 74 101.62 35.84 19.36
C LYS EB 74 101.19 35.74 20.81
N THR EB 75 100.08 36.38 21.16
CA THR EB 75 99.65 36.56 22.54
C THR EB 75 98.54 35.56 22.88
N ARG EB 76 98.51 35.12 24.14
CA ARG EB 76 97.54 34.11 24.58
C ARG EB 76 96.13 34.68 24.50
N ILE EB 77 95.16 33.80 24.24
CA ILE EB 77 93.75 34.18 24.24
C ILE EB 77 93.06 33.46 25.39
N ILE EB 78 92.16 34.18 26.07
CA ILE EB 78 91.60 33.66 27.32
C ILE EB 78 90.07 33.56 27.30
N ASP EB 79 89.38 34.45 26.57
CA ASP EB 79 87.93 34.52 26.70
C ASP EB 79 87.30 35.24 25.52
N VAL EB 80 85.97 35.18 25.46
CA VAL EB 80 85.17 35.87 24.46
C VAL EB 80 84.22 36.82 25.18
N VAL EB 81 84.13 38.05 24.72
CA VAL EB 81 83.29 39.08 25.33
C VAL EB 81 82.05 39.37 24.49
N TYR EB 82 82.24 39.86 23.26
CA TYR EB 82 81.13 40.18 22.38
C TYR EB 82 81.46 39.73 20.97
N ASN EB 83 80.45 39.22 20.26
CA ASN EB 83 80.56 38.89 18.86
C ASN EB 83 79.43 39.56 18.10
N ALA EB 84 79.76 40.15 16.94
CA ALA EB 84 78.78 40.85 16.13
C ALA EB 84 77.84 39.92 15.39
N SER EB 85 78.11 38.61 15.39
CA SER EB 85 77.33 37.66 14.61
C SER EB 85 76.17 37.09 15.41
N ASN EB 86 76.46 36.42 16.53
CA ASN EB 86 75.44 35.75 17.32
C ASN EB 86 75.62 36.07 18.80
N ASN EB 87 74.50 36.17 19.51
CA ASN EB 87 74.54 36.35 20.96
C ASN EB 87 74.80 35.06 21.71
N GLU EB 88 74.62 33.90 21.06
CA GLU EB 88 75.02 32.63 21.68
C GLU EB 88 76.54 32.50 21.71
N LEU EB 89 77.21 32.95 20.64
CA LEU EB 89 78.66 32.96 20.62
C LEU EB 89 79.25 33.99 21.60
N VAL EB 90 78.44 34.97 22.03
CA VAL EB 90 78.87 35.87 23.09
C VAL EB 90 79.09 35.08 24.38
N ARG EB 91 78.16 34.19 24.71
CA ARG EB 91 78.23 33.41 25.95
C ARG EB 91 79.07 32.14 25.78
N THR EB 92 78.94 31.46 24.65
CA THR EB 92 79.72 30.26 24.38
C THR EB 92 81.08 30.67 23.82
N LYS EB 93 82.15 30.21 24.44
CA LYS EB 93 83.49 30.67 24.12
C LYS EB 93 83.92 30.11 22.77
N THR EB 94 83.72 30.89 21.71
CA THR EB 94 84.10 30.51 20.35
C THR EB 94 84.77 31.68 19.67
N LEU EB 95 85.72 31.39 18.79
CA LEU EB 95 86.40 32.39 17.98
C LEU EB 95 86.12 32.14 16.51
N VAL EB 96 85.44 33.09 15.87
CA VAL EB 96 85.27 33.12 14.41
C VAL EB 96 85.76 34.49 13.98
N LYS EB 97 85.63 34.83 12.70
CA LYS EB 97 86.07 36.15 12.26
C LYS EB 97 85.22 37.24 12.90
N ASN EB 98 85.88 38.38 13.16
CA ASN EB 98 85.25 39.59 13.72
C ASN EB 98 84.66 39.29 15.10
N CYS EB 99 85.51 38.84 16.02
CA CYS EB 99 85.14 38.64 17.41
C CYS EB 99 85.88 39.62 18.31
N ILE EB 100 85.13 40.31 19.17
CA ILE EB 100 85.66 41.29 20.10
C ILE EB 100 85.94 40.55 21.40
N VAL EB 101 87.22 40.39 21.74
CA VAL EB 101 87.63 39.56 22.87
C VAL EB 101 88.56 40.36 23.78
N LEU EB 102 88.71 39.86 25.01
CA LEU EB 102 89.61 40.45 26.00
C LEU EB 102 90.91 39.66 26.03
N ILE EB 103 92.03 40.38 25.98
CA ILE EB 103 93.35 39.75 25.92
C ILE EB 103 94.25 40.40 26.96
N ASP EB 104 95.36 39.75 27.30
CA ASP EB 104 96.36 40.35 28.17
C ASP EB 104 97.20 41.35 27.40
N SER EB 105 97.81 42.28 28.14
CA SER EB 105 98.54 43.38 27.55
C SER EB 105 100.06 43.23 27.62
N THR EB 106 100.56 42.30 28.44
CA THR EB 106 101.97 42.21 28.81
C THR EB 106 102.97 42.06 27.66
N PRO EB 107 102.72 41.29 26.59
CA PRO EB 107 103.69 41.30 25.47
C PRO EB 107 103.84 42.64 24.81
N TYR EB 108 102.78 43.46 24.76
CA TYR EB 108 102.93 44.82 24.26
C TYR EB 108 103.52 45.75 25.32
N ARG EB 109 103.32 45.42 26.60
CA ARG EB 109 103.96 46.18 27.68
C ARG EB 109 105.48 46.03 27.65
N GLN EB 110 105.97 44.81 27.42
CA GLN EB 110 107.40 44.57 27.45
C GLN EB 110 108.13 45.38 26.38
N TRP EB 111 107.51 45.52 25.21
CA TRP EB 111 108.13 46.32 24.14
C TRP EB 111 108.14 47.81 24.47
N TYR EB 112 107.17 48.29 25.27
CA TYR EB 112 107.04 49.72 25.50
C TYR EB 112 108.11 50.27 26.45
N GLU EB 113 108.49 49.52 27.48
CA GLU EB 113 109.56 49.94 28.38
C GLU EB 113 110.90 49.33 27.96
N SER EB 114 111.00 48.90 26.70
CA SER EB 114 112.27 48.45 26.14
C SER EB 114 112.73 49.36 25.00
N HIS EB 115 111.88 49.57 23.99
CA HIS EB 115 112.23 50.47 22.90
C HIS EB 115 112.11 51.93 23.33
N TYR EB 116 111.07 52.27 24.07
CA TYR EB 116 110.80 53.66 24.43
C TYR EB 116 111.11 53.98 25.89
N ALA EB 117 111.04 52.99 26.79
CA ALA EB 117 111.40 53.12 28.20
C ALA EB 117 110.62 54.23 28.90
N LEU EB 118 109.30 54.26 28.71
CA LEU EB 118 108.45 55.24 29.36
C LEU EB 118 107.41 54.55 30.22
N PRO EB 119 107.14 55.02 31.44
CA PRO EB 119 106.14 54.36 32.28
C PRO EB 119 104.73 54.62 31.77
N LEU EB 120 103.98 53.54 31.59
CA LEU EB 120 102.59 53.63 31.15
C LEU EB 120 101.76 52.74 32.07
N GLY EB 121 100.66 53.29 32.59
CA GLY EB 121 99.97 52.65 33.69
C GLY EB 121 100.83 52.66 34.94
N ARG EB 122 101.10 51.48 35.50
CA ARG EB 122 102.08 51.28 36.57
C ARG EB 122 101.75 52.13 37.80
N LYS EB 123 100.66 51.75 38.46
CA LYS EB 123 100.21 52.46 39.65
C LYS EB 123 101.28 52.40 40.75
N LYS EB 124 101.48 53.52 41.44
CA LYS EB 124 102.54 53.63 42.42
C LYS EB 124 102.24 52.79 43.65
N GLY EB 125 103.30 52.51 44.41
CA GLY EB 125 103.23 51.63 45.56
C GLY EB 125 103.81 50.25 45.32
N ALA EB 126 104.02 49.88 44.06
CA ALA EB 126 104.62 48.60 43.70
C ALA EB 126 105.78 48.84 42.75
N LYS EB 127 106.94 48.25 43.04
CA LYS EB 127 108.12 48.38 42.21
C LYS EB 127 108.67 47.00 41.89
N LEU EB 128 109.31 46.89 40.73
CA LEU EB 128 109.83 45.61 40.25
C LEU EB 128 111.12 45.29 40.99
N THR EB 129 111.01 44.43 42.00
CA THR EB 129 112.19 44.05 42.78
C THR EB 129 113.24 43.24 42.02
N PRO EB 130 112.95 42.41 41.02
CA PRO EB 130 114.04 41.78 40.25
C PRO EB 130 114.93 42.75 39.50
N GLU EB 131 114.47 43.99 39.27
CA GLU EB 131 115.26 45.06 38.66
C GLU EB 131 115.69 44.72 37.23
N GLU EB 132 114.89 43.91 36.53
CA GLU EB 132 115.20 43.61 35.13
C GLU EB 132 114.86 44.78 34.21
N GLU EB 133 113.72 45.44 34.42
CA GLU EB 133 113.27 46.48 33.51
C GLU EB 133 113.72 47.88 33.90
N GLU EB 134 114.24 48.07 35.12
CA GLU EB 134 114.88 49.33 35.46
C GLU EB 134 116.22 49.46 34.75
N ILE EB 135 116.86 48.33 34.45
CA ILE EB 135 118.02 48.36 33.56
C ILE EB 135 117.58 48.82 32.17
N LEU EB 136 116.40 48.40 31.72
CA LEU EB 136 115.81 48.85 30.47
C LEU EB 136 115.38 50.31 30.50
N ASN EB 137 115.36 50.94 31.68
CA ASN EB 137 115.00 52.34 31.82
C ASN EB 137 116.17 53.22 32.25
N LYS EB 138 117.22 52.65 32.81
CA LYS EB 138 118.40 53.39 33.26
C LYS EB 138 119.61 53.00 32.42
N LYS EB 139 120.77 53.49 32.85
CA LYS EB 139 122.07 53.22 32.21
C LYS EB 139 122.05 53.67 30.75
N ARG EB 140 121.93 54.98 30.60
CA ARG EB 140 121.87 55.62 29.28
C ARG EB 140 123.16 56.36 29.00
N SER EB 141 123.64 56.26 27.76
CA SER EB 141 124.83 56.94 27.31
C SER EB 141 124.52 58.39 26.94
N LYS EB 142 125.48 59.06 26.31
CA LYS EB 142 125.33 60.46 25.97
C LYS EB 142 124.44 60.65 24.74
N LYS EB 143 124.78 59.99 23.64
CA LYS EB 143 124.04 60.17 22.38
C LYS EB 143 122.84 59.26 22.24
N ILE EB 144 122.60 58.37 23.20
CA ILE EB 144 121.34 57.64 23.26
C ILE EB 144 120.35 58.31 24.19
N GLN EB 145 120.81 59.22 25.06
CA GLN EB 145 119.90 60.09 25.79
C GLN EB 145 119.16 61.03 24.85
N LYS EB 146 119.83 61.47 23.77
CA LYS EB 146 119.16 62.26 22.76
C LYS EB 146 118.07 61.45 22.06
N LYS EB 147 118.35 60.18 21.76
CA LYS EB 147 117.37 59.32 21.10
C LYS EB 147 116.19 59.01 22.00
N TYR EB 148 116.45 58.76 23.29
CA TYR EB 148 115.37 58.48 24.22
C TYR EB 148 114.60 59.73 24.62
N ASP EB 149 115.21 60.91 24.49
CA ASP EB 149 114.46 62.15 24.64
C ASP EB 149 113.56 62.40 23.45
N GLU EB 150 114.01 62.01 22.25
CA GLU EB 150 113.17 62.08 21.06
C GLU EB 150 111.96 61.17 21.19
N ARG EB 151 112.16 59.95 21.73
CA ARG EB 151 111.04 59.05 21.95
C ARG EB 151 110.10 59.54 23.04
N LYS EB 152 110.62 60.33 23.98
CA LYS EB 152 109.76 60.89 25.03
C LYS EB 152 108.76 61.89 24.47
N LYS EB 153 109.20 62.71 23.52
CA LYS EB 153 108.32 63.71 22.91
C LYS EB 153 107.42 63.14 21.83
N ASN EB 154 107.68 61.91 21.37
CA ASN EB 154 106.88 61.28 20.32
C ASN EB 154 106.15 60.05 20.85
N ALA EB 155 105.71 60.09 22.10
CA ALA EB 155 104.97 58.98 22.69
C ALA EB 155 103.76 59.50 23.45
N LYS EB 156 103.06 60.47 22.89
CA LYS EB 156 101.85 60.98 23.52
C LYS EB 156 100.71 59.98 23.32
N ILE EB 157 100.35 59.28 24.39
CA ILE EB 157 99.40 58.19 24.33
C ILE EB 157 97.99 58.74 24.51
N SER EB 158 97.02 58.04 23.93
CA SER EB 158 95.62 58.42 24.07
C SER EB 158 95.11 58.12 25.47
N SER EB 159 94.22 58.98 25.96
CA SER EB 159 93.69 58.83 27.32
C SER EB 159 92.82 57.59 27.48
N LEU EB 160 92.18 57.13 26.41
CA LEU EB 160 91.33 55.95 26.51
C LEU EB 160 92.14 54.66 26.66
N LEU EB 161 93.36 54.62 26.12
CA LEU EB 161 94.15 53.39 26.14
C LEU EB 161 94.73 53.13 27.54
N GLU EB 162 95.18 54.20 28.21
CA GLU EB 162 95.81 54.05 29.52
C GLU EB 162 94.87 53.47 30.56
N GLU EB 163 93.58 53.84 30.51
CA GLU EB 163 92.61 53.23 31.42
C GLU EB 163 92.45 51.74 31.15
N GLN EB 164 92.55 51.34 29.88
CA GLN EB 164 92.45 49.93 29.54
C GLN EB 164 93.69 49.15 29.97
N PHE EB 165 94.87 49.76 29.90
CA PHE EB 165 96.09 49.12 30.38
C PHE EB 165 96.16 49.06 31.91
N GLN EB 166 95.40 49.90 32.61
CA GLN EB 166 95.46 49.92 34.06
C GLN EB 166 94.93 48.62 34.66
N GLN EB 167 93.94 48.01 34.01
CA GLN EB 167 93.42 46.72 34.44
C GLN EB 167 94.15 45.54 33.82
N GLY EB 168 95.06 45.78 32.88
CA GLY EB 168 95.85 44.74 32.27
C GLY EB 168 95.20 44.01 31.11
N LYS EB 169 93.96 44.34 30.77
CA LYS EB 169 93.21 43.64 29.74
C LYS EB 169 92.93 44.56 28.57
N LEU EB 170 93.14 44.06 27.34
CA LEU EB 170 92.92 44.81 26.12
C LEU EB 170 91.85 44.12 25.25
N LEU EB 171 91.31 44.89 24.32
CA LEU EB 171 90.29 44.42 23.39
C LEU EB 171 90.91 44.13 22.03
N ALA EB 172 90.57 42.98 21.45
CA ALA EB 172 91.13 42.57 20.17
C ALA EB 172 90.02 42.05 19.26
N CYS EB 173 90.25 42.19 17.96
CA CYS EB 173 89.32 41.73 16.93
C CYS EB 173 89.95 40.59 16.14
N ILE EB 174 89.13 39.61 15.76
CA ILE EB 174 89.60 38.45 15.02
C ILE EB 174 89.43 38.75 13.54
N ALA EB 175 90.52 39.15 12.88
CA ALA EB 175 90.44 39.46 11.45
C ALA EB 175 90.51 38.18 10.60
N SER EB 176 91.34 37.22 11.01
CA SER EB 176 91.56 36.02 10.23
C SER EB 176 90.56 34.93 10.59
N ARG EB 177 90.58 33.85 9.81
CA ARG EB 177 89.65 32.73 9.98
C ARG EB 177 90.38 31.53 10.55
N PRO EB 178 90.14 31.15 11.81
CA PRO EB 178 90.75 29.92 12.36
C PRO EB 178 90.17 28.65 11.78
N GLY EB 179 88.99 28.70 11.17
CA GLY EB 179 88.42 27.50 10.57
C GLY EB 179 89.17 27.04 9.34
N GLN EB 180 89.68 27.98 8.55
CA GLN EB 180 90.29 27.63 7.26
C GLN EB 180 91.78 27.32 7.43
N CYS EB 181 92.56 28.28 7.92
CA CYS EB 181 94.01 28.14 7.99
C CYS EB 181 94.51 27.73 9.38
N GLY EB 182 93.64 27.68 10.38
CA GLY EB 182 94.04 27.33 11.72
C GLY EB 182 94.63 28.46 12.54
N ARG EB 183 94.64 29.68 12.01
CA ARG EB 183 95.19 30.83 12.70
C ARG EB 183 94.08 31.84 12.98
N ALA EB 184 94.13 32.47 14.16
CA ALA EB 184 93.07 33.37 14.61
C ALA EB 184 93.62 34.78 14.77
N ASP EB 185 94.36 35.25 13.76
CA ASP EB 185 95.03 36.54 13.83
C ASP EB 185 94.02 37.69 13.80
N GLY EB 186 94.53 38.90 13.94
CA GLY EB 186 93.69 40.08 13.97
C GLY EB 186 94.47 41.32 14.34
N TYR EB 187 93.75 42.33 14.81
CA TYR EB 187 94.37 43.59 15.22
C TYR EB 187 93.73 44.08 16.51
N VAL EB 188 94.53 44.80 17.30
CA VAL EB 188 94.09 45.29 18.60
C VAL EB 188 93.20 46.52 18.42
N LEU EB 189 92.11 46.57 19.17
CA LEU EB 189 91.20 47.72 19.12
C LEU EB 189 91.90 48.97 19.64
N GLU EB 190 91.69 50.09 18.96
CA GLU EB 190 92.37 51.33 19.30
C GLU EB 190 91.50 52.52 18.89
N GLY EB 191 91.45 53.52 19.76
CA GLY EB 191 90.84 54.80 19.40
C GLY EB 191 89.34 54.71 19.25
N LYS EB 192 88.84 55.23 18.14
CA LYS EB 192 87.40 55.31 17.92
C LYS EB 192 86.79 53.93 17.76
N GLU EB 193 87.51 53.01 17.13
CA GLU EB 193 87.02 51.64 16.98
C GLU EB 193 86.86 50.96 18.34
N LEU EB 194 87.82 51.16 19.24
CA LEU EB 194 87.68 50.66 20.61
C LEU EB 194 86.56 51.38 21.35
N GLU EB 195 86.38 52.67 21.10
CA GLU EB 195 85.38 53.46 21.79
C GLU EB 195 83.95 53.05 21.44
N PHE EB 196 83.74 52.45 20.27
CA PHE EB 196 82.38 52.07 19.88
C PHE EB 196 81.88 50.86 20.67
N TYR EB 197 82.77 49.90 20.93
CA TYR EB 197 82.35 48.66 21.59
C TYR EB 197 82.26 48.77 23.11
N LEU EB 198 82.82 49.83 23.71
CA LEU EB 198 82.60 50.01 25.14
C LEU EB 198 81.20 50.54 25.42
N ARG EB 199 80.58 51.20 24.43
CA ARG EB 199 79.15 51.49 24.54
C ARG EB 199 78.31 50.26 24.27
N LYS EB 200 78.79 49.36 23.40
CA LYS EB 200 78.00 48.20 22.99
C LYS EB 200 77.91 47.15 24.09
N ILE EB 201 78.96 46.99 24.89
CA ILE EB 201 78.94 46.00 25.97
C ILE EB 201 77.92 46.40 27.04
N LYS EB 202 77.79 47.70 27.30
CA LYS EB 202 76.79 48.19 28.24
C LYS EB 202 75.38 48.19 27.64
N ALA EB 203 75.26 48.28 26.31
CA ALA EB 203 73.94 48.29 25.69
C ALA EB 203 73.25 46.94 25.83
N ARG EB 204 74.03 45.86 25.86
CA ARG EB 204 73.48 44.52 26.04
C ARG EB 204 73.38 44.13 27.51
N LYS EB 205 74.39 44.48 28.31
CA LYS EB 205 74.39 44.16 29.73
C LYS EB 205 73.36 44.98 30.51
N GLY EB 206 73.05 46.19 30.07
CA GLY EB 206 72.08 47.03 30.75
C GLY EB 206 72.72 48.07 31.65
N PRO FB 1 79.36 4.79 -31.91
CA PRO FB 1 79.96 5.48 -33.06
C PRO FB 1 80.71 4.51 -33.99
N VAL FB 2 80.25 4.43 -35.24
CA VAL FB 2 80.85 3.53 -36.23
C VAL FB 2 81.25 4.36 -37.45
N ALA FB 3 82.31 3.92 -38.12
CA ALA FB 3 82.87 4.65 -39.27
C ALA FB 3 82.21 4.17 -40.54
N ARG FB 4 81.17 4.89 -40.96
CA ARG FB 4 80.45 4.57 -42.19
C ARG FB 4 79.73 5.82 -42.66
N SER FB 5 79.42 5.85 -43.96
CA SER FB 5 79.04 7.11 -44.60
C SER FB 5 77.67 7.60 -44.17
N TRP FB 6 76.66 6.72 -44.20
CA TRP FB 6 75.24 7.03 -43.96
C TRP FB 6 74.64 7.96 -45.00
N VAL FB 7 75.41 8.37 -46.00
CA VAL FB 7 74.97 9.38 -46.95
C VAL FB 7 74.63 8.68 -48.26
N CYS FB 8 73.34 8.61 -48.58
CA CYS FB 8 72.85 8.16 -49.86
C CYS FB 8 71.79 9.13 -50.36
N ARG FB 9 71.70 9.25 -51.68
CA ARG FB 9 70.78 10.20 -52.30
C ARG FB 9 70.00 9.49 -53.40
N LYS FB 10 68.71 9.82 -53.49
CA LYS FB 10 67.84 9.19 -54.48
C LYS FB 10 68.15 9.73 -55.87
N THR FB 11 68.63 8.86 -56.75
CA THR FB 11 68.93 9.26 -58.12
C THR FB 11 67.68 9.45 -58.97
N TYR FB 12 66.55 8.88 -58.56
CA TYR FB 12 65.28 9.04 -59.27
C TYR FB 12 64.27 9.67 -58.33
N VAL FB 13 63.48 10.60 -58.87
CA VAL FB 13 62.39 11.24 -58.14
C VAL FB 13 61.10 10.93 -58.90
N THR FB 14 60.14 10.35 -58.19
CA THR FB 14 58.89 9.94 -58.82
C THR FB 14 58.08 11.18 -59.24
N PRO FB 15 57.36 11.10 -60.36
CA PRO FB 15 56.52 12.21 -60.79
C PRO FB 15 55.30 12.36 -59.88
N ARG FB 16 54.73 13.56 -59.91
CA ARG FB 16 53.58 13.87 -59.07
C ARG FB 16 52.33 13.09 -59.47
N ARG FB 17 52.17 12.77 -60.75
CA ARG FB 17 51.13 11.88 -61.23
C ARG FB 17 51.76 10.79 -62.08
N PRO FB 18 51.50 9.53 -61.75
CA PRO FB 18 52.11 8.45 -62.53
C PRO FB 18 51.28 8.12 -63.76
N PHE FB 19 50.16 8.81 -63.92
CA PHE FB 19 49.20 8.33 -64.90
C PHE FB 19 48.68 9.42 -65.84
N GLU FB 20 49.52 10.41 -66.15
CA GLU FB 20 49.15 11.39 -67.17
C GLU FB 20 49.45 10.80 -68.55
N LYS FB 21 48.41 10.65 -69.38
CA LYS FB 21 48.58 10.01 -70.68
C LYS FB 21 49.45 10.83 -71.62
N SER FB 22 49.32 12.16 -71.60
CA SER FB 22 50.22 13.01 -72.37
C SER FB 22 51.66 12.91 -71.86
N ARG FB 23 51.85 12.85 -70.54
CA ARG FB 23 53.19 12.67 -69.99
C ARG FB 23 53.70 11.25 -70.21
N LEU FB 24 52.82 10.25 -70.13
CA LEU FB 24 53.23 8.88 -70.39
C LEU FB 24 53.54 8.63 -71.87
N ASP FB 25 52.99 9.45 -72.76
CA ASP FB 25 53.34 9.35 -74.17
C ASP FB 25 54.81 9.72 -74.41
N GLN FB 26 55.33 10.67 -73.63
CA GLN FB 26 56.74 11.03 -73.74
C GLN FB 26 57.63 9.90 -73.26
N GLU FB 27 57.27 9.26 -72.15
CA GLU FB 27 58.12 8.22 -71.57
C GLU FB 27 58.13 6.96 -72.42
N LEU FB 28 56.98 6.55 -72.95
CA LEU FB 28 56.92 5.39 -73.81
C LEU FB 28 57.60 5.63 -75.16
N LYS FB 29 57.79 6.89 -75.53
CA LYS FB 29 58.51 7.22 -76.76
C LYS FB 29 60.02 7.06 -76.60
N LEU FB 30 60.54 7.28 -75.38
CA LEU FB 30 61.99 7.28 -75.17
C LEU FB 30 62.54 5.86 -75.07
N ILE FB 31 61.98 5.05 -74.16
CA ILE FB 31 62.53 3.73 -73.88
C ILE FB 31 62.34 2.77 -75.06
N GLY FB 32 61.37 3.03 -75.93
CA GLY FB 32 61.16 2.16 -77.08
C GLY FB 32 62.18 2.33 -78.18
N GLU FB 33 62.88 3.46 -78.22
CA GLU FB 33 63.87 3.72 -79.27
C GLU FB 33 65.29 3.80 -78.75
N TYR FB 34 65.52 4.38 -77.57
CA TYR FB 34 66.86 4.43 -77.01
C TYR FB 34 67.25 3.14 -76.30
N GLY FB 35 66.32 2.21 -76.12
CA GLY FB 35 66.63 0.94 -75.49
C GLY FB 35 67.08 1.05 -74.05
N LEU FB 36 66.35 1.82 -73.25
CA LEU FB 36 66.68 1.98 -71.84
C LEU FB 36 66.18 0.75 -71.07
N ARG FB 37 66.20 0.80 -69.74
CA ARG FB 37 65.84 -0.33 -68.90
C ARG FB 37 64.40 -0.29 -68.42
N ASN FB 38 64.04 0.76 -67.68
CA ASN FB 38 62.76 0.81 -66.99
C ASN FB 38 62.47 2.26 -66.62
N LYS FB 39 61.40 2.46 -65.84
CA LYS FB 39 61.06 3.80 -65.39
C LYS FB 39 61.96 4.29 -64.27
N ARG FB 40 62.65 3.38 -63.57
CA ARG FB 40 63.74 3.81 -62.70
C ARG FB 40 64.94 4.31 -63.48
N GLU FB 41 64.99 4.01 -64.79
CA GLU FB 41 66.06 4.56 -65.63
C GLU FB 41 65.64 5.85 -66.31
N VAL FB 42 64.40 5.93 -66.78
CA VAL FB 42 63.92 7.13 -67.45
C VAL FB 42 63.77 8.29 -66.47
N TRP FB 43 63.16 8.02 -65.31
CA TRP FB 43 62.95 9.07 -64.32
C TRP FB 43 64.21 9.42 -63.54
N ARG FB 44 65.26 8.60 -63.64
CA ARG FB 44 66.52 8.91 -62.97
C ARG FB 44 67.23 10.07 -63.66
N VAL FB 45 67.33 10.02 -64.99
CA VAL FB 45 68.16 10.98 -65.71
C VAL FB 45 67.51 12.36 -65.86
N LYS FB 46 66.19 12.44 -65.82
CA LYS FB 46 65.54 13.75 -65.91
C LYS FB 46 65.73 14.54 -64.61
N PHE FB 47 65.80 13.86 -63.47
CA PHE FB 47 66.03 14.55 -62.21
C PHE FB 47 67.46 15.07 -62.14
N THR FB 48 68.41 14.35 -62.73
CA THR FB 48 69.78 14.84 -62.82
C THR FB 48 69.84 16.12 -63.66
N LEU FB 49 69.09 16.16 -64.77
CA LEU FB 49 69.00 17.39 -65.53
C LEU FB 49 68.18 18.43 -64.78
N ALA FB 50 67.21 17.99 -63.98
CA ALA FB 50 66.49 18.92 -63.11
C ALA FB 50 67.42 19.53 -62.07
N LYS FB 51 68.39 18.75 -61.57
CA LYS FB 51 69.43 19.32 -60.72
C LYS FB 51 70.26 20.33 -61.49
N ILE FB 52 70.54 20.06 -62.75
CA ILE FB 52 71.16 21.08 -63.61
C ILE FB 52 70.18 22.21 -63.87
N ARG FB 53 68.89 21.90 -64.04
CA ARG FB 53 67.89 22.94 -64.24
C ARG FB 53 67.74 23.81 -63.00
N LYS FB 54 67.73 23.20 -61.81
CA LYS FB 54 67.59 24.00 -60.60
C LYS FB 54 68.86 24.79 -60.32
N ALA FB 55 70.01 24.27 -60.73
CA ALA FB 55 71.24 25.06 -60.68
C ALA FB 55 71.22 26.17 -61.72
N ALA FB 56 70.50 25.96 -62.82
CA ALA FB 56 70.39 26.99 -63.85
C ALA FB 56 69.49 28.13 -63.40
N ARG FB 57 68.39 27.81 -62.72
CA ARG FB 57 67.45 28.86 -62.33
C ARG FB 57 67.97 29.67 -61.15
N GLU FB 58 68.77 29.08 -60.27
CA GLU FB 58 69.34 29.87 -59.18
C GLU FB 58 70.46 30.77 -59.68
N LEU FB 59 71.09 30.42 -60.80
CA LEU FB 59 72.17 31.24 -61.34
C LEU FB 59 71.63 32.55 -61.91
N LEU FB 60 70.39 32.55 -62.39
CA LEU FB 60 69.78 33.73 -62.99
C LEU FB 60 69.22 34.70 -61.95
N THR FB 61 69.22 34.32 -60.67
CA THR FB 61 68.71 35.19 -59.62
C THR FB 61 69.77 36.09 -59.01
N LEU FB 62 71.03 35.95 -59.42
CA LEU FB 62 72.11 36.80 -58.95
C LEU FB 62 72.35 37.94 -59.93
N ASP FB 63 72.93 39.02 -59.43
CA ASP FB 63 73.22 40.18 -60.26
C ASP FB 63 74.32 39.85 -61.25
N GLU FB 64 74.28 40.50 -62.41
CA GLU FB 64 75.28 40.29 -63.44
C GLU FB 64 76.62 40.87 -63.00
N LYS FB 65 77.70 40.36 -63.61
CA LYS FB 65 79.07 40.77 -63.33
C LYS FB 65 79.44 40.56 -61.86
N ASP FB 66 79.15 39.36 -61.37
CA ASP FB 66 79.46 38.93 -60.02
C ASP FB 66 80.30 37.67 -60.09
N PRO FB 67 81.43 37.58 -59.38
CA PRO FB 67 82.31 36.42 -59.51
C PRO FB 67 81.76 35.13 -58.94
N ARG FB 68 80.67 35.18 -58.17
CA ARG FB 68 79.96 33.95 -57.84
C ARG FB 68 79.11 33.48 -59.03
N ARG FB 69 78.57 34.44 -59.80
CA ARG FB 69 77.83 34.08 -61.00
C ARG FB 69 78.76 33.60 -62.11
N LEU FB 70 79.97 34.18 -62.20
CA LEU FB 70 80.90 33.81 -63.26
C LEU FB 70 81.57 32.47 -62.98
N PHE FB 71 81.90 32.19 -61.72
CA PHE FB 71 82.62 30.95 -61.40
C PHE FB 71 81.76 29.72 -61.67
N GLU FB 72 80.48 29.78 -61.33
CA GLU FB 72 79.55 28.70 -61.66
C GLU FB 72 79.05 28.78 -63.10
N GLY FB 73 79.40 29.84 -63.82
CA GLY FB 73 79.00 29.95 -65.21
C GLY FB 73 79.87 29.12 -66.14
N ASN FB 74 81.18 29.38 -66.14
CA ASN FB 74 82.08 28.65 -67.02
C ASN FB 74 82.31 27.22 -66.55
N ALA FB 75 82.34 26.99 -65.23
CA ALA FB 75 82.54 25.64 -64.71
C ALA FB 75 81.39 24.73 -65.07
N LEU FB 76 80.16 25.22 -65.02
CA LEU FB 76 79.02 24.46 -65.54
C LEU FB 76 79.16 24.21 -67.03
N LEU FB 77 79.59 25.25 -67.78
CA LEU FB 77 79.81 25.09 -69.21
C LEU FB 77 80.95 24.13 -69.50
N ARG FB 78 82.04 24.21 -68.73
CA ARG FB 78 83.17 23.31 -68.95
C ARG FB 78 82.79 21.86 -68.68
N ARG FB 79 82.01 21.62 -67.62
CA ARG FB 79 81.54 20.27 -67.33
C ARG FB 79 80.61 19.75 -68.44
N LEU FB 80 79.74 20.62 -68.96
CA LEU FB 80 78.83 20.20 -70.01
C LEU FB 80 79.52 20.04 -71.37
N VAL FB 81 80.61 20.78 -71.61
CA VAL FB 81 81.34 20.64 -72.87
C VAL FB 81 82.05 19.29 -72.92
N ARG FB 82 82.76 18.92 -71.85
CA ARG FB 82 83.60 17.74 -71.86
C ARG FB 82 82.80 16.44 -71.90
N ILE FB 83 81.50 16.49 -71.65
CA ILE FB 83 80.63 15.33 -71.81
C ILE FB 83 79.82 15.44 -73.10
N GLY FB 84 79.98 16.53 -73.83
CA GLY FB 84 79.26 16.72 -75.08
C GLY FB 84 77.77 16.91 -74.92
N VAL FB 85 77.34 17.66 -73.92
CA VAL FB 85 75.92 17.93 -73.70
C VAL FB 85 75.58 19.25 -74.39
N LEU FB 86 76.30 20.31 -74.06
CA LEU FB 86 76.14 21.61 -74.71
C LEU FB 86 77.30 21.81 -75.69
N ASP FB 87 76.98 22.20 -76.92
CA ASP FB 87 77.98 22.43 -77.94
C ASP FB 87 78.85 23.62 -77.59
N GLU FB 88 80.09 23.61 -78.09
CA GLU FB 88 81.07 24.65 -77.81
C GLU FB 88 80.69 26.01 -78.37
N GLY FB 89 79.80 26.06 -79.36
CA GLY FB 89 79.35 27.31 -79.94
C GLY FB 89 78.24 28.00 -79.19
N LYS FB 90 77.77 27.43 -78.09
CA LYS FB 90 76.69 28.00 -77.29
C LYS FB 90 77.17 28.41 -75.90
N MET FB 91 78.35 29.04 -75.84
CA MET FB 91 78.96 29.42 -74.57
C MET FB 91 78.23 30.64 -74.01
N LYS FB 92 77.13 30.37 -73.32
CA LYS FB 92 76.34 31.39 -72.67
C LYS FB 92 75.58 30.74 -71.52
N LEU FB 93 75.16 31.57 -70.56
CA LEU FB 93 74.43 31.10 -69.40
C LEU FB 93 72.94 30.97 -69.65
N ASP FB 94 72.47 31.29 -70.87
CA ASP FB 94 71.05 31.22 -71.20
C ASP FB 94 70.75 30.15 -72.23
N TYR FB 95 71.74 29.36 -72.65
CA TYR FB 95 71.52 28.25 -73.58
C TYR FB 95 71.19 26.94 -72.88
N ILE FB 96 71.31 26.90 -71.55
CA ILE FB 96 70.92 25.73 -70.78
C ILE FB 96 69.40 25.65 -70.63
N LEU FB 97 68.70 26.78 -70.80
CA LEU FB 97 67.27 26.86 -70.56
C LEU FB 97 66.42 26.20 -71.63
N GLY FB 98 66.99 25.88 -72.78
CA GLY FB 98 66.25 25.22 -73.84
C GLY FB 98 66.70 23.79 -74.05
N LEU FB 99 67.41 23.24 -73.06
CA LEU FB 99 67.94 21.89 -73.17
C LEU FB 99 66.83 20.85 -73.06
N LYS FB 100 67.03 19.73 -73.73
CA LYS FB 100 66.12 18.60 -73.67
C LYS FB 100 66.89 17.34 -73.33
N ILE FB 101 66.19 16.36 -72.77
CA ILE FB 101 66.86 15.15 -72.31
C ILE FB 101 67.25 14.22 -73.46
N GLU FB 102 66.67 14.40 -74.65
CA GLU FB 102 66.99 13.54 -75.79
C GLU FB 102 68.44 13.69 -76.22
N ASP FB 103 69.05 14.86 -76.00
CA ASP FB 103 70.48 15.01 -76.22
C ASP FB 103 71.27 14.17 -75.22
N PHE FB 104 70.77 14.07 -73.98
CA PHE FB 104 71.47 13.29 -72.96
C PHE FB 104 71.38 11.81 -73.21
N LEU FB 105 70.20 11.31 -73.64
CA LEU FB 105 70.09 9.90 -73.97
C LEU FB 105 70.83 9.51 -75.24
N GLU FB 106 71.24 10.49 -76.05
CA GLU FB 106 72.18 10.21 -77.13
C GLU FB 106 73.62 10.12 -76.64
N ARG FB 107 73.90 10.64 -75.44
CA ARG FB 107 75.23 10.51 -74.83
C ARG FB 107 75.40 9.21 -74.06
N ARG FB 108 74.34 8.44 -73.87
CA ARG FB 108 74.47 7.11 -73.31
C ARG FB 108 75.20 6.21 -74.31
N LEU FB 109 76.12 5.38 -73.78
CA LEU FB 109 76.94 4.53 -74.63
C LEU FB 109 76.11 3.44 -75.32
N GLN FB 110 74.87 3.23 -74.88
CA GLN FB 110 73.96 2.32 -75.59
C GLN FB 110 73.68 2.80 -77.00
N THR FB 111 73.45 4.10 -77.17
CA THR FB 111 73.23 4.68 -78.50
C THR FB 111 74.52 5.10 -79.17
N GLN FB 112 75.59 5.30 -78.40
CA GLN FB 112 76.90 5.60 -78.98
C GLN FB 112 77.43 4.42 -79.79
N VAL FB 113 77.25 3.20 -79.28
CA VAL FB 113 77.67 2.00 -80.02
C VAL FB 113 76.88 1.87 -81.32
N PHE FB 114 75.59 2.21 -81.28
CA PHE FB 114 74.75 2.14 -82.48
C PHE FB 114 75.22 3.10 -83.56
N LYS FB 115 75.74 4.27 -83.18
CA LYS FB 115 76.15 5.26 -84.17
C LYS FB 115 77.47 4.87 -84.83
N LEU FB 116 78.39 4.26 -84.09
CA LEU FB 116 79.65 3.82 -84.64
C LEU FB 116 79.54 2.54 -85.46
N GLY FB 117 78.39 1.86 -85.42
CA GLY FB 117 78.14 0.77 -86.33
C GLY FB 117 78.87 -0.52 -86.02
N LEU FB 118 79.44 -0.69 -84.83
CA LEU FB 118 80.08 -1.93 -84.46
C LEU FB 118 79.12 -2.94 -83.83
N ALA FB 119 77.85 -2.59 -83.73
CA ALA FB 119 76.79 -3.50 -83.34
C ALA FB 119 75.90 -3.79 -84.55
N LYS FB 120 74.82 -4.54 -84.30
CA LYS FB 120 73.89 -4.89 -85.36
C LYS FB 120 72.50 -4.30 -85.18
N SER FB 121 72.15 -3.84 -83.99
CA SER FB 121 70.83 -3.26 -83.72
C SER FB 121 70.92 -2.38 -82.48
N ILE FB 122 69.83 -1.67 -82.20
CA ILE FB 122 69.76 -0.86 -80.99
C ILE FB 122 69.80 -1.74 -79.75
N HIS FB 123 69.01 -2.82 -79.74
CA HIS FB 123 69.04 -3.76 -78.64
C HIS FB 123 70.21 -4.74 -78.73
N HIS FB 124 70.85 -4.84 -79.89
CA HIS FB 124 72.09 -5.60 -79.99
C HIS FB 124 73.28 -4.82 -79.45
N ALA FB 125 73.14 -3.51 -79.25
CA ALA FB 125 74.12 -2.74 -78.52
C ALA FB 125 74.07 -3.01 -77.03
N ARG FB 126 72.92 -3.47 -76.51
CA ARG FB 126 72.87 -3.96 -75.14
C ARG FB 126 73.57 -5.30 -75.02
N VAL FB 127 73.61 -6.07 -76.11
CA VAL FB 127 74.33 -7.34 -76.10
C VAL FB 127 75.83 -7.12 -75.92
N LEU FB 128 76.41 -6.17 -76.66
CA LEU FB 128 77.85 -5.95 -76.58
C LEU FB 128 78.27 -5.33 -75.25
N ILE FB 129 77.34 -4.68 -74.55
CA ILE FB 129 77.69 -4.12 -73.24
C ILE FB 129 77.53 -5.17 -72.15
N ARG FB 130 76.39 -5.86 -72.13
CA ARG FB 130 76.12 -6.82 -71.06
C ARG FB 130 77.03 -8.04 -71.15
N GLN FB 131 77.40 -8.45 -72.35
CA GLN FB 131 78.31 -9.57 -72.54
C GLN FB 131 79.78 -9.15 -72.57
N ARG FB 132 80.06 -7.86 -72.32
CA ARG FB 132 81.41 -7.35 -72.13
C ARG FB 132 82.30 -7.58 -73.34
N HIS FB 133 81.76 -7.31 -74.53
CA HIS FB 133 82.49 -7.50 -75.77
C HIS FB 133 83.20 -6.23 -76.25
N ILE FB 134 83.09 -5.13 -75.51
CA ILE FB 134 83.71 -3.86 -75.90
C ILE FB 134 84.52 -3.33 -74.73
N ARG FB 135 85.35 -2.34 -75.03
CA ARG FB 135 86.17 -1.67 -74.03
C ARG FB 135 86.30 -0.19 -74.39
N VAL FB 136 86.55 0.63 -73.37
CA VAL FB 136 86.77 2.06 -73.56
C VAL FB 136 88.09 2.42 -72.88
N ARG FB 137 89.08 2.85 -73.67
CA ARG FB 137 90.42 3.16 -73.19
C ARG FB 137 91.04 1.98 -72.44
N LYS FB 138 90.94 0.79 -73.04
CA LYS FB 138 91.40 -0.47 -72.45
C LYS FB 138 90.75 -0.70 -71.09
N GLN FB 139 89.45 -0.41 -71.00
CA GLN FB 139 88.66 -0.67 -69.82
C GLN FB 139 87.31 -1.21 -70.27
N VAL FB 140 87.02 -2.45 -69.91
CA VAL FB 140 85.80 -3.12 -70.37
C VAL FB 140 84.60 -2.53 -69.65
N VAL FB 141 83.59 -2.14 -70.42
CA VAL FB 141 82.39 -1.50 -69.90
C VAL FB 141 81.26 -2.52 -69.94
N ASN FB 142 80.81 -2.95 -68.76
CA ASN FB 142 79.67 -3.84 -68.62
C ASN FB 142 78.39 -3.09 -68.25
N ILE FB 143 78.50 -1.87 -67.75
CA ILE FB 143 77.37 -1.10 -67.25
C ILE FB 143 76.98 -0.09 -68.32
N PRO FB 144 75.77 -0.17 -68.87
CA PRO FB 144 75.41 0.69 -70.02
C PRO FB 144 75.21 2.15 -69.69
N SER FB 145 75.10 2.53 -68.41
CA SER FB 145 74.91 3.93 -68.03
C SER FB 145 76.23 4.69 -67.92
N PHE FB 146 77.31 4.14 -68.48
CA PHE FB 146 78.57 4.86 -68.55
C PHE FB 146 78.42 6.06 -69.47
N ILE FB 147 78.39 7.26 -68.90
CA ILE FB 147 78.14 8.46 -69.70
C ILE FB 147 79.37 8.75 -70.54
N VAL FB 148 79.15 9.12 -71.80
CA VAL FB 148 80.24 9.25 -72.76
C VAL FB 148 80.74 10.69 -72.75
N ARG FB 149 82.01 10.88 -72.41
CA ARG FB 149 82.61 12.20 -72.49
C ARG FB 149 82.89 12.58 -73.94
N LEU FB 150 82.87 13.89 -74.20
CA LEU FB 150 83.19 14.37 -75.55
C LEU FB 150 84.65 14.11 -75.89
N ASP FB 151 85.53 14.17 -74.89
CA ASP FB 151 86.95 13.90 -75.14
C ASP FB 151 87.24 12.42 -75.33
N SER FB 152 86.33 11.54 -74.89
CA SER FB 152 86.60 10.10 -74.90
C SER FB 152 85.57 9.32 -75.73
N GLN FB 153 84.84 9.99 -76.62
CA GLN FB 153 83.89 9.26 -77.46
C GLN FB 153 84.60 8.50 -78.57
N LYS FB 154 85.77 8.98 -79.00
CA LYS FB 154 86.50 8.35 -80.10
C LYS FB 154 87.20 7.06 -79.68
N HIS FB 155 87.29 6.77 -78.38
CA HIS FB 155 88.02 5.62 -77.88
C HIS FB 155 87.11 4.43 -77.58
N ILE FB 156 86.03 4.26 -78.34
CA ILE FB 156 85.11 3.14 -78.18
C ILE FB 156 85.47 2.07 -79.21
N ASP FB 157 85.82 0.89 -78.74
CA ASP FB 157 86.20 -0.21 -79.62
C ASP FB 157 86.01 -1.54 -78.90
N PHE FB 158 86.29 -2.63 -79.62
CA PHE FB 158 86.13 -3.96 -79.07
C PHE FB 158 87.16 -4.24 -77.99
N SER FB 159 86.82 -5.13 -77.07
CA SER FB 159 87.71 -5.50 -75.99
C SER FB 159 88.80 -6.44 -76.49
N LEU FB 160 89.83 -6.62 -75.65
CA LEU FB 160 90.98 -7.43 -76.02
C LEU FB 160 90.65 -8.92 -76.06
N ARG FB 161 90.25 -9.48 -74.91
CA ARG FB 161 89.94 -10.90 -74.82
C ARG FB 161 88.45 -11.08 -75.06
N SER FB 162 88.08 -11.23 -76.34
CA SER FB 162 86.70 -11.45 -76.73
C SER FB 162 86.68 -12.11 -78.09
N PRO FB 163 85.76 -13.06 -78.31
CA PRO FB 163 85.63 -13.63 -79.67
C PRO FB 163 85.22 -12.62 -80.72
N TYR FB 164 84.49 -11.57 -80.34
CA TYR FB 164 84.19 -10.49 -81.27
C TYR FB 164 85.38 -9.58 -81.52
N GLY FB 165 86.45 -9.71 -80.72
CA GLY FB 165 87.67 -8.98 -80.94
C GLY FB 165 88.85 -9.92 -81.18
N GLY FB 166 90.03 -9.54 -80.70
CA GLY FB 166 91.19 -10.39 -80.85
C GLY FB 166 91.42 -11.31 -79.67
N GLY FB 167 90.50 -12.24 -79.44
CA GLY FB 167 90.61 -13.16 -78.32
C GLY FB 167 90.13 -14.56 -78.59
N ARG FB 168 89.92 -15.33 -77.52
CA ARG FB 168 89.49 -16.71 -77.66
C ARG FB 168 88.03 -16.77 -78.14
N PRO FB 169 87.67 -17.83 -78.85
CA PRO FB 169 86.28 -17.96 -79.30
C PRO FB 169 85.32 -18.23 -78.15
N GLY FB 170 84.04 -17.94 -78.39
CA GLY FB 170 83.02 -18.06 -77.38
C GLY FB 170 82.63 -19.50 -77.11
N ARG FB 171 81.56 -19.65 -76.32
CA ARG FB 171 81.18 -21.00 -75.88
C ARG FB 171 80.65 -21.83 -77.03
N VAL FB 172 79.81 -21.25 -77.89
CA VAL FB 172 79.23 -22.00 -79.00
C VAL FB 172 80.31 -22.46 -79.97
N LYS FB 173 81.26 -21.58 -80.29
CA LYS FB 173 82.38 -21.97 -81.14
C LYS FB 173 83.24 -23.03 -80.46
N ARG FB 174 83.46 -22.91 -79.15
CA ARG FB 174 84.13 -23.97 -78.41
C ARG FB 174 83.28 -25.24 -78.37
N LYS FB 175 81.97 -25.11 -78.23
CA LYS FB 175 81.09 -26.27 -78.27
C LYS FB 175 81.10 -26.91 -79.66
N ASN FB 176 81.10 -26.10 -80.71
CA ASN FB 176 81.23 -26.64 -82.06
C ASN FB 176 82.61 -27.21 -82.32
N ALA FB 177 83.65 -26.66 -81.67
CA ALA FB 177 84.98 -27.25 -81.76
C ALA FB 177 85.04 -28.58 -81.02
N LYS FB 178 84.35 -28.71 -79.88
CA LYS FB 178 84.26 -30.00 -79.21
C LYS FB 178 83.50 -31.01 -80.05
N LYS FB 179 82.41 -30.56 -80.69
CA LYS FB 179 81.65 -31.44 -81.57
C LYS FB 179 82.44 -31.78 -82.83
N GLY FB 180 83.24 -30.84 -83.34
CA GLY FB 180 84.07 -31.13 -84.49
C GLY FB 180 85.23 -32.04 -84.17
N GLN FB 181 85.65 -32.09 -82.92
CA GLN FB 181 86.75 -32.95 -82.48
C GLN FB 181 86.26 -34.24 -81.82
N GLY FB 182 85.32 -34.14 -80.87
CA GLY FB 182 84.80 -35.33 -80.23
C GLY FB 182 83.91 -36.17 -81.12
N GLY FB 183 83.28 -35.55 -82.12
CA GLY FB 183 82.47 -36.26 -83.09
C GLY FB 183 83.19 -36.76 -84.31
N ALA FB 184 84.51 -36.51 -84.39
CA ALA FB 184 85.29 -36.98 -85.55
C ALA FB 184 85.72 -38.43 -85.37
N GLY FB 185 86.41 -38.72 -84.26
CA GLY FB 185 86.88 -40.06 -83.99
C GLY FB 185 88.21 -40.38 -84.63
N MET GB 1 10.29 -41.58 -92.48
CA MET GB 1 9.58 -41.11 -93.66
C MET GB 1 9.66 -42.15 -94.78
N LEU GB 2 8.74 -43.13 -94.73
CA LEU GB 2 8.71 -44.21 -95.71
C LEU GB 2 7.76 -43.85 -96.83
N MET GB 3 8.32 -43.56 -98.01
CA MET GB 3 7.53 -43.23 -99.18
C MET GB 3 7.87 -44.13 -100.36
N PRO GB 4 6.92 -44.38 -101.26
CA PRO GB 4 7.18 -45.28 -102.39
C PRO GB 4 8.15 -44.69 -103.39
N LYS GB 5 8.73 -45.57 -104.20
CA LYS GB 5 9.66 -45.14 -105.24
C LYS GB 5 8.97 -44.32 -106.32
N LYS GB 6 7.69 -44.62 -106.59
CA LYS GB 6 6.94 -43.81 -107.55
C LYS GB 6 6.74 -42.39 -107.03
N ASN GB 7 6.49 -42.23 -105.73
CA ASN GB 7 6.41 -40.91 -105.14
C ASN GB 7 7.80 -40.28 -104.99
N ARG GB 8 8.82 -41.11 -104.81
CA ARG GB 8 10.19 -40.60 -104.68
C ARG GB 8 10.70 -40.03 -105.99
N ILE GB 9 10.48 -40.75 -107.10
CA ILE GB 9 10.98 -40.32 -108.39
C ILE GB 9 10.22 -39.09 -108.88
N ALA GB 10 8.90 -39.07 -108.71
CA ALA GB 10 8.07 -37.99 -109.23
C ALA GB 10 8.34 -36.65 -108.57
N ILE GB 11 8.79 -36.64 -107.31
CA ILE GB 11 9.14 -35.39 -106.66
C ILE GB 11 10.42 -34.82 -107.26
N TYR GB 12 11.42 -35.68 -107.49
CA TYR GB 12 12.69 -35.21 -108.03
C TYR GB 12 12.59 -34.86 -109.50
N GLU GB 13 11.75 -35.57 -110.25
CA GLU GB 13 11.63 -35.33 -111.69
C GLU GB 13 10.98 -33.98 -111.99
N LEU GB 14 9.97 -33.61 -111.19
CA LEU GB 14 9.31 -32.32 -111.38
C LEU GB 14 10.23 -31.17 -111.01
N LEU GB 15 11.19 -31.40 -110.12
CA LEU GB 15 12.11 -30.34 -109.71
C LEU GB 15 13.19 -30.08 -110.76
N PHE GB 16 13.38 -30.99 -111.71
CA PHE GB 16 14.41 -30.80 -112.72
C PHE GB 16 13.87 -30.14 -113.99
N LYS GB 17 12.64 -30.46 -114.39
CA LYS GB 17 12.06 -29.86 -115.59
C LYS GB 17 11.74 -28.39 -115.42
N GLU GB 18 11.63 -27.91 -114.18
CA GLU GB 18 11.41 -26.50 -113.90
C GLU GB 18 12.23 -26.15 -112.67
N GLY GB 19 12.87 -24.98 -112.69
CA GLY GB 19 13.70 -24.57 -111.58
C GLY GB 19 12.96 -24.34 -110.28
N VAL GB 20 11.64 -24.15 -110.35
CA VAL GB 20 10.81 -23.99 -109.16
C VAL GB 20 9.79 -25.12 -109.11
N MET GB 21 9.31 -25.41 -107.90
CA MET GB 21 8.18 -26.30 -107.69
C MET GB 21 7.64 -26.00 -106.31
N VAL GB 22 6.33 -25.83 -106.20
CA VAL GB 22 5.72 -25.21 -105.03
C VAL GB 22 4.99 -26.27 -104.22
N ALA GB 23 4.62 -25.88 -103.00
CA ALA GB 23 3.83 -26.70 -102.10
C ALA GB 23 2.96 -25.78 -101.26
N LYS GB 24 2.32 -26.35 -100.24
CA LYS GB 24 1.41 -25.59 -99.39
C LYS GB 24 1.69 -25.94 -97.93
N LYS GB 25 1.44 -24.98 -97.04
CA LYS GB 25 1.55 -25.20 -95.60
C LYS GB 25 0.22 -25.75 -95.09
N ASP GB 26 -0.11 -26.95 -95.54
CA ASP GB 26 -1.33 -27.63 -95.12
C ASP GB 26 -1.12 -29.12 -95.28
N VAL GB 27 -0.91 -29.83 -94.17
CA VAL GB 27 -0.66 -31.26 -94.22
C VAL GB 27 -1.92 -32.01 -94.63
N HIS GB 28 -3.08 -31.50 -94.24
CA HIS GB 28 -4.36 -32.18 -94.43
C HIS GB 28 -4.93 -31.94 -95.83
N MET GB 29 -4.16 -32.29 -96.87
CA MET GB 29 -4.66 -32.26 -98.23
C MET GB 29 -4.21 -33.52 -98.95
N PRO GB 30 -5.13 -34.28 -99.56
CA PRO GB 30 -4.74 -35.60 -100.09
C PRO GB 30 -3.79 -35.55 -101.27
N LYS GB 31 -4.07 -34.72 -102.26
CA LYS GB 31 -3.28 -34.67 -103.48
C LYS GB 31 -2.79 -33.26 -103.75
N HIS GB 32 -1.58 -33.16 -104.28
CA HIS GB 32 -1.00 -31.87 -104.63
C HIS GB 32 -1.73 -31.32 -105.86
N PRO GB 33 -2.23 -30.07 -105.81
CA PRO GB 33 -2.97 -29.53 -106.95
C PRO GB 33 -2.12 -29.34 -108.20
N GLU GB 34 -0.80 -29.23 -108.06
CA GLU GB 34 0.05 -29.08 -109.24
C GLU GB 34 0.13 -30.38 -110.04
N LEU GB 35 0.24 -31.51 -109.34
CA LEU GB 35 0.34 -32.84 -109.96
C LEU GB 35 -0.88 -33.65 -109.54
N ALA GB 36 -1.90 -33.65 -110.40
CA ALA GB 36 -3.14 -34.38 -110.15
C ALA GB 36 -3.11 -35.80 -110.72
N ASP GB 37 -1.99 -36.22 -111.30
CA ASP GB 37 -1.88 -37.56 -111.88
C ASP GB 37 -1.45 -38.58 -110.83
N LYS GB 38 -0.29 -38.36 -110.21
CA LYS GB 38 0.19 -39.24 -109.17
C LYS GB 38 -0.44 -38.88 -107.82
N ASN GB 39 -0.09 -39.63 -106.78
CA ASN GB 39 -0.61 -39.37 -105.45
C ASN GB 39 -0.03 -38.07 -104.89
N VAL GB 40 1.29 -38.03 -104.75
CA VAL GB 40 2.11 -36.94 -104.20
C VAL GB 40 1.42 -36.17 -103.07
N PRO GB 41 1.13 -36.81 -101.93
CA PRO GB 41 0.48 -36.10 -100.82
C PRO GB 41 1.39 -35.00 -100.26
N ASN GB 42 0.74 -34.03 -99.62
CA ASN GB 42 1.46 -32.84 -99.18
C ASN GB 42 2.48 -33.13 -98.09
N LEU GB 43 2.26 -34.14 -97.26
CA LEU GB 43 3.25 -34.44 -96.22
C LEU GB 43 4.49 -35.09 -96.82
N HIS GB 44 4.38 -35.67 -98.01
CA HIS GB 44 5.55 -36.20 -98.70
C HIS GB 44 6.40 -35.09 -99.30
N VAL GB 45 5.79 -34.04 -99.84
CA VAL GB 45 6.55 -33.02 -100.53
C VAL GB 45 7.16 -32.03 -99.54
N MET GB 46 6.54 -31.86 -98.37
CA MET GB 46 7.13 -31.02 -97.33
C MET GB 46 8.37 -31.67 -96.71
N LYS GB 47 8.31 -32.98 -96.43
CA LYS GB 47 9.34 -33.61 -95.61
C LYS GB 47 10.47 -34.22 -96.42
N ALA GB 48 10.17 -34.87 -97.55
CA ALA GB 48 11.23 -35.44 -98.37
C ALA GB 48 12.08 -34.35 -99.02
N MET GB 49 11.45 -33.25 -99.45
CA MET GB 49 12.23 -32.14 -99.98
C MET GB 49 12.98 -31.43 -98.86
N GLN GB 50 12.46 -31.49 -97.63
CA GLN GB 50 13.16 -30.91 -96.49
C GLN GB 50 14.48 -31.63 -96.24
N SER GB 51 14.59 -32.89 -96.64
CA SER GB 51 15.89 -33.55 -96.64
C SER GB 51 16.86 -32.85 -97.58
N LEU GB 52 16.38 -32.38 -98.73
CA LEU GB 52 17.22 -31.59 -99.63
C LEU GB 52 17.43 -30.19 -99.11
N LYS GB 53 16.46 -29.62 -98.38
CA LYS GB 53 16.64 -28.31 -97.80
C LYS GB 53 17.61 -28.33 -96.63
N SER GB 54 17.72 -29.46 -95.93
CA SER GB 54 18.59 -29.53 -94.76
C SER GB 54 20.07 -29.56 -95.14
N ARG GB 55 20.41 -30.10 -96.31
CA ARG GB 55 21.79 -30.21 -96.75
C ARG GB 55 22.23 -29.03 -97.61
N GLY GB 56 21.35 -28.05 -97.82
CA GLY GB 56 21.73 -26.82 -98.50
C GLY GB 56 21.97 -26.96 -99.99
N TYR GB 57 20.92 -27.31 -100.74
CA TYR GB 57 20.98 -27.37 -102.19
C TYR GB 57 19.92 -26.50 -102.85
N VAL GB 58 19.13 -25.75 -102.08
CA VAL GB 58 18.00 -25.00 -102.60
C VAL GB 58 17.76 -23.77 -101.74
N LYS GB 59 17.16 -22.76 -102.35
CA LYS GB 59 16.74 -21.54 -101.67
C LYS GB 59 15.33 -21.74 -101.12
N GLU GB 60 15.10 -21.20 -99.92
CA GLU GB 60 13.88 -21.42 -99.15
C GLU GB 60 13.18 -20.09 -98.93
N GLN GB 61 11.89 -20.03 -99.25
CA GLN GB 61 11.11 -18.82 -99.04
C GLN GB 61 9.63 -19.18 -98.92
N PHE GB 62 8.93 -18.42 -98.06
CA PHE GB 62 7.54 -18.65 -97.71
C PHE GB 62 6.70 -17.41 -98.00
N ALA GB 63 5.48 -17.62 -98.53
CA ALA GB 63 4.53 -16.52 -98.73
C ALA GB 63 3.14 -16.94 -98.25
N TRP GB 64 2.92 -16.78 -96.95
CA TRP GB 64 1.65 -16.77 -96.24
C TRP GB 64 0.94 -18.12 -96.18
N ARG GB 65 1.18 -18.99 -97.17
CA ARG GB 65 0.65 -20.35 -97.14
C ARG GB 65 1.55 -21.36 -97.84
N HIS GB 66 2.64 -20.94 -98.48
CA HIS GB 66 3.28 -21.75 -99.49
C HIS GB 66 4.79 -21.64 -99.37
N PHE GB 67 5.47 -22.77 -99.50
CA PHE GB 67 6.93 -22.81 -99.52
C PHE GB 67 7.42 -22.76 -100.95
N TYR GB 68 8.38 -21.88 -101.21
CA TYR GB 68 8.93 -21.70 -102.55
C TYR GB 68 10.41 -22.07 -102.55
N TRP GB 69 10.78 -22.92 -103.50
CA TRP GB 69 12.07 -23.58 -103.54
C TRP GB 69 12.74 -23.29 -104.88
N TYR GB 70 13.81 -22.51 -104.85
CA TYR GB 70 14.56 -22.12 -106.04
C TYR GB 70 15.78 -23.02 -106.15
N LEU GB 71 15.73 -23.98 -107.06
CA LEU GB 71 16.84 -24.91 -107.23
C LEU GB 71 18.02 -24.21 -107.88
N THR GB 72 19.19 -24.38 -107.28
CA THR GB 72 20.41 -23.74 -107.75
C THR GB 72 21.22 -24.71 -108.61
N ASN GB 73 22.30 -24.19 -109.18
CA ASN GB 73 23.17 -25.00 -110.04
C ASN GB 73 23.92 -26.07 -109.25
N GLU GB 74 24.17 -25.83 -107.95
CA GLU GB 74 24.84 -26.84 -107.14
C GLU GB 74 23.94 -28.05 -106.93
N GLY GB 75 22.62 -27.84 -106.85
CA GLY GB 75 21.67 -28.92 -106.75
C GLY GB 75 21.33 -29.63 -108.04
N ILE GB 76 21.70 -29.04 -109.18
CA ILE GB 76 21.48 -29.71 -110.47
C ILE GB 76 22.34 -30.97 -110.56
N GLN GB 77 23.59 -30.89 -110.13
CA GLN GB 77 24.47 -32.06 -110.16
C GLN GB 77 24.02 -33.11 -109.16
N TYR GB 78 23.34 -32.71 -108.08
CA TYR GB 78 22.79 -33.68 -107.14
C TYR GB 78 21.71 -34.52 -107.79
N LEU GB 79 20.83 -33.90 -108.58
CA LEU GB 79 19.83 -34.66 -109.32
C LEU GB 79 20.47 -35.44 -110.46
N ARG GB 80 21.54 -34.90 -111.04
CA ARG GB 80 22.25 -35.60 -112.12
C ARG GB 80 22.94 -36.85 -111.59
N ASP GB 81 23.51 -36.78 -110.39
CA ASP GB 81 24.23 -37.92 -109.82
C ASP GB 81 23.29 -39.02 -109.34
N TYR GB 82 22.02 -38.72 -109.12
CA TYR GB 82 21.07 -39.70 -108.61
C TYR GB 82 20.11 -40.24 -109.66
N LEU GB 83 19.59 -39.37 -110.53
CA LEU GB 83 18.61 -39.78 -111.54
C LEU GB 83 19.26 -40.18 -112.86
N HIS GB 84 20.59 -40.09 -112.97
CA HIS GB 84 21.35 -40.44 -114.18
C HIS GB 84 20.85 -39.65 -115.38
N LEU GB 85 20.98 -38.32 -115.28
CA LEU GB 85 20.50 -37.43 -116.32
C LEU GB 85 21.66 -36.85 -117.12
N PRO GB 86 21.49 -36.67 -118.43
CA PRO GB 86 22.53 -36.02 -119.23
C PRO GB 86 22.66 -34.56 -118.89
N PRO GB 87 23.86 -33.97 -119.06
CA PRO GB 87 24.02 -32.53 -118.81
C PRO GB 87 23.58 -31.63 -119.94
N GLU GB 88 23.24 -32.20 -121.12
CA GLU GB 88 22.80 -31.37 -122.23
C GLU GB 88 21.43 -30.75 -121.97
N ILE GB 89 20.50 -31.54 -121.42
CA ILE GB 89 19.19 -31.03 -121.08
C ILE GB 89 19.29 -30.08 -119.89
N VAL GB 90 18.61 -28.95 -119.96
CA VAL GB 90 18.74 -27.89 -118.98
C VAL GB 90 17.36 -27.60 -118.41
N PRO GB 91 17.30 -27.04 -117.20
CA PRO GB 91 16.00 -26.59 -116.67
C PRO GB 91 15.43 -25.45 -117.50
N ALA GB 92 14.10 -25.35 -117.48
CA ALA GB 92 13.41 -24.36 -118.28
C ALA GB 92 13.68 -22.93 -117.82
N THR GB 93 14.08 -22.74 -116.56
CA THR GB 93 14.42 -21.40 -116.08
C THR GB 93 15.81 -20.95 -116.51
N LEU GB 94 16.67 -21.88 -116.93
CA LEU GB 94 17.95 -21.54 -117.51
C LEU GB 94 17.89 -21.39 -119.02
N ARG GB 95 16.77 -21.74 -119.64
CA ARG GB 95 16.61 -21.60 -121.08
C ARG GB 95 16.38 -20.14 -121.45
N ARG GB 96 16.96 -19.74 -122.58
CA ARG GB 96 16.82 -18.37 -123.06
C ARG GB 96 16.38 -18.35 -124.52
N ASP HB 1 73.35 58.31 14.65
CA ASP HB 1 73.70 58.90 13.37
C ASP HB 1 74.00 57.79 12.36
N ILE HB 2 75.27 57.41 12.26
CA ILE HB 2 75.69 56.38 11.32
C ILE HB 2 76.18 55.16 12.10
N GLN HB 3 76.57 54.11 11.38
CA GLN HB 3 77.05 52.85 11.95
C GLN HB 3 76.03 52.25 12.91
N THR HB 4 74.81 52.08 12.41
CA THR HB 4 73.73 51.46 13.18
C THR HB 4 73.69 49.95 13.03
N GLU HB 5 74.63 49.37 12.29
CA GLU HB 5 74.68 47.94 12.07
C GLU HB 5 75.36 47.25 13.25
N ARG HB 6 75.63 45.95 13.13
CA ARG HB 6 76.08 45.17 14.27
C ARG HB 6 77.54 45.40 14.60
N ALA HB 7 78.41 45.41 13.59
CA ALA HB 7 79.84 45.56 13.81
C ALA HB 7 80.27 47.00 13.51
N TYR HB 8 81.58 47.23 13.59
CA TYR HB 8 82.12 48.54 13.23
C TYR HB 8 82.02 48.74 11.72
N GLN HB 9 81.55 49.91 11.32
CA GLN HB 9 81.30 50.23 9.91
C GLN HB 9 82.37 51.19 9.43
N LYS HB 10 83.23 50.69 8.55
CA LYS HB 10 84.31 51.48 7.98
C LYS HB 10 84.75 50.87 6.66
N GLN HB 11 85.44 51.66 5.86
CA GLN HB 11 86.06 51.12 4.65
C GLN HB 11 87.25 50.25 5.03
N PRO HB 12 87.42 49.09 4.39
CA PRO HB 12 88.56 48.22 4.73
C PRO HB 12 89.92 48.79 4.37
N THR HB 13 89.98 49.73 3.42
CA THR HB 13 91.26 50.31 3.03
C THR HB 13 91.74 51.36 4.03
N ILE HB 14 90.82 52.13 4.61
CA ILE HB 14 91.21 53.27 5.43
C ILE HB 14 91.67 52.82 6.81
N PHE HB 15 92.37 53.72 7.50
CA PHE HB 15 92.88 53.46 8.84
C PHE HB 15 93.04 54.81 9.54
N GLN HB 16 92.33 55.00 10.65
CA GLN HB 16 92.35 56.27 11.37
C GLN HB 16 92.84 56.12 12.81
N ASN HB 17 93.28 54.94 13.23
CA ASN HB 17 93.63 54.67 14.61
C ASN HB 17 95.10 54.94 14.91
N LYS HB 18 95.84 55.49 13.94
CA LYS HB 18 97.20 55.93 14.19
C LYS HB 18 97.21 57.13 15.11
N LYS HB 19 98.35 57.37 15.74
CA LYS HB 19 98.47 58.43 16.75
C LYS HB 19 98.25 59.81 16.13
N ARG HB 20 97.35 60.58 16.72
CA ARG HB 20 97.01 61.91 16.23
C ARG HB 20 97.67 62.97 17.09
N VAL HB 21 97.97 64.11 16.46
CA VAL HB 21 98.67 65.27 17.04
C VAL HB 21 99.71 64.94 18.11
N LYS HB 30 89.62 65.09 9.85
CA LYS HB 30 88.57 64.46 9.07
C LYS HB 30 88.97 63.05 8.66
N LEU HB 31 87.98 62.15 8.60
CA LEU HB 31 88.26 60.76 8.28
C LEU HB 31 88.69 60.61 6.82
N PRO HB 32 89.70 59.78 6.56
CA PRO HB 32 90.10 59.49 5.17
C PRO HB 32 89.16 58.49 4.52
N ARG HB 33 89.03 58.62 3.20
CA ARG HB 33 88.13 57.79 2.42
C ARG HB 33 88.84 57.29 1.17
N TYR HB 34 88.57 56.05 0.80
CA TYR HB 34 89.11 55.44 -0.41
C TYR HB 34 88.00 55.17 -1.41
N TYR HB 35 88.28 55.45 -2.68
CA TYR HB 35 87.34 55.24 -3.77
C TYR HB 35 88.12 54.74 -4.97
N LYS HB 36 87.44 54.57 -6.10
CA LYS HB 36 88.08 54.12 -7.32
C LYS HB 36 87.24 54.53 -8.53
N ASN HB 37 87.94 54.80 -9.63
CA ASN HB 37 87.27 55.01 -10.90
C ASN HB 37 86.78 53.66 -11.43
N ILE HB 38 85.77 53.70 -12.30
CA ILE HB 38 85.12 52.48 -12.75
C ILE HB 38 85.54 52.05 -14.15
N GLY HB 39 86.01 52.97 -14.99
CA GLY HB 39 86.36 52.63 -16.36
C GLY HB 39 85.19 52.79 -17.31
N LEU HB 40 85.45 52.50 -18.59
CA LEU HB 40 84.50 52.72 -19.70
C LEU HB 40 83.93 54.14 -19.69
N GLY HB 41 84.74 55.11 -19.29
CA GLY HB 41 84.37 56.52 -19.37
C GLY HB 41 83.16 56.96 -18.58
N PHE HB 42 82.96 56.43 -17.37
CA PHE HB 42 81.94 56.92 -16.46
C PHE HB 42 82.59 57.64 -15.29
N LYS HB 43 82.08 58.84 -14.99
CA LYS HB 43 82.63 59.67 -13.94
C LYS HB 43 82.31 59.11 -12.56
N THR HB 44 83.05 59.59 -11.56
CA THR HB 44 82.80 59.25 -10.16
C THR HB 44 81.96 60.34 -9.52
N PRO HB 45 80.82 60.01 -8.92
CA PRO HB 45 79.94 61.03 -8.33
C PRO HB 45 80.58 61.74 -7.15
N LYS HB 46 80.03 62.91 -6.83
CA LYS HB 46 80.62 63.80 -5.84
C LYS HB 46 80.37 63.32 -4.41
N GLU HB 47 79.19 62.76 -4.12
CA GLU HB 47 78.83 62.47 -2.75
C GLU HB 47 79.40 61.12 -2.29
N ALA HB 48 79.77 60.24 -3.22
CA ALA HB 48 80.48 59.03 -2.85
C ALA HB 48 81.84 59.34 -2.25
N ILE HB 49 82.41 60.49 -2.60
CA ILE HB 49 83.62 60.99 -1.98
C ILE HB 49 83.30 61.86 -0.77
N GLU HB 50 82.31 62.75 -0.92
CA GLU HB 50 81.98 63.70 0.13
C GLU HB 50 81.29 63.03 1.31
N GLY HB 51 80.50 61.99 1.08
CA GLY HB 51 79.73 61.37 2.14
C GLY HB 51 80.58 60.57 3.11
N THR HB 52 79.96 60.21 4.23
CA THR HB 52 80.61 59.45 5.29
C THR HB 52 80.09 58.03 5.40
N TYR HB 53 79.27 57.58 4.45
CA TYR HB 53 78.72 56.23 4.51
C TYR HB 53 79.72 55.21 3.98
N ILE HB 54 79.41 53.93 4.22
CA ILE HB 54 80.16 52.84 3.64
C ILE HB 54 79.17 51.86 3.00
N ASP HB 55 79.66 51.14 1.99
CA ASP HB 55 78.89 50.09 1.33
C ASP HB 55 79.85 49.18 0.60
N LYS HB 56 79.92 47.91 1.03
CA LYS HB 56 80.85 46.97 0.42
C LYS HB 56 80.42 46.50 -0.96
N LYS HB 57 79.17 46.76 -1.36
CA LYS HB 57 78.63 46.25 -2.61
C LYS HB 57 78.53 47.32 -3.68
N CYS HB 58 79.08 48.51 -3.42
CA CYS HB 58 79.11 49.62 -4.36
C CYS HB 58 80.34 49.55 -5.26
N PRO HB 59 80.19 49.72 -6.56
CA PRO HB 59 81.35 49.65 -7.48
C PRO HB 59 82.29 50.84 -7.39
N PHE HB 60 82.05 51.78 -6.48
CA PHE HB 60 82.91 52.95 -6.28
C PHE HB 60 83.63 52.93 -4.94
N THR HB 61 82.95 52.55 -3.87
CA THR HB 61 83.53 52.48 -2.53
C THR HB 61 83.32 51.11 -1.89
N GLY HB 62 83.48 50.05 -2.67
CA GLY HB 62 83.27 48.71 -2.16
C GLY HB 62 84.07 47.69 -2.94
N ASN HB 63 84.15 46.48 -2.39
CA ASN HB 63 84.93 45.40 -2.97
C ASN HB 63 84.11 44.69 -4.04
N VAL HB 64 83.90 45.39 -5.15
CA VAL HB 64 83.20 44.83 -6.31
C VAL HB 64 83.60 45.63 -7.54
N SER HB 65 83.80 44.92 -8.66
CA SER HB 65 84.23 45.55 -9.91
C SER HB 65 83.27 45.16 -11.02
N ILE HB 66 82.93 46.14 -11.86
CA ILE HB 66 82.02 45.92 -12.98
C ILE HB 66 82.79 45.29 -14.14
N ARG HB 67 82.34 44.11 -14.57
CA ARG HB 67 82.99 43.43 -15.69
C ARG HB 67 81.93 42.66 -16.48
N GLY HB 68 82.23 42.41 -17.74
CA GLY HB 68 81.30 41.72 -18.63
C GLY HB 68 80.47 42.69 -19.45
N ARG HB 69 79.22 42.91 -19.04
CA ARG HB 69 78.26 43.69 -19.79
C ARG HB 69 77.84 44.94 -19.04
N ILE HB 70 77.42 45.95 -19.80
CA ILE HB 70 76.83 47.18 -19.26
C ILE HB 70 75.56 47.46 -20.04
N LEU HB 71 74.42 47.50 -19.35
CA LEU HB 71 73.13 47.73 -19.97
C LEU HB 71 72.43 48.86 -19.22
N SER HB 72 71.15 49.07 -19.52
CA SER HB 72 70.40 50.15 -18.91
C SER HB 72 69.02 49.65 -18.48
N GLY HB 73 68.26 50.54 -17.85
CA GLY HB 73 66.93 50.20 -17.38
C GLY HB 73 66.28 51.43 -16.78
N VAL HB 74 65.00 51.25 -16.43
CA VAL HB 74 64.19 52.33 -15.84
C VAL HB 74 63.64 51.85 -14.51
N VAL HB 75 63.69 52.72 -13.50
CA VAL HB 75 63.33 52.36 -12.13
C VAL HB 75 61.81 52.34 -12.00
N THR HB 76 61.30 51.30 -11.34
CA THR HB 76 59.87 51.19 -11.06
C THR HB 76 59.52 51.02 -9.59
N LYS HB 77 60.44 50.47 -8.79
CA LYS HB 77 60.18 50.26 -7.37
C LYS HB 77 61.40 50.62 -6.55
N MET HB 78 61.16 51.14 -5.34
CA MET HB 78 62.24 51.51 -4.43
C MET HB 78 61.92 51.16 -2.98
N LYS HB 79 60.94 50.29 -2.73
CA LYS HB 79 60.44 50.02 -1.39
C LYS HB 79 61.33 49.06 -0.59
N MET HB 80 62.57 48.85 -1.04
CA MET HB 80 63.55 48.07 -0.30
C MET HB 80 64.55 49.06 0.33
N GLN HB 81 65.47 48.55 1.13
CA GLN HB 81 66.56 49.35 1.69
C GLN HB 81 67.81 49.12 0.86
N ARG HB 82 68.36 50.20 0.29
CA ARG HB 82 69.66 50.21 -0.40
C ARG HB 82 69.69 49.34 -1.65
N THR HB 83 68.53 49.11 -2.28
CA THR HB 83 68.46 48.57 -3.63
C THR HB 83 67.08 48.86 -4.21
N ILE HB 84 66.98 48.77 -5.53
CA ILE HB 84 65.77 49.12 -6.26
C ILE HB 84 65.42 47.99 -7.22
N VAL HB 85 64.29 48.14 -7.91
CA VAL HB 85 63.84 47.23 -8.94
C VAL HB 85 63.67 48.02 -10.24
N ILE HB 86 64.25 47.52 -11.33
CA ILE HB 86 64.24 48.23 -12.60
C ILE HB 86 63.36 47.48 -13.60
N ARG HB 87 63.03 48.17 -14.69
CA ARG HB 87 62.22 47.63 -15.77
C ARG HB 87 63.01 47.75 -17.07
N ARG HB 88 62.96 46.69 -17.89
CA ARG HB 88 63.74 46.60 -19.12
C ARG HB 88 62.82 46.20 -20.27
N ASP HB 89 62.22 47.19 -20.94
CA ASP HB 89 61.34 46.93 -22.07
C ASP HB 89 62.18 46.68 -23.31
N TYR HB 90 62.12 45.44 -23.82
CA TYR HB 90 62.84 45.06 -25.02
C TYR HB 90 61.88 44.41 -26.01
N LEU HB 91 62.20 44.54 -27.30
CA LEU HB 91 61.36 44.06 -28.37
C LEU HB 91 62.01 42.85 -29.05
N HIS HB 92 61.21 41.84 -29.35
CA HIS HB 92 61.67 40.64 -30.01
C HIS HB 92 60.84 40.40 -31.26
N TYR HB 93 61.52 40.14 -32.38
CA TYR HB 93 60.85 39.91 -33.65
C TYR HB 93 60.56 38.42 -33.81
N ILE HB 94 59.36 38.11 -34.28
CA ILE HB 94 58.93 36.74 -34.54
C ILE HB 94 59.01 36.50 -36.04
N ARG HB 95 59.79 35.48 -36.44
CA ARG HB 95 59.97 35.21 -37.85
C ARG HB 95 58.69 34.79 -38.54
N LYS HB 96 57.86 33.98 -37.89
CA LYS HB 96 56.64 33.48 -38.53
C LYS HB 96 55.62 34.60 -38.70
N TYR HB 97 55.11 35.12 -37.59
CA TYR HB 97 54.18 36.23 -37.63
C TYR HB 97 55.01 37.50 -37.57
N ASN HB 98 55.13 38.20 -38.70
CA ASN HB 98 56.08 39.29 -38.84
C ASN HB 98 55.68 40.52 -38.04
N ARG HB 99 55.65 40.39 -36.72
CA ARG HB 99 55.31 41.50 -35.83
C ARG HB 99 56.16 41.37 -34.57
N PHE HB 100 56.10 42.38 -33.72
CA PHE HB 100 56.94 42.46 -32.53
C PHE HB 100 56.12 42.13 -31.29
N GLU HB 101 56.82 41.65 -30.26
CA GLU HB 101 56.19 41.27 -28.99
C GLU HB 101 56.78 42.11 -27.87
N LYS HB 102 55.91 42.57 -26.96
CA LYS HB 102 56.34 43.38 -25.83
C LYS HB 102 56.72 42.46 -24.67
N ARG HB 103 58.00 42.42 -24.35
CA ARG HB 103 58.51 41.60 -23.25
C ARG HB 103 59.41 42.45 -22.37
N HIS HB 104 59.46 42.09 -21.08
CA HIS HB 104 60.35 42.74 -20.14
C HIS HB 104 60.93 41.69 -19.20
N LYS HB 105 62.14 41.96 -18.72
CA LYS HB 105 62.80 41.12 -17.73
C LYS HB 105 63.19 42.01 -16.56
N ASN HB 106 62.24 42.22 -15.65
CA ASN HB 106 62.49 43.08 -14.50
C ASN HB 106 63.28 42.32 -13.43
N MET HB 107 64.31 42.98 -12.91
CA MET HB 107 65.16 42.38 -11.88
C MET HB 107 65.74 43.49 -11.03
N SER HB 108 66.19 43.13 -9.84
CA SER HB 108 66.66 44.09 -8.85
C SER HB 108 68.13 44.39 -9.09
N VAL HB 109 68.50 45.67 -8.97
CA VAL HB 109 69.89 46.11 -9.02
C VAL HB 109 70.19 46.83 -7.71
N HIS HB 110 71.43 46.72 -7.26
CA HIS HB 110 71.82 47.29 -5.96
C HIS HB 110 72.05 48.78 -6.11
N LEU HB 111 71.20 49.59 -5.49
CA LEU HB 111 71.36 51.04 -5.50
C LEU HB 111 72.07 51.48 -4.24
N SER HB 112 73.30 51.94 -4.38
CA SER HB 112 74.03 52.46 -3.25
C SER HB 112 73.50 53.85 -2.88
N PRO HB 113 73.58 54.23 -1.60
CA PRO HB 113 73.08 55.56 -1.21
C PRO HB 113 74.02 56.71 -1.59
N CYS HB 114 74.97 56.44 -2.50
CA CYS HB 114 75.76 57.53 -3.07
C CYS HB 114 74.88 58.51 -3.85
N PHE HB 115 73.85 58.01 -4.52
CA PHE HB 115 72.81 58.86 -5.10
C PHE HB 115 71.67 59.02 -4.10
N ARG HB 116 71.16 60.24 -4.02
CA ARG HB 116 70.13 60.60 -3.04
C ARG HB 116 68.78 60.84 -3.69
N ASP HB 117 68.72 61.71 -4.70
CA ASP HB 117 67.46 62.06 -5.35
C ASP HB 117 67.24 61.13 -6.54
N VAL HB 118 66.71 59.94 -6.24
CA VAL HB 118 66.34 58.97 -7.26
C VAL HB 118 64.83 58.81 -7.22
N GLN HB 119 64.17 59.06 -8.35
CA GLN HB 119 62.72 59.06 -8.44
C GLN HB 119 62.27 57.97 -9.41
N ILE HB 120 60.97 57.97 -9.70
CA ILE HB 120 60.42 57.01 -10.65
C ILE HB 120 60.60 57.52 -12.08
N GLY HB 121 60.75 56.57 -13.01
CA GLY HB 121 60.89 56.90 -14.41
C GLY HB 121 62.29 57.29 -14.85
N ASP HB 122 63.28 57.23 -13.98
CA ASP HB 122 64.63 57.62 -14.33
C ASP HB 122 65.35 56.49 -15.07
N ILE HB 123 65.93 56.82 -16.23
CA ILE HB 123 66.75 55.86 -16.95
C ILE HB 123 68.09 55.73 -16.24
N VAL HB 124 68.45 54.51 -15.87
CA VAL HB 124 69.66 54.23 -15.13
C VAL HB 124 70.47 53.17 -15.88
N THR HB 125 71.69 53.52 -16.28
CA THR HB 125 72.61 52.54 -16.82
C THR HB 125 73.13 51.65 -15.70
N VAL HB 126 73.36 50.39 -16.03
CA VAL HB 126 73.64 49.39 -15.01
C VAL HB 126 74.76 48.48 -15.50
N GLY HB 127 75.58 48.00 -14.58
CA GLY HB 127 76.75 47.21 -14.96
C GLY HB 127 76.83 45.84 -14.32
N GLU HB 128 77.21 44.84 -15.11
CA GLU HB 128 77.34 43.48 -14.62
C GLU HB 128 78.57 43.35 -13.72
N CYS HB 129 78.41 42.58 -12.65
CA CYS HB 129 79.49 42.36 -11.68
C CYS HB 129 79.37 40.94 -11.16
N ARG HB 130 80.10 40.64 -10.08
CA ARG HB 130 79.98 39.36 -9.43
C ARG HB 130 78.64 39.28 -8.69
N PRO HB 131 78.12 38.08 -8.46
CA PRO HB 131 76.88 37.93 -7.69
C PRO HB 131 77.08 38.32 -6.23
N LEU HB 132 76.29 39.28 -5.77
CA LEU HB 132 76.29 39.69 -4.37
C LEU HB 132 75.15 39.11 -3.56
N SER HB 133 74.14 38.53 -4.20
CA SER HB 133 73.05 37.87 -3.50
C SER HB 133 72.53 36.75 -4.40
N LYS HB 134 71.32 36.26 -4.11
CA LYS HB 134 70.77 35.11 -4.81
C LYS HB 134 70.56 35.40 -6.30
N THR HB 135 70.00 36.56 -6.64
CA THR HB 135 69.69 36.85 -8.03
C THR HB 135 70.26 38.17 -8.55
N VAL HB 136 70.77 39.04 -7.68
CA VAL HB 136 71.30 40.32 -8.15
C VAL HB 136 72.75 40.14 -8.56
N ARG HB 137 73.10 40.63 -9.75
CA ARG HB 137 74.46 40.63 -10.24
C ARG HB 137 74.83 41.98 -10.84
N PHE HB 138 74.15 43.04 -10.42
CA PHE HB 138 74.24 44.34 -11.04
C PHE HB 138 74.31 45.41 -9.96
N ASN HB 139 74.89 46.56 -10.32
CA ASN HB 139 74.92 47.73 -9.44
C ASN HB 139 74.60 48.97 -10.25
N VAL HB 140 74.06 49.99 -9.58
CA VAL HB 140 73.75 51.25 -10.24
C VAL HB 140 75.04 52.03 -10.44
N LEU HB 141 75.33 52.37 -11.70
CA LEU HB 141 76.54 53.11 -12.06
C LEU HB 141 76.35 54.61 -11.95
N LYS HB 142 75.43 55.17 -12.73
CA LYS HB 142 75.09 56.58 -12.63
C LYS HB 142 73.62 56.75 -12.98
N VAL HB 143 73.01 57.81 -12.43
CA VAL HB 143 71.57 58.02 -12.53
C VAL HB 143 71.32 59.26 -13.38
N THR HB 144 70.53 59.09 -14.43
CA THR HB 144 70.08 60.21 -15.23
C THR HB 144 68.68 60.64 -14.79
N LYS HB 145 68.40 61.93 -14.91
CA LYS HB 145 67.13 62.47 -14.48
C LYS HB 145 66.03 62.10 -15.48
N ALA HB 146 64.79 62.18 -14.99
CA ALA HB 146 63.64 61.81 -15.79
C ALA HB 146 63.35 62.87 -16.85
N ALA HB 147 62.37 62.60 -17.71
CA ALA HB 147 61.99 63.51 -18.78
C ALA HB 147 61.26 64.70 -18.17
N GLY HB 148 62.01 65.78 -17.93
CA GLY HB 148 61.42 66.94 -17.29
C GLY HB 148 61.13 66.69 -15.82
N THR HB 149 60.10 67.39 -15.32
CA THR HB 149 59.64 67.32 -13.93
C THR HB 149 60.79 67.61 -12.95
N LYS HB 150 61.34 68.83 -13.07
CA LYS HB 150 62.39 69.26 -12.16
C LYS HB 150 61.84 69.47 -10.75
N LYS HB 151 60.60 69.92 -10.63
CA LYS HB 151 59.99 70.15 -9.33
C LYS HB 151 59.67 68.83 -8.62
N VAL IB 1 33.83 -62.89 -118.96
CA VAL IB 1 32.45 -62.42 -119.14
C VAL IB 1 32.13 -61.47 -117.98
N ASN IB 2 33.10 -61.29 -117.08
CA ASN IB 2 32.90 -60.43 -115.93
C ASN IB 2 32.69 -58.98 -116.35
N THR IB 3 33.44 -58.50 -117.34
CA THR IB 3 33.23 -57.16 -117.86
C THR IB 3 31.98 -57.06 -118.72
N ALA IB 4 31.59 -58.16 -119.38
CA ALA IB 4 30.40 -58.14 -120.22
C ALA IB 4 29.12 -58.01 -119.40
N LEU IB 5 29.02 -58.71 -118.28
CA LEU IB 5 27.84 -58.60 -117.43
C LEU IB 5 27.83 -57.31 -116.62
N GLN IB 6 28.97 -56.64 -116.50
CA GLN IB 6 29.01 -55.40 -115.74
C GLN IB 6 28.29 -54.27 -116.45
N GLU IB 7 28.47 -54.13 -117.76
CA GLU IB 7 27.77 -53.07 -118.50
C GLU IB 7 26.26 -53.32 -118.54
N VAL IB 8 25.84 -54.58 -118.55
CA VAL IB 8 24.43 -54.91 -118.42
C VAL IB 8 23.90 -54.52 -117.05
N LEU IB 9 24.75 -54.63 -116.03
CA LEU IB 9 24.34 -54.29 -114.67
C LEU IB 9 23.94 -52.82 -114.54
N LYS IB 10 24.63 -51.91 -115.24
CA LYS IB 10 24.17 -50.52 -115.23
C LYS IB 10 22.83 -50.35 -115.94
N THR IB 11 22.59 -51.10 -117.02
CA THR IB 11 21.32 -51.00 -117.72
C THR IB 11 20.15 -51.50 -116.87
N ALA IB 12 20.40 -52.42 -115.94
CA ALA IB 12 19.36 -52.80 -114.99
C ALA IB 12 19.18 -51.74 -113.91
N LEU IB 13 20.22 -50.94 -113.66
CA LEU IB 13 20.15 -49.85 -112.68
C LEU IB 13 19.65 -48.55 -113.29
N ILE IB 14 20.10 -48.22 -114.50
CA ILE IB 14 19.67 -46.98 -115.14
C ILE IB 14 18.20 -47.07 -115.52
N HIS IB 15 17.78 -48.19 -116.12
CA HIS IB 15 16.39 -48.37 -116.50
C HIS IB 15 15.52 -48.88 -115.36
N ASP IB 16 16.14 -49.21 -114.21
CA ASP IB 16 15.44 -49.70 -113.02
C ASP IB 16 14.60 -50.94 -113.33
N GLY IB 17 15.23 -51.87 -114.04
CA GLY IB 17 14.59 -53.11 -114.44
C GLY IB 17 14.97 -54.33 -113.62
N LEU IB 18 15.53 -54.15 -112.43
CA LEU IB 18 15.99 -55.26 -111.61
C LEU IB 18 15.09 -55.44 -110.39
N ALA IB 19 14.82 -56.70 -110.05
CA ALA IB 19 14.15 -57.06 -108.80
C ALA IB 19 15.12 -57.93 -108.01
N ARG IB 20 15.75 -57.34 -107.00
CA ARG IB 20 16.84 -57.99 -106.27
C ARG IB 20 16.36 -58.46 -104.91
N GLY IB 21 17.05 -59.47 -104.38
CA GLY IB 21 16.64 -60.15 -103.18
C GLY IB 21 15.99 -61.50 -103.48
N ILE IB 22 16.14 -62.41 -102.52
CA ILE IB 22 15.66 -63.78 -102.74
C ILE IB 22 14.14 -63.84 -102.76
N ARG IB 23 13.45 -62.97 -102.01
CA ARG IB 23 12.00 -62.89 -102.12
C ARG IB 23 11.59 -62.29 -103.46
N GLU IB 24 12.29 -61.25 -103.91
CA GLU IB 24 12.06 -60.70 -105.25
C GLU IB 24 12.66 -61.54 -106.35
N ALA IB 25 13.50 -62.53 -106.01
CA ALA IB 25 13.93 -63.50 -107.02
C ALA IB 25 12.76 -64.35 -107.49
N ALA IB 26 11.82 -64.66 -106.60
CA ALA IB 26 10.62 -65.37 -107.00
C ALA IB 26 9.64 -64.47 -107.76
N LYS IB 27 9.78 -63.15 -107.63
CA LYS IB 27 8.91 -62.23 -108.37
C LYS IB 27 9.12 -62.36 -109.87
N ALA IB 28 10.39 -62.47 -110.32
CA ALA IB 28 10.69 -62.62 -111.73
C ALA IB 28 10.63 -64.07 -112.19
N LEU IB 29 10.53 -65.03 -111.27
CA LEU IB 29 10.50 -66.45 -111.62
C LEU IB 29 9.13 -67.09 -111.48
N ASP IB 30 8.22 -66.51 -110.70
CA ASP IB 30 6.84 -66.99 -110.67
C ASP IB 30 5.98 -66.29 -111.72
N LYS IB 31 6.26 -65.02 -111.97
CA LYS IB 31 5.58 -64.26 -113.01
C LYS IB 31 6.30 -64.30 -114.35
N ARG IB 32 7.41 -65.06 -114.43
CA ARG IB 32 8.20 -65.23 -115.66
C ARG IB 32 8.69 -63.88 -116.21
N GLN IB 33 9.23 -63.05 -115.32
CA GLN IB 33 9.79 -61.75 -115.68
C GLN IB 33 11.32 -61.75 -115.53
N ALA IB 34 11.95 -62.87 -115.85
CA ALA IB 34 13.38 -63.04 -115.65
C ALA IB 34 14.09 -63.25 -116.99
N HIS IB 35 15.29 -62.69 -117.09
CA HIS IB 35 16.15 -62.89 -118.26
C HIS IB 35 17.58 -63.28 -117.93
N LEU IB 36 18.08 -62.97 -116.74
CA LEU IB 36 19.43 -63.35 -116.33
C LEU IB 36 19.47 -63.42 -114.81
N CYS IB 37 20.20 -64.39 -114.28
CA CYS IB 37 20.29 -64.60 -112.84
C CYS IB 37 21.72 -65.01 -112.49
N VAL IB 38 22.49 -64.06 -111.96
CA VAL IB 38 23.84 -64.36 -111.48
C VAL IB 38 23.75 -64.90 -110.06
N LEU IB 39 24.48 -65.99 -109.80
CA LEU IB 39 24.38 -66.72 -108.53
C LEU IB 39 25.77 -66.92 -107.94
N ALA IB 40 25.88 -66.72 -106.63
CA ALA IB 40 27.13 -66.94 -105.92
C ALA IB 40 27.32 -68.41 -105.58
N SER IB 41 28.51 -68.74 -105.12
CA SER IB 41 28.86 -70.11 -104.75
C SER IB 41 29.90 -70.06 -103.63
N ASN IB 42 30.56 -71.19 -103.41
CA ASN IB 42 31.63 -71.40 -102.42
C ASN IB 42 31.33 -70.74 -101.07
N CYS IB 43 30.12 -70.94 -100.60
CA CYS IB 43 29.68 -70.43 -99.30
C CYS IB 43 29.15 -71.59 -98.45
N ASP IB 44 28.78 -71.26 -97.22
CA ASP IB 44 28.22 -72.24 -96.28
C ASP IB 44 26.70 -72.29 -96.40
N GLU IB 45 26.21 -72.46 -97.62
CA GLU IB 45 24.77 -72.54 -97.92
C GLU IB 45 24.52 -73.78 -98.77
N PRO IB 46 24.56 -74.97 -98.17
CA PRO IB 46 24.30 -76.19 -98.95
C PRO IB 46 22.85 -76.32 -99.38
N MET IB 47 21.94 -75.79 -98.56
CA MET IB 47 20.52 -75.86 -98.88
C MET IB 47 20.06 -74.65 -99.68
N TYR IB 48 20.59 -73.47 -99.37
CA TYR IB 48 20.13 -72.24 -100.03
C TYR IB 48 20.48 -72.22 -101.51
N VAL IB 49 21.67 -72.69 -101.88
CA VAL IB 49 22.03 -72.76 -103.29
C VAL IB 49 21.26 -73.84 -104.01
N LYS IB 50 20.76 -74.85 -103.29
CA LYS IB 50 19.98 -75.91 -103.91
C LYS IB 50 18.56 -75.48 -104.22
N LEU IB 51 17.94 -74.65 -103.35
CA LEU IB 51 16.60 -74.16 -103.61
C LEU IB 51 16.55 -73.17 -104.77
N VAL IB 52 17.52 -72.26 -104.86
CA VAL IB 52 17.50 -71.29 -105.95
C VAL IB 52 17.78 -71.95 -107.30
N GLU IB 53 18.66 -72.95 -107.34
CA GLU IB 53 18.93 -73.66 -108.58
C GLU IB 53 17.76 -74.52 -109.02
N ALA IB 54 16.92 -74.98 -108.09
CA ALA IB 54 15.71 -75.69 -108.47
C ALA IB 54 14.74 -74.76 -109.19
N LEU IB 55 14.62 -73.52 -108.72
CA LEU IB 55 13.78 -72.54 -109.40
C LEU IB 55 14.44 -71.96 -110.65
N CYS IB 56 15.77 -71.95 -110.71
CA CYS IB 56 16.48 -71.42 -111.87
C CYS IB 56 16.46 -72.38 -113.06
N ALA IB 57 16.01 -73.61 -112.87
CA ALA IB 57 15.89 -74.58 -113.95
C ALA IB 57 14.45 -74.74 -114.43
N GLU IB 58 13.57 -73.79 -114.09
CA GLU IB 58 12.15 -73.95 -114.40
C GLU IB 58 11.86 -73.69 -115.87
N HIS IB 59 12.09 -72.46 -116.34
CA HIS IB 59 11.76 -72.10 -117.71
C HIS IB 59 12.48 -70.81 -118.09
N GLN IB 60 13.37 -70.91 -119.09
CA GLN IB 60 13.96 -69.75 -119.76
C GLN IB 60 14.70 -68.82 -118.79
N ILE IB 61 15.69 -69.39 -118.10
CA ILE IB 61 16.48 -68.66 -117.12
C ILE IB 61 17.95 -68.82 -117.47
N ASN IB 62 18.65 -67.71 -117.62
CA ASN IB 62 20.07 -67.70 -117.92
C ASN IB 62 20.87 -67.61 -116.62
N LEU IB 63 21.94 -68.40 -116.54
CA LEU IB 63 22.72 -68.54 -115.31
C LEU IB 63 24.16 -68.11 -115.54
N ILE IB 64 24.70 -67.37 -114.56
CA ILE IB 64 26.10 -66.99 -114.53
C ILE IB 64 26.62 -67.25 -113.13
N LYS IB 65 27.68 -68.03 -113.00
CA LYS IB 65 28.24 -68.40 -111.71
C LYS IB 65 29.30 -67.39 -111.30
N VAL IB 66 29.02 -66.63 -110.25
CA VAL IB 66 29.99 -65.73 -109.66
C VAL IB 66 30.53 -66.41 -108.39
N ASP IB 67 31.71 -65.97 -107.94
CA ASP IB 67 32.41 -66.67 -106.87
C ASP IB 67 31.86 -66.33 -105.48
N ASP IB 68 31.96 -65.07 -105.07
CA ASP IB 68 31.69 -64.69 -103.69
C ASP IB 68 30.48 -63.77 -103.60
N ASN IB 69 29.92 -63.69 -102.39
CA ASN IB 69 28.81 -62.77 -102.12
C ASN IB 69 29.26 -61.32 -102.22
N LYS IB 70 30.46 -61.02 -101.71
CA LYS IB 70 30.92 -59.64 -101.62
C LYS IB 70 31.22 -59.07 -103.01
N LYS IB 71 31.77 -59.88 -103.91
CA LYS IB 71 32.08 -59.37 -105.25
C LYS IB 71 30.82 -59.13 -106.06
N LEU IB 72 29.72 -59.81 -105.74
CA LEU IB 72 28.45 -59.49 -106.38
C LEU IB 72 27.86 -58.20 -105.84
N GLY IB 73 27.95 -57.98 -104.53
CA GLY IB 73 27.40 -56.80 -103.92
C GLY IB 73 28.22 -55.55 -104.17
N GLU IB 74 29.54 -55.69 -104.24
CA GLU IB 74 30.41 -54.56 -104.52
C GLU IB 74 30.27 -54.09 -105.98
N TRP IB 75 30.09 -55.03 -106.91
CA TRP IB 75 29.96 -54.67 -108.31
C TRP IB 75 28.66 -53.91 -108.58
N VAL IB 76 27.58 -54.24 -107.87
CA VAL IB 76 26.32 -53.57 -108.11
C VAL IB 76 26.25 -52.24 -107.38
N GLY IB 77 26.96 -52.10 -106.26
CA GLY IB 77 27.01 -50.85 -105.53
C GLY IB 77 25.70 -50.44 -104.88
N LEU IB 78 25.27 -51.21 -103.88
CA LEU IB 78 24.02 -50.89 -103.20
C LEU IB 78 24.16 -49.66 -102.30
N CYS IB 79 25.26 -49.59 -101.55
CA CYS IB 79 25.44 -48.55 -100.54
C CYS IB 79 26.68 -47.72 -100.82
N LYS IB 80 26.83 -47.25 -102.06
CA LYS IB 80 28.01 -46.51 -102.47
C LYS IB 80 28.17 -45.20 -101.70
N ILE IB 81 29.14 -45.17 -100.79
CA ILE IB 81 29.52 -43.96 -100.05
C ILE IB 81 31.00 -43.72 -100.30
N ASP IB 82 31.37 -42.46 -100.51
CA ASP IB 82 32.73 -42.04 -100.85
C ASP IB 82 33.21 -42.75 -102.12
N ARG IB 83 32.52 -42.43 -103.21
CA ARG IB 83 32.75 -43.07 -104.50
C ARG IB 83 34.12 -42.73 -105.10
N GLU IB 84 34.79 -41.71 -104.60
CA GLU IB 84 36.15 -41.39 -105.05
C GLU IB 84 37.11 -42.40 -104.42
N GLY IB 85 37.16 -43.58 -105.05
CA GLY IB 85 37.94 -44.68 -104.53
C GLY IB 85 37.11 -45.94 -104.37
N LYS IB 86 37.05 -46.46 -103.14
CA LYS IB 86 36.27 -47.65 -102.86
C LYS IB 86 35.02 -47.29 -102.04
N PRO IB 87 33.93 -48.04 -102.19
CA PRO IB 87 32.75 -47.82 -101.35
C PRO IB 87 33.06 -48.04 -99.87
N ARG IB 88 32.43 -47.25 -99.02
CA ARG IB 88 32.69 -47.32 -97.59
C ARG IB 88 32.18 -48.64 -97.00
N LYS IB 89 30.87 -48.87 -97.09
CA LYS IB 89 30.25 -50.09 -96.58
C LYS IB 89 29.39 -50.71 -97.66
N VAL IB 90 29.56 -52.02 -97.87
CA VAL IB 90 28.83 -52.74 -98.91
C VAL IB 90 28.46 -54.12 -98.37
N VAL IB 91 27.34 -54.64 -98.86
CA VAL IB 91 26.82 -55.91 -98.40
C VAL IB 91 27.21 -57.00 -99.39
N GLY IB 92 27.12 -58.25 -98.95
CA GLY IB 92 27.36 -59.39 -99.83
C GLY IB 92 26.07 -60.10 -100.21
N CYS IB 93 25.61 -59.91 -101.43
CA CYS IB 93 24.37 -60.49 -101.91
C CYS IB 93 24.65 -61.75 -102.74
N SER IB 94 23.64 -62.59 -102.85
CA SER IB 94 23.75 -63.87 -103.54
C SER IB 94 22.88 -63.93 -104.79
N CYS IB 95 21.59 -63.68 -104.65
CA CYS IB 95 20.61 -63.87 -105.73
C CYS IB 95 20.15 -62.51 -106.24
N VAL IB 96 20.61 -62.13 -107.42
CA VAL IB 96 20.14 -60.95 -108.13
C VAL IB 96 19.57 -61.42 -109.47
N VAL IB 97 18.28 -61.16 -109.69
CA VAL IB 97 17.62 -61.51 -110.94
C VAL IB 97 17.20 -60.21 -111.62
N VAL IB 98 17.69 -60.00 -112.84
CA VAL IB 98 17.47 -58.75 -113.55
C VAL IB 98 16.64 -59.00 -114.80
N LYS IB 99 15.85 -58.00 -115.17
CA LYS IB 99 15.14 -57.96 -116.44
C LYS IB 99 15.73 -56.80 -117.23
N ASP IB 100 16.60 -57.12 -118.17
CA ASP IB 100 17.37 -56.11 -118.90
C ASP IB 100 16.45 -55.37 -119.85
N TYR IB 101 16.01 -54.17 -119.43
CA TYR IB 101 15.19 -53.33 -120.29
C TYR IB 101 15.99 -52.71 -121.43
N GLY IB 102 17.28 -52.43 -121.21
CA GLY IB 102 18.13 -51.90 -122.26
C GLY IB 102 18.70 -52.99 -123.14
N LYS IB 103 17.85 -53.57 -124.00
CA LYS IB 103 18.28 -54.65 -124.88
C LYS IB 103 19.11 -54.16 -126.05
N GLU IB 104 19.14 -52.86 -126.32
CA GLU IB 104 19.94 -52.30 -127.41
C GLU IB 104 21.32 -51.94 -126.85
N SER IB 105 22.10 -52.97 -126.56
CA SER IB 105 23.44 -52.80 -126.00
C SER IB 105 24.35 -53.88 -126.57
N GLN IB 106 25.61 -53.49 -126.83
CA GLN IB 106 26.59 -54.46 -127.30
C GLN IB 106 26.93 -55.49 -126.23
N ALA IB 107 26.90 -55.09 -124.96
CA ALA IB 107 27.15 -56.04 -123.88
C ALA IB 107 26.06 -57.08 -123.77
N LYS IB 108 24.80 -56.68 -124.01
CA LYS IB 108 23.71 -57.66 -124.00
C LYS IB 108 23.81 -58.59 -125.21
N ASP IB 109 24.25 -58.06 -126.36
CA ASP IB 109 24.35 -58.87 -127.56
C ASP IB 109 25.45 -59.93 -127.47
N VAL IB 110 26.59 -59.58 -126.88
CA VAL IB 110 27.67 -60.56 -126.75
C VAL IB 110 27.34 -61.63 -125.71
N ILE IB 111 26.58 -61.29 -124.68
CA ILE IB 111 26.10 -62.30 -123.72
C ILE IB 111 24.99 -63.14 -124.32
N GLU IB 112 24.12 -62.53 -125.13
CA GLU IB 112 23.12 -63.30 -125.88
C GLU IB 112 23.79 -64.26 -126.85
N GLU IB 113 24.88 -63.83 -127.50
CA GLU IB 113 25.70 -64.75 -128.28
C GLU IB 113 26.35 -65.80 -127.39
N TYR IB 114 26.79 -65.39 -126.19
CA TYR IB 114 27.41 -66.32 -125.25
C TYR IB 114 26.43 -67.37 -124.77
N PHE IB 115 25.18 -66.99 -124.51
CA PHE IB 115 24.16 -67.94 -124.08
C PHE IB 115 23.52 -68.68 -125.25
N LYS IB 116 23.77 -68.25 -126.48
CA LYS IB 116 23.28 -68.99 -127.65
C LYS IB 116 23.96 -70.35 -127.76
N CYS IB 117 25.27 -70.40 -127.50
CA CYS IB 117 26.01 -71.65 -127.57
C CYS IB 117 25.68 -72.56 -126.38
N GLY JB 1 32.54 60.22 -34.57
CA GLY JB 1 31.37 60.86 -33.99
C GLY JB 1 31.65 61.46 -32.61
N ARG JB 2 30.63 61.45 -31.76
CA ARG JB 2 30.79 61.96 -30.40
C ARG JB 2 31.51 60.93 -29.54
N MET JB 3 31.71 61.28 -28.27
CA MET JB 3 32.40 60.39 -27.35
C MET JB 3 31.44 59.36 -26.77
N HIS JB 4 30.33 59.82 -26.18
CA HIS JB 4 29.33 58.93 -25.59
C HIS JB 4 27.96 59.10 -26.25
N ALA JB 5 27.91 59.70 -27.44
CA ALA JB 5 26.69 59.96 -28.17
C ALA JB 5 26.86 59.52 -29.62
N PRO JB 6 25.77 59.20 -30.31
CA PRO JB 6 25.87 58.80 -31.72
C PRO JB 6 25.85 59.95 -32.72
N GLY JB 7 26.02 61.20 -32.29
CA GLY JB 7 25.97 62.31 -33.21
C GLY JB 7 27.20 62.38 -34.10
N LYS JB 8 26.99 62.93 -35.30
CA LYS JB 8 28.06 63.08 -36.28
C LYS JB 8 28.00 64.41 -36.99
N GLY JB 9 27.54 65.46 -36.30
CA GLY JB 9 27.41 66.76 -36.92
C GLY JB 9 28.74 67.46 -37.12
N LEU JB 10 28.69 68.55 -37.90
CA LEU JB 10 29.87 69.35 -38.24
C LEU JB 10 29.49 70.82 -38.13
N SER JB 11 29.73 71.41 -36.95
CA SER JB 11 29.45 72.83 -36.73
C SER JB 11 30.48 73.33 -35.71
N GLN JB 12 31.57 73.91 -36.22
CA GLN JB 12 32.63 74.42 -35.36
C GLN JB 12 33.24 75.69 -35.93
N SER JB 13 34.28 76.20 -35.27
CA SER JB 13 34.92 77.43 -35.71
C SER JB 13 35.73 77.19 -36.98
N ALA JB 14 35.75 78.19 -37.85
CA ALA JB 14 36.54 78.17 -39.09
C ALA JB 14 37.32 79.50 -39.14
N LEU JB 15 38.52 79.49 -38.55
CA LEU JB 15 39.32 80.69 -38.47
C LEU JB 15 39.88 81.08 -39.84
N PRO JB 16 40.07 82.36 -40.09
CA PRO JB 16 40.65 82.81 -41.36
C PRO JB 16 42.13 82.46 -41.46
N TYR JB 17 42.74 82.82 -42.59
CA TYR JB 17 44.15 82.52 -42.82
C TYR JB 17 45.04 83.63 -42.25
N ARG JB 18 44.76 84.88 -42.58
CA ARG JB 18 45.62 85.98 -42.16
C ARG JB 18 45.41 86.27 -40.68
N ARG JB 19 46.47 86.09 -39.89
CA ARG JB 19 46.40 86.30 -38.45
C ARG JB 19 46.60 87.75 -38.04
N SER JB 20 46.96 88.62 -38.98
CA SER JB 20 47.17 90.03 -38.67
C SER JB 20 45.84 90.72 -38.40
N VAL JB 21 45.90 91.86 -37.72
CA VAL JB 21 44.72 92.63 -37.38
C VAL JB 21 44.17 93.31 -38.63
N PRO JB 22 42.87 93.55 -38.72
CA PRO JB 22 42.32 94.25 -39.89
C PRO JB 22 42.64 95.74 -39.85
N THR JB 23 42.29 96.41 -40.94
CA THR JB 23 42.58 97.84 -41.08
C THR JB 23 41.76 98.70 -40.13
N TRP JB 24 40.57 98.26 -39.75
CA TRP JB 24 39.72 99.08 -38.88
C TRP JB 24 40.01 98.87 -37.40
N LEU JB 25 40.84 97.89 -37.05
CA LEU JB 25 41.15 97.61 -35.64
C LEU JB 25 42.24 98.58 -35.19
N LYS JB 26 41.83 99.73 -34.66
CA LYS JB 26 42.76 100.70 -34.12
C LYS JB 26 43.12 100.41 -32.66
N LEU JB 27 42.42 99.49 -32.02
CA LEU JB 27 42.65 99.19 -30.61
C LEU JB 27 43.90 98.33 -30.47
N THR JB 28 44.81 98.75 -29.58
CA THR JB 28 46.12 98.14 -29.48
C THR JB 28 46.08 96.88 -28.60
N SER JB 29 47.22 96.20 -28.49
CA SER JB 29 47.30 94.98 -27.71
C SER JB 29 47.30 95.22 -26.21
N ASP JB 30 47.65 96.42 -25.76
CA ASP JB 30 47.69 96.72 -24.34
C ASP JB 30 46.29 96.79 -23.72
N ASP JB 31 45.29 97.25 -24.48
CA ASP JB 31 43.92 97.26 -23.99
C ASP JB 31 43.24 95.91 -24.08
N VAL JB 32 43.75 95.00 -24.93
CA VAL JB 32 43.16 93.67 -25.03
C VAL JB 32 43.38 92.89 -23.74
N LYS JB 33 44.59 92.92 -23.20
CA LYS JB 33 44.86 92.21 -21.95
C LYS JB 33 44.19 92.86 -20.76
N GLU JB 34 44.09 94.20 -20.75
CA GLU JB 34 43.45 94.90 -19.64
C GLU JB 34 41.96 94.64 -19.59
N GLN JB 35 41.31 94.46 -20.75
CA GLN JB 35 39.90 94.09 -20.77
C GLN JB 35 39.70 92.68 -20.25
N ILE JB 36 40.68 91.80 -20.45
CA ILE JB 36 40.63 90.47 -19.85
C ILE JB 36 40.79 90.57 -18.34
N TYR JB 37 41.68 91.47 -17.88
CA TYR JB 37 41.96 91.57 -16.45
C TYR JB 37 40.74 92.05 -15.66
N LYS JB 38 40.01 93.05 -16.16
CA LYS JB 38 38.83 93.51 -15.45
C LYS JB 38 37.72 92.46 -15.44
N LEU JB 39 37.73 91.54 -16.40
CA LEU JB 39 36.86 90.37 -16.32
C LEU JB 39 37.39 89.32 -15.35
N ALA JB 40 38.70 89.32 -15.08
CA ALA JB 40 39.29 88.32 -14.21
C ALA JB 40 38.90 88.54 -12.75
N LYS JB 41 38.96 89.79 -12.28
CA LYS JB 41 38.51 90.06 -10.90
C LYS JB 41 36.99 89.94 -10.78
N LYS JB 42 36.25 90.26 -11.84
CA LYS JB 42 34.81 90.04 -11.82
C LYS JB 42 34.49 88.55 -11.82
N GLY JB 43 35.32 87.74 -12.46
CA GLY JB 43 35.11 86.31 -12.51
C GLY JB 43 34.50 85.86 -13.81
N LEU JB 44 35.34 85.36 -14.72
CA LEU JB 44 34.85 84.92 -16.03
C LEU JB 44 35.84 83.92 -16.61
N THR JB 45 35.31 82.80 -17.09
CA THR JB 45 36.12 81.80 -17.73
C THR JB 45 36.54 82.26 -19.13
N PRO JB 46 37.67 81.78 -19.64
CA PRO JB 46 38.08 82.16 -21.00
C PRO JB 46 37.08 81.78 -22.09
N SER JB 47 36.20 80.80 -21.85
CA SER JB 47 35.16 80.50 -22.81
C SER JB 47 34.18 81.65 -22.99
N GLN JB 48 33.93 82.41 -21.91
CA GLN JB 48 33.10 83.61 -21.99
C GLN JB 48 33.91 84.89 -22.15
N ILE JB 49 35.23 84.84 -22.02
CA ILE JB 49 36.05 86.02 -22.26
C ILE JB 49 36.06 86.36 -23.74
N GLY JB 50 36.17 85.33 -24.60
CA GLY JB 50 36.25 85.54 -26.03
C GLY JB 50 34.98 86.09 -26.65
N VAL JB 51 33.81 85.65 -26.18
CA VAL JB 51 32.56 86.09 -26.79
C VAL JB 51 32.31 87.58 -26.52
N ILE JB 52 32.70 88.06 -25.34
CA ILE JB 52 32.52 89.47 -25.01
C ILE JB 52 33.49 90.33 -25.82
N LEU JB 53 34.75 89.90 -25.95
CA LEU JB 53 35.75 90.69 -26.65
C LEU JB 53 35.54 90.71 -28.16
N ARG JB 54 34.89 89.70 -28.72
CA ARG JB 54 34.58 89.67 -30.14
C ARG JB 54 33.25 90.33 -30.47
N ASP JB 55 32.48 90.75 -29.47
CA ASP JB 55 31.20 91.40 -29.70
C ASP JB 55 31.17 92.85 -29.23
N SER JB 56 31.42 93.09 -27.95
CA SER JB 56 31.36 94.44 -27.40
C SER JB 56 32.59 95.26 -27.75
N HIS JB 57 33.76 94.63 -27.79
CA HIS JB 57 34.96 95.27 -28.29
C HIS JB 57 35.31 94.83 -29.71
N GLY JB 58 34.74 93.72 -30.17
CA GLY JB 58 34.83 93.32 -31.56
C GLY JB 58 36.22 92.98 -32.06
N VAL JB 59 37.04 92.34 -31.24
CA VAL JB 59 38.34 91.87 -31.68
C VAL JB 59 38.14 90.58 -32.47
N ALA JB 60 39.01 90.35 -33.46
CA ALA JB 60 38.96 89.10 -34.21
C ALA JB 60 39.29 87.95 -33.30
N GLN JB 61 40.44 88.03 -32.64
CA GLN JB 61 40.81 87.13 -31.55
C GLN JB 61 41.78 87.84 -30.63
N VAL JB 62 41.77 87.43 -29.37
CA VAL JB 62 42.87 87.81 -28.48
C VAL JB 62 44.17 87.18 -28.98
N ARG JB 63 44.09 85.97 -29.51
CA ARG JB 63 45.25 85.20 -29.94
C ARG JB 63 45.83 85.70 -31.25
N PHE JB 64 45.13 86.60 -31.96
CA PHE JB 64 45.69 87.19 -33.18
C PHE JB 64 46.52 88.42 -32.86
N VAL JB 65 45.96 89.38 -32.13
CA VAL JB 65 46.67 90.62 -31.84
C VAL JB 65 47.83 90.36 -30.89
N THR JB 66 47.66 89.45 -29.95
CA THR JB 66 48.73 89.09 -29.04
C THR JB 66 49.27 87.71 -29.37
N GLY JB 67 50.53 87.47 -28.97
CA GLY JB 67 51.16 86.18 -29.19
C GLY JB 67 50.81 85.11 -28.19
N ASN JB 68 50.04 85.46 -27.15
CA ASN JB 68 49.65 84.51 -26.12
C ASN JB 68 48.14 84.36 -26.11
N LYS JB 69 47.67 83.13 -25.90
CA LYS JB 69 46.25 82.87 -25.83
C LYS JB 69 45.66 83.36 -24.51
N ILE JB 70 44.35 83.21 -24.36
CA ILE JB 70 43.60 83.92 -23.31
C ILE JB 70 43.99 83.41 -21.93
N LEU JB 71 43.85 82.10 -21.70
CA LEU JB 71 44.17 81.54 -20.39
C LEU JB 71 45.66 81.60 -20.09
N ARG JB 72 46.50 81.59 -21.14
CA ARG JB 72 47.95 81.65 -20.96
C ARG JB 72 48.39 83.01 -20.42
N ILE JB 73 47.71 84.09 -20.81
CA ILE JB 73 48.00 85.41 -20.24
C ILE JB 73 47.67 85.42 -18.76
N LEU JB 74 46.52 84.86 -18.39
CA LEU JB 74 46.14 84.78 -16.98
C LEU JB 74 47.06 83.82 -16.22
N LYS JB 75 47.52 82.76 -16.88
CA LYS JB 75 48.46 81.84 -16.24
C LYS JB 75 49.81 82.51 -16.01
N SER JB 76 50.23 83.40 -16.92
CA SER JB 76 51.47 84.14 -16.72
C SER JB 76 51.36 85.15 -15.58
N LYS JB 77 50.15 85.64 -15.29
CA LYS JB 77 49.97 86.54 -14.17
C LYS JB 77 49.76 85.78 -12.86
N GLY JB 78 48.90 84.77 -12.88
CA GLY JB 78 48.64 83.98 -11.69
C GLY JB 78 47.19 84.00 -11.27
N LEU JB 79 46.32 84.53 -12.13
CA LEU JB 79 44.90 84.65 -11.86
C LEU JB 79 44.10 83.46 -12.37
N ALA JB 80 44.77 82.47 -12.98
CA ALA JB 80 44.06 81.33 -13.54
C ALA JB 80 43.61 80.38 -12.43
N PRO JB 81 42.48 79.71 -12.60
CA PRO JB 81 42.03 78.72 -11.62
C PRO JB 81 42.91 77.48 -11.63
N ASP JB 82 42.79 76.69 -10.56
CA ASP JB 82 43.61 75.49 -10.41
C ASP JB 82 43.30 74.42 -11.45
N LEU JB 83 42.07 74.40 -11.96
CA LEU JB 83 41.66 73.42 -12.96
C LEU JB 83 40.98 74.11 -14.13
N PRO JB 84 41.11 73.56 -15.33
CA PRO JB 84 40.62 74.26 -16.53
C PRO JB 84 39.10 74.28 -16.63
N GLU JB 85 38.61 75.02 -17.62
CA GLU JB 85 37.18 75.25 -17.75
C GLU JB 85 36.43 74.00 -18.20
N ASP JB 86 37.07 73.15 -19.01
CA ASP JB 86 36.40 71.95 -19.48
C ASP JB 86 36.15 70.97 -18.34
N LEU JB 87 37.03 70.96 -17.33
CA LEU JB 87 36.77 70.21 -16.12
C LEU JB 87 35.78 70.94 -15.20
N TYR JB 88 35.80 72.27 -15.22
CA TYR JB 88 34.95 73.06 -14.33
C TYR JB 88 33.48 72.99 -14.74
N HIS JB 89 33.19 73.14 -16.03
CA HIS JB 89 31.81 73.13 -16.47
C HIS JB 89 31.27 71.73 -16.69
N LEU JB 90 32.11 70.70 -16.61
CA LEU JB 90 31.63 69.34 -16.75
C LEU JB 90 31.26 68.73 -15.39
N ILE JB 91 31.90 69.20 -14.31
CA ILE JB 91 31.56 68.67 -13.00
C ILE JB 91 30.23 69.19 -12.49
N LYS JB 92 29.82 70.41 -12.90
CA LYS JB 92 28.49 70.89 -12.56
C LYS JB 92 27.42 70.11 -13.30
N LYS JB 93 27.77 69.51 -14.44
CA LYS JB 93 26.83 68.64 -15.15
C LYS JB 93 26.60 67.35 -14.37
N ALA JB 94 27.65 66.83 -13.73
CA ALA JB 94 27.50 65.62 -12.92
C ALA JB 94 26.69 65.91 -11.66
N VAL JB 95 26.93 67.05 -11.00
CA VAL JB 95 26.22 67.39 -9.77
C VAL JB 95 24.75 67.66 -10.01
N ALA JB 96 24.39 68.29 -11.13
CA ALA JB 96 23.00 68.58 -11.42
C ALA JB 96 22.18 67.29 -11.58
N VAL JB 97 22.75 66.28 -12.24
CA VAL JB 97 22.05 65.02 -12.40
C VAL JB 97 22.22 64.12 -11.17
N ARG JB 98 23.31 64.28 -10.40
CA ARG JB 98 23.45 63.54 -9.16
C ARG JB 98 22.43 63.97 -8.12
N LYS JB 99 22.08 65.26 -8.10
CA LYS JB 99 21.03 65.76 -7.24
C LYS JB 99 19.63 65.48 -7.79
N HIS JB 100 19.55 64.95 -9.01
CA HIS JB 100 18.28 64.62 -9.63
C HIS JB 100 17.77 63.24 -9.23
N LEU JB 101 18.68 62.32 -8.89
CA LEU JB 101 18.32 60.92 -8.68
C LEU JB 101 17.73 60.63 -7.30
N GLU JB 102 17.92 61.51 -6.31
CA GLU JB 102 17.34 61.26 -5.00
C GLU JB 102 15.83 61.40 -4.99
N ARG JB 103 15.27 62.22 -5.87
CA ARG JB 103 13.82 62.34 -6.02
C ARG JB 103 13.29 61.48 -7.16
N ASN JB 104 14.18 60.99 -8.02
CA ASN JB 104 13.81 60.17 -9.19
C ASN JB 104 14.75 58.96 -9.22
N ARG JB 105 14.34 57.88 -8.56
CA ARG JB 105 15.15 56.68 -8.46
C ARG JB 105 14.97 55.72 -9.62
N LYS JB 106 13.77 55.67 -10.22
CA LYS JB 106 13.51 54.76 -11.33
C LYS JB 106 14.06 55.27 -12.65
N ASP JB 107 14.62 56.48 -12.69
CA ASP JB 107 15.18 57.03 -13.92
C ASP JB 107 16.50 56.36 -14.26
N LYS JB 108 16.43 55.24 -14.96
CA LYS JB 108 17.65 54.55 -15.39
C LYS JB 108 18.39 55.29 -16.48
N ASP JB 109 17.70 56.19 -17.21
CA ASP JB 109 18.39 57.03 -18.18
C ASP JB 109 19.35 58.00 -17.48
N ALA JB 110 18.93 58.55 -16.35
CA ALA JB 110 19.81 59.42 -15.58
C ALA JB 110 20.96 58.66 -14.95
N LYS JB 111 20.73 57.43 -14.50
CA LYS JB 111 21.81 56.60 -13.99
C LYS JB 111 22.82 56.28 -15.08
N PHE JB 112 22.34 55.96 -16.29
CA PHE JB 112 23.23 55.73 -17.41
C PHE JB 112 23.95 57.01 -17.82
N ARG JB 113 23.27 58.15 -17.76
CA ARG JB 113 23.90 59.42 -18.10
C ARG JB 113 24.91 59.88 -17.04
N LEU JB 114 24.81 59.37 -15.81
CA LEU JB 114 25.72 59.79 -14.76
C LEU JB 114 27.12 59.23 -14.98
N ILE JB 115 27.23 57.96 -15.35
CA ILE JB 115 28.54 57.34 -15.51
C ILE JB 115 29.30 57.89 -16.71
N LEU JB 116 28.61 58.50 -17.67
CA LEU JB 116 29.29 59.12 -18.80
C LEU JB 116 30.02 60.39 -18.40
N ILE JB 117 29.43 61.18 -17.50
CA ILE JB 117 30.05 62.43 -17.07
C ILE JB 117 31.27 62.14 -16.21
N GLU JB 118 31.14 61.19 -15.27
CA GLU JB 118 32.26 60.86 -14.39
C GLU JB 118 33.40 60.20 -15.14
N SER JB 119 33.09 59.39 -16.16
CA SER JB 119 34.14 58.83 -17.01
C SER JB 119 34.83 59.91 -17.83
N ARG JB 120 34.09 60.95 -18.23
CA ARG JB 120 34.69 62.06 -18.94
C ARG JB 120 35.64 62.85 -18.05
N ILE JB 121 35.35 62.92 -16.75
CA ILE JB 121 36.28 63.53 -15.81
C ILE JB 121 37.58 62.73 -15.75
N HIS JB 122 37.47 61.40 -15.66
CA HIS JB 122 38.66 60.56 -15.59
C HIS JB 122 39.40 60.52 -16.92
N ARG JB 123 38.67 60.65 -18.04
CA ARG JB 123 39.31 60.77 -19.34
C ARG JB 123 40.12 62.05 -19.45
N LEU JB 124 39.59 63.15 -18.91
CA LEU JB 124 40.31 64.42 -18.94
C LEU JB 124 41.41 64.47 -17.89
N ALA JB 125 41.23 63.76 -16.78
CA ALA JB 125 42.20 63.82 -15.68
C ALA JB 125 43.55 63.19 -16.05
N ARG JB 126 43.53 62.05 -16.76
CA ARG JB 126 44.79 61.39 -17.11
C ARG JB 126 45.61 62.21 -18.10
N TYR JB 127 44.97 63.04 -18.92
CA TYR JB 127 45.70 64.06 -19.65
C TYR JB 127 46.33 65.07 -18.68
N TYR JB 128 45.57 65.49 -17.68
CA TYR JB 128 46.01 66.57 -16.80
C TYR JB 128 47.07 66.13 -15.80
N LYS JB 129 47.20 64.83 -15.55
CA LYS JB 129 48.29 64.33 -14.72
C LYS JB 129 49.63 64.45 -15.43
N THR JB 130 49.66 64.13 -16.73
CA THR JB 130 50.91 64.22 -17.48
C THR JB 130 51.32 65.67 -17.71
N LYS JB 131 50.35 66.55 -17.98
CA LYS JB 131 50.64 67.96 -18.20
C LYS JB 131 50.97 68.70 -16.91
N ARG JB 132 50.78 68.07 -15.75
CA ARG JB 132 51.14 68.61 -14.44
C ARG JB 132 50.40 69.92 -14.13
N VAL JB 133 49.20 70.08 -14.68
CA VAL JB 133 48.34 71.20 -14.27
C VAL JB 133 47.55 70.87 -13.02
N LEU JB 134 47.52 69.60 -12.61
CA LEU JB 134 46.90 69.15 -11.38
C LEU JB 134 47.89 68.29 -10.60
N PRO JB 135 47.97 68.47 -9.28
CA PRO JB 135 48.85 67.62 -8.47
C PRO JB 135 48.44 66.16 -8.56
N PRO JB 136 49.39 65.24 -8.46
CA PRO JB 136 49.05 63.80 -8.47
C PRO JB 136 48.16 63.38 -7.33
N ASN JB 137 48.12 64.14 -6.22
CA ASN JB 137 47.25 63.80 -5.10
C ASN JB 137 45.78 64.05 -5.40
N TRP JB 138 45.47 64.72 -6.51
CA TRP JB 138 44.08 65.02 -6.86
C TRP JB 138 43.42 63.75 -7.40
N LYS JB 139 42.46 63.22 -6.65
CA LYS JB 139 41.67 62.08 -7.08
C LYS JB 139 40.19 62.43 -6.99
N TYR JB 140 39.46 62.15 -8.07
CA TYR JB 140 38.04 62.48 -8.10
C TYR JB 140 37.21 61.41 -7.42
N GLU JB 141 36.30 61.84 -6.55
CA GLU JB 141 35.34 60.98 -5.89
C GLU JB 141 34.05 61.78 -5.70
N SER JB 142 32.92 61.09 -5.67
CA SER JB 142 31.60 61.73 -5.80
C SER JB 142 31.25 62.66 -4.63
N SER JB 143 31.79 62.43 -3.44
CA SER JB 143 31.44 63.29 -2.32
C SER JB 143 32.08 64.68 -2.43
N THR JB 144 33.28 64.77 -3.03
CA THR JB 144 33.94 66.05 -3.20
C THR JB 144 33.49 66.79 -4.46
N ALA JB 145 32.58 66.21 -5.24
CA ALA JB 145 32.06 66.89 -6.42
C ALA JB 145 31.30 68.16 -6.06
N SER JB 146 30.54 68.12 -4.97
CA SER JB 146 29.85 69.33 -4.50
C SER JB 146 30.83 70.28 -3.81
N ALA JB 147 31.93 69.77 -3.25
CA ALA JB 147 32.91 70.62 -2.60
C ALA JB 147 33.65 71.51 -3.58
N LEU JB 148 33.97 71.02 -4.77
CA LEU JB 148 34.60 71.83 -5.81
C LEU JB 148 33.52 72.27 -6.79
N VAL JB 149 33.22 73.57 -6.75
CA VAL JB 149 32.13 74.13 -7.55
C VAL JB 149 32.64 74.54 -8.92
N SER KB 1 -51.35 54.40 -26.44
CA SER KB 1 -52.27 53.97 -27.49
C SER KB 1 -53.22 55.10 -27.87
N LEU KB 2 -53.16 56.20 -27.13
CA LEU KB 2 -54.00 57.35 -27.37
C LEU KB 2 -53.12 58.54 -27.74
N GLY KB 3 -53.54 59.29 -28.76
CA GLY KB 3 -52.82 60.46 -29.20
C GLY KB 3 -53.69 61.69 -29.26
N PRO KB 4 -53.39 62.68 -28.41
CA PRO KB 4 -54.16 63.94 -28.45
C PRO KB 4 -53.63 64.91 -29.48
N GLN KB 5 -52.68 64.47 -30.29
CA GLN KB 5 -52.09 65.33 -31.32
C GLN KB 5 -53.07 65.58 -32.45
N VAL KB 6 -52.92 66.73 -33.10
CA VAL KB 6 -53.66 67.04 -34.31
C VAL KB 6 -52.90 66.50 -35.51
N ALA KB 7 -53.62 65.87 -36.45
CA ALA KB 7 -52.95 65.26 -37.60
C ALA KB 7 -52.41 66.31 -38.56
N GLU KB 8 -53.15 67.38 -38.79
CA GLU KB 8 -52.75 68.38 -39.79
C GLU KB 8 -51.62 69.27 -39.28
N GLY KB 9 -51.61 69.56 -37.98
CA GLY KB 9 -50.64 70.53 -37.46
C GLY KB 9 -49.21 70.01 -37.46
N GLU KB 10 -48.94 69.00 -36.63
CA GLU KB 10 -47.59 68.51 -36.45
C GLU KB 10 -47.58 66.99 -36.42
N ASN KB 11 -46.38 66.42 -36.51
CA ASN KB 11 -46.17 64.99 -36.42
C ASN KB 11 -45.39 64.69 -35.14
N VAL KB 12 -45.80 63.65 -34.42
CA VAL KB 12 -45.14 63.27 -33.18
C VAL KB 12 -43.81 62.60 -33.51
N PHE KB 13 -42.73 63.16 -32.98
CA PHE KB 13 -41.40 62.64 -33.27
C PHE KB 13 -41.02 61.56 -32.27
N GLY KB 14 -39.99 60.79 -32.63
CA GLY KB 14 -39.46 59.74 -31.78
C GLY KB 14 -38.10 59.31 -32.31
N VAL KB 15 -37.44 58.45 -31.53
CA VAL KB 15 -36.12 57.97 -31.88
C VAL KB 15 -36.12 56.45 -31.84
N CYS KB 16 -35.24 55.83 -32.64
CA CYS KB 16 -35.12 54.39 -32.71
C CYS KB 16 -33.66 54.00 -32.53
N HIS KB 17 -33.42 53.07 -31.60
CA HIS KB 17 -32.07 52.57 -31.32
C HIS KB 17 -31.92 51.21 -31.98
N ILE KB 18 -31.38 51.20 -33.19
CA ILE KB 18 -31.24 49.97 -33.97
C ILE KB 18 -29.84 49.40 -33.73
N PHE KB 19 -29.78 48.30 -32.98
CA PHE KB 19 -28.54 47.60 -32.69
C PHE KB 19 -28.32 46.52 -33.73
N ALA KB 20 -27.17 46.54 -34.38
CA ALA KB 20 -26.84 45.64 -35.48
C ALA KB 20 -25.67 44.76 -35.07
N SER KB 21 -25.96 43.54 -34.63
CA SER KB 21 -24.95 42.55 -34.31
C SER KB 21 -24.85 41.51 -35.41
N PHE KB 22 -23.87 40.61 -35.26
CA PHE KB 22 -23.67 39.54 -36.21
C PHE KB 22 -24.61 38.36 -35.98
N ASN KB 23 -25.37 38.35 -34.89
CA ASN KB 23 -26.25 37.23 -34.60
C ASN KB 23 -27.61 37.66 -34.04
N ASP KB 24 -27.94 38.95 -34.08
CA ASP KB 24 -29.24 39.43 -33.64
C ASP KB 24 -29.48 40.79 -34.27
N THR KB 25 -30.75 41.19 -34.33
CA THR KB 25 -31.15 42.49 -34.82
C THR KB 25 -32.07 43.12 -33.78
N PHE KB 26 -31.53 44.07 -33.03
CA PHE KB 26 -32.30 44.79 -32.02
C PHE KB 26 -32.77 46.13 -32.59
N VAL KB 27 -34.08 46.33 -32.62
CA VAL KB 27 -34.66 47.65 -32.88
C VAL KB 27 -35.45 48.05 -31.64
N HIS KB 28 -35.22 49.26 -31.15
CA HIS KB 28 -35.76 49.70 -29.87
C HIS KB 28 -36.31 51.10 -30.04
N VAL KB 29 -37.63 51.24 -29.87
CA VAL KB 29 -38.29 52.53 -30.02
C VAL KB 29 -38.52 53.13 -28.63
N THR KB 30 -37.98 54.31 -28.41
CA THR KB 30 -38.17 55.08 -27.19
C THR KB 30 -38.46 56.53 -27.54
N ASP KB 31 -38.78 57.31 -26.52
CA ASP KB 31 -39.14 58.70 -26.69
C ASP KB 31 -37.88 59.57 -26.77
N LEU KB 32 -38.08 60.89 -26.87
CA LEU KB 32 -37.01 61.81 -27.22
C LEU KB 32 -35.90 61.91 -26.18
N SER KB 33 -36.13 61.45 -24.95
CA SER KB 33 -35.07 61.41 -23.95
C SER KB 33 -34.45 60.04 -23.77
N GLY KB 34 -35.15 58.98 -24.17
CA GLY KB 34 -34.62 57.64 -24.11
C GLY KB 34 -34.90 56.88 -22.83
N LYS KB 35 -35.46 57.54 -21.81
CA LYS KB 35 -35.72 56.87 -20.54
C LYS KB 35 -36.89 55.89 -20.63
N GLU KB 36 -38.01 56.30 -21.21
CA GLU KB 36 -39.21 55.47 -21.26
C GLU KB 36 -39.42 55.00 -22.69
N THR KB 37 -39.34 53.68 -22.89
CA THR KB 37 -39.37 53.10 -24.23
C THR KB 37 -40.80 52.82 -24.66
N ILE KB 38 -40.94 52.40 -25.93
CA ILE KB 38 -42.24 52.14 -26.53
C ILE KB 38 -42.40 50.64 -26.81
N CYS KB 39 -41.60 50.11 -27.72
CA CYS KB 39 -41.72 48.72 -28.13
C CYS KB 39 -40.38 48.21 -28.61
N ARG KB 40 -40.07 46.96 -28.28
CA ARG KB 40 -38.84 46.31 -28.71
C ARG KB 40 -39.16 44.90 -29.17
N VAL KB 41 -39.15 44.68 -30.48
CA VAL KB 41 -39.26 43.36 -31.06
C VAL KB 41 -37.97 43.06 -31.82
N THR KB 42 -37.48 41.83 -31.71
CA THR KB 42 -36.18 41.46 -32.23
C THR KB 42 -36.34 40.63 -33.49
N GLY KB 43 -35.21 40.44 -34.19
CA GLY KB 43 -35.18 39.51 -35.29
C GLY KB 43 -35.12 38.06 -34.89
N GLY KB 44 -34.85 37.78 -33.62
CA GLY KB 44 -34.85 36.41 -33.13
C GLY KB 44 -36.23 35.93 -32.74
N MET KB 45 -37.12 36.88 -32.46
CA MET KB 45 -38.52 36.54 -32.17
C MET KB 45 -39.32 36.22 -33.42
N LYS KB 46 -38.96 36.80 -34.57
CA LYS KB 46 -39.73 36.61 -35.79
C LYS KB 46 -39.40 35.29 -36.49
N VAL KB 47 -38.27 34.67 -36.15
CA VAL KB 47 -37.84 33.43 -36.77
C VAL KB 47 -37.65 32.39 -35.67
N LYS KB 48 -38.02 31.15 -35.93
CA LYS KB 48 -37.86 30.07 -34.97
C LYS KB 48 -36.57 29.32 -35.26
N ALA KB 49 -35.48 30.09 -35.25
CA ALA KB 49 -34.14 29.57 -35.51
C ALA KB 49 -33.12 30.60 -35.04
N ASP KB 50 -32.15 30.14 -34.25
CA ASP KB 50 -31.09 31.03 -33.78
C ASP KB 50 -30.04 31.28 -34.85
N ARG KB 51 -30.08 30.53 -35.96
CA ARG KB 51 -29.07 30.70 -37.01
C ARG KB 51 -29.27 31.98 -37.80
N ASP KB 52 -30.51 32.49 -37.86
CA ASP KB 52 -30.84 33.59 -38.76
C ASP KB 52 -31.55 34.70 -38.00
N GLU KB 53 -31.02 35.08 -36.84
CA GLU KB 53 -31.52 36.23 -36.11
C GLU KB 53 -30.86 37.53 -36.55
N SER KB 54 -29.82 37.46 -37.37
CA SER KB 54 -29.20 38.62 -38.00
C SER KB 54 -29.35 38.59 -39.52
N SER KB 55 -30.16 37.67 -40.03
CA SER KB 55 -30.43 37.60 -41.45
C SER KB 55 -31.24 38.80 -41.89
N PRO KB 56 -31.09 39.23 -43.15
CA PRO KB 56 -31.92 40.34 -43.66
C PRO KB 56 -33.41 40.04 -43.62
N TYR KB 57 -33.80 38.76 -43.68
CA TYR KB 57 -35.21 38.41 -43.55
C TYR KB 57 -35.71 38.76 -42.15
N ALA KB 58 -34.93 38.43 -41.12
CA ALA KB 58 -35.38 38.64 -39.74
C ALA KB 58 -35.49 40.11 -39.40
N ALA KB 59 -34.64 40.95 -40.01
CA ALA KB 59 -34.59 42.36 -39.63
C ALA KB 59 -35.80 43.14 -40.13
N MET KB 60 -36.25 42.89 -41.36
CA MET KB 60 -37.37 43.67 -41.89
C MET KB 60 -38.71 43.20 -41.32
N LEU KB 61 -38.79 41.97 -40.81
CA LEU KB 61 -40.00 41.58 -40.09
C LEU KB 61 -40.13 42.30 -38.76
N ALA KB 62 -39.01 42.58 -38.09
CA ALA KB 62 -39.06 43.34 -36.85
C ALA KB 62 -39.51 44.77 -37.09
N ALA KB 63 -39.14 45.36 -38.23
CA ALA KB 63 -39.58 46.70 -38.56
C ALA KB 63 -41.08 46.77 -38.78
N GLN KB 64 -41.66 45.72 -39.36
CA GLN KB 64 -43.10 45.72 -39.62
C GLN KB 64 -43.90 45.55 -38.34
N ASP KB 65 -43.39 44.76 -37.39
CA ASP KB 65 -44.05 44.63 -36.09
C ASP KB 65 -43.99 45.94 -35.33
N VAL KB 66 -42.86 46.65 -35.40
CA VAL KB 66 -42.77 48.02 -34.89
C VAL KB 66 -43.76 48.91 -35.63
N ALA KB 67 -43.84 48.76 -36.95
CA ALA KB 67 -44.78 49.58 -37.71
C ALA KB 67 -46.23 49.29 -37.32
N GLN KB 68 -46.57 48.02 -37.09
CA GLN KB 68 -47.96 47.71 -36.72
C GLN KB 68 -48.27 48.11 -35.29
N ARG KB 69 -47.33 47.93 -34.36
CA ARG KB 69 -47.61 48.20 -32.95
C ARG KB 69 -47.62 49.69 -32.66
N CYS KB 70 -46.69 50.44 -33.25
CA CYS KB 70 -46.57 51.87 -32.95
C CYS KB 70 -47.65 52.70 -33.66
N LYS KB 71 -48.27 52.14 -34.70
CA LYS KB 71 -49.38 52.83 -35.37
C LYS KB 71 -50.57 53.02 -34.45
N GLU KB 72 -50.71 52.19 -33.41
CA GLU KB 72 -51.79 52.35 -32.46
C GLU KB 72 -51.63 53.62 -31.65
N LEU KB 73 -50.39 54.05 -31.40
CA LEU KB 73 -50.13 55.23 -30.60
C LEU KB 73 -50.23 56.50 -31.44
N GLY KB 74 -49.40 56.61 -32.49
CA GLY KB 74 -49.47 57.76 -33.36
C GLY KB 74 -48.12 58.37 -33.72
N ILE KB 75 -47.03 57.78 -33.24
CA ILE KB 75 -45.71 58.32 -33.54
C ILE KB 75 -45.33 57.93 -34.96
N THR KB 76 -45.34 58.90 -35.87
CA THR KB 76 -44.96 58.64 -37.25
C THR KB 76 -43.55 59.13 -37.55
N ALA KB 77 -43.17 60.31 -37.05
CA ALA KB 77 -41.80 60.77 -37.24
C ALA KB 77 -40.86 60.00 -36.31
N LEU KB 78 -39.88 59.34 -36.93
CA LEU KB 78 -38.96 58.46 -36.21
C LEU KB 78 -37.53 58.84 -36.55
N HIS KB 79 -36.77 59.29 -35.54
CA HIS KB 79 -35.33 59.43 -35.69
C HIS KB 79 -34.67 58.05 -35.58
N ILE KB 80 -33.41 57.98 -36.02
CA ILE KB 80 -32.72 56.71 -36.15
C ILE KB 80 -31.38 56.79 -35.45
N LYS KB 81 -31.13 55.85 -34.54
CA LYS KB 81 -29.81 55.65 -33.93
C LYS KB 81 -29.26 54.30 -34.41
N LEU KB 82 -28.27 54.36 -35.30
CA LEU KB 82 -27.57 53.16 -35.74
C LEU KB 82 -26.44 52.85 -34.77
N ARG KB 83 -26.53 51.70 -34.11
CA ARG KB 83 -25.57 51.32 -33.07
C ARG KB 83 -25.00 49.95 -33.40
N ALA KB 84 -23.68 49.88 -33.51
CA ALA KB 84 -23.00 48.62 -33.74
C ALA KB 84 -22.62 48.00 -32.39
N THR KB 85 -21.82 46.92 -32.43
CA THR KB 85 -21.40 46.26 -31.21
C THR KB 85 -20.51 47.17 -30.36
N GLY KB 86 -19.56 47.86 -30.99
CA GLY KB 86 -18.75 48.83 -30.30
C GLY KB 86 -17.72 48.19 -29.37
N GLY KB 87 -17.07 49.07 -28.60
CA GLY KB 87 -16.06 48.63 -27.65
C GLY KB 87 -14.83 48.08 -28.35
N ASN KB 88 -14.17 47.14 -27.68
CA ASN KB 88 -13.06 46.43 -28.31
C ASN KB 88 -13.53 45.55 -29.46
N ARG KB 89 -14.80 45.13 -29.43
CA ARG KB 89 -15.38 44.36 -30.51
C ARG KB 89 -15.59 45.24 -31.74
N THR KB 90 -16.15 44.65 -32.79
CA THR KB 90 -16.24 45.31 -34.09
C THR KB 90 -17.18 46.52 -34.04
N LYS KB 91 -16.78 47.56 -34.77
CA LYS KB 91 -17.60 48.76 -34.94
C LYS KB 91 -18.41 48.74 -36.22
N THR KB 92 -18.26 47.70 -37.04
CA THR KB 92 -19.00 47.59 -38.29
C THR KB 92 -20.40 47.06 -38.02
N PRO KB 93 -21.44 47.74 -38.47
CA PRO KB 93 -22.80 47.23 -38.31
C PRO KB 93 -22.99 45.92 -39.06
N GLY KB 94 -23.87 45.06 -38.52
CA GLY KB 94 -24.10 43.76 -39.09
C GLY KB 94 -24.95 43.82 -40.34
N PRO KB 95 -25.09 42.66 -40.99
CA PRO KB 95 -25.89 42.60 -42.23
C PRO KB 95 -27.37 42.85 -42.03
N GLY KB 96 -27.88 42.73 -40.81
CA GLY KB 96 -29.29 42.95 -40.55
C GLY KB 96 -29.57 44.37 -40.10
N ALA KB 97 -28.83 45.33 -40.64
CA ALA KB 97 -28.99 46.74 -40.31
C ALA KB 97 -29.75 47.52 -41.36
N GLN KB 98 -29.37 47.42 -42.63
CA GLN KB 98 -29.99 48.22 -43.68
C GLN KB 98 -31.45 47.81 -43.91
N SER KB 99 -31.76 46.51 -43.86
CA SER KB 99 -33.13 46.08 -44.08
C SER KB 99 -34.06 46.52 -42.97
N ALA KB 100 -33.55 46.60 -41.73
CA ALA KB 100 -34.34 47.18 -40.65
C ALA KB 100 -34.56 48.66 -40.87
N LEU KB 101 -33.61 49.33 -41.52
CA LEU KB 101 -33.77 50.73 -41.90
C LEU KB 101 -34.74 50.88 -43.08
N ARG KB 102 -34.90 49.80 -43.86
CA ARG KB 102 -35.51 49.87 -45.19
C ARG KB 102 -37.01 49.60 -45.17
N ALA KB 103 -37.48 48.69 -44.32
CA ALA KB 103 -38.87 48.24 -44.37
C ALA KB 103 -39.83 49.17 -43.66
N LEU KB 104 -39.43 49.75 -42.52
CA LEU KB 104 -40.39 50.41 -41.65
C LEU KB 104 -40.95 51.68 -42.27
N ALA KB 105 -40.15 52.40 -43.08
CA ALA KB 105 -40.68 53.56 -43.77
C ALA KB 105 -41.69 53.13 -44.83
N ARG KB 106 -41.47 51.97 -45.45
CA ARG KB 106 -42.37 51.48 -46.49
C ARG KB 106 -43.74 51.11 -45.94
N SER KB 107 -43.84 50.80 -44.64
CA SER KB 107 -45.16 50.55 -44.07
C SER KB 107 -45.91 51.84 -43.79
N GLY KB 108 -45.23 52.98 -43.85
CA GLY KB 108 -45.90 54.26 -43.76
C GLY KB 108 -45.38 55.27 -42.74
N MET KB 109 -44.35 54.93 -41.96
CA MET KB 109 -43.80 55.87 -40.99
C MET KB 109 -42.70 56.74 -41.56
N LYS KB 110 -42.57 57.93 -40.98
CA LYS KB 110 -41.75 59.02 -41.47
C LYS KB 110 -40.43 59.10 -40.70
N ILE KB 111 -39.35 59.31 -41.44
CA ILE KB 111 -37.99 59.21 -40.92
C ILE KB 111 -37.57 60.57 -40.37
N GLY KB 112 -36.86 60.54 -39.25
CA GLY KB 112 -36.36 61.76 -38.63
C GLY KB 112 -34.92 62.04 -39.02
N ARG KB 113 -34.00 61.86 -38.07
CA ARG KB 113 -32.59 62.03 -38.34
C ARG KB 113 -31.85 60.76 -37.97
N ILE KB 114 -30.76 60.50 -38.69
CA ILE KB 114 -29.98 59.29 -38.52
C ILE KB 114 -28.69 59.67 -37.80
N GLU KB 115 -28.39 58.96 -36.72
CA GLU KB 115 -27.19 59.25 -35.94
C GLU KB 115 -26.51 57.94 -35.56
N ASP KB 116 -25.18 57.99 -35.50
CA ASP KB 116 -24.37 56.85 -35.06
C ASP KB 116 -23.97 57.09 -33.61
N VAL KB 117 -24.59 56.36 -32.70
CA VAL KB 117 -24.31 56.48 -31.26
C VAL KB 117 -23.67 55.18 -30.79
N THR KB 118 -22.88 54.56 -31.67
CA THR KB 118 -22.22 53.31 -31.34
C THR KB 118 -21.28 53.50 -30.15
N PRO KB 119 -21.20 52.51 -29.25
CA PRO KB 119 -20.31 52.66 -28.09
C PRO KB 119 -18.85 52.55 -28.49
N ILE KB 120 -18.36 53.51 -29.28
CA ILE KB 120 -16.99 53.51 -29.75
C ILE KB 120 -16.09 53.90 -28.58
N PRO KB 121 -15.02 53.14 -28.34
CA PRO KB 121 -14.10 53.52 -27.26
C PRO KB 121 -13.13 54.59 -27.73
N SER KB 122 -12.79 55.50 -26.82
CA SER KB 122 -11.64 56.35 -27.05
C SER KB 122 -10.42 55.45 -27.12
N ASP KB 123 -10.11 54.79 -26.01
CA ASP KB 123 -9.05 53.78 -25.97
C ASP KB 123 -9.55 52.61 -25.12
N SER KB 124 -9.64 51.44 -25.73
CA SER KB 124 -10.35 50.32 -25.14
C SER KB 124 -9.40 49.43 -24.33
N THR KB 125 -9.97 48.36 -23.77
CA THR KB 125 -9.23 47.35 -23.04
C THR KB 125 -8.72 46.30 -24.01
N ARG KB 126 -8.27 45.17 -23.48
CA ARG KB 126 -7.77 44.08 -24.32
C ARG KB 126 -8.94 43.38 -25.01
N ARG KB 127 -8.81 43.20 -26.32
CA ARG KB 127 -9.84 42.50 -27.09
C ARG KB 127 -9.84 41.02 -26.74
N LYS KB 128 -11.04 40.42 -26.77
CA LYS KB 128 -11.19 38.99 -26.56
C LYS KB 128 -10.37 38.21 -27.59
N GLY KB 129 -9.69 37.18 -27.13
CA GLY KB 129 -8.79 36.40 -27.95
C GLY KB 129 -7.35 36.52 -27.46
N GLY KB 130 -6.52 35.60 -27.96
CA GLY KB 130 -5.13 35.55 -27.57
C GLY KB 130 -4.26 36.44 -28.44
N ARG KB 131 -2.95 36.15 -28.39
CA ARG KB 131 -1.98 36.87 -29.21
C ARG KB 131 -2.06 36.46 -30.68
N ARG KB 132 -2.64 35.30 -30.97
CA ARG KB 132 -2.85 34.87 -32.34
C ARG KB 132 -4.26 35.09 -32.85
N GLY KB 133 -5.23 35.30 -31.96
CA GLY KB 133 -6.57 35.66 -32.36
C GLY KB 133 -7.50 34.48 -32.52
N ARG KB 134 -8.60 34.74 -33.23
CA ARG KB 134 -9.62 33.72 -33.47
C ARG KB 134 -9.29 32.95 -34.74
N ARG KB 135 -8.17 32.22 -34.66
CA ARG KB 135 -7.79 31.32 -35.73
C ARG KB 135 -8.75 30.14 -35.81
N LEU KB 136 -9.03 29.69 -37.03
CA LEU KB 136 -9.98 28.62 -37.26
C LEU KB 136 -9.74 27.96 -38.61
N PHE LB 1 -49.43 -55.75 -60.00
CA PHE LB 1 -49.47 -56.92 -60.89
C PHE LB 1 -49.37 -56.47 -62.34
N ARG LB 2 -49.60 -55.18 -62.57
CA ARG LB 2 -49.66 -54.66 -63.93
C ARG LB 2 -48.26 -54.62 -64.56
N LYS LB 3 -48.22 -54.83 -65.87
CA LYS LB 3 -47.03 -54.57 -66.65
C LYS LB 3 -46.99 -53.11 -67.07
N PHE LB 4 -45.80 -52.52 -67.03
CA PHE LB 4 -45.62 -51.16 -67.52
C PHE LB 4 -45.74 -51.19 -69.05
N THR LB 5 -46.63 -50.36 -69.58
CA THR LB 5 -47.03 -50.46 -70.99
C THR LB 5 -46.49 -49.27 -71.77
N TYR LB 6 -45.69 -49.57 -72.79
CA TYR LB 6 -45.26 -48.57 -73.76
C TYR LB 6 -46.44 -48.24 -74.67
N ARG LB 7 -46.34 -47.11 -75.40
CA ARG LB 7 -47.48 -46.36 -75.95
C ARG LB 7 -48.63 -47.23 -76.44
N GLY LB 8 -48.30 -48.26 -77.21
CA GLY LB 8 -49.24 -49.28 -77.58
C GLY LB 8 -48.56 -50.63 -77.64
N VAL LB 9 -47.37 -50.71 -77.05
CA VAL LB 9 -46.46 -51.84 -77.22
C VAL LB 9 -46.30 -52.55 -75.88
N ASP LB 10 -46.50 -53.86 -75.88
CA ASP LB 10 -46.29 -54.70 -74.70
C ASP LB 10 -44.90 -55.32 -74.75
N LEU LB 11 -44.55 -56.07 -73.70
CA LEU LB 11 -43.19 -56.53 -73.50
C LEU LB 11 -42.74 -57.56 -74.53
N ASP LB 12 -43.59 -58.52 -74.88
CA ASP LB 12 -43.20 -59.50 -75.88
C ASP LB 12 -43.18 -58.93 -77.29
N GLN LB 13 -44.01 -57.94 -77.57
CA GLN LB 13 -44.01 -57.31 -78.89
C GLN LB 13 -43.03 -56.13 -78.94
N LEU LB 14 -42.46 -55.77 -77.79
CA LEU LB 14 -41.23 -54.96 -77.78
C LEU LB 14 -40.08 -55.67 -78.49
N LEU LB 15 -39.91 -56.97 -78.24
CA LEU LB 15 -38.72 -57.66 -78.76
C LEU LB 15 -38.85 -57.99 -80.24
N ASP LB 16 -40.05 -58.29 -80.72
CA ASP LB 16 -40.28 -58.59 -82.13
C ASP LB 16 -40.63 -57.28 -82.84
N MET LB 17 -39.62 -56.45 -83.04
CA MET LB 17 -39.85 -55.06 -83.41
C MET LB 17 -39.08 -54.77 -84.69
N SER LB 18 -39.77 -54.31 -85.72
CA SER LB 18 -39.10 -53.91 -86.94
C SER LB 18 -38.68 -52.44 -86.87
N TYR LB 19 -37.72 -52.07 -87.72
CA TYR LB 19 -37.18 -50.71 -87.69
C TYR LB 19 -38.12 -49.70 -88.33
N GLU LB 20 -38.94 -50.11 -89.30
CA GLU LB 20 -39.72 -49.12 -90.04
C GLU LB 20 -40.89 -48.56 -89.25
N GLN LB 21 -41.60 -49.39 -88.49
CA GLN LB 21 -42.63 -48.89 -87.60
C GLN LB 21 -42.07 -48.38 -86.28
N LEU LB 22 -40.80 -48.66 -85.99
CA LEU LB 22 -40.15 -48.07 -84.81
C LEU LB 22 -39.94 -46.57 -85.00
N MET LB 23 -39.85 -46.12 -86.25
CA MET LB 23 -39.63 -44.70 -86.51
C MET LB 23 -40.81 -43.86 -86.03
N GLN LB 24 -42.04 -44.33 -86.23
CA GLN LB 24 -43.24 -43.57 -85.92
C GLN LB 24 -43.77 -43.79 -84.50
N LEU LB 25 -42.95 -44.28 -83.58
CA LEU LB 25 -43.43 -44.70 -82.27
C LEU LB 25 -43.21 -43.65 -81.18
N TYR LB 26 -42.20 -42.81 -81.30
CA TYR LB 26 -41.78 -41.92 -80.22
C TYR LB 26 -41.39 -40.54 -80.78
N SER LB 27 -40.64 -39.79 -79.95
CA SER LB 27 -40.53 -38.34 -80.03
C SER LB 27 -39.86 -37.91 -81.33
N ALA LB 28 -40.00 -36.60 -81.62
CA ALA LB 28 -39.59 -36.06 -82.92
C ALA LB 28 -38.08 -35.96 -83.04
N ARG LB 29 -37.42 -35.41 -82.02
CA ARG LB 29 -35.96 -35.39 -82.01
C ARG LB 29 -35.40 -36.80 -81.99
N GLN LB 30 -36.04 -37.71 -81.27
CA GLN LB 30 -35.56 -39.07 -81.15
C GLN LB 30 -35.81 -39.89 -82.42
N ARG LB 31 -36.93 -39.65 -83.12
CA ARG LB 31 -37.16 -40.29 -84.41
C ARG LB 31 -36.32 -39.67 -85.52
N ARG LB 32 -35.81 -38.46 -85.32
CA ARG LB 32 -34.88 -37.88 -86.29
C ARG LB 32 -33.49 -38.50 -86.19
N ARG LB 33 -33.15 -39.05 -85.03
CA ARG LB 33 -31.81 -39.59 -84.81
C ARG LB 33 -31.53 -40.79 -85.72
N LEU LB 34 -32.50 -41.69 -85.85
CA LEU LB 34 -32.32 -42.86 -86.70
C LEU LB 34 -32.60 -42.58 -88.17
N SER LB 35 -33.24 -41.46 -88.49
CA SER LB 35 -33.54 -41.15 -89.88
C SER LB 35 -32.30 -40.71 -90.66
N ARG LB 36 -31.36 -40.02 -90.01
CA ARG LB 36 -30.15 -39.58 -90.68
C ARG LB 36 -29.22 -40.73 -91.01
N GLY LB 37 -29.29 -41.82 -90.26
CA GLY LB 37 -28.46 -42.98 -90.51
C GLY LB 37 -27.48 -43.22 -89.38
N LEU LB 38 -27.22 -44.50 -89.10
CA LEU LB 38 -26.29 -44.89 -88.05
C LEU LB 38 -24.88 -44.97 -88.63
N ARG LB 39 -23.93 -45.46 -87.84
CA ARG LB 39 -22.57 -45.65 -88.30
C ARG LB 39 -22.07 -47.01 -87.85
N ARG LB 40 -21.01 -47.47 -88.51
CA ARG LB 40 -20.43 -48.78 -88.19
C ARG LB 40 -19.84 -48.80 -86.78
N LYS LB 41 -19.37 -47.65 -86.29
CA LYS LB 41 -18.89 -47.57 -84.92
C LYS LB 41 -20.01 -47.83 -83.93
N GLN LB 42 -21.19 -47.25 -84.17
CA GLN LB 42 -22.34 -47.51 -83.31
C GLN LB 42 -22.91 -48.90 -83.54
N HIS LB 43 -22.84 -49.41 -84.76
CA HIS LB 43 -23.32 -50.76 -85.05
C HIS LB 43 -22.44 -51.82 -84.39
N SER LB 44 -21.14 -51.59 -84.33
CA SER LB 44 -20.23 -52.58 -83.75
C SER LB 44 -20.35 -52.68 -82.24
N LEU LB 45 -20.83 -51.63 -81.57
CA LEU LB 45 -21.02 -51.70 -80.13
C LEU LB 45 -22.15 -52.66 -79.78
N LEU LB 46 -23.21 -52.69 -80.60
CA LEU LB 46 -24.31 -53.61 -80.36
C LEU LB 46 -23.88 -55.06 -80.48
N LYS LB 47 -22.93 -55.35 -81.38
CA LYS LB 47 -22.42 -56.72 -81.50
C LYS LB 47 -21.72 -57.18 -80.23
N ARG LB 48 -20.95 -56.29 -79.59
CA ARG LB 48 -20.38 -56.60 -78.29
C ARG LB 48 -21.45 -56.61 -77.20
N LEU LB 49 -22.51 -55.84 -77.38
CA LEU LB 49 -23.63 -55.85 -76.43
C LEU LB 49 -24.44 -57.14 -76.52
N ARG LB 50 -24.70 -57.62 -77.74
CA ARG LB 50 -25.34 -58.92 -77.90
C ARG LB 50 -24.40 -60.07 -77.55
N LYS LB 51 -23.08 -59.85 -77.63
CA LYS LB 51 -22.14 -60.82 -77.09
C LYS LB 51 -22.28 -60.92 -75.58
N ALA LB 52 -22.52 -59.78 -74.92
CA ALA LB 52 -22.76 -59.80 -73.48
C ALA LB 52 -24.07 -60.49 -73.12
N LYS LB 53 -25.09 -60.36 -73.97
CA LYS LB 53 -26.35 -61.04 -73.72
C LYS LB 53 -26.22 -62.54 -73.93
N LYS LB 54 -25.43 -62.96 -74.92
CA LYS LB 54 -25.25 -64.38 -75.19
C LYS LB 54 -24.47 -65.07 -74.08
N GLU LB 55 -23.44 -64.41 -73.53
CA GLU LB 55 -22.64 -64.97 -72.45
C GLU LB 55 -23.16 -64.58 -71.08
N ALA LB 56 -24.43 -64.18 -70.98
CA ALA LB 56 -25.02 -63.81 -69.70
C ALA LB 56 -25.69 -65.02 -69.08
N PRO LB 57 -25.30 -65.42 -67.87
CA PRO LB 57 -26.01 -66.52 -67.19
C PRO LB 57 -27.45 -66.14 -66.90
N PRO LB 58 -28.39 -67.08 -67.06
CA PRO LB 58 -29.79 -66.78 -66.79
C PRO LB 58 -30.09 -66.43 -65.33
N MET LB 59 -29.25 -66.87 -64.39
CA MET LB 59 -29.47 -66.63 -62.96
C MET LB 59 -28.54 -65.56 -62.39
N GLU LB 60 -27.85 -64.80 -63.25
CA GLU LB 60 -26.86 -63.85 -62.78
C GLU LB 60 -26.87 -62.65 -63.72
N LYS LB 61 -26.30 -61.54 -63.25
CA LYS LB 61 -26.26 -60.33 -64.05
C LYS LB 61 -25.36 -60.52 -65.27
N PRO LB 62 -25.68 -59.86 -66.38
CA PRO LB 62 -24.85 -59.98 -67.58
C PRO LB 62 -23.47 -59.35 -67.38
N GLU LB 63 -22.55 -59.72 -68.26
CA GLU LB 63 -21.17 -59.25 -68.17
C GLU LB 63 -21.09 -57.78 -68.58
N VAL LB 64 -19.90 -57.19 -68.45
CA VAL LB 64 -19.72 -55.75 -68.52
C VAL LB 64 -19.13 -55.38 -69.88
N VAL LB 65 -19.72 -54.38 -70.53
CA VAL LB 65 -19.18 -53.78 -71.73
C VAL LB 65 -18.86 -52.32 -71.42
N LYS LB 66 -17.86 -51.79 -72.12
CA LYS LB 66 -17.40 -50.42 -71.92
C LYS LB 66 -17.58 -49.63 -73.21
N THR LB 67 -17.97 -48.37 -73.07
CA THR LB 67 -18.13 -47.47 -74.20
C THR LB 67 -17.90 -46.03 -73.76
N HIS LB 68 -17.62 -45.18 -74.75
CA HIS LB 68 -17.58 -43.73 -74.56
C HIS LB 68 -18.74 -43.02 -75.25
N LEU LB 69 -19.54 -43.74 -76.03
CA LEU LB 69 -20.61 -43.13 -76.81
C LEU LB 69 -21.80 -42.86 -75.87
N ARG LB 70 -21.92 -41.61 -75.43
CA ARG LB 70 -23.03 -41.20 -74.57
C ARG LB 70 -24.32 -40.97 -75.34
N ASP LB 71 -24.24 -40.88 -76.68
CA ASP LB 71 -25.40 -40.76 -77.55
C ASP LB 71 -25.87 -42.11 -78.09
N MET LB 72 -26.10 -43.09 -77.22
CA MET LB 72 -26.53 -44.41 -77.65
C MET LB 72 -27.89 -44.73 -77.07
N ILE LB 73 -28.80 -45.17 -77.92
CA ILE LB 73 -30.22 -45.27 -77.60
C ILE LB 73 -30.50 -46.64 -77.00
N ILE LB 74 -31.23 -46.68 -75.90
CA ILE LB 74 -31.64 -47.94 -75.28
C ILE LB 74 -32.84 -48.48 -76.04
N LEU LB 75 -32.61 -49.48 -76.88
CA LEU LB 75 -33.67 -50.19 -77.57
C LEU LB 75 -34.22 -51.32 -76.69
N PRO LB 76 -35.40 -51.84 -77.01
CA PRO LB 76 -35.85 -53.09 -76.34
C PRO LB 76 -34.90 -54.25 -76.59
N GLU LB 77 -34.24 -54.30 -77.75
CA GLU LB 77 -33.17 -55.26 -77.96
C GLU LB 77 -31.98 -54.97 -77.07
N MET LB 78 -31.70 -53.68 -76.82
CA MET LB 78 -30.52 -53.28 -76.06
C MET LB 78 -30.58 -53.72 -74.60
N VAL LB 79 -31.77 -53.97 -74.07
CA VAL LB 79 -31.89 -54.34 -72.66
C VAL LB 79 -31.43 -55.78 -72.48
N GLY LB 80 -30.65 -56.01 -71.42
CA GLY LB 80 -30.14 -57.34 -71.14
C GLY LB 80 -28.62 -57.38 -71.13
N SER LB 81 -28.00 -56.26 -70.83
CA SER LB 81 -26.54 -56.15 -70.78
C SER LB 81 -26.17 -55.23 -69.64
N MET LB 82 -24.86 -55.06 -69.42
CA MET LB 82 -24.33 -54.16 -68.41
C MET LB 82 -23.30 -53.28 -69.08
N VAL LB 83 -23.51 -51.96 -69.03
CA VAL LB 83 -22.75 -51.02 -69.84
C VAL LB 83 -22.11 -49.97 -68.96
N GLY LB 84 -20.85 -49.64 -69.25
CA GLY LB 84 -20.15 -48.56 -68.58
C GLY LB 84 -20.03 -47.33 -69.44
N VAL LB 85 -20.53 -46.20 -68.95
CA VAL LB 85 -20.59 -44.95 -69.70
C VAL LB 85 -19.48 -44.03 -69.20
N TYR LB 86 -18.76 -43.42 -70.14
CA TYR LB 86 -17.60 -42.59 -69.85
C TYR LB 86 -18.03 -41.15 -69.56
N ASN LB 87 -17.57 -40.62 -68.42
CA ASN LB 87 -17.79 -39.23 -68.06
C ASN LB 87 -16.53 -38.38 -68.12
N GLY LB 88 -15.37 -38.99 -68.34
CA GLY LB 88 -14.09 -38.32 -68.25
C GLY LB 88 -13.22 -38.83 -67.12
N LYS LB 89 -13.82 -39.46 -66.11
CA LYS LB 89 -13.08 -40.05 -65.00
C LYS LB 89 -13.38 -41.52 -64.79
N THR LB 90 -14.64 -41.93 -64.85
CA THR LB 90 -15.06 -43.27 -64.49
C THR LB 90 -15.93 -43.87 -65.59
N PHE LB 91 -15.74 -45.17 -65.85
CA PHE LB 91 -16.69 -45.93 -66.64
C PHE LB 91 -17.93 -46.21 -65.79
N ASN LB 92 -18.94 -45.35 -65.88
CA ASN LB 92 -20.07 -45.42 -64.96
C ASN LB 92 -20.91 -46.65 -65.24
N GLN LB 93 -20.93 -47.57 -64.27
CA GLN LB 93 -21.64 -48.84 -64.41
C GLN LB 93 -23.13 -48.59 -64.15
N VAL LB 94 -23.92 -48.55 -65.22
CA VAL LB 94 -25.34 -48.25 -65.14
C VAL LB 94 -26.13 -49.50 -65.52
N GLU LB 95 -27.11 -49.85 -64.69
CA GLU LB 95 -27.98 -50.98 -64.95
C GLU LB 95 -29.21 -50.53 -65.74
N ILE LB 96 -29.73 -51.42 -66.57
CA ILE LB 96 -30.78 -51.09 -67.53
C ILE LB 96 -31.95 -52.06 -67.40
N LYS LB 97 -33.15 -51.53 -67.57
CA LYS LB 97 -34.40 -52.25 -67.72
C LYS LB 97 -35.15 -51.59 -68.87
N PRO LB 98 -36.12 -52.27 -69.47
CA PRO LB 98 -36.81 -51.67 -70.63
C PRO LB 98 -37.76 -50.53 -70.31
N GLU LB 99 -37.69 -49.94 -69.11
CA GLU LB 99 -38.44 -48.74 -68.80
C GLU LB 99 -37.83 -47.48 -69.39
N MET LB 100 -36.54 -47.50 -69.72
CA MET LB 100 -35.83 -46.36 -70.29
C MET LB 100 -35.66 -46.44 -71.80
N ILE LB 101 -36.54 -47.16 -72.50
CA ILE LB 101 -36.54 -47.16 -73.96
C ILE LB 101 -36.90 -45.77 -74.44
N GLY LB 102 -35.96 -45.11 -75.13
CA GLY LB 102 -36.21 -43.79 -75.68
C GLY LB 102 -35.37 -42.71 -75.02
N HIS LB 103 -34.22 -43.11 -74.47
CA HIS LB 103 -33.33 -42.19 -73.78
C HIS LB 103 -31.91 -42.44 -74.28
N TYR LB 104 -30.99 -41.55 -73.89
CA TYR LB 104 -29.58 -41.69 -74.20
C TYR LB 104 -28.82 -42.21 -72.98
N LEU LB 105 -27.61 -42.70 -73.24
CA LEU LB 105 -26.72 -43.14 -72.16
C LEU LB 105 -26.06 -41.99 -71.43
N GLY LB 106 -26.03 -40.80 -72.03
CA GLY LB 106 -25.36 -39.67 -71.41
C GLY LB 106 -26.13 -39.04 -70.27
N GLU LB 107 -27.45 -39.22 -70.24
CA GLU LB 107 -28.25 -38.73 -69.12
C GLU LB 107 -28.05 -39.54 -67.86
N PHE LB 108 -27.50 -40.75 -67.98
CA PHE LB 108 -27.50 -41.73 -66.91
C PHE LB 108 -26.17 -41.74 -66.17
N SER LB 109 -25.23 -40.90 -66.58
CA SER LB 109 -23.91 -40.81 -65.96
C SER LB 109 -23.56 -39.33 -65.89
N ILE LB 110 -23.49 -38.80 -64.68
CA ILE LB 110 -23.30 -37.36 -64.50
C ILE LB 110 -21.84 -37.01 -64.77
N THR LB 111 -21.63 -36.02 -65.65
CA THR LB 111 -20.27 -35.66 -66.06
C THR LB 111 -19.51 -34.96 -64.95
N TYR LB 112 -20.16 -34.07 -64.22
CA TYR LB 112 -19.56 -33.35 -63.12
C TYR LB 112 -19.99 -33.97 -61.80
N LYS LB 113 -19.68 -33.29 -60.69
CA LYS LB 113 -20.08 -33.70 -59.36
C LYS LB 113 -20.90 -32.60 -58.72
N PRO LB 114 -21.98 -32.93 -57.99
CA PRO LB 114 -22.75 -31.90 -57.30
C PRO LB 114 -21.88 -31.14 -56.30
N VAL LB 115 -21.69 -29.85 -56.58
CA VAL LB 115 -20.71 -29.05 -55.86
C VAL LB 115 -21.32 -28.48 -54.59
N LYS LB 116 -20.53 -28.45 -53.52
CA LYS LB 116 -20.89 -27.79 -52.28
C LYS LB 116 -20.02 -26.55 -52.10
N HIS LB 117 -20.63 -25.48 -51.60
CA HIS LB 117 -19.98 -24.18 -51.50
C HIS LB 117 -19.29 -23.98 -50.15
N GLY LB 118 -20.02 -24.14 -49.06
CA GLY LB 118 -19.42 -24.06 -47.74
C GLY LB 118 -18.90 -25.41 -47.30
N ARG LB 119 -17.60 -25.63 -47.46
CA ARG LB 119 -17.00 -26.91 -47.16
C ARG LB 119 -16.77 -27.10 -45.66
N PRO LB 120 -16.17 -26.12 -44.93
CA PRO LB 120 -16.09 -26.41 -43.50
C PRO LB 120 -17.39 -26.11 -42.75
N GLY MB 1 -54.04 20.38 -127.16
CA GLY MB 1 -53.06 21.32 -127.67
C GLY MB 1 -51.87 21.48 -126.75
N PRO MB 2 -51.84 22.59 -126.00
CA PRO MB 2 -50.74 22.81 -125.05
C PRO MB 2 -50.76 21.83 -123.89
N LEU MB 3 -49.78 20.92 -123.86
CA LEU MB 3 -49.65 19.96 -122.76
C LEU MB 3 -49.17 20.71 -121.52
N GLN MB 4 -50.08 20.94 -120.57
CA GLN MB 4 -49.76 21.71 -119.38
C GLN MB 4 -49.22 20.80 -118.28
N SER MB 5 -48.12 20.12 -118.59
CA SER MB 5 -47.51 19.14 -117.69
C SER MB 5 -46.54 19.88 -116.77
N VAL MB 6 -46.90 19.98 -115.49
CA VAL MB 6 -46.09 20.66 -114.50
C VAL MB 6 -45.61 19.60 -113.51
N GLN MB 7 -44.37 19.16 -113.67
CA GLN MB 7 -43.77 18.16 -112.79
C GLN MB 7 -43.03 18.88 -111.66
N VAL MB 8 -43.56 18.77 -110.45
CA VAL MB 8 -43.01 19.44 -109.27
C VAL MB 8 -42.75 18.38 -108.21
N PHE MB 9 -41.53 18.36 -107.67
CA PHE MB 9 -41.13 17.40 -106.65
C PHE MB 9 -40.95 18.09 -105.30
N GLY MB 10 -41.29 17.35 -104.25
CA GLY MB 10 -41.07 17.82 -102.89
C GLY MB 10 -40.39 16.75 -102.07
N ARG MB 11 -39.48 17.18 -101.20
CA ARG MB 11 -38.57 16.26 -100.53
C ARG MB 11 -38.74 16.28 -99.02
N LYS MB 12 -38.65 15.09 -98.44
CA LYS MB 12 -38.56 14.84 -97.01
C LYS MB 12 -37.25 14.08 -96.75
N LYS MB 13 -37.08 13.57 -95.54
CA LYS MB 13 -35.89 12.79 -95.21
C LYS MB 13 -35.79 11.55 -96.10
N THR MB 14 -36.91 10.87 -96.32
CA THR MB 14 -36.96 9.74 -97.26
C THR MB 14 -38.07 9.90 -98.29
N ALA MB 15 -39.21 10.47 -97.92
CA ALA MB 15 -40.32 10.64 -98.84
C ALA MB 15 -40.00 11.72 -99.86
N THR MB 16 -40.16 11.39 -101.15
CA THR MB 16 -40.01 12.34 -102.24
C THR MB 16 -41.34 12.38 -102.99
N ALA MB 17 -42.24 13.25 -102.53
CA ALA MB 17 -43.55 13.39 -103.16
C ALA MB 17 -43.44 14.32 -104.37
N VAL MB 18 -43.84 13.81 -105.53
CA VAL MB 18 -43.70 14.53 -106.79
C VAL MB 18 -45.10 14.75 -107.34
N ALA MB 19 -45.55 16.00 -107.33
CA ALA MB 19 -46.90 16.35 -107.76
C ALA MB 19 -46.87 16.75 -109.22
N HIS MB 20 -47.53 15.96 -110.07
CA HIS MB 20 -47.66 16.26 -111.50
C HIS MB 20 -49.01 16.90 -111.75
N CYS MB 21 -48.98 18.12 -112.29
CA CYS MB 21 -50.20 18.88 -112.56
C CYS MB 21 -50.52 18.84 -114.05
N LYS MB 22 -51.76 19.24 -114.37
CA LYS MB 22 -52.24 19.22 -115.74
C LYS MB 22 -53.40 20.19 -115.86
N ARG MB 23 -53.88 20.38 -117.08
CA ARG MB 23 -55.11 21.12 -117.31
C ARG MB 23 -56.29 20.16 -117.19
N GLY MB 24 -57.33 20.60 -116.50
CA GLY MB 24 -58.50 19.74 -116.30
C GLY MB 24 -59.48 20.27 -115.29
N ASN MB 25 -59.96 19.39 -114.42
CA ASN MB 25 -60.94 19.72 -113.39
C ASN MB 25 -60.28 19.69 -112.01
N GLY MB 26 -61.06 20.09 -111.00
CA GLY MB 26 -60.56 20.21 -109.65
C GLY MB 26 -60.57 18.93 -108.85
N LEU MB 27 -59.75 17.95 -109.25
CA LEU MB 27 -59.60 16.69 -108.51
C LEU MB 27 -58.12 16.46 -108.22
N ILE MB 28 -57.82 16.06 -107.00
CA ILE MB 28 -56.46 15.82 -106.54
C ILE MB 28 -56.34 14.36 -106.13
N LYS MB 29 -55.32 13.68 -106.65
CA LYS MB 29 -55.13 12.26 -106.37
C LYS MB 29 -53.68 11.98 -106.04
N VAL MB 30 -53.45 11.07 -105.09
CA VAL MB 30 -52.12 10.62 -104.71
C VAL MB 30 -52.08 9.12 -104.98
N ASN MB 31 -51.37 8.73 -106.04
CA ASN MB 31 -51.34 7.35 -106.53
C ASN MB 31 -52.75 6.83 -106.78
N GLY MB 32 -53.59 7.71 -107.32
CA GLY MB 32 -55.00 7.43 -107.54
C GLY MB 32 -55.92 7.85 -106.40
N ARG MB 33 -55.52 7.56 -105.16
CA ARG MB 33 -56.33 7.92 -104.00
C ARG MB 33 -56.26 9.42 -103.73
N PRO MB 34 -57.39 10.02 -103.32
CA PRO MB 34 -57.38 11.47 -103.04
C PRO MB 34 -56.72 11.80 -101.71
N LEU MB 35 -56.73 13.09 -101.35
CA LEU MB 35 -56.17 13.52 -100.07
C LEU MB 35 -57.06 13.16 -98.90
N GLU MB 36 -58.31 12.76 -99.15
CA GLU MB 36 -59.23 12.47 -98.06
C GLU MB 36 -58.91 11.13 -97.38
N MET MB 37 -58.20 10.23 -98.06
CA MET MB 37 -57.86 8.93 -97.50
C MET MB 37 -56.34 8.74 -97.51
N ILE MB 38 -55.70 9.20 -96.44
CA ILE MB 38 -54.34 8.80 -96.07
C ILE MB 38 -54.32 8.68 -94.55
N GLU MB 39 -54.01 7.49 -94.05
CA GLU MB 39 -53.91 7.31 -92.61
C GLU MB 39 -52.64 8.00 -92.11
N PRO MB 40 -52.69 8.71 -90.97
CA PRO MB 40 -53.83 8.92 -90.06
C PRO MB 40 -54.89 9.89 -90.59
N ARG MB 41 -56.15 9.62 -90.27
CA ARG MB 41 -57.24 10.51 -90.67
C ARG MB 41 -57.44 11.66 -89.69
N THR MB 42 -56.76 11.65 -88.54
CA THR MB 42 -56.93 12.72 -87.56
C THR MB 42 -56.31 14.03 -88.06
N LEU MB 43 -55.31 13.96 -88.93
CA LEU MB 43 -54.78 15.16 -89.58
C LEU MB 43 -55.48 15.34 -90.93
N GLN MB 44 -56.81 15.46 -90.86
CA GLN MB 44 -57.60 15.65 -92.07
C GLN MB 44 -57.48 17.06 -92.61
N TYR MB 45 -57.45 18.06 -91.73
CA TYR MB 45 -57.33 19.44 -92.16
C TYR MB 45 -55.92 19.79 -92.61
N LYS MB 46 -54.93 19.00 -92.20
CA LYS MB 46 -53.54 19.27 -92.59
C LYS MB 46 -53.31 19.03 -94.07
N LEU MB 47 -54.00 18.06 -94.65
CA LEU MB 47 -53.84 17.75 -96.07
C LEU MB 47 -54.62 18.70 -96.97
N LEU MB 48 -55.63 19.39 -96.44
CA LEU MB 48 -56.43 20.35 -97.20
C LEU MB 48 -56.04 21.79 -96.92
N GLU MB 49 -54.88 22.03 -96.31
CA GLU MB 49 -54.41 23.39 -95.99
C GLU MB 49 -54.25 24.27 -97.23
N PRO MB 50 -53.70 23.80 -98.36
CA PRO MB 50 -53.76 24.64 -99.58
C PRO MB 50 -55.17 24.95 -100.02
N VAL MB 51 -56.12 24.03 -99.84
CA VAL MB 51 -57.52 24.34 -100.10
C VAL MB 51 -58.06 25.29 -99.05
N LEU MB 52 -57.67 25.11 -97.79
CA LEU MB 52 -58.11 25.94 -96.69
C LEU MB 52 -57.32 27.24 -96.57
N LEU MB 53 -56.51 27.59 -97.56
CA LEU MB 53 -55.80 28.86 -97.56
C LEU MB 53 -55.83 29.60 -98.89
N LEU MB 54 -56.23 28.96 -99.98
CA LEU MB 54 -56.17 29.57 -101.30
C LEU MB 54 -57.46 29.46 -102.10
N GLY MB 55 -58.39 28.58 -101.74
CA GLY MB 55 -59.67 28.49 -102.40
C GLY MB 55 -59.72 27.45 -103.50
N LYS MB 56 -60.94 26.99 -103.77
CA LYS MB 56 -61.16 25.98 -104.80
C LYS MB 56 -61.07 26.56 -106.20
N GLU MB 57 -61.38 27.84 -106.37
CA GLU MB 57 -61.40 28.45 -107.70
C GLU MB 57 -60.02 28.45 -108.35
N ARG MB 58 -58.95 28.51 -107.55
CA ARG MB 58 -57.61 28.37 -108.09
C ARG MB 58 -57.38 26.96 -108.65
N PHE MB 59 -57.86 25.94 -107.94
CA PHE MB 59 -57.63 24.55 -108.31
C PHE MB 59 -58.69 24.01 -109.26
N ALA MB 60 -59.61 24.86 -109.71
CA ALA MB 60 -60.70 24.41 -110.57
C ALA MB 60 -60.19 23.88 -111.90
N GLY MB 61 -59.20 24.55 -112.50
CA GLY MB 61 -58.61 24.11 -113.74
C GLY MB 61 -57.37 23.25 -113.60
N VAL MB 62 -57.03 22.83 -112.39
CA VAL MB 62 -55.80 22.08 -112.12
C VAL MB 62 -56.17 20.75 -111.49
N ASP MB 63 -55.66 19.66 -112.06
CA ASP MB 63 -55.73 18.33 -111.46
C ASP MB 63 -54.31 17.87 -111.12
N ILE MB 64 -54.14 17.31 -109.92
CA ILE MB 64 -52.83 16.95 -109.40
C ILE MB 64 -52.75 15.44 -109.30
N ARG MB 65 -51.69 14.86 -109.87
CA ARG MB 65 -51.39 13.44 -109.79
C ARG MB 65 -50.01 13.27 -109.19
N VAL MB 66 -49.92 12.51 -108.09
CA VAL MB 66 -48.71 12.46 -107.27
C VAL MB 66 -48.22 11.01 -107.20
N ARG MB 67 -46.92 10.82 -107.38
CA ARG MB 67 -46.25 9.56 -107.14
C ARG MB 67 -45.34 9.70 -105.92
N VAL MB 68 -45.41 8.75 -105.00
CA VAL MB 68 -44.70 8.82 -103.72
C VAL MB 68 -43.88 7.55 -103.55
N LYS MB 69 -42.59 7.71 -103.26
CA LYS MB 69 -41.70 6.59 -102.99
C LYS MB 69 -40.82 6.94 -101.80
N GLY MB 70 -41.02 6.24 -100.69
CA GLY MB 70 -40.23 6.42 -99.49
C GLY MB 70 -40.97 7.20 -98.42
N GLY MB 71 -40.37 7.22 -97.23
CA GLY MB 71 -40.88 7.99 -96.12
C GLY MB 71 -41.57 7.16 -95.05
N GLY MB 72 -42.49 7.78 -94.33
CA GLY MB 72 -43.25 7.10 -93.30
C GLY MB 72 -44.70 7.53 -93.27
N HIS MB 73 -45.41 7.20 -92.19
CA HIS MB 73 -46.82 7.58 -92.07
C HIS MB 73 -47.00 9.06 -91.78
N VAL MB 74 -45.96 9.74 -91.28
CA VAL MB 74 -46.06 11.15 -90.92
C VAL MB 74 -45.23 11.98 -91.89
N ALA MB 75 -44.11 11.43 -92.35
CA ALA MB 75 -43.30 12.11 -93.36
C ALA MB 75 -44.06 12.31 -94.66
N GLN MB 76 -44.86 11.32 -95.06
CA GLN MB 76 -45.65 11.45 -96.27
C GLN MB 76 -46.80 12.45 -96.11
N ILE MB 77 -47.19 12.77 -94.88
CA ILE MB 77 -48.17 13.83 -94.65
C ILE MB 77 -47.59 15.18 -95.06
N TYR MB 78 -46.37 15.48 -94.61
CA TYR MB 78 -45.73 16.75 -94.93
C TYR MB 78 -45.01 16.73 -96.27
N ALA MB 79 -44.77 15.55 -96.84
CA ALA MB 79 -44.20 15.48 -98.18
C ALA MB 79 -45.23 15.86 -99.23
N ILE MB 80 -46.46 15.35 -99.11
CA ILE MB 80 -47.55 15.78 -99.97
C ILE MB 80 -48.00 17.20 -99.64
N ARG MB 81 -47.79 17.66 -98.41
CA ARG MB 81 -48.23 18.99 -98.02
C ARG MB 81 -47.44 20.07 -98.77
N GLN MB 82 -46.14 19.87 -98.96
CA GLN MB 82 -45.34 20.82 -99.72
C GLN MB 82 -45.30 20.52 -101.21
N SER MB 83 -45.60 19.28 -101.63
CA SER MB 83 -45.52 18.95 -103.04
C SER MB 83 -46.65 19.59 -103.83
N ILE MB 84 -47.88 19.53 -103.31
CA ILE MB 84 -49.01 20.15 -104.01
C ILE MB 84 -49.10 21.64 -103.76
N SER MB 85 -48.46 22.15 -102.70
CA SER MB 85 -48.37 23.59 -102.54
C SER MB 85 -47.34 24.19 -103.47
N LYS MB 86 -46.26 23.47 -103.75
CA LYS MB 86 -45.30 23.88 -104.75
C LYS MB 86 -45.66 23.42 -106.16
N ALA MB 87 -46.67 22.55 -106.29
CA ALA MB 87 -47.12 22.15 -107.62
C ALA MB 87 -47.72 23.32 -108.38
N LEU MB 88 -48.45 24.19 -107.68
CA LEU MB 88 -49.01 25.39 -108.29
C LEU MB 88 -48.02 26.53 -108.35
N VAL MB 89 -46.86 26.40 -107.71
CA VAL MB 89 -45.81 27.41 -107.83
C VAL MB 89 -45.27 27.46 -109.25
N ALA MB 90 -44.96 26.29 -109.82
CA ALA MB 90 -44.48 26.22 -111.19
C ALA MB 90 -45.61 26.19 -112.22
N TYR MB 91 -46.85 25.96 -111.78
CA TYR MB 91 -47.99 26.02 -112.69
C TYR MB 91 -48.25 27.45 -113.16
N TYR MB 92 -48.14 28.42 -112.27
CA TYR MB 92 -48.51 29.80 -112.56
C TYR MB 92 -47.34 30.66 -113.03
N GLN MB 93 -46.12 30.14 -113.06
CA GLN MB 93 -45.00 30.95 -113.48
C GLN MB 93 -44.75 30.86 -114.99
N LYS MB 94 -45.05 29.72 -115.60
CA LYS MB 94 -44.73 29.51 -117.01
C LYS MB 94 -45.91 29.83 -117.92
N TYR MB 95 -47.14 29.71 -117.41
CA TYR MB 95 -48.33 29.75 -118.27
C TYR MB 95 -49.19 30.99 -118.10
N VAL MB 96 -49.31 31.53 -116.88
CA VAL MB 96 -50.18 32.67 -116.64
C VAL MB 96 -49.36 33.83 -116.09
N ASP MB 97 -50.05 34.94 -115.79
CA ASP MB 97 -49.37 36.15 -115.33
C ASP MB 97 -48.69 35.95 -113.99
N GLU MB 98 -47.57 36.63 -113.80
CA GLU MB 98 -46.86 36.62 -112.53
C GLU MB 98 -47.58 37.46 -111.47
N ALA MB 99 -48.55 38.28 -111.89
CA ALA MB 99 -49.33 39.06 -110.93
C ALA MB 99 -50.10 38.16 -109.97
N SER MB 100 -50.66 37.06 -110.47
CA SER MB 100 -51.22 36.05 -109.57
C SER MB 100 -50.11 35.36 -108.78
N LYS MB 101 -48.96 35.14 -109.41
CA LYS MB 101 -47.85 34.41 -108.80
C LYS MB 101 -47.23 35.14 -107.61
N LYS MB 102 -47.34 36.47 -107.54
CA LYS MB 102 -46.65 37.19 -106.48
C LYS MB 102 -47.51 37.26 -105.21
N GLU MB 103 -48.84 37.36 -105.35
CA GLU MB 103 -49.70 37.44 -104.17
C GLU MB 103 -49.88 36.08 -103.49
N ILE MB 104 -49.80 34.98 -104.23
CA ILE MB 104 -50.09 33.67 -103.66
C ILE MB 104 -49.04 33.27 -102.64
N LYS MB 105 -47.76 33.49 -102.97
CA LYS MB 105 -46.67 33.06 -102.08
C LYS MB 105 -46.63 33.90 -100.81
N ASP MB 106 -47.13 35.13 -100.85
CA ASP MB 106 -47.22 35.93 -99.63
C ASP MB 106 -48.20 35.33 -98.63
N ILE MB 107 -49.32 34.79 -99.12
CA ILE MB 107 -50.28 34.14 -98.23
C ILE MB 107 -49.71 32.84 -97.68
N LEU MB 108 -49.02 32.08 -98.52
CA LEU MB 108 -48.47 30.79 -98.09
C LEU MB 108 -47.32 30.97 -97.11
N ILE MB 109 -46.53 32.04 -97.26
CA ILE MB 109 -45.43 32.29 -96.34
C ILE MB 109 -45.97 32.66 -94.95
N GLN MB 110 -47.05 33.44 -94.91
CA GLN MB 110 -47.60 33.92 -93.65
C GLN MB 110 -48.12 32.81 -92.74
N TYR MB 111 -48.46 31.64 -93.29
CA TYR MB 111 -48.88 30.50 -92.48
C TYR MB 111 -47.66 29.79 -91.92
N ASP MB 112 -46.81 29.26 -92.81
CA ASP MB 112 -45.59 28.58 -92.41
C ASP MB 112 -44.67 28.51 -93.62
N ARG MB 113 -43.37 28.52 -93.35
CA ARG MB 113 -42.38 28.42 -94.42
C ARG MB 113 -42.15 26.99 -94.88
N THR MB 114 -42.62 26.00 -94.12
CA THR MB 114 -42.44 24.59 -94.49
C THR MB 114 -43.14 24.27 -95.79
N LEU MB 115 -44.20 25.02 -96.14
CA LEU MB 115 -44.95 24.78 -97.37
C LEU MB 115 -44.11 25.08 -98.62
N LEU MB 116 -43.03 25.83 -98.50
CA LEU MB 116 -42.21 26.20 -99.64
C LEU MB 116 -40.78 25.69 -99.57
N VAL MB 117 -40.17 25.66 -98.39
CA VAL MB 117 -38.80 25.20 -98.24
C VAL MB 117 -38.83 23.83 -97.55
N ALA MB 118 -38.02 22.91 -98.06
CA ALA MB 118 -37.92 21.58 -97.48
C ALA MB 118 -37.08 21.61 -96.21
N ASP MB 119 -37.48 20.79 -95.24
CA ASP MB 119 -36.73 20.70 -93.99
C ASP MB 119 -35.48 19.85 -94.21
N PRO MB 120 -34.28 20.41 -93.99
CA PRO MB 120 -33.05 19.64 -94.20
C PRO MB 120 -32.62 18.76 -93.04
N ARG MB 121 -33.49 18.53 -92.06
CA ARG MB 121 -33.13 17.69 -90.91
C ARG MB 121 -33.25 16.22 -91.30
N ARG MB 122 -32.12 15.56 -91.42
CA ARG MB 122 -32.05 14.14 -91.74
C ARG MB 122 -31.46 13.36 -90.58
N CYS MB 123 -31.61 12.05 -90.63
CA CYS MB 123 -31.04 11.17 -89.62
C CYS MB 123 -29.54 11.04 -89.85
N GLU MB 124 -28.75 11.71 -89.02
CA GLU MB 124 -27.31 11.60 -89.13
C GLU MB 124 -26.83 10.23 -88.68
N SER MB 125 -25.59 9.91 -89.01
CA SER MB 125 -25.04 8.58 -88.81
C SER MB 125 -24.98 8.22 -87.33
N LYS MB 126 -25.28 6.96 -87.03
CA LYS MB 126 -25.05 6.43 -85.70
C LYS MB 126 -23.54 6.27 -85.49
N LYS MB 127 -23.08 6.58 -84.29
CA LYS MB 127 -21.66 6.53 -84.00
C LYS MB 127 -21.30 5.26 -83.24
N PHE MB 128 -20.06 4.84 -83.43
CA PHE MB 128 -19.45 3.81 -82.60
C PHE MB 128 -19.39 4.26 -81.13
N GLY MB 129 -19.67 3.32 -80.25
CA GLY MB 129 -19.79 3.63 -78.84
C GLY MB 129 -21.14 4.19 -78.42
N GLY MB 130 -22.17 4.07 -79.27
CA GLY MB 130 -23.48 4.56 -78.95
C GLY MB 130 -24.57 3.91 -79.76
N PRO MB 131 -25.78 3.84 -79.20
CA PRO MB 131 -26.90 3.23 -79.93
C PRO MB 131 -27.63 4.22 -80.83
N GLY MB 132 -27.30 5.50 -80.69
CA GLY MB 132 -27.95 6.53 -81.49
C GLY MB 132 -26.97 7.50 -82.12
N ALA MB 133 -27.49 8.63 -82.60
CA ALA MB 133 -26.64 9.63 -83.23
C ALA MB 133 -25.77 10.36 -82.22
N ARG MB 134 -26.29 10.64 -81.04
CA ARG MB 134 -25.53 11.36 -80.02
C ARG MB 134 -25.29 10.57 -78.75
N ALA MB 135 -26.18 9.64 -78.41
CA ALA MB 135 -26.09 8.92 -77.14
C ALA MB 135 -24.85 8.04 -77.09
N ARG MB 136 -24.30 7.90 -75.88
CA ARG MB 136 -23.20 7.00 -75.62
C ARG MB 136 -23.67 5.83 -74.76
N TYR MB 137 -22.82 4.82 -74.64
CA TYR MB 137 -23.15 3.65 -73.84
C TYR MB 137 -23.09 3.99 -72.35
N GLN MB 138 -23.72 3.12 -71.56
CA GLN MB 138 -23.78 3.29 -70.11
C GLN MB 138 -22.46 2.81 -69.52
N LYS MB 139 -21.46 3.68 -69.48
CA LYS MB 139 -20.17 3.32 -68.92
C LYS MB 139 -20.25 3.27 -67.39
N SER MB 140 -19.58 2.29 -66.80
CA SER MB 140 -19.64 2.04 -65.37
C SER MB 140 -18.25 2.01 -64.77
N TYR MB 141 -18.12 2.50 -63.54
CA TYR MB 141 -16.88 2.46 -62.80
C TYR MB 141 -16.81 1.20 -61.94
N ARG MB 142 -15.63 0.59 -61.92
CA ARG MB 142 -15.29 -0.66 -61.19
C ARG MB 142 -16.38 -1.75 -61.19
N GLY NB 1 -18.30 33.68 -85.04
CA GLY NB 1 -17.85 32.31 -85.05
C GLY NB 1 -16.96 31.98 -86.24
N ARG NB 2 -16.15 32.95 -86.64
CA ARG NB 2 -15.24 32.78 -87.78
C ARG NB 2 -14.04 33.69 -87.59
N VAL NB 3 -12.84 33.12 -87.70
CA VAL NB 3 -11.58 33.84 -87.55
C VAL NB 3 -10.67 33.46 -88.71
N ARG NB 4 -10.08 34.46 -89.35
CA ARG NB 4 -9.13 34.23 -90.42
C ARG NB 4 -7.76 33.94 -89.83
N THR NB 5 -7.19 32.80 -90.19
CA THR NB 5 -5.93 32.33 -89.61
C THR NB 5 -4.76 32.88 -90.41
N LYS NB 6 -3.55 32.41 -90.06
CA LYS NB 6 -2.34 32.90 -90.71
C LYS NB 6 -2.24 32.49 -92.17
N THR NB 7 -2.76 31.32 -92.54
CA THR NB 7 -2.68 30.86 -93.93
C THR NB 7 -3.59 31.68 -94.82
N VAL NB 8 -4.80 31.98 -94.35
CA VAL NB 8 -5.74 32.78 -95.13
C VAL NB 8 -5.23 34.21 -95.28
N LYS NB 9 -4.68 34.78 -94.19
CA LYS NB 9 -4.30 36.18 -94.22
C LYS NB 9 -3.02 36.43 -95.03
N LYS NB 10 -2.12 35.44 -95.08
CA LYS NB 10 -0.92 35.63 -95.90
C LYS NB 10 -1.24 35.50 -97.38
N ALA NB 11 -2.23 34.67 -97.73
CA ALA NB 11 -2.61 34.54 -99.14
C ALA NB 11 -3.43 35.72 -99.62
N ALA NB 12 -4.25 36.30 -98.75
CA ALA NB 12 -5.11 37.41 -99.15
C ALA NB 12 -4.36 38.73 -99.25
N ARG NB 13 -3.36 38.97 -98.40
CA ARG NB 13 -2.66 40.24 -98.40
C ARG NB 13 -1.77 40.40 -99.63
N VAL NB 14 -1.00 39.36 -99.96
CA VAL NB 14 -0.06 39.45 -101.09
C VAL NB 14 -0.82 39.59 -102.41
N ILE NB 15 -2.04 39.06 -102.48
CA ILE NB 15 -2.87 39.26 -103.66
C ILE NB 15 -3.23 40.75 -103.81
N ILE NB 16 -3.61 41.40 -102.72
CA ILE NB 16 -4.00 42.81 -102.76
C ILE NB 16 -2.80 43.70 -103.07
N GLU NB 17 -1.63 43.37 -102.55
CA GLU NB 17 -0.45 44.20 -102.75
C GLU NB 17 -0.06 44.26 -104.23
N LYS NB 18 -0.02 43.11 -104.90
CA LYS NB 18 0.47 43.05 -106.27
C LYS NB 18 -0.63 43.27 -107.29
N TYR NB 19 -1.86 42.88 -106.96
CA TYR NB 19 -2.97 42.91 -107.91
C TYR NB 19 -4.11 43.81 -107.42
N TYR NB 20 -3.76 45.03 -107.02
CA TYR NB 20 -4.76 46.02 -106.59
C TYR NB 20 -5.77 46.35 -107.69
N THR NB 21 -5.27 46.60 -108.90
CA THR NB 21 -6.11 47.14 -109.98
C THR NB 21 -7.16 46.16 -110.48
N ARG NB 22 -7.01 44.87 -110.17
CA ARG NB 22 -7.88 43.84 -110.74
C ARG NB 22 -9.01 43.42 -109.80
N LEU NB 23 -9.04 43.94 -108.57
CA LEU NB 23 -10.04 43.54 -107.59
C LEU NB 23 -11.22 44.51 -107.58
N GLY NB 24 -12.41 43.98 -107.30
CA GLY NB 24 -13.60 44.78 -107.20
C GLY NB 24 -14.11 44.92 -105.78
N ASN NB 25 -15.38 45.28 -105.63
CA ASN NB 25 -15.95 45.56 -104.32
C ASN NB 25 -16.89 44.47 -103.83
N ASP NB 26 -17.73 43.92 -104.71
CA ASP NB 26 -18.58 42.80 -104.34
C ASP NB 26 -17.72 41.54 -104.19
N PHE NB 27 -18.18 40.64 -103.30
CA PHE NB 27 -17.44 39.42 -103.04
C PHE NB 27 -17.31 38.56 -104.28
N HIS NB 28 -18.40 38.43 -105.05
CA HIS NB 28 -18.38 37.54 -106.21
C HIS NB 28 -17.64 38.16 -107.39
N THR NB 29 -17.49 39.49 -107.41
CA THR NB 29 -16.84 40.13 -108.55
C THR NB 29 -15.35 39.80 -108.60
N ASN NB 30 -14.65 39.94 -107.47
CA ASN NB 30 -13.24 39.61 -107.41
C ASN NB 30 -12.97 38.19 -106.96
N LYS NB 31 -14.01 37.39 -106.74
CA LYS NB 31 -13.83 36.00 -106.37
C LYS NB 31 -13.18 35.21 -107.50
N ARG NB 32 -13.65 35.41 -108.73
CA ARG NB 32 -13.04 34.76 -109.88
C ARG NB 32 -11.80 35.46 -110.38
N VAL NB 33 -11.56 36.70 -109.94
CA VAL NB 33 -10.28 37.36 -110.20
C VAL NB 33 -9.16 36.61 -109.49
N CYS NB 34 -9.40 36.20 -108.25
CA CYS NB 34 -8.44 35.39 -107.49
C CYS NB 34 -8.23 34.00 -108.08
N GLU NB 35 -9.15 33.53 -108.93
CA GLU NB 35 -9.00 32.21 -109.54
C GLU NB 35 -7.82 32.18 -110.51
N GLU NB 36 -7.66 33.23 -111.32
CA GLU NB 36 -6.66 33.23 -112.37
C GLU NB 36 -5.28 33.67 -111.89
N ILE NB 37 -5.21 34.44 -110.80
CA ILE NB 37 -3.94 35.04 -110.37
C ILE NB 37 -3.19 34.16 -109.39
N ALA NB 38 -3.79 33.09 -108.89
CA ALA NB 38 -3.14 32.17 -107.96
C ALA NB 38 -3.63 30.76 -108.23
N ILE NB 39 -2.89 29.79 -107.71
CA ILE NB 39 -3.25 28.38 -107.84
C ILE NB 39 -3.93 27.92 -106.56
N ILE NB 40 -5.25 28.01 -106.52
CA ILE NB 40 -6.02 27.69 -105.32
C ILE NB 40 -6.31 26.20 -105.30
N PRO NB 41 -5.97 25.49 -104.22
CA PRO NB 41 -6.15 24.02 -104.22
C PRO NB 41 -7.60 23.57 -104.20
N SER NB 42 -8.49 24.31 -103.54
CA SER NB 42 -9.85 23.84 -103.33
C SER NB 42 -10.84 24.99 -103.47
N LYS NB 43 -12.12 24.63 -103.62
CA LYS NB 43 -13.18 25.62 -103.70
C LYS NB 43 -13.30 26.43 -102.42
N LYS NB 44 -13.19 25.76 -101.27
CA LYS NB 44 -13.39 26.43 -99.98
C LYS NB 44 -12.34 27.50 -99.74
N LEU NB 45 -11.07 27.21 -100.03
CA LEU NB 45 -10.00 28.14 -99.73
C LEU NB 45 -10.08 29.41 -100.55
N ARG NB 46 -10.58 29.34 -101.79
CA ARG NB 46 -10.73 30.53 -102.61
C ARG NB 46 -11.77 31.48 -102.03
N ASN NB 47 -12.89 30.93 -101.53
CA ASN NB 47 -13.91 31.78 -100.93
C ASN NB 47 -13.48 32.33 -99.58
N LYS NB 48 -12.59 31.62 -98.88
CA LYS NB 48 -12.14 32.09 -97.57
C LYS NB 48 -11.24 33.31 -97.69
N ILE NB 49 -10.29 33.29 -98.63
CA ILE NB 49 -9.37 34.42 -98.78
C ILE NB 49 -10.10 35.63 -99.35
N ALA NB 50 -10.96 35.41 -100.35
CA ALA NB 50 -11.62 36.50 -101.06
C ALA NB 50 -12.59 37.28 -100.19
N GLY NB 51 -13.16 36.67 -99.15
CA GLY NB 51 -13.97 37.43 -98.22
C GLY NB 51 -13.15 38.42 -97.43
N TYR NB 52 -11.96 38.00 -96.98
CA TYR NB 52 -11.07 38.91 -96.26
C TYR NB 52 -10.40 39.91 -97.18
N VAL NB 53 -10.29 39.60 -98.48
CA VAL NB 53 -9.87 40.61 -99.46
C VAL NB 53 -10.90 41.72 -99.55
N THR NB 54 -12.19 41.35 -99.63
CA THR NB 54 -13.25 42.35 -99.63
C THR NB 54 -13.42 43.01 -98.28
N HIS NB 55 -13.07 42.32 -97.20
CA HIS NB 55 -13.15 42.90 -95.86
C HIS NB 55 -12.11 44.00 -95.65
N LEU NB 56 -10.96 43.89 -96.31
CA LEU NB 56 -9.91 44.89 -96.17
C LEU NB 56 -10.16 46.15 -96.97
N MET NB 57 -10.88 46.06 -98.10
CA MET NB 57 -11.16 47.27 -98.86
C MET NB 57 -12.17 48.15 -98.15
N LYS NB 58 -13.09 47.55 -97.39
CA LYS NB 58 -13.94 48.35 -96.51
C LYS NB 58 -13.11 49.07 -95.46
N ARG NB 59 -11.99 48.48 -95.05
CA ARG NB 59 -11.02 49.22 -94.24
C ARG NB 59 -10.29 50.27 -95.08
N ILE NB 60 -9.97 49.94 -96.34
CA ILE NB 60 -9.35 50.92 -97.24
C ILE NB 60 -10.30 52.05 -97.57
N GLN NB 61 -11.57 51.72 -97.87
CA GLN NB 61 -12.56 52.76 -98.15
C GLN NB 61 -12.84 53.63 -96.93
N ARG NB 62 -12.63 53.10 -95.73
CA ARG NB 62 -12.68 53.94 -94.53
C ARG NB 62 -11.50 54.90 -94.49
N GLY NB 63 -10.31 54.40 -94.83
CA GLY NB 63 -9.11 55.20 -94.82
C GLY NB 63 -7.86 54.37 -95.00
N PRO NB 64 -6.70 54.93 -94.63
CA PRO NB 64 -5.45 54.21 -94.82
C PRO NB 64 -5.33 53.01 -93.89
N VAL NB 65 -4.54 52.03 -94.34
CA VAL NB 65 -4.33 50.78 -93.62
C VAL NB 65 -2.86 50.70 -93.24
N ARG NB 66 -2.59 50.27 -92.00
CA ARG NB 66 -1.23 50.19 -91.50
C ARG NB 66 -0.41 49.17 -92.28
N GLY NB 67 -0.88 47.93 -92.32
CA GLY NB 67 -0.13 46.87 -92.97
C GLY NB 67 -0.43 46.68 -94.43
N ILE NB 68 -0.17 47.71 -95.25
CA ILE NB 68 -0.38 47.64 -96.68
C ILE NB 68 0.67 48.50 -97.36
N SER NB 69 0.95 48.20 -98.63
CA SER NB 69 1.95 48.92 -99.42
C SER NB 69 1.35 49.21 -100.79
N ILE NB 70 0.72 50.36 -100.92
CA ILE NB 70 0.06 50.79 -102.14
C ILE NB 70 0.89 51.90 -102.77
N LYS NB 71 1.18 51.76 -104.08
CA LYS NB 71 1.92 52.80 -104.77
C LYS NB 71 1.16 54.13 -104.81
N LEU NB 72 -0.16 54.07 -105.03
CA LEU NB 72 -0.94 55.30 -105.08
C LEU NB 72 -1.00 55.99 -103.73
N GLN NB 73 -1.19 55.23 -102.65
CA GLN NB 73 -1.18 55.84 -101.32
C GLN NB 73 0.20 56.33 -100.95
N GLU NB 74 1.25 55.66 -101.41
CA GLU NB 74 2.62 56.12 -101.15
C GLU NB 74 2.87 57.47 -101.82
N GLU NB 75 2.40 57.64 -103.06
CA GLU NB 75 2.55 58.91 -103.75
C GLU NB 75 1.68 59.99 -103.10
N GLU NB 76 0.47 59.63 -102.66
CA GLU NB 76 -0.39 60.57 -101.95
C GLU NB 76 0.19 60.97 -100.61
N ARG NB 77 0.91 60.07 -99.92
CA ARG NB 77 1.61 60.48 -98.71
C ARG NB 77 2.82 61.34 -99.04
N GLU NB 78 3.51 61.05 -100.15
CA GLU NB 78 4.58 61.94 -100.60
C GLU NB 78 4.02 63.30 -101.03
N ARG NB 79 2.80 63.31 -101.58
CA ARG NB 79 2.19 64.57 -101.97
C ARG NB 79 1.85 65.42 -100.75
N ARG NB 80 1.49 64.78 -99.64
CA ARG NB 80 1.17 65.50 -98.41
C ARG NB 80 2.37 65.70 -97.48
N ASP NB 81 3.38 64.83 -97.55
CA ASP NB 81 4.59 65.08 -96.77
C ASP NB 81 5.43 66.19 -97.39
N ASN NB 82 5.38 66.35 -98.71
CA ASN NB 82 6.02 67.45 -99.40
C ASN NB 82 5.07 68.61 -99.67
N TYR NB 83 3.96 68.66 -98.94
CA TYR NB 83 3.03 69.79 -99.05
C TYR NB 83 3.70 71.07 -98.57
N VAL NB 84 3.37 72.18 -99.21
CA VAL NB 84 4.00 73.46 -98.92
C VAL NB 84 3.00 74.40 -98.26
N PRO NB 85 3.10 74.64 -96.94
CA PRO NB 85 2.26 75.66 -96.31
C PRO NB 85 2.56 77.08 -96.79
N GLU NB 86 1.93 78.05 -96.13
CA GLU NB 86 2.21 79.47 -96.38
C GLU NB 86 3.50 79.87 -95.66
N VAL NB 87 3.74 81.17 -95.55
CA VAL NB 87 4.99 81.68 -94.94
C VAL NB 87 5.11 81.19 -93.50
N SER NB 88 6.35 81.15 -93.02
CA SER NB 88 6.65 80.49 -91.77
C SER NB 88 6.10 81.25 -90.57
N ALA NB 89 5.68 80.51 -89.56
CA ALA NB 89 5.34 81.07 -88.26
C ALA NB 89 6.59 81.24 -87.39
N LEU NB 90 7.76 80.91 -87.92
CA LEU NB 90 9.02 81.16 -87.23
C LEU NB 90 9.44 82.62 -87.29
N ASP NB 91 9.05 83.33 -88.33
CA ASP NB 91 9.42 84.73 -88.54
C ASP NB 91 8.16 85.57 -88.33
N GLN NB 92 8.01 86.10 -87.12
CA GLN NB 92 6.84 86.89 -86.75
C GLN NB 92 7.26 88.32 -86.41
N GLU NB 93 6.24 89.18 -86.26
CA GLU NB 93 6.43 90.52 -85.71
C GLU NB 93 6.08 90.58 -84.23
N ILE NB 94 5.26 89.66 -83.75
CA ILE NB 94 4.89 89.57 -82.33
C ILE NB 94 5.41 88.24 -81.79
N ILE NB 95 6.26 88.30 -80.77
CA ILE NB 95 6.85 87.14 -80.13
C ILE NB 95 6.88 87.37 -78.63
N GLU NB 96 6.39 86.40 -77.86
CA GLU NB 96 6.47 86.47 -76.41
C GLU NB 96 7.89 86.09 -75.98
N VAL NB 97 8.52 86.94 -75.16
CA VAL NB 97 9.91 86.77 -74.77
C VAL NB 97 10.01 87.04 -73.27
N ASP NB 98 10.45 86.03 -72.51
CA ASP NB 98 10.43 86.11 -71.07
C ASP NB 98 11.54 87.04 -70.56
N PRO NB 99 11.36 87.64 -69.37
CA PRO NB 99 12.39 88.49 -68.81
C PRO NB 99 13.75 87.82 -68.67
N ASP NB 100 13.79 86.54 -68.31
CA ASP NB 100 15.07 85.88 -68.06
C ASP NB 100 15.76 85.46 -69.35
N THR NB 101 15.10 85.57 -70.50
CA THR NB 101 15.76 85.22 -71.75
C THR NB 101 16.47 86.42 -72.37
N LYS NB 102 16.23 87.63 -71.87
CA LYS NB 102 16.93 88.79 -72.42
C LYS NB 102 18.40 88.80 -72.08
N GLU NB 103 18.76 88.56 -70.80
CA GLU NB 103 20.14 88.76 -70.38
C GLU NB 103 21.09 87.74 -71.01
N MET NB 104 20.57 86.58 -71.41
CA MET NB 104 21.39 85.66 -72.20
C MET NB 104 21.53 86.16 -73.64
N LEU NB 105 20.51 86.81 -74.19
CA LEU NB 105 20.65 87.50 -75.46
C LEU NB 105 21.39 88.82 -75.33
N LYS NB 106 21.22 89.53 -74.21
CA LYS NB 106 21.88 90.81 -74.00
C LYS NB 106 23.39 90.64 -73.88
N LEU NB 107 23.85 89.55 -73.26
CA LEU NB 107 25.27 89.26 -73.19
C LEU NB 107 25.79 88.59 -74.46
N LEU NB 108 24.90 88.19 -75.37
CA LEU NB 108 25.31 87.61 -76.64
C LEU NB 108 25.59 88.73 -77.64
N ASP NB 109 25.77 88.35 -78.92
CA ASP NB 109 26.13 89.33 -79.93
C ASP NB 109 24.98 90.27 -80.26
N PHE NB 110 23.76 89.73 -80.40
CA PHE NB 110 22.59 90.55 -80.71
C PHE NB 110 21.79 90.79 -79.43
N GLY NB 111 22.10 91.90 -78.76
CA GLY NB 111 21.38 92.29 -77.57
C GLY NB 111 20.03 92.93 -77.87
N SER NB 112 20.03 93.91 -78.78
CA SER NB 112 18.81 94.63 -79.15
C SER NB 112 18.23 93.99 -80.41
N LEU NB 113 16.98 93.56 -80.34
CA LEU NB 113 16.26 93.01 -81.48
C LEU NB 113 15.17 93.98 -81.94
N SER NB 114 14.62 93.70 -83.12
CA SER NB 114 13.64 94.58 -83.74
C SER NB 114 12.20 94.12 -83.52
N ASN NB 115 11.88 92.90 -83.94
CA ASN NB 115 10.52 92.37 -83.85
C ASN NB 115 10.38 91.42 -82.67
N LEU NB 116 10.55 91.98 -81.46
CA LEU NB 116 10.38 91.25 -80.22
C LEU NB 116 9.46 92.04 -79.28
N GLN NB 117 8.89 91.32 -78.32
CA GLN NB 117 7.99 91.90 -77.33
C GLN NB 117 8.38 91.40 -75.94
N VAL NB 118 8.84 92.31 -75.10
CA VAL NB 118 9.14 91.97 -73.71
C VAL NB 118 7.81 91.73 -72.98
N THR NB 119 7.72 90.61 -72.27
CA THR NB 119 6.51 90.26 -71.55
C THR NB 119 6.70 90.50 -70.05
N GLN NB 120 5.58 90.49 -69.34
CA GLN NB 120 5.62 90.61 -67.89
C GLN NB 120 6.08 89.28 -67.27
N PRO NB 121 6.85 89.33 -66.18
CA PRO NB 121 7.12 88.10 -65.43
C PRO NB 121 5.90 87.69 -64.62
N THR NB 122 5.68 86.38 -64.56
CA THR NB 122 4.53 85.85 -63.84
C THR NB 122 4.78 85.96 -62.34
N VAL NB 123 3.96 86.74 -61.65
CA VAL NB 123 4.12 86.92 -60.22
C VAL NB 123 3.54 85.72 -59.48
N GLY NB 124 4.35 85.11 -58.63
CA GLY NB 124 3.97 83.89 -57.95
C GLY NB 124 4.50 82.69 -58.71
N MET NB 125 5.61 82.12 -58.26
CA MET NB 125 6.26 81.04 -59.00
C MET NB 125 5.98 79.67 -58.39
N ASN NB 126 4.69 79.34 -58.34
CA ASN NB 126 4.22 78.02 -57.93
C ASN NB 126 3.84 77.20 -59.17
N PHE NB 127 4.51 76.06 -59.36
CA PHE NB 127 4.38 75.31 -60.59
C PHE NB 127 4.32 73.80 -60.42
N LYS NB 128 4.29 73.28 -59.20
CA LYS NB 128 4.36 71.85 -58.96
C LYS NB 128 3.01 71.29 -58.54
N THR NB 129 2.73 70.07 -58.99
CA THR NB 129 1.54 69.32 -58.65
C THR NB 129 1.57 68.92 -57.17
N PRO NB 130 0.44 69.02 -56.47
CA PRO NB 130 0.40 68.58 -55.08
C PRO NB 130 0.68 67.10 -54.94
N ARG NB 131 1.27 66.74 -53.80
CA ARG NB 131 1.77 65.39 -53.58
C ARG NB 131 0.63 64.41 -53.35
N GLY NB 132 0.97 63.13 -53.22
CA GLY NB 132 -0.02 62.10 -53.00
C GLY NB 132 -0.36 61.31 -54.25
N SER OB 1 -82.71 -6.71 -71.16
CA SER OB 1 -81.82 -7.45 -72.06
C SER OB 1 -80.45 -7.66 -71.43
N LEU OB 2 -80.02 -6.70 -70.61
CA LEU OB 2 -78.73 -6.76 -69.93
C LEU OB 2 -78.85 -6.60 -68.42
N VAL OB 3 -80.06 -6.59 -67.88
CA VAL OB 3 -80.29 -6.51 -66.45
C VAL OB 3 -79.94 -7.86 -65.81
N ILE OB 4 -79.89 -7.91 -64.49
CA ILE OB 4 -79.53 -9.15 -63.80
C ILE OB 4 -80.59 -10.21 -64.07
N PRO OB 5 -80.20 -11.42 -64.47
CA PRO OB 5 -81.18 -12.45 -64.81
C PRO OB 5 -81.58 -13.30 -63.62
N GLU OB 6 -82.43 -14.30 -63.86
CA GLU OB 6 -82.77 -15.28 -62.85
C GLU OB 6 -81.62 -16.29 -62.71
N LYS OB 7 -81.68 -17.08 -61.63
CA LYS OB 7 -80.73 -18.14 -61.30
C LYS OB 7 -79.27 -17.73 -61.52
N PHE OB 8 -78.94 -16.48 -61.17
CA PHE OB 8 -77.61 -15.93 -61.40
C PHE OB 8 -76.59 -16.65 -60.54
N GLN OB 9 -75.53 -17.17 -61.17
CA GLN OB 9 -74.54 -17.98 -60.48
C GLN OB 9 -73.31 -17.13 -60.15
N HIS OB 10 -72.97 -17.06 -58.87
CA HIS OB 10 -71.75 -16.37 -58.47
C HIS OB 10 -70.52 -17.20 -58.83
N ILE OB 11 -70.44 -18.43 -58.32
CA ILE OB 11 -69.32 -19.34 -58.57
C ILE OB 11 -69.88 -20.65 -59.10
N LEU OB 12 -69.34 -21.12 -60.22
CA LEU OB 12 -69.69 -22.41 -60.77
C LEU OB 12 -68.79 -23.51 -60.18
N ARG OB 13 -69.26 -24.75 -60.26
CA ARG OB 13 -68.58 -25.88 -59.65
C ARG OB 13 -68.34 -26.94 -60.71
N VAL OB 14 -67.12 -26.97 -61.25
CA VAL OB 14 -66.72 -27.96 -62.24
C VAL OB 14 -65.34 -28.48 -61.89
N LEU OB 15 -65.24 -29.81 -61.68
CA LEU OB 15 -63.96 -30.52 -61.51
C LEU OB 15 -63.15 -29.98 -60.33
N ASN OB 16 -63.82 -29.82 -59.18
CA ASN OB 16 -63.25 -29.36 -57.90
C ASN OB 16 -62.25 -28.22 -58.07
N THR OB 17 -62.63 -27.26 -58.91
CA THR OB 17 -61.82 -26.07 -59.17
C THR OB 17 -62.76 -24.89 -59.31
N ASN OB 18 -62.44 -23.79 -58.63
CA ASN OB 18 -63.32 -22.63 -58.62
C ASN OB 18 -63.33 -21.92 -59.97
N ILE OB 19 -64.53 -21.64 -60.47
CA ILE OB 19 -64.72 -20.82 -61.67
C ILE OB 19 -65.42 -19.54 -61.24
N ASP OB 20 -64.82 -18.40 -61.58
CA ASP OB 20 -65.42 -17.11 -61.26
C ASP OB 20 -66.50 -16.79 -62.29
N GLY OB 21 -67.76 -16.90 -61.89
CA GLY OB 21 -68.86 -16.59 -62.79
C GLY OB 21 -69.04 -15.12 -63.08
N ARG OB 22 -68.33 -14.25 -62.34
CA ARG OB 22 -68.39 -12.82 -62.60
C ARG OB 22 -67.70 -12.46 -63.91
N ARG OB 23 -66.74 -13.28 -64.35
CA ARG OB 23 -65.97 -13.02 -65.55
C ARG OB 23 -66.73 -13.50 -66.79
N LYS OB 24 -66.17 -13.16 -67.95
CA LYS OB 24 -66.70 -13.68 -69.21
C LYS OB 24 -66.39 -15.16 -69.35
N ILE OB 25 -67.17 -15.84 -70.19
CA ILE OB 25 -67.04 -17.29 -70.31
C ILE OB 25 -65.70 -17.67 -70.93
N ALA OB 26 -65.24 -16.89 -71.90
CA ALA OB 26 -64.01 -17.23 -72.62
C ALA OB 26 -62.76 -17.13 -71.76
N PHE OB 27 -62.80 -16.36 -70.67
CA PHE OB 27 -61.63 -16.18 -69.83
C PHE OB 27 -61.79 -16.66 -68.40
N ALA OB 28 -63.02 -16.90 -67.93
CA ALA OB 28 -63.19 -17.49 -66.61
C ALA OB 28 -62.79 -18.96 -66.60
N ILE OB 29 -62.91 -19.63 -67.75
CA ILE OB 29 -62.46 -21.02 -67.86
C ILE OB 29 -60.95 -21.11 -67.69
N THR OB 30 -60.21 -20.10 -68.17
CA THR OB 30 -58.75 -20.14 -68.15
C THR OB 30 -58.16 -20.16 -66.74
N ALA OB 31 -58.94 -19.78 -65.73
CA ALA OB 31 -58.47 -19.92 -64.35
C ALA OB 31 -58.28 -21.38 -63.95
N ILE OB 32 -59.00 -22.29 -64.60
CA ILE OB 32 -58.80 -23.71 -64.37
C ILE OB 32 -57.44 -24.13 -64.92
N LYS OB 33 -56.67 -24.84 -64.10
CA LYS OB 33 -55.38 -25.35 -64.54
C LYS OB 33 -55.55 -26.44 -65.59
N GLY OB 34 -54.71 -26.39 -66.63
CA GLY OB 34 -54.81 -27.31 -67.74
C GLY OB 34 -55.49 -26.74 -68.96
N VAL OB 35 -56.31 -25.70 -68.78
CA VAL OB 35 -56.94 -24.95 -69.87
C VAL OB 35 -56.51 -23.50 -69.78
N GLY OB 36 -56.12 -22.94 -70.92
CA GLY OB 36 -55.64 -21.57 -70.95
C GLY OB 36 -56.47 -20.68 -71.83
N ARG OB 37 -55.88 -19.56 -72.26
CA ARG OB 37 -56.60 -18.58 -73.06
C ARG OB 37 -56.91 -19.08 -74.46
N ARG OB 38 -56.10 -20.01 -74.98
CA ARG OB 38 -56.37 -20.55 -76.31
C ARG OB 38 -57.37 -21.70 -76.27
N TYR OB 39 -57.20 -22.63 -75.33
CA TYR OB 39 -58.04 -23.81 -75.27
C TYR OB 39 -59.47 -23.48 -74.83
N ALA OB 40 -59.65 -22.44 -74.01
CA ALA OB 40 -60.99 -22.07 -73.57
C ALA OB 40 -61.80 -21.38 -74.66
N HIS OB 41 -61.15 -20.69 -75.59
CA HIS OB 41 -61.87 -20.05 -76.67
C HIS OB 41 -62.34 -21.04 -77.73
N VAL OB 42 -61.53 -22.07 -78.00
CA VAL OB 42 -61.87 -23.03 -79.04
C VAL OB 42 -63.06 -23.90 -78.63
N VAL OB 43 -63.09 -24.32 -77.37
CA VAL OB 43 -64.21 -25.14 -76.90
C VAL OB 43 -65.52 -24.38 -76.87
N LEU OB 44 -65.47 -23.04 -76.83
CA LEU OB 44 -66.67 -22.23 -77.04
C LEU OB 44 -67.05 -22.14 -78.51
N ARG OB 45 -66.10 -22.40 -79.41
CA ARG OB 45 -66.36 -22.37 -80.84
C ARG OB 45 -66.71 -23.74 -81.42
N LYS OB 46 -66.37 -24.81 -80.73
CA LYS OB 46 -66.75 -26.16 -81.14
C LYS OB 46 -68.21 -26.46 -80.81
N ALA OB 47 -68.87 -25.61 -80.03
CA ALA OB 47 -70.28 -25.71 -79.74
C ALA OB 47 -70.94 -24.37 -80.02
N ASP OB 48 -72.28 -24.38 -80.10
CA ASP OB 48 -73.05 -23.18 -80.39
C ASP OB 48 -73.15 -22.35 -79.12
N ILE OB 49 -72.06 -21.67 -78.79
CA ILE OB 49 -71.96 -20.83 -77.60
C ILE OB 49 -71.64 -19.41 -78.03
N ASP OB 50 -72.49 -18.46 -77.66
CA ASP OB 50 -72.22 -17.06 -77.90
C ASP OB 50 -71.36 -16.52 -76.76
N LEU OB 51 -70.08 -16.30 -77.05
CA LEU OB 51 -69.11 -15.89 -76.03
C LEU OB 51 -69.17 -14.39 -75.72
N THR OB 52 -70.17 -13.67 -76.20
CA THR OB 52 -70.36 -12.28 -75.86
C THR OB 52 -71.09 -12.09 -74.54
N LYS OB 53 -71.53 -13.17 -73.90
CA LYS OB 53 -72.24 -13.12 -72.63
C LYS OB 53 -71.31 -13.52 -71.50
N ARG OB 54 -71.80 -13.35 -70.27
CA ARG OB 54 -71.02 -13.61 -69.07
C ARG OB 54 -71.23 -15.04 -68.58
N ALA OB 55 -70.45 -15.42 -67.57
CA ALA OB 55 -70.48 -16.76 -67.01
C ALA OB 55 -71.54 -16.94 -65.93
N GLY OB 56 -72.34 -15.92 -65.67
CA GLY OB 56 -73.45 -16.01 -64.76
C GLY OB 56 -74.80 -16.24 -65.41
N GLU OB 57 -74.84 -16.41 -66.74
CA GLU OB 57 -76.09 -16.55 -67.47
C GLU OB 57 -76.26 -17.90 -68.16
N LEU OB 58 -75.19 -18.61 -68.45
CA LEU OB 58 -75.28 -19.91 -69.11
C LEU OB 58 -75.79 -20.97 -68.14
N THR OB 59 -76.60 -21.89 -68.65
CA THR OB 59 -77.33 -22.82 -67.81
C THR OB 59 -76.43 -23.93 -67.29
N GLU OB 60 -76.90 -24.59 -66.23
CA GLU OB 60 -76.18 -25.72 -65.65
C GLU OB 60 -76.26 -26.98 -66.50
N ASP OB 61 -77.24 -27.06 -67.40
CA ASP OB 61 -77.27 -28.17 -68.36
C ASP OB 61 -76.30 -27.94 -69.51
N GLU OB 62 -76.03 -26.68 -69.86
CA GLU OB 62 -75.16 -26.39 -70.98
C GLU OB 62 -73.69 -26.60 -70.64
N VAL OB 63 -73.29 -26.31 -69.38
CA VAL OB 63 -71.92 -26.55 -68.97
C VAL OB 63 -71.60 -28.04 -68.94
N GLU OB 64 -72.61 -28.90 -68.77
CA GLU OB 64 -72.40 -30.34 -68.90
C GLU OB 64 -71.98 -30.69 -70.32
N ARG OB 65 -72.57 -30.02 -71.31
CA ARG OB 65 -72.10 -30.18 -72.69
C ARG OB 65 -70.70 -29.62 -72.87
N VAL OB 66 -70.39 -28.52 -72.16
CA VAL OB 66 -69.07 -27.89 -72.29
C VAL OB 66 -67.99 -28.81 -71.71
N ILE OB 67 -68.22 -29.37 -70.53
CA ILE OB 67 -67.19 -30.16 -69.87
C ILE OB 67 -66.93 -31.48 -70.61
N THR OB 68 -67.94 -32.03 -71.29
CA THR OB 68 -67.71 -33.22 -72.10
C THR OB 68 -66.82 -32.93 -73.31
N ILE OB 69 -66.73 -31.67 -73.74
CA ILE OB 69 -65.82 -31.31 -74.82
C ILE OB 69 -64.38 -31.41 -74.36
N MET OB 70 -64.07 -30.94 -73.15
CA MET OB 70 -62.71 -31.09 -72.63
C MET OB 70 -62.41 -32.53 -72.24
N GLN OB 71 -63.39 -33.23 -71.65
CA GLN OB 71 -63.16 -34.61 -71.25
C GLN OB 71 -63.06 -35.55 -72.44
N ASN OB 72 -63.66 -35.21 -73.57
CA ASN OB 72 -63.57 -36.00 -74.80
C ASN OB 72 -63.19 -35.07 -75.94
N PRO OB 73 -61.91 -34.67 -76.03
CA PRO OB 73 -61.53 -33.72 -77.07
C PRO OB 73 -61.54 -34.32 -78.47
N ARG OB 74 -60.99 -35.52 -78.64
CA ARG OB 74 -60.93 -36.12 -79.97
C ARG OB 74 -62.32 -36.54 -80.45
N GLN OB 75 -63.19 -36.94 -79.53
CA GLN OB 75 -64.55 -37.34 -79.90
C GLN OB 75 -65.41 -36.15 -80.27
N TYR OB 76 -65.08 -34.93 -79.80
CA TYR OB 76 -65.82 -33.73 -80.13
C TYR OB 76 -65.09 -32.87 -81.16
N LYS OB 77 -64.17 -33.46 -81.92
CA LYS OB 77 -63.44 -32.81 -83.00
C LYS OB 77 -62.66 -31.59 -82.48
N ILE OB 78 -61.82 -31.84 -81.48
CA ILE OB 78 -60.79 -30.88 -81.08
C ILE OB 78 -59.51 -31.29 -81.78
N PRO OB 79 -58.80 -30.38 -82.44
CA PRO OB 79 -57.55 -30.74 -83.10
C PRO OB 79 -56.50 -31.22 -82.11
N ASP OB 80 -55.63 -32.11 -82.58
CA ASP OB 80 -54.65 -32.77 -81.73
C ASP OB 80 -53.53 -31.84 -81.26
N TRP OB 81 -53.46 -30.63 -81.81
CA TRP OB 81 -52.44 -29.64 -81.46
C TRP OB 81 -52.91 -28.69 -80.38
N PHE OB 82 -53.90 -29.13 -79.60
CA PHE OB 82 -54.36 -28.47 -78.39
C PHE OB 82 -54.21 -29.32 -77.14
N LEU OB 83 -53.61 -30.50 -77.24
CA LEU OB 83 -53.61 -31.46 -76.14
C LEU OB 83 -52.28 -31.40 -75.40
N ASN OB 84 -52.35 -31.48 -74.07
CA ASN OB 84 -51.18 -31.37 -73.21
C ASN OB 84 -50.43 -32.67 -73.01
N ARG OB 85 -50.99 -33.80 -73.42
CA ARG OB 85 -50.39 -35.10 -73.14
C ARG OB 85 -50.42 -35.91 -74.43
N GLN OB 86 -49.96 -35.30 -75.52
CA GLN OB 86 -49.89 -35.99 -76.80
C GLN OB 86 -48.86 -37.11 -76.74
N LYS OB 87 -49.27 -38.30 -77.21
CA LYS OB 87 -48.45 -39.51 -77.22
C LYS OB 87 -47.93 -39.84 -75.82
N ASP OB 88 -48.87 -40.17 -74.94
CA ASP OB 88 -48.54 -40.45 -73.54
C ASP OB 88 -47.69 -41.70 -73.42
N VAL OB 89 -46.82 -41.72 -72.40
CA VAL OB 89 -45.90 -42.84 -72.21
C VAL OB 89 -46.68 -44.10 -71.86
N LYS OB 90 -47.66 -43.99 -70.97
CA LYS OB 90 -48.34 -45.17 -70.47
C LYS OB 90 -49.44 -45.65 -71.42
N ASP OB 91 -50.48 -44.84 -71.60
CA ASP OB 91 -51.66 -45.27 -72.33
C ASP OB 91 -51.63 -44.95 -73.82
N GLY OB 92 -50.88 -43.92 -74.23
CA GLY OB 92 -50.67 -43.67 -75.64
C GLY OB 92 -51.84 -43.08 -76.39
N LYS OB 93 -52.77 -42.43 -75.70
CA LYS OB 93 -53.85 -41.72 -76.34
C LYS OB 93 -53.66 -40.21 -76.21
N TYR OB 94 -54.04 -39.49 -77.24
CA TYR OB 94 -53.90 -38.03 -77.31
C TYR OB 94 -55.15 -37.40 -76.69
N SER OB 95 -54.99 -36.75 -75.53
CA SER OB 95 -56.15 -36.26 -74.81
C SER OB 95 -55.76 -35.10 -73.89
N GLN OB 96 -56.79 -34.36 -73.45
CA GLN OB 96 -56.68 -33.27 -72.49
C GLN OB 96 -57.44 -33.67 -71.23
N VAL OB 97 -56.76 -33.63 -70.07
CA VAL OB 97 -57.36 -33.95 -68.78
C VAL OB 97 -57.16 -32.75 -67.86
N LEU OB 98 -58.22 -32.34 -67.17
CA LEU OB 98 -58.36 -30.99 -66.63
C LEU OB 98 -58.31 -30.97 -65.11
N ALA OB 99 -57.38 -30.16 -64.57
CA ALA OB 99 -57.40 -29.58 -63.23
C ALA OB 99 -57.14 -30.54 -62.08
N ASN OB 100 -57.25 -31.81 -62.33
CA ASN OB 100 -56.83 -32.79 -61.34
C ASN OB 100 -55.91 -33.84 -61.92
N GLY OB 101 -56.13 -34.24 -63.17
CA GLY OB 101 -55.30 -35.23 -63.80
C GLY OB 101 -54.04 -34.70 -64.42
N LEU OB 102 -53.95 -33.39 -64.67
CA LEU OB 102 -52.74 -32.85 -65.30
C LEU OB 102 -51.54 -33.03 -64.39
N ASP OB 103 -51.63 -32.59 -63.13
CA ASP OB 103 -50.59 -32.93 -62.16
C ASP OB 103 -50.53 -34.42 -61.90
N ASN OB 104 -51.68 -35.11 -61.93
CA ASN OB 104 -51.69 -36.56 -61.75
C ASN OB 104 -50.88 -37.24 -62.86
N LYS OB 105 -50.98 -36.74 -64.10
CA LYS OB 105 -50.10 -37.25 -65.14
C LYS OB 105 -48.76 -36.54 -65.19
N LEU OB 106 -48.56 -35.43 -64.46
CA LEU OB 106 -47.21 -34.87 -64.42
C LEU OB 106 -46.28 -35.73 -63.57
N ARG OB 107 -46.74 -36.16 -62.40
CA ARG OB 107 -45.78 -36.50 -61.35
C ARG OB 107 -45.16 -37.87 -61.56
N GLU OB 108 -45.85 -38.81 -62.23
CA GLU OB 108 -45.28 -40.17 -62.34
C GLU OB 108 -44.05 -40.16 -63.23
N ASP OB 109 -43.92 -39.18 -64.13
CA ASP OB 109 -42.66 -39.04 -64.85
C ASP OB 109 -41.55 -38.58 -63.92
N LEU OB 110 -41.90 -37.88 -62.84
CA LEU OB 110 -40.86 -37.40 -61.94
C LEU OB 110 -40.19 -38.55 -61.19
N GLU OB 111 -40.96 -39.50 -60.65
CA GLU OB 111 -40.29 -40.70 -60.14
C GLU OB 111 -39.94 -41.68 -61.25
N ARG OB 112 -40.49 -41.51 -62.45
CA ARG OB 112 -39.93 -42.24 -63.59
C ARG OB 112 -38.50 -41.80 -63.85
N LEU OB 113 -38.25 -40.50 -63.75
CA LEU OB 113 -36.87 -40.02 -63.74
C LEU OB 113 -36.11 -40.48 -62.49
N LYS OB 114 -36.78 -40.63 -61.35
CA LYS OB 114 -36.10 -41.24 -60.21
C LYS OB 114 -35.88 -42.74 -60.44
N LYS OB 115 -36.83 -43.40 -61.09
CA LYS OB 115 -36.70 -44.84 -61.36
C LYS OB 115 -35.57 -45.13 -62.34
N ILE OB 116 -35.24 -44.18 -63.21
CA ILE OB 116 -34.11 -44.31 -64.11
C ILE OB 116 -32.93 -43.45 -63.70
N ARG OB 117 -33.06 -42.69 -62.60
CA ARG OB 117 -31.98 -41.90 -61.97
C ARG OB 117 -31.22 -41.02 -62.98
N ALA OB 118 -31.94 -40.51 -63.99
CA ALA OB 118 -31.33 -39.77 -65.08
C ALA OB 118 -30.97 -38.35 -64.64
N HIS OB 119 -30.31 -37.63 -65.55
CA HIS OB 119 -29.87 -36.26 -65.27
C HIS OB 119 -31.04 -35.29 -65.24
N ARG OB 120 -32.08 -35.53 -66.05
CA ARG OB 120 -33.21 -34.62 -66.10
C ARG OB 120 -33.95 -34.58 -64.77
N GLY OB 121 -34.12 -35.74 -64.12
CA GLY OB 121 -34.73 -35.77 -62.81
C GLY OB 121 -33.83 -35.28 -61.69
N LEU OB 122 -32.51 -35.26 -61.92
CA LEU OB 122 -31.59 -34.80 -60.88
C LEU OB 122 -31.73 -33.31 -60.61
N ARG OB 123 -32.09 -32.52 -61.63
CA ARG OB 123 -32.33 -31.10 -61.44
C ARG OB 123 -33.62 -30.83 -60.66
N HIS OB 124 -34.62 -31.69 -60.80
CA HIS OB 124 -35.79 -31.59 -59.94
C HIS OB 124 -35.47 -32.03 -58.52
N PHE OB 125 -34.56 -33.00 -58.37
CA PHE OB 125 -34.14 -33.43 -57.04
C PHE OB 125 -33.38 -32.31 -56.32
N TRP OB 126 -32.51 -31.62 -57.05
CA TRP OB 126 -31.74 -30.51 -56.49
C TRP OB 126 -32.48 -29.18 -56.56
N GLY OB 127 -33.66 -29.16 -57.18
CA GLY OB 127 -34.42 -27.93 -57.30
C GLY OB 127 -33.77 -26.89 -58.18
N LEU OB 128 -33.15 -27.30 -59.28
CA LEU OB 128 -32.46 -26.40 -60.19
C LEU OB 128 -33.16 -26.39 -61.54
N ARG OB 129 -32.63 -25.58 -62.46
CA ARG OB 129 -33.17 -25.52 -63.81
C ARG OB 129 -32.83 -26.81 -64.57
N VAL OB 130 -33.74 -27.19 -65.47
CA VAL OB 130 -33.58 -28.45 -66.18
C VAL OB 130 -33.44 -28.26 -67.69
N ARG OB 131 -33.90 -27.14 -68.27
CA ARG OB 131 -33.80 -26.93 -69.70
C ARG OB 131 -32.44 -26.38 -70.14
N GLY OB 132 -31.42 -26.47 -69.28
CA GLY OB 132 -30.09 -26.01 -69.64
C GLY OB 132 -29.88 -24.53 -69.43
N GLN OB 133 -30.47 -23.99 -68.36
CA GLN OB 133 -30.35 -22.57 -68.06
C GLN OB 133 -29.04 -22.31 -67.31
N HIS OB 134 -28.90 -21.10 -66.77
CA HIS OB 134 -27.71 -20.70 -66.04
C HIS OB 134 -28.12 -20.11 -64.70
N THR OB 135 -27.79 -20.81 -63.61
CA THR OB 135 -28.11 -20.37 -62.26
C THR OB 135 -26.96 -19.61 -61.62
N LYS OB 136 -25.90 -19.33 -62.37
CA LYS OB 136 -24.79 -18.55 -61.82
C LYS OB 136 -25.21 -17.11 -61.54
N THR OB 137 -26.06 -16.54 -62.38
CA THR OB 137 -26.50 -15.16 -62.22
C THR OB 137 -27.93 -15.03 -61.72
N THR OB 138 -28.78 -16.03 -61.98
CA THR OB 138 -30.19 -15.98 -61.63
C THR OB 138 -30.52 -17.06 -60.61
N GLY OB 139 -31.80 -17.16 -60.28
CA GLY OB 139 -32.23 -18.08 -59.24
C GLY OB 139 -31.87 -17.64 -57.85
N ARG OB 140 -31.68 -16.33 -57.64
CA ARG OB 140 -31.18 -15.81 -56.38
C ARG OB 140 -32.28 -15.61 -55.34
N ARG OB 141 -33.49 -15.24 -55.77
CA ARG OB 141 -34.56 -14.96 -54.81
C ARG OB 141 -35.11 -16.23 -54.16
N GLY OB 142 -35.10 -17.35 -54.88
CA GLY OB 142 -35.64 -18.59 -54.33
C GLY OB 142 -34.70 -19.35 -53.43
N ARG OB 143 -33.40 -19.05 -53.49
CA ARG OB 143 -32.39 -19.76 -52.72
C ARG OB 143 -31.79 -18.78 -51.71
N THR OB 144 -32.41 -18.73 -50.52
CA THR OB 144 -32.00 -17.86 -49.42
C THR OB 144 -31.87 -16.39 -49.83
N GLY PB 1 -69.59 6.50 -112.10
CA GLY PB 1 -69.14 5.41 -111.27
C GLY PB 1 -67.81 5.66 -110.59
N VAL PB 2 -67.57 4.98 -109.47
CA VAL PB 2 -66.34 5.13 -108.71
C VAL PB 2 -65.68 3.76 -108.57
N THR PB 3 -64.39 3.80 -108.22
CA THR PB 3 -63.58 2.61 -108.01
C THR PB 3 -63.28 2.46 -106.52
N VAL PB 4 -62.43 1.47 -106.20
CA VAL PB 4 -62.05 1.21 -104.82
C VAL PB 4 -61.18 2.31 -104.21
N LYS PB 5 -60.69 3.24 -105.03
CA LYS PB 5 -59.85 4.33 -104.55
C LYS PB 5 -60.65 5.49 -103.97
N ASP PB 6 -61.99 5.47 -104.12
CA ASP PB 6 -62.85 6.52 -103.57
C ASP PB 6 -63.61 6.08 -102.34
N VAL PB 7 -63.77 4.78 -102.12
CA VAL PB 7 -64.58 4.25 -101.05
C VAL PB 7 -63.71 4.09 -99.81
N ASN PB 8 -64.30 4.41 -98.64
CA ASN PB 8 -63.63 4.21 -97.36
C ASN PB 8 -63.29 2.73 -97.17
N GLN PB 9 -62.01 2.41 -97.07
CA GLN PB 9 -61.55 1.03 -97.10
C GLN PB 9 -61.82 0.27 -95.80
N GLN PB 10 -61.87 0.97 -94.67
CA GLN PB 10 -62.10 0.29 -93.39
C GLN PB 10 -63.54 -0.21 -93.25
N GLU PB 11 -64.48 0.35 -94.00
CA GLU PB 11 -65.81 -0.20 -94.12
C GLU PB 11 -66.02 -0.96 -95.42
N PHE PB 12 -65.08 -0.85 -96.36
CA PHE PB 12 -65.15 -1.64 -97.59
C PHE PB 12 -64.86 -3.11 -97.33
N VAL PB 13 -64.04 -3.42 -96.32
CA VAL PB 13 -63.81 -4.82 -95.98
C VAL PB 13 -65.07 -5.46 -95.43
N ARG PB 14 -65.87 -4.71 -94.65
CA ARG PB 14 -67.17 -5.21 -94.23
C ARG PB 14 -68.15 -5.25 -95.40
N ALA PB 15 -68.05 -4.28 -96.31
CA ALA PB 15 -68.90 -4.28 -97.50
C ALA PB 15 -68.55 -5.43 -98.43
N LEU PB 16 -67.26 -5.72 -98.62
CA LEU PB 16 -66.86 -6.87 -99.40
C LEU PB 16 -67.19 -8.18 -98.70
N ALA PB 17 -67.09 -8.22 -97.37
CA ALA PB 17 -67.52 -9.41 -96.63
C ALA PB 17 -69.03 -9.60 -96.73
N ALA PB 18 -69.79 -8.51 -96.77
CA ALA PB 18 -71.24 -8.61 -97.00
C ALA PB 18 -71.57 -9.17 -98.38
N PHE PB 19 -70.72 -8.92 -99.38
CA PHE PB 19 -70.87 -9.60 -100.66
C PHE PB 19 -70.60 -11.09 -100.52
N LEU PB 20 -69.69 -11.46 -99.63
CA LEU PB 20 -69.39 -12.86 -99.36
C LEU PB 20 -70.43 -13.51 -98.45
N LYS PB 21 -71.13 -12.74 -97.61
CA LYS PB 21 -72.21 -13.28 -96.80
C LYS PB 21 -73.39 -13.75 -97.64
N LYS PB 22 -73.64 -13.11 -98.78
CA LYS PB 22 -74.82 -13.44 -99.58
C LYS PB 22 -74.63 -14.77 -100.31
N SER PB 23 -73.44 -15.01 -100.86
CA SER PB 23 -73.21 -16.26 -101.60
C SER PB 23 -72.88 -17.41 -100.65
N GLY PB 24 -71.77 -17.29 -99.93
CA GLY PB 24 -71.36 -18.30 -98.96
C GLY PB 24 -71.02 -19.67 -99.53
N LYS PB 25 -70.33 -19.71 -100.67
CA LYS PB 25 -69.99 -20.97 -101.33
C LYS PB 25 -68.54 -21.02 -101.77
N LEU PB 26 -67.64 -20.47 -100.94
CA LEU PB 26 -66.21 -20.41 -101.26
C LEU PB 26 -65.43 -21.64 -100.81
N LYS PB 27 -66.12 -22.68 -100.31
CA LYS PB 27 -65.51 -23.92 -99.82
C LYS PB 27 -64.52 -23.61 -98.67
N VAL PB 28 -65.11 -23.16 -97.57
CA VAL PB 28 -64.34 -22.81 -96.37
C VAL PB 28 -63.68 -24.08 -95.82
N PRO PB 29 -62.40 -24.02 -95.45
CA PRO PB 29 -61.78 -25.16 -94.77
C PRO PB 29 -62.43 -25.44 -93.43
N GLU PB 30 -62.36 -26.71 -93.01
CA GLU PB 30 -63.02 -27.12 -91.78
C GLU PB 30 -62.35 -26.52 -90.55
N TRP PB 31 -61.02 -26.44 -90.55
CA TRP PB 31 -60.25 -26.03 -89.39
C TRP PB 31 -60.13 -24.51 -89.24
N VAL PB 32 -61.01 -23.75 -89.90
CA VAL PB 32 -60.88 -22.29 -89.90
C VAL PB 32 -61.16 -21.71 -88.52
N ASP PB 33 -62.25 -22.15 -87.89
CA ASP PB 33 -62.70 -21.55 -86.63
C ASP PB 33 -61.92 -22.06 -85.42
N THR PB 34 -60.77 -22.70 -85.64
CA THR PB 34 -59.95 -23.19 -84.54
C THR PB 34 -58.46 -23.01 -84.76
N VAL PB 35 -58.03 -22.36 -85.84
CA VAL PB 35 -56.62 -22.26 -86.19
C VAL PB 35 -56.15 -20.83 -85.97
N LYS PB 36 -54.86 -20.68 -85.67
CA LYS PB 36 -54.25 -19.37 -85.57
C LYS PB 36 -53.81 -18.88 -86.95
N LEU PB 37 -53.97 -17.58 -87.20
CA LEU PB 37 -53.70 -17.04 -88.52
C LEU PB 37 -52.22 -17.04 -88.87
N ALA PB 38 -51.32 -16.90 -87.90
CA ALA PB 38 -49.89 -16.83 -88.16
C ALA PB 38 -49.15 -17.63 -87.10
N LYS PB 39 -47.84 -17.74 -87.28
CA LYS PB 39 -46.97 -18.41 -86.33
C LYS PB 39 -46.47 -17.45 -85.24
N HIS PB 40 -46.92 -16.20 -85.27
CA HIS PB 40 -46.49 -15.22 -84.28
C HIS PB 40 -47.64 -14.49 -83.59
N LYS PB 41 -48.89 -14.75 -83.96
CA LYS PB 41 -50.03 -14.26 -83.20
C LYS PB 41 -50.08 -14.96 -81.84
N GLU PB 42 -50.69 -14.30 -80.85
CA GLU PB 42 -50.90 -14.94 -79.56
C GLU PB 42 -52.27 -15.58 -79.46
N LEU PB 43 -53.30 -14.91 -79.98
CA LEU PB 43 -54.68 -15.35 -79.79
C LEU PB 43 -55.39 -15.51 -81.12
N ALA PB 44 -56.64 -15.98 -81.05
CA ALA PB 44 -57.68 -16.29 -82.02
C ALA PB 44 -58.59 -15.09 -82.24
N PRO PB 45 -59.24 -14.99 -83.39
CA PRO PB 45 -60.13 -13.85 -83.64
C PRO PB 45 -61.35 -13.85 -82.71
N TYR PB 46 -61.80 -12.64 -82.39
CA TYR PB 46 -63.02 -12.47 -81.61
C TYR PB 46 -64.26 -12.77 -82.43
N ASP PB 47 -64.20 -12.57 -83.75
CA ASP PB 47 -65.32 -12.80 -84.65
C ASP PB 47 -65.16 -14.16 -85.31
N GLU PB 48 -66.28 -14.85 -85.51
CA GLU PB 48 -66.28 -16.19 -86.10
C GLU PB 48 -66.37 -16.17 -87.61
N ASN PB 49 -66.35 -15.00 -88.23
CA ASN PB 49 -66.40 -14.84 -89.68
C ASN PB 49 -65.15 -14.16 -90.20
N TRP PB 50 -64.00 -14.46 -89.59
CA TRP PB 50 -62.75 -13.82 -89.96
C TRP PB 50 -62.20 -14.31 -91.29
N PHE PB 51 -62.53 -15.54 -91.71
CA PHE PB 51 -62.06 -16.05 -92.99
C PHE PB 51 -62.63 -15.24 -94.15
N TYR PB 52 -63.92 -14.90 -94.08
CA TYR PB 52 -64.52 -14.08 -95.13
C TYR PB 52 -64.05 -12.63 -95.03
N THR PB 53 -63.60 -12.21 -93.84
CA THR PB 53 -62.96 -10.91 -93.69
C THR PB 53 -61.56 -10.91 -94.29
N ARG PB 54 -60.79 -11.98 -94.05
CA ARG PB 54 -59.44 -12.07 -94.61
C ARG PB 54 -59.45 -12.31 -96.11
N ALA PB 55 -60.42 -13.08 -96.60
CA ALA PB 55 -60.55 -13.28 -98.05
C ALA PB 55 -60.95 -12.00 -98.77
N ALA PB 56 -61.67 -11.10 -98.10
CA ALA PB 56 -61.96 -9.80 -98.69
C ALA PB 56 -60.70 -8.96 -98.84
N SER PB 57 -59.78 -9.03 -97.88
CA SER PB 57 -58.53 -8.29 -97.96
C SER PB 57 -57.59 -8.87 -99.00
N THR PB 58 -57.68 -10.16 -99.30
CA THR PB 58 -56.82 -10.76 -100.31
C THR PB 58 -57.20 -10.30 -101.71
N ALA PB 59 -58.50 -10.14 -101.97
CA ALA PB 59 -58.97 -9.77 -103.30
C ALA PB 59 -58.66 -8.32 -103.64
N ARG PB 60 -58.44 -7.47 -102.65
CA ARG PB 60 -58.18 -6.05 -102.91
C ARG PB 60 -56.71 -5.70 -103.01
N HIS PB 61 -55.82 -6.47 -102.36
CA HIS PB 61 -54.39 -6.28 -102.57
C HIS PB 61 -53.95 -6.71 -103.96
N LEU PB 62 -54.52 -7.81 -104.48
CA LEU PB 62 -54.24 -8.20 -105.85
C LEU PB 62 -54.87 -7.24 -106.84
N TYR PB 63 -55.94 -6.57 -106.44
CA TYR PB 63 -56.54 -5.54 -107.29
C TYR PB 63 -55.59 -4.37 -107.49
N LEU PB 64 -54.92 -3.93 -106.42
CA LEU PB 64 -53.95 -2.86 -106.54
C LEU PB 64 -52.69 -3.32 -107.27
N ARG PB 65 -52.16 -4.48 -106.91
CA ARG PB 65 -50.97 -5.04 -107.56
C ARG PB 65 -51.07 -6.55 -107.52
N GLY PB 66 -51.19 -7.16 -108.71
CA GLY PB 66 -51.27 -8.60 -108.82
C GLY PB 66 -49.89 -9.24 -108.89
N GLY PB 67 -49.90 -10.54 -109.19
CA GLY PB 67 -48.67 -11.28 -109.34
C GLY PB 67 -47.97 -11.65 -108.05
N ALA PB 68 -48.69 -11.64 -106.93
CA ALA PB 68 -48.14 -12.00 -105.63
C ALA PB 68 -48.66 -13.37 -105.24
N GLY PB 69 -47.75 -14.34 -105.10
CA GLY PB 69 -48.12 -15.67 -104.69
C GLY PB 69 -48.24 -15.79 -103.19
N VAL PB 70 -48.26 -17.05 -102.71
CA VAL PB 70 -48.47 -17.31 -101.29
C VAL PB 70 -47.28 -16.83 -100.46
N GLY PB 71 -46.06 -17.10 -100.92
CA GLY PB 71 -44.87 -16.78 -100.15
C GLY PB 71 -44.60 -15.30 -100.02
N SER PB 72 -45.10 -14.49 -100.96
CA SER PB 72 -44.93 -13.04 -100.89
C SER PB 72 -46.05 -12.36 -100.11
N MET PB 73 -47.26 -12.95 -100.09
CA MET PB 73 -48.38 -12.37 -99.39
C MET PB 73 -48.43 -12.76 -97.91
N THR PB 74 -47.48 -13.59 -97.45
CA THR PB 74 -47.34 -13.79 -96.01
C THR PB 74 -46.78 -12.55 -95.32
N LYS PB 75 -46.17 -11.65 -96.10
CA LYS PB 75 -45.57 -10.45 -95.53
C LYS PB 75 -46.64 -9.43 -95.12
N ILE PB 76 -47.67 -9.24 -95.94
CA ILE PB 76 -48.71 -8.27 -95.62
C ILE PB 76 -49.52 -8.73 -94.41
N TYR PB 77 -49.75 -10.04 -94.27
CA TYR PB 77 -50.45 -10.58 -93.11
C TYR PB 77 -49.50 -11.03 -92.00
N GLY PB 78 -48.33 -10.41 -91.91
CA GLY PB 78 -47.39 -10.71 -90.84
C GLY PB 78 -47.37 -9.63 -89.79
N GLY PB 79 -46.34 -9.62 -88.95
CA GLY PB 79 -46.24 -8.62 -87.91
C GLY PB 79 -45.18 -8.91 -86.88
N ARG PB 80 -45.44 -8.52 -85.63
CA ARG PB 80 -44.46 -8.63 -84.55
C ARG PB 80 -44.45 -10.05 -84.00
N GLN PB 81 -43.28 -10.69 -83.99
CA GLN PB 81 -43.10 -11.97 -83.33
C GLN PB 81 -42.63 -11.69 -81.91
N ARG PB 82 -43.58 -11.42 -81.03
CA ARG PB 82 -43.23 -11.14 -79.64
C ARG PB 82 -42.86 -12.44 -78.93
N ASN PB 83 -41.57 -12.77 -78.94
CA ASN PB 83 -41.08 -13.96 -78.25
C ASN PB 83 -41.17 -13.81 -76.74
N GLY PB 84 -41.43 -12.60 -76.24
CA GLY PB 84 -41.51 -12.37 -74.82
C GLY PB 84 -40.28 -11.70 -74.25
N VAL PB 85 -39.43 -12.49 -73.59
CA VAL PB 85 -38.20 -11.95 -73.02
C VAL PB 85 -37.23 -11.47 -74.09
N MET PB 86 -37.35 -11.98 -75.31
CA MET PB 86 -36.59 -11.51 -76.45
C MET PB 86 -37.16 -10.20 -76.96
N PRO PB 87 -36.33 -9.36 -77.60
CA PRO PB 87 -36.89 -8.25 -78.37
C PRO PB 87 -37.71 -8.76 -79.54
N SER PB 88 -38.76 -8.02 -79.87
CA SER PB 88 -39.67 -8.46 -80.91
C SER PB 88 -39.07 -8.24 -82.30
N HIS PB 89 -39.38 -9.16 -83.20
CA HIS PB 89 -38.95 -9.09 -84.59
C HIS PB 89 -40.15 -9.24 -85.51
N PHE PB 90 -39.90 -9.08 -86.81
CA PHE PB 90 -40.93 -9.23 -87.82
C PHE PB 90 -40.97 -10.68 -88.31
N SER PB 91 -42.17 -11.26 -88.34
CA SER PB 91 -42.36 -12.64 -88.76
C SER PB 91 -43.38 -12.70 -89.88
N ARG PB 92 -43.13 -13.57 -90.86
CA ARG PB 92 -44.06 -13.78 -91.95
C ARG PB 92 -45.28 -14.57 -91.47
N GLY PB 93 -46.35 -14.51 -92.25
CA GLY PB 93 -47.56 -15.25 -91.95
C GLY PB 93 -47.43 -16.72 -92.28
N SER PB 94 -48.45 -17.47 -91.88
CA SER PB 94 -48.47 -18.90 -92.13
C SER PB 94 -48.78 -19.18 -93.61
N LYS PB 95 -48.40 -20.37 -94.06
CA LYS PB 95 -48.55 -20.73 -95.46
C LYS PB 95 -49.95 -21.24 -95.77
N SER PB 96 -50.37 -22.31 -95.08
CA SER PB 96 -51.59 -23.03 -95.47
C SER PB 96 -52.84 -22.20 -95.34
N VAL PB 97 -53.03 -21.49 -94.21
CA VAL PB 97 -54.22 -20.68 -94.04
C VAL PB 97 -54.24 -19.51 -95.02
N ALA PB 98 -53.07 -18.99 -95.39
CA ALA PB 98 -53.02 -17.98 -96.45
C ALA PB 98 -53.18 -18.60 -97.83
N ARG PB 99 -52.73 -19.84 -98.01
CA ARG PB 99 -52.84 -20.51 -99.31
C ARG PB 99 -54.27 -20.93 -99.63
N ARG PB 100 -55.04 -21.34 -98.62
CA ARG PB 100 -56.40 -21.80 -98.85
C ARG PB 100 -57.31 -20.66 -99.27
N VAL PB 101 -56.97 -19.42 -98.89
CA VAL PB 101 -57.75 -18.26 -99.33
C VAL PB 101 -57.67 -18.11 -100.84
N LEU PB 102 -56.47 -18.25 -101.40
CA LEU PB 102 -56.32 -18.21 -102.85
C LEU PB 102 -57.00 -19.39 -103.51
N GLN PB 103 -57.03 -20.55 -102.85
CA GLN PB 103 -57.81 -21.68 -103.35
C GLN PB 103 -59.31 -21.44 -103.26
N ALA PB 104 -59.77 -20.68 -102.28
CA ALA PB 104 -61.19 -20.37 -102.15
C ALA PB 104 -61.68 -19.47 -103.28
N LEU PB 105 -60.83 -18.61 -103.82
CA LEU PB 105 -61.17 -17.77 -104.96
C LEU PB 105 -60.70 -18.35 -106.28
N GLU PB 106 -60.12 -19.56 -106.28
CA GLU PB 106 -59.64 -20.18 -107.51
C GLU PB 106 -60.69 -21.06 -108.17
N GLY PB 107 -61.52 -21.74 -107.39
CA GLY PB 107 -62.56 -22.59 -107.95
C GLY PB 107 -63.60 -21.80 -108.70
N LEU PB 108 -64.37 -20.98 -107.98
CA LEU PB 108 -65.24 -20.01 -108.62
C LEU PB 108 -64.43 -18.78 -108.99
N LYS PB 109 -64.75 -18.20 -110.16
CA LYS PB 109 -63.84 -17.31 -110.87
C LYS PB 109 -63.75 -15.91 -110.24
N MET PB 110 -62.97 -15.79 -109.17
CA MET PB 110 -62.58 -14.49 -108.61
C MET PB 110 -61.14 -14.13 -108.93
N VAL PB 111 -60.23 -15.11 -108.94
CA VAL PB 111 -58.84 -14.91 -109.31
C VAL PB 111 -58.43 -16.01 -110.27
N GLU PB 112 -57.33 -15.78 -110.97
CA GLU PB 112 -56.73 -16.76 -111.87
C GLU PB 112 -55.23 -16.72 -111.69
N LYS PB 113 -54.58 -17.86 -111.92
CA LYS PB 113 -53.13 -17.94 -111.76
C LYS PB 113 -52.42 -17.11 -112.83
N ASP PB 114 -51.56 -16.20 -112.38
CA ASP PB 114 -50.83 -15.34 -113.29
C ASP PB 114 -49.73 -16.11 -114.01
N GLN PB 115 -49.48 -15.72 -115.26
CA GLN PB 115 -48.38 -16.30 -116.01
C GLN PB 115 -47.04 -15.91 -115.39
N ASP PB 116 -46.08 -16.82 -115.46
CA ASP PB 116 -44.74 -16.64 -114.88
C ASP PB 116 -44.80 -16.35 -113.38
N GLY PB 117 -45.74 -17.02 -112.70
CA GLY PB 117 -45.85 -16.90 -111.26
C GLY PB 117 -46.80 -15.82 -110.79
N GLY PB 118 -47.43 -16.04 -109.64
CA GLY PB 118 -48.30 -15.05 -109.04
C GLY PB 118 -49.77 -15.39 -109.24
N ARG PB 119 -50.62 -14.50 -108.73
CA ARG PB 119 -52.08 -14.62 -108.84
C ARG PB 119 -52.61 -13.36 -109.49
N LYS PB 120 -53.02 -13.47 -110.75
CA LYS PB 120 -53.68 -12.37 -111.44
C LYS PB 120 -55.13 -12.26 -111.02
N LEU PB 121 -55.75 -11.13 -111.36
CA LEU PB 121 -57.14 -10.88 -111.01
C LEU PB 121 -57.97 -11.01 -112.28
N THR PB 122 -58.83 -12.02 -112.32
CA THR PB 122 -59.66 -12.23 -113.50
C THR PB 122 -60.66 -11.08 -113.62
N PRO PB 123 -61.17 -10.82 -114.84
CA PRO PB 123 -62.20 -9.77 -114.99
C PRO PB 123 -63.47 -9.96 -114.16
N GLN PB 124 -63.91 -11.20 -113.89
CA GLN PB 124 -65.07 -11.36 -113.02
C GLN PB 124 -64.77 -10.87 -111.61
N GLY PB 125 -63.51 -10.95 -111.17
CA GLY PB 125 -63.15 -10.35 -109.90
C GLY PB 125 -63.16 -8.83 -109.90
N GLN PB 126 -63.17 -8.17 -111.06
CA GLN PB 126 -63.24 -6.73 -111.01
C GLN PB 126 -64.58 -6.13 -111.48
N ARG PB 127 -65.56 -6.94 -111.90
CA ARG PB 127 -66.89 -6.32 -111.95
C ARG PB 127 -67.44 -6.07 -110.56
N ASP PB 128 -67.38 -7.07 -109.68
CA ASP PB 128 -68.05 -6.97 -108.39
C ASP PB 128 -67.39 -5.97 -107.46
N LEU PB 129 -66.06 -5.83 -107.52
CA LEU PB 129 -65.38 -4.87 -106.67
C LEU PB 129 -65.77 -3.43 -107.01
N ASP PB 130 -65.85 -3.11 -108.29
CA ASP PB 130 -66.26 -1.77 -108.69
C ASP PB 130 -67.76 -1.55 -108.59
N ARG PB 131 -68.57 -2.62 -108.69
CA ARG PB 131 -70.02 -2.47 -108.57
C ARG PB 131 -70.45 -2.20 -107.14
N ILE PB 132 -69.81 -2.84 -106.16
CA ILE PB 132 -70.11 -2.56 -104.75
C ILE PB 132 -69.43 -1.30 -104.26
N ALA PB 133 -68.53 -0.70 -105.06
CA ALA PB 133 -67.98 0.60 -104.71
C ALA PB 133 -69.04 1.69 -104.74
N GLY PB 134 -69.96 1.61 -105.71
CA GLY PB 134 -71.06 2.57 -105.75
C GLY PB 134 -72.12 2.34 -104.70
N GLN PB 135 -72.19 1.14 -104.14
CA GLN PB 135 -73.15 0.85 -103.08
C GLN PB 135 -72.78 1.56 -101.78
N VAL PB 136 -71.50 1.55 -101.41
CA VAL PB 136 -71.06 2.27 -100.21
C VAL PB 136 -71.12 3.77 -100.44
N ALA PB 137 -70.82 4.22 -101.66
CA ALA PB 137 -70.95 5.64 -101.97
C ALA PB 137 -72.40 6.11 -101.87
N ALA PB 138 -73.35 5.25 -102.25
CA ALA PB 138 -74.76 5.56 -102.00
C ALA PB 138 -75.06 5.54 -100.51
N ALA PB 139 -74.41 4.64 -99.76
CA ALA PB 139 -74.59 4.61 -98.31
C ALA PB 139 -73.95 5.81 -97.64
N LYS PB 140 -72.87 6.34 -98.21
CA LYS PB 140 -72.21 7.53 -97.68
C LYS PB 140 -72.92 8.82 -98.08
N LYS PB 141 -73.90 8.75 -98.96
CA LYS PB 141 -74.64 9.95 -99.39
C LYS PB 141 -75.59 10.42 -98.30
N HIS QB 1 -25.31 -7.59 -133.04
CA HIS QB 1 -24.64 -6.34 -133.41
C HIS QB 1 -24.90 -5.25 -132.37
N ARG QB 2 -25.76 -5.55 -131.41
CA ARG QB 2 -26.04 -4.63 -130.31
C ARG QB 2 -25.10 -4.93 -129.15
N ILE QB 3 -23.82 -4.64 -129.39
CA ILE QB 3 -22.73 -5.10 -128.55
C ILE QB 3 -22.62 -4.23 -127.31
N ARG QB 4 -22.54 -4.86 -126.15
CA ARG QB 4 -22.44 -4.18 -124.87
C ARG QB 4 -20.99 -4.11 -124.42
N ILE QB 5 -20.57 -2.96 -123.90
CA ILE QB 5 -19.25 -2.77 -123.32
C ILE QB 5 -19.43 -2.28 -121.90
N THR QB 6 -18.80 -2.98 -120.95
CA THR QB 6 -18.94 -2.69 -119.53
C THR QB 6 -17.61 -2.17 -119.00
N LEU QB 7 -17.67 -1.11 -118.19
CA LEU QB 7 -16.49 -0.46 -117.64
C LEU QB 7 -16.58 -0.52 -116.11
N THR QB 8 -15.65 -1.23 -115.49
CA THR QB 8 -15.56 -1.33 -114.03
C THR QB 8 -14.20 -0.82 -113.59
N SER QB 9 -14.18 0.22 -112.76
CA SER QB 9 -12.94 0.80 -112.28
C SER QB 9 -13.08 1.21 -110.82
N ARG QB 10 -12.00 1.03 -110.06
CA ARG QB 10 -12.01 1.42 -108.66
C ARG QB 10 -12.01 2.93 -108.49
N ASN QB 11 -11.15 3.62 -109.24
CA ASN QB 11 -11.00 5.06 -109.12
C ASN QB 11 -12.20 5.78 -109.74
N VAL QB 12 -12.36 7.05 -109.34
CA VAL QB 12 -13.49 7.85 -109.78
C VAL QB 12 -13.13 8.58 -111.07
N LYS QB 13 -12.03 9.35 -111.04
CA LYS QB 13 -11.64 10.14 -112.20
C LYS QB 13 -11.02 9.30 -113.31
N SER QB 14 -10.38 8.19 -112.97
CA SER QB 14 -9.78 7.34 -114.01
C SER QB 14 -10.86 6.69 -114.87
N LEU QB 15 -11.99 6.30 -114.26
CA LEU QB 15 -13.10 5.77 -115.03
C LEU QB 15 -13.77 6.85 -115.88
N GLU QB 16 -13.70 8.11 -115.43
CA GLU QB 16 -14.30 9.19 -116.19
C GLU QB 16 -13.54 9.47 -117.48
N LYS QB 17 -12.20 9.30 -117.48
CA LYS QB 17 -11.42 9.51 -118.69
C LYS QB 17 -11.74 8.45 -119.74
N VAL QB 18 -11.82 7.19 -119.33
CA VAL QB 18 -11.98 6.09 -120.28
C VAL QB 18 -13.37 6.11 -120.91
N CYS QB 19 -14.41 6.36 -120.12
CA CYS QB 19 -15.76 6.44 -120.67
C CYS QB 19 -15.91 7.63 -121.60
N ALA QB 20 -15.28 8.76 -121.26
CA ALA QB 20 -15.25 9.89 -122.17
C ALA QB 20 -14.35 9.65 -123.37
N ASP QB 21 -13.31 8.81 -123.21
CA ASP QB 21 -12.52 8.39 -124.37
C ASP QB 21 -13.36 7.55 -125.32
N LEU QB 22 -14.18 6.66 -124.78
CA LEU QB 22 -15.09 5.87 -125.61
C LEU QB 22 -16.24 6.71 -126.17
N ILE QB 23 -16.61 7.79 -125.49
CA ILE QB 23 -17.52 8.77 -126.08
C ILE QB 23 -16.87 9.41 -127.30
N ARG QB 24 -15.61 9.84 -127.13
CA ARG QB 24 -14.87 10.39 -128.27
C ARG QB 24 -14.50 9.32 -129.27
N GLY QB 25 -14.26 8.08 -128.80
CA GLY QB 25 -13.90 7.00 -129.70
C GLY QB 25 -15.05 6.50 -130.55
N ALA QB 26 -16.29 6.75 -130.14
CA ALA QB 26 -17.45 6.37 -130.93
C ALA QB 26 -17.87 7.46 -131.91
N LYS QB 27 -17.74 8.73 -131.50
CA LYS QB 27 -18.08 9.84 -132.40
C LYS QB 27 -17.04 10.01 -133.50
N GLU QB 28 -15.77 9.76 -133.21
CA GLU QB 28 -14.73 9.86 -134.23
C GLU QB 28 -14.85 8.77 -135.29
N LYS QB 29 -15.48 7.65 -134.97
CA LYS QB 29 -15.70 6.58 -135.92
C LYS QB 29 -17.11 6.59 -136.49
N ASN QB 30 -18.00 7.43 -135.95
CA ASN QB 30 -19.35 7.70 -136.49
C ASN QB 30 -20.19 6.42 -136.56
N LEU QB 31 -20.47 5.88 -135.37
CA LEU QB 31 -21.35 4.73 -135.24
C LEU QB 31 -22.44 5.06 -134.24
N LYS QB 32 -23.58 4.38 -134.38
CA LYS QB 32 -24.70 4.57 -133.47
C LYS QB 32 -24.35 3.99 -132.10
N VAL QB 33 -24.43 4.82 -131.06
CA VAL QB 33 -23.95 4.46 -129.74
C VAL QB 33 -25.01 4.86 -128.71
N LYS QB 34 -25.24 3.97 -127.74
CA LYS QB 34 -26.01 4.31 -126.55
C LYS QB 34 -25.05 4.84 -125.49
N GLY QB 35 -25.49 5.87 -124.76
CA GLY QB 35 -24.64 6.58 -123.85
C GLY QB 35 -24.14 5.75 -122.68
N PRO QB 36 -22.96 6.09 -122.17
CA PRO QB 36 -22.42 5.39 -120.99
C PRO QB 36 -23.22 5.70 -119.72
N VAL QB 37 -23.88 4.67 -119.18
CA VAL QB 37 -24.83 4.84 -118.09
C VAL QB 37 -24.05 4.99 -116.79
N ARG QB 38 -24.23 6.13 -116.11
CA ARG QB 38 -23.61 6.32 -114.80
C ARG QB 38 -24.41 5.59 -113.73
N MET QB 39 -24.19 4.29 -113.61
CA MET QB 39 -24.79 3.22 -112.83
C MET QB 39 -24.28 3.25 -111.39
N PRO QB 40 -25.17 3.16 -110.42
CA PRO QB 40 -24.82 3.49 -109.03
C PRO QB 40 -23.72 2.62 -108.44
N THR QB 41 -22.93 3.22 -107.56
CA THR QB 41 -21.80 2.58 -106.91
C THR QB 41 -22.25 1.85 -105.65
N LYS QB 42 -21.36 0.98 -105.16
CA LYS QB 42 -21.60 0.21 -103.95
C LYS QB 42 -20.41 0.37 -103.00
N THR QB 43 -20.70 0.54 -101.72
CA THR QB 43 -19.68 0.73 -100.70
C THR QB 43 -19.61 -0.51 -99.82
N LEU QB 44 -18.39 -1.02 -99.62
CA LEU QB 44 -18.19 -2.22 -98.81
C LEU QB 44 -17.82 -1.77 -97.39
N ARG QB 45 -18.80 -1.75 -96.51
CA ARG QB 45 -18.61 -1.29 -95.13
C ARG QB 45 -17.95 -2.40 -94.31
N ILE QB 46 -16.67 -2.22 -94.00
CA ILE QB 46 -15.91 -3.16 -93.18
C ILE QB 46 -15.56 -2.44 -91.89
N THR QB 47 -16.20 -2.83 -90.78
CA THR QB 47 -16.00 -2.19 -89.48
C THR QB 47 -15.51 -3.26 -88.51
N THR QB 48 -14.21 -3.22 -88.21
CA THR QB 48 -13.58 -4.17 -87.30
C THR QB 48 -12.83 -3.46 -86.17
N ARG QB 49 -12.27 -4.28 -85.26
CA ARG QB 49 -11.24 -3.85 -84.32
C ARG QB 49 -10.10 -3.12 -85.01
N LYS QB 50 -9.70 -2.01 -84.39
CA LYS QB 50 -8.40 -1.39 -84.64
C LYS QB 50 -7.29 -2.05 -83.84
N THR QB 51 -7.62 -2.63 -82.67
CA THR QB 51 -6.75 -3.25 -81.68
C THR QB 51 -6.60 -4.75 -81.95
N PRO QB 52 -5.39 -5.28 -81.78
CA PRO QB 52 -5.19 -6.72 -81.92
C PRO QB 52 -5.73 -7.49 -80.72
N CYS QB 53 -5.45 -6.97 -79.53
CA CYS QB 53 -5.86 -7.62 -78.28
C CYS QB 53 -7.21 -7.04 -77.83
N GLY QB 54 -7.64 -7.38 -76.62
CA GLY QB 54 -8.89 -6.89 -76.09
C GLY QB 54 -8.71 -5.77 -75.07
N GLU QB 55 -7.50 -5.23 -74.98
CA GLU QB 55 -7.20 -4.17 -74.04
C GLU QB 55 -7.23 -2.83 -74.76
N GLY QB 56 -7.97 -1.88 -74.20
CA GLY QB 56 -8.17 -0.59 -74.83
C GLY QB 56 -9.64 -0.24 -74.92
N SER QB 57 -9.94 1.00 -75.32
CA SER QB 57 -11.33 1.39 -75.51
C SER QB 57 -11.86 0.81 -76.81
N LYS QB 58 -13.18 0.86 -76.96
CA LYS QB 58 -13.84 0.23 -78.11
C LYS QB 58 -13.84 1.25 -79.25
N THR QB 59 -12.91 1.07 -80.18
CA THR QB 59 -12.84 1.86 -81.41
C THR QB 59 -13.21 0.94 -82.57
N TRP QB 60 -13.95 1.47 -83.54
CA TRP QB 60 -14.35 0.72 -84.71
C TRP QB 60 -13.76 1.36 -85.97
N ASP QB 61 -13.23 0.52 -86.86
CA ASP QB 61 -12.72 0.99 -88.14
C ASP QB 61 -13.87 1.32 -89.09
N ARG QB 62 -13.56 2.12 -90.12
CA ARG QB 62 -14.51 2.49 -91.17
C ARG QB 62 -13.82 2.36 -92.54
N PHE QB 63 -13.92 1.17 -93.13
CA PHE QB 63 -13.34 0.90 -94.45
C PHE QB 63 -14.44 0.98 -95.50
N GLN QB 64 -14.16 1.68 -96.60
CA GLN QB 64 -15.14 1.82 -97.68
C GLN QB 64 -14.45 1.98 -99.03
N MET QB 65 -14.72 1.04 -99.94
CA MET QB 65 -14.40 1.14 -101.36
C MET QB 65 -15.68 1.24 -102.18
N ARG QB 66 -15.68 2.18 -103.12
CA ARG QB 66 -16.85 2.54 -103.90
C ARG QB 66 -16.59 2.14 -105.35
N ILE QB 67 -16.86 0.89 -105.68
CA ILE QB 67 -16.68 0.42 -107.05
C ILE QB 67 -17.80 0.99 -107.90
N HIS QB 68 -17.44 1.46 -109.09
CA HIS QB 68 -18.38 2.16 -109.95
C HIS QB 68 -18.34 1.54 -111.33
N LYS QB 69 -19.50 1.52 -111.99
CA LYS QB 69 -19.66 0.71 -113.19
C LYS QB 69 -20.39 1.51 -114.25
N ARG QB 70 -19.98 1.32 -115.51
CA ARG QB 70 -20.65 1.91 -116.65
C ARG QB 70 -20.95 0.82 -117.67
N LEU QB 71 -21.93 1.08 -118.52
CA LEU QB 71 -22.24 0.17 -119.62
C LEU QB 71 -22.47 1.00 -120.88
N ILE QB 72 -21.84 0.60 -121.97
CA ILE QB 72 -21.95 1.30 -123.25
C ILE QB 72 -22.39 0.29 -124.31
N ASP QB 73 -23.46 0.62 -125.03
CA ASP QB 73 -23.94 -0.21 -126.12
C ASP QB 73 -23.52 0.37 -127.46
N LEU QB 74 -23.04 -0.50 -128.35
CA LEU QB 74 -22.62 -0.09 -129.68
C LEU QB 74 -23.48 -0.82 -130.71
N HIS QB 75 -24.02 -0.06 -131.66
CA HIS QB 75 -24.77 -0.63 -132.78
C HIS QB 75 -23.85 -0.82 -133.99
N SER QB 76 -22.78 -1.58 -133.75
CA SER QB 76 -21.72 -1.76 -134.72
C SER QB 76 -21.29 -3.22 -134.71
N PRO QB 77 -20.69 -3.70 -135.80
CA PRO QB 77 -20.19 -5.09 -135.81
C PRO QB 77 -19.03 -5.29 -134.84
N SER QB 78 -18.62 -6.56 -134.74
CA SER QB 78 -17.63 -6.96 -133.74
C SER QB 78 -16.22 -6.49 -134.09
N GLU QB 79 -15.93 -6.29 -135.38
CA GLU QB 79 -14.57 -5.88 -135.78
C GLU QB 79 -14.22 -4.50 -135.27
N ILE QB 80 -15.19 -3.58 -135.29
CA ILE QB 80 -14.94 -2.22 -134.79
C ILE QB 80 -14.71 -2.23 -133.28
N VAL QB 81 -15.41 -3.11 -132.56
CA VAL QB 81 -15.34 -3.12 -131.10
C VAL QB 81 -13.95 -3.52 -130.63
N LYS QB 82 -13.37 -4.57 -131.23
CA LYS QB 82 -12.05 -5.02 -130.82
C LYS QB 82 -10.95 -4.04 -131.22
N GLN QB 83 -11.22 -3.16 -132.18
CA GLN QB 83 -10.23 -2.17 -132.59
C GLN QB 83 -10.06 -1.08 -131.53
N ILE QB 84 -11.16 -0.69 -130.87
CA ILE QB 84 -11.11 0.43 -129.94
C ILE QB 84 -10.59 -0.01 -128.57
N THR QB 85 -11.13 -1.10 -128.04
CA THR QB 85 -10.84 -1.51 -126.67
C THR QB 85 -9.45 -2.10 -126.49
N SER QB 86 -8.73 -2.40 -127.56
CA SER QB 86 -7.41 -3.02 -127.47
C SER QB 86 -6.28 -2.01 -127.43
N ILE QB 87 -6.57 -0.71 -127.41
CA ILE QB 87 -5.56 0.34 -127.48
C ILE QB 87 -5.61 1.16 -126.20
N SER QB 88 -4.45 1.33 -125.56
CA SER QB 88 -4.27 2.22 -124.41
C SER QB 88 -5.18 1.86 -123.24
N ILE QB 89 -4.95 0.67 -122.70
CA ILE QB 89 -5.69 0.18 -121.54
C ILE QB 89 -4.87 0.47 -120.28
N GLU QB 90 -5.55 0.83 -119.20
CA GLU QB 90 -4.94 1.13 -117.92
C GLU QB 90 -5.33 0.09 -116.88
N PRO QB 91 -4.52 -0.07 -115.83
CA PRO QB 91 -4.85 -1.06 -114.79
C PRO QB 91 -6.16 -0.78 -114.06
N GLY QB 92 -6.60 0.47 -113.99
CA GLY QB 92 -7.78 0.82 -113.23
C GLY QB 92 -9.08 0.27 -113.77
N VAL QB 93 -9.27 0.32 -115.09
CA VAL QB 93 -10.55 -0.02 -115.72
C VAL QB 93 -10.47 -1.40 -116.33
N GLU QB 94 -11.47 -2.22 -116.06
CA GLU QB 94 -11.65 -3.52 -116.70
C GLU QB 94 -12.64 -3.39 -117.85
N VAL QB 95 -12.41 -4.14 -118.92
CA VAL QB 95 -13.24 -4.10 -120.12
C VAL QB 95 -13.94 -5.45 -120.27
N GLU QB 96 -15.25 -5.42 -120.47
CA GLU QB 96 -16.05 -6.61 -120.73
C GLU QB 96 -16.89 -6.36 -121.97
N VAL QB 97 -16.88 -7.31 -122.90
CA VAL QB 97 -17.58 -7.18 -124.17
C VAL QB 97 -18.66 -8.25 -124.23
N THR QB 98 -19.91 -7.82 -124.40
CA THR QB 98 -21.05 -8.72 -124.56
C THR QB 98 -21.72 -8.43 -125.89
N ILE QB 99 -21.90 -9.48 -126.70
CA ILE QB 99 -22.49 -9.30 -128.02
C ILE QB 99 -23.96 -8.92 -127.91
N ALA QB 100 -24.70 -9.57 -127.01
CA ALA QB 100 -26.12 -9.28 -126.83
C ALA QB 100 -26.31 -8.27 -125.70
N MET RB 1 56.16 47.70 -77.61
CA MET RB 1 56.88 46.56 -77.03
C MET RB 1 58.06 46.18 -77.93
N GLN RB 2 59.28 46.38 -77.41
CA GLN RB 2 60.50 46.13 -78.16
C GLN RB 2 61.45 45.34 -77.27
N ASN RB 3 62.41 44.65 -77.90
CA ASN RB 3 63.23 43.65 -77.24
C ASN RB 3 64.51 44.28 -76.67
N ASP RB 4 65.52 43.43 -76.38
CA ASP RB 4 66.82 43.96 -75.96
C ASP RB 4 67.51 44.70 -77.11
N ALA RB 5 67.46 44.13 -78.32
CA ALA RB 5 68.18 44.68 -79.46
C ALA RB 5 67.47 45.87 -80.11
N GLY RB 6 66.16 46.00 -79.93
CA GLY RB 6 65.44 47.13 -80.48
C GLY RB 6 64.53 46.83 -81.64
N GLU RB 7 63.86 45.68 -81.63
CA GLU RB 7 62.88 45.31 -82.64
C GLU RB 7 61.50 45.22 -82.02
N PHE RB 8 60.51 45.81 -82.69
CA PHE RB 8 59.13 45.77 -82.22
C PHE RB 8 58.59 44.35 -82.36
N VAL RB 9 58.42 43.66 -81.22
CA VAL RB 9 58.02 42.26 -81.23
C VAL RB 9 56.51 42.09 -81.09
N ASP RB 10 55.80 43.09 -80.58
CA ASP RB 10 54.36 42.98 -80.41
C ASP RB 10 53.64 42.91 -81.76
N LEU RB 11 52.57 42.13 -81.81
CA LEU RB 11 51.87 41.84 -83.04
C LEU RB 11 50.87 42.93 -83.45
N TYR RB 12 50.35 43.71 -82.49
CA TYR RB 12 49.83 45.04 -82.80
C TYR RB 12 49.88 45.90 -81.54
N VAL RB 13 49.72 47.19 -81.74
CA VAL RB 13 49.65 48.17 -80.66
C VAL RB 13 48.18 48.55 -80.48
N PRO RB 14 47.58 48.32 -79.31
CA PRO RB 14 46.15 48.59 -79.13
C PRO RB 14 45.83 50.07 -79.13
N ARG RB 15 44.57 50.38 -79.41
CA ARG RB 15 44.11 51.76 -79.46
C ARG RB 15 44.13 52.39 -78.08
N LYS RB 16 43.95 53.71 -78.06
CA LYS RB 16 43.86 54.48 -76.82
C LYS RB 16 42.65 55.39 -76.87
N CYS RB 17 41.90 55.43 -75.77
CA CYS RB 17 40.88 56.45 -75.62
C CYS RB 17 41.53 57.79 -75.27
N SER RB 18 41.02 58.85 -75.88
CA SER RB 18 41.56 60.18 -75.68
C SER RB 18 40.89 60.95 -74.55
N ALA RB 19 39.82 60.39 -73.96
CA ALA RB 19 39.14 61.03 -72.85
C ALA RB 19 39.68 60.56 -71.50
N SER RB 20 39.64 59.25 -71.26
CA SER RB 20 40.12 58.67 -70.01
C SER RB 20 41.61 58.32 -70.06
N ASN RB 21 42.26 58.52 -71.21
CA ASN RB 21 43.70 58.30 -71.39
C ASN RB 21 44.09 56.87 -71.02
N ARG RB 22 43.30 55.89 -71.47
CA ARG RB 22 43.59 54.49 -71.25
C ARG RB 22 43.39 53.73 -72.56
N ILE RB 23 44.00 52.55 -72.63
CA ILE RB 23 44.02 51.77 -73.86
C ILE RB 23 42.67 51.08 -74.07
N ILE RB 24 42.47 50.54 -75.27
CA ILE RB 24 41.22 49.92 -75.68
C ILE RB 24 41.45 48.43 -75.89
N GLY RB 25 40.60 47.60 -75.29
CA GLY RB 25 40.77 46.17 -75.39
C GLY RB 25 40.43 45.63 -76.76
N ALA RB 26 40.83 44.37 -76.99
CA ALA RB 26 40.59 43.73 -78.27
C ALA RB 26 39.12 43.40 -78.47
N LYS RB 27 38.39 43.15 -77.39
CA LYS RB 27 36.96 42.83 -77.45
C LYS RB 27 36.10 43.94 -76.85
N ASP RB 28 36.54 45.18 -76.97
CA ASP RB 28 35.72 46.33 -76.58
C ASP RB 28 34.81 46.65 -77.76
N HIS RB 29 33.52 46.30 -77.62
CA HIS RB 29 32.57 46.39 -78.71
C HIS RB 29 31.78 47.69 -78.72
N ALA RB 30 32.19 48.66 -77.91
CA ALA RB 30 31.51 49.95 -77.87
C ALA RB 30 32.44 51.14 -78.09
N SER RB 31 33.74 50.92 -78.25
CA SER RB 31 34.67 52.03 -78.45
C SER RB 31 34.52 52.60 -79.86
N ILE RB 32 34.47 53.92 -79.94
CA ILE RB 32 34.11 54.64 -81.16
C ILE RB 32 35.17 55.69 -81.47
N GLN RB 33 35.58 55.76 -82.74
CA GLN RB 33 36.37 56.89 -83.23
C GLN RB 33 35.42 58.00 -83.67
N MET RB 34 35.60 59.19 -83.11
CA MET RB 34 34.85 60.35 -83.59
C MET RB 34 35.61 60.97 -84.75
N ASN RB 35 34.99 60.94 -85.92
CA ASN RB 35 35.56 61.50 -87.14
C ASN RB 35 35.06 62.93 -87.27
N VAL RB 36 35.96 63.89 -87.20
CA VAL RB 36 35.62 65.31 -87.24
C VAL RB 36 36.16 65.90 -88.53
N ALA RB 37 35.27 66.45 -89.35
CA ALA RB 37 35.67 67.07 -90.60
C ALA RB 37 36.39 68.39 -90.33
N GLU RB 38 37.18 68.81 -91.31
CA GLU RB 38 37.94 70.05 -91.22
C GLU RB 38 37.26 71.13 -92.04
N VAL RB 39 37.07 72.29 -91.44
CA VAL RB 39 36.39 73.42 -92.07
C VAL RB 39 37.44 74.46 -92.44
N ASP RB 40 37.39 74.93 -93.69
CA ASP RB 40 38.35 75.92 -94.15
C ASP RB 40 38.12 77.26 -93.46
N LYS RB 41 39.23 77.98 -93.22
CA LYS RB 41 39.14 79.24 -92.49
C LYS RB 41 38.52 80.36 -93.31
N VAL RB 42 38.49 80.24 -94.64
CA VAL RB 42 37.89 81.27 -95.48
C VAL RB 42 36.79 80.75 -96.39
N THR RB 43 36.81 79.47 -96.78
CA THR RB 43 35.75 78.92 -97.62
C THR RB 43 34.60 78.34 -96.80
N GLY RB 44 34.92 77.66 -95.70
CA GLY RB 44 33.93 77.04 -94.87
C GLY RB 44 33.54 75.63 -95.28
N ARG RB 45 34.07 75.13 -96.40
CA ARG RB 45 33.68 73.85 -96.93
C ARG RB 45 34.65 72.75 -96.49
N PHE RB 46 34.32 71.52 -96.87
CA PHE RB 46 35.11 70.36 -96.49
C PHE RB 46 36.46 70.37 -97.19
N ASN RB 47 37.50 70.04 -96.43
CA ASN RB 47 38.88 70.12 -96.93
C ASN RB 47 39.37 68.77 -97.47
N GLY RB 48 39.33 67.74 -96.63
CA GLY RB 48 39.86 66.44 -97.00
C GLY RB 48 40.72 65.83 -95.92
N GLN RB 49 40.76 66.48 -94.76
CA GLN RB 49 41.52 66.01 -93.62
C GLN RB 49 40.61 65.98 -92.40
N PHE RB 50 41.02 65.24 -91.38
CA PHE RB 50 40.21 65.01 -90.21
C PHE RB 50 41.00 65.29 -88.94
N LYS RB 51 40.26 65.54 -87.85
CA LYS RB 51 40.80 65.62 -86.50
C LYS RB 51 40.14 64.48 -85.73
N THR RB 52 40.74 63.30 -85.80
CA THR RB 52 40.13 62.10 -85.25
C THR RB 52 40.27 62.06 -83.74
N TYR RB 53 39.31 61.41 -83.09
CA TYR RB 53 39.29 61.22 -81.65
C TYR RB 53 38.96 59.77 -81.35
N ALA RB 54 38.88 59.44 -80.06
CA ALA RB 54 38.50 58.11 -79.62
C ALA RB 54 37.78 58.20 -78.27
N ILE RB 55 36.77 57.36 -78.11
CA ILE RB 55 36.03 57.23 -76.86
C ILE RB 55 35.89 55.75 -76.53
N CYS RB 56 35.98 55.43 -75.25
CA CYS RB 56 35.85 54.06 -74.78
C CYS RB 56 34.40 53.76 -74.43
N GLY RB 57 34.08 52.46 -74.40
CA GLY RB 57 32.71 52.05 -74.16
C GLY RB 57 32.22 52.24 -72.74
N ALA RB 58 33.13 52.27 -71.76
CA ALA RB 58 32.70 52.49 -70.38
C ALA RB 58 32.23 53.92 -70.15
N ILE RB 59 32.86 54.89 -70.79
CA ILE RB 59 32.40 56.28 -70.70
C ILE RB 59 31.01 56.43 -71.32
N ARG RB 60 30.74 55.69 -72.39
CA ARG RB 60 29.41 55.70 -73.00
C ARG RB 60 28.35 55.17 -72.05
N ARG RB 61 28.65 54.13 -71.28
CA ARG RB 61 27.66 53.48 -70.43
C ARG RB 61 27.49 54.16 -69.08
N MET RB 62 28.23 55.24 -68.80
CA MET RB 62 27.87 56.12 -67.70
C MET RB 62 27.20 57.40 -68.19
N GLY RB 63 27.63 57.92 -69.34
CA GLY RB 63 26.96 59.06 -69.95
C GLY RB 63 27.81 60.29 -70.15
N GLU RB 64 29.12 60.17 -69.92
CA GLU RB 64 30.04 61.30 -70.02
C GLU RB 64 30.73 61.38 -71.37
N SER RB 65 30.05 60.98 -72.44
CA SER RB 65 30.68 60.93 -73.76
C SER RB 65 30.81 62.33 -74.37
N ASP RB 66 29.69 63.05 -74.46
CA ASP RB 66 29.67 64.34 -75.12
C ASP RB 66 30.43 65.42 -74.35
N ASP RB 67 30.44 65.34 -73.02
CA ASP RB 67 31.19 66.33 -72.24
C ASP RB 67 32.68 66.21 -72.47
N SER RB 68 33.18 64.97 -72.65
CA SER RB 68 34.59 64.77 -72.91
C SER RB 68 34.98 65.29 -74.29
N ILE RB 69 34.23 64.94 -75.32
CA ILE RB 69 34.59 65.31 -76.69
C ILE RB 69 34.49 66.83 -76.87
N LEU RB 70 33.63 67.50 -76.12
CA LEU RB 70 33.61 68.96 -76.12
C LEU RB 70 34.93 69.48 -75.53
N ARG RB 71 35.40 68.86 -74.45
CA ARG RB 71 36.68 69.23 -73.87
C ARG RB 71 37.85 68.80 -74.75
N LEU RB 72 37.71 67.66 -75.42
CA LEU RB 72 38.76 67.21 -76.35
C LEU RB 72 38.89 68.14 -77.55
N ALA RB 73 37.76 68.64 -78.07
CA ALA RB 73 37.78 69.51 -79.23
C ALA RB 73 38.09 70.97 -78.87
N LYS RB 74 38.03 71.34 -77.59
CA LYS RB 74 38.45 72.68 -77.20
C LYS RB 74 39.96 72.84 -77.30
N ALA RB 75 40.72 71.78 -76.98
CA ALA RB 75 42.17 71.86 -77.04
C ALA RB 75 42.67 71.89 -78.48
N ASP RB 76 41.92 71.33 -79.42
CA ASP RB 76 42.30 71.29 -80.82
C ASP RB 76 41.75 72.48 -81.61
N GLY RB 77 41.02 73.38 -80.95
CA GLY RB 77 40.49 74.56 -81.60
C GLY RB 77 39.22 74.36 -82.38
N ILE RB 78 38.63 73.17 -82.36
CA ILE RB 78 37.38 72.94 -83.07
C ILE RB 78 36.23 73.69 -82.39
N VAL RB 79 36.16 73.60 -81.07
CA VAL RB 79 35.20 74.36 -80.28
C VAL RB 79 35.80 75.74 -80.01
N SER RB 80 34.96 76.77 -80.09
CA SER RB 80 35.43 78.14 -79.88
C SER RB 80 35.96 78.30 -78.46
N LYS RB 81 37.13 78.95 -78.35
CA LYS RB 81 37.75 79.20 -77.06
C LYS RB 81 37.00 80.26 -76.26
N ASN RB 82 36.32 81.19 -76.93
CA ASN RB 82 35.48 82.14 -76.22
C ASN RB 82 34.32 81.44 -75.53
N PHE RB 83 33.72 80.45 -76.21
CA PHE RB 83 32.69 79.57 -75.65
C PHE RB 83 31.48 80.34 -75.13
N VAL SB 1 38.07 57.12 -36.30
CA VAL SB 1 38.53 58.42 -36.78
C VAL SB 1 39.65 58.26 -37.80
N ARG SB 2 40.38 59.34 -38.04
CA ARG SB 2 41.42 59.38 -39.06
C ARG SB 2 42.70 58.78 -38.49
N MET SB 3 43.03 57.56 -38.93
CA MET SB 3 44.24 56.89 -38.46
C MET SB 3 45.44 57.10 -39.38
N ASN SB 4 45.23 57.13 -40.69
CA ASN SB 4 46.32 57.22 -41.65
C ASN SB 4 46.12 58.41 -42.56
N VAL SB 5 47.24 59.00 -42.99
CA VAL SB 5 47.21 60.18 -43.84
C VAL SB 5 47.53 59.80 -45.28
N LEU SB 6 48.26 58.70 -45.46
CA LEU SB 6 48.66 58.25 -46.78
C LEU SB 6 47.76 57.17 -47.35
N ALA SB 7 47.15 56.34 -46.50
CA ALA SB 7 46.26 55.30 -46.99
C ALA SB 7 44.99 55.90 -47.59
N ASP SB 8 44.42 56.91 -46.93
CA ASP SB 8 43.21 57.55 -47.46
C ASP SB 8 43.52 58.37 -48.70
N ALA SB 9 44.75 58.89 -48.81
CA ALA SB 9 45.12 59.66 -50.00
C ALA SB 9 45.16 58.78 -51.24
N LEU SB 10 45.72 57.58 -51.12
CA LEU SB 10 45.80 56.70 -52.28
C LEU SB 10 44.47 56.05 -52.59
N LYS SB 11 43.63 55.83 -51.58
CA LYS SB 11 42.32 55.23 -51.81
C LYS SB 11 41.38 56.23 -52.49
N SER SB 12 41.52 57.52 -52.19
CA SER SB 12 40.68 58.53 -52.83
C SER SB 12 41.02 58.70 -54.31
N ILE SB 13 42.31 58.65 -54.66
CA ILE SB 13 42.69 58.82 -56.06
C ILE SB 13 42.47 57.55 -56.87
N ASN SB 14 42.50 56.38 -56.23
CA ASN SB 14 42.16 55.14 -56.92
C ASN SB 14 40.67 54.99 -57.13
N ASN SB 15 39.85 55.62 -56.27
CA ASN SB 15 38.41 55.61 -56.45
C ASN SB 15 37.98 56.48 -57.63
N ALA SB 16 38.81 57.45 -58.02
CA ALA SB 16 38.51 58.30 -59.16
C ALA SB 16 39.26 57.91 -60.42
N GLU SB 17 40.36 57.18 -60.31
CA GLU SB 17 41.07 56.71 -61.49
C GLU SB 17 40.25 55.68 -62.25
N LYS SB 18 39.52 54.82 -61.54
CA LYS SB 18 38.61 53.90 -62.21
C LYS SB 18 37.41 54.63 -62.80
N ARG SB 19 37.05 55.78 -62.24
CA ARG SB 19 35.95 56.56 -62.76
C ARG SB 19 36.37 57.37 -63.98
N GLY SB 20 37.49 58.07 -63.89
CA GLY SB 20 38.02 58.81 -65.03
C GLY SB 20 38.10 60.31 -64.82
N LYS SB 21 38.15 60.74 -63.57
CA LYS SB 21 38.25 62.16 -63.27
C LYS SB 21 39.62 62.70 -63.67
N ARG SB 22 39.70 64.03 -63.80
CA ARG SB 22 40.95 64.69 -64.13
C ARG SB 22 41.50 65.51 -62.97
N GLN SB 23 40.65 65.97 -62.04
CA GLN SB 23 41.11 66.73 -60.90
C GLN SB 23 40.36 66.24 -59.68
N VAL SB 24 41.09 65.95 -58.60
CA VAL SB 24 40.50 65.50 -57.34
C VAL SB 24 41.09 66.32 -56.19
N LEU SB 25 40.49 66.13 -55.02
CA LEU SB 25 40.79 66.93 -53.83
C LEU SB 25 41.08 65.97 -52.68
N ILE SB 26 42.34 65.95 -52.23
CA ILE SB 26 42.76 65.05 -51.14
C ILE SB 26 42.90 65.88 -49.86
N ARG SB 27 42.25 65.43 -48.79
CA ARG SB 27 42.15 66.20 -47.55
C ARG SB 27 43.48 66.44 -46.84
N PRO SB 28 44.39 65.46 -46.65
CA PRO SB 28 45.64 65.77 -45.98
C PRO SB 28 46.77 66.15 -46.93
N CYS SB 29 47.81 66.77 -46.36
CA CYS SB 29 49.12 66.93 -47.00
C CYS SB 29 50.18 66.79 -45.91
N SER SB 30 50.95 65.71 -45.96
CA SER SB 30 52.01 65.47 -45.00
C SER SB 30 53.36 65.71 -45.66
N LYS SB 31 54.41 65.68 -44.83
CA LYS SB 31 55.78 65.72 -45.35
C LYS SB 31 56.05 64.52 -46.24
N VAL SB 32 55.57 63.35 -45.82
CA VAL SB 32 55.72 62.15 -46.64
C VAL SB 32 54.92 62.28 -47.93
N ILE SB 33 53.70 62.84 -47.85
CA ILE SB 33 52.80 62.86 -49.00
C ILE SB 33 53.32 63.79 -50.08
N VAL SB 34 53.83 64.96 -49.70
CA VAL SB 34 54.26 65.93 -50.72
C VAL SB 34 55.46 65.42 -51.51
N ARG SB 35 56.36 64.68 -50.86
CA ARG SB 35 57.48 64.09 -51.55
C ARG SB 35 57.23 62.64 -51.97
N PHE SB 36 56.05 62.10 -51.67
CA PHE SB 36 55.67 60.78 -52.18
C PHE SB 36 55.40 60.84 -53.68
N LEU SB 37 54.67 61.85 -54.13
CA LEU SB 37 54.33 62.00 -55.53
C LEU SB 37 55.49 62.51 -56.36
N THR SB 38 56.53 63.08 -55.74
CA THR SB 38 57.71 63.49 -56.49
C THR SB 38 58.46 62.31 -57.07
N VAL SB 39 58.31 61.12 -56.47
CA VAL SB 39 58.83 59.90 -57.09
C VAL SB 39 58.09 59.62 -58.39
N MET SB 40 56.77 59.81 -58.40
CA MET SB 40 56.00 59.66 -59.62
C MET SB 40 56.29 60.78 -60.62
N MET SB 41 56.82 61.91 -60.17
CA MET SB 41 57.28 62.94 -61.10
C MET SB 41 58.46 62.44 -61.92
N LYS SB 42 59.40 61.73 -61.28
CA LYS SB 42 60.56 61.19 -61.97
C LYS SB 42 60.25 59.93 -62.77
N HIS SB 43 59.12 59.27 -62.49
CA HIS SB 43 58.72 58.08 -63.22
C HIS SB 43 57.60 58.34 -64.23
N GLY SB 44 56.95 59.50 -64.16
CA GLY SB 44 55.91 59.86 -65.10
C GLY SB 44 54.63 59.05 -65.00
N TYR SB 45 54.20 58.70 -63.79
CA TYR SB 45 52.96 57.95 -63.60
C TYR SB 45 51.75 58.84 -63.40
N ILE SB 46 51.92 60.01 -62.81
CA ILE SB 46 50.82 60.93 -62.55
C ILE SB 46 51.28 62.32 -62.93
N GLY SB 47 50.30 63.19 -63.26
CA GLY SB 47 50.61 64.54 -63.66
C GLY SB 47 51.03 65.42 -62.49
N GLU SB 48 51.52 66.61 -62.83
CA GLU SB 48 52.04 67.53 -61.82
C GLU SB 48 50.93 68.01 -60.89
N PHE SB 49 51.29 68.26 -59.64
CA PHE SB 49 50.34 68.60 -58.59
C PHE SB 49 50.59 70.00 -58.04
N GLU SB 50 49.49 70.63 -57.61
CA GLU SB 50 49.55 71.88 -56.87
C GLU SB 50 48.85 71.68 -55.53
N ILE SB 51 49.42 72.28 -54.48
CA ILE SB 51 48.92 72.11 -53.13
C ILE SB 51 48.44 73.46 -52.60
N ILE SB 52 47.69 73.40 -51.50
CA ILE SB 52 47.28 74.60 -50.78
C ILE SB 52 47.97 74.57 -49.42
N ASP SB 53 49.13 75.21 -49.33
CA ASP SB 53 49.95 75.20 -48.12
C ASP SB 53 49.43 76.26 -47.16
N ASP SB 54 48.67 75.84 -46.15
CA ASP SB 54 48.02 76.75 -45.24
C ASP SB 54 48.38 76.40 -43.80
N HIS SB 55 47.67 77.03 -42.86
CA HIS SB 55 47.88 76.80 -41.43
C HIS SB 55 47.07 75.63 -40.91
N ARG SB 56 46.42 74.87 -41.80
CA ARG SB 56 45.69 73.66 -41.47
C ARG SB 56 46.35 72.48 -42.17
N ALA SB 57 45.70 71.33 -42.09
CA ALA SB 57 46.06 70.21 -42.97
C ALA SB 57 45.70 70.59 -44.39
N GLY SB 58 46.71 70.88 -45.21
CA GLY SB 58 46.49 71.42 -46.53
C GLY SB 58 45.80 70.43 -47.46
N LYS SB 59 45.34 70.95 -48.59
CA LYS SB 59 44.65 70.17 -49.60
C LYS SB 59 45.45 70.18 -50.90
N ILE SB 60 45.74 69.00 -51.42
CA ILE SB 60 46.53 68.84 -52.63
C ILE SB 60 45.59 68.52 -53.80
N VAL SB 61 45.75 69.24 -54.90
CA VAL SB 61 45.01 69.00 -56.12
C VAL SB 61 46.02 68.55 -57.17
N VAL SB 62 45.90 67.29 -57.61
CA VAL SB 62 46.85 66.69 -58.53
C VAL SB 62 46.19 66.52 -59.91
N ASN SB 63 46.95 66.80 -60.96
CA ASN SB 63 46.50 66.51 -62.31
C ASN SB 63 46.52 65.00 -62.52
N LEU SB 64 45.45 64.48 -63.12
CA LEU SB 64 45.26 63.05 -63.27
C LEU SB 64 45.46 62.63 -64.72
N THR SB 65 46.37 61.70 -64.94
CA THR SB 65 46.53 61.01 -66.23
C THR SB 65 46.12 59.55 -66.06
N GLY SB 66 46.29 58.76 -67.11
CA GLY SB 66 45.96 57.35 -67.08
C GLY SB 66 47.14 56.41 -66.94
N ARG SB 67 48.32 56.92 -66.59
CA ARG SB 67 49.52 56.09 -66.57
C ARG SB 67 49.62 55.21 -65.33
N LEU SB 68 48.92 55.56 -64.25
CA LEU SB 68 48.98 54.84 -62.98
C LEU SB 68 47.67 54.10 -62.79
N ASN SB 69 47.70 52.77 -62.95
CA ASN SB 69 46.49 51.97 -62.79
C ASN SB 69 46.05 51.95 -61.33
N LYS SB 70 46.97 51.66 -60.42
CA LYS SB 70 46.66 51.67 -59.00
C LYS SB 70 47.96 51.84 -58.21
N CYS SB 71 47.94 52.75 -57.26
CA CYS SB 71 49.00 52.88 -56.27
C CYS SB 71 48.55 52.24 -54.97
N GLY SB 72 49.35 51.31 -54.46
CA GLY SB 72 48.98 50.50 -53.32
C GLY SB 72 49.59 51.01 -52.03
N VAL SB 73 48.83 50.90 -50.95
CA VAL SB 73 49.28 51.26 -49.61
C VAL SB 73 49.37 50.00 -48.77
N ILE SB 74 50.45 49.88 -48.00
CA ILE SB 74 50.63 48.78 -47.06
C ILE SB 74 50.67 49.36 -45.65
N SER SB 75 49.95 48.70 -44.73
CA SER SB 75 49.82 49.14 -43.36
C SER SB 75 49.97 47.96 -42.41
N PRO SB 76 50.83 48.06 -41.37
CA PRO SB 76 51.70 49.20 -41.10
C PRO SB 76 52.98 49.21 -41.93
N ARG SB 77 53.98 49.93 -41.43
CA ARG SB 77 55.24 50.17 -42.12
C ARG SB 77 56.26 49.12 -41.69
N PHE SB 78 56.25 48.00 -42.41
CA PHE SB 78 57.20 46.91 -42.14
C PHE SB 78 58.64 47.31 -42.50
N ASP SB 79 59.59 46.67 -41.81
CA ASP SB 79 61.02 46.88 -42.09
C ASP SB 79 61.48 45.97 -43.22
N VAL SB 80 62.20 46.52 -44.19
CA VAL SB 80 62.71 45.77 -45.34
C VAL SB 80 64.22 45.92 -45.40
N GLN SB 81 64.94 44.81 -45.42
CA GLN SB 81 66.38 44.80 -45.58
C GLN SB 81 66.76 44.58 -47.04
N LEU SB 82 68.06 44.47 -47.32
CA LEU SB 82 68.52 44.06 -48.64
C LEU SB 82 68.79 42.56 -48.73
N LYS SB 83 68.50 41.80 -47.68
CA LYS SB 83 68.45 40.36 -47.80
C LYS SB 83 67.08 39.86 -48.25
N ASP SB 84 66.10 40.78 -48.38
CA ASP SB 84 64.76 40.40 -48.81
C ASP SB 84 64.10 41.45 -49.69
N LEU SB 85 64.86 42.30 -50.40
CA LEU SB 85 64.21 43.21 -51.34
C LEU SB 85 63.70 42.44 -52.55
N GLU SB 86 64.34 41.33 -52.90
CA GLU SB 86 63.80 40.45 -53.94
C GLU SB 86 62.62 39.63 -53.45
N LYS SB 87 62.44 39.53 -52.13
CA LYS SB 87 61.42 38.65 -51.56
C LYS SB 87 60.01 39.18 -51.79
N TRP SB 88 59.80 40.49 -51.64
CA TRP SB 88 58.45 41.04 -51.70
C TRP SB 88 57.94 41.11 -53.14
N GLN SB 89 58.83 41.49 -54.07
CA GLN SB 89 58.43 41.68 -55.46
C GLN SB 89 57.95 40.38 -56.10
N ASN SB 90 58.31 39.24 -55.52
CA ASN SB 90 57.75 37.97 -55.99
C ASN SB 90 56.26 37.89 -55.71
N ASN SB 91 55.78 38.52 -54.63
CA ASN SB 91 54.37 38.51 -54.29
C ASN SB 91 53.67 39.86 -54.46
N LEU SB 92 54.40 40.96 -54.57
CA LEU SB 92 53.79 42.28 -54.57
C LEU SB 92 53.77 42.95 -55.94
N LEU SB 93 54.91 42.92 -56.69
CA LEU SB 93 54.96 43.62 -57.97
C LEU SB 93 54.55 42.69 -59.11
N PRO SB 94 54.00 43.26 -60.18
CA PRO SB 94 53.71 42.44 -61.38
C PRO SB 94 54.94 41.81 -62.01
N SER SB 95 56.06 42.53 -62.10
CA SER SB 95 57.26 42.05 -62.79
C SER SB 95 58.41 42.99 -62.49
N ARG SB 96 59.51 42.83 -63.25
CA ARG SB 96 60.57 43.82 -63.30
C ARG SB 96 60.54 44.60 -64.60
N GLN SB 97 59.63 44.24 -65.51
CA GLN SB 97 59.39 45.03 -66.71
C GLN SB 97 58.88 46.41 -66.32
N PHE SB 98 57.94 46.45 -65.38
CA PHE SB 98 57.54 47.68 -64.70
C PHE SB 98 57.13 47.30 -63.28
N GLY SB 99 56.45 48.22 -62.60
CA GLY SB 99 56.04 48.00 -61.23
C GLY SB 99 57.13 48.40 -60.26
N PHE SB 100 56.79 49.24 -59.28
CA PHE SB 100 57.79 49.85 -58.42
C PHE SB 100 57.39 49.73 -56.96
N ILE SB 101 58.34 49.32 -56.13
CA ILE SB 101 58.20 49.34 -54.67
C ILE SB 101 58.95 50.54 -54.16
N VAL SB 102 58.25 51.42 -53.45
CA VAL SB 102 58.86 52.63 -52.91
C VAL SB 102 59.16 52.39 -51.44
N LEU SB 103 60.28 52.97 -50.97
CA LEU SB 103 60.70 52.83 -49.59
C LEU SB 103 61.18 54.18 -49.08
N THR SB 104 61.03 54.39 -47.78
CA THR SB 104 61.59 55.57 -47.12
C THR SB 104 62.80 55.16 -46.29
N THR SB 105 63.94 55.77 -46.59
CA THR SB 105 65.22 55.40 -46.00
C THR SB 105 65.92 56.64 -45.49
N SER SB 106 67.12 56.45 -44.95
CA SER SB 106 67.96 57.58 -44.53
C SER SB 106 68.33 58.48 -45.71
N ALA SB 107 68.37 57.92 -46.92
CA ALA SB 107 68.55 58.76 -48.10
C ALA SB 107 67.29 59.53 -48.44
N GLY SB 108 66.13 59.03 -48.03
CA GLY SB 108 64.83 59.62 -48.27
C GLY SB 108 63.87 58.59 -48.83
N ILE SB 109 62.70 59.05 -49.26
CA ILE SB 109 61.76 58.16 -49.93
C ILE SB 109 62.25 57.92 -51.35
N MET SB 110 62.38 56.65 -51.71
CA MET SB 110 63.17 56.24 -52.86
C MET SB 110 62.78 54.80 -53.23
N ASP SB 111 63.18 54.40 -54.44
CA ASP SB 111 62.68 53.19 -55.07
C ASP SB 111 63.63 52.00 -54.81
N HIS SB 112 63.08 50.80 -54.94
CA HIS SB 112 63.87 49.59 -54.69
C HIS SB 112 64.95 49.40 -55.74
N GLU SB 113 64.70 49.83 -56.97
CA GLU SB 113 65.70 49.71 -58.03
C GLU SB 113 66.93 50.56 -57.73
N GLU SB 114 66.72 51.78 -57.24
CA GLU SB 114 67.81 52.63 -56.81
C GLU SB 114 68.26 52.34 -55.38
N ALA SB 115 67.49 51.53 -54.63
CA ALA SB 115 67.96 51.08 -53.33
C ALA SB 115 69.11 50.08 -53.48
N ARG SB 116 69.15 49.38 -54.61
CA ARG SB 116 70.28 48.49 -54.89
C ARG SB 116 71.57 49.30 -55.11
N ARG SB 117 71.43 50.53 -55.62
CA ARG SB 117 72.60 51.35 -55.91
C ARG SB 117 73.22 51.91 -54.64
N LYS SB 118 72.44 52.67 -53.87
CA LYS SB 118 72.98 53.32 -52.68
C LYS SB 118 73.09 52.38 -51.48
N HIS SB 119 72.59 51.15 -51.61
CA HIS SB 119 72.79 50.09 -50.61
C HIS SB 119 72.18 50.47 -49.26
N THR SB 120 70.92 50.90 -49.28
CA THR SB 120 70.23 51.30 -48.06
C THR SB 120 68.73 51.06 -48.21
N GLY SB 121 68.22 50.13 -47.42
CA GLY SB 121 66.79 49.88 -47.33
C GLY SB 121 66.24 50.32 -46.00
N GLY SB 122 65.07 49.77 -45.67
CA GLY SB 122 64.51 50.06 -44.36
C GLY SB 122 63.01 50.21 -44.33
N LYS SB 123 62.55 51.32 -43.76
CA LYS SB 123 61.15 51.53 -43.42
C LYS SB 123 60.34 51.66 -44.71
N ILE SB 124 59.24 50.93 -44.85
CA ILE SB 124 58.58 50.94 -46.15
C ILE SB 124 57.23 51.64 -46.07
N LEU SB 125 56.77 52.13 -47.23
CA LEU SB 125 55.52 52.85 -47.40
C LEU SB 125 54.52 52.11 -48.29
N GLY SB 126 54.91 51.72 -49.49
CA GLY SB 126 53.94 51.15 -50.40
C GLY SB 126 54.55 50.84 -51.75
N PHE SB 127 53.68 50.73 -52.75
CA PHE SB 127 54.03 50.25 -54.08
C PHE SB 127 53.09 50.88 -55.09
N PHE SB 128 53.64 51.28 -56.24
CA PHE SB 128 52.84 51.80 -57.34
C PHE SB 128 53.26 51.10 -58.62
N PHE SB 129 52.27 50.78 -59.45
CA PHE SB 129 52.49 49.99 -60.66
C PHE SB 129 51.59 50.48 -61.80
N GLY TB 1 45.02 39.47 -41.17
CA GLY TB 1 43.81 39.17 -40.42
C GLY TB 1 42.90 40.36 -40.24
N LYS TB 2 42.39 40.53 -39.02
CA LYS TB 2 41.49 41.64 -38.69
C LYS TB 2 42.21 42.78 -37.98
N CYS TB 3 43.17 42.46 -37.12
CA CYS TB 3 44.03 43.47 -36.50
C CYS TB 3 45.35 43.53 -37.26
N ARG TB 4 45.75 44.74 -37.62
CA ARG TB 4 46.86 44.95 -38.55
C ARG TB 4 47.85 45.97 -38.00
N GLY TB 5 48.30 45.75 -36.76
CA GLY TB 5 49.34 46.56 -36.18
C GLY TB 5 50.73 46.02 -36.46
N LEU TB 6 51.73 46.66 -35.84
CA LEU TB 6 53.13 46.27 -35.99
C LEU TB 6 53.70 45.56 -34.78
N ARG TB 7 53.12 45.73 -33.60
CA ARG TB 7 53.57 45.04 -32.39
C ARG TB 7 52.42 44.28 -31.75
N THR TB 8 51.52 43.76 -32.57
CA THR TB 8 50.37 43.01 -32.10
C THR TB 8 50.60 41.51 -32.09
N ALA TB 9 51.86 41.07 -32.02
CA ALA TB 9 52.19 39.66 -32.16
C ALA TB 9 51.54 38.79 -31.08
N ARG TB 10 51.40 39.29 -29.86
CA ARG TB 10 50.68 38.51 -28.86
C ARG TB 10 49.19 38.51 -29.14
N LYS TB 11 48.66 39.63 -29.65
CA LYS TB 11 47.30 39.60 -30.16
C LYS TB 11 47.17 38.65 -31.34
N LEU TB 12 48.23 38.51 -32.14
CA LEU TB 12 48.18 37.65 -33.32
C LEU TB 12 48.10 36.17 -32.98
N ARG TB 13 49.17 35.58 -32.42
CA ARG TB 13 49.19 34.12 -32.36
C ARG TB 13 48.44 33.57 -31.16
N SER TB 14 48.05 34.42 -30.20
CA SER TB 14 47.09 33.95 -29.20
C SER TB 14 45.69 33.91 -29.78
N HIS TB 15 45.40 34.75 -30.77
CA HIS TB 15 44.14 34.64 -31.50
C HIS TB 15 44.26 33.65 -32.66
N ARG TB 16 45.37 32.93 -32.73
CA ARG TB 16 45.50 31.73 -33.55
C ARG TB 16 45.78 30.48 -32.72
N ARG TB 17 46.09 30.64 -31.44
CA ARG TB 17 46.42 29.49 -30.60
C ARG TB 17 45.19 28.66 -30.27
N ASP TB 18 44.11 29.33 -29.86
CA ASP TB 18 42.98 28.62 -29.28
C ASP TB 18 41.99 28.10 -30.30
N GLN TB 19 41.88 28.70 -31.50
CA GLN TB 19 41.02 28.04 -32.47
C GLN TB 19 41.78 26.99 -33.25
N LYS TB 20 43.08 26.83 -33.01
CA LYS TB 20 43.75 25.63 -33.49
C LYS TB 20 43.14 24.39 -32.85
N TRP TB 21 42.64 24.51 -31.62
CA TRP TB 21 41.91 23.42 -30.99
C TRP TB 21 40.61 23.12 -31.72
N HIS TB 22 39.91 24.13 -32.22
CA HIS TB 22 38.69 23.88 -32.98
C HIS TB 22 38.96 23.23 -34.33
N ASP TB 23 40.19 23.28 -34.83
CA ASP TB 23 40.55 22.46 -35.97
C ASP TB 23 40.69 21.01 -35.53
N LYS TB 24 40.08 20.09 -36.29
CA LYS TB 24 40.05 18.69 -35.87
C LYS TB 24 41.43 18.05 -35.98
N GLN TB 25 42.20 18.39 -37.03
CA GLN TB 25 43.50 17.77 -37.24
C GLN TB 25 44.50 18.16 -36.15
N TYR TB 26 44.53 19.43 -35.76
CA TYR TB 26 45.42 19.85 -34.68
C TYR TB 26 44.99 19.29 -33.34
N LYS TB 27 43.67 19.24 -33.08
CA LYS TB 27 43.17 18.74 -31.81
C LYS TB 27 43.41 17.23 -31.68
N LYS TB 28 43.20 16.48 -32.77
CA LYS TB 28 43.37 15.03 -32.72
C LYS TB 28 44.82 14.65 -32.46
N ALA TB 29 45.76 15.40 -33.04
CA ALA TB 29 47.18 15.10 -32.91
C ALA TB 29 47.80 15.64 -31.63
N HIS TB 30 47.10 16.49 -30.88
CA HIS TB 30 47.66 17.09 -29.69
C HIS TB 30 46.83 16.86 -28.42
N LEU TB 31 45.64 16.29 -28.54
CA LEU TB 31 44.89 15.82 -27.39
C LEU TB 31 44.96 14.30 -27.36
N GLY TB 32 45.43 13.76 -26.24
CA GLY TB 32 45.68 12.35 -26.12
C GLY TB 32 44.50 11.49 -25.73
N THR TB 33 43.30 12.08 -25.60
CA THR TB 33 42.13 11.30 -25.23
C THR TB 33 41.78 10.26 -26.28
N ALA TB 34 41.82 10.65 -27.56
CA ALA TB 34 41.65 9.68 -28.64
C ALA TB 34 42.86 8.76 -28.76
N LEU TB 35 44.05 9.23 -28.38
CA LEU TB 35 45.21 8.36 -28.33
C LEU TB 35 45.07 7.29 -27.26
N LYS TB 36 44.43 7.62 -26.13
CA LYS TB 36 44.07 6.59 -25.16
C LYS TB 36 43.00 5.66 -25.73
N ALA TB 37 42.03 6.22 -26.45
CA ALA TB 37 40.95 5.44 -27.04
C ALA TB 37 41.37 4.68 -28.29
N ASN TB 38 42.57 4.94 -28.80
CA ASN TB 38 43.12 4.18 -29.92
C ASN TB 38 43.36 2.75 -29.46
N PRO TB 39 42.63 1.76 -29.97
CA PRO TB 39 42.86 0.38 -29.51
C PRO TB 39 44.16 -0.22 -30.01
N PHE TB 40 44.77 0.33 -31.06
CA PHE TB 40 46.16 0.02 -31.36
C PHE TB 40 47.10 0.63 -30.32
N GLY TB 41 46.72 1.76 -29.74
CA GLY TB 41 47.58 2.46 -28.80
C GLY TB 41 48.83 3.02 -29.44
N GLY TB 42 48.70 3.62 -30.62
CA GLY TB 42 49.83 4.10 -31.37
C GLY TB 42 50.42 3.10 -32.35
N ALA TB 43 49.75 1.97 -32.57
CA ALA TB 43 50.25 0.90 -33.42
C ALA TB 43 49.52 0.90 -34.76
N SER TB 44 49.91 -0.05 -35.61
CA SER TB 44 49.28 -0.27 -36.90
C SER TB 44 48.78 -1.69 -37.08
N HIS TB 45 49.43 -2.68 -36.49
CA HIS TB 45 48.99 -4.08 -36.54
C HIS TB 45 48.86 -4.59 -35.12
N ALA TB 46 47.87 -5.47 -34.90
CA ALA TB 46 47.63 -6.01 -33.56
C ALA TB 46 47.15 -7.45 -33.66
N LYS TB 47 47.68 -8.30 -32.79
CA LYS TB 47 47.20 -9.67 -32.68
C LYS TB 47 45.88 -9.70 -31.92
N GLY TB 48 45.13 -10.78 -32.10
CA GLY TB 48 43.82 -10.88 -31.50
C GLY TB 48 43.38 -12.31 -31.33
N ILE TB 49 42.45 -12.52 -30.41
CA ILE TB 49 41.89 -13.83 -30.09
C ILE TB 49 40.39 -13.78 -30.32
N VAL TB 50 39.87 -14.75 -31.06
CA VAL TB 50 38.45 -14.79 -31.40
C VAL TB 50 37.68 -15.50 -30.29
N LEU TB 51 36.50 -14.97 -29.96
CA LEU TB 51 35.60 -15.64 -29.02
C LEU TB 51 34.27 -16.04 -29.64
N GLU TB 52 33.81 -15.36 -30.68
CA GLU TB 52 32.64 -15.80 -31.45
C GLU TB 52 32.72 -15.18 -32.84
N LYS TB 53 31.73 -15.50 -33.67
CA LYS TB 53 31.60 -14.94 -35.02
C LYS TB 53 30.27 -14.19 -35.10
N VAL TB 54 30.31 -12.99 -35.67
CA VAL TB 54 29.15 -12.10 -35.71
C VAL TB 54 28.82 -11.80 -37.17
N GLY TB 55 27.57 -12.04 -37.56
CA GLY TB 55 27.09 -11.71 -38.87
C GLY TB 55 26.39 -10.35 -38.84
N VAL TB 56 26.88 -9.43 -39.66
CA VAL TB 56 26.42 -8.05 -39.66
C VAL TB 56 25.52 -7.82 -40.86
N GLU TB 57 24.30 -7.37 -40.60
CA GLU TB 57 23.39 -6.98 -41.66
C GLU TB 57 23.90 -5.70 -42.33
N ALA TB 58 23.79 -5.64 -43.66
CA ALA TB 58 24.38 -4.55 -44.42
C ALA TB 58 23.47 -3.34 -44.42
N LYS TB 59 23.80 -2.35 -45.25
CA LYS TB 59 23.20 -1.03 -45.25
C LYS TB 59 22.03 -0.96 -46.23
N GLN TB 60 21.60 0.26 -46.55
CA GLN TB 60 20.62 0.69 -47.54
C GLN TB 60 21.06 0.21 -48.94
N PRO TB 61 20.25 0.39 -50.06
CA PRO TB 61 20.04 -0.71 -51.03
C PRO TB 61 21.13 -1.77 -51.16
N ASN TB 62 22.40 -1.37 -51.16
CA ASN TB 62 23.50 -2.33 -51.22
C ASN TB 62 23.48 -3.18 -49.96
N SER TB 63 22.91 -4.37 -50.05
CA SER TB 63 22.63 -5.21 -48.89
C SER TB 63 23.10 -6.63 -49.13
N ALA TB 64 23.72 -7.22 -48.11
CA ALA TB 64 24.18 -8.60 -48.12
C ALA TB 64 24.41 -9.02 -46.68
N ILE TB 65 25.03 -10.19 -46.49
CA ILE TB 65 25.42 -10.67 -45.18
C ILE TB 65 26.94 -10.62 -45.12
N ARG TB 66 27.47 -9.85 -44.17
CA ARG TB 66 28.89 -9.55 -44.09
C ARG TB 66 29.55 -10.46 -43.05
N LYS TB 67 30.70 -11.03 -43.41
CA LYS TB 67 31.43 -11.93 -42.54
C LYS TB 67 32.32 -11.11 -41.62
N CYS TB 68 31.88 -10.94 -40.37
CA CYS TB 68 32.63 -10.21 -39.37
C CYS TB 68 32.99 -11.13 -38.21
N VAL TB 69 34.03 -10.75 -37.48
CA VAL TB 69 34.61 -11.61 -36.45
C VAL TB 69 34.81 -10.81 -35.17
N ARG TB 70 34.31 -11.35 -34.06
CA ARG TB 70 34.54 -10.77 -32.74
C ARG TB 70 35.97 -11.04 -32.31
N VAL TB 71 36.72 -9.98 -31.99
CA VAL TB 71 38.15 -10.06 -31.74
C VAL TB 71 38.46 -9.42 -30.39
N GLN TB 72 39.24 -10.12 -29.57
CA GLN TB 72 39.77 -9.58 -28.33
C GLN TB 72 41.26 -9.26 -28.51
N LEU TB 73 41.66 -8.06 -28.09
CA LEU TB 73 43.03 -7.63 -28.27
C LEU TB 73 43.94 -8.27 -27.22
N ILE TB 74 45.24 -7.97 -27.32
CA ILE TB 74 46.26 -8.53 -26.44
C ILE TB 74 46.84 -7.47 -25.52
N LYS TB 75 47.29 -6.35 -26.08
CA LYS TB 75 47.86 -5.28 -25.26
C LYS TB 75 46.78 -4.63 -24.40
N ASN TB 76 45.60 -4.40 -24.97
CA ASN TB 76 44.51 -3.75 -24.24
C ASN TB 76 43.30 -4.65 -24.01
N GLY TB 77 43.01 -5.58 -24.91
CA GLY TB 77 41.84 -6.42 -24.77
C GLY TB 77 40.54 -5.66 -24.84
N LYS TB 78 40.44 -4.69 -25.75
CA LYS TB 78 39.25 -3.86 -25.86
C LYS TB 78 38.19 -4.60 -26.68
N LYS TB 79 37.06 -3.92 -26.94
CA LYS TB 79 35.90 -4.54 -27.57
C LYS TB 79 35.86 -4.09 -29.04
N ILE TB 80 36.53 -4.86 -29.89
CA ILE TB 80 36.61 -4.55 -31.31
C ILE TB 80 36.04 -5.71 -32.12
N THR TB 81 35.60 -5.40 -33.34
CA THR TB 81 35.13 -6.36 -34.31
C THR TB 81 35.86 -6.14 -35.63
N ALA TB 82 36.08 -7.22 -36.37
CA ALA TB 82 36.89 -7.16 -37.59
C ALA TB 82 36.18 -7.89 -38.73
N PHE TB 83 36.31 -7.35 -39.93
CA PHE TB 83 35.69 -7.91 -41.13
C PHE TB 83 36.65 -8.85 -41.84
N VAL TB 84 36.13 -9.97 -42.32
CA VAL TB 84 36.91 -10.93 -43.10
C VAL TB 84 36.84 -10.52 -44.56
N PRO TB 85 37.95 -10.10 -45.18
CA PRO TB 85 37.88 -9.60 -46.57
C PRO TB 85 37.55 -10.64 -47.63
N ASN TB 86 38.31 -11.74 -47.69
CA ASN TB 86 38.29 -12.60 -48.87
C ASN TB 86 37.06 -13.51 -48.89
N ASP TB 87 36.97 -14.30 -49.95
CA ASP TB 87 35.85 -15.21 -50.18
C ASP TB 87 36.21 -16.60 -49.69
N GLY TB 88 35.31 -17.19 -48.90
CA GLY TB 88 35.52 -18.54 -48.42
C GLY TB 88 36.64 -18.70 -47.42
N CYS TB 89 36.96 -17.65 -46.67
CA CYS TB 89 38.06 -17.70 -45.70
C CYS TB 89 37.56 -17.70 -44.26
N LEU TB 90 36.25 -17.85 -44.05
CA LEU TB 90 35.75 -18.07 -42.70
C LEU TB 90 36.13 -19.45 -42.19
N ASN TB 91 36.35 -20.42 -43.10
CA ASN TB 91 36.82 -21.74 -42.69
C ASN TB 91 38.27 -21.74 -42.22
N PHE TB 92 39.07 -20.73 -42.59
CA PHE TB 92 40.46 -20.64 -42.16
C PHE TB 92 40.61 -20.06 -40.76
N ILE TB 93 39.53 -19.62 -40.14
CA ILE TB 93 39.55 -18.95 -38.84
C ILE TB 93 38.51 -19.60 -37.93
N GLU TB 94 38.90 -19.85 -36.69
CA GLU TB 94 38.03 -20.58 -35.76
C GLU TB 94 38.32 -20.03 -34.36
N GLU TB 95 37.65 -20.61 -33.35
CA GLU TB 95 37.82 -20.21 -31.96
C GLU TB 95 39.27 -20.38 -31.50
N ASN TB 96 39.73 -19.43 -30.68
CA ASN TB 96 41.07 -19.40 -30.09
C ASN TB 96 42.13 -19.46 -31.18
N ASP TB 97 42.16 -18.44 -32.04
CA ASP TB 97 43.17 -18.32 -33.08
C ASP TB 97 43.79 -16.93 -33.00
N GLU TB 98 45.08 -16.86 -33.29
CA GLU TB 98 45.82 -15.60 -33.26
C GLU TB 98 45.68 -14.92 -34.61
N VAL TB 99 44.82 -13.92 -34.70
CA VAL TB 99 44.54 -13.20 -35.94
C VAL TB 99 45.22 -11.84 -35.88
N LEU TB 100 45.74 -11.39 -37.03
CA LEU TB 100 46.36 -10.08 -37.14
C LEU TB 100 45.28 -9.07 -37.53
N VAL TB 101 45.20 -7.97 -36.79
CA VAL TB 101 44.10 -7.02 -36.90
C VAL TB 101 44.69 -5.67 -37.31
N ALA TB 102 44.32 -5.20 -38.50
CA ALA TB 102 44.73 -3.91 -39.00
C ALA TB 102 43.51 -3.16 -39.55
N GLY TB 103 43.71 -1.87 -39.82
CA GLY TB 103 42.62 -1.02 -40.26
C GLY TB 103 42.32 -1.13 -41.74
N PHE TB 104 41.31 -0.36 -42.17
CA PHE TB 104 40.88 -0.32 -43.56
C PHE TB 104 41.48 0.83 -44.34
N GLY TB 105 42.20 1.75 -43.69
CA GLY TB 105 42.74 2.92 -44.34
C GLY TB 105 41.93 4.19 -44.13
N ARG TB 106 40.85 4.11 -43.34
CA ARG TB 106 39.97 5.24 -43.10
C ARG TB 106 40.23 5.93 -41.76
N LYS TB 107 41.35 5.62 -41.11
CA LYS TB 107 41.71 6.16 -39.80
C LYS TB 107 40.62 5.90 -38.77
N GLY TB 108 40.08 4.68 -38.78
CA GLY TB 108 39.03 4.31 -37.87
C GLY TB 108 37.66 4.82 -38.29
N HIS TB 109 37.18 4.37 -39.45
CA HIS TB 109 35.86 4.74 -39.93
C HIS TB 109 35.22 3.52 -40.59
N ALA TB 110 33.95 3.67 -40.96
CA ALA TB 110 33.22 2.58 -41.59
C ALA TB 110 33.43 2.62 -43.10
N VAL TB 111 33.55 1.45 -43.72
CA VAL TB 111 33.79 1.30 -45.14
C VAL TB 111 32.62 0.54 -45.75
N GLY TB 112 31.96 1.15 -46.72
CA GLY TB 112 30.95 0.47 -47.50
C GLY TB 112 29.67 0.12 -46.77
N ASP TB 113 29.35 -1.17 -46.71
CA ASP TB 113 28.09 -1.66 -46.17
C ASP TB 113 28.20 -2.14 -44.74
N ILE TB 114 29.34 -1.92 -44.09
CA ILE TB 114 29.66 -2.54 -42.81
C ILE TB 114 29.78 -1.44 -41.76
N PRO TB 115 28.74 -1.24 -40.94
CA PRO TB 115 28.83 -0.24 -39.87
C PRO TB 115 29.48 -0.80 -38.62
N GLY TB 116 30.24 0.05 -37.94
CA GLY TB 116 30.78 -0.28 -36.63
C GLY TB 116 32.04 -1.12 -36.62
N VAL TB 117 32.51 -1.57 -37.78
CA VAL TB 117 33.73 -2.37 -37.85
C VAL TB 117 34.85 -1.46 -38.35
N ARG TB 118 35.81 -1.17 -37.47
CA ARG TB 118 36.90 -0.26 -37.79
C ARG TB 118 38.10 -0.95 -38.43
N PHE TB 119 38.33 -2.21 -38.09
CA PHE TB 119 39.57 -2.92 -38.40
C PHE TB 119 39.24 -4.21 -39.16
N LYS TB 120 40.27 -4.84 -39.71
CA LYS TB 120 40.08 -6.05 -40.51
C LYS TB 120 41.12 -7.10 -40.15
N VAL TB 121 40.79 -8.36 -40.45
CA VAL TB 121 41.68 -9.48 -40.21
C VAL TB 121 42.71 -9.53 -41.34
N VAL TB 122 43.97 -9.81 -40.98
CA VAL TB 122 45.07 -9.86 -41.95
C VAL TB 122 45.72 -11.23 -41.98
N LYS TB 123 46.18 -11.72 -40.82
CA LYS TB 123 47.02 -12.91 -40.75
C LYS TB 123 46.60 -13.75 -39.55
N VAL TB 124 46.23 -15.00 -39.79
CA VAL TB 124 45.84 -15.94 -38.75
C VAL TB 124 46.90 -17.03 -38.65
N ALA TB 125 47.31 -17.33 -37.40
CA ALA TB 125 48.31 -18.37 -37.10
C ALA TB 125 49.61 -18.14 -37.86
N ASN TB 126 50.01 -16.86 -37.94
CA ASN TB 126 51.21 -16.42 -38.67
C ASN TB 126 51.16 -16.81 -40.14
N VAL TB 127 49.95 -16.97 -40.68
CA VAL TB 127 49.73 -17.23 -42.10
C VAL TB 127 48.71 -16.23 -42.60
N SER TB 128 49.08 -15.47 -43.63
CA SER TB 128 48.21 -14.42 -44.15
C SER TB 128 46.97 -15.00 -44.80
N LEU TB 129 45.85 -14.28 -44.68
CA LEU TB 129 44.61 -14.69 -45.32
C LEU TB 129 44.68 -14.58 -46.83
N LEU TB 130 45.51 -13.67 -47.35
CA LEU TB 130 45.61 -13.53 -48.80
C LEU TB 130 46.30 -14.73 -49.44
N ALA TB 131 47.31 -15.30 -48.78
CA ALA TB 131 47.93 -16.52 -49.30
C ALA TB 131 47.00 -17.72 -49.16
N LEU TB 132 46.18 -17.75 -48.10
CA LEU TB 132 45.20 -18.82 -47.95
C LEU TB 132 44.06 -18.69 -48.95
N TYR TB 133 43.79 -17.47 -49.41
CA TYR TB 133 42.73 -17.26 -50.39
C TYR TB 133 43.09 -17.83 -51.76
N LYS TB 134 44.37 -17.87 -52.11
CA LYS TB 134 44.82 -18.41 -53.39
C LYS TB 134 45.36 -19.83 -53.28
N GLY TB 135 45.94 -20.20 -52.14
CA GLY TB 135 46.44 -21.54 -51.96
C GLY TB 135 47.95 -21.64 -51.98
N LYS TB 136 48.63 -20.52 -51.69
CA LYS TB 136 50.09 -20.53 -51.64
C LYS TB 136 50.60 -21.39 -50.49
N LYS TB 137 49.98 -21.28 -49.31
CA LYS TB 137 50.39 -22.06 -48.16
C LYS TB 137 49.22 -22.82 -47.55
N GLU TB 138 49.43 -23.41 -46.38
CA GLU TB 138 48.44 -24.23 -45.71
C GLU TB 138 48.23 -23.73 -44.29
N ARG TB 139 46.96 -23.70 -43.86
CA ARG TB 139 46.64 -23.34 -42.49
C ARG TB 139 47.12 -24.42 -41.53
N PRO TB 140 47.94 -24.09 -40.54
CA PRO TB 140 48.34 -25.10 -39.55
C PRO TB 140 47.20 -25.42 -38.59
N ARG TB 141 47.16 -26.67 -38.15
CA ARG TB 141 46.16 -27.11 -37.18
C ARG TB 141 46.79 -27.37 -35.81
N THR UB 1 105.06 -10.38 -71.12
CA THR UB 1 104.04 -9.35 -71.31
C THR UB 1 103.66 -8.70 -69.98
N VAL UB 2 104.12 -9.29 -68.88
CA VAL UB 2 103.86 -8.77 -67.54
C VAL UB 2 104.89 -7.68 -67.27
N THR UB 3 104.47 -6.43 -67.33
CA THR UB 3 105.35 -5.28 -67.13
C THR UB 3 104.92 -4.51 -65.90
N ILE UB 4 105.89 -4.04 -65.12
CA ILE UB 4 105.63 -3.19 -63.96
C ILE UB 4 106.10 -1.77 -64.26
N ARG UB 5 105.21 -0.80 -64.08
CA ARG UB 5 105.56 0.61 -64.09
C ARG UB 5 105.44 1.14 -62.66
N THR UB 6 106.54 1.67 -62.14
CA THR UB 6 106.57 2.12 -60.75
C THR UB 6 105.88 3.48 -60.62
N ARG UB 7 105.18 3.67 -59.51
CA ARG UB 7 104.49 4.92 -59.23
C ARG UB 7 104.72 5.31 -57.77
N LYS UB 8 104.90 6.62 -57.55
CA LYS UB 8 105.10 7.19 -56.21
C LYS UB 8 106.31 6.57 -55.51
N PHE UB 9 107.46 6.62 -56.16
CA PHE UB 9 108.68 6.07 -55.59
C PHE UB 9 109.19 7.01 -54.49
N MET UB 10 108.71 6.82 -53.27
CA MET UB 10 109.05 7.67 -52.14
C MET UB 10 110.12 7.03 -51.28
N THR UB 11 111.02 7.86 -50.77
CA THR UB 11 112.14 7.41 -49.96
C THR UB 11 111.99 7.94 -48.54
N ASN UB 12 112.04 7.04 -47.56
CA ASN UB 12 112.11 7.39 -46.14
C ASN UB 12 113.46 6.88 -45.65
N ARG UB 13 114.49 7.73 -45.80
CA ARG UB 13 115.84 7.32 -45.45
C ARG UB 13 116.03 7.22 -43.95
N LEU UB 14 115.16 7.88 -43.17
CA LEU UB 14 115.17 7.71 -41.73
C LEU UB 14 114.73 6.30 -41.34
N LEU UB 15 113.79 5.73 -42.09
CA LEU UB 15 113.20 4.44 -41.78
C LEU UB 15 113.97 3.29 -42.40
N GLN UB 16 115.04 3.58 -43.13
CA GLN UB 16 115.83 2.59 -43.87
C GLN UB 16 114.94 1.78 -44.82
N ARG UB 17 114.15 2.49 -45.61
CA ARG UB 17 113.18 1.84 -46.49
C ARG UB 17 113.07 2.58 -47.81
N LYS UB 18 112.67 1.82 -48.83
CA LYS UB 18 112.25 2.35 -50.12
C LYS UB 18 110.86 1.78 -50.41
N GLN UB 19 109.90 2.65 -50.73
CA GLN UB 19 108.56 2.21 -51.04
C GLN UB 19 108.08 2.84 -52.33
N MET UB 20 107.16 2.13 -53.00
CA MET UB 20 106.56 2.62 -54.23
C MET UB 20 105.21 1.94 -54.39
N VAL UB 21 104.37 2.51 -55.24
CA VAL UB 21 103.08 1.92 -55.57
C VAL UB 21 103.24 1.16 -56.88
N ILE UB 22 103.12 -0.15 -56.81
CA ILE UB 22 103.40 -1.02 -57.95
C ILE UB 22 102.16 -1.13 -58.82
N ASP UB 23 102.34 -0.86 -60.12
CA ASP UB 23 101.27 -0.96 -61.12
C ASP UB 23 101.68 -2.03 -62.12
N VAL UB 24 101.08 -3.21 -62.02
CA VAL UB 24 101.40 -4.34 -62.87
C VAL UB 24 100.39 -4.39 -64.01
N LEU UB 25 100.89 -4.45 -65.24
CA LEU UB 25 100.05 -4.60 -66.42
C LEU UB 25 100.34 -5.97 -67.02
N HIS UB 26 99.39 -6.89 -66.87
CA HIS UB 26 99.52 -8.26 -67.38
C HIS UB 26 98.30 -8.60 -68.22
N PRO UB 27 98.23 -8.13 -69.46
CA PRO UB 27 97.11 -8.49 -70.33
C PRO UB 27 97.10 -9.97 -70.67
N GLY UB 28 95.89 -10.51 -70.81
CA GLY UB 28 95.74 -11.88 -71.27
C GLY UB 28 96.04 -12.96 -70.25
N LYS UB 29 95.99 -12.63 -68.97
CA LYS UB 29 96.22 -13.62 -67.92
C LYS UB 29 95.50 -13.17 -66.65
N ALA UB 30 95.69 -13.93 -65.57
CA ALA UB 30 95.09 -13.60 -64.29
C ALA UB 30 95.99 -12.63 -63.53
N THR UB 31 95.59 -12.28 -62.31
CA THR UB 31 96.44 -11.46 -61.45
C THR UB 31 97.69 -12.22 -61.06
N VAL UB 32 98.83 -11.56 -61.16
CA VAL UB 32 100.12 -12.19 -60.88
C VAL UB 32 100.27 -12.45 -59.39
N PRO UB 33 100.89 -13.56 -58.98
CA PRO UB 33 101.11 -13.83 -57.56
C PRO UB 33 102.22 -12.98 -56.97
N LYS UB 34 102.06 -12.68 -55.67
CA LYS UB 34 103.05 -11.87 -54.97
C LYS UB 34 104.37 -12.60 -54.80
N THR UB 35 104.37 -13.94 -54.85
CA THR UB 35 105.62 -14.69 -54.75
C THR UB 35 106.52 -14.43 -55.95
N GLU UB 36 105.94 -14.30 -57.15
CA GLU UB 36 106.70 -13.96 -58.34
C GLU UB 36 106.99 -12.47 -58.44
N ILE UB 37 106.28 -11.63 -57.68
CA ILE UB 37 106.55 -10.19 -57.70
C ILE UB 37 107.89 -9.90 -57.04
N ARG UB 38 108.15 -10.54 -55.89
CA ARG UB 38 109.38 -10.26 -55.14
C ARG UB 38 110.63 -10.64 -55.93
N GLU UB 39 110.58 -11.77 -56.64
CA GLU UB 39 111.76 -12.24 -57.37
C GLU UB 39 112.12 -11.33 -58.54
N LYS UB 40 111.12 -10.80 -59.23
CA LYS UB 40 111.41 -9.98 -60.41
C LYS UB 40 111.71 -8.53 -60.03
N LEU UB 41 111.28 -8.09 -58.85
CA LEU UB 41 111.72 -6.80 -58.34
C LEU UB 41 113.16 -6.86 -57.84
N ALA UB 42 113.66 -8.05 -57.50
CA ALA UB 42 115.02 -8.18 -57.01
C ALA UB 42 116.05 -7.97 -58.12
N LYS UB 43 115.63 -8.12 -59.38
CA LYS UB 43 116.55 -7.96 -60.50
C LYS UB 43 116.53 -6.56 -61.12
N MET UB 44 115.45 -5.81 -60.94
CA MET UB 44 115.40 -4.47 -61.54
C MET UB 44 115.95 -3.40 -60.61
N TYR UB 45 116.08 -3.70 -59.31
CA TYR UB 45 116.91 -2.90 -58.41
C TYR UB 45 118.24 -3.56 -58.11
N LYS UB 46 118.45 -4.80 -58.56
CA LYS UB 46 119.67 -5.57 -58.30
C LYS UB 46 119.96 -5.66 -56.80
N THR UB 47 118.91 -5.91 -56.02
CA THR UB 47 119.00 -6.03 -54.57
C THR UB 47 118.53 -7.43 -54.16
N THR UB 48 118.61 -7.71 -52.86
CA THR UB 48 118.23 -8.99 -52.32
C THR UB 48 116.71 -9.13 -52.30
N PRO UB 49 116.19 -10.35 -52.54
CA PRO UB 49 114.73 -10.55 -52.48
C PRO UB 49 114.17 -10.65 -51.07
N ASP UB 50 115.02 -10.79 -50.05
CA ASP UB 50 114.53 -10.96 -48.69
C ASP UB 50 113.95 -9.67 -48.11
N VAL UB 51 114.40 -8.51 -48.60
CA VAL UB 51 113.87 -7.23 -48.10
C VAL UB 51 112.65 -6.77 -48.88
N ILE UB 52 112.07 -7.63 -49.72
CA ILE UB 52 110.96 -7.25 -50.58
C ILE UB 52 109.69 -7.85 -50.01
N PHE UB 53 108.80 -6.99 -49.53
CA PHE UB 53 107.46 -7.40 -49.06
C PHE UB 53 106.43 -6.58 -49.81
N VAL UB 54 105.63 -7.25 -50.64
CA VAL UB 54 104.67 -6.60 -51.51
C VAL UB 54 103.27 -7.03 -51.09
N PHE UB 55 102.37 -6.06 -50.95
CA PHE UB 55 101.00 -6.30 -50.50
C PHE UB 55 100.05 -5.32 -51.19
N GLY UB 56 98.77 -5.50 -50.92
CA GLY UB 56 97.75 -4.56 -51.34
C GLY UB 56 97.49 -4.43 -52.82
N PHE UB 57 97.42 -5.54 -53.55
CA PHE UB 57 97.04 -5.52 -54.95
C PHE UB 57 95.53 -5.39 -55.07
N ARG UB 58 95.05 -4.27 -55.59
CA ARG UB 58 93.65 -4.09 -55.90
C ARG UB 58 93.48 -4.16 -57.42
N THR UB 59 93.00 -5.30 -57.90
CA THR UB 59 92.91 -5.54 -59.33
C THR UB 59 91.81 -4.67 -59.95
N HIS UB 60 92.17 -3.96 -61.02
CA HIS UB 60 91.18 -3.17 -61.75
C HIS UB 60 90.27 -4.09 -62.56
N PHE UB 61 89.15 -3.53 -63.00
CA PHE UB 61 88.17 -4.30 -63.76
C PHE UB 61 88.71 -4.56 -65.17
N GLY UB 62 88.91 -5.84 -65.50
CA GLY UB 62 89.43 -6.21 -66.80
C GLY UB 62 90.58 -7.19 -66.74
N GLY UB 63 91.43 -7.06 -65.72
CA GLY UB 63 92.56 -7.95 -65.55
C GLY UB 63 93.78 -7.55 -66.35
N GLY UB 64 93.94 -6.25 -66.58
CA GLY UB 64 95.09 -5.74 -67.28
C GLY UB 64 95.83 -4.68 -66.48
N LYS UB 65 95.42 -4.49 -65.23
CA LYS UB 65 96.01 -3.47 -64.38
C LYS UB 65 95.74 -3.83 -62.92
N THR UB 66 96.79 -3.99 -62.14
CA THR UB 66 96.68 -4.21 -60.70
C THR UB 66 97.54 -3.18 -59.98
N THR UB 67 96.97 -2.53 -58.98
CA THR UB 67 97.66 -1.49 -58.21
C THR UB 67 98.05 -2.07 -56.85
N GLY UB 68 99.36 -2.22 -56.63
CA GLY UB 68 99.87 -2.76 -55.39
C GLY UB 68 100.91 -1.85 -54.77
N PHE UB 69 101.35 -2.22 -53.57
CA PHE UB 69 102.35 -1.47 -52.83
C PHE UB 69 103.56 -2.35 -52.58
N GLY UB 70 104.76 -1.82 -52.84
CA GLY UB 70 105.98 -2.53 -52.62
C GLY UB 70 106.82 -1.84 -51.57
N MET UB 71 107.76 -2.61 -51.00
CA MET UB 71 108.50 -2.15 -49.83
C MET UB 71 109.91 -2.73 -49.86
N ILE UB 72 110.92 -1.86 -49.87
CA ILE UB 72 112.30 -2.25 -50.08
C ILE UB 72 113.12 -1.73 -48.89
N TYR UB 73 113.71 -2.64 -48.12
CA TYR UB 73 114.63 -2.24 -47.08
C TYR UB 73 116.07 -2.33 -47.58
N ASP UB 74 117.02 -2.01 -46.69
CA ASP UB 74 118.44 -2.12 -46.93
C ASP UB 74 119.04 -3.34 -46.23
N SER UB 75 118.64 -3.60 -44.99
CA SER UB 75 119.12 -4.74 -44.23
C SER UB 75 117.95 -5.45 -43.55
N LEU UB 76 118.15 -6.75 -43.28
CA LEU UB 76 117.12 -7.55 -42.65
C LEU UB 76 116.98 -7.26 -41.16
N ASP UB 77 117.98 -6.64 -40.53
CA ASP UB 77 117.84 -6.23 -39.14
C ASP UB 77 116.82 -5.11 -39.00
N TYR UB 78 116.71 -4.24 -39.99
CA TYR UB 78 115.69 -3.19 -40.00
C TYR UB 78 114.33 -3.71 -40.44
N ALA UB 79 114.28 -4.91 -41.03
CA ALA UB 79 112.98 -5.51 -41.37
C ALA UB 79 112.24 -5.94 -40.11
N LYS UB 80 112.97 -6.42 -39.11
CA LYS UB 80 112.40 -6.77 -37.81
C LYS UB 80 112.31 -5.59 -36.87
N LYS UB 81 112.91 -4.44 -37.22
CA LYS UB 81 112.92 -3.28 -36.34
C LYS UB 81 111.62 -2.50 -36.43
N ASN UB 82 111.28 -2.03 -37.62
CA ASN UB 82 110.09 -1.18 -37.83
C ASN UB 82 109.22 -1.76 -38.95
N GLU UB 83 108.36 -2.71 -38.56
CA GLU UB 83 107.44 -3.37 -39.46
C GLU UB 83 106.48 -4.21 -38.62
N PRO UB 84 105.17 -4.14 -38.87
CA PRO UB 84 104.25 -5.06 -38.18
C PRO UB 84 104.56 -6.51 -38.50
N LYS UB 85 104.39 -7.37 -37.50
CA LYS UB 85 104.84 -8.76 -37.60
C LYS UB 85 103.98 -9.61 -38.51
N HIS UB 86 102.77 -9.16 -38.87
CA HIS UB 86 101.91 -9.99 -39.71
C HIS UB 86 102.40 -10.03 -41.17
N ARG UB 87 102.91 -8.91 -41.68
CA ARG UB 87 103.47 -8.91 -43.03
C ARG UB 87 104.75 -9.75 -43.10
N LEU UB 88 105.49 -9.81 -41.99
CA LEU UB 88 106.61 -10.74 -41.89
C LEU UB 88 106.13 -12.18 -41.86
N ALA UB 89 104.94 -12.42 -41.32
CA ALA UB 89 104.36 -13.77 -41.27
C ALA UB 89 103.74 -14.20 -42.59
N ARG UB 90 103.64 -13.30 -43.57
CA ARG UB 90 103.10 -13.67 -44.87
C ARG UB 90 104.02 -14.65 -45.59
N HIS UB 91 105.32 -14.60 -45.32
CA HIS UB 91 106.30 -15.47 -45.95
C HIS UB 91 106.91 -16.50 -45.01
N GLY UB 92 106.99 -16.21 -43.72
CA GLY UB 92 107.39 -17.18 -42.72
C GLY UB 92 108.67 -16.91 -41.96
N LEU UB 93 109.13 -15.65 -41.88
CA LEU UB 93 110.31 -15.34 -41.08
C LEU UB 93 109.97 -15.05 -39.63
N TYR UB 94 108.69 -14.93 -39.29
CA TYR UB 94 108.24 -14.77 -37.92
C TYR UB 94 106.84 -15.39 -37.80
N GLU UB 95 106.61 -16.10 -36.70
CA GLU UB 95 105.35 -16.79 -36.47
C GLU UB 95 104.73 -16.32 -35.17
N LYS UB 96 103.40 -16.21 -35.17
CA LYS UB 96 102.67 -15.80 -33.99
C LYS UB 96 102.48 -16.98 -33.04
N LYS UB 97 101.96 -16.70 -31.85
CA LYS UB 97 101.73 -17.71 -30.84
C LYS UB 97 100.47 -18.52 -31.18
N LYS UB 98 100.32 -19.66 -30.52
CA LYS UB 98 99.19 -20.54 -30.72
C LYS UB 98 98.05 -20.30 -29.75
N THR UB 99 98.22 -19.38 -28.80
CA THR UB 99 97.18 -19.08 -27.83
C THR UB 99 96.15 -18.15 -28.47
N SER UB 100 94.90 -18.60 -28.53
CA SER UB 100 93.82 -17.80 -29.11
C SER UB 100 93.46 -16.65 -28.17
N ARG UB 101 92.70 -15.70 -28.70
CA ARG UB 101 92.33 -14.51 -27.93
C ARG UB 101 91.36 -14.85 -26.80
N LYS UB 102 90.33 -15.63 -27.09
CA LYS UB 102 89.34 -15.95 -26.06
C LYS UB 102 89.92 -16.81 -24.95
N GLN UB 103 90.73 -17.82 -25.29
CA GLN UB 103 91.37 -18.63 -24.26
C GLN UB 103 92.39 -17.81 -23.46
N ARG UB 104 92.98 -16.79 -24.07
CA ARG UB 104 93.85 -15.89 -23.33
C ARG UB 104 93.06 -15.00 -22.38
N LYS UB 105 91.77 -14.77 -22.68
CA LYS UB 105 90.97 -13.88 -21.84
C LYS UB 105 90.68 -14.49 -20.48
N GLU UB 106 90.26 -15.76 -20.42
CA GLU UB 106 90.06 -16.40 -19.12
C GLU UB 106 91.40 -16.72 -18.46
N ARG UB 107 92.46 -16.86 -19.26
CA ARG UB 107 93.81 -16.94 -18.74
C ARG UB 107 94.15 -15.71 -17.91
N LYS UB 108 93.66 -14.54 -18.31
CA LYS UB 108 93.79 -13.34 -17.50
C LYS UB 108 92.80 -13.31 -16.34
N ASN UB 109 91.75 -14.12 -16.40
CA ASN UB 109 90.65 -13.98 -15.44
C ASN UB 109 90.80 -14.82 -14.18
N ARG UB 110 91.20 -16.10 -14.25
CA ARG UB 110 91.54 -16.75 -13.00
C ARG UB 110 92.99 -16.48 -12.61
N MET UB 111 93.71 -15.72 -13.41
CA MET UB 111 94.96 -15.10 -12.97
C MET UB 111 94.70 -14.17 -11.79
N LYS UB 112 93.55 -13.48 -11.79
CA LYS UB 112 93.21 -12.55 -10.71
C LYS UB 112 92.67 -13.26 -9.48
N LYS UB 113 91.94 -14.37 -9.67
CA LYS UB 113 91.26 -15.02 -8.55
C LYS UB 113 92.25 -15.62 -7.55
N VAL UB 114 93.29 -16.28 -8.06
CA VAL UB 114 94.28 -16.92 -7.20
C VAL UB 114 95.35 -15.88 -6.84
N ARG UB 115 95.86 -15.97 -5.62
CA ARG UB 115 96.85 -15.03 -5.11
C ARG UB 115 98.06 -15.78 -4.58
N GLY UB 116 99.25 -15.32 -4.98
CA GLY UB 116 100.50 -15.88 -4.52
C GLY UB 116 101.41 -16.21 -5.69
N THR UB 117 102.42 -17.04 -5.42
CA THR UB 117 103.30 -17.52 -6.48
C THR UB 117 102.61 -18.59 -7.33
N ALA UB 118 101.65 -19.30 -6.76
CA ALA UB 118 100.96 -20.42 -7.39
C ALA UB 118 100.02 -19.99 -8.53
N LYS UB 119 100.02 -18.73 -8.96
CA LYS UB 119 99.20 -18.32 -10.09
C LYS UB 119 99.65 -19.00 -11.37
N ALA UB 120 100.95 -19.31 -11.49
CA ALA UB 120 101.45 -20.03 -12.66
C ALA UB 120 100.97 -21.48 -12.71
N ASN UB 121 100.72 -22.09 -11.54
CA ASN UB 121 100.15 -23.43 -11.53
C ASN UB 121 98.72 -23.43 -12.04
N VAL UB 122 97.94 -22.41 -11.65
CA VAL UB 122 96.56 -22.30 -12.12
C VAL UB 122 96.49 -21.92 -13.60
N GLY UB 123 97.36 -21.03 -14.07
CA GLY UB 123 97.36 -20.63 -15.46
C GLY UB 123 97.99 -21.68 -16.37
N ALA UB 124 97.18 -22.26 -17.24
CA ALA UB 124 97.59 -23.32 -18.18
C ALA UB 124 98.26 -24.50 -17.46
N ARG VB 1 -54.86 -3.17 -49.95
CA ARG VB 1 -55.64 -2.27 -49.11
C ARG VB 1 -57.05 -2.07 -49.65
N ASP VB 2 -57.13 -1.61 -50.90
CA ASP VB 2 -58.40 -1.34 -51.56
C ASP VB 2 -58.55 -2.20 -52.80
N LYS VB 3 -59.78 -2.66 -53.04
CA LYS VB 3 -60.10 -3.47 -54.20
C LYS VB 3 -61.34 -2.93 -54.86
N LEU VB 4 -61.30 -2.78 -56.19
CA LEU VB 4 -62.43 -2.27 -56.95
C LEU VB 4 -63.43 -3.40 -57.16
N ASN VB 5 -64.43 -3.48 -56.26
CA ASN VB 5 -65.46 -4.51 -56.34
C ASN VB 5 -66.60 -4.00 -57.22
N ASN VB 6 -66.32 -3.92 -58.51
CA ASN VB 6 -67.28 -3.40 -59.46
C ASN VB 6 -68.29 -4.47 -59.86
N LEU VB 7 -69.45 -4.01 -60.34
CA LEU VB 7 -70.50 -4.92 -60.78
C LEU VB 7 -70.25 -5.40 -62.21
N VAL VB 8 -70.87 -6.53 -62.53
CA VAL VB 8 -70.78 -7.11 -63.87
C VAL VB 8 -72.08 -6.88 -64.65
N LEU VB 9 -73.22 -6.96 -63.98
CA LEU VB 9 -74.49 -6.58 -64.57
C LEU VB 9 -75.14 -5.54 -63.66
N PHE VB 10 -76.34 -5.11 -64.01
CA PHE VB 10 -77.01 -4.03 -63.30
C PHE VB 10 -78.13 -4.58 -62.41
N ASP VB 11 -78.12 -4.17 -61.14
CA ASP VB 11 -79.21 -4.51 -60.24
C ASP VB 11 -80.42 -3.62 -60.51
N LYS VB 12 -81.55 -3.97 -59.89
CA LYS VB 12 -82.77 -3.18 -60.06
C LYS VB 12 -82.65 -1.81 -59.41
N ALA VB 13 -81.96 -1.73 -58.29
CA ALA VB 13 -81.75 -0.44 -57.62
C ALA VB 13 -80.75 0.44 -58.35
N THR VB 14 -79.91 -0.13 -59.22
CA THR VB 14 -78.95 0.65 -59.99
C THR VB 14 -79.41 0.91 -61.43
N TYR VB 15 -80.30 0.07 -61.96
CA TYR VB 15 -80.79 0.29 -63.32
C TYR VB 15 -81.69 1.51 -63.41
N ASP VB 16 -82.48 1.77 -62.36
CA ASP VB 16 -83.31 2.98 -62.33
C ASP VB 16 -82.47 4.23 -62.15
N LYS VB 17 -81.27 4.11 -61.57
CA LYS VB 17 -80.37 5.25 -61.51
C LYS VB 17 -79.77 5.55 -62.88
N LEU VB 18 -79.70 4.55 -63.76
CA LEU VB 18 -79.32 4.78 -65.14
C LEU VB 18 -80.40 5.51 -65.92
N CYS VB 19 -81.67 5.27 -65.59
CA CYS VB 19 -82.77 5.87 -66.32
C CYS VB 19 -83.19 7.23 -65.78
N LYS VB 20 -82.68 7.65 -64.62
CA LYS VB 20 -83.07 8.92 -64.02
C LYS VB 20 -81.90 9.88 -63.83
N GLU VB 21 -80.79 9.42 -63.24
CA GLU VB 21 -79.70 10.32 -62.88
C GLU VB 21 -78.70 10.53 -64.02
N VAL VB 22 -78.47 9.52 -64.85
CA VAL VB 22 -77.67 9.69 -66.06
C VAL VB 22 -78.35 10.68 -67.01
N PRO VB 23 -79.69 10.67 -67.20
CA PRO VB 23 -80.32 11.79 -67.90
C PRO VB 23 -80.10 13.14 -67.23
N ASN VB 24 -79.86 13.18 -65.92
CA ASN VB 24 -79.49 14.41 -65.26
C ASN VB 24 -77.99 14.67 -65.26
N TYR VB 25 -77.19 13.70 -65.72
CA TYR VB 25 -75.75 13.90 -65.82
C TYR VB 25 -75.41 14.65 -67.10
N LYS VB 26 -74.57 15.68 -66.98
CA LYS VB 26 -74.15 16.46 -68.14
C LYS VB 26 -73.09 15.74 -68.96
N LEU VB 27 -72.23 14.95 -68.31
CA LEU VB 27 -71.07 14.33 -68.95
C LEU VB 27 -71.30 12.82 -68.99
N ILE VB 28 -71.26 12.26 -70.19
CA ILE VB 28 -71.55 10.83 -70.40
C ILE VB 28 -70.28 10.20 -70.95
N THR VB 29 -69.54 9.51 -70.09
CA THR VB 29 -68.37 8.74 -70.47
C THR VB 29 -68.39 7.42 -69.71
N PRO VB 30 -67.78 6.37 -70.28
CA PRO VB 30 -67.70 5.09 -69.55
C PRO VB 30 -66.75 5.09 -68.36
N ALA VB 31 -66.07 6.20 -68.08
CA ALA VB 31 -65.19 6.30 -66.92
C ALA VB 31 -65.83 7.04 -65.75
N VAL VB 32 -66.51 8.16 -66.01
CA VAL VB 32 -67.20 8.88 -64.95
C VAL VB 32 -68.42 8.09 -64.47
N VAL VB 33 -69.15 7.49 -65.41
CA VAL VB 33 -70.32 6.68 -65.03
C VAL VB 33 -69.88 5.46 -64.23
N SER VB 34 -68.77 4.82 -64.62
CA SER VB 34 -68.29 3.67 -63.87
C SER VB 34 -67.77 4.08 -62.49
N GLU VB 35 -67.23 5.30 -62.36
CA GLU VB 35 -66.74 5.76 -61.07
C GLU VB 35 -67.89 6.06 -60.12
N ARG VB 36 -68.95 6.70 -60.62
CA ARG VB 36 -70.07 7.11 -59.80
C ARG VB 36 -71.07 5.99 -59.52
N LEU VB 37 -70.93 4.84 -60.19
CA LEU VB 37 -71.82 3.70 -59.97
C LEU VB 37 -71.09 2.46 -59.48
N LYS VB 38 -69.76 2.47 -59.44
CA LYS VB 38 -68.94 1.33 -59.06
C LYS VB 38 -69.26 0.10 -59.91
N ILE VB 39 -69.15 0.30 -61.23
CA ILE VB 39 -69.35 -0.75 -62.22
C ILE VB 39 -68.11 -0.82 -63.11
N ARG VB 40 -68.08 -1.85 -63.94
CA ARG VB 40 -66.98 -1.99 -64.89
C ARG VB 40 -67.02 -0.90 -65.94
N GLY VB 41 -65.85 -0.48 -66.41
CA GLY VB 41 -65.79 0.47 -67.51
C GLY VB 41 -66.36 -0.11 -68.79
N SER VB 42 -66.15 -1.41 -69.01
CA SER VB 42 -66.75 -2.07 -70.17
C SER VB 42 -68.25 -2.24 -70.01
N LEU VB 43 -68.74 -2.36 -68.77
CA LEU VB 43 -70.17 -2.42 -68.53
C LEU VB 43 -70.85 -1.12 -68.91
N ALA VB 44 -70.22 0.02 -68.60
CA ALA VB 44 -70.79 1.30 -68.97
C ALA VB 44 -70.85 1.48 -70.48
N ARG VB 45 -69.87 0.92 -71.20
CA ARG VB 45 -69.93 0.94 -72.66
C ARG VB 45 -71.12 0.13 -73.18
N ALA VB 46 -71.39 -1.03 -72.56
CA ALA VB 46 -72.56 -1.81 -72.94
C ALA VB 46 -73.86 -1.12 -72.54
N ALA VB 47 -73.84 -0.30 -71.48
CA ALA VB 47 -75.02 0.48 -71.14
C ALA VB 47 -75.27 1.58 -72.15
N LEU VB 48 -74.20 2.12 -72.75
CA LEU VB 48 -74.36 3.11 -73.82
C LEU VB 48 -74.91 2.49 -75.09
N GLN VB 49 -74.66 1.20 -75.33
CA GLN VB 49 -75.18 0.53 -76.51
C GLN VB 49 -76.71 0.44 -76.46
N GLU VB 50 -77.27 0.20 -75.29
CA GLU VB 50 -78.72 0.13 -75.13
C GLU VB 50 -79.36 1.51 -75.14
N LEU VB 51 -78.65 2.54 -74.66
CA LEU VB 51 -79.20 3.88 -74.64
C LEU VB 51 -79.25 4.52 -76.03
N LEU VB 52 -78.27 4.24 -76.89
CA LEU VB 52 -78.36 4.71 -78.26
C LEU VB 52 -79.45 3.98 -79.04
N SER VB 53 -79.70 2.71 -78.69
CA SER VB 53 -80.87 2.02 -79.21
C SER VB 53 -82.16 2.63 -78.68
N LYS VB 54 -82.14 3.11 -77.43
CA LYS VB 54 -83.28 3.83 -76.88
C LYS VB 54 -83.46 5.19 -77.53
N GLY VB 55 -82.40 5.76 -78.11
CA GLY VB 55 -82.51 7.03 -78.79
C GLY VB 55 -82.58 8.25 -77.89
N LEU VB 56 -81.98 8.17 -76.70
CA LEU VB 56 -82.02 9.29 -75.76
C LEU VB 56 -80.72 10.08 -75.73
N ILE VB 57 -79.58 9.45 -75.96
CA ILE VB 57 -78.29 10.12 -75.92
C ILE VB 57 -77.75 10.29 -77.34
N LYS VB 58 -76.94 11.32 -77.53
CA LYS VB 58 -76.34 11.65 -78.82
C LYS VB 58 -74.82 11.56 -78.70
N LEU VB 59 -74.18 11.01 -79.73
CA LEU VB 59 -72.74 10.88 -79.74
C LEU VB 59 -72.08 12.16 -80.27
N VAL VB 60 -70.88 12.44 -79.77
CA VAL VB 60 -70.10 13.61 -80.18
C VAL VB 60 -68.90 13.19 -81.03
N SER VB 61 -67.99 12.41 -80.46
CA SER VB 61 -66.81 11.95 -81.19
C SER VB 61 -66.39 10.60 -80.63
N LYS VB 62 -66.55 9.55 -81.43
CA LYS VB 62 -66.24 8.20 -81.00
C LYS VB 62 -64.77 7.88 -81.20
N HIS VB 63 -64.21 7.13 -80.26
CA HIS VB 63 -62.87 6.59 -80.39
C HIS VB 63 -62.81 5.28 -79.59
N ARG VB 64 -61.87 4.41 -79.99
CA ARG VB 64 -61.78 3.09 -79.38
C ARG VB 64 -61.36 3.15 -77.92
N ALA VB 65 -60.51 4.11 -77.54
CA ALA VB 65 -60.10 4.26 -76.15
C ALA VB 65 -61.18 4.90 -75.29
N GLN VB 66 -61.96 5.81 -75.86
CA GLN VB 66 -63.02 6.49 -75.12
C GLN VB 66 -64.13 6.90 -76.09
N VAL VB 67 -65.35 6.52 -75.77
CA VAL VB 67 -66.53 6.97 -76.50
C VAL VB 67 -67.12 8.17 -75.77
N ILE VB 68 -67.60 9.14 -76.54
CA ILE VB 68 -68.10 10.40 -76.01
C ILE VB 68 -69.56 10.55 -76.40
N TYR VB 69 -70.42 10.82 -75.42
CA TYR VB 69 -71.85 11.02 -75.64
C TYR VB 69 -72.30 12.27 -74.91
N THR VB 70 -73.38 12.87 -75.41
CA THR VB 70 -73.90 14.12 -74.84
C THR VB 70 -75.38 13.95 -74.56
N ARG VB 71 -75.98 15.00 -74.00
CA ARG VB 71 -77.39 15.03 -73.63
C ARG VB 71 -78.26 15.32 -74.86
N ASN VB 72 -79.57 15.23 -74.68
CA ASN VB 72 -80.51 15.69 -75.69
C ASN VB 72 -80.56 17.21 -75.70
N THR VB 73 -81.17 17.77 -76.74
CA THR VB 73 -81.26 19.21 -76.86
C THR VB 73 -82.15 19.79 -75.76
N LYS VB 74 -81.79 21.01 -75.33
CA LYS VB 74 -82.55 21.66 -74.26
C LYS VB 74 -83.94 22.07 -74.72
N GLY VB 75 -84.05 22.58 -75.95
CA GLY VB 75 -85.33 22.99 -76.49
C GLY VB 75 -85.73 22.20 -77.72
N THR WB 1 15.39 32.60 -48.04
CA THR WB 1 15.74 33.58 -49.05
C THR WB 1 14.95 34.87 -48.82
N LYS WB 2 15.65 36.00 -48.80
CA LYS WB 2 15.02 37.29 -48.53
C LYS WB 2 14.04 37.66 -49.65
N LYS WB 3 12.88 38.17 -49.25
CA LYS WB 3 11.78 38.44 -50.16
C LYS WB 3 11.52 39.93 -50.38
N ARG WB 4 11.73 40.76 -49.36
CA ARG WB 4 11.44 42.18 -49.43
C ARG WB 4 12.59 42.98 -48.85
N ARG WB 5 12.66 44.25 -49.26
CA ARG WB 5 13.54 45.20 -48.57
C ARG WB 5 13.03 45.47 -47.16
N ASN WB 6 11.81 46.00 -47.06
CA ASN WB 6 11.07 46.02 -45.80
C ASN WB 6 10.10 44.84 -45.73
N ASN WB 7 10.34 43.95 -44.76
CA ASN WB 7 9.67 42.64 -44.74
C ASN WB 7 8.24 42.82 -44.25
N GLY WB 8 7.39 43.33 -45.13
CA GLY WB 8 5.97 43.46 -44.87
C GLY WB 8 5.62 44.49 -43.82
N ARG WB 9 6.60 45.30 -43.42
CA ARG WB 9 6.42 46.27 -42.35
C ARG WB 9 6.98 47.62 -42.80
N ALA WB 10 6.43 48.69 -42.23
CA ALA WB 10 6.88 50.04 -42.57
C ALA WB 10 7.70 50.63 -41.44
N LYS WB 11 8.51 49.80 -40.80
CA LYS WB 11 9.37 50.21 -39.69
C LYS WB 11 10.81 50.27 -40.16
N LYS WB 12 11.40 51.47 -40.14
CA LYS WB 12 12.78 51.66 -40.56
C LYS WB 12 13.65 52.32 -39.52
N GLY WB 13 13.08 53.02 -38.55
CA GLY WB 13 13.87 53.66 -37.51
C GLY WB 13 13.28 53.47 -36.13
N ARG WB 14 12.14 52.79 -36.06
CA ARG WB 14 11.47 52.58 -34.77
C ARG WB 14 12.10 51.42 -34.01
N GLY WB 15 12.06 50.22 -34.58
CA GLY WB 15 12.47 49.03 -33.87
C GLY WB 15 11.31 48.37 -33.15
N HIS WB 16 10.54 49.18 -32.42
CA HIS WB 16 9.39 48.68 -31.68
C HIS WB 16 8.29 49.74 -31.72
N VAL WB 17 7.06 49.29 -31.99
CA VAL WB 17 5.89 50.15 -32.04
C VAL WB 17 4.81 49.54 -31.15
N GLN WB 18 3.59 50.07 -31.23
CA GLN WB 18 2.48 49.55 -30.44
C GLN WB 18 1.68 48.55 -31.26
N PRO WB 19 1.58 47.29 -30.83
CA PRO WB 19 0.65 46.37 -31.48
C PRO WB 19 -0.78 46.87 -31.47
N ILE WB 20 -1.53 46.41 -32.49
CA ILE WB 20 -2.96 46.61 -32.59
C ILE WB 20 -3.62 45.27 -32.93
N ARG WB 21 -4.90 45.16 -32.57
CA ARG WB 21 -5.66 43.96 -32.88
C ARG WB 21 -6.27 44.06 -34.28
N CYS WB 22 -6.57 42.88 -34.85
CA CYS WB 22 -7.11 42.81 -36.20
C CYS WB 22 -8.62 43.00 -36.19
N THR WB 23 -9.27 42.80 -37.34
CA THR WB 23 -10.71 43.00 -37.49
C THR WB 23 -11.46 41.70 -37.76
N ASN WB 24 -11.08 40.97 -38.80
CA ASN WB 24 -11.71 39.68 -39.06
C ASN WB 24 -11.39 38.68 -37.96
N CYS WB 25 -10.15 38.64 -37.50
CA CYS WB 25 -9.74 37.88 -36.33
C CYS WB 25 -9.25 38.84 -35.25
N ALA WB 26 -8.75 38.27 -34.15
CA ALA WB 26 -8.10 39.05 -33.11
C ALA WB 26 -6.58 38.95 -33.18
N ARG WB 27 -6.05 38.80 -34.39
CA ARG WB 27 -4.62 38.69 -34.60
C ARG WB 27 -3.91 39.98 -34.16
N CYS WB 28 -2.85 39.83 -33.38
CA CYS WB 28 -2.12 40.95 -32.81
C CYS WB 28 -0.97 41.31 -33.72
N VAL WB 29 -1.11 42.40 -34.47
CA VAL WB 29 -0.12 42.82 -35.46
C VAL WB 29 0.38 44.21 -35.07
N PRO WB 30 1.66 44.52 -35.26
CA PRO WB 30 2.12 45.91 -35.11
C PRO WB 30 1.42 46.83 -36.11
N LYS WB 31 1.27 48.09 -35.72
CA LYS WB 31 0.45 49.03 -36.47
C LYS WB 31 1.01 49.28 -37.86
N ASP WB 32 2.32 49.41 -38.00
CA ASP WB 32 2.96 49.63 -39.30
C ASP WB 32 3.17 48.36 -40.09
N LYS WB 33 2.60 47.23 -39.65
CA LYS WB 33 2.64 45.99 -40.42
C LYS WB 33 1.29 45.56 -40.96
N ALA WB 34 0.21 45.82 -40.23
CA ALA WB 34 -1.12 45.44 -40.69
C ALA WB 34 -1.57 46.34 -41.83
N ILE WB 35 -2.51 45.82 -42.63
CA ILE WB 35 -3.11 46.59 -43.72
C ILE WB 35 -4.23 47.44 -43.14
N LYS WB 36 -4.15 48.75 -43.36
CA LYS WB 36 -5.10 49.70 -42.79
C LYS WB 36 -6.02 50.18 -43.90
N LYS WB 37 -7.18 49.52 -44.02
CA LYS WB 37 -8.19 49.92 -44.99
C LYS WB 37 -9.09 50.96 -44.36
N PHE WB 38 -8.97 52.22 -44.80
CA PHE WB 38 -9.89 53.27 -44.38
C PHE WB 38 -11.08 53.26 -45.32
N VAL WB 39 -11.97 52.31 -45.09
CA VAL WB 39 -13.10 52.09 -45.99
C VAL WB 39 -14.12 53.20 -45.80
N ILE WB 40 -14.59 53.75 -46.91
CA ILE WB 40 -15.67 54.74 -46.90
C ILE WB 40 -16.98 54.01 -47.16
N ARG WB 41 -18.01 54.36 -46.38
CA ARG WB 41 -19.27 53.63 -46.39
C ARG WB 41 -20.43 54.60 -46.20
N ASN WB 42 -21.32 54.65 -47.18
CA ASN WB 42 -22.63 55.27 -46.98
C ASN WB 42 -23.55 54.29 -46.27
N ILE WB 43 -24.49 54.81 -45.46
CA ILE WB 43 -25.32 53.96 -44.61
C ILE WB 43 -26.16 53.01 -45.44
N VAL WB 44 -26.81 53.51 -46.48
CA VAL WB 44 -27.62 52.70 -47.38
C VAL WB 44 -27.02 52.81 -48.77
N GLU WB 45 -26.80 51.66 -49.42
CA GLU WB 45 -26.04 51.64 -50.66
C GLU WB 45 -26.88 52.10 -51.86
N ALA WB 46 -27.94 51.38 -52.17
CA ALA WB 46 -28.81 51.69 -53.30
C ALA WB 46 -30.29 51.73 -52.94
N ALA WB 47 -30.69 51.01 -51.89
CA ALA WB 47 -32.11 50.77 -51.65
C ALA WB 47 -32.80 51.98 -51.02
N ALA WB 48 -32.34 52.40 -49.84
CA ALA WB 48 -33.11 53.36 -49.05
C ALA WB 48 -32.86 54.82 -49.42
N VAL WB 49 -31.93 55.10 -50.33
CA VAL WB 49 -31.67 56.49 -50.71
C VAL WB 49 -32.91 57.09 -51.37
N ARG WB 50 -33.69 56.28 -52.10
CA ARG WB 50 -34.99 56.73 -52.57
C ARG WB 50 -36.03 56.68 -51.44
N ASP WB 51 -35.89 55.72 -50.53
CA ASP WB 51 -36.88 55.49 -49.48
C ASP WB 51 -36.81 56.54 -48.37
N ILE WB 52 -35.61 57.01 -48.03
CA ILE WB 52 -35.51 58.09 -47.05
C ILE WB 52 -36.09 59.38 -47.63
N SER WB 53 -35.90 59.61 -48.93
CA SER WB 53 -36.31 60.85 -49.57
C SER WB 53 -37.82 61.08 -49.52
N GLU WB 54 -38.61 60.02 -49.48
CA GLU WB 54 -40.06 60.13 -49.36
C GLU WB 54 -40.55 60.14 -47.92
N ALA WB 55 -39.62 60.08 -46.95
CA ALA WB 55 -40.00 60.17 -45.55
C ALA WB 55 -39.05 61.07 -44.76
N SER WB 56 -38.32 61.95 -45.42
CA SER WB 56 -37.34 62.80 -44.74
C SER WB 56 -38.03 64.00 -44.09
N VAL WB 57 -37.25 64.73 -43.30
CA VAL WB 57 -37.79 65.89 -42.57
C VAL WB 57 -37.75 67.15 -43.43
N PHE WB 58 -36.56 67.48 -43.90
CA PHE WB 58 -36.31 68.72 -44.63
C PHE WB 58 -36.19 68.45 -46.13
N ASP WB 59 -36.02 69.53 -46.88
CA ASP WB 59 -35.83 69.44 -48.33
C ASP WB 59 -34.40 69.00 -48.62
N ALA WB 60 -34.25 67.80 -49.17
CA ALA WB 60 -32.96 67.20 -49.54
C ALA WB 60 -32.03 67.12 -48.32
N TYR WB 61 -32.47 66.32 -47.36
CA TYR WB 61 -31.68 66.09 -46.15
C TYR WB 61 -30.44 65.27 -46.49
N VAL WB 62 -29.32 65.65 -45.86
CA VAL WB 62 -28.04 65.00 -46.12
C VAL WB 62 -27.88 63.81 -45.18
N LEU WB 63 -27.43 62.69 -45.75
CA LEU WB 63 -27.27 61.48 -44.96
C LEU WB 63 -25.90 61.46 -44.26
N PRO WB 64 -25.86 61.04 -43.00
CA PRO WB 64 -24.58 60.87 -42.31
C PRO WB 64 -23.81 59.67 -42.85
N LYS WB 65 -22.57 59.55 -42.40
CA LYS WB 65 -21.62 58.62 -42.98
C LYS WB 65 -20.83 57.90 -41.89
N LEU WB 66 -20.31 56.72 -42.24
CA LEU WB 66 -19.51 55.91 -41.33
C LEU WB 66 -18.05 55.99 -41.74
N TYR WB 67 -17.18 56.21 -40.76
CA TYR WB 67 -15.73 56.21 -40.95
C TYR WB 67 -15.11 55.26 -39.94
N VAL WB 68 -14.86 54.02 -40.36
CA VAL WB 68 -14.20 53.02 -39.54
C VAL WB 68 -12.89 52.64 -40.23
N LYS WB 69 -11.80 52.65 -39.48
CA LYS WB 69 -10.48 52.34 -40.02
C LYS WB 69 -10.20 50.87 -39.76
N LEU WB 70 -10.50 50.02 -40.73
CA LEU WB 70 -10.25 48.60 -40.59
C LEU WB 70 -8.74 48.32 -40.58
N HIS WB 71 -8.36 47.30 -39.81
CA HIS WB 71 -6.95 46.89 -39.69
C HIS WB 71 -6.88 45.39 -39.91
N TYR WB 72 -6.71 44.98 -41.15
CA TYR WB 72 -6.59 43.58 -41.49
C TYR WB 72 -5.15 43.12 -41.39
N CYS WB 73 -4.96 41.86 -41.01
CA CYS WB 73 -3.64 41.27 -40.92
C CYS WB 73 -3.27 40.68 -42.28
N VAL WB 74 -2.17 39.93 -42.33
CA VAL WB 74 -1.75 39.31 -43.58
C VAL WB 74 -2.72 38.20 -43.98
N SER WB 75 -3.10 37.34 -43.02
CA SER WB 75 -3.99 36.24 -43.31
C SER WB 75 -5.44 36.69 -43.47
N CYS WB 76 -5.85 37.75 -42.77
CA CYS WB 76 -7.22 38.22 -42.87
C CYS WB 76 -7.48 39.04 -44.12
N ALA WB 77 -6.46 39.71 -44.67
CA ALA WB 77 -6.67 40.49 -45.89
C ALA WB 77 -6.78 39.57 -47.11
N ILE WB 78 -6.00 38.48 -47.14
CA ILE WB 78 -6.08 37.56 -48.25
C ILE WB 78 -7.34 36.72 -48.18
N HIS WB 79 -7.86 36.46 -46.97
CA HIS WB 79 -9.11 35.74 -46.83
C HIS WB 79 -10.31 36.59 -47.21
N SER WB 80 -10.18 37.92 -47.13
CA SER WB 80 -11.20 38.84 -47.60
C SER WB 80 -11.00 39.23 -49.06
N LYS WB 81 -10.00 38.65 -49.72
CA LYS WB 81 -9.70 38.82 -51.15
C LYS WB 81 -9.40 40.26 -51.53
N VAL WB 82 -8.85 41.05 -50.61
CA VAL WB 82 -8.51 42.43 -50.91
C VAL WB 82 -7.16 42.51 -51.58
N VAL WB 83 -6.11 42.03 -50.91
CA VAL WB 83 -4.77 42.03 -51.48
C VAL WB 83 -4.58 40.80 -52.33
N ARG WB 84 -3.60 40.86 -53.23
CA ARG WB 84 -3.31 39.79 -54.17
C ARG WB 84 -1.83 39.48 -54.18
N ASN WB 85 -1.51 38.21 -54.42
CA ASN WB 85 -0.11 37.84 -54.64
C ASN WB 85 0.37 38.36 -56.00
N ARG WB 86 1.62 38.78 -56.04
CA ARG WB 86 2.19 39.45 -57.21
C ARG WB 86 3.50 38.81 -57.60
N SER WB 87 3.88 38.99 -58.86
CA SER WB 87 5.19 38.57 -59.33
C SER WB 87 6.26 39.45 -58.69
N ARG WB 88 7.47 38.88 -58.58
CA ARG WB 88 8.57 39.60 -57.93
C ARG WB 88 8.94 40.87 -58.69
N GLU WB 89 8.70 40.91 -60.00
CA GLU WB 89 8.92 42.12 -60.77
C GLU WB 89 7.86 43.18 -60.49
N ALA WB 90 6.67 42.78 -60.03
CA ALA WB 90 5.58 43.70 -59.75
C ALA WB 90 5.34 43.89 -58.25
N ARG WB 91 6.16 43.29 -57.40
CA ARG WB 91 6.01 43.48 -55.96
C ARG WB 91 6.39 44.90 -55.55
N LYS WB 92 7.40 45.48 -56.21
CA LYS WB 92 7.87 46.82 -55.85
C LYS WB 92 6.85 47.89 -56.17
N ASP WB 93 5.90 47.62 -57.07
CA ASP WB 93 4.90 48.61 -57.46
C ASP WB 93 3.90 48.81 -56.32
N ARG WB 94 4.18 49.77 -55.44
CA ARG WB 94 3.36 49.99 -54.25
C ARG WB 94 2.35 51.12 -54.44
N THR WB 95 2.11 51.52 -55.69
CA THR WB 95 1.09 52.52 -55.92
C THR WB 95 -0.30 51.92 -55.73
N PRO WB 96 -1.22 52.67 -55.13
CA PRO WB 96 -2.58 52.15 -54.92
C PRO WB 96 -3.34 52.05 -56.22
N PRO WB 97 -4.28 51.11 -56.32
CA PRO WB 97 -5.17 51.07 -57.49
C PRO WB 97 -6.02 52.31 -57.56
N PRO WB 98 -6.42 52.74 -58.76
CA PRO WB 98 -7.16 54.00 -58.90
C PRO WB 98 -8.57 53.96 -58.32
N ARG WB 99 -9.27 55.08 -58.40
CA ARG WB 99 -10.61 55.21 -57.84
C ARG WB 99 -11.60 55.53 -58.95
N PHE WB 100 -11.51 54.80 -60.06
CA PHE WB 100 -12.41 55.02 -61.18
C PHE WB 100 -13.86 54.71 -60.83
N ARG WB 101 -14.09 53.70 -60.00
CA ARG WB 101 -15.44 53.35 -59.59
C ARG WB 101 -15.43 52.67 -58.22
N PRO XB 1 30.49 64.11 -64.53
CA PRO XB 1 31.39 65.20 -64.13
C PRO XB 1 32.82 64.71 -63.90
N LEU XB 2 33.66 64.84 -64.92
CA LEU XB 2 35.03 64.31 -64.87
C LEU XB 2 36.05 65.39 -64.53
N ALA XB 3 36.15 66.43 -65.35
CA ALA XB 3 37.14 67.47 -65.16
C ALA XB 3 36.48 68.77 -64.71
N LYS XB 4 36.79 69.20 -63.49
CA LYS XB 4 36.30 70.44 -62.92
C LYS XB 4 37.48 71.34 -62.56
N ASP XB 5 37.20 72.65 -62.49
CA ASP XB 5 38.23 73.64 -62.20
C ASP XB 5 38.51 73.74 -60.69
N LEU XB 6 39.20 72.75 -60.13
CA LEU XB 6 39.53 72.79 -58.72
C LEU XB 6 40.65 73.76 -58.40
N LEU XB 7 41.52 74.06 -59.36
CA LEU XB 7 42.58 75.04 -59.12
C LEU XB 7 42.02 76.45 -59.03
N HIS XB 8 40.97 76.74 -59.79
CA HIS XB 8 40.30 78.05 -59.74
C HIS XB 8 38.79 77.81 -59.75
N PRO XB 9 38.20 77.55 -58.58
CA PRO XB 9 36.76 77.29 -58.52
C PRO XB 9 35.93 78.52 -58.81
N SER XB 10 34.73 78.29 -59.34
CA SER XB 10 33.83 79.38 -59.65
C SER XB 10 33.26 79.99 -58.36
N PRO XB 11 33.14 81.31 -58.30
CA PRO XB 11 32.62 81.96 -57.08
C PRO XB 11 31.16 81.64 -56.79
N GLU XB 12 30.41 81.13 -57.77
CA GLU XB 12 28.99 80.86 -57.56
C GLU XB 12 28.77 79.73 -56.57
N GLU XB 13 29.68 78.76 -56.51
CA GLU XB 13 29.57 77.61 -55.62
C GLU XB 13 30.53 77.65 -54.45
N GLU XB 14 31.35 78.69 -54.33
CA GLU XB 14 32.33 78.76 -53.24
C GLU XB 14 31.67 79.10 -51.91
N LYS XB 15 31.07 80.30 -51.82
CA LYS XB 15 30.32 80.68 -50.62
C LYS XB 15 29.06 79.84 -50.44
N ARG XB 16 28.56 79.27 -51.53
CA ARG XB 16 27.16 78.90 -51.60
C ARG XB 16 26.91 77.68 -50.70
N LYS XB 17 27.89 76.78 -50.66
CA LYS XB 17 27.91 75.56 -49.85
C LYS XB 17 28.72 75.78 -48.55
N HIS XB 18 28.96 74.67 -47.83
CA HIS XB 18 29.41 74.74 -46.45
C HIS XB 18 30.85 75.26 -46.34
N LYS XB 19 31.18 75.81 -45.17
CA LYS XB 19 32.42 76.57 -45.00
C LYS XB 19 33.62 75.68 -44.70
N LYS XB 20 33.45 74.60 -43.93
CA LYS XB 20 34.58 73.79 -43.51
C LYS XB 20 35.16 72.94 -44.62
N LYS XB 21 34.43 72.77 -45.72
CA LYS XB 21 34.88 71.97 -46.85
C LYS XB 21 35.53 72.81 -47.94
N ARG XB 22 35.71 74.10 -47.71
CA ARG XB 22 36.24 74.99 -48.72
C ARG XB 22 37.72 74.75 -48.97
N LEU XB 23 38.12 74.87 -50.24
CA LEU XB 23 39.54 74.84 -50.58
C LEU XB 23 40.26 76.03 -49.96
N VAL XB 24 39.65 77.21 -50.00
CA VAL XB 24 40.10 78.37 -49.23
C VAL XB 24 39.06 78.57 -48.14
N GLN XB 25 39.39 78.15 -46.92
CA GLN XB 25 38.43 78.10 -45.83
C GLN XB 25 38.25 79.50 -45.25
N SER XB 26 37.23 80.21 -45.71
CA SER XB 26 36.96 81.55 -45.23
C SER XB 26 35.63 81.56 -44.49
N PRO XB 27 35.57 82.15 -43.31
CA PRO XB 27 34.35 82.11 -42.51
C PRO XB 27 33.22 82.90 -43.15
N ASN XB 28 32.00 82.43 -42.91
CA ASN XB 28 30.80 83.13 -43.35
C ASN XB 28 30.41 84.26 -42.41
N SER XB 29 31.08 84.39 -41.27
CA SER XB 29 30.83 85.46 -40.32
C SER XB 29 31.62 86.71 -40.71
N TYR XB 30 31.22 87.83 -40.11
CA TYR XB 30 31.81 89.12 -40.47
C TYR XB 30 31.58 90.09 -39.32
N PHE XB 31 32.17 91.26 -39.44
CA PHE XB 31 31.95 92.35 -38.50
C PHE XB 31 31.00 93.37 -39.12
N MET XB 32 30.10 93.89 -38.29
CA MET XB 32 29.00 94.72 -38.76
C MET XB 32 28.87 95.94 -37.86
N ASP XB 33 28.51 97.07 -38.47
CA ASP XB 33 28.41 98.36 -37.80
C ASP XB 33 26.94 98.73 -37.66
N VAL XB 34 26.46 98.86 -36.42
CA VAL XB 34 25.08 99.19 -36.13
C VAL XB 34 25.06 100.55 -35.46
N LYS XB 35 24.24 101.47 -35.98
CA LYS XB 35 24.10 102.82 -35.44
C LYS XB 35 22.67 103.02 -34.99
N CYS XB 36 22.51 103.51 -33.76
CA CYS XB 36 21.27 103.93 -33.12
C CYS XB 36 21.21 105.45 -33.05
N PRO XB 37 20.08 106.07 -33.42
CA PRO XB 37 19.99 107.54 -33.40
C PRO XB 37 20.09 108.15 -32.01
N GLY XB 38 19.90 107.37 -30.94
CA GLY XB 38 20.03 107.92 -29.60
C GLY XB 38 21.46 108.28 -29.26
N CYS XB 39 22.42 107.45 -29.63
CA CYS XB 39 23.81 107.62 -29.28
C CYS XB 39 24.60 108.09 -30.50
N TYR XB 40 25.92 108.25 -30.31
CA TYR XB 40 26.81 108.77 -31.35
C TYR XB 40 27.80 107.72 -31.84
N LYS XB 41 28.57 107.13 -30.93
CA LYS XB 41 29.66 106.23 -31.30
C LYS XB 41 29.10 104.92 -31.87
N ILE XB 42 29.74 104.45 -32.94
CA ILE XB 42 29.33 103.23 -33.62
C ILE XB 42 30.21 102.10 -33.13
N THR XB 43 29.60 101.05 -32.61
CA THR XB 43 30.30 99.91 -32.06
C THR XB 43 30.30 98.74 -33.04
N THR XB 44 31.48 98.13 -33.20
CA THR XB 44 31.64 96.99 -34.09
C THR XB 44 30.98 95.77 -33.46
N VAL XB 45 30.19 95.04 -34.25
CA VAL XB 45 29.39 93.92 -33.78
C VAL XB 45 29.73 92.69 -34.62
N PHE XB 46 29.93 91.55 -33.94
CA PHE XB 46 30.08 90.29 -34.63
C PHE XB 46 28.74 89.83 -35.19
N SER XB 47 28.79 89.13 -36.32
CA SER XB 47 27.57 88.78 -37.06
C SER XB 47 26.70 87.79 -36.28
N HIS XB 48 27.29 86.68 -35.82
CA HIS XB 48 26.57 85.72 -35.00
C HIS XB 48 26.75 86.08 -33.52
N ALA XB 49 26.01 87.11 -33.11
CA ALA XB 49 26.27 87.77 -31.84
C ALA XB 49 26.03 86.85 -30.65
N GLN XB 50 24.94 86.09 -30.66
CA GLN XB 50 24.58 85.07 -29.67
C GLN XB 50 24.51 85.60 -28.23
N THR XB 51 24.55 86.92 -28.05
CA THR XB 51 24.45 87.54 -26.73
C THR XB 51 23.85 88.93 -26.87
N VAL XB 52 23.32 89.45 -25.75
CA VAL XB 52 22.70 90.77 -25.74
C VAL XB 52 23.79 91.84 -25.81
N VAL XB 53 23.52 92.92 -26.55
CA VAL XB 53 24.46 94.02 -26.71
C VAL XB 53 23.75 95.32 -26.34
N LEU XB 54 24.36 96.10 -25.46
CA LEU XB 54 23.88 97.43 -25.12
C LEU XB 54 24.87 98.49 -25.62
N CYS XB 55 24.35 99.68 -25.87
CA CYS XB 55 25.16 100.78 -26.37
C CYS XB 55 25.78 101.53 -25.19
N VAL XB 56 26.39 102.69 -25.45
CA VAL XB 56 26.99 103.48 -24.39
C VAL XB 56 25.91 104.09 -23.52
N GLY XB 57 26.14 104.08 -22.20
CA GLY XB 57 25.18 104.60 -21.26
C GLY XB 57 23.98 103.71 -21.02
N CYS XB 58 23.99 102.49 -21.54
CA CYS XB 58 22.88 101.53 -21.44
C CYS XB 58 21.57 102.14 -21.96
N SER XB 59 21.63 102.57 -23.22
CA SER XB 59 20.47 103.22 -23.84
C SER XB 59 19.41 102.19 -24.25
N THR XB 60 19.78 101.26 -25.13
CA THR XB 60 18.83 100.27 -25.62
C THR XB 60 19.57 99.05 -26.13
N VAL XB 61 18.81 97.98 -26.35
CA VAL XB 61 19.37 96.76 -26.91
C VAL XB 61 19.65 96.97 -28.40
N LEU XB 62 20.74 96.38 -28.89
CA LEU XB 62 21.14 96.47 -30.28
C LEU XB 62 20.82 95.22 -31.08
N CYS XB 63 20.95 94.05 -30.48
CA CYS XB 63 20.65 92.78 -31.13
C CYS XB 63 20.29 91.74 -30.08
N GLN XB 64 19.33 90.88 -30.40
CA GLN XB 64 18.81 89.86 -29.50
C GLN XB 64 19.46 88.51 -29.79
N PRO XB 65 19.89 87.78 -28.76
CA PRO XB 65 20.67 86.55 -28.98
C PRO XB 65 19.84 85.43 -29.60
N THR XB 66 20.27 84.97 -30.77
CA THR XB 66 19.79 83.72 -31.35
C THR XB 66 20.97 82.90 -31.88
N GLY XB 67 20.67 81.81 -32.57
CA GLY XB 67 21.71 80.94 -33.10
C GLY XB 67 22.27 81.36 -34.45
N GLY XB 68 21.43 81.94 -35.31
CA GLY XB 68 21.87 82.32 -36.64
C GLY XB 68 22.33 83.77 -36.68
N LYS XB 69 21.72 84.58 -37.54
CA LYS XB 69 22.01 86.00 -37.55
C LYS XB 69 21.42 86.67 -36.32
N ALA XB 70 22.08 87.73 -35.86
CA ALA XB 70 21.54 88.49 -34.75
C ALA XB 70 20.31 89.27 -35.20
N ARG XB 71 19.21 89.09 -34.45
CA ARG XB 71 17.97 89.81 -34.72
C ARG XB 71 18.12 91.24 -34.23
N LEU XB 72 18.06 92.18 -35.16
CA LEU XB 72 18.36 93.58 -34.87
C LEU XB 72 17.13 94.25 -34.26
N THR XB 73 17.20 95.56 -34.06
CA THR XB 73 16.15 96.34 -33.44
C THR XB 73 15.74 97.47 -34.37
N GLU XB 74 14.54 97.99 -34.14
CA GLU XB 74 13.96 99.04 -34.97
C GLU XB 74 14.84 100.28 -35.01
N GLY XB 75 14.97 100.86 -36.20
CA GLY XB 75 15.74 102.07 -36.38
C GLY XB 75 17.24 101.90 -36.35
N CYS XB 76 17.74 100.69 -36.63
CA CYS XB 76 19.16 100.40 -36.59
C CYS XB 76 19.59 99.84 -37.94
N SER XB 77 20.38 100.60 -38.68
CA SER XB 77 20.88 100.20 -39.99
C SER XB 77 22.28 99.61 -39.85
N PHE XB 78 22.53 98.51 -40.55
CA PHE XB 78 23.81 97.81 -40.45
C PHE XB 78 24.66 98.07 -41.68
N ARG XB 79 25.98 98.21 -41.47
CA ARG XB 79 26.96 98.35 -42.53
C ARG XB 79 28.08 97.35 -42.28
N ARG XB 80 28.18 96.33 -43.13
CA ARG XB 80 29.26 95.36 -43.01
C ARG XB 80 30.58 95.96 -43.45
N LYS XB 81 31.67 95.35 -43.00
CA LYS XB 81 33.02 95.79 -43.37
C LYS XB 81 33.86 94.58 -43.76
N GLN XB 82 34.87 94.83 -44.58
CA GLN XB 82 35.78 93.77 -45.00
C GLN XB 82 37.13 94.39 -45.34
N HIS XB 83 38.17 93.56 -45.30
CA HIS XB 83 39.53 94.01 -45.61
C HIS XB 83 40.19 93.10 -46.64
N GLN YB 1 -50.19 42.91 -48.42
CA GLN YB 1 -49.17 43.60 -49.21
C GLN YB 1 -49.55 43.63 -50.69
N PRO YB 2 -49.58 44.83 -51.27
CA PRO YB 2 -49.93 44.94 -52.69
C PRO YB 2 -48.85 44.33 -53.59
N ILE YB 3 -49.28 43.90 -54.77
CA ILE YB 3 -48.41 43.25 -55.74
C ILE YB 3 -48.28 44.16 -56.95
N LYS YB 4 -47.03 44.52 -57.28
CA LYS YB 4 -46.76 45.42 -58.39
C LYS YB 4 -46.38 44.61 -59.63
N LEU YB 5 -45.96 45.33 -60.68
CA LEU YB 5 -45.53 44.71 -61.93
C LEU YB 5 -44.26 45.40 -62.41
N ALA YB 6 -43.36 44.62 -63.00
CA ALA YB 6 -42.07 45.14 -63.42
C ALA YB 6 -41.75 44.66 -64.83
N ARG YB 7 -41.02 45.49 -65.57
CA ARG YB 7 -40.63 45.22 -66.94
C ARG YB 7 -39.11 45.17 -67.05
N VAL YB 8 -38.59 44.15 -67.72
CA VAL YB 8 -37.15 43.98 -67.86
C VAL YB 8 -36.63 44.99 -68.87
N THR YB 9 -35.56 45.70 -68.51
CA THR YB 9 -34.95 46.62 -69.47
C THR YB 9 -33.52 46.21 -69.84
N LYS YB 10 -32.74 45.69 -68.89
CA LYS YB 10 -31.35 45.33 -69.12
C LYS YB 10 -30.99 44.07 -68.36
N VAL YB 11 -29.95 43.38 -68.84
CA VAL YB 11 -29.33 42.26 -68.16
C VAL YB 11 -27.84 42.52 -68.07
N LEU YB 12 -27.27 42.30 -66.88
CA LEU YB 12 -25.85 42.56 -66.64
C LEU YB 12 -25.01 41.30 -66.74
N GLY YB 13 -25.34 40.27 -65.95
CA GLY YB 13 -24.55 39.05 -65.96
C GLY YB 13 -25.28 37.92 -65.29
N ARG YB 14 -24.66 36.73 -65.37
CA ARG YB 14 -25.24 35.53 -64.80
C ARG YB 14 -24.81 35.40 -63.34
N THR YB 15 -25.78 35.35 -62.43
CA THR YB 15 -25.52 35.27 -61.00
C THR YB 15 -25.70 33.84 -60.52
N GLY YB 16 -25.64 33.64 -59.21
CA GLY YB 16 -25.74 32.31 -58.66
C GLY YB 16 -24.44 31.53 -58.81
N SER YB 17 -24.55 30.21 -58.62
CA SER YB 17 -23.39 29.33 -58.72
C SER YB 17 -23.25 28.72 -60.11
N GLN YB 18 -24.33 28.16 -60.64
CA GLN YB 18 -24.32 27.51 -61.94
C GLN YB 18 -24.64 28.47 -63.08
N GLY YB 19 -24.78 29.76 -62.79
CA GLY YB 19 -25.21 30.70 -63.80
C GLY YB 19 -26.65 30.54 -64.21
N GLN YB 20 -27.46 29.95 -63.33
CA GLN YB 20 -28.87 29.71 -63.60
C GLN YB 20 -29.77 30.85 -63.16
N CYS YB 21 -29.20 31.94 -62.64
CA CYS YB 21 -29.94 33.16 -62.37
C CYS YB 21 -29.28 34.30 -63.13
N THR YB 22 -30.04 35.34 -63.41
CA THR YB 22 -29.57 36.48 -64.18
C THR YB 22 -29.77 37.78 -63.41
N GLN YB 23 -28.78 38.67 -63.53
CA GLN YB 23 -28.88 40.01 -62.94
C GLN YB 23 -29.76 40.85 -63.84
N VAL YB 24 -30.86 41.37 -63.29
CA VAL YB 24 -31.96 41.92 -64.08
C VAL YB 24 -32.13 43.39 -63.72
N ARG YB 25 -32.39 44.22 -64.74
CA ARG YB 25 -32.79 45.60 -64.50
C ARG YB 25 -34.28 45.78 -64.81
N VAL YB 26 -35.01 46.31 -63.83
CA VAL YB 26 -36.46 46.46 -63.95
C VAL YB 26 -36.84 47.90 -63.67
N GLU YB 27 -37.98 48.31 -64.23
CA GLU YB 27 -38.62 49.58 -63.90
C GLU YB 27 -40.09 49.32 -63.62
N PHE YB 28 -40.63 49.98 -62.59
CA PHE YB 28 -42.04 49.85 -62.28
C PHE YB 28 -42.87 50.79 -63.17
N MET YB 29 -43.90 50.24 -63.79
CA MET YB 29 -44.77 51.05 -64.65
C MET YB 29 -45.72 51.94 -63.87
N ASP YB 30 -45.92 51.68 -62.56
CA ASP YB 30 -46.67 52.57 -61.71
C ASP YB 30 -45.89 53.83 -61.35
N ASP YB 31 -44.56 53.75 -61.34
CA ASP YB 31 -43.72 54.92 -61.10
C ASP YB 31 -42.36 54.63 -61.73
N THR YB 32 -42.08 55.27 -62.86
CA THR YB 32 -40.87 54.98 -63.63
C THR YB 32 -39.60 55.52 -62.98
N SER YB 33 -39.72 56.35 -61.94
CA SER YB 33 -38.56 56.89 -61.24
C SER YB 33 -38.09 55.99 -60.11
N ARG YB 34 -38.80 54.92 -59.80
CA ARG YB 34 -38.43 54.01 -58.73
C ARG YB 34 -38.09 52.64 -59.31
N SER YB 35 -36.91 52.13 -58.98
CA SER YB 35 -36.41 50.87 -59.53
C SER YB 35 -35.54 50.17 -58.50
N ILE YB 36 -35.65 48.84 -58.45
CA ILE YB 36 -34.89 48.02 -57.51
C ILE YB 36 -34.09 46.99 -58.29
N ILE YB 37 -33.22 46.28 -57.57
CA ILE YB 37 -32.28 45.34 -58.19
C ILE YB 37 -32.58 43.94 -57.66
N ARG YB 38 -32.87 43.01 -58.58
CA ARG YB 38 -33.17 41.63 -58.19
C ARG YB 38 -32.45 40.62 -59.07
N ASN YB 39 -32.81 39.35 -58.94
CA ASN YB 39 -32.27 38.29 -59.77
C ASN YB 39 -33.43 37.46 -60.30
N VAL YB 40 -33.29 36.95 -61.53
CA VAL YB 40 -34.32 36.16 -62.19
C VAL YB 40 -33.69 34.92 -62.79
N LYS YB 41 -34.28 33.76 -62.53
CA LYS YB 41 -33.83 32.52 -63.13
C LYS YB 41 -34.38 32.37 -64.55
N GLY YB 42 -33.76 31.47 -65.31
CA GLY YB 42 -34.22 31.13 -66.63
C GLY YB 42 -33.82 32.14 -67.68
N PRO YB 43 -34.29 31.94 -68.92
CA PRO YB 43 -33.99 32.91 -69.98
C PRO YB 43 -34.72 34.23 -69.75
N VAL YB 44 -34.00 35.33 -69.93
CA VAL YB 44 -34.54 36.67 -69.75
C VAL YB 44 -34.28 37.47 -71.03
N ARG YB 45 -35.31 38.14 -71.52
CA ARG YB 45 -35.18 39.04 -72.66
C ARG YB 45 -35.50 40.47 -72.25
N GLU YB 46 -34.82 41.42 -72.90
CA GLU YB 46 -34.98 42.82 -72.56
C GLU YB 46 -36.27 43.37 -73.18
N GLY YB 47 -37.14 43.89 -72.32
CA GLY YB 47 -38.38 44.50 -72.77
C GLY YB 47 -39.58 43.60 -72.63
N ASP YB 48 -39.69 42.90 -71.50
CA ASP YB 48 -40.88 42.09 -71.23
C ASP YB 48 -41.28 42.27 -69.78
N VAL YB 49 -42.57 42.11 -69.52
CA VAL YB 49 -43.16 42.41 -68.21
C VAL YB 49 -43.20 41.15 -67.35
N LEU YB 50 -42.70 41.27 -66.12
CA LEU YB 50 -42.83 40.23 -65.11
C LEU YB 50 -43.79 40.70 -64.00
N THR YB 51 -43.99 39.84 -63.01
CA THR YB 51 -44.82 40.13 -61.85
C THR YB 51 -43.99 40.06 -60.58
N LEU YB 52 -44.00 41.13 -59.80
CA LEU YB 52 -43.22 41.24 -58.57
C LEU YB 52 -44.13 41.38 -57.36
N LEU YB 53 -43.93 40.53 -56.36
CA LEU YB 53 -44.76 40.53 -55.16
C LEU YB 53 -44.56 41.77 -54.31
N GLU YB 54 -43.35 41.98 -53.80
CA GLU YB 54 -43.07 43.14 -52.97
C GLU YB 54 -41.63 43.59 -53.19
N SER YB 55 -41.36 44.84 -52.84
CA SER YB 55 -40.05 45.46 -53.01
C SER YB 55 -39.23 45.48 -51.72
N GLU YB 56 -39.69 44.79 -50.67
CA GLU YB 56 -38.96 44.81 -49.41
C GLU YB 56 -37.63 44.06 -49.50
N ARG YB 57 -37.58 43.03 -50.33
CA ARG YB 57 -36.38 42.21 -50.48
C ARG YB 57 -35.49 42.77 -51.60
N GLU YB 58 -34.19 42.83 -51.32
CA GLU YB 58 -33.23 43.53 -52.16
C GLU YB 58 -32.00 42.65 -52.35
N ALA YB 59 -31.62 42.45 -53.60
CA ALA YB 59 -30.43 41.67 -53.91
C ALA YB 59 -29.19 42.56 -53.83
N ARG YB 60 -28.09 41.97 -53.37
CA ARG YB 60 -26.83 42.68 -53.28
C ARG YB 60 -26.08 42.57 -54.60
N ARG YB 61 -25.52 43.69 -55.04
CA ARG YB 61 -24.82 43.74 -56.32
C ARG YB 61 -23.45 43.09 -56.18
N LEU YB 62 -23.23 42.03 -56.98
CA LEU YB 62 -21.96 41.32 -56.96
C LEU YB 62 -21.05 41.80 -58.07
N GLY ZB 1 -4.26 -48.84 -88.31
CA GLY ZB 1 -5.39 -47.93 -88.41
C GLY ZB 1 -5.00 -46.48 -88.24
N HIS ZB 2 -3.72 -46.18 -88.42
CA HIS ZB 2 -3.25 -44.80 -88.32
C HIS ZB 2 -3.78 -43.93 -89.45
N GLN ZB 3 -3.89 -44.48 -90.66
CA GLN ZB 3 -4.30 -43.70 -91.81
C GLN ZB 3 -5.81 -43.46 -91.86
N GLN ZB 4 -6.58 -44.15 -91.02
CA GLN ZB 4 -8.02 -43.93 -90.96
C GLN ZB 4 -8.49 -43.22 -89.71
N LEU ZB 5 -7.76 -43.32 -88.59
CA LEU ZB 5 -8.06 -42.52 -87.41
C LEU ZB 5 -7.41 -41.15 -87.46
N TYR ZB 6 -6.54 -40.89 -88.44
CA TYR ZB 6 -5.94 -39.57 -88.57
C TYR ZB 6 -6.96 -38.54 -89.04
N TRP ZB 7 -7.81 -38.91 -90.01
CA TRP ZB 7 -8.73 -37.97 -90.61
C TRP ZB 7 -10.15 -38.55 -90.62
N SER ZB 8 -10.50 -39.24 -89.54
CA SER ZB 8 -11.89 -39.67 -89.37
C SER ZB 8 -12.81 -38.49 -89.04
N HIS ZB 9 -12.25 -37.42 -88.48
CA HIS ZB 9 -13.05 -36.29 -88.08
C HIS ZB 9 -13.42 -35.44 -89.31
N PRO ZB 10 -14.70 -35.18 -89.54
CA PRO ZB 10 -15.09 -34.34 -90.69
C PRO ZB 10 -14.81 -32.86 -90.44
N ARG ZB 11 -14.38 -32.18 -91.49
CA ARG ZB 11 -14.24 -30.72 -91.49
C ARG ZB 11 -15.11 -30.07 -92.56
N LYS ZB 12 -16.29 -30.63 -92.81
CA LYS ZB 12 -17.20 -29.98 -93.76
C LYS ZB 12 -17.75 -28.68 -93.20
N PHE ZB 13 -17.79 -28.54 -91.88
CA PHE ZB 13 -18.27 -27.33 -91.23
C PHE ZB 13 -17.42 -27.09 -89.99
N GLY ZB 14 -17.86 -26.14 -89.17
CA GLY ZB 14 -17.12 -25.81 -87.96
C GLY ZB 14 -16.05 -24.76 -88.20
N GLN ZB 15 -15.55 -24.17 -87.12
CA GLN ZB 15 -14.58 -23.09 -87.23
C GLN ZB 15 -13.15 -23.57 -87.33
N GLY ZB 16 -12.89 -24.87 -87.19
CA GLY ZB 16 -11.57 -25.42 -87.43
C GLY ZB 16 -11.28 -25.71 -88.88
N SER ZB 17 -12.30 -25.78 -89.73
CA SER ZB 17 -12.07 -25.98 -91.15
C SER ZB 17 -11.52 -24.72 -91.80
N ARG ZB 18 -12.03 -23.56 -91.41
CA ARG ZB 18 -11.58 -22.28 -91.93
C ARG ZB 18 -10.64 -21.62 -90.94
N SER ZB 19 -9.55 -21.05 -91.47
CA SER ZB 19 -8.57 -20.35 -90.66
C SER ZB 19 -8.10 -19.13 -91.44
N CYS ZB 20 -7.02 -18.52 -90.98
CA CYS ZB 20 -6.40 -17.44 -91.72
C CYS ZB 20 -5.57 -17.98 -92.88
N ARG ZB 21 -5.21 -17.09 -93.79
CA ARG ZB 21 -4.36 -17.41 -94.93
C ARG ZB 21 -2.94 -16.88 -94.76
N VAL ZB 22 -2.62 -16.32 -93.59
CA VAL ZB 22 -1.25 -15.91 -93.29
C VAL ZB 22 -0.83 -16.58 -91.99
N CYS ZB 23 -1.56 -16.29 -90.91
CA CYS ZB 23 -1.26 -16.86 -89.61
C CYS ZB 23 -1.82 -18.27 -89.45
N SER ZB 24 -2.82 -18.63 -90.26
CA SER ZB 24 -3.53 -19.90 -90.17
C SER ZB 24 -4.11 -20.13 -88.76
N ASN ZB 25 -4.62 -19.05 -88.17
CA ASN ZB 25 -5.30 -19.12 -86.89
C ASN ZB 25 -6.81 -19.08 -87.10
N ARG ZB 26 -7.54 -19.56 -86.10
CA ARG ZB 26 -8.96 -19.88 -86.23
C ARG ZB 26 -9.84 -18.94 -85.41
N HIS ZB 27 -9.53 -17.65 -85.44
CA HIS ZB 27 -10.31 -16.66 -84.70
C HIS ZB 27 -10.27 -15.34 -85.44
N GLY ZB 28 -11.31 -14.53 -85.23
CA GLY ZB 28 -11.36 -13.20 -85.82
C GLY ZB 28 -11.49 -13.18 -87.32
N LEU ZB 29 -12.02 -14.25 -87.92
CA LEU ZB 29 -12.07 -14.35 -89.37
C LEU ZB 29 -13.17 -13.47 -89.95
N ILE ZB 30 -12.86 -12.81 -91.05
CA ILE ZB 30 -13.83 -12.08 -91.84
C ILE ZB 30 -14.15 -12.95 -93.05
N ARG ZB 31 -15.20 -13.77 -92.93
CA ARG ZB 31 -15.61 -14.66 -94.01
C ARG ZB 31 -16.28 -13.92 -95.15
N LYS ZB 32 -16.61 -12.64 -94.98
CA LYS ZB 32 -17.40 -11.92 -95.96
C LYS ZB 32 -16.59 -11.69 -97.23
N TYR ZB 33 -17.27 -11.84 -98.37
CA TYR ZB 33 -16.69 -11.69 -99.71
C TYR ZB 33 -15.57 -12.67 -100.00
N GLY ZB 34 -15.55 -13.81 -99.31
CA GLY ZB 34 -14.53 -14.82 -99.50
C GLY ZB 34 -13.12 -14.35 -99.18
N LEU ZB 35 -12.98 -13.50 -98.17
CA LEU ZB 35 -11.64 -13.03 -97.78
C LEU ZB 35 -10.80 -14.16 -97.20
N ASN ZB 36 -11.35 -14.88 -96.21
CA ASN ZB 36 -10.63 -15.92 -95.46
C ASN ZB 36 -9.34 -15.33 -94.88
N MET ZB 37 -9.52 -14.33 -94.01
CA MET ZB 37 -8.45 -13.49 -93.49
C MET ZB 37 -8.77 -13.12 -92.05
N CYS ZB 38 -7.75 -13.10 -91.21
CA CYS ZB 38 -7.89 -12.58 -89.86
C CYS ZB 38 -7.96 -11.06 -89.90
N ARG ZB 39 -8.72 -10.49 -88.97
CA ARG ZB 39 -8.92 -9.05 -88.92
C ARG ZB 39 -7.68 -8.30 -88.48
N GLN ZB 40 -6.80 -8.93 -87.70
CA GLN ZB 40 -5.61 -8.24 -87.22
C GLN ZB 40 -4.65 -7.95 -88.36
N CYS ZB 41 -4.40 -8.93 -89.24
CA CYS ZB 41 -3.54 -8.68 -90.38
C CYS ZB 41 -4.27 -7.91 -91.48
N PHE ZB 42 -5.61 -7.91 -91.44
CA PHE ZB 42 -6.38 -7.17 -92.44
C PHE ZB 42 -6.16 -5.67 -92.32
N ARG ZB 43 -6.12 -5.16 -91.08
CA ARG ZB 43 -5.77 -3.75 -90.87
C ARG ZB 43 -4.32 -3.50 -91.24
N GLN ZB 44 -3.42 -4.43 -90.91
CA GLN ZB 44 -2.02 -4.29 -91.28
C GLN ZB 44 -1.84 -4.28 -92.79
N TYR ZB 45 -2.53 -5.19 -93.49
CA TYR ZB 45 -2.43 -5.33 -94.93
C TYR ZB 45 -3.55 -4.59 -95.66
N ALA ZB 46 -4.11 -3.56 -95.03
CA ALA ZB 46 -5.17 -2.79 -95.67
C ALA ZB 46 -4.62 -1.96 -96.84
N LYS ZB 47 -3.35 -1.56 -96.77
CA LYS ZB 47 -2.74 -0.83 -97.87
C LYS ZB 47 -2.46 -1.76 -99.06
N ASP ZB 48 -2.04 -2.99 -98.79
CA ASP ZB 48 -1.75 -3.95 -99.84
C ASP ZB 48 -3.02 -4.51 -100.47
N ILE ZB 49 -4.16 -4.39 -99.80
CA ILE ZB 49 -5.45 -4.76 -100.39
C ILE ZB 49 -6.17 -3.55 -100.96
N GLY ZB 50 -6.14 -2.43 -100.24
CA GLY ZB 50 -6.74 -1.20 -100.73
C GLY ZB 50 -7.50 -0.41 -99.69
N PHE ZB 51 -7.92 -1.07 -98.61
CA PHE ZB 51 -8.85 -0.47 -97.66
C PHE ZB 51 -8.23 0.70 -96.91
N ILE ZB 52 -8.89 1.86 -96.98
CA ILE ZB 52 -8.46 3.08 -96.31
C ILE ZB 52 -9.67 3.71 -95.62
N LYS ZB 53 -9.42 4.49 -94.58
CA LYS ZB 53 -10.48 5.12 -93.79
C LYS ZB 53 -10.66 6.58 -94.23
N LEU ZB 54 -11.45 6.75 -95.30
CA LEU ZB 54 -11.77 8.10 -95.76
C LEU ZB 54 -12.73 8.80 -94.82
N ASP ZB 55 -13.77 8.12 -94.37
CA ASP ZB 55 -14.76 8.72 -93.49
C ASP ZB 55 -15.13 7.78 -92.35
N SER AC 1 22.68 -15.93 -41.92
CA SER AC 1 23.71 -16.38 -40.99
C SER AC 1 25.06 -16.47 -41.68
N LEU AC 2 26.02 -17.10 -41.00
CA LEU AC 2 27.38 -17.27 -41.52
C LEU AC 2 27.65 -18.70 -41.98
N ALA AC 3 26.62 -19.46 -42.33
CA ALA AC 3 26.76 -20.87 -42.67
C ALA AC 3 26.79 -21.12 -44.18
N ARG AC 4 26.86 -20.07 -44.99
CA ARG AC 4 26.93 -20.19 -46.44
C ARG AC 4 28.14 -19.46 -46.99
N VAL AC 5 29.26 -19.55 -46.28
CA VAL AC 5 30.49 -18.89 -46.72
C VAL AC 5 31.06 -19.60 -47.93
N GLY AC 6 31.43 -18.82 -48.95
CA GLY AC 6 32.08 -19.33 -50.14
C GLY AC 6 31.27 -20.35 -50.91
N LYS AC 7 29.95 -20.16 -50.98
CA LYS AC 7 29.10 -21.10 -51.70
C LYS AC 7 29.30 -20.98 -53.21
N VAL AC 8 29.49 -19.76 -53.71
CA VAL AC 8 29.65 -19.58 -55.15
C VAL AC 8 31.02 -20.08 -55.62
N ARG AC 9 32.08 -19.78 -54.87
CA ARG AC 9 33.43 -20.19 -55.28
C ARG AC 9 33.56 -21.71 -55.36
N GLY AC 10 32.76 -22.44 -54.59
CA GLY AC 10 32.76 -23.89 -54.67
C GLY AC 10 32.01 -24.43 -55.87
N GLN AC 11 31.01 -23.70 -56.35
CA GLN AC 11 30.14 -24.18 -57.43
C GLN AC 11 30.48 -23.56 -58.78
N THR AC 12 31.52 -22.73 -58.86
CA THR AC 12 32.02 -22.26 -60.15
C THR AC 12 33.05 -23.25 -60.68
N LEU AC 13 32.99 -23.48 -62.00
CA LEU AC 13 33.89 -24.43 -62.65
C LEU AC 13 35.30 -23.85 -62.64
N LYS AC 14 36.16 -24.43 -61.82
CA LYS AC 14 37.54 -23.96 -61.67
C LYS AC 14 38.34 -24.41 -62.89
N VAL AC 15 38.44 -23.51 -63.86
CA VAL AC 15 39.26 -23.77 -65.05
C VAL AC 15 40.72 -23.78 -64.65
N ALA AC 16 41.45 -24.81 -65.07
CA ALA AC 16 42.83 -24.98 -64.66
C ALA AC 16 43.73 -23.93 -65.32
N LYS AC 17 44.97 -23.87 -64.84
CA LYS AC 17 45.96 -22.91 -65.34
C LYS AC 17 46.38 -23.36 -66.73
N GLN AC 18 45.78 -22.77 -67.76
CA GLN AC 18 46.12 -23.15 -69.12
C GLN AC 18 47.54 -22.71 -69.47
N GLU AC 19 48.30 -23.62 -70.08
CA GLU AC 19 49.69 -23.36 -70.39
C GLU AC 19 49.81 -22.32 -71.51
N LYS AC 20 50.95 -21.63 -71.51
CA LYS AC 20 51.19 -20.56 -72.46
C LYS AC 20 52.69 -20.39 -72.62
N LYS AC 21 53.10 -19.90 -73.79
CA LYS AC 21 54.48 -19.49 -74.00
C LYS AC 21 54.80 -18.32 -73.08
N LYS AC 22 55.84 -18.46 -72.26
CA LYS AC 22 56.14 -17.47 -71.25
C LYS AC 22 56.60 -16.16 -71.89
N LYS AC 23 56.11 -15.05 -71.36
CA LYS AC 23 56.35 -13.74 -71.96
C LYS AC 23 57.78 -13.31 -71.72
N ARG AC 24 58.28 -12.46 -72.63
CA ARG AC 24 59.58 -11.84 -72.43
C ARG AC 24 59.54 -10.93 -71.20
N THR AC 25 60.55 -11.04 -70.35
CA THR AC 25 60.60 -10.30 -69.10
C THR AC 25 61.69 -9.25 -69.16
N GLY AC 26 61.50 -8.18 -68.38
CA GLY AC 26 62.44 -7.08 -68.37
C GLY AC 26 62.15 -6.03 -69.42
N ARG AC 27 63.19 -5.58 -70.13
CA ARG AC 27 63.07 -4.54 -71.13
C ARG AC 27 62.60 -5.07 -72.48
N ALA AC 28 62.51 -6.39 -72.64
CA ALA AC 28 62.12 -6.95 -73.92
C ALA AC 28 60.63 -6.79 -74.19
N LYS AC 29 59.80 -6.82 -73.14
CA LYS AC 29 58.35 -6.69 -73.35
C LYS AC 29 57.95 -5.28 -73.74
N ARG AC 30 58.59 -4.26 -73.15
CA ARG AC 30 58.24 -2.89 -73.50
C ARG AC 30 58.65 -2.54 -74.93
N ARG AC 31 59.72 -3.18 -75.43
CA ARG AC 31 60.06 -3.03 -76.85
C ARG AC 31 58.98 -3.64 -77.73
N MET AC 32 58.48 -4.82 -77.37
CA MET AC 32 57.33 -5.41 -78.05
C MET AC 32 56.05 -4.65 -77.76
N GLN AC 33 55.95 -4.00 -76.60
CA GLN AC 33 54.81 -3.13 -76.34
C GLN AC 33 54.85 -1.90 -77.25
N TYR AC 34 56.05 -1.39 -77.54
CA TYR AC 34 56.17 -0.31 -78.51
C TYR AC 34 55.85 -0.79 -79.92
N ASN AC 35 56.23 -2.03 -80.26
CA ASN AC 35 55.98 -2.55 -81.59
C ASN AC 35 54.50 -2.82 -81.82
N ARG AC 36 53.79 -3.31 -80.80
CA ARG AC 36 52.38 -3.64 -80.93
C ARG AC 36 51.47 -2.43 -80.90
N ARG AC 37 52.00 -1.25 -80.61
CA ARG AC 37 51.18 -0.06 -80.37
C ARG AC 37 51.29 0.99 -81.47
N PHE AC 38 52.51 1.30 -81.94
CA PHE AC 38 52.70 2.41 -82.86
C PHE AC 38 53.21 1.97 -84.22
N VAL AC 39 54.33 1.25 -84.28
CA VAL AC 39 55.01 1.05 -85.57
C VAL AC 39 54.31 0.01 -86.44
N ASN AC 40 53.55 -0.92 -85.85
CA ASN AC 40 52.89 -1.95 -86.65
C ASN AC 40 51.54 -1.53 -87.20
N VAL AC 41 50.80 -0.69 -86.49
CA VAL AC 41 49.51 -0.20 -86.96
C VAL AC 41 49.71 1.12 -87.69
N VAL AC 42 48.72 1.47 -88.51
CA VAL AC 42 48.76 2.71 -89.28
C VAL AC 42 47.93 3.76 -88.55
N PRO AC 43 48.25 5.04 -88.70
CA PRO AC 43 47.40 6.08 -88.09
C PRO AC 43 46.03 6.11 -88.74
N THR AC 44 44.99 5.97 -87.92
CA THR AC 44 43.62 5.88 -88.40
C THR AC 44 42.84 7.11 -87.96
N PHE AC 45 41.73 7.35 -88.64
CA PHE AC 45 40.85 8.47 -88.35
C PHE AC 45 39.80 8.04 -87.34
N GLY AC 46 38.89 8.95 -87.00
CA GLY AC 46 37.82 8.63 -86.06
C GLY AC 46 38.34 8.47 -84.66
N LYS AC 47 37.90 7.43 -83.97
CA LYS AC 47 38.28 7.15 -82.59
C LYS AC 47 39.01 5.83 -82.52
N LYS AC 48 40.15 5.82 -81.83
CA LYS AC 48 40.91 4.59 -81.64
C LYS AC 48 40.28 3.74 -80.54
N LYS AC 49 40.73 2.49 -80.46
CA LYS AC 49 40.26 1.54 -79.47
C LYS AC 49 41.45 1.00 -78.68
N GLY AC 50 41.14 0.47 -77.49
CA GLY AC 50 42.15 -0.08 -76.63
C GLY AC 50 42.71 -1.39 -77.16
N PRO AC 51 43.89 -1.78 -76.68
CA PRO AC 51 44.49 -3.05 -77.14
C PRO AC 51 43.66 -4.28 -76.79
N ASN AC 52 42.81 -4.21 -75.76
CA ASN AC 52 41.97 -5.32 -75.35
C ASN AC 52 40.57 -5.26 -75.97
N ALA AC 53 40.27 -4.24 -76.75
CA ALA AC 53 38.94 -4.07 -77.31
C ALA AC 53 38.70 -5.09 -78.42
N ASN AC 54 37.68 -5.93 -78.25
CA ASN AC 54 37.30 -6.93 -79.23
C ASN AC 54 35.90 -6.62 -79.77
N SER AC 55 35.41 -7.50 -80.64
CA SER AC 55 34.10 -7.34 -81.24
C SER AC 55 33.19 -8.51 -80.89
N LYS BC 1 7.57 -35.73 -65.50
CA LYS BC 1 6.87 -36.18 -64.30
C LYS BC 1 7.10 -37.65 -64.03
N SER BC 2 6.19 -38.27 -63.28
CA SER BC 2 6.27 -39.68 -62.94
C SER BC 2 5.17 -40.46 -63.67
N TYR BC 3 5.52 -41.67 -64.09
CA TYR BC 3 4.61 -42.53 -64.84
C TYR BC 3 4.27 -43.75 -64.00
N THR BC 4 2.98 -43.97 -63.76
CA THR BC 4 2.55 -45.13 -62.99
C THR BC 4 2.46 -46.38 -63.86
N THR BC 5 1.59 -46.34 -64.86
CA THR BC 5 1.40 -47.48 -65.75
C THR BC 5 2.55 -47.57 -66.74
N PRO BC 6 3.20 -48.72 -66.87
CA PRO BC 6 4.27 -48.87 -67.87
C PRO BC 6 3.73 -48.74 -69.28
N LYS BC 7 4.55 -48.18 -70.16
CA LYS BC 7 4.15 -47.92 -71.53
C LYS BC 7 4.06 -49.22 -72.32
N LYS BC 8 3.11 -49.27 -73.25
CA LYS BC 8 2.94 -50.44 -74.09
C LYS BC 8 4.02 -50.44 -75.16
N ASN BC 9 4.77 -51.55 -75.24
CA ASN BC 9 6.01 -51.58 -76.01
C ASN BC 9 5.74 -51.68 -77.51
N LYS BC 10 6.75 -51.29 -78.29
CA LYS BC 10 6.70 -51.43 -79.74
C LYS BC 10 6.79 -52.90 -80.13
N HIS BC 11 6.06 -53.28 -81.18
CA HIS BC 11 6.08 -54.65 -81.68
C HIS BC 11 7.45 -54.95 -82.27
N LYS BC 12 8.24 -55.75 -81.55
CA LYS BC 12 9.51 -56.19 -82.08
C LYS BC 12 9.27 -57.22 -83.18
N ARG BC 13 9.82 -56.95 -84.36
CA ARG BC 13 9.57 -57.81 -85.50
C ARG BC 13 10.33 -59.14 -85.37
N LYS BC 14 9.62 -60.24 -85.60
CA LYS BC 14 10.21 -61.57 -85.57
C LYS BC 14 10.90 -61.80 -86.91
N LYS BC 15 12.22 -61.62 -86.92
CA LYS BC 15 12.99 -61.79 -88.14
C LYS BC 15 13.00 -63.25 -88.58
N VAL BC 16 12.78 -63.48 -89.87
CA VAL BC 16 12.73 -64.82 -90.43
C VAL BC 16 14.01 -65.04 -91.22
N LYS BC 17 14.68 -66.17 -90.97
CA LYS BC 17 15.91 -66.51 -91.66
C LYS BC 17 15.61 -67.52 -92.76
N LEU BC 18 16.04 -67.20 -93.98
CA LEU BC 18 15.85 -68.02 -95.17
C LEU BC 18 14.35 -68.29 -95.41
N ALA BC 19 13.64 -67.18 -95.64
CA ALA BC 19 12.18 -67.25 -95.78
C ALA BC 19 11.76 -67.92 -97.09
N VAL BC 20 12.60 -67.85 -98.12
CA VAL BC 20 12.24 -68.46 -99.40
C VAL BC 20 12.49 -69.96 -99.40
N LEU BC 21 13.42 -70.44 -98.57
CA LEU BC 21 13.67 -71.87 -98.47
C LEU BC 21 12.47 -72.64 -97.93
N LYS BC 22 11.64 -71.99 -97.09
CA LYS BC 22 10.42 -72.60 -96.59
C LYS BC 22 9.20 -72.26 -97.42
N TYR BC 23 9.40 -71.92 -98.70
CA TYR BC 23 8.32 -71.76 -99.66
C TYR BC 23 8.15 -72.96 -100.58
N TYR BC 24 9.27 -73.59 -100.96
CA TYR BC 24 9.25 -74.71 -101.90
C TYR BC 24 10.00 -75.90 -101.32
N LYS BC 25 9.68 -77.08 -101.85
CA LYS BC 25 10.36 -78.32 -101.50
C LYS BC 25 11.14 -78.80 -102.72
N VAL BC 26 12.36 -79.24 -102.50
CA VAL BC 26 13.28 -79.59 -103.58
C VAL BC 26 13.05 -81.04 -103.99
N ASP BC 27 13.18 -81.29 -105.30
CA ASP BC 27 13.12 -82.62 -105.86
C ASP BC 27 14.35 -82.87 -106.71
N GLU BC 28 14.72 -84.15 -106.86
CA GLU BC 28 15.89 -84.50 -107.64
C GLU BC 28 15.69 -84.19 -109.13
N ASN BC 29 14.43 -84.15 -109.58
CA ASN BC 29 14.13 -83.75 -110.94
C ASN BC 29 14.15 -82.23 -111.07
N GLY BC 30 13.87 -81.74 -112.27
CA GLY BC 30 13.85 -80.31 -112.50
C GLY BC 30 12.49 -79.68 -112.26
N LYS BC 31 11.86 -80.04 -111.15
CA LYS BC 31 10.55 -79.53 -110.78
C LYS BC 31 10.60 -78.83 -109.43
N ILE BC 32 9.58 -78.00 -109.18
CA ILE BC 32 9.43 -77.30 -107.92
C ILE BC 32 8.04 -77.59 -107.37
N SER BC 33 7.97 -77.84 -106.06
CA SER BC 33 6.72 -78.15 -105.38
C SER BC 33 6.32 -76.96 -104.51
N ARG BC 34 5.05 -76.57 -104.59
CA ARG BC 34 4.53 -75.43 -103.86
C ARG BC 34 3.71 -75.91 -102.68
N LEU BC 35 4.06 -75.43 -101.49
CA LEU BC 35 3.35 -75.80 -100.26
C LEU BC 35 2.16 -74.89 -100.01
N ARG BC 36 2.41 -73.58 -99.94
CA ARG BC 36 1.34 -72.62 -99.69
C ARG BC 36 0.63 -72.28 -100.99
N ARG BC 37 -0.56 -71.70 -100.85
CA ARG BC 37 -1.45 -71.43 -101.98
C ARG BC 37 -1.28 -70.00 -102.45
N GLU BC 38 -1.18 -69.81 -103.76
CA GLU BC 38 -1.06 -68.48 -104.34
C GLU BC 38 -2.40 -67.75 -104.27
N CYS BC 39 -2.33 -66.42 -104.38
CA CYS BC 39 -3.50 -65.57 -104.30
C CYS BC 39 -4.14 -65.38 -105.67
N PRO BC 40 -5.46 -65.56 -105.78
CA PRO BC 40 -6.15 -65.39 -107.07
C PRO BC 40 -6.51 -63.95 -107.42
N SER BC 41 -5.96 -62.95 -106.73
CA SER BC 41 -6.30 -61.56 -107.01
C SER BC 41 -5.60 -61.08 -108.28
N ASP BC 42 -6.12 -59.99 -108.83
CA ASP BC 42 -5.53 -59.41 -110.04
C ASP BC 42 -4.21 -58.70 -109.73
N GLU BC 43 -4.12 -58.08 -108.55
CA GLU BC 43 -2.89 -57.36 -108.18
C GLU BC 43 -1.72 -58.33 -108.00
N CYS BC 44 -1.97 -59.50 -107.42
CA CYS BC 44 -0.94 -60.52 -107.22
C CYS BC 44 -1.50 -61.87 -107.64
N GLY BC 45 -0.93 -62.44 -108.71
CA GLY BC 45 -1.45 -63.67 -109.27
C GLY BC 45 -0.73 -64.92 -108.84
N ALA BC 46 0.60 -64.93 -108.93
CA ALA BC 46 1.39 -66.13 -108.64
C ALA BC 46 2.59 -65.90 -107.74
N GLY BC 47 3.11 -64.68 -107.66
CA GLY BC 47 4.29 -64.42 -106.86
C GLY BC 47 4.05 -64.11 -105.40
N VAL BC 48 2.80 -64.17 -104.95
CA VAL BC 48 2.44 -63.84 -103.58
C VAL BC 48 1.66 -65.00 -102.99
N PHE BC 49 2.12 -65.52 -101.86
CA PHE BC 49 1.44 -66.61 -101.17
C PHE BC 49 0.48 -66.04 -100.12
N MET BC 50 -0.22 -66.93 -99.42
CA MET BC 50 -1.17 -66.55 -98.38
C MET BC 50 -0.75 -67.15 -97.06
N ALA BC 51 -1.16 -66.49 -95.97
CA ALA BC 51 -0.80 -66.93 -94.62
C ALA BC 51 -1.58 -68.17 -94.22
N SER BC 52 -1.01 -69.34 -94.47
CA SER BC 52 -1.66 -70.61 -94.14
C SER BC 52 -1.53 -70.84 -92.64
N HIS BC 53 -2.52 -70.38 -91.89
CA HIS BC 53 -2.56 -70.55 -90.46
C HIS BC 53 -3.16 -71.92 -90.12
N PHE BC 54 -3.35 -72.19 -88.83
CA PHE BC 54 -3.85 -73.49 -88.41
C PHE BC 54 -5.35 -73.64 -88.64
N ASP BC 55 -6.07 -72.54 -88.90
CA ASP BC 55 -7.51 -72.59 -89.06
C ASP BC 55 -8.06 -71.87 -90.29
N ARG BC 56 -7.37 -70.85 -90.81
CA ARG BC 56 -7.85 -70.14 -91.99
C ARG BC 56 -6.69 -69.40 -92.64
N HIS BC 57 -6.86 -69.10 -93.92
CA HIS BC 57 -5.84 -68.43 -94.70
C HIS BC 57 -6.03 -66.91 -94.67
N TYR BC 58 -5.01 -66.20 -95.14
CA TYR BC 58 -5.05 -64.74 -95.22
C TYR BC 58 -3.96 -64.27 -96.18
N CYS BC 59 -4.29 -63.26 -96.98
CA CYS BC 59 -3.34 -62.65 -97.92
C CYS BC 59 -2.95 -61.26 -97.42
N GLY BC 60 -1.70 -60.89 -97.66
CA GLY BC 60 -1.12 -59.74 -96.97
C GLY BC 60 -1.79 -58.42 -97.27
N LYS BC 61 -2.08 -58.16 -98.55
CA LYS BC 61 -2.54 -56.85 -98.97
C LYS BC 61 -3.99 -56.82 -99.44
N CYS BC 62 -4.44 -57.83 -100.20
CA CYS BC 62 -5.79 -57.78 -100.75
C CYS BC 62 -6.87 -58.12 -99.74
N CYS BC 63 -6.48 -58.63 -98.56
CA CYS BC 63 -7.40 -58.94 -97.46
C CYS BC 63 -8.46 -59.95 -97.89
N LEU BC 64 -8.00 -61.15 -98.24
CA LEU BC 64 -8.86 -62.26 -98.59
C LEU BC 64 -8.65 -63.39 -97.59
N THR BC 65 -9.74 -63.91 -97.05
CA THR BC 65 -9.70 -64.96 -96.03
C THR BC 65 -10.34 -66.23 -96.56
N TYR BC 66 -9.62 -67.34 -96.46
CA TYR BC 66 -10.12 -68.66 -96.84
C TYR BC 66 -10.33 -69.47 -95.57
N CYS BC 67 -11.56 -69.50 -95.08
CA CYS BC 67 -11.91 -70.21 -93.87
C CYS BC 67 -12.24 -71.67 -94.16
N PHE BC 68 -12.23 -72.48 -93.11
CA PHE BC 68 -12.56 -73.90 -93.23
C PHE BC 68 -13.74 -74.25 -92.35
N SER CC 1 -63.42 -41.06 91.46
CA SER CC 1 -63.41 -42.39 92.06
C SER CC 1 -62.00 -42.78 92.47
N ALA CC 2 -61.51 -43.90 91.94
CA ALA CC 2 -60.16 -44.37 92.21
C ALA CC 2 -59.30 -44.44 90.96
N HIS CC 3 -59.80 -45.02 89.87
CA HIS CC 3 -59.05 -45.05 88.63
C HIS CC 3 -59.02 -43.68 87.97
N LEU CC 4 -60.03 -42.85 88.22
CA LEU CC 4 -60.11 -41.55 87.57
C LEU CC 4 -59.02 -40.60 88.08
N GLN CC 5 -58.82 -40.55 89.39
CA GLN CC 5 -57.85 -39.63 89.97
C GLN CC 5 -56.43 -40.17 89.95
N TRP CC 6 -56.24 -41.46 89.65
CA TRP CC 6 -54.90 -42.00 89.54
C TRP CC 6 -54.16 -41.46 88.32
N MET CC 7 -54.88 -41.28 87.20
CA MET CC 7 -54.24 -40.80 85.98
C MET CC 7 -53.82 -39.34 86.08
N VAL CC 8 -54.34 -38.60 87.06
CA VAL CC 8 -53.92 -37.22 87.24
C VAL CC 8 -52.71 -37.13 88.16
N VAL CC 9 -52.73 -37.89 89.26
CA VAL CC 9 -51.67 -37.84 90.27
C VAL CC 9 -50.39 -38.53 89.79
N ARG CC 10 -50.50 -39.43 88.81
CA ARG CC 10 -49.39 -40.31 88.41
C ARG CC 10 -48.17 -39.56 87.87
N ASN CC 11 -48.32 -38.31 87.43
CA ASN CC 11 -47.20 -37.60 86.82
C ASN CC 11 -46.99 -36.18 87.32
N CYS CC 12 -47.96 -35.57 87.99
CA CYS CC 12 -47.82 -34.17 88.40
C CYS CC 12 -48.18 -33.99 89.87
N SER CC 13 -47.82 -34.97 90.70
CA SER CC 13 -48.04 -34.84 92.12
C SER CC 13 -46.86 -34.16 92.80
N SER CC 14 -47.14 -33.50 93.93
CA SER CC 14 -46.08 -32.88 94.71
C SER CC 14 -45.21 -33.91 95.42
N PHE CC 15 -45.72 -35.12 95.63
CA PHE CC 15 -44.94 -36.18 96.25
C PHE CC 15 -44.08 -36.95 95.25
N LEU CC 16 -44.26 -36.70 93.96
CA LEU CC 16 -43.51 -37.42 92.94
C LEU CC 16 -42.06 -36.98 92.93
N ILE CC 17 -41.16 -37.96 92.92
CA ILE CC 17 -39.72 -37.69 92.86
C ILE CC 17 -39.03 -38.77 92.03
N LYS CC 18 -38.41 -38.35 90.92
CA LYS CC 18 -37.79 -39.29 90.00
C LYS CC 18 -36.30 -39.43 90.32
N ARG CC 19 -35.55 -38.34 90.15
CA ARG CC 19 -34.21 -38.18 90.70
C ARG CC 19 -33.23 -39.30 90.35
N ASN CC 20 -32.79 -39.32 89.09
CA ASN CC 20 -31.74 -40.21 88.60
C ASN CC 20 -32.17 -41.68 88.60
N LYS CC 21 -33.17 -42.00 87.76
CA LYS CC 21 -33.55 -43.31 87.25
C LYS CC 21 -34.40 -44.15 88.19
N GLN CC 22 -34.94 -43.60 89.27
CA GLN CC 22 -35.97 -44.29 90.02
C GLN CC 22 -37.28 -43.50 89.97
N THR CC 23 -38.28 -43.99 90.69
CA THR CC 23 -39.50 -43.24 90.93
C THR CC 23 -39.98 -43.58 92.33
N TYR CC 24 -40.31 -42.54 93.10
CA TYR CC 24 -40.79 -42.68 94.47
C TYR CC 24 -41.94 -41.70 94.69
N SER CC 25 -42.64 -41.91 95.79
CA SER CC 25 -43.76 -41.06 96.17
C SER CC 25 -43.78 -40.97 97.69
N THR CC 26 -43.74 -39.75 98.23
CA THR CC 26 -43.49 -39.53 99.65
C THR CC 26 -44.73 -39.09 100.42
N GLU CC 27 -45.92 -39.45 99.94
CA GLU CC 27 -47.14 -39.09 100.64
C GLU CC 27 -47.31 -39.97 101.89
N PRO CC 28 -48.05 -39.49 102.88
CA PRO CC 28 -48.37 -40.35 104.03
C PRO CC 28 -49.23 -41.53 103.62
N ASN CC 29 -49.16 -42.58 104.44
CA ASN CC 29 -49.95 -43.81 104.29
C ASN CC 29 -49.59 -44.60 103.03
N ASN CC 30 -48.40 -44.41 102.48
CA ASN CC 30 -47.95 -45.17 101.31
C ASN CC 30 -46.79 -46.06 101.72
N LEU CC 31 -47.10 -47.29 102.11
CA LEU CC 31 -46.06 -48.27 102.39
C LEU CC 31 -45.36 -48.68 101.10
N LYS CC 32 -44.06 -48.94 101.23
CA LYS CC 32 -43.10 -49.26 100.15
C LYS CC 32 -42.81 -48.05 99.27
N ALA CC 33 -43.58 -46.98 99.45
CA ALA CC 33 -43.35 -45.65 98.89
C ALA CC 33 -43.24 -45.63 97.36
N ARG CC 34 -43.79 -46.63 96.67
CA ARG CC 34 -43.73 -46.65 95.22
C ARG CC 34 -44.82 -45.78 94.62
N ASN CC 35 -44.49 -45.12 93.50
CA ASN CC 35 -45.47 -44.35 92.75
C ASN CC 35 -46.22 -45.32 91.85
N SER CC 36 -47.12 -46.10 92.45
CA SER CC 36 -47.86 -47.13 91.74
C SER CC 36 -49.34 -47.00 92.09
N PHE CC 37 -50.18 -47.56 91.20
CA PHE CC 37 -51.63 -47.48 91.41
C PHE CC 37 -52.05 -48.24 92.67
N ARG CC 38 -51.47 -49.41 92.90
CA ARG CC 38 -51.81 -50.17 94.10
C ARG CC 38 -51.27 -49.49 95.35
N TYR CC 39 -50.02 -49.04 95.30
CA TYR CC 39 -49.36 -48.47 96.48
C TYR CC 39 -49.55 -46.96 96.43
N ASN CC 40 -50.73 -46.50 96.88
CA ASN CC 40 -51.05 -45.09 96.98
C ASN CC 40 -51.94 -44.88 98.18
N GLY CC 41 -51.57 -43.94 99.04
CA GLY CC 41 -52.29 -43.70 100.28
C GLY CC 41 -53.42 -42.71 100.22
N LEU CC 42 -53.71 -42.12 99.06
CA LEU CC 42 -54.72 -41.08 98.95
C LEU CC 42 -55.86 -41.42 98.00
N ILE CC 43 -55.57 -42.04 96.85
CA ILE CC 43 -56.60 -42.27 95.85
C ILE CC 43 -57.57 -43.39 96.23
N HIS CC 44 -57.23 -44.21 97.22
CA HIS CC 44 -58.05 -45.36 97.55
C HIS CC 44 -59.13 -44.99 98.56
N ARG CC 45 -60.19 -45.79 98.56
CA ARG CC 45 -61.20 -45.73 99.61
C ARG CC 45 -60.71 -46.39 100.89
N LYS CC 46 -59.92 -47.45 100.76
CA LYS CC 46 -59.37 -48.16 101.91
C LYS CC 46 -57.85 -48.05 101.85
N THR CC 47 -57.25 -47.61 102.95
CA THR CC 47 -55.82 -47.30 102.96
C THR CC 47 -55.18 -47.87 104.21
N VAL CC 48 -54.06 -48.57 104.01
CA VAL CC 48 -53.30 -49.20 105.10
C VAL CC 48 -51.97 -48.49 105.22
N GLY CC 49 -51.65 -48.04 106.42
CA GLY CC 49 -50.40 -47.33 106.66
C GLY CC 49 -49.70 -47.83 107.89
N VAL CC 50 -48.37 -47.87 107.82
CA VAL CC 50 -47.52 -48.25 108.95
C VAL CC 50 -46.49 -47.15 109.14
N GLU CC 51 -46.43 -46.59 110.35
CA GLU CC 51 -45.57 -45.46 110.64
C GLU CC 51 -45.18 -45.51 112.11
N PRO CC 52 -43.92 -45.22 112.44
CA PRO CC 52 -43.45 -45.41 113.82
C PRO CC 52 -44.14 -44.47 114.80
N ALA CC 53 -44.23 -44.94 116.05
CA ALA CC 53 -44.95 -44.21 117.08
C ALA CC 53 -44.25 -42.91 117.42
N ALA CC 54 -45.01 -42.00 118.04
CA ALA CC 54 -44.49 -40.68 118.36
C ALA CC 54 -43.44 -40.72 119.46
N ASP CC 55 -43.57 -41.66 120.39
CA ASP CC 55 -42.62 -41.77 121.49
C ASP CC 55 -41.38 -42.59 121.14
N GLY CC 56 -41.30 -43.12 119.92
CA GLY CC 56 -40.16 -43.90 119.51
C GLY CC 56 -40.19 -45.35 119.92
N LYS CC 57 -41.30 -45.83 120.46
CA LYS CC 57 -41.46 -47.21 120.89
C LYS CC 57 -42.85 -47.69 120.44
N GLY CC 58 -42.88 -48.48 119.38
CA GLY CC 58 -44.13 -49.01 118.85
C GLY CC 58 -44.42 -48.48 117.47
N VAL CC 59 -45.55 -48.95 116.93
CA VAL CC 59 -46.01 -48.58 115.59
C VAL CC 59 -47.46 -48.13 115.70
N VAL CC 60 -47.76 -46.95 115.18
CA VAL CC 60 -49.14 -46.51 115.03
C VAL CC 60 -49.62 -46.88 113.64
N VAL CC 61 -50.76 -47.58 113.57
CA VAL CC 61 -51.30 -48.13 112.34
C VAL CC 61 -52.53 -47.33 111.96
N VAL CC 62 -52.56 -46.82 110.73
CA VAL CC 62 -53.56 -45.87 110.29
C VAL CC 62 -54.50 -46.52 109.28
N MET CC 63 -55.80 -46.46 109.56
CA MET CC 63 -56.87 -47.01 108.74
C MET CC 63 -57.73 -45.88 108.18
N LYS CC 64 -58.20 -46.07 106.95
CA LYS CC 64 -59.21 -45.20 106.36
C LYS CC 64 -60.59 -45.66 106.79
N ARG CC 65 -61.53 -44.71 106.85
CA ARG CC 65 -62.81 -44.99 107.50
C ARG CC 65 -63.83 -45.64 106.56
N ARG CC 66 -63.86 -45.20 105.29
CA ARG CC 66 -64.70 -45.72 104.20
C ARG CC 66 -66.15 -45.30 104.39
N SER CC 67 -66.51 -44.79 105.57
CA SER CC 67 -67.87 -44.35 105.83
C SER CC 67 -68.12 -42.91 105.40
N GLY CC 68 -67.15 -42.03 105.61
CA GLY CC 68 -67.25 -40.68 105.11
C GLY CC 68 -65.97 -40.18 104.49
N GLN CC 69 -66.02 -39.86 103.20
CA GLN CC 69 -64.89 -39.23 102.52
C GLN CC 69 -64.96 -37.72 102.73
N ARG CC 70 -64.12 -36.99 101.97
CA ARG CC 70 -64.01 -35.52 101.93
C ARG CC 70 -63.97 -34.88 103.32
N LYS CC 71 -63.63 -35.67 104.35
CA LYS CC 71 -63.53 -35.19 105.72
C LYS CC 71 -62.24 -35.75 106.32
N PRO CC 72 -61.09 -35.24 105.88
CA PRO CC 72 -59.81 -35.85 106.27
C PRO CC 72 -59.49 -35.73 107.76
N ALA CC 73 -60.17 -34.84 108.50
CA ALA CC 73 -59.98 -34.80 109.94
C ALA CC 73 -60.49 -36.08 110.60
N THR CC 74 -61.62 -36.60 110.13
CA THR CC 74 -62.21 -37.82 110.66
C THR CC 74 -62.13 -38.99 109.69
N SER CC 75 -61.47 -38.82 108.55
CA SER CC 75 -61.37 -39.90 107.58
C SER CC 75 -60.38 -40.98 108.05
N TYR CC 76 -59.34 -40.59 108.77
CA TYR CC 76 -58.31 -41.52 109.18
C TYR CC 76 -58.35 -41.73 110.69
N VAL CC 77 -58.12 -42.97 111.11
CA VAL CC 77 -58.10 -43.36 112.51
C VAL CC 77 -56.78 -44.07 112.78
N ARG CC 78 -56.12 -43.72 113.88
CA ARG CC 78 -54.81 -44.24 114.23
C ARG CC 78 -54.90 -45.12 115.47
N THR CC 79 -54.34 -46.32 115.40
CA THR CC 79 -54.24 -47.21 116.55
C THR CC 79 -52.78 -47.56 116.78
N THR CC 80 -52.38 -47.59 118.05
CA THR CC 80 -50.98 -47.80 118.42
C THR CC 80 -50.75 -49.28 118.74
N ILE CC 81 -49.69 -49.83 118.14
CA ILE CC 81 -49.29 -51.21 118.37
C ILE CC 81 -47.93 -51.21 119.05
N ASN CC 82 -47.87 -51.77 120.26
CA ASN CC 82 -46.61 -51.87 121.02
C ASN CC 82 -46.64 -53.20 121.77
N LYS CC 83 -46.10 -54.24 121.13
CA LYS CC 83 -46.11 -55.59 121.69
C LYS CC 83 -44.71 -56.17 121.59
N ASN CC 84 -44.61 -57.49 121.82
CA ASN CC 84 -43.33 -58.19 121.95
C ASN CC 84 -42.72 -58.58 120.61
N ALA CC 85 -43.03 -57.84 119.54
CA ALA CC 85 -42.37 -57.91 118.23
C ALA CC 85 -42.73 -59.17 117.43
N ARG CC 86 -43.50 -60.07 118.04
CA ARG CC 86 -44.09 -61.18 117.30
C ARG CC 86 -45.61 -61.08 117.21
N ALA CC 87 -46.26 -60.72 118.31
CA ALA CC 87 -47.66 -60.33 118.27
C ALA CC 87 -47.85 -58.94 117.67
N THR CC 88 -46.78 -58.14 117.58
CA THR CC 88 -46.83 -56.88 116.85
C THR CC 88 -47.16 -57.12 115.39
N LEU CC 89 -46.50 -58.10 114.77
CA LEU CC 89 -46.80 -58.45 113.39
C LEU CC 89 -48.10 -59.24 113.27
N SER CC 90 -48.43 -60.03 114.30
CA SER CC 90 -49.66 -60.81 114.27
C SER CC 90 -50.91 -59.94 114.41
N SER CC 91 -50.82 -58.83 115.15
CA SER CC 91 -51.95 -57.92 115.28
C SER CC 91 -52.26 -57.24 113.95
N ILE CC 92 -51.23 -56.73 113.28
CA ILE CC 92 -51.40 -56.08 111.99
C ILE CC 92 -51.86 -57.08 110.94
N ARG CC 93 -51.38 -58.32 111.03
CA ARG CC 93 -51.83 -59.37 110.12
C ARG CC 93 -53.33 -59.64 110.26
N HIS CC 94 -53.86 -59.57 111.48
CA HIS CC 94 -55.28 -59.80 111.70
C HIS CC 94 -56.13 -58.60 111.31
N MET CC 95 -55.55 -57.40 111.24
CA MET CC 95 -56.32 -56.23 110.82
C MET CC 95 -56.65 -56.27 109.33
N ILE CC 96 -55.88 -57.01 108.55
CA ILE CC 96 -56.05 -57.03 107.10
C ILE CC 96 -56.87 -58.25 106.69
N ARG CC 97 -56.39 -59.44 107.04
CA ARG CC 97 -56.99 -60.68 106.55
C ARG CC 97 -58.36 -60.93 107.18
N LYS CC 98 -58.47 -60.80 108.50
CA LYS CC 98 -59.73 -61.09 109.17
C LYS CC 98 -60.80 -60.06 108.86
N ASN CC 99 -60.40 -58.82 108.57
CA ASN CC 99 -61.36 -57.77 108.27
C ASN CC 99 -61.69 -57.65 106.79
N LYS CC 100 -61.03 -58.44 105.93
CA LYS CC 100 -61.17 -58.34 104.47
C LYS CC 100 -60.92 -56.91 103.99
N TYR CC 101 -59.89 -56.27 104.56
CA TYR CC 101 -59.61 -54.85 104.35
C TYR CC 101 -58.48 -54.69 103.33
N HIS CC 102 -58.87 -54.71 102.04
CA HIS CC 102 -58.03 -54.34 100.91
C HIS CC 102 -56.76 -55.19 100.92
N PRO CC 103 -56.89 -56.50 100.65
CA PRO CC 103 -55.88 -57.47 101.13
C PRO CC 103 -54.60 -57.55 100.34
N ASP CC 104 -54.42 -56.79 99.25
CA ASP CC 104 -53.18 -56.91 98.50
C ASP CC 104 -52.00 -56.28 99.22
N LEU CC 105 -52.26 -55.40 100.19
CA LEU CC 105 -51.24 -54.86 101.08
C LEU CC 105 -51.19 -55.58 102.42
N ARG CC 106 -51.45 -56.89 102.43
CA ARG CC 106 -51.36 -57.68 103.65
C ARG CC 106 -49.91 -57.86 104.05
N MET CC 107 -49.13 -58.50 103.17
CA MET CC 107 -47.76 -58.86 103.49
C MET CC 107 -46.82 -57.65 103.46
N ALA CC 108 -47.05 -56.70 102.55
CA ALA CC 108 -46.20 -55.53 102.43
C ALA CC 108 -46.29 -54.63 103.67
N ALA CC 109 -47.46 -54.59 104.32
CA ALA CC 109 -47.58 -53.87 105.58
C ALA CC 109 -46.80 -54.56 106.70
N ILE CC 110 -46.78 -55.90 106.69
CA ILE CC 110 -45.97 -56.63 107.65
C ILE CC 110 -44.49 -56.39 107.41
N ARG CC 111 -44.09 -56.25 106.14
CA ARG CC 111 -42.70 -55.95 105.81
C ARG CC 111 -42.28 -54.60 106.38
N ARG CC 112 -43.14 -53.59 106.28
CA ARG CC 112 -42.81 -52.27 106.77
C ARG CC 112 -42.77 -52.22 108.30
N ALA CC 113 -43.72 -52.89 108.95
CA ALA CC 113 -43.71 -52.94 110.41
C ALA CC 113 -42.52 -53.72 110.95
N SER CC 114 -42.01 -54.67 110.17
CA SER CC 114 -40.85 -55.45 110.59
C SER CC 114 -39.58 -54.60 110.62
N ALA CC 115 -39.40 -53.72 109.62
CA ALA CC 115 -38.19 -52.91 109.56
C ALA CC 115 -38.22 -51.75 110.55
N ILE CC 116 -39.41 -51.30 110.95
CA ILE CC 116 -39.51 -50.21 111.91
C ILE CC 116 -38.99 -50.65 113.28
N LEU CC 117 -39.27 -51.89 113.66
CA LEU CC 117 -38.88 -52.39 114.97
C LEU CC 117 -37.36 -52.51 115.14
N ARG CC 118 -36.61 -52.63 114.05
CA ARG CC 118 -35.16 -52.58 114.15
C ARG CC 118 -34.63 -51.16 114.16
N SER CC 119 -35.46 -50.16 113.85
CA SER CC 119 -35.06 -48.77 114.04
C SER CC 119 -35.18 -48.34 115.50
N GLN CC 120 -36.15 -48.90 116.22
CA GLN CC 120 -36.39 -48.55 117.63
C GLN CC 120 -35.72 -49.58 118.55
N LYS CC 121 -34.40 -49.68 118.43
CA LYS CC 121 -33.62 -50.61 119.22
C LYS CC 121 -32.15 -50.20 119.10
N PRO CC 122 -31.28 -50.72 119.98
CA PRO CC 122 -29.83 -50.54 119.76
C PRO CC 122 -29.41 -51.13 118.42
N VAL CC 123 -28.51 -50.42 117.74
CA VAL CC 123 -28.17 -50.70 116.35
C VAL CC 123 -26.72 -51.11 116.18
N MET CC 124 -25.80 -50.47 116.90
CA MET CC 124 -24.38 -50.70 116.65
C MET CC 124 -23.70 -51.07 117.96
N VAL CC 125 -22.83 -52.06 117.88
CA VAL CC 125 -22.18 -52.62 119.07
C VAL CC 125 -21.07 -51.72 119.59
N PRO EC 1 -1.92 5.24 70.74
CA PRO EC 1 -3.06 4.45 70.23
C PRO EC 1 -2.75 3.65 68.98
N ARG EC 2 -3.60 2.64 68.70
CA ARG EC 2 -3.34 1.62 67.69
C ARG EC 2 -3.37 2.22 66.29
N PRO EC 3 -2.45 1.82 65.40
CA PRO EC 3 -2.35 2.47 64.09
C PRO EC 3 -3.46 2.12 63.12
N ARG EC 4 -3.45 2.79 61.99
CA ARG EC 4 -4.37 2.62 60.89
C ARG EC 4 -3.92 1.43 60.03
N PRO EC 5 -4.85 0.75 59.35
CA PRO EC 5 -4.46 -0.43 58.56
C PRO EC 5 -3.71 -0.07 57.29
N ARG EC 6 -2.61 -0.80 57.06
CA ARG EC 6 -1.88 -0.73 55.80
C ARG EC 6 -1.20 -2.08 55.54
N PRO EC 7 -1.93 -3.07 54.94
CA PRO EC 7 -1.36 -4.42 54.73
C PRO EC 7 -0.35 -4.49 53.60
N ARG EC 8 0.00 -5.72 53.18
CA ARG EC 8 0.81 -5.94 51.97
C ARG EC 8 0.05 -5.43 50.74
N PRO EC 9 0.54 -4.39 50.05
CA PRO EC 9 -0.32 -3.63 49.12
C PRO EC 9 -0.34 -4.12 47.69
N ARG EC 10 -1.11 -5.18 47.36
CA ARG EC 10 -1.41 -5.63 45.99
C ARG EC 10 -0.23 -5.91 45.08
N PRO EC 11 0.32 -7.14 45.10
CA PRO EC 11 1.60 -7.44 44.43
C PRO EC 11 1.59 -7.25 42.91
N ARG EC 12 2.78 -7.45 42.33
CA ARG EC 12 3.15 -6.89 41.03
C ARG EC 12 2.33 -7.50 39.90
N PRO EC 13 1.57 -6.69 39.15
CA PRO EC 13 0.78 -7.21 38.04
C PRO EC 13 1.63 -7.72 36.86
N ARG EC 14 1.04 -8.63 36.10
CA ARG EC 14 1.76 -9.31 35.02
C ARG EC 14 1.22 -8.77 33.70
N PRO EC 15 1.89 -9.07 32.58
CA PRO EC 15 1.24 -8.84 31.29
C PRO EC 15 0.07 -9.80 31.04
N ARG EC 16 -0.91 -9.31 30.29
CA ARG EC 16 -2.11 -10.08 29.96
C ARG EC 16 -1.99 -10.58 28.53
N PRO EC 17 -1.97 -11.89 28.28
CA PRO EC 17 -1.89 -12.38 26.90
C PRO EC 17 -3.25 -12.35 26.19
N ARG EC 18 -3.17 -12.57 24.87
CA ARG EC 18 -4.25 -12.88 23.93
C ARG EC 18 -4.29 -14.40 23.88
N PRO EC 19 -5.13 -15.11 23.05
CA PRO EC 19 -5.73 -15.17 21.69
C PRO EC 19 -6.77 -14.14 21.29
ZN ZN GC . -20.53 26.63 60.90
ZN ZN HC . 25.77 -65.95 14.38
ZN ZN IC . -78.04 -20.40 3.42
ZN ZN JC . 9.83 65.17 14.28
#